data_9E1G
#
_entry.id   9E1G
#
_cell.length_a   1.00
_cell.length_b   1.00
_cell.length_c   1.00
_cell.angle_alpha   90.00
_cell.angle_beta   90.00
_cell.angle_gamma   90.00
#
_symmetry.space_group_name_H-M   'P 1'
#
loop_
_entity.id
_entity.type
_entity.pdbx_description
1 polymer 'Ryanodine receptor 1'
2 polymer 'Peptidyl-prolyl cis-trans isomerase FKBP1A'
3 non-polymer "ADENOSINE-5'-TRIPHOSPHATE"
4 non-polymer 'CALCIUM ION'
5 non-polymer 'ZINC ION'
6 non-polymer Oxypurinol
7 water water
#
loop_
_entity_poly.entity_id
_entity_poly.type
_entity_poly.pdbx_seq_one_letter_code
_entity_poly.pdbx_strand_id
1 'polypeptide(L)'
;MGDGGEGEDEVQFLRTDDEVVLQCSATVLKEQLKLCLAAEGFGNRLCFLEPTSNAQNVPPDLAICCFTLEQSLSVRALQE
MLANTVEAGVESSQGGGHRTLLYGHAILLRHAHSRMYLSCLTTSRSMTDKLAFDVGLQEDATGEACWWTMHPASKQRSEG
EKVRVGDDLILVSVSSERYLHLSTASGELQVDASFMQTLWNMNPICSCCEEGYVTGGHVLRLFHGHMDECLTISAADSDD
QRRLVYYEGGAVCTHARSLWRLEPLRISWSGSHLRWGQPLRIRHVTTGRYLALTEDQGLVVVDACKAHTKATSFCFRVSK
EKLDTAPKRDVEGMGPPEIKYGESLCFVQHVASGLWLTYAAPDPKALRLGVLKKKAILHQEGHMDDALFLTRCQQEESQA
ARMIHSTAGLYNQFIKGLDSFSGKPRGSGPPAGPALPIEAVILSLQDLIGYFEPPSEELQHEEKQSKLRSLRNRQSLFQE
EGMLSLVLNCIDRLNVYTTAAHFAEYAGEEAAESWKEIVNLLYELLASLIRGNRANCALFSTNLDWVVSKLDRLEASSGI
LEVLYCVLIESPEVLNIIQENHIKSIISLLDKHGRNHKVLDVLCSLCVCNGVAVRSNQDLITENLLPGRELLLQTNLINY
VTSIRPNIFVGRAEGSTQYGKWYFEVMVDEVVPFLTAQATHLRVGWALTEGYSPYPGGGEGWGGNGVGDDLYSYGFDGLH
LWTGHVARPVTSPGQHLLAPEDVVSCCLDLSVPSISFRINGCPVQGVFEAFNLDGLFFPVVSFSAGVKVRFLLGGRHGEF
KFLPPPGYAPCHEAVLPRERLRLEPIKEYRREGPRGPHLVGPSRCLSHTDFVPCPVDTVQIVLPPHLERIREKLAENIHE
LWALTRIEQGWTYGPVRDDNKRLHPCLVNFHSLPEPERNYNLQMSGETLKTLLALGCHVGMADEKAEDNLKKTKLPKTYM
MSNGYKPAPLDLSHVRLTPAQTTLVDRLAENGHNVWARDRVAQGWSYSAVQDIPARRNPRLVPYRLLDEATKRSNRDSLC
QAVRTLLGYGYNIEPPDQEPSQVENQSRWDRVRIFRAEKSYTVQSGRWYFEFEAVTTGEMRVGWARPELRPDVELGADEL
AYVFNGHRGQRWHLGSEPFGRPWQSGDVVGCMIDLTENTIIFTLNGEVLMSDSGSETAFREIEIGDGFLPVCSLGPGQVG
HLNLGQDVSSLRFFAICGLQEGFEPFAINMQRPVTTWFSKSLPQFEPVPPEHPHYEVARMDGTVDTPPCLRLAHRTWGSQ
NSLVEMLFLRLSLPVQFHQHFRCTAGATPLAPPGLQPPAEDEARAAEPDPDYENLRRSAGGWGEAEGGKEGTAKEGTPGG
TPQPGVEAQPVRAENEKDATTEKNKKRGFLFKAKKAAMMTQPPATPALPRLPHDVVPADNRDDPEIILNTTTYYYSVRVF
AGQEPSCVWVGWVTPDYHQHDMNFDLSKVRAVTVTMGDEQGNVHSSLKCSNCYMVWGGDFVSPGQQGRISHTDLVIGCLV
DLATGLMTFTANGKESNTFFQVEPNTKLFPAVFVLPTHQNVIQFELGKQKNIMPLSAAMFLSERKNPAPQCPPRLEVQML
MPVSWSRMPNHFLQVETRRAGERLGWAVQCQDPLTMMALHIPEENRCMDILELSERLDLQRFHSHTLRLYRAVCALGNNR
VAHALCSHVDQAQLLHALEDAHLPGPLRAGYYDLLISIHLESACRSRRSMLSEYIVPLTPETRAITLFPPGRKGGNARRH
GLPGVGVTTSLRPPHHFSPPCFVAALPAAGVAEAPARLSPAIPLEALRDKALRMLGEAVRDGGQHARDPVGGSVEFQFVP
VLKLVSTLLVMGIFGDEDVKQILKMIEPEVFTEEEEEEEEEEEEEEEEEEDEEEKEEDEEEEEKEDAEKEEEEAPEGEKE
DLEEGLLQMKLPESVKLQMCNLLEYFCDQELQHRVESLAAFAERYVDKLQANQRSRYALLMRAFTMSAAETARRTREFRS
PPQEQINMLLHFKDEADEEDCPLPEDIRQDLQDFHQDLLAHCGIQLEGEEEEPEEETSLSSRLRSLLETVRLVKKKEEKP
EEELPAEEKKPQSLQELVSHMVVRWAQEDYVQSPELVRAMFSLLHRQYDGLGELLRALPRAYTISPSSVEDTMSLLECLG
QIRSLLIVQMGPQEENLMIQSIGNIMNNKVFYQHPNLMRALGMHETVMEVMVNVLGGGETKEIRFPKMVTSCCRFLCYFC
RISRQNQRSMFDHLSYLLENSGIGLGMQGSTPLDVAAASVIDNNELALALQEQDLEKVVSYLAGCGLQSCPMLLAKGYPD
IGWNPCGGERYLDFLRFAVFVNGESVEENANVVVRLLIRKPECFGPALRGEGGSGLLAAIEEAIRISEDPARDGPGVRRD
RRREHFGEEPPEENRVHLGHAIMSFYAALIDLLGRCAPEMHLIQAGKGEALRIRAILRSLVPLDDLVGIISLPLQIPTLG
KDGALVQPKMSASFVPDHKASMVLFLDRVYGIENQDFLLHVLDVGFLPDMRAAASLDTATFSTTEMALALNRYLCLAVLP
LITKCAPLFAGTEHRAIMVDSMLHTVYRLSRGRSLTKAQRDVIEDCLMALCRYIRPSMLQHLLRRLVFDVPILNEFAKMP
LKLLTNHYERCWKYYCLPTGWANFGVTSEEELHLTRKLFWGIFDSLAHKKYDQELYRMAMPCLCAIAGALPPDYVDASYS
SKAEKKATVDAEGNFDPRPVETLNVIIPEKLDSFINKFAEYTHEKWAFDKIQNNWSYGENVDEELKTHPMLRPYKTFSEK
DKEIYRWPIKESLKAMIAWEWTIEKAREGEEERTEKKKTRKISQTAQTYDPREGYNPQPPDLSGVTLSRELQAMAEQLAE
NYHNTWGRKKKQELEAKGGGTHPLLVPYDTLTAKEKARDREKAQELLKFLQMNGYAVTRGLKDMELDTSSIEKRFAFGFL
QQLLRWMDISQEFIAHLEAVVSSGRVEKSPHEQEIKFFAKILLPLINQYFTNHCLYFLSTPAKVLGSGGHASNKEKEMIT
SLFCKLAALVRHRVSLFGTDAPAVVNCLHILARSLDARTVMKSGPEIVKAGLRSFFESASEDIEKMVENLRLGKVSQART
QVKGVGQNLTYTTVALLPVLTTLFQHIAQHQFGDDVILDDVQVSCYRTLCSIYSLGTTKNTYVEKLRPALGECLARLAAA
MPVAFLEPQLNEYNACSVYTTKSPRERAILGLPNSVEEMCPDIPVLDRLMADIGGLAESGARYTEMPHVIEITLPMLCSY
LPRWWERGPEAPPPALPAGAPPPCTAVTSDHLNSLLGNILRIIVNNLGIDEATWMKRLAVFAQPIVSRARPELLHSHFIP
TIGRLRKRAGKVVAEEEQLRLEAKAEAEEGELLVRDEFSVLCRDLYALYPLLIRYVDNNRAHWLTEPNANAEELFRMVGE
IFIYWSKSHNFKREEQNFVVQNEINNMSFLTADSKSKMAKAGDAQSGGSDQERTKKKRRGDRYSVQTSLIVATLKKMLPI
GLNMCAPTDQDLIMLAKTRYALKDTDEEVREFLQNNLHLQGKVEGSPSLRWQMALYRGLPGREEDADDPEKIVRRVQEVS
AVLYHLEQTEHPYKSKKAVWHKLLSKQRRRAVVACFRMTPLYNLPTHRACNMFLESYKAAWILTEDHSFEDRMIDDLSKA
GEQEEEEEEVEEKKPDPLHQLVLHFSRTALTEKSKLDEDYLYMAYADIMAKSCHLEEGGENGEAEEEEVEVSFEEKEMEK
QRLLYQQSRLHTRGAAEMVLQMISACKGETGAMVSSTLKLGISILNGGNAEVQQKMLDYLKDKKEVGFFQSIQALMQTCS
VLDLNAFERQNKAEGLGMVNEDGTVINRQNGEKVMADDEFTQDLFRFLQLLCEGHNNDFQNYLRTQTGNTTTINIIICTV
DYLLRLQESISDFYWYYSGKDVIEEQGKRNFSKAMSVAKQVFNSLTEYIQGPCTGNQQSLAHSRLWDAVVGFLHVFAHMM
MKLAQDSSQIELLKELLDLQKDMVVMLLSLLEGNVVNGMIARQMVDMLVESSSNVEMILKFFDMFLKLKDIVGSEAFQDY
VTDPRGLISKKDFQKAMDSQKQFTGPEIQFLLSCSEADENEMINFEEFANRFQEPARDIGFNVAVLLTNLSEHVPHDPRL
RNFLELAESILEYFRPYLGRIEIMGASRRIERIYFEISETNRAQWEMPQVKESKRQFIFDVVNEGGEAEKMELFVSFCED
TIFEMQIAAQISEPEGEPEADEDEGMGEAAAEGAEEGAAGAEGAAGTVAAGATARLAAAAARALRGLSYRSLRRRVRRLR
RLTAREAATALAALLWAVVARAGAAGAGAAAGALRLLWGSLFGGGLVEGAKKVTVTELLAGMPDPTSDEVHGEQPAGPGG
DADGAGEGEGEGDAAEGDGDEEVAGHEAGPGGAEGVVAVADGGPFRPEGAGGLGDMGDTTPAEPPTPEGSPILKRKLGVD
GEEEELVPEPEPEPEPEPEKADEENGEKEEVPEAPPEPPKKAPPSPPAKKEEAGGAGMEFWGELEVQRVKFLNYLSRNFY
TLRFLALFLAFAINFILLFYKVSDSPPGEDDMEGSAAGDLAGAGSGGGSGWGSGAGEEAEGDEDENMVYYFLEESTGYME
PALWCLSLLHTLVAFLCIIGYNCLKVPLVIFKREKELARKLEFDGLYITEQPGDDDVKGQWDRLVLNTPSFPSNYWDKFV
KRKVLDKHGDIFGRERIAELLGMDLASLEITAHNERKPDPPPGLLTWLMSIDVKYQIWKFGVIFTDNSFLYLGWYMVMSL
LGHYNNFFFAAHLLDIAMGVKTLRTILSSVTHNGKQLVMTVGLLAVVVYLYTVVAFNFFRKFYNKSEDEDEPDMKCDDMM
TCYLFHMYVGVRAGGGIGDEIEDPAGDEYELYRVVFDITFFFFVIVILLAIIQGLIIDAFGELRDQQEQVKEDMETKCFI
CGIGSDYFDTTPHGFETHTLEEHNLANYMFFLMYLINKDETEHTGQESYVWKMYQERCWDFFPAGDCFRKQYEDQLS
;
A,B,D,C
2 'polypeptide(L)'
;MGVQVETISPGDGRTFPKRGQTCVVHYTGMLEDGKKFDSSRDRNKPFKFMLGKQEVIRGWEEGVAQMSVGQRAKLTISPD
YAYGATGHPGIIPPHATLVFDVELLKLE
;
E,H,G,F
#
loop_
_chem_comp.id
_chem_comp.type
_chem_comp.name
_chem_comp.formula
141 non-polymer Oxypurinol 'C5 H4 N4 O2'
ATP non-polymer ADENOSINE-5'-TRIPHOSPHATE 'C10 H16 N5 O13 P3'
CA non-polymer 'CALCIUM ION' 'Ca 2'
ZN non-polymer 'ZINC ION' 'Zn 2'
#
# COMPACT_ATOMS: atom_id res chain seq x y z
N GLU A 10 21.88 -17.76 1.56
CA GLU A 10 22.90 -17.93 0.53
C GLU A 10 24.27 -18.23 1.13
N VAL A 11 24.94 -19.24 0.58
CA VAL A 11 26.27 -19.63 1.02
C VAL A 11 27.28 -19.18 -0.03
N GLN A 12 28.34 -18.53 0.42
CA GLN A 12 29.39 -18.07 -0.47
C GLN A 12 30.37 -19.21 -0.77
N PHE A 13 30.81 -19.28 -2.01
CA PHE A 13 31.83 -20.23 -2.45
C PHE A 13 33.02 -19.47 -2.99
N LEU A 14 34.22 -19.90 -2.62
CA LEU A 14 35.42 -19.27 -3.13
C LEU A 14 35.56 -19.58 -4.62
N ARG A 15 35.97 -18.58 -5.39
CA ARG A 15 36.18 -18.73 -6.82
C ARG A 15 37.56 -18.19 -7.17
N THR A 16 37.98 -18.47 -8.39
CA THR A 16 39.24 -17.92 -8.86
C THR A 16 39.13 -16.40 -9.01
N ASP A 17 40.29 -15.75 -9.02
CA ASP A 17 40.42 -14.30 -9.08
C ASP A 17 39.93 -13.61 -7.81
N ASP A 18 39.60 -14.37 -6.77
CA ASP A 18 39.18 -13.82 -5.50
C ASP A 18 40.37 -13.74 -4.55
N GLU A 19 40.54 -12.58 -3.93
CA GLU A 19 41.64 -12.36 -3.01
C GLU A 19 41.27 -12.91 -1.64
N VAL A 20 42.17 -13.70 -1.06
CA VAL A 20 41.93 -14.34 0.22
C VAL A 20 43.14 -14.13 1.10
N VAL A 21 42.97 -14.46 2.38
CA VAL A 21 44.04 -14.50 3.35
C VAL A 21 44.01 -15.86 4.04
N LEU A 22 45.17 -16.51 4.09
CA LEU A 22 45.28 -17.79 4.78
C LEU A 22 45.41 -17.53 6.27
N GLN A 23 44.46 -18.05 7.05
CA GLN A 23 44.39 -17.76 8.47
C GLN A 23 44.47 -19.05 9.27
N CYS A 24 45.28 -19.04 10.33
CA CYS A 24 45.41 -20.16 11.24
C CYS A 24 45.27 -19.67 12.67
N SER A 25 44.96 -20.60 13.57
CA SER A 25 44.72 -20.28 14.97
C SER A 25 45.71 -21.02 15.84
N ALA A 26 46.27 -20.30 16.81
CA ALA A 26 47.21 -20.88 17.76
C ALA A 26 46.84 -20.42 19.16
N THR A 27 47.17 -21.25 20.14
CA THR A 27 46.91 -20.97 21.55
C THR A 27 48.20 -20.49 22.20
N VAL A 28 48.15 -19.30 22.80
CA VAL A 28 49.28 -18.72 23.50
C VAL A 28 48.75 -18.15 24.81
N LEU A 29 49.22 -18.68 25.94
CA LEU A 29 48.77 -18.27 27.26
C LEU A 29 47.25 -18.35 27.37
N LYS A 30 46.71 -19.51 27.00
CA LYS A 30 45.29 -19.80 27.04
C LYS A 30 44.45 -18.86 26.19
N GLU A 31 45.09 -18.11 25.28
CA GLU A 31 44.41 -17.15 24.43
C GLU A 31 44.49 -17.61 22.99
N GLN A 32 43.36 -17.51 22.28
CA GLN A 32 43.31 -17.91 20.88
C GLN A 32 43.75 -16.74 20.01
N LEU A 33 44.88 -16.89 19.34
CA LEU A 33 45.47 -15.84 18.52
C LEU A 33 45.34 -16.22 17.05
N LYS A 34 44.74 -15.36 16.25
CA LYS A 34 44.51 -15.61 14.84
C LYS A 34 45.60 -14.93 14.03
N LEU A 35 46.31 -15.71 13.22
CA LEU A 35 47.44 -15.24 12.46
C LEU A 35 47.14 -15.39 10.97
N CYS A 36 47.69 -14.49 10.18
CA CYS A 36 47.55 -14.54 8.73
C CYS A 36 48.91 -14.73 8.10
N LEU A 37 48.97 -15.59 7.09
CA LEU A 37 50.22 -15.79 6.38
C LEU A 37 50.60 -14.52 5.64
N ALA A 38 51.87 -14.16 5.70
CA ALA A 38 52.35 -12.93 5.09
C ALA A 38 53.72 -13.15 4.48
N ALA A 39 54.05 -12.31 3.51
CA ALA A 39 55.37 -12.33 2.91
C ALA A 39 55.62 -10.99 2.25
N GLU A 40 56.84 -10.48 2.41
CA GLU A 40 57.15 -9.16 1.86
C GLU A 40 57.39 -9.21 0.36
N GLY A 41 57.92 -10.32 -0.14
CA GLY A 41 58.18 -10.46 -1.56
C GLY A 41 59.55 -9.99 -1.99
N PHE A 42 59.75 -8.68 -2.08
CA PHE A 42 61.04 -8.13 -2.44
C PHE A 42 61.89 -7.97 -1.19
N GLY A 43 63.10 -8.53 -1.21
CA GLY A 43 63.99 -8.45 -0.09
C GLY A 43 63.86 -9.56 0.92
N ASN A 44 62.77 -10.32 0.88
CA ASN A 44 62.62 -11.48 1.75
C ASN A 44 61.57 -12.40 1.13
N ARG A 45 62.01 -13.52 0.60
CA ARG A 45 61.07 -14.46 -0.01
C ARG A 45 60.29 -15.24 1.04
N LEU A 46 60.84 -15.41 2.23
CA LEU A 46 60.25 -16.30 3.23
C LEU A 46 58.95 -15.73 3.75
N CYS A 47 58.10 -16.63 4.24
CA CYS A 47 56.78 -16.27 4.75
C CYS A 47 56.79 -16.27 6.27
N PHE A 48 56.05 -15.34 6.84
CA PHE A 48 55.89 -15.28 8.29
C PHE A 48 54.43 -15.14 8.66
N LEU A 49 54.14 -14.91 9.93
CA LEU A 49 52.77 -14.84 10.43
C LEU A 49 52.51 -13.46 11.00
N GLU A 50 51.43 -12.83 10.55
CA GLU A 50 51.03 -11.51 11.00
C GLU A 50 49.82 -11.62 11.91
N PRO A 51 49.95 -11.38 13.20
CA PRO A 51 48.81 -11.52 14.10
C PRO A 51 47.70 -10.52 13.79
N THR A 52 46.47 -10.99 13.98
CA THR A 52 45.29 -10.20 13.65
C THR A 52 44.24 -10.17 14.74
N SER A 53 44.45 -10.87 15.86
CA SER A 53 43.46 -10.88 16.92
C SER A 53 43.43 -9.59 17.73
N ASN A 54 44.47 -8.77 17.61
CA ASN A 54 44.57 -7.51 18.35
C ASN A 54 44.31 -6.30 17.46
N ALA A 55 43.50 -6.45 16.41
CA ALA A 55 43.32 -5.38 15.45
C ALA A 55 42.68 -4.14 16.05
N GLN A 56 42.00 -4.28 17.19
CA GLN A 56 41.40 -3.12 17.82
C GLN A 56 42.46 -2.17 18.35
N ASN A 57 43.56 -2.70 18.86
CA ASN A 57 44.61 -1.89 19.46
C ASN A 57 45.79 -1.65 18.53
N VAL A 58 46.19 -2.64 17.76
CA VAL A 58 47.29 -2.50 16.81
C VAL A 58 46.84 -3.02 15.46
N PRO A 59 46.72 -2.18 14.45
CA PRO A 59 46.26 -2.63 13.15
C PRO A 59 47.24 -3.58 12.51
N PRO A 60 46.76 -4.61 11.83
CA PRO A 60 47.66 -5.53 11.14
C PRO A 60 48.14 -4.94 9.82
N ASP A 61 49.16 -5.58 9.25
CA ASP A 61 49.69 -5.20 7.94
C ASP A 61 49.15 -6.16 6.89
N LEU A 62 47.89 -5.95 6.52
CA LEU A 62 47.21 -6.85 5.59
C LEU A 62 47.61 -6.63 4.15
N ALA A 63 48.31 -5.54 3.83
CA ALA A 63 48.65 -5.28 2.45
C ALA A 63 49.50 -6.40 1.85
N ILE A 64 50.18 -7.17 2.70
CA ILE A 64 51.06 -8.23 2.25
C ILE A 64 50.57 -9.60 2.71
N CYS A 65 49.32 -9.70 3.18
CA CYS A 65 48.71 -10.98 3.50
C CYS A 65 47.72 -11.43 2.44
N CYS A 66 47.50 -10.63 1.40
CA CYS A 66 46.49 -10.91 0.40
C CYS A 66 47.07 -11.72 -0.75
N PHE A 67 46.37 -12.76 -1.16
CA PHE A 67 46.75 -13.59 -2.29
C PHE A 67 45.57 -13.70 -3.24
N THR A 68 45.85 -13.84 -4.53
CA THR A 68 44.82 -14.05 -5.53
C THR A 68 44.83 -15.50 -5.98
N LEU A 69 43.67 -16.15 -5.93
CA LEU A 69 43.51 -17.49 -6.47
C LEU A 69 43.46 -17.39 -7.98
N GLU A 70 44.59 -17.68 -8.63
CA GLU A 70 44.66 -17.52 -10.08
C GLU A 70 44.06 -18.71 -10.81
N GLN A 71 44.44 -19.92 -10.42
CA GLN A 71 43.98 -21.12 -11.12
C GLN A 71 43.61 -22.19 -10.11
N SER A 72 42.69 -23.06 -10.52
CA SER A 72 42.32 -24.22 -9.73
C SER A 72 42.04 -25.36 -10.70
N LEU A 73 42.86 -26.40 -10.65
CA LEU A 73 42.77 -27.48 -11.60
C LEU A 73 42.75 -28.81 -10.88
N SER A 74 42.19 -29.82 -11.54
CA SER A 74 42.33 -31.17 -11.05
C SER A 74 43.78 -31.63 -11.21
N VAL A 75 44.13 -32.70 -10.50
CA VAL A 75 45.52 -33.15 -10.48
C VAL A 75 45.96 -33.60 -11.87
N ARG A 76 45.09 -34.31 -12.58
CA ARG A 76 45.42 -34.75 -13.94
C ARG A 76 45.63 -33.56 -14.86
N ALA A 77 44.76 -32.56 -14.76
CA ALA A 77 44.93 -31.36 -15.58
C ALA A 77 46.23 -30.67 -15.24
N LEU A 78 46.59 -30.64 -13.96
CA LEU A 78 47.86 -30.03 -13.57
C LEU A 78 49.04 -30.79 -14.16
N GLN A 79 49.00 -32.12 -14.13
CA GLN A 79 50.08 -32.90 -14.72
C GLN A 79 50.20 -32.63 -16.21
N GLU A 80 49.06 -32.57 -16.91
CA GLU A 80 49.10 -32.30 -18.33
C GLU A 80 49.65 -30.91 -18.61
N MET A 81 49.24 -29.91 -17.82
CA MET A 81 49.74 -28.57 -18.01
C MET A 81 51.25 -28.50 -17.77
N LEU A 82 51.74 -29.19 -16.75
CA LEU A 82 53.18 -29.23 -16.50
C LEU A 82 53.92 -29.91 -17.64
N ALA A 83 53.35 -30.99 -18.18
CA ALA A 83 53.98 -31.66 -19.32
C ALA A 83 54.04 -30.73 -20.52
N ASN A 84 52.99 -29.96 -20.76
CA ASN A 84 52.95 -29.05 -21.89
C ASN A 84 53.58 -27.71 -21.53
N HIS A 98 35.72 -17.66 -14.19
CA HIS A 98 35.86 -17.84 -12.76
C HIS A 98 35.42 -19.24 -12.34
N ARG A 99 36.38 -20.15 -12.22
CA ARG A 99 36.05 -21.49 -11.77
C ARG A 99 35.90 -21.51 -10.25
N THR A 100 34.91 -22.25 -9.78
CA THR A 100 34.72 -22.46 -8.35
C THR A 100 35.68 -23.52 -7.87
N LEU A 101 36.27 -23.29 -6.69
CA LEU A 101 37.21 -24.26 -6.14
C LEU A 101 36.48 -25.51 -5.69
N LEU A 102 37.07 -26.66 -5.96
CA LEU A 102 36.55 -27.94 -5.50
C LEU A 102 37.60 -28.61 -4.63
N TYR A 103 37.14 -29.24 -3.55
CA TYR A 103 38.05 -29.98 -2.69
C TYR A 103 38.77 -31.05 -3.48
N GLY A 104 40.09 -31.11 -3.34
CA GLY A 104 40.91 -32.01 -4.11
C GLY A 104 41.58 -31.41 -5.31
N HIS A 105 41.18 -30.21 -5.73
CA HIS A 105 41.88 -29.54 -6.80
C HIS A 105 43.23 -29.02 -6.31
N ALA A 106 44.00 -28.48 -7.24
CA ALA A 106 45.26 -27.83 -6.93
C ALA A 106 45.17 -26.36 -7.30
N ILE A 107 45.48 -25.48 -6.36
CA ILE A 107 45.33 -24.05 -6.55
C ILE A 107 46.70 -23.39 -6.66
N LEU A 108 46.70 -22.22 -7.29
CA LEU A 108 47.87 -21.39 -7.44
C LEU A 108 47.57 -20.04 -6.82
N LEU A 109 48.35 -19.65 -5.82
CA LEU A 109 48.15 -18.41 -5.09
C LEU A 109 49.21 -17.41 -5.50
N ARG A 110 48.78 -16.25 -5.98
CA ARG A 110 49.68 -15.18 -6.39
C ARG A 110 49.64 -14.07 -5.36
N HIS A 111 50.81 -13.67 -4.88
CA HIS A 111 50.88 -12.61 -3.90
C HIS A 111 50.38 -11.31 -4.49
N ALA A 112 49.47 -10.64 -3.78
CA ALA A 112 48.84 -9.45 -4.34
C ALA A 112 49.85 -8.33 -4.57
N HIS A 113 50.77 -8.13 -3.63
CA HIS A 113 51.71 -7.02 -3.72
C HIS A 113 52.87 -7.33 -4.65
N SER A 114 53.61 -8.39 -4.35
CA SER A 114 54.83 -8.69 -5.07
C SER A 114 54.60 -9.40 -6.39
N ARG A 115 53.37 -9.82 -6.68
CA ARG A 115 53.03 -10.58 -7.88
C ARG A 115 53.76 -11.92 -7.93
N MET A 116 54.30 -12.38 -6.81
CA MET A 116 55.00 -13.64 -6.75
C MET A 116 54.03 -14.74 -6.31
N TYR A 117 54.46 -15.99 -6.44
CA TYR A 117 53.60 -17.13 -6.20
C TYR A 117 54.07 -17.87 -4.96
N LEU A 118 53.11 -18.25 -4.12
CA LEU A 118 53.42 -19.02 -2.93
C LEU A 118 53.98 -20.38 -3.32
N SER A 119 55.07 -20.77 -2.68
CA SER A 119 55.78 -21.97 -3.10
C SER A 119 56.37 -22.67 -1.88
N CYS A 120 56.72 -23.94 -2.08
CA CYS A 120 57.39 -24.74 -1.06
C CYS A 120 58.87 -24.78 -1.42
N LEU A 121 59.66 -23.97 -0.72
CA LEU A 121 61.07 -23.85 -1.04
C LEU A 121 61.83 -25.10 -0.62
N THR A 122 62.88 -25.41 -1.38
CA THR A 122 63.65 -26.62 -1.15
C THR A 122 64.63 -26.50 0.01
N THR A 123 64.80 -25.31 0.57
CA THR A 123 65.68 -25.11 1.70
C THR A 123 64.93 -25.31 3.01
N SER A 124 65.69 -25.39 4.10
CA SER A 124 65.10 -25.59 5.41
C SER A 124 65.94 -24.83 6.42
N ARG A 125 65.39 -23.74 6.95
CA ARG A 125 66.07 -22.94 7.96
C ARG A 125 65.71 -23.33 9.37
N SER A 126 64.75 -24.23 9.56
CA SER A 126 64.34 -24.64 10.90
C SER A 126 65.29 -25.69 11.45
N MET A 127 65.54 -25.62 12.75
CA MET A 127 66.37 -26.60 13.43
C MET A 127 65.55 -27.64 14.17
N THR A 128 64.31 -27.32 14.54
CA THR A 128 63.49 -28.25 15.30
C THR A 128 63.09 -29.45 14.46
N ASP A 129 62.68 -29.21 13.22
CA ASP A 129 62.22 -30.27 12.33
C ASP A 129 63.27 -30.52 11.26
N LYS A 130 63.74 -31.77 11.17
CA LYS A 130 64.73 -32.12 10.18
C LYS A 130 64.11 -32.42 8.82
N LEU A 131 62.80 -32.58 8.76
CA LEU A 131 62.11 -32.96 7.53
C LEU A 131 61.34 -31.81 6.92
N ALA A 132 61.25 -30.68 7.60
CA ALA A 132 60.43 -29.57 7.15
C ALA A 132 61.12 -28.81 6.03
N PHE A 133 60.31 -28.04 5.30
CA PHE A 133 60.80 -27.17 4.25
C PHE A 133 60.30 -25.76 4.49
N ASP A 134 61.07 -24.80 3.99
CA ASP A 134 60.69 -23.40 4.10
C ASP A 134 59.61 -23.08 3.08
N VAL A 135 58.65 -22.26 3.49
CA VAL A 135 57.56 -21.82 2.62
C VAL A 135 57.78 -20.36 2.30
N GLY A 136 57.87 -20.04 1.02
CA GLY A 136 58.09 -18.67 0.61
C GLY A 136 57.49 -18.33 -0.74
N LEU A 137 57.91 -17.21 -1.31
CA LEU A 137 57.41 -16.76 -2.59
C LEU A 137 58.37 -17.16 -3.70
N GLN A 138 57.81 -17.36 -4.89
CA GLN A 138 58.56 -17.77 -6.07
C GLN A 138 58.26 -16.79 -7.19
N GLU A 139 59.30 -16.42 -7.93
CA GLU A 139 59.14 -15.40 -8.96
C GLU A 139 58.21 -15.84 -10.07
N ASP A 140 58.32 -17.10 -10.50
CA ASP A 140 57.56 -17.60 -11.64
C ASP A 140 56.69 -18.76 -11.21
N ALA A 141 55.60 -18.96 -11.95
CA ALA A 141 54.64 -20.02 -11.68
C ALA A 141 55.05 -21.34 -12.31
N THR A 142 56.21 -21.40 -12.94
CA THR A 142 56.68 -22.64 -13.53
C THR A 142 57.00 -23.67 -12.46
N GLY A 143 57.08 -24.93 -12.88
CA GLY A 143 57.36 -26.01 -11.96
C GLY A 143 56.12 -26.38 -11.18
N GLU A 144 56.26 -27.41 -10.36
CA GLU A 144 55.18 -27.88 -9.52
C GLU A 144 55.30 -27.41 -8.08
N ALA A 145 56.34 -26.64 -7.76
CA ALA A 145 56.57 -26.19 -6.39
C ALA A 145 55.54 -25.19 -5.91
N CYS A 146 54.75 -24.61 -6.80
CA CYS A 146 53.86 -23.51 -6.44
C CYS A 146 52.39 -23.91 -6.46
N TRP A 147 52.10 -25.20 -6.36
CA TRP A 147 50.74 -25.69 -6.41
C TRP A 147 50.40 -26.44 -5.13
N TRP A 148 49.18 -26.24 -4.64
CA TRP A 148 48.73 -26.83 -3.39
C TRP A 148 47.36 -27.45 -3.59
N THR A 149 47.11 -28.57 -2.92
CA THR A 149 45.85 -29.28 -3.03
C THR A 149 45.03 -29.10 -1.76
N MET A 150 43.79 -28.65 -1.91
CA MET A 150 42.92 -28.43 -0.77
C MET A 150 42.26 -29.74 -0.36
N HIS A 151 42.31 -30.06 0.92
CA HIS A 151 41.63 -31.23 1.43
C HIS A 151 40.73 -30.84 2.59
N PRO A 152 39.56 -31.45 2.68
CA PRO A 152 38.67 -31.14 3.80
C PRO A 152 39.33 -31.47 5.12
N ALA A 153 39.12 -30.60 6.11
CA ALA A 153 39.70 -30.80 7.42
C ALA A 153 38.97 -31.90 8.18
N SER A 154 37.71 -32.14 7.87
CA SER A 154 36.88 -33.10 8.58
C SER A 154 35.85 -33.70 7.64
N LYS A 155 34.89 -34.41 8.24
CA LYS A 155 34.00 -35.27 7.48
C LYS A 155 32.77 -34.56 6.93
N GLN A 156 32.46 -33.33 7.37
CA GLN A 156 31.29 -32.67 6.82
C GLN A 156 31.48 -32.32 5.35
N ARG A 157 32.73 -32.24 4.90
CA ARG A 157 33.04 -32.01 3.51
C ARG A 157 33.80 -33.21 2.95
N SER A 158 33.61 -33.47 1.67
CA SER A 158 34.26 -34.59 1.00
C SER A 158 34.83 -34.11 -0.33
N GLU A 159 35.70 -34.93 -0.89
CA GLU A 159 36.40 -34.57 -2.12
C GLU A 159 35.40 -34.33 -3.24
N GLY A 160 35.67 -33.30 -4.04
CA GLY A 160 34.80 -32.91 -5.11
C GLY A 160 33.79 -31.84 -4.75
N GLU A 161 33.53 -31.63 -3.47
CA GLU A 161 32.58 -30.63 -3.05
C GLU A 161 33.17 -29.23 -3.23
N LYS A 162 32.27 -28.25 -3.33
CA LYS A 162 32.68 -26.87 -3.40
C LYS A 162 33.27 -26.42 -2.07
N VAL A 163 34.23 -25.50 -2.13
CA VAL A 163 34.85 -24.96 -0.94
C VAL A 163 34.11 -23.69 -0.53
N ARG A 164 33.56 -23.69 0.68
CA ARG A 164 32.72 -22.59 1.13
C ARG A 164 33.49 -21.66 2.05
N VAL A 165 33.07 -20.40 2.05
CA VAL A 165 33.71 -19.42 2.92
C VAL A 165 33.59 -19.86 4.36
N GLY A 166 34.71 -19.86 5.07
CA GLY A 166 34.73 -20.27 6.45
C GLY A 166 35.06 -21.73 6.69
N ASP A 167 35.37 -22.48 5.64
CA ASP A 167 35.74 -23.87 5.81
C ASP A 167 37.17 -24.00 6.29
N ASP A 168 37.37 -24.85 7.30
CA ASP A 168 38.70 -25.23 7.73
C ASP A 168 39.29 -26.19 6.70
N LEU A 169 40.55 -25.96 6.35
CA LEU A 169 41.17 -26.59 5.20
C LEU A 169 42.52 -27.19 5.54
N ILE A 170 42.98 -28.08 4.67
CA ILE A 170 44.32 -28.65 4.74
C ILE A 170 44.96 -28.44 3.38
N LEU A 171 46.16 -27.87 3.37
CA LEU A 171 46.91 -27.64 2.14
C LEU A 171 48.12 -28.54 2.11
N VAL A 172 48.32 -29.26 1.01
CA VAL A 172 49.43 -30.19 0.83
C VAL A 172 50.22 -29.76 -0.39
N SER A 173 51.53 -29.64 -0.23
CA SER A 173 52.36 -29.22 -1.35
C SER A 173 52.43 -30.32 -2.40
N VAL A 174 52.15 -29.96 -3.65
CA VAL A 174 52.19 -30.95 -4.72
C VAL A 174 53.60 -31.48 -4.90
N SER A 175 54.59 -30.60 -4.86
CA SER A 175 55.96 -31.02 -5.10
C SER A 175 56.53 -31.81 -3.94
N SER A 176 56.20 -31.41 -2.70
CA SER A 176 56.88 -31.95 -1.54
C SER A 176 56.05 -32.91 -0.72
N GLU A 177 54.74 -33.00 -0.98
CA GLU A 177 53.85 -33.86 -0.21
C GLU A 177 53.91 -33.53 1.28
N ARG A 178 53.90 -32.25 1.60
CA ARG A 178 53.95 -31.79 2.98
C ARG A 178 52.87 -30.74 3.22
N TYR A 179 52.32 -30.76 4.43
CA TYR A 179 51.27 -29.83 4.79
C TYR A 179 51.84 -28.44 5.03
N LEU A 180 51.03 -27.43 4.73
CA LEU A 180 51.34 -26.07 5.15
C LEU A 180 51.15 -26.02 6.66
N HIS A 181 52.24 -26.10 7.40
CA HIS A 181 52.23 -26.37 8.82
C HIS A 181 52.56 -25.10 9.59
N LEU A 182 51.90 -24.93 10.74
CA LEU A 182 52.24 -23.91 11.70
C LEU A 182 53.01 -24.58 12.85
N SER A 183 54.26 -24.15 13.05
CA SER A 183 55.15 -24.78 14.01
C SER A 183 55.30 -23.91 15.25
N THR A 184 55.01 -24.49 16.42
CA THR A 184 55.21 -23.82 17.69
C THR A 184 56.42 -24.38 18.44
N ALA A 185 57.25 -25.18 17.78
CA ALA A 185 58.35 -25.85 18.46
C ALA A 185 59.33 -24.84 19.03
N SER A 186 59.66 -23.80 18.27
CA SER A 186 60.46 -22.71 18.79
C SER A 186 59.61 -21.84 19.70
N GLY A 187 60.23 -20.81 20.28
CA GLY A 187 59.46 -19.89 21.10
C GLY A 187 58.49 -19.03 20.31
N GLU A 188 58.78 -18.81 19.04
CA GLU A 188 57.96 -17.96 18.19
C GLU A 188 57.01 -18.80 17.35
N LEU A 189 56.15 -18.11 16.62
CA LEU A 189 55.18 -18.73 15.73
C LEU A 189 55.75 -18.71 14.32
N GLN A 190 55.87 -19.89 13.72
CA GLN A 190 56.49 -20.02 12.41
C GLN A 190 55.67 -20.91 11.51
N VAL A 191 55.80 -20.68 10.21
CA VAL A 191 55.08 -21.42 9.18
C VAL A 191 56.10 -22.15 8.31
N ASP A 192 55.87 -23.43 8.10
CA ASP A 192 56.73 -24.24 7.26
C ASP A 192 55.91 -25.34 6.62
N ALA A 193 56.54 -26.12 5.76
CA ALA A 193 55.89 -27.25 5.10
C ALA A 193 56.41 -28.52 5.74
N SER A 194 55.56 -29.18 6.52
CA SER A 194 55.95 -30.37 7.27
C SER A 194 54.92 -31.46 7.09
N PHE A 195 55.13 -32.57 7.79
CA PHE A 195 54.25 -33.72 7.75
C PHE A 195 53.15 -33.66 8.80
N MET A 196 53.09 -32.60 9.59
CA MET A 196 52.04 -32.42 10.56
C MET A 196 51.04 -31.39 10.02
N GLN A 197 49.78 -31.78 9.95
CA GLN A 197 48.75 -30.94 9.34
C GLN A 197 48.38 -29.77 10.24
N THR A 198 47.82 -28.74 9.62
CA THR A 198 47.33 -27.57 10.34
C THR A 198 46.14 -27.03 9.58
N LEU A 199 45.07 -26.71 10.31
CA LEU A 199 43.85 -26.21 9.68
C LEU A 199 44.03 -24.76 9.26
N TRP A 200 43.52 -24.41 8.09
CA TRP A 200 43.58 -23.06 7.57
C TRP A 200 42.20 -22.64 7.11
N ASN A 201 42.01 -21.32 7.02
CA ASN A 201 40.80 -20.74 6.45
C ASN A 201 41.21 -19.74 5.38
N MET A 202 40.59 -19.82 4.21
CA MET A 202 40.75 -18.78 3.21
C MET A 202 39.60 -17.78 3.38
N ASN A 203 39.82 -16.84 4.26
CA ASN A 203 38.85 -15.77 4.44
C ASN A 203 38.94 -14.82 3.27
N PRO A 204 37.83 -14.56 2.57
CA PRO A 204 37.90 -13.73 1.37
C PRO A 204 38.10 -12.27 1.70
N ILE A 205 38.71 -11.55 0.74
CA ILE A 205 38.85 -10.12 0.79
C ILE A 205 37.96 -9.44 -0.25
N CYS A 206 38.12 -9.82 -1.51
CA CYS A 206 37.30 -9.24 -2.57
C CYS A 206 37.05 -10.30 -3.64
N SER A 207 35.83 -10.30 -4.17
CA SER A 207 35.46 -11.18 -5.27
C SER A 207 35.41 -10.44 -6.60
N CYS A 208 34.51 -9.47 -6.73
CA CYS A 208 34.35 -8.73 -7.97
C CYS A 208 34.01 -7.29 -7.63
N CYS A 209 34.62 -6.36 -8.37
CA CYS A 209 34.48 -4.94 -8.12
C CYS A 209 33.91 -4.27 -9.36
N GLU A 210 32.92 -3.41 -9.16
CA GLU A 210 32.37 -2.67 -10.29
C GLU A 210 33.41 -1.71 -10.84
N GLU A 211 33.14 -1.21 -12.05
CA GLU A 211 34.03 -0.23 -12.64
C GLU A 211 34.16 0.95 -11.69
N GLY A 212 35.40 1.34 -11.43
CA GLY A 212 35.65 2.36 -10.42
C GLY A 212 35.08 1.92 -9.10
N TYR A 213 34.28 2.80 -8.50
CA TYR A 213 33.43 2.44 -7.38
C TYR A 213 34.26 1.92 -6.20
N VAL A 214 34.97 2.87 -5.59
CA VAL A 214 35.99 2.65 -4.57
C VAL A 214 35.64 1.52 -3.63
N THR A 215 36.61 0.65 -3.37
CA THR A 215 36.48 -0.46 -2.44
C THR A 215 37.58 -0.37 -1.40
N GLY A 216 37.44 -1.14 -0.33
CA GLY A 216 38.41 -1.11 0.74
C GLY A 216 39.72 -1.73 0.34
N GLY A 217 40.78 -1.36 1.05
CA GLY A 217 42.09 -1.91 0.81
C GLY A 217 42.81 -1.33 -0.40
N HIS A 218 42.29 -0.28 -1.01
CA HIS A 218 42.92 0.31 -2.16
C HIS A 218 43.88 1.41 -1.76
N VAL A 219 44.76 1.76 -2.68
CA VAL A 219 45.65 2.90 -2.55
C VAL A 219 45.14 4.00 -3.47
N LEU A 220 44.99 5.20 -2.93
CA LEU A 220 44.35 6.28 -3.66
C LEU A 220 44.89 7.61 -3.17
N ARG A 221 44.59 8.67 -3.92
CA ARG A 221 44.89 10.03 -3.51
C ARG A 221 43.59 10.77 -3.23
N LEU A 222 43.61 11.59 -2.18
CA LEU A 222 42.45 12.34 -1.77
C LEU A 222 42.63 13.78 -2.25
N PHE A 223 41.91 14.15 -3.30
CA PHE A 223 42.05 15.46 -3.90
C PHE A 223 41.02 16.43 -3.35
N HIS A 224 41.47 17.66 -3.09
CA HIS A 224 40.63 18.65 -2.44
C HIS A 224 39.72 19.36 -3.44
N GLY A 225 40.30 20.11 -4.36
CA GLY A 225 39.53 20.91 -5.28
C GLY A 225 39.49 20.34 -6.69
N HIS A 226 39.90 21.14 -7.67
CA HIS A 226 39.82 20.74 -9.06
C HIS A 226 41.16 20.21 -9.55
N MET A 227 41.47 18.99 -9.11
CA MET A 227 42.65 18.26 -9.55
C MET A 227 43.93 19.06 -9.29
N ASP A 228 43.94 19.80 -8.17
CA ASP A 228 45.05 20.69 -7.85
C ASP A 228 45.73 20.33 -6.54
N GLU A 229 44.97 20.17 -5.46
CA GLU A 229 45.55 19.91 -4.14
C GLU A 229 45.20 18.51 -3.68
N CYS A 230 46.17 17.84 -3.07
CA CYS A 230 46.01 16.49 -2.58
C CYS A 230 46.52 16.38 -1.16
N LEU A 231 45.88 15.52 -0.38
CA LEU A 231 46.28 15.34 1.01
C LEU A 231 47.59 14.56 1.06
N THR A 232 48.51 15.01 1.89
CA THR A 232 49.83 14.40 1.98
C THR A 232 50.49 14.80 3.28
N ILE A 233 51.69 14.26 3.49
CA ILE A 233 52.53 14.67 4.60
C ILE A 233 53.78 15.30 4.03
N SER A 234 54.65 15.81 4.90
CA SER A 234 55.84 16.52 4.45
C SER A 234 56.81 15.55 3.79
N ALA A 235 57.74 16.11 3.03
CA ALA A 235 58.71 15.33 2.30
C ALA A 235 59.73 14.72 3.26
N ALA A 236 60.68 13.99 2.67
CA ALA A 236 61.70 13.31 3.47
C ALA A 236 62.62 14.32 4.14
N ASP A 237 63.16 13.92 5.28
CA ASP A 237 63.99 14.76 6.15
C ASP A 237 63.42 16.17 6.28
N SER A 238 62.23 16.24 6.85
CA SER A 238 61.59 17.50 7.19
C SER A 238 61.57 17.69 8.70
N ASP A 239 61.52 18.95 9.12
CA ASP A 239 61.64 19.26 10.54
C ASP A 239 60.44 18.80 11.34
N ASP A 240 59.33 18.47 10.68
CA ASP A 240 58.13 18.04 11.38
C ASP A 240 58.11 16.54 11.64
N GLN A 241 59.20 15.83 11.29
CA GLN A 241 59.30 14.39 11.43
C GLN A 241 58.25 13.64 10.62
N ARG A 242 57.78 14.27 9.54
CA ARG A 242 56.79 13.67 8.65
C ARG A 242 55.58 13.18 9.44
N ARG A 243 55.13 14.00 10.39
CA ARG A 243 53.98 13.66 11.22
C ARG A 243 52.89 14.72 11.15
N LEU A 244 52.93 15.61 10.17
CA LEU A 244 51.92 16.63 10.01
C LEU A 244 51.37 16.57 8.60
N VAL A 245 50.05 16.72 8.49
CA VAL A 245 49.33 16.55 7.24
C VAL A 245 49.05 17.92 6.65
N TYR A 246 49.25 18.04 5.34
CA TYR A 246 49.04 19.29 4.63
C TYR A 246 48.28 19.03 3.35
N TYR A 247 47.60 20.06 2.88
CA TYR A 247 47.03 20.10 1.54
C TYR A 247 48.05 20.80 0.64
N GLU A 248 48.60 20.06 -0.31
CA GLU A 248 49.66 20.58 -1.16
C GLU A 248 49.28 20.35 -2.62
N GLY A 249 49.77 21.22 -3.50
CA GLY A 249 49.57 21.07 -4.92
C GLY A 249 50.91 21.03 -5.65
N GLY A 250 50.84 20.74 -6.94
CA GLY A 250 52.03 20.74 -7.76
C GLY A 250 52.54 19.35 -8.08
N ALA A 251 53.86 19.16 -7.92
CA ALA A 251 54.45 17.86 -8.24
C ALA A 251 54.10 16.79 -7.22
N VAL A 252 53.59 17.17 -6.05
CA VAL A 252 53.22 16.19 -5.04
C VAL A 252 52.09 15.30 -5.54
N CYS A 253 51.27 15.79 -6.47
CA CYS A 253 50.15 15.00 -6.96
C CYS A 253 50.58 13.74 -7.69
N THR A 254 51.84 13.69 -8.14
CA THR A 254 52.37 12.51 -8.80
C THR A 254 53.44 11.82 -7.97
N HIS A 255 53.64 12.24 -6.73
CA HIS A 255 54.65 11.64 -5.87
C HIS A 255 54.02 10.62 -4.94
N ALA A 256 54.89 9.80 -4.35
CA ALA A 256 54.44 8.66 -3.56
C ALA A 256 54.01 9.03 -2.15
N ARG A 257 54.32 10.23 -1.68
CA ARG A 257 53.97 10.59 -0.31
C ARG A 257 52.52 11.04 -0.17
N SER A 258 51.78 11.14 -1.26
CA SER A 258 50.37 11.49 -1.21
C SER A 258 49.47 10.28 -1.37
N LEU A 259 50.01 9.07 -1.27
CA LEU A 259 49.26 7.85 -1.49
C LEU A 259 48.87 7.24 -0.16
N TRP A 260 47.57 7.08 0.04
CA TRP A 260 47.03 6.56 1.29
C TRP A 260 46.30 5.26 1.02
N ARG A 261 46.28 4.39 2.01
CA ARG A 261 45.59 3.11 1.93
C ARG A 261 44.43 3.08 2.91
N LEU A 262 43.26 2.68 2.43
CA LEU A 262 42.06 2.69 3.25
C LEU A 262 41.84 1.31 3.85
N GLU A 263 41.84 1.23 5.18
CA GLU A 263 41.73 -0.04 5.88
C GLU A 263 40.45 -0.11 6.69
N PRO A 264 39.44 -0.83 6.22
CA PRO A 264 38.24 -1.04 7.03
C PRO A 264 38.57 -1.84 8.28
N LEU A 265 37.75 -1.64 9.30
CA LEU A 265 37.99 -2.23 10.61
C LEU A 265 37.51 -3.67 10.68
N ARG A 266 37.96 -4.49 9.74
CA ARG A 266 37.64 -5.91 9.71
C ARG A 266 38.61 -6.58 8.75
N ILE A 267 38.74 -7.89 8.88
CA ILE A 267 39.64 -8.66 8.05
C ILE A 267 38.93 -9.29 6.87
N SER A 268 37.95 -10.15 7.13
CA SER A 268 37.18 -10.75 6.07
C SER A 268 36.32 -9.70 5.38
N TRP A 269 36.28 -9.77 4.06
CA TRP A 269 35.50 -8.83 3.22
C TRP A 269 35.97 -7.40 3.39
N SER A 270 37.22 -7.20 3.79
CA SER A 270 37.78 -5.86 3.85
C SER A 270 37.89 -5.21 2.49
N GLY A 271 37.88 -6.00 1.42
CA GLY A 271 37.94 -5.48 0.09
C GLY A 271 36.59 -5.09 -0.47
N SER A 272 35.54 -5.14 0.35
CA SER A 272 34.20 -4.85 -0.12
C SER A 272 34.07 -3.39 -0.53
N HIS A 273 32.96 -3.08 -1.18
CA HIS A 273 32.71 -1.71 -1.62
C HIS A 273 32.60 -0.80 -0.41
N LEU A 274 33.19 0.38 -0.52
CA LEU A 274 33.07 1.36 0.56
C LEU A 274 31.65 1.90 0.64
N ARG A 275 31.15 1.99 1.86
CA ARG A 275 29.83 2.53 2.12
C ARG A 275 29.95 3.77 2.97
N TRP A 276 29.01 4.70 2.77
CA TRP A 276 29.01 5.93 3.55
C TRP A 276 28.89 5.61 5.03
N GLY A 277 29.68 6.29 5.84
CA GLY A 277 29.66 6.09 7.26
C GLY A 277 30.39 4.86 7.75
N GLN A 278 30.95 4.07 6.85
CA GLN A 278 31.69 2.88 7.25
C GLN A 278 33.02 3.28 7.88
N PRO A 279 33.31 2.85 9.10
CA PRO A 279 34.58 3.22 9.72
C PRO A 279 35.76 2.58 9.00
N LEU A 280 36.85 3.33 8.94
CA LEU A 280 38.04 2.80 8.28
C LEU A 280 39.25 3.64 8.67
N ARG A 281 40.34 2.94 8.98
CA ARG A 281 41.64 3.56 9.20
C ARG A 281 42.21 4.02 7.88
N ILE A 282 43.03 5.07 7.94
CA ILE A 282 43.73 5.57 6.76
C ILE A 282 45.22 5.49 7.04
N ARG A 283 45.94 4.80 6.16
CA ARG A 283 47.35 4.47 6.36
C ARG A 283 48.19 5.16 5.30
N HIS A 284 49.31 5.74 5.72
CA HIS A 284 50.26 6.32 4.79
C HIS A 284 51.19 5.22 4.30
N VAL A 285 51.21 4.99 2.98
CA VAL A 285 51.88 3.81 2.45
C VAL A 285 53.39 3.90 2.65
N THR A 286 53.99 5.03 2.26
CA THR A 286 55.46 5.10 2.26
C THR A 286 56.01 5.11 3.67
N THR A 287 55.31 5.73 4.60
CA THR A 287 55.79 5.82 5.97
C THR A 287 55.20 4.76 6.89
N GLY A 288 54.06 4.18 6.54
CA GLY A 288 53.46 3.20 7.40
C GLY A 288 52.80 3.75 8.64
N ARG A 289 52.40 5.01 8.63
CA ARG A 289 51.75 5.62 9.77
C ARG A 289 50.28 5.88 9.48
N TYR A 290 49.49 5.90 10.54
CA TYR A 290 48.04 5.98 10.43
C TYR A 290 47.55 7.36 10.84
N LEU A 291 46.65 7.91 10.04
CA LEU A 291 46.05 9.19 10.35
C LEU A 291 45.27 9.10 11.65
N ALA A 292 45.52 10.06 12.55
CA ALA A 292 45.00 9.95 13.90
C ALA A 292 44.64 11.32 14.42
N LEU A 293 43.79 11.34 15.45
CA LEU A 293 43.45 12.54 16.19
C LEU A 293 43.95 12.36 17.61
N THR A 294 45.05 13.03 17.93
CA THR A 294 45.66 12.94 19.26
C THR A 294 45.30 14.17 20.08
N GLU A 295 45.16 13.96 21.39
CA GLU A 295 44.75 15.05 22.26
C GLU A 295 45.83 16.12 22.38
N ASP A 296 47.07 15.80 22.00
CA ASP A 296 48.19 16.74 22.18
C ASP A 296 48.40 17.60 20.94
N GLN A 297 48.67 16.98 19.79
CA GLN A 297 48.95 17.71 18.57
C GLN A 297 47.78 17.73 17.60
N GLY A 298 46.63 17.18 17.98
CA GLY A 298 45.48 17.19 17.10
C GLY A 298 45.56 16.14 16.01
N LEU A 299 45.47 16.57 14.76
CA LEU A 299 45.50 15.67 13.62
C LEU A 299 46.95 15.43 13.22
N VAL A 300 47.44 14.22 13.50
CA VAL A 300 48.77 13.80 13.13
C VAL A 300 48.69 12.38 12.60
N VAL A 301 49.82 11.89 12.08
CA VAL A 301 49.95 10.49 11.67
C VAL A 301 50.81 9.79 12.72
N VAL A 302 50.28 8.70 13.27
CA VAL A 302 50.93 7.99 14.36
C VAL A 302 51.34 6.60 13.86
N ASP A 303 52.23 5.98 14.62
CA ASP A 303 52.69 4.64 14.29
C ASP A 303 51.59 3.62 14.59
N ALA A 304 51.85 2.39 14.16
CA ALA A 304 50.87 1.32 14.34
C ALA A 304 50.59 1.03 15.80
N CYS A 305 51.58 1.16 16.68
CA CYS A 305 51.42 0.83 18.09
C CYS A 305 50.55 1.82 18.83
N LYS A 306 50.19 2.95 18.22
CA LYS A 306 49.36 3.95 18.88
C LYS A 306 48.06 4.20 18.13
N ALA A 307 47.64 3.30 17.26
CA ALA A 307 46.40 3.42 16.51
C ALA A 307 45.39 2.46 17.13
N HIS A 308 44.62 2.96 18.09
CA HIS A 308 43.77 2.12 18.92
C HIS A 308 42.28 2.28 18.59
N THR A 309 41.97 2.42 17.30
CA THR A 309 40.62 2.40 16.74
C THR A 309 39.79 3.58 17.19
N LYS A 310 40.24 4.35 18.17
CA LYS A 310 39.56 5.56 18.58
C LYS A 310 40.13 6.79 17.91
N ALA A 311 41.45 6.95 17.94
CA ALA A 311 42.09 8.08 17.27
C ALA A 311 42.13 7.91 15.77
N THR A 312 42.06 6.68 15.26
CA THR A 312 42.34 6.40 13.86
C THR A 312 41.13 5.88 13.10
N SER A 313 39.93 6.17 13.57
CA SER A 313 38.70 5.75 12.89
C SER A 313 38.10 6.94 12.18
N PHE A 314 37.80 6.77 10.90
CA PHE A 314 37.21 7.81 10.08
C PHE A 314 36.10 7.22 9.24
N CYS A 315 35.29 8.10 8.65
CA CYS A 315 34.24 7.70 7.74
C CYS A 315 34.09 8.75 6.67
N PHE A 316 33.58 8.33 5.52
CA PHE A 316 33.22 9.25 4.45
C PHE A 316 31.73 9.52 4.51
N ARG A 317 31.36 10.79 4.47
CA ARG A 317 29.97 11.20 4.54
C ARG A 317 29.61 12.06 3.35
N VAL A 318 28.43 11.77 2.79
CA VAL A 318 27.93 12.51 1.63
C VAL A 318 27.69 13.98 1.94
N SER A 319 27.10 14.28 3.09
CA SER A 319 26.85 15.67 3.47
C SER A 319 27.16 15.83 4.94
N LYS A 320 27.54 17.04 5.32
CA LYS A 320 27.89 17.34 6.70
C LYS A 320 26.69 17.32 7.63
N GLU A 321 25.48 17.12 7.10
CA GLU A 321 24.29 17.06 7.94
C GLU A 321 24.41 15.94 8.96
N LYS A 322 24.07 16.24 10.20
CA LYS A 322 24.19 15.28 11.28
C LYS A 322 23.04 14.28 11.17
N LEU A 323 23.23 13.30 10.27
CA LEU A 323 22.23 12.26 10.11
C LEU A 323 22.04 11.48 11.40
N ASP A 324 23.09 10.77 11.84
CA ASP A 324 23.07 10.06 13.12
C ASP A 324 21.88 9.11 13.21
N THR A 325 21.56 8.45 12.09
CA THR A 325 20.37 7.62 12.03
C THR A 325 20.56 6.33 12.82
N ALA A 326 21.49 5.48 12.40
CA ALA A 326 21.74 4.20 13.04
C ALA A 326 23.05 3.60 12.56
N PRO A 327 23.76 2.86 13.42
CA PRO A 327 25.00 2.20 12.97
C PRO A 327 24.72 1.08 11.97
N LYS A 328 25.17 1.28 10.74
CA LYS A 328 24.96 0.30 9.69
C LYS A 328 25.67 -1.01 10.00
N ARG A 329 25.02 -2.12 9.69
CA ARG A 329 25.58 -3.44 9.93
C ARG A 329 26.30 -3.96 8.68
N ASP A 330 27.49 -4.52 8.87
CA ASP A 330 28.29 -4.99 7.75
C ASP A 330 27.69 -6.24 7.13
N VAL A 331 27.80 -6.32 5.81
CA VAL A 331 27.26 -7.44 5.05
C VAL A 331 28.41 -8.33 4.62
N GLU A 332 28.09 -9.61 4.42
CA GLU A 332 29.09 -10.61 4.04
C GLU A 332 29.15 -10.69 2.52
N GLY A 333 29.80 -9.70 1.93
CA GLY A 333 30.00 -9.69 0.50
C GLY A 333 30.47 -8.32 0.05
N MET A 334 30.54 -8.16 -1.27
CA MET A 334 30.92 -6.87 -1.83
C MET A 334 29.94 -5.77 -1.43
N GLY A 335 28.69 -6.14 -1.16
CA GLY A 335 27.73 -5.22 -0.63
C GLY A 335 27.26 -4.23 -1.67
N PRO A 336 26.50 -3.23 -1.23
CA PRO A 336 25.97 -2.25 -2.14
C PRO A 336 27.06 -1.30 -2.61
N PRO A 337 27.21 -1.13 -3.92
CA PRO A 337 28.24 -0.22 -4.45
C PRO A 337 27.79 1.23 -4.32
N GLU A 338 28.62 2.05 -3.69
CA GLU A 338 28.20 3.40 -3.35
C GLU A 338 29.14 4.49 -3.87
N ILE A 339 30.41 4.46 -3.48
CA ILE A 339 31.30 5.60 -3.61
C ILE A 339 32.14 5.45 -4.85
N LYS A 340 32.12 6.46 -5.71
CA LYS A 340 32.77 6.39 -7.01
C LYS A 340 34.14 7.06 -6.98
N TYR A 341 34.97 6.65 -7.93
CA TYR A 341 36.29 7.24 -8.09
C TYR A 341 36.18 8.49 -8.94
N GLY A 342 36.52 9.64 -8.36
CA GLY A 342 36.57 10.87 -9.11
C GLY A 342 35.22 11.49 -9.39
N GLU A 343 34.15 10.99 -8.80
CA GLU A 343 32.82 11.60 -8.96
C GLU A 343 32.17 11.93 -7.63
N SER A 344 32.29 11.06 -6.64
CA SER A 344 31.62 11.29 -5.38
C SER A 344 32.37 12.33 -4.55
N LEU A 345 31.63 13.29 -4.01
CA LEU A 345 32.16 14.20 -3.01
C LEU A 345 32.07 13.52 -1.65
N CYS A 346 33.18 13.54 -0.90
CA CYS A 346 33.25 12.87 0.38
C CYS A 346 33.75 13.84 1.45
N PHE A 347 33.09 13.83 2.60
CA PHE A 347 33.52 14.58 3.77
C PHE A 347 34.08 13.59 4.78
N VAL A 348 35.38 13.70 5.06
CA VAL A 348 36.02 12.82 6.03
C VAL A 348 35.66 13.30 7.42
N GLN A 349 35.18 12.39 8.25
CA GLN A 349 34.77 12.68 9.61
C GLN A 349 35.40 11.71 10.58
N HIS A 350 35.93 12.23 11.68
CA HIS A 350 36.46 11.37 12.73
C HIS A 350 35.30 10.73 13.48
N VAL A 351 35.34 9.40 13.63
CA VAL A 351 34.18 8.67 14.15
C VAL A 351 33.93 9.03 15.60
N ALA A 352 34.98 8.98 16.42
CA ALA A 352 34.80 9.15 17.86
C ALA A 352 34.48 10.61 18.22
N SER A 353 35.10 11.55 17.52
CA SER A 353 34.96 12.95 17.89
C SER A 353 33.93 13.70 17.06
N GLY A 354 33.57 13.19 15.89
CA GLY A 354 32.67 13.92 15.02
C GLY A 354 33.29 15.10 14.32
N LEU A 355 34.59 15.33 14.50
CA LEU A 355 35.26 16.45 13.87
C LEU A 355 35.38 16.21 12.36
N TRP A 356 35.44 17.31 11.63
CA TRP A 356 35.51 17.29 10.18
C TRP A 356 36.90 17.71 9.73
N LEU A 357 37.37 17.08 8.66
CA LEU A 357 38.69 17.39 8.11
C LEU A 357 38.59 18.63 7.24
N THR A 358 39.34 19.67 7.61
CA THR A 358 39.34 20.91 6.84
C THR A 358 40.69 21.58 7.03
N TYR A 359 41.00 22.51 6.14
CA TYR A 359 42.28 23.20 6.21
C TYR A 359 42.27 24.21 7.35
N ALA A 360 43.41 24.84 7.57
CA ALA A 360 43.62 25.67 8.76
C ALA A 360 43.58 27.17 8.47
N ALA A 361 43.27 27.58 7.24
CA ALA A 361 43.23 29.00 6.88
C ALA A 361 44.56 29.66 7.21
N PRO A 362 45.59 29.47 6.38
CA PRO A 362 46.94 29.91 6.76
C PRO A 362 47.02 31.40 7.06
N ASP A 363 47.82 31.73 8.08
CA ASP A 363 48.00 33.11 8.47
C ASP A 363 48.72 33.89 7.39
N PRO A 364 48.37 35.17 7.17
CA PRO A 364 49.07 35.97 6.16
C PRO A 364 50.54 36.18 6.48
N LYS A 365 51.26 36.84 5.56
CA LYS A 365 52.68 37.12 5.66
C LYS A 365 53.51 35.85 5.44
N ALA A 366 52.84 34.70 5.38
CA ALA A 366 53.49 33.44 5.05
C ALA A 366 53.40 33.12 3.57
N LEU A 367 52.62 33.89 2.80
CA LEU A 367 52.52 33.66 1.36
C LEU A 367 53.81 34.04 0.64
N ARG A 368 54.49 35.09 1.11
CA ARG A 368 55.76 35.47 0.51
C ARG A 368 56.82 34.38 0.70
N LEU A 369 56.66 33.55 1.73
CA LEU A 369 57.55 32.42 1.93
C LEU A 369 57.40 31.35 0.86
N GLY A 370 56.37 31.44 0.02
CA GLY A 370 56.11 30.42 -0.96
C GLY A 370 55.44 29.17 -0.42
N VAL A 371 54.88 29.26 0.78
CA VAL A 371 54.23 28.11 1.41
C VAL A 371 52.79 28.01 0.94
N LEU A 372 52.57 27.29 -0.16
CA LEU A 372 51.22 26.97 -0.61
C LEU A 372 50.59 25.83 0.17
N LYS A 373 51.37 25.15 1.01
CA LYS A 373 50.82 24.09 1.83
C LYS A 373 49.87 24.68 2.87
N LYS A 374 48.71 24.06 3.01
CA LYS A 374 47.73 24.43 4.01
C LYS A 374 47.65 23.29 5.02
N LYS A 375 47.90 23.60 6.29
CA LYS A 375 47.86 22.57 7.31
C LYS A 375 46.45 22.00 7.42
N ALA A 376 46.36 20.67 7.46
CA ALA A 376 45.08 20.00 7.60
C ALA A 376 44.77 19.80 9.07
N ILE A 377 43.58 20.20 9.50
CA ILE A 377 43.17 20.12 10.89
C ILE A 377 41.77 19.51 10.97
N LEU A 378 41.44 19.03 12.15
CA LEU A 378 40.09 18.58 12.46
C LEU A 378 39.37 19.72 13.17
N HIS A 379 38.23 20.15 12.62
CA HIS A 379 37.46 21.25 13.14
C HIS A 379 36.00 20.84 13.27
N GLN A 380 35.33 21.42 14.27
CA GLN A 380 33.94 21.04 14.53
C GLN A 380 33.03 21.41 13.38
N GLU A 381 33.20 22.59 12.79
CA GLU A 381 32.31 23.06 11.74
C GLU A 381 32.87 22.82 10.35
N GLY A 382 34.10 23.21 10.10
CA GLY A 382 34.66 23.05 8.78
C GLY A 382 34.11 24.07 7.81
N HIS A 383 34.45 23.88 6.54
CA HIS A 383 34.10 24.80 5.48
C HIS A 383 33.20 24.12 4.48
N MET A 384 32.83 24.86 3.43
CA MET A 384 31.97 24.32 2.39
C MET A 384 32.73 23.46 1.40
N ASP A 385 34.00 23.77 1.14
CA ASP A 385 34.80 23.08 0.14
C ASP A 385 35.61 21.94 0.74
N ASP A 386 35.14 21.35 1.84
CA ASP A 386 35.83 20.24 2.49
C ASP A 386 35.67 18.93 1.74
N ALA A 387 34.87 18.88 0.69
CA ALA A 387 34.67 17.64 -0.05
C ALA A 387 35.96 17.22 -0.75
N LEU A 388 36.21 15.92 -0.78
CA LEU A 388 37.43 15.36 -1.34
C LEU A 388 37.13 14.39 -2.46
N PHE A 389 37.88 14.50 -3.53
CA PHE A 389 37.85 13.53 -4.62
C PHE A 389 38.77 12.36 -4.26
N LEU A 390 38.33 11.15 -4.60
CA LEU A 390 39.18 9.97 -4.45
C LEU A 390 39.56 9.49 -5.84
N THR A 391 40.86 9.46 -6.12
CA THR A 391 41.37 9.09 -7.43
C THR A 391 42.22 7.84 -7.32
N ARG A 392 42.10 6.98 -8.32
CA ARG A 392 42.80 5.70 -8.32
C ARG A 392 44.31 5.90 -8.51
N CYS A 393 45.07 5.05 -7.84
CA CYS A 393 46.51 5.00 -8.00
C CYS A 393 46.89 3.76 -8.79
N GLN A 394 47.76 3.92 -9.78
CA GLN A 394 48.14 2.81 -10.63
C GLN A 394 48.85 1.74 -9.82
N GLN A 395 48.74 0.50 -10.29
CA GLN A 395 49.36 -0.61 -9.57
C GLN A 395 50.86 -0.42 -9.47
N GLU A 396 51.48 0.11 -10.52
CA GLU A 396 52.91 0.35 -10.49
C GLU A 396 53.28 1.32 -9.38
N GLU A 397 52.53 2.41 -9.25
CA GLU A 397 52.83 3.38 -8.19
C GLU A 397 52.58 2.81 -6.80
N SER A 398 51.49 2.06 -6.64
CA SER A 398 51.21 1.47 -5.32
C SER A 398 52.31 0.50 -4.92
N GLN A 399 52.72 -0.36 -5.84
CA GLN A 399 53.79 -1.30 -5.54
C GLN A 399 55.09 -0.56 -5.25
N ALA A 400 55.36 0.51 -6.00
CA ALA A 400 56.58 1.28 -5.76
C ALA A 400 56.58 1.90 -4.38
N ALA A 401 55.43 2.44 -3.95
CA ALA A 401 55.37 3.06 -2.62
C ALA A 401 55.58 2.03 -1.53
N ARG A 402 54.95 0.86 -1.64
CA ARG A 402 55.17 -0.17 -0.63
C ARG A 402 56.62 -0.64 -0.62
N MET A 403 57.21 -0.78 -1.81
CA MET A 403 58.62 -1.17 -1.90
C MET A 403 59.50 -0.13 -1.25
N ILE A 404 59.18 1.15 -1.43
CA ILE A 404 59.92 2.23 -0.78
C ILE A 404 59.85 2.06 0.73
N HIS A 405 58.66 1.78 1.24
CA HIS A 405 58.50 1.62 2.69
C HIS A 405 59.39 0.50 3.23
N SER A 406 59.30 -0.68 2.62
CA SER A 406 60.06 -1.82 3.11
C SER A 406 61.56 -1.59 2.97
N THR A 407 61.97 -1.03 1.83
CA THR A 407 63.40 -0.79 1.58
C THR A 407 63.96 0.22 2.56
N ALA A 408 63.24 1.30 2.82
CA ALA A 408 63.73 2.29 3.77
C ALA A 408 63.85 1.70 5.15
N GLY A 409 62.87 0.91 5.57
CA GLY A 409 62.98 0.26 6.86
C GLY A 409 64.21 -0.63 6.97
N LEU A 410 64.41 -1.49 5.97
CA LEU A 410 65.53 -2.42 6.02
C LEU A 410 66.86 -1.69 6.01
N TYR A 411 66.99 -0.66 5.17
CA TYR A 411 68.29 0.01 5.08
C TYR A 411 68.55 0.89 6.28
N ASN A 412 67.51 1.45 6.90
CA ASN A 412 67.74 2.17 8.15
C ASN A 412 68.20 1.22 9.24
N GLN A 413 67.63 0.02 9.28
CA GLN A 413 68.12 -0.97 10.24
C GLN A 413 69.57 -1.33 9.96
N PHE A 414 69.93 -1.50 8.69
CA PHE A 414 71.32 -1.78 8.33
C PHE A 414 72.25 -0.65 8.74
N ILE A 415 71.82 0.60 8.51
CA ILE A 415 72.63 1.75 8.86
C ILE A 415 72.85 1.82 10.37
N LYS A 416 71.80 1.63 11.15
CA LYS A 416 71.98 1.71 12.59
C LYS A 416 72.79 0.54 13.11
N GLY A 417 72.70 -0.63 12.48
CA GLY A 417 73.58 -1.72 12.84
C GLY A 417 75.03 -1.39 12.58
N LEU A 418 75.32 -0.75 11.45
CA LEU A 418 76.69 -0.31 11.18
C LEU A 418 77.16 0.72 12.20
N ASP A 419 76.30 1.69 12.50
CA ASP A 419 76.66 2.71 13.49
C ASP A 419 76.77 2.16 14.90
N SER A 420 76.24 0.97 15.15
CA SER A 420 76.35 0.39 16.48
C SER A 420 77.81 0.19 16.87
N PHE A 421 78.65 -0.25 15.94
CA PHE A 421 80.07 -0.44 16.21
C PHE A 421 80.93 0.52 15.39
N SER A 422 80.53 1.79 15.35
CA SER A 422 81.26 2.77 14.54
C SER A 422 82.71 2.90 15.00
N GLY A 423 82.93 3.01 16.30
CA GLY A 423 84.27 3.14 16.83
C GLY A 423 84.56 2.13 17.92
N LYS A 424 83.99 0.94 17.80
CA LYS A 424 84.07 -0.09 18.83
C LYS A 424 84.69 -1.35 18.23
N PRO A 425 86.01 -1.45 18.21
CA PRO A 425 86.65 -2.68 17.72
C PRO A 425 86.23 -3.86 18.58
N ARG A 426 86.02 -5.00 17.92
CA ARG A 426 85.57 -6.18 18.64
C ARG A 426 86.71 -6.89 19.36
N GLY A 427 87.96 -6.63 18.97
CA GLY A 427 89.06 -7.41 19.51
C GLY A 427 88.91 -8.87 19.15
N SER A 428 89.29 -9.74 20.08
CA SER A 428 89.10 -11.18 19.89
C SER A 428 87.80 -11.67 20.52
N GLY A 429 86.69 -11.04 20.15
CA GLY A 429 85.40 -11.38 20.70
C GLY A 429 84.28 -11.02 19.75
N PRO A 430 83.06 -11.37 20.13
CA PRO A 430 81.89 -11.07 19.27
C PRO A 430 81.68 -9.58 19.15
N PRO A 431 81.11 -9.11 18.04
CA PRO A 431 80.91 -7.67 17.86
C PRO A 431 79.97 -7.03 18.88
N ALA A 432 79.28 -7.82 19.69
CA ALA A 432 78.44 -7.32 20.79
C ALA A 432 77.34 -6.38 20.28
N GLY A 433 76.42 -6.98 19.52
CA GLY A 433 75.28 -6.26 19.03
C GLY A 433 74.37 -7.16 18.22
N PRO A 434 73.25 -6.63 17.74
CA PRO A 434 72.38 -7.42 16.87
C PRO A 434 73.06 -7.72 15.55
N ALA A 435 72.74 -8.88 14.99
CA ALA A 435 73.35 -9.29 13.73
C ALA A 435 72.87 -8.41 12.59
N LEU A 436 73.80 -8.02 11.72
CA LEU A 436 73.43 -7.21 10.58
C LEU A 436 72.57 -8.03 9.61
N PRO A 437 71.58 -7.41 8.99
CA PRO A 437 70.75 -8.13 8.02
C PRO A 437 71.44 -8.28 6.67
N ILE A 438 72.54 -9.05 6.65
CA ILE A 438 73.36 -9.14 5.45
C ILE A 438 72.59 -9.78 4.30
N GLU A 439 71.96 -10.92 4.57
CA GLU A 439 71.23 -11.63 3.52
C GLU A 439 70.05 -10.82 3.02
N ALA A 440 69.32 -10.18 3.93
CA ALA A 440 68.20 -9.35 3.53
C ALA A 440 68.66 -8.19 2.66
N VAL A 441 69.76 -7.54 3.05
CA VAL A 441 70.26 -6.42 2.27
C VAL A 441 70.70 -6.88 0.88
N ILE A 442 71.41 -8.00 0.79
CA ILE A 442 71.89 -8.47 -0.50
C ILE A 442 70.71 -8.80 -1.41
N LEU A 443 69.72 -9.52 -0.88
CA LEU A 443 68.58 -9.88 -1.70
C LEU A 443 67.82 -8.64 -2.14
N SER A 444 67.63 -7.66 -1.25
CA SER A 444 66.91 -6.46 -1.60
C SER A 444 67.65 -5.67 -2.68
N LEU A 445 68.97 -5.58 -2.57
CA LEU A 445 69.74 -4.86 -3.57
C LEU A 445 69.63 -5.53 -4.92
N GLN A 446 69.72 -6.85 -4.96
CA GLN A 446 69.59 -7.55 -6.23
C GLN A 446 68.22 -7.34 -6.83
N ASP A 447 67.17 -7.39 -5.99
CA ASP A 447 65.83 -7.15 -6.48
C ASP A 447 65.66 -5.74 -7.04
N LEU A 448 66.21 -4.74 -6.36
CA LEU A 448 66.05 -3.38 -6.84
C LEU A 448 66.83 -3.15 -8.14
N ILE A 449 68.00 -3.77 -8.25
CA ILE A 449 68.78 -3.65 -9.47
C ILE A 449 68.02 -4.26 -10.64
N GLY A 450 67.42 -5.43 -10.42
CA GLY A 450 66.58 -5.99 -11.46
C GLY A 450 65.31 -5.21 -11.71
N TYR A 451 64.83 -4.49 -10.70
CA TYR A 451 63.65 -3.66 -10.82
C TYR A 451 63.91 -2.44 -11.68
N PHE A 452 65.13 -1.91 -11.64
CA PHE A 452 65.49 -0.72 -12.40
C PHE A 452 66.26 -1.03 -13.66
N GLU A 453 66.28 -2.27 -14.11
CA GLU A 453 67.06 -2.63 -15.29
C GLU A 453 66.48 -1.92 -16.51
N PRO A 454 67.31 -1.30 -17.34
CA PRO A 454 66.79 -0.63 -18.53
C PRO A 454 66.23 -1.65 -19.50
N PRO A 455 65.22 -1.29 -20.29
CA PRO A 455 64.64 -2.24 -21.23
C PRO A 455 65.63 -2.64 -22.31
N SER A 456 65.47 -3.87 -22.80
CA SER A 456 66.37 -4.39 -23.82
C SER A 456 66.19 -3.66 -25.14
N GLU A 457 67.30 -3.45 -25.85
CA GLU A 457 67.28 -2.73 -27.11
C GLU A 457 66.66 -3.55 -28.24
N GLU A 458 66.40 -4.84 -27.99
CA GLU A 458 65.81 -5.69 -29.02
C GLU A 458 64.29 -5.57 -29.09
N LEU A 459 63.67 -4.89 -28.14
CA LEU A 459 62.22 -4.74 -28.17
C LEU A 459 61.79 -3.77 -29.27
N GLN A 460 60.50 -3.76 -29.56
CA GLN A 460 59.96 -2.78 -30.47
C GLN A 460 59.92 -1.41 -29.81
N HIS A 461 60.00 -0.38 -30.65
CA HIS A 461 60.15 0.99 -30.18
C HIS A 461 59.01 1.41 -29.26
N GLU A 462 57.78 1.01 -29.56
CA GLU A 462 56.64 1.46 -28.79
C GLU A 462 56.71 0.98 -27.34
N GLU A 463 56.87 -0.33 -27.15
CA GLU A 463 56.95 -0.85 -25.80
C GLU A 463 58.24 -0.42 -25.11
N LYS A 464 59.30 -0.19 -25.88
CA LYS A 464 60.53 0.33 -25.28
C LYS A 464 60.29 1.71 -24.70
N GLN A 465 59.56 2.56 -25.42
CA GLN A 465 59.25 3.89 -24.91
C GLN A 465 58.37 3.80 -23.68
N SER A 466 57.37 2.91 -23.70
CA SER A 466 56.50 2.78 -22.53
C SER A 466 57.28 2.33 -21.31
N LYS A 467 58.18 1.36 -21.48
CA LYS A 467 58.98 0.89 -20.36
C LYS A 467 59.95 1.95 -19.88
N LEU A 468 60.50 2.74 -20.79
CA LEU A 468 61.36 3.86 -20.36
C LEU A 468 60.57 4.85 -19.53
N ARG A 469 59.35 5.15 -19.92
CA ARG A 469 58.53 6.07 -19.15
C ARG A 469 58.27 5.52 -17.75
N SER A 470 57.93 4.23 -17.65
CA SER A 470 57.70 3.62 -16.35
C SER A 470 58.97 3.66 -15.50
N LEU A 471 60.12 3.37 -16.10
CA LEU A 471 61.37 3.36 -15.36
C LEU A 471 61.74 4.75 -14.85
N ARG A 472 61.58 5.77 -15.70
CA ARG A 472 61.85 7.13 -15.25
C ARG A 472 60.93 7.51 -14.11
N ASN A 473 59.66 7.13 -14.21
CA ASN A 473 58.72 7.44 -13.15
C ASN A 473 59.13 6.78 -11.83
N ARG A 474 59.54 5.51 -11.89
CA ARG A 474 59.92 4.82 -10.66
C ARG A 474 61.21 5.39 -10.07
N GLN A 475 62.17 5.73 -10.92
CA GLN A 475 63.38 6.39 -10.44
C GLN A 475 63.05 7.70 -9.75
N SER A 476 62.15 8.50 -10.36
CA SER A 476 61.76 9.76 -9.74
C SER A 476 61.08 9.54 -8.40
N LEU A 477 60.20 8.54 -8.31
CA LEU A 477 59.53 8.26 -7.05
C LEU A 477 60.53 7.91 -5.96
N PHE A 478 61.42 6.97 -6.24
CA PHE A 478 62.39 6.54 -5.24
C PHE A 478 63.30 7.69 -4.84
N GLN A 479 63.74 8.50 -5.81
CA GLN A 479 64.58 9.64 -5.47
C GLN A 479 63.82 10.62 -4.59
N GLU A 480 62.56 10.88 -4.90
CA GLU A 480 61.79 11.85 -4.13
C GLU A 480 61.51 11.36 -2.72
N GLU A 481 61.56 10.05 -2.48
CA GLU A 481 61.40 9.56 -1.12
C GLU A 481 62.72 9.47 -0.36
N GLY A 482 63.84 9.74 -1.00
CA GLY A 482 65.12 9.74 -0.32
C GLY A 482 65.90 8.45 -0.38
N MET A 483 65.50 7.51 -1.22
CA MET A 483 66.27 6.28 -1.37
C MET A 483 67.66 6.55 -1.89
N LEU A 484 67.82 7.61 -2.69
CA LEU A 484 69.15 7.98 -3.15
C LEU A 484 70.06 8.34 -1.99
N SER A 485 69.58 9.20 -1.09
CA SER A 485 70.38 9.56 0.07
C SER A 485 70.58 8.38 1.01
N LEU A 486 69.61 7.48 1.08
CA LEU A 486 69.78 6.28 1.89
C LEU A 486 70.91 5.41 1.36
N VAL A 487 70.95 5.21 0.05
CA VAL A 487 72.02 4.45 -0.58
C VAL A 487 73.36 5.14 -0.36
N LEU A 488 73.40 6.46 -0.47
CA LEU A 488 74.65 7.17 -0.25
C LEU A 488 75.13 7.02 1.19
N ASN A 489 74.22 7.06 2.16
CA ASN A 489 74.61 6.86 3.55
C ASN A 489 75.19 5.47 3.77
N CYS A 490 74.54 4.45 3.22
CA CYS A 490 75.06 3.09 3.35
C CYS A 490 76.45 2.99 2.73
N ILE A 491 76.63 3.59 1.56
CA ILE A 491 77.93 3.54 0.89
C ILE A 491 78.99 4.22 1.73
N ASP A 492 78.67 5.37 2.33
CA ASP A 492 79.64 6.07 3.15
C ASP A 492 80.05 5.22 4.35
N ARG A 493 79.06 4.70 5.07
CA ARG A 493 79.36 3.96 6.29
C ARG A 493 80.11 2.68 6.00
N LEU A 494 79.89 2.08 4.84
CA LEU A 494 80.74 0.95 4.46
C LEU A 494 82.09 1.39 3.93
N ASN A 495 82.18 2.61 3.41
CA ASN A 495 83.40 3.12 2.82
C ASN A 495 84.41 3.56 3.84
N VAL A 496 83.99 3.81 5.08
CA VAL A 496 84.95 4.11 6.13
C VAL A 496 85.89 2.96 6.43
N TYR A 497 85.65 1.78 5.86
CA TYR A 497 86.52 0.63 6.02
C TYR A 497 87.29 0.42 4.73
N THR A 498 88.61 0.35 4.84
CA THR A 498 89.45 0.30 3.64
C THR A 498 89.39 -1.06 2.97
N THR A 499 89.13 -2.12 3.72
CA THR A 499 89.13 -3.46 3.17
C THR A 499 88.25 -4.36 4.03
N ALA A 500 87.98 -5.55 3.50
CA ALA A 500 87.11 -6.49 4.20
C ALA A 500 87.72 -6.93 5.53
N ALA A 501 89.05 -7.05 5.58
CA ALA A 501 89.70 -7.39 6.84
C ALA A 501 89.51 -6.29 7.87
N HIS A 502 89.65 -5.03 7.44
CA HIS A 502 89.40 -3.90 8.32
C HIS A 502 87.96 -3.92 8.83
N PHE A 503 87.02 -4.25 7.95
CA PHE A 503 85.64 -4.40 8.36
C PHE A 503 85.46 -5.54 9.36
N ALA A 504 86.13 -6.66 9.13
CA ALA A 504 86.05 -7.80 10.03
C ALA A 504 86.57 -7.47 11.42
N GLU A 505 87.54 -6.59 11.51
CA GLU A 505 88.03 -6.22 12.83
C GLU A 505 86.96 -5.53 13.67
N TYR A 506 85.87 -5.07 13.07
CA TYR A 506 84.79 -4.42 13.79
C TYR A 506 83.47 -5.15 13.74
N ALA A 507 83.25 -6.02 12.75
CA ALA A 507 81.97 -6.67 12.57
C ALA A 507 82.05 -8.19 12.50
N GLY A 508 83.24 -8.76 12.48
CA GLY A 508 83.39 -10.19 12.39
C GLY A 508 83.52 -10.68 10.97
N GLU A 509 84.13 -11.87 10.84
CA GLU A 509 84.43 -12.41 9.53
C GLU A 509 83.17 -12.86 8.80
N GLU A 510 82.20 -13.40 9.53
CA GLU A 510 80.97 -13.86 8.91
C GLU A 510 80.22 -12.71 8.25
N ALA A 511 80.43 -11.49 8.74
CA ALA A 511 79.86 -10.32 8.08
C ALA A 511 80.79 -9.76 7.01
N ALA A 512 82.10 -9.81 7.26
CA ALA A 512 83.04 -9.24 6.31
C ALA A 512 83.08 -10.04 5.01
N GLU A 513 82.63 -11.29 5.04
CA GLU A 513 82.64 -12.08 3.81
C GLU A 513 81.60 -11.63 2.81
N SER A 514 80.84 -10.57 3.10
CA SER A 514 79.86 -10.01 2.18
C SER A 514 80.07 -8.53 1.94
N TRP A 515 81.12 -7.95 2.51
CA TRP A 515 81.31 -6.50 2.44
C TRP A 515 81.55 -6.04 1.02
N LYS A 516 82.40 -6.75 0.28
CA LYS A 516 82.67 -6.41 -1.11
C LYS A 516 81.40 -6.53 -1.95
N GLU A 517 80.67 -7.62 -1.78
CA GLU A 517 79.47 -7.82 -2.58
C GLU A 517 78.45 -6.72 -2.29
N ILE A 518 78.31 -6.35 -1.01
CA ILE A 518 77.33 -5.32 -0.66
C ILE A 518 77.73 -3.98 -1.26
N VAL A 519 79.00 -3.61 -1.20
CA VAL A 519 79.38 -2.30 -1.74
C VAL A 519 79.19 -2.28 -3.25
N ASN A 520 79.51 -3.40 -3.92
CA ASN A 520 79.33 -3.46 -5.36
C ASN A 520 77.86 -3.35 -5.73
N LEU A 521 76.99 -4.04 -4.99
CA LEU A 521 75.56 -3.95 -5.24
C LEU A 521 75.05 -2.55 -4.98
N LEU A 522 75.57 -1.88 -3.96
CA LEU A 522 75.16 -0.52 -3.67
C LEU A 522 75.49 0.41 -4.82
N TYR A 523 76.70 0.30 -5.36
CA TYR A 523 77.07 1.14 -6.49
C TYR A 523 76.24 0.83 -7.72
N GLU A 524 75.98 -0.45 -7.98
CA GLU A 524 75.16 -0.82 -9.13
C GLU A 524 73.76 -0.26 -8.99
N LEU A 525 73.19 -0.34 -7.79
CA LEU A 525 71.86 0.22 -7.57
C LEU A 525 71.84 1.72 -7.72
N LEU A 526 72.88 2.40 -7.25
CA LEU A 526 72.95 3.85 -7.41
C LEU A 526 72.98 4.23 -8.89
N ALA A 527 73.77 3.50 -9.67
CA ALA A 527 73.83 3.76 -11.11
C ALA A 527 72.48 3.48 -11.76
N SER A 528 71.78 2.43 -11.32
CA SER A 528 70.46 2.17 -11.87
C SER A 528 69.46 3.25 -11.53
N LEU A 529 69.54 3.80 -10.31
CA LEU A 529 68.65 4.89 -9.94
C LEU A 529 68.90 6.15 -10.75
N ILE A 530 70.17 6.50 -11.00
CA ILE A 530 70.47 7.75 -11.69
C ILE A 530 70.56 7.61 -13.20
N ARG A 531 70.62 6.40 -13.73
CA ARG A 531 70.89 6.21 -15.15
C ARG A 531 69.76 6.74 -16.00
N GLY A 532 70.08 7.66 -16.90
CA GLY A 532 69.12 8.17 -17.86
C GLY A 532 68.16 9.19 -17.32
N ASN A 533 68.27 9.57 -16.06
CA ASN A 533 67.35 10.51 -15.43
C ASN A 533 68.13 11.78 -15.12
N ARG A 534 67.79 12.87 -15.83
CA ARG A 534 68.50 14.13 -15.63
C ARG A 534 68.21 14.71 -14.26
N ALA A 535 66.99 14.52 -13.76
CA ALA A 535 66.65 15.04 -12.46
C ALA A 535 67.51 14.41 -11.37
N ASN A 536 67.73 13.11 -11.44
CA ASN A 536 68.56 12.44 -10.45
C ASN A 536 70.04 12.72 -10.68
N CYS A 537 70.48 12.76 -11.93
CA CYS A 537 71.88 13.02 -12.19
C CYS A 537 72.28 14.43 -11.79
N ALA A 538 71.34 15.37 -11.86
CA ALA A 538 71.65 16.75 -11.48
C ALA A 538 71.90 16.89 -9.98
N LEU A 539 71.51 15.90 -9.19
CA LEU A 539 71.73 15.96 -7.75
C LEU A 539 73.20 15.96 -7.39
N PHE A 540 74.06 15.39 -8.23
CA PHE A 540 75.47 15.29 -7.94
C PHE A 540 76.23 16.57 -8.29
N SER A 541 75.55 17.58 -8.84
CA SER A 541 76.20 18.83 -9.15
C SER A 541 76.69 19.56 -7.91
N THR A 542 76.25 19.14 -6.73
CA THR A 542 76.75 19.69 -5.48
C THR A 542 77.80 18.80 -4.83
N ASN A 543 77.65 17.48 -4.95
CA ASN A 543 78.60 16.52 -4.40
C ASN A 543 79.15 15.72 -5.57
N LEU A 544 80.20 16.22 -6.19
CA LEU A 544 80.92 15.46 -7.19
C LEU A 544 82.21 14.88 -6.65
N ASP A 545 82.84 15.57 -5.70
CA ASP A 545 83.98 15.01 -5.01
C ASP A 545 83.61 13.72 -4.28
N TRP A 546 82.35 13.59 -3.88
CA TRP A 546 81.90 12.34 -3.28
C TRP A 546 82.14 11.16 -4.21
N VAL A 547 81.95 11.37 -5.52
CA VAL A 547 82.17 10.29 -6.48
C VAL A 547 83.64 10.22 -6.88
N VAL A 548 84.23 11.35 -7.25
CA VAL A 548 85.57 11.33 -7.81
C VAL A 548 86.58 10.83 -6.78
N SER A 549 86.43 11.24 -5.52
CA SER A 549 87.37 10.82 -4.50
C SER A 549 87.40 9.33 -4.29
N LYS A 550 86.36 8.62 -4.71
CA LYS A 550 86.27 7.18 -4.49
C LYS A 550 86.74 6.36 -5.70
N LEU A 551 87.21 7.01 -6.76
CA LEU A 551 87.55 6.28 -7.97
C LEU A 551 88.70 5.31 -7.75
N ASP A 552 89.58 5.62 -6.82
CA ASP A 552 90.77 4.81 -6.59
C ASP A 552 90.53 3.63 -5.64
N ARG A 553 89.34 3.50 -5.09
CA ARG A 553 89.01 2.34 -4.27
C ARG A 553 89.07 1.08 -5.13
N LEU A 554 89.64 0.02 -4.58
CA LEU A 554 89.88 -1.19 -5.37
C LEU A 554 88.71 -2.16 -5.35
N GLU A 555 87.78 -2.05 -4.41
CA GLU A 555 86.74 -3.06 -4.28
C GLU A 555 85.67 -2.93 -5.34
N ALA A 556 85.28 -1.71 -5.72
CA ALA A 556 84.15 -1.50 -6.61
C ALA A 556 84.48 -0.45 -7.66
N SER A 557 85.68 -0.55 -8.24
CA SER A 557 86.16 0.47 -9.16
C SER A 557 85.26 0.58 -10.38
N SER A 558 84.86 -0.55 -10.95
CA SER A 558 84.02 -0.53 -12.14
C SER A 558 82.67 0.12 -11.86
N GLY A 559 82.06 -0.22 -10.73
CA GLY A 559 80.78 0.36 -10.38
C GLY A 559 80.87 1.85 -10.14
N ILE A 560 81.92 2.30 -9.47
CA ILE A 560 82.07 3.73 -9.23
C ILE A 560 82.28 4.47 -10.55
N LEU A 561 83.09 3.90 -11.44
CA LEU A 561 83.31 4.55 -12.73
C LEU A 561 82.02 4.60 -13.53
N GLU A 562 81.20 3.55 -13.46
CA GLU A 562 79.93 3.56 -14.17
C GLU A 562 78.99 4.62 -13.60
N VAL A 563 78.99 4.79 -12.28
CA VAL A 563 78.19 5.86 -11.67
C VAL A 563 78.64 7.21 -12.21
N LEU A 564 79.95 7.43 -12.25
CA LEU A 564 80.46 8.70 -12.76
C LEU A 564 80.07 8.91 -14.22
N TYR A 565 80.16 7.85 -15.03
CA TYR A 565 79.80 7.95 -16.43
C TYR A 565 78.34 8.32 -16.61
N CYS A 566 77.46 7.68 -15.83
CA CYS A 566 76.04 8.00 -15.90
C CYS A 566 75.78 9.43 -15.48
N VAL A 567 76.48 9.90 -14.44
CA VAL A 567 76.31 11.29 -14.01
C VAL A 567 76.72 12.25 -15.10
N LEU A 568 77.87 12.00 -15.74
CA LEU A 568 78.39 12.95 -16.71
C LEU A 568 77.57 12.96 -18.00
N ILE A 569 77.07 11.79 -18.42
CA ILE A 569 76.35 11.70 -19.69
C ILE A 569 75.08 12.53 -19.70
N GLU A 570 74.37 12.61 -18.58
CA GLU A 570 73.04 13.20 -18.57
C GLU A 570 73.02 14.67 -18.14
N SER A 571 73.84 15.07 -17.18
CA SER A 571 73.71 16.37 -16.56
C SER A 571 74.80 17.32 -17.03
N PRO A 572 74.47 18.35 -17.82
CA PRO A 572 75.47 19.39 -18.13
C PRO A 572 75.90 20.21 -16.93
N GLU A 573 75.07 20.25 -15.89
CA GLU A 573 75.43 20.98 -14.68
C GLU A 573 76.69 20.41 -14.06
N VAL A 574 76.81 19.08 -14.05
CA VAL A 574 78.01 18.45 -13.52
C VAL A 574 79.22 18.83 -14.34
N LEU A 575 79.07 18.91 -15.66
CA LEU A 575 80.18 19.34 -16.50
C LEU A 575 80.60 20.76 -16.19
N ASN A 576 79.64 21.64 -15.92
CA ASN A 576 79.99 23.03 -15.67
C ASN A 576 80.74 23.24 -14.36
N ILE A 577 80.80 22.24 -13.48
CA ILE A 577 81.53 22.38 -12.23
C ILE A 577 82.80 21.55 -12.19
N ILE A 578 83.13 20.86 -13.27
CA ILE A 578 84.33 20.04 -13.31
C ILE A 578 85.55 20.93 -13.10
N GLN A 579 86.51 20.44 -12.32
CA GLN A 579 87.72 21.18 -12.03
C GLN A 579 88.96 20.37 -12.39
N GLU A 580 90.10 21.06 -12.35
CA GLU A 580 91.35 20.46 -12.79
C GLU A 580 91.72 19.27 -11.92
N ASN A 581 91.48 19.37 -10.61
CA ASN A 581 91.76 18.23 -9.74
C ASN A 581 90.90 17.03 -10.09
N HIS A 582 89.63 17.26 -10.46
CA HIS A 582 88.78 16.16 -10.92
C HIS A 582 89.37 15.50 -12.16
N ILE A 583 89.77 16.32 -13.13
CA ILE A 583 90.29 15.76 -14.38
C ILE A 583 91.59 15.01 -14.13
N LYS A 584 92.42 15.53 -13.24
CA LYS A 584 93.66 14.83 -12.92
C LYS A 584 93.39 13.52 -12.19
N SER A 585 92.33 13.47 -11.38
CA SER A 585 91.93 12.21 -10.77
C SER A 585 91.50 11.20 -11.82
N ILE A 586 90.73 11.66 -12.81
CA ILE A 586 90.26 10.76 -13.85
C ILE A 586 91.42 10.25 -14.70
N ILE A 587 92.43 11.09 -14.93
CA ILE A 587 93.61 10.64 -15.67
C ILE A 587 94.46 9.69 -14.83
N SER A 588 94.62 10.00 -13.54
CA SER A 588 95.30 9.08 -12.65
C SER A 588 94.63 7.73 -12.62
N LEU A 589 93.32 7.71 -12.88
CA LEU A 589 92.63 6.43 -13.03
C LEU A 589 93.24 5.60 -14.15
N LEU A 590 93.48 6.22 -15.31
CA LEU A 590 94.20 5.53 -16.38
C LEU A 590 95.57 5.06 -15.89
N ASP A 591 96.32 5.97 -15.29
CA ASP A 591 97.70 5.67 -14.92
C ASP A 591 97.78 4.48 -13.97
N LYS A 592 96.84 4.37 -13.04
CA LYS A 592 96.92 3.36 -12.00
C LYS A 592 96.14 2.09 -12.28
N HIS A 593 95.10 2.13 -13.12
CA HIS A 593 94.31 0.96 -13.41
C HIS A 593 94.55 0.39 -14.79
N GLY A 594 95.36 1.04 -15.62
CA GLY A 594 95.63 0.52 -16.94
C GLY A 594 94.83 1.20 -18.01
N ARG A 595 94.96 0.68 -19.22
CA ARG A 595 94.35 1.27 -20.40
C ARG A 595 92.94 0.74 -20.55
N ASN A 596 91.99 1.44 -19.94
CA ASN A 596 90.58 1.09 -19.96
C ASN A 596 89.83 2.14 -20.78
N HIS A 597 89.10 1.68 -21.79
CA HIS A 597 88.48 2.62 -22.72
C HIS A 597 87.30 3.36 -22.11
N LYS A 598 86.75 2.86 -21.00
CA LYS A 598 85.66 3.57 -20.35
C LYS A 598 86.14 4.88 -19.75
N VAL A 599 87.39 4.93 -19.28
CA VAL A 599 87.96 6.19 -18.83
C VAL A 599 88.04 7.18 -19.98
N LEU A 600 88.42 6.69 -21.17
CA LEU A 600 88.45 7.55 -22.33
C LEU A 600 87.06 8.05 -22.68
N ASP A 601 86.05 7.21 -22.54
CA ASP A 601 84.67 7.65 -22.79
C ASP A 601 84.23 8.71 -21.78
N VAL A 602 84.60 8.54 -20.52
CA VAL A 602 84.28 9.54 -19.50
C VAL A 602 84.93 10.86 -19.86
N LEU A 603 86.20 10.82 -20.26
CA LEU A 603 86.87 12.05 -20.68
C LEU A 603 86.21 12.67 -21.89
N CYS A 604 85.79 11.84 -22.86
CA CYS A 604 85.09 12.36 -24.02
C CYS A 604 83.82 13.08 -23.61
N SER A 605 83.07 12.48 -22.69
CA SER A 605 81.84 13.10 -22.21
C SER A 605 82.12 14.40 -21.47
N LEU A 606 83.29 14.54 -20.85
CA LEU A 606 83.59 15.82 -20.21
C LEU A 606 83.72 16.98 -21.20
N CYS A 607 83.99 16.70 -22.47
CA CYS A 607 84.30 17.77 -23.42
C CYS A 607 83.05 18.39 -24.03
N VAL A 608 82.13 17.58 -24.53
CA VAL A 608 80.91 18.05 -25.17
C VAL A 608 79.72 17.35 -24.55
N CYS A 609 78.70 18.13 -24.20
CA CYS A 609 77.40 17.58 -23.81
C CYS A 609 76.34 18.24 -24.67
N ASN A 610 75.35 17.45 -25.10
CA ASN A 610 74.16 17.91 -25.82
C ASN A 610 74.47 18.95 -26.90
N GLY A 611 75.65 18.84 -27.51
CA GLY A 611 76.00 19.68 -28.64
C GLY A 611 76.61 21.01 -28.29
N VAL A 612 77.10 21.19 -27.08
CA VAL A 612 77.80 22.41 -26.67
C VAL A 612 79.12 22.00 -26.06
N ALA A 613 80.19 22.73 -26.42
CA ALA A 613 81.54 22.38 -26.02
C ALA A 613 81.96 23.18 -24.80
N VAL A 614 82.70 22.52 -23.91
CA VAL A 614 83.25 23.13 -22.71
C VAL A 614 84.74 23.32 -22.94
N ARG A 615 85.12 24.55 -23.27
CA ARG A 615 86.51 24.86 -23.57
C ARG A 615 87.42 24.52 -22.42
N SER A 616 86.97 24.79 -21.20
CA SER A 616 87.79 24.52 -20.02
C SER A 616 88.14 23.04 -19.94
N ASN A 617 87.14 22.18 -20.09
CA ASN A 617 87.38 20.75 -20.04
C ASN A 617 88.29 20.31 -21.17
N GLN A 618 88.06 20.80 -22.38
CA GLN A 618 88.90 20.41 -23.50
C GLN A 618 90.35 20.77 -23.24
N ASP A 619 90.60 22.01 -22.83
CA ASP A 619 91.96 22.46 -22.56
C ASP A 619 92.60 21.70 -21.42
N LEU A 620 91.86 21.47 -20.33
CA LEU A 620 92.46 20.78 -19.19
C LEU A 620 92.81 19.35 -19.55
N ILE A 621 91.94 18.65 -20.26
CA ILE A 621 92.25 17.29 -20.67
C ILE A 621 93.48 17.26 -21.55
N THR A 622 93.54 18.17 -22.53
CA THR A 622 94.71 18.22 -23.40
C THR A 622 95.98 18.47 -22.59
N GLU A 623 95.96 19.50 -21.75
CA GLU A 623 97.15 19.92 -21.03
C GLU A 623 97.65 18.84 -20.08
N ASN A 624 96.75 18.13 -19.41
CA ASN A 624 97.17 17.13 -18.45
C ASN A 624 97.32 15.74 -19.04
N LEU A 625 96.93 15.52 -20.28
CA LEU A 625 96.99 14.16 -20.77
C LEU A 625 97.91 13.98 -21.96
N LEU A 626 97.96 14.94 -22.86
CA LEU A 626 98.73 14.74 -24.08
C LEU A 626 100.24 14.89 -23.89
N PRO A 627 100.75 16.00 -23.34
CA PRO A 627 102.18 16.30 -23.49
C PRO A 627 103.10 15.29 -22.83
N GLY A 628 102.62 14.51 -21.88
CA GLY A 628 103.46 13.48 -21.29
C GLY A 628 103.84 12.39 -22.28
N ARG A 629 102.89 12.01 -23.14
CA ARG A 629 103.09 10.95 -24.13
C ARG A 629 103.49 9.64 -23.47
N GLU A 630 102.81 9.29 -22.39
CA GLU A 630 103.09 8.06 -21.68
C GLU A 630 101.88 7.15 -21.51
N LEU A 631 100.68 7.69 -21.43
CA LEU A 631 99.50 6.86 -21.25
C LEU A 631 98.91 6.41 -22.58
N LEU A 632 98.58 7.36 -23.44
CA LEU A 632 98.07 7.03 -24.75
C LEU A 632 99.16 6.41 -25.61
N LEU A 633 98.76 5.52 -26.50
CA LEU A 633 99.70 4.92 -27.44
C LEU A 633 100.12 5.95 -28.47
N GLN A 634 101.37 5.86 -28.92
CA GLN A 634 101.95 6.82 -29.83
C GLN A 634 102.11 6.21 -31.21
N THR A 635 101.93 7.04 -32.22
CA THR A 635 102.03 6.63 -33.62
C THR A 635 102.96 7.56 -34.36
N ASN A 636 103.60 7.03 -35.40
CA ASN A 636 104.56 7.77 -36.19
C ASN A 636 104.96 6.88 -37.35
N LEU A 637 105.38 7.50 -38.45
CA LEU A 637 105.83 6.75 -39.62
C LEU A 637 107.33 6.54 -39.56
N ILE A 638 107.78 5.31 -39.75
CA ILE A 638 109.17 4.95 -39.67
C ILE A 638 109.57 4.20 -40.93
N ASN A 639 110.88 4.13 -41.17
CA ASN A 639 111.42 3.46 -42.32
C ASN A 639 111.82 2.03 -41.97
N TYR A 640 111.65 1.13 -42.92
CA TYR A 640 112.15 -0.21 -42.75
C TYR A 640 113.67 -0.22 -42.85
N VAL A 641 114.31 -1.08 -42.07
CA VAL A 641 115.76 -1.19 -42.03
C VAL A 641 116.12 -2.66 -42.19
N THR A 642 117.13 -2.93 -43.03
CA THR A 642 117.58 -4.28 -43.31
C THR A 642 119.07 -4.37 -43.06
N SER A 643 119.53 -5.56 -42.66
CA SER A 643 120.94 -5.82 -42.41
C SER A 643 121.47 -6.82 -43.42
N ILE A 644 122.68 -6.58 -43.90
CA ILE A 644 123.36 -7.46 -44.85
C ILE A 644 124.72 -7.81 -44.30
N ARG A 645 125.07 -9.08 -44.34
CA ARG A 645 126.33 -9.56 -43.81
C ARG A 645 127.01 -10.46 -44.83
N PRO A 646 128.34 -10.56 -44.78
CA PRO A 646 129.02 -11.66 -45.46
C PRO A 646 128.92 -12.94 -44.65
N ASN A 647 129.12 -14.06 -45.32
CA ASN A 647 129.14 -15.32 -44.59
C ASN A 647 130.52 -15.54 -44.00
N ILE A 648 130.95 -14.62 -43.15
CA ILE A 648 132.26 -14.67 -42.50
C ILE A 648 132.02 -14.65 -41.00
N PHE A 649 132.35 -15.76 -40.35
CA PHE A 649 132.09 -15.93 -38.92
C PHE A 649 133.39 -16.19 -38.20
N VAL A 650 133.67 -15.40 -37.18
CA VAL A 650 134.86 -15.56 -36.36
C VAL A 650 134.45 -15.51 -34.90
N GLY A 651 135.21 -16.21 -34.07
CA GLY A 651 134.87 -16.27 -32.66
C GLY A 651 136.07 -16.75 -31.87
N ARG A 652 135.87 -16.84 -30.56
CA ARG A 652 136.93 -17.25 -29.66
C ARG A 652 136.43 -18.31 -28.70
N ALA A 653 137.17 -19.40 -28.60
CA ALA A 653 136.86 -20.45 -27.63
C ALA A 653 138.16 -21.11 -27.22
N GLU A 654 138.14 -21.72 -26.04
CA GLU A 654 139.33 -22.33 -25.49
C GLU A 654 139.72 -23.55 -26.31
N GLY A 655 140.84 -23.45 -27.02
CA GLY A 655 141.27 -24.49 -27.92
C GLY A 655 140.77 -24.35 -29.34
N SER A 656 140.02 -23.29 -29.64
CA SER A 656 139.47 -23.11 -30.98
C SER A 656 140.58 -22.82 -31.98
N THR A 657 140.34 -23.20 -33.22
CA THR A 657 141.32 -23.07 -34.28
C THR A 657 141.30 -21.70 -34.95
N GLN A 658 140.39 -20.81 -34.55
CA GLN A 658 140.21 -19.55 -35.24
C GLN A 658 141.20 -18.50 -34.74
N TYR A 659 141.61 -17.64 -35.66
CA TYR A 659 142.45 -16.50 -35.32
C TYR A 659 141.65 -15.47 -34.54
N GLY A 660 142.36 -14.55 -33.89
CA GLY A 660 141.71 -13.65 -32.97
C GLY A 660 141.45 -12.24 -33.46
N LYS A 661 142.26 -11.75 -34.40
CA LYS A 661 142.18 -10.37 -34.85
C LYS A 661 141.76 -10.33 -36.31
N TRP A 662 140.75 -9.52 -36.59
CA TRP A 662 140.16 -9.46 -37.92
C TRP A 662 139.92 -8.01 -38.31
N TYR A 663 139.83 -7.78 -39.61
CA TYR A 663 139.74 -6.44 -40.16
C TYR A 663 138.95 -6.46 -41.45
N PHE A 664 138.08 -5.47 -41.62
CA PHE A 664 137.38 -5.30 -42.89
C PHE A 664 137.03 -3.83 -43.02
N GLU A 665 136.72 -3.41 -44.24
CA GLU A 665 136.35 -2.05 -44.54
C GLU A 665 135.05 -2.04 -45.33
N VAL A 666 134.29 -0.96 -45.17
CA VAL A 666 133.09 -0.71 -45.96
C VAL A 666 133.20 0.68 -46.52
N MET A 667 133.17 0.80 -47.85
CA MET A 667 133.26 2.09 -48.50
C MET A 667 131.89 2.51 -49.00
N VAL A 668 131.50 3.73 -48.68
CA VAL A 668 130.18 4.24 -49.02
C VAL A 668 130.24 4.90 -50.39
N ASP A 669 129.27 4.62 -51.23
CA ASP A 669 129.25 5.15 -52.60
C ASP A 669 128.15 6.17 -52.84
N GLU A 670 126.98 6.00 -52.25
CA GLU A 670 125.87 6.91 -52.52
C GLU A 670 124.89 6.83 -51.37
N VAL A 671 124.59 7.95 -50.75
CA VAL A 671 123.63 8.02 -49.65
C VAL A 671 122.72 9.22 -49.84
N VAL A 672 121.42 8.98 -49.92
CA VAL A 672 120.42 10.04 -49.98
C VAL A 672 120.06 10.43 -48.54
N PRO A 673 120.44 11.62 -48.08
CA PRO A 673 120.25 11.93 -46.65
C PRO A 673 118.81 11.85 -46.20
N PHE A 674 117.85 12.25 -47.03
CA PHE A 674 116.43 12.16 -46.69
C PHE A 674 115.68 11.69 -47.92
N LEU A 675 115.55 10.37 -48.06
CA LEU A 675 114.69 9.82 -49.09
C LEU A 675 113.22 9.93 -48.69
N THR A 676 112.95 9.87 -47.39
CA THR A 676 111.62 10.09 -46.84
C THR A 676 111.69 11.17 -45.77
N ALA A 677 110.61 11.33 -45.00
CA ALA A 677 110.60 12.32 -43.94
C ALA A 677 111.54 11.95 -42.80
N GLN A 678 112.04 10.73 -42.77
CA GLN A 678 112.95 10.28 -41.73
C GLN A 678 114.34 10.08 -42.30
N ALA A 679 115.36 10.37 -41.49
CA ALA A 679 116.73 10.34 -41.96
C ALA A 679 117.13 8.93 -42.39
N THR A 680 117.95 8.87 -43.43
CA THR A 680 118.39 7.58 -43.94
C THR A 680 119.35 6.92 -42.96
N HIS A 681 119.10 5.64 -42.69
CA HIS A 681 119.84 4.86 -41.72
C HIS A 681 121.04 4.20 -42.39
N LEU A 682 122.20 4.27 -41.76
CA LEU A 682 123.37 3.58 -42.29
C LEU A 682 124.36 3.39 -41.15
N ARG A 683 124.67 2.14 -40.83
CA ARG A 683 125.61 1.81 -39.77
C ARG A 683 126.49 0.65 -40.20
N VAL A 684 127.67 0.58 -39.60
CA VAL A 684 128.65 -0.45 -39.89
C VAL A 684 129.21 -0.97 -38.57
N GLY A 685 129.42 -2.28 -38.47
CA GLY A 685 129.98 -2.84 -37.25
C GLY A 685 129.96 -4.35 -37.28
N TRP A 686 130.00 -4.94 -36.10
CA TRP A 686 129.99 -6.38 -35.91
C TRP A 686 128.73 -6.80 -35.16
N ALA A 687 128.38 -8.07 -35.28
CA ALA A 687 127.20 -8.61 -34.65
C ALA A 687 127.43 -10.05 -34.25
N LEU A 688 126.67 -10.50 -33.27
CA LEU A 688 126.83 -11.84 -32.71
C LEU A 688 125.75 -12.77 -33.24
N THR A 689 126.15 -13.97 -33.64
CA THR A 689 125.22 -14.88 -34.31
C THR A 689 124.08 -15.28 -33.40
N GLU A 690 124.36 -15.59 -32.15
CA GLU A 690 123.32 -16.05 -31.23
C GLU A 690 122.73 -14.83 -30.54
N GLY A 691 121.78 -14.18 -31.22
CA GLY A 691 121.09 -13.07 -30.61
C GLY A 691 120.73 -11.92 -31.53
N TYR A 692 121.57 -11.60 -32.50
CA TYR A 692 121.28 -10.49 -33.41
C TYR A 692 120.28 -10.98 -34.46
N SER A 693 119.01 -10.74 -34.21
CA SER A 693 117.93 -11.15 -35.11
C SER A 693 116.96 -9.99 -35.27
N PRO A 694 117.28 -9.04 -36.14
CA PRO A 694 116.39 -7.88 -36.34
C PRO A 694 115.27 -8.24 -37.30
N TYR A 695 114.10 -8.34 -36.79
CA TYR A 695 113.07 -8.62 -37.77
C TYR A 695 112.59 -7.30 -38.39
N PRO A 696 112.07 -7.33 -39.62
CA PRO A 696 111.61 -6.09 -40.24
C PRO A 696 110.42 -5.51 -39.49
N GLY A 697 110.32 -4.19 -39.52
CA GLY A 697 109.17 -3.50 -38.95
C GLY A 697 109.37 -3.16 -37.49
N GLY A 698 108.49 -3.67 -36.64
CA GLY A 698 108.51 -3.34 -35.24
C GLY A 698 109.74 -3.84 -34.53
N GLY A 699 109.92 -3.36 -33.32
CA GLY A 699 111.09 -3.75 -32.57
C GLY A 699 111.26 -2.87 -31.34
N GLU A 700 112.51 -2.70 -30.94
CA GLU A 700 112.82 -1.90 -29.77
C GLU A 700 112.72 -0.41 -30.11
N GLY A 701 112.33 0.37 -29.12
CA GLY A 701 112.20 1.80 -29.35
C GLY A 701 111.14 2.06 -30.40
N TRP A 702 111.51 2.89 -31.38
CA TRP A 702 110.61 3.23 -32.48
C TRP A 702 110.90 2.43 -33.73
N GLY A 703 111.28 1.17 -33.57
CA GLY A 703 111.50 0.31 -34.71
C GLY A 703 112.72 0.71 -35.49
N GLY A 704 112.78 0.18 -36.71
CA GLY A 704 113.94 0.45 -37.55
C GLY A 704 115.23 -0.03 -36.94
N ASN A 705 115.23 -1.23 -36.38
CA ASN A 705 116.40 -1.74 -35.69
C ASN A 705 117.49 -2.11 -36.67
N GLY A 706 118.72 -1.75 -36.33
CA GLY A 706 119.87 -2.07 -37.13
C GLY A 706 121.03 -2.50 -36.24
N VAL A 707 122.24 -2.19 -36.69
CA VAL A 707 123.42 -2.53 -35.93
C VAL A 707 123.51 -1.63 -34.71
N GLY A 708 123.64 -2.23 -33.54
CA GLY A 708 123.72 -1.49 -32.31
C GLY A 708 122.40 -1.20 -31.63
N ASP A 709 121.31 -1.72 -32.15
CA ASP A 709 120.01 -1.54 -31.52
C ASP A 709 119.70 -2.61 -30.50
N ASP A 710 120.64 -3.50 -30.23
CA ASP A 710 120.54 -4.47 -29.16
C ASP A 710 121.92 -4.63 -28.55
N LEU A 711 122.05 -5.56 -27.61
CA LEU A 711 123.34 -5.81 -26.97
C LEU A 711 124.12 -6.92 -27.65
N TYR A 712 123.70 -7.32 -28.85
CA TYR A 712 124.44 -8.29 -29.64
C TYR A 712 125.14 -7.67 -30.84
N SER A 713 125.00 -6.36 -31.05
CA SER A 713 125.64 -5.71 -32.18
C SER A 713 126.31 -4.44 -31.71
N TYR A 714 127.34 -4.03 -32.45
CA TYR A 714 128.15 -2.87 -32.10
C TYR A 714 128.44 -2.10 -33.38
N GLY A 715 127.79 -0.95 -33.54
CA GLY A 715 127.84 -0.21 -34.78
C GLY A 715 128.44 1.18 -34.66
N PHE A 716 128.51 1.83 -35.82
CA PHE A 716 129.11 3.16 -35.92
C PHE A 716 128.51 3.84 -37.15
N ASP A 717 127.91 5.01 -36.96
CA ASP A 717 127.22 5.70 -38.04
C ASP A 717 127.93 6.96 -38.51
N GLY A 718 129.14 7.21 -38.02
CA GLY A 718 129.91 8.38 -38.37
C GLY A 718 130.04 9.37 -37.23
N LEU A 719 129.02 9.51 -36.41
CA LEU A 719 129.02 10.44 -35.30
C LEU A 719 128.84 9.76 -33.95
N HIS A 720 128.30 8.54 -33.91
CA HIS A 720 127.97 7.88 -32.67
C HIS A 720 128.43 6.44 -32.70
N LEU A 721 128.63 5.88 -31.51
CA LEU A 721 128.83 4.46 -31.32
C LEU A 721 127.54 3.87 -30.80
N TRP A 722 126.97 2.92 -31.53
CA TRP A 722 125.66 2.38 -31.23
C TRP A 722 125.78 1.02 -30.57
N THR A 723 125.15 0.87 -29.41
CA THR A 723 125.02 -0.42 -28.76
C THR A 723 123.87 -0.34 -27.78
N GLY A 724 123.08 -1.40 -27.71
CA GLY A 724 121.97 -1.44 -26.79
C GLY A 724 120.94 -0.36 -27.06
N HIS A 725 120.80 0.06 -28.31
CA HIS A 725 119.85 1.09 -28.71
C HIS A 725 120.14 2.44 -28.07
N VAL A 726 121.39 2.69 -27.71
CA VAL A 726 121.79 3.98 -27.15
C VAL A 726 122.94 4.52 -27.99
N ALA A 727 122.79 5.75 -28.47
CA ALA A 727 123.79 6.41 -29.29
C ALA A 727 124.70 7.22 -28.39
N ARG A 728 126.01 6.98 -28.48
CA ARG A 728 126.97 7.71 -27.70
C ARG A 728 127.90 8.46 -28.63
N PRO A 729 127.94 9.79 -28.54
CA PRO A 729 128.78 10.56 -29.47
C PRO A 729 130.24 10.19 -29.33
N VAL A 730 130.92 10.16 -30.47
CA VAL A 730 132.34 9.83 -30.51
C VAL A 730 133.04 10.89 -31.35
N THR A 731 134.33 11.06 -31.10
CA THR A 731 135.11 12.13 -31.72
C THR A 731 136.05 11.56 -32.77
N SER A 732 136.06 12.17 -33.94
CA SER A 732 137.01 11.88 -35.00
C SER A 732 137.35 13.19 -35.71
N PRO A 733 138.50 13.26 -36.34
CA PRO A 733 138.83 14.46 -37.13
C PRO A 733 137.82 14.66 -38.26
N GLY A 734 137.08 15.76 -38.18
CA GLY A 734 136.06 16.03 -39.17
C GLY A 734 134.85 15.15 -39.01
N GLN A 735 134.23 15.18 -37.84
CA GLN A 735 133.05 14.39 -37.57
C GLN A 735 131.94 14.72 -38.56
N HIS A 736 131.38 13.70 -39.19
CA HIS A 736 130.21 13.91 -40.02
C HIS A 736 129.53 12.57 -40.23
N LEU A 737 128.22 12.64 -40.45
CA LEU A 737 127.45 11.44 -40.76
C LEU A 737 127.96 10.83 -42.05
N LEU A 738 127.91 9.50 -42.12
CA LEU A 738 128.52 8.77 -43.22
C LEU A 738 128.03 9.28 -44.56
N ALA A 739 128.94 9.86 -45.32
CA ALA A 739 128.67 10.49 -46.60
C ALA A 739 129.29 9.65 -47.71
N PRO A 740 128.94 9.89 -48.96
CA PRO A 740 129.58 9.15 -50.04
C PRO A 740 131.08 9.40 -50.07
N GLU A 741 131.81 8.40 -50.57
CA GLU A 741 133.27 8.38 -50.65
C GLU A 741 133.94 8.24 -49.30
N ASP A 742 133.22 7.83 -48.26
CA ASP A 742 133.81 7.55 -46.97
C ASP A 742 134.18 6.07 -46.89
N VAL A 743 135.28 5.79 -46.20
CA VAL A 743 135.75 4.43 -45.99
C VAL A 743 135.82 4.18 -44.50
N VAL A 744 135.07 3.21 -44.02
CA VAL A 744 134.99 2.86 -42.61
C VAL A 744 135.76 1.58 -42.39
N SER A 745 136.70 1.59 -41.45
CA SER A 745 137.51 0.44 -41.12
C SER A 745 137.08 -0.09 -39.77
N CYS A 746 136.83 -1.38 -39.67
CA CYS A 746 136.37 -2.01 -38.45
C CYS A 746 137.34 -3.11 -38.04
N CYS A 747 137.82 -3.04 -36.81
CA CYS A 747 138.81 -3.97 -36.29
C CYS A 747 138.24 -4.70 -35.08
N LEU A 748 138.33 -6.03 -35.10
CA LEU A 748 137.84 -6.87 -34.02
C LEU A 748 139.03 -7.63 -33.43
N ASP A 749 139.30 -7.41 -32.16
CA ASP A 749 140.38 -8.09 -31.44
C ASP A 749 139.73 -8.93 -30.36
N LEU A 750 139.61 -10.23 -30.62
CA LEU A 750 138.93 -11.09 -29.68
C LEU A 750 139.74 -11.37 -28.43
N SER A 751 141.00 -10.97 -28.39
CA SER A 751 141.83 -11.23 -27.22
C SER A 751 141.47 -10.31 -26.06
N VAL A 752 141.01 -9.10 -26.35
CA VAL A 752 140.80 -8.10 -25.30
C VAL A 752 139.50 -8.34 -24.53
N PRO A 753 138.32 -8.43 -25.17
CA PRO A 753 137.95 -8.21 -26.57
C PRO A 753 137.70 -6.73 -26.82
N SER A 754 137.85 -6.24 -28.04
CA SER A 754 137.57 -4.84 -28.31
C SER A 754 137.21 -4.67 -29.78
N ILE A 755 136.41 -3.65 -30.06
CA ILE A 755 136.04 -3.27 -31.40
C ILE A 755 136.40 -1.80 -31.59
N SER A 756 137.16 -1.51 -32.63
CA SER A 756 137.61 -0.15 -32.90
C SER A 756 137.33 0.19 -34.35
N PHE A 757 137.35 1.48 -34.66
CA PHE A 757 137.00 1.96 -35.98
C PHE A 757 138.02 2.97 -36.48
N ARG A 758 138.06 3.13 -37.79
CA ARG A 758 138.76 4.22 -38.46
C ARG A 758 137.91 4.68 -39.63
N ILE A 759 137.76 5.99 -39.78
CA ILE A 759 136.98 6.57 -40.86
C ILE A 759 137.92 7.40 -41.71
N ASN A 760 138.00 7.09 -43.00
CA ASN A 760 138.90 7.76 -43.93
C ASN A 760 140.34 7.69 -43.47
N GLY A 761 140.68 6.67 -42.69
CA GLY A 761 142.02 6.51 -42.19
C GLY A 761 142.30 7.22 -40.89
N CYS A 762 141.39 8.04 -40.40
CA CYS A 762 141.75 8.63 -39.12
C CYS A 762 141.03 7.92 -37.99
N PRO A 763 141.69 7.76 -36.83
CA PRO A 763 141.11 6.96 -35.76
C PRO A 763 139.85 7.59 -35.20
N VAL A 764 138.94 6.72 -34.75
CA VAL A 764 137.72 7.12 -34.08
C VAL A 764 137.92 6.88 -32.59
N GLN A 765 137.81 7.94 -31.81
CA GLN A 765 138.25 7.93 -30.41
C GLN A 765 137.19 7.29 -29.52
N GLY A 766 136.99 6.00 -29.73
CA GLY A 766 136.05 5.23 -28.94
C GLY A 766 136.08 3.76 -29.30
N VAL A 767 135.99 2.88 -28.31
CA VAL A 767 136.01 1.45 -28.54
C VAL A 767 134.94 0.78 -27.68
N PHE A 768 134.31 -0.23 -28.24
CA PHE A 768 133.60 -1.21 -27.43
C PHE A 768 134.63 -2.17 -26.84
N GLU A 769 134.36 -2.65 -25.63
CA GLU A 769 135.26 -3.63 -25.04
C GLU A 769 134.53 -4.38 -23.95
N ALA A 770 135.15 -5.47 -23.52
CA ALA A 770 134.64 -6.28 -22.40
C ALA A 770 133.24 -6.80 -22.66
N PHE A 771 132.96 -7.20 -23.89
CA PHE A 771 131.65 -7.72 -24.21
C PHE A 771 131.63 -9.24 -24.15
N ASN A 772 130.46 -9.80 -24.39
CA ASN A 772 130.28 -11.24 -24.36
C ASN A 772 130.96 -11.89 -25.55
N LEU A 773 131.29 -13.17 -25.39
CA LEU A 773 131.99 -13.90 -26.44
C LEU A 773 131.31 -15.25 -26.73
N ASP A 774 130.06 -15.41 -26.34
CA ASP A 774 129.35 -16.68 -26.46
C ASP A 774 128.66 -16.81 -27.81
N GLY A 775 129.47 -16.81 -28.86
CA GLY A 775 128.93 -16.91 -30.21
C GLY A 775 129.97 -16.50 -31.22
N LEU A 776 129.51 -16.33 -32.46
CA LEU A 776 130.37 -15.97 -33.58
C LEU A 776 130.07 -14.55 -34.02
N PHE A 777 131.11 -13.83 -34.42
CA PHE A 777 130.99 -12.45 -34.87
C PHE A 777 131.07 -12.37 -36.38
N PHE A 778 130.24 -11.52 -36.97
CA PHE A 778 130.30 -11.32 -38.40
C PHE A 778 130.19 -9.85 -38.75
N PRO A 779 130.82 -9.43 -39.84
CA PRO A 779 130.61 -8.07 -40.32
C PRO A 779 129.17 -7.85 -40.72
N VAL A 780 128.69 -6.63 -40.54
CA VAL A 780 127.30 -6.33 -40.82
C VAL A 780 127.17 -4.84 -41.13
N VAL A 781 126.27 -4.52 -42.06
CA VAL A 781 125.85 -3.15 -42.31
C VAL A 781 124.33 -3.10 -42.24
N SER A 782 123.81 -2.14 -41.50
CA SER A 782 122.38 -1.89 -41.45
C SER A 782 122.08 -0.61 -42.22
N PHE A 783 121.01 -0.64 -42.99
CA PHE A 783 120.74 0.49 -43.87
C PHE A 783 119.24 0.60 -44.09
N SER A 784 118.82 1.79 -44.48
CA SER A 784 117.49 2.03 -44.98
C SER A 784 117.57 2.21 -46.50
N ALA A 785 116.44 2.52 -47.11
CA ALA A 785 116.44 2.77 -48.54
C ALA A 785 117.17 4.07 -48.85
N GLY A 786 117.99 4.03 -49.89
CA GLY A 786 118.75 5.18 -50.32
C GLY A 786 120.23 5.11 -50.06
N VAL A 787 120.83 3.93 -50.10
CA VAL A 787 122.25 3.77 -49.84
C VAL A 787 122.85 2.87 -50.90
N LYS A 788 124.18 2.92 -50.98
CA LYS A 788 124.94 2.05 -51.89
C LYS A 788 126.34 1.95 -51.29
N VAL A 789 126.65 0.81 -50.70
CA VAL A 789 127.93 0.61 -50.04
C VAL A 789 128.60 -0.62 -50.63
N ARG A 790 129.91 -0.71 -50.43
CA ARG A 790 130.68 -1.84 -50.92
C ARG A 790 131.55 -2.38 -49.79
N PHE A 791 131.38 -3.67 -49.50
CA PHE A 791 132.24 -4.35 -48.56
C PHE A 791 133.62 -4.53 -49.18
N LEU A 792 134.65 -4.27 -48.40
CA LEU A 792 136.03 -4.54 -48.81
C LEU A 792 136.63 -5.52 -47.81
N LEU A 793 136.81 -6.76 -48.24
CA LEU A 793 137.23 -7.84 -47.37
C LEU A 793 138.66 -8.28 -47.60
N GLY A 794 139.37 -7.66 -48.53
CA GLY A 794 140.74 -8.03 -48.80
C GLY A 794 140.86 -9.11 -49.86
N GLY A 795 142.09 -9.27 -50.35
CA GLY A 795 142.33 -10.26 -51.38
C GLY A 795 141.56 -9.92 -52.64
N ARG A 796 140.97 -10.94 -53.25
CA ARG A 796 140.19 -10.74 -54.46
C ARG A 796 138.76 -10.29 -54.17
N HIS A 797 138.44 -10.00 -52.92
CA HIS A 797 137.11 -9.57 -52.52
C HIS A 797 137.13 -8.16 -51.97
N GLY A 798 137.86 -7.26 -52.62
CA GLY A 798 137.89 -5.88 -52.21
C GLY A 798 139.25 -5.42 -51.71
N GLU A 799 139.96 -4.68 -52.54
CA GLU A 799 141.25 -4.16 -52.13
C GLU A 799 141.06 -3.10 -51.06
N PHE A 800 141.86 -3.20 -49.99
CA PHE A 800 141.73 -2.27 -48.88
C PHE A 800 142.24 -0.90 -49.27
N LYS A 801 141.49 0.14 -48.92
CA LYS A 801 141.98 1.49 -49.15
C LYS A 801 143.07 1.85 -48.15
N PHE A 802 143.01 1.31 -46.96
CA PHE A 802 143.99 1.59 -45.92
C PHE A 802 144.60 0.29 -45.42
N LEU A 803 145.84 0.39 -45.00
CA LEU A 803 146.56 -0.77 -44.53
C LEU A 803 145.97 -1.24 -43.22
N PRO A 804 145.66 -2.54 -43.07
CA PRO A 804 145.15 -3.02 -41.79
C PRO A 804 146.20 -2.86 -40.72
N PRO A 805 145.80 -2.62 -39.48
CA PRO A 805 146.77 -2.50 -38.41
C PRO A 805 147.51 -3.80 -38.21
N PRO A 806 148.72 -3.75 -37.64
CA PRO A 806 149.54 -4.96 -37.55
C PRO A 806 148.85 -6.06 -36.77
N GLY A 807 149.03 -7.30 -37.24
CA GLY A 807 148.49 -8.45 -36.57
C GLY A 807 147.06 -8.79 -36.95
N TYR A 808 146.35 -7.87 -37.60
CA TYR A 808 144.97 -8.11 -37.97
C TYR A 808 144.90 -8.80 -39.32
N ALA A 809 144.02 -9.76 -39.42
CA ALA A 809 143.89 -10.53 -40.63
C ALA A 809 142.71 -10.04 -41.45
N PRO A 810 142.81 -10.06 -42.77
CA PRO A 810 141.66 -9.72 -43.60
C PRO A 810 140.53 -10.70 -43.39
N CYS A 811 139.30 -10.20 -43.50
CA CYS A 811 138.15 -11.05 -43.25
C CYS A 811 137.93 -12.08 -44.33
N HIS A 812 138.49 -11.87 -45.52
CA HIS A 812 138.33 -12.87 -46.58
C HIS A 812 139.07 -14.16 -46.26
N GLU A 813 139.96 -14.15 -45.27
CA GLU A 813 140.65 -15.35 -44.86
C GLU A 813 139.83 -16.21 -43.91
N ALA A 814 138.64 -15.77 -43.52
CA ALA A 814 137.83 -16.50 -42.56
C ALA A 814 136.76 -17.36 -43.21
N VAL A 815 136.70 -17.38 -44.55
CA VAL A 815 135.64 -18.13 -45.22
C VAL A 815 135.96 -19.61 -45.16
N LEU A 816 134.96 -20.41 -44.77
CA LEU A 816 135.18 -21.81 -44.50
C LEU A 816 135.45 -22.58 -45.79
N PRO A 817 136.10 -23.75 -45.70
CA PRO A 817 136.40 -24.51 -46.92
C PRO A 817 135.17 -24.92 -47.70
N ARG A 818 134.10 -25.29 -47.02
CA ARG A 818 132.94 -25.86 -47.70
C ARG A 818 132.03 -24.83 -48.32
N GLU A 819 132.34 -23.54 -48.16
CA GLU A 819 131.45 -22.48 -48.59
C GLU A 819 132.20 -21.48 -49.46
N ARG A 820 131.44 -20.75 -50.27
CA ARG A 820 131.95 -19.65 -51.06
C ARG A 820 131.49 -18.34 -50.43
N LEU A 821 132.31 -17.31 -50.57
CA LEU A 821 131.97 -16.02 -49.98
C LEU A 821 130.74 -15.44 -50.66
N ARG A 822 129.86 -14.83 -49.88
CA ARG A 822 128.65 -14.24 -50.43
C ARG A 822 128.08 -13.27 -49.42
N LEU A 823 127.09 -12.50 -49.88
CA LEU A 823 126.36 -11.54 -49.06
C LEU A 823 124.95 -12.04 -48.88
N GLU A 824 124.49 -12.07 -47.63
CA GLU A 824 123.21 -12.69 -47.31
C GLU A 824 122.51 -11.90 -46.22
N PRO A 825 121.19 -11.97 -46.16
CA PRO A 825 120.46 -11.38 -45.03
C PRO A 825 120.68 -12.18 -43.76
N ILE A 826 120.01 -11.78 -42.69
CA ILE A 826 120.19 -12.39 -41.38
C ILE A 826 118.84 -12.92 -40.90
N LYS A 827 118.73 -14.24 -40.76
CA LYS A 827 117.55 -14.88 -40.21
C LYS A 827 116.28 -14.43 -40.92
N GLU A 828 116.33 -14.45 -42.24
CA GLU A 828 115.16 -14.15 -43.04
C GLU A 828 114.13 -15.26 -42.91
N TYR A 829 112.86 -14.88 -42.80
CA TYR A 829 111.77 -15.84 -42.83
C TYR A 829 111.06 -15.86 -44.17
N ARG A 830 111.62 -15.23 -45.18
CA ARG A 830 110.91 -14.99 -46.43
C ARG A 830 111.92 -14.57 -47.48
N ARG A 831 111.74 -15.06 -48.69
CA ARG A 831 112.60 -14.66 -49.79
C ARG A 831 111.84 -14.81 -51.10
N GLU A 832 112.28 -14.06 -52.10
CA GLU A 832 111.66 -14.14 -53.41
C GLU A 832 112.03 -15.43 -54.11
N GLY A 833 111.12 -15.93 -54.92
CA GLY A 833 111.34 -17.16 -55.65
C GLY A 833 110.87 -17.06 -57.09
N PRO A 834 111.01 -18.16 -57.84
CA PRO A 834 110.62 -18.12 -59.25
C PRO A 834 109.15 -17.87 -59.46
N ARG A 835 108.29 -18.61 -58.77
CA ARG A 835 106.85 -18.47 -58.93
C ARG A 835 106.22 -17.57 -57.88
N GLY A 836 107.01 -17.02 -56.97
CA GLY A 836 106.49 -16.18 -55.92
C GLY A 836 107.34 -16.28 -54.67
N PRO A 837 106.87 -15.69 -53.58
CA PRO A 837 107.65 -15.72 -52.34
C PRO A 837 107.82 -17.13 -51.81
N HIS A 838 108.96 -17.37 -51.18
CA HIS A 838 109.24 -18.62 -50.51
C HIS A 838 109.25 -18.39 -49.01
N LEU A 839 108.58 -19.24 -48.27
CA LEU A 839 108.68 -19.21 -46.82
C LEU A 839 109.91 -20.00 -46.40
N VAL A 840 110.63 -19.49 -45.42
CA VAL A 840 111.92 -20.04 -44.99
C VAL A 840 111.86 -20.32 -43.50
N GLY A 841 112.32 -21.50 -43.10
CA GLY A 841 112.38 -21.86 -41.71
C GLY A 841 113.63 -21.32 -41.06
N PRO A 842 113.86 -21.69 -39.80
CA PRO A 842 115.05 -21.21 -39.10
C PRO A 842 116.31 -21.71 -39.77
N SER A 843 117.37 -20.93 -39.64
CA SER A 843 118.65 -21.23 -40.28
C SER A 843 119.55 -21.96 -39.31
N ARG A 844 120.20 -23.02 -39.78
CA ARG A 844 121.21 -23.70 -38.99
C ARG A 844 122.43 -22.80 -38.88
N CYS A 845 122.95 -22.64 -37.67
CA CYS A 845 124.09 -21.77 -37.44
C CYS A 845 125.15 -22.50 -36.64
N LEU A 846 126.41 -22.22 -36.96
CA LEU A 846 127.52 -22.81 -36.21
C LEU A 846 127.67 -22.12 -34.86
N SER A 847 128.37 -22.79 -33.96
CA SER A 847 128.71 -22.24 -32.67
C SER A 847 130.21 -22.01 -32.61
N HIS A 848 130.63 -21.14 -31.68
CA HIS A 848 132.05 -20.88 -31.52
C HIS A 848 132.79 -22.13 -31.04
N THR A 849 132.08 -23.08 -30.45
CA THR A 849 132.70 -24.34 -30.04
C THR A 849 132.86 -25.30 -31.20
N ASP A 850 132.13 -25.11 -32.30
CA ASP A 850 132.25 -26.02 -33.42
C ASP A 850 133.62 -25.96 -34.08
N PHE A 851 134.42 -24.95 -33.76
CA PHE A 851 135.78 -24.85 -34.26
C PHE A 851 136.80 -25.41 -33.28
N VAL A 852 136.34 -25.99 -32.18
CA VAL A 852 137.22 -26.58 -31.18
C VAL A 852 137.27 -28.08 -31.45
N PRO A 853 138.38 -28.62 -31.96
CA PRO A 853 138.42 -30.06 -32.22
C PRO A 853 138.37 -30.86 -30.92
N CYS A 854 137.55 -31.90 -30.92
CA CYS A 854 137.33 -32.72 -29.73
C CYS A 854 137.57 -34.18 -30.08
N PRO A 855 138.83 -34.61 -30.05
CA PRO A 855 139.14 -36.02 -30.33
C PRO A 855 138.70 -36.90 -29.17
N VAL A 856 138.59 -38.20 -29.45
CA VAL A 856 138.26 -39.16 -28.41
C VAL A 856 139.43 -39.27 -27.43
N ASP A 857 139.12 -39.59 -26.19
CA ASP A 857 140.14 -39.62 -25.15
C ASP A 857 141.10 -40.79 -25.35
N THR A 858 142.39 -40.51 -25.26
CA THR A 858 143.43 -41.52 -25.38
C THR A 858 144.34 -41.52 -24.15
N VAL A 859 143.81 -41.11 -23.00
CA VAL A 859 144.58 -41.14 -21.77
C VAL A 859 144.97 -42.57 -21.39
N GLN A 860 144.05 -43.51 -21.63
CA GLN A 860 144.31 -44.92 -21.31
C GLN A 860 145.30 -45.49 -22.33
N ILE A 861 146.58 -45.32 -22.00
CA ILE A 861 147.65 -45.89 -22.82
C ILE A 861 147.88 -47.30 -22.30
N VAL A 862 147.04 -48.22 -22.78
CA VAL A 862 147.14 -49.64 -22.46
C VAL A 862 146.89 -50.41 -23.75
N LEU A 863 147.92 -50.78 -24.39
CA LEU A 863 147.71 -51.62 -25.56
C LEU A 863 148.29 -53.01 -25.32
N PRO A 864 147.67 -54.04 -25.90
CA PRO A 864 148.25 -55.37 -25.79
C PRO A 864 149.63 -55.40 -26.42
N PRO A 865 150.53 -56.23 -25.90
CA PRO A 865 151.91 -56.22 -26.43
C PRO A 865 151.99 -56.54 -27.92
N HIS A 866 151.10 -57.41 -28.41
CA HIS A 866 151.00 -57.69 -29.84
C HIS A 866 150.56 -56.46 -30.66
N LEU A 867 149.56 -55.71 -30.20
CA LEU A 867 149.27 -54.44 -30.87
C LEU A 867 150.47 -53.50 -30.79
N GLU A 868 151.17 -53.49 -29.67
CA GLU A 868 152.30 -52.59 -29.49
C GLU A 868 153.40 -52.91 -30.50
N ARG A 869 153.68 -54.20 -30.70
CA ARG A 869 154.72 -54.57 -31.65
C ARG A 869 154.29 -54.31 -33.08
N ILE A 870 153.00 -54.49 -33.38
CA ILE A 870 152.54 -54.22 -34.75
C ILE A 870 152.37 -52.74 -35.02
N ARG A 871 152.40 -51.88 -33.99
CA ARG A 871 152.23 -50.45 -34.21
C ARG A 871 153.37 -49.86 -35.02
N GLU A 872 154.62 -50.27 -34.75
CA GLU A 872 155.75 -49.76 -35.51
C GLU A 872 155.68 -50.22 -36.96
N LYS A 873 155.26 -51.46 -37.19
CA LYS A 873 155.07 -51.93 -38.55
C LYS A 873 153.97 -51.15 -39.27
N LEU A 874 152.90 -50.80 -38.54
CA LEU A 874 151.86 -49.97 -39.12
C LEU A 874 152.40 -48.59 -39.49
N ALA A 875 153.25 -48.03 -38.64
CA ALA A 875 153.88 -46.75 -38.97
C ALA A 875 154.73 -46.86 -40.23
N GLU A 876 155.50 -47.93 -40.36
CA GLU A 876 156.28 -48.14 -41.59
C GLU A 876 155.37 -48.24 -42.81
N ASN A 877 154.26 -48.99 -42.69
CA ASN A 877 153.41 -49.21 -43.84
C ASN A 877 152.68 -47.93 -44.26
N ILE A 878 152.22 -47.14 -43.28
CA ILE A 878 151.58 -45.88 -43.62
C ILE A 878 152.59 -44.91 -44.22
N HIS A 879 153.84 -44.94 -43.75
CA HIS A 879 154.88 -44.15 -44.39
C HIS A 879 155.09 -44.56 -45.85
N GLU A 880 155.12 -45.88 -46.11
CA GLU A 880 155.33 -46.35 -47.47
C GLU A 880 154.15 -45.99 -48.38
N LEU A 881 152.93 -46.06 -47.85
CA LEU A 881 151.78 -45.70 -48.68
C LEU A 881 151.73 -44.20 -48.94
N TRP A 882 152.13 -43.39 -47.97
CA TRP A 882 152.29 -41.97 -48.21
C TRP A 882 153.36 -41.71 -49.28
N ALA A 883 154.44 -42.49 -49.25
CA ALA A 883 155.46 -42.39 -50.28
C ALA A 883 154.91 -42.75 -51.66
N LEU A 884 154.06 -43.79 -51.71
CA LEU A 884 153.43 -44.17 -52.97
C LEU A 884 152.54 -43.04 -53.50
N THR A 885 151.75 -42.42 -52.62
CA THR A 885 150.95 -41.29 -53.05
C THR A 885 151.82 -40.14 -53.56
N ARG A 886 152.93 -39.88 -52.87
CA ARG A 886 153.84 -38.81 -53.32
C ARG A 886 154.44 -39.11 -54.68
N ILE A 887 154.86 -40.35 -54.93
CA ILE A 887 155.49 -40.63 -56.22
C ILE A 887 154.44 -40.70 -57.33
N GLU A 888 153.18 -40.97 -56.97
CA GLU A 888 152.09 -40.73 -57.91
C GLU A 888 151.97 -39.25 -58.23
N GLN A 889 152.09 -38.39 -57.21
CA GLN A 889 152.10 -36.95 -57.45
C GLN A 889 153.34 -36.48 -58.19
N GLY A 890 154.38 -37.30 -58.27
CA GLY A 890 155.59 -36.95 -58.98
C GLY A 890 156.82 -36.76 -58.12
N TRP A 891 156.76 -37.09 -56.84
CA TRP A 891 157.90 -36.90 -55.95
C TRP A 891 159.00 -37.91 -56.29
N THR A 892 160.24 -37.54 -55.97
CA THR A 892 161.40 -38.40 -56.17
C THR A 892 162.27 -38.35 -54.92
N TYR A 893 163.16 -39.32 -54.79
CA TYR A 893 164.04 -39.39 -53.64
C TYR A 893 165.01 -38.22 -53.62
N GLY A 894 165.26 -37.68 -52.43
CA GLY A 894 166.20 -36.59 -52.26
C GLY A 894 166.54 -36.36 -50.80
N PRO A 895 167.74 -35.86 -50.55
CA PRO A 895 168.12 -35.55 -49.16
C PRO A 895 167.24 -34.51 -48.50
N VAL A 896 166.72 -33.55 -49.27
CA VAL A 896 165.86 -32.51 -48.75
C VAL A 896 164.41 -32.96 -48.85
N ARG A 897 163.55 -32.42 -47.99
CA ARG A 897 162.14 -32.77 -47.93
C ARG A 897 161.33 -31.53 -48.29
N ASP A 898 160.97 -31.42 -49.57
CA ASP A 898 160.20 -30.29 -50.07
C ASP A 898 159.04 -30.78 -50.93
N ASP A 899 157.87 -30.18 -50.73
CA ASP A 899 156.73 -30.50 -51.58
C ASP A 899 156.92 -29.95 -52.99
N ASN A 900 157.36 -28.70 -53.09
CA ASN A 900 157.56 -28.08 -54.40
C ASN A 900 158.68 -28.78 -55.17
N LYS A 901 159.79 -29.10 -54.50
CA LYS A 901 160.92 -29.72 -55.17
C LYS A 901 160.69 -31.20 -55.44
N ARG A 902 159.63 -31.78 -54.87
CA ARG A 902 159.30 -33.20 -55.07
C ARG A 902 160.45 -34.11 -54.64
N LEU A 903 161.14 -33.73 -53.57
CA LEU A 903 162.25 -34.51 -53.02
C LEU A 903 161.88 -34.97 -51.62
N HIS A 904 162.05 -36.27 -51.36
CA HIS A 904 161.68 -36.85 -50.08
C HIS A 904 162.54 -38.07 -49.78
N PRO A 905 163.29 -38.06 -48.67
CA PRO A 905 164.12 -39.23 -48.34
C PRO A 905 163.31 -40.49 -48.07
N CYS A 906 162.03 -40.36 -47.71
CA CYS A 906 161.19 -41.50 -47.39
C CYS A 906 160.91 -42.38 -48.60
N LEU A 907 161.12 -41.89 -49.81
CA LEU A 907 160.68 -42.62 -51.01
C LEU A 907 161.70 -43.66 -51.44
N VAL A 908 162.25 -44.43 -50.49
CA VAL A 908 163.22 -45.45 -50.85
C VAL A 908 162.72 -46.82 -50.41
N ASN A 909 162.48 -46.98 -49.10
CA ASN A 909 162.02 -48.24 -48.54
C ASN A 909 161.74 -48.01 -47.06
N PHE A 910 160.84 -48.82 -46.51
CA PHE A 910 160.51 -48.67 -45.10
C PHE A 910 161.68 -49.06 -44.21
N HIS A 911 162.54 -49.97 -44.69
CA HIS A 911 163.81 -50.21 -44.00
C HIS A 911 164.80 -49.09 -44.28
N SER A 912 164.89 -48.63 -45.53
CA SER A 912 165.91 -47.67 -45.91
C SER A 912 165.64 -46.27 -45.37
N LEU A 913 164.37 -45.90 -45.18
CA LEU A 913 164.05 -44.58 -44.68
C LEU A 913 164.57 -44.43 -43.25
N PRO A 914 165.05 -43.24 -42.86
CA PRO A 914 165.66 -43.09 -41.53
C PRO A 914 164.70 -43.41 -40.41
N GLU A 915 165.21 -44.12 -39.40
CA GLU A 915 164.40 -44.43 -38.22
C GLU A 915 163.95 -43.20 -37.46
N PRO A 916 164.79 -42.18 -37.21
CA PRO A 916 164.28 -40.96 -36.57
C PRO A 916 163.17 -40.29 -37.35
N GLU A 917 163.26 -40.29 -38.70
CA GLU A 917 162.17 -39.75 -39.50
C GLU A 917 160.93 -40.61 -39.38
N ARG A 918 161.10 -41.93 -39.24
CA ARG A 918 159.96 -42.82 -39.02
C ARG A 918 159.28 -42.49 -37.70
N ASN A 919 160.07 -42.24 -36.66
CA ASN A 919 159.54 -41.98 -35.32
C ASN A 919 158.79 -40.65 -35.22
N TYR A 920 158.85 -39.81 -36.26
CA TYR A 920 158.02 -38.62 -36.29
C TYR A 920 156.55 -38.99 -36.23
N ASN A 921 156.17 -40.12 -36.83
CA ASN A 921 154.78 -40.54 -36.89
C ASN A 921 154.50 -41.80 -36.08
N LEU A 922 155.48 -42.29 -35.31
CA LEU A 922 155.21 -43.43 -34.44
C LEU A 922 154.15 -43.09 -33.40
N GLN A 923 154.18 -41.85 -32.90
CA GLN A 923 153.14 -41.40 -31.98
C GLN A 923 151.77 -41.48 -32.64
N MET A 924 151.66 -41.02 -33.88
CA MET A 924 150.40 -41.09 -34.59
C MET A 924 149.96 -42.54 -34.81
N SER A 925 150.90 -43.42 -35.15
CA SER A 925 150.53 -44.82 -35.37
C SER A 925 150.04 -45.47 -34.09
N GLY A 926 150.67 -45.15 -32.96
CA GLY A 926 150.18 -45.65 -31.68
C GLY A 926 148.81 -45.11 -31.34
N GLU A 927 148.59 -43.81 -31.59
CA GLU A 927 147.27 -43.23 -31.36
C GLU A 927 146.21 -43.86 -32.26
N THR A 928 146.59 -44.28 -33.47
CA THR A 928 145.61 -44.95 -34.33
C THR A 928 145.04 -46.19 -33.66
N LEU A 929 145.93 -47.05 -33.14
CA LEU A 929 145.46 -48.24 -32.44
C LEU A 929 144.70 -47.87 -31.17
N LYS A 930 145.21 -46.89 -30.43
CA LYS A 930 144.54 -46.46 -29.21
C LYS A 930 143.14 -45.94 -29.51
N THR A 931 142.92 -45.44 -30.73
CA THR A 931 141.63 -44.87 -31.06
C THR A 931 140.55 -45.92 -31.19
N LEU A 932 140.82 -47.04 -31.87
CA LEU A 932 139.81 -48.08 -31.92
C LEU A 932 139.75 -48.84 -30.61
N LEU A 933 140.81 -48.75 -29.80
CA LEU A 933 140.68 -49.23 -28.43
C LEU A 933 139.66 -48.39 -27.66
N ALA A 934 139.72 -47.07 -27.81
CA ALA A 934 138.85 -46.18 -27.02
C ALA A 934 137.44 -46.16 -27.58
N LEU A 935 137.29 -46.27 -28.90
CA LEU A 935 135.98 -46.18 -29.54
C LEU A 935 135.08 -47.35 -29.21
N GLY A 936 135.61 -48.40 -28.60
CA GLY A 936 134.85 -49.60 -28.32
C GLY A 936 135.07 -50.74 -29.29
N CYS A 937 135.87 -50.53 -30.33
CA CYS A 937 136.16 -51.60 -31.28
C CYS A 937 137.00 -52.68 -30.61
N HIS A 938 136.55 -53.93 -30.75
CA HIS A 938 137.27 -55.05 -30.19
C HIS A 938 138.30 -55.53 -31.19
N VAL A 939 139.57 -55.30 -30.88
CA VAL A 939 140.66 -55.64 -31.79
C VAL A 939 141.61 -56.60 -31.08
N GLY A 940 141.92 -57.70 -31.75
CA GLY A 940 142.78 -58.71 -31.15
C GLY A 940 143.52 -59.48 -32.22
N MET A 941 144.44 -60.32 -31.74
CA MET A 941 145.32 -61.16 -32.56
C MET A 941 144.72 -62.55 -32.68
N ALA A 942 144.11 -62.82 -33.84
CA ALA A 942 143.59 -64.17 -34.09
C ALA A 942 144.47 -64.91 -35.10
N ASP A 943 144.97 -64.21 -36.11
CA ASP A 943 145.78 -64.80 -37.18
C ASP A 943 147.22 -64.32 -37.05
N GLU A 944 148.15 -65.27 -37.00
CA GLU A 944 149.58 -65.02 -37.10
C GLU A 944 150.16 -65.44 -38.44
N LYS A 945 149.63 -66.51 -39.04
CA LYS A 945 150.13 -66.96 -40.35
C LYS A 945 149.86 -65.92 -41.42
N ALA A 946 148.79 -65.13 -41.27
CA ALA A 946 148.55 -64.03 -42.21
C ALA A 946 149.67 -63.01 -42.16
N GLU A 947 150.13 -62.67 -40.94
CA GLU A 947 151.26 -61.75 -40.81
C GLU A 947 152.54 -62.37 -41.35
N ASP A 948 152.76 -63.66 -41.05
CA ASP A 948 153.99 -64.32 -41.48
C ASP A 948 154.07 -64.40 -43.01
N ASN A 949 152.97 -64.73 -43.66
CA ASN A 949 152.93 -64.91 -45.11
C ASN A 949 151.97 -63.89 -45.72
N LEU A 950 152.52 -62.94 -46.46
CA LEU A 950 151.70 -61.92 -47.11
C LEU A 950 152.40 -61.42 -48.36
N LYS A 951 151.60 -60.91 -49.29
CA LYS A 951 152.12 -60.42 -50.56
C LYS A 951 152.53 -58.95 -50.43
N LYS A 952 153.53 -58.56 -51.22
CA LYS A 952 154.12 -57.23 -51.14
C LYS A 952 153.92 -56.52 -52.48
N THR A 953 153.24 -55.38 -52.45
CA THR A 953 153.14 -54.54 -53.63
C THR A 953 154.38 -53.68 -53.77
N LYS A 954 155.05 -53.78 -54.90
CA LYS A 954 156.24 -52.99 -55.18
C LYS A 954 155.95 -52.03 -56.33
N LEU A 955 156.66 -50.91 -56.33
CA LEU A 955 156.38 -49.85 -57.28
C LEU A 955 156.71 -50.33 -58.70
N PRO A 956 155.98 -49.84 -59.71
CA PRO A 956 156.34 -50.20 -61.09
C PRO A 956 157.74 -49.72 -61.43
N LYS A 957 158.41 -50.50 -62.28
CA LYS A 957 159.78 -50.17 -62.66
C LYS A 957 159.87 -48.84 -63.39
N THR A 958 158.89 -48.54 -64.25
CA THR A 958 158.88 -47.24 -64.92
C THR A 958 158.67 -46.10 -63.93
N TYR A 959 157.75 -46.29 -62.97
CA TYR A 959 157.44 -45.25 -62.00
C TYR A 959 158.44 -45.31 -60.85
N MET A 960 159.64 -44.80 -61.12
CA MET A 960 160.73 -44.82 -60.17
C MET A 960 161.10 -43.43 -59.70
N MET A 961 161.70 -43.39 -58.51
CA MET A 961 162.22 -42.17 -57.90
C MET A 961 163.66 -41.95 -58.39
N SER A 962 164.37 -41.03 -57.74
CA SER A 962 165.77 -40.80 -58.09
C SER A 962 166.65 -41.98 -57.70
N ASN A 963 166.36 -42.58 -56.54
CA ASN A 963 167.21 -43.66 -56.04
C ASN A 963 167.14 -44.90 -56.94
N GLY A 964 165.94 -45.28 -57.37
CA GLY A 964 165.76 -46.44 -58.21
C GLY A 964 165.28 -47.69 -57.52
N TYR A 965 165.30 -47.72 -56.19
CA TYR A 965 164.82 -48.87 -55.45
C TYR A 965 163.30 -48.99 -55.55
N LYS A 966 162.77 -50.13 -55.12
CA LYS A 966 161.33 -50.37 -55.15
C LYS A 966 160.81 -50.49 -53.72
N PRO A 967 160.14 -49.48 -53.18
CA PRO A 967 159.49 -49.65 -51.87
C PRO A 967 158.45 -50.76 -51.93
N ALA A 968 158.32 -51.48 -50.82
CA ALA A 968 157.50 -52.69 -50.76
C ALA A 968 156.52 -52.63 -49.59
N PRO A 969 155.44 -51.85 -49.72
CA PRO A 969 154.34 -51.99 -48.77
C PRO A 969 153.55 -53.26 -49.03
N LEU A 970 152.69 -53.60 -48.08
CA LEU A 970 151.91 -54.82 -48.20
C LEU A 970 150.93 -54.75 -49.37
N ASP A 971 150.79 -55.87 -50.07
CA ASP A 971 149.77 -56.02 -51.09
C ASP A 971 148.47 -56.46 -50.42
N LEU A 972 147.43 -55.63 -50.52
CA LEU A 972 146.22 -55.84 -49.75
C LEU A 972 144.97 -55.82 -50.65
N SER A 973 145.08 -56.41 -51.84
CA SER A 973 143.94 -56.45 -52.74
C SER A 973 142.94 -57.52 -52.32
N HIS A 974 143.37 -58.49 -51.52
CA HIS A 974 142.51 -59.60 -51.13
C HIS A 974 141.68 -59.29 -49.89
N VAL A 975 141.85 -58.11 -49.29
CA VAL A 975 141.13 -57.79 -48.05
C VAL A 975 139.90 -56.97 -48.37
N ARG A 976 138.78 -57.28 -47.71
CA ARG A 976 137.53 -56.56 -47.87
C ARG A 976 137.09 -55.99 -46.54
N LEU A 977 136.14 -55.06 -46.58
CA LEU A 977 135.59 -54.44 -45.38
C LEU A 977 134.07 -54.45 -45.41
N THR A 978 133.47 -54.47 -44.23
CA THR A 978 132.04 -54.32 -44.08
C THR A 978 131.68 -52.83 -44.06
N PRO A 979 130.41 -52.49 -44.31
CA PRO A 979 129.99 -51.08 -44.18
C PRO A 979 130.21 -50.52 -42.78
N ALA A 980 130.03 -51.34 -41.74
CA ALA A 980 130.37 -50.90 -40.40
C ALA A 980 131.86 -50.62 -40.28
N GLN A 981 132.69 -51.42 -40.95
CA GLN A 981 134.11 -51.14 -40.99
C GLN A 981 134.40 -49.84 -41.73
N THR A 982 133.65 -49.54 -42.79
CA THR A 982 133.83 -48.26 -43.47
C THR A 982 133.48 -47.10 -42.56
N THR A 983 132.40 -47.24 -41.78
CA THR A 983 132.06 -46.20 -40.82
C THR A 983 133.14 -46.05 -39.75
N LEU A 984 133.72 -47.17 -39.32
CA LEU A 984 134.87 -47.12 -38.42
C LEU A 984 136.01 -46.35 -39.06
N VAL A 985 136.26 -46.59 -40.35
CA VAL A 985 137.29 -45.84 -41.07
C VAL A 985 137.00 -44.35 -41.03
N ASP A 986 135.74 -43.98 -41.28
CA ASP A 986 135.39 -42.56 -41.29
C ASP A 986 135.60 -41.92 -39.92
N ARG A 987 135.14 -42.58 -38.86
CA ARG A 987 135.31 -42.00 -37.53
C ARG A 987 136.78 -41.97 -37.14
N LEU A 988 137.57 -42.95 -37.56
CA LEU A 988 139.00 -42.92 -37.28
C LEU A 988 139.66 -41.74 -37.98
N ALA A 989 139.31 -41.50 -39.24
CA ALA A 989 139.86 -40.36 -39.96
C ALA A 989 139.47 -39.06 -39.27
N GLU A 990 138.21 -38.96 -38.85
CA GLU A 990 137.78 -37.78 -38.12
C GLU A 990 138.61 -37.56 -36.87
N ASN A 991 138.80 -38.61 -36.06
CA ASN A 991 139.50 -38.43 -34.80
C ASN A 991 140.98 -38.13 -35.04
N GLY A 992 141.58 -38.74 -36.05
CA GLY A 992 142.97 -38.43 -36.37
C GLY A 992 143.14 -37.00 -36.81
N HIS A 993 142.23 -36.51 -37.65
CA HIS A 993 142.29 -35.11 -38.04
C HIS A 993 142.12 -34.19 -36.84
N ASN A 994 141.21 -34.55 -35.93
CA ASN A 994 141.02 -33.72 -34.74
C ASN A 994 142.26 -33.72 -33.86
N VAL A 995 142.93 -34.86 -33.74
CA VAL A 995 144.16 -34.91 -32.95
C VAL A 995 145.22 -34.02 -33.57
N TRP A 996 145.42 -34.13 -34.88
CA TRP A 996 146.40 -33.28 -35.55
C TRP A 996 146.04 -31.81 -35.40
N ALA A 997 144.76 -31.49 -35.53
CA ALA A 997 144.32 -30.10 -35.42
C ALA A 997 144.60 -29.54 -34.04
N ARG A 998 144.26 -30.29 -32.99
CA ARG A 998 144.46 -29.76 -31.66
C ARG A 998 145.93 -29.67 -31.31
N ASP A 999 146.75 -30.59 -31.83
CA ASP A 999 148.19 -30.45 -31.63
C ASP A 999 148.72 -29.19 -32.30
N ARG A 1000 148.28 -28.92 -33.53
CA ARG A 1000 148.73 -27.72 -34.22
C ARG A 1000 148.26 -26.47 -33.49
N VAL A 1001 147.04 -26.50 -32.93
CA VAL A 1001 146.58 -25.36 -32.16
C VAL A 1001 147.45 -25.16 -30.93
N ALA A 1002 147.79 -26.26 -30.24
CA ALA A 1002 148.69 -26.16 -29.11
C ALA A 1002 150.04 -25.58 -29.51
N GLN A 1003 150.46 -25.80 -30.75
CA GLN A 1003 151.66 -25.16 -31.24
C GLN A 1003 151.43 -23.71 -31.69
N GLY A 1004 150.19 -23.26 -31.76
CA GLY A 1004 149.90 -21.87 -32.09
C GLY A 1004 149.36 -21.62 -33.48
N TRP A 1005 148.97 -22.67 -34.20
CA TRP A 1005 148.47 -22.50 -35.56
C TRP A 1005 147.01 -22.04 -35.55
N SER A 1006 146.54 -21.61 -36.71
CA SER A 1006 145.18 -21.12 -36.88
C SER A 1006 144.73 -21.32 -38.32
N TYR A 1007 143.43 -21.19 -38.53
CA TYR A 1007 142.88 -21.41 -39.86
C TYR A 1007 142.99 -20.15 -40.71
N SER A 1008 143.17 -20.35 -42.01
CA SER A 1008 143.23 -19.26 -42.96
C SER A 1008 142.99 -19.81 -44.35
N ALA A 1009 142.04 -19.19 -45.07
CA ALA A 1009 141.73 -19.65 -46.43
C ALA A 1009 142.96 -19.53 -47.32
N VAL A 1010 143.87 -18.62 -46.99
CA VAL A 1010 145.15 -18.51 -47.69
C VAL A 1010 146.24 -19.03 -46.76
N GLN A 1011 147.11 -19.89 -47.30
CA GLN A 1011 148.11 -20.54 -46.48
C GLN A 1011 149.29 -19.61 -46.23
N ASP A 1012 149.74 -19.55 -44.98
CA ASP A 1012 150.90 -18.73 -44.61
C ASP A 1012 151.71 -19.53 -43.59
N ILE A 1013 152.70 -20.26 -44.09
CA ILE A 1013 153.52 -21.10 -43.21
C ILE A 1013 154.30 -20.26 -42.19
N PRO A 1014 154.97 -19.16 -42.56
CA PRO A 1014 155.65 -18.37 -41.53
C PRO A 1014 154.71 -17.81 -40.47
N ALA A 1015 153.45 -17.57 -40.82
CA ALA A 1015 152.48 -17.06 -39.87
C ALA A 1015 151.69 -18.16 -39.16
N ARG A 1016 152.01 -19.43 -39.45
CA ARG A 1016 151.34 -20.58 -38.83
C ARG A 1016 149.85 -20.60 -39.15
N ARG A 1017 149.52 -20.34 -40.40
CA ARG A 1017 148.14 -20.36 -40.88
C ARG A 1017 147.98 -21.52 -41.84
N ASN A 1018 146.94 -22.33 -41.62
CA ASN A 1018 146.78 -23.55 -42.40
C ASN A 1018 145.34 -23.70 -42.86
N PRO A 1019 145.12 -23.84 -44.17
CA PRO A 1019 143.73 -23.96 -44.67
C PRO A 1019 143.00 -25.19 -44.16
N ARG A 1020 143.71 -26.23 -43.74
CA ARG A 1020 143.08 -27.41 -43.19
C ARG A 1020 142.92 -27.35 -41.68
N LEU A 1021 143.42 -26.30 -41.03
CA LEU A 1021 143.35 -26.20 -39.58
C LEU A 1021 141.91 -25.93 -39.16
N VAL A 1022 141.08 -26.94 -39.37
CA VAL A 1022 139.64 -26.85 -39.13
C VAL A 1022 139.11 -28.24 -38.86
N PRO A 1023 138.23 -28.36 -37.87
CA PRO A 1023 137.72 -29.68 -37.49
C PRO A 1023 137.13 -30.45 -38.66
N TYR A 1024 136.99 -31.76 -38.45
CA TYR A 1024 136.74 -32.65 -39.57
C TYR A 1024 135.41 -32.34 -40.25
N ARG A 1025 134.35 -32.15 -39.46
CA ARG A 1025 133.04 -31.96 -40.08
C ARG A 1025 132.98 -30.68 -40.90
N LEU A 1026 133.78 -29.67 -40.56
CA LEU A 1026 133.85 -28.47 -41.39
C LEU A 1026 134.92 -28.56 -42.47
N LEU A 1027 135.72 -29.61 -42.49
CA LEU A 1027 136.70 -29.77 -43.56
C LEU A 1027 136.01 -29.97 -44.90
N ASP A 1028 136.74 -29.72 -45.98
CA ASP A 1028 136.16 -29.88 -47.32
C ASP A 1028 136.18 -31.35 -47.74
N GLU A 1029 135.38 -31.64 -48.77
CA GLU A 1029 135.17 -33.03 -49.17
C GLU A 1029 136.45 -33.68 -49.71
N ALA A 1030 137.27 -32.94 -50.46
CA ALA A 1030 138.47 -33.53 -51.05
C ALA A 1030 139.43 -33.99 -49.96
N THR A 1031 139.77 -33.12 -49.03
CA THR A 1031 140.68 -33.50 -47.95
C THR A 1031 140.05 -34.53 -47.04
N LYS A 1032 138.73 -34.45 -46.85
CA LYS A 1032 138.04 -35.47 -46.07
C LYS A 1032 138.20 -36.84 -46.70
N ARG A 1033 138.06 -36.91 -48.03
CA ARG A 1033 138.23 -38.18 -48.74
C ARG A 1033 139.68 -38.65 -48.68
N SER A 1034 140.64 -37.71 -48.75
CA SER A 1034 142.04 -38.11 -48.66
C SER A 1034 142.35 -38.75 -47.30
N ASN A 1035 141.90 -38.10 -46.22
CA ASN A 1035 142.12 -38.67 -44.89
C ASN A 1035 141.36 -39.99 -44.73
N ARG A 1036 140.17 -40.07 -45.29
CA ARG A 1036 139.40 -41.32 -45.24
C ARG A 1036 140.14 -42.43 -45.95
N ASP A 1037 140.75 -42.14 -47.11
CA ASP A 1037 141.52 -43.14 -47.81
C ASP A 1037 142.74 -43.58 -47.00
N SER A 1038 143.42 -42.63 -46.35
CA SER A 1038 144.58 -42.98 -45.55
C SER A 1038 144.19 -43.92 -44.40
N LEU A 1039 143.14 -43.58 -43.67
CA LEU A 1039 142.69 -44.45 -42.59
C LEU A 1039 142.16 -45.77 -43.12
N CYS A 1040 141.54 -45.76 -44.30
CA CYS A 1040 141.06 -47.00 -44.91
C CYS A 1040 142.22 -47.92 -45.25
N GLN A 1041 143.33 -47.36 -45.74
CA GLN A 1041 144.51 -48.18 -45.99
C GLN A 1041 145.12 -48.69 -44.69
N ALA A 1042 145.09 -47.88 -43.63
CA ALA A 1042 145.57 -48.36 -42.33
C ALA A 1042 144.73 -49.55 -41.85
N VAL A 1043 143.41 -49.44 -41.96
CA VAL A 1043 142.52 -50.54 -41.60
C VAL A 1043 142.76 -51.74 -42.53
N ARG A 1044 143.05 -51.46 -43.79
CA ARG A 1044 143.42 -52.51 -44.73
C ARG A 1044 144.62 -53.30 -44.22
N THR A 1045 145.66 -52.59 -43.78
CA THR A 1045 146.85 -53.26 -43.25
C THR A 1045 146.51 -54.07 -42.00
N LEU A 1046 145.72 -53.48 -41.09
CA LEU A 1046 145.36 -54.19 -39.87
C LEU A 1046 144.60 -55.48 -40.17
N LEU A 1047 143.68 -55.43 -41.14
CA LEU A 1047 142.96 -56.64 -41.53
C LEU A 1047 143.87 -57.61 -42.28
N GLY A 1048 144.78 -57.08 -43.10
CA GLY A 1048 145.67 -57.94 -43.87
C GLY A 1048 146.60 -58.75 -43.01
N TYR A 1049 146.97 -58.21 -41.85
CA TYR A 1049 147.64 -59.05 -40.87
C TYR A 1049 146.69 -60.07 -40.24
N GLY A 1050 145.40 -60.03 -40.59
CA GLY A 1050 144.47 -61.04 -40.13
C GLY A 1050 143.86 -60.79 -38.77
N TYR A 1051 144.10 -59.62 -38.19
CA TYR A 1051 143.66 -59.34 -36.82
C TYR A 1051 142.17 -59.01 -36.81
N ASN A 1052 141.44 -59.63 -35.88
CA ASN A 1052 140.00 -59.43 -35.81
C ASN A 1052 139.68 -58.00 -35.42
N ILE A 1053 138.78 -57.37 -36.18
CA ILE A 1053 138.33 -56.00 -35.92
C ILE A 1053 136.83 -56.03 -35.75
N GLU A 1054 136.36 -55.63 -34.57
CA GLU A 1054 134.93 -55.63 -34.28
C GLU A 1054 134.40 -54.21 -34.38
N PRO A 1055 133.48 -53.93 -35.30
CA PRO A 1055 132.88 -52.59 -35.34
C PRO A 1055 132.02 -52.35 -34.11
N PRO A 1056 132.24 -51.23 -33.41
CA PRO A 1056 131.44 -50.96 -32.21
C PRO A 1056 129.98 -50.72 -32.57
N ASP A 1057 129.11 -51.13 -31.65
CA ASP A 1057 127.68 -50.82 -31.76
C ASP A 1057 127.51 -49.31 -31.61
N GLN A 1058 127.00 -48.68 -32.65
CA GLN A 1058 126.91 -47.22 -32.66
C GLN A 1058 125.91 -46.72 -31.62
N GLU A 1059 126.29 -45.66 -30.92
CA GLU A 1059 125.43 -45.05 -29.91
C GLU A 1059 124.89 -43.73 -30.43
N PRO A 1060 123.59 -43.64 -30.71
CA PRO A 1060 123.03 -42.39 -31.24
C PRO A 1060 123.06 -41.28 -30.20
N SER A 1061 123.21 -40.05 -30.69
CA SER A 1061 123.17 -38.87 -29.83
C SER A 1061 122.56 -37.72 -30.62
N GLN A 1062 121.92 -36.81 -29.88
CA GLN A 1062 121.31 -35.62 -30.47
C GLN A 1062 122.07 -34.40 -29.96
N VAL A 1063 122.63 -33.63 -30.89
CA VAL A 1063 123.50 -32.52 -30.51
C VAL A 1063 122.70 -31.39 -29.87
N GLU A 1064 121.52 -31.08 -30.42
CA GLU A 1064 120.78 -29.88 -30.06
C GLU A 1064 121.67 -28.65 -30.17
N ASN A 1065 122.13 -28.40 -31.40
CA ASN A 1065 123.09 -27.33 -31.65
C ASN A 1065 122.53 -25.97 -31.25
N GLN A 1066 121.26 -25.73 -31.54
CA GLN A 1066 120.59 -24.49 -31.16
C GLN A 1066 119.52 -24.77 -30.11
N SER A 1067 118.73 -23.74 -29.83
CA SER A 1067 117.75 -23.79 -28.75
C SER A 1067 116.55 -24.67 -29.12
N ARG A 1068 115.59 -24.74 -28.21
CA ARG A 1068 114.42 -25.59 -28.41
C ARG A 1068 113.35 -24.92 -29.27
N TRP A 1069 113.04 -23.66 -29.00
CA TRP A 1069 111.92 -23.00 -29.67
C TRP A 1069 112.23 -22.62 -31.12
N ASP A 1070 113.49 -22.31 -31.43
CA ASP A 1070 113.85 -22.00 -32.81
C ASP A 1070 114.05 -23.29 -33.60
N ARG A 1071 113.05 -24.15 -33.59
CA ARG A 1071 113.02 -25.35 -34.43
C ARG A 1071 111.93 -25.29 -35.48
N VAL A 1072 110.78 -24.73 -35.15
CA VAL A 1072 109.63 -24.67 -36.04
C VAL A 1072 109.20 -23.23 -36.16
N ARG A 1073 108.95 -22.78 -37.39
CA ARG A 1073 108.41 -21.46 -37.67
C ARG A 1073 107.05 -21.62 -38.33
N ILE A 1074 106.01 -21.19 -37.64
CA ILE A 1074 104.62 -21.42 -38.05
C ILE A 1074 104.11 -20.20 -38.78
N PHE A 1075 103.55 -20.42 -39.97
CA PHE A 1075 102.95 -19.36 -40.77
C PHE A 1075 101.46 -19.63 -40.94
N ARG A 1076 100.63 -18.66 -40.61
CA ARG A 1076 99.19 -18.83 -40.77
C ARG A 1076 98.57 -17.53 -41.27
N ALA A 1077 97.40 -17.67 -41.87
CA ALA A 1077 96.68 -16.51 -42.35
C ALA A 1077 96.10 -15.72 -41.17
N GLU A 1078 95.80 -14.46 -41.44
CA GLU A 1078 95.22 -13.60 -40.42
C GLU A 1078 93.85 -14.13 -40.00
N LYS A 1079 93.54 -13.96 -38.72
CA LYS A 1079 92.30 -14.49 -38.17
C LYS A 1079 91.07 -13.96 -38.89
N SER A 1080 91.17 -12.79 -39.51
CA SER A 1080 90.03 -12.23 -40.23
C SER A 1080 89.65 -13.06 -41.44
N TYR A 1081 90.51 -13.97 -41.89
CA TYR A 1081 90.24 -14.83 -43.02
C TYR A 1081 89.64 -16.16 -42.63
N THR A 1082 89.15 -16.29 -41.40
CA THR A 1082 88.60 -17.55 -40.95
C THR A 1082 87.40 -17.92 -41.79
N VAL A 1083 87.32 -19.20 -42.18
CA VAL A 1083 86.21 -19.72 -42.97
C VAL A 1083 85.41 -20.66 -42.08
N GLN A 1084 84.08 -20.52 -42.13
CA GLN A 1084 83.19 -21.37 -41.37
C GLN A 1084 82.20 -22.12 -42.24
N SER A 1085 82.29 -22.00 -43.55
CA SER A 1085 81.45 -22.75 -44.47
C SER A 1085 82.13 -22.78 -45.83
N GLY A 1086 81.54 -23.54 -46.74
CA GLY A 1086 82.07 -23.63 -48.08
C GLY A 1086 83.15 -24.69 -48.20
N ARG A 1087 83.73 -24.74 -49.38
CA ARG A 1087 84.79 -25.70 -49.69
C ARG A 1087 85.99 -24.94 -50.25
N TRP A 1088 87.17 -25.18 -49.65
CA TRP A 1088 88.34 -24.38 -49.93
C TRP A 1088 89.52 -25.26 -50.26
N TYR A 1089 90.46 -24.67 -51.01
CA TYR A 1089 91.61 -25.37 -51.55
C TYR A 1089 92.79 -24.42 -51.58
N PHE A 1090 93.95 -24.91 -51.17
CA PHE A 1090 95.19 -24.18 -51.38
C PHE A 1090 96.32 -25.19 -51.51
N GLU A 1091 97.44 -24.74 -52.06
CA GLU A 1091 98.55 -25.60 -52.37
C GLU A 1091 99.78 -25.18 -51.58
N PHE A 1092 100.62 -26.17 -51.29
CA PHE A 1092 101.88 -25.95 -50.58
C PHE A 1092 102.95 -26.76 -51.26
N GLU A 1093 103.94 -26.09 -51.84
CA GLU A 1093 105.03 -26.75 -52.53
C GLU A 1093 106.20 -26.96 -51.59
N ALA A 1094 106.69 -28.20 -51.53
CA ALA A 1094 107.83 -28.54 -50.71
C ALA A 1094 109.08 -28.34 -51.55
N VAL A 1095 109.73 -27.19 -51.38
CA VAL A 1095 110.98 -26.94 -52.09
C VAL A 1095 112.10 -27.81 -51.54
N THR A 1096 112.19 -27.93 -50.23
CA THR A 1096 113.02 -28.94 -49.60
C THR A 1096 112.16 -30.16 -49.28
N THR A 1097 112.75 -31.11 -48.55
CA THR A 1097 112.06 -32.35 -48.24
C THR A 1097 112.04 -32.65 -46.74
N GLY A 1098 112.51 -31.75 -45.90
CA GLY A 1098 112.63 -31.99 -44.49
C GLY A 1098 111.31 -31.92 -43.76
N GLU A 1099 111.38 -31.55 -42.49
CA GLU A 1099 110.22 -31.53 -41.60
C GLU A 1099 109.41 -30.26 -41.87
N MET A 1100 108.33 -30.40 -42.62
CA MET A 1100 107.38 -29.32 -42.83
C MET A 1100 105.98 -29.89 -42.75
N ARG A 1101 105.07 -29.13 -42.16
CA ARG A 1101 103.69 -29.53 -42.01
C ARG A 1101 102.79 -28.47 -42.61
N VAL A 1102 101.64 -28.89 -43.15
CA VAL A 1102 100.71 -27.98 -43.79
C VAL A 1102 99.30 -28.51 -43.57
N GLY A 1103 98.35 -27.60 -43.41
CA GLY A 1103 96.99 -27.99 -43.15
C GLY A 1103 96.15 -26.86 -42.66
N TRP A 1104 95.15 -27.16 -41.84
CA TRP A 1104 94.18 -26.19 -41.38
C TRP A 1104 94.25 -26.05 -39.88
N ALA A 1105 94.19 -24.81 -39.40
CA ALA A 1105 94.39 -24.51 -37.99
C ALA A 1105 93.28 -23.61 -37.50
N ARG A 1106 92.92 -23.77 -36.25
CA ARG A 1106 91.93 -22.93 -35.63
C ARG A 1106 92.52 -21.57 -35.28
N PRO A 1107 91.68 -20.53 -35.23
CA PRO A 1107 92.21 -19.18 -34.99
C PRO A 1107 92.97 -19.02 -33.70
N GLU A 1108 92.62 -19.77 -32.66
CA GLU A 1108 93.29 -19.65 -31.38
C GLU A 1108 94.53 -20.50 -31.31
N LEU A 1109 95.14 -20.81 -32.45
CA LEU A 1109 96.34 -21.63 -32.48
C LEU A 1109 97.44 -21.02 -31.62
N ARG A 1110 98.11 -21.84 -30.90
CA ARG A 1110 99.17 -21.42 -29.99
C ARG A 1110 100.51 -21.43 -30.71
N PRO A 1111 101.35 -20.42 -30.53
CA PRO A 1111 102.54 -20.30 -31.39
C PRO A 1111 103.72 -21.16 -30.95
N ASP A 1112 103.71 -21.70 -29.74
CA ASP A 1112 104.84 -22.47 -29.25
C ASP A 1112 104.58 -23.96 -29.20
N VAL A 1113 103.54 -24.44 -29.89
CA VAL A 1113 103.19 -25.85 -29.92
C VAL A 1113 103.38 -26.35 -31.35
N GLU A 1114 104.01 -27.52 -31.49
CA GLU A 1114 104.13 -28.13 -32.81
C GLU A 1114 102.75 -28.36 -33.41
N LEU A 1115 102.62 -28.11 -34.70
CA LEU A 1115 101.33 -28.24 -35.36
C LEU A 1115 100.80 -29.66 -35.22
N GLY A 1116 99.55 -29.77 -34.82
CA GLY A 1116 98.90 -31.05 -34.69
C GLY A 1116 99.15 -31.76 -33.38
N ALA A 1117 100.12 -31.32 -32.59
CA ALA A 1117 100.35 -31.95 -31.29
C ALA A 1117 99.21 -31.68 -30.34
N ASP A 1118 98.36 -30.71 -30.65
CA ASP A 1118 97.16 -30.46 -29.86
C ASP A 1118 95.95 -30.42 -30.79
N GLU A 1119 94.80 -30.00 -30.28
CA GLU A 1119 93.56 -30.06 -31.01
C GLU A 1119 93.27 -28.81 -31.84
N LEU A 1120 94.27 -27.96 -32.06
CA LEU A 1120 94.08 -26.71 -32.77
C LEU A 1120 94.56 -26.75 -34.21
N ALA A 1121 94.91 -27.92 -34.74
CA ALA A 1121 95.37 -28.01 -36.11
C ALA A 1121 95.15 -29.41 -36.65
N TYR A 1122 94.96 -29.50 -37.96
CA TYR A 1122 94.85 -30.76 -38.69
C TYR A 1122 95.83 -30.66 -39.85
N VAL A 1123 97.07 -31.05 -39.63
CA VAL A 1123 98.13 -30.83 -40.60
C VAL A 1123 98.65 -32.17 -41.11
N PHE A 1124 99.39 -32.10 -42.20
CA PHE A 1124 99.98 -33.27 -42.84
C PHE A 1124 101.49 -33.09 -42.90
N ASN A 1125 102.21 -34.00 -42.27
CA ASN A 1125 103.67 -34.00 -42.29
C ASN A 1125 104.12 -34.83 -43.48
N GLY A 1126 104.84 -34.21 -44.39
CA GLY A 1126 105.27 -34.91 -45.57
C GLY A 1126 106.66 -35.49 -45.53
N HIS A 1127 107.41 -35.26 -44.46
CA HIS A 1127 108.75 -35.84 -44.38
C HIS A 1127 108.68 -37.35 -44.29
N ARG A 1128 107.83 -37.87 -43.40
CA ARG A 1128 107.70 -39.31 -43.20
C ARG A 1128 106.27 -39.79 -43.43
N GLY A 1129 105.38 -38.91 -43.85
CA GLY A 1129 104.03 -39.31 -44.21
C GLY A 1129 103.13 -39.60 -43.03
N GLN A 1130 102.80 -38.56 -42.27
CA GLN A 1130 101.90 -38.70 -41.13
C GLN A 1130 100.89 -37.57 -41.15
N ARG A 1131 99.81 -37.74 -40.40
CA ARG A 1131 98.80 -36.72 -40.20
C ARG A 1131 98.72 -36.41 -38.71
N TRP A 1132 98.61 -35.13 -38.38
CA TRP A 1132 98.77 -34.69 -37.00
C TRP A 1132 97.50 -34.01 -36.53
N HIS A 1133 96.86 -34.61 -35.53
CA HIS A 1133 95.84 -33.94 -34.75
C HIS A 1133 95.75 -34.68 -33.43
N LEU A 1134 96.12 -34.02 -32.34
CA LEU A 1134 96.24 -34.66 -31.03
C LEU A 1134 97.17 -35.87 -31.10
N GLY A 1135 98.22 -35.74 -31.87
CA GLY A 1135 99.17 -36.82 -32.07
C GLY A 1135 99.29 -37.19 -33.53
N SER A 1136 100.13 -38.19 -33.78
CA SER A 1136 100.48 -38.59 -35.13
C SER A 1136 99.97 -39.98 -35.43
N GLU A 1137 99.59 -40.20 -36.68
CA GLU A 1137 99.30 -41.52 -37.22
C GLU A 1137 99.69 -41.52 -38.70
N PRO A 1138 100.18 -42.65 -39.21
CA PRO A 1138 100.68 -42.68 -40.59
C PRO A 1138 99.59 -42.35 -41.60
N PHE A 1139 100.00 -41.73 -42.70
CA PHE A 1139 99.07 -41.28 -43.72
C PHE A 1139 99.85 -40.89 -44.96
N GLY A 1140 99.43 -41.37 -46.11
CA GLY A 1140 100.03 -40.93 -47.34
C GLY A 1140 101.46 -41.42 -47.50
N ARG A 1141 102.21 -40.70 -48.32
CA ARG A 1141 103.58 -41.04 -48.63
C ARG A 1141 104.47 -39.81 -48.51
N PRO A 1142 105.76 -40.00 -48.23
CA PRO A 1142 106.66 -38.85 -48.16
C PRO A 1142 106.81 -38.19 -49.52
N TRP A 1143 107.06 -36.89 -49.48
CA TRP A 1143 107.18 -36.09 -50.69
C TRP A 1143 108.64 -36.00 -51.13
N GLN A 1144 108.84 -35.37 -52.29
CA GLN A 1144 110.16 -35.09 -52.80
C GLN A 1144 110.23 -33.61 -53.12
N SER A 1145 111.41 -33.14 -53.49
CA SER A 1145 111.59 -31.75 -53.84
C SER A 1145 110.70 -31.40 -55.02
N GLY A 1146 109.93 -30.32 -54.89
CA GLY A 1146 109.04 -29.89 -55.94
C GLY A 1146 107.66 -30.48 -55.91
N ASP A 1147 107.38 -31.40 -54.98
CA ASP A 1147 106.04 -31.94 -54.86
C ASP A 1147 105.11 -30.88 -54.32
N VAL A 1148 103.87 -30.89 -54.80
CA VAL A 1148 102.88 -29.88 -54.44
C VAL A 1148 101.77 -30.55 -53.66
N VAL A 1149 101.51 -30.06 -52.45
CA VAL A 1149 100.48 -30.59 -51.58
C VAL A 1149 99.27 -29.68 -51.69
N GLY A 1150 98.13 -30.25 -52.06
CA GLY A 1150 96.89 -29.51 -52.08
C GLY A 1150 96.08 -29.81 -50.85
N CYS A 1151 95.69 -28.78 -50.12
CA CYS A 1151 94.91 -28.98 -48.90
C CYS A 1151 93.47 -28.54 -49.17
N MET A 1152 92.55 -29.46 -48.97
CA MET A 1152 91.13 -29.22 -49.19
C MET A 1152 90.40 -29.30 -47.87
N ILE A 1153 89.46 -28.39 -47.65
CA ILE A 1153 88.55 -28.49 -46.53
C ILE A 1153 87.13 -28.36 -47.06
N ASP A 1154 86.25 -29.23 -46.58
CA ASP A 1154 84.85 -29.28 -46.98
C ASP A 1154 84.04 -29.11 -45.71
N LEU A 1155 83.56 -27.90 -45.48
CA LEU A 1155 82.83 -27.59 -44.26
C LEU A 1155 81.36 -27.99 -44.32
N THR A 1156 80.90 -28.49 -45.46
CA THR A 1156 79.59 -29.12 -45.54
C THR A 1156 79.62 -30.58 -45.10
N GLU A 1157 80.66 -31.31 -45.51
CA GLU A 1157 80.83 -32.70 -45.13
C GLU A 1157 81.73 -32.89 -43.91
N ASN A 1158 82.41 -31.85 -43.46
CA ASN A 1158 83.29 -31.90 -42.29
C ASN A 1158 84.41 -32.92 -42.49
N THR A 1159 85.17 -32.75 -43.56
CA THR A 1159 86.29 -33.63 -43.87
C THR A 1159 87.46 -32.81 -44.37
N ILE A 1160 88.65 -33.41 -44.33
CA ILE A 1160 89.86 -32.80 -44.85
C ILE A 1160 90.54 -33.78 -45.78
N ILE A 1161 90.94 -33.29 -46.95
CA ILE A 1161 91.54 -34.12 -48.00
C ILE A 1161 92.88 -33.50 -48.37
N PHE A 1162 93.89 -34.34 -48.53
CA PHE A 1162 95.20 -33.91 -48.99
C PHE A 1162 95.53 -34.61 -50.30
N THR A 1163 96.07 -33.86 -51.26
CA THR A 1163 96.53 -34.40 -52.53
C THR A 1163 97.98 -34.05 -52.74
N LEU A 1164 98.74 -35.01 -53.26
CA LEU A 1164 100.15 -34.84 -53.56
C LEU A 1164 100.34 -34.99 -55.07
N ASN A 1165 100.72 -33.89 -55.72
CA ASN A 1165 100.86 -33.87 -57.18
C ASN A 1165 99.60 -34.33 -57.89
N GLY A 1166 98.45 -33.89 -57.40
CA GLY A 1166 97.18 -34.22 -58.00
C GLY A 1166 96.65 -35.59 -57.67
N GLU A 1167 97.32 -36.34 -56.81
CA GLU A 1167 96.88 -37.66 -56.40
C GLU A 1167 96.42 -37.60 -54.96
N VAL A 1168 95.20 -38.07 -54.70
CA VAL A 1168 94.65 -37.99 -53.36
C VAL A 1168 95.38 -38.96 -52.45
N LEU A 1169 95.83 -38.46 -51.31
CA LEU A 1169 96.50 -39.30 -50.33
C LEU A 1169 95.48 -40.06 -49.49
N MET A 1170 95.81 -41.30 -49.19
CA MET A 1170 94.90 -42.20 -48.48
C MET A 1170 95.62 -42.78 -47.27
N SER A 1171 94.84 -43.20 -46.28
CA SER A 1171 95.39 -43.78 -45.07
C SER A 1171 95.79 -45.22 -45.34
N ASP A 1172 96.12 -45.96 -44.28
CA ASP A 1172 96.44 -47.37 -44.42
C ASP A 1172 95.13 -48.17 -44.46
N SER A 1173 94.17 -47.66 -45.20
CA SER A 1173 92.84 -48.24 -45.37
C SER A 1173 92.21 -47.54 -46.55
N GLY A 1174 90.93 -47.81 -46.79
CA GLY A 1174 90.30 -47.19 -47.94
C GLY A 1174 89.93 -45.74 -47.75
N SER A 1175 90.29 -45.15 -46.62
CA SER A 1175 89.85 -43.79 -46.29
C SER A 1175 90.50 -42.79 -47.22
N GLU A 1176 89.68 -42.06 -47.96
CA GLU A 1176 90.15 -41.01 -48.85
C GLU A 1176 90.11 -39.64 -48.18
N THR A 1177 89.70 -39.56 -46.92
CA THR A 1177 89.66 -38.32 -46.17
C THR A 1177 90.64 -38.39 -45.01
N ALA A 1178 91.48 -37.36 -44.90
CA ALA A 1178 92.47 -37.34 -43.83
C ALA A 1178 91.80 -37.27 -42.46
N PHE A 1179 90.76 -36.45 -42.33
CA PHE A 1179 90.05 -36.31 -41.08
C PHE A 1179 88.56 -36.25 -41.37
N ARG A 1180 87.77 -36.68 -40.40
CA ARG A 1180 86.32 -36.75 -40.56
C ARG A 1180 85.66 -36.17 -39.32
N GLU A 1181 84.40 -35.77 -39.49
CA GLU A 1181 83.57 -35.31 -38.37
C GLU A 1181 84.25 -34.19 -37.60
N ILE A 1182 84.87 -33.27 -38.32
CA ILE A 1182 85.52 -32.12 -37.68
C ILE A 1182 84.45 -31.08 -37.37
N GLU A 1183 84.39 -30.66 -36.11
CA GLU A 1183 83.43 -29.64 -35.71
C GLU A 1183 83.89 -28.27 -36.22
N ILE A 1184 82.97 -27.55 -36.86
CA ILE A 1184 83.30 -26.25 -37.41
C ILE A 1184 83.70 -25.30 -36.29
N GLY A 1185 82.78 -25.05 -35.37
CA GLY A 1185 83.11 -24.22 -34.22
C GLY A 1185 83.52 -22.83 -34.65
N ASP A 1186 84.75 -22.45 -34.29
CA ASP A 1186 85.20 -21.09 -34.54
C ASP A 1186 85.59 -20.88 -36.00
N GLY A 1187 86.15 -21.89 -36.65
CA GLY A 1187 86.50 -21.82 -38.04
C GLY A 1187 87.89 -22.36 -38.27
N PHE A 1188 88.38 -22.21 -39.50
CA PHE A 1188 89.66 -22.77 -39.87
C PHE A 1188 90.47 -21.78 -40.71
N LEU A 1189 91.78 -21.87 -40.57
CA LEU A 1189 92.74 -21.06 -41.27
C LEU A 1189 93.82 -21.94 -41.88
N PRO A 1190 94.28 -21.63 -43.08
CA PRO A 1190 95.45 -22.34 -43.61
C PRO A 1190 96.68 -22.05 -42.77
N VAL A 1191 97.50 -23.07 -42.59
CA VAL A 1191 98.66 -22.98 -41.71
C VAL A 1191 99.75 -23.84 -42.28
N CYS A 1192 100.99 -23.46 -42.02
CA CYS A 1192 102.13 -24.28 -42.39
C CYS A 1192 103.25 -24.00 -41.41
N SER A 1193 104.09 -25.00 -41.19
CA SER A 1193 105.26 -24.85 -40.36
C SER A 1193 106.47 -25.31 -41.14
N LEU A 1194 107.58 -24.60 -40.97
CA LEU A 1194 108.84 -24.99 -41.57
C LEU A 1194 109.85 -25.23 -40.47
N GLY A 1195 110.59 -26.32 -40.57
CA GLY A 1195 111.62 -26.64 -39.63
C GLY A 1195 112.91 -25.95 -40.00
N PRO A 1196 113.99 -26.31 -39.33
CA PRO A 1196 115.28 -25.64 -39.59
C PRO A 1196 115.78 -25.95 -40.98
N GLY A 1197 116.21 -24.90 -41.68
CA GLY A 1197 116.75 -25.06 -43.02
C GLY A 1197 115.75 -25.48 -44.07
N GLN A 1198 114.46 -25.30 -43.81
CA GLN A 1198 113.42 -25.73 -44.72
C GLN A 1198 112.88 -24.55 -45.50
N VAL A 1199 112.57 -24.79 -46.77
CA VAL A 1199 112.00 -23.79 -47.65
C VAL A 1199 110.72 -24.36 -48.24
N GLY A 1200 109.66 -23.56 -48.23
CA GLY A 1200 108.39 -23.99 -48.77
C GLY A 1200 107.70 -22.84 -49.47
N HIS A 1201 106.81 -23.18 -50.38
CA HIS A 1201 106.04 -22.21 -51.13
C HIS A 1201 104.56 -22.43 -50.86
N LEU A 1202 103.87 -21.38 -50.42
CA LEU A 1202 102.47 -21.46 -50.08
C LEU A 1202 101.66 -20.64 -51.07
N ASN A 1203 100.70 -21.26 -51.73
CA ASN A 1203 99.90 -20.63 -52.76
C ASN A 1203 98.44 -20.71 -52.35
N LEU A 1204 97.85 -19.57 -52.03
CA LEU A 1204 96.47 -19.53 -51.56
C LEU A 1204 95.47 -19.29 -52.68
N GLY A 1205 95.92 -19.29 -53.93
CA GLY A 1205 95.00 -19.23 -55.04
C GLY A 1205 94.39 -17.88 -55.33
N GLN A 1206 95.11 -16.80 -55.05
CA GLN A 1206 94.64 -15.49 -55.50
C GLN A 1206 94.62 -15.43 -57.01
N ASP A 1207 95.65 -15.95 -57.65
CA ASP A 1207 95.69 -16.12 -59.10
C ASP A 1207 95.44 -17.58 -59.39
N VAL A 1208 94.22 -17.89 -59.85
CA VAL A 1208 93.83 -19.28 -60.03
C VAL A 1208 94.73 -19.97 -61.04
N SER A 1209 95.16 -19.26 -62.09
CA SER A 1209 96.01 -19.87 -63.10
C SER A 1209 97.38 -20.24 -62.54
N SER A 1210 97.76 -19.69 -61.39
CA SER A 1210 99.04 -20.03 -60.80
C SER A 1210 99.04 -21.39 -60.15
N LEU A 1211 97.88 -21.90 -59.76
CA LEU A 1211 97.81 -23.23 -59.15
C LEU A 1211 98.19 -24.30 -60.16
N ARG A 1212 98.82 -25.36 -59.68
CA ARG A 1212 99.38 -26.37 -60.55
C ARG A 1212 98.55 -27.65 -60.64
N PHE A 1213 97.68 -27.90 -59.67
CA PHE A 1213 96.90 -29.13 -59.64
C PHE A 1213 95.45 -28.88 -59.23
N PHE A 1214 94.96 -27.65 -59.35
CA PHE A 1214 93.60 -27.36 -58.93
C PHE A 1214 92.59 -27.96 -59.89
N ALA A 1215 92.87 -27.89 -61.19
CA ALA A 1215 91.99 -28.51 -62.17
C ALA A 1215 92.03 -30.02 -62.07
N ILE A 1216 93.21 -30.58 -61.82
CA ILE A 1216 93.35 -32.02 -61.75
C ILE A 1216 92.55 -32.61 -60.60
N CYS A 1217 92.63 -32.00 -59.43
CA CYS A 1217 91.89 -32.51 -58.28
C CYS A 1217 91.48 -31.34 -57.40
N GLY A 1218 90.19 -31.02 -57.41
CA GLY A 1218 89.68 -29.97 -56.56
C GLY A 1218 88.71 -29.07 -57.29
N LEU A 1219 88.93 -28.84 -58.58
CA LEU A 1219 88.05 -27.94 -59.33
C LEU A 1219 86.70 -28.59 -59.56
N GLN A 1220 86.69 -29.82 -60.05
CA GLN A 1220 85.43 -30.48 -60.39
C GLN A 1220 84.65 -30.91 -59.15
N GLU A 1221 85.35 -31.22 -58.07
CA GLU A 1221 84.68 -31.59 -56.83
C GLU A 1221 83.94 -30.41 -56.21
N GLY A 1222 84.15 -29.20 -56.71
CA GLY A 1222 83.44 -28.05 -56.21
C GLY A 1222 84.21 -27.18 -55.24
N PHE A 1223 85.49 -27.45 -55.03
CA PHE A 1223 86.27 -26.64 -54.11
C PHE A 1223 86.66 -25.33 -54.77
N GLU A 1224 87.05 -24.37 -53.95
CA GLU A 1224 87.46 -23.06 -54.41
C GLU A 1224 88.81 -22.70 -53.81
N PRO A 1225 89.61 -21.93 -54.53
CA PRO A 1225 90.86 -21.43 -53.94
C PRO A 1225 90.55 -20.53 -52.77
N PHE A 1226 91.45 -20.56 -51.78
CA PHE A 1226 91.16 -19.88 -50.52
C PHE A 1226 91.01 -18.38 -50.69
N ALA A 1227 91.67 -17.80 -51.68
CA ALA A 1227 91.70 -16.35 -51.87
C ALA A 1227 91.25 -15.98 -53.27
N ILE A 1228 90.16 -16.59 -53.74
CA ILE A 1228 89.86 -16.54 -55.16
C ILE A 1228 89.46 -15.14 -55.59
N ASN A 1229 88.56 -14.48 -54.84
CA ASN A 1229 88.17 -13.11 -55.15
C ASN A 1229 88.67 -12.21 -54.03
N MET A 1230 89.94 -11.86 -54.11
CA MET A 1230 90.59 -11.00 -53.13
C MET A 1230 91.59 -10.15 -53.89
N GLN A 1231 91.63 -8.86 -53.57
CA GLN A 1231 92.55 -7.95 -54.25
CA GLN A 1231 92.55 -7.96 -54.25
C GLN A 1231 93.95 -8.05 -53.67
N ARG A 1232 94.09 -7.68 -52.43
CA ARG A 1232 95.40 -7.76 -51.84
C ARG A 1232 95.69 -9.20 -51.43
N PRO A 1233 96.96 -9.61 -51.47
CA PRO A 1233 97.30 -10.96 -51.02
C PRO A 1233 96.98 -11.13 -49.55
N VAL A 1234 96.70 -12.38 -49.17
CA VAL A 1234 96.32 -12.65 -47.80
C VAL A 1234 97.45 -12.25 -46.85
N THR A 1235 97.11 -11.47 -45.84
CA THR A 1235 98.06 -11.17 -44.78
C THR A 1235 98.36 -12.44 -44.00
N THR A 1236 99.63 -12.68 -43.73
CA THR A 1236 100.05 -13.84 -42.95
C THR A 1236 100.73 -13.39 -41.67
N TRP A 1237 100.59 -14.20 -40.64
CA TRP A 1237 101.27 -14.03 -39.37
C TRP A 1237 102.19 -15.21 -39.15
N PHE A 1238 103.34 -14.95 -38.53
CA PHE A 1238 104.30 -16.00 -38.26
C PHE A 1238 104.68 -15.98 -36.79
N SER A 1239 105.20 -17.11 -36.31
CA SER A 1239 105.58 -17.25 -34.92
C SER A 1239 106.98 -16.69 -34.74
N LYS A 1240 107.08 -15.52 -34.13
CA LYS A 1240 108.36 -14.87 -33.93
C LYS A 1240 108.98 -15.38 -32.64
N SER A 1241 110.16 -15.96 -32.74
CA SER A 1241 110.86 -16.53 -31.59
C SER A 1241 111.75 -15.50 -30.92
N LEU A 1242 111.15 -14.38 -30.54
CA LEU A 1242 111.82 -13.40 -29.69
C LEU A 1242 111.10 -13.39 -28.36
N PRO A 1243 111.75 -13.79 -27.26
CA PRO A 1243 111.06 -13.82 -25.98
C PRO A 1243 110.55 -12.44 -25.59
N GLN A 1244 109.34 -12.41 -25.05
CA GLN A 1244 108.68 -11.20 -24.65
C GLN A 1244 108.03 -11.44 -23.29
N PHE A 1245 107.85 -10.37 -22.53
CA PHE A 1245 107.19 -10.46 -21.24
C PHE A 1245 105.70 -10.28 -21.42
N GLU A 1246 104.93 -11.19 -20.84
CA GLU A 1246 103.47 -11.15 -20.92
C GLU A 1246 102.88 -11.48 -19.56
N PRO A 1247 101.66 -11.03 -19.29
CA PRO A 1247 101.05 -11.32 -17.99
C PRO A 1247 100.87 -12.80 -17.78
N VAL A 1248 100.96 -13.22 -16.52
CA VAL A 1248 100.72 -14.63 -16.19
C VAL A 1248 99.25 -14.91 -16.42
N PRO A 1249 98.90 -15.85 -17.30
CA PRO A 1249 97.49 -16.13 -17.55
C PRO A 1249 96.81 -16.59 -16.28
N PRO A 1250 95.59 -16.16 -16.04
CA PRO A 1250 94.91 -16.54 -14.79
C PRO A 1250 94.66 -18.03 -14.69
N GLU A 1251 94.65 -18.74 -15.81
CA GLU A 1251 94.36 -20.16 -15.85
C GLU A 1251 95.60 -20.98 -16.19
N HIS A 1252 96.77 -20.45 -15.88
CA HIS A 1252 98.00 -21.18 -16.17
C HIS A 1252 98.01 -22.47 -15.36
N PRO A 1253 98.31 -23.60 -15.97
CA PRO A 1253 98.25 -24.86 -15.22
C PRO A 1253 99.21 -24.94 -14.06
N HIS A 1254 100.37 -24.31 -14.16
CA HIS A 1254 101.44 -24.54 -13.19
C HIS A 1254 101.69 -23.37 -12.24
N TYR A 1255 101.49 -22.13 -12.67
CA TYR A 1255 101.89 -20.97 -11.91
C TYR A 1255 100.64 -20.20 -11.48
N GLU A 1256 100.66 -19.71 -10.25
CA GLU A 1256 99.57 -18.92 -9.72
C GLU A 1256 100.15 -17.71 -9.02
N VAL A 1257 99.54 -16.55 -9.24
CA VAL A 1257 99.98 -15.30 -8.63
C VAL A 1257 98.86 -14.77 -7.78
N ALA A 1258 99.16 -14.46 -6.52
CA ALA A 1258 98.17 -13.99 -5.56
C ALA A 1258 98.53 -12.59 -5.12
N ARG A 1259 97.56 -11.68 -5.17
CA ARG A 1259 97.77 -10.30 -4.75
C ARG A 1259 97.37 -10.17 -3.29
N MET A 1260 98.35 -10.20 -2.41
CA MET A 1260 98.12 -10.14 -0.98
C MET A 1260 98.01 -8.68 -0.54
N ASP A 1261 96.92 -8.35 0.15
CA ASP A 1261 96.71 -7.00 0.61
C ASP A 1261 97.65 -6.67 1.75
N GLY A 1262 97.80 -5.38 2.03
CA GLY A 1262 98.70 -4.92 3.07
C GLY A 1262 98.10 -4.98 4.46
N THR A 1263 98.72 -5.75 5.34
CA THR A 1263 98.29 -5.82 6.72
C THR A 1263 98.98 -4.72 7.52
N VAL A 1264 98.81 -4.74 8.85
CA VAL A 1264 99.46 -3.73 9.69
C VAL A 1264 100.97 -3.95 9.71
N ASP A 1265 101.41 -5.21 9.69
CA ASP A 1265 102.82 -5.54 9.80
C ASP A 1265 103.44 -5.97 8.49
N THR A 1266 102.68 -6.06 7.41
CA THR A 1266 103.23 -6.47 6.12
C THR A 1266 102.80 -5.48 5.04
N PRO A 1267 103.62 -5.32 4.01
CA PRO A 1267 103.24 -4.48 2.89
C PRO A 1267 102.48 -5.29 1.85
N PRO A 1268 101.82 -4.63 0.90
CA PRO A 1268 101.16 -5.38 -0.18
C PRO A 1268 102.16 -6.19 -0.97
N CYS A 1269 101.75 -7.40 -1.34
CA CYS A 1269 102.67 -8.36 -1.92
C CYS A 1269 102.07 -9.02 -3.15
N LEU A 1270 102.94 -9.52 -4.00
CA LEU A 1270 102.59 -10.33 -5.16
C LEU A 1270 103.30 -11.66 -4.97
N ARG A 1271 102.55 -12.71 -4.69
CA ARG A 1271 103.12 -14.00 -4.33
C ARG A 1271 102.95 -15.00 -5.45
N LEU A 1272 104.02 -15.74 -5.74
CA LEU A 1272 104.03 -16.72 -6.82
C LEU A 1272 103.98 -18.12 -6.24
N ALA A 1273 103.04 -18.93 -6.71
CA ALA A 1273 102.85 -20.27 -6.20
C ALA A 1273 102.90 -21.26 -7.35
N HIS A 1274 103.49 -22.42 -7.10
CA HIS A 1274 103.54 -23.50 -8.07
C HIS A 1274 102.34 -24.40 -7.85
N ARG A 1275 101.44 -24.44 -8.83
CA ARG A 1275 100.19 -25.18 -8.67
C ARG A 1275 100.42 -26.67 -8.53
N THR A 1276 101.32 -27.22 -9.34
CA THR A 1276 101.43 -28.67 -9.50
C THR A 1276 102.72 -29.23 -8.90
N TRP A 1277 103.33 -28.51 -7.97
CA TRP A 1277 104.63 -28.93 -7.46
C TRP A 1277 104.53 -30.30 -6.80
N GLY A 1278 105.48 -31.17 -7.15
CA GLY A 1278 105.55 -32.49 -6.59
C GLY A 1278 104.80 -33.56 -7.37
N SER A 1279 103.62 -33.23 -7.90
CA SER A 1279 102.82 -34.24 -8.56
C SER A 1279 103.44 -34.62 -9.90
N GLN A 1280 102.94 -35.72 -10.45
CA GLN A 1280 103.33 -36.13 -11.79
C GLN A 1280 102.82 -35.12 -12.80
N ASN A 1281 103.67 -34.83 -13.79
CA ASN A 1281 103.54 -33.90 -14.92
C ASN A 1281 103.90 -32.46 -14.57
N SER A 1282 104.37 -32.21 -13.34
CA SER A 1282 104.72 -30.86 -12.95
C SER A 1282 105.83 -30.30 -13.84
N LEU A 1283 105.73 -29.02 -14.16
CA LEU A 1283 106.73 -28.34 -14.96
C LEU A 1283 107.71 -27.64 -14.02
N VAL A 1284 108.98 -28.00 -14.12
CA VAL A 1284 110.03 -27.40 -13.30
C VAL A 1284 111.09 -26.87 -14.25
N GLU A 1285 111.06 -25.57 -14.48
CA GLU A 1285 112.00 -24.94 -15.40
C GLU A 1285 112.20 -23.50 -14.96
N MET A 1286 113.24 -22.88 -15.49
CA MET A 1286 113.54 -21.50 -15.15
C MET A 1286 112.35 -20.61 -15.48
N LEU A 1287 112.03 -19.72 -14.57
CA LEU A 1287 110.93 -18.79 -14.73
C LEU A 1287 111.48 -17.37 -14.62
N PHE A 1288 111.19 -16.55 -15.62
CA PHE A 1288 111.68 -15.17 -15.67
C PHE A 1288 110.50 -14.26 -15.42
N LEU A 1289 110.51 -13.55 -14.30
CA LEU A 1289 109.41 -12.71 -13.89
C LEU A 1289 109.85 -11.26 -13.85
N ARG A 1290 108.90 -10.36 -14.11
CA ARG A 1290 109.12 -8.94 -13.90
C ARG A 1290 107.78 -8.28 -13.67
N LEU A 1291 107.83 -7.10 -13.07
CA LEU A 1291 106.63 -6.32 -12.87
C LEU A 1291 106.32 -5.51 -14.12
N SER A 1292 105.04 -5.20 -14.30
CA SER A 1292 104.58 -4.60 -15.55
C SER A 1292 105.00 -3.15 -15.70
N LEU A 1293 105.38 -2.49 -14.62
CA LEU A 1293 105.65 -1.08 -14.77
C LEU A 1293 107.08 -0.75 -14.38
N PRO A 1294 107.72 0.17 -15.08
CA PRO A 1294 109.12 0.49 -14.81
C PRO A 1294 109.27 1.67 -13.85
N VAL A 1295 110.47 1.81 -13.34
CA VAL A 1295 110.92 3.02 -12.66
C VAL A 1295 111.92 3.70 -13.58
N GLN A 1296 111.76 5.00 -13.77
CA GLN A 1296 112.57 5.73 -14.73
C GLN A 1296 113.51 6.68 -13.99
N PHE A 1297 114.79 6.58 -14.29
CA PHE A 1297 115.74 7.49 -13.69
C PHE A 1297 115.57 8.89 -14.25
N HIS A 1298 116.02 9.87 -13.49
CA HIS A 1298 115.77 11.26 -13.83
C HIS A 1298 116.53 11.65 -15.09
N GLN A 1299 116.09 12.76 -15.69
CA GLN A 1299 116.74 13.25 -16.89
C GLN A 1299 118.13 13.79 -16.60
N HIS A 1300 118.31 14.43 -15.45
CA HIS A 1300 119.59 14.96 -15.04
C HIS A 1300 119.94 14.44 -13.66
N PHE A 1301 121.20 14.05 -13.49
CA PHE A 1301 121.67 13.61 -12.19
C PHE A 1301 122.19 14.77 -11.37
N ARG A 1302 122.12 14.63 -10.05
CA ARG A 1302 122.68 15.63 -9.16
C ARG A 1302 124.19 15.69 -9.30
N CYS A 1303 124.73 16.89 -9.18
CA CYS A 1303 126.18 17.07 -9.27
C CYS A 1303 126.87 16.41 -8.08
N THR A 1304 128.01 15.80 -8.34
CA THR A 1304 128.81 15.11 -7.32
C THR A 1304 127.99 14.05 -6.58
N ASP A 1419 110.19 3.21 18.19
CA ASP A 1419 111.09 3.82 17.23
C ASP A 1419 110.57 3.73 15.81
N ASN A 1420 111.43 4.09 14.86
CA ASN A 1420 111.20 3.90 13.43
C ASN A 1420 109.94 4.65 12.97
N ARG A 1421 110.06 5.96 12.80
CA ARG A 1421 109.13 6.78 12.04
C ARG A 1421 109.92 7.62 11.07
N ASP A 1422 109.40 7.80 9.86
CA ASP A 1422 110.09 8.59 8.85
C ASP A 1422 110.07 10.06 9.24
N ASP A 1423 111.18 10.74 8.99
CA ASP A 1423 111.21 12.19 9.10
C ASP A 1423 110.47 12.78 7.91
N PRO A 1424 109.44 13.60 8.12
CA PRO A 1424 108.68 14.11 6.96
C PRO A 1424 109.51 14.88 5.96
N GLU A 1425 110.42 15.74 6.41
CA GLU A 1425 111.21 16.52 5.48
C GLU A 1425 112.16 15.64 4.66
N ILE A 1426 112.73 14.61 5.29
CA ILE A 1426 113.60 13.71 4.56
C ILE A 1426 112.81 12.86 3.57
N ILE A 1427 111.69 12.28 4.02
CA ILE A 1427 110.93 11.36 3.18
C ILE A 1427 110.28 12.10 2.02
N LEU A 1428 109.95 13.38 2.19
CA LEU A 1428 109.34 14.13 1.11
C LEU A 1428 110.35 14.70 0.14
N ASN A 1429 111.65 14.61 0.44
CA ASN A 1429 112.68 15.10 -0.46
C ASN A 1429 113.62 14.01 -0.95
N THR A 1430 113.48 12.78 -0.47
CA THR A 1430 114.34 11.70 -0.90
C THR A 1430 113.98 11.26 -2.31
N THR A 1431 114.98 10.71 -3.01
CA THR A 1431 114.78 10.13 -4.32
C THR A 1431 115.15 8.65 -4.34
N THR A 1432 115.21 8.01 -3.18
CA THR A 1432 115.55 6.60 -3.06
C THR A 1432 114.28 5.78 -2.94
N TYR A 1433 114.18 4.72 -3.73
CA TYR A 1433 113.01 3.87 -3.77
C TYR A 1433 113.41 2.44 -3.51
N TYR A 1434 112.50 1.68 -2.93
CA TYR A 1434 112.81 0.39 -2.36
C TYR A 1434 111.77 -0.64 -2.76
N TYR A 1435 112.22 -1.88 -2.94
CA TYR A 1435 111.33 -3.01 -3.08
C TYR A 1435 112.12 -4.25 -2.71
N SER A 1436 111.43 -5.21 -2.10
CA SER A 1436 112.10 -6.40 -1.57
C SER A 1436 111.42 -7.65 -2.08
N VAL A 1437 112.17 -8.73 -2.12
CA VAL A 1437 111.68 -10.03 -2.56
C VAL A 1437 111.95 -11.03 -1.45
N ARG A 1438 110.90 -11.79 -1.08
CA ARG A 1438 110.98 -12.76 -0.01
C ARG A 1438 111.02 -14.16 -0.61
N VAL A 1439 112.14 -14.86 -0.42
CA VAL A 1439 112.30 -16.22 -0.91
C VAL A 1439 111.88 -17.16 0.22
N PHE A 1440 110.77 -17.87 0.02
CA PHE A 1440 110.22 -18.69 1.07
C PHE A 1440 111.13 -19.85 1.40
N ALA A 1441 111.06 -20.31 2.66
CA ALA A 1441 111.81 -21.47 3.07
C ALA A 1441 111.39 -22.68 2.25
N GLY A 1442 112.37 -23.43 1.74
CA GLY A 1442 112.15 -24.52 0.83
C GLY A 1442 112.57 -24.20 -0.59
N GLN A 1443 112.46 -22.95 -1.00
CA GLN A 1443 113.02 -22.52 -2.27
C GLN A 1443 114.50 -22.24 -2.07
N GLU A 1444 115.35 -22.93 -2.81
CA GLU A 1444 116.77 -22.77 -2.63
C GLU A 1444 117.18 -21.37 -3.06
N PRO A 1445 117.87 -20.60 -2.21
CA PRO A 1445 118.34 -19.28 -2.64
C PRO A 1445 119.29 -19.36 -3.81
N SER A 1446 119.99 -20.47 -3.98
CA SER A 1446 120.90 -20.63 -5.11
C SER A 1446 120.17 -20.64 -6.44
N CYS A 1447 118.85 -20.76 -6.43
CA CYS A 1447 118.04 -20.79 -7.65
C CYS A 1447 117.18 -19.55 -7.80
N VAL A 1448 117.53 -18.44 -7.15
CA VAL A 1448 116.78 -17.19 -7.23
C VAL A 1448 117.74 -16.06 -7.55
N TRP A 1449 117.39 -15.25 -8.55
CA TRP A 1449 118.10 -14.04 -8.88
C TRP A 1449 117.14 -12.88 -8.74
N VAL A 1450 117.55 -11.82 -8.04
CA VAL A 1450 116.70 -10.69 -7.73
C VAL A 1450 117.38 -9.42 -8.22
N GLY A 1451 116.63 -8.56 -8.88
CA GLY A 1451 117.18 -7.30 -9.35
C GLY A 1451 116.28 -6.53 -10.29
N TRP A 1452 116.84 -6.03 -11.39
CA TRP A 1452 116.10 -5.25 -12.36
C TRP A 1452 116.48 -5.70 -13.77
N VAL A 1453 115.59 -5.44 -14.72
CA VAL A 1453 115.85 -5.65 -16.14
C VAL A 1453 115.44 -4.41 -16.90
N THR A 1454 116.23 -4.03 -17.89
CA THR A 1454 115.87 -2.96 -18.80
C THR A 1454 114.88 -3.47 -19.84
N PRO A 1455 114.12 -2.59 -20.46
CA PRO A 1455 113.02 -3.06 -21.33
C PRO A 1455 113.44 -3.84 -22.56
N ASP A 1456 114.73 -4.06 -22.75
CA ASP A 1456 115.24 -4.80 -23.89
C ASP A 1456 115.86 -6.13 -23.47
N TYR A 1457 115.26 -6.80 -22.49
CA TYR A 1457 115.72 -8.11 -22.06
C TYR A 1457 114.90 -9.18 -22.76
N HIS A 1458 115.55 -9.95 -23.63
CA HIS A 1458 114.90 -11.02 -24.37
C HIS A 1458 115.72 -12.29 -24.32
N GLN A 1459 116.19 -12.64 -23.14
CA GLN A 1459 117.09 -13.79 -22.98
C GLN A 1459 116.35 -14.87 -22.18
N HIS A 1460 115.81 -15.85 -22.90
CA HIS A 1460 115.06 -16.94 -22.30
C HIS A 1460 115.97 -18.15 -22.11
N ASP A 1461 117.00 -17.96 -21.29
CA ASP A 1461 118.06 -18.93 -21.14
C ASP A 1461 117.68 -19.96 -20.09
N MET A 1462 117.64 -21.23 -20.49
CA MET A 1462 117.22 -22.31 -19.62
C MET A 1462 118.29 -22.69 -18.61
N ASN A 1463 119.51 -22.18 -18.75
CA ASN A 1463 120.60 -22.43 -17.82
C ASN A 1463 121.19 -21.13 -17.33
N PHE A 1464 120.33 -20.22 -16.87
CA PHE A 1464 120.75 -18.87 -16.60
C PHE A 1464 121.71 -18.81 -15.43
N ASP A 1465 122.71 -17.94 -15.54
CA ASP A 1465 123.49 -17.47 -14.41
C ASP A 1465 124.08 -16.13 -14.79
N LEU A 1466 124.58 -15.39 -13.80
CA LEU A 1466 124.95 -14.01 -14.02
C LEU A 1466 126.05 -13.86 -15.06
N SER A 1467 126.77 -14.94 -15.36
CA SER A 1467 127.76 -14.90 -16.43
C SER A 1467 127.13 -14.83 -17.81
N LYS A 1468 125.85 -15.18 -17.95
CA LYS A 1468 125.18 -15.10 -19.25
C LYS A 1468 124.61 -13.72 -19.53
N VAL A 1469 124.63 -12.80 -18.57
CA VAL A 1469 124.00 -11.51 -18.75
C VAL A 1469 124.78 -10.71 -19.78
N ARG A 1470 124.06 -10.11 -20.72
CA ARG A 1470 124.70 -9.26 -21.72
C ARG A 1470 125.41 -8.09 -21.05
N ALA A 1471 126.62 -7.81 -21.50
CA ALA A 1471 127.38 -6.70 -20.97
C ALA A 1471 128.29 -6.17 -22.05
N VAL A 1472 128.63 -4.88 -21.94
CA VAL A 1472 129.56 -4.24 -22.85
C VAL A 1472 129.99 -2.93 -22.21
N THR A 1473 131.24 -2.55 -22.45
CA THR A 1473 131.77 -1.29 -21.98
C THR A 1473 132.13 -0.42 -23.17
N VAL A 1474 131.70 0.83 -23.14
CA VAL A 1474 131.96 1.78 -24.21
C VAL A 1474 132.91 2.84 -23.70
N THR A 1475 134.08 2.95 -24.31
CA THR A 1475 135.17 3.77 -23.81
C THR A 1475 135.55 4.83 -24.82
N MET A 1476 135.53 6.09 -24.39
CA MET A 1476 135.97 7.21 -25.22
C MET A 1476 137.25 7.81 -24.67
N GLY A 1477 138.04 8.39 -25.57
CA GLY A 1477 139.32 8.97 -25.21
C GLY A 1477 139.60 10.19 -26.05
N ASP A 1478 140.78 10.78 -25.83
CA ASP A 1478 141.24 11.90 -26.64
C ASP A 1478 142.08 11.39 -27.80
N GLU A 1479 142.81 12.29 -28.45
CA GLU A 1479 143.59 11.92 -29.63
C GLU A 1479 144.65 10.87 -29.30
N GLN A 1480 145.12 10.83 -28.05
CA GLN A 1480 146.18 9.90 -27.65
C GLN A 1480 145.76 9.19 -26.36
N GLY A 1481 144.98 8.12 -26.51
CA GLY A 1481 144.55 7.37 -25.34
C GLY A 1481 143.72 8.23 -24.40
N ASN A 1482 144.13 8.27 -23.14
CA ASN A 1482 143.55 9.15 -22.14
C ASN A 1482 142.03 8.96 -22.05
N VAL A 1483 141.66 7.74 -21.65
CA VAL A 1483 140.26 7.41 -21.41
C VAL A 1483 139.67 8.43 -20.45
N HIS A 1484 138.64 9.16 -20.90
CA HIS A 1484 137.96 10.11 -20.04
C HIS A 1484 136.50 9.74 -19.80
N SER A 1485 136.04 8.60 -20.33
CA SER A 1485 134.67 8.15 -20.13
C SER A 1485 134.62 6.67 -20.40
N SER A 1486 134.04 5.91 -19.48
CA SER A 1486 133.96 4.45 -19.61
C SER A 1486 132.61 4.01 -19.02
N LEU A 1487 131.60 3.95 -19.87
CA LEU A 1487 130.27 3.55 -19.46
C LEU A 1487 130.09 2.05 -19.63
N LYS A 1488 129.49 1.43 -18.62
CA LYS A 1488 129.23 0.00 -18.61
C LYS A 1488 127.74 -0.23 -18.85
N CYS A 1489 127.41 -1.05 -19.84
CA CYS A 1489 126.04 -1.23 -20.28
C CYS A 1489 125.62 -2.67 -20.08
N SER A 1490 124.34 -2.87 -19.79
CA SER A 1490 123.76 -4.19 -19.61
C SER A 1490 122.26 -4.07 -19.69
N ASN A 1491 121.60 -5.22 -19.65
CA ASN A 1491 120.13 -5.25 -19.67
C ASN A 1491 119.55 -5.92 -18.44
N CYS A 1492 120.37 -6.35 -17.49
CA CYS A 1492 119.90 -7.16 -16.38
C CYS A 1492 120.81 -6.91 -15.19
N TYR A 1493 120.29 -6.24 -14.18
CA TYR A 1493 121.04 -5.90 -12.98
C TYR A 1493 120.45 -6.67 -11.81
N MET A 1494 121.08 -7.79 -11.46
CA MET A 1494 120.56 -8.65 -10.40
C MET A 1494 121.70 -9.08 -9.50
N VAL A 1495 121.32 -9.66 -8.37
CA VAL A 1495 122.26 -10.31 -7.47
C VAL A 1495 121.80 -11.74 -7.25
N TRP A 1496 122.77 -12.63 -7.17
CA TRP A 1496 122.50 -14.04 -7.01
C TRP A 1496 122.06 -14.33 -5.59
N GLY A 1497 121.06 -15.20 -5.44
CA GLY A 1497 120.62 -15.56 -4.10
C GLY A 1497 121.62 -16.38 -3.33
N GLY A 1498 122.56 -17.02 -4.01
CA GLY A 1498 123.56 -17.83 -3.36
C GLY A 1498 124.69 -17.06 -2.70
N ASP A 1499 124.74 -15.75 -2.91
CA ASP A 1499 125.74 -14.92 -2.24
C ASP A 1499 125.33 -14.56 -0.84
N PHE A 1500 124.11 -14.90 -0.42
CA PHE A 1500 123.57 -14.46 0.85
C PHE A 1500 123.31 -15.63 1.79
N VAL A 1501 123.90 -16.78 1.49
CA VAL A 1501 123.76 -17.97 2.34
C VAL A 1501 125.13 -18.30 2.92
N SER A 1502 125.20 -18.37 4.24
CA SER A 1502 126.46 -18.71 4.87
C SER A 1502 126.84 -20.15 4.55
N PRO A 1503 128.12 -20.44 4.34
CA PRO A 1503 128.52 -21.81 4.00
C PRO A 1503 128.39 -22.76 5.17
N GLY A 1504 127.14 -23.03 5.59
CA GLY A 1504 126.92 -23.95 6.69
C GLY A 1504 127.17 -25.39 6.30
N GLN A 1505 127.24 -26.24 7.32
CA GLN A 1505 127.43 -27.67 7.09
C GLN A 1505 126.28 -28.24 6.26
N GLN A 1506 125.06 -27.97 6.68
CA GLN A 1506 123.86 -28.39 5.96
C GLN A 1506 122.70 -27.58 6.55
N GLY A 1507 121.47 -27.95 6.22
CA GLY A 1507 120.33 -27.14 6.56
C GLY A 1507 120.15 -25.97 5.63
N ARG A 1508 120.55 -26.13 4.37
CA ARG A 1508 120.43 -25.04 3.40
C ARG A 1508 118.97 -24.65 3.19
N ILE A 1509 118.04 -25.54 3.55
CA ILE A 1509 116.63 -25.19 3.60
C ILE A 1509 116.42 -24.55 4.97
N SER A 1510 116.67 -23.25 5.06
CA SER A 1510 116.64 -22.59 6.35
C SER A 1510 115.21 -22.53 6.89
N HIS A 1511 115.11 -22.40 8.20
CA HIS A 1511 113.84 -22.03 8.78
C HIS A 1511 113.44 -20.63 8.33
N THR A 1512 114.42 -19.74 8.17
CA THR A 1512 114.16 -18.33 7.88
C THR A 1512 114.15 -18.12 6.37
N ASP A 1513 113.14 -17.40 5.90
CA ASP A 1513 113.09 -16.99 4.51
C ASP A 1513 114.16 -15.93 4.26
N LEU A 1514 114.62 -15.85 3.01
CA LEU A 1514 115.54 -14.81 2.60
C LEU A 1514 114.75 -13.61 2.10
N VAL A 1515 115.16 -12.41 2.49
CA VAL A 1515 114.49 -11.17 2.07
C VAL A 1515 115.54 -10.29 1.42
N ILE A 1516 115.65 -10.37 0.10
CA ILE A 1516 116.57 -9.53 -0.66
C ILE A 1516 115.89 -8.20 -0.94
N GLY A 1517 116.55 -7.10 -0.62
CA GLY A 1517 116.01 -5.78 -0.86
C GLY A 1517 116.80 -5.05 -1.94
N CYS A 1518 116.08 -4.24 -2.71
CA CYS A 1518 116.68 -3.50 -3.82
C CYS A 1518 116.38 -2.02 -3.68
N LEU A 1519 117.43 -1.21 -3.61
CA LEU A 1519 117.32 0.23 -3.48
C LEU A 1519 117.84 0.87 -4.75
N VAL A 1520 117.12 1.88 -5.23
CA VAL A 1520 117.53 2.66 -6.40
C VAL A 1520 117.37 4.13 -6.08
N ASP A 1521 118.38 4.92 -6.44
CA ASP A 1521 118.35 6.36 -6.27
C ASP A 1521 118.19 6.98 -7.66
N LEU A 1522 116.97 7.46 -7.95
CA LEU A 1522 116.66 7.95 -9.28
C LEU A 1522 117.35 9.25 -9.61
N ALA A 1523 117.98 9.89 -8.65
CA ALA A 1523 118.67 11.15 -8.89
C ALA A 1523 120.17 10.98 -9.08
N THR A 1524 120.73 9.82 -8.71
CA THR A 1524 122.15 9.57 -8.87
C THR A 1524 122.47 8.35 -9.71
N GLY A 1525 121.49 7.49 -9.99
CA GLY A 1525 121.75 6.34 -10.82
C GLY A 1525 122.44 5.19 -10.14
N LEU A 1526 122.49 5.19 -8.81
CA LEU A 1526 123.19 4.17 -8.05
C LEU A 1526 122.19 3.19 -7.46
N MET A 1527 122.45 1.90 -7.64
CA MET A 1527 121.57 0.85 -7.15
C MET A 1527 122.35 -0.07 -6.22
N THR A 1528 121.77 -0.37 -5.07
CA THR A 1528 122.39 -1.21 -4.07
C THR A 1528 121.40 -2.25 -3.58
N PHE A 1529 121.91 -3.27 -2.91
CA PHE A 1529 121.08 -4.38 -2.48
C PHE A 1529 121.37 -4.71 -1.02
N THR A 1530 120.38 -5.25 -0.33
CA THR A 1530 120.50 -5.64 1.06
C THR A 1530 120.11 -7.09 1.22
N ALA A 1531 120.90 -7.84 1.99
CA ALA A 1531 120.70 -9.29 2.08
C ALA A 1531 119.61 -9.64 3.08
N ASN A 1532 119.79 -9.25 4.33
CA ASN A 1532 118.78 -9.45 5.38
C ASN A 1532 118.77 -8.24 6.29
N GLY A 1533 118.73 -7.05 5.70
CA GLY A 1533 119.05 -5.84 6.41
C GLY A 1533 120.51 -5.49 6.39
N LYS A 1534 121.36 -6.39 5.90
CA LYS A 1534 122.78 -6.16 5.79
C LYS A 1534 123.10 -5.72 4.36
N GLU A 1535 123.80 -4.59 4.23
CA GLU A 1535 124.14 -4.08 2.92
C GLU A 1535 125.03 -5.08 2.19
N SER A 1536 124.77 -5.27 0.91
CA SER A 1536 125.57 -6.15 0.09
C SER A 1536 126.72 -5.38 -0.56
N ASN A 1537 127.71 -6.14 -1.03
CA ASN A 1537 128.86 -5.52 -1.68
C ASN A 1537 128.55 -5.07 -3.09
N THR A 1538 127.73 -5.82 -3.81
CA THR A 1538 127.46 -5.54 -5.21
C THR A 1538 126.62 -4.27 -5.38
N PHE A 1539 126.94 -3.51 -6.43
CA PHE A 1539 126.20 -2.32 -6.76
C PHE A 1539 126.37 -2.05 -8.24
N PHE A 1540 125.47 -1.23 -8.79
CA PHE A 1540 125.52 -0.87 -10.19
C PHE A 1540 125.28 0.62 -10.34
N GLN A 1541 125.72 1.16 -11.46
CA GLN A 1541 125.52 2.56 -11.81
C GLN A 1541 124.88 2.62 -13.19
N VAL A 1542 123.84 3.43 -13.34
CA VAL A 1542 123.11 3.52 -14.60
C VAL A 1542 123.01 4.98 -15.03
N GLU A 1543 122.80 5.16 -16.33
CA GLU A 1543 122.74 6.48 -16.92
C GLU A 1543 121.35 7.09 -16.76
N PRO A 1544 121.23 8.41 -16.92
CA PRO A 1544 119.91 9.04 -16.83
C PRO A 1544 118.97 8.55 -17.92
N ASN A 1545 117.67 8.67 -17.63
CA ASN A 1545 116.55 8.22 -18.46
C ASN A 1545 116.45 6.72 -18.56
N THR A 1546 117.16 5.98 -17.72
CA THR A 1546 117.09 4.52 -17.77
C THR A 1546 115.78 4.03 -17.19
N LYS A 1547 115.16 3.07 -17.87
CA LYS A 1547 113.96 2.41 -17.39
C LYS A 1547 114.33 1.05 -16.82
N LEU A 1548 113.84 0.76 -15.62
CA LEU A 1548 114.14 -0.51 -14.97
C LEU A 1548 112.85 -1.14 -14.46
N PHE A 1549 112.71 -2.41 -14.70
CA PHE A 1549 111.59 -3.20 -14.22
C PHE A 1549 112.03 -4.07 -13.08
N PRO A 1550 111.31 -4.09 -11.95
CA PRO A 1550 111.61 -5.09 -10.91
C PRO A 1550 111.48 -6.48 -11.49
N ALA A 1551 112.53 -7.27 -11.37
CA ALA A 1551 112.55 -8.59 -11.99
C ALA A 1551 113.07 -9.62 -11.00
N VAL A 1552 112.52 -10.82 -11.09
CA VAL A 1552 113.00 -11.97 -10.34
C VAL A 1552 113.06 -13.16 -11.28
N PHE A 1553 114.20 -13.82 -11.32
CA PHE A 1553 114.39 -15.05 -12.07
C PHE A 1553 114.55 -16.17 -11.06
N VAL A 1554 113.80 -17.25 -11.24
CA VAL A 1554 113.78 -18.31 -10.25
C VAL A 1554 113.62 -19.66 -10.94
N LEU A 1555 114.24 -20.68 -10.36
CA LEU A 1555 113.99 -22.06 -10.73
C LEU A 1555 113.23 -22.71 -9.59
N PRO A 1556 111.93 -22.95 -9.71
CA PRO A 1556 111.14 -23.34 -8.53
C PRO A 1556 111.58 -24.66 -7.95
N THR A 1557 111.63 -24.72 -6.62
CA THR A 1557 111.88 -25.95 -5.90
C THR A 1557 110.91 -26.15 -4.75
N HIS A 1558 109.76 -25.49 -4.76
CA HIS A 1558 108.84 -25.56 -3.64
C HIS A 1558 107.49 -25.03 -4.11
N GLN A 1559 106.45 -25.33 -3.32
CA GLN A 1559 105.12 -24.82 -3.63
C GLN A 1559 105.10 -23.31 -3.56
N ASN A 1560 105.75 -22.74 -2.56
CA ASN A 1560 105.88 -21.31 -2.40
C ASN A 1560 107.25 -20.89 -2.93
N VAL A 1561 107.26 -19.96 -3.88
CA VAL A 1561 108.52 -19.64 -4.54
C VAL A 1561 109.06 -18.29 -4.09
N ILE A 1562 108.40 -17.20 -4.47
CA ILE A 1562 108.89 -15.87 -4.16
C ILE A 1562 107.71 -14.97 -3.84
N GLN A 1563 108.00 -13.71 -3.54
CA GLN A 1563 106.95 -12.77 -3.15
C GLN A 1563 107.50 -11.36 -3.37
N PHE A 1564 106.93 -10.64 -4.33
CA PHE A 1564 107.29 -9.25 -4.51
C PHE A 1564 106.69 -8.44 -3.36
N GLU A 1565 107.54 -7.87 -2.52
CA GLU A 1565 107.10 -7.08 -1.38
C GLU A 1565 107.24 -5.61 -1.72
N LEU A 1566 106.13 -4.95 -2.01
CA LEU A 1566 106.13 -3.55 -2.43
C LEU A 1566 106.05 -2.63 -1.22
N GLY A 1567 107.04 -2.76 -0.34
CA GLY A 1567 107.07 -2.04 0.91
C GLY A 1567 107.98 -0.83 0.87
N LYS A 1568 108.49 -0.46 2.04
CA LYS A 1568 109.37 0.68 2.18
C LYS A 1568 110.26 0.48 3.39
N GLN A 1569 111.30 1.29 3.47
CA GLN A 1569 112.18 1.35 4.63
C GLN A 1569 111.98 2.67 5.34
N LYS A 1570 112.82 2.93 6.34
CA LYS A 1570 112.81 4.23 7.00
C LYS A 1570 113.43 5.27 6.08
N ASN A 1571 112.68 6.34 5.81
CA ASN A 1571 113.12 7.45 4.97
C ASN A 1571 113.41 7.01 3.54
N ILE A 1572 112.77 5.94 3.09
CA ILE A 1572 112.87 5.47 1.72
C ILE A 1572 111.47 5.27 1.17
N MET A 1573 111.22 5.82 0.02
CA MET A 1573 109.93 5.87 -0.63
C MET A 1573 109.64 4.50 -1.26
N PRO A 1574 108.39 4.07 -1.31
CA PRO A 1574 108.06 2.82 -1.97
C PRO A 1574 108.00 2.97 -3.48
N LEU A 1575 107.76 1.85 -4.17
CA LEU A 1575 107.76 1.83 -5.62
C LEU A 1575 106.61 2.63 -6.19
N SER A 1576 105.44 2.60 -5.57
CA SER A 1576 104.29 3.27 -6.13
C SER A 1576 104.50 4.77 -6.26
N ALA A 1577 105.45 5.32 -5.52
CA ALA A 1577 105.81 6.72 -5.73
C ALA A 1577 106.56 6.92 -7.03
N ALA A 1578 107.49 6.02 -7.33
CA ALA A 1578 108.26 6.13 -8.56
C ALA A 1578 107.47 5.76 -9.80
N MET A 1579 106.60 4.76 -9.71
CA MET A 1579 105.86 4.31 -10.88
C MET A 1579 104.70 5.23 -11.25
N PHE A 1580 104.03 5.83 -10.27
CA PHE A 1580 102.81 6.58 -10.54
C PHE A 1580 103.01 8.05 -10.19
N LEU A 1581 102.59 8.92 -11.11
CA LEU A 1581 102.79 10.35 -10.95
C LEU A 1581 101.96 10.91 -9.80
N SER A 1582 100.73 10.43 -9.65
CA SER A 1582 99.85 10.95 -8.62
C SER A 1582 100.27 10.55 -7.21
N GLU A 1583 101.25 9.66 -7.08
CA GLU A 1583 101.73 9.22 -5.78
C GLU A 1583 103.18 9.61 -5.51
N ARG A 1584 103.68 10.65 -6.19
CA ARG A 1584 105.09 11.02 -6.03
C ARG A 1584 105.42 11.35 -4.58
N LYS A 1585 104.45 11.87 -3.84
CA LYS A 1585 104.66 12.29 -2.47
C LYS A 1585 103.87 11.44 -1.48
N ASN A 1586 103.44 10.26 -1.89
CA ASN A 1586 102.61 9.41 -1.05
C ASN A 1586 103.47 8.29 -0.47
N PRO A 1587 103.82 8.34 0.81
CA PRO A 1587 104.68 7.30 1.39
C PRO A 1587 103.95 6.01 1.71
N ALA A 1588 102.65 5.96 1.54
CA ALA A 1588 101.92 4.73 1.78
C ALA A 1588 102.18 3.75 0.64
N PRO A 1589 102.69 2.56 0.92
CA PRO A 1589 102.89 1.58 -0.15
C PRO A 1589 101.57 1.21 -0.81
N GLN A 1590 101.61 1.01 -2.12
CA GLN A 1590 100.43 0.62 -2.87
C GLN A 1590 100.79 -0.38 -3.95
N CYS A 1591 99.80 -1.17 -4.36
CA CYS A 1591 99.91 -2.09 -5.49
C CYS A 1591 98.67 -1.94 -6.34
N PRO A 1592 98.60 -0.90 -7.16
CA PRO A 1592 97.41 -0.66 -7.97
C PRO A 1592 97.21 -1.76 -9.00
N PRO A 1593 96.00 -1.87 -9.56
CA PRO A 1593 95.72 -3.01 -10.44
C PRO A 1593 96.61 -3.10 -11.66
N ARG A 1594 97.17 -1.98 -12.12
CA ARG A 1594 98.00 -2.02 -13.31
C ARG A 1594 99.32 -2.73 -13.06
N LEU A 1595 99.82 -2.67 -11.83
CA LEU A 1595 101.07 -3.33 -11.48
C LEU A 1595 100.81 -4.82 -11.28
N GLU A 1596 101.42 -5.65 -12.12
CA GLU A 1596 101.16 -7.07 -12.07
C GLU A 1596 102.39 -7.84 -12.52
N VAL A 1597 102.42 -9.12 -12.19
CA VAL A 1597 103.56 -9.98 -12.50
C VAL A 1597 103.44 -10.45 -13.93
N GLN A 1598 104.52 -10.29 -14.69
CA GLN A 1598 104.60 -10.75 -16.07
C GLN A 1598 105.68 -11.80 -16.19
N MET A 1599 105.49 -12.73 -17.11
CA MET A 1599 106.43 -13.82 -17.36
C MET A 1599 106.95 -13.74 -18.78
N LEU A 1600 108.10 -14.35 -19.01
CA LEU A 1600 108.76 -14.28 -20.31
C LEU A 1600 108.30 -15.46 -21.17
N MET A 1601 107.57 -15.17 -22.23
CA MET A 1601 107.10 -16.21 -23.14
C MET A 1601 108.03 -16.28 -24.34
N PRO A 1602 108.44 -17.47 -24.77
CA PRO A 1602 109.51 -17.56 -25.77
C PRO A 1602 109.09 -17.25 -27.19
N VAL A 1603 107.84 -17.53 -27.57
CA VAL A 1603 107.39 -17.35 -28.94
C VAL A 1603 106.10 -16.55 -28.93
N SER A 1604 105.97 -15.63 -29.88
CA SER A 1604 104.77 -14.81 -30.01
C SER A 1604 104.38 -14.71 -31.47
N TRP A 1605 103.11 -14.41 -31.70
CA TRP A 1605 102.65 -14.18 -33.07
C TRP A 1605 103.04 -12.79 -33.53
N SER A 1606 103.56 -12.71 -34.75
CA SER A 1606 103.91 -11.44 -35.35
C SER A 1606 103.42 -11.42 -36.78
N ARG A 1607 103.22 -10.22 -37.30
CA ARG A 1607 102.61 -10.01 -38.60
C ARG A 1607 103.66 -9.80 -39.68
N MET A 1608 103.55 -10.55 -40.77
CA MET A 1608 104.47 -10.38 -41.87
C MET A 1608 104.14 -9.10 -42.63
N PRO A 1609 105.11 -8.24 -42.92
CA PRO A 1609 104.83 -7.07 -43.73
C PRO A 1609 104.37 -7.46 -45.12
N ASN A 1610 103.58 -6.58 -45.73
CA ASN A 1610 103.11 -6.86 -47.08
C ASN A 1610 104.22 -6.72 -48.11
N HIS A 1611 105.11 -5.75 -47.93
CA HIS A 1611 106.20 -5.51 -48.87
C HIS A 1611 107.51 -5.43 -48.12
N PHE A 1612 108.57 -5.89 -48.76
CA PHE A 1612 109.88 -5.95 -48.15
C PHE A 1612 110.89 -5.20 -49.00
N LEU A 1613 111.92 -4.68 -48.35
CA LEU A 1613 112.94 -3.91 -49.04
C LEU A 1613 113.63 -4.75 -50.12
N GLN A 1614 113.81 -4.14 -51.29
CA GLN A 1614 114.47 -4.81 -52.41
C GLN A 1614 115.96 -4.48 -52.35
N VAL A 1615 116.75 -5.46 -51.95
CA VAL A 1615 118.18 -5.30 -51.76
C VAL A 1615 118.91 -6.07 -52.86
N GLU A 1616 119.80 -5.38 -53.57
CA GLU A 1616 120.60 -5.99 -54.63
C GLU A 1616 122.02 -6.14 -54.13
N THR A 1617 122.52 -7.37 -54.12
CA THR A 1617 123.87 -7.67 -53.70
C THR A 1617 124.59 -8.39 -54.83
N ARG A 1618 125.81 -7.96 -55.12
CA ARG A 1618 126.59 -8.57 -56.19
C ARG A 1618 128.06 -8.27 -55.98
N ARG A 1619 128.89 -9.02 -56.68
CA ARG A 1619 130.34 -8.83 -56.64
C ARG A 1619 130.72 -7.82 -57.70
N ALA A 1620 131.06 -6.60 -57.27
CA ALA A 1620 131.34 -5.54 -58.21
C ALA A 1620 132.66 -5.74 -58.94
N GLY A 1621 133.56 -6.54 -58.41
CA GLY A 1621 134.84 -6.77 -59.06
C GLY A 1621 135.86 -7.28 -58.07
N GLU A 1622 137.04 -7.61 -58.62
CA GLU A 1622 138.13 -8.08 -57.77
C GLU A 1622 138.60 -6.99 -56.83
N ARG A 1623 138.59 -5.74 -57.28
CA ARG A 1623 139.01 -4.64 -56.43
C ARG A 1623 137.85 -3.96 -55.73
N LEU A 1624 136.72 -3.81 -56.40
CA LEU A 1624 135.62 -3.05 -55.84
C LEU A 1624 134.91 -3.77 -54.70
N GLY A 1625 135.01 -5.09 -54.63
CA GLY A 1625 134.38 -5.82 -53.55
C GLY A 1625 132.95 -6.20 -53.86
N TRP A 1626 132.15 -6.30 -52.80
CA TRP A 1626 130.76 -6.72 -52.88
C TRP A 1626 129.85 -5.54 -52.59
N ALA A 1627 128.86 -5.33 -53.45
CA ALA A 1627 128.01 -4.15 -53.40
C ALA A 1627 126.65 -4.47 -52.80
N VAL A 1628 126.16 -3.58 -51.96
CA VAL A 1628 124.80 -3.63 -51.42
C VAL A 1628 124.08 -2.36 -51.84
N GLN A 1629 122.84 -2.49 -52.28
CA GLN A 1629 122.11 -1.36 -52.82
C GLN A 1629 120.63 -1.49 -52.49
N CYS A 1630 120.01 -0.38 -52.11
CA CYS A 1630 118.58 -0.35 -51.84
C CYS A 1630 118.07 1.05 -52.14
N GLN A 1631 117.14 1.17 -53.08
CA GLN A 1631 116.68 2.46 -53.56
C GLN A 1631 115.23 2.76 -53.23
N ASP A 1632 114.33 1.79 -53.35
CA ASP A 1632 112.92 2.05 -53.16
C ASP A 1632 112.59 2.18 -51.69
N PRO A 1633 112.01 3.30 -51.25
CA PRO A 1633 111.67 3.45 -49.84
C PRO A 1633 110.48 2.62 -49.44
N LEU A 1634 110.42 2.30 -48.15
CA LEU A 1634 109.28 1.62 -47.54
C LEU A 1634 109.05 2.23 -46.17
N THR A 1635 107.79 2.45 -45.84
CA THR A 1635 107.39 3.11 -44.60
C THR A 1635 106.30 2.29 -43.94
N MET A 1636 106.35 2.17 -42.62
CA MET A 1636 105.27 1.58 -41.87
C MET A 1636 104.84 2.52 -40.76
N MET A 1637 103.58 2.42 -40.38
CA MET A 1637 103.03 3.21 -39.29
C MET A 1637 103.18 2.42 -38.01
N ALA A 1638 104.02 2.89 -37.11
CA ALA A 1638 104.37 2.16 -35.90
C ALA A 1638 103.49 2.61 -34.75
N LEU A 1639 103.10 1.66 -33.93
CA LEU A 1639 102.39 1.93 -32.69
C LEU A 1639 103.36 1.69 -31.54
N HIS A 1640 103.53 2.68 -30.67
CA HIS A 1640 104.55 2.67 -29.65
C HIS A 1640 103.89 2.54 -28.28
N ILE A 1641 104.31 1.54 -27.52
CA ILE A 1641 103.88 1.39 -26.13
C ILE A 1641 104.92 2.07 -25.26
N PRO A 1642 104.60 3.20 -24.63
CA PRO A 1642 105.66 4.01 -24.01
C PRO A 1642 106.35 3.33 -22.85
N GLU A 1643 105.61 2.66 -21.98
CA GLU A 1643 106.23 2.09 -20.80
C GLU A 1643 107.15 0.93 -21.14
N GLU A 1644 106.80 0.13 -22.14
CA GLU A 1644 107.63 -0.99 -22.54
C GLU A 1644 108.72 -0.57 -23.51
N ASN A 1645 108.68 0.64 -24.02
CA ASN A 1645 109.71 1.16 -24.94
C ASN A 1645 109.90 0.25 -26.14
N ARG A 1646 108.79 -0.21 -26.71
CA ARG A 1646 108.81 -1.01 -27.92
C ARG A 1646 107.67 -0.59 -28.81
N CYS A 1647 107.79 -0.90 -30.10
CA CYS A 1647 106.78 -0.54 -31.06
C CYS A 1647 106.39 -1.76 -31.88
N MET A 1648 105.16 -1.72 -32.37
CA MET A 1648 104.62 -2.73 -33.25
C MET A 1648 103.94 -2.04 -34.42
N ASP A 1649 103.79 -2.76 -35.52
CA ASP A 1649 103.04 -2.25 -36.64
C ASP A 1649 101.59 -2.04 -36.21
N ILE A 1650 101.04 -0.88 -36.56
CA ILE A 1650 99.67 -0.59 -36.19
C ILE A 1650 98.70 -1.55 -36.85
N LEU A 1651 99.11 -2.16 -37.96
CA LEU A 1651 98.25 -3.14 -38.61
C LEU A 1651 98.09 -4.40 -37.79
N GLU A 1652 98.96 -4.63 -36.81
CA GLU A 1652 98.77 -5.76 -35.91
C GLU A 1652 97.55 -5.58 -35.03
N LEU A 1653 96.98 -4.38 -34.99
CA LEU A 1653 95.77 -4.14 -34.22
C LEU A 1653 94.55 -4.78 -34.86
N SER A 1654 94.74 -5.55 -35.94
CA SER A 1654 93.63 -6.33 -36.48
C SER A 1654 93.45 -7.64 -35.73
N GLU A 1655 94.37 -7.96 -34.82
CA GLU A 1655 94.23 -9.11 -33.96
C GLU A 1655 94.32 -8.79 -32.48
N ARG A 1656 94.90 -7.66 -32.12
CA ARG A 1656 94.96 -7.21 -30.73
C ARG A 1656 93.78 -6.30 -30.49
N LEU A 1657 92.62 -6.92 -30.24
CA LEU A 1657 91.36 -6.18 -30.24
C LEU A 1657 91.27 -5.21 -29.08
N ASP A 1658 91.88 -5.52 -27.94
CA ASP A 1658 91.84 -4.59 -26.81
C ASP A 1658 92.61 -3.32 -27.12
N LEU A 1659 93.81 -3.45 -27.68
CA LEU A 1659 94.55 -2.27 -28.13
C LEU A 1659 93.80 -1.54 -29.21
N GLN A 1660 93.14 -2.26 -30.12
CA GLN A 1660 92.38 -1.60 -31.16
C GLN A 1660 91.25 -0.75 -30.58
N ARG A 1661 90.50 -1.29 -29.61
CA ARG A 1661 89.44 -0.51 -29.00
C ARG A 1661 90.01 0.69 -28.25
N PHE A 1662 91.08 0.48 -27.48
CA PHE A 1662 91.65 1.59 -26.75
C PHE A 1662 92.14 2.68 -27.69
N HIS A 1663 92.72 2.31 -28.82
CA HIS A 1663 93.25 3.32 -29.73
C HIS A 1663 92.12 4.01 -30.50
N SER A 1664 91.08 3.29 -30.88
CA SER A 1664 89.95 3.93 -31.52
C SER A 1664 89.30 4.94 -30.58
N HIS A 1665 89.20 4.58 -29.30
CA HIS A 1665 88.67 5.53 -28.33
C HIS A 1665 89.63 6.67 -28.06
N THR A 1666 90.94 6.41 -28.20
CA THR A 1666 91.90 7.50 -28.14
C THR A 1666 91.66 8.51 -29.25
N LEU A 1667 91.40 8.01 -30.46
CA LEU A 1667 91.07 8.90 -31.57
C LEU A 1667 89.77 9.64 -31.30
N ARG A 1668 88.80 8.96 -30.69
CA ARG A 1668 87.55 9.62 -30.34
C ARG A 1668 87.79 10.76 -29.37
N LEU A 1669 88.67 10.55 -28.39
CA LEU A 1669 89.01 11.61 -27.45
C LEU A 1669 89.72 12.76 -28.16
N TYR A 1670 90.59 12.44 -29.12
CA TYR A 1670 91.22 13.49 -29.90
C TYR A 1670 90.19 14.34 -30.60
N ARG A 1671 89.19 13.70 -31.21
CA ARG A 1671 88.14 14.47 -31.86
C ARG A 1671 87.34 15.29 -30.87
N ALA A 1672 87.11 14.74 -29.67
CA ALA A 1672 86.33 15.45 -28.67
C ALA A 1672 87.04 16.70 -28.18
N VAL A 1673 88.35 16.63 -27.92
CA VAL A 1673 89.02 17.76 -27.32
C VAL A 1673 89.11 18.94 -28.29
N CYS A 1674 89.16 18.66 -29.59
CA CYS A 1674 89.20 19.71 -30.60
C CYS A 1674 87.84 19.97 -31.22
N ALA A 1675 86.78 19.41 -30.64
CA ALA A 1675 85.45 19.54 -31.20
C ALA A 1675 84.93 20.97 -31.09
N LEU A 1676 84.13 21.36 -32.07
CA LEU A 1676 83.37 22.60 -32.05
C LEU A 1676 84.28 23.82 -31.92
N GLY A 1677 85.23 23.91 -32.85
CA GLY A 1677 86.01 25.10 -33.01
C GLY A 1677 87.13 25.32 -32.02
N ASN A 1678 87.72 24.27 -31.46
CA ASN A 1678 88.85 24.43 -30.55
C ASN A 1678 90.12 24.33 -31.38
N ASN A 1679 90.40 25.42 -32.11
CA ASN A 1679 91.51 25.44 -33.03
C ASN A 1679 92.85 25.37 -32.32
N ARG A 1680 92.93 25.90 -31.09
CA ARG A 1680 94.16 25.81 -30.34
C ARG A 1680 94.51 24.35 -30.04
N VAL A 1681 93.52 23.58 -29.60
CA VAL A 1681 93.74 22.16 -29.34
C VAL A 1681 93.98 21.40 -30.63
N ALA A 1682 93.37 21.83 -31.74
CA ALA A 1682 93.65 21.19 -33.02
C ALA A 1682 95.11 21.37 -33.40
N HIS A 1683 95.64 22.58 -33.22
CA HIS A 1683 97.05 22.81 -33.46
C HIS A 1683 97.89 21.92 -32.54
N ALA A 1684 97.48 21.80 -31.29
CA ALA A 1684 98.19 20.89 -30.39
C ALA A 1684 98.19 19.47 -30.91
N LEU A 1685 97.06 19.03 -31.46
CA LEU A 1685 96.96 17.66 -31.97
C LEU A 1685 97.84 17.45 -33.20
N CYS A 1686 98.11 18.52 -33.94
CA CYS A 1686 98.98 18.35 -35.10
C CYS A 1686 100.39 17.91 -34.73
N SER A 1687 100.78 17.99 -33.46
CA SER A 1687 102.06 17.46 -33.05
C SER A 1687 101.98 15.99 -32.66
N HIS A 1688 100.79 15.45 -32.51
CA HIS A 1688 100.59 14.06 -32.13
C HIS A 1688 100.24 13.18 -33.31
N VAL A 1689 99.26 13.57 -34.11
CA VAL A 1689 98.94 12.90 -35.35
C VAL A 1689 99.24 13.92 -36.45
N ASP A 1690 100.33 13.71 -37.17
CA ASP A 1690 100.77 14.70 -38.12
C ASP A 1690 100.14 14.44 -39.50
N GLN A 1691 100.42 15.38 -40.40
CA GLN A 1691 99.83 15.34 -41.73
C GLN A 1691 100.24 14.09 -42.50
N ALA A 1692 101.51 13.72 -42.41
CA ALA A 1692 101.97 12.53 -43.12
C ALA A 1692 101.26 11.28 -42.62
N GLN A 1693 101.10 11.16 -41.29
CA GLN A 1693 100.38 10.02 -40.75
C GLN A 1693 98.94 10.00 -41.23
N LEU A 1694 98.27 11.14 -41.22
CA LEU A 1694 96.87 11.18 -41.62
C LEU A 1694 96.71 10.79 -43.08
N LEU A 1695 97.54 11.35 -43.95
CA LEU A 1695 97.42 11.07 -45.37
C LEU A 1695 97.80 9.62 -45.66
N HIS A 1696 98.72 9.05 -44.90
CA HIS A 1696 99.03 7.64 -45.02
C HIS A 1696 97.86 6.77 -44.60
N ALA A 1697 97.21 7.14 -43.49
CA ALA A 1697 96.09 6.37 -42.99
C ALA A 1697 94.91 6.41 -43.93
N LEU A 1698 94.76 7.50 -44.68
CA LEU A 1698 93.68 7.54 -45.67
C LEU A 1698 93.83 6.46 -46.72
N GLU A 1699 95.04 6.24 -47.21
CA GLU A 1699 95.28 5.28 -48.28
C GLU A 1699 95.62 3.89 -47.79
N ASP A 1700 95.84 3.70 -46.50
CA ASP A 1700 96.23 2.38 -46.00
C ASP A 1700 95.08 1.41 -46.20
N ALA A 1701 95.31 0.35 -46.96
CA ALA A 1701 94.26 -0.59 -47.30
C ALA A 1701 94.11 -1.72 -46.28
N HIS A 1702 95.01 -1.82 -45.32
CA HIS A 1702 94.96 -2.90 -44.34
C HIS A 1702 94.58 -2.43 -42.95
N LEU A 1703 94.25 -1.16 -42.78
CA LEU A 1703 93.84 -0.71 -41.47
C LEU A 1703 92.54 -1.38 -41.08
N PRO A 1704 92.38 -1.75 -39.81
CA PRO A 1704 91.06 -2.18 -39.33
C PRO A 1704 90.06 -1.05 -39.49
N GLY A 1705 88.82 -1.44 -39.70
CA GLY A 1705 87.77 -0.49 -40.02
C GLY A 1705 87.59 0.62 -39.01
N PRO A 1706 87.52 0.28 -37.72
CA PRO A 1706 87.43 1.35 -36.72
C PRO A 1706 88.56 2.35 -36.77
N LEU A 1707 89.79 1.89 -36.98
CA LEU A 1707 90.91 2.83 -37.04
C LEU A 1707 90.87 3.67 -38.31
N ARG A 1708 90.49 3.06 -39.43
CA ARG A 1708 90.35 3.81 -40.67
C ARG A 1708 89.32 4.92 -40.52
N ALA A 1709 88.15 4.59 -39.98
CA ALA A 1709 87.12 5.58 -39.78
C ALA A 1709 87.57 6.66 -38.80
N GLY A 1710 88.25 6.24 -37.73
CA GLY A 1710 88.72 7.21 -36.76
C GLY A 1710 89.71 8.19 -37.33
N TYR A 1711 90.63 7.71 -38.17
CA TYR A 1711 91.60 8.61 -38.76
C TYR A 1711 90.99 9.55 -39.78
N TYR A 1712 90.01 9.07 -40.56
CA TYR A 1712 89.30 9.99 -41.45
C TYR A 1712 88.60 11.08 -40.66
N ASP A 1713 87.86 10.69 -39.62
CA ASP A 1713 87.14 11.68 -38.83
C ASP A 1713 88.10 12.60 -38.09
N LEU A 1714 89.28 12.10 -37.71
CA LEU A 1714 90.26 12.95 -37.04
C LEU A 1714 90.83 13.97 -38.01
N LEU A 1715 91.08 13.58 -39.25
CA LEU A 1715 91.51 14.55 -40.25
C LEU A 1715 90.46 15.64 -40.42
N ILE A 1716 89.19 15.24 -40.55
CA ILE A 1716 88.13 16.22 -40.73
C ILE A 1716 88.03 17.14 -39.51
N SER A 1717 88.16 16.57 -38.32
CA SER A 1717 88.00 17.36 -37.10
C SER A 1717 89.13 18.35 -36.93
N ILE A 1718 90.37 17.91 -37.15
CA ILE A 1718 91.50 18.80 -36.97
C ILE A 1718 91.48 19.91 -38.02
N HIS A 1719 91.26 19.54 -39.29
CA HIS A 1719 91.55 20.47 -40.37
C HIS A 1719 90.34 21.05 -41.07
N LEU A 1720 89.18 20.38 -41.06
CA LEU A 1720 88.09 20.78 -41.93
C LEU A 1720 86.78 21.10 -41.22
N GLU A 1721 86.59 20.62 -40.00
CA GLU A 1721 85.27 20.69 -39.38
C GLU A 1721 84.81 22.13 -39.16
N SER A 1722 85.68 22.98 -38.61
CA SER A 1722 85.29 24.36 -38.34
C SER A 1722 84.99 25.12 -39.62
N ALA A 1723 85.84 24.97 -40.63
CA ALA A 1723 85.60 25.65 -41.90
C ALA A 1723 84.31 25.18 -42.54
N CYS A 1724 84.07 23.88 -42.52
CA CYS A 1724 82.84 23.35 -43.09
C CYS A 1724 81.62 23.89 -42.37
N ARG A 1725 81.67 23.94 -41.05
CA ARG A 1725 80.51 24.41 -40.30
C ARG A 1725 80.25 25.89 -40.57
N SER A 1726 81.30 26.71 -40.57
CA SER A 1726 81.10 28.13 -40.81
C SER A 1726 80.61 28.40 -42.23
N ARG A 1727 81.08 27.62 -43.21
CA ARG A 1727 80.57 27.76 -44.57
C ARG A 1727 79.12 27.31 -44.67
N ARG A 1728 78.80 26.18 -44.06
CA ARG A 1728 77.45 25.64 -44.12
C ARG A 1728 76.46 26.59 -43.47
N SER A 1729 76.88 27.30 -42.42
CA SER A 1729 76.01 28.29 -41.82
C SER A 1729 75.63 29.37 -42.83
N MET A 1730 76.56 29.74 -43.68
CA MET A 1730 76.35 30.81 -44.65
C MET A 1730 75.74 30.33 -45.95
N LEU A 1731 75.61 29.02 -46.15
CA LEU A 1731 75.07 28.51 -47.40
C LEU A 1731 73.57 28.77 -47.58
N SER A 1732 72.85 29.06 -46.51
CA SER A 1732 71.40 29.21 -46.64
C SER A 1732 70.96 30.61 -47.03
N GLU A 1733 71.89 31.52 -47.25
CA GLU A 1733 71.59 32.88 -47.66
C GLU A 1733 72.21 33.15 -49.03
N TYR A 1734 71.56 34.02 -49.80
CA TYR A 1734 71.99 34.29 -51.17
C TYR A 1734 72.10 35.81 -51.36
N ILE A 1735 73.30 36.33 -51.16
CA ILE A 1735 73.60 37.74 -51.37
C ILE A 1735 74.29 37.85 -52.71
N VAL A 1736 73.60 38.39 -53.71
CA VAL A 1736 74.03 38.32 -55.09
C VAL A 1736 74.51 39.72 -55.50
N PRO A 1737 75.80 39.94 -55.68
CA PRO A 1737 76.26 41.23 -56.20
C PRO A 1737 75.88 41.39 -57.65
N LEU A 1738 75.60 42.63 -58.03
CA LEU A 1738 75.15 42.94 -59.39
C LEU A 1738 76.36 43.21 -60.27
N THR A 1739 77.14 42.18 -60.46
CA THR A 1739 78.34 42.20 -61.27
C THR A 1739 78.07 41.65 -62.66
N PRO A 1740 78.94 41.93 -63.62
CA PRO A 1740 78.75 41.34 -64.96
C PRO A 1740 78.70 39.82 -64.96
N GLU A 1741 79.50 39.18 -64.11
CA GLU A 1741 79.42 37.73 -63.99
C GLU A 1741 78.02 37.31 -63.57
N THR A 1742 77.41 38.06 -62.66
CA THR A 1742 76.03 37.80 -62.29
C THR A 1742 75.10 38.00 -63.48
N ARG A 1743 75.37 39.03 -64.28
CA ARG A 1743 74.52 39.30 -65.44
CA ARG A 1743 74.52 39.30 -65.44
C ARG A 1743 74.53 38.14 -66.43
N ALA A 1744 75.69 37.52 -66.62
CA ALA A 1744 75.79 36.43 -67.59
C ALA A 1744 75.05 35.17 -67.16
N ILE A 1745 74.56 35.10 -65.93
CA ILE A 1745 73.97 33.86 -65.43
C ILE A 1745 72.59 33.65 -66.04
N THR A 1746 72.36 32.46 -66.58
CA THR A 1746 71.07 32.07 -67.12
C THR A 1746 70.70 30.70 -66.56
N LEU A 1747 69.41 30.38 -66.61
CA LEU A 1747 68.96 29.11 -66.05
C LEU A 1747 69.54 27.93 -66.82
N PHE A 1748 69.37 27.92 -68.13
CA PHE A 1748 69.86 26.82 -68.93
C PHE A 1748 71.09 27.25 -69.72
N PRO A 1749 72.05 26.36 -69.91
CA PRO A 1749 73.23 26.72 -70.69
C PRO A 1749 72.83 27.04 -72.11
N PRO A 1750 73.60 27.89 -72.79
CA PRO A 1750 73.23 28.29 -74.15
C PRO A 1750 73.16 27.09 -75.09
N GLY A 1751 71.97 26.78 -75.60
CA GLY A 1751 71.78 25.60 -76.40
C GLY A 1751 70.67 25.82 -77.43
N ARG A 1752 70.31 24.72 -78.09
CA ARG A 1752 69.31 24.75 -79.15
C ARG A 1752 68.24 23.68 -78.95
N LYS A 1753 68.05 23.21 -77.72
CA LYS A 1753 67.07 22.15 -77.47
C LYS A 1753 65.65 22.66 -77.65
N GLY A 1754 65.28 23.69 -76.89
CA GLY A 1754 63.95 24.27 -77.01
C GLY A 1754 63.92 25.65 -76.38
N GLY A 1755 63.07 26.51 -76.93
CA GLY A 1755 62.96 27.87 -76.40
C GLY A 1755 62.40 27.89 -74.99
N ASN A 1756 61.36 27.10 -74.73
CA ASN A 1756 60.76 27.05 -73.40
C ASN A 1756 61.71 26.42 -72.39
N ALA A 1757 62.50 25.45 -72.82
CA ALA A 1757 63.45 24.79 -71.94
C ALA A 1757 64.49 24.08 -72.78
N ARG A 1758 65.75 24.50 -72.65
CA ARG A 1758 66.86 23.69 -73.12
C ARG A 1758 67.19 22.65 -72.05
N ARG A 1759 68.22 21.86 -72.28
CA ARG A 1759 68.58 20.81 -71.33
C ARG A 1759 69.17 21.39 -70.05
N HIS A 1760 68.97 20.67 -68.96
CA HIS A 1760 69.57 21.06 -67.68
C HIS A 1760 71.08 20.98 -67.76
N GLY A 1761 71.74 21.93 -67.12
CA GLY A 1761 73.17 21.80 -66.91
C GLY A 1761 73.48 20.83 -65.79
N LEU A 1762 74.74 20.47 -65.68
CA LEU A 1762 75.16 19.62 -64.58
C LEU A 1762 75.02 20.40 -63.27
N PRO A 1763 74.41 19.81 -62.24
CA PRO A 1763 74.32 20.50 -60.95
C PRO A 1763 75.71 20.74 -60.37
N GLY A 1764 75.88 21.90 -59.76
CA GLY A 1764 77.14 22.24 -59.15
C GLY A 1764 78.24 22.63 -60.11
N VAL A 1765 77.93 22.76 -61.40
CA VAL A 1765 78.88 23.19 -62.41
C VAL A 1765 78.37 24.49 -62.99
N GLY A 1766 79.20 25.52 -62.93
CA GLY A 1766 78.84 26.79 -63.51
C GLY A 1766 79.35 27.92 -62.66
N VAL A 1767 78.93 29.12 -63.00
CA VAL A 1767 79.36 30.35 -62.32
C VAL A 1767 78.35 30.68 -61.26
N THR A 1768 78.81 30.84 -60.02
CA THR A 1768 77.97 31.24 -58.91
C THR A 1768 78.57 32.49 -58.29
N THR A 1769 77.75 33.52 -58.12
CA THR A 1769 78.23 34.81 -57.67
C THR A 1769 77.82 35.16 -56.24
N SER A 1770 77.11 34.27 -55.54
CA SER A 1770 76.70 34.57 -54.18
C SER A 1770 77.92 34.73 -53.28
N LEU A 1771 77.82 35.65 -52.33
CA LEU A 1771 78.95 35.95 -51.46
C LEU A 1771 79.09 34.90 -50.37
N ARG A 1772 80.20 34.22 -50.38
CA ARG A 1772 80.60 33.30 -49.32
C ARG A 1772 81.98 33.69 -48.83
N PRO A 1773 82.19 33.81 -47.53
CA PRO A 1773 83.51 34.17 -47.01
C PRO A 1773 84.55 33.10 -47.33
N PRO A 1774 85.80 33.49 -47.50
CA PRO A 1774 86.86 32.50 -47.69
C PRO A 1774 87.23 31.81 -46.39
N HIS A 1775 87.93 30.69 -46.53
CA HIS A 1775 88.44 29.98 -45.38
C HIS A 1775 89.75 30.60 -44.92
N HIS A 1776 90.04 30.48 -43.62
CA HIS A 1776 91.27 30.99 -43.06
C HIS A 1776 91.97 29.89 -42.27
N PHE A 1777 93.21 29.61 -42.63
CA PHE A 1777 94.00 28.56 -42.01
C PHE A 1777 95.36 29.10 -41.62
N SER A 1778 95.90 28.55 -40.54
CA SER A 1778 97.23 28.89 -40.08
C SER A 1778 98.12 27.66 -40.13
N PRO A 1779 99.36 27.80 -40.57
CA PRO A 1779 100.24 26.64 -40.68
C PRO A 1779 100.59 26.11 -39.31
N PRO A 1780 100.56 24.80 -39.13
CA PRO A 1780 101.01 24.24 -37.86
C PRO A 1780 102.53 24.28 -37.75
N CYS A 1781 103.04 25.17 -36.91
CA CYS A 1781 104.45 25.28 -36.63
C CYS A 1781 104.63 25.44 -35.13
N PHE A 1782 105.52 24.63 -34.55
CA PHE A 1782 105.67 24.59 -33.10
C PHE A 1782 107.02 25.10 -32.64
N VAL A 1783 107.73 25.83 -33.49
CA VAL A 1783 108.94 26.53 -33.11
C VAL A 1783 108.78 28.03 -33.17
N ALA A 1784 107.56 28.52 -33.39
CA ALA A 1784 107.31 29.96 -33.39
C ALA A 1784 107.45 30.53 -31.98
N ALA A 1785 107.90 31.76 -31.91
CA ALA A 1785 108.04 32.44 -30.62
C ALA A 1785 106.68 32.57 -29.95
N LEU A 1786 106.64 32.27 -28.67
CA LEU A 1786 105.37 32.29 -27.95
C LEU A 1786 104.90 33.73 -27.78
N PRO A 1787 103.70 34.08 -28.23
CA PRO A 1787 103.30 35.49 -28.26
C PRO A 1787 103.25 36.08 -26.86
N ALA A 1788 103.66 37.35 -26.77
CA ALA A 1788 103.64 38.06 -25.50
C ALA A 1788 102.24 38.42 -25.04
N ALA A 1789 101.25 38.33 -25.93
CA ALA A 1789 99.88 38.63 -25.54
C ALA A 1789 99.37 37.60 -24.55
N GLY A 1790 98.64 38.07 -23.54
CA GLY A 1790 98.13 37.19 -22.52
C GLY A 1790 96.91 36.42 -23.00
N VAL A 1791 96.43 35.54 -22.12
CA VAL A 1791 95.24 34.76 -22.42
C VAL A 1791 94.03 35.70 -22.45
N ALA A 1792 93.03 35.32 -23.25
CA ALA A 1792 91.77 36.05 -23.46
C ALA A 1792 92.00 37.41 -24.12
N GLU A 1793 93.16 37.64 -24.72
CA GLU A 1793 93.42 38.88 -25.44
C GLU A 1793 94.03 38.65 -26.82
N ALA A 1794 94.75 37.55 -27.02
CA ALA A 1794 95.29 37.24 -28.33
C ALA A 1794 94.16 36.85 -29.30
N PRO A 1795 94.34 37.12 -30.58
CA PRO A 1795 93.28 36.78 -31.55
C PRO A 1795 93.03 35.28 -31.60
N ALA A 1796 91.81 34.92 -31.95
CA ALA A 1796 91.42 33.52 -32.01
C ALA A 1796 92.27 32.76 -33.01
N ARG A 1797 92.68 31.56 -32.63
CA ARG A 1797 93.50 30.73 -33.50
C ARG A 1797 92.68 30.20 -34.67
N LEU A 1798 93.31 30.13 -35.83
CA LEU A 1798 92.68 29.58 -37.01
C LEU A 1798 92.99 28.10 -37.12
N SER A 1799 92.22 27.40 -37.95
CA SER A 1799 92.39 25.97 -38.09
C SER A 1799 93.74 25.67 -38.74
N PRO A 1800 94.34 24.53 -38.41
CA PRO A 1800 95.60 24.15 -39.05
C PRO A 1800 95.41 23.98 -40.54
N ALA A 1801 96.46 24.26 -41.29
CA ALA A 1801 96.42 24.17 -42.74
C ALA A 1801 96.82 22.77 -43.18
N ILE A 1802 96.16 22.28 -44.22
CA ILE A 1802 96.58 21.05 -44.91
C ILE A 1802 96.40 21.33 -46.39
N PRO A 1803 97.24 20.79 -47.27
CA PRO A 1803 97.09 21.09 -48.70
C PRO A 1803 95.79 20.57 -49.29
N LEU A 1804 94.90 21.51 -49.63
CA LEU A 1804 93.55 21.13 -50.02
C LEU A 1804 93.49 20.58 -51.43
N GLU A 1805 94.31 21.09 -52.35
CA GLU A 1805 94.31 20.57 -53.70
C GLU A 1805 94.78 19.12 -53.73
N ALA A 1806 95.89 18.84 -53.06
CA ALA A 1806 96.36 17.46 -52.97
C ALA A 1806 95.37 16.59 -52.24
N LEU A 1807 94.76 17.10 -51.18
CA LEU A 1807 93.78 16.31 -50.44
C LEU A 1807 92.58 15.96 -51.30
N ARG A 1808 92.09 16.91 -52.09
CA ARG A 1808 90.93 16.63 -52.92
C ARG A 1808 91.27 15.68 -54.06
N ASP A 1809 92.47 15.80 -54.63
CA ASP A 1809 92.87 14.84 -55.65
C ASP A 1809 92.96 13.44 -55.07
N LYS A 1810 93.54 13.30 -53.88
CA LYS A 1810 93.61 12.01 -53.23
C LYS A 1810 92.21 11.48 -52.94
N ALA A 1811 91.30 12.34 -52.49
CA ALA A 1811 89.95 11.90 -52.19
C ALA A 1811 89.24 11.39 -53.44
N LEU A 1812 89.35 12.11 -54.55
CA LEU A 1812 88.73 11.67 -55.79
C LEU A 1812 89.31 10.35 -56.26
N ARG A 1813 90.64 10.22 -56.20
CA ARG A 1813 91.26 8.97 -56.62
C ARG A 1813 90.79 7.82 -55.76
N MET A 1814 90.71 8.03 -54.45
CA MET A 1814 90.27 6.96 -53.56
C MET A 1814 88.83 6.58 -53.81
N LEU A 1815 87.96 7.56 -54.06
CA LEU A 1815 86.57 7.25 -54.34
C LEU A 1815 86.44 6.43 -55.62
N GLY A 1816 87.21 6.79 -56.65
CA GLY A 1816 87.17 6.00 -57.87
C GLY A 1816 87.66 4.59 -57.66
N GLU A 1817 88.74 4.43 -56.90
CA GLU A 1817 89.24 3.09 -56.60
C GLU A 1817 88.20 2.29 -55.84
N ALA A 1818 87.51 2.92 -54.89
CA ALA A 1818 86.47 2.23 -54.13
C ALA A 1818 85.32 1.81 -55.01
N VAL A 1819 84.91 2.66 -55.95
CA VAL A 1819 83.81 2.30 -56.85
C VAL A 1819 84.20 1.12 -57.71
N ARG A 1820 85.41 1.13 -58.27
CA ARG A 1820 85.85 -0.01 -59.09
C ARG A 1820 85.94 -1.28 -58.26
N ASP A 1821 86.45 -1.16 -57.03
CA ASP A 1821 86.56 -2.33 -56.16
C ASP A 1821 85.19 -2.91 -55.83
N GLY A 1822 84.23 -2.04 -55.53
CA GLY A 1822 82.89 -2.52 -55.26
C GLY A 1822 82.25 -3.17 -56.47
N GLY A 1823 82.50 -2.64 -57.66
CA GLY A 1823 82.05 -3.32 -58.86
C GLY A 1823 82.67 -4.69 -59.03
N GLN A 1824 83.94 -4.84 -58.63
CA GLN A 1824 84.59 -6.13 -58.73
C GLN A 1824 84.06 -7.14 -57.71
N HIS A 1825 83.40 -6.68 -56.65
CA HIS A 1825 82.81 -7.54 -55.63
C HIS A 1825 83.85 -8.45 -54.98
N ALA A 1826 84.99 -7.87 -54.62
CA ALA A 1826 86.02 -8.61 -53.92
C ALA A 1826 85.55 -8.99 -52.52
N ARG A 1827 86.11 -10.08 -51.99
CA ARG A 1827 85.69 -10.59 -50.70
C ARG A 1827 86.45 -9.97 -49.53
N ASP A 1828 87.41 -9.08 -49.78
CA ASP A 1828 88.15 -8.41 -48.73
C ASP A 1828 88.08 -6.91 -48.98
N PRO A 1829 86.95 -6.30 -48.70
CA PRO A 1829 86.84 -4.85 -48.86
C PRO A 1829 87.72 -4.13 -47.86
N VAL A 1830 88.16 -2.94 -48.23
CA VAL A 1830 88.97 -2.13 -47.33
C VAL A 1830 88.17 -1.86 -46.07
N GLY A 1831 88.84 -1.95 -44.92
CA GLY A 1831 88.21 -1.73 -43.66
C GLY A 1831 87.44 -2.90 -43.12
N GLY A 1832 87.39 -4.01 -43.86
CA GLY A 1832 86.68 -5.19 -43.41
C GLY A 1832 85.23 -5.26 -43.82
N SER A 1833 84.68 -4.19 -44.36
CA SER A 1833 83.29 -4.19 -44.83
C SER A 1833 83.11 -3.07 -45.84
N VAL A 1834 82.04 -3.19 -46.62
CA VAL A 1834 81.74 -2.17 -47.62
C VAL A 1834 81.44 -0.84 -46.94
N GLU A 1835 80.79 -0.89 -45.78
CA GLU A 1835 80.52 0.32 -45.02
C GLU A 1835 81.82 1.02 -44.66
N PHE A 1836 82.78 0.28 -44.09
CA PHE A 1836 84.06 0.86 -43.73
C PHE A 1836 84.87 1.28 -44.95
N GLN A 1837 84.61 0.69 -46.12
CA GLN A 1837 85.30 1.12 -47.32
C GLN A 1837 84.77 2.42 -47.88
N PHE A 1838 83.45 2.63 -47.83
CA PHE A 1838 82.85 3.77 -48.51
C PHE A 1838 82.56 4.94 -47.60
N VAL A 1839 82.02 4.70 -46.39
CA VAL A 1839 81.55 5.81 -45.56
C VAL A 1839 82.63 6.85 -45.29
N PRO A 1840 83.85 6.50 -44.88
CA PRO A 1840 84.85 7.55 -44.66
C PRO A 1840 85.16 8.37 -45.91
N VAL A 1841 85.26 7.72 -47.07
CA VAL A 1841 85.58 8.45 -48.29
C VAL A 1841 84.45 9.42 -48.64
N LEU A 1842 83.21 8.97 -48.52
CA LEU A 1842 82.08 9.83 -48.83
C LEU A 1842 81.96 10.98 -47.85
N LYS A 1843 82.25 10.74 -46.56
CA LYS A 1843 82.26 11.84 -45.61
C LYS A 1843 83.30 12.88 -46.01
N LEU A 1844 84.50 12.43 -46.39
CA LEU A 1844 85.55 13.36 -46.80
C LEU A 1844 85.13 14.16 -48.01
N VAL A 1845 84.56 13.50 -49.02
CA VAL A 1845 84.18 14.18 -50.25
C VAL A 1845 83.06 15.17 -49.99
N SER A 1846 82.07 14.79 -49.17
CA SER A 1846 80.97 15.69 -48.86
C SER A 1846 81.48 16.93 -48.15
N THR A 1847 82.40 16.76 -47.20
CA THR A 1847 82.96 17.90 -46.51
C THR A 1847 83.69 18.83 -47.47
N LEU A 1848 84.50 18.26 -48.37
CA LEU A 1848 85.21 19.10 -49.32
C LEU A 1848 84.27 19.77 -50.30
N LEU A 1849 83.20 19.10 -50.70
CA LEU A 1849 82.21 19.71 -51.57
C LEU A 1849 81.56 20.92 -50.90
N VAL A 1850 81.12 20.75 -49.65
CA VAL A 1850 80.48 21.86 -48.95
C VAL A 1850 81.46 23.01 -48.78
N MET A 1851 82.70 22.71 -48.41
CA MET A 1851 83.69 23.77 -48.32
C MET A 1851 83.99 24.40 -49.67
N GLY A 1852 83.68 23.73 -50.77
CA GLY A 1852 83.86 24.31 -52.08
C GLY A 1852 85.22 24.13 -52.68
N ILE A 1853 85.98 23.14 -52.22
CA ILE A 1853 87.33 22.93 -52.74
C ILE A 1853 87.28 22.48 -54.19
N PHE A 1854 86.30 21.65 -54.54
CA PHE A 1854 86.27 21.06 -55.87
C PHE A 1854 85.93 22.09 -56.94
N GLY A 1855 86.56 21.93 -58.10
CA GLY A 1855 86.22 22.71 -59.27
C GLY A 1855 85.27 21.96 -60.17
N ASP A 1856 85.09 22.51 -61.37
CA ASP A 1856 84.07 22.00 -62.29
C ASP A 1856 84.38 20.58 -62.74
N GLU A 1857 85.64 20.31 -63.10
CA GLU A 1857 85.97 18.97 -63.57
C GLU A 1857 85.90 17.94 -62.45
N ASP A 1858 86.30 18.34 -61.24
CA ASP A 1858 86.16 17.44 -60.10
C ASP A 1858 84.70 17.12 -59.85
N VAL A 1859 83.83 18.13 -59.95
CA VAL A 1859 82.40 17.89 -59.78
C VAL A 1859 81.88 16.96 -60.87
N LYS A 1860 82.34 17.15 -62.10
CA LYS A 1860 81.92 16.27 -63.20
C LYS A 1860 82.32 14.83 -62.91
N GLN A 1861 83.53 14.63 -62.40
CA GLN A 1861 83.97 13.28 -62.08
C GLN A 1861 83.13 12.67 -60.96
N ILE A 1862 82.83 13.45 -59.93
CA ILE A 1862 81.98 12.93 -58.86
C ILE A 1862 80.62 12.55 -59.42
N LEU A 1863 80.08 13.36 -60.33
CA LEU A 1863 78.78 13.07 -60.90
C LEU A 1863 78.81 11.81 -61.76
N LYS A 1864 79.87 11.61 -62.54
CA LYS A 1864 80.02 10.37 -63.29
C LYS A 1864 80.09 9.19 -62.34
N MET A 1865 80.80 9.36 -61.22
CA MET A 1865 80.90 8.30 -60.22
C MET A 1865 79.54 7.95 -59.67
N ILE A 1866 78.71 8.97 -59.39
CA ILE A 1866 77.38 8.72 -58.86
C ILE A 1866 76.50 8.03 -59.90
N GLU A 1867 76.47 8.54 -61.11
CA GLU A 1867 75.66 7.97 -62.17
C GLU A 1867 76.24 8.32 -63.53
N PRO A 1868 77.03 7.42 -64.12
CA PRO A 1868 77.71 7.75 -65.38
C PRO A 1868 76.78 8.04 -66.54
N GLU A 1869 75.59 7.43 -66.56
CA GLU A 1869 74.70 7.58 -67.71
C GLU A 1869 73.90 8.88 -67.66
N VAL A 1870 73.36 9.23 -66.49
CA VAL A 1870 72.54 10.42 -66.38
C VAL A 1870 73.38 11.68 -66.50
N PHE A 1871 74.57 11.67 -65.91
CA PHE A 1871 75.39 12.87 -65.76
C PHE A 1871 76.53 12.92 -66.77
N THR A 1872 76.27 12.51 -68.01
CA THR A 1872 77.22 12.68 -69.09
C THR A 1872 76.86 13.94 -69.87
N GLU A 1873 77.84 14.81 -70.08
CA GLU A 1873 77.60 16.07 -70.76
C GLU A 1873 77.89 15.95 -72.24
N GLU A 1874 77.20 16.76 -73.03
CA GLU A 1874 77.39 16.77 -74.48
C GLU A 1874 76.87 18.07 -75.09
N LEU A 1922 83.86 -2.31 -65.45
CA LEU A 1922 82.55 -2.03 -64.87
C LEU A 1922 82.49 -0.61 -64.32
N GLU A 1923 81.91 0.29 -65.10
CA GLU A 1923 81.80 1.70 -64.71
C GLU A 1923 80.45 2.00 -64.09
N GLU A 1924 79.82 0.97 -63.52
CA GLU A 1924 78.55 1.12 -62.83
C GLU A 1924 78.69 2.13 -61.69
N GLY A 1925 77.76 3.08 -61.64
CA GLY A 1925 77.84 4.14 -60.66
C GLY A 1925 77.48 3.69 -59.27
N LEU A 1926 77.57 4.63 -58.33
CA LEU A 1926 77.27 4.33 -56.94
C LEU A 1926 75.81 4.00 -56.72
N LEU A 1927 74.91 4.60 -57.48
CA LEU A 1927 73.49 4.42 -57.21
C LEU A 1927 72.98 3.05 -57.61
N GLN A 1928 73.80 2.23 -58.27
CA GLN A 1928 73.39 0.92 -58.74
C GLN A 1928 74.17 -0.21 -58.08
N MET A 1929 74.84 0.04 -56.96
CA MET A 1929 75.76 -0.94 -56.40
C MET A 1929 75.18 -1.71 -55.22
N LYS A 1930 74.01 -1.33 -54.72
CA LYS A 1930 73.40 -1.95 -53.54
C LYS A 1930 74.32 -1.81 -52.34
N LEU A 1931 74.20 -0.66 -51.70
CA LEU A 1931 74.98 -0.27 -50.55
C LEU A 1931 74.20 -0.44 -49.27
N PRO A 1932 74.87 -0.58 -48.14
CA PRO A 1932 74.17 -0.58 -46.86
C PRO A 1932 73.66 0.80 -46.48
N GLU A 1933 72.96 0.87 -45.34
CA GLU A 1933 72.21 2.07 -45.01
C GLU A 1933 73.11 3.24 -44.66
N SER A 1934 74.28 3.00 -44.07
CA SER A 1934 75.19 4.11 -43.80
C SER A 1934 75.67 4.75 -45.10
N VAL A 1935 76.02 3.92 -46.09
CA VAL A 1935 76.44 4.45 -47.37
C VAL A 1935 75.30 5.16 -48.06
N LYS A 1936 74.08 4.63 -47.91
CA LYS A 1936 72.92 5.33 -48.46
C LYS A 1936 72.74 6.70 -47.82
N LEU A 1937 72.96 6.80 -46.51
CA LEU A 1937 72.86 8.09 -45.83
C LEU A 1937 73.89 9.07 -46.38
N GLN A 1938 75.11 8.61 -46.62
CA GLN A 1938 76.12 9.48 -47.19
C GLN A 1938 75.76 9.92 -48.61
N MET A 1939 75.21 9.01 -49.41
CA MET A 1939 74.75 9.37 -50.73
C MET A 1939 73.65 10.43 -50.66
N CYS A 1940 72.78 10.33 -49.64
CA CYS A 1940 71.77 11.34 -49.45
C CYS A 1940 72.40 12.69 -49.12
N ASN A 1941 73.48 12.70 -48.35
CA ASN A 1941 74.18 13.97 -48.12
C ASN A 1941 74.70 14.56 -49.43
N LEU A 1942 75.32 13.73 -50.27
CA LEU A 1942 75.84 14.24 -51.54
C LEU A 1942 74.73 14.80 -52.41
N LEU A 1943 73.64 14.03 -52.56
CA LEU A 1943 72.54 14.49 -53.40
C LEU A 1943 71.88 15.74 -52.82
N GLU A 1944 71.86 15.87 -51.50
CA GLU A 1944 71.36 17.09 -50.88
C GLU A 1944 72.22 18.28 -51.26
N TYR A 1945 73.54 18.09 -51.28
CA TYR A 1945 74.40 19.18 -51.71
C TYR A 1945 74.09 19.59 -53.15
N PHE A 1946 73.91 18.63 -54.03
CA PHE A 1946 73.64 18.99 -55.42
C PHE A 1946 72.27 19.66 -55.58
N CYS A 1947 71.28 19.24 -54.80
CA CYS A 1947 70.00 19.92 -54.82
C CYS A 1947 70.15 21.36 -54.34
N ASP A 1948 70.96 21.57 -53.31
CA ASP A 1948 71.21 22.93 -52.84
C ASP A 1948 71.85 23.78 -53.93
N GLN A 1949 72.78 23.19 -54.67
CA GLN A 1949 73.39 23.94 -55.76
C GLN A 1949 72.39 24.31 -56.84
N GLU A 1950 71.46 23.40 -57.14
CA GLU A 1950 70.43 23.73 -58.11
C GLU A 1950 69.55 24.87 -57.63
N LEU A 1951 69.18 24.85 -56.34
CA LEU A 1951 68.36 25.93 -55.80
C LEU A 1951 69.11 27.26 -55.84
N GLN A 1952 70.38 27.25 -55.45
CA GLN A 1952 71.17 28.47 -55.48
C GLN A 1952 71.30 29.00 -56.90
N HIS A 1953 71.45 28.11 -57.87
CA HIS A 1953 71.51 28.53 -59.26
C HIS A 1953 70.21 29.18 -59.69
N ARG A 1954 69.07 28.62 -59.26
CA ARG A 1954 67.80 29.25 -59.61
C ARG A 1954 67.69 30.64 -59.01
N VAL A 1955 68.08 30.80 -57.76
CA VAL A 1955 68.00 32.10 -57.11
C VAL A 1955 68.88 33.12 -57.84
N GLU A 1956 70.10 32.71 -58.18
CA GLU A 1956 71.01 33.63 -58.86
C GLU A 1956 70.52 33.96 -60.26
N SER A 1957 69.96 32.99 -60.98
CA SER A 1957 69.41 33.25 -62.30
C SER A 1957 68.24 34.23 -62.21
N LEU A 1958 67.41 34.07 -61.18
CA LEU A 1958 66.31 35.00 -60.96
C LEU A 1958 66.83 36.40 -60.67
N ALA A 1959 67.88 36.51 -59.85
CA ALA A 1959 68.46 37.82 -59.56
C ALA A 1959 69.05 38.47 -60.81
N ALA A 1960 69.71 37.68 -61.65
CA ALA A 1960 70.26 38.21 -62.89
C ALA A 1960 69.16 38.72 -63.81
N PHE A 1961 68.08 37.95 -63.94
CA PHE A 1961 66.96 38.43 -64.74
C PHE A 1961 66.37 39.68 -64.14
N ALA A 1962 66.34 39.78 -62.81
CA ALA A 1962 65.86 41.00 -62.17
C ALA A 1962 66.73 42.18 -62.56
N GLU A 1963 68.05 41.97 -62.60
CA GLU A 1963 68.95 43.05 -62.98
C GLU A 1963 68.70 43.52 -64.40
N ARG A 1964 68.44 42.59 -65.33
CA ARG A 1964 68.16 43.01 -66.70
C ARG A 1964 66.79 43.67 -66.82
N TYR A 1965 65.77 43.06 -66.25
CA TYR A 1965 64.41 43.53 -66.42
C TYR A 1965 64.19 44.86 -65.71
N VAL A 1966 64.88 45.11 -64.61
CA VAL A 1966 64.73 46.38 -63.93
C VAL A 1966 65.29 47.51 -64.77
N ASP A 1967 66.43 47.27 -65.43
CA ASP A 1967 66.95 48.26 -66.35
C ASP A 1967 65.95 48.56 -67.46
N LYS A 1968 65.39 47.51 -68.06
CA LYS A 1968 64.41 47.73 -69.13
C LYS A 1968 63.19 48.50 -68.60
N LEU A 1969 62.67 48.11 -67.44
CA LEU A 1969 61.49 48.77 -66.89
C LEU A 1969 61.76 50.22 -66.57
N GLN A 1970 62.92 50.52 -65.97
CA GLN A 1970 63.23 51.89 -65.62
C GLN A 1970 63.38 52.75 -66.88
N ALA A 1971 64.04 52.23 -67.90
CA ALA A 1971 64.14 52.99 -69.15
C ALA A 1971 62.77 53.26 -69.73
N ASN A 1972 61.89 52.26 -69.74
CA ASN A 1972 60.56 52.47 -70.28
C ASN A 1972 59.77 53.47 -69.44
N GLN A 1973 59.88 53.40 -68.12
CA GLN A 1973 59.11 54.32 -67.28
C GLN A 1973 59.59 55.74 -67.47
N ARG A 1974 60.90 55.93 -67.63
CA ARG A 1974 61.41 57.26 -67.92
C ARG A 1974 60.89 57.76 -69.26
N SER A 1975 60.88 56.90 -70.28
CA SER A 1975 60.35 57.32 -71.58
C SER A 1975 58.86 57.65 -71.48
N ARG A 1976 58.10 56.82 -70.77
CA ARG A 1976 56.67 57.05 -70.65
C ARG A 1976 56.38 58.34 -69.90
N TYR A 1977 57.15 58.64 -68.86
CA TYR A 1977 56.97 59.91 -68.16
C TYR A 1977 57.35 61.09 -69.05
N ALA A 1978 58.39 60.93 -69.86
CA ALA A 1978 58.75 61.98 -70.81
C ALA A 1978 57.61 62.27 -71.76
N LEU A 1979 57.01 61.22 -72.34
CA LEU A 1979 55.90 61.44 -73.26
C LEU A 1979 54.61 61.80 -72.55
N LEU A 1980 54.52 61.55 -71.24
CA LEU A 1980 53.36 61.98 -70.48
C LEU A 1980 53.44 63.44 -70.06
N MET A 1981 54.65 63.99 -70.02
CA MET A 1981 54.78 65.42 -69.74
C MET A 1981 54.19 66.30 -70.84
N ARG A 1982 53.89 65.74 -72.01
CA ARG A 1982 53.24 66.46 -73.08
C ARG A 1982 51.80 66.01 -73.30
N ALA A 1983 51.21 65.31 -72.33
CA ALA A 1983 49.90 64.70 -72.55
C ALA A 1983 48.77 65.71 -72.54
N PHE A 1984 48.97 66.89 -71.94
CA PHE A 1984 47.87 67.85 -71.79
C PHE A 1984 47.33 68.31 -73.15
N THR A 1985 48.19 68.36 -74.16
CA THR A 1985 47.76 68.87 -75.46
C THR A 1985 46.77 67.95 -76.16
N MET A 1986 46.69 66.67 -75.77
CA MET A 1986 45.74 65.76 -76.39
C MET A 1986 44.95 64.95 -75.36
N SER A 1987 44.73 65.48 -74.16
CA SER A 1987 44.07 64.71 -73.12
C SER A 1987 43.26 65.66 -72.24
N ALA A 1988 42.85 65.16 -71.08
CA ALA A 1988 41.93 65.88 -70.19
C ALA A 1988 42.30 65.54 -68.76
N ALA A 1989 41.39 65.83 -67.83
CA ALA A 1989 41.67 65.61 -66.40
C ALA A 1989 41.85 64.13 -66.08
N GLU A 1990 41.61 63.25 -67.05
CA GLU A 1990 41.88 61.83 -66.89
C GLU A 1990 43.40 61.52 -66.82
N THR A 1991 44.24 62.53 -67.10
CA THR A 1991 45.68 62.38 -66.92
C THR A 1991 46.03 61.97 -65.50
N ALA A 1992 45.16 62.28 -64.54
CA ALA A 1992 45.40 61.85 -63.16
C ALA A 1992 45.48 60.33 -63.07
N ARG A 1993 44.64 59.63 -63.84
CA ARG A 1993 44.72 58.18 -63.86
C ARG A 1993 46.05 57.69 -64.43
N ARG A 1994 46.50 58.31 -65.53
CA ARG A 1994 47.75 57.88 -66.16
C ARG A 1994 48.95 58.19 -65.28
N THR A 1995 48.88 59.27 -64.52
CA THR A 1995 49.98 59.68 -63.66
C THR A 1995 49.97 59.00 -62.29
N ARG A 1996 48.92 58.23 -61.98
CA ARG A 1996 48.86 57.54 -60.70
C ARG A 1996 50.07 56.65 -60.46
N GLU A 1997 50.65 56.11 -61.53
CA GLU A 1997 51.89 55.34 -61.39
C GLU A 1997 53.01 56.21 -60.83
N PHE A 1998 53.11 57.45 -61.33
CA PHE A 1998 54.19 58.32 -60.91
C PHE A 1998 53.91 59.04 -59.60
N ARG A 1999 52.71 58.88 -59.03
CA ARG A 1999 52.43 59.41 -57.70
C ARG A 1999 52.14 58.29 -56.70
N SER A 2000 52.79 57.14 -56.87
CA SER A 2000 52.60 56.00 -55.99
C SER A 2000 53.95 55.44 -55.59
N PRO A 2001 54.05 54.86 -54.39
CA PRO A 2001 55.35 54.44 -53.89
C PRO A 2001 55.97 53.39 -54.79
N PRO A 2002 57.30 53.33 -54.86
CA PRO A 2002 57.96 52.51 -55.89
C PRO A 2002 57.57 51.05 -55.85
N GLN A 2003 57.36 50.49 -54.66
CA GLN A 2003 56.89 49.12 -54.58
C GLN A 2003 55.54 48.95 -55.27
N GLU A 2004 54.63 49.89 -55.06
CA GLU A 2004 53.34 49.83 -55.73
C GLU A 2004 53.47 50.05 -57.23
N GLN A 2005 54.39 50.92 -57.63
CA GLN A 2005 54.65 51.09 -59.06
C GLN A 2005 55.05 49.77 -59.70
N ILE A 2006 56.02 49.09 -59.09
CA ILE A 2006 56.50 47.84 -59.67
C ILE A 2006 55.44 46.74 -59.57
N ASN A 2007 54.60 46.79 -58.52
CA ASN A 2007 53.49 45.84 -58.44
C ASN A 2007 52.53 46.02 -59.60
N MET A 2008 52.14 47.25 -59.89
CA MET A 2008 51.23 47.50 -60.99
C MET A 2008 51.90 47.18 -62.32
N LEU A 2009 53.20 47.41 -62.43
CA LEU A 2009 53.92 47.07 -63.65
C LEU A 2009 53.93 45.57 -63.91
N LEU A 2010 54.10 44.77 -62.87
CA LEU A 2010 54.16 43.32 -63.03
C LEU A 2010 52.79 42.65 -62.98
N HIS A 2011 51.71 43.41 -62.96
CA HIS A 2011 50.36 42.83 -62.86
C HIS A 2011 49.77 42.64 -64.25
N PHE A 2012 50.32 41.66 -64.97
CA PHE A 2012 49.80 41.33 -66.28
C PHE A 2012 49.86 39.83 -66.56
N LYS A 2013 49.69 39.00 -65.55
CA LYS A 2013 49.83 37.56 -65.77
C LYS A 2013 48.55 36.91 -66.26
N ASP A 2014 47.40 37.29 -65.69
CA ASP A 2014 46.17 36.56 -65.88
C ASP A 2014 45.43 36.93 -67.16
N GLU A 2015 45.93 37.90 -67.94
CA GLU A 2015 45.37 38.37 -69.20
C GLU A 2015 44.08 39.15 -69.01
N ALA A 2016 43.53 39.19 -67.80
CA ALA A 2016 42.42 40.08 -67.49
C ALA A 2016 42.89 41.42 -66.93
N ASP A 2017 44.20 41.60 -66.76
CA ASP A 2017 44.77 42.82 -66.22
C ASP A 2017 45.76 43.42 -67.21
N GLU A 2018 45.43 43.37 -68.49
CA GLU A 2018 46.29 43.94 -69.52
C GLU A 2018 45.95 45.40 -69.80
N GLU A 2019 44.98 45.98 -69.10
CA GLU A 2019 44.65 47.39 -69.30
C GLU A 2019 45.33 48.30 -68.30
N ASP A 2020 45.50 47.86 -67.05
CA ASP A 2020 46.15 48.68 -66.05
C ASP A 2020 47.67 48.70 -66.22
N CYS A 2021 48.25 47.59 -66.66
CA CYS A 2021 49.69 47.54 -66.88
C CYS A 2021 50.06 48.33 -68.13
N PRO A 2022 50.86 49.38 -68.02
CA PRO A 2022 51.24 50.18 -69.19
C PRO A 2022 52.49 49.70 -69.91
N LEU A 2023 52.97 48.50 -69.61
CA LEU A 2023 54.17 48.01 -70.27
C LEU A 2023 53.86 47.62 -71.71
N PRO A 2024 54.82 47.80 -72.61
CA PRO A 2024 54.65 47.25 -73.96
C PRO A 2024 54.78 45.74 -73.99
N GLU A 2025 54.23 45.17 -75.05
CA GLU A 2025 54.18 43.71 -75.17
C GLU A 2025 55.58 43.11 -75.25
N ASP A 2026 56.54 43.85 -75.83
CA ASP A 2026 57.90 43.33 -75.90
C ASP A 2026 58.49 43.17 -74.51
N ILE A 2027 58.25 44.13 -73.62
CA ILE A 2027 58.74 44.02 -72.25
C ILE A 2027 58.00 42.91 -71.52
N ARG A 2028 56.69 42.81 -71.72
CA ARG A 2028 55.94 41.74 -71.06
C ARG A 2028 56.44 40.37 -71.49
N GLN A 2029 56.84 40.23 -72.75
CA GLN A 2029 57.19 38.92 -73.27
C GLN A 2029 58.47 38.38 -72.63
N ASP A 2030 59.41 39.27 -72.30
CA ASP A 2030 60.63 38.80 -71.67
C ASP A 2030 60.33 38.17 -70.31
N LEU A 2031 59.48 38.82 -69.52
CA LEU A 2031 59.09 38.25 -68.23
C LEU A 2031 58.33 36.94 -68.42
N GLN A 2032 57.43 36.89 -69.40
CA GLN A 2032 56.69 35.66 -69.62
C GLN A 2032 57.60 34.51 -70.01
N ASP A 2033 58.57 34.77 -70.90
CA ASP A 2033 59.51 33.73 -71.29
C ASP A 2033 60.36 33.27 -70.12
N PHE A 2034 60.82 34.21 -69.30
CA PHE A 2034 61.60 33.80 -68.13
C PHE A 2034 60.76 32.99 -67.15
N HIS A 2035 59.50 33.37 -66.94
CA HIS A 2035 58.66 32.59 -66.06
C HIS A 2035 58.48 31.17 -66.61
N GLN A 2036 58.28 31.05 -67.92
CA GLN A 2036 58.13 29.74 -68.53
C GLN A 2036 59.37 28.90 -68.31
N ASP A 2037 60.54 29.46 -68.59
CA ASP A 2037 61.76 28.67 -68.47
C ASP A 2037 62.08 28.36 -67.02
N LEU A 2038 61.71 29.23 -66.08
CA LEU A 2038 61.88 28.92 -64.67
C LEU A 2038 61.00 27.76 -64.25
N LEU A 2039 59.73 27.76 -64.65
CA LEU A 2039 58.87 26.63 -64.34
C LEU A 2039 59.41 25.34 -64.94
N ALA A 2040 59.92 25.41 -66.16
CA ALA A 2040 60.49 24.22 -66.78
C ALA A 2040 61.72 23.74 -66.01
N HIS A 2041 62.58 24.66 -65.60
CA HIS A 2041 63.75 24.31 -64.82
C HIS A 2041 63.38 23.69 -63.49
N CYS A 2042 62.28 24.11 -62.88
CA CYS A 2042 61.77 23.47 -61.68
C CYS A 2042 61.06 22.16 -61.99
N GLY A 2043 60.95 21.79 -63.25
CA GLY A 2043 60.29 20.55 -63.64
C GLY A 2043 58.80 20.54 -63.45
N ILE A 2044 58.12 21.66 -63.71
CA ILE A 2044 56.66 21.68 -63.63
C ILE A 2044 56.05 21.03 -64.86
N GLN A 2045 56.26 21.62 -66.02
CA GLN A 2045 55.60 21.15 -67.24
C GLN A 2045 56.33 21.72 -68.44
N LEU A 2046 56.10 21.10 -69.60
CA LEU A 2046 56.71 21.54 -70.84
C LEU A 2046 55.73 21.40 -71.99
N GLU A 2088 61.27 5.68 -71.53
CA GLU A 2088 61.72 6.83 -70.76
C GLU A 2088 62.29 6.40 -69.41
N LYS A 2089 62.85 5.20 -69.36
CA LYS A 2089 63.36 4.67 -68.10
C LYS A 2089 64.56 5.45 -67.58
N LYS A 2090 65.36 6.05 -68.46
CA LYS A 2090 66.45 6.90 -68.00
C LYS A 2090 65.87 8.15 -67.36
N PRO A 2091 66.24 8.48 -66.13
CA PRO A 2091 65.69 9.70 -65.51
C PRO A 2091 66.01 10.98 -66.26
N GLN A 2092 67.19 11.08 -66.86
CA GLN A 2092 67.66 12.22 -67.65
C GLN A 2092 67.79 13.52 -66.85
N SER A 2093 67.51 13.52 -65.55
CA SER A 2093 67.66 14.74 -64.78
C SER A 2093 67.88 14.38 -63.32
N LEU A 2094 68.44 15.34 -62.59
CA LEU A 2094 68.71 15.12 -61.17
C LEU A 2094 67.43 14.85 -60.40
N GLN A 2095 66.38 15.59 -60.72
CA GLN A 2095 65.11 15.43 -60.01
C GLN A 2095 64.56 14.02 -60.17
N GLU A 2096 64.45 13.55 -61.42
CA GLU A 2096 63.93 12.21 -61.66
C GLU A 2096 64.84 11.14 -61.08
N LEU A 2097 66.16 11.33 -61.19
CA LEU A 2097 67.07 10.36 -60.61
C LEU A 2097 66.87 10.23 -59.11
N VAL A 2098 66.81 11.35 -58.40
CA VAL A 2098 66.68 11.30 -56.95
C VAL A 2098 65.35 10.71 -56.55
N SER A 2099 64.26 11.12 -57.21
CA SER A 2099 62.95 10.58 -56.88
C SER A 2099 62.92 9.07 -57.06
N HIS A 2100 63.40 8.59 -58.22
CA HIS A 2100 63.40 7.16 -58.50
CA HIS A 2100 63.39 7.17 -58.50
C HIS A 2100 64.27 6.40 -57.51
N MET A 2101 65.44 6.94 -57.18
CA MET A 2101 66.33 6.23 -56.28
C MET A 2101 65.75 6.14 -54.88
N VAL A 2102 65.13 7.21 -54.39
CA VAL A 2102 64.47 7.13 -53.08
C VAL A 2102 63.37 6.09 -53.10
N VAL A 2103 62.51 6.13 -54.11
CA VAL A 2103 61.37 5.22 -54.12
C VAL A 2103 61.84 3.78 -54.24
N ARG A 2104 62.86 3.53 -55.07
CA ARG A 2104 63.38 2.19 -55.22
C ARG A 2104 64.00 1.70 -53.92
N TRP A 2105 64.76 2.54 -53.24
CA TRP A 2105 65.30 2.15 -51.95
C TRP A 2105 64.20 1.80 -50.98
N ALA A 2106 63.16 2.62 -50.93
CA ALA A 2106 62.07 2.40 -49.99
C ALA A 2106 61.31 1.12 -50.28
N GLN A 2107 61.09 0.81 -51.55
CA GLN A 2107 60.30 -0.36 -51.88
C GLN A 2107 61.15 -1.61 -52.10
N GLU A 2108 62.47 -1.51 -51.96
CA GLU A 2108 63.29 -2.71 -51.99
C GLU A 2108 63.51 -3.31 -50.62
N ASP A 2109 63.43 -2.52 -49.56
CA ASP A 2109 63.60 -3.05 -48.22
C ASP A 2109 62.98 -2.10 -47.20
N TYR A 2110 62.71 -2.64 -46.02
CA TYR A 2110 62.15 -1.88 -44.91
C TYR A 2110 63.30 -1.15 -44.21
N VAL A 2111 63.49 0.12 -44.55
CA VAL A 2111 64.64 0.87 -44.05
C VAL A 2111 64.53 0.99 -42.54
N GLN A 2112 65.59 0.56 -41.86
CA GLN A 2112 65.61 0.50 -40.40
C GLN A 2112 66.23 1.72 -39.75
N SER A 2113 66.83 2.62 -40.53
CA SER A 2113 67.54 3.76 -39.96
C SER A 2113 66.64 4.98 -40.01
N PRO A 2114 66.19 5.50 -38.86
CA PRO A 2114 65.36 6.72 -38.89
C PRO A 2114 66.04 7.90 -39.55
N GLU A 2115 67.35 8.07 -39.34
CA GLU A 2115 68.06 9.16 -40.00
C GLU A 2115 68.02 8.98 -41.52
N LEU A 2116 68.23 7.76 -41.99
CA LEU A 2116 68.17 7.53 -43.43
C LEU A 2116 66.77 7.81 -43.97
N VAL A 2117 65.74 7.37 -43.24
CA VAL A 2117 64.37 7.58 -43.71
C VAL A 2117 64.08 9.07 -43.83
N ARG A 2118 64.42 9.83 -42.79
CA ARG A 2118 64.17 11.26 -42.82
C ARG A 2118 64.94 11.93 -43.94
N ALA A 2119 66.20 11.53 -44.14
CA ALA A 2119 67.00 12.12 -45.20
C ALA A 2119 66.39 11.87 -46.56
N MET A 2120 66.02 10.61 -46.84
CA MET A 2120 65.53 10.30 -48.19
C MET A 2120 64.20 10.97 -48.45
N PHE A 2121 63.33 11.05 -47.44
CA PHE A 2121 62.05 11.67 -47.71
C PHE A 2121 62.14 13.19 -47.80
N SER A 2122 63.03 13.82 -47.04
CA SER A 2122 63.30 15.23 -47.26
C SER A 2122 63.78 15.46 -48.69
N LEU A 2123 64.71 14.62 -49.13
CA LEU A 2123 65.23 14.73 -50.49
C LEU A 2123 64.12 14.62 -51.52
N LEU A 2124 63.24 13.63 -51.35
CA LEU A 2124 62.16 13.41 -52.30
C LEU A 2124 61.21 14.60 -52.35
N HIS A 2125 60.86 15.14 -51.19
CA HIS A 2125 59.96 16.30 -51.17
C HIS A 2125 60.59 17.48 -51.89
N ARG A 2126 61.89 17.66 -51.74
CA ARG A 2126 62.54 18.76 -52.45
C ARG A 2126 62.39 18.61 -53.96
N GLN A 2127 62.55 17.38 -54.46
CA GLN A 2127 62.40 17.17 -55.90
C GLN A 2127 60.98 17.40 -56.37
N TYR A 2128 60.00 17.07 -55.53
CA TYR A 2128 58.62 17.23 -55.97
C TYR A 2128 58.16 18.68 -55.93
N ASP A 2129 58.65 19.48 -54.99
CA ASP A 2129 58.24 20.87 -54.87
C ASP A 2129 59.46 21.79 -54.99
N GLY A 2130 59.93 21.97 -56.21
CA GLY A 2130 61.04 22.85 -56.46
C GLY A 2130 60.60 24.30 -56.40
N LEU A 2131 59.41 24.56 -56.92
CA LEU A 2131 58.88 25.92 -56.91
C LEU A 2131 58.60 26.39 -55.48
N GLY A 2132 58.05 25.51 -54.65
CA GLY A 2132 57.87 25.85 -53.26
C GLY A 2132 59.18 26.03 -52.52
N GLU A 2133 60.17 25.19 -52.84
CA GLU A 2133 61.49 25.37 -52.25
C GLU A 2133 62.06 26.74 -52.61
N LEU A 2134 61.93 27.14 -53.87
CA LEU A 2134 62.41 28.44 -54.30
C LEU A 2134 61.65 29.57 -53.61
N LEU A 2135 60.34 29.42 -53.48
CA LEU A 2135 59.53 30.45 -52.82
C LEU A 2135 59.96 30.63 -51.37
N ARG A 2136 60.25 29.53 -50.68
CA ARG A 2136 60.74 29.63 -49.31
C ARG A 2136 62.18 30.11 -49.22
N ALA A 2137 62.98 29.91 -50.27
CA ALA A 2137 64.34 30.41 -50.27
C ALA A 2137 64.45 31.91 -50.57
N LEU A 2138 63.52 32.46 -51.34
CA LEU A 2138 63.61 33.86 -51.74
C LEU A 2138 63.70 34.85 -50.58
N PRO A 2139 63.01 34.68 -49.44
CA PRO A 2139 63.15 35.67 -48.37
C PRO A 2139 64.57 35.86 -47.88
N ARG A 2140 65.47 34.92 -48.14
CA ARG A 2140 66.85 35.04 -47.73
C ARG A 2140 67.76 35.46 -48.88
N ALA A 2141 67.20 35.90 -50.00
CA ALA A 2141 67.98 36.41 -51.11
C ALA A 2141 67.98 37.92 -51.09
N TYR A 2142 69.10 38.52 -51.50
CA TYR A 2142 69.25 39.96 -51.46
C TYR A 2142 70.30 40.35 -52.49
N THR A 2143 70.01 41.40 -53.25
CA THR A 2143 70.95 41.93 -54.23
C THR A 2143 71.62 43.19 -53.68
N ILE A 2144 72.93 43.27 -53.84
CA ILE A 2144 73.69 44.41 -53.36
C ILE A 2144 74.47 45.00 -54.51
N SER A 2145 74.85 46.27 -54.35
CA SER A 2145 75.69 46.92 -55.33
C SER A 2145 77.07 46.28 -55.32
N PRO A 2146 77.76 46.24 -56.46
CA PRO A 2146 79.12 45.71 -56.48
C PRO A 2146 80.08 46.49 -55.62
N SER A 2147 79.77 47.73 -55.28
CA SER A 2147 80.63 48.52 -54.42
C SER A 2147 80.51 48.16 -52.95
N SER A 2148 79.47 47.43 -52.56
CA SER A 2148 79.27 47.06 -51.16
C SER A 2148 79.76 45.65 -50.86
N VAL A 2149 80.50 45.05 -51.80
CA VAL A 2149 80.88 43.65 -51.64
C VAL A 2149 81.87 43.47 -50.49
N GLU A 2150 82.90 44.31 -50.43
CA GLU A 2150 83.92 44.12 -49.40
C GLU A 2150 83.36 44.36 -48.01
N ASP A 2151 82.48 45.35 -47.86
CA ASP A 2151 81.91 45.62 -46.55
C ASP A 2151 80.93 44.53 -46.14
N THR A 2152 80.12 44.05 -47.09
CA THR A 2152 79.26 42.89 -46.78
C THR A 2152 80.11 41.68 -46.45
N MET A 2153 81.29 41.58 -47.04
CA MET A 2153 82.20 40.49 -46.76
C MET A 2153 82.66 40.55 -45.31
N SER A 2154 83.12 41.72 -44.87
CA SER A 2154 83.57 41.87 -43.49
C SER A 2154 82.44 41.62 -42.51
N LEU A 2155 81.25 42.11 -42.83
CA LEU A 2155 80.09 41.88 -41.98
C LEU A 2155 79.77 40.40 -41.89
N LEU A 2156 79.87 39.66 -43.01
CA LEU A 2156 79.61 38.23 -42.96
C LEU A 2156 80.66 37.50 -42.14
N GLU A 2157 81.92 37.93 -42.22
CA GLU A 2157 82.95 37.32 -41.39
C GLU A 2157 82.62 37.49 -39.90
N CYS A 2158 82.24 38.71 -39.51
CA CYS A 2158 81.86 38.94 -38.12
C CYS A 2158 80.64 38.14 -37.73
N LEU A 2159 79.65 38.05 -38.62
CA LEU A 2159 78.46 37.27 -38.31
C LEU A 2159 78.78 35.79 -38.16
N GLY A 2160 79.69 35.27 -38.98
CA GLY A 2160 80.12 33.90 -38.82
C GLY A 2160 80.82 33.67 -37.50
N GLN A 2161 81.64 34.64 -37.08
CA GLN A 2161 82.26 34.55 -35.76
C GLN A 2161 81.21 34.50 -34.66
N ILE A 2162 80.16 35.32 -34.78
CA ILE A 2162 79.10 35.30 -33.77
C ILE A 2162 78.39 33.96 -33.76
N ARG A 2163 78.05 33.44 -34.94
CA ARG A 2163 77.33 32.18 -35.03
C ARG A 2163 78.15 31.03 -34.48
N SER A 2164 79.47 31.08 -34.65
CA SER A 2164 80.32 30.03 -34.13
C SER A 2164 80.31 29.97 -32.61
N LEU A 2165 79.87 31.03 -31.94
CA LEU A 2165 79.80 31.05 -30.49
C LEU A 2165 78.48 30.49 -29.96
N LEU A 2166 77.62 29.99 -30.83
CA LEU A 2166 76.37 29.40 -30.37
C LEU A 2166 76.56 27.99 -29.85
N ILE A 2167 77.73 27.40 -30.03
CA ILE A 2167 77.98 26.00 -29.72
C ILE A 2167 79.10 25.82 -28.69
N VAL A 2168 79.45 26.87 -27.98
CA VAL A 2168 80.52 26.84 -27.00
C VAL A 2168 80.02 27.46 -25.71
N GLN A 2169 80.39 26.86 -24.58
CA GLN A 2169 80.11 27.47 -23.29
C GLN A 2169 80.79 28.81 -23.17
N MET A 2170 80.07 29.77 -22.61
CA MET A 2170 80.49 31.16 -22.65
C MET A 2170 81.65 31.38 -21.70
N GLY A 2171 82.62 32.18 -22.14
CA GLY A 2171 83.81 32.44 -21.35
C GLY A 2171 84.37 33.81 -21.63
N PRO A 2172 85.52 34.14 -21.04
CA PRO A 2172 86.09 35.47 -21.24
C PRO A 2172 86.63 35.71 -22.65
N GLN A 2173 87.33 34.74 -23.22
CA GLN A 2173 87.79 34.88 -24.60
C GLN A 2173 86.61 35.01 -25.54
N GLU A 2174 85.57 34.22 -25.32
CA GLU A 2174 84.34 34.35 -26.10
C GLU A 2174 83.71 35.72 -25.91
N GLU A 2175 83.74 36.25 -24.69
CA GLU A 2175 83.22 37.59 -24.46
C GLU A 2175 83.96 38.63 -25.28
N ASN A 2176 85.29 38.56 -25.27
CA ASN A 2176 86.07 39.53 -26.04
C ASN A 2176 85.77 39.39 -27.53
N LEU A 2177 85.73 38.16 -28.04
CA LEU A 2177 85.46 37.95 -29.46
C LEU A 2177 84.09 38.47 -29.84
N MET A 2178 83.08 38.20 -29.00
CA MET A 2178 81.73 38.64 -29.28
C MET A 2178 81.62 40.16 -29.26
N ILE A 2179 82.26 40.79 -28.28
CA ILE A 2179 82.22 42.24 -28.19
C ILE A 2179 82.85 42.86 -29.42
N GLN A 2180 84.03 42.36 -29.84
CA GLN A 2180 84.66 42.98 -31.00
C GLN A 2180 83.87 42.70 -32.27
N SER A 2181 83.26 41.52 -32.39
CA SER A 2181 82.43 41.24 -33.56
C SER A 2181 81.26 42.19 -33.64
N ILE A 2182 80.56 42.40 -32.52
CA ILE A 2182 79.41 43.29 -32.51
C ILE A 2182 79.85 44.70 -32.83
N GLY A 2183 80.96 45.16 -32.24
CA GLY A 2183 81.44 46.50 -32.52
C GLY A 2183 81.78 46.70 -33.98
N ASN A 2184 82.45 45.72 -34.58
CA ASN A 2184 82.77 45.81 -36.00
C ASN A 2184 81.49 45.87 -36.83
N ILE A 2185 80.46 45.12 -36.42
CA ILE A 2185 79.20 45.16 -37.16
C ILE A 2185 78.58 46.55 -37.08
N MET A 2186 78.54 47.14 -35.88
CA MET A 2186 78.01 48.49 -35.76
C MET A 2186 78.81 49.52 -36.54
N ASN A 2187 80.12 49.37 -36.64
CA ASN A 2187 80.92 50.32 -37.41
C ASN A 2187 80.90 50.04 -38.91
N ASN A 2188 80.05 49.15 -39.37
CA ASN A 2188 79.95 48.81 -40.78
C ASN A 2188 78.78 49.56 -41.40
N LYS A 2189 79.04 50.25 -42.51
CA LYS A 2189 78.00 51.04 -43.14
C LYS A 2189 76.92 50.16 -43.75
N VAL A 2190 77.24 48.91 -44.06
CA VAL A 2190 76.25 47.99 -44.60
C VAL A 2190 75.17 47.72 -43.57
N PHE A 2191 75.54 47.63 -42.29
CA PHE A 2191 74.56 47.43 -41.24
C PHE A 2191 73.59 48.60 -41.16
N TYR A 2192 74.02 49.79 -41.57
CA TYR A 2192 73.15 50.96 -41.58
C TYR A 2192 72.27 50.99 -42.81
N GLN A 2193 72.85 50.75 -43.98
CA GLN A 2193 72.17 51.01 -45.24
C GLN A 2193 71.26 49.87 -45.67
N HIS A 2194 71.40 48.68 -45.11
CA HIS A 2194 70.64 47.51 -45.54
C HIS A 2194 70.01 46.80 -44.34
N PRO A 2195 69.13 47.49 -43.61
CA PRO A 2195 68.46 46.84 -42.49
C PRO A 2195 67.66 45.63 -42.92
N ASN A 2196 67.09 45.64 -44.12
CA ASN A 2196 66.37 44.46 -44.59
C ASN A 2196 67.31 43.26 -44.71
N LEU A 2197 68.53 43.49 -45.21
CA LEU A 2197 69.50 42.40 -45.27
C LEU A 2197 69.86 41.91 -43.88
N MET A 2198 70.14 42.83 -42.95
CA MET A 2198 70.48 42.41 -41.60
C MET A 2198 69.32 41.65 -40.94
N ARG A 2199 68.09 41.99 -41.30
CA ARG A 2199 66.95 41.24 -40.77
C ARG A 2199 66.86 39.86 -41.40
N ALA A 2200 67.15 39.76 -42.70
CA ALA A 2200 67.12 38.47 -43.36
C ALA A 2200 68.17 37.52 -42.80
N LEU A 2201 69.34 38.06 -42.46
CA LEU A 2201 70.41 37.22 -41.94
C LEU A 2201 70.13 36.71 -40.54
N GLY A 2202 69.15 37.27 -39.83
CA GLY A 2202 68.82 36.78 -38.51
C GLY A 2202 69.77 37.21 -37.41
N MET A 2203 70.46 38.34 -37.59
CA MET A 2203 71.45 38.74 -36.60
C MET A 2203 70.82 39.02 -35.25
N HIS A 2204 69.65 39.65 -35.24
CA HIS A 2204 69.01 39.91 -33.95
C HIS A 2204 68.65 38.61 -33.25
N GLU A 2205 68.18 37.62 -33.99
CA GLU A 2205 67.90 36.32 -33.39
C GLU A 2205 69.17 35.71 -32.80
N THR A 2206 70.28 35.79 -33.54
CA THR A 2206 71.53 35.21 -33.06
C THR A 2206 72.00 35.89 -31.78
N VAL A 2207 71.99 37.23 -31.78
CA VAL A 2207 72.45 37.98 -30.61
C VAL A 2207 71.52 37.71 -29.43
N MET A 2208 70.22 37.65 -29.67
CA MET A 2208 69.30 37.34 -28.59
C MET A 2208 69.56 35.96 -28.01
N GLU A 2209 69.85 34.98 -28.87
CA GLU A 2209 70.06 33.63 -28.36
C GLU A 2209 71.31 33.61 -27.49
N VAL A 2210 72.36 34.31 -27.92
CA VAL A 2210 73.56 34.43 -27.10
C VAL A 2210 73.22 35.03 -25.74
N MET A 2211 72.49 36.15 -25.76
CA MET A 2211 72.23 36.87 -24.52
C MET A 2211 71.35 36.06 -23.58
N VAL A 2212 70.37 35.35 -24.14
CA VAL A 2212 69.48 34.57 -23.29
C VAL A 2212 70.22 33.37 -22.71
N ASN A 2213 71.14 32.77 -23.46
CA ASN A 2213 71.97 31.72 -22.87
C ASN A 2213 72.75 32.25 -21.68
N VAL A 2214 73.39 33.40 -21.84
CA VAL A 2214 74.19 33.94 -20.74
C VAL A 2214 73.31 34.29 -19.56
N LEU A 2215 72.16 34.92 -19.80
CA LEU A 2215 71.28 35.33 -18.72
C LEU A 2215 70.70 34.13 -17.98
N GLY A 2216 70.35 33.06 -18.70
CA GLY A 2216 69.96 31.84 -18.03
C GLY A 2216 71.09 31.26 -17.21
N GLY A 2217 72.32 31.43 -17.69
CA GLY A 2217 73.47 31.03 -16.90
C GLY A 2217 73.59 31.87 -15.64
N GLY A 2218 73.35 31.24 -14.50
CA GLY A 2218 73.36 31.96 -13.23
C GLY A 2218 72.27 33.00 -13.13
N GLU A 2219 71.04 32.64 -13.48
CA GLU A 2219 69.97 33.62 -13.66
C GLU A 2219 69.56 34.33 -12.37
N THR A 2220 69.95 33.82 -11.21
CA THR A 2220 69.47 34.48 -10.00
C THR A 2220 70.59 34.93 -9.06
N LYS A 2221 71.64 34.13 -8.90
CA LYS A 2221 72.68 34.47 -7.94
C LYS A 2221 73.64 35.53 -8.45
N GLU A 2222 74.03 35.45 -9.72
CA GLU A 2222 75.01 36.38 -10.27
C GLU A 2222 74.96 36.31 -11.78
N ILE A 2223 74.78 37.46 -12.43
CA ILE A 2223 74.85 37.57 -13.87
C ILE A 2223 76.27 37.95 -14.23
N ARG A 2224 76.91 37.16 -15.06
CA ARG A 2224 78.32 37.34 -15.35
C ARG A 2224 78.51 37.69 -16.82
N PHE A 2225 79.71 38.16 -17.13
CA PHE A 2225 80.01 38.83 -18.39
C PHE A 2225 79.00 39.96 -18.67
N PRO A 2226 78.78 40.86 -17.70
CA PRO A 2226 77.85 41.96 -17.94
C PRO A 2226 78.30 42.86 -19.07
N LYS A 2227 79.61 42.88 -19.38
CA LYS A 2227 80.06 43.71 -20.48
C LYS A 2227 79.54 43.20 -21.82
N MET A 2228 79.64 41.89 -22.06
CA MET A 2228 79.08 41.37 -23.30
C MET A 2228 77.56 41.43 -23.27
N VAL A 2229 76.96 41.29 -22.08
CA VAL A 2229 75.51 41.43 -22.00
C VAL A 2229 75.06 42.84 -22.38
N THR A 2230 75.78 43.87 -21.90
CA THR A 2230 75.41 45.22 -22.27
C THR A 2230 75.77 45.54 -23.71
N SER A 2231 76.82 44.91 -24.25
CA SER A 2231 77.09 45.05 -25.68
C SER A 2231 75.96 44.49 -26.52
N CYS A 2232 75.46 43.31 -26.14
CA CYS A 2232 74.32 42.73 -26.84
C CYS A 2232 73.10 43.64 -26.75
N CYS A 2233 72.81 44.15 -25.56
CA CYS A 2233 71.63 44.98 -25.40
C CYS A 2233 71.75 46.28 -26.19
N ARG A 2234 72.93 46.90 -26.17
CA ARG A 2234 73.13 48.13 -26.94
C ARG A 2234 72.99 47.86 -28.43
N PHE A 2235 73.53 46.73 -28.90
CA PHE A 2235 73.37 46.37 -30.30
C PHE A 2235 71.90 46.24 -30.66
N LEU A 2236 71.14 45.53 -29.84
CA LEU A 2236 69.72 45.35 -30.14
C LEU A 2236 68.96 46.66 -30.12
N CYS A 2237 69.29 47.54 -29.17
CA CYS A 2237 68.64 48.84 -29.14
C CYS A 2237 68.91 49.63 -30.41
N TYR A 2238 70.15 49.62 -30.88
CA TYR A 2238 70.44 50.39 -32.09
C TYR A 2238 69.71 49.77 -33.27
N PHE A 2239 69.76 48.43 -33.37
CA PHE A 2239 69.04 47.71 -34.42
C PHE A 2239 67.56 48.09 -34.43
N CYS A 2240 66.96 48.23 -33.25
CA CYS A 2240 65.58 48.71 -33.17
C CYS A 2240 65.46 50.13 -33.70
N ARG A 2241 66.40 50.99 -33.36
CA ARG A 2241 66.34 52.38 -33.80
C ARG A 2241 66.54 52.54 -35.30
N ILE A 2242 67.09 51.54 -35.98
CA ILE A 2242 67.39 51.69 -37.40
C ILE A 2242 66.12 51.88 -38.22
N SER A 2243 65.14 50.99 -38.05
CA SER A 2243 63.94 51.07 -38.88
C SER A 2243 62.75 50.50 -38.13
N ARG A 2244 61.56 50.93 -38.55
CA ARG A 2244 60.34 50.47 -37.91
C ARG A 2244 60.15 48.97 -38.10
N GLN A 2245 60.57 48.43 -39.23
CA GLN A 2245 60.48 46.99 -39.44
C GLN A 2245 61.33 46.24 -38.42
N ASN A 2246 62.55 46.72 -38.19
CA ASN A 2246 63.41 46.11 -37.17
C ASN A 2246 62.78 46.25 -35.80
N GLN A 2247 62.19 47.41 -35.52
CA GLN A 2247 61.56 47.61 -34.22
C GLN A 2247 60.42 46.62 -34.01
N ARG A 2248 59.60 46.40 -35.05
CA ARG A 2248 58.53 45.41 -34.95
C ARG A 2248 59.09 44.01 -34.75
N SER A 2249 60.14 43.68 -35.50
CA SER A 2249 60.73 42.35 -35.39
C SER A 2249 61.22 42.09 -33.99
N MET A 2250 61.84 43.08 -33.37
CA MET A 2250 62.25 42.95 -31.98
C MET A 2250 61.05 42.92 -31.04
N PHE A 2251 59.98 43.64 -31.38
CA PHE A 2251 58.78 43.63 -30.56
C PHE A 2251 58.14 42.25 -30.55
N ASP A 2252 58.38 41.45 -31.57
CA ASP A 2252 57.86 40.08 -31.58
C ASP A 2252 58.39 39.25 -30.43
N HIS A 2253 59.52 39.64 -29.82
CA HIS A 2253 60.08 38.95 -28.68
C HIS A 2253 59.92 39.74 -27.38
N LEU A 2254 58.84 40.49 -27.25
CA LEU A 2254 58.69 41.38 -26.10
C LEU A 2254 58.59 40.58 -24.81
N SER A 2255 57.70 39.59 -24.77
CA SER A 2255 57.60 38.73 -23.60
C SER A 2255 58.87 37.93 -23.40
N TYR A 2256 59.54 37.58 -24.49
CA TYR A 2256 60.78 36.83 -24.44
C TYR A 2256 61.86 37.64 -23.72
N LEU A 2257 61.88 38.96 -23.95
CA LEU A 2257 62.79 39.82 -23.21
C LEU A 2257 62.32 40.00 -21.77
N LEU A 2258 61.02 40.16 -21.57
CA LEU A 2258 60.50 40.45 -20.24
C LEU A 2258 60.78 39.31 -19.27
N GLU A 2259 60.60 38.07 -19.72
CA GLU A 2259 60.84 36.92 -18.86
C GLU A 2259 62.30 36.82 -18.44
N ASN A 2260 63.22 37.41 -19.20
CA ASN A 2260 64.61 37.50 -18.81
C ASN A 2260 64.96 38.83 -18.15
N SER A 2261 63.99 39.73 -18.00
CA SER A 2261 64.26 41.07 -17.49
C SER A 2261 64.11 41.17 -15.98
N GLY A 2262 63.71 40.09 -15.30
CA GLY A 2262 63.52 40.16 -13.87
C GLY A 2262 64.81 40.42 -13.10
N ILE A 2263 65.91 39.87 -13.60
CA ILE A 2263 67.20 39.96 -12.92
C ILE A 2263 68.12 41.00 -13.54
N GLY A 2264 67.70 41.63 -14.64
CA GLY A 2264 68.56 42.61 -15.28
C GLY A 2264 68.77 43.88 -14.48
N LEU A 2265 68.04 44.05 -13.38
CA LEU A 2265 68.15 45.27 -12.59
C LEU A 2265 69.53 45.44 -11.96
N GLY A 2266 70.08 44.36 -11.39
CA GLY A 2266 71.36 44.47 -10.73
C GLY A 2266 72.45 44.97 -11.67
N MET A 2267 72.49 44.43 -12.88
CA MET A 2267 73.38 44.94 -13.90
C MET A 2267 72.94 46.34 -14.32
N GLN A 2268 73.92 47.19 -14.63
CA GLN A 2268 73.67 48.57 -15.03
CA GLN A 2268 73.67 48.57 -15.03
C GLN A 2268 74.21 48.81 -16.43
N GLY A 2269 73.56 49.72 -17.14
CA GLY A 2269 73.93 50.03 -18.51
C GLY A 2269 72.78 49.79 -19.47
N SER A 2270 73.01 48.98 -20.50
CA SER A 2270 71.96 48.55 -21.40
C SER A 2270 71.53 47.14 -21.01
N THR A 2271 70.24 46.97 -20.77
CA THR A 2271 69.67 45.75 -20.22
C THR A 2271 68.46 45.32 -21.04
N PRO A 2272 68.05 44.05 -20.93
CA PRO A 2272 66.90 43.58 -21.72
C PRO A 2272 65.65 44.40 -21.53
N LEU A 2273 65.43 44.93 -20.32
CA LEU A 2273 64.32 45.84 -20.11
C LEU A 2273 64.47 47.08 -20.98
N ASP A 2274 65.70 47.59 -21.09
CA ASP A 2274 65.94 48.74 -21.95
C ASP A 2274 65.70 48.38 -23.41
N VAL A 2275 66.06 47.15 -23.80
CA VAL A 2275 65.79 46.72 -25.17
C VAL A 2275 64.29 46.70 -25.44
N ALA A 2276 63.52 46.17 -24.49
CA ALA A 2276 62.07 46.15 -24.66
C ALA A 2276 61.51 47.56 -24.78
N ALA A 2277 62.02 48.47 -23.95
CA ALA A 2277 61.57 49.86 -24.05
C ALA A 2277 61.92 50.47 -25.40
N ALA A 2278 63.12 50.19 -25.90
CA ALA A 2278 63.52 50.69 -27.21
C ALA A 2278 62.75 50.01 -28.33
N SER A 2279 62.09 48.89 -28.04
CA SER A 2279 61.32 48.15 -29.02
C SER A 2279 59.92 48.70 -29.24
N VAL A 2280 59.50 49.68 -28.44
CA VAL A 2280 58.16 50.25 -28.57
C VAL A 2280 58.17 51.77 -28.61
N ILE A 2281 59.31 52.41 -28.39
CA ILE A 2281 59.37 53.86 -28.22
C ILE A 2281 58.94 54.54 -29.51
N ASP A 2282 58.01 55.50 -29.39
CA ASP A 2282 57.56 56.32 -30.50
C ASP A 2282 57.03 55.48 -31.66
N ASN A 2283 56.34 54.39 -31.32
CA ASN A 2283 55.71 53.52 -32.31
C ASN A 2283 54.28 53.28 -31.86
N ASN A 2284 53.34 54.04 -32.43
CA ASN A 2284 51.96 53.93 -32.02
C ASN A 2284 51.39 52.56 -32.32
N GLU A 2285 51.74 51.98 -33.46
CA GLU A 2285 51.23 50.66 -33.81
C GLU A 2285 51.68 49.62 -32.80
N LEU A 2286 52.95 49.65 -32.42
CA LEU A 2286 53.44 48.69 -31.45
C LEU A 2286 52.90 48.98 -30.05
N ALA A 2287 52.60 50.24 -29.76
CA ALA A 2287 51.97 50.57 -28.48
C ALA A 2287 50.57 49.98 -28.41
N LEU A 2288 49.79 50.13 -29.48
CA LEU A 2288 48.45 49.57 -29.53
C LEU A 2288 48.46 48.06 -29.54
N ALA A 2289 49.42 47.44 -30.22
CA ALA A 2289 49.50 46.00 -30.28
C ALA A 2289 50.11 45.39 -29.03
N LEU A 2290 50.42 46.21 -28.03
CA LEU A 2290 51.07 45.70 -26.84
C LEU A 2290 50.07 44.91 -26.02
N GLN A 2291 50.32 43.61 -25.86
CA GLN A 2291 49.35 42.72 -25.25
C GLN A 2291 49.31 42.92 -23.73
N GLU A 2292 48.18 42.55 -23.14
CA GLU A 2292 47.88 42.93 -21.76
C GLU A 2292 48.72 42.16 -20.74
N GLN A 2293 48.95 40.86 -20.96
CA GLN A 2293 49.66 40.07 -19.96
C GLN A 2293 51.10 40.55 -19.83
N ASP A 2294 51.63 41.23 -20.85
CA ASP A 2294 52.94 41.84 -20.72
C ASP A 2294 52.93 42.94 -19.67
N LEU A 2295 51.95 43.84 -19.75
CA LEU A 2295 51.80 44.85 -18.72
C LEU A 2295 51.57 44.20 -17.37
N GLU A 2296 50.84 43.09 -17.35
CA GLU A 2296 50.62 42.37 -16.10
C GLU A 2296 51.93 41.88 -15.52
N LYS A 2297 52.80 41.31 -16.35
CA LYS A 2297 54.08 40.81 -15.88
C LYS A 2297 54.95 41.95 -15.36
N VAL A 2298 54.97 43.07 -16.08
CA VAL A 2298 55.78 44.20 -15.64
C VAL A 2298 55.28 44.72 -14.30
N VAL A 2299 53.97 44.84 -14.14
CA VAL A 2299 53.42 45.34 -12.89
C VAL A 2299 53.65 44.35 -11.76
N SER A 2300 53.63 43.05 -12.07
CA SER A 2300 53.94 42.06 -11.05
C SER A 2300 55.38 42.19 -10.58
N TYR A 2301 56.31 42.39 -11.52
CA TYR A 2301 57.69 42.65 -11.14
C TYR A 2301 57.79 43.90 -10.29
N LEU A 2302 57.07 44.96 -10.67
CA LEU A 2302 57.12 46.19 -9.90
C LEU A 2302 56.60 45.98 -8.49
N ALA A 2303 55.52 45.22 -8.35
CA ALA A 2303 54.98 44.93 -7.03
C ALA A 2303 55.99 44.17 -6.20
N GLY A 2304 56.67 43.20 -6.82
CA GLY A 2304 57.72 42.49 -6.11
C GLY A 2304 58.83 43.41 -5.64
N CYS A 2305 59.21 44.36 -6.50
CA CYS A 2305 60.25 45.32 -6.11
C CYS A 2305 59.77 46.23 -4.99
N GLY A 2306 58.48 46.49 -4.92
CA GLY A 2306 58.00 47.36 -3.87
C GLY A 2306 57.87 46.74 -2.50
N LEU A 2307 58.08 45.44 -2.38
CA LEU A 2307 57.92 44.75 -1.11
C LEU A 2307 59.20 44.19 -0.54
N GLN A 2308 60.24 43.97 -1.34
CA GLN A 2308 61.46 43.34 -0.90
C GLN A 2308 62.65 44.24 -1.21
N SER A 2309 63.66 44.17 -0.34
CA SER A 2309 64.91 44.87 -0.61
C SER A 2309 65.67 44.19 -1.73
N CYS A 2310 66.58 44.93 -2.34
CA CYS A 2310 67.43 44.36 -3.38
C CYS A 2310 68.47 43.46 -2.73
N PRO A 2311 68.51 42.17 -3.05
CA PRO A 2311 69.50 41.30 -2.41
C PRO A 2311 70.93 41.68 -2.74
N MET A 2312 71.19 42.20 -3.95
CA MET A 2312 72.53 42.62 -4.29
C MET A 2312 72.99 43.78 -3.41
N LEU A 2313 72.12 44.77 -3.18
CA LEU A 2313 72.46 45.88 -2.30
C LEU A 2313 72.58 45.42 -0.86
N LEU A 2314 71.73 44.48 -0.45
CA LEU A 2314 71.83 43.94 0.89
C LEU A 2314 73.18 43.27 1.11
N ALA A 2315 73.69 42.58 0.09
CA ALA A 2315 74.98 41.93 0.18
C ALA A 2315 76.14 42.91 0.25
N LYS A 2316 75.90 44.20 0.00
CA LYS A 2316 76.95 45.20 0.02
C LYS A 2316 76.90 46.07 1.27
N GLY A 2317 76.13 45.69 2.27
CA GLY A 2317 76.13 46.41 3.53
C GLY A 2317 75.22 47.62 3.59
N TYR A 2318 74.36 47.83 2.59
CA TYR A 2318 73.42 48.93 2.67
C TYR A 2318 72.38 48.65 3.76
N PRO A 2319 71.81 49.69 4.35
CA PRO A 2319 70.70 49.49 5.28
C PRO A 2319 69.51 48.86 4.58
N ASP A 2320 68.76 48.07 5.33
CA ASP A 2320 67.67 47.26 4.78
C ASP A 2320 66.36 48.04 4.88
N ILE A 2321 65.97 48.66 3.79
CA ILE A 2321 64.62 49.19 3.66
C ILE A 2321 63.78 48.15 2.92
N GLY A 2322 62.50 48.10 3.24
CA GLY A 2322 61.70 46.99 2.77
C GLY A 2322 61.25 47.08 1.32
N TRP A 2323 62.05 47.70 0.46
CA TRP A 2323 61.66 47.84 -0.94
C TRP A 2323 62.88 48.28 -1.74
N ASN A 2324 62.73 48.25 -3.07
CA ASN A 2324 63.83 48.45 -4.01
C ASN A 2324 63.46 49.54 -5.00
N PRO A 2325 63.63 50.81 -4.62
CA PRO A 2325 63.31 51.89 -5.55
C PRO A 2325 64.12 51.86 -6.82
N CYS A 2326 65.33 51.29 -6.78
CA CYS A 2326 66.15 51.24 -7.99
C CYS A 2326 65.46 50.44 -9.08
N GLY A 2327 65.03 49.21 -8.76
CA GLY A 2327 64.29 48.43 -9.74
C GLY A 2327 62.92 49.01 -10.02
N GLY A 2328 62.31 49.64 -9.00
CA GLY A 2328 61.03 50.27 -9.22
C GLY A 2328 61.08 51.29 -10.33
N GLU A 2329 62.10 52.14 -10.33
CA GLU A 2329 62.25 53.12 -11.38
C GLU A 2329 62.44 52.45 -12.74
N ARG A 2330 63.19 51.35 -12.76
CA ARG A 2330 63.46 50.66 -14.02
C ARG A 2330 62.18 50.16 -14.66
N TYR A 2331 61.26 49.62 -13.86
CA TYR A 2331 59.99 49.21 -14.44
C TYR A 2331 59.09 50.40 -14.75
N LEU A 2332 59.14 51.45 -13.94
CA LEU A 2332 58.27 52.60 -14.17
C LEU A 2332 58.60 53.28 -15.50
N ASP A 2333 59.89 53.39 -15.83
CA ASP A 2333 60.23 54.04 -17.09
C ASP A 2333 59.75 53.22 -18.28
N PHE A 2334 59.83 51.89 -18.20
CA PHE A 2334 59.26 51.05 -19.24
C PHE A 2334 57.78 51.33 -19.42
N LEU A 2335 57.02 51.29 -18.33
CA LEU A 2335 55.60 51.56 -18.45
C LEU A 2335 55.35 52.95 -19.01
N ARG A 2336 56.20 53.91 -18.65
CA ARG A 2336 56.03 55.27 -19.15
C ARG A 2336 56.19 55.32 -20.66
N PHE A 2337 57.19 54.62 -21.19
CA PHE A 2337 57.32 54.55 -22.64
C PHE A 2337 56.15 53.82 -23.27
N ALA A 2338 55.58 52.85 -22.56
CA ALA A 2338 54.45 52.10 -23.09
C ALA A 2338 53.19 52.94 -23.18
N VAL A 2339 52.92 53.78 -22.18
CA VAL A 2339 51.64 54.49 -22.08
C VAL A 2339 51.67 55.86 -22.71
N PHE A 2340 52.79 56.28 -23.30
CA PHE A 2340 52.92 57.62 -23.88
C PHE A 2340 53.75 57.50 -25.15
N VAL A 2341 53.18 57.91 -26.27
CA VAL A 2341 53.86 57.86 -27.56
C VAL A 2341 53.65 59.19 -28.28
N ASN A 2342 54.75 59.82 -28.68
CA ASN A 2342 54.71 60.99 -29.55
C ASN A 2342 53.88 62.13 -28.98
N GLY A 2343 53.96 62.31 -27.66
CA GLY A 2343 53.34 63.45 -27.01
C GLY A 2343 51.88 63.29 -26.68
N GLU A 2344 51.28 62.12 -26.86
CA GLU A 2344 49.90 61.88 -26.50
C GLU A 2344 49.82 60.60 -25.68
N SER A 2345 48.71 60.43 -24.97
CA SER A 2345 48.52 59.28 -24.10
C SER A 2345 47.73 58.20 -24.82
N VAL A 2346 48.31 57.00 -24.91
CA VAL A 2346 47.60 55.84 -25.43
C VAL A 2346 46.57 55.42 -24.37
N GLU A 2347 45.30 55.74 -24.63
CA GLU A 2347 44.28 55.51 -23.61
C GLU A 2347 44.09 54.04 -23.31
N GLU A 2348 44.17 53.19 -24.33
CA GLU A 2348 43.96 51.75 -24.12
C GLU A 2348 44.97 51.19 -23.15
N ASN A 2349 46.25 51.56 -23.31
CA ASN A 2349 47.28 51.08 -22.42
C ASN A 2349 47.23 51.79 -21.07
N ALA A 2350 46.90 53.07 -21.08
CA ALA A 2350 46.90 53.84 -19.84
C ALA A 2350 45.85 53.31 -18.88
N ASN A 2351 44.66 53.00 -19.37
CA ASN A 2351 43.62 52.47 -18.49
C ASN A 2351 44.07 51.15 -17.88
N VAL A 2352 44.64 50.27 -18.69
CA VAL A 2352 45.09 48.97 -18.19
C VAL A 2352 46.15 49.16 -17.10
N VAL A 2353 47.10 50.07 -17.34
CA VAL A 2353 48.17 50.27 -16.36
C VAL A 2353 47.62 50.82 -15.06
N VAL A 2354 46.71 51.79 -15.14
CA VAL A 2354 46.14 52.36 -13.93
C VAL A 2354 45.39 51.29 -13.15
N ARG A 2355 44.57 50.49 -13.84
CA ARG A 2355 43.80 49.47 -13.14
C ARG A 2355 44.72 48.44 -12.50
N LEU A 2356 45.75 48.01 -13.21
CA LEU A 2356 46.67 47.05 -12.62
C LEU A 2356 47.34 47.63 -11.38
N LEU A 2357 47.75 48.89 -11.47
CA LEU A 2357 48.42 49.53 -10.33
C LEU A 2357 47.49 49.59 -9.12
N ILE A 2358 46.24 50.00 -9.32
CA ILE A 2358 45.33 50.07 -8.19
C ILE A 2358 44.98 48.68 -7.69
N ARG A 2359 45.08 47.68 -8.56
CA ARG A 2359 44.84 46.31 -8.12
C ARG A 2359 45.99 45.76 -7.30
N LYS A 2360 47.19 46.30 -7.45
CA LYS A 2360 48.34 45.93 -6.62
C LYS A 2360 48.87 47.20 -5.99
N PRO A 2361 48.24 47.66 -4.91
CA PRO A 2361 48.57 49.00 -4.38
C PRO A 2361 49.98 49.13 -3.88
N GLU A 2362 50.64 48.03 -3.53
CA GLU A 2362 52.01 48.08 -3.03
C GLU A 2362 53.00 48.63 -4.06
N CYS A 2363 52.60 48.69 -5.33
CA CYS A 2363 53.48 49.23 -6.36
C CYS A 2363 53.78 50.70 -6.14
N PHE A 2364 52.99 51.39 -5.34
CA PHE A 2364 53.18 52.81 -5.09
C PHE A 2364 54.26 53.10 -4.05
N GLY A 2365 54.81 52.09 -3.40
CA GLY A 2365 55.83 52.30 -2.40
C GLY A 2365 55.26 52.50 -1.02
N PRO A 2366 56.13 52.68 -0.04
CA PRO A 2366 55.66 52.85 1.35
C PRO A 2366 54.77 54.05 1.53
N ALA A 2367 55.06 55.15 0.85
CA ALA A 2367 54.10 56.23 0.83
C ALA A 2367 52.95 55.86 -0.10
N LEU A 2368 51.84 56.59 0.03
CA LEU A 2368 50.65 56.35 -0.77
C LEU A 2368 50.05 54.96 -0.49
N ARG A 2369 50.42 54.35 0.63
CA ARG A 2369 49.93 53.02 0.96
CA ARG A 2369 49.93 53.02 0.96
C ARG A 2369 48.55 53.04 1.59
N GLY A 2370 48.07 54.19 2.04
CA GLY A 2370 46.76 54.23 2.67
C GLY A 2370 46.84 54.16 4.17
N GLU A 2371 46.55 53.00 4.74
CA GLU A 2371 46.67 52.83 6.17
C GLU A 2371 48.13 52.80 6.57
N GLY A 2372 48.48 53.55 7.61
CA GLY A 2372 49.85 53.59 8.10
C GLY A 2372 50.85 54.15 7.12
N GLY A 2373 50.40 54.88 6.10
CA GLY A 2373 51.26 55.40 5.07
C GLY A 2373 51.29 56.91 5.10
N SER A 2374 52.50 57.46 5.10
CA SER A 2374 52.65 58.91 5.09
C SER A 2374 52.47 59.47 3.69
N GLY A 2375 52.32 60.78 3.61
CA GLY A 2375 52.04 61.43 2.35
C GLY A 2375 53.25 61.48 1.45
N LEU A 2376 53.02 61.92 0.22
CA LEU A 2376 54.10 62.01 -0.75
C LEU A 2376 55.11 63.09 -0.35
N LEU A 2377 54.62 64.22 0.14
CA LEU A 2377 55.52 65.27 0.61
C LEU A 2377 56.35 64.80 1.79
N ALA A 2378 55.71 64.09 2.74
CA ALA A 2378 56.45 63.52 3.86
C ALA A 2378 57.50 62.56 3.36
N ALA A 2379 57.17 61.75 2.36
CA ALA A 2379 58.14 60.80 1.81
C ALA A 2379 59.33 61.51 1.19
N ILE A 2380 59.09 62.58 0.43
CA ILE A 2380 60.19 63.29 -0.19
C ILE A 2380 61.08 63.94 0.87
N GLU A 2381 60.47 64.52 1.90
CA GLU A 2381 61.27 65.13 2.96
C GLU A 2381 62.10 64.08 3.70
N GLU A 2382 61.50 62.92 3.96
CA GLU A 2382 62.27 61.85 4.57
C GLU A 2382 63.42 61.41 3.69
N ALA A 2383 63.21 61.40 2.37
CA ALA A 2383 64.28 61.05 1.45
C ALA A 2383 65.41 62.08 1.51
N ILE A 2384 65.06 63.35 1.59
CA ILE A 2384 66.07 64.40 1.70
C ILE A 2384 66.89 64.22 2.97
N ARG A 2385 66.22 63.97 4.09
CA ARG A 2385 66.94 63.76 5.34
C ARG A 2385 67.80 62.52 5.28
N ILE A 2386 67.31 61.47 4.62
CA ILE A 2386 68.09 60.26 4.39
C ILE A 2386 69.37 60.60 3.65
N SER A 2387 69.24 61.44 2.61
CA SER A 2387 70.40 61.83 1.82
C SER A 2387 71.42 62.58 2.67
N GLU A 2388 70.93 63.53 3.47
CA GLU A 2388 71.85 64.31 4.30
C GLU A 2388 72.55 63.45 5.34
N ASP A 2389 71.86 62.45 5.89
CA ASP A 2389 72.41 61.66 6.98
C ASP A 2389 73.16 60.45 6.45
N PRO A 2390 74.46 60.36 6.63
CA PRO A 2390 75.18 59.13 6.26
C PRO A 2390 74.87 58.01 7.22
N ALA A 2391 75.45 56.83 7.00
CA ALA A 2391 75.17 55.60 7.73
C ALA A 2391 73.72 55.18 7.57
N ARG A 2392 72.91 55.96 6.87
CA ARG A 2392 71.54 55.61 6.54
C ARG A 2392 71.24 55.80 5.07
N ASP A 2393 72.15 56.40 4.30
CA ASP A 2393 72.02 56.49 2.86
C ASP A 2393 72.96 55.54 2.12
N GLY A 2394 74.14 55.29 2.67
CA GLY A 2394 75.08 54.39 2.05
C GLY A 2394 75.42 53.25 2.98
N PRO A 2395 76.29 52.33 2.51
CA PRO A 2395 76.64 51.19 3.36
C PRO A 2395 77.35 51.60 4.64
N GLY A 2396 77.99 52.76 4.65
CA GLY A 2396 78.69 53.21 5.84
C GLY A 2396 79.87 52.33 6.20
N VAL A 2397 80.66 51.94 5.20
CA VAL A 2397 81.83 51.10 5.43
C VAL A 2397 82.95 51.91 6.08
N PRO A 2410 81.92 58.98 -7.58
CA PRO A 2410 81.38 57.97 -6.67
C PRO A 2410 82.44 56.99 -6.18
N PRO A 2411 82.38 56.60 -4.90
CA PRO A 2411 83.36 55.64 -4.37
C PRO A 2411 83.37 54.32 -5.14
N GLU A 2412 82.21 53.85 -5.56
CA GLU A 2412 82.10 52.64 -6.37
C GLU A 2412 81.96 52.95 -7.85
N GLU A 2413 82.08 54.23 -8.22
CA GLU A 2413 81.97 54.77 -9.58
C GLU A 2413 80.53 54.72 -10.09
N ASN A 2414 79.67 53.98 -9.39
CA ASN A 2414 78.24 54.00 -9.59
C ASN A 2414 77.53 53.96 -8.26
N ARG A 2415 78.07 54.68 -7.28
CA ARG A 2415 77.54 54.62 -5.92
C ARG A 2415 76.08 55.04 -5.91
N VAL A 2416 75.25 54.19 -5.31
CA VAL A 2416 73.81 54.41 -5.30
C VAL A 2416 73.42 54.97 -3.95
N HIS A 2417 72.68 56.08 -3.95
CA HIS A 2417 72.28 56.77 -2.75
C HIS A 2417 70.80 56.51 -2.51
N LEU A 2418 70.45 56.05 -1.32
CA LEU A 2418 69.07 55.68 -1.03
C LEU A 2418 68.14 56.87 -1.14
N GLY A 2419 68.57 58.04 -0.65
CA GLY A 2419 67.71 59.21 -0.73
C GLY A 2419 67.38 59.58 -2.15
N HIS A 2420 68.40 59.68 -3.00
CA HIS A 2420 68.13 60.03 -4.39
C HIS A 2420 67.30 58.95 -5.07
N ALA A 2421 67.56 57.68 -4.74
CA ALA A 2421 66.79 56.61 -5.34
C ALA A 2421 65.32 56.72 -4.97
N ILE A 2422 65.04 57.06 -3.72
CA ILE A 2422 63.65 57.19 -3.27
C ILE A 2422 62.95 58.31 -4.00
N MET A 2423 63.58 59.49 -4.05
CA MET A 2423 62.90 60.59 -4.73
C MET A 2423 62.77 60.32 -6.22
N SER A 2424 63.75 59.63 -6.81
CA SER A 2424 63.65 59.29 -8.22
C SER A 2424 62.50 58.34 -8.46
N PHE A 2425 62.32 57.35 -7.59
CA PHE A 2425 61.22 56.41 -7.76
C PHE A 2425 59.88 57.12 -7.67
N TYR A 2426 59.72 58.00 -6.68
CA TYR A 2426 58.45 58.70 -6.57
C TYR A 2426 58.22 59.64 -7.73
N ALA A 2427 59.28 60.31 -8.20
CA ALA A 2427 59.13 61.17 -9.37
C ALA A 2427 58.72 60.37 -10.59
N ALA A 2428 59.32 59.20 -10.78
CA ALA A 2428 58.95 58.36 -11.91
C ALA A 2428 57.51 57.88 -11.80
N LEU A 2429 57.07 57.52 -10.59
CA LEU A 2429 55.70 57.07 -10.43
C LEU A 2429 54.71 58.19 -10.74
N ILE A 2430 55.00 59.40 -10.26
CA ILE A 2430 54.11 60.52 -10.53
C ILE A 2430 54.11 60.86 -12.02
N ASP A 2431 55.26 60.78 -12.66
CA ASP A 2431 55.32 61.01 -14.10
C ASP A 2431 54.49 59.99 -14.85
N LEU A 2432 54.58 58.72 -14.44
CA LEU A 2432 53.80 57.68 -15.09
C LEU A 2432 52.31 57.96 -14.93
N LEU A 2433 51.88 58.27 -13.71
CA LEU A 2433 50.47 58.53 -13.48
C LEU A 2433 49.99 59.75 -14.28
N GLY A 2434 50.84 60.76 -14.39
CA GLY A 2434 50.48 61.92 -15.18
C GLY A 2434 50.33 61.57 -16.65
N ARG A 2435 51.25 60.78 -17.18
CA ARG A 2435 51.12 60.37 -18.57
C ARG A 2435 49.94 59.45 -18.80
N CYS A 2436 49.46 58.77 -17.76
CA CYS A 2436 48.28 57.94 -17.90
C CYS A 2436 46.99 58.76 -17.89
N ALA A 2437 47.07 60.05 -17.59
CA ALA A 2437 45.86 60.85 -17.47
C ALA A 2437 45.18 61.00 -18.83
N PRO A 2438 43.85 61.08 -18.86
CA PRO A 2438 43.16 61.22 -20.14
C PRO A 2438 43.48 62.55 -20.80
N GLU A 2439 43.36 62.58 -22.11
CA GLU A 2439 43.62 63.81 -22.84
C GLU A 2439 42.45 64.77 -22.69
N MET A 2440 42.75 66.05 -22.94
CA MET A 2440 41.80 67.10 -22.66
C MET A 2440 40.55 66.98 -23.52
N HIS A 2441 40.70 66.54 -24.77
CA HIS A 2441 39.53 66.49 -25.62
C HIS A 2441 38.61 65.32 -25.24
N LEU A 2442 39.18 64.24 -24.72
CA LEU A 2442 38.33 63.22 -24.11
C LEU A 2442 37.63 63.77 -22.88
N ILE A 2443 38.33 64.55 -22.06
CA ILE A 2443 37.70 65.12 -20.88
C ILE A 2443 36.52 66.01 -21.27
N GLN A 2444 36.70 66.85 -22.29
CA GLN A 2444 35.60 67.70 -22.74
C GLN A 2444 34.50 66.87 -23.40
N ALA A 2445 34.85 65.77 -24.04
CA ALA A 2445 33.84 64.90 -24.64
C ALA A 2445 32.93 64.27 -23.61
N GLY A 2446 33.28 64.34 -22.32
CA GLY A 2446 32.45 63.75 -21.31
C GLY A 2446 32.49 62.25 -21.25
N LYS A 2447 33.57 61.64 -21.73
CA LYS A 2447 33.65 60.19 -21.73
C LYS A 2447 33.80 59.66 -20.31
N GLY A 2448 32.92 58.71 -19.95
CA GLY A 2448 32.86 58.24 -18.59
C GLY A 2448 34.13 57.57 -18.12
N GLU A 2449 34.75 56.77 -19.00
CA GLU A 2449 35.98 56.10 -18.63
C GLU A 2449 37.09 57.10 -18.34
N ALA A 2450 37.23 58.11 -19.20
CA ALA A 2450 38.25 59.13 -18.98
C ALA A 2450 38.00 59.89 -17.70
N LEU A 2451 36.74 60.26 -17.44
CA LEU A 2451 36.43 60.96 -16.20
C LEU A 2451 36.75 60.09 -14.99
N ARG A 2452 36.43 58.80 -15.06
CA ARG A 2452 36.71 57.91 -13.92
C ARG A 2452 38.19 57.79 -13.68
N ILE A 2453 38.99 57.65 -14.74
CA ILE A 2453 40.44 57.55 -14.58
C ILE A 2453 41.00 58.82 -13.97
N ARG A 2454 40.55 59.97 -14.45
CA ARG A 2454 41.04 61.23 -13.89
C ARG A 2454 40.68 61.34 -12.43
N ALA A 2455 39.48 60.93 -12.06
CA ALA A 2455 39.08 60.96 -10.66
C ALA A 2455 39.97 60.06 -9.82
N ILE A 2456 40.29 58.88 -10.34
CA ILE A 2456 41.17 57.96 -9.62
C ILE A 2456 42.53 58.59 -9.39
N LEU A 2457 43.09 59.22 -10.43
CA LEU A 2457 44.39 59.86 -10.28
C LEU A 2457 44.34 60.98 -9.26
N ARG A 2458 43.30 61.81 -9.31
CA ARG A 2458 43.19 62.90 -8.36
C ARG A 2458 43.07 62.38 -6.94
N SER A 2459 42.39 61.25 -6.77
CA SER A 2459 42.31 60.64 -5.45
C SER A 2459 43.68 60.14 -5.01
N LEU A 2460 44.47 59.62 -5.94
CA LEU A 2460 45.79 59.10 -5.55
C LEU A 2460 46.74 60.22 -5.11
N VAL A 2461 46.87 61.27 -5.92
CA VAL A 2461 47.86 62.30 -5.58
C VAL A 2461 47.19 63.62 -5.23
N PRO A 2462 47.37 64.12 -4.02
CA PRO A 2462 46.70 65.37 -3.63
C PRO A 2462 47.45 66.62 -4.07
N LEU A 2463 46.65 67.63 -4.41
CA LEU A 2463 47.18 68.85 -4.99
C LEU A 2463 48.10 69.57 -4.02
N ASP A 2464 47.77 69.55 -2.73
CA ASP A 2464 48.61 70.21 -1.75
C ASP A 2464 50.00 69.57 -1.71
N ASP A 2465 50.05 68.24 -1.80
CA ASP A 2465 51.35 67.56 -1.84
C ASP A 2465 52.11 67.91 -3.10
N LEU A 2466 51.43 67.98 -4.25
CA LEU A 2466 52.13 68.40 -5.46
C LEU A 2466 52.76 69.78 -5.29
N VAL A 2467 51.97 70.74 -4.81
CA VAL A 2467 52.47 72.10 -4.68
C VAL A 2467 53.60 72.17 -3.66
N GLY A 2468 53.47 71.44 -2.56
CA GLY A 2468 54.52 71.44 -1.57
C GLY A 2468 55.83 70.88 -2.10
N ILE A 2469 55.75 69.77 -2.84
CA ILE A 2469 56.96 69.18 -3.39
C ILE A 2469 57.58 70.11 -4.43
N ILE A 2470 56.75 70.80 -5.21
CA ILE A 2470 57.28 71.82 -6.10
C ILE A 2470 57.98 72.92 -5.33
N SER A 2471 57.44 73.29 -4.18
CA SER A 2471 57.96 74.43 -3.42
C SER A 2471 59.15 74.06 -2.54
N LEU A 2472 59.61 72.82 -2.56
CA LEU A 2472 60.78 72.47 -1.76
C LEU A 2472 62.00 73.21 -2.27
N PRO A 2473 62.79 73.81 -1.38
CA PRO A 2473 63.99 74.53 -1.83
C PRO A 2473 65.03 73.59 -2.41
N LEU A 2474 65.77 74.10 -3.37
CA LEU A 2474 66.85 73.36 -4.03
C LEU A 2474 68.19 73.90 -3.55
N GLN A 2475 69.19 73.03 -3.52
CA GLN A 2475 70.54 73.47 -3.22
C GLN A 2475 71.14 74.14 -4.46
N ILE A 2476 71.65 75.35 -4.28
CA ILE A 2476 72.16 76.18 -5.37
C ILE A 2476 73.67 76.28 -5.21
N PRO A 2477 74.44 76.16 -6.29
CA PRO A 2477 75.91 76.27 -6.15
C PRO A 2477 76.31 77.63 -5.62
N THR A 2478 76.96 77.63 -4.47
CA THR A 2478 77.46 78.85 -3.86
C THR A 2478 78.95 78.97 -4.10
N LEU A 2479 79.53 80.00 -3.50
CA LEU A 2479 80.96 80.28 -3.61
C LEU A 2479 81.49 80.60 -2.22
N GLY A 2480 82.77 80.29 -1.99
CA GLY A 2480 83.39 80.64 -0.74
C GLY A 2480 84.57 79.75 -0.45
N LYS A 2481 85.22 80.02 0.68
CA LYS A 2481 86.36 79.24 1.17
C LYS A 2481 87.46 79.18 0.11
N ASP A 2482 88.03 80.35 -0.19
CA ASP A 2482 89.08 80.68 -1.16
C ASP A 2482 88.52 80.73 -2.59
N GLY A 2483 87.22 80.52 -2.77
CA GLY A 2483 86.63 80.55 -4.09
C GLY A 2483 86.36 79.20 -4.71
N ALA A 2484 86.43 78.12 -3.94
CA ALA A 2484 86.06 76.81 -4.47
C ALA A 2484 84.57 76.72 -4.67
N LEU A 2485 84.16 76.13 -5.77
CA LEU A 2485 82.75 75.96 -6.09
C LEU A 2485 82.15 74.89 -5.18
N VAL A 2486 81.15 75.27 -4.40
CA VAL A 2486 80.43 74.33 -3.54
C VAL A 2486 79.19 73.91 -4.32
N GLN A 2487 79.32 72.82 -5.05
CA GLN A 2487 78.23 72.35 -5.87
C GLN A 2487 77.62 71.08 -5.31
N PRO A 2488 76.30 70.91 -5.40
CA PRO A 2488 75.71 69.64 -4.96
C PRO A 2488 76.07 68.50 -5.89
N LYS A 2489 76.14 67.31 -5.31
CA LYS A 2489 76.37 66.09 -6.08
C LYS A 2489 75.04 65.62 -6.63
N MET A 2490 74.84 65.78 -7.94
CA MET A 2490 73.53 65.58 -8.53
C MET A 2490 73.03 64.15 -8.40
N SER A 2491 73.92 63.21 -8.12
CA SER A 2491 73.50 61.82 -7.94
C SER A 2491 73.01 61.54 -6.53
N ALA A 2492 73.08 62.50 -5.62
CA ALA A 2492 72.71 62.25 -4.24
C ALA A 2492 71.93 63.41 -3.64
N SER A 2493 71.15 64.11 -4.45
CA SER A 2493 70.46 65.30 -3.95
C SER A 2493 69.20 65.54 -4.75
N PHE A 2494 68.33 66.39 -4.20
CA PHE A 2494 67.10 66.78 -4.86
C PHE A 2494 67.43 67.51 -6.16
N VAL A 2495 66.81 67.09 -7.25
CA VAL A 2495 67.14 67.64 -8.56
C VAL A 2495 65.85 68.12 -9.21
N PRO A 2496 65.94 69.11 -10.11
CA PRO A 2496 64.72 69.68 -10.70
C PRO A 2496 63.92 68.71 -11.55
N ASP A 2497 64.49 67.59 -11.96
CA ASP A 2497 63.71 66.60 -12.68
C ASP A 2497 62.57 66.09 -11.81
N HIS A 2498 62.84 65.92 -10.52
CA HIS A 2498 61.81 65.50 -9.59
C HIS A 2498 60.67 66.49 -9.56
N LYS A 2499 60.98 67.79 -9.64
CA LYS A 2499 59.93 68.78 -9.70
C LYS A 2499 59.22 68.76 -11.05
N ALA A 2500 59.95 68.48 -12.12
CA ALA A 2500 59.35 68.48 -13.45
C ALA A 2500 58.28 67.40 -13.57
N SER A 2501 58.53 66.25 -12.95
CA SER A 2501 57.51 65.20 -12.93
C SER A 2501 56.20 65.72 -12.34
N MET A 2502 56.27 66.38 -11.19
CA MET A 2502 55.06 66.83 -10.53
C MET A 2502 54.42 67.99 -11.29
N VAL A 2503 55.23 68.81 -11.96
CA VAL A 2503 54.64 69.84 -12.81
C VAL A 2503 53.84 69.19 -13.94
N LEU A 2504 54.37 68.13 -14.54
CA LEU A 2504 53.62 67.41 -15.56
C LEU A 2504 52.32 66.86 -15.00
N PHE A 2505 52.38 66.27 -13.81
CA PHE A 2505 51.18 65.72 -13.20
C PHE A 2505 50.16 66.81 -12.95
N LEU A 2506 50.60 67.94 -12.43
CA LEU A 2506 49.70 69.05 -12.13
C LEU A 2506 49.04 69.56 -13.40
N ASP A 2507 49.80 69.67 -14.49
CA ASP A 2507 49.22 70.11 -15.74
C ASP A 2507 48.19 69.11 -16.25
N ARG A 2508 48.56 67.84 -16.33
CA ARG A 2508 47.71 66.89 -17.03
C ARG A 2508 46.47 66.51 -16.23
N VAL A 2509 46.64 66.25 -14.94
CA VAL A 2509 45.53 65.72 -14.16
C VAL A 2509 44.70 66.83 -13.54
N TYR A 2510 45.34 67.81 -12.90
CA TYR A 2510 44.60 68.88 -12.24
C TYR A 2510 44.35 70.06 -13.16
N GLY A 2511 45.38 70.51 -13.87
CA GLY A 2511 45.27 71.69 -14.70
C GLY A 2511 45.10 72.95 -13.86
N ILE A 2512 45.49 74.07 -14.44
CA ILE A 2512 45.37 75.36 -13.80
C ILE A 2512 44.21 76.08 -14.45
N GLU A 2513 43.20 76.43 -13.65
CA GLU A 2513 41.97 77.00 -14.15
C GLU A 2513 41.59 78.31 -13.49
N ASN A 2514 42.19 78.64 -12.35
CA ASN A 2514 41.82 79.85 -11.62
C ASN A 2514 43.04 80.71 -11.36
N GLN A 2515 42.85 82.01 -11.55
CA GLN A 2515 43.94 82.97 -11.46
C GLN A 2515 44.56 82.97 -10.07
N ASP A 2516 43.74 82.87 -9.03
CA ASP A 2516 44.27 82.90 -7.68
C ASP A 2516 45.23 81.73 -7.45
N PHE A 2517 44.85 80.55 -7.93
CA PHE A 2517 45.72 79.39 -7.75
C PHE A 2517 46.98 79.50 -8.60
N LEU A 2518 46.85 80.05 -9.82
CA LEU A 2518 48.05 80.25 -10.63
C LEU A 2518 49.04 81.16 -9.94
N LEU A 2519 48.55 82.28 -9.40
CA LEU A 2519 49.44 83.18 -8.67
C LEU A 2519 50.01 82.52 -7.43
N HIS A 2520 49.21 81.70 -6.75
CA HIS A 2520 49.68 81.04 -5.54
C HIS A 2520 50.79 80.05 -5.86
N VAL A 2521 50.69 79.34 -6.98
CA VAL A 2521 51.76 78.42 -7.32
C VAL A 2521 52.97 79.20 -7.82
N LEU A 2522 52.75 80.34 -8.48
CA LEU A 2522 53.88 81.16 -8.91
C LEU A 2522 54.70 81.64 -7.74
N ASP A 2523 54.06 82.21 -6.73
CA ASP A 2523 54.84 82.89 -5.71
C ASP A 2523 55.40 81.95 -4.65
N VAL A 2524 55.15 80.65 -4.75
CA VAL A 2524 55.70 79.68 -3.81
C VAL A 2524 56.62 78.68 -4.50
N GLY A 2525 56.29 78.26 -5.72
CA GLY A 2525 57.04 77.20 -6.36
C GLY A 2525 57.87 77.56 -7.58
N PHE A 2526 57.33 78.42 -8.44
CA PHE A 2526 57.97 78.71 -9.71
C PHE A 2526 58.89 79.93 -9.64
N LEU A 2527 58.42 81.00 -9.02
CA LEU A 2527 59.20 82.22 -8.97
C LEU A 2527 60.55 82.03 -8.29
N PRO A 2528 60.67 81.36 -7.14
CA PRO A 2528 62.00 81.15 -6.56
C PRO A 2528 62.94 80.41 -7.48
N ASP A 2529 62.45 79.38 -8.18
CA ASP A 2529 63.33 78.62 -9.06
C ASP A 2529 63.74 79.44 -10.28
N MET A 2530 62.83 80.24 -10.83
CA MET A 2530 63.20 81.07 -11.95
C MET A 2530 64.22 82.13 -11.53
N ARG A 2531 64.06 82.70 -10.34
CA ARG A 2531 65.08 83.63 -9.85
C ARG A 2531 66.41 82.93 -9.64
N ALA A 2532 66.39 81.71 -9.10
CA ALA A 2532 67.64 80.98 -8.89
C ALA A 2532 68.34 80.70 -10.22
N ALA A 2533 67.58 80.28 -11.23
CA ALA A 2533 68.17 80.02 -12.55
C ALA A 2533 68.71 81.29 -13.16
N ALA A 2534 68.00 82.41 -13.01
CA ALA A 2534 68.50 83.68 -13.52
C ALA A 2534 69.79 84.07 -12.83
N SER A 2535 69.86 83.90 -11.51
CA SER A 2535 71.05 84.28 -10.77
C SER A 2535 72.24 83.39 -11.10
N LEU A 2536 72.00 82.11 -11.39
CA LEU A 2536 73.11 81.24 -11.75
C LEU A 2536 73.68 81.54 -13.14
N ASP A 2537 73.02 82.40 -13.92
CA ASP A 2537 73.51 82.75 -15.25
C ASP A 2537 74.60 83.81 -15.12
N THR A 2538 75.70 83.41 -14.49
CA THR A 2538 76.86 84.27 -14.32
C THR A 2538 78.06 83.62 -14.98
N ALA A 2539 79.21 84.28 -14.88
CA ALA A 2539 80.40 83.77 -15.55
C ALA A 2539 80.81 82.41 -15.00
N THR A 2540 80.70 82.22 -13.69
CA THR A 2540 81.17 81.00 -13.06
C THR A 2540 80.12 79.90 -13.04
N PHE A 2541 78.87 80.23 -12.71
CA PHE A 2541 77.85 79.22 -12.48
C PHE A 2541 77.11 78.80 -13.74
N SER A 2542 77.39 79.42 -14.88
CA SER A 2542 76.54 79.23 -16.06
C SER A 2542 76.53 77.78 -16.50
N THR A 2543 77.68 77.11 -16.46
CA THR A 2543 77.81 75.76 -16.96
C THR A 2543 77.69 74.70 -15.86
N THR A 2544 77.37 75.10 -14.64
CA THR A 2544 77.25 74.12 -13.58
C THR A 2544 76.07 73.17 -13.84
N GLU A 2545 76.20 71.96 -13.30
CA GLU A 2545 75.18 70.94 -13.51
C GLU A 2545 73.83 71.41 -12.97
N MET A 2546 73.84 72.05 -11.80
CA MET A 2546 72.60 72.52 -11.21
C MET A 2546 71.94 73.57 -12.09
N ALA A 2547 72.73 74.47 -12.66
CA ALA A 2547 72.18 75.50 -13.54
C ALA A 2547 71.60 74.89 -14.80
N LEU A 2548 72.29 73.92 -15.39
CA LEU A 2548 71.76 73.28 -16.58
C LEU A 2548 70.48 72.53 -16.29
N ALA A 2549 70.42 71.87 -15.12
CA ALA A 2549 69.19 71.19 -14.72
C ALA A 2549 68.05 72.18 -14.55
N LEU A 2550 68.33 73.34 -13.95
CA LEU A 2550 67.31 74.36 -13.80
C LEU A 2550 66.82 74.84 -15.15
N ASN A 2551 67.74 75.04 -16.09
CA ASN A 2551 67.33 75.50 -17.42
C ASN A 2551 66.43 74.48 -18.09
N ARG A 2552 66.79 73.19 -18.03
CA ARG A 2552 65.96 72.17 -18.64
C ARG A 2552 64.59 72.10 -17.98
N TYR A 2553 64.56 72.16 -16.64
CA TYR A 2553 63.30 72.10 -15.92
C TYR A 2553 62.41 73.28 -16.26
N LEU A 2554 62.98 74.48 -16.38
CA LEU A 2554 62.17 75.64 -16.72
C LEU A 2554 61.66 75.57 -18.14
N CYS A 2555 62.54 75.23 -19.09
CA CYS A 2555 62.16 75.26 -20.49
C CYS A 2555 61.42 74.01 -20.94
N LEU A 2556 61.22 73.04 -20.05
CA LEU A 2556 60.43 71.87 -20.39
C LEU A 2556 59.23 71.65 -19.48
N ALA A 2557 59.20 72.25 -18.29
CA ALA A 2557 58.07 72.10 -17.39
C ALA A 2557 57.38 73.40 -17.06
N VAL A 2558 58.12 74.42 -16.59
CA VAL A 2558 57.49 75.59 -16.00
C VAL A 2558 57.01 76.56 -17.07
N LEU A 2559 57.91 76.94 -17.98
CA LEU A 2559 57.58 77.97 -18.95
C LEU A 2559 56.47 77.58 -19.91
N PRO A 2560 56.43 76.38 -20.49
CA PRO A 2560 55.25 76.02 -21.30
C PRO A 2560 53.96 76.08 -20.52
N LEU A 2561 53.99 75.68 -19.25
CA LEU A 2561 52.79 75.76 -18.42
C LEU A 2561 52.34 77.21 -18.24
N ILE A 2562 53.28 78.11 -18.00
CA ILE A 2562 52.92 79.52 -17.86
C ILE A 2562 52.39 80.06 -19.18
N THR A 2563 52.99 79.65 -20.30
CA THR A 2563 52.51 80.09 -21.59
C THR A 2563 51.08 79.64 -21.84
N LYS A 2564 50.76 78.40 -21.45
CA LYS A 2564 49.37 77.95 -21.51
C LYS A 2564 48.48 78.78 -20.61
N CYS A 2565 48.94 79.07 -19.41
CA CYS A 2565 48.17 79.85 -18.45
C CYS A 2565 48.37 81.34 -18.62
N ALA A 2566 48.79 81.78 -19.79
CA ALA A 2566 48.96 83.21 -20.03
C ALA A 2566 47.68 84.02 -19.90
N PRO A 2567 46.54 83.62 -20.46
CA PRO A 2567 45.36 84.51 -20.40
C PRO A 2567 44.90 84.81 -18.99
N LEU A 2568 45.25 83.98 -18.01
CA LEU A 2568 44.83 84.20 -16.64
C LEU A 2568 45.52 85.39 -16.00
N PHE A 2569 46.41 86.07 -16.73
CA PHE A 2569 47.09 87.26 -16.23
C PHE A 2569 46.35 88.54 -16.59
N ALA A 2570 45.12 88.44 -17.09
CA ALA A 2570 44.40 89.63 -17.50
C ALA A 2570 44.10 90.54 -16.31
N GLY A 2571 43.67 89.98 -15.20
CA GLY A 2571 43.18 90.78 -14.10
C GLY A 2571 44.02 90.71 -12.85
N THR A 2572 45.33 90.91 -12.98
CA THR A 2572 46.24 90.82 -11.85
C THR A 2572 46.67 92.18 -11.33
N GLU A 2573 45.77 93.17 -11.32
CA GLU A 2573 46.10 94.47 -10.78
C GLU A 2573 46.54 94.36 -9.32
N HIS A 2574 46.04 93.36 -8.60
CA HIS A 2574 46.30 93.26 -7.17
C HIS A 2574 47.64 92.60 -6.86
N ARG A 2575 48.25 91.88 -7.81
CA ARG A 2575 49.53 91.23 -7.58
C ARG A 2575 50.56 91.78 -8.57
N ALA A 2576 50.50 93.10 -8.78
CA ALA A 2576 51.34 93.73 -9.79
C ALA A 2576 52.81 93.57 -9.48
N ILE A 2577 53.19 93.61 -8.21
CA ILE A 2577 54.60 93.45 -7.85
C ILE A 2577 55.13 92.08 -8.25
N MET A 2578 54.38 91.02 -7.96
CA MET A 2578 54.82 89.69 -8.36
C MET A 2578 54.84 89.56 -9.87
N VAL A 2579 53.83 90.09 -10.55
CA VAL A 2579 53.80 89.96 -12.00
C VAL A 2579 55.00 90.67 -12.62
N ASP A 2580 55.33 91.85 -12.12
CA ASP A 2580 56.49 92.56 -12.65
C ASP A 2580 57.79 91.81 -12.38
N SER A 2581 57.94 91.26 -11.17
CA SER A 2581 59.14 90.50 -10.86
C SER A 2581 59.26 89.28 -11.77
N MET A 2582 58.13 88.61 -12.03
CA MET A 2582 58.13 87.47 -12.93
C MET A 2582 58.50 87.87 -14.35
N LEU A 2583 57.97 88.99 -14.83
CA LEU A 2583 58.36 89.47 -16.16
C LEU A 2583 59.86 89.73 -16.22
N HIS A 2584 60.41 90.38 -15.19
CA HIS A 2584 61.82 90.67 -15.20
CA HIS A 2584 61.83 90.67 -15.18
C HIS A 2584 62.65 89.40 -15.17
N THR A 2585 62.24 88.41 -14.37
CA THR A 2585 63.01 87.17 -14.29
C THR A 2585 63.00 86.42 -15.61
N VAL A 2586 61.84 86.37 -16.27
CA VAL A 2586 61.78 85.66 -17.55
C VAL A 2586 62.59 86.41 -18.60
N TYR A 2587 62.56 87.74 -18.57
CA TYR A 2587 63.38 88.52 -19.50
C TYR A 2587 64.86 88.29 -19.26
N ARG A 2588 65.28 88.28 -18.00
CA ARG A 2588 66.68 88.08 -17.67
C ARG A 2588 67.13 86.68 -18.04
N LEU A 2589 66.24 85.69 -17.91
CA LEU A 2589 66.56 84.36 -18.43
C LEU A 2589 66.75 84.41 -19.94
N SER A 2590 65.88 85.14 -20.64
CA SER A 2590 66.03 85.22 -22.09
C SER A 2590 67.39 85.79 -22.46
N ARG A 2591 67.83 86.82 -21.76
CA ARG A 2591 69.17 87.33 -22.01
C ARG A 2591 70.21 86.54 -21.25
N GLY A 2592 70.17 85.21 -21.39
CA GLY A 2592 71.08 84.38 -20.64
C GLY A 2592 72.07 83.66 -21.52
N ARG A 2593 73.30 83.53 -21.05
CA ARG A 2593 74.29 82.75 -21.77
C ARG A 2593 74.09 81.26 -21.48
N SER A 2594 74.77 80.44 -22.25
CA SER A 2594 74.74 78.98 -22.08
C SER A 2594 73.32 78.43 -22.11
N LEU A 2595 72.52 78.91 -23.04
CA LEU A 2595 71.20 78.35 -23.32
C LEU A 2595 71.15 77.93 -24.77
N THR A 2596 70.62 76.73 -25.03
CA THR A 2596 70.44 76.31 -26.40
C THR A 2596 69.38 77.16 -27.07
N LYS A 2597 69.40 77.16 -28.40
CA LYS A 2597 68.41 77.94 -29.13
C LYS A 2597 67.00 77.45 -28.85
N ALA A 2598 66.84 76.14 -28.67
CA ALA A 2598 65.53 75.59 -28.36
C ALA A 2598 65.01 76.13 -27.05
N GLN A 2599 65.86 76.21 -26.03
CA GLN A 2599 65.45 76.79 -24.76
C GLN A 2599 65.14 78.27 -24.89
N ARG A 2600 65.98 78.99 -25.65
CA ARG A 2600 65.81 80.42 -25.76
C ARG A 2600 64.50 80.78 -26.45
N ASP A 2601 64.13 80.04 -27.49
CA ASP A 2601 62.88 80.36 -28.16
C ASP A 2601 61.68 80.08 -27.28
N VAL A 2602 61.75 79.06 -26.43
CA VAL A 2602 60.67 78.82 -25.48
C VAL A 2602 60.54 79.97 -24.50
N ILE A 2603 61.68 80.46 -23.99
CA ILE A 2603 61.62 81.59 -23.07
C ILE A 2603 61.02 82.81 -23.76
N GLU A 2604 61.44 83.08 -25.00
CA GLU A 2604 60.91 84.23 -25.72
C GLU A 2604 59.42 84.08 -25.96
N ASP A 2605 58.97 82.87 -26.30
CA ASP A 2605 57.56 82.64 -26.52
C ASP A 2605 56.76 82.88 -25.25
N CYS A 2606 57.29 82.43 -24.12
CA CYS A 2606 56.62 82.69 -22.85
C CYS A 2606 56.50 84.19 -22.58
N LEU A 2607 57.57 84.94 -22.82
CA LEU A 2607 57.52 86.37 -22.58
C LEU A 2607 56.51 87.06 -23.50
N MET A 2608 56.50 86.68 -24.77
CA MET A 2608 55.52 87.23 -25.70
C MET A 2608 54.10 86.93 -25.25
N ALA A 2609 53.85 85.68 -24.84
CA ALA A 2609 52.51 85.29 -24.43
C ALA A 2609 52.07 86.07 -23.19
N LEU A 2610 52.98 86.24 -22.23
CA LEU A 2610 52.64 87.01 -21.04
C LEU A 2610 52.30 88.44 -21.40
N CYS A 2611 53.14 89.07 -22.24
CA CYS A 2611 52.91 90.46 -22.59
C CYS A 2611 51.66 90.65 -23.44
N ARG A 2612 51.19 89.61 -24.13
CA ARG A 2612 49.99 89.77 -24.92
CA ARG A 2612 49.99 89.75 -24.92
C ARG A 2612 48.74 89.92 -24.06
N TYR A 2613 48.74 89.37 -22.86
CA TYR A 2613 47.56 89.43 -22.01
C TYR A 2613 47.71 90.31 -20.79
N ILE A 2614 48.92 90.67 -20.40
CA ILE A 2614 49.09 91.58 -19.28
C ILE A 2614 48.62 92.98 -19.67
N ARG A 2615 47.89 93.62 -18.78
CA ARG A 2615 47.43 94.98 -19.02
C ARG A 2615 48.64 95.91 -19.18
N PRO A 2616 48.52 96.95 -20.00
CA PRO A 2616 49.68 97.79 -20.28
C PRO A 2616 50.24 98.50 -19.06
N SER A 2617 49.43 98.71 -18.02
CA SER A 2617 49.91 99.49 -16.89
C SER A 2617 51.01 98.76 -16.11
N MET A 2618 51.08 97.43 -16.19
CA MET A 2618 52.16 96.71 -15.53
C MET A 2618 53.36 96.44 -16.41
N LEU A 2619 53.33 96.84 -17.67
CA LEU A 2619 54.50 96.68 -18.53
C LEU A 2619 55.43 97.87 -18.46
N GLN A 2620 55.18 98.81 -17.54
CA GLN A 2620 55.99 100.02 -17.47
C GLN A 2620 57.44 99.71 -17.12
N HIS A 2621 57.67 98.81 -16.15
CA HIS A 2621 59.03 98.54 -15.73
C HIS A 2621 59.79 97.72 -16.77
N LEU A 2622 59.12 96.77 -17.39
CA LEU A 2622 59.76 96.03 -18.49
C LEU A 2622 60.11 96.97 -19.62
N LEU A 2623 59.22 97.93 -19.93
CA LEU A 2623 59.53 98.92 -20.95
C LEU A 2623 60.71 99.79 -20.54
N ARG A 2624 60.81 100.12 -19.26
CA ARG A 2624 61.95 100.89 -18.80
C ARG A 2624 63.26 100.13 -19.02
N ARG A 2625 63.26 98.84 -18.70
CA ARG A 2625 64.48 98.06 -18.94
C ARG A 2625 64.78 97.96 -20.42
N LEU A 2626 63.76 97.81 -21.25
CA LEU A 2626 63.98 97.73 -22.69
C LEU A 2626 64.50 99.05 -23.26
N VAL A 2627 64.13 100.17 -22.64
CA VAL A 2627 64.65 101.46 -23.09
C VAL A 2627 66.17 101.48 -22.97
N PHE A 2628 66.71 100.87 -21.92
CA PHE A 2628 68.16 100.80 -21.77
C PHE A 2628 68.77 99.72 -22.66
N ASP A 2629 68.08 98.59 -22.84
CA ASP A 2629 68.70 97.45 -23.53
C ASP A 2629 68.62 97.52 -25.05
N VAL A 2630 67.47 97.89 -25.61
CA VAL A 2630 67.27 97.75 -27.06
C VAL A 2630 68.18 98.65 -27.88
N PRO A 2631 68.33 99.95 -27.60
CA PRO A 2631 69.07 100.82 -28.52
C PRO A 2631 70.48 100.35 -28.84
N ILE A 2632 71.04 99.44 -28.04
CA ILE A 2632 72.35 98.88 -28.38
C ILE A 2632 72.26 98.11 -29.69
N LEU A 2633 71.11 97.47 -29.94
CA LEU A 2633 70.84 96.77 -31.20
C LEU A 2633 71.89 95.70 -31.49
N ASN A 2634 72.29 94.98 -30.46
CA ASN A 2634 73.19 93.85 -30.64
C ASN A 2634 72.38 92.65 -31.13
N GLU A 2635 72.98 91.46 -31.11
CA GLU A 2635 72.26 90.27 -31.54
C GLU A 2635 71.14 89.90 -30.57
N PHE A 2636 71.17 90.41 -29.36
CA PHE A 2636 70.19 90.06 -28.33
C PHE A 2636 68.93 90.92 -28.39
N ALA A 2637 68.83 91.82 -29.35
CA ALA A 2637 67.70 92.74 -29.44
C ALA A 2637 66.57 92.25 -30.33
N LYS A 2638 66.69 91.06 -30.91
CA LYS A 2638 65.67 90.59 -31.84
C LYS A 2638 64.34 90.36 -31.14
N MET A 2639 64.35 89.58 -30.06
CA MET A 2639 63.13 89.36 -29.29
C MET A 2639 62.60 90.65 -28.67
N PRO A 2640 63.42 91.51 -28.05
CA PRO A 2640 62.86 92.76 -27.54
C PRO A 2640 62.23 93.63 -28.61
N LEU A 2641 62.83 93.73 -29.79
CA LEU A 2641 62.22 94.54 -30.83
C LEU A 2641 60.90 93.96 -31.28
N LYS A 2642 60.83 92.63 -31.44
CA LYS A 2642 59.55 92.04 -31.85
C LYS A 2642 58.50 92.22 -30.76
N LEU A 2643 58.89 92.09 -29.50
CA LEU A 2643 57.96 92.26 -28.39
C LEU A 2643 57.42 93.68 -28.34
N LEU A 2644 58.29 94.67 -28.50
CA LEU A 2644 57.84 96.06 -28.51
C LEU A 2644 56.91 96.31 -29.69
N THR A 2645 57.22 95.74 -30.85
CA THR A 2645 56.34 95.89 -32.01
C THR A 2645 54.95 95.40 -31.70
N ASN A 2646 54.82 94.18 -31.19
CA ASN A 2646 53.49 93.63 -30.90
C ASN A 2646 52.80 94.44 -29.82
N HIS A 2647 53.54 94.83 -28.77
CA HIS A 2647 52.91 95.53 -27.66
C HIS A 2647 52.35 96.87 -28.09
N TYR A 2648 53.13 97.63 -28.87
CA TYR A 2648 52.63 98.94 -29.28
C TYR A 2648 51.59 98.85 -30.38
N GLU A 2649 51.62 97.81 -31.20
CA GLU A 2649 50.54 97.63 -32.16
C GLU A 2649 49.24 97.30 -31.47
N ARG A 2650 49.30 96.47 -30.42
CA ARG A 2650 48.07 96.08 -29.74
C ARG A 2650 47.51 97.19 -28.86
N CYS A 2651 48.39 97.87 -28.11
CA CYS A 2651 47.96 98.84 -27.11
C CYS A 2651 48.17 100.27 -27.58
N TRP A 2652 47.95 100.53 -28.87
CA TRP A 2652 48.24 101.85 -29.39
C TRP A 2652 47.25 102.89 -28.91
N LYS A 2653 45.99 102.52 -28.72
CA LYS A 2653 45.02 103.48 -28.20
C LYS A 2653 45.41 103.98 -26.83
N TYR A 2654 45.87 103.08 -25.96
CA TYR A 2654 46.22 103.42 -24.59
C TYR A 2654 47.30 104.49 -24.53
N TYR A 2655 48.12 104.60 -25.56
CA TYR A 2655 49.13 105.66 -25.61
C TYR A 2655 48.71 106.85 -26.45
N CYS A 2656 47.82 106.66 -27.42
CA CYS A 2656 47.53 107.74 -28.36
C CYS A 2656 46.27 108.51 -27.99
N LEU A 2657 45.14 107.82 -27.86
CA LEU A 2657 43.88 108.53 -27.67
C LEU A 2657 43.86 109.23 -26.31
N PRO A 2658 43.41 110.48 -26.25
CA PRO A 2658 43.36 111.18 -24.97
C PRO A 2658 42.50 110.49 -23.94
N THR A 2659 41.37 109.93 -24.36
CA THR A 2659 40.54 109.15 -23.45
C THR A 2659 41.13 107.80 -23.13
N GLY A 2660 42.14 107.36 -23.86
CA GLY A 2660 42.77 106.09 -23.60
C GLY A 2660 41.93 104.92 -24.07
N TRP A 2661 42.46 103.74 -23.83
CA TRP A 2661 41.79 102.52 -24.22
C TRP A 2661 40.59 102.25 -23.31
N ALA A 2662 39.62 101.50 -23.83
CA ALA A 2662 38.44 101.19 -23.06
C ALA A 2662 38.81 100.35 -21.84
N ASN A 2663 38.40 100.82 -20.66
CA ASN A 2663 38.60 100.14 -19.38
C ASN A 2663 40.04 99.70 -19.15
N PHE A 2664 41.00 100.37 -19.77
CA PHE A 2664 42.41 100.10 -19.53
C PHE A 2664 43.17 101.29 -18.99
N GLY A 2665 42.58 102.47 -18.96
CA GLY A 2665 43.27 103.65 -18.50
C GLY A 2665 43.91 104.44 -19.63
N VAL A 2666 44.74 105.40 -19.23
CA VAL A 2666 45.51 106.21 -20.16
C VAL A 2666 46.94 106.25 -19.65
N THR A 2667 47.87 106.52 -20.57
CA THR A 2667 49.27 106.58 -20.22
C THR A 2667 49.52 107.64 -19.13
N SER A 2668 50.61 107.44 -18.38
CA SER A 2668 50.87 108.23 -17.19
C SER A 2668 51.98 109.26 -17.38
N GLU A 2669 52.21 109.71 -18.62
CA GLU A 2669 53.11 110.82 -18.91
C GLU A 2669 54.57 110.44 -18.64
N GLU A 2670 54.78 109.28 -18.02
CA GLU A 2670 56.11 108.70 -17.95
C GLU A 2670 56.28 107.55 -18.92
N GLU A 2671 55.20 106.81 -19.18
CA GLU A 2671 55.23 105.81 -20.24
C GLU A 2671 55.44 106.47 -21.60
N LEU A 2672 54.81 107.63 -21.83
CA LEU A 2672 55.07 108.35 -23.07
C LEU A 2672 56.51 108.82 -23.15
N HIS A 2673 57.08 109.28 -22.03
CA HIS A 2673 58.47 109.69 -22.04
C HIS A 2673 59.37 108.51 -22.39
N LEU A 2674 59.10 107.34 -21.80
CA LEU A 2674 59.88 106.16 -22.11
C LEU A 2674 59.73 105.78 -23.57
N THR A 2675 58.53 105.87 -24.10
CA THR A 2675 58.30 105.53 -25.51
C THR A 2675 59.07 106.46 -26.43
N ARG A 2676 59.05 107.76 -26.13
CA ARG A 2676 59.80 108.72 -26.93
C ARG A 2676 61.30 108.44 -26.87
N LYS A 2677 61.82 108.18 -25.68
CA LYS A 2677 63.23 107.85 -25.55
C LYS A 2677 63.58 106.61 -26.34
N LEU A 2678 62.74 105.58 -26.27
CA LEU A 2678 63.01 104.35 -26.99
C LEU A 2678 63.01 104.58 -28.49
N PHE A 2679 62.02 105.32 -28.99
CA PHE A 2679 61.96 105.60 -30.43
C PHE A 2679 63.20 106.32 -30.89
N TRP A 2680 63.59 107.39 -30.20
CA TRP A 2680 64.75 108.13 -30.67
C TRP A 2680 66.03 107.35 -30.50
N GLY A 2681 66.14 106.53 -29.46
CA GLY A 2681 67.32 105.70 -29.32
C GLY A 2681 67.46 104.70 -30.46
N ILE A 2682 66.38 104.00 -30.79
CA ILE A 2682 66.42 103.06 -31.89
C ILE A 2682 66.74 103.79 -33.19
N PHE A 2683 66.11 104.95 -33.41
CA PHE A 2683 66.34 105.69 -34.63
C PHE A 2683 67.80 106.13 -34.76
N ASP A 2684 68.36 106.69 -33.69
CA ASP A 2684 69.75 107.15 -33.75
C ASP A 2684 70.71 105.99 -33.92
N SER A 2685 70.47 104.87 -33.24
CA SER A 2685 71.34 103.72 -33.39
C SER A 2685 71.25 103.17 -34.81
N LEU A 2686 70.05 103.10 -35.37
CA LEU A 2686 69.88 102.52 -36.69
C LEU A 2686 70.41 103.44 -37.78
N ALA A 2687 70.44 104.74 -37.52
CA ALA A 2687 70.99 105.68 -38.49
C ALA A 2687 72.50 105.56 -38.60
N HIS A 2688 73.17 104.92 -37.64
CA HIS A 2688 74.60 104.73 -37.68
C HIS A 2688 75.02 103.28 -37.91
N LYS A 2689 74.17 102.32 -37.59
CA LYS A 2689 74.51 100.92 -37.82
C LYS A 2689 74.70 100.66 -39.30
N LYS A 2690 75.64 99.79 -39.62
CA LYS A 2690 75.82 99.35 -40.99
C LYS A 2690 74.59 98.58 -41.45
N TYR A 2691 74.41 98.51 -42.77
CA TYR A 2691 73.19 97.91 -43.30
C TYR A 2691 73.19 96.41 -43.07
N ASP A 2692 72.24 95.95 -42.26
CA ASP A 2692 71.99 94.54 -42.05
C ASP A 2692 70.53 94.26 -42.35
N GLN A 2693 70.28 93.38 -43.33
CA GLN A 2693 68.92 93.16 -43.79
C GLN A 2693 68.03 92.60 -42.69
N GLU A 2694 68.55 91.66 -41.91
CA GLU A 2694 67.75 91.07 -40.84
C GLU A 2694 67.39 92.12 -39.80
N LEU A 2695 68.34 92.98 -39.46
CA LEU A 2695 68.06 94.04 -38.49
C LEU A 2695 67.01 95.00 -39.01
N TYR A 2696 67.18 95.46 -40.25
CA TYR A 2696 66.27 96.46 -40.80
C TYR A 2696 64.87 95.91 -40.96
N ARG A 2697 64.74 94.71 -41.52
CA ARG A 2697 63.45 94.15 -41.90
C ARG A 2697 62.51 94.07 -40.72
N MET A 2698 63.06 93.84 -39.54
CA MET A 2698 62.26 93.73 -38.33
C MET A 2698 62.40 94.91 -37.39
N ALA A 2699 63.30 95.85 -37.66
CA ALA A 2699 63.37 97.02 -36.79
C ALA A 2699 62.50 98.15 -37.33
N MET A 2700 62.24 98.18 -38.64
CA MET A 2700 61.34 99.20 -39.15
C MET A 2700 59.91 99.07 -38.61
N PRO A 2701 59.33 97.86 -38.47
CA PRO A 2701 58.01 97.80 -37.85
C PRO A 2701 57.98 98.31 -36.43
N CYS A 2702 59.04 98.13 -35.66
CA CYS A 2702 59.05 98.67 -34.30
C CYS A 2702 58.98 100.19 -34.31
N LEU A 2703 59.76 100.82 -35.19
CA LEU A 2703 59.70 102.27 -35.31
C LEU A 2703 58.33 102.73 -35.76
N CYS A 2704 57.74 102.04 -36.73
CA CYS A 2704 56.41 102.42 -37.19
C CYS A 2704 55.38 102.30 -36.07
N ALA A 2705 55.43 101.20 -35.32
CA ALA A 2705 54.47 100.99 -34.24
C ALA A 2705 54.62 102.04 -33.16
N ILE A 2706 55.86 102.36 -32.77
CA ILE A 2706 56.07 103.33 -31.72
C ILE A 2706 55.61 104.71 -32.17
N ALA A 2707 55.93 105.09 -33.41
CA ALA A 2707 55.48 106.38 -33.92
C ALA A 2707 53.97 106.44 -34.00
N GLY A 2708 53.32 105.34 -34.36
CA GLY A 2708 51.87 105.32 -34.31
C GLY A 2708 51.28 105.43 -32.93
N ALA A 2709 51.96 104.88 -31.92
CA ALA A 2709 51.49 104.97 -30.55
C ALA A 2709 51.66 106.35 -29.93
N LEU A 2710 52.74 107.04 -30.25
CA LEU A 2710 52.99 108.34 -29.64
C LEU A 2710 52.03 109.39 -30.20
N PRO A 2711 51.34 110.15 -29.35
CA PRO A 2711 50.53 111.26 -29.84
C PRO A 2711 51.41 112.30 -30.50
N PRO A 2712 50.98 112.87 -31.63
CA PRO A 2712 51.85 113.79 -32.37
C PRO A 2712 52.21 115.03 -31.60
N ASP A 2713 51.33 115.51 -30.73
CA ASP A 2713 51.55 116.76 -30.01
C ASP A 2713 52.16 116.54 -28.64
N TYR A 2714 52.70 115.36 -28.38
CA TYR A 2714 53.24 115.07 -27.06
C TYR A 2714 54.48 115.91 -26.81
N VAL A 2715 54.55 116.52 -25.63
CA VAL A 2715 55.68 117.34 -25.23
C VAL A 2715 56.19 116.79 -23.90
N ASP A 2716 57.46 116.38 -23.87
CA ASP A 2716 58.02 115.77 -22.68
C ASP A 2716 58.35 116.84 -21.65
N ALA A 2717 57.93 116.59 -20.40
CA ALA A 2717 58.18 117.56 -19.34
C ALA A 2717 59.67 117.73 -19.09
N SER A 2718 60.43 116.63 -19.07
CA SER A 2718 61.87 116.68 -18.84
C SER A 2718 62.55 116.66 -20.21
N TYR A 2719 62.54 117.79 -20.89
CA TYR A 2719 63.15 117.92 -22.22
C TYR A 2719 64.64 118.19 -22.07
N SER A 2720 65.34 117.19 -21.54
CA SER A 2720 66.79 117.24 -21.40
C SER A 2720 67.29 115.81 -21.29
N SER A 2721 68.57 115.64 -21.61
CA SER A 2721 69.16 114.31 -21.58
C SER A 2721 70.65 114.41 -21.28
N LYS A 2722 71.21 113.31 -20.77
CA LYS A 2722 72.63 113.27 -20.47
C LYS A 2722 73.46 113.16 -21.75
N ALA A 2723 72.88 112.58 -22.80
CA ALA A 2723 73.57 112.39 -24.09
C ALA A 2723 74.84 111.57 -23.92
N GLU A 2724 74.79 110.56 -23.05
CA GLU A 2724 75.90 109.65 -22.82
C GLU A 2724 75.73 108.38 -23.66
N LYS A 2725 76.83 107.64 -23.79
CA LYS A 2725 76.85 106.37 -24.53
C LYS A 2725 76.33 106.52 -25.95
N ASN A 2734 77.75 94.27 -15.43
CA ASN A 2734 76.61 94.77 -14.65
C ASN A 2734 76.68 96.28 -14.50
N PHE A 2735 76.01 96.80 -13.47
CA PHE A 2735 75.94 98.22 -13.21
C PHE A 2735 76.88 98.56 -12.06
N ASP A 2736 77.85 99.43 -12.33
CA ASP A 2736 78.84 99.84 -11.33
C ASP A 2736 78.81 101.36 -11.17
N PRO A 2737 78.07 101.88 -10.20
CA PRO A 2737 78.02 103.33 -10.02
C PRO A 2737 79.29 103.87 -9.39
N ARG A 2738 80.03 104.68 -10.13
CA ARG A 2738 81.31 105.20 -9.65
C ARG A 2738 81.08 106.31 -8.65
N PRO A 2739 81.62 106.21 -7.42
CA PRO A 2739 81.51 107.33 -6.48
C PRO A 2739 82.45 108.47 -6.85
N VAL A 2740 82.34 109.59 -6.16
CA VAL A 2740 83.13 110.78 -6.44
C VAL A 2740 84.28 110.85 -5.44
N GLU A 2741 85.49 111.04 -5.96
CA GLU A 2741 86.70 111.08 -5.12
C GLU A 2741 86.88 112.50 -4.61
N THR A 2742 86.84 112.67 -3.28
CA THR A 2742 87.09 113.95 -2.65
C THR A 2742 88.01 113.88 -1.44
N LEU A 2743 88.29 112.68 -0.91
CA LEU A 2743 89.25 112.56 0.19
C LEU A 2743 90.65 112.95 -0.26
N ASN A 2744 90.99 112.68 -1.51
CA ASN A 2744 92.33 112.99 -2.01
C ASN A 2744 92.57 114.50 -2.02
N VAL A 2745 91.57 115.28 -2.41
CA VAL A 2745 91.71 116.73 -2.44
C VAL A 2745 91.41 117.29 -1.06
N ILE A 2746 92.17 118.33 -0.68
CA ILE A 2746 91.96 118.97 0.61
C ILE A 2746 90.70 119.82 0.58
N ILE A 2747 89.85 119.64 1.58
CA ILE A 2747 88.61 120.40 1.70
C ILE A 2747 88.95 121.77 2.30
N PRO A 2748 88.40 122.85 1.77
CA PRO A 2748 88.54 124.15 2.44
C PRO A 2748 87.71 124.18 3.72
N GLU A 2749 88.25 124.85 4.74
CA GLU A 2749 87.58 124.99 6.02
C GLU A 2749 87.22 126.43 6.35
N LYS A 2750 87.10 127.28 5.32
CA LYS A 2750 86.72 128.67 5.54
C LYS A 2750 85.26 128.82 5.93
N LEU A 2751 84.46 127.76 5.82
CA LEU A 2751 83.05 127.78 6.18
C LEU A 2751 82.73 126.77 7.28
N ASP A 2752 83.69 126.52 8.17
CA ASP A 2752 83.48 125.58 9.27
C ASP A 2752 82.33 125.99 10.17
N SER A 2753 82.10 127.30 10.31
CA SER A 2753 80.96 127.78 11.10
C SER A 2753 79.64 127.31 10.52
N PHE A 2754 79.61 126.96 9.23
CA PHE A 2754 78.47 126.25 8.67
C PHE A 2754 78.64 124.74 8.74
N ILE A 2755 79.85 124.23 8.49
CA ILE A 2755 80.05 122.78 8.44
C ILE A 2755 79.61 122.14 9.75
N ASN A 2756 80.25 122.52 10.86
CA ASN A 2756 79.93 121.91 12.14
C ASN A 2756 78.51 122.25 12.59
N LYS A 2757 78.08 123.48 12.35
CA LYS A 2757 76.73 123.89 12.74
C LYS A 2757 75.68 122.99 12.10
N PHE A 2758 75.74 122.81 10.78
CA PHE A 2758 74.79 121.93 10.11
C PHE A 2758 75.01 120.46 10.47
N ALA A 2759 76.26 120.05 10.72
CA ALA A 2759 76.51 118.66 11.09
C ALA A 2759 75.79 118.30 12.39
N GLU A 2760 75.83 119.20 13.37
CA GLU A 2760 75.05 119.00 14.59
C GLU A 2760 73.57 119.31 14.41
N TYR A 2761 73.21 120.21 13.50
CA TYR A 2761 71.80 120.54 13.29
C TYR A 2761 71.05 119.40 12.63
N THR A 2762 71.73 118.51 11.90
CA THR A 2762 71.05 117.32 11.40
C THR A 2762 70.52 116.46 12.55
N HIS A 2763 71.37 116.19 13.55
CA HIS A 2763 70.92 115.44 14.70
C HIS A 2763 69.92 116.25 15.54
N GLU A 2764 70.08 117.57 15.55
CA GLU A 2764 69.10 118.40 16.25
C GLU A 2764 67.73 118.30 15.60
N LYS A 2765 67.69 118.26 14.26
CA LYS A 2765 66.42 118.07 13.56
C LYS A 2765 65.87 116.66 13.77
N TRP A 2766 66.75 115.67 13.90
CA TRP A 2766 66.29 114.35 14.32
C TRP A 2766 65.65 114.41 15.70
N ALA A 2767 66.16 115.25 16.60
CA ALA A 2767 65.55 115.42 17.91
C ALA A 2767 64.12 115.98 17.77
N PHE A 2768 63.92 116.92 16.86
CA PHE A 2768 62.57 117.42 16.58
C PHE A 2768 61.70 116.33 15.98
N ASP A 2769 62.25 115.51 15.08
CA ASP A 2769 61.51 114.38 14.55
C ASP A 2769 61.09 113.42 15.65
N LYS A 2770 61.88 113.33 16.71
CA LYS A 2770 61.52 112.49 17.85
C LYS A 2770 60.25 112.99 18.53
N ILE A 2771 60.13 114.30 18.74
CA ILE A 2771 58.89 114.83 19.33
C ILE A 2771 57.75 114.73 18.32
N GLN A 2772 58.07 114.75 17.03
CA GLN A 2772 57.04 114.51 16.01
C GLN A 2772 56.62 113.05 16.00
N ASN A 2773 57.42 112.16 16.57
CA ASN A 2773 57.09 110.74 16.64
C ASN A 2773 56.22 110.42 17.86
N ASN A 2774 55.90 111.41 18.69
CA ASN A 2774 55.07 111.33 19.89
C ASN A 2774 55.77 110.62 21.05
N TRP A 2775 56.97 110.10 20.86
CA TRP A 2775 57.76 109.51 21.93
C TRP A 2775 58.99 110.38 22.18
N SER A 2776 59.18 110.79 23.43
CA SER A 2776 60.25 111.72 23.77
C SER A 2776 61.60 110.99 23.84
N TYR A 2777 62.66 111.78 23.93
CA TYR A 2777 64.02 111.27 24.01
C TYR A 2777 64.31 110.73 25.41
N GLY A 2778 65.32 109.87 25.49
CA GLY A 2778 65.71 109.27 26.75
C GLY A 2778 67.22 109.16 26.87
N GLU A 2779 67.66 109.00 28.12
CA GLU A 2779 69.10 108.90 28.41
C GLU A 2779 69.59 107.46 28.32
N ASN A 2780 68.89 106.53 28.96
CA ASN A 2780 69.32 105.14 28.99
C ASN A 2780 69.16 104.49 27.61
N VAL A 2781 70.08 103.58 27.29
CA VAL A 2781 69.99 102.80 26.06
C VAL A 2781 68.92 101.75 26.23
N ASP A 2782 67.94 101.75 25.32
CA ASP A 2782 66.82 100.82 25.42
C ASP A 2782 66.21 100.63 24.04
N GLU A 2783 65.68 99.43 23.81
CA GLU A 2783 65.04 99.08 22.55
C GLU A 2783 63.52 99.14 22.60
N GLU A 2784 62.95 99.45 23.77
CA GLU A 2784 61.50 99.53 23.91
C GLU A 2784 60.93 100.86 23.47
N LEU A 2785 61.73 101.93 23.48
CA LEU A 2785 61.24 103.25 23.09
C LEU A 2785 61.20 103.44 21.58
N LYS A 2786 61.68 102.47 20.80
CA LYS A 2786 61.73 102.48 19.34
C LYS A 2786 62.15 103.84 18.79
N THR A 2787 63.05 104.52 19.51
CA THR A 2787 63.58 105.80 19.09
C THR A 2787 65.09 105.83 19.32
N HIS A 2788 65.69 107.00 19.21
CA HIS A 2788 67.11 107.11 19.52
C HIS A 2788 67.30 106.92 21.03
N PRO A 2789 68.06 105.91 21.46
CA PRO A 2789 68.17 105.67 22.91
C PRO A 2789 69.14 106.58 23.62
N MET A 2790 70.08 107.20 22.90
CA MET A 2790 71.10 108.05 23.51
C MET A 2790 70.84 109.53 23.28
N LEU A 2791 69.61 109.91 22.96
CA LEU A 2791 69.29 111.31 22.72
C LEU A 2791 69.09 112.04 24.04
N ARG A 2792 70.00 112.94 24.37
CA ARG A 2792 70.04 113.60 25.66
C ARG A 2792 70.04 115.10 25.49
N PRO A 2793 69.54 115.84 26.48
CA PRO A 2793 69.58 117.30 26.39
C PRO A 2793 71.01 117.80 26.40
N TYR A 2794 71.22 118.95 25.74
CA TYR A 2794 72.56 119.48 25.54
C TYR A 2794 73.27 119.76 26.86
N LYS A 2795 72.53 119.94 27.95
CA LYS A 2795 73.15 120.07 29.26
C LYS A 2795 73.88 118.80 29.65
N THR A 2796 73.30 117.63 29.35
CA THR A 2796 73.90 116.35 29.67
C THR A 2796 74.15 115.50 28.42
N PHE A 2797 74.22 116.11 27.24
CA PHE A 2797 74.45 115.38 26.00
C PHE A 2797 75.95 115.19 25.79
N SER A 2798 76.40 113.94 25.84
CA SER A 2798 77.80 113.64 25.59
C SER A 2798 78.17 114.00 24.15
N GLU A 2799 79.39 114.51 23.97
CA GLU A 2799 79.87 114.91 22.66
C GLU A 2799 80.48 113.76 21.87
N LYS A 2800 80.54 112.55 22.43
CA LYS A 2800 81.04 111.41 21.69
C LYS A 2800 80.17 111.11 20.48
N ASP A 2801 78.85 111.21 20.63
CA ASP A 2801 77.96 111.03 19.50
C ASP A 2801 77.98 112.23 18.55
N LYS A 2802 78.16 113.45 19.10
CA LYS A 2802 78.19 114.64 18.26
C LYS A 2802 79.43 114.67 17.37
N GLU A 2803 80.55 114.13 17.84
CA GLU A 2803 81.79 114.10 17.07
C GLU A 2803 81.87 112.92 16.12
N ILE A 2804 80.85 112.06 16.10
CA ILE A 2804 80.80 110.96 15.14
C ILE A 2804 79.60 111.05 14.19
N TYR A 2805 78.62 111.90 14.45
CA TYR A 2805 77.51 112.10 13.52
C TYR A 2805 77.85 113.09 12.42
N ARG A 2806 78.97 113.82 12.52
CA ARG A 2806 79.27 114.87 11.57
C ARG A 2806 79.86 114.34 10.25
N TRP A 2807 80.29 113.08 10.23
CA TRP A 2807 80.97 112.55 9.04
C TRP A 2807 80.07 112.52 7.80
N PRO A 2808 78.80 112.12 7.87
CA PRO A 2808 77.95 112.23 6.67
C PRO A 2808 77.86 113.65 6.13
N ILE A 2809 77.78 114.66 7.00
CA ILE A 2809 77.70 116.03 6.54
C ILE A 2809 79.04 116.47 5.94
N LYS A 2810 80.14 116.06 6.56
CA LYS A 2810 81.46 116.34 6.01
C LYS A 2810 81.57 115.80 4.59
N GLU A 2811 81.21 114.53 4.39
CA GLU A 2811 81.31 113.93 3.07
C GLU A 2811 80.31 114.54 2.09
N SER A 2812 79.13 114.96 2.57
CA SER A 2812 78.18 115.62 1.69
C SER A 2812 78.75 116.94 1.17
N LEU A 2813 79.36 117.73 2.05
CA LEU A 2813 79.98 118.98 1.62
C LEU A 2813 81.15 118.70 0.67
N LYS A 2814 81.96 117.69 0.97
CA LYS A 2814 83.04 117.31 0.07
C LYS A 2814 82.52 116.97 -1.31
N ALA A 2815 81.46 116.15 -1.37
CA ALA A 2815 80.89 115.74 -2.65
C ALA A 2815 80.32 116.91 -3.41
N MET A 2816 79.60 117.81 -2.71
CA MET A 2816 78.99 118.93 -3.40
C MET A 2816 80.01 119.98 -3.83
N ILE A 2817 81.19 120.02 -3.21
CA ILE A 2817 82.23 120.94 -3.65
C ILE A 2817 83.18 120.31 -4.67
N ALA A 2818 83.20 118.97 -4.78
CA ALA A 2818 84.08 118.34 -5.75
C ALA A 2818 83.61 118.57 -7.18
N TRP A 2819 82.29 118.69 -7.39
CA TRP A 2819 81.76 118.84 -8.74
C TRP A 2819 81.87 120.28 -9.21
N GLU A 2820 83.09 120.83 -9.20
CA GLU A 2820 83.44 122.17 -9.65
C GLU A 2820 82.43 123.24 -9.22
N TRP A 2821 81.86 123.08 -8.03
CA TRP A 2821 80.87 124.01 -7.49
C TRP A 2821 81.49 124.76 -6.32
N THR A 2822 81.94 125.99 -6.58
CA THR A 2822 82.45 126.84 -5.51
C THR A 2822 81.31 127.37 -4.67
N ILE A 2823 81.54 127.50 -3.37
CA ILE A 2823 80.55 128.02 -2.44
C ILE A 2823 81.09 129.31 -1.85
N GLU A 2824 80.26 130.35 -1.85
CA GLU A 2824 80.64 131.67 -1.38
C GLU A 2824 79.66 132.15 -0.33
N LYS A 2825 80.17 132.76 0.73
CA LYS A 2825 79.34 133.32 1.81
C LYS A 2825 78.94 134.74 1.40
N ALA A 2826 77.76 134.85 0.78
CA ALA A 2826 77.24 136.16 0.43
C ALA A 2826 76.95 136.99 1.68
N ARG A 2827 76.42 136.35 2.71
CA ARG A 2827 76.10 137.03 3.96
C ARG A 2827 77.31 137.08 4.88
N GLU A 2828 77.20 137.88 5.95
CA GLU A 2828 78.23 137.98 6.98
C GLU A 2828 77.53 138.27 8.30
N GLY A 2829 77.30 137.23 9.09
CA GLY A 2829 76.67 137.37 10.37
C GLY A 2829 77.01 136.21 11.28
N GLU A 2830 76.14 135.99 12.27
CA GLU A 2830 76.31 134.92 13.25
C GLU A 2830 77.67 134.99 13.95
N TYR A 2855 67.70 122.31 25.04
CA TYR A 2855 67.97 121.42 23.91
C TYR A 2855 66.76 121.31 23.00
N ASN A 2856 66.72 122.16 21.98
CA ASN A 2856 65.59 122.20 21.06
C ASN A 2856 65.99 122.94 19.80
N PRO A 2857 65.71 122.39 18.62
CA PRO A 2857 66.01 123.11 17.37
C PRO A 2857 65.02 124.23 17.10
N GLN A 2858 65.22 125.38 17.77
CA GLN A 2858 64.27 126.48 17.63
C GLN A 2858 64.13 126.98 16.19
N PRO A 2859 65.19 127.22 15.44
CA PRO A 2859 65.02 127.49 14.01
C PRO A 2859 64.72 126.21 13.26
N PRO A 2860 63.53 126.10 12.68
CA PRO A 2860 63.14 124.82 12.06
C PRO A 2860 63.65 124.68 10.64
N ASP A 2861 64.27 123.54 10.33
CA ASP A 2861 64.68 123.21 8.98
C ASP A 2861 63.57 122.40 8.32
N LEU A 2862 63.03 122.90 7.23
CA LEU A 2862 61.94 122.27 6.49
C LEU A 2862 62.38 122.03 5.05
N SER A 2863 61.51 121.38 4.29
CA SER A 2863 61.79 121.11 2.89
C SER A 2863 60.58 121.37 1.99
N GLY A 2864 59.51 121.97 2.51
CA GLY A 2864 58.30 122.19 1.73
C GLY A 2864 58.29 123.46 0.90
N VAL A 2865 59.33 124.29 1.01
CA VAL A 2865 59.38 125.53 0.23
C VAL A 2865 60.07 125.26 -1.10
N THR A 2866 59.75 126.11 -2.08
CA THR A 2866 60.29 125.98 -3.43
C THR A 2866 61.68 126.60 -3.51
N LEU A 2867 62.35 126.35 -4.63
CA LEU A 2867 63.72 126.81 -4.82
C LEU A 2867 63.97 127.05 -6.31
N SER A 2868 65.00 127.85 -6.59
CA SER A 2868 65.36 128.19 -7.95
C SER A 2868 65.81 126.94 -8.72
N ARG A 2869 65.52 126.94 -10.02
CA ARG A 2869 65.75 125.76 -10.85
C ARG A 2869 67.24 125.44 -11.00
N GLU A 2870 68.06 126.48 -11.19
CA GLU A 2870 69.49 126.25 -11.41
CA GLU A 2870 69.48 126.24 -11.42
C GLU A 2870 70.14 125.56 -10.22
N LEU A 2871 69.83 126.03 -9.01
CA LEU A 2871 70.40 125.43 -7.81
C LEU A 2871 69.72 124.11 -7.46
N GLN A 2872 68.42 123.99 -7.77
CA GLN A 2872 67.73 122.72 -7.56
C GLN A 2872 68.30 121.62 -8.45
N ALA A 2873 68.80 121.98 -9.65
CA ALA A 2873 69.46 120.99 -10.49
C ALA A 2873 70.73 120.48 -9.82
N MET A 2874 71.51 121.37 -9.20
CA MET A 2874 72.70 120.93 -8.48
C MET A 2874 72.32 120.05 -7.29
N ALA A 2875 71.24 120.40 -6.59
CA ALA A 2875 70.78 119.58 -5.48
C ALA A 2875 70.36 118.18 -5.97
N GLU A 2876 69.69 118.12 -7.12
CA GLU A 2876 69.29 116.84 -7.68
C GLU A 2876 70.51 116.03 -8.12
N GLN A 2877 71.54 116.70 -8.63
CA GLN A 2877 72.78 116.02 -8.96
C GLN A 2877 73.45 115.46 -7.70
N LEU A 2878 73.41 116.22 -6.61
CA LEU A 2878 73.95 115.73 -5.35
C LEU A 2878 73.16 114.52 -4.85
N ALA A 2879 71.84 114.54 -5.02
CA ALA A 2879 71.04 113.37 -4.67
C ALA A 2879 71.37 112.18 -5.56
N GLU A 2880 71.63 112.43 -6.85
CA GLU A 2880 72.10 111.36 -7.74
C GLU A 2880 73.42 110.79 -7.25
N ASN A 2881 74.32 111.66 -6.79
CA ASN A 2881 75.58 111.18 -6.22
C ASN A 2881 75.34 110.35 -4.97
N TYR A 2882 74.43 110.79 -4.10
CA TYR A 2882 74.04 109.98 -2.95
C TYR A 2882 73.59 108.60 -3.39
N HIS A 2883 72.71 108.55 -4.39
CA HIS A 2883 72.14 107.28 -4.82
C HIS A 2883 73.18 106.39 -5.47
N ASN A 2884 74.10 106.96 -6.25
CA ASN A 2884 75.10 106.12 -6.91
C ASN A 2884 76.14 105.62 -5.92
N THR A 2885 76.47 106.43 -4.90
CA THR A 2885 77.33 105.91 -3.83
C THR A 2885 76.64 104.80 -3.06
N TRP A 2886 75.34 104.97 -2.79
CA TRP A 2886 74.59 103.91 -2.10
C TRP A 2886 74.52 102.65 -2.93
N GLY A 2887 74.29 102.79 -4.24
CA GLY A 2887 74.31 101.64 -5.12
C GLY A 2887 75.66 100.96 -5.18
N ARG A 2888 76.74 101.74 -5.17
CA ARG A 2888 78.07 101.16 -5.15
C ARG A 2888 78.29 100.35 -3.87
N LYS A 2889 77.93 100.92 -2.73
CA LYS A 2889 78.20 100.21 -1.48
C LYS A 2889 77.28 99.00 -1.30
N LYS A 2890 76.09 99.03 -1.90
CA LYS A 2890 75.23 97.85 -1.87
C LYS A 2890 75.73 96.79 -2.85
N LYS A 2891 76.14 97.19 -4.04
CA LYS A 2891 76.63 96.25 -5.04
C LYS A 2891 77.97 95.62 -4.64
N GLN A 2892 78.75 96.29 -3.79
CA GLN A 2892 79.97 95.64 -3.29
C GLN A 2892 79.64 94.38 -2.51
N GLU A 2893 78.62 94.45 -1.65
CA GLU A 2893 78.20 93.25 -0.93
C GLU A 2893 77.45 92.29 -1.83
N LEU A 2894 76.64 92.81 -2.75
CA LEU A 2894 75.79 91.97 -3.59
C LEU A 2894 76.59 91.18 -4.62
N GLU A 2895 77.69 91.71 -5.11
CA GLU A 2895 78.42 91.12 -6.22
C GLU A 2895 79.18 89.85 -5.83
N ALA A 2896 79.24 89.52 -4.54
CA ALA A 2896 79.92 88.30 -4.13
C ALA A 2896 79.25 87.05 -4.68
N LYS A 2897 77.94 87.08 -4.91
CA LYS A 2897 77.22 85.93 -5.43
C LYS A 2897 77.27 85.86 -6.95
N GLY A 2898 77.28 87.01 -7.63
CA GLY A 2898 77.34 87.06 -9.06
C GLY A 2898 76.00 86.93 -9.78
N GLY A 2899 74.91 86.78 -9.03
CA GLY A 2899 73.60 86.63 -9.64
C GLY A 2899 72.53 87.52 -9.02
N GLY A 2900 71.65 88.05 -9.86
CA GLY A 2900 70.61 88.93 -9.39
C GLY A 2900 71.11 90.34 -9.14
N THR A 2901 70.17 91.22 -8.79
CA THR A 2901 70.50 92.62 -8.51
C THR A 2901 69.44 93.21 -7.61
N HIS A 2902 69.85 94.20 -6.83
CA HIS A 2902 68.91 94.93 -6.00
C HIS A 2902 67.93 95.70 -6.88
N PRO A 2903 66.65 95.74 -6.52
CA PRO A 2903 65.67 96.48 -7.36
C PRO A 2903 65.98 97.95 -7.51
N LEU A 2904 66.61 98.58 -6.53
CA LEU A 2904 66.95 99.99 -6.58
C LEU A 2904 68.30 100.24 -7.24
N LEU A 2905 68.94 99.20 -7.77
CA LEU A 2905 70.19 99.34 -8.50
C LEU A 2905 69.90 99.84 -9.93
N VAL A 2906 69.38 101.07 -9.98
CA VAL A 2906 68.93 101.67 -11.24
C VAL A 2906 69.50 103.08 -11.32
N PRO A 2907 69.62 103.62 -12.54
CA PRO A 2907 70.04 105.02 -12.67
C PRO A 2907 69.08 105.96 -11.98
N TYR A 2908 69.63 107.06 -11.46
CA TYR A 2908 68.85 107.98 -10.63
C TYR A 2908 67.68 108.60 -11.42
N ASP A 2909 67.90 108.90 -12.70
CA ASP A 2909 66.82 109.47 -13.50
C ASP A 2909 65.76 108.42 -13.84
N THR A 2910 66.16 107.16 -13.97
CA THR A 2910 65.23 106.11 -14.38
C THR A 2910 64.18 105.84 -13.29
N LEU A 2911 64.60 105.82 -12.04
CA LEU A 2911 63.69 105.49 -10.94
C LEU A 2911 62.66 106.59 -10.73
N THR A 2912 61.51 106.19 -10.19
CA THR A 2912 60.37 107.07 -10.00
C THR A 2912 60.56 107.95 -8.75
N ALA A 2913 59.63 108.89 -8.57
CA ALA A 2913 59.79 109.88 -7.51
C ALA A 2913 59.53 109.29 -6.13
N LYS A 2914 58.76 108.20 -6.04
CA LYS A 2914 58.45 107.63 -4.74
C LYS A 2914 59.70 107.09 -4.05
N GLU A 2915 60.59 106.45 -4.82
CA GLU A 2915 61.85 105.95 -4.30
C GLU A 2915 62.96 106.98 -4.36
N LYS A 2916 62.72 108.14 -4.98
CA LYS A 2916 63.66 109.24 -4.98
C LYS A 2916 63.52 110.13 -3.75
N ALA A 2917 62.51 109.86 -2.92
CA ALA A 2917 62.14 110.77 -1.84
C ALA A 2917 63.25 110.96 -0.81
N ARG A 2918 63.92 109.89 -0.40
CA ARG A 2918 64.91 110.00 0.66
C ARG A 2918 66.07 110.91 0.27
N ASP A 2919 66.76 110.57 -0.83
CA ASP A 2919 67.88 111.38 -1.29
C ASP A 2919 67.43 112.78 -1.70
N ARG A 2920 66.27 112.90 -2.35
CA ARG A 2920 65.75 114.20 -2.74
C ARG A 2920 65.56 115.09 -1.52
N GLU A 2921 64.93 114.57 -0.47
CA GLU A 2921 64.66 115.37 0.71
C GLU A 2921 65.94 115.70 1.46
N LYS A 2922 66.91 114.76 1.49
CA LYS A 2922 68.17 115.06 2.15
C LYS A 2922 68.90 116.20 1.45
N ALA A 2923 69.02 116.12 0.12
CA ALA A 2923 69.68 117.18 -0.63
C ALA A 2923 68.92 118.50 -0.50
N GLN A 2924 67.59 118.44 -0.55
CA GLN A 2924 66.79 119.66 -0.42
C GLN A 2924 66.96 120.29 0.96
N GLU A 2925 67.03 119.46 2.01
CA GLU A 2925 67.21 119.99 3.36
C GLU A 2925 68.59 120.64 3.51
N LEU A 2926 69.63 120.00 2.97
CA LEU A 2926 70.95 120.64 3.01
C LEU A 2926 70.93 121.96 2.24
N LEU A 2927 70.27 121.99 1.09
CA LEU A 2927 70.23 123.20 0.29
C LEU A 2927 69.39 124.28 0.96
N LYS A 2928 68.35 123.90 1.70
CA LYS A 2928 67.57 124.88 2.46
C LYS A 2928 68.38 125.46 3.61
N PHE A 2929 69.18 124.62 4.26
CA PHE A 2929 70.07 125.14 5.31
C PHE A 2929 71.09 126.11 4.72
N LEU A 2930 71.59 125.81 3.52
CA LEU A 2930 72.40 126.77 2.80
C LEU A 2930 71.62 128.05 2.45
N GLN A 2931 70.37 127.90 2.01
CA GLN A 2931 69.59 129.01 1.48
C GLN A 2931 69.23 130.03 2.55
N MET A 2932 68.71 129.56 3.69
CA MET A 2932 68.22 130.52 4.68
C MET A 2932 69.37 131.32 5.30
N ASN A 2933 70.60 130.83 5.18
CA ASN A 2933 71.76 131.62 5.58
C ASN A 2933 72.31 132.48 4.45
N GLY A 2934 72.22 132.00 3.21
CA GLY A 2934 72.74 132.77 2.09
C GLY A 2934 74.09 132.31 1.59
N TYR A 2935 74.21 131.01 1.31
CA TYR A 2935 75.42 130.44 0.71
C TYR A 2935 75.21 130.31 -0.78
N ALA A 2936 76.06 130.96 -1.57
CA ALA A 2936 75.93 131.00 -3.02
C ALA A 2936 76.82 129.93 -3.64
N VAL A 2937 76.19 128.95 -4.30
CA VAL A 2937 76.89 127.89 -5.00
C VAL A 2937 76.55 128.00 -6.48
N THR A 2938 77.57 128.13 -7.31
CA THR A 2938 77.39 128.26 -8.75
C THR A 2938 78.49 127.48 -9.46
N ARG A 2939 78.13 126.87 -10.59
CA ARG A 2939 79.07 126.08 -11.37
C ARG A 2939 80.19 126.94 -11.94
N LEU A 2946 67.02 124.68 -25.29
CA LEU A 2946 67.11 125.85 -24.42
C LEU A 2946 66.16 126.94 -24.90
N ASP A 2947 65.29 127.39 -24.00
CA ASP A 2947 64.27 128.41 -24.30
C ASP A 2947 63.39 127.97 -25.47
N THR A 2948 62.95 126.71 -25.42
CA THR A 2948 62.17 126.12 -26.50
C THR A 2948 60.68 126.16 -26.15
N SER A 2949 59.88 126.64 -27.08
CA SER A 2949 58.43 126.72 -26.86
C SER A 2949 57.82 125.32 -26.91
N SER A 2950 56.55 125.24 -26.50
CA SER A 2950 55.88 123.96 -26.45
C SER A 2950 55.73 123.35 -27.84
N ILE A 2951 55.44 124.18 -28.85
CA ILE A 2951 55.26 123.66 -30.20
C ILE A 2951 56.57 123.05 -30.70
N GLU A 2952 57.70 123.72 -30.47
CA GLU A 2952 58.98 123.21 -30.94
C GLU A 2952 59.43 121.99 -30.16
N LYS A 2953 58.75 121.64 -29.08
CA LYS A 2953 59.04 120.41 -28.36
C LYS A 2953 58.15 119.25 -28.78
N ARG A 2954 57.25 119.47 -29.74
CA ARG A 2954 56.34 118.40 -30.11
C ARG A 2954 57.07 117.28 -30.83
N PHE A 2955 56.60 116.06 -30.58
CA PHE A 2955 57.19 114.89 -31.19
C PHE A 2955 57.10 114.95 -32.71
N ALA A 2956 55.95 115.37 -33.22
CA ALA A 2956 55.80 115.50 -34.66
C ALA A 2956 56.76 116.54 -35.22
N PHE A 2957 56.95 117.64 -34.49
CA PHE A 2957 57.90 118.66 -34.93
C PHE A 2957 59.31 118.08 -35.05
N GLY A 2958 59.78 117.41 -34.00
CA GLY A 2958 61.11 116.84 -34.05
C GLY A 2958 61.26 115.80 -35.14
N PHE A 2959 60.23 114.96 -35.30
CA PHE A 2959 60.25 113.91 -36.32
C PHE A 2959 60.33 114.50 -37.72
N LEU A 2960 59.51 115.52 -37.99
CA LEU A 2960 59.55 116.17 -39.28
C LEU A 2960 60.88 116.86 -39.51
N GLN A 2961 61.46 117.43 -38.46
CA GLN A 2961 62.75 118.09 -38.59
C GLN A 2961 63.83 117.08 -38.97
N GLN A 2962 63.80 115.90 -38.34
CA GLN A 2962 64.77 114.87 -38.71
C GLN A 2962 64.54 114.39 -40.13
N LEU A 2963 63.28 114.29 -40.56
CA LEU A 2963 63.01 113.90 -41.93
C LEU A 2963 63.57 114.91 -42.92
N LEU A 2964 63.45 116.20 -42.63
CA LEU A 2964 64.03 117.20 -43.52
C LEU A 2964 65.56 117.16 -43.51
N ARG A 2965 66.14 116.94 -42.33
CA ARG A 2965 67.59 116.82 -42.26
C ARG A 2965 68.08 115.62 -43.05
N TRP A 2966 67.26 114.57 -43.14
CA TRP A 2966 67.59 113.46 -44.02
C TRP A 2966 67.28 113.76 -45.47
N MET A 2967 66.33 114.64 -45.75
CA MET A 2967 66.04 114.98 -47.14
C MET A 2967 67.18 115.74 -47.77
N ASP A 2968 67.86 116.61 -47.01
CA ASP A 2968 69.02 117.27 -47.60
C ASP A 2968 70.14 116.26 -47.89
N ILE A 2969 70.36 115.32 -46.98
CA ILE A 2969 71.31 114.24 -47.23
C ILE A 2969 70.89 113.45 -48.47
N SER A 2970 69.58 113.32 -48.67
CA SER A 2970 69.09 112.63 -49.86
C SER A 2970 69.46 113.39 -51.12
N GLN A 2971 69.23 114.70 -51.14
CA GLN A 2971 69.63 115.51 -52.27
C GLN A 2971 71.13 115.44 -52.51
N GLU A 2972 71.90 115.24 -51.44
CA GLU A 2972 73.34 115.06 -51.59
C GLU A 2972 73.67 113.75 -52.30
N PHE A 2973 73.23 112.62 -51.75
CA PHE A 2973 73.74 111.38 -52.31
C PHE A 2973 73.07 110.99 -53.62
N ILE A 2974 71.85 111.45 -53.90
CA ILE A 2974 71.32 111.18 -55.23
C ILE A 2974 72.08 111.99 -56.27
N ALA A 2975 72.51 113.19 -55.92
CA ALA A 2975 73.38 113.95 -56.82
C ALA A 2975 74.69 113.21 -57.04
N HIS A 2976 75.24 112.63 -55.98
CA HIS A 2976 76.45 111.83 -56.13
C HIS A 2976 76.22 110.64 -57.05
N LEU A 2977 75.07 109.97 -56.90
CA LEU A 2977 74.75 108.83 -57.77
C LEU A 2977 74.60 109.26 -59.22
N GLU A 2978 73.96 110.42 -59.45
CA GLU A 2978 73.87 110.95 -60.80
C GLU A 2978 75.26 111.22 -61.36
N ALA A 2979 76.15 111.77 -60.54
CA ALA A 2979 77.50 112.05 -60.99
C ALA A 2979 78.22 110.78 -61.38
N VAL A 2980 78.12 109.73 -60.56
CA VAL A 2980 78.85 108.51 -60.86
C VAL A 2980 78.22 107.79 -62.07
N VAL A 2981 76.91 107.90 -62.24
CA VAL A 2981 76.27 107.26 -63.38
C VAL A 2981 76.46 108.08 -64.65
N SER A 2982 76.87 109.34 -64.53
CA SER A 2982 77.16 110.17 -65.69
C SER A 2982 78.61 110.09 -66.13
N SER A 2983 79.55 110.11 -65.19
CA SER A 2983 80.97 110.02 -65.52
C SER A 2983 81.75 109.49 -64.34
N GLY A 2984 82.90 108.90 -64.63
CA GLY A 2984 83.77 108.35 -63.61
C GLY A 2984 83.10 107.25 -62.80
N ARG A 2985 82.79 106.13 -63.46
CA ARG A 2985 82.07 105.05 -62.80
C ARG A 2985 82.87 104.49 -61.63
N VAL A 2986 82.19 104.28 -60.51
CA VAL A 2986 82.80 103.71 -59.32
C VAL A 2986 81.71 103.03 -58.51
N GLU A 2987 82.04 101.84 -57.98
CA GLU A 2987 81.09 101.05 -57.20
C GLU A 2987 81.41 101.10 -55.71
N LYS A 2988 82.19 102.09 -55.27
CA LYS A 2988 82.48 102.23 -53.85
C LYS A 2988 81.22 102.57 -53.06
N SER A 2989 80.39 103.47 -53.61
CA SER A 2989 79.17 103.94 -52.96
C SER A 2989 79.47 104.44 -51.55
N PRO A 2990 80.06 105.63 -51.42
CA PRO A 2990 80.39 106.14 -50.07
C PRO A 2990 79.19 106.28 -49.16
N HIS A 2991 78.00 106.49 -49.71
CA HIS A 2991 76.80 106.69 -48.93
C HIS A 2991 75.86 105.48 -48.97
N GLU A 2992 76.41 104.26 -49.01
CA GLU A 2992 75.55 103.09 -49.10
C GLU A 2992 74.67 102.95 -47.87
N GLN A 2993 75.23 103.26 -46.69
CA GLN A 2993 74.42 103.24 -45.47
C GLN A 2993 73.26 104.22 -45.57
N GLU A 2994 73.53 105.42 -46.07
CA GLU A 2994 72.47 106.40 -46.24
C GLU A 2994 71.43 105.91 -47.25
N ILE A 2995 71.90 105.30 -48.35
CA ILE A 2995 70.99 104.78 -49.36
C ILE A 2995 70.00 103.82 -48.71
N LYS A 2996 70.54 102.84 -48.00
CA LYS A 2996 69.69 101.78 -47.46
C LYS A 2996 68.82 102.29 -46.32
N PHE A 2997 69.34 103.18 -45.49
CA PHE A 2997 68.53 103.71 -44.40
C PHE A 2997 67.37 104.54 -44.92
N PHE A 2998 67.62 105.36 -45.95
CA PHE A 2998 66.56 106.16 -46.52
C PHE A 2998 65.53 105.27 -47.21
N ALA A 2999 66.00 104.29 -48.00
CA ALA A 2999 65.10 103.52 -48.85
C ALA A 2999 64.30 102.48 -48.06
N LYS A 3000 64.90 101.91 -47.02
CA LYS A 3000 64.28 100.79 -46.33
C LYS A 3000 63.63 101.17 -45.00
N ILE A 3001 63.97 102.32 -44.44
CA ILE A 3001 63.45 102.76 -43.15
C ILE A 3001 62.57 104.00 -43.28
N LEU A 3002 63.14 105.08 -43.84
CA LEU A 3002 62.45 106.36 -43.82
C LEU A 3002 61.18 106.34 -44.65
N LEU A 3003 61.24 105.75 -45.85
CA LEU A 3003 60.05 105.72 -46.69
C LEU A 3003 58.91 104.93 -46.06
N PRO A 3004 59.09 103.70 -45.57
CA PRO A 3004 58.00 103.04 -44.85
C PRO A 3004 57.56 103.79 -43.61
N LEU A 3005 58.50 104.39 -42.88
CA LEU A 3005 58.13 105.11 -41.67
C LEU A 3005 57.19 106.26 -42.00
N ILE A 3006 57.52 107.03 -43.05
CA ILE A 3006 56.64 108.10 -43.50
C ILE A 3006 55.30 107.52 -43.96
N ASN A 3007 55.36 106.47 -44.77
CA ASN A 3007 54.16 105.92 -45.38
C ASN A 3007 53.16 105.48 -44.33
N GLN A 3008 53.64 105.01 -43.19
CA GLN A 3008 52.70 104.63 -42.14
C GLN A 3008 52.35 105.78 -41.21
N TYR A 3009 53.32 106.62 -40.86
CA TYR A 3009 53.07 107.69 -39.90
C TYR A 3009 52.04 108.68 -40.44
N PHE A 3010 52.18 109.08 -41.70
CA PHE A 3010 51.23 110.04 -42.24
C PHE A 3010 49.97 109.39 -42.78
N THR A 3011 49.92 108.06 -42.82
CA THR A 3011 48.63 107.40 -42.98
C THR A 3011 47.85 107.39 -41.68
N ASN A 3012 48.56 107.23 -40.56
CA ASN A 3012 47.88 107.22 -39.26
C ASN A 3012 47.38 108.60 -38.88
N HIS A 3013 48.22 109.62 -39.03
CA HIS A 3013 47.96 110.94 -38.47
C HIS A 3013 47.65 111.99 -39.54
N CYS A 3014 46.92 111.62 -40.59
CA CYS A 3014 46.57 112.59 -41.60
C CYS A 3014 45.65 113.67 -41.04
N LEU A 3015 44.68 113.27 -40.21
CA LEU A 3015 43.69 114.20 -39.72
C LEU A 3015 44.30 115.24 -38.78
N TYR A 3016 45.32 114.86 -38.01
CA TYR A 3016 45.97 115.80 -37.13
C TYR A 3016 46.60 116.94 -37.90
N PHE A 3017 47.23 116.63 -39.03
CA PHE A 3017 47.83 117.67 -39.85
C PHE A 3017 46.80 118.45 -40.65
N LEU A 3018 45.73 117.80 -41.08
CA LEU A 3018 44.69 118.52 -41.81
C LEU A 3018 43.81 119.38 -40.92
N SER A 3019 43.84 119.16 -39.61
CA SER A 3019 42.94 119.87 -38.71
C SER A 3019 43.43 121.28 -38.45
N THR A 3020 42.50 122.13 -38.04
CA THR A 3020 42.73 123.53 -37.73
C THR A 3020 41.93 123.89 -36.49
N PRO A 3021 42.37 124.91 -35.73
CA PRO A 3021 41.55 125.35 -34.60
C PRO A 3021 40.15 125.76 -35.01
N ALA A 3022 39.98 126.25 -36.23
CA ALA A 3022 38.65 126.58 -36.72
C ALA A 3022 37.76 125.34 -36.80
N LYS A 3023 38.28 124.25 -37.35
CA LYS A 3023 37.51 123.02 -37.50
C LYS A 3023 38.43 121.84 -37.19
N VAL A 3024 38.03 121.00 -36.25
CA VAL A 3024 38.86 119.90 -35.79
C VAL A 3024 38.31 118.60 -36.37
N LEU A 3025 39.16 117.90 -37.12
CA LEU A 3025 38.77 116.64 -37.75
C LEU A 3025 39.18 115.42 -36.95
N GLY A 3026 40.35 115.46 -36.30
CA GLY A 3026 40.86 114.33 -35.58
C GLY A 3026 40.19 114.17 -34.22
N SER A 3027 40.66 113.17 -33.48
CA SER A 3027 40.16 112.96 -32.12
C SER A 3027 40.49 114.15 -31.24
N GLY A 3028 41.70 114.66 -31.33
CA GLY A 3028 42.10 115.81 -30.55
C GLY A 3028 43.42 116.36 -31.05
N GLY A 3029 43.61 117.65 -30.82
CA GLY A 3029 44.82 118.31 -31.23
C GLY A 3029 44.85 118.63 -32.71
N HIS A 3030 45.70 119.57 -33.11
CA HIS A 3030 45.85 119.95 -34.50
C HIS A 3030 47.28 120.41 -34.72
N ALA A 3031 47.81 120.10 -35.90
CA ALA A 3031 49.19 120.44 -36.20
C ALA A 3031 49.38 121.94 -36.19
N SER A 3032 50.54 122.38 -35.70
CA SER A 3032 50.83 123.79 -35.70
C SER A 3032 51.15 124.27 -37.12
N ASN A 3033 51.19 125.58 -37.28
CA ASN A 3033 51.55 126.15 -38.57
C ASN A 3033 52.94 125.71 -38.97
N LYS A 3034 53.87 125.65 -38.02
CA LYS A 3034 55.21 125.18 -38.34
C LYS A 3034 55.18 123.75 -38.84
N GLU A 3035 54.39 122.90 -38.18
CA GLU A 3035 54.32 121.50 -38.60
C GLU A 3035 53.74 121.37 -40.01
N LYS A 3036 52.71 122.16 -40.32
CA LYS A 3036 52.16 122.15 -41.66
C LYS A 3036 53.18 122.61 -42.69
N GLU A 3037 53.93 123.67 -42.37
CA GLU A 3037 54.94 124.15 -43.29
C GLU A 3037 56.01 123.09 -43.52
N MET A 3038 56.40 122.39 -42.46
CA MET A 3038 57.44 121.37 -42.61
C MET A 3038 56.94 120.21 -43.45
N ILE A 3039 55.68 119.80 -43.27
CA ILE A 3039 55.21 118.70 -44.10
C ILE A 3039 55.11 119.14 -45.56
N THR A 3040 54.74 120.40 -45.81
CA THR A 3040 54.71 120.89 -47.19
C THR A 3040 56.10 120.90 -47.80
N SER A 3041 57.08 121.41 -47.07
CA SER A 3041 58.44 121.41 -47.58
C SER A 3041 58.94 119.98 -47.79
N LEU A 3042 58.55 119.06 -46.93
CA LEU A 3042 58.95 117.67 -47.10
C LEU A 3042 58.39 117.09 -48.39
N PHE A 3043 57.11 117.33 -48.65
CA PHE A 3043 56.52 116.83 -49.88
C PHE A 3043 57.20 117.43 -51.11
N CYS A 3044 57.43 118.75 -51.08
CA CYS A 3044 58.05 119.39 -52.23
C CYS A 3044 59.48 118.87 -52.45
N LYS A 3045 60.24 118.72 -51.37
CA LYS A 3045 61.61 118.22 -51.50
C LYS A 3045 61.63 116.81 -52.04
N LEU A 3046 60.73 115.96 -51.57
CA LEU A 3046 60.71 114.57 -52.04
C LEU A 3046 60.31 114.51 -53.51
N ALA A 3047 59.36 115.34 -53.92
CA ALA A 3047 59.00 115.40 -55.34
C ALA A 3047 60.18 115.86 -56.17
N ALA A 3048 60.90 116.87 -55.71
CA ALA A 3048 62.08 117.33 -56.43
C ALA A 3048 63.14 116.25 -56.51
N LEU A 3049 63.31 115.49 -55.43
CA LEU A 3049 64.28 114.41 -55.42
C LEU A 3049 63.93 113.35 -56.47
N VAL A 3050 62.65 112.97 -56.54
CA VAL A 3050 62.23 111.91 -57.45
C VAL A 3050 62.07 112.41 -58.88
N ARG A 3051 62.10 113.72 -59.10
CA ARG A 3051 61.93 114.27 -60.45
C ARG A 3051 63.04 113.78 -61.37
N HIS A 3052 62.66 113.16 -62.49
CA HIS A 3052 63.59 112.72 -63.52
C HIS A 3052 64.64 111.75 -62.99
N ARG A 3053 64.39 111.11 -61.86
CA ARG A 3053 65.31 110.15 -61.29
C ARG A 3053 64.59 108.87 -60.87
N VAL A 3054 63.47 108.57 -61.53
CA VAL A 3054 62.68 107.40 -61.14
C VAL A 3054 63.48 106.12 -61.36
N SER A 3055 64.28 106.08 -62.43
CA SER A 3055 65.09 104.89 -62.69
C SER A 3055 66.14 104.69 -61.61
N LEU A 3056 66.77 105.77 -61.15
CA LEU A 3056 67.84 105.65 -60.17
C LEU A 3056 67.39 104.98 -58.88
N PHE A 3057 66.10 105.00 -58.58
CA PHE A 3057 65.62 104.40 -57.35
C PHE A 3057 65.38 102.91 -57.49
N GLY A 3058 65.39 102.38 -58.70
CA GLY A 3058 65.21 100.94 -58.86
C GLY A 3058 63.86 100.50 -58.34
N THR A 3059 63.88 99.58 -57.37
CA THR A 3059 62.65 99.05 -56.81
C THR A 3059 62.04 99.93 -55.73
N ASP A 3060 62.70 101.03 -55.37
CA ASP A 3060 62.16 101.92 -54.34
C ASP A 3060 61.25 102.99 -54.91
N ALA A 3061 61.14 103.10 -56.23
CA ALA A 3061 60.23 104.08 -56.82
C ALA A 3061 58.79 103.89 -56.39
N PRO A 3062 58.24 102.67 -56.30
CA PRO A 3062 56.89 102.54 -55.74
C PRO A 3062 56.77 103.08 -54.33
N ALA A 3063 57.76 102.84 -53.48
CA ALA A 3063 57.73 103.40 -52.13
C ALA A 3063 57.72 104.91 -52.17
N VAL A 3064 58.55 105.50 -53.02
CA VAL A 3064 58.63 106.96 -53.11
C VAL A 3064 57.30 107.55 -53.57
N VAL A 3065 56.69 106.95 -54.60
CA VAL A 3065 55.45 107.51 -55.10
C VAL A 3065 54.32 107.31 -54.09
N ASN A 3066 54.32 106.21 -53.34
CA ASN A 3066 53.31 106.04 -52.30
C ASN A 3066 53.48 107.09 -51.20
N CYS A 3067 54.72 107.35 -50.80
CA CYS A 3067 54.95 108.40 -49.82
C CYS A 3067 54.47 109.73 -50.34
N LEU A 3068 54.70 110.01 -51.62
CA LEU A 3068 54.21 111.25 -52.20
C LEU A 3068 52.69 111.31 -52.17
N HIS A 3069 52.02 110.19 -52.47
CA HIS A 3069 50.56 110.16 -52.41
C HIS A 3069 50.07 110.53 -51.02
N ILE A 3070 50.66 109.90 -50.00
CA ILE A 3070 50.19 110.14 -48.63
C ILE A 3070 50.46 111.57 -48.20
N LEU A 3071 51.65 112.07 -48.52
CA LEU A 3071 51.97 113.46 -48.18
C LEU A 3071 51.02 114.42 -48.86
N ALA A 3072 50.68 114.17 -50.12
CA ALA A 3072 49.74 115.04 -50.81
C ALA A 3072 48.38 114.98 -50.16
N ARG A 3073 47.96 113.80 -49.70
CA ARG A 3073 46.70 113.73 -48.97
C ARG A 3073 46.75 114.42 -47.63
N SER A 3074 47.94 114.66 -47.07
CA SER A 3074 48.04 115.25 -45.74
C SER A 3074 48.66 116.65 -45.76
N LEU A 3075 48.26 117.49 -46.70
CA LEU A 3075 48.76 118.86 -46.79
C LEU A 3075 47.63 119.83 -46.43
N ASP A 3076 47.93 120.77 -45.54
CA ASP A 3076 47.01 121.86 -45.23
C ASP A 3076 47.40 123.09 -46.06
N ALA A 3077 47.29 122.91 -47.37
CA ALA A 3077 47.74 123.93 -48.31
C ALA A 3077 47.07 125.27 -48.10
N ARG A 3078 45.82 125.29 -47.63
CA ARG A 3078 45.15 126.55 -47.37
C ARG A 3078 45.91 127.37 -46.34
N THR A 3079 46.18 126.78 -45.18
CA THR A 3079 46.92 127.50 -44.15
C THR A 3079 48.32 127.83 -44.63
N VAL A 3080 48.97 126.88 -45.32
CA VAL A 3080 50.35 127.10 -45.74
C VAL A 3080 50.43 128.30 -46.67
N MET A 3081 49.50 128.40 -47.62
CA MET A 3081 49.56 129.48 -48.61
C MET A 3081 48.99 130.78 -48.07
N LYS A 3082 48.09 130.73 -47.08
CA LYS A 3082 47.58 131.96 -46.52
C LYS A 3082 48.61 132.59 -45.59
N SER A 3083 49.04 131.87 -44.57
CA SER A 3083 49.99 132.39 -43.58
C SER A 3083 51.17 131.44 -43.53
N GLY A 3084 52.14 131.66 -44.40
CA GLY A 3084 53.29 130.80 -44.48
C GLY A 3084 54.52 131.47 -45.02
N PRO A 3085 55.69 130.89 -44.74
CA PRO A 3085 56.93 131.48 -45.22
C PRO A 3085 57.06 131.45 -46.73
N GLU A 3086 57.76 132.46 -47.25
CA GLU A 3086 57.93 132.59 -48.68
C GLU A 3086 58.68 131.41 -49.26
N ILE A 3087 59.59 130.82 -48.48
CA ILE A 3087 60.36 129.68 -49.00
C ILE A 3087 59.45 128.50 -49.26
N VAL A 3088 58.56 128.19 -48.31
CA VAL A 3088 57.64 127.07 -48.50
C VAL A 3088 56.67 127.34 -49.64
N LYS A 3089 56.13 128.56 -49.68
CA LYS A 3089 55.21 128.89 -50.78
C LYS A 3089 55.91 128.79 -52.13
N ALA A 3090 57.17 129.24 -52.20
CA ALA A 3090 57.94 129.12 -53.42
C ALA A 3090 58.19 127.67 -53.77
N GLY A 3091 58.41 126.82 -52.77
CA GLY A 3091 58.56 125.41 -53.05
C GLY A 3091 57.32 124.81 -53.68
N LEU A 3092 56.15 125.15 -53.15
CA LEU A 3092 54.91 124.61 -53.72
C LEU A 3092 54.67 125.15 -55.14
N ARG A 3093 54.85 126.45 -55.34
CA ARG A 3093 54.70 127.02 -56.67
C ARG A 3093 55.68 126.40 -57.65
N SER A 3094 56.93 126.19 -57.22
CA SER A 3094 57.91 125.57 -58.07
C SER A 3094 57.54 124.13 -58.40
N PHE A 3095 56.94 123.42 -57.45
CA PHE A 3095 56.46 122.09 -57.76
C PHE A 3095 55.44 122.13 -58.88
N PHE A 3096 54.45 123.02 -58.78
CA PHE A 3096 53.44 123.09 -59.82
C PHE A 3096 54.04 123.52 -61.16
N GLU A 3097 54.96 124.48 -61.14
CA GLU A 3097 55.59 124.93 -62.38
C GLU A 3097 56.37 123.80 -63.04
N SER A 3098 57.12 123.04 -62.26
CA SER A 3098 57.88 121.93 -62.82
C SER A 3098 56.95 120.86 -63.37
N ALA A 3099 55.83 120.60 -62.68
CA ALA A 3099 54.86 119.64 -63.19
C ALA A 3099 54.30 120.09 -64.53
N SER A 3100 53.95 121.37 -64.63
CA SER A 3100 53.42 121.88 -65.89
C SER A 3100 54.43 121.76 -67.01
N GLU A 3101 55.69 122.09 -66.74
CA GLU A 3101 56.72 121.98 -67.76
C GLU A 3101 56.92 120.54 -68.20
N ASP A 3102 56.96 119.62 -67.24
CA ASP A 3102 57.17 118.22 -67.59
C ASP A 3102 56.01 117.69 -68.42
N ILE A 3103 54.79 118.08 -68.09
CA ILE A 3103 53.65 117.64 -68.87
C ILE A 3103 53.69 118.23 -70.28
N GLU A 3104 54.10 119.50 -70.40
CA GLU A 3104 54.24 120.09 -71.72
C GLU A 3104 55.26 119.31 -72.55
N LYS A 3105 56.39 118.95 -71.95
CA LYS A 3105 57.38 118.17 -72.66
C LYS A 3105 56.82 116.81 -73.08
N MET A 3106 56.08 116.15 -72.18
CA MET A 3106 55.53 114.85 -72.52
C MET A 3106 54.57 114.94 -73.69
N VAL A 3107 53.69 115.94 -73.68
CA VAL A 3107 52.69 116.03 -74.75
C VAL A 3107 53.36 116.42 -76.07
N GLU A 3108 54.32 117.33 -76.03
CA GLU A 3108 55.00 117.71 -77.27
C GLU A 3108 55.81 116.54 -77.83
N ASN A 3109 56.35 115.67 -76.97
CA ASN A 3109 57.01 114.47 -77.47
C ASN A 3109 55.99 113.50 -78.07
N LEU A 3110 54.85 113.33 -77.43
CA LEU A 3110 53.83 112.45 -77.98
C LEU A 3110 53.26 112.98 -79.28
N ARG A 3111 53.45 114.27 -79.57
CA ARG A 3111 53.10 114.79 -80.90
C ARG A 3111 54.05 114.32 -81.97
N LEU A 3112 54.90 113.32 -81.66
CA LEU A 3112 55.93 112.83 -82.57
C LEU A 3112 56.92 113.93 -82.94
N GLY A 3113 57.23 114.81 -81.98
CA GLY A 3113 58.41 115.63 -82.11
C GLY A 3113 59.68 114.83 -81.93
N LYS A 3114 59.57 113.66 -81.30
CA LYS A 3114 60.65 112.70 -81.17
C LYS A 3114 60.09 111.30 -81.35
N VAL A 3115 60.95 110.36 -81.73
CA VAL A 3115 60.50 108.99 -82.00
C VAL A 3115 59.88 108.37 -80.75
N SER A 3116 60.55 108.51 -79.61
CA SER A 3116 60.06 108.00 -78.34
C SER A 3116 59.80 106.49 -78.37
N LYS A 3123 67.50 109.06 -74.60
CA LYS A 3123 67.77 110.42 -74.15
C LYS A 3123 66.79 110.84 -73.05
N GLY A 3124 66.66 112.16 -72.86
CA GLY A 3124 65.78 112.67 -71.82
C GLY A 3124 64.30 112.51 -72.10
N VAL A 3125 63.94 112.24 -73.35
CA VAL A 3125 62.52 112.02 -73.68
C VAL A 3125 62.00 110.76 -73.00
N GLY A 3126 62.78 109.69 -73.03
CA GLY A 3126 62.35 108.46 -72.37
C GLY A 3126 62.22 108.63 -70.87
N GLN A 3127 63.19 109.30 -70.24
CA GLN A 3127 63.10 109.56 -68.82
C GLN A 3127 61.90 110.44 -68.49
N ASN A 3128 61.64 111.47 -69.29
CA ASN A 3128 60.50 112.33 -69.03
C ASN A 3128 59.19 111.56 -69.16
N LEU A 3129 59.08 110.71 -70.18
CA LEU A 3129 57.87 109.93 -70.37
C LEU A 3129 57.64 108.97 -69.21
N THR A 3130 58.66 108.20 -68.84
CA THR A 3130 58.46 107.24 -67.76
C THR A 3130 58.20 107.93 -66.43
N TYR A 3131 58.89 109.04 -66.15
CA TYR A 3131 58.66 109.76 -64.91
C TYR A 3131 57.25 110.33 -64.86
N THR A 3132 56.78 110.91 -65.97
CA THR A 3132 55.45 111.50 -65.98
C THR A 3132 54.38 110.43 -65.84
N THR A 3133 54.56 109.30 -66.51
CA THR A 3133 53.53 108.28 -66.50
C THR A 3133 53.56 107.42 -65.24
N VAL A 3134 54.65 107.44 -64.48
CA VAL A 3134 54.77 106.62 -63.28
C VAL A 3134 54.52 107.42 -62.02
N ALA A 3135 55.07 108.64 -61.93
CA ALA A 3135 55.01 109.41 -60.70
C ALA A 3135 54.21 110.70 -60.83
N LEU A 3136 54.55 111.55 -61.80
CA LEU A 3136 54.01 112.90 -61.83
C LEU A 3136 52.50 112.90 -61.98
N LEU A 3137 51.98 112.14 -62.94
CA LEU A 3137 50.53 112.13 -63.15
C LEU A 3137 49.77 111.59 -61.95
N PRO A 3138 50.10 110.44 -61.37
CA PRO A 3138 49.34 110.00 -60.19
C PRO A 3138 49.48 110.95 -59.02
N VAL A 3139 50.66 111.50 -58.78
CA VAL A 3139 50.83 112.40 -57.63
C VAL A 3139 50.01 113.66 -57.84
N LEU A 3140 50.04 114.22 -59.05
CA LEU A 3140 49.25 115.41 -59.34
C LEU A 3140 47.77 115.13 -59.21
N THR A 3141 47.34 113.96 -59.68
CA THR A 3141 45.93 113.60 -59.56
C THR A 3141 45.51 113.51 -58.11
N THR A 3142 46.33 112.88 -57.27
CA THR A 3142 46.01 112.81 -55.84
C THR A 3142 45.96 114.19 -55.21
N LEU A 3143 46.92 115.05 -55.54
CA LEU A 3143 46.95 116.38 -54.95
C LEU A 3143 45.71 117.18 -55.35
N PHE A 3144 45.33 117.11 -56.62
CA PHE A 3144 44.14 117.82 -57.07
C PHE A 3144 42.89 117.27 -56.42
N GLN A 3145 42.78 115.94 -56.29
CA GLN A 3145 41.63 115.37 -55.62
C GLN A 3145 41.56 115.82 -54.17
N HIS A 3146 42.70 115.88 -53.50
CA HIS A 3146 42.74 116.35 -52.12
C HIS A 3146 42.26 117.78 -52.01
N ILE A 3147 42.76 118.65 -52.88
CA ILE A 3147 42.34 120.05 -52.88
C ILE A 3147 40.83 120.15 -53.11
N ALA A 3148 40.33 119.41 -54.10
CA ALA A 3148 38.92 119.49 -54.44
C ALA A 3148 38.04 118.97 -53.31
N GLN A 3149 38.45 117.88 -52.67
CA GLN A 3149 37.67 117.34 -51.56
C GLN A 3149 37.61 118.32 -50.42
N HIS A 3150 38.72 118.99 -50.12
CA HIS A 3150 38.75 119.89 -48.97
C HIS A 3150 38.49 121.35 -49.34
N GLN A 3151 38.06 121.61 -50.57
CA GLN A 3151 37.67 122.96 -51.00
C GLN A 3151 38.79 123.96 -50.77
N PHE A 3152 40.02 123.55 -51.07
CA PHE A 3152 41.17 124.42 -50.93
C PHE A 3152 41.47 125.20 -52.20
N GLY A 3153 40.74 124.95 -53.29
CA GLY A 3153 41.12 125.52 -54.57
C GLY A 3153 41.15 127.03 -54.56
N ASP A 3154 40.11 127.65 -54.00
CA ASP A 3154 40.00 129.10 -54.00
C ASP A 3154 41.11 129.76 -53.21
N ASP A 3155 41.77 129.04 -52.30
CA ASP A 3155 42.82 129.62 -51.48
C ASP A 3155 44.20 129.18 -51.91
N VAL A 3156 44.31 128.15 -52.73
CA VAL A 3156 45.60 127.62 -53.16
C VAL A 3156 45.92 128.01 -54.60
N ILE A 3157 45.02 127.72 -55.52
CA ILE A 3157 45.28 127.95 -56.95
C ILE A 3157 44.83 129.38 -57.23
N LEU A 3158 45.72 130.33 -56.96
CA LEU A 3158 45.35 131.74 -57.05
C LEU A 3158 46.13 132.52 -58.10
N ASP A 3159 47.45 132.62 -57.99
CA ASP A 3159 48.18 133.63 -58.76
C ASP A 3159 49.10 133.04 -59.81
N ASP A 3160 50.06 132.19 -59.43
CA ASP A 3160 50.89 131.52 -60.41
C ASP A 3160 50.59 130.04 -60.50
N VAL A 3161 50.10 129.43 -59.42
CA VAL A 3161 49.59 128.08 -59.52
C VAL A 3161 48.43 128.02 -60.50
N GLN A 3162 47.65 129.10 -60.59
CA GLN A 3162 46.62 129.17 -61.63
C GLN A 3162 47.23 129.09 -63.01
N VAL A 3163 48.32 129.81 -63.24
CA VAL A 3163 48.94 129.77 -64.56
C VAL A 3163 49.49 128.38 -64.85
N SER A 3164 50.13 127.76 -63.87
CA SER A 3164 50.69 126.42 -64.08
C SER A 3164 49.58 125.42 -64.39
N CYS A 3165 48.47 125.51 -63.65
CA CYS A 3165 47.37 124.59 -63.85
C CYS A 3165 46.63 124.87 -65.16
N TYR A 3166 46.58 126.15 -65.57
CA TYR A 3166 46.05 126.48 -66.88
C TYR A 3166 46.89 125.86 -67.99
N ARG A 3167 48.21 125.91 -67.84
CA ARG A 3167 49.06 125.30 -68.85
C ARG A 3167 48.85 123.79 -68.88
N THR A 3168 48.70 123.17 -67.72
CA THR A 3168 48.38 121.75 -67.70
C THR A 3168 47.05 121.47 -68.40
N LEU A 3169 46.04 122.31 -68.13
CA LEU A 3169 44.74 122.13 -68.76
C LEU A 3169 44.83 122.28 -70.28
N CYS A 3170 45.53 123.31 -70.76
CA CYS A 3170 45.75 123.47 -72.19
C CYS A 3170 46.46 122.25 -72.79
N SER A 3171 47.56 121.82 -72.17
CA SER A 3171 48.37 120.77 -72.74
C SER A 3171 47.64 119.44 -72.76
N ILE A 3172 46.99 119.06 -71.66
CA ILE A 3172 46.31 117.77 -71.61
C ILE A 3172 45.20 117.72 -72.65
N TYR A 3173 44.37 118.75 -72.70
CA TYR A 3173 43.30 118.76 -73.68
C TYR A 3173 43.83 118.86 -75.11
N SER A 3174 45.04 119.39 -75.29
CA SER A 3174 45.58 119.51 -76.64
C SER A 3174 45.91 118.17 -77.28
N LEU A 3175 45.61 117.05 -76.63
CA LEU A 3175 45.86 115.73 -77.19
C LEU A 3175 44.75 115.26 -78.12
N GLY A 3176 43.66 116.03 -78.25
CA GLY A 3176 42.56 115.58 -79.08
C GLY A 3176 42.96 115.40 -80.54
N THR A 3177 43.84 116.26 -81.02
CA THR A 3177 44.29 116.23 -82.41
C THR A 3177 45.43 115.25 -82.63
N THR A 3178 45.64 114.31 -81.72
CA THR A 3178 46.74 113.36 -81.78
C THR A 3178 46.17 111.95 -81.82
N LYS A 3179 46.71 111.12 -82.70
CA LYS A 3179 46.26 109.74 -82.87
C LYS A 3179 47.49 108.83 -82.91
N ASN A 3180 47.73 108.10 -81.83
CA ASN A 3180 48.90 107.23 -81.74
C ASN A 3180 48.53 106.02 -80.91
N THR A 3181 49.57 105.26 -80.52
CA THR A 3181 49.38 104.17 -79.58
C THR A 3181 49.74 104.58 -78.17
N TYR A 3182 50.79 105.39 -78.01
CA TYR A 3182 51.16 105.89 -76.69
C TYR A 3182 50.05 106.77 -76.12
N VAL A 3183 49.51 107.67 -76.95
CA VAL A 3183 48.36 108.47 -76.52
C VAL A 3183 47.20 107.55 -76.17
N GLU A 3184 47.00 106.49 -76.95
CA GLU A 3184 45.89 105.60 -76.70
C GLU A 3184 46.02 104.94 -75.33
N LYS A 3185 47.24 104.55 -74.95
CA LYS A 3185 47.35 103.90 -73.66
C LYS A 3185 47.45 104.89 -72.51
N LEU A 3186 47.74 106.16 -72.77
CA LEU A 3186 47.82 107.16 -71.72
C LEU A 3186 46.55 107.97 -71.53
N ARG A 3187 45.56 107.82 -72.40
CA ARG A 3187 44.34 108.62 -72.27
C ARG A 3187 43.66 108.50 -70.90
N PRO A 3188 43.53 107.33 -70.29
CA PRO A 3188 42.81 107.28 -69.01
C PRO A 3188 43.43 108.11 -67.89
N ALA A 3189 44.75 108.00 -67.70
CA ALA A 3189 45.38 108.77 -66.63
C ALA A 3189 45.28 110.27 -66.89
N LEU A 3190 45.46 110.68 -68.14
CA LEU A 3190 45.32 112.09 -68.49
C LEU A 3190 43.90 112.57 -68.22
N GLY A 3191 42.91 111.76 -68.56
CA GLY A 3191 41.53 112.15 -68.33
C GLY A 3191 41.22 112.27 -66.85
N GLU A 3192 41.73 111.33 -66.05
CA GLU A 3192 41.48 111.42 -64.61
C GLU A 3192 42.14 112.66 -64.01
N CYS A 3193 43.38 112.93 -64.39
CA CYS A 3193 44.05 114.12 -63.88
C CYS A 3193 43.30 115.39 -64.31
N LEU A 3194 42.80 115.40 -65.54
CA LEU A 3194 42.03 116.56 -65.99
C LEU A 3194 40.74 116.70 -65.21
N ALA A 3195 40.06 115.61 -64.91
CA ALA A 3195 38.82 115.70 -64.14
C ALA A 3195 39.09 116.28 -62.76
N ARG A 3196 40.16 115.81 -62.12
CA ARG A 3196 40.50 116.34 -60.81
C ARG A 3196 40.89 117.81 -60.88
N LEU A 3197 41.59 118.21 -61.94
CA LEU A 3197 41.96 119.60 -62.10
C LEU A 3197 40.73 120.47 -62.31
N ALA A 3198 39.76 119.99 -63.08
CA ALA A 3198 38.51 120.71 -63.24
C ALA A 3198 37.79 120.85 -61.91
N ALA A 3199 37.84 119.80 -61.09
CA ALA A 3199 37.25 119.89 -59.76
C ALA A 3199 37.95 120.94 -58.91
N ALA A 3200 39.26 121.02 -58.99
CA ALA A 3200 40.04 121.88 -58.10
C ALA A 3200 40.25 123.29 -58.63
N MET A 3201 39.89 123.57 -59.86
CA MET A 3201 40.12 124.90 -60.41
C MET A 3201 39.09 125.89 -59.91
N PRO A 3202 39.51 127.04 -59.38
CA PRO A 3202 38.55 128.07 -58.95
C PRO A 3202 38.08 128.97 -60.07
N VAL A 3203 38.54 128.77 -61.29
CA VAL A 3203 38.15 129.61 -62.41
C VAL A 3203 37.37 128.78 -63.41
N ALA A 3204 36.29 129.37 -63.93
CA ALA A 3204 35.41 128.70 -64.88
C ALA A 3204 36.01 128.84 -66.27
N PHE A 3205 36.94 127.94 -66.59
CA PHE A 3205 37.66 128.03 -67.84
C PHE A 3205 36.80 127.70 -69.05
N LEU A 3206 35.64 127.09 -68.85
CA LEU A 3206 34.73 126.82 -69.96
C LEU A 3206 33.74 127.96 -70.19
N GLU A 3207 33.71 128.96 -69.32
CA GLU A 3207 32.84 130.12 -69.47
C GLU A 3207 33.66 131.37 -69.25
N PRO A 3208 34.55 131.71 -70.19
CA PRO A 3208 35.40 132.88 -70.00
C PRO A 3208 34.63 134.18 -70.00
N GLN A 3209 33.47 134.23 -70.65
CA GLN A 3209 32.73 135.47 -70.78
C GLN A 3209 32.24 136.01 -69.44
N LEU A 3210 32.28 135.19 -68.39
CA LEU A 3210 31.86 135.62 -67.07
C LEU A 3210 33.01 135.68 -66.08
N ASN A 3211 34.25 135.69 -66.56
CA ASN A 3211 35.39 135.76 -65.65
C ASN A 3211 35.44 137.06 -64.87
N GLU A 3212 34.83 138.13 -65.39
CA GLU A 3212 34.89 139.42 -64.72
C GLU A 3212 34.18 139.40 -63.38
N TYR A 3213 33.36 138.38 -63.11
CA TYR A 3213 32.68 138.26 -61.83
C TYR A 3213 33.35 137.26 -60.90
N ASN A 3214 34.52 136.73 -61.28
CA ASN A 3214 35.20 135.72 -60.49
C ASN A 3214 36.30 136.37 -59.68
N ALA A 3215 36.21 136.24 -58.35
CA ALA A 3215 37.20 136.89 -57.49
C ALA A 3215 38.51 136.13 -57.47
N CYS A 3216 38.47 134.81 -57.60
CA CYS A 3216 39.66 133.98 -57.46
C CYS A 3216 40.35 133.73 -58.80
N SER A 3217 40.56 134.80 -59.56
CA SER A 3217 41.23 134.71 -60.85
C SER A 3217 42.34 135.74 -60.91
N VAL A 3218 43.35 135.46 -61.74
CA VAL A 3218 44.48 136.36 -61.83
C VAL A 3218 44.06 137.70 -62.41
N TYR A 3219 43.12 137.68 -63.36
CA TYR A 3219 42.69 138.92 -64.00
C TYR A 3219 41.94 139.85 -63.06
N THR A 3220 41.56 139.39 -61.88
CA THR A 3220 40.98 140.24 -60.85
C THR A 3220 41.88 140.45 -59.65
N THR A 3221 42.73 139.47 -59.33
CA THR A 3221 43.63 139.63 -58.20
C THR A 3221 44.81 140.52 -58.55
N LYS A 3222 45.19 140.59 -59.83
CA LYS A 3222 46.37 141.33 -60.23
C LYS A 3222 46.01 142.47 -61.18
N SER A 3223 46.70 143.58 -61.00
CA SER A 3223 46.44 144.77 -61.78
C SER A 3223 46.89 144.57 -63.23
N PRO A 3224 46.27 145.29 -64.18
CA PRO A 3224 46.76 145.23 -65.56
C PRO A 3224 48.18 145.70 -65.72
N ARG A 3225 48.67 146.54 -64.80
CA ARG A 3225 50.08 146.92 -64.81
C ARG A 3225 50.96 145.69 -64.69
N GLU A 3226 50.69 144.85 -63.70
CA GLU A 3226 51.30 143.53 -63.63
C GLU A 3226 50.55 142.62 -64.60
N ARG A 3227 50.75 141.31 -64.49
CA ARG A 3227 50.27 140.34 -65.47
C ARG A 3227 50.89 140.63 -66.83
N ALA A 3228 51.79 141.61 -66.88
CA ALA A 3228 52.60 141.91 -68.04
C ALA A 3228 54.07 141.65 -67.80
N ILE A 3229 54.55 141.86 -66.57
CA ILE A 3229 55.90 141.42 -66.22
C ILE A 3229 56.01 139.91 -66.37
N LEU A 3230 54.96 139.20 -66.01
CA LEU A 3230 54.82 137.78 -66.30
C LEU A 3230 53.93 137.61 -67.52
N GLY A 3231 54.36 136.77 -68.46
CA GLY A 3231 53.69 136.65 -69.73
C GLY A 3231 52.25 136.20 -69.63
N LEU A 3232 51.32 137.10 -69.87
CA LEU A 3232 49.92 136.74 -69.96
C LEU A 3232 49.32 137.35 -71.22
N PRO A 3233 48.36 136.64 -71.85
CA PRO A 3233 47.82 137.10 -73.13
C PRO A 3233 46.79 138.23 -73.06
N ASN A 3234 46.76 139.01 -71.99
CA ASN A 3234 45.98 140.24 -71.90
C ASN A 3234 44.47 140.01 -71.91
N SER A 3235 44.03 138.77 -72.01
CA SER A 3235 42.61 138.46 -71.99
C SER A 3235 42.43 137.03 -71.52
N VAL A 3236 41.37 136.80 -70.75
CA VAL A 3236 41.09 135.45 -70.29
C VAL A 3236 40.75 134.55 -71.47
N GLU A 3237 40.02 135.08 -72.45
CA GLU A 3237 39.50 134.25 -73.53
C GLU A 3237 40.62 133.63 -74.36
N GLU A 3238 41.83 134.17 -74.30
CA GLU A 3238 42.92 133.70 -75.14
C GLU A 3238 43.86 132.75 -74.42
N MET A 3239 43.65 132.50 -73.12
CA MET A 3239 44.73 131.94 -72.30
C MET A 3239 44.78 130.43 -72.46
N CYS A 3240 43.61 129.81 -72.54
CA CYS A 3240 43.47 128.45 -73.07
C CYS A 3240 42.51 128.48 -74.26
N PRO A 3241 42.99 128.93 -75.43
CA PRO A 3241 42.06 129.16 -76.55
C PRO A 3241 41.51 127.90 -77.15
N ASP A 3242 42.25 126.80 -77.11
CA ASP A 3242 41.88 125.59 -77.82
C ASP A 3242 40.76 124.82 -77.13
N ILE A 3243 40.35 125.24 -75.94
CA ILE A 3243 39.26 124.60 -75.21
C ILE A 3243 37.96 125.26 -75.67
N PRO A 3244 37.03 124.51 -76.26
CA PRO A 3244 35.77 125.12 -76.67
C PRO A 3244 34.97 125.57 -75.47
N VAL A 3245 34.12 126.56 -75.68
CA VAL A 3245 33.28 127.08 -74.61
C VAL A 3245 32.27 126.02 -74.22
N LEU A 3246 31.61 126.22 -73.08
CA LEU A 3246 30.75 125.18 -72.53
C LEU A 3246 29.61 124.83 -73.48
N ASP A 3247 28.97 125.85 -74.06
CA ASP A 3247 27.85 125.59 -74.97
C ASP A 3247 28.32 124.82 -76.19
N ARG A 3248 29.46 125.19 -76.76
CA ARG A 3248 29.97 124.48 -77.92
C ARG A 3248 30.29 123.03 -77.58
N LEU A 3249 30.91 122.80 -76.43
CA LEU A 3249 31.24 121.44 -76.04
C LEU A 3249 29.99 120.60 -75.83
N MET A 3250 28.98 121.17 -75.17
CA MET A 3250 27.74 120.44 -74.96
C MET A 3250 27.05 120.13 -76.28
N ALA A 3251 27.04 121.10 -77.20
CA ALA A 3251 26.43 120.86 -78.50
C ALA A 3251 27.16 119.75 -79.25
N ASP A 3252 28.49 119.76 -79.20
CA ASP A 3252 29.25 118.70 -79.87
C ASP A 3252 28.93 117.34 -79.28
N ILE A 3253 28.90 117.23 -77.95
CA ILE A 3253 28.65 115.94 -77.33
C ILE A 3253 27.24 115.46 -77.65
N GLY A 3254 26.26 116.36 -77.58
CA GLY A 3254 24.90 115.98 -77.93
C GLY A 3254 24.78 115.53 -79.36
N GLY A 3255 25.47 116.24 -80.28
CA GLY A 3255 25.44 115.83 -81.67
C GLY A 3255 26.03 114.45 -81.87
N LEU A 3256 27.14 114.15 -81.19
CA LEU A 3256 27.72 112.82 -81.30
C LEU A 3256 26.77 111.77 -80.76
N ALA A 3257 26.16 112.03 -79.60
CA ALA A 3257 25.24 111.05 -79.02
C ALA A 3257 24.05 110.79 -79.93
N GLU A 3258 23.46 111.84 -80.49
CA GLU A 3258 22.32 111.65 -81.37
C GLU A 3258 22.71 111.00 -82.69
N SER A 3259 23.91 111.30 -83.20
CA SER A 3259 24.39 110.58 -84.37
C SER A 3259 24.63 109.11 -84.09
N GLY A 3260 24.90 108.75 -82.84
CA GLY A 3260 25.10 107.35 -82.53
C GLY A 3260 26.45 106.82 -82.91
N ALA A 3261 27.46 107.69 -82.98
CA ALA A 3261 28.80 107.24 -83.33
C ALA A 3261 29.33 106.29 -82.26
N ARG A 3262 30.18 105.36 -82.68
CA ARG A 3262 30.79 104.43 -81.77
C ARG A 3262 31.96 105.09 -81.03
N TYR A 3263 32.63 104.28 -80.20
CA TYR A 3263 33.75 104.78 -79.42
C TYR A 3263 34.96 105.10 -80.28
N THR A 3264 35.12 104.36 -81.39
CA THR A 3264 36.35 104.47 -82.17
C THR A 3264 36.49 105.84 -82.82
N GLU A 3265 35.39 106.48 -83.17
CA GLU A 3265 35.44 107.79 -83.79
C GLU A 3265 35.33 108.92 -82.78
N MET A 3266 35.23 108.62 -81.50
CA MET A 3266 35.13 109.68 -80.50
C MET A 3266 35.83 109.31 -79.19
N PRO A 3267 37.07 108.82 -79.24
CA PRO A 3267 37.70 108.38 -77.99
C PRO A 3267 38.16 109.53 -77.13
N HIS A 3268 38.54 110.65 -77.74
CA HIS A 3268 39.04 111.77 -76.95
C HIS A 3268 37.94 112.33 -76.06
N VAL A 3269 36.72 112.45 -76.59
CA VAL A 3269 35.61 112.96 -75.79
C VAL A 3269 35.32 112.02 -74.64
N ILE A 3270 35.32 110.71 -74.91
CA ILE A 3270 34.94 109.75 -73.89
C ILE A 3270 35.99 109.69 -72.79
N GLU A 3271 37.27 109.68 -73.16
CA GLU A 3271 38.33 109.47 -72.18
C GLU A 3271 38.69 110.73 -71.42
N ILE A 3272 38.44 111.91 -71.99
CA ILE A 3272 38.93 113.15 -71.40
C ILE A 3272 37.82 114.18 -71.20
N THR A 3273 37.15 114.55 -72.29
CA THR A 3273 36.20 115.66 -72.23
C THR A 3273 35.02 115.33 -71.33
N LEU A 3274 34.51 114.10 -71.43
CA LEU A 3274 33.39 113.71 -70.57
C LEU A 3274 33.75 113.72 -69.09
N PRO A 3275 34.86 113.13 -68.64
CA PRO A 3275 35.22 113.29 -67.23
C PRO A 3275 35.45 114.73 -66.83
N MET A 3276 36.04 115.54 -67.70
CA MET A 3276 36.26 116.94 -67.36
C MET A 3276 34.93 117.65 -67.13
N LEU A 3277 33.95 117.39 -67.99
CA LEU A 3277 32.63 117.99 -67.80
C LEU A 3277 31.93 117.43 -66.57
N CYS A 3278 32.03 116.12 -66.33
CA CYS A 3278 31.38 115.49 -65.20
C CYS A 3278 31.93 116.00 -63.89
N SER A 3279 33.17 116.47 -63.86
CA SER A 3279 33.71 117.10 -62.66
C SER A 3279 33.59 118.61 -62.67
N TYR A 3280 33.32 119.22 -63.84
CA TYR A 3280 33.23 120.66 -63.92
C TYR A 3280 31.84 121.15 -63.55
N LEU A 3281 30.81 120.51 -64.12
CA LEU A 3281 29.45 120.98 -63.89
C LEU A 3281 29.04 120.94 -62.42
N PRO A 3282 29.27 119.86 -61.66
CA PRO A 3282 28.87 119.89 -60.25
C PRO A 3282 29.54 120.99 -59.45
N ARG A 3283 30.79 121.29 -59.76
CA ARG A 3283 31.50 122.30 -58.98
C ARG A 3283 30.87 123.67 -59.16
N TRP A 3284 30.50 124.02 -60.37
CA TRP A 3284 29.96 125.35 -60.65
C TRP A 3284 28.46 125.44 -60.48
N TRP A 3285 27.76 124.31 -60.46
CA TRP A 3285 26.33 124.36 -60.16
C TRP A 3285 26.10 124.88 -58.75
N GLU A 3286 26.96 124.51 -57.82
CA GLU A 3286 26.87 125.02 -56.46
C GLU A 3286 27.30 126.47 -56.34
N ARG A 3287 27.91 127.04 -57.38
CA ARG A 3287 28.36 128.43 -57.34
C ARG A 3287 27.73 129.28 -58.43
N GLY A 3288 26.60 128.87 -58.98
CA GLY A 3288 25.94 129.66 -59.98
C GLY A 3288 24.47 129.84 -59.65
N PRO A 3289 23.69 130.22 -60.66
CA PRO A 3289 22.24 130.26 -60.47
C PRO A 3289 21.70 128.87 -60.21
N GLU A 3290 20.50 128.82 -59.64
CA GLU A 3290 19.84 127.61 -59.17
C GLU A 3290 20.56 127.00 -57.97
N ALA A 3291 21.60 127.64 -57.46
CA ALA A 3291 22.20 127.22 -56.21
C ALA A 3291 21.24 127.53 -55.07
N PRO A 3292 21.46 126.94 -53.89
CA PRO A 3292 20.75 127.39 -52.69
C PRO A 3292 21.53 128.49 -51.98
N PRO A 3293 21.45 129.73 -52.44
CA PRO A 3293 22.43 130.72 -52.03
C PRO A 3293 22.21 131.15 -50.58
N PRO A 3294 23.20 130.96 -49.72
CA PRO A 3294 23.20 131.68 -48.45
C PRO A 3294 23.83 133.05 -48.65
N ALA A 3295 23.40 133.74 -49.70
CA ALA A 3295 24.01 134.98 -50.16
C ALA A 3295 23.08 136.18 -49.96
N LEU A 3296 22.34 136.20 -48.86
CA LEU A 3296 21.57 137.40 -48.53
C LEU A 3296 22.46 138.63 -48.37
N PRO A 3297 23.59 138.57 -47.65
CA PRO A 3297 24.50 139.73 -47.64
C PRO A 3297 25.39 139.79 -48.88
N ALA A 3298 25.78 138.63 -49.40
CA ALA A 3298 26.79 138.54 -50.45
C ALA A 3298 26.19 138.19 -51.81
N GLY A 3299 24.92 138.49 -52.03
CA GLY A 3299 24.32 138.25 -53.33
C GLY A 3299 24.58 139.32 -54.37
N ALA A 3300 25.23 140.41 -53.97
CA ALA A 3300 25.55 141.48 -54.92
C ALA A 3300 26.40 141.00 -56.10
N PRO A 3301 27.48 140.24 -55.92
CA PRO A 3301 28.25 139.79 -57.07
C PRO A 3301 27.46 138.79 -57.89
N PRO A 3302 27.30 139.04 -59.19
CA PRO A 3302 26.67 138.05 -60.04
C PRO A 3302 27.48 136.76 -60.06
N PRO A 3303 26.82 135.62 -60.15
CA PRO A 3303 27.57 134.35 -60.25
C PRO A 3303 28.44 134.35 -61.49
N CYS A 3304 29.62 133.74 -61.35
CA CYS A 3304 30.61 133.68 -62.41
C CYS A 3304 30.38 132.54 -63.38
N THR A 3305 29.25 131.86 -63.29
CA THR A 3305 28.92 130.76 -64.19
C THR A 3305 27.44 130.81 -64.53
N ALA A 3306 27.07 130.03 -65.54
CA ALA A 3306 25.68 129.92 -65.97
C ALA A 3306 25.20 128.47 -65.91
N VAL A 3307 25.80 127.67 -65.06
CA VAL A 3307 25.47 126.25 -64.97
C VAL A 3307 24.21 126.08 -64.13
N THR A 3308 23.23 125.37 -64.68
CA THR A 3308 22.01 125.00 -63.99
C THR A 3308 21.84 123.50 -64.04
N SER A 3309 20.69 123.02 -63.57
CA SER A 3309 20.40 121.60 -63.63
C SER A 3309 20.16 121.12 -65.06
N ASP A 3310 19.83 122.04 -65.97
CA ASP A 3310 19.64 121.65 -67.36
C ASP A 3310 20.90 121.03 -67.94
N HIS A 3311 22.06 121.62 -67.64
CA HIS A 3311 23.30 121.12 -68.18
C HIS A 3311 23.61 119.72 -67.65
N LEU A 3312 23.41 119.51 -66.35
CA LEU A 3312 23.67 118.20 -65.78
C LEU A 3312 22.72 117.15 -66.37
N ASN A 3313 21.44 117.49 -66.49
CA ASN A 3313 20.49 116.54 -67.08
C ASN A 3313 20.84 116.22 -68.52
N SER A 3314 21.19 117.24 -69.31
CA SER A 3314 21.55 117.03 -70.69
C SER A 3314 22.78 116.15 -70.80
N LEU A 3315 23.79 116.41 -69.96
CA LEU A 3315 25.01 115.62 -70.00
C LEU A 3315 24.73 114.17 -69.64
N LEU A 3316 23.90 113.94 -68.63
CA LEU A 3316 23.61 112.57 -68.23
C LEU A 3316 22.83 111.84 -69.33
N GLY A 3317 21.87 112.51 -69.95
CA GLY A 3317 21.17 111.89 -71.06
C GLY A 3317 22.11 111.54 -72.21
N ASN A 3318 23.04 112.45 -72.50
CA ASN A 3318 24.00 112.18 -73.56
C ASN A 3318 24.91 111.02 -73.22
N ILE A 3319 25.33 110.92 -71.95
CA ILE A 3319 26.19 109.81 -71.55
C ILE A 3319 25.45 108.49 -71.68
N LEU A 3320 24.19 108.45 -71.27
CA LEU A 3320 23.41 107.22 -71.43
C LEU A 3320 23.26 106.88 -72.90
N ARG A 3321 23.01 107.88 -73.74
CA ARG A 3321 22.89 107.61 -75.17
C ARG A 3321 24.19 107.08 -75.76
N ILE A 3322 25.33 107.62 -75.32
CA ILE A 3322 26.61 107.12 -75.82
C ILE A 3322 26.82 105.68 -75.41
N ILE A 3323 26.55 105.37 -74.14
CA ILE A 3323 26.75 103.99 -73.67
C ILE A 3323 25.86 103.03 -74.44
N VAL A 3324 24.60 103.39 -74.66
CA VAL A 3324 23.73 102.47 -75.40
C VAL A 3324 24.08 102.45 -76.88
N ASN A 3325 24.73 103.47 -77.40
CA ASN A 3325 25.27 103.38 -78.75
C ASN A 3325 26.38 102.36 -78.84
N ASN A 3326 27.27 102.33 -77.84
CA ASN A 3326 28.35 101.36 -77.81
C ASN A 3326 27.96 100.10 -77.04
N LEU A 3327 26.68 99.77 -77.02
CA LEU A 3327 26.20 98.75 -76.09
C LEU A 3327 26.66 97.35 -76.50
N GLY A 3328 26.54 97.01 -77.77
CA GLY A 3328 26.81 95.65 -78.23
C GLY A 3328 28.23 95.37 -78.70
N ILE A 3329 29.16 96.30 -78.53
CA ILE A 3329 30.49 96.08 -79.07
C ILE A 3329 31.23 95.04 -78.23
N ASP A 3330 32.20 94.38 -78.87
CA ASP A 3330 32.88 93.26 -78.22
C ASP A 3330 33.69 93.72 -77.01
N GLU A 3331 34.52 94.74 -77.19
CA GLU A 3331 35.42 95.19 -76.13
C GLU A 3331 35.22 96.67 -75.88
N ALA A 3332 34.96 97.03 -74.64
CA ALA A 3332 34.88 98.43 -74.23
C ALA A 3332 35.21 98.48 -72.74
N THR A 3333 36.47 98.76 -72.43
CA THR A 3333 36.90 98.85 -71.04
C THR A 3333 36.70 100.24 -70.45
N TRP A 3334 36.22 101.20 -71.25
CA TRP A 3334 36.03 102.56 -70.78
C TRP A 3334 34.68 102.77 -70.11
N MET A 3335 33.77 101.79 -70.18
CA MET A 3335 32.44 101.98 -69.65
C MET A 3335 32.47 102.15 -68.13
N LYS A 3336 33.28 101.35 -67.45
CA LYS A 3336 33.35 101.48 -65.99
C LYS A 3336 33.90 102.84 -65.59
N ARG A 3337 34.93 103.31 -66.28
CA ARG A 3337 35.50 104.61 -65.96
C ARG A 3337 34.49 105.72 -66.23
N LEU A 3338 33.79 105.64 -67.36
CA LEU A 3338 32.80 106.66 -67.66
C LEU A 3338 31.67 106.66 -66.63
N ALA A 3339 31.25 105.48 -66.18
CA ALA A 3339 30.20 105.42 -65.17
C ALA A 3339 30.66 106.01 -63.85
N VAL A 3340 31.87 105.67 -63.40
CA VAL A 3340 32.33 106.20 -62.12
C VAL A 3340 32.62 107.69 -62.21
N PHE A 3341 32.86 108.21 -63.41
CA PHE A 3341 33.00 109.65 -63.56
C PHE A 3341 31.64 110.33 -63.64
N ALA A 3342 30.63 109.66 -64.17
CA ALA A 3342 29.32 110.27 -64.29
C ALA A 3342 28.44 110.08 -63.05
N GLN A 3343 28.88 109.29 -62.08
CA GLN A 3343 28.08 109.14 -60.86
C GLN A 3343 27.77 110.45 -60.17
N PRO A 3344 28.71 111.37 -59.94
CA PRO A 3344 28.36 112.59 -59.21
C PRO A 3344 27.26 113.42 -59.85
N ILE A 3345 27.18 113.48 -61.18
CA ILE A 3345 26.22 114.38 -61.81
C ILE A 3345 24.81 113.83 -61.82
N VAL A 3346 24.62 112.57 -61.42
CA VAL A 3346 23.30 111.95 -61.52
C VAL A 3346 22.35 112.49 -60.46
N SER A 3347 22.87 113.13 -59.41
CA SER A 3347 22.02 113.59 -58.32
C SER A 3347 21.03 114.65 -58.77
N ARG A 3348 21.30 115.34 -59.87
CA ARG A 3348 20.45 116.41 -60.35
C ARG A 3348 19.56 115.99 -61.51
N ALA A 3349 19.44 114.68 -61.75
CA ALA A 3349 18.67 114.21 -62.89
C ALA A 3349 17.19 114.52 -62.70
N ARG A 3350 16.58 115.06 -63.73
CA ARG A 3350 15.16 115.31 -63.68
C ARG A 3350 14.37 114.02 -63.82
N PRO A 3351 13.12 114.00 -63.38
CA PRO A 3351 12.34 112.77 -63.47
C PRO A 3351 12.10 112.27 -64.88
N GLU A 3352 12.22 113.15 -65.89
CA GLU A 3352 11.94 112.72 -67.26
C GLU A 3352 12.90 111.66 -67.75
N LEU A 3353 14.10 111.59 -67.19
CA LEU A 3353 15.08 110.61 -67.63
C LEU A 3353 14.62 109.18 -67.40
N LEU A 3354 13.68 108.98 -66.47
CA LEU A 3354 13.16 107.64 -66.25
C LEU A 3354 12.44 107.11 -67.48
N HIS A 3355 11.65 107.95 -68.14
CA HIS A 3355 10.93 107.49 -69.31
C HIS A 3355 11.71 107.70 -70.60
N SER A 3356 12.49 108.77 -70.70
CA SER A 3356 13.18 109.04 -71.95
C SER A 3356 14.33 108.07 -72.17
N HIS A 3357 15.12 107.79 -71.14
CA HIS A 3357 16.35 107.02 -71.30
C HIS A 3357 16.33 105.70 -70.55
N PHE A 3358 16.12 105.72 -69.23
CA PHE A 3358 16.40 104.56 -68.41
C PHE A 3358 15.54 103.37 -68.81
N ILE A 3359 14.24 103.60 -69.02
CA ILE A 3359 13.35 102.50 -69.38
C ILE A 3359 13.76 101.85 -70.70
N PRO A 3360 14.01 102.59 -71.79
CA PRO A 3360 14.50 101.94 -73.01
C PRO A 3360 15.85 101.23 -72.84
N THR A 3361 16.80 101.83 -72.13
CA THR A 3361 18.11 101.19 -71.99
C THR A 3361 17.98 99.86 -71.26
N ILE A 3362 17.28 99.88 -70.13
CA ILE A 3362 17.12 98.65 -69.37
C ILE A 3362 16.24 97.66 -70.12
N GLY A 3363 15.35 98.14 -70.99
CA GLY A 3363 14.58 97.21 -71.80
C GLY A 3363 15.44 96.47 -72.80
N ARG A 3364 16.35 97.19 -73.44
CA ARG A 3364 17.29 96.52 -74.34
C ARG A 3364 18.13 95.51 -73.58
N LEU A 3365 18.59 95.89 -72.38
CA LEU A 3365 19.35 94.94 -71.57
C LEU A 3365 18.53 93.70 -71.21
N ARG A 3366 17.26 93.89 -70.84
CA ARG A 3366 16.43 92.76 -70.44
C ARG A 3366 16.20 91.81 -71.60
N LYS A 3367 15.91 92.35 -72.78
CA LYS A 3367 15.69 91.46 -73.91
C LYS A 3367 16.96 90.75 -74.33
N ARG A 3368 18.12 91.42 -74.22
CA ARG A 3368 19.38 90.72 -74.50
C ARG A 3368 19.60 89.58 -73.51
N ALA A 3369 19.32 89.82 -72.23
CA ALA A 3369 19.48 88.76 -71.24
C ALA A 3369 18.56 87.60 -71.54
N GLY A 3370 17.32 87.89 -71.93
CA GLY A 3370 16.39 86.83 -72.29
C GLY A 3370 16.90 86.00 -73.46
N LYS A 3371 17.43 86.67 -74.49
CA LYS A 3371 17.97 85.94 -75.62
C LYS A 3371 19.14 85.05 -75.21
N VAL A 3372 20.04 85.56 -74.38
CA VAL A 3372 21.21 84.77 -73.98
C VAL A 3372 20.79 83.55 -73.17
N VAL A 3373 19.86 83.73 -72.22
CA VAL A 3373 19.46 82.57 -71.44
C VAL A 3373 18.66 81.58 -72.29
N ALA A 3374 17.93 82.07 -73.30
CA ALA A 3374 17.26 81.16 -74.21
C ALA A 3374 18.28 80.30 -74.96
N GLU A 3375 19.37 80.91 -75.42
CA GLU A 3375 20.42 80.12 -76.06
C GLU A 3375 21.05 79.14 -75.08
N GLU A 3376 21.25 79.56 -73.83
CA GLU A 3376 21.85 78.67 -72.85
C GLU A 3376 20.96 77.45 -72.59
N GLU A 3377 19.66 77.66 -72.44
CA GLU A 3377 18.77 76.52 -72.23
C GLU A 3377 18.66 75.66 -73.49
N GLN A 3378 18.75 76.27 -74.67
CA GLN A 3378 18.80 75.47 -75.89
C GLN A 3378 20.04 74.59 -75.91
N LEU A 3379 21.17 75.11 -75.44
CA LEU A 3379 22.38 74.30 -75.33
C LEU A 3379 22.21 73.20 -74.30
N ARG A 3380 21.60 73.51 -73.16
CA ARG A 3380 21.53 72.54 -72.07
C ARG A 3380 20.52 71.44 -72.34
N LEU A 3381 19.47 71.72 -73.12
CA LEU A 3381 18.43 70.71 -73.33
C LEU A 3381 18.94 69.55 -74.18
N GLU A 3382 19.94 69.79 -75.03
CA GLU A 3382 20.54 68.75 -75.86
C GLU A 3382 21.94 68.47 -75.32
N ALA A 3383 22.19 67.22 -74.96
CA ALA A 3383 23.48 66.84 -74.39
C ALA A 3383 24.38 66.27 -75.48
N LYS A 3384 25.56 66.88 -75.64
CA LYS A 3384 26.50 66.48 -76.66
C LYS A 3384 27.88 66.97 -76.27
N ALA A 3385 28.90 66.33 -76.83
CA ALA A 3385 30.25 66.83 -76.65
C ALA A 3385 30.46 68.17 -77.34
N GLU A 3386 29.59 68.51 -78.31
CA GLU A 3386 29.66 69.79 -78.99
C GLU A 3386 29.10 70.93 -78.15
N ALA A 3387 28.33 70.62 -77.10
CA ALA A 3387 27.75 71.68 -76.28
C ALA A 3387 28.82 72.59 -75.69
N GLU A 3388 30.01 72.04 -75.40
CA GLU A 3388 31.12 72.87 -74.95
C GLU A 3388 31.50 73.88 -76.03
N GLU A 3389 31.50 73.46 -77.29
CA GLU A 3389 31.70 74.38 -78.40
C GLU A 3389 30.39 75.13 -78.60
N GLY A 3390 30.27 76.25 -77.88
CA GLY A 3390 29.02 76.98 -77.80
C GLY A 3390 28.80 77.42 -76.38
N GLU A 3391 29.28 76.60 -75.44
CA GLU A 3391 29.35 77.03 -74.05
C GLU A 3391 30.21 78.27 -73.91
N LEU A 3392 31.37 78.30 -74.57
CA LEU A 3392 32.18 79.51 -74.54
C LEU A 3392 31.50 80.67 -75.27
N LEU A 3393 30.70 80.39 -76.29
CA LEU A 3393 29.92 81.45 -76.92
C LEU A 3393 28.96 82.09 -75.93
N VAL A 3394 28.21 81.27 -75.20
CA VAL A 3394 27.26 81.83 -74.26
C VAL A 3394 27.99 82.50 -73.09
N ARG A 3395 29.18 82.00 -72.73
CA ARG A 3395 29.95 82.68 -71.69
C ARG A 3395 30.40 84.06 -72.16
N ASP A 3396 30.85 84.18 -73.41
CA ASP A 3396 31.24 85.49 -73.91
C ASP A 3396 30.06 86.44 -73.97
N GLU A 3397 28.90 85.93 -74.39
CA GLU A 3397 27.69 86.76 -74.39
C GLU A 3397 27.34 87.20 -72.98
N PHE A 3398 27.44 86.30 -72.01
CA PHE A 3398 27.14 86.68 -70.62
C PHE A 3398 28.14 87.70 -70.11
N SER A 3399 29.40 87.59 -70.52
CA SER A 3399 30.41 88.54 -70.06
C SER A 3399 30.15 89.94 -70.62
N VAL A 3400 29.83 90.04 -71.91
CA VAL A 3400 29.53 91.35 -72.46
C VAL A 3400 28.25 91.91 -71.85
N LEU A 3401 27.28 91.04 -71.57
CA LEU A 3401 26.05 91.50 -70.95
C LEU A 3401 26.31 92.03 -69.54
N CYS A 3402 27.15 91.33 -68.78
CA CYS A 3402 27.52 91.82 -67.45
C CYS A 3402 28.29 93.11 -67.53
N ARG A 3403 29.12 93.27 -68.57
CA ARG A 3403 29.83 94.53 -68.75
C ARG A 3403 28.85 95.69 -68.95
N ASP A 3404 27.84 95.49 -69.80
CA ASP A 3404 26.84 96.54 -69.98
C ASP A 3404 26.06 96.78 -68.69
N LEU A 3405 25.73 95.71 -67.97
CA LEU A 3405 24.98 95.87 -66.73
C LEU A 3405 25.76 96.66 -65.71
N TYR A 3406 27.06 96.42 -65.58
CA TYR A 3406 27.84 97.18 -64.62
C TYR A 3406 28.19 98.56 -65.15
N ALA A 3407 28.05 98.81 -66.45
CA ALA A 3407 28.16 100.15 -66.97
C ALA A 3407 26.90 100.99 -66.71
N LEU A 3408 25.74 100.37 -66.70
CA LEU A 3408 24.49 101.12 -66.55
C LEU A 3408 23.92 101.11 -65.15
N TYR A 3409 24.11 100.05 -64.38
CA TYR A 3409 23.41 99.91 -63.11
C TYR A 3409 23.79 100.95 -62.06
N PRO A 3410 25.06 101.32 -61.86
CA PRO A 3410 25.32 102.32 -60.81
C PRO A 3410 24.58 103.62 -61.02
N LEU A 3411 24.46 104.07 -62.27
CA LEU A 3411 23.68 105.27 -62.54
C LEU A 3411 22.22 105.06 -62.17
N LEU A 3412 21.66 103.90 -62.51
CA LEU A 3412 20.26 103.62 -62.18
C LEU A 3412 20.07 103.52 -60.68
N ILE A 3413 21.03 102.95 -59.97
CA ILE A 3413 20.93 102.82 -58.52
C ILE A 3413 20.89 104.20 -57.87
N ARG A 3414 21.78 105.08 -58.31
CA ARG A 3414 21.77 106.42 -57.74
C ARG A 3414 20.47 107.15 -58.07
N TYR A 3415 19.99 107.00 -59.29
CA TYR A 3415 18.74 107.64 -59.68
C TYR A 3415 17.56 107.12 -58.85
N VAL A 3416 17.53 105.81 -58.63
CA VAL A 3416 16.48 105.20 -57.82
C VAL A 3416 16.55 105.72 -56.39
N ASP A 3417 17.75 105.82 -55.84
CA ASP A 3417 17.88 106.35 -54.49
C ASP A 3417 17.35 107.77 -54.40
N ASN A 3418 17.62 108.58 -55.43
CA ASN A 3418 17.14 109.96 -55.37
C ASN A 3418 15.65 110.10 -55.63
N ASN A 3419 15.01 109.17 -56.33
CA ASN A 3419 13.62 109.35 -56.67
C ASN A 3419 12.65 108.36 -56.04
N ARG A 3420 13.13 107.45 -55.19
CA ARG A 3420 12.24 106.45 -54.61
C ARG A 3420 11.26 107.05 -53.63
N ALA A 3421 11.66 108.10 -52.91
CA ALA A 3421 10.72 108.77 -52.02
C ALA A 3421 9.51 109.26 -52.79
N HIS A 3422 9.74 109.96 -53.90
CA HIS A 3422 8.64 110.45 -54.71
CA HIS A 3422 8.63 110.45 -54.72
C HIS A 3422 7.84 109.30 -55.31
N TRP A 3423 8.51 108.25 -55.78
CA TRP A 3423 7.78 107.15 -56.41
C TRP A 3423 6.86 106.46 -55.41
N LEU A 3424 7.34 106.24 -54.20
CA LEU A 3424 6.48 105.62 -53.18
C LEU A 3424 5.37 106.56 -52.75
N THR A 3425 5.67 107.85 -52.61
CA THR A 3425 4.65 108.79 -52.18
C THR A 3425 3.52 108.88 -53.20
N GLU A 3426 3.86 108.89 -54.49
CA GLU A 3426 2.87 108.92 -55.55
C GLU A 3426 3.20 107.80 -56.54
N PRO A 3427 2.32 106.82 -56.70
CA PRO A 3427 2.63 105.68 -57.56
C PRO A 3427 2.93 106.12 -58.98
N ASN A 3428 3.90 105.46 -59.61
CA ASN A 3428 4.35 105.83 -60.94
C ASN A 3428 4.40 104.59 -61.82
N ALA A 3429 3.63 104.62 -62.92
CA ALA A 3429 3.60 103.47 -63.82
C ALA A 3429 4.97 103.19 -64.40
N ASN A 3430 5.75 104.24 -64.65
CA ASN A 3430 7.10 104.05 -65.17
C ASN A 3430 7.97 103.33 -64.15
N ALA A 3431 7.86 103.71 -62.87
CA ALA A 3431 8.61 103.00 -61.85
C ALA A 3431 8.18 101.55 -61.75
N GLU A 3432 6.88 101.29 -61.91
CA GLU A 3432 6.41 99.91 -61.89
C GLU A 3432 6.99 99.10 -63.04
N GLU A 3433 7.00 99.69 -64.25
CA GLU A 3433 7.55 98.99 -65.40
C GLU A 3433 9.03 98.71 -65.20
N LEU A 3434 9.78 99.70 -64.68
CA LEU A 3434 11.18 99.48 -64.41
C LEU A 3434 11.38 98.39 -63.37
N PHE A 3435 10.48 98.30 -62.39
CA PHE A 3435 10.60 97.22 -61.42
C PHE A 3435 10.42 95.86 -62.08
N ARG A 3436 9.40 95.74 -62.93
CA ARG A 3436 9.23 94.48 -63.65
C ARG A 3436 10.48 94.13 -64.42
N MET A 3437 11.07 95.13 -65.05
CA MET A 3437 12.22 94.93 -65.92
C MET A 3437 13.45 94.47 -65.14
N VAL A 3438 13.79 95.18 -64.07
CA VAL A 3438 14.94 94.77 -63.25
C VAL A 3438 14.67 93.44 -62.59
N GLY A 3439 13.42 93.15 -62.23
CA GLY A 3439 13.12 91.86 -61.64
C GLY A 3439 13.30 90.72 -62.61
N GLU A 3440 12.92 90.92 -63.88
CA GLU A 3440 13.14 89.87 -64.87
C GLU A 3440 14.63 89.66 -65.10
N ILE A 3441 15.42 90.74 -65.12
CA ILE A 3441 16.86 90.56 -65.25
C ILE A 3441 17.40 89.77 -64.06
N PHE A 3442 16.93 90.07 -62.86
CA PHE A 3442 17.40 89.37 -61.67
C PHE A 3442 16.97 87.90 -61.69
N ILE A 3443 15.78 87.61 -62.19
CA ILE A 3443 15.34 86.23 -62.34
C ILE A 3443 16.26 85.47 -63.27
N TYR A 3444 16.59 86.09 -64.41
CA TYR A 3444 17.53 85.46 -65.33
C TYR A 3444 18.86 85.21 -64.64
N TRP A 3445 19.33 86.18 -63.86
CA TRP A 3445 20.59 86.03 -63.16
C TRP A 3445 20.54 84.86 -62.19
N SER A 3446 19.43 84.70 -61.49
CA SER A 3446 19.33 83.63 -60.49
C SER A 3446 19.21 82.26 -61.14
N LYS A 3447 18.48 82.17 -62.26
CA LYS A 3447 18.28 80.87 -62.88
C LYS A 3447 19.54 80.37 -63.58
N SER A 3448 20.25 81.25 -64.28
CA SER A 3448 21.39 80.85 -65.09
C SER A 3448 22.66 80.82 -64.24
N HIS A 3449 23.37 79.70 -64.30
CA HIS A 3449 24.65 79.62 -63.58
C HIS A 3449 25.75 80.36 -64.33
N ASN A 3450 25.70 80.33 -65.66
CA ASN A 3450 26.68 81.06 -66.44
C ASN A 3450 26.60 82.55 -66.19
N PHE A 3451 25.40 83.08 -65.94
CA PHE A 3451 25.26 84.50 -65.62
C PHE A 3451 26.04 84.84 -64.35
N LYS A 3452 25.87 84.04 -63.30
CA LYS A 3452 26.60 84.28 -62.06
C LYS A 3452 28.10 84.14 -62.27
N ARG A 3453 28.50 83.12 -63.02
CA ARG A 3453 29.92 82.90 -63.27
C ARG A 3453 30.54 84.10 -63.97
N GLU A 3454 29.88 84.58 -65.03
CA GLU A 3454 30.42 85.69 -65.78
C GLU A 3454 30.38 86.98 -64.98
N GLU A 3455 29.37 87.17 -64.15
CA GLU A 3455 29.33 88.36 -63.31
C GLU A 3455 30.49 88.38 -62.33
N GLN A 3456 30.71 87.27 -61.63
CA GLN A 3456 31.81 87.24 -60.68
C GLN A 3456 33.14 87.39 -61.39
N ASN A 3457 33.28 86.76 -62.56
CA ASN A 3457 34.51 86.90 -63.33
C ASN A 3457 34.74 88.34 -63.73
N PHE A 3458 33.69 89.02 -64.20
CA PHE A 3458 33.83 90.41 -64.60
C PHE A 3458 34.28 91.26 -63.43
N VAL A 3459 33.64 91.09 -62.27
CA VAL A 3459 33.99 91.90 -61.12
C VAL A 3459 35.45 91.68 -60.74
N VAL A 3460 35.86 90.41 -60.62
CA VAL A 3460 37.22 90.14 -60.14
C VAL A 3460 38.26 90.58 -61.18
N GLN A 3461 37.97 90.42 -62.46
CA GLN A 3461 38.99 90.69 -63.46
C GLN A 3461 39.10 92.18 -63.76
N ASN A 3462 38.03 92.95 -63.57
CA ASN A 3462 38.11 94.39 -63.77
C ASN A 3462 38.29 95.16 -62.47
N GLU A 3463 38.37 94.46 -61.33
CA GLU A 3463 38.57 95.10 -60.03
C GLU A 3463 37.47 96.12 -59.75
N ILE A 3464 36.24 95.77 -60.15
CA ILE A 3464 35.09 96.63 -59.85
C ILE A 3464 34.88 96.67 -58.35
N ASN A 3465 34.94 97.87 -57.78
CA ASN A 3465 34.86 98.00 -56.32
C ASN A 3465 33.51 97.51 -55.79
N ASN A 3466 32.42 97.84 -56.50
CA ASN A 3466 31.08 97.38 -56.15
C ASN A 3466 30.66 97.83 -54.76
N MET A 3467 31.42 98.74 -54.18
CA MET A 3467 31.21 99.23 -52.82
C MET A 3467 30.97 100.74 -52.79
N SER A 3468 31.80 101.51 -53.48
CA SER A 3468 31.52 102.93 -53.64
C SER A 3468 30.23 103.14 -54.42
N PHE A 3469 29.85 102.19 -55.27
CA PHE A 3469 28.57 102.28 -55.96
C PHE A 3469 27.40 102.29 -54.98
N LEU A 3470 27.62 101.84 -53.75
CA LEU A 3470 26.61 101.91 -52.71
C LEU A 3470 26.88 102.99 -51.67
N THR A 3471 28.14 103.39 -51.47
CA THR A 3471 28.47 104.44 -50.51
C THR A 3471 28.65 105.82 -51.12
N ALA A 3472 28.33 105.99 -52.41
CA ALA A 3472 28.47 107.31 -53.02
C ALA A 3472 27.58 108.33 -52.35
N ASP A 3473 26.33 107.97 -52.05
CA ASP A 3473 25.43 108.90 -51.37
C ASP A 3473 25.92 109.18 -49.95
N SER A 3474 26.41 108.16 -49.26
CA SER A 3474 26.94 108.36 -47.91
C SER A 3474 28.10 109.34 -47.92
N LYS A 3475 29.00 109.22 -48.88
CA LYS A 3475 30.12 110.17 -48.97
C LYS A 3475 29.65 111.55 -49.41
N SER A 3476 28.66 111.62 -50.31
CA SER A 3476 28.20 112.91 -50.80
C SER A 3476 27.49 113.70 -49.70
N LYS A 3477 26.78 113.00 -48.81
CA LYS A 3477 26.11 113.63 -47.68
C LYS A 3477 27.07 114.00 -46.56
N MET A 3478 28.38 113.82 -46.77
CA MET A 3478 29.41 114.16 -45.79
C MET A 3478 29.20 113.40 -44.48
N ALA A 3479 29.23 112.07 -44.58
CA ALA A 3479 29.07 111.21 -43.42
C ALA A 3479 30.26 111.32 -42.49
N ARG A 3498 36.07 94.54 -45.64
CA ARG A 3498 36.81 93.59 -44.81
C ARG A 3498 36.41 92.16 -45.12
N ARG A 3499 35.15 91.84 -44.85
CA ARG A 3499 34.66 90.49 -45.11
C ARG A 3499 34.58 90.20 -46.61
N GLY A 3500 33.78 90.99 -47.32
CA GLY A 3500 33.64 90.82 -48.75
C GLY A 3500 34.10 92.04 -49.52
N ASP A 3501 35.23 92.61 -49.11
CA ASP A 3501 35.73 93.84 -49.74
C ASP A 3501 36.02 93.63 -51.22
N ARG A 3502 36.64 92.50 -51.56
CA ARG A 3502 36.94 92.22 -52.97
C ARG A 3502 35.67 91.99 -53.77
N TYR A 3503 34.79 91.11 -53.27
CA TYR A 3503 33.53 90.82 -53.94
C TYR A 3503 32.63 90.07 -52.98
N SER A 3504 31.36 90.47 -52.95
CA SER A 3504 30.38 89.79 -52.12
C SER A 3504 29.03 89.85 -52.81
N VAL A 3505 28.24 88.78 -52.67
CA VAL A 3505 26.90 88.76 -53.24
C VAL A 3505 26.04 89.86 -52.63
N GLN A 3506 26.22 90.12 -51.33
CA GLN A 3506 25.46 91.18 -50.68
C GLN A 3506 25.69 92.53 -51.33
N THR A 3507 26.86 92.73 -51.92
CA THR A 3507 27.20 93.98 -52.58
C THR A 3507 27.16 93.89 -54.10
N SER A 3508 26.65 92.80 -54.67
CA SER A 3508 26.52 92.70 -56.11
C SER A 3508 25.51 93.71 -56.63
N LEU A 3509 25.81 94.33 -57.77
CA LEU A 3509 24.90 95.33 -58.30
C LEU A 3509 23.59 94.73 -58.78
N ILE A 3510 23.64 93.54 -59.38
CA ILE A 3510 22.42 92.96 -59.95
C ILE A 3510 21.38 92.72 -58.86
N VAL A 3511 21.81 92.17 -57.73
CA VAL A 3511 20.87 91.98 -56.62
C VAL A 3511 20.64 93.27 -55.84
N ALA A 3512 21.62 94.16 -55.80
CA ALA A 3512 21.47 95.39 -55.04
C ALA A 3512 20.39 96.28 -55.63
N THR A 3513 20.34 96.37 -56.96
CA THR A 3513 19.31 97.18 -57.60
C THR A 3513 17.93 96.63 -57.29
N LEU A 3514 17.78 95.31 -57.37
CA LEU A 3514 16.47 94.71 -57.09
C LEU A 3514 16.08 94.94 -55.64
N LYS A 3515 17.03 94.79 -54.71
CA LYS A 3515 16.69 95.06 -53.31
C LYS A 3515 16.29 96.51 -53.11
N LYS A 3516 17.02 97.44 -53.71
CA LYS A 3516 16.68 98.85 -53.53
C LYS A 3516 15.32 99.17 -54.10
N MET A 3517 14.97 98.60 -55.24
CA MET A 3517 13.75 99.05 -55.87
C MET A 3517 12.60 98.07 -55.71
N LEU A 3518 12.77 97.06 -54.86
CA LEU A 3518 11.65 96.21 -54.47
C LEU A 3518 10.48 96.98 -53.88
N PRO A 3519 10.66 97.93 -52.96
CA PRO A 3519 9.48 98.57 -52.35
C PRO A 3519 8.54 99.18 -53.36
N ILE A 3520 9.07 99.68 -54.48
CA ILE A 3520 8.20 100.18 -55.53
C ILE A 3520 7.28 99.07 -56.03
N GLY A 3521 7.83 97.87 -56.20
CA GLY A 3521 6.99 96.76 -56.61
C GLY A 3521 5.99 96.35 -55.56
N LEU A 3522 6.44 96.22 -54.32
CA LEU A 3522 5.53 95.82 -53.25
C LEU A 3522 4.40 96.83 -53.08
N ASN A 3523 4.65 98.09 -53.39
CA ASN A 3523 3.59 99.09 -53.31
C ASN A 3523 2.52 98.87 -54.38
N MET A 3524 2.84 98.14 -55.45
CA MET A 3524 1.82 97.82 -56.44
C MET A 3524 0.72 96.95 -55.82
N CYS A 3525 1.13 95.96 -55.04
CA CYS A 3525 0.17 94.98 -54.55
C CYS A 3525 -0.54 95.49 -53.30
N ALA A 3526 -1.86 95.33 -53.28
CA ALA A 3526 -2.65 95.67 -52.11
C ALA A 3526 -2.28 94.75 -50.96
N PRO A 3527 -2.44 95.22 -49.72
CA PRO A 3527 -2.11 94.36 -48.57
C PRO A 3527 -2.91 93.08 -48.54
N THR A 3528 -4.12 93.09 -49.09
CA THR A 3528 -4.97 91.91 -49.07
C THR A 3528 -4.39 90.75 -49.86
N ASP A 3529 -3.39 90.99 -50.70
CA ASP A 3529 -2.83 89.95 -51.56
C ASP A 3529 -1.69 89.19 -50.92
N GLN A 3530 -1.47 89.33 -49.62
CA GLN A 3530 -0.34 88.66 -48.99
C GLN A 3530 -0.48 87.14 -49.04
N ASP A 3531 -1.69 86.63 -48.82
CA ASP A 3531 -1.89 85.18 -48.88
C ASP A 3531 -1.63 84.68 -50.29
N LEU A 3532 -2.11 85.41 -51.29
CA LEU A 3532 -1.85 85.01 -52.67
C LEU A 3532 -0.37 85.05 -52.98
N ILE A 3533 0.34 86.03 -52.44
CA ILE A 3533 1.79 86.11 -52.63
C ILE A 3533 2.47 84.89 -52.05
N MET A 3534 2.08 84.50 -50.83
CA MET A 3534 2.67 83.31 -50.23
C MET A 3534 2.36 82.06 -51.04
N LEU A 3535 1.13 81.93 -51.53
CA LEU A 3535 0.78 80.77 -52.33
C LEU A 3535 1.63 80.69 -53.59
N ALA A 3536 1.78 81.82 -54.29
CA ALA A 3536 2.58 81.81 -55.50
C ALA A 3536 4.05 81.56 -55.19
N LYS A 3537 4.52 82.04 -54.03
CA LYS A 3537 5.88 81.72 -53.62
C LYS A 3537 6.05 80.22 -53.43
N THR A 3538 5.05 79.56 -52.84
CA THR A 3538 5.10 78.11 -52.71
C THR A 3538 5.15 77.44 -54.08
N ARG A 3539 4.26 77.84 -54.99
CA ARG A 3539 4.24 77.23 -56.31
C ARG A 3539 5.58 77.40 -57.02
N TYR A 3540 6.15 78.60 -56.95
CA TYR A 3540 7.48 78.82 -57.51
C TYR A 3540 8.52 77.95 -56.82
N ALA A 3541 8.40 77.76 -55.50
CA ALA A 3541 9.31 76.87 -54.80
C ALA A 3541 9.20 75.44 -55.31
N LEU A 3542 8.03 75.03 -55.80
CA LEU A 3542 7.89 73.75 -56.46
C LEU A 3542 8.20 73.83 -57.95
N LYS A 3543 9.01 74.81 -58.36
CA LYS A 3543 9.55 74.90 -59.72
C LYS A 3543 8.45 74.91 -60.77
N ASP A 3544 7.61 75.94 -60.70
CA ASP A 3544 6.51 76.14 -61.62
C ASP A 3544 6.77 77.37 -62.47
N THR A 3545 6.21 77.40 -63.67
CA THR A 3545 6.50 78.49 -64.58
C THR A 3545 5.53 79.64 -64.36
N ASP A 3546 5.79 80.73 -65.10
CA ASP A 3546 4.95 81.92 -64.98
C ASP A 3546 3.50 81.63 -65.35
N GLU A 3547 3.28 80.89 -66.43
CA GLU A 3547 1.92 80.54 -66.81
C GLU A 3547 1.25 79.69 -65.74
N GLU A 3548 1.99 78.75 -65.15
CA GLU A 3548 1.43 77.89 -64.12
C GLU A 3548 0.99 78.70 -62.91
N VAL A 3549 1.84 79.60 -62.43
CA VAL A 3549 1.45 80.38 -61.26
C VAL A 3549 0.33 81.35 -61.63
N ARG A 3550 0.32 81.86 -62.85
CA ARG A 3550 -0.78 82.72 -63.27
C ARG A 3550 -2.10 81.99 -63.23
N GLU A 3551 -2.16 80.79 -63.78
CA GLU A 3551 -3.43 80.06 -63.78
C GLU A 3551 -3.80 79.59 -62.37
N PHE A 3552 -2.81 79.24 -61.56
CA PHE A 3552 -3.09 78.87 -60.17
C PHE A 3552 -3.73 80.03 -59.41
N LEU A 3553 -3.17 81.23 -59.58
CA LEU A 3553 -3.76 82.41 -58.97
C LEU A 3553 -5.13 82.72 -59.56
N GLN A 3554 -5.31 82.46 -60.86
CA GLN A 3554 -6.60 82.69 -61.48
C GLN A 3554 -7.68 81.80 -60.87
N ASN A 3555 -7.35 80.53 -60.65
CA ASN A 3555 -8.29 79.59 -60.07
C ASN A 3555 -8.49 79.78 -58.57
N ASN A 3556 -7.50 80.31 -57.86
CA ASN A 3556 -7.55 80.42 -56.41
C ASN A 3556 -7.75 81.86 -55.97
N LEU A 3557 -8.56 82.62 -56.71
CA LEU A 3557 -8.63 84.06 -56.48
C LEU A 3557 -9.39 84.42 -55.20
N HIS A 3558 -10.16 83.49 -54.65
CA HIS A 3558 -10.98 83.77 -53.48
C HIS A 3558 -10.30 83.43 -52.16
N LEU A 3559 -8.99 83.19 -52.15
CA LEU A 3559 -8.24 83.01 -50.93
C LEU A 3559 -7.76 84.32 -50.32
N GLN A 3560 -7.94 85.45 -50.99
CA GLN A 3560 -7.30 86.68 -50.57
C GLN A 3560 -7.74 87.09 -49.18
N GLY A 3561 -6.79 87.57 -48.39
CA GLY A 3561 -7.08 87.96 -47.03
C GLY A 3561 -8.13 89.05 -46.96
N LYS A 3562 -9.13 88.81 -46.12
CA LYS A 3562 -10.24 89.74 -45.94
C LYS A 3562 -9.88 90.75 -44.85
N VAL A 3563 -10.39 91.98 -45.01
CA VAL A 3563 -10.02 93.05 -44.10
C VAL A 3563 -10.56 92.80 -42.70
N GLU A 3564 -11.80 92.28 -42.60
CA GLU A 3564 -12.42 92.07 -41.30
C GLU A 3564 -11.67 91.03 -40.47
N GLY A 3565 -11.22 89.94 -41.09
CA GLY A 3565 -10.64 88.86 -40.34
C GLY A 3565 -9.24 89.11 -39.80
N SER A 3566 -8.60 90.18 -40.24
CA SER A 3566 -7.28 90.53 -39.76
C SER A 3566 -7.28 92.01 -39.36
N PRO A 3567 -6.96 92.32 -38.11
CA PRO A 3567 -6.99 93.72 -37.67
C PRO A 3567 -5.87 94.53 -38.29
N SER A 3568 -4.75 93.87 -38.56
CA SER A 3568 -3.63 94.55 -39.22
C SER A 3568 -4.03 95.06 -40.59
N LEU A 3569 -4.76 94.24 -41.34
CA LEU A 3569 -5.22 94.64 -42.67
C LEU A 3569 -6.11 95.87 -42.62
N ARG A 3570 -6.76 96.15 -41.49
CA ARG A 3570 -7.62 97.33 -41.45
C ARG A 3570 -6.82 98.60 -41.66
N TRP A 3571 -5.78 98.81 -40.85
CA TRP A 3571 -5.00 100.02 -41.03
C TRP A 3571 -4.10 99.94 -42.25
N GLN A 3572 -3.60 98.75 -42.61
CA GLN A 3572 -2.82 98.67 -43.84
C GLN A 3572 -3.65 99.02 -45.06
N MET A 3573 -4.88 98.51 -45.14
CA MET A 3573 -5.77 98.82 -46.26
C MET A 3573 -6.18 100.28 -46.24
N ALA A 3574 -6.41 100.84 -45.06
CA ALA A 3574 -6.71 102.27 -44.99
C ALA A 3574 -5.58 103.09 -45.56
N LEU A 3575 -4.34 102.78 -45.15
CA LEU A 3575 -3.20 103.50 -45.66
C LEU A 3575 -3.04 103.31 -47.15
N TYR A 3576 -3.27 102.08 -47.64
CA TYR A 3576 -3.12 101.80 -49.07
C TYR A 3576 -4.13 102.57 -49.90
N ARG A 3577 -5.40 102.53 -49.51
CA ARG A 3577 -6.42 103.26 -50.25
C ARG A 3577 -6.32 104.76 -50.04
N GLY A 3578 -5.50 105.21 -49.08
CA GLY A 3578 -5.26 106.63 -48.96
C GLY A 3578 -4.35 107.23 -50.01
N LEU A 3579 -3.74 106.39 -50.85
CA LEU A 3579 -2.84 106.89 -51.87
C LEU A 3579 -3.62 107.61 -52.97
N PRO A 3580 -2.97 108.54 -53.68
CA PRO A 3580 -3.73 109.35 -54.67
C PRO A 3580 -4.21 108.56 -55.86
N GLY A 3581 -3.33 107.78 -56.49
CA GLY A 3581 -3.64 107.17 -57.77
C GLY A 3581 -4.21 105.77 -57.68
N ARG A 3582 -4.82 105.44 -56.55
CA ARG A 3582 -5.43 104.13 -56.37
C ARG A 3582 -6.87 104.18 -56.86
N GLU A 3583 -7.15 103.44 -57.92
CA GLU A 3583 -8.49 103.34 -58.50
C GLU A 3583 -9.01 101.92 -58.34
N GLU A 3584 -10.29 101.79 -57.96
CA GLU A 3584 -10.88 100.47 -57.76
C GLU A 3584 -10.96 99.69 -59.06
N ASP A 3585 -11.01 100.37 -60.21
CA ASP A 3585 -11.05 99.66 -61.49
C ASP A 3585 -9.75 98.92 -61.78
N ALA A 3586 -8.64 99.35 -61.18
CA ALA A 3586 -7.37 98.67 -61.38
C ALA A 3586 -7.35 97.29 -60.74
N ASP A 3587 -8.33 96.96 -59.91
CA ASP A 3587 -8.41 95.65 -59.27
C ASP A 3587 -9.13 94.64 -60.15
N ASP A 3588 -8.70 94.55 -61.41
CA ASP A 3588 -9.17 93.49 -62.27
C ASP A 3588 -8.44 92.19 -61.93
N PRO A 3589 -9.09 91.04 -62.13
CA PRO A 3589 -8.43 89.78 -61.81
C PRO A 3589 -7.12 89.58 -62.56
N GLU A 3590 -7.05 90.00 -63.81
CA GLU A 3590 -5.82 89.84 -64.58
C GLU A 3590 -4.70 90.71 -64.01
N LYS A 3591 -5.01 91.96 -63.68
CA LYS A 3591 -4.00 92.82 -63.07
C LYS A 3591 -3.54 92.26 -61.74
N ILE A 3592 -4.48 91.75 -60.94
CA ILE A 3592 -4.12 91.18 -59.66
C ILE A 3592 -3.18 90.00 -59.84
N VAL A 3593 -3.51 89.10 -60.77
CA VAL A 3593 -2.67 87.92 -60.93
C VAL A 3593 -1.32 88.32 -61.50
N ARG A 3594 -1.27 89.30 -62.41
CA ARG A 3594 0.01 89.73 -62.93
C ARG A 3594 0.91 90.25 -61.82
N ARG A 3595 0.40 91.20 -61.03
CA ARG A 3595 1.25 91.80 -60.02
C ARG A 3595 1.66 90.78 -58.97
N VAL A 3596 0.73 89.89 -58.57
CA VAL A 3596 1.05 88.90 -57.56
C VAL A 3596 2.11 87.93 -58.09
N GLN A 3597 1.96 87.49 -59.34
CA GLN A 3597 2.96 86.60 -59.91
C GLN A 3597 4.34 87.25 -59.93
N GLU A 3598 4.40 88.50 -60.41
CA GLU A 3598 5.68 89.18 -60.52
C GLU A 3598 6.36 89.31 -59.16
N VAL A 3599 5.62 89.83 -58.18
CA VAL A 3599 6.21 90.05 -56.87
C VAL A 3599 6.58 88.74 -56.22
N SER A 3600 5.77 87.70 -56.41
CA SER A 3600 6.09 86.40 -55.83
C SER A 3600 7.38 85.84 -56.42
N ALA A 3601 7.56 85.96 -57.74
CA ALA A 3601 8.78 85.45 -58.36
C ALA A 3601 10.00 86.16 -57.81
N VAL A 3602 9.95 87.50 -57.76
CA VAL A 3602 11.11 88.24 -57.30
C VAL A 3602 11.39 87.94 -55.83
N LEU A 3603 10.34 87.80 -55.02
CA LEU A 3603 10.54 87.48 -53.60
C LEU A 3603 11.17 86.11 -53.43
N TYR A 3604 10.67 85.12 -54.17
CA TYR A 3604 11.21 83.77 -54.04
C TYR A 3604 12.69 83.76 -54.36
N HIS A 3605 13.05 84.28 -55.53
CA HIS A 3605 14.46 84.22 -55.90
C HIS A 3605 15.33 85.10 -55.00
N LEU A 3606 14.81 86.22 -54.52
CA LEU A 3606 15.60 87.08 -53.65
C LEU A 3606 15.86 86.41 -52.31
N GLU A 3607 14.88 85.72 -51.76
CA GLU A 3607 15.15 84.99 -50.52
C GLU A 3607 16.08 83.81 -50.75
N GLN A 3608 16.00 83.16 -51.91
CA GLN A 3608 17.03 82.18 -52.24
C GLN A 3608 18.41 82.78 -52.20
N THR A 3609 18.59 83.96 -52.81
CA THR A 3609 19.89 84.61 -52.83
C THR A 3609 20.36 85.00 -51.43
N GLU A 3610 19.51 85.68 -50.67
CA GLU A 3610 19.91 86.17 -49.34
C GLU A 3610 20.21 85.01 -48.41
N HIS A 3611 19.37 83.98 -48.40
CA HIS A 3611 19.60 82.77 -47.61
C HIS A 3611 19.94 81.65 -48.58
N PRO A 3612 21.22 81.44 -48.88
CA PRO A 3612 21.59 80.43 -49.88
C PRO A 3612 21.18 79.02 -49.49
N TYR A 3613 20.94 78.76 -48.20
CA TYR A 3613 20.55 77.45 -47.67
C TYR A 3613 21.41 76.32 -48.21
N LYS A 3614 22.64 76.63 -48.62
CA LYS A 3614 23.57 75.62 -49.09
C LYS A 3614 24.30 74.93 -47.96
N SER A 3615 24.09 75.36 -46.72
CA SER A 3615 24.63 74.66 -45.56
C SER A 3615 23.92 73.32 -45.38
N LYS A 3616 24.48 72.50 -44.48
CA LYS A 3616 23.99 71.15 -44.22
C LYS A 3616 24.10 70.27 -45.46
N LYS A 3617 24.88 70.71 -46.45
CA LYS A 3617 25.12 69.94 -47.66
C LYS A 3617 26.60 69.56 -47.76
N ALA A 3618 27.48 70.56 -47.69
CA ALA A 3618 28.92 70.36 -47.58
C ALA A 3618 29.38 71.23 -46.41
N VAL A 3619 29.31 70.67 -45.20
CA VAL A 3619 29.79 71.31 -43.99
C VAL A 3619 31.27 71.02 -43.84
N TRP A 3620 31.91 71.65 -42.85
CA TRP A 3620 33.28 71.30 -42.50
C TRP A 3620 33.29 69.84 -42.09
N HIS A 3621 33.92 68.98 -42.89
CA HIS A 3621 33.73 67.54 -42.77
C HIS A 3621 34.96 66.77 -42.33
N LYS A 3622 36.16 67.26 -42.65
CA LYS A 3622 37.44 66.57 -42.39
C LYS A 3622 37.32 65.07 -42.63
N LEU A 3623 36.93 64.72 -43.85
CA LEU A 3623 36.72 63.32 -44.22
C LEU A 3623 37.95 62.49 -43.92
N LEU A 3624 39.10 62.90 -44.44
CA LEU A 3624 40.37 62.32 -44.02
C LEU A 3624 41.47 63.37 -43.94
N SER A 3625 41.16 64.66 -43.97
CA SER A 3625 42.19 65.69 -44.11
C SER A 3625 43.08 65.75 -42.88
N LYS A 3626 42.48 65.85 -41.69
CA LYS A 3626 43.25 66.17 -40.49
C LYS A 3626 44.28 65.11 -40.13
N GLN A 3627 44.16 63.90 -40.70
CA GLN A 3627 45.15 62.85 -40.45
C GLN A 3627 45.78 62.28 -41.70
N ARG A 3628 45.35 62.69 -42.89
CA ARG A 3628 45.90 62.20 -44.14
C ARG A 3628 46.42 63.32 -45.03
N ARG A 3629 46.51 64.55 -44.50
CA ARG A 3629 47.11 65.63 -45.28
C ARG A 3629 48.56 65.36 -45.59
N ARG A 3630 49.31 64.80 -44.63
CA ARG A 3630 50.69 64.40 -44.91
C ARG A 3630 50.76 63.39 -46.04
N ALA A 3631 49.87 62.39 -46.05
CA ALA A 3631 49.89 61.38 -47.10
C ALA A 3631 49.55 61.98 -48.46
N VAL A 3632 48.50 62.81 -48.51
CA VAL A 3632 48.09 63.36 -49.80
C VAL A 3632 49.15 64.33 -50.33
N VAL A 3633 49.84 65.04 -49.44
CA VAL A 3633 50.92 65.91 -49.88
C VAL A 3633 52.12 65.09 -50.38
N ALA A 3634 52.49 64.05 -49.64
CA ALA A 3634 53.63 63.22 -50.04
C ALA A 3634 53.37 62.48 -51.34
N CYS A 3635 52.10 62.22 -51.66
CA CYS A 3635 51.79 61.54 -52.91
C CYS A 3635 52.27 62.34 -54.13
N PHE A 3636 52.37 63.66 -53.98
CA PHE A 3636 52.73 64.52 -55.11
C PHE A 3636 54.22 64.73 -55.26
N ARG A 3637 55.06 64.21 -54.35
CA ARG A 3637 56.49 64.49 -54.38
C ARG A 3637 57.32 63.21 -54.36
N MET A 3638 56.73 62.06 -54.06
CA MET A 3638 57.53 60.88 -53.82
C MET A 3638 58.18 60.39 -55.11
N THR A 3639 59.22 59.59 -54.97
CA THR A 3639 60.18 59.38 -56.05
C THR A 3639 59.66 58.41 -57.10
N PRO A 3640 60.04 58.58 -58.37
CA PRO A 3640 59.68 57.57 -59.37
C PRO A 3640 60.60 56.36 -59.28
N LEU A 3641 60.17 55.28 -59.95
CA LEU A 3641 60.92 54.03 -59.87
C LEU A 3641 62.23 54.12 -60.63
N TYR A 3642 62.27 54.88 -61.72
CA TYR A 3642 63.49 54.96 -62.53
C TYR A 3642 64.59 55.75 -61.85
N ASN A 3643 64.32 56.43 -60.74
CA ASN A 3643 65.36 57.10 -59.99
C ASN A 3643 65.93 56.27 -58.86
N LEU A 3644 65.33 55.12 -58.56
CA LEU A 3644 65.83 54.31 -57.47
C LEU A 3644 67.13 53.61 -57.88
N PRO A 3645 67.96 53.27 -56.91
CA PRO A 3645 69.16 52.48 -57.22
C PRO A 3645 68.80 51.09 -57.70
N THR A 3646 69.72 50.52 -58.48
CA THR A 3646 69.45 49.24 -59.14
C THR A 3646 69.17 48.14 -58.15
N HIS A 3647 69.94 48.08 -57.06
CA HIS A 3647 69.78 46.96 -56.13
C HIS A 3647 68.46 47.04 -55.38
N ARG A 3648 68.07 48.24 -54.94
CA ARG A 3648 66.76 48.39 -54.33
C ARG A 3648 65.65 48.03 -55.31
N ALA A 3649 65.79 48.47 -56.56
CA ALA A 3649 64.79 48.14 -57.56
C ALA A 3649 64.69 46.64 -57.75
N CYS A 3650 65.84 45.95 -57.80
CA CYS A 3650 65.83 44.50 -57.97
C CYS A 3650 65.18 43.82 -56.79
N ASN A 3651 65.41 44.31 -55.58
CA ASN A 3651 64.81 43.69 -54.40
C ASN A 3651 63.29 43.84 -54.40
N MET A 3652 62.80 45.05 -54.70
CA MET A 3652 61.36 45.22 -54.83
C MET A 3652 60.81 44.37 -55.96
N PHE A 3653 61.57 44.22 -57.04
CA PHE A 3653 61.14 43.35 -58.12
C PHE A 3653 60.98 41.92 -57.65
N LEU A 3654 61.93 41.43 -56.86
CA LEU A 3654 61.84 40.06 -56.38
C LEU A 3654 60.60 39.89 -55.51
N GLU A 3655 60.34 40.85 -54.64
CA GLU A 3655 59.14 40.76 -53.80
C GLU A 3655 57.87 40.73 -54.65
N SER A 3656 57.77 41.65 -55.62
CA SER A 3656 56.58 41.69 -56.47
C SER A 3656 56.44 40.41 -57.28
N TYR A 3657 57.55 39.88 -57.79
CA TYR A 3657 57.50 38.70 -58.62
C TYR A 3657 57.08 37.47 -57.82
N LYS A 3658 57.63 37.29 -56.62
CA LYS A 3658 57.22 36.13 -55.84
C LYS A 3658 55.79 36.29 -55.34
N ALA A 3659 55.32 37.52 -55.16
CA ALA A 3659 53.95 37.71 -54.71
C ALA A 3659 52.95 37.50 -55.83
N ALA A 3660 53.27 37.90 -57.05
CA ALA A 3660 52.28 37.93 -58.12
C ALA A 3660 52.46 36.85 -59.17
N TRP A 3661 53.57 36.15 -59.17
CA TRP A 3661 53.83 35.17 -60.22
C TRP A 3661 54.19 33.79 -59.70
N ILE A 3662 54.94 33.70 -58.61
CA ILE A 3662 55.31 32.40 -58.05
C ILE A 3662 54.26 31.91 -57.07
N LEU A 3663 53.76 32.81 -56.22
CA LEU A 3663 52.69 32.43 -55.31
C LEU A 3663 51.42 32.06 -56.06
N THR A 3664 51.07 32.84 -57.09
CA THR A 3664 49.83 32.57 -57.82
C THR A 3664 49.90 31.30 -58.64
N GLU A 3665 51.07 30.71 -58.78
CA GLU A 3665 51.20 29.52 -59.60
C GLU A 3665 50.57 28.31 -58.91
N ASP A 3666 49.87 27.50 -59.68
CA ASP A 3666 49.23 26.28 -59.19
C ASP A 3666 50.03 25.08 -59.70
N HIS A 3667 50.38 24.18 -58.80
CA HIS A 3667 51.07 22.96 -59.17
C HIS A 3667 50.53 21.83 -58.30
N SER A 3668 49.81 20.91 -58.92
CA SER A 3668 49.23 19.76 -58.24
C SER A 3668 50.23 18.61 -58.33
N PHE A 3669 50.73 18.16 -57.19
CA PHE A 3669 51.64 17.04 -57.13
C PHE A 3669 51.34 16.09 -55.99
N GLU A 3670 50.38 16.42 -55.12
CA GLU A 3670 50.10 15.56 -53.98
C GLU A 3670 49.60 14.20 -54.42
N ASP A 3671 48.63 14.16 -55.34
CA ASP A 3671 48.10 12.89 -55.81
C ASP A 3671 49.17 12.08 -56.52
N ARG A 3672 49.98 12.73 -57.35
CA ARG A 3672 51.06 12.01 -58.02
C ARG A 3672 52.03 11.42 -57.01
N MET A 3673 52.42 12.19 -56.00
CA MET A 3673 53.40 11.66 -55.05
C MET A 3673 52.81 10.53 -54.23
N ILE A 3674 51.54 10.64 -53.84
CA ILE A 3674 50.93 9.57 -53.07
C ILE A 3674 50.77 8.31 -53.92
N ASP A 3675 50.41 8.48 -55.19
CA ASP A 3675 50.35 7.34 -56.10
C ASP A 3675 51.72 6.69 -56.27
N ASP A 3676 52.77 7.51 -56.39
CA ASP A 3676 54.11 6.97 -56.52
C ASP A 3676 54.53 6.20 -55.28
N LEU A 3677 54.21 6.74 -54.10
CA LEU A 3677 54.61 6.12 -52.86
C LEU A 3677 53.74 4.94 -52.45
N SER A 3678 52.57 4.77 -53.06
CA SER A 3678 51.67 3.69 -52.69
C SER A 3678 51.97 2.39 -53.43
N LYS A 3679 52.97 2.36 -54.29
CA LYS A 3679 53.26 1.20 -55.11
C LYS A 3679 54.42 0.42 -54.52
N ALA A 3680 54.33 -0.90 -54.58
CA ALA A 3680 55.44 -1.77 -54.23
C ALA A 3680 56.18 -2.16 -55.50
N GLY A 3681 57.50 -2.14 -55.45
CA GLY A 3681 58.28 -2.33 -56.66
C GLY A 3681 58.85 -3.70 -56.88
N GLU A 3682 58.21 -4.45 -57.78
CA GLU A 3682 58.71 -5.71 -58.36
C GLU A 3682 59.46 -6.55 -57.33
N GLN A 3683 58.84 -6.73 -56.17
CA GLN A 3683 59.35 -7.66 -55.16
C GLN A 3683 58.49 -8.90 -55.04
N GLU A 3684 57.68 -9.20 -56.06
CA GLU A 3684 56.75 -10.33 -56.02
C GLU A 3684 57.19 -11.48 -56.90
N GLU A 3685 58.50 -11.66 -57.09
CA GLU A 3685 59.02 -12.73 -57.91
C GLU A 3685 59.48 -13.93 -57.09
N GLU A 3686 59.32 -13.87 -55.77
CA GLU A 3686 59.65 -15.03 -54.94
C GLU A 3686 58.41 -15.67 -54.33
N GLU A 3687 57.41 -14.86 -53.99
CA GLU A 3687 56.16 -15.30 -53.34
C GLU A 3687 56.42 -16.39 -52.30
N GLU A 3688 57.42 -16.16 -51.46
CA GLU A 3688 57.76 -17.05 -50.37
C GLU A 3688 57.01 -16.60 -49.12
N GLU A 3689 57.40 -17.11 -47.95
CA GLU A 3689 56.71 -16.80 -46.70
C GLU A 3689 57.11 -15.41 -46.19
N VAL A 3690 57.55 -14.55 -47.10
CA VAL A 3690 57.86 -13.15 -46.83
C VAL A 3690 56.57 -12.36 -46.62
N GLU A 3691 55.44 -13.07 -46.63
CA GLU A 3691 54.09 -12.49 -46.63
C GLU A 3691 53.86 -11.51 -45.48
N GLU A 3692 54.82 -11.38 -44.56
CA GLU A 3692 54.83 -10.23 -43.65
C GLU A 3692 54.62 -8.93 -44.41
N LYS A 3693 55.01 -8.88 -45.68
CA LYS A 3693 54.68 -7.78 -46.58
C LYS A 3693 55.21 -6.46 -46.05
N LYS A 3694 56.55 -6.36 -46.08
CA LYS A 3694 57.26 -5.15 -45.70
C LYS A 3694 56.53 -3.93 -46.23
N PRO A 3695 56.42 -2.87 -45.43
CA PRO A 3695 55.59 -1.73 -45.82
C PRO A 3695 56.05 -1.09 -47.11
N ASP A 3696 55.08 -0.58 -47.86
CA ASP A 3696 55.36 0.23 -49.02
C ASP A 3696 55.90 1.58 -48.55
N PRO A 3697 56.50 2.37 -49.45
CA PRO A 3697 57.15 3.62 -49.01
C PRO A 3697 56.24 4.55 -48.23
N LEU A 3698 54.99 4.68 -48.63
CA LEU A 3698 54.07 5.54 -47.89
C LEU A 3698 53.85 5.02 -46.49
N HIS A 3699 53.70 3.71 -46.35
CA HIS A 3699 53.55 3.09 -45.04
C HIS A 3699 54.79 3.35 -44.18
N GLN A 3700 55.97 3.25 -44.78
CA GLN A 3700 57.19 3.52 -44.02
C GLN A 3700 57.26 4.97 -43.57
N LEU A 3701 56.84 5.90 -44.43
CA LEU A 3701 56.82 7.31 -44.03
C LEU A 3701 55.87 7.53 -42.86
N VAL A 3702 54.67 6.97 -42.93
CA VAL A 3702 53.72 7.11 -41.84
C VAL A 3702 54.26 6.50 -40.56
N LEU A 3703 54.93 5.35 -40.67
CA LEU A 3703 55.49 4.71 -39.49
C LEU A 3703 56.61 5.56 -38.89
N HIS A 3704 57.41 6.21 -39.74
CA HIS A 3704 58.44 7.09 -39.22
C HIS A 3704 57.84 8.25 -38.45
N PHE A 3705 56.78 8.85 -38.98
CA PHE A 3705 56.13 9.95 -38.28
C PHE A 3705 55.50 9.48 -36.98
N SER A 3706 54.87 8.31 -36.98
CA SER A 3706 54.34 7.76 -35.74
C SER A 3706 55.44 7.52 -34.73
N ARG A 3707 56.58 7.02 -35.19
CA ARG A 3707 57.71 6.76 -34.30
C ARG A 3707 58.21 8.05 -33.66
N THR A 3708 58.37 9.10 -34.45
CA THR A 3708 58.83 10.35 -33.86
C THR A 3708 57.76 10.99 -33.00
N ALA A 3709 56.49 10.62 -33.19
CA ALA A 3709 55.45 11.10 -32.29
C ALA A 3709 55.42 10.34 -30.97
N LEU A 3710 55.74 9.05 -30.97
CA LEU A 3710 55.68 8.27 -29.73
C LEU A 3710 56.93 8.38 -28.88
N THR A 3711 57.99 9.01 -29.37
CA THR A 3711 59.21 9.14 -28.58
C THR A 3711 58.94 10.02 -27.36
N GLU A 3712 59.41 9.58 -26.20
CA GLU A 3712 59.15 10.28 -24.94
C GLU A 3712 59.90 11.62 -24.95
N LYS A 3713 59.16 12.70 -25.11
CA LYS A 3713 59.73 14.03 -25.10
C LYS A 3713 58.84 14.97 -24.31
N SER A 3714 59.46 15.96 -23.66
CA SER A 3714 58.69 16.92 -22.89
C SER A 3714 57.81 17.78 -23.80
N LYS A 3715 58.33 18.19 -24.95
CA LYS A 3715 57.59 19.06 -25.86
C LYS A 3715 57.73 18.52 -27.27
N LEU A 3716 56.69 18.71 -28.08
CA LEU A 3716 56.71 18.29 -29.47
C LEU A 3716 57.37 19.38 -30.30
N ASP A 3717 58.59 19.12 -30.74
CA ASP A 3717 59.36 20.13 -31.46
C ASP A 3717 58.83 20.29 -32.89
N GLU A 3718 58.98 21.51 -33.40
CA GLU A 3718 58.43 21.85 -34.70
C GLU A 3718 59.15 21.09 -35.80
N ASP A 3719 58.40 20.53 -36.76
CA ASP A 3719 58.96 19.69 -37.80
C ASP A 3719 58.33 20.04 -39.14
N TYR A 3720 59.06 20.84 -39.93
CA TYR A 3720 58.55 21.26 -41.22
C TYR A 3720 58.33 20.07 -42.15
N LEU A 3721 59.12 19.01 -42.00
CA LEU A 3721 58.91 17.83 -42.82
C LEU A 3721 57.56 17.20 -42.54
N TYR A 3722 57.21 17.03 -41.27
CA TYR A 3722 55.91 16.48 -40.95
C TYR A 3722 54.81 17.38 -41.44
N MET A 3723 54.96 18.69 -41.28
CA MET A 3723 53.92 19.59 -41.77
C MET A 3723 53.72 19.43 -43.26
N ALA A 3724 54.82 19.40 -44.03
CA ALA A 3724 54.72 19.30 -45.47
C ALA A 3724 54.04 18.00 -45.89
N TYR A 3725 54.45 16.88 -45.29
CA TYR A 3725 53.86 15.63 -45.72
C TYR A 3725 52.42 15.47 -45.26
N ALA A 3726 52.07 15.96 -44.06
CA ALA A 3726 50.69 15.91 -43.64
C ALA A 3726 49.81 16.74 -44.54
N ASP A 3727 50.29 17.91 -44.97
CA ASP A 3727 49.55 18.70 -45.94
C ASP A 3727 49.38 17.96 -47.25
N ILE A 3728 50.43 17.27 -47.71
CA ILE A 3728 50.32 16.50 -48.94
C ILE A 3728 49.25 15.42 -48.81
N MET A 3729 49.30 14.66 -47.71
CA MET A 3729 48.36 13.56 -47.52
C MET A 3729 46.93 14.08 -47.41
N ALA A 3730 46.73 15.18 -46.68
CA ALA A 3730 45.39 15.75 -46.59
C ALA A 3730 44.90 16.20 -47.95
N LYS A 3731 45.74 16.87 -48.73
CA LYS A 3731 45.31 17.35 -50.03
C LYS A 3731 45.11 16.22 -51.03
N SER A 3732 45.66 15.05 -50.77
CA SER A 3732 45.39 13.90 -51.62
C SER A 3732 44.00 13.34 -51.38
N CYS A 3733 43.40 13.58 -50.22
CA CYS A 3733 42.18 12.87 -49.85
C CYS A 3733 40.92 13.55 -50.32
N HIS A 3734 40.89 14.87 -50.47
CA HIS A 3734 39.62 15.49 -50.81
C HIS A 3734 39.41 15.52 -52.33
N LEU A 3735 40.31 16.20 -53.06
CA LEU A 3735 40.20 16.35 -54.51
C LEU A 3735 38.80 16.82 -54.92
N GLU A 3736 38.24 17.73 -54.14
CA GLU A 3736 36.90 18.26 -54.42
C GLU A 3736 36.72 19.66 -53.83
N VAL A 3749 24.19 21.97 -62.21
CA VAL A 3749 24.26 22.04 -60.76
C VAL A 3749 23.35 20.98 -60.15
N GLU A 3750 23.14 19.89 -60.89
CA GLU A 3750 22.32 18.76 -60.46
C GLU A 3750 23.13 17.49 -60.69
N VAL A 3751 23.89 17.08 -59.68
CA VAL A 3751 24.65 15.84 -59.77
C VAL A 3751 23.71 14.68 -59.53
N SER A 3752 23.71 13.73 -60.47
CA SER A 3752 22.88 12.54 -60.36
C SER A 3752 23.49 11.55 -59.37
N PHE A 3753 22.69 10.55 -59.01
CA PHE A 3753 23.11 9.59 -58.00
C PHE A 3753 24.39 8.89 -58.40
N GLU A 3754 24.56 8.61 -59.69
CA GLU A 3754 25.72 7.85 -60.14
C GLU A 3754 27.00 8.60 -59.82
N GLU A 3755 27.09 9.86 -60.24
CA GLU A 3755 28.30 10.63 -59.96
C GLU A 3755 28.43 11.01 -58.49
N LYS A 3756 27.33 11.24 -57.78
CA LYS A 3756 27.44 11.50 -56.34
C LYS A 3756 28.06 10.32 -55.62
N GLU A 3757 27.52 9.12 -55.82
CA GLU A 3757 28.06 7.96 -55.15
C GLU A 3757 29.45 7.63 -55.67
N MET A 3758 29.73 7.94 -56.94
CA MET A 3758 31.08 7.77 -57.45
C MET A 3758 32.06 8.67 -56.72
N GLU A 3759 31.64 9.91 -56.44
CA GLU A 3759 32.51 10.82 -55.70
C GLU A 3759 32.73 10.27 -54.30
N LYS A 3760 31.68 9.72 -53.69
CA LYS A 3760 31.83 9.09 -52.38
C LYS A 3760 32.84 7.94 -52.41
N GLN A 3761 32.73 7.06 -53.41
CA GLN A 3761 33.63 5.91 -53.47
C GLN A 3761 35.06 6.33 -53.75
N ARG A 3762 35.25 7.32 -54.61
CA ARG A 3762 36.59 7.82 -54.89
C ARG A 3762 37.22 8.41 -53.64
N LEU A 3763 36.43 9.18 -52.89
CA LEU A 3763 36.91 9.73 -51.63
C LEU A 3763 37.24 8.64 -50.63
N LEU A 3764 36.40 7.61 -50.55
CA LEU A 3764 36.70 6.49 -49.67
C LEU A 3764 37.99 5.81 -50.05
N TYR A 3765 38.23 5.66 -51.35
CA TYR A 3765 39.48 5.03 -51.78
C TYR A 3765 40.68 5.88 -51.39
N GLN A 3766 40.58 7.20 -51.61
CA GLN A 3766 41.70 8.07 -51.28
C GLN A 3766 41.96 8.07 -49.78
N GLN A 3767 40.89 7.94 -48.98
CA GLN A 3767 41.07 7.88 -47.53
C GLN A 3767 41.63 6.52 -47.11
N SER A 3768 41.28 5.46 -47.84
CA SER A 3768 41.80 4.14 -47.54
C SER A 3768 43.29 4.06 -47.82
N ARG A 3769 43.76 4.73 -48.86
CA ARG A 3769 45.19 4.71 -49.14
C ARG A 3769 46.01 5.20 -47.95
N LEU A 3770 45.42 6.03 -47.09
CA LEU A 3770 46.11 6.55 -45.92
C LEU A 3770 45.79 5.72 -44.66
N HIS A 3771 44.52 5.40 -44.43
CA HIS A 3771 44.18 4.74 -43.19
C HIS A 3771 44.44 3.25 -43.22
N THR A 3772 44.82 2.69 -44.38
CA THR A 3772 45.34 1.34 -44.42
C THR A 3772 46.81 1.29 -44.07
N ARG A 3773 47.40 2.42 -43.70
CA ARG A 3773 48.82 2.52 -43.40
C ARG A 3773 49.07 3.25 -42.09
N GLY A 3774 48.07 3.27 -41.20
CA GLY A 3774 48.26 3.80 -39.87
C GLY A 3774 48.13 5.30 -39.72
N ALA A 3775 47.63 5.99 -40.75
CA ALA A 3775 47.46 7.44 -40.63
C ALA A 3775 46.48 7.79 -39.53
N ALA A 3776 45.44 6.98 -39.34
CA ALA A 3776 44.48 7.24 -38.28
C ALA A 3776 45.16 7.21 -36.91
N GLU A 3777 46.02 6.24 -36.67
CA GLU A 3777 46.72 6.17 -35.40
C GLU A 3777 47.74 7.29 -35.26
N MET A 3778 48.42 7.66 -36.35
CA MET A 3778 49.41 8.71 -36.25
C MET A 3778 48.77 10.05 -35.93
N VAL A 3779 47.58 10.29 -36.46
CA VAL A 3779 46.85 11.52 -36.13
C VAL A 3779 46.61 11.60 -34.63
N LEU A 3780 46.12 10.51 -34.04
CA LEU A 3780 45.86 10.49 -32.61
C LEU A 3780 47.14 10.65 -31.81
N GLN A 3781 48.21 9.97 -32.24
CA GLN A 3781 49.47 10.07 -31.52
C GLN A 3781 50.02 11.49 -31.55
N MET A 3782 49.93 12.17 -32.70
CA MET A 3782 50.40 13.54 -32.78
C MET A 3782 49.55 14.48 -31.95
N ILE A 3783 48.24 14.30 -31.95
CA ILE A 3783 47.39 15.15 -31.13
C ILE A 3783 47.69 14.94 -29.65
N SER A 3784 47.98 13.71 -29.28
CA SER A 3784 48.37 13.44 -27.90
C SER A 3784 49.73 14.04 -27.58
N ALA A 3785 50.65 14.02 -28.54
CA ALA A 3785 52.01 14.49 -28.28
C ALA A 3785 52.08 16.01 -28.21
N CYS A 3786 51.17 16.71 -28.90
CA CYS A 3786 51.18 18.15 -28.81
C CYS A 3786 50.95 18.65 -27.40
N LYS A 3787 50.32 17.84 -26.55
CA LYS A 3787 50.10 18.15 -25.13
C LYS A 3787 49.38 19.47 -24.93
N GLY A 3788 48.44 19.77 -25.82
CA GLY A 3788 47.60 20.94 -25.66
C GLY A 3788 48.23 22.25 -26.09
N GLU A 3789 49.26 22.22 -26.90
CA GLU A 3789 49.93 23.43 -27.35
C GLU A 3789 49.51 23.74 -28.78
N THR A 3790 48.97 24.94 -28.98
CA THR A 3790 48.58 25.36 -30.32
C THR A 3790 49.81 25.59 -31.18
N GLY A 3791 49.67 25.31 -32.47
CA GLY A 3791 50.77 25.54 -33.39
C GLY A 3791 50.49 24.89 -34.73
N ALA A 3792 51.46 25.07 -35.63
CA ALA A 3792 51.33 24.53 -36.97
C ALA A 3792 51.24 23.02 -36.96
N MET A 3793 51.91 22.36 -36.01
CA MET A 3793 51.87 20.90 -35.95
C MET A 3793 50.47 20.40 -35.67
N VAL A 3794 49.83 20.93 -34.62
CA VAL A 3794 48.50 20.47 -34.28
C VAL A 3794 47.50 20.88 -35.35
N SER A 3795 47.69 22.05 -35.95
CA SER A 3795 46.81 22.45 -37.05
C SER A 3795 46.89 21.47 -38.21
N SER A 3796 48.11 21.08 -38.59
CA SER A 3796 48.27 20.13 -39.70
C SER A 3796 47.70 18.78 -39.35
N THR A 3797 47.91 18.32 -38.10
CA THR A 3797 47.37 17.03 -37.70
C THR A 3797 45.85 17.03 -37.75
N LEU A 3798 45.22 18.11 -37.27
CA LEU A 3798 43.77 18.19 -37.31
C LEU A 3798 43.27 18.23 -38.75
N LYS A 3799 43.96 18.96 -39.62
CA LYS A 3799 43.53 19.00 -41.01
C LYS A 3799 43.63 17.63 -41.68
N LEU A 3800 44.69 16.89 -41.38
CA LEU A 3800 44.81 15.54 -41.91
C LEU A 3800 43.71 14.63 -41.37
N GLY A 3801 43.41 14.75 -40.08
CA GLY A 3801 42.35 13.93 -39.51
C GLY A 3801 41.00 14.22 -40.15
N ILE A 3802 40.71 15.49 -40.35
CA ILE A 3802 39.48 15.88 -41.05
C ILE A 3802 39.48 15.31 -42.45
N SER A 3803 40.63 15.36 -43.12
CA SER A 3803 40.71 14.89 -44.49
C SER A 3803 40.40 13.41 -44.59
N ILE A 3804 40.86 12.62 -43.62
CA ILE A 3804 40.58 11.18 -43.65
C ILE A 3804 39.26 10.82 -42.99
N LEU A 3805 38.60 11.73 -42.30
CA LEU A 3805 37.31 11.45 -41.70
C LEU A 3805 36.13 12.05 -42.46
N ASN A 3806 36.37 12.82 -43.51
CA ASN A 3806 35.26 13.44 -44.23
C ASN A 3806 34.25 12.41 -44.71
N GLY A 3807 32.98 12.79 -44.67
CA GLY A 3807 31.91 11.88 -44.99
C GLY A 3807 31.52 10.97 -43.85
N GLY A 3808 32.19 11.07 -42.71
CA GLY A 3808 31.95 10.14 -41.62
C GLY A 3808 32.42 8.75 -41.95
N ASN A 3809 33.72 8.58 -42.16
CA ASN A 3809 34.27 7.29 -42.53
C ASN A 3809 34.18 6.33 -41.35
N ALA A 3810 33.30 5.34 -41.46
CA ALA A 3810 33.08 4.42 -40.36
C ALA A 3810 34.33 3.60 -40.07
N GLU A 3811 35.06 3.23 -41.12
CA GLU A 3811 36.27 2.45 -40.94
C GLU A 3811 37.33 3.25 -40.16
N VAL A 3812 37.52 4.51 -40.51
CA VAL A 3812 38.49 5.33 -39.80
C VAL A 3812 38.05 5.56 -38.37
N GLN A 3813 36.77 5.82 -38.16
CA GLN A 3813 36.26 6.00 -36.79
C GLN A 3813 36.52 4.75 -35.97
N GLN A 3814 36.27 3.58 -36.55
CA GLN A 3814 36.51 2.33 -35.84
C GLN A 3814 37.97 2.17 -35.48
N LYS A 3815 38.86 2.46 -36.43
CA LYS A 3815 40.28 2.32 -36.16
C LYS A 3815 40.71 3.25 -35.04
N MET A 3816 40.25 4.50 -35.07
CA MET A 3816 40.61 5.46 -34.04
C MET A 3816 40.09 5.03 -32.68
N LEU A 3817 38.84 4.58 -32.63
CA LEU A 3817 38.25 4.19 -31.35
C LEU A 3817 38.97 2.96 -30.79
N ASP A 3818 39.29 1.99 -31.64
CA ASP A 3818 40.01 0.82 -31.19
C ASP A 3818 41.38 1.18 -30.65
N TYR A 3819 42.09 2.06 -31.35
CA TYR A 3819 43.41 2.48 -30.88
C TYR A 3819 43.30 3.15 -29.52
N LEU A 3820 42.37 4.09 -29.37
CA LEU A 3820 42.23 4.78 -28.10
C LEU A 3820 41.88 3.81 -26.98
N LYS A 3821 40.96 2.89 -27.23
CA LYS A 3821 40.53 1.98 -26.18
C LYS A 3821 41.61 0.99 -25.80
N ASP A 3822 42.44 0.55 -26.76
CA ASP A 3822 43.49 -0.37 -26.37
C ASP A 3822 44.63 0.34 -25.66
N LYS A 3823 44.98 1.56 -26.09
CA LYS A 3823 46.08 2.25 -25.43
C LYS A 3823 45.68 2.76 -24.05
N LYS A 3824 44.43 3.16 -23.88
CA LYS A 3824 43.95 3.66 -22.58
C LYS A 3824 44.79 4.81 -22.07
N GLU A 3825 45.15 5.73 -22.97
CA GLU A 3825 45.97 6.87 -22.61
C GLU A 3825 45.10 8.10 -22.43
N VAL A 3826 45.39 8.88 -21.39
CA VAL A 3826 44.64 10.09 -21.11
C VAL A 3826 45.18 11.29 -21.84
N GLY A 3827 46.35 11.17 -22.47
CA GLY A 3827 46.98 12.31 -23.11
C GLY A 3827 46.15 12.88 -24.24
N PHE A 3828 45.45 12.03 -24.99
CA PHE A 3828 44.69 12.51 -26.14
C PHE A 3828 43.62 13.50 -25.70
N PHE A 3829 42.79 13.11 -24.75
CA PHE A 3829 41.72 14.00 -24.33
C PHE A 3829 42.23 15.13 -23.47
N GLN A 3830 43.34 14.94 -22.75
CA GLN A 3830 43.94 16.07 -22.06
C GLN A 3830 44.39 17.14 -23.05
N SER A 3831 45.02 16.71 -24.14
CA SER A 3831 45.40 17.65 -25.20
C SER A 3831 44.19 18.31 -25.82
N ILE A 3832 43.13 17.54 -26.09
CA ILE A 3832 41.94 18.12 -26.70
C ILE A 3832 41.32 19.16 -25.78
N GLN A 3833 41.21 18.86 -24.50
CA GLN A 3833 40.63 19.79 -23.54
C GLN A 3833 41.46 21.07 -23.45
N ALA A 3834 42.77 20.92 -23.35
CA ALA A 3834 43.62 22.12 -23.27
C ALA A 3834 43.49 22.97 -24.52
N LEU A 3835 43.52 22.33 -25.69
CA LEU A 3835 43.38 23.07 -26.94
C LEU A 3835 42.06 23.82 -26.97
N MET A 3836 40.97 23.17 -26.57
CA MET A 3836 39.68 23.83 -26.62
C MET A 3836 39.61 24.97 -25.64
N GLN A 3837 40.29 24.85 -24.50
CA GLN A 3837 40.36 25.97 -23.56
C GLN A 3837 41.16 27.13 -24.10
N THR A 3838 42.15 26.88 -24.94
CA THR A 3838 42.95 27.98 -25.47
C THR A 3838 42.27 28.72 -26.63
N CYS A 3839 41.15 28.22 -27.13
CA CYS A 3839 40.50 28.86 -28.26
C CYS A 3839 39.93 30.21 -27.85
N SER A 3840 39.99 31.17 -28.78
CA SER A 3840 39.68 32.55 -28.48
C SER A 3840 38.29 32.93 -28.95
N VAL A 3841 37.71 33.93 -28.29
CA VAL A 3841 36.40 34.45 -28.65
C VAL A 3841 36.56 35.92 -28.96
N LEU A 3842 35.46 36.59 -29.31
CA LEU A 3842 35.52 38.00 -29.65
C LEU A 3842 36.07 38.82 -28.49
N ASP A 3843 37.00 39.71 -28.79
CA ASP A 3843 37.64 40.55 -27.78
C ASP A 3843 37.44 42.01 -28.16
N LEU A 3844 36.59 42.71 -27.40
CA LEU A 3844 36.28 44.09 -27.73
C LEU A 3844 37.48 45.01 -27.51
N ASN A 3845 38.32 44.71 -26.51
CA ASN A 3845 39.52 45.53 -26.33
C ASN A 3845 40.45 45.41 -27.53
N ALA A 3846 40.67 44.19 -28.01
CA ALA A 3846 41.49 44.01 -29.19
C ALA A 3846 40.85 44.67 -30.40
N PHE A 3847 39.52 44.62 -30.48
CA PHE A 3847 38.82 45.25 -31.58
C PHE A 3847 39.03 46.76 -31.57
N GLU A 3848 38.94 47.39 -30.40
CA GLU A 3848 39.16 48.82 -30.30
C GLU A 3848 40.59 49.19 -30.63
N ARG A 3849 41.55 48.39 -30.15
CA ARG A 3849 42.95 48.64 -30.49
C ARG A 3849 43.17 48.54 -31.99
N GLN A 3850 42.57 47.53 -32.62
CA GLN A 3850 42.70 47.39 -34.07
C GLN A 3850 42.07 48.57 -34.79
N ASN A 3851 40.92 49.04 -34.31
CA ASN A 3851 40.29 50.19 -34.95
C ASN A 3851 41.17 51.41 -34.87
N LYS A 3852 41.76 51.67 -33.71
CA LYS A 3852 42.69 52.79 -33.59
C LYS A 3852 43.89 52.62 -34.50
N ALA A 3853 44.44 51.40 -34.56
CA ALA A 3853 45.61 51.15 -35.39
C ALA A 3853 45.30 51.36 -36.86
N GLU A 3854 44.17 50.86 -37.33
CA GLU A 3854 43.82 51.03 -38.74
C GLU A 3854 43.44 52.46 -39.06
N GLY A 3855 42.93 53.21 -38.08
CA GLY A 3855 42.69 54.62 -38.31
C GLY A 3855 43.92 55.49 -38.30
N LEU A 3856 44.99 55.05 -37.63
CA LEU A 3856 46.22 55.83 -37.62
C LEU A 3856 46.84 55.89 -39.01
N GLY A 3857 46.93 54.75 -39.71
CA GLY A 3857 47.51 54.74 -41.04
C GLY A 3857 49.03 54.91 -41.08
N MET A 3858 49.76 53.88 -40.69
CA MET A 3858 51.21 53.93 -40.67
C MET A 3858 51.82 53.62 -42.04
N VAL A 3859 53.09 53.96 -42.19
CA VAL A 3859 53.89 53.64 -43.37
C VAL A 3859 55.24 53.11 -42.91
N ASN A 3860 56.07 52.70 -43.87
CA ASN A 3860 57.38 52.15 -43.57
C ASN A 3860 58.48 53.07 -44.10
N GLU A 3861 59.74 52.69 -43.82
CA GLU A 3861 60.89 53.47 -44.26
C GLU A 3861 61.20 53.23 -45.75
N ASP A 3862 61.57 51.99 -46.09
CA ASP A 3862 61.93 51.67 -47.46
C ASP A 3862 60.68 51.65 -48.33
N GLY A 3863 60.32 52.82 -48.86
CA GLY A 3863 59.11 52.94 -49.66
C GLY A 3863 57.95 53.50 -48.87
N THR A 3864 56.76 52.96 -49.10
CA THR A 3864 55.58 53.38 -48.34
C THR A 3864 54.53 52.29 -48.48
N VAL A 3865 54.14 51.69 -47.36
CA VAL A 3865 53.13 50.64 -47.33
C VAL A 3865 51.77 51.29 -47.08
N ILE A 3866 50.78 50.91 -47.88
CA ILE A 3866 49.44 51.49 -47.79
C ILE A 3866 48.64 50.60 -46.84
N ASN A 3867 48.65 50.96 -45.56
CA ASN A 3867 47.84 50.30 -44.54
C ASN A 3867 48.15 48.80 -44.48
N ARG A 3868 49.37 48.51 -44.00
CA ARG A 3868 49.83 47.14 -43.88
C ARG A 3868 48.81 46.29 -43.13
N GLN A 3869 48.58 45.08 -43.65
CA GLN A 3869 47.49 44.21 -43.21
C GLN A 3869 47.99 43.07 -42.32
N ASN A 3870 48.91 43.35 -41.42
CA ASN A 3870 49.43 42.35 -40.48
C ASN A 3870 48.31 41.64 -39.75
N GLY A 3871 48.59 40.44 -39.23
CA GLY A 3871 47.60 39.53 -38.71
C GLY A 3871 46.48 40.11 -37.87
N GLU A 3872 45.25 39.66 -38.12
CA GLU A 3872 44.12 40.06 -37.31
C GLU A 3872 44.29 39.59 -35.88
N LYS A 3873 43.98 40.46 -34.92
CA LYS A 3873 44.12 40.12 -33.52
C LYS A 3873 42.78 39.89 -32.84
N VAL A 3874 41.69 39.84 -33.60
CA VAL A 3874 40.37 39.47 -33.09
C VAL A 3874 40.03 38.11 -33.67
N MET A 3875 39.94 37.09 -32.82
CA MET A 3875 39.68 35.72 -33.23
C MET A 3875 40.65 35.27 -34.31
N ALA A 3876 41.94 35.38 -33.99
CA ALA A 3876 42.97 35.03 -34.97
C ALA A 3876 42.95 33.55 -35.30
N ASP A 3877 42.62 32.71 -34.32
CA ASP A 3877 42.65 31.27 -34.48
C ASP A 3877 41.28 30.69 -34.80
N ASP A 3878 40.45 31.45 -35.51
CA ASP A 3878 39.09 30.98 -35.78
C ASP A 3878 39.10 29.74 -36.67
N GLU A 3879 40.01 29.70 -37.65
CA GLU A 3879 40.12 28.52 -38.48
C GLU A 3879 40.54 27.31 -37.66
N PHE A 3880 41.41 27.51 -36.68
CA PHE A 3880 41.82 26.42 -35.82
C PHE A 3880 40.67 25.93 -34.95
N THR A 3881 39.89 26.87 -34.41
CA THR A 3881 38.72 26.48 -33.65
C THR A 3881 37.77 25.66 -34.51
N GLN A 3882 37.52 26.13 -35.73
CA GLN A 3882 36.61 25.43 -36.62
C GLN A 3882 37.10 24.04 -36.94
N ASP A 3883 38.40 23.88 -37.21
CA ASP A 3883 38.88 22.55 -37.54
C ASP A 3883 38.92 21.64 -36.33
N LEU A 3884 39.17 22.17 -35.14
CA LEU A 3884 39.10 21.34 -33.94
C LEU A 3884 37.69 20.80 -33.73
N PHE A 3885 36.69 21.67 -33.80
CA PHE A 3885 35.34 21.21 -33.58
C PHE A 3885 34.81 20.39 -34.75
N ARG A 3886 35.31 20.64 -35.96
CA ARG A 3886 35.00 19.79 -37.10
C ARG A 3886 35.53 18.39 -36.89
N PHE A 3887 36.74 18.28 -36.35
CA PHE A 3887 37.33 16.98 -36.07
C PHE A 3887 36.51 16.23 -35.04
N LEU A 3888 36.11 16.92 -33.96
CA LEU A 3888 35.28 16.27 -32.96
C LEU A 3888 33.93 15.86 -33.54
N GLN A 3889 33.39 16.66 -34.46
CA GLN A 3889 32.14 16.29 -35.11
C GLN A 3889 32.31 15.04 -35.97
N LEU A 3890 33.34 15.02 -36.81
CA LEU A 3890 33.58 13.89 -37.70
C LEU A 3890 33.90 12.62 -36.94
N LEU A 3891 34.39 12.72 -35.71
CA LEU A 3891 34.48 11.50 -34.91
C LEU A 3891 33.12 10.86 -34.70
N CYS A 3892 32.08 11.68 -34.45
CA CYS A 3892 30.75 11.18 -34.16
C CYS A 3892 29.85 11.10 -35.38
N GLU A 3893 30.32 11.53 -36.54
CA GLU A 3893 29.46 11.62 -37.72
C GLU A 3893 28.90 10.25 -38.08
N GLY A 3894 27.67 10.24 -38.56
CA GLY A 3894 27.00 9.00 -38.87
C GLY A 3894 26.31 8.34 -37.70
N HIS A 3895 26.22 9.06 -36.57
CA HIS A 3895 25.64 8.54 -35.34
C HIS A 3895 26.42 7.33 -34.82
N ASN A 3896 27.73 7.49 -34.74
CA ASN A 3896 28.59 6.49 -34.12
C ASN A 3896 28.37 6.51 -32.62
N ASN A 3897 27.49 5.62 -32.13
CA ASN A 3897 27.10 5.68 -30.73
C ASN A 3897 28.26 5.33 -29.82
N ASP A 3898 29.12 4.42 -30.24
CA ASP A 3898 30.28 4.06 -29.43
C ASP A 3898 31.18 5.27 -29.21
N PHE A 3899 31.48 6.01 -30.27
CA PHE A 3899 32.33 7.18 -30.13
C PHE A 3899 31.63 8.32 -29.41
N GLN A 3900 30.32 8.46 -29.60
CA GLN A 3900 29.57 9.44 -28.84
C GLN A 3900 29.67 9.18 -27.35
N ASN A 3901 29.49 7.92 -26.94
CA ASN A 3901 29.59 7.58 -25.53
C ASN A 3901 31.03 7.73 -25.03
N TYR A 3902 32.00 7.42 -25.88
CA TYR A 3902 33.39 7.53 -25.48
C TYR A 3902 33.79 8.98 -25.24
N LEU A 3903 33.30 9.90 -26.06
CA LEU A 3903 33.60 11.31 -25.84
C LEU A 3903 33.04 11.79 -24.52
N ARG A 3904 31.87 11.28 -24.11
CA ARG A 3904 31.32 11.67 -22.82
C ARG A 3904 32.12 11.07 -21.68
N THR A 3905 32.43 9.78 -21.75
CA THR A 3905 33.15 9.13 -20.66
C THR A 3905 34.08 8.07 -21.22
N GLN A 3906 35.29 8.01 -20.66
CA GLN A 3906 36.28 7.01 -21.05
C GLN A 3906 36.40 6.04 -19.88
N THR A 3907 35.78 4.87 -20.02
CA THR A 3907 35.69 3.94 -18.91
C THR A 3907 37.03 3.33 -18.58
N GLY A 3908 37.76 2.86 -19.57
CA GLY A 3908 39.02 2.16 -19.32
C GLY A 3908 40.12 3.06 -18.80
N ASN A 3909 40.06 4.35 -19.10
CA ASN A 3909 41.11 5.25 -18.65
C ASN A 3909 40.98 5.55 -17.16
N THR A 3910 42.11 5.86 -16.54
CA THR A 3910 42.12 6.16 -15.11
C THR A 3910 41.35 7.43 -14.80
N THR A 3911 41.38 8.41 -15.70
CA THR A 3911 40.64 9.65 -15.54
C THR A 3911 39.79 9.89 -16.76
N THR A 3912 38.72 10.65 -16.58
CA THR A 3912 37.73 10.89 -17.62
C THR A 3912 37.61 12.38 -17.88
N ILE A 3913 37.48 12.75 -19.14
CA ILE A 3913 37.24 14.13 -19.54
C ILE A 3913 35.98 14.17 -20.41
N ASN A 3914 35.05 15.05 -20.05
CA ASN A 3914 33.77 15.17 -20.75
C ASN A 3914 33.89 16.22 -21.85
N ILE A 3915 34.12 15.75 -23.08
CA ILE A 3915 34.26 16.65 -24.21
C ILE A 3915 32.95 17.36 -24.52
N ILE A 3916 31.81 16.73 -24.21
CA ILE A 3916 30.54 17.39 -24.45
C ILE A 3916 30.42 18.66 -23.61
N ILE A 3917 30.67 18.54 -22.31
CA ILE A 3917 30.60 19.70 -21.44
C ILE A 3917 31.69 20.70 -21.76
N CYS A 3918 32.86 20.21 -22.16
CA CYS A 3918 33.90 21.15 -22.59
C CYS A 3918 33.44 21.98 -23.78
N THR A 3919 32.77 21.33 -24.74
CA THR A 3919 32.21 22.04 -25.89
C THR A 3919 31.18 23.07 -25.44
N VAL A 3920 30.34 22.70 -24.48
CA VAL A 3920 29.32 23.63 -24.01
C VAL A 3920 29.97 24.83 -23.33
N ASP A 3921 31.05 24.61 -22.58
CA ASP A 3921 31.74 25.73 -21.95
C ASP A 3921 32.31 26.68 -23.00
N TYR A 3922 32.89 26.12 -24.06
CA TYR A 3922 33.37 27.02 -25.11
C TYR A 3922 32.20 27.79 -25.73
N LEU A 3923 31.07 27.11 -25.91
CA LEU A 3923 29.89 27.79 -26.46
C LEU A 3923 29.46 28.94 -25.57
N LEU A 3924 29.52 28.75 -24.25
CA LEU A 3924 29.17 29.82 -23.33
C LEU A 3924 30.10 31.01 -23.47
N ARG A 3925 31.41 30.75 -23.52
CA ARG A 3925 32.35 31.86 -23.68
C ARG A 3925 32.07 32.62 -24.98
N LEU A 3926 31.85 31.88 -26.06
CA LEU A 3926 31.58 32.51 -27.34
C LEU A 3926 30.29 33.32 -27.31
N GLN A 3927 29.24 32.79 -26.69
CA GLN A 3927 27.98 33.51 -26.62
C GLN A 3927 28.13 34.80 -25.82
N GLU A 3928 28.85 34.74 -24.71
CA GLU A 3928 29.05 35.95 -23.92
C GLU A 3928 29.80 37.00 -24.72
N SER A 3929 30.81 36.57 -25.48
CA SER A 3929 31.53 37.52 -26.33
C SER A 3929 30.61 38.14 -27.38
N ILE A 3930 29.75 37.32 -27.99
CA ILE A 3930 28.85 37.84 -29.02
C ILE A 3930 27.85 38.82 -28.42
N SER A 3931 27.37 38.54 -27.21
CA SER A 3931 26.47 39.47 -26.53
C SER A 3931 27.19 40.79 -26.25
N ASP A 3932 28.45 40.71 -25.81
CA ASP A 3932 29.20 41.95 -25.58
C ASP A 3932 29.36 42.74 -26.86
N PHE A 3933 29.62 42.05 -27.97
CA PHE A 3933 29.73 42.73 -29.26
C PHE A 3933 28.42 43.41 -29.63
N TYR A 3934 27.30 42.70 -29.43
CA TYR A 3934 26.00 43.31 -29.71
C TYR A 3934 25.77 44.54 -28.85
N TRP A 3935 26.09 44.45 -27.56
CA TRP A 3935 25.91 45.61 -26.69
C TRP A 3935 26.78 46.77 -27.16
N TYR A 3936 28.02 46.48 -27.55
CA TYR A 3936 28.90 47.51 -28.05
C TYR A 3936 28.29 48.23 -29.25
N TYR A 3937 27.73 47.47 -30.18
CA TYR A 3937 27.23 48.07 -31.41
C TYR A 3937 25.76 48.49 -31.35
N SER A 3938 25.07 48.24 -30.23
CA SER A 3938 23.64 48.54 -30.17
C SER A 3938 23.38 50.03 -30.33
N GLY A 3939 24.19 50.87 -29.69
CA GLY A 3939 23.99 52.30 -29.81
C GLY A 3939 24.17 52.79 -31.23
N LYS A 3940 25.19 52.28 -31.92
CA LYS A 3940 25.49 52.74 -33.28
C LYS A 3940 24.35 52.38 -34.22
N ASP A 3941 24.11 53.26 -35.19
CA ASP A 3941 22.99 53.07 -36.10
C ASP A 3941 23.26 51.96 -37.11
N VAL A 3942 24.46 51.91 -37.65
CA VAL A 3942 24.83 50.96 -38.69
C VAL A 3942 26.13 50.27 -38.31
N ILE A 3943 26.22 48.98 -38.60
CA ILE A 3943 27.42 48.21 -38.25
C ILE A 3943 28.45 48.41 -39.35
N GLU A 3944 29.65 48.84 -38.97
CA GLU A 3944 30.69 49.10 -39.95
C GLU A 3944 31.30 47.78 -40.43
N GLU A 3945 32.19 47.88 -41.42
CA GLU A 3945 32.66 46.69 -42.11
C GLU A 3945 33.44 45.77 -41.19
N GLN A 3946 34.30 46.34 -40.32
CA GLN A 3946 35.11 45.51 -39.44
C GLN A 3946 34.23 44.75 -38.47
N GLY A 3947 33.22 45.42 -37.91
CA GLY A 3947 32.28 44.74 -37.04
C GLY A 3947 31.52 43.64 -37.75
N LYS A 3948 31.12 43.89 -39.01
CA LYS A 3948 30.45 42.85 -39.76
C LYS A 3948 31.35 41.65 -39.97
N ARG A 3949 32.62 41.88 -40.26
CA ARG A 3949 33.54 40.77 -40.49
C ARG A 3949 33.75 39.96 -39.22
N ASN A 3950 33.95 40.64 -38.09
CA ASN A 3950 34.15 39.91 -36.84
C ASN A 3950 32.89 39.16 -36.43
N PHE A 3951 31.71 39.76 -36.63
CA PHE A 3951 30.47 39.05 -36.39
C PHE A 3951 30.38 37.82 -37.26
N SER A 3952 30.75 37.93 -38.54
CA SER A 3952 30.61 36.79 -39.43
C SER A 3952 31.53 35.65 -39.00
N LYS A 3953 32.75 35.95 -38.59
CA LYS A 3953 33.63 34.86 -38.18
C LYS A 3953 33.18 34.23 -36.88
N ALA A 3954 32.73 35.03 -35.92
CA ALA A 3954 32.17 34.45 -34.70
C ALA A 3954 30.97 33.59 -35.02
N MET A 3955 30.16 34.02 -35.99
CA MET A 3955 28.98 33.25 -36.38
C MET A 3955 29.37 31.91 -37.00
N SER A 3956 30.41 31.90 -37.84
CA SER A 3956 30.85 30.64 -38.42
C SER A 3956 31.36 29.69 -37.36
N VAL A 3957 32.13 30.21 -36.40
CA VAL A 3957 32.57 29.37 -35.30
C VAL A 3957 31.39 28.80 -34.53
N ALA A 3958 30.38 29.64 -34.28
CA ALA A 3958 29.20 29.17 -33.56
C ALA A 3958 28.44 28.11 -34.33
N LYS A 3959 28.36 28.27 -35.66
CA LYS A 3959 27.75 27.24 -36.48
C LYS A 3959 28.48 25.92 -36.31
N GLN A 3960 29.80 25.95 -36.33
CA GLN A 3960 30.54 24.71 -36.19
C GLN A 3960 30.28 24.08 -34.83
N VAL A 3961 30.24 24.90 -33.78
CA VAL A 3961 30.04 24.36 -32.43
C VAL A 3961 28.63 23.76 -32.31
N PHE A 3962 27.63 24.43 -32.86
CA PHE A 3962 26.28 23.89 -32.85
C PHE A 3962 26.20 22.59 -33.62
N ASN A 3963 26.89 22.51 -34.76
CA ASN A 3963 26.92 21.27 -35.53
C ASN A 3963 27.58 20.15 -34.74
N SER A 3964 28.66 20.46 -34.03
CA SER A 3964 29.32 19.45 -33.22
C SER A 3964 28.40 18.94 -32.11
N LEU A 3965 27.69 19.84 -31.44
CA LEU A 3965 26.76 19.41 -30.40
C LEU A 3965 25.65 18.54 -30.97
N THR A 3966 25.12 18.94 -32.12
CA THR A 3966 24.09 18.15 -32.77
C THR A 3966 24.61 16.76 -33.12
N GLU A 3967 25.86 16.68 -33.58
CA GLU A 3967 26.42 15.39 -33.92
C GLU A 3967 26.70 14.55 -32.69
N TYR A 3968 26.97 15.19 -31.55
CA TYR A 3968 27.07 14.45 -30.31
C TYR A 3968 25.75 13.79 -29.95
N ILE A 3969 24.66 14.55 -30.03
CA ILE A 3969 23.41 14.07 -29.43
C ILE A 3969 22.47 13.37 -30.41
N GLN A 3970 22.73 13.44 -31.71
CA GLN A 3970 21.86 12.79 -32.66
C GLN A 3970 22.07 11.28 -32.65
N GLY A 3971 21.02 10.56 -33.02
CA GLY A 3971 21.06 9.12 -33.11
C GLY A 3971 19.88 8.37 -32.52
N PRO A 3972 19.41 8.73 -31.32
CA PRO A 3972 19.95 9.66 -30.33
C PRO A 3972 20.98 8.99 -29.44
N CYS A 3973 21.89 9.73 -28.85
CA CYS A 3973 22.73 9.21 -27.77
C CYS A 3973 22.13 9.74 -26.48
N THR A 3974 21.42 8.87 -25.76
CA THR A 3974 20.65 9.32 -24.62
C THR A 3974 21.55 9.85 -23.51
N GLY A 3975 22.73 9.25 -23.33
CA GLY A 3975 23.65 9.76 -22.34
C GLY A 3975 24.08 11.19 -22.64
N ASN A 3976 24.42 11.48 -23.89
CA ASN A 3976 24.78 12.83 -24.27
C ASN A 3976 23.61 13.78 -24.14
N GLN A 3977 22.41 13.32 -24.46
CA GLN A 3977 21.24 14.16 -24.28
C GLN A 3977 21.07 14.56 -22.83
N GLN A 3978 21.18 13.60 -21.92
CA GLN A 3978 21.05 13.91 -20.50
C GLN A 3978 22.15 14.84 -20.04
N SER A 3979 23.38 14.57 -20.47
CA SER A 3979 24.52 15.40 -20.07
C SER A 3979 24.33 16.84 -20.51
N LEU A 3980 23.83 17.06 -21.72
CA LEU A 3980 23.53 18.41 -22.16
C LEU A 3980 22.38 19.00 -21.35
N ALA A 3981 21.35 18.21 -21.08
CA ALA A 3981 20.18 18.74 -20.37
C ALA A 3981 20.57 19.21 -18.97
N HIS A 3982 21.63 18.66 -18.41
CA HIS A 3982 22.08 19.08 -17.10
C HIS A 3982 23.26 20.04 -17.15
N SER A 3983 23.53 20.62 -18.31
CA SER A 3983 24.64 21.55 -18.48
C SER A 3983 24.11 22.98 -18.51
N ARG A 3984 24.97 23.90 -18.92
CA ARG A 3984 24.63 25.31 -19.07
C ARG A 3984 24.18 25.65 -20.49
N LEU A 3985 23.86 24.63 -21.27
CA LEU A 3985 23.42 24.83 -22.65
C LEU A 3985 22.19 25.72 -22.70
N TRP A 3986 21.31 25.59 -21.72
CA TRP A 3986 20.12 26.44 -21.70
C TRP A 3986 20.48 27.90 -21.54
N ASP A 3987 21.45 28.20 -20.68
CA ASP A 3987 21.89 29.57 -20.51
C ASP A 3987 22.49 30.11 -21.80
N ALA A 3988 23.31 29.29 -22.46
CA ALA A 3988 23.87 29.72 -23.75
C ALA A 3988 22.77 29.98 -24.77
N VAL A 3989 21.76 29.13 -24.80
CA VAL A 3989 20.67 29.31 -25.77
C VAL A 3989 19.87 30.56 -25.45
N VAL A 3990 19.65 30.84 -24.16
CA VAL A 3990 18.91 32.03 -23.78
C VAL A 3990 19.63 33.28 -24.24
N GLY A 3991 20.93 33.35 -23.98
CA GLY A 3991 21.70 34.48 -24.47
C GLY A 3991 21.67 34.59 -25.99
N PHE A 3992 21.76 33.45 -26.67
CA PHE A 3992 21.72 33.48 -28.13
C PHE A 3992 20.39 33.98 -28.64
N LEU A 3993 19.28 33.58 -28.01
CA LEU A 3993 17.98 34.06 -28.42
C LEU A 3993 17.87 35.56 -28.25
N HIS A 3994 18.39 36.07 -27.13
CA HIS A 3994 18.42 37.51 -26.93
C HIS A 3994 19.16 38.22 -28.05
N VAL A 3995 20.38 37.77 -28.33
CA VAL A 3995 21.18 38.41 -29.37
C VAL A 3995 20.50 38.29 -30.72
N PHE A 3996 19.93 37.13 -31.02
CA PHE A 3996 19.28 36.93 -32.31
C PHE A 3996 18.13 37.89 -32.49
N ALA A 3997 17.24 37.98 -31.50
CA ALA A 3997 16.09 38.86 -31.65
C ALA A 3997 16.53 40.29 -31.88
N HIS A 3998 17.39 40.82 -31.00
CA HIS A 3998 17.74 42.22 -31.13
C HIS A 3998 18.58 42.47 -32.38
N MET A 3999 19.41 41.52 -32.76
CA MET A 3999 20.31 41.71 -33.88
C MET A 3999 19.53 41.68 -35.18
N MET A 4000 18.55 40.77 -35.31
CA MET A 4000 17.66 40.78 -36.46
C MET A 4000 16.91 42.10 -36.56
N MET A 4001 16.30 42.53 -35.45
CA MET A 4001 15.54 43.78 -35.48
C MET A 4001 16.43 44.94 -35.91
N LYS A 4002 17.69 44.95 -35.48
CA LYS A 4002 18.59 46.03 -35.87
C LYS A 4002 19.00 45.91 -37.33
N LEU A 4003 19.34 44.71 -37.80
CA LEU A 4003 19.89 44.56 -39.13
C LEU A 4003 18.85 44.76 -40.20
N ALA A 4004 17.58 44.55 -39.86
CA ALA A 4004 16.54 44.66 -40.88
C ALA A 4004 16.37 46.09 -41.39
N GLN A 4005 16.98 47.07 -40.74
CA GLN A 4005 16.71 48.47 -40.99
C GLN A 4005 17.65 49.10 -42.00
N ASP A 4006 18.54 48.33 -42.62
CA ASP A 4006 19.39 48.84 -43.67
C ASP A 4006 19.85 47.69 -44.54
N SER A 4007 19.68 47.83 -45.85
CA SER A 4007 19.98 46.74 -46.77
C SER A 4007 21.46 46.42 -46.87
N SER A 4008 22.33 47.29 -46.38
CA SER A 4008 23.76 47.03 -46.47
C SER A 4008 24.20 45.89 -45.56
N GLN A 4009 23.31 45.42 -44.67
CA GLN A 4009 23.61 44.35 -43.74
C GLN A 4009 22.80 43.11 -44.02
N ILE A 4010 22.31 42.95 -45.25
CA ILE A 4010 21.44 41.84 -45.58
C ILE A 4010 22.21 40.53 -45.55
N GLU A 4011 23.48 40.54 -45.96
CA GLU A 4011 24.28 39.33 -45.88
C GLU A 4011 24.49 38.90 -44.44
N LEU A 4012 24.79 39.85 -43.57
CA LEU A 4012 24.95 39.54 -42.16
C LEU A 4012 23.64 39.01 -41.58
N LEU A 4013 22.52 39.56 -41.99
CA LEU A 4013 21.23 39.08 -41.51
C LEU A 4013 20.97 37.66 -41.96
N LYS A 4014 21.30 37.33 -43.21
CA LYS A 4014 21.15 35.96 -43.69
C LYS A 4014 22.01 35.01 -42.88
N GLU A 4015 23.25 35.41 -42.59
CA GLU A 4015 24.13 34.55 -41.82
C GLU A 4015 23.57 34.32 -40.42
N LEU A 4016 23.06 35.39 -39.80
CA LEU A 4016 22.43 35.25 -38.49
C LEU A 4016 21.24 34.31 -38.54
N LEU A 4017 20.42 34.41 -39.58
CA LEU A 4017 19.24 33.56 -39.69
C LEU A 4017 19.62 32.09 -39.84
N ASP A 4018 20.61 31.78 -40.67
CA ASP A 4018 20.98 30.38 -40.78
C ASP A 4018 21.65 29.88 -39.51
N LEU A 4019 22.32 30.76 -38.76
CA LEU A 4019 22.84 30.37 -37.46
C LEU A 4019 21.72 29.98 -36.51
N GLN A 4020 20.64 30.77 -36.50
CA GLN A 4020 19.49 30.40 -35.68
C GLN A 4020 18.94 29.05 -36.12
N LYS A 4021 18.93 28.81 -37.43
CA LYS A 4021 18.45 27.53 -37.91
C LYS A 4021 19.28 26.39 -37.35
N ASP A 4022 20.60 26.56 -37.32
CA ASP A 4022 21.47 25.53 -36.75
C ASP A 4022 21.17 25.31 -35.28
N MET A 4023 20.97 26.38 -34.53
CA MET A 4023 20.69 26.21 -33.10
C MET A 4023 19.35 25.51 -32.88
N VAL A 4024 18.35 25.84 -33.68
CA VAL A 4024 17.05 25.17 -33.55
C VAL A 4024 17.17 23.70 -33.95
N VAL A 4025 18.01 23.39 -34.93
CA VAL A 4025 18.25 22.00 -35.27
C VAL A 4025 18.88 21.26 -34.10
N MET A 4026 19.78 21.93 -33.38
CA MET A 4026 20.34 21.31 -32.18
C MET A 4026 19.26 21.04 -31.14
N LEU A 4027 18.36 21.99 -30.95
CA LEU A 4027 17.26 21.78 -30.00
C LEU A 4027 16.39 20.60 -30.42
N LEU A 4028 16.02 20.55 -31.69
CA LEU A 4028 15.23 19.43 -32.19
C LEU A 4028 15.93 18.11 -31.98
N SER A 4029 17.26 18.09 -32.14
CA SER A 4029 18.00 16.89 -31.84
C SER A 4029 17.91 16.51 -30.38
N LEU A 4030 17.89 17.51 -29.49
CA LEU A 4030 17.62 17.23 -28.09
C LEU A 4030 16.24 16.61 -27.89
N LEU A 4031 15.28 16.90 -28.75
CA LEU A 4031 13.96 16.30 -28.59
C LEU A 4031 13.81 14.93 -29.23
N GLU A 4032 14.89 14.31 -29.70
CA GLU A 4032 14.78 13.00 -30.33
C GLU A 4032 14.45 11.94 -29.29
N GLY A 4033 13.60 11.00 -29.66
CA GLY A 4033 13.21 9.94 -28.75
C GLY A 4033 12.59 10.45 -27.47
N ASN A 4034 11.79 11.51 -27.57
CA ASN A 4034 11.24 12.18 -26.41
C ASN A 4034 9.79 11.76 -26.23
N VAL A 4035 9.46 11.25 -25.06
CA VAL A 4035 8.12 10.80 -24.73
C VAL A 4035 7.27 12.03 -24.39
N VAL A 4036 5.95 11.83 -24.32
CA VAL A 4036 5.08 12.90 -23.86
C VAL A 4036 5.41 13.24 -22.43
N ASN A 4037 5.46 14.54 -22.13
CA ASN A 4037 5.81 15.05 -20.81
C ASN A 4037 7.22 14.59 -20.40
N GLY A 4038 8.09 14.49 -21.38
CA GLY A 4038 9.49 14.22 -21.08
C GLY A 4038 10.19 15.42 -20.49
N MET A 4039 11.19 15.13 -19.66
CA MET A 4039 11.81 16.18 -18.87
C MET A 4039 12.67 17.11 -19.72
N ILE A 4040 13.26 16.60 -20.81
CA ILE A 4040 13.96 17.50 -21.73
C ILE A 4040 12.99 18.47 -22.38
N ALA A 4041 11.82 17.99 -22.79
CA ALA A 4041 10.83 18.89 -23.38
C ALA A 4041 10.34 19.92 -22.37
N ARG A 4042 10.14 19.50 -21.13
CA ARG A 4042 9.71 20.46 -20.11
C ARG A 4042 10.80 21.49 -19.84
N GLN A 4043 12.06 21.07 -19.85
CA GLN A 4043 13.16 22.02 -19.72
C GLN A 4043 13.21 22.98 -20.89
N MET A 4044 12.93 22.49 -22.10
CA MET A 4044 12.90 23.36 -23.26
C MET A 4044 11.80 24.40 -23.13
N VAL A 4045 10.64 24.00 -22.62
CA VAL A 4045 9.56 24.95 -22.41
C VAL A 4045 9.93 25.99 -21.36
N ASP A 4046 10.57 25.55 -20.28
CA ASP A 4046 11.01 26.50 -19.26
C ASP A 4046 12.04 27.47 -19.83
N MET A 4047 12.93 26.98 -20.67
CA MET A 4047 13.86 27.85 -21.39
C MET A 4047 13.13 28.90 -22.21
N LEU A 4048 12.17 28.46 -23.03
CA LEU A 4048 11.46 29.40 -23.88
C LEU A 4048 10.72 30.44 -23.05
N VAL A 4049 10.16 30.03 -21.92
CA VAL A 4049 9.50 30.98 -21.03
C VAL A 4049 10.51 31.95 -20.45
N GLU A 4050 11.68 31.44 -20.06
CA GLU A 4050 12.72 32.31 -19.50
C GLU A 4050 13.18 33.35 -20.50
N SER A 4051 13.08 33.07 -21.79
CA SER A 4051 13.41 34.01 -22.84
C SER A 4051 12.17 34.40 -23.62
N SER A 4052 11.06 34.58 -22.90
CA SER A 4052 9.77 34.83 -23.53
C SER A 4052 9.80 36.11 -24.35
N SER A 4053 10.40 37.17 -23.83
CA SER A 4053 10.42 38.43 -24.55
C SER A 4053 11.12 38.29 -25.90
N ASN A 4054 12.29 37.63 -25.90
CA ASN A 4054 13.06 37.50 -27.13
C ASN A 4054 12.38 36.54 -28.09
N VAL A 4055 11.76 35.48 -27.58
CA VAL A 4055 11.02 34.58 -28.46
C VAL A 4055 9.86 35.32 -29.12
N GLU A 4056 9.16 36.15 -28.35
CA GLU A 4056 8.10 36.96 -28.93
C GLU A 4056 8.63 37.93 -29.96
N MET A 4057 9.79 38.51 -29.71
CA MET A 4057 10.38 39.41 -30.69
C MET A 4057 10.69 38.69 -31.99
N ILE A 4058 11.22 37.47 -31.90
CA ILE A 4058 11.51 36.68 -33.08
C ILE A 4058 10.23 36.36 -33.84
N LEU A 4059 9.20 35.91 -33.12
CA LEU A 4059 7.94 35.54 -33.75
C LEU A 4059 7.27 36.74 -34.40
N LYS A 4060 7.35 37.90 -33.75
CA LYS A 4060 6.84 39.13 -34.34
C LYS A 4060 7.65 39.57 -35.54
N PHE A 4061 8.94 39.27 -35.57
CA PHE A 4061 9.71 39.57 -36.78
C PHE A 4061 9.22 38.72 -37.93
N PHE A 4062 8.97 37.44 -37.70
CA PHE A 4062 8.54 36.56 -38.78
C PHE A 4062 7.14 36.92 -39.26
N ASP A 4063 6.20 37.12 -38.33
CA ASP A 4063 4.82 37.30 -38.75
C ASP A 4063 4.61 38.66 -39.41
N MET A 4064 5.39 39.67 -39.02
CA MET A 4064 5.24 40.98 -39.66
C MET A 4064 5.53 40.91 -41.14
N PHE A 4065 6.61 40.24 -41.52
CA PHE A 4065 6.94 40.16 -42.94
C PHE A 4065 6.07 39.15 -43.67
N LEU A 4066 5.61 38.09 -43.00
CA LEU A 4066 4.62 37.23 -43.63
C LEU A 4066 3.35 38.01 -43.94
N LYS A 4067 2.90 38.86 -43.03
CA LYS A 4067 1.70 39.66 -43.27
C LYS A 4067 1.96 40.73 -44.32
N LEU A 4068 3.17 41.29 -44.34
CA LEU A 4068 3.49 42.28 -45.35
C LEU A 4068 3.45 41.70 -46.75
N LYS A 4069 3.97 40.48 -46.92
CA LYS A 4069 4.01 39.89 -48.25
C LYS A 4069 2.61 39.68 -48.81
N ASP A 4070 1.63 39.40 -47.95
CA ASP A 4070 0.29 39.23 -48.44
C ASP A 4070 -0.49 40.53 -48.50
N ILE A 4071 -0.11 41.53 -47.70
CA ILE A 4071 -0.79 42.82 -47.79
C ILE A 4071 -0.42 43.53 -49.08
N VAL A 4072 0.86 43.46 -49.48
CA VAL A 4072 1.27 44.18 -50.69
C VAL A 4072 0.51 43.67 -51.90
N GLY A 4073 0.05 42.43 -51.88
CA GLY A 4073 -0.73 41.91 -52.98
C GLY A 4073 -2.22 42.20 -52.91
N SER A 4074 -2.67 42.89 -51.87
CA SER A 4074 -4.08 43.16 -51.71
C SER A 4074 -4.53 44.28 -52.63
N GLU A 4075 -5.78 44.17 -53.09
CA GLU A 4075 -6.36 45.23 -53.90
C GLU A 4075 -6.55 46.50 -53.08
N ALA A 4076 -6.77 46.36 -51.77
CA ALA A 4076 -6.87 47.55 -50.93
C ALA A 4076 -5.55 48.32 -50.93
N PHE A 4077 -4.42 47.60 -50.86
CA PHE A 4077 -3.12 48.26 -50.97
C PHE A 4077 -2.92 48.84 -52.36
N GLN A 4078 -3.33 48.11 -53.39
CA GLN A 4078 -3.19 48.62 -54.75
C GLN A 4078 -4.00 49.88 -54.97
N ASP A 4079 -5.10 50.05 -54.24
CA ASP A 4079 -5.86 51.29 -54.31
C ASP A 4079 -5.02 52.47 -53.86
N TYR A 4080 -4.26 52.31 -52.79
CA TYR A 4080 -3.36 53.37 -52.36
C TYR A 4080 -2.21 53.56 -53.33
N VAL A 4081 -1.73 52.47 -53.93
CA VAL A 4081 -0.65 52.58 -54.91
C VAL A 4081 -1.14 53.42 -56.09
N THR A 4082 -0.47 54.53 -56.37
CA THR A 4082 -0.87 55.42 -57.44
C THR A 4082 0.25 55.80 -58.41
N ASP A 4083 1.50 55.82 -57.94
CA ASP A 4083 2.61 56.19 -58.81
C ASP A 4083 2.72 55.21 -59.96
N PRO A 4084 2.78 55.67 -61.21
CA PRO A 4084 2.89 54.73 -62.33
C PRO A 4084 4.16 53.89 -62.31
N ARG A 4085 5.22 54.37 -61.67
CA ARG A 4085 6.46 53.60 -61.61
C ARG A 4085 6.33 52.36 -60.75
N GLY A 4086 5.26 52.21 -59.97
CA GLY A 4086 5.14 51.11 -59.05
C GLY A 4086 5.72 51.38 -57.69
N LEU A 4087 5.94 52.63 -57.32
CA LEU A 4087 6.44 53.00 -56.01
C LEU A 4087 5.32 53.61 -55.19
N ILE A 4088 5.56 53.74 -53.90
CA ILE A 4088 4.59 54.34 -52.99
C ILE A 4088 5.33 55.24 -52.01
N SER A 4089 4.75 56.40 -51.72
CA SER A 4089 5.35 57.32 -50.78
C SER A 4089 5.23 56.77 -49.37
N LYS A 4090 6.11 57.27 -48.49
CA LYS A 4090 6.09 56.83 -47.11
C LYS A 4090 4.78 57.20 -46.43
N LYS A 4091 4.26 58.39 -46.71
CA LYS A 4091 3.01 58.81 -46.08
C LYS A 4091 1.84 57.97 -46.59
N ASP A 4092 1.85 57.65 -47.88
CA ASP A 4092 0.82 56.76 -48.42
C ASP A 4092 0.91 55.38 -47.80
N PHE A 4093 2.13 54.86 -47.62
CA PHE A 4093 2.29 53.57 -46.96
C PHE A 4093 1.75 53.65 -45.53
N GLN A 4094 2.04 54.74 -44.83
CA GLN A 4094 1.58 54.90 -43.47
C GLN A 4094 0.06 54.91 -43.39
N LYS A 4095 -0.60 55.62 -44.31
CA LYS A 4095 -2.05 55.67 -44.27
C LYS A 4095 -2.70 54.42 -44.84
N ALA A 4096 -1.96 53.63 -45.61
CA ALA A 4096 -2.52 52.40 -46.14
C ALA A 4096 -2.44 51.27 -45.12
N MET A 4097 -1.33 51.18 -44.39
CA MET A 4097 -1.10 50.03 -43.55
C MET A 4097 -1.99 50.07 -42.32
N ASP A 4098 -2.19 51.25 -41.75
CA ASP A 4098 -3.09 51.36 -40.59
C ASP A 4098 -4.54 51.18 -40.97
N SER A 4099 -4.87 51.34 -42.25
CA SER A 4099 -6.22 51.03 -42.72
C SER A 4099 -6.53 49.55 -42.65
N GLN A 4100 -5.53 48.70 -42.83
CA GLN A 4100 -5.73 47.26 -42.73
C GLN A 4100 -6.04 46.82 -41.30
N LYS A 4101 -5.70 47.64 -40.31
CA LYS A 4101 -5.91 47.29 -38.90
C LYS A 4101 -5.27 45.95 -38.55
N GLN A 4102 -4.07 45.72 -39.07
CA GLN A 4102 -3.33 44.51 -38.76
C GLN A 4102 -2.02 44.76 -38.02
N PHE A 4103 -1.55 46.00 -37.99
CA PHE A 4103 -0.32 46.35 -37.29
C PHE A 4103 -0.57 47.49 -36.32
N THR A 4104 0.29 47.56 -35.32
CA THR A 4104 0.27 48.66 -34.38
C THR A 4104 1.13 49.79 -34.93
N GLY A 4105 1.04 50.96 -34.31
CA GLY A 4105 1.79 52.11 -34.76
C GLY A 4105 3.28 51.91 -34.76
N PRO A 4106 3.84 51.39 -33.65
CA PRO A 4106 5.28 51.07 -33.66
C PRO A 4106 5.67 50.06 -34.72
N GLU A 4107 4.83 49.06 -35.00
CA GLU A 4107 5.17 48.10 -36.05
C GLU A 4107 5.17 48.76 -37.41
N ILE A 4108 4.21 49.66 -37.66
CA ILE A 4108 4.21 50.39 -38.92
C ILE A 4108 5.46 51.27 -39.03
N GLN A 4109 5.86 51.90 -37.93
CA GLN A 4109 7.08 52.70 -37.94
C GLN A 4109 8.29 51.83 -38.24
N PHE A 4110 8.35 50.65 -37.65
CA PHE A 4110 9.46 49.74 -37.91
C PHE A 4110 9.50 49.32 -39.37
N LEU A 4111 8.34 49.03 -39.96
CA LEU A 4111 8.30 48.66 -41.36
C LEU A 4111 8.74 49.81 -42.24
N LEU A 4112 8.36 51.04 -41.87
CA LEU A 4112 8.83 52.20 -42.61
C LEU A 4112 10.35 52.32 -42.54
N SER A 4113 10.91 52.08 -41.36
CA SER A 4113 12.36 52.13 -41.21
C SER A 4113 13.04 51.07 -42.05
N CYS A 4114 12.48 49.86 -42.08
CA CYS A 4114 13.10 48.79 -42.86
C CYS A 4114 12.92 48.99 -44.35
N SER A 4115 11.90 49.75 -44.75
CA SER A 4115 11.73 50.06 -46.16
C SER A 4115 12.87 50.94 -46.63
N GLU A 4116 13.46 50.59 -47.77
CA GLU A 4116 14.60 51.33 -48.30
C GLU A 4116 14.08 52.50 -49.14
N ALA A 4117 13.44 53.43 -48.45
CA ALA A 4117 12.92 54.62 -49.11
C ALA A 4117 14.06 55.47 -49.64
N ASP A 4118 13.89 55.98 -50.86
CA ASP A 4118 14.92 56.80 -51.47
C ASP A 4118 14.85 58.22 -50.90
N GLU A 4119 15.61 59.13 -51.50
CA GLU A 4119 15.57 60.53 -51.07
C GLU A 4119 14.22 61.17 -51.33
N ASN A 4120 13.43 60.63 -52.25
CA ASN A 4120 12.09 61.13 -52.54
C ASN A 4120 11.01 60.48 -51.68
N GLU A 4121 11.42 59.75 -50.63
CA GLU A 4121 10.49 59.01 -49.76
C GLU A 4121 9.63 58.06 -50.58
N MET A 4122 10.22 57.43 -51.58
CA MET A 4122 9.52 56.48 -52.45
C MET A 4122 9.95 55.07 -52.06
N ILE A 4123 8.97 54.17 -51.96
CA ILE A 4123 9.20 52.81 -51.50
C ILE A 4123 8.93 51.84 -52.64
N ASN A 4124 9.85 50.93 -52.88
CA ASN A 4124 9.64 49.84 -53.83
C ASN A 4124 9.11 48.65 -53.05
N PHE A 4125 7.79 48.63 -52.84
CA PHE A 4125 7.19 47.58 -52.04
C PHE A 4125 7.34 46.20 -52.66
N GLU A 4126 7.48 46.12 -53.98
CA GLU A 4126 7.65 44.81 -54.62
C GLU A 4126 8.89 44.10 -54.10
N GLU A 4127 10.02 44.81 -54.01
CA GLU A 4127 11.22 44.21 -53.46
C GLU A 4127 11.23 44.25 -51.93
N PHE A 4128 10.57 45.24 -51.34
CA PHE A 4128 10.47 45.30 -49.89
C PHE A 4128 9.80 44.07 -49.32
N ALA A 4129 8.69 43.64 -49.92
CA ALA A 4129 7.98 42.47 -49.42
C ALA A 4129 8.80 41.21 -49.58
N ASN A 4130 9.49 41.06 -50.70
CA ASN A 4130 10.25 39.85 -50.99
C ASN A 4130 11.64 39.86 -50.41
N ARG A 4131 12.04 40.95 -49.74
CA ARG A 4131 13.43 41.06 -49.28
C ARG A 4131 13.77 39.96 -48.28
N PHE A 4132 12.92 39.75 -47.27
CA PHE A 4132 13.20 38.79 -46.23
C PHE A 4132 12.46 37.47 -46.39
N GLN A 4133 11.67 37.31 -47.45
CA GLN A 4133 10.88 36.10 -47.58
C GLN A 4133 11.76 34.87 -47.71
N GLU A 4134 12.76 34.92 -48.57
CA GLU A 4134 13.64 33.78 -48.78
C GLU A 4134 14.62 33.54 -47.64
N PRO A 4135 15.32 34.57 -47.13
CA PRO A 4135 16.25 34.33 -46.02
C PRO A 4135 15.60 33.75 -44.79
N ALA A 4136 14.35 34.12 -44.49
CA ALA A 4136 13.72 33.73 -43.25
C ALA A 4136 12.94 32.43 -43.35
N ARG A 4137 12.92 31.80 -44.52
CA ARG A 4137 12.03 30.66 -44.72
C ARG A 4137 12.46 29.44 -43.92
N ASP A 4138 13.74 29.07 -43.99
CA ASP A 4138 14.18 27.84 -43.34
C ASP A 4138 14.09 27.96 -41.82
N ILE A 4139 14.52 29.10 -41.27
CA ILE A 4139 14.41 29.29 -39.83
C ILE A 4139 12.96 29.37 -39.41
N GLY A 4140 12.11 29.99 -40.22
CA GLY A 4140 10.70 30.02 -39.90
C GLY A 4140 10.11 28.62 -39.84
N PHE A 4141 10.47 27.78 -40.81
CA PHE A 4141 9.97 26.41 -40.81
C PHE A 4141 10.45 25.66 -39.60
N ASN A 4142 11.72 25.84 -39.21
CA ASN A 4142 12.23 25.10 -38.06
C ASN A 4142 11.62 25.58 -36.76
N VAL A 4143 11.35 26.88 -36.65
CA VAL A 4143 10.64 27.37 -35.47
C VAL A 4143 9.24 26.78 -35.42
N ALA A 4144 8.57 26.69 -36.57
CA ALA A 4144 7.26 26.07 -36.61
C ALA A 4144 7.31 24.61 -36.19
N VAL A 4145 8.30 23.88 -36.68
CA VAL A 4145 8.45 22.47 -36.33
C VAL A 4145 8.70 22.33 -34.83
N LEU A 4146 9.56 23.19 -34.29
CA LEU A 4146 9.86 23.13 -32.86
C LEU A 4146 8.63 23.37 -32.02
N LEU A 4147 7.85 24.40 -32.35
CA LEU A 4147 6.65 24.69 -31.59
C LEU A 4147 5.62 23.56 -31.71
N THR A 4148 5.48 23.00 -32.91
CA THR A 4148 4.55 21.88 -33.09
C THR A 4148 4.98 20.68 -32.25
N ASN A 4149 6.27 20.35 -32.27
CA ASN A 4149 6.79 19.23 -31.51
C ASN A 4149 6.54 19.43 -30.01
N LEU A 4150 6.86 20.61 -29.50
CA LEU A 4150 6.66 20.86 -28.08
C LEU A 4150 5.18 20.83 -27.71
N SER A 4151 4.32 21.38 -28.57
CA SER A 4151 2.90 21.38 -28.27
C SER A 4151 2.35 19.97 -28.23
N GLU A 4152 2.82 19.10 -29.13
CA GLU A 4152 2.31 17.75 -29.15
C GLU A 4152 2.93 16.84 -28.09
N HIS A 4153 4.07 17.20 -27.52
CA HIS A 4153 4.65 16.36 -26.49
C HIS A 4153 4.53 16.91 -25.08
N VAL A 4154 4.10 18.15 -24.93
CA VAL A 4154 3.77 18.73 -23.63
C VAL A 4154 2.39 19.34 -23.76
N PRO A 4155 1.33 18.52 -23.88
CA PRO A 4155 0.02 19.06 -24.23
C PRO A 4155 -0.68 19.80 -23.11
N HIS A 4156 -0.15 19.77 -21.88
CA HIS A 4156 -0.80 20.36 -20.73
C HIS A 4156 0.06 21.42 -20.04
N ASP A 4157 0.75 22.24 -20.81
CA ASP A 4157 1.47 23.38 -20.26
C ASP A 4157 0.90 24.67 -20.84
N PRO A 4158 0.10 25.42 -20.08
CA PRO A 4158 -0.55 26.61 -20.65
C PRO A 4158 0.43 27.70 -21.07
N ARG A 4159 1.66 27.68 -20.58
CA ARG A 4159 2.64 28.68 -20.99
C ARG A 4159 3.01 28.57 -22.46
N LEU A 4160 2.71 27.44 -23.09
CA LEU A 4160 3.08 27.21 -24.48
C LEU A 4160 1.99 27.62 -25.46
N ARG A 4161 0.72 27.61 -25.03
CA ARG A 4161 -0.33 28.12 -25.90
C ARG A 4161 -0.09 29.58 -26.27
N ASN A 4162 0.51 30.37 -25.38
CA ASN A 4162 0.81 31.75 -25.72
C ASN A 4162 1.76 31.82 -26.92
N PHE A 4163 2.81 31.02 -26.90
CA PHE A 4163 3.74 31.01 -28.02
C PHE A 4163 3.07 30.51 -29.28
N LEU A 4164 2.22 29.50 -29.17
CA LEU A 4164 1.52 28.99 -30.34
C LEU A 4164 0.62 30.06 -30.95
N GLU A 4165 -0.08 30.82 -30.10
CA GLU A 4165 -0.91 31.91 -30.60
C GLU A 4165 -0.07 32.99 -31.25
N LEU A 4166 1.08 33.32 -30.65
CA LEU A 4166 1.94 34.32 -31.26
C LEU A 4166 2.54 33.85 -32.57
N ALA A 4167 2.60 32.55 -32.79
CA ALA A 4167 3.14 31.97 -34.01
C ALA A 4167 2.04 31.44 -34.92
N GLU A 4168 0.80 31.93 -34.72
CA GLU A 4168 -0.32 31.37 -35.46
C GLU A 4168 -0.16 31.60 -36.95
N SER A 4169 0.29 32.79 -37.35
CA SER A 4169 0.50 33.06 -38.76
C SER A 4169 1.62 32.18 -39.33
N ILE A 4170 2.69 31.99 -38.57
CA ILE A 4170 3.80 31.15 -39.05
C ILE A 4170 3.32 29.72 -39.26
N LEU A 4171 2.59 29.19 -38.27
CA LEU A 4171 2.11 27.82 -38.36
C LEU A 4171 1.13 27.65 -39.51
N GLU A 4172 0.23 28.62 -39.69
CA GLU A 4172 -0.69 28.56 -40.81
C GLU A 4172 0.06 28.63 -42.14
N TYR A 4173 1.11 29.44 -42.20
CA TYR A 4173 1.87 29.56 -43.43
C TYR A 4173 2.56 28.26 -43.77
N PHE A 4174 3.21 27.63 -42.80
CA PHE A 4174 3.98 26.41 -43.08
C PHE A 4174 3.17 25.14 -42.94
N ARG A 4175 1.86 25.25 -42.72
CA ARG A 4175 1.03 24.05 -42.60
C ARG A 4175 1.09 23.14 -43.82
N PRO A 4176 0.99 23.62 -45.05
CA PRO A 4176 1.09 22.70 -46.20
C PRO A 4176 2.44 22.03 -46.33
N TYR A 4177 3.50 22.59 -45.75
CA TYR A 4177 4.83 22.03 -45.92
C TYR A 4177 5.34 21.27 -44.70
N LEU A 4178 4.60 21.29 -43.59
CA LEU A 4178 5.02 20.59 -42.40
C LEU A 4178 4.47 19.18 -42.50
N GLY A 4179 5.32 18.25 -42.91
CA GLY A 4179 4.92 16.86 -43.00
C GLY A 4179 5.27 16.13 -41.72
N ARG A 4180 4.32 15.33 -41.24
CA ARG A 4180 4.55 14.51 -40.06
C ARG A 4180 4.13 13.08 -40.36
N ILE A 4181 4.93 12.13 -39.87
CA ILE A 4181 4.61 10.72 -39.93
C ILE A 4181 4.92 10.11 -38.57
N GLU A 4182 4.47 8.88 -38.37
CA GLU A 4182 4.79 8.10 -37.19
C GLU A 4182 5.53 6.85 -37.63
N ILE A 4183 6.53 6.45 -36.86
CA ILE A 4183 7.27 5.22 -37.11
C ILE A 4183 7.41 4.45 -35.79
N MET A 4184 7.70 3.17 -35.92
CA MET A 4184 8.14 2.36 -34.77
C MET A 4184 9.65 2.54 -34.69
N GLY A 4185 10.08 3.32 -33.70
CA GLY A 4185 11.43 3.84 -33.68
C GLY A 4185 12.46 2.88 -33.12
N ALA A 4186 13.66 3.43 -32.96
CA ALA A 4186 14.78 2.67 -32.43
C ALA A 4186 14.54 2.22 -30.99
N SER A 4187 13.63 2.88 -30.27
CA SER A 4187 13.39 2.58 -28.87
C SER A 4187 12.20 1.67 -28.64
N ARG A 4188 11.79 0.86 -29.63
CA ARG A 4188 10.63 -0.01 -29.49
C ARG A 4188 9.38 0.77 -29.07
N ARG A 4189 9.23 1.98 -29.56
CA ARG A 4189 8.07 2.81 -29.28
C ARG A 4189 7.70 3.60 -30.53
N ILE A 4190 6.44 4.01 -30.60
CA ILE A 4190 5.98 4.80 -31.73
C ILE A 4190 6.42 6.24 -31.55
N GLU A 4191 7.14 6.76 -32.53
CA GLU A 4191 7.67 8.12 -32.49
C GLU A 4191 7.09 8.92 -33.64
N ARG A 4192 6.86 10.20 -33.39
CA ARG A 4192 6.36 11.11 -34.41
C ARG A 4192 7.51 11.88 -35.02
N ILE A 4193 7.57 11.92 -36.34
CA ILE A 4193 8.66 12.54 -37.08
C ILE A 4193 8.10 13.72 -37.86
N TYR A 4194 8.78 14.86 -37.75
CA TYR A 4194 8.40 16.07 -38.48
C TYR A 4194 9.45 16.33 -39.54
N PHE A 4195 9.00 16.71 -40.73
CA PHE A 4195 9.91 16.98 -41.83
C PHE A 4195 9.27 17.99 -42.75
N GLU A 4196 9.93 18.24 -43.88
CA GLU A 4196 9.52 19.29 -44.80
C GLU A 4196 9.06 18.69 -46.10
N ILE A 4197 7.97 19.24 -46.65
CA ILE A 4197 7.45 18.86 -47.95
C ILE A 4197 7.61 20.06 -48.87
N SER A 4198 8.18 19.84 -50.06
CA SER A 4198 8.43 20.95 -50.96
C SER A 4198 7.20 21.24 -51.83
N GLU A 4199 7.16 22.48 -52.32
CA GLU A 4199 6.06 22.88 -53.19
C GLU A 4199 6.03 22.03 -54.45
N THR A 4200 7.18 21.78 -55.04
CA THR A 4200 7.23 21.00 -56.27
C THR A 4200 6.72 19.58 -56.03
N ASN A 4201 7.14 18.97 -54.92
CA ASN A 4201 6.69 17.61 -54.63
C ASN A 4201 5.18 17.57 -54.41
N ARG A 4202 4.65 18.53 -53.66
CA ARG A 4202 3.22 18.52 -53.42
C ARG A 4202 2.44 18.74 -54.71
N ALA A 4203 2.90 19.69 -55.55
CA ALA A 4203 2.22 19.96 -56.79
C ALA A 4203 2.23 18.75 -57.71
N GLN A 4204 3.36 18.06 -57.80
CA GLN A 4204 3.42 16.86 -58.61
C GLN A 4204 2.52 15.76 -58.06
N TRP A 4205 2.45 15.63 -56.73
CA TRP A 4205 1.57 14.64 -56.15
C TRP A 4205 0.10 14.96 -56.41
N GLU A 4206 -0.21 16.21 -56.67
CA GLU A 4206 -1.60 16.59 -56.92
C GLU A 4206 -2.02 16.43 -58.37
N MET A 4207 -1.14 15.95 -59.23
CA MET A 4207 -1.49 15.83 -60.64
C MET A 4207 -2.53 14.74 -60.86
N PRO A 4208 -3.45 14.94 -61.80
CA PRO A 4208 -4.53 13.96 -62.00
C PRO A 4208 -4.05 12.57 -62.37
N GLN A 4209 -3.00 12.46 -63.18
CA GLN A 4209 -2.48 11.15 -63.53
C GLN A 4209 -1.94 10.43 -62.30
N VAL A 4210 -1.23 11.14 -61.43
CA VAL A 4210 -0.74 10.56 -60.20
C VAL A 4210 -1.89 10.15 -59.28
N LYS A 4211 -2.94 10.98 -59.21
CA LYS A 4211 -4.08 10.62 -58.37
C LYS A 4211 -4.76 9.36 -58.89
N GLU A 4212 -4.86 9.24 -60.22
CA GLU A 4212 -5.43 8.03 -60.79
C GLU A 4212 -4.56 6.82 -60.49
N SER A 4213 -3.24 6.97 -60.60
CA SER A 4213 -2.36 5.86 -60.26
C SER A 4213 -2.54 5.46 -58.80
N LYS A 4214 -2.67 6.45 -57.92
CA LYS A 4214 -2.88 6.14 -56.51
C LYS A 4214 -4.16 5.37 -56.28
N ARG A 4215 -5.26 5.81 -56.92
CA ARG A 4215 -6.53 5.12 -56.74
C ARG A 4215 -6.44 3.69 -57.25
N GLN A 4216 -5.81 3.50 -58.41
CA GLN A 4216 -5.68 2.15 -58.94
C GLN A 4216 -4.84 1.27 -58.02
N PHE A 4217 -3.74 1.81 -57.49
CA PHE A 4217 -2.90 1.03 -56.59
C PHE A 4217 -3.66 0.65 -55.33
N ILE A 4218 -4.39 1.61 -54.75
CA ILE A 4218 -5.14 1.34 -53.53
C ILE A 4218 -6.15 0.25 -53.79
N PHE A 4219 -6.84 0.34 -54.93
CA PHE A 4219 -7.82 -0.68 -55.29
C PHE A 4219 -7.16 -2.04 -55.41
N ASP A 4220 -6.03 -2.13 -56.13
CA ASP A 4220 -5.37 -3.41 -56.30
C ASP A 4220 -4.99 -4.02 -54.97
N VAL A 4221 -4.30 -3.27 -54.11
CA VAL A 4221 -3.83 -3.86 -52.86
C VAL A 4221 -5.01 -4.28 -51.99
N VAL A 4222 -5.97 -3.38 -51.77
CA VAL A 4222 -7.04 -3.69 -50.84
C VAL A 4222 -7.91 -4.82 -51.37
N ASN A 4223 -8.10 -4.89 -52.69
CA ASN A 4223 -8.92 -5.94 -53.27
C ASN A 4223 -8.20 -7.28 -53.27
N GLU A 4224 -7.10 -7.39 -54.00
CA GLU A 4224 -6.45 -8.66 -54.24
C GLU A 4224 -5.05 -8.70 -53.62
N GLY A 4225 -4.93 -8.23 -52.37
CA GLY A 4225 -3.66 -8.29 -51.68
C GLY A 4225 -3.84 -8.79 -50.26
N GLY A 4226 -2.74 -9.31 -49.72
CA GLY A 4226 -2.69 -9.76 -48.36
C GLY A 4226 -2.09 -8.70 -47.44
N GLU A 4227 -2.21 -8.96 -46.14
CA GLU A 4227 -1.68 -8.05 -45.14
C GLU A 4227 -0.16 -8.13 -45.04
N ALA A 4228 0.46 -9.10 -45.70
CA ALA A 4228 1.89 -9.30 -45.53
C ALA A 4228 2.70 -8.51 -46.54
N GLU A 4229 2.24 -8.44 -47.79
CA GLU A 4229 2.97 -7.77 -48.84
C GLU A 4229 2.58 -6.30 -48.98
N LYS A 4230 1.71 -5.81 -48.10
CA LYS A 4230 1.13 -4.49 -48.29
C LYS A 4230 2.19 -3.39 -48.27
N MET A 4231 3.09 -3.42 -47.30
CA MET A 4231 4.07 -2.34 -47.17
C MET A 4231 5.11 -2.42 -48.26
N GLU A 4232 5.53 -3.62 -48.65
CA GLU A 4232 6.45 -3.74 -49.77
C GLU A 4232 5.82 -3.17 -51.04
N LEU A 4233 4.55 -3.51 -51.28
CA LEU A 4233 3.86 -2.99 -52.45
C LEU A 4233 3.72 -1.48 -52.39
N PHE A 4234 3.43 -0.94 -51.21
CA PHE A 4234 3.28 0.50 -51.08
C PHE A 4234 4.59 1.22 -51.37
N VAL A 4235 5.71 0.68 -50.87
CA VAL A 4235 7.00 1.31 -51.12
C VAL A 4235 7.37 1.21 -52.59
N SER A 4236 7.08 0.06 -53.21
CA SER A 4236 7.32 -0.06 -54.65
C SER A 4236 6.49 0.95 -55.43
N PHE A 4237 5.25 1.15 -55.02
CA PHE A 4237 4.42 2.17 -55.63
C PHE A 4237 5.03 3.56 -55.46
N CYS A 4238 5.57 3.84 -54.28
CA CYS A 4238 6.21 5.13 -54.06
C CYS A 4238 7.38 5.34 -55.00
N GLU A 4239 8.20 4.31 -55.19
CA GLU A 4239 9.34 4.42 -56.10
C GLU A 4239 8.87 4.66 -57.53
N ASP A 4240 7.86 3.91 -57.97
CA ASP A 4240 7.30 4.11 -59.29
C ASP A 4240 6.75 5.51 -59.46
N THR A 4241 6.10 6.02 -58.43
CA THR A 4241 5.52 7.36 -58.49
C THR A 4241 6.60 8.43 -58.57
N ILE A 4242 7.70 8.24 -57.85
CA ILE A 4242 8.81 9.17 -57.94
C ILE A 4242 9.34 9.21 -59.36
N PHE A 4243 9.49 8.03 -59.96
CA PHE A 4243 9.98 8.00 -61.33
C PHE A 4243 9.02 8.69 -62.30
N GLU A 4244 7.72 8.46 -62.11
CA GLU A 4244 6.73 9.14 -62.95
C GLU A 4244 6.78 10.65 -62.78
N MET A 4245 6.99 11.11 -61.55
CA MET A 4245 7.14 12.54 -61.32
C MET A 4245 8.36 13.08 -62.06
N GLN A 4246 9.46 12.32 -62.06
CA GLN A 4246 10.63 12.76 -62.82
C GLN A 4246 10.31 12.85 -64.31
N ILE A 4247 9.61 11.85 -64.85
CA ILE A 4247 9.29 11.87 -66.28
C ILE A 4247 8.42 13.08 -66.59
N ALA A 4248 7.45 13.37 -65.73
CA ALA A 4248 6.58 14.51 -65.93
C ALA A 4248 7.35 15.82 -65.88
N ALA A 4249 8.28 15.93 -64.94
CA ALA A 4249 9.10 17.13 -64.86
C ALA A 4249 9.94 17.30 -66.13
N GLN A 4250 10.51 16.22 -66.62
CA GLN A 4250 11.31 16.29 -67.83
C GLN A 4250 10.48 16.74 -69.03
N ILE A 4251 9.30 16.15 -69.21
CA ILE A 4251 8.49 16.50 -70.37
C ILE A 4251 7.73 17.81 -70.19
N SER A 4252 7.72 18.37 -68.98
CA SER A 4252 7.07 19.64 -68.75
C SER A 4252 7.81 20.75 -69.46
N GLU A 4253 7.03 21.70 -69.99
CA GLU A 4253 7.62 22.82 -70.70
C GLU A 4253 7.43 24.12 -69.92
N PRO A 4254 8.45 24.98 -69.87
CA PRO A 4254 8.38 26.23 -69.10
C PRO A 4254 7.47 27.27 -69.74
N PHE A 4540 24.28 22.39 -86.90
CA PHE A 4540 22.82 22.30 -86.99
C PHE A 4540 22.29 21.14 -86.14
N TRP A 4541 23.20 20.29 -85.68
CA TRP A 4541 22.79 19.15 -84.86
C TRP A 4541 22.17 19.60 -83.54
N GLY A 4542 22.71 20.65 -82.94
CA GLY A 4542 22.12 21.15 -81.71
C GLY A 4542 20.71 21.66 -81.91
N GLU A 4543 20.48 22.39 -83.00
CA GLU A 4543 19.13 22.90 -83.29
C GLU A 4543 18.16 21.75 -83.52
N LEU A 4544 18.56 20.74 -84.31
CA LEU A 4544 17.66 19.64 -84.57
C LEU A 4544 17.39 18.83 -83.31
N GLU A 4545 18.40 18.68 -82.45
CA GLU A 4545 18.19 17.94 -81.21
C GLU A 4545 17.26 18.68 -80.26
N VAL A 4546 17.43 19.99 -80.12
CA VAL A 4546 16.54 20.72 -79.22
C VAL A 4546 15.12 20.70 -79.78
N GLN A 4547 14.97 20.84 -81.10
CA GLN A 4547 13.63 20.74 -81.67
C GLN A 4547 13.05 19.35 -81.51
N ARG A 4548 13.87 18.31 -81.62
CA ARG A 4548 13.38 16.95 -81.48
C ARG A 4548 12.89 16.68 -80.07
N VAL A 4549 13.64 17.12 -79.05
CA VAL A 4549 13.18 16.92 -77.68
C VAL A 4549 11.97 17.79 -77.39
N LYS A 4550 11.91 19.00 -77.95
CA LYS A 4550 10.69 19.81 -77.80
C LYS A 4550 9.49 19.08 -78.38
N PHE A 4551 9.63 18.52 -79.57
CA PHE A 4551 8.54 17.81 -80.22
C PHE A 4551 8.13 16.59 -79.41
N LEU A 4552 9.12 15.85 -78.90
CA LEU A 4552 8.84 14.64 -78.12
C LEU A 4552 8.12 14.98 -76.83
N ASN A 4553 8.55 16.06 -76.17
CA ASN A 4553 7.83 16.52 -74.98
C ASN A 4553 6.42 16.94 -75.33
N TYR A 4554 6.23 17.58 -76.48
CA TYR A 4554 4.91 18.01 -76.88
C TYR A 4554 3.99 16.80 -77.07
N LEU A 4555 4.50 15.76 -77.74
CA LEU A 4555 3.72 14.55 -77.93
C LEU A 4555 3.42 13.87 -76.60
N SER A 4556 4.40 13.85 -75.69
CA SER A 4556 4.19 13.22 -74.40
C SER A 4556 3.14 13.95 -73.58
N ARG A 4557 3.20 15.28 -73.56
CA ARG A 4557 2.24 16.04 -72.76
C ARG A 4557 0.83 15.86 -73.29
N ASN A 4558 0.66 15.81 -74.61
CA ASN A 4558 -0.65 15.77 -75.24
C ASN A 4558 -1.02 14.38 -75.73
N PHE A 4559 -0.54 13.35 -75.05
CA PHE A 4559 -0.78 11.99 -75.52
C PHE A 4559 -2.27 11.65 -75.48
N TYR A 4560 -2.94 12.03 -74.40
CA TYR A 4560 -4.36 11.72 -74.29
C TYR A 4560 -5.20 12.57 -75.23
N THR A 4561 -4.82 13.82 -75.45
CA THR A 4561 -5.54 14.62 -76.42
C THR A 4561 -5.37 14.05 -77.82
N LEU A 4562 -4.18 13.55 -78.15
CA LEU A 4562 -4.00 12.86 -79.42
C LEU A 4562 -4.87 11.62 -79.49
N ARG A 4563 -4.98 10.88 -78.39
CA ARG A 4563 -5.81 9.68 -78.38
C ARG A 4563 -7.27 10.03 -78.68
N PHE A 4564 -7.78 11.05 -77.98
CA PHE A 4564 -9.15 11.50 -78.22
C PHE A 4564 -9.31 12.00 -79.65
N LEU A 4565 -8.30 12.69 -80.17
CA LEU A 4565 -8.38 13.18 -81.53
C LEU A 4565 -8.46 12.03 -82.52
N ALA A 4566 -7.71 10.96 -82.26
CA ALA A 4566 -7.79 9.78 -83.11
C ALA A 4566 -9.19 9.18 -83.09
N LEU A 4567 -9.78 9.08 -81.91
CA LEU A 4567 -11.13 8.54 -81.82
C LEU A 4567 -12.13 9.42 -82.58
N PHE A 4568 -12.03 10.75 -82.41
CA PHE A 4568 -12.93 11.66 -83.10
C PHE A 4568 -12.78 11.55 -84.61
N LEU A 4569 -11.54 11.45 -85.08
CA LEU A 4569 -11.30 11.27 -86.51
C LEU A 4569 -11.88 9.96 -87.02
N ALA A 4570 -11.77 8.89 -86.23
CA ALA A 4570 -12.38 7.62 -86.65
C ALA A 4570 -13.89 7.74 -86.76
N PHE A 4571 -14.52 8.43 -85.80
CA PHE A 4571 -15.96 8.63 -85.89
C PHE A 4571 -16.33 9.42 -87.13
N ALA A 4572 -15.58 10.48 -87.44
CA ALA A 4572 -15.86 11.28 -88.63
C ALA A 4572 -15.72 10.45 -89.89
N ILE A 4573 -14.66 9.65 -89.97
CA ILE A 4573 -14.44 8.80 -91.14
C ILE A 4573 -15.61 7.84 -91.31
N ASN A 4574 -16.04 7.20 -90.22
CA ASN A 4574 -17.12 6.23 -90.34
C ASN A 4574 -18.43 6.90 -90.71
N PHE A 4575 -18.69 8.08 -90.16
CA PHE A 4575 -19.89 8.82 -90.53
C PHE A 4575 -19.89 9.15 -92.02
N ILE A 4576 -18.73 9.49 -92.57
CA ILE A 4576 -18.65 9.65 -94.01
C ILE A 4576 -18.93 8.33 -94.70
N LEU A 4577 -18.40 7.23 -94.15
CA LEU A 4577 -18.54 5.92 -94.77
C LEU A 4577 -19.99 5.44 -94.79
N LEU A 4578 -20.85 5.99 -93.94
CA LEU A 4578 -22.26 5.60 -93.98
C LEU A 4578 -22.92 5.95 -95.31
N PHE A 4579 -22.31 6.81 -96.11
CA PHE A 4579 -22.91 7.26 -97.35
C PHE A 4579 -22.50 6.41 -98.54
N TYR A 4580 -21.73 5.35 -98.31
CA TYR A 4580 -21.26 4.54 -99.41
C TYR A 4580 -22.42 3.83 -100.11
N LYS A 4581 -22.21 3.54 -101.39
CA LYS A 4581 -23.21 2.91 -102.22
C LYS A 4581 -22.50 2.05 -103.24
N VAL A 4582 -23.12 0.95 -103.64
CA VAL A 4582 -22.57 0.05 -104.64
C VAL A 4582 -23.52 0.01 -105.83
N SER A 4583 -22.97 0.19 -107.03
CA SER A 4583 -23.79 0.17 -108.23
C SER A 4583 -22.99 -0.47 -109.36
N ASP A 4584 -23.72 -1.05 -110.32
CA ASP A 4584 -23.06 -1.67 -111.47
C ASP A 4584 -22.58 -0.63 -112.46
N SER A 4585 -23.35 0.43 -112.66
CA SER A 4585 -22.94 1.49 -113.57
C SER A 4585 -21.76 2.26 -112.99
N PRO A 4586 -20.86 2.76 -113.84
CA PRO A 4586 -19.77 3.58 -113.33
C PRO A 4586 -20.29 4.84 -112.68
N PRO A 4587 -19.59 5.34 -111.65
CA PRO A 4587 -19.94 6.60 -110.98
C PRO A 4587 -19.55 7.83 -111.79
N ASN A 4626 -18.33 -8.40 -115.07
CA ASN A 4626 -19.63 -8.16 -114.45
C ASN A 4626 -19.48 -7.90 -112.96
N MET A 4627 -18.47 -7.12 -112.59
CA MET A 4627 -18.20 -6.80 -111.20
C MET A 4627 -18.54 -5.34 -110.90
N VAL A 4628 -18.73 -5.03 -109.63
CA VAL A 4628 -19.42 -3.83 -109.20
C VAL A 4628 -18.43 -2.77 -108.73
N TYR A 4629 -18.91 -1.55 -108.61
CA TYR A 4629 -18.13 -0.39 -108.20
C TYR A 4629 -18.68 0.16 -106.89
N TYR A 4630 -17.78 0.51 -105.98
CA TYR A 4630 -18.14 1.11 -104.71
C TYR A 4630 -17.81 2.60 -104.77
N PHE A 4631 -18.75 3.44 -104.36
CA PHE A 4631 -18.53 4.88 -104.44
C PHE A 4631 -19.43 5.59 -103.45
N LEU A 4632 -18.97 6.75 -102.98
CA LEU A 4632 -19.79 7.59 -102.14
C LEU A 4632 -20.97 8.11 -102.93
N GLU A 4633 -22.09 8.32 -102.25
CA GLU A 4633 -23.30 8.82 -102.89
C GLU A 4633 -23.75 10.03 -102.08
N GLU A 4634 -23.25 11.21 -102.46
CA GLU A 4634 -23.61 12.45 -101.78
C GLU A 4634 -23.67 13.56 -102.80
N SER A 4635 -24.40 14.62 -102.46
CA SER A 4635 -24.61 15.74 -103.36
C SER A 4635 -23.56 16.84 -103.22
N THR A 4636 -22.96 16.99 -102.03
CA THR A 4636 -22.06 18.10 -101.79
C THR A 4636 -20.85 18.05 -102.71
N GLY A 4637 -20.30 16.85 -102.92
CA GLY A 4637 -19.10 16.71 -103.71
C GLY A 4637 -17.81 16.93 -102.93
N TYR A 4638 -17.90 17.24 -101.64
CA TYR A 4638 -16.72 17.43 -100.80
C TYR A 4638 -16.42 16.22 -99.92
N MET A 4639 -17.34 15.25 -99.83
CA MET A 4639 -17.12 14.10 -98.96
C MET A 4639 -15.97 13.24 -99.44
N GLU A 4640 -15.84 13.06 -100.76
CA GLU A 4640 -14.72 12.26 -101.26
C GLU A 4640 -13.37 12.88 -100.94
N PRO A 4641 -13.13 14.18 -101.13
CA PRO A 4641 -11.87 14.76 -100.64
C PRO A 4641 -11.73 14.71 -99.12
N ALA A 4642 -12.84 14.94 -98.40
CA ALA A 4642 -12.76 14.94 -96.94
C ALA A 4642 -12.35 13.59 -96.40
N LEU A 4643 -12.82 12.51 -97.02
CA LEU A 4643 -12.47 11.18 -96.56
C LEU A 4643 -10.98 10.92 -96.70
N TRP A 4644 -10.39 11.30 -97.84
CA TRP A 4644 -8.96 11.12 -98.03
C TRP A 4644 -8.16 11.97 -97.03
N CYS A 4645 -8.57 13.22 -96.85
CA CYS A 4645 -7.86 14.08 -95.91
C CYS A 4645 -7.92 13.51 -94.49
N LEU A 4646 -9.11 13.05 -94.07
CA LEU A 4646 -9.24 12.49 -92.73
C LEU A 4646 -8.47 11.19 -92.58
N SER A 4647 -8.41 10.37 -93.63
CA SER A 4647 -7.64 9.14 -93.54
C SER A 4647 -6.17 9.44 -93.31
N LEU A 4648 -5.61 10.38 -94.08
CA LEU A 4648 -4.22 10.76 -93.86
C LEU A 4648 -4.01 11.32 -92.46
N LEU A 4649 -4.91 12.21 -92.03
CA LEU A 4649 -4.78 12.82 -90.72
C LEU A 4649 -4.84 11.77 -89.61
N HIS A 4650 -5.73 10.79 -89.76
CA HIS A 4650 -5.88 9.76 -88.74
C HIS A 4650 -4.66 8.88 -88.66
N THR A 4651 -4.08 8.51 -89.80
CA THR A 4651 -2.86 7.72 -89.76
C THR A 4651 -1.74 8.50 -89.08
N LEU A 4652 -1.61 9.79 -89.39
CA LEU A 4652 -0.59 10.60 -88.74
C LEU A 4652 -0.83 10.67 -87.23
N VAL A 4653 -2.09 10.86 -86.82
CA VAL A 4653 -2.38 10.97 -85.40
C VAL A 4653 -2.06 9.66 -84.69
N ALA A 4654 -2.35 8.53 -85.32
CA ALA A 4654 -2.01 7.25 -84.71
C ALA A 4654 -0.50 7.13 -84.53
N PHE A 4655 0.28 7.53 -85.54
CA PHE A 4655 1.73 7.48 -85.41
C PHE A 4655 2.21 8.34 -84.25
N LEU A 4656 1.66 9.54 -84.14
CA LEU A 4656 2.05 10.41 -83.04
C LEU A 4656 1.67 9.81 -81.70
N CYS A 4657 0.55 9.10 -81.64
CA CYS A 4657 0.17 8.43 -80.40
C CYS A 4657 1.19 7.36 -80.03
N ILE A 4658 1.65 6.59 -81.02
CA ILE A 4658 2.69 5.59 -80.77
C ILE A 4658 3.93 6.26 -80.18
N ILE A 4659 4.37 7.35 -80.79
CA ILE A 4659 5.59 8.02 -80.31
C ILE A 4659 5.38 8.55 -78.90
N GLY A 4660 4.25 9.17 -78.65
CA GLY A 4660 4.00 9.71 -77.32
C GLY A 4660 3.97 8.61 -76.26
N TYR A 4661 3.41 7.45 -76.60
CA TYR A 4661 3.40 6.36 -75.65
C TYR A 4661 4.81 5.88 -75.36
N ASN A 4662 5.62 5.72 -76.40
CA ASN A 4662 6.95 5.20 -76.09
C ASN A 4662 7.85 6.25 -75.45
N CYS A 4663 7.44 7.51 -75.46
CA CYS A 4663 8.16 8.54 -74.73
C CYS A 4663 7.60 8.81 -73.34
N LEU A 4664 6.42 8.30 -73.02
CA LEU A 4664 5.75 8.64 -71.76
C LEU A 4664 5.58 7.47 -70.81
N LYS A 4665 5.23 6.29 -71.30
CA LYS A 4665 4.96 5.13 -70.44
C LYS A 4665 6.04 4.06 -70.50
N VAL A 4666 6.62 3.84 -71.67
CA VAL A 4666 7.67 2.83 -71.81
C VAL A 4666 8.80 3.04 -70.81
N PRO A 4667 9.24 4.26 -70.52
CA PRO A 4667 10.23 4.42 -69.45
C PRO A 4667 9.80 3.80 -68.12
N LEU A 4668 8.54 3.96 -67.73
CA LEU A 4668 8.07 3.32 -66.51
C LEU A 4668 8.08 1.80 -66.63
N VAL A 4669 7.68 1.29 -67.80
CA VAL A 4669 7.70 -0.16 -67.99
C VAL A 4669 9.11 -0.71 -67.78
N ILE A 4670 10.09 -0.11 -68.46
CA ILE A 4670 11.46 -0.58 -68.34
C ILE A 4670 11.99 -0.36 -66.94
N PHE A 4671 11.59 0.73 -66.29
CA PHE A 4671 12.05 0.98 -64.93
C PHE A 4671 11.57 -0.10 -63.98
N LYS A 4672 10.28 -0.42 -64.04
CA LYS A 4672 9.75 -1.45 -63.16
C LYS A 4672 10.44 -2.77 -63.41
N ARG A 4673 10.66 -3.12 -64.68
CA ARG A 4673 11.27 -4.40 -64.98
C ARG A 4673 12.72 -4.46 -64.50
N GLU A 4674 13.49 -3.39 -64.73
CA GLU A 4674 14.87 -3.37 -64.25
C GLU A 4674 14.92 -3.44 -62.74
N LYS A 4675 14.02 -2.73 -62.06
CA LYS A 4675 14.05 -2.69 -60.61
C LYS A 4675 13.76 -4.07 -60.02
N GLU A 4676 12.72 -4.74 -60.53
CA GLU A 4676 12.44 -6.08 -60.02
C GLU A 4676 13.57 -7.04 -60.34
N LEU A 4677 14.15 -6.95 -61.54
CA LEU A 4677 15.25 -7.85 -61.88
C LEU A 4677 16.44 -7.63 -60.95
N ALA A 4678 16.77 -6.37 -60.67
CA ALA A 4678 17.92 -6.10 -59.82
C ALA A 4678 17.68 -6.60 -58.40
N ARG A 4679 16.49 -6.38 -57.86
CA ARG A 4679 16.24 -6.84 -56.49
C ARG A 4679 16.21 -8.36 -56.42
N LYS A 4680 15.75 -9.03 -57.47
CA LYS A 4680 15.83 -10.48 -57.47
C LYS A 4680 17.27 -10.97 -57.61
N LEU A 4681 18.11 -10.28 -58.37
CA LEU A 4681 19.51 -10.64 -58.41
C LEU A 4681 20.16 -10.50 -57.05
N GLU A 4682 19.93 -9.38 -56.38
CA GLU A 4682 20.66 -9.12 -55.14
C GLU A 4682 20.09 -9.91 -53.97
N PHE A 4683 18.81 -9.72 -53.66
CA PHE A 4683 18.26 -10.31 -52.45
C PHE A 4683 17.83 -11.75 -52.62
N ASP A 4684 17.92 -12.32 -53.82
CA ASP A 4684 17.51 -13.69 -54.04
C ASP A 4684 18.50 -14.54 -54.82
N GLY A 4685 19.41 -13.94 -55.58
CA GLY A 4685 20.31 -14.73 -56.39
C GLY A 4685 19.60 -15.50 -57.48
N LEU A 4686 18.78 -14.82 -58.27
CA LEU A 4686 17.97 -15.49 -59.28
C LEU A 4686 18.84 -16.32 -60.23
N TYR A 4687 19.84 -15.69 -60.83
CA TYR A 4687 20.66 -16.35 -61.82
C TYR A 4687 21.98 -16.82 -61.24
N ILE A 4688 22.15 -16.69 -59.93
CA ILE A 4688 23.33 -17.17 -59.24
C ILE A 4688 23.06 -18.49 -58.52
N THR A 4689 21.88 -18.61 -57.90
CA THR A 4689 21.54 -19.80 -57.11
C THR A 4689 20.44 -20.63 -57.77
N GLU A 4690 19.25 -20.05 -58.01
CA GLU A 4690 18.10 -20.90 -58.33
C GLU A 4690 18.00 -21.23 -59.81
N GLN A 4691 18.20 -20.24 -60.70
CA GLN A 4691 18.15 -20.49 -62.13
C GLN A 4691 16.77 -21.00 -62.58
N PRO A 4692 15.77 -20.12 -62.73
CA PRO A 4692 14.44 -20.53 -63.21
C PRO A 4692 14.44 -21.58 -64.31
N GLY A 4693 13.45 -22.47 -64.30
CA GLY A 4693 13.46 -23.64 -65.15
C GLY A 4693 12.74 -23.54 -66.48
N ASP A 4694 13.06 -22.53 -67.27
CA ASP A 4694 12.68 -22.41 -68.68
C ASP A 4694 11.17 -22.26 -68.89
N ASP A 4695 10.37 -22.32 -67.83
CA ASP A 4695 8.93 -22.15 -67.93
C ASP A 4695 8.51 -20.70 -67.66
N ASP A 4696 9.40 -19.89 -67.11
CA ASP A 4696 9.15 -18.48 -66.84
C ASP A 4696 9.72 -17.68 -68.01
N VAL A 4697 8.85 -17.29 -68.94
CA VAL A 4697 9.32 -16.58 -70.13
C VAL A 4697 9.93 -15.24 -69.74
N LYS A 4698 9.40 -14.58 -68.72
CA LYS A 4698 9.98 -13.33 -68.25
C LYS A 4698 11.41 -13.54 -67.75
N GLY A 4699 11.60 -14.51 -66.85
CA GLY A 4699 12.92 -14.75 -66.32
C GLY A 4699 13.90 -15.21 -67.38
N GLN A 4700 13.43 -16.01 -68.33
CA GLN A 4700 14.31 -16.47 -69.39
C GLN A 4700 14.68 -15.34 -70.34
N TRP A 4701 13.77 -14.39 -70.56
CA TRP A 4701 14.09 -13.27 -71.42
C TRP A 4701 15.02 -12.29 -70.73
N ASP A 4702 14.93 -12.18 -69.41
CA ASP A 4702 15.81 -11.24 -68.72
C ASP A 4702 17.27 -11.65 -68.77
N ARG A 4703 17.58 -12.86 -69.21
CA ARG A 4703 18.98 -13.27 -69.27
C ARG A 4703 19.77 -12.47 -70.29
N LEU A 4704 19.11 -11.89 -71.29
CA LEU A 4704 19.81 -11.14 -72.32
C LEU A 4704 20.39 -9.84 -71.81
N VAL A 4705 19.90 -9.32 -70.68
CA VAL A 4705 20.28 -7.98 -70.24
C VAL A 4705 21.36 -7.98 -69.18
N LEU A 4706 21.68 -9.14 -68.59
CA LEU A 4706 22.57 -9.15 -67.44
C LEU A 4706 23.96 -8.63 -67.79
N ASN A 4707 24.53 -9.12 -68.88
CA ASN A 4707 25.90 -8.77 -69.24
C ASN A 4707 25.98 -7.50 -70.07
N THR A 4708 24.87 -6.82 -70.27
CA THR A 4708 24.89 -5.58 -71.05
C THR A 4708 25.64 -4.50 -70.29
N PRO A 4709 26.35 -3.61 -70.98
CA PRO A 4709 27.01 -2.50 -70.29
C PRO A 4709 26.05 -1.58 -69.60
N SER A 4710 24.79 -1.55 -70.03
CA SER A 4710 23.85 -0.54 -69.58
C SER A 4710 22.59 -1.17 -69.02
N PHE A 4711 22.71 -2.21 -68.20
CA PHE A 4711 21.53 -2.89 -67.72
C PHE A 4711 20.66 -2.00 -66.83
N PRO A 4712 21.17 -1.31 -65.82
CA PRO A 4712 20.29 -0.36 -65.13
C PRO A 4712 20.32 1.00 -65.82
N SER A 4713 19.55 1.13 -66.90
CA SER A 4713 19.46 2.41 -67.60
C SER A 4713 18.42 3.32 -66.99
N ASN A 4714 17.23 2.80 -66.69
CA ASN A 4714 16.18 3.58 -66.06
C ASN A 4714 16.17 3.47 -64.55
N TYR A 4715 16.45 2.28 -64.03
CA TYR A 4715 16.57 2.09 -62.59
C TYR A 4715 17.71 2.92 -62.04
N TRP A 4716 17.54 3.52 -60.88
CA TRP A 4716 18.51 4.51 -60.35
C TRP A 4716 19.80 3.91 -59.89
N ASP A 4717 19.84 2.62 -59.68
CA ASP A 4717 21.00 2.00 -59.04
C ASP A 4717 21.99 1.55 -60.11
N LYS A 4718 23.10 2.26 -60.23
CA LYS A 4718 24.13 1.91 -61.19
C LYS A 4718 25.21 1.04 -60.58
N PHE A 4719 25.03 0.58 -59.35
CA PHE A 4719 26.03 -0.22 -58.65
C PHE A 4719 25.46 -1.57 -58.25
N VAL A 4720 24.38 -1.99 -58.90
CA VAL A 4720 23.74 -3.25 -58.57
C VAL A 4720 24.68 -4.41 -58.86
N LYS A 4721 25.44 -4.31 -59.95
CA LYS A 4721 26.38 -5.39 -60.28
C LYS A 4721 27.48 -5.48 -59.24
N ARG A 4722 28.00 -4.34 -58.79
CA ARG A 4722 29.00 -4.36 -57.73
C ARG A 4722 28.42 -4.98 -56.47
N LYS A 4723 27.19 -4.65 -56.12
CA LYS A 4723 26.57 -5.23 -54.93
C LYS A 4723 26.39 -6.74 -55.08
N VAL A 4724 25.92 -7.19 -56.24
CA VAL A 4724 25.74 -8.62 -56.46
C VAL A 4724 27.07 -9.34 -56.37
N LEU A 4725 28.12 -8.77 -56.96
CA LEU A 4725 29.43 -9.40 -56.88
C LEU A 4725 29.91 -9.47 -55.44
N ASP A 4726 29.86 -8.34 -54.72
CA ASP A 4726 30.32 -8.34 -53.34
C ASP A 4726 29.50 -9.30 -52.47
N LYS A 4727 28.28 -9.61 -52.87
CA LYS A 4727 27.47 -10.50 -52.06
C LYS A 4727 27.67 -11.98 -52.40
N HIS A 4728 27.89 -12.33 -53.67
CA HIS A 4728 27.89 -13.73 -54.07
C HIS A 4728 29.22 -14.23 -54.63
N GLY A 4729 30.19 -13.36 -54.89
CA GLY A 4729 31.38 -13.79 -55.60
C GLY A 4729 32.25 -14.72 -54.80
N ASP A 4730 32.32 -14.53 -53.49
CA ASP A 4730 33.16 -15.39 -52.68
C ASP A 4730 32.70 -16.83 -52.75
N ILE A 4731 31.40 -17.07 -52.65
CA ILE A 4731 30.89 -18.43 -52.62
C ILE A 4731 30.70 -19.03 -54.00
N PHE A 4732 30.31 -18.24 -54.99
CA PHE A 4732 30.08 -18.79 -56.33
C PHE A 4732 31.16 -18.46 -57.34
N GLY A 4733 32.19 -17.71 -56.97
CA GLY A 4733 33.26 -17.43 -57.91
C GLY A 4733 33.17 -16.02 -58.46
N ARG A 4734 34.12 -15.17 -58.06
CA ARG A 4734 34.09 -13.78 -58.48
C ARG A 4734 34.20 -13.65 -59.99
N GLU A 4735 35.08 -14.41 -60.61
CA GLU A 4735 35.24 -14.34 -62.06
C GLU A 4735 33.99 -14.87 -62.77
N ARG A 4736 33.37 -15.91 -62.22
CA ARG A 4736 32.14 -16.42 -62.81
C ARG A 4736 31.02 -15.39 -62.74
N ILE A 4737 30.88 -14.73 -61.59
CA ILE A 4737 29.88 -13.67 -61.45
C ILE A 4737 30.18 -12.51 -62.39
N ALA A 4738 31.47 -12.17 -62.53
CA ALA A 4738 31.85 -11.08 -63.42
C ALA A 4738 31.50 -11.40 -64.86
N GLU A 4739 31.72 -12.66 -65.27
CA GLU A 4739 31.32 -13.05 -66.62
C GLU A 4739 29.81 -13.06 -66.76
N LEU A 4740 29.09 -13.48 -65.71
CA LEU A 4740 27.63 -13.47 -65.76
C LEU A 4740 27.08 -12.07 -65.96
N LEU A 4741 27.63 -11.11 -65.22
CA LEU A 4741 27.13 -9.74 -65.26
C LEU A 4741 27.89 -8.88 -66.26
N GLY A 4742 28.84 -9.44 -67.00
CA GLY A 4742 29.58 -8.66 -67.96
C GLY A 4742 30.43 -7.57 -67.33
N MET A 4743 31.11 -7.89 -66.23
CA MET A 4743 31.96 -6.93 -65.54
C MET A 4743 33.43 -7.21 -65.83
N ASP A 4744 34.25 -6.17 -65.74
CA ASP A 4744 35.69 -6.32 -65.80
C ASP A 4744 36.25 -6.12 -64.41
N LEU A 4745 36.88 -7.17 -63.87
CA LEU A 4745 37.36 -7.10 -62.49
C LEU A 4745 38.49 -6.10 -62.35
N ALA A 4746 39.23 -5.84 -63.43
CA ALA A 4746 40.35 -4.91 -63.34
C ALA A 4746 39.91 -3.46 -63.24
N SER A 4747 38.80 -3.08 -63.87
CA SER A 4747 38.39 -1.70 -63.96
C SER A 4747 37.84 -1.13 -62.66
N LEU A 4748 37.42 -2.00 -61.74
CA LEU A 4748 36.82 -1.51 -60.50
C LEU A 4748 37.82 -0.71 -59.70
N GLU A 4749 39.05 -1.20 -59.60
CA GLU A 4749 40.07 -0.52 -58.81
C GLU A 4749 40.36 0.86 -59.37
N ILE A 4750 40.55 0.98 -60.69
CA ILE A 4750 40.89 2.28 -61.27
C ILE A 4750 39.71 3.24 -61.17
N THR A 4751 38.48 2.74 -61.30
CA THR A 4751 37.32 3.61 -61.12
C THR A 4751 37.27 4.14 -59.69
N ALA A 4752 37.58 3.30 -58.71
CA ALA A 4752 37.73 3.79 -57.35
C ALA A 4752 38.91 4.74 -57.21
N HIS A 4753 39.95 4.55 -58.03
CA HIS A 4753 41.16 5.35 -57.93
C HIS A 4753 40.89 6.79 -58.33
N ASN A 4754 40.46 7.01 -59.57
CA ASN A 4754 40.30 8.37 -60.07
C ASN A 4754 39.24 8.37 -61.16
N GLU A 4755 38.88 9.55 -61.62
CA GLU A 4755 37.85 9.75 -62.64
C GLU A 4755 38.52 10.22 -63.93
N ARG A 4756 38.10 9.63 -65.04
CA ARG A 4756 38.60 9.99 -66.35
C ARG A 4756 37.59 10.90 -67.06
N LYS A 4757 38.12 11.90 -67.77
CA LYS A 4757 37.29 12.85 -68.53
C LYS A 4757 37.68 12.73 -70.00
N PRO A 4758 37.02 11.84 -70.74
CA PRO A 4758 37.38 11.63 -72.15
C PRO A 4758 36.77 12.72 -73.04
N ASP A 4759 37.02 12.58 -74.34
CA ASP A 4759 36.46 13.49 -75.33
C ASP A 4759 35.12 12.94 -75.82
N PRO A 4760 34.01 13.61 -75.56
CA PRO A 4760 32.71 13.18 -76.10
C PRO A 4760 32.40 13.86 -77.43
N PRO A 4761 32.92 13.34 -78.55
CA PRO A 4761 32.72 14.02 -79.83
C PRO A 4761 31.28 13.95 -80.26
N PRO A 4762 30.63 15.09 -80.54
CA PRO A 4762 29.22 15.12 -80.92
C PRO A 4762 28.98 14.76 -82.39
N GLY A 4763 29.37 13.55 -82.77
CA GLY A 4763 29.21 13.06 -84.13
C GLY A 4763 28.29 11.85 -84.18
N LEU A 4764 27.45 11.81 -85.22
CA LEU A 4764 26.57 10.66 -85.40
C LEU A 4764 27.35 9.39 -85.71
N LEU A 4765 28.46 9.51 -86.43
CA LEU A 4765 29.32 8.35 -86.65
C LEU A 4765 29.84 7.80 -85.32
N THR A 4766 30.27 8.67 -84.42
CA THR A 4766 30.75 8.22 -83.12
C THR A 4766 29.61 7.67 -82.26
N TRP A 4767 28.40 8.21 -82.43
CA TRP A 4767 27.23 7.70 -81.73
C TRP A 4767 26.81 6.34 -82.26
N LEU A 4768 27.19 5.99 -83.49
CA LEU A 4768 26.72 4.76 -84.10
C LEU A 4768 27.09 3.54 -83.26
N MET A 4769 28.37 3.26 -83.09
CA MET A 4769 28.80 2.07 -82.35
C MET A 4769 28.37 2.08 -80.90
N SER A 4770 28.06 3.25 -80.33
CA SER A 4770 27.69 3.35 -78.92
C SER A 4770 26.36 2.69 -78.60
N ILE A 4771 25.69 2.08 -79.56
CA ILE A 4771 24.39 1.44 -79.35
C ILE A 4771 24.61 0.06 -78.77
N ASP A 4772 23.99 -0.21 -77.61
CA ASP A 4772 24.03 -1.51 -76.96
C ASP A 4772 22.96 -2.40 -77.56
N VAL A 4773 23.34 -3.18 -78.58
CA VAL A 4773 22.34 -3.86 -79.40
C VAL A 4773 21.59 -4.90 -78.58
N LYS A 4774 22.29 -5.64 -77.71
CA LYS A 4774 21.63 -6.66 -76.92
C LYS A 4774 20.63 -6.04 -75.95
N TYR A 4775 21.01 -4.94 -75.31
CA TYR A 4775 20.08 -4.24 -74.44
C TYR A 4775 18.88 -3.75 -75.23
N GLN A 4776 19.11 -3.27 -76.45
CA GLN A 4776 18.01 -2.77 -77.25
C GLN A 4776 17.07 -3.88 -77.68
N ILE A 4777 17.62 -5.05 -78.01
CA ILE A 4777 16.77 -6.18 -78.36
C ILE A 4777 15.93 -6.59 -77.17
N TRP A 4778 16.53 -6.63 -75.98
CA TRP A 4778 15.77 -6.94 -74.78
C TRP A 4778 14.68 -5.91 -74.54
N LYS A 4779 15.02 -4.63 -74.68
CA LYS A 4779 14.04 -3.58 -74.42
C LYS A 4779 12.89 -3.65 -75.40
N PHE A 4780 13.19 -3.90 -76.67
CA PHE A 4780 12.15 -3.98 -77.68
C PHE A 4780 11.29 -5.22 -77.48
N GLY A 4781 11.86 -6.31 -77.01
CA GLY A 4781 11.05 -7.46 -76.64
C GLY A 4781 10.10 -7.14 -75.50
N VAL A 4782 10.60 -6.45 -74.48
CA VAL A 4782 9.75 -6.04 -73.37
C VAL A 4782 8.62 -5.13 -73.85
N ILE A 4783 8.94 -4.20 -74.74
CA ILE A 4783 7.93 -3.29 -75.26
C ILE A 4783 6.89 -4.03 -76.09
N PHE A 4784 7.34 -4.93 -76.98
CA PHE A 4784 6.41 -5.69 -77.81
C PHE A 4784 5.58 -6.68 -77.01
N THR A 4785 6.00 -7.04 -75.80
CA THR A 4785 5.17 -7.84 -74.93
C THR A 4785 4.33 -7.00 -73.97
N ASP A 4786 4.08 -5.73 -74.31
CA ASP A 4786 3.28 -4.85 -73.49
C ASP A 4786 1.91 -4.66 -74.14
N ASN A 4787 0.85 -4.76 -73.33
CA ASN A 4787 -0.50 -4.75 -73.88
C ASN A 4787 -0.85 -3.41 -74.50
N SER A 4788 -0.54 -2.32 -73.82
CA SER A 4788 -0.91 -1.01 -74.35
C SER A 4788 -0.18 -0.72 -75.66
N PHE A 4789 1.11 -1.04 -75.70
CA PHE A 4789 1.85 -0.84 -76.94
C PHE A 4789 1.33 -1.72 -78.05
N LEU A 4790 0.99 -2.97 -77.73
CA LEU A 4790 0.44 -3.86 -78.75
C LEU A 4790 -0.86 -3.32 -79.29
N TYR A 4791 -1.71 -2.79 -78.40
CA TYR A 4791 -2.96 -2.21 -78.85
C TYR A 4791 -2.74 -1.01 -79.76
N LEU A 4792 -1.78 -0.15 -79.40
CA LEU A 4792 -1.49 1.01 -80.24
C LEU A 4792 -0.90 0.58 -81.59
N GLY A 4793 -0.07 -0.46 -81.59
CA GLY A 4793 0.44 -0.96 -82.85
C GLY A 4793 -0.63 -1.57 -83.72
N TRP A 4794 -1.61 -2.24 -83.10
CA TRP A 4794 -2.73 -2.74 -83.88
C TRP A 4794 -3.54 -1.60 -84.45
N TYR A 4795 -3.72 -0.54 -83.67
CA TYR A 4795 -4.34 0.67 -84.17
C TYR A 4795 -3.60 1.18 -85.40
N MET A 4796 -2.28 1.21 -85.32
CA MET A 4796 -1.42 1.58 -86.44
C MET A 4796 -1.72 0.73 -87.67
N VAL A 4797 -1.71 -0.58 -87.50
CA VAL A 4797 -1.81 -1.49 -88.63
C VAL A 4797 -3.16 -1.34 -89.30
N MET A 4798 -4.22 -1.23 -88.50
CA MET A 4798 -5.55 -1.08 -89.09
C MET A 4798 -5.72 0.28 -89.75
N SER A 4799 -5.12 1.33 -89.17
CA SER A 4799 -5.17 2.64 -89.81
C SER A 4799 -4.48 2.61 -91.16
N LEU A 4800 -3.34 1.93 -91.24
CA LEU A 4800 -2.65 1.82 -92.51
C LEU A 4800 -3.43 0.99 -93.51
N LEU A 4801 -4.04 -0.11 -93.06
CA LEU A 4801 -4.85 -0.91 -93.97
C LEU A 4801 -6.08 -0.17 -94.44
N GLY A 4802 -6.51 0.84 -93.68
CA GLY A 4802 -7.63 1.65 -94.11
C GLY A 4802 -7.38 2.36 -95.42
N HIS A 4803 -6.10 2.57 -95.77
CA HIS A 4803 -5.79 3.17 -97.06
C HIS A 4803 -5.92 2.15 -98.18
N TYR A 4804 -5.61 0.89 -97.90
CA TYR A 4804 -5.88 -0.17 -98.87
C TYR A 4804 -7.38 -0.33 -99.08
N ASN A 4805 -8.15 -0.26 -98.02
CA ASN A 4805 -9.61 -0.30 -98.09
C ASN A 4805 -10.18 0.50 -96.94
N ASN A 4806 -10.97 1.52 -97.27
CA ASN A 4806 -11.39 2.47 -96.24
C ASN A 4806 -12.27 1.85 -95.18
N PHE A 4807 -12.84 0.68 -95.43
CA PHE A 4807 -13.71 0.08 -94.43
C PHE A 4807 -12.93 -0.51 -93.27
N PHE A 4808 -11.60 -0.59 -93.37
CA PHE A 4808 -10.82 -1.01 -92.23
C PHE A 4808 -10.78 0.05 -91.14
N PHE A 4809 -11.27 1.25 -91.44
CA PHE A 4809 -11.40 2.28 -90.42
C PHE A 4809 -12.58 2.03 -89.50
N ALA A 4810 -13.45 1.09 -89.86
CA ALA A 4810 -14.53 0.70 -88.96
C ALA A 4810 -13.99 0.06 -87.70
N ALA A 4811 -12.85 -0.62 -87.81
CA ALA A 4811 -12.27 -1.30 -86.66
C ALA A 4811 -11.89 -0.31 -85.56
N HIS A 4812 -11.52 0.91 -85.93
CA HIS A 4812 -11.12 1.89 -84.94
C HIS A 4812 -12.30 2.37 -84.10
N LEU A 4813 -13.53 2.11 -84.55
CA LEU A 4813 -14.69 2.40 -83.73
C LEU A 4813 -14.71 1.55 -82.47
N LEU A 4814 -13.97 0.45 -82.44
CA LEU A 4814 -13.89 -0.37 -81.25
C LEU A 4814 -13.09 0.31 -80.14
N ASP A 4815 -12.44 1.41 -80.46
CA ASP A 4815 -11.58 2.09 -79.50
C ASP A 4815 -12.37 2.66 -78.33
N ILE A 4816 -13.68 2.84 -78.49
CA ILE A 4816 -14.48 3.44 -77.43
C ILE A 4816 -14.44 2.60 -76.17
N ALA A 4817 -14.17 1.29 -76.29
CA ALA A 4817 -14.13 0.43 -75.11
C ALA A 4817 -12.98 0.80 -74.19
N MET A 4818 -11.81 1.08 -74.75
CA MET A 4818 -10.67 1.55 -73.98
C MET A 4818 -10.69 3.04 -73.74
N GLY A 4819 -11.31 3.82 -74.61
CA GLY A 4819 -11.37 5.26 -74.42
C GLY A 4819 -12.24 5.66 -73.25
N VAL A 4820 -13.32 4.93 -73.02
CA VAL A 4820 -14.33 5.31 -72.04
C VAL A 4820 -14.27 4.32 -70.89
N LYS A 4821 -14.07 4.85 -69.68
CA LYS A 4821 -14.04 4.00 -68.50
C LYS A 4821 -15.37 3.28 -68.30
N THR A 4822 -16.48 3.89 -68.73
CA THR A 4822 -17.78 3.25 -68.59
C THR A 4822 -17.86 2.00 -69.45
N LEU A 4823 -17.47 2.10 -70.72
CA LEU A 4823 -17.44 0.93 -71.58
C LEU A 4823 -16.47 -0.10 -71.06
N ARG A 4824 -15.33 0.36 -70.54
CA ARG A 4824 -14.32 -0.57 -70.06
C ARG A 4824 -14.86 -1.39 -68.89
N THR A 4825 -15.58 -0.73 -67.98
CA THR A 4825 -16.20 -1.46 -66.88
C THR A 4825 -17.27 -2.42 -67.39
N ILE A 4826 -18.09 -1.98 -68.34
CA ILE A 4826 -19.15 -2.84 -68.84
C ILE A 4826 -18.57 -4.09 -69.49
N LEU A 4827 -17.51 -3.94 -70.27
CA LEU A 4827 -16.91 -5.09 -70.93
C LEU A 4827 -16.10 -5.94 -69.98
N SER A 4828 -15.55 -5.34 -68.92
CA SER A 4828 -14.95 -6.15 -67.87
C SER A 4828 -16.01 -7.01 -67.20
N SER A 4829 -17.25 -6.51 -67.15
CA SER A 4829 -18.35 -7.31 -66.63
C SER A 4829 -18.65 -8.52 -67.50
N VAL A 4830 -18.09 -8.60 -68.70
CA VAL A 4830 -18.20 -9.80 -69.52
C VAL A 4830 -16.94 -10.64 -69.40
N THR A 4831 -15.77 -10.01 -69.49
CA THR A 4831 -14.50 -10.73 -69.42
C THR A 4831 -14.21 -11.31 -68.05
N HIS A 4832 -14.97 -10.91 -67.03
CA HIS A 4832 -14.72 -11.37 -65.67
C HIS A 4832 -14.88 -12.88 -65.56
N ASN A 4833 -15.86 -13.45 -66.27
CA ASN A 4833 -16.12 -14.88 -66.27
C ASN A 4833 -15.90 -15.48 -67.65
N GLY A 4834 -14.84 -15.05 -68.33
CA GLY A 4834 -14.62 -15.49 -69.69
C GLY A 4834 -14.34 -16.99 -69.80
N LYS A 4835 -13.60 -17.52 -68.83
CA LYS A 4835 -13.32 -18.96 -68.85
C LYS A 4835 -14.61 -19.74 -68.68
N GLN A 4836 -15.49 -19.29 -67.77
CA GLN A 4836 -16.79 -19.92 -67.61
C GLN A 4836 -17.62 -19.83 -68.89
N LEU A 4837 -17.60 -18.68 -69.56
CA LEU A 4837 -18.40 -18.54 -70.78
C LEU A 4837 -17.91 -19.46 -71.88
N VAL A 4838 -16.59 -19.53 -72.08
CA VAL A 4838 -16.06 -20.43 -73.10
C VAL A 4838 -16.38 -21.87 -72.76
N MET A 4839 -16.24 -22.24 -71.48
CA MET A 4839 -16.50 -23.61 -71.09
C MET A 4839 -17.97 -23.98 -71.27
N THR A 4840 -18.88 -23.06 -70.95
CA THR A 4840 -20.30 -23.38 -71.12
C THR A 4840 -20.69 -23.41 -72.59
N VAL A 4841 -20.05 -22.61 -73.44
CA VAL A 4841 -20.28 -22.75 -74.87
C VAL A 4841 -19.81 -24.10 -75.37
N GLY A 4842 -18.67 -24.57 -74.86
CA GLY A 4842 -18.21 -25.90 -75.23
C GLY A 4842 -19.17 -26.99 -74.77
N LEU A 4843 -19.70 -26.85 -73.56
CA LEU A 4843 -20.69 -27.82 -73.08
C LEU A 4843 -21.94 -27.80 -73.94
N LEU A 4844 -22.36 -26.61 -74.37
CA LEU A 4844 -23.49 -26.51 -75.28
C LEU A 4844 -23.21 -27.22 -76.58
N ALA A 4845 -21.99 -27.08 -77.11
CA ALA A 4845 -21.63 -27.79 -78.33
C ALA A 4845 -21.73 -29.29 -78.12
N VAL A 4846 -21.26 -29.78 -76.97
CA VAL A 4846 -21.30 -31.22 -76.70
C VAL A 4846 -22.73 -31.73 -76.60
N VAL A 4847 -23.60 -31.01 -75.89
CA VAL A 4847 -24.97 -31.48 -75.74
C VAL A 4847 -25.69 -31.45 -77.07
N VAL A 4848 -25.45 -30.42 -77.88
CA VAL A 4848 -26.06 -30.37 -79.19
C VAL A 4848 -25.56 -31.53 -80.05
N TYR A 4849 -24.28 -31.90 -79.88
CA TYR A 4849 -23.76 -33.05 -80.61
C TYR A 4849 -24.47 -34.34 -80.21
N LEU A 4850 -24.73 -34.50 -78.92
CA LEU A 4850 -25.45 -35.69 -78.48
C LEU A 4850 -26.83 -35.74 -79.11
N TYR A 4851 -27.52 -34.60 -79.14
CA TYR A 4851 -28.82 -34.56 -79.80
C TYR A 4851 -28.70 -34.86 -81.28
N THR A 4852 -27.62 -34.40 -81.91
CA THR A 4852 -27.39 -34.68 -83.31
C THR A 4852 -27.22 -36.17 -83.56
N VAL A 4853 -26.50 -36.84 -82.67
CA VAL A 4853 -26.32 -38.29 -82.79
C VAL A 4853 -27.67 -38.99 -82.71
N VAL A 4854 -28.49 -38.59 -81.73
CA VAL A 4854 -29.80 -39.21 -81.57
C VAL A 4854 -30.65 -38.99 -82.81
N ALA A 4855 -30.66 -37.75 -83.32
CA ALA A 4855 -31.47 -37.43 -84.48
C ALA A 4855 -31.03 -38.20 -85.71
N PHE A 4856 -29.72 -38.30 -85.92
CA PHE A 4856 -29.23 -39.04 -87.08
C PHE A 4856 -29.63 -40.50 -86.99
N ASN A 4857 -29.55 -41.09 -85.80
CA ASN A 4857 -29.85 -42.50 -85.68
C ASN A 4857 -31.34 -42.79 -85.85
N PHE A 4858 -32.21 -41.89 -85.37
CA PHE A 4858 -33.62 -42.24 -85.33
C PHE A 4858 -34.56 -41.32 -86.08
N PHE A 4859 -34.39 -40.00 -86.02
CA PHE A 4859 -35.39 -39.06 -86.48
C PHE A 4859 -35.04 -38.46 -87.82
N ARG A 4860 -34.38 -39.22 -88.69
CA ARG A 4860 -33.86 -38.66 -89.94
C ARG A 4860 -34.97 -38.20 -90.86
N LYS A 4861 -36.16 -38.80 -90.76
CA LYS A 4861 -37.23 -38.46 -91.69
C LYS A 4861 -37.67 -37.01 -91.55
N PHE A 4862 -37.61 -36.46 -90.35
CA PHE A 4862 -38.23 -35.18 -90.06
C PHE A 4862 -37.38 -34.00 -90.48
N TYR A 4863 -36.17 -34.24 -90.99
CA TYR A 4863 -35.23 -33.18 -91.30
C TYR A 4863 -35.21 -32.84 -92.79
N ASN A 4864 -36.35 -32.95 -93.45
CA ASN A 4864 -36.50 -32.52 -94.83
C ASN A 4864 -36.93 -31.06 -94.82
N LYS A 4865 -36.02 -30.17 -95.21
CA LYS A 4865 -36.30 -28.73 -95.23
C LYS A 4865 -36.57 -28.23 -96.64
N SER A 4866 -37.18 -29.05 -97.48
CA SER A 4866 -37.51 -28.66 -98.86
C SER A 4866 -39.00 -28.78 -99.08
N GLU A 4867 -39.64 -27.69 -99.49
CA GLU A 4867 -41.05 -27.73 -99.83
C GLU A 4867 -41.29 -28.45 -101.15
N ASP A 4868 -40.25 -28.65 -101.95
CA ASP A 4868 -40.39 -29.40 -103.18
C ASP A 4868 -40.74 -30.85 -102.89
N GLU A 4869 -41.44 -31.48 -103.84
CA GLU A 4869 -41.90 -32.85 -103.65
C GLU A 4869 -41.02 -33.90 -104.31
N ASP A 4870 -40.23 -33.53 -105.32
CA ASP A 4870 -39.44 -34.53 -106.04
C ASP A 4870 -37.95 -34.46 -105.74
N GLU A 4871 -37.43 -33.30 -105.34
CA GLU A 4871 -36.04 -33.19 -104.90
C GLU A 4871 -36.00 -32.71 -103.45
N PRO A 4872 -35.80 -33.60 -102.50
CA PRO A 4872 -35.78 -33.19 -101.09
C PRO A 4872 -34.41 -32.68 -100.66
N ASP A 4873 -34.41 -31.83 -99.64
CA ASP A 4873 -33.17 -31.35 -99.02
C ASP A 4873 -33.13 -31.89 -97.60
N MET A 4874 -32.51 -33.05 -97.44
CA MET A 4874 -32.41 -33.67 -96.14
C MET A 4874 -31.21 -33.12 -95.39
N LYS A 4875 -31.46 -32.54 -94.22
CA LYS A 4875 -30.43 -31.88 -93.44
C LYS A 4875 -29.71 -32.83 -92.49
N CYS A 4876 -30.18 -34.07 -92.36
CA CYS A 4876 -29.58 -35.00 -91.40
C CYS A 4876 -29.27 -36.34 -92.04
N ASP A 4877 -28.77 -36.33 -93.28
CA ASP A 4877 -28.22 -37.53 -93.87
C ASP A 4877 -26.72 -37.64 -93.64
N ASP A 4878 -26.13 -36.74 -92.88
CA ASP A 4878 -24.71 -36.72 -92.60
C ASP A 4878 -24.50 -36.16 -91.20
N MET A 4879 -23.50 -36.70 -90.49
CA MET A 4879 -23.14 -36.15 -89.19
C MET A 4879 -22.82 -34.67 -89.27
N MET A 4880 -21.97 -34.28 -90.21
CA MET A 4880 -21.51 -32.90 -90.26
C MET A 4880 -22.65 -31.96 -90.64
N THR A 4881 -23.44 -32.35 -91.64
CA THR A 4881 -24.58 -31.52 -92.04
C THR A 4881 -25.61 -31.39 -90.92
N CYS A 4882 -25.93 -32.50 -90.26
CA CYS A 4882 -26.90 -32.45 -89.18
C CYS A 4882 -26.40 -31.61 -88.01
N TYR A 4883 -25.11 -31.73 -87.69
CA TYR A 4883 -24.57 -30.99 -86.57
C TYR A 4883 -24.54 -29.50 -86.88
N LEU A 4884 -24.19 -29.14 -88.11
CA LEU A 4884 -24.29 -27.75 -88.52
C LEU A 4884 -25.73 -27.26 -88.40
N PHE A 4885 -26.68 -28.06 -88.89
CA PHE A 4885 -28.08 -27.66 -88.84
C PHE A 4885 -28.52 -27.40 -87.40
N HIS A 4886 -28.19 -28.31 -86.50
CA HIS A 4886 -28.57 -28.11 -85.11
C HIS A 4886 -27.92 -26.86 -84.54
N MET A 4887 -26.60 -26.78 -84.58
CA MET A 4887 -25.91 -25.65 -83.96
C MET A 4887 -26.26 -24.33 -84.62
N TYR A 4888 -26.84 -24.36 -85.82
CA TYR A 4888 -27.14 -23.11 -86.53
C TYR A 4888 -28.60 -22.68 -86.38
N VAL A 4889 -29.54 -23.62 -86.44
CA VAL A 4889 -30.94 -23.22 -86.41
C VAL A 4889 -31.60 -23.59 -85.09
N GLY A 4890 -31.23 -24.73 -84.51
CA GLY A 4890 -31.89 -25.16 -83.29
C GLY A 4890 -31.57 -24.26 -82.12
N VAL A 4891 -30.31 -23.85 -81.99
CA VAL A 4891 -29.93 -22.98 -80.89
C VAL A 4891 -30.59 -21.61 -81.05
N ARG A 4892 -30.66 -21.10 -82.27
CA ARG A 4892 -31.22 -19.78 -82.49
C ARG A 4892 -32.73 -19.76 -82.46
N ALA A 4893 -33.39 -20.90 -82.67
CA ALA A 4893 -34.84 -20.91 -82.64
C ALA A 4893 -35.34 -20.69 -81.23
N GLY A 4894 -36.51 -20.05 -81.12
CA GLY A 4894 -37.09 -19.80 -79.82
C GLY A 4894 -37.51 -21.07 -79.10
N GLY A 4895 -38.06 -22.02 -79.83
CA GLY A 4895 -38.55 -23.24 -79.24
C GLY A 4895 -37.66 -24.44 -79.43
N GLY A 4896 -36.42 -24.22 -79.83
CA GLY A 4896 -35.53 -25.33 -80.08
C GLY A 4896 -35.69 -25.90 -81.47
N ILE A 4897 -35.19 -27.12 -81.64
CA ILE A 4897 -35.15 -27.73 -82.96
C ILE A 4897 -36.53 -28.13 -83.44
N GLY A 4898 -37.48 -28.30 -82.53
CA GLY A 4898 -38.80 -28.71 -82.92
C GLY A 4898 -39.52 -27.65 -83.72
N ASP A 4899 -39.11 -26.40 -83.57
CA ASP A 4899 -39.67 -25.32 -84.37
C ASP A 4899 -39.32 -25.49 -85.83
N GLU A 4900 -38.15 -26.09 -86.10
CA GLU A 4900 -37.67 -26.18 -87.48
C GLU A 4900 -38.04 -27.50 -88.13
N ILE A 4901 -37.89 -28.62 -87.42
CA ILE A 4901 -38.13 -29.90 -88.08
C ILE A 4901 -39.63 -30.17 -88.19
N GLU A 4902 -39.97 -31.20 -88.95
CA GLU A 4902 -41.34 -31.47 -89.34
C GLU A 4902 -42.19 -31.93 -88.15
N ASP A 4903 -43.50 -31.85 -88.33
CA ASP A 4903 -44.42 -32.23 -87.27
C ASP A 4903 -44.34 -33.73 -87.00
N PRO A 4904 -44.38 -34.16 -85.74
CA PRO A 4904 -44.32 -35.59 -85.45
C PRO A 4904 -45.67 -36.23 -85.22
N ALA A 4905 -46.75 -35.47 -85.37
CA ALA A 4905 -48.08 -36.00 -85.10
C ALA A 4905 -48.39 -37.15 -86.04
N GLY A 4906 -49.07 -38.16 -85.49
CA GLY A 4906 -49.43 -39.32 -86.31
C GLY A 4906 -48.24 -40.12 -86.78
N ASP A 4907 -47.29 -40.37 -85.89
CA ASP A 4907 -46.12 -41.18 -86.20
C ASP A 4907 -45.89 -42.18 -85.08
N GLU A 4908 -45.21 -43.27 -85.43
CA GLU A 4908 -44.93 -44.31 -84.44
C GLU A 4908 -43.94 -43.79 -83.39
N TYR A 4909 -43.23 -42.72 -83.70
CA TYR A 4909 -42.23 -42.14 -82.81
C TYR A 4909 -42.65 -40.78 -82.27
N GLU A 4910 -43.96 -40.53 -82.17
CA GLU A 4910 -44.42 -39.21 -81.75
C GLU A 4910 -43.94 -38.86 -80.35
N LEU A 4911 -44.16 -39.76 -79.40
CA LEU A 4911 -43.79 -39.46 -78.02
C LEU A 4911 -42.28 -39.31 -77.87
N TYR A 4912 -41.52 -40.18 -78.52
CA TYR A 4912 -40.06 -40.07 -78.48
C TYR A 4912 -39.62 -38.72 -79.01
N ARG A 4913 -40.22 -38.29 -80.12
CA ARG A 4913 -39.80 -37.03 -80.72
C ARG A 4913 -40.21 -35.84 -79.87
N VAL A 4914 -41.38 -35.89 -79.23
CA VAL A 4914 -41.78 -34.77 -78.38
C VAL A 4914 -40.89 -34.68 -77.17
N VAL A 4915 -40.47 -35.81 -76.61
CA VAL A 4915 -39.52 -35.77 -75.51
C VAL A 4915 -38.20 -35.18 -75.98
N PHE A 4916 -37.74 -35.61 -77.16
CA PHE A 4916 -36.55 -35.04 -77.78
C PHE A 4916 -36.64 -33.52 -77.86
N ASP A 4917 -37.77 -33.01 -78.36
CA ASP A 4917 -37.92 -31.57 -78.56
C ASP A 4917 -38.00 -30.81 -77.25
N ILE A 4918 -38.81 -31.28 -76.31
CA ILE A 4918 -38.95 -30.59 -75.03
C ILE A 4918 -37.63 -30.58 -74.28
N THR A 4919 -36.92 -31.70 -74.24
CA THR A 4919 -35.63 -31.73 -73.55
C THR A 4919 -34.61 -30.84 -74.23
N PHE A 4920 -34.61 -30.80 -75.57
CA PHE A 4920 -33.72 -29.87 -76.24
C PHE A 4920 -34.02 -28.44 -75.84
N PHE A 4921 -35.29 -28.06 -75.86
CA PHE A 4921 -35.69 -26.72 -75.49
C PHE A 4921 -35.28 -26.38 -74.08
N PHE A 4922 -35.43 -27.32 -73.14
CA PHE A 4922 -35.14 -27.02 -71.75
C PHE A 4922 -33.64 -26.97 -71.48
N PHE A 4923 -32.90 -27.98 -71.91
CA PHE A 4923 -31.47 -28.02 -71.59
C PHE A 4923 -30.70 -26.97 -72.37
N VAL A 4924 -31.03 -26.77 -73.63
CA VAL A 4924 -30.22 -25.91 -74.48
C VAL A 4924 -30.74 -24.48 -74.45
N ILE A 4925 -31.99 -24.29 -74.84
CA ILE A 4925 -32.53 -22.94 -74.98
C ILE A 4925 -32.70 -22.27 -73.63
N VAL A 4926 -33.21 -22.99 -72.64
CA VAL A 4926 -33.53 -22.35 -71.37
C VAL A 4926 -32.31 -22.35 -70.46
N ILE A 4927 -31.85 -23.54 -70.08
CA ILE A 4927 -30.88 -23.66 -68.99
C ILE A 4927 -29.53 -23.07 -69.38
N LEU A 4928 -28.99 -23.43 -70.55
CA LEU A 4928 -27.62 -23.02 -70.85
C LEU A 4928 -27.52 -21.54 -71.18
N LEU A 4929 -28.47 -21.01 -71.95
CA LEU A 4929 -28.47 -19.58 -72.21
C LEU A 4929 -28.71 -18.81 -70.92
N ALA A 4930 -29.53 -19.36 -70.02
CA ALA A 4930 -29.68 -18.78 -68.69
C ALA A 4930 -28.35 -18.79 -67.94
N ILE A 4931 -27.55 -19.84 -68.08
CA ILE A 4931 -26.25 -19.89 -67.45
C ILE A 4931 -25.36 -18.76 -67.95
N ILE A 4932 -25.37 -18.54 -69.27
CA ILE A 4932 -24.53 -17.49 -69.84
C ILE A 4932 -24.94 -16.12 -69.30
N GLN A 4933 -26.24 -15.82 -69.38
CA GLN A 4933 -26.71 -14.54 -68.88
C GLN A 4933 -26.46 -14.39 -67.38
N GLY A 4934 -26.56 -15.48 -66.64
CA GLY A 4934 -26.28 -15.43 -65.22
C GLY A 4934 -24.83 -15.17 -64.93
N LEU A 4935 -23.93 -15.73 -65.73
CA LEU A 4935 -22.51 -15.42 -65.57
C LEU A 4935 -22.27 -13.93 -65.75
N ILE A 4936 -22.89 -13.33 -66.77
CA ILE A 4936 -22.72 -11.89 -66.99
C ILE A 4936 -23.25 -11.08 -65.81
N ILE A 4937 -24.47 -11.41 -65.35
CA ILE A 4937 -25.06 -10.65 -64.24
C ILE A 4937 -24.24 -10.82 -62.97
N ASP A 4938 -23.78 -12.04 -62.70
CA ASP A 4938 -22.96 -12.28 -61.53
C ASP A 4938 -21.65 -11.52 -61.60
N ALA A 4939 -21.07 -11.39 -62.79
CA ALA A 4939 -19.87 -10.58 -62.92
C ALA A 4939 -20.16 -9.11 -62.61
N PHE A 4940 -21.31 -8.60 -63.06
CA PHE A 4940 -21.71 -7.25 -62.67
C PHE A 4940 -21.73 -7.10 -61.15
N GLY A 4941 -22.44 -7.99 -60.48
CA GLY A 4941 -22.54 -7.91 -59.03
C GLY A 4941 -21.19 -8.04 -58.35
N GLU A 4942 -20.34 -8.92 -58.86
CA GLU A 4942 -19.02 -9.13 -58.27
C GLU A 4942 -18.17 -7.88 -58.36
N LEU A 4943 -18.17 -7.22 -59.53
CA LEU A 4943 -17.41 -5.99 -59.67
C LEU A 4943 -17.93 -4.92 -58.72
N ARG A 4944 -19.26 -4.78 -58.63
CA ARG A 4944 -19.82 -3.76 -57.75
C ARG A 4944 -19.43 -4.02 -56.29
N ASP A 4945 -19.52 -5.27 -55.85
CA ASP A 4945 -19.20 -5.52 -54.44
C ASP A 4945 -17.71 -5.38 -54.18
N GLN A 4946 -16.86 -5.64 -55.18
CA GLN A 4946 -15.44 -5.35 -54.99
C GLN A 4946 -15.21 -3.86 -54.76
N GLN A 4947 -15.83 -3.01 -55.58
CA GLN A 4947 -15.67 -1.57 -55.38
C GLN A 4947 -16.17 -1.15 -54.00
N GLU A 4948 -17.34 -1.65 -53.62
CA GLU A 4948 -17.88 -1.30 -52.31
C GLU A 4948 -16.96 -1.77 -51.18
N GLN A 4949 -16.39 -2.97 -51.32
CA GLN A 4949 -15.50 -3.47 -50.28
C GLN A 4949 -14.27 -2.59 -50.13
N VAL A 4950 -13.67 -2.19 -51.25
CA VAL A 4950 -12.50 -1.33 -51.18
C VAL A 4950 -12.85 0.00 -50.52
N LYS A 4951 -13.99 0.58 -50.90
CA LYS A 4951 -14.37 1.87 -50.34
C LYS A 4951 -14.63 1.78 -48.84
N GLU A 4952 -15.37 0.77 -48.40
CA GLU A 4952 -15.63 0.62 -46.98
C GLU A 4952 -14.34 0.35 -46.20
N ASP A 4953 -13.43 -0.43 -46.76
CA ASP A 4953 -12.17 -0.67 -46.07
C ASP A 4953 -11.39 0.62 -45.91
N MET A 4954 -11.34 1.45 -46.95
CA MET A 4954 -10.64 2.73 -46.84
C MET A 4954 -11.32 3.66 -45.85
N GLU A 4955 -12.65 3.66 -45.79
CA GLU A 4955 -13.36 4.54 -44.88
C GLU A 4955 -13.48 3.97 -43.48
N THR A 4956 -13.00 2.75 -43.24
CA THR A 4956 -13.14 2.15 -41.93
C THR A 4956 -11.83 1.78 -41.23
N LYS A 4957 -10.74 1.53 -41.96
CA LYS A 4957 -9.48 1.21 -41.32
C LYS A 4957 -8.38 2.12 -41.83
N CYS A 4958 -7.38 2.36 -40.98
CA CYS A 4958 -6.22 3.11 -41.44
C CYS A 4958 -5.36 2.23 -42.33
N PHE A 4959 -5.04 2.76 -43.50
CA PHE A 4959 -4.26 2.03 -44.49
C PHE A 4959 -2.89 1.63 -43.99
N ILE A 4960 -2.35 2.33 -43.00
CA ILE A 4960 -1.00 2.06 -42.52
C ILE A 4960 -1.05 1.11 -41.33
N CYS A 4961 -1.68 1.54 -40.25
CA CYS A 4961 -1.60 0.80 -39.00
C CYS A 4961 -2.66 -0.28 -38.86
N GLY A 4962 -3.74 -0.20 -39.62
CA GLY A 4962 -4.76 -1.21 -39.56
C GLY A 4962 -5.79 -1.03 -38.46
N ILE A 4963 -5.66 0.02 -37.65
CA ILE A 4963 -6.63 0.26 -36.58
C ILE A 4963 -7.91 0.82 -37.17
N GLY A 4964 -9.04 0.33 -36.69
CA GLY A 4964 -10.31 0.73 -37.26
C GLY A 4964 -10.73 2.13 -36.84
N SER A 4965 -11.65 2.69 -37.63
CA SER A 4965 -12.16 4.02 -37.36
C SER A 4965 -12.88 4.13 -36.02
N ASP A 4966 -13.39 3.02 -35.50
CA ASP A 4966 -14.12 3.06 -34.24
C ASP A 4966 -13.23 3.51 -33.08
N TYR A 4967 -11.98 3.06 -33.07
CA TYR A 4967 -11.07 3.48 -32.01
C TYR A 4967 -10.77 4.97 -32.11
N PHE A 4968 -10.46 5.45 -33.31
CA PHE A 4968 -10.10 6.85 -33.47
C PHE A 4968 -11.31 7.76 -33.25
N ASP A 4969 -12.51 7.24 -33.41
CA ASP A 4969 -13.68 8.12 -33.34
C ASP A 4969 -14.10 8.46 -31.93
N THR A 4970 -13.48 7.86 -30.91
CA THR A 4970 -13.72 8.31 -29.53
C THR A 4970 -13.52 9.81 -29.42
N THR A 4971 -12.40 10.29 -29.93
CA THR A 4971 -12.20 11.71 -30.16
C THR A 4971 -12.98 12.13 -31.39
N PRO A 4972 -13.62 13.30 -31.39
CA PRO A 4972 -14.34 13.75 -32.58
C PRO A 4972 -13.42 13.87 -33.78
N HIS A 4973 -13.94 13.45 -34.94
CA HIS A 4973 -13.19 13.49 -36.21
C HIS A 4973 -11.84 12.80 -36.07
N GLY A 4974 -11.75 11.86 -35.12
CA GLY A 4974 -10.47 11.25 -34.82
C GLY A 4974 -9.89 10.52 -36.00
N PHE A 4975 -10.71 9.76 -36.72
CA PHE A 4975 -10.21 9.02 -37.87
C PHE A 4975 -9.82 9.98 -38.99
N GLU A 4976 -10.59 11.06 -39.18
CA GLU A 4976 -10.25 12.02 -40.21
C GLU A 4976 -8.89 12.67 -39.93
N THR A 4977 -8.67 13.09 -38.69
CA THR A 4977 -7.37 13.66 -38.35
C THR A 4977 -6.27 12.62 -38.44
N HIS A 4978 -6.57 11.38 -38.07
CA HIS A 4978 -5.55 10.34 -38.12
C HIS A 4978 -5.12 10.06 -39.55
N THR A 4979 -6.06 10.08 -40.49
CA THR A 4979 -5.73 9.83 -41.88
C THR A 4979 -5.28 11.06 -42.63
N LEU A 4980 -5.42 12.25 -42.05
CA LEU A 4980 -4.89 13.45 -42.69
C LEU A 4980 -3.57 13.93 -42.11
N GLU A 4981 -3.28 13.65 -40.86
CA GLU A 4981 -2.11 14.18 -40.19
C GLU A 4981 -1.19 13.10 -39.65
N GLU A 4982 -1.72 12.10 -38.97
CA GLU A 4982 -0.90 11.17 -38.21
C GLU A 4982 -0.31 10.08 -39.11
N HIS A 4983 -1.13 9.44 -39.93
CA HIS A 4983 -0.72 8.30 -40.74
C HIS A 4983 -1.09 8.50 -42.20
N ASN A 4984 -0.87 9.70 -42.72
CA ASN A 4984 -1.18 9.95 -44.12
C ASN A 4984 -0.18 9.24 -45.01
N LEU A 4985 -0.66 8.42 -45.93
CA LEU A 4985 0.26 7.67 -46.78
C LEU A 4985 1.01 8.59 -47.74
N ALA A 4986 0.37 9.68 -48.16
CA ALA A 4986 1.06 10.67 -48.97
C ALA A 4986 2.27 11.21 -48.21
N ASN A 4987 2.18 11.28 -46.88
CA ASN A 4987 3.31 11.75 -46.09
C ASN A 4987 4.43 10.74 -46.06
N TYR A 4988 4.12 9.44 -46.09
CA TYR A 4988 5.19 8.45 -46.19
C TYR A 4988 5.88 8.53 -47.53
N MET A 4989 5.11 8.76 -48.59
CA MET A 4989 5.70 8.99 -49.90
C MET A 4989 6.60 10.23 -49.90
N PHE A 4990 6.10 11.33 -49.34
CA PHE A 4990 6.88 12.55 -49.28
C PHE A 4990 8.13 12.38 -48.42
N PHE A 4991 8.02 11.62 -47.33
CA PHE A 4991 9.18 11.37 -46.48
C PHE A 4991 10.24 10.58 -47.22
N LEU A 4992 9.82 9.60 -48.02
CA LEU A 4992 10.78 8.86 -48.82
C LEU A 4992 11.50 9.78 -49.80
N MET A 4993 10.73 10.65 -50.47
CA MET A 4993 11.35 11.62 -51.36
C MET A 4993 12.34 12.53 -50.63
N TYR A 4994 11.94 12.97 -49.44
CA TYR A 4994 12.77 13.86 -48.63
C TYR A 4994 14.07 13.19 -48.23
N LEU A 4995 14.02 11.93 -47.80
CA LEU A 4995 15.23 11.20 -47.47
C LEU A 4995 16.12 11.04 -48.68
N ILE A 4996 15.53 10.76 -49.84
CA ILE A 4996 16.33 10.59 -51.04
C ILE A 4996 17.08 11.88 -51.37
N ASN A 4997 16.38 13.02 -51.28
CA ASN A 4997 17.01 14.28 -51.64
C ASN A 4997 18.05 14.72 -50.62
N LYS A 4998 17.81 14.45 -49.35
CA LYS A 4998 18.67 14.97 -48.29
C LYS A 4998 20.01 14.26 -48.26
N ASP A 4999 21.03 14.97 -47.81
CA ASP A 4999 22.36 14.40 -47.65
C ASP A 4999 22.41 13.47 -46.44
N GLU A 5000 23.10 12.35 -46.60
CA GLU A 5000 23.19 11.38 -45.52
C GLU A 5000 23.95 11.94 -44.33
N THR A 5001 24.94 12.79 -44.58
CA THR A 5001 25.59 13.49 -43.49
C THR A 5001 24.64 14.42 -42.76
N GLU A 5002 23.55 14.82 -43.40
CA GLU A 5002 22.57 15.70 -42.79
C GLU A 5002 21.38 14.97 -42.20
N HIS A 5003 21.26 13.67 -42.46
CA HIS A 5003 20.17 12.91 -41.88
C HIS A 5003 20.19 12.99 -40.35
N THR A 5004 19.02 13.09 -39.75
CA THR A 5004 18.91 13.00 -38.30
C THR A 5004 18.95 11.53 -37.89
N GLY A 5005 18.83 11.27 -36.59
CA GLY A 5005 18.88 9.90 -36.12
C GLY A 5005 17.72 9.07 -36.64
N GLN A 5006 16.51 9.62 -36.52
CA GLN A 5006 15.32 8.94 -37.00
C GLN A 5006 15.35 8.75 -38.51
N GLU A 5007 15.78 9.79 -39.22
CA GLU A 5007 15.90 9.70 -40.67
C GLU A 5007 16.91 8.65 -41.08
N SER A 5008 18.04 8.59 -40.40
CA SER A 5008 19.06 7.58 -40.70
C SER A 5008 18.53 6.19 -40.43
N TYR A 5009 17.79 6.04 -39.33
CA TYR A 5009 17.18 4.75 -39.00
C TYR A 5009 16.25 4.29 -40.11
N VAL A 5010 15.33 5.15 -40.51
CA VAL A 5010 14.37 4.80 -41.56
C VAL A 5010 15.09 4.57 -42.88
N TRP A 5011 16.15 5.34 -43.15
CA TRP A 5011 16.89 5.18 -44.40
C TRP A 5011 17.61 3.85 -44.46
N LYS A 5012 18.26 3.46 -43.37
CA LYS A 5012 18.92 2.17 -43.34
C LYS A 5012 17.92 1.04 -43.50
N MET A 5013 16.79 1.12 -42.80
CA MET A 5013 15.83 0.02 -42.92
C MET A 5013 15.14 0.05 -44.28
N TYR A 5014 15.12 1.20 -44.95
CA TYR A 5014 14.63 1.25 -46.32
C TYR A 5014 15.60 0.57 -47.27
N GLN A 5015 16.90 0.80 -47.10
CA GLN A 5015 17.86 0.18 -47.99
C GLN A 5015 17.98 -1.31 -47.74
N GLU A 5016 17.73 -1.76 -46.52
CA GLU A 5016 17.74 -3.18 -46.25
C GLU A 5016 16.42 -3.85 -46.62
N ARG A 5017 15.45 -3.09 -47.11
CA ARG A 5017 14.12 -3.59 -47.44
C ARG A 5017 13.45 -4.21 -46.23
N CYS A 5018 13.58 -3.56 -45.08
CA CYS A 5018 12.91 -3.95 -43.85
C CYS A 5018 11.85 -2.91 -43.53
N TRP A 5019 10.58 -3.33 -43.51
CA TRP A 5019 9.47 -2.41 -43.30
C TRP A 5019 8.90 -2.52 -41.89
N ASP A 5020 9.75 -2.72 -40.90
CA ASP A 5020 9.28 -2.76 -39.53
C ASP A 5020 9.10 -1.38 -38.92
N PHE A 5021 9.51 -0.32 -39.62
CA PHE A 5021 9.32 1.01 -39.09
C PHE A 5021 7.89 1.50 -39.29
N PHE A 5022 7.16 0.92 -40.23
CA PHE A 5022 5.77 1.29 -40.41
C PHE A 5022 4.99 0.87 -39.17
N PRO A 5023 4.23 1.77 -38.55
CA PRO A 5023 3.46 1.39 -37.36
C PRO A 5023 2.36 0.41 -37.74
N ALA A 5024 2.42 -0.79 -37.16
CA ALA A 5024 1.49 -1.86 -37.47
C ALA A 5024 0.68 -2.16 -36.22
N GLY A 5025 -0.60 -1.84 -36.25
CA GLY A 5025 -1.47 -2.09 -35.12
C GLY A 5025 -1.24 -1.20 -33.93
N ASP A 5026 -0.47 -0.12 -34.08
CA ASP A 5026 -0.17 0.78 -32.99
C ASP A 5026 -0.03 2.18 -33.53
N CYS A 5027 -0.28 3.17 -32.67
CA CYS A 5027 -0.19 4.55 -33.08
C CYS A 5027 0.22 5.42 -31.90
N PHE A 5028 0.56 6.67 -32.21
CA PHE A 5028 0.98 7.61 -31.17
C PHE A 5028 -0.13 7.82 -30.15
N ARG A 5029 -1.36 7.99 -30.61
CA ARG A 5029 -2.47 8.21 -29.70
C ARG A 5029 -2.66 7.03 -28.77
N LYS A 5030 -2.57 5.82 -29.31
CA LYS A 5030 -2.71 4.63 -28.47
C LYS A 5030 -1.57 4.50 -27.49
N GLN A 5031 -0.34 4.81 -27.91
CA GLN A 5031 0.81 4.59 -27.05
C GLN A 5031 0.80 5.50 -25.83
N TYR A 5032 0.31 6.72 -25.98
CA TYR A 5032 0.23 7.67 -24.89
C TYR A 5032 -1.23 7.96 -24.53
N GLU A 5033 -2.05 6.92 -24.52
CA GLU A 5033 -3.44 7.09 -24.12
C GLU A 5033 -3.55 7.72 -22.75
N ASP A 5034 -2.75 7.23 -21.80
CA ASP A 5034 -2.83 7.75 -20.44
C ASP A 5034 -2.42 9.22 -20.37
N GLN A 5035 -1.25 9.55 -20.90
CA GLN A 5035 -0.72 10.91 -20.75
C GLN A 5035 -1.55 11.90 -21.56
N LEU A 5036 -1.95 11.52 -22.76
CA LEU A 5036 -2.78 12.42 -23.56
C LEU A 5036 -4.16 12.59 -22.96
N SER A 5037 -4.70 11.54 -22.35
CA SER A 5037 -6.01 11.61 -21.72
C SER A 5037 -5.89 11.74 -20.21
N GLY B 2 122.42 28.95 -23.92
CA GLY B 2 121.48 27.87 -23.77
C GLY B 2 121.20 27.13 -25.06
N VAL B 3 121.92 27.50 -26.11
CA VAL B 3 121.83 26.86 -27.41
C VAL B 3 123.21 26.30 -27.75
N GLN B 4 123.25 25.01 -28.07
CA GLN B 4 124.49 24.30 -28.30
C GLN B 4 124.36 23.57 -29.64
N VAL B 5 125.30 23.81 -30.54
CA VAL B 5 125.20 23.35 -31.93
C VAL B 5 126.28 22.32 -32.21
N GLU B 6 125.86 21.12 -32.59
CA GLU B 6 126.74 20.08 -33.10
C GLU B 6 126.48 19.94 -34.59
N THR B 7 127.53 19.85 -35.38
CA THR B 7 127.37 19.60 -36.81
C THR B 7 127.09 18.13 -37.07
N ILE B 8 126.26 17.88 -38.07
CA ILE B 8 125.98 16.52 -38.54
C ILE B 8 126.57 16.31 -39.93
N SER B 9 126.27 17.22 -40.87
CA SER B 9 126.88 17.21 -42.18
C SER B 9 127.34 18.65 -42.41
N PRO B 10 128.58 18.85 -42.80
CA PRO B 10 129.09 20.22 -42.93
C PRO B 10 128.47 20.93 -44.11
N GLY B 11 128.41 22.25 -44.01
CA GLY B 11 127.92 23.10 -45.08
C GLY B 11 129.06 23.70 -45.88
N ASP B 12 128.75 24.78 -46.59
CA ASP B 12 129.78 25.47 -47.34
C ASP B 12 130.82 26.10 -46.41
N GLY B 13 130.39 26.62 -45.26
CA GLY B 13 131.29 27.19 -44.30
C GLY B 13 131.70 28.62 -44.56
N ARG B 14 131.07 29.31 -45.52
CA ARG B 14 131.43 30.69 -45.82
C ARG B 14 130.24 31.63 -45.79
N THR B 15 129.04 31.17 -46.15
CA THR B 15 127.86 32.02 -46.18
C THR B 15 127.02 31.77 -44.94
N PHE B 16 126.80 32.83 -44.17
CA PHE B 16 126.09 32.74 -42.90
C PHE B 16 124.92 33.70 -42.91
N PRO B 17 123.83 33.35 -42.22
CA PRO B 17 122.66 34.22 -42.23
C PRO B 17 122.89 35.43 -41.33
N LYS B 18 122.54 36.59 -41.85
CA LYS B 18 122.66 37.84 -41.11
C LYS B 18 121.28 38.43 -40.89
N ARG B 19 121.21 39.41 -39.98
CA ARG B 19 119.94 39.98 -39.59
C ARG B 19 119.17 40.51 -40.79
N GLY B 20 117.87 40.23 -40.81
CA GLY B 20 117.01 40.70 -41.89
C GLY B 20 116.94 39.79 -43.09
N GLN B 21 117.45 38.56 -43.00
CA GLN B 21 117.48 37.65 -44.12
C GLN B 21 116.59 36.44 -43.84
N THR B 22 115.83 36.02 -44.84
CA THR B 22 114.92 34.89 -44.68
C THR B 22 115.67 33.58 -44.82
N CYS B 23 115.57 32.73 -43.81
CA CYS B 23 116.26 31.45 -43.77
C CYS B 23 115.27 30.33 -44.05
N VAL B 24 115.62 29.47 -44.99
CA VAL B 24 114.76 28.36 -45.40
C VAL B 24 115.36 27.08 -44.82
N VAL B 25 114.67 26.48 -43.87
CA VAL B 25 115.19 25.36 -43.11
C VAL B 25 114.21 24.20 -43.13
N HIS B 26 114.75 22.99 -43.07
CA HIS B 26 114.01 21.78 -42.77
C HIS B 26 114.45 21.28 -41.40
N TYR B 27 113.50 21.02 -40.53
CA TYR B 27 113.82 20.69 -39.15
C TYR B 27 112.95 19.56 -38.65
N THR B 28 113.43 18.91 -37.58
CA THR B 28 112.68 17.88 -36.88
C THR B 28 112.97 18.05 -35.40
N GLY B 29 111.95 18.33 -34.60
CA GLY B 29 112.14 18.71 -33.21
C GLY B 29 111.71 17.60 -32.26
N MET B 30 112.58 17.33 -31.29
CA MET B 30 112.36 16.28 -30.31
C MET B 30 112.61 16.82 -28.91
N LEU B 31 111.83 16.32 -27.96
CA LEU B 31 112.13 16.57 -26.56
C LEU B 31 113.42 15.86 -26.18
N GLU B 32 114.10 16.36 -25.15
CA GLU B 32 115.43 15.86 -24.85
C GLU B 32 115.44 14.40 -24.41
N ASP B 33 114.30 13.84 -24.04
CA ASP B 33 114.25 12.42 -23.70
C ASP B 33 113.97 11.53 -24.90
N GLY B 34 113.64 12.10 -26.06
CA GLY B 34 113.57 11.32 -27.27
C GLY B 34 112.21 11.22 -27.93
N LYS B 35 111.28 12.10 -27.58
CA LYS B 35 109.95 12.10 -28.17
C LYS B 35 109.84 13.24 -29.18
N LYS B 36 109.43 12.90 -30.40
CA LYS B 36 109.32 13.90 -31.45
C LYS B 36 108.05 14.70 -31.29
N PHE B 37 108.16 16.02 -31.49
CA PHE B 37 106.98 16.88 -31.46
C PHE B 37 106.81 17.72 -32.71
N ASP B 38 107.74 17.70 -33.65
CA ASP B 38 107.59 18.50 -34.84
C ASP B 38 108.50 17.97 -35.93
N SER B 39 108.14 18.28 -37.17
CA SER B 39 109.02 18.06 -38.29
C SER B 39 108.40 18.72 -39.50
N SER B 40 109.15 19.57 -40.18
CA SER B 40 108.66 20.13 -41.42
C SER B 40 108.70 19.12 -42.54
N ARG B 41 109.45 18.04 -42.36
CA ARG B 41 109.49 16.99 -43.37
C ARG B 41 108.13 16.33 -43.53
N ASP B 42 107.44 16.08 -42.42
CA ASP B 42 106.12 15.45 -42.50
C ASP B 42 105.15 16.30 -43.30
N ARG B 43 105.17 17.61 -43.07
CA ARG B 43 104.37 18.52 -43.87
C ARG B 43 104.94 18.71 -45.26
N ASN B 44 106.17 18.24 -45.51
CA ASN B 44 106.81 18.31 -46.82
C ASN B 44 106.91 19.75 -47.32
N LYS B 45 107.14 20.68 -46.41
CA LYS B 45 107.17 22.09 -46.77
C LYS B 45 108.24 22.80 -45.94
N PRO B 46 109.28 23.32 -46.57
CA PRO B 46 110.35 23.96 -45.82
C PRO B 46 109.86 25.16 -45.03
N PHE B 47 110.48 25.37 -43.87
CA PHE B 47 110.07 26.42 -42.95
C PHE B 47 110.94 27.66 -43.16
N LYS B 48 110.28 28.80 -43.30
CA LYS B 48 110.95 30.06 -43.59
C LYS B 48 110.74 31.04 -42.45
N PHE B 49 111.80 31.76 -42.10
CA PHE B 49 111.71 32.80 -41.10
C PHE B 49 112.85 33.78 -41.33
N MET B 50 112.64 35.02 -40.91
CA MET B 50 113.60 36.09 -41.13
C MET B 50 114.30 36.40 -39.82
N LEU B 51 115.63 36.41 -39.85
CA LEU B 51 116.40 36.60 -38.64
C LEU B 51 116.14 37.98 -38.03
N GLY B 52 116.10 38.03 -36.71
CA GLY B 52 116.06 39.29 -36.00
C GLY B 52 114.68 39.87 -35.74
N LYS B 53 113.62 39.25 -36.24
CA LYS B 53 112.27 39.70 -35.96
C LYS B 53 111.55 38.87 -34.91
N GLN B 54 112.29 38.11 -34.11
CA GLN B 54 111.73 37.37 -32.97
C GLN B 54 110.55 36.50 -33.40
N GLU B 55 110.59 35.98 -34.62
CA GLU B 55 109.52 35.08 -35.07
C GLU B 55 109.61 33.73 -34.37
N VAL B 56 110.81 33.21 -34.18
CA VAL B 56 111.01 31.88 -33.63
C VAL B 56 111.60 32.00 -32.23
N ILE B 57 111.69 30.88 -31.51
CA ILE B 57 112.19 30.90 -30.15
C ILE B 57 113.65 31.34 -30.17
N ARG B 58 114.09 31.95 -29.08
CA ARG B 58 115.40 32.58 -29.07
C ARG B 58 116.53 31.58 -29.13
N GLY B 59 116.25 30.29 -28.93
CA GLY B 59 117.28 29.29 -29.18
C GLY B 59 117.63 29.19 -30.65
N TRP B 60 116.63 29.38 -31.51
CA TRP B 60 116.87 29.31 -32.95
C TRP B 60 117.61 30.53 -33.47
N GLU B 61 117.56 31.65 -32.75
CA GLU B 61 118.19 32.87 -33.24
C GLU B 61 119.69 32.70 -33.36
N GLU B 62 120.36 32.28 -32.28
CA GLU B 62 121.78 31.95 -32.36
C GLU B 62 122.02 30.63 -33.07
N GLY B 63 121.14 29.66 -32.90
CA GLY B 63 121.39 28.35 -33.47
C GLY B 63 121.52 28.39 -34.97
N VAL B 64 120.57 29.04 -35.64
CA VAL B 64 120.62 29.13 -37.10
C VAL B 64 121.71 30.09 -37.55
N ALA B 65 121.95 31.16 -36.78
CA ALA B 65 122.97 32.13 -37.16
C ALA B 65 124.36 31.48 -37.21
N GLN B 66 124.62 30.51 -36.35
CA GLN B 66 125.90 29.81 -36.35
C GLN B 66 126.05 28.83 -37.51
N MET B 67 124.99 28.58 -38.27
CA MET B 67 125.07 27.59 -39.34
C MET B 67 125.37 28.26 -40.67
N SER B 68 125.95 27.48 -41.56
CA SER B 68 126.24 27.90 -42.93
C SER B 68 125.27 27.23 -43.88
N VAL B 69 125.26 27.71 -45.12
CA VAL B 69 124.30 27.22 -46.09
C VAL B 69 124.60 25.77 -46.43
N GLY B 70 123.57 24.93 -46.38
CA GLY B 70 123.73 23.51 -46.63
C GLY B 70 124.11 22.70 -45.43
N GLN B 71 124.42 23.34 -44.30
CA GLN B 71 124.86 22.62 -43.13
C GLN B 71 123.67 22.03 -42.40
N ARG B 72 123.80 20.77 -42.00
CA ARG B 72 122.82 20.08 -41.18
C ARG B 72 123.42 19.91 -39.79
N ALA B 73 122.74 20.46 -38.79
CA ALA B 73 123.30 20.49 -37.44
C ALA B 73 122.22 20.14 -36.44
N LYS B 74 122.65 19.84 -35.22
CA LYS B 74 121.77 19.46 -34.13
C LYS B 74 121.83 20.54 -33.06
N LEU B 75 120.69 21.18 -32.79
CA LEU B 75 120.59 22.29 -31.85
C LEU B 75 119.93 21.80 -30.58
N THR B 76 120.59 22.00 -29.44
CA THR B 76 120.03 21.70 -28.13
C THR B 76 119.73 23.01 -27.42
N ILE B 77 118.46 23.27 -27.17
CA ILE B 77 118.00 24.54 -26.63
C ILE B 77 117.53 24.33 -25.20
N SER B 78 118.12 25.09 -24.27
CA SER B 78 117.70 25.02 -22.88
C SER B 78 116.32 25.63 -22.73
N PRO B 79 115.57 25.24 -21.70
CA PRO B 79 114.19 25.71 -21.58
C PRO B 79 114.07 27.22 -21.54
N ASP B 80 115.06 27.89 -20.93
CA ASP B 80 114.98 29.34 -20.82
C ASP B 80 115.21 30.04 -22.16
N TYR B 81 116.01 29.46 -23.04
CA TYR B 81 116.01 29.86 -24.45
C TYR B 81 114.87 29.25 -25.24
N ALA B 82 113.91 28.62 -24.58
CA ALA B 82 112.74 28.05 -25.23
C ALA B 82 111.49 28.55 -24.52
N TYR B 83 110.36 27.87 -24.74
CA TYR B 83 109.11 28.24 -24.10
C TYR B 83 109.22 28.32 -22.58
N GLY B 84 110.10 27.54 -21.97
CA GLY B 84 110.36 27.71 -20.56
C GLY B 84 109.31 27.18 -19.62
N ALA B 85 109.06 27.89 -18.52
CA ALA B 85 108.12 27.43 -17.52
C ALA B 85 106.71 27.34 -18.06
N THR B 86 106.30 28.32 -18.88
CA THR B 86 104.97 28.27 -19.47
C THR B 86 104.84 27.07 -20.40
N GLY B 87 105.81 26.84 -21.25
CA GLY B 87 105.75 25.74 -22.17
C GLY B 87 104.71 25.97 -23.24
N HIS B 88 104.58 24.98 -24.10
CA HIS B 88 103.56 25.00 -25.14
C HIS B 88 102.45 24.05 -24.72
N PRO B 89 101.30 24.55 -24.30
CA PRO B 89 100.29 23.68 -23.66
C PRO B 89 99.86 22.54 -24.56
N GLY B 90 99.77 21.35 -23.98
CA GLY B 90 99.40 20.17 -24.71
C GLY B 90 100.45 19.65 -25.66
N ILE B 91 101.62 20.28 -25.69
CA ILE B 91 102.60 19.99 -26.73
C ILE B 91 103.96 19.73 -26.09
N ILE B 92 104.47 20.73 -25.40
CA ILE B 92 105.78 20.72 -24.76
C ILE B 92 105.59 20.96 -23.27
N PRO B 93 106.07 20.08 -22.41
CA PRO B 93 105.85 20.25 -20.98
C PRO B 93 106.67 21.41 -20.44
N PRO B 94 106.31 21.93 -19.27
CA PRO B 94 107.11 23.01 -18.67
C PRO B 94 108.52 22.54 -18.34
N HIS B 95 109.46 23.47 -18.43
CA HIS B 95 110.87 23.22 -18.13
C HIS B 95 111.43 22.10 -19.01
N ALA B 96 111.29 22.26 -20.32
CA ALA B 96 111.65 21.22 -21.28
C ALA B 96 112.82 21.67 -22.14
N THR B 97 113.79 20.79 -22.31
CA THR B 97 114.89 21.03 -23.22
C THR B 97 114.57 20.45 -24.59
N LEU B 98 114.76 21.25 -25.63
CA LEU B 98 114.39 20.88 -26.98
C LEU B 98 115.64 20.56 -27.79
N VAL B 99 115.57 19.47 -28.55
CA VAL B 99 116.65 19.06 -29.43
C VAL B 99 116.12 19.09 -30.87
N PHE B 100 116.84 19.75 -31.75
CA PHE B 100 116.41 19.95 -33.13
C PHE B 100 117.46 19.41 -34.08
N ASP B 101 117.01 18.89 -35.20
CA ASP B 101 117.88 18.46 -36.30
C ASP B 101 117.54 19.41 -37.44
N VAL B 102 118.34 20.46 -37.59
CA VAL B 102 118.03 21.58 -38.47
C VAL B 102 119.01 21.55 -39.64
N GLU B 103 118.46 21.64 -40.85
CA GLU B 103 119.26 21.76 -42.06
C GLU B 103 118.90 23.08 -42.73
N LEU B 104 119.91 23.91 -42.99
CA LEU B 104 119.70 25.22 -43.60
C LEU B 104 119.77 25.05 -45.11
N LEU B 105 118.61 24.99 -45.75
CA LEU B 105 118.55 24.69 -47.18
C LEU B 105 119.16 25.82 -48.01
N LYS B 106 118.73 27.05 -47.76
CA LYS B 106 119.21 28.20 -48.52
C LYS B 106 118.83 29.47 -47.77
N LEU B 107 119.19 30.60 -48.35
CA LEU B 107 118.86 31.91 -47.83
C LEU B 107 118.16 32.72 -48.91
N GLU B 108 117.22 33.55 -48.50
CA GLU B 108 116.50 34.41 -49.43
C GLU B 108 115.84 35.58 -48.72
N GLY C 2 45.84 -112.16 40.64
CA GLY C 2 44.52 -111.64 40.96
C GLY C 2 43.45 -112.17 40.02
N VAL C 3 43.64 -113.38 39.52
CA VAL C 3 42.69 -114.05 38.63
C VAL C 3 42.30 -115.38 39.24
N GLN C 4 41.01 -115.54 39.53
CA GLN C 4 40.45 -116.77 40.09
C GLN C 4 39.61 -117.46 39.03
N VAL C 5 39.88 -118.73 38.78
CA VAL C 5 39.21 -119.49 37.74
C VAL C 5 38.39 -120.58 38.40
N GLU C 6 37.06 -120.46 38.31
CA GLU C 6 36.14 -121.49 38.79
C GLU C 6 35.49 -122.12 37.56
N THR C 7 35.46 -123.45 37.52
CA THR C 7 34.89 -124.15 36.38
C THR C 7 33.37 -124.11 36.43
N ILE C 8 32.76 -124.07 35.25
CA ILE C 8 31.31 -124.17 35.10
C ILE C 8 30.92 -125.47 34.40
N SER C 9 31.51 -125.74 33.24
CA SER C 9 31.34 -126.99 32.55
C SER C 9 32.76 -127.46 32.22
N PRO C 10 33.11 -128.70 32.55
CA PRO C 10 34.48 -129.14 32.35
C PRO C 10 34.81 -129.30 30.87
N GLY C 11 36.10 -129.17 30.56
CA GLY C 11 36.60 -129.37 29.23
C GLY C 11 37.21 -130.75 29.05
N ASP C 12 38.04 -130.87 28.01
CA ASP C 12 38.74 -132.13 27.80
C ASP C 12 39.74 -132.40 28.91
N GLY C 13 40.39 -131.37 29.43
CA GLY C 13 41.32 -131.52 30.53
C GLY C 13 42.71 -131.97 30.15
N ARG C 14 43.04 -132.00 28.86
CA ARG C 14 44.37 -132.42 28.44
C ARG C 14 45.06 -131.42 27.54
N THR C 15 44.32 -130.66 26.73
CA THR C 15 44.92 -129.71 25.81
C THR C 15 44.78 -128.30 26.37
N PHE C 16 45.92 -127.64 26.56
CA PHE C 16 45.97 -126.34 27.18
C PHE C 16 46.67 -125.35 26.27
N PRO C 17 46.26 -124.09 26.29
CA PRO C 17 46.89 -123.11 25.41
C PRO C 17 48.28 -122.75 25.89
N LYS C 18 49.21 -122.70 24.96
CA LYS C 18 50.59 -122.34 25.25
C LYS C 18 50.94 -121.06 24.49
N ARG C 19 52.06 -120.46 24.89
CA ARG C 19 52.45 -119.17 24.33
C ARG C 19 52.55 -119.24 22.80
N GLY C 20 52.05 -118.20 22.15
CA GLY C 20 52.09 -118.13 20.71
C GLY C 20 50.97 -118.81 19.98
N GLN C 21 49.92 -119.22 20.68
CA GLN C 21 48.80 -119.93 20.08
C GLN C 21 47.54 -119.07 20.15
N THR C 22 46.77 -119.07 19.06
CA THR C 22 45.57 -118.27 19.00
C THR C 22 44.42 -118.99 19.67
N CYS C 23 43.80 -118.34 20.65
CA CYS C 23 42.70 -118.90 21.41
C CYS C 23 41.38 -118.31 20.95
N VAL C 24 40.42 -119.16 20.66
CA VAL C 24 39.10 -118.73 20.18
C VAL C 24 38.12 -118.92 21.33
N VAL C 25 37.61 -117.81 21.85
CA VAL C 25 36.79 -117.82 23.06
C VAL C 25 35.50 -117.07 22.82
N HIS C 26 34.44 -117.52 23.48
CA HIS C 26 33.20 -116.79 23.64
C HIS C 26 33.11 -116.37 25.09
N TYR C 27 32.86 -115.08 25.34
CA TYR C 27 32.89 -114.56 26.69
C TYR C 27 31.74 -113.58 26.91
N THR C 28 31.44 -113.37 28.19
CA THR C 28 30.45 -112.38 28.63
C THR C 28 31.00 -111.76 29.90
N GLY C 29 31.24 -110.46 29.88
CA GLY C 29 31.92 -109.78 30.98
C GLY C 29 30.99 -108.91 31.79
N MET C 30 31.08 -109.05 33.11
CA MET C 30 30.24 -108.32 34.03
C MET C 30 31.09 -107.69 35.12
N LEU C 31 30.68 -106.51 35.58
CA LEU C 31 31.28 -105.94 36.77
C LEU C 31 30.90 -106.78 37.99
N GLU C 32 31.74 -106.71 39.02
CA GLU C 32 31.57 -107.62 40.15
C GLU C 32 30.27 -107.42 40.90
N ASP C 33 29.59 -106.30 40.71
CA ASP C 33 28.29 -106.10 41.34
C ASP C 33 27.14 -106.60 40.51
N GLY C 34 27.37 -106.99 39.26
CA GLY C 34 26.35 -107.68 38.49
C GLY C 34 25.87 -106.98 37.23
N LYS C 35 26.61 -105.99 36.75
CA LYS C 35 26.25 -105.24 35.56
C LYS C 35 27.09 -105.71 34.39
N LYS C 36 26.44 -106.15 33.32
CA LYS C 36 27.14 -106.63 32.15
C LYS C 36 27.71 -105.47 31.35
N PHE C 37 28.95 -105.62 30.88
CA PHE C 37 29.55 -104.61 30.02
C PHE C 37 30.08 -105.16 28.70
N ASP C 38 30.07 -106.46 28.48
CA ASP C 38 30.56 -107.01 27.23
C ASP C 38 30.01 -108.41 27.05
N SER C 39 29.94 -108.83 25.79
CA SER C 39 29.67 -110.21 25.46
C SER C 39 29.92 -110.38 23.97
N SER C 40 30.73 -111.37 23.62
CA SER C 40 30.91 -111.70 22.22
C SER C 40 29.71 -112.42 21.65
N ARG C 41 28.86 -112.97 22.51
CA ARG C 41 27.64 -113.62 22.03
C ARG C 41 26.73 -112.63 21.34
N ASP C 42 26.60 -111.43 21.89
CA ASP C 42 25.72 -110.43 21.27
C ASP C 42 26.19 -110.08 19.86
N ARG C 43 27.50 -109.92 19.69
CA ARG C 43 28.04 -109.71 18.35
C ARG C 43 28.03 -110.99 17.52
N ASN C 44 27.79 -112.13 18.14
CA ASN C 44 27.69 -113.43 17.46
C ASN C 44 28.98 -113.75 16.71
N LYS C 45 30.11 -113.35 17.27
CA LYS C 45 31.40 -113.55 16.62
C LYS C 45 32.43 -113.92 17.67
N PRO C 46 32.99 -115.13 17.61
CA PRO C 46 33.96 -115.55 18.63
C PRO C 46 35.18 -114.64 18.64
N PHE C 47 35.75 -114.47 19.83
CA PHE C 47 36.87 -113.57 20.03
C PHE C 47 38.17 -114.36 20.00
N LYS C 48 39.11 -113.88 19.19
CA LYS C 48 40.38 -114.55 18.98
C LYS C 48 41.53 -113.67 19.48
N PHE C 49 42.49 -114.31 20.14
CA PHE C 49 43.68 -113.62 20.59
C PHE C 49 44.79 -114.65 20.77
N MET C 50 46.02 -114.20 20.61
CA MET C 50 47.18 -115.06 20.69
C MET C 50 47.90 -114.81 22.01
N LEU C 51 48.19 -115.88 22.73
CA LEU C 51 48.80 -115.77 24.04
C LEU C 51 50.18 -115.18 23.96
N GLY C 52 50.58 -114.46 25.01
CA GLY C 52 51.93 -113.98 25.14
C GLY C 52 52.24 -112.67 24.46
N LYS C 53 51.30 -112.10 23.71
CA LYS C 53 51.54 -110.83 23.05
C LYS C 53 50.81 -109.67 23.70
N GLN C 54 50.38 -109.82 24.96
CA GLN C 54 49.79 -108.73 25.72
C GLN C 54 48.64 -108.05 24.99
N GLU C 55 47.90 -108.82 24.19
CA GLU C 55 46.75 -108.25 23.50
C GLU C 55 45.62 -107.94 24.47
N VAL C 56 45.37 -108.83 25.43
CA VAL C 56 44.24 -108.69 26.34
C VAL C 56 44.76 -108.33 27.72
N ILE C 57 43.83 -108.00 28.63
CA ILE C 57 44.24 -107.60 29.97
C ILE C 57 44.94 -108.77 30.64
N ARG C 58 45.84 -108.45 31.57
CA ARG C 58 46.76 -109.47 32.06
C ARG C 58 46.06 -110.58 32.81
N GLY C 59 44.90 -110.32 33.41
CA GLY C 59 44.17 -111.40 34.06
C GLY C 59 43.76 -112.49 33.09
N TRP C 60 43.34 -112.09 31.89
CA TRP C 60 42.96 -113.04 30.86
C TRP C 60 44.09 -113.98 30.49
N GLU C 61 45.34 -113.53 30.61
CA GLU C 61 46.47 -114.39 30.27
C GLU C 61 46.44 -115.67 31.10
N GLU C 62 46.61 -115.56 32.41
CA GLU C 62 46.51 -116.75 33.26
C GLU C 62 45.13 -117.37 33.20
N GLY C 63 44.07 -116.56 33.04
CA GLY C 63 42.74 -117.14 33.02
C GLY C 63 42.56 -118.16 31.91
N VAL C 64 42.97 -117.80 30.69
CA VAL C 64 42.83 -118.73 29.58
C VAL C 64 43.95 -119.77 29.61
N ALA C 65 45.11 -119.42 30.18
CA ALA C 65 46.18 -120.41 30.29
C ALA C 65 45.79 -121.54 31.22
N GLN C 66 44.93 -121.29 32.20
CA GLN C 66 44.48 -122.33 33.11
C GLN C 66 43.34 -123.17 32.56
N MET C 67 42.75 -122.79 31.43
CA MET C 67 41.61 -123.54 30.92
C MET C 67 42.04 -124.54 29.86
N SER C 68 41.18 -125.54 29.66
CA SER C 68 41.37 -126.55 28.64
C SER C 68 40.37 -126.32 27.52
N VAL C 69 40.51 -127.10 26.45
CA VAL C 69 39.67 -126.90 25.28
C VAL C 69 38.27 -127.39 25.57
N GLY C 70 37.29 -126.55 25.27
CA GLY C 70 35.90 -126.85 25.54
C GLY C 70 35.44 -126.51 26.93
N GLN C 71 36.35 -126.08 27.80
CA GLN C 71 35.98 -125.77 29.16
C GLN C 71 35.34 -124.39 29.24
N ARG C 72 34.25 -124.31 29.98
CA ARG C 72 33.58 -123.05 30.28
C ARG C 72 33.82 -122.73 31.74
N ALA C 73 34.44 -121.59 32.01
CA ALA C 73 34.83 -121.24 33.36
C ALA C 73 34.52 -119.78 33.63
N LYS C 74 34.55 -119.41 34.90
CA LYS C 74 34.26 -118.06 35.34
C LYS C 74 35.54 -117.46 35.92
N LEU C 75 35.97 -116.33 35.36
CA LEU C 75 37.22 -115.69 35.74
C LEU C 75 36.91 -114.42 36.51
N THR C 76 37.48 -114.30 37.71
CA THR C 76 37.34 -113.09 38.51
C THR C 76 38.69 -112.39 38.55
N ILE C 77 38.78 -111.23 37.92
CA ILE C 77 40.04 -110.52 37.73
C ILE C 77 40.05 -109.30 38.64
N SER C 78 41.08 -109.21 39.47
CA SER C 78 41.23 -108.07 40.36
C SER C 78 41.57 -106.83 39.55
N PRO C 79 41.26 -105.63 40.06
CA PRO C 79 41.48 -104.43 39.26
C PRO C 79 42.91 -104.25 38.82
N ASP C 80 43.86 -104.67 39.66
CA ASP C 80 45.27 -104.52 39.33
C ASP C 80 45.69 -105.46 38.20
N TYR C 81 45.10 -106.64 38.11
CA TYR C 81 45.19 -107.47 36.90
C TYR C 81 44.23 -107.03 35.81
N ALA C 82 43.57 -105.89 35.97
CA ALA C 82 42.67 -105.34 34.98
C ALA C 82 43.06 -103.89 34.72
N TYR C 83 42.17 -103.13 34.09
CA TYR C 83 42.45 -101.73 33.78
C TYR C 83 42.85 -100.91 35.00
N GLY C 84 42.37 -101.28 36.18
CA GLY C 84 42.88 -100.67 37.40
C GLY C 84 42.39 -99.27 37.69
N ALA C 85 43.27 -98.41 38.21
CA ALA C 85 42.87 -97.07 38.62
C ALA C 85 42.40 -96.24 37.44
N THR C 86 43.09 -96.36 36.30
CA THR C 86 42.67 -95.63 35.12
C THR C 86 41.29 -96.09 34.64
N GLY C 87 41.08 -97.39 34.58
CA GLY C 87 39.81 -97.91 34.12
C GLY C 87 39.61 -97.66 32.64
N HIS C 88 38.44 -98.08 32.17
CA HIS C 88 38.08 -97.86 30.78
C HIS C 88 37.03 -96.76 30.74
N PRO C 89 37.36 -95.56 30.28
CA PRO C 89 36.46 -94.41 30.42
C PRO C 89 35.10 -94.66 29.81
N GLY C 90 34.06 -94.34 30.56
CA GLY C 90 32.71 -94.50 30.10
C GLY C 90 32.22 -95.93 30.12
N ILE C 91 33.07 -96.87 30.50
CA ILE C 91 32.76 -98.28 30.34
C ILE C 91 32.93 -98.99 31.67
N ILE C 92 34.14 -98.97 32.21
CA ILE C 92 34.49 -99.64 33.45
C ILE C 92 34.98 -98.59 34.45
N PRO C 93 34.40 -98.52 35.64
CA PRO C 93 34.81 -97.50 36.60
C PRO C 93 36.18 -97.81 37.15
N PRO C 94 36.85 -96.82 37.73
CA PRO C 94 38.16 -97.07 38.35
C PRO C 94 38.05 -98.02 39.53
N HIS C 95 39.11 -98.81 39.72
CA HIS C 95 39.19 -99.79 40.80
C HIS C 95 38.03 -100.78 40.74
N ALA C 96 37.89 -101.44 39.59
CA ALA C 96 36.76 -102.31 39.33
C ALA C 96 37.23 -103.75 39.19
N THR C 97 36.51 -104.67 39.83
CA THR C 97 36.77 -106.09 39.67
C THR C 97 35.87 -106.64 38.58
N LEU C 98 36.45 -107.38 37.65
CA LEU C 98 35.75 -107.89 36.49
C LEU C 98 35.50 -109.37 36.64
N VAL C 99 34.29 -109.80 36.31
CA VAL C 99 33.90 -111.21 36.32
C VAL C 99 33.52 -111.61 34.91
N PHE C 100 34.12 -112.69 34.42
CA PHE C 100 33.94 -113.14 33.05
C PHE C 100 33.42 -114.57 33.04
N ASP C 101 32.59 -114.87 32.06
CA ASP C 101 32.11 -116.22 31.80
C ASP C 101 32.72 -116.59 30.45
N VAL C 102 33.86 -117.30 30.49
CA VAL C 102 34.68 -117.54 29.31
C VAL C 102 34.58 -119.01 28.94
N GLU C 103 34.30 -119.28 27.67
CA GLU C 103 34.32 -120.63 27.12
C GLU C 103 35.37 -120.68 26.04
N LEU C 104 36.30 -121.63 26.17
CA LEU C 104 37.39 -121.78 25.20
C LEU C 104 36.94 -122.73 24.11
N LEU C 105 36.53 -122.17 22.98
CA LEU C 105 35.92 -122.95 21.91
C LEU C 105 36.94 -123.90 21.27
N LYS C 106 38.10 -123.38 20.90
CA LYS C 106 39.13 -124.17 20.24
C LYS C 106 40.43 -123.39 20.26
N LEU C 107 41.46 -124.00 19.69
CA LEU C 107 42.77 -123.38 19.55
C LEU C 107 43.18 -123.41 18.08
N GLU C 108 43.90 -122.38 17.65
CA GLU C 108 44.39 -122.33 16.28
C GLU C 108 45.54 -121.35 16.14
N GLY D 2 -90.59 -16.63 88.80
CA GLY D 2 -90.18 -15.44 88.08
C GLY D 2 -91.08 -15.14 86.90
N VAL D 3 -92.31 -15.64 86.94
CA VAL D 3 -93.30 -15.40 85.91
C VAL D 3 -94.53 -14.77 86.55
N GLN D 4 -94.86 -13.55 86.12
CA GLN D 4 -96.03 -12.82 86.59
C GLN D 4 -97.07 -12.79 85.47
N VAL D 5 -98.30 -13.16 85.79
CA VAL D 5 -99.37 -13.25 84.81
C VAL D 5 -100.44 -12.23 85.16
N GLU D 6 -100.58 -11.20 84.33
CA GLU D 6 -101.65 -10.21 84.47
C GLU D 6 -102.63 -10.42 83.33
N THR D 7 -103.92 -10.46 83.65
CA THR D 7 -104.93 -10.68 82.64
C THR D 7 -105.17 -9.42 81.83
N ILE D 8 -105.51 -9.61 80.55
CA ILE D 8 -105.90 -8.53 79.66
C ILE D 8 -107.36 -8.65 79.26
N SER D 9 -107.76 -9.82 78.75
CA SER D 9 -109.13 -10.13 78.48
C SER D 9 -109.38 -11.48 79.12
N PRO D 10 -110.44 -11.62 79.92
CA PRO D 10 -110.65 -12.86 80.66
C PRO D 10 -111.06 -14.00 79.74
N GLY D 11 -110.75 -15.21 80.16
CA GLY D 11 -111.13 -16.41 79.44
C GLY D 11 -112.38 -17.05 80.03
N ASP D 12 -112.57 -18.33 79.72
CA ASP D 12 -113.68 -19.06 80.29
C ASP D 12 -113.54 -19.22 81.80
N GLY D 13 -112.31 -19.42 82.28
CA GLY D 13 -112.05 -19.53 83.70
C GLY D 13 -112.29 -20.90 84.30
N ARG D 14 -112.53 -21.92 83.48
CA ARG D 14 -112.78 -23.26 84.00
C ARG D 14 -111.87 -24.32 83.40
N THR D 15 -111.47 -24.18 82.14
CA THR D 15 -110.63 -25.16 81.48
C THR D 15 -109.19 -24.68 81.47
N PHE D 16 -108.31 -25.49 82.05
CA PHE D 16 -106.91 -25.12 82.22
C PHE D 16 -106.03 -26.20 81.61
N PRO D 17 -104.89 -25.81 81.06
CA PRO D 17 -104.01 -26.79 80.43
C PRO D 17 -103.30 -27.62 81.48
N LYS D 18 -103.31 -28.93 81.27
CA LYS D 18 -102.66 -29.88 82.16
C LYS D 18 -101.55 -30.61 81.39
N ARG D 19 -100.65 -31.22 82.15
CA ARG D 19 -99.45 -31.83 81.57
C ARG D 19 -99.81 -32.81 80.46
N GLY D 20 -99.05 -32.74 79.37
CA GLY D 20 -99.26 -33.62 78.24
C GLY D 20 -100.28 -33.15 77.24
N GLN D 21 -100.71 -31.90 77.29
CA GLN D 21 -101.72 -31.37 76.40
C GLN D 21 -101.12 -30.27 75.53
N THR D 22 -101.50 -30.27 74.25
CA THR D 22 -100.96 -29.30 73.32
C THR D 22 -101.74 -27.99 73.40
N CYS D 23 -101.03 -26.89 73.62
CA CYS D 23 -101.62 -25.57 73.76
C CYS D 23 -101.39 -24.78 72.49
N VAL D 24 -102.44 -24.20 71.95
CA VAL D 24 -102.39 -23.41 70.73
C VAL D 24 -102.51 -21.94 71.13
N VAL D 25 -101.43 -21.19 70.97
CA VAL D 25 -101.35 -19.83 71.46
C VAL D 25 -100.91 -18.89 70.35
N HIS D 26 -101.38 -17.65 70.43
CA HIS D 26 -100.87 -16.53 69.66
C HIS D 26 -100.17 -15.59 70.63
N TYR D 27 -98.94 -15.23 70.33
CA TYR D 27 -98.14 -14.45 71.25
C TYR D 27 -97.38 -13.35 70.53
N THR D 28 -96.96 -12.35 71.30
CA THR D 28 -96.10 -11.28 70.82
C THR D 28 -95.14 -10.94 71.94
N GLY D 29 -93.84 -11.13 71.69
CA GLY D 29 -92.84 -11.03 72.74
C GLY D 29 -92.01 -9.76 72.62
N MET D 30 -91.87 -9.07 73.74
CA MET D 30 -91.13 -7.81 73.80
C MET D 30 -90.13 -7.86 74.94
N LEU D 31 -88.99 -7.22 74.74
CA LEU D 31 -88.07 -6.99 75.84
C LEU D 31 -88.68 -6.00 76.82
N GLU D 32 -88.24 -6.07 78.08
CA GLU D 32 -88.91 -5.31 79.12
C GLU D 32 -88.80 -3.80 78.94
N ASP D 33 -87.89 -3.33 78.10
CA ASP D 33 -87.81 -1.91 77.81
C ASP D 33 -88.69 -1.47 76.65
N GLY D 34 -89.29 -2.40 75.92
CA GLY D 34 -90.29 -2.04 74.94
C GLY D 34 -89.97 -2.35 73.50
N LYS D 35 -88.98 -3.20 73.25
CA LYS D 35 -88.60 -3.58 71.90
C LYS D 35 -89.14 -4.97 71.59
N LYS D 36 -89.90 -5.07 70.51
CA LYS D 36 -90.48 -6.35 70.12
C LYS D 36 -89.42 -7.23 69.48
N PHE D 37 -89.43 -8.52 69.83
CA PHE D 37 -88.50 -9.47 69.23
C PHE D 37 -89.16 -10.70 68.62
N ASP D 38 -90.46 -10.90 68.80
CA ASP D 38 -91.16 -12.04 68.24
C ASP D 38 -92.65 -11.78 68.20
N SER D 39 -93.32 -12.44 67.27
CA SER D 39 -94.78 -12.49 67.27
C SER D 39 -95.22 -13.56 66.29
N SER D 40 -96.13 -14.42 66.73
CA SER D 40 -96.73 -15.40 65.84
C SER D 40 -97.77 -14.76 64.93
N ARG D 41 -98.26 -13.57 65.29
CA ARG D 41 -99.22 -12.88 64.44
C ARG D 41 -98.58 -12.52 63.10
N ASP D 42 -97.34 -12.05 63.12
CA ASP D 42 -96.67 -11.68 61.88
C ASP D 42 -96.55 -12.88 60.94
N ARG D 43 -96.18 -14.03 61.48
CA ARG D 43 -96.16 -15.24 60.69
C ARG D 43 -97.56 -15.76 60.39
N ASN D 44 -98.57 -15.21 61.04
CA ASN D 44 -99.97 -15.59 60.83
C ASN D 44 -100.20 -17.08 61.04
N LYS D 45 -99.51 -17.64 62.01
CA LYS D 45 -99.59 -19.07 62.28
C LYS D 45 -99.52 -19.32 63.77
N PRO D 46 -100.58 -19.86 64.37
CA PRO D 46 -100.59 -20.06 65.81
C PRO D 46 -99.50 -21.03 66.25
N PHE D 47 -98.98 -20.79 67.45
CA PHE D 47 -97.87 -21.56 67.99
C PHE D 47 -98.38 -22.66 68.91
N LYS D 48 -97.91 -23.87 68.69
CA LYS D 48 -98.36 -25.05 69.41
C LYS D 48 -97.20 -25.65 70.20
N PHE D 49 -97.49 -26.07 71.42
CA PHE D 49 -96.51 -26.76 72.25
C PHE D 49 -97.24 -27.57 73.29
N MET D 50 -96.59 -28.64 73.76
CA MET D 50 -97.18 -29.55 74.71
C MET D 50 -96.51 -29.36 76.06
N LEU D 51 -97.32 -29.18 77.10
CA LEU D 51 -96.78 -28.88 78.41
C LEU D 51 -95.99 -30.06 78.95
N GLY D 52 -94.97 -29.77 79.75
CA GLY D 52 -94.23 -30.79 80.44
C GLY D 52 -93.10 -31.43 79.68
N LYS D 53 -92.94 -31.12 78.38
CA LYS D 53 -91.82 -31.63 77.62
C LYS D 53 -90.70 -30.62 77.44
N GLN D 54 -90.69 -29.55 78.23
CA GLN D 54 -89.60 -28.56 78.22
C GLN D 54 -89.34 -28.03 76.81
N GLU D 55 -90.37 -27.93 75.99
CA GLU D 55 -90.18 -27.37 74.66
C GLU D 55 -89.89 -25.89 74.71
N VAL D 56 -90.58 -25.15 75.58
CA VAL D 56 -90.47 -23.70 75.63
C VAL D 56 -89.73 -23.30 76.90
N ILE D 57 -89.39 -22.01 77.00
CA ILE D 57 -88.67 -21.54 78.18
C ILE D 57 -89.54 -21.74 79.41
N ARG D 58 -88.89 -21.93 80.55
CA ARG D 58 -89.61 -22.36 81.73
C ARG D 58 -90.60 -21.32 82.23
N GLY D 59 -90.42 -20.05 81.85
CA GLY D 59 -91.41 -19.05 82.21
C GLY D 59 -92.76 -19.33 81.58
N TRP D 60 -92.76 -19.91 80.37
CA TRP D 60 -94.00 -20.25 79.71
C TRP D 60 -94.71 -21.43 80.36
N GLU D 61 -93.99 -22.26 81.12
CA GLU D 61 -94.60 -23.45 81.70
C GLU D 61 -95.64 -23.06 82.76
N GLU D 62 -95.25 -22.24 83.74
CA GLU D 62 -96.24 -21.74 84.68
C GLU D 62 -97.14 -20.69 84.06
N GLY D 63 -96.60 -19.88 83.15
CA GLY D 63 -97.39 -18.80 82.59
C GLY D 63 -98.61 -19.29 81.85
N VAL D 64 -98.42 -20.25 80.94
CA VAL D 64 -99.56 -20.76 80.18
C VAL D 64 -100.44 -21.63 81.05
N ALA D 65 -99.85 -22.36 82.00
CA ALA D 65 -100.64 -23.22 82.87
C ALA D 65 -101.65 -22.42 83.70
N GLN D 66 -101.28 -21.21 84.10
CA GLN D 66 -102.19 -20.37 84.87
C GLN D 66 -103.32 -19.78 84.03
N MET D 67 -103.28 -19.93 82.72
CA MET D 67 -104.28 -19.31 81.87
C MET D 67 -105.40 -20.30 81.55
N SER D 68 -106.57 -19.76 81.24
CA SER D 68 -107.72 -20.52 80.82
C SER D 68 -107.94 -20.34 79.33
N VAL D 69 -108.82 -21.15 78.77
CA VAL D 69 -109.05 -21.14 77.33
C VAL D 69 -109.72 -19.84 76.93
N GLY D 70 -109.16 -19.19 75.91
CA GLY D 70 -109.65 -17.91 75.45
C GLY D 70 -109.10 -16.72 76.19
N GLN D 71 -108.35 -16.94 77.26
CA GLN D 71 -107.82 -15.84 78.04
C GLN D 71 -106.60 -15.23 77.35
N ARG D 72 -106.56 -13.91 77.33
CA ARG D 72 -105.41 -13.16 76.84
C ARG D 72 -104.75 -12.48 78.03
N ALA D 73 -103.49 -12.80 78.26
CA ALA D 73 -102.79 -12.32 79.44
C ALA D 73 -101.39 -11.86 79.06
N LYS D 74 -100.77 -11.13 79.97
CA LYS D 74 -99.42 -10.60 79.78
C LYS D 74 -98.50 -11.29 80.77
N LEU D 75 -97.46 -11.92 80.25
CA LEU D 75 -96.52 -12.70 81.06
C LEU D 75 -95.20 -11.95 81.14
N THR D 76 -94.72 -11.72 82.35
CA THR D 76 -93.41 -11.10 82.58
C THR D 76 -92.48 -12.15 83.16
N ILE D 77 -91.48 -12.54 82.39
CA ILE D 77 -90.60 -13.65 82.73
C ILE D 77 -89.24 -13.08 83.11
N SER D 78 -88.78 -13.41 84.32
CA SER D 78 -87.47 -12.99 84.78
C SER D 78 -86.39 -13.73 83.98
N PRO D 79 -85.20 -13.15 83.87
CA PRO D 79 -84.17 -13.76 83.02
C PRO D 79 -83.83 -15.18 83.44
N ASP D 80 -83.89 -15.47 84.74
CA ASP D 80 -83.56 -16.81 85.21
C ASP D 80 -84.62 -17.84 84.82
N TYR D 81 -85.89 -17.45 84.74
CA TYR D 81 -86.90 -18.25 84.07
C TYR D 81 -86.88 -18.07 82.56
N ALA D 82 -85.87 -17.41 82.02
CA ALA D 82 -85.72 -17.25 80.58
C ALA D 82 -84.32 -17.68 80.18
N TYR D 83 -83.88 -17.30 78.99
CA TYR D 83 -82.56 -17.67 78.51
C TYR D 83 -81.43 -17.25 79.46
N GLY D 84 -81.62 -16.18 80.23
CA GLY D 84 -80.69 -15.87 81.30
C GLY D 84 -79.38 -15.26 80.85
N ALA D 85 -78.29 -15.65 81.52
CA ALA D 85 -77.00 -15.04 81.24
C ALA D 85 -76.54 -15.33 79.82
N THR D 86 -76.76 -16.55 79.34
CA THR D 86 -76.38 -16.88 77.97
C THR D 86 -77.18 -16.05 76.97
N GLY D 87 -78.48 -15.95 77.17
CA GLY D 87 -79.31 -15.20 76.26
C GLY D 87 -79.43 -15.90 74.91
N HIS D 88 -80.14 -15.24 74.01
CA HIS D 88 -80.30 -15.74 72.66
C HIS D 88 -79.45 -14.88 71.74
N PRO D 89 -78.34 -15.39 71.22
CA PRO D 89 -77.36 -14.54 70.52
C PRO D 89 -77.99 -13.81 69.34
N GLY D 90 -77.72 -12.51 69.26
CA GLY D 90 -78.23 -11.70 68.20
C GLY D 90 -79.69 -11.33 68.34
N ILE D 91 -80.36 -11.84 69.38
CA ILE D 91 -81.80 -11.72 69.48
C ILE D 91 -82.15 -11.10 70.81
N ILE D 92 -81.79 -11.77 71.90
CA ILE D 92 -82.10 -11.35 73.27
C ILE D 92 -80.81 -11.13 74.03
N PRO D 93 -80.59 -9.96 74.61
CA PRO D 93 -79.34 -9.70 75.31
C PRO D 93 -79.27 -10.50 76.60
N PRO D 94 -78.06 -10.67 77.14
CA PRO D 94 -77.94 -11.38 78.42
C PRO D 94 -78.63 -10.63 79.56
N HIS D 95 -79.13 -11.41 80.52
CA HIS D 95 -79.84 -10.87 81.68
C HIS D 95 -81.03 -10.01 81.26
N ALA D 96 -81.90 -10.57 80.44
CA ALA D 96 -83.01 -9.83 79.86
C ALA D 96 -84.32 -10.34 80.41
N THR D 97 -85.20 -9.41 80.79
CA THR D 97 -86.55 -9.76 81.20
C THR D 97 -87.48 -9.68 80.00
N LEU D 98 -88.28 -10.71 79.81
CA LEU D 98 -89.15 -10.84 78.64
C LEU D 98 -90.59 -10.58 79.05
N VAL D 99 -91.30 -9.81 78.23
CA VAL D 99 -92.71 -9.53 78.43
C VAL D 99 -93.46 -10.07 77.21
N PHE D 100 -94.50 -10.86 77.48
CA PHE D 100 -95.26 -11.53 76.43
C PHE D 100 -96.73 -11.16 76.52
N ASP D 101 -97.38 -11.07 75.38
CA ASP D 101 -98.82 -10.87 75.30
C ASP D 101 -99.34 -12.17 74.69
N VAL D 102 -99.81 -13.08 75.53
CA VAL D 102 -100.13 -14.45 75.14
C VAL D 102 -101.63 -14.63 75.21
N GLU D 103 -102.20 -15.16 74.14
CA GLU D 103 -103.62 -15.52 74.09
C GLU D 103 -103.70 -17.02 73.85
N LEU D 104 -104.41 -17.73 74.72
CA LEU D 104 -104.55 -19.18 74.62
C LEU D 104 -105.79 -19.49 73.77
N LEU D 105 -105.55 -19.79 72.49
CA LEU D 105 -106.65 -19.95 71.55
C LEU D 105 -107.50 -21.17 71.88
N LYS D 106 -106.86 -22.32 72.08
CA LYS D 106 -107.56 -23.56 72.37
C LYS D 106 -106.56 -24.58 72.88
N LEU D 107 -107.08 -25.77 73.18
CA LEU D 107 -106.27 -26.90 73.62
C LEU D 107 -106.53 -28.08 72.71
N GLU D 108 -105.50 -28.89 72.49
CA GLU D 108 -105.65 -30.08 71.66
C GLU D 108 -104.51 -31.07 71.92
N GLY E 2 -14.29 124.69 23.98
CA GLY E 2 -13.12 124.15 23.30
C GLY E 2 -13.25 124.20 21.79
N VAL E 3 -13.96 125.21 21.29
CA VAL E 3 -14.13 125.42 19.85
C VAL E 3 -13.61 126.80 19.50
N GLN E 4 -12.61 126.85 18.63
CA GLN E 4 -12.03 128.09 18.14
C GLN E 4 -12.42 128.29 16.68
N VAL E 5 -12.95 129.46 16.36
CA VAL E 5 -13.45 129.75 15.02
C VAL E 5 -12.59 130.87 14.43
N GLU E 6 -11.80 130.52 13.42
CA GLU E 6 -11.02 131.49 12.65
C GLU E 6 -11.64 131.62 11.27
N THR E 7 -11.86 132.85 10.83
CA THR E 7 -12.48 133.07 9.53
C THR E 7 -11.48 132.83 8.40
N ILE E 8 -11.99 132.35 7.28
CA ILE E 8 -11.21 132.17 6.06
C ILE E 8 -11.68 133.12 4.96
N SER E 9 -12.97 133.10 4.65
CA SER E 9 -13.57 134.04 3.74
C SER E 9 -14.79 134.58 4.48
N PRO E 10 -14.94 135.90 4.58
CA PRO E 10 -16.02 136.45 5.40
C PRO E 10 -17.38 136.23 4.76
N GLY E 11 -18.41 136.19 5.60
CA GLY E 11 -19.78 136.06 5.16
C GLY E 11 -20.50 137.39 5.12
N ASP E 12 -21.83 137.31 5.14
CA ASP E 12 -22.63 138.53 5.18
C ASP E 12 -22.45 139.28 6.50
N GLY E 13 -22.29 138.56 7.60
CA GLY E 13 -22.05 139.17 8.89
C GLY E 13 -23.28 139.69 9.59
N ARG E 14 -24.48 139.37 9.12
CA ARG E 14 -25.70 139.85 9.75
C ARG E 14 -26.68 138.73 10.09
N THR E 15 -26.74 137.68 9.28
CA THR E 15 -27.68 136.60 9.52
C THR E 15 -26.95 135.43 10.17
N PHE E 16 -27.41 135.04 11.35
CA PHE E 16 -26.78 134.00 12.14
C PHE E 16 -27.79 132.91 12.46
N PRO E 17 -27.34 131.66 12.50
CA PRO E 17 -28.27 130.56 12.77
C PRO E 17 -28.71 130.57 14.22
N LYS E 18 -30.00 130.38 14.43
CA LYS E 18 -30.58 130.31 15.76
C LYS E 18 -31.16 128.92 15.99
N ARG E 19 -31.50 128.64 17.25
CA ARG E 19 -31.97 127.32 17.62
C ARG E 19 -33.20 126.93 16.82
N GLY E 20 -33.25 125.68 16.40
CA GLY E 20 -34.37 125.17 15.64
C GLY E 20 -34.32 125.42 14.16
N GLN E 21 -33.20 125.92 13.64
CA GLN E 21 -33.07 126.24 12.22
C GLN E 21 -32.09 125.29 11.57
N THR E 22 -32.46 124.76 10.41
CA THR E 22 -31.62 123.81 9.69
C THR E 22 -30.50 124.55 8.96
N CYS E 23 -29.27 124.13 9.22
CA CYS E 23 -28.08 124.75 8.63
C CYS E 23 -27.53 123.84 7.54
N VAL E 24 -27.24 124.43 6.39
CA VAL E 24 -26.72 123.69 5.24
C VAL E 24 -25.25 124.07 5.09
N VAL E 25 -24.37 123.11 5.30
CA VAL E 25 -22.93 123.37 5.35
C VAL E 25 -22.19 122.39 4.45
N HIS E 26 -21.08 122.86 3.89
CA HIS E 26 -20.07 122.03 3.26
C HIS E 26 -18.84 122.05 4.14
N TYR E 27 -18.32 120.87 4.48
CA TYR E 27 -17.22 120.80 5.43
C TYR E 27 -16.18 119.78 4.98
N THR E 28 -14.99 119.92 5.53
CA THR E 28 -13.89 118.98 5.33
C THR E 28 -13.15 118.86 6.65
N GLY E 29 -13.13 117.67 7.23
CA GLY E 29 -12.62 117.47 8.58
C GLY E 29 -11.29 116.76 8.59
N MET E 30 -10.35 117.31 9.37
CA MET E 30 -9.01 116.78 9.47
C MET E 30 -8.62 116.66 10.93
N LEU E 31 -7.82 115.64 11.22
CA LEU E 31 -7.20 115.55 12.54
C LEU E 31 -6.17 116.67 12.69
N GLU E 32 -5.87 117.02 13.93
CA GLU E 32 -5.05 118.20 14.17
C GLU E 32 -3.62 118.04 13.69
N ASP E 33 -3.18 116.84 13.34
CA ASP E 33 -1.86 116.65 12.76
C ASP E 33 -1.87 116.70 11.24
N GLY E 34 -3.03 116.83 10.60
CA GLY E 34 -3.07 117.06 9.18
C GLY E 34 -3.57 115.90 8.34
N LYS E 35 -4.28 114.96 8.95
CA LYS E 35 -4.83 113.81 8.24
C LYS E 35 -6.32 113.98 8.08
N LYS E 36 -6.79 113.99 6.83
CA LYS E 36 -8.21 114.18 6.56
C LYS E 36 -8.98 112.92 6.88
N PHE E 37 -10.15 113.09 7.51
CA PHE E 37 -11.00 111.95 7.82
C PHE E 37 -12.42 112.07 7.31
N ASP E 38 -12.84 113.22 6.78
CA ASP E 38 -14.19 113.37 6.27
C ASP E 38 -14.28 114.61 5.42
N SER E 39 -15.22 114.60 4.46
CA SER E 39 -15.52 115.78 3.67
C SER E 39 -16.83 115.55 2.94
N SER E 40 -17.74 116.51 3.03
CA SER E 40 -18.97 116.44 2.27
C SER E 40 -18.76 116.77 0.80
N ARG E 41 -17.65 117.43 0.47
CA ARG E 41 -17.36 117.73 -0.93
C ARG E 41 -17.19 116.44 -1.73
N ASP E 42 -16.49 115.45 -1.16
CA ASP E 42 -16.27 114.20 -1.87
C ASP E 42 -17.59 113.52 -2.21
N ARG E 43 -18.51 113.51 -1.26
CA ARG E 43 -19.85 112.98 -1.54
C ARG E 43 -20.66 113.93 -2.39
N ASN E 44 -20.20 115.17 -2.58
CA ASN E 44 -20.87 116.16 -3.43
C ASN E 44 -22.30 116.44 -2.96
N LYS E 45 -22.51 116.40 -1.67
CA LYS E 45 -23.84 116.57 -1.11
C LYS E 45 -23.74 117.39 0.17
N PRO E 46 -24.33 118.59 0.21
CA PRO E 46 -24.22 119.43 1.39
C PRO E 46 -24.83 118.77 2.61
N PHE E 47 -24.27 119.06 3.77
CA PHE E 47 -24.66 118.45 5.03
C PHE E 47 -25.63 119.36 5.77
N LYS E 48 -26.76 118.81 6.20
CA LYS E 48 -27.81 119.57 6.84
C LYS E 48 -28.02 119.08 8.26
N PHE E 49 -28.25 120.02 9.17
CA PHE E 49 -28.56 119.69 10.55
C PHE E 49 -29.27 120.86 11.19
N MET E 50 -30.04 120.57 12.22
CA MET E 50 -30.81 121.58 12.94
C MET E 50 -30.11 121.90 14.25
N LEU E 51 -29.93 123.18 14.54
CA LEU E 51 -29.30 123.59 15.78
C LEU E 51 -30.19 123.22 16.97
N GLY E 52 -29.55 122.84 18.07
CA GLY E 52 -30.26 122.58 19.30
C GLY E 52 -30.86 121.19 19.41
N LYS E 53 -30.76 120.36 18.37
CA LYS E 53 -31.23 118.99 18.43
C LYS E 53 -30.17 118.01 18.86
N GLN E 54 -28.97 118.48 19.18
CA GLN E 54 -27.85 117.64 19.57
C GLN E 54 -27.56 116.57 18.52
N GLU E 55 -27.73 116.93 17.24
CA GLU E 55 -27.43 115.99 16.17
C GLU E 55 -25.94 115.82 15.96
N VAL E 56 -25.17 116.90 16.04
CA VAL E 56 -23.75 116.88 15.73
C VAL E 56 -22.95 117.03 17.01
N ILE E 57 -21.62 116.85 16.92
CA ILE E 57 -20.79 116.94 18.10
C ILE E 57 -20.88 118.36 18.66
N ARG E 58 -20.69 118.47 19.97
CA ARG E 58 -21.05 119.71 20.65
C ARG E 58 -20.20 120.88 20.18
N GLY E 59 -18.98 120.65 19.72
CA GLY E 59 -18.18 121.75 19.21
C GLY E 59 -18.82 122.42 18.01
N TRP E 60 -19.42 121.61 17.13
CA TRP E 60 -20.11 122.15 15.96
C TRP E 60 -21.25 123.08 16.33
N GLU E 61 -21.86 122.90 17.49
CA GLU E 61 -22.96 123.77 17.90
C GLU E 61 -22.50 125.22 17.95
N GLU E 62 -21.57 125.54 18.86
CA GLU E 62 -21.04 126.89 18.90
C GLU E 62 -20.30 127.26 17.62
N GLY E 63 -19.66 126.29 16.97
CA GLY E 63 -18.93 126.60 15.76
C GLY E 63 -19.81 127.20 14.69
N VAL E 64 -20.95 126.58 14.43
CA VAL E 64 -21.84 127.10 13.40
C VAL E 64 -22.69 128.24 13.96
N ALA E 65 -22.92 128.27 15.28
CA ALA E 65 -23.65 129.38 15.86
C ALA E 65 -22.87 130.68 15.75
N GLN E 66 -21.54 130.61 15.72
CA GLN E 66 -20.72 131.80 15.58
C GLN E 66 -20.54 132.25 14.14
N MET E 67 -20.98 131.46 13.16
CA MET E 67 -20.77 131.84 11.78
C MET E 67 -22.00 132.52 11.19
N SER E 68 -21.77 133.28 10.13
CA SER E 68 -22.81 133.94 9.39
C SER E 68 -23.02 133.23 8.06
N VAL E 69 -24.05 133.66 7.34
CA VAL E 69 -24.41 132.99 6.09
C VAL E 69 -23.38 133.34 5.02
N GLY E 70 -22.86 132.31 4.35
CA GLY E 70 -21.85 132.47 3.35
C GLY E 70 -20.44 132.51 3.88
N GLN E 71 -20.26 132.49 5.20
CA GLN E 71 -18.94 132.56 5.78
C GLN E 71 -18.28 131.19 5.75
N ARG E 72 -17.01 131.18 5.37
CA ARG E 72 -16.18 129.99 5.41
C ARG E 72 -15.16 130.17 6.51
N ALA E 73 -15.18 129.28 7.50
CA ALA E 73 -14.32 129.42 8.67
C ALA E 73 -13.70 128.08 9.01
N LYS E 74 -12.69 128.12 9.87
CA LYS E 74 -11.98 126.93 10.30
C LYS E 74 -12.24 126.74 11.79
N LEU E 75 -12.77 125.57 12.14
CA LEU E 75 -13.17 125.27 13.51
C LEU E 75 -12.19 124.26 14.10
N THR E 76 -11.62 124.59 15.25
CA THR E 76 -10.74 123.68 15.98
C THR E 76 -11.45 123.25 17.25
N ILE E 77 -11.82 121.98 17.31
CA ILE E 77 -12.64 121.44 18.38
C ILE E 77 -11.78 120.57 19.28
N SER E 78 -11.77 120.89 20.57
CA SER E 78 -11.01 120.11 21.53
C SER E 78 -11.66 118.75 21.71
N PRO E 79 -10.89 117.73 22.13
CA PRO E 79 -11.47 116.38 22.21
C PRO E 79 -12.67 116.30 23.12
N ASP E 80 -12.68 117.09 24.19
CA ASP E 80 -13.80 117.07 25.12
C ASP E 80 -15.07 117.66 24.52
N TYR E 81 -14.95 118.66 23.64
CA TYR E 81 -16.05 119.08 22.79
C TYR E 81 -16.22 118.18 21.57
N ALA E 82 -15.51 117.07 21.50
CA ALA E 82 -15.63 116.11 20.41
C ALA E 82 -15.86 114.72 21.00
N TYR E 83 -15.66 113.68 20.20
CA TYR E 83 -15.86 112.31 20.67
C TYR E 83 -15.05 111.98 21.92
N GLY E 84 -13.90 112.61 22.10
CA GLY E 84 -13.20 112.50 23.37
C GLY E 84 -12.46 111.19 23.59
N ALA E 85 -12.50 110.69 24.82
CA ALA E 85 -11.74 109.49 25.17
C ALA E 85 -12.22 108.28 24.38
N THR E 86 -13.54 108.14 24.23
CA THR E 86 -14.07 107.02 23.46
C THR E 86 -13.64 107.10 22.01
N GLY E 87 -13.74 108.28 21.41
CA GLY E 87 -13.38 108.43 20.03
C GLY E 87 -14.36 107.73 19.11
N HIS E 88 -14.09 107.83 17.83
CA HIS E 88 -14.90 107.15 16.83
C HIS E 88 -14.12 105.93 16.36
N PRO E 89 -14.53 104.72 16.71
CA PRO E 89 -13.71 103.53 16.41
C PRO E 89 -13.46 103.38 14.93
N GLY E 90 -12.18 103.32 14.57
CA GLY E 90 -11.77 103.13 13.20
C GLY E 90 -11.65 104.39 12.39
N ILE E 91 -12.05 105.54 12.93
CA ILE E 91 -11.97 106.79 12.20
C ILE E 91 -11.09 107.76 12.97
N ILE E 92 -11.50 108.08 14.20
CA ILE E 92 -10.87 109.12 15.01
C ILE E 92 -10.26 108.45 16.24
N PRO E 93 -8.99 108.67 16.51
CA PRO E 93 -8.36 108.04 17.68
C PRO E 93 -8.82 108.71 18.96
N PRO E 94 -8.62 108.07 20.10
CA PRO E 94 -8.99 108.70 21.37
C PRO E 94 -8.17 109.94 21.65
N HIS E 95 -8.79 110.89 22.36
CA HIS E 95 -8.16 112.16 22.74
C HIS E 95 -7.64 112.91 21.52
N ALA E 96 -8.53 113.12 20.54
CA ALA E 96 -8.14 113.70 19.27
C ALA E 96 -8.76 115.08 19.11
N THR E 97 -7.95 116.02 18.66
CA THR E 97 -8.44 117.35 18.33
C THR E 97 -8.80 117.41 16.86
N LEU E 98 -9.98 117.93 16.55
CA LEU E 98 -10.51 117.94 15.21
C LEU E 98 -10.45 119.35 14.65
N VAL E 99 -10.02 119.47 13.39
CA VAL E 99 -9.97 120.74 12.68
C VAL E 99 -10.89 120.63 11.47
N PHE E 100 -11.79 121.58 11.33
CA PHE E 100 -12.80 121.56 10.28
C PHE E 100 -12.70 122.83 9.43
N ASP E 101 -12.97 122.69 8.14
CA ASP E 101 -13.07 123.82 7.22
C ASP E 101 -14.55 123.85 6.82
N VAL E 102 -15.33 124.69 7.49
CA VAL E 102 -16.78 124.68 7.38
C VAL E 102 -17.21 125.93 6.65
N GLU E 103 -18.06 125.75 5.64
CA GLU E 103 -18.68 126.87 4.92
C GLU E 103 -20.19 126.74 5.09
N LEU E 104 -20.81 127.80 5.58
CA LEU E 104 -22.25 127.82 5.83
C LEU E 104 -22.95 128.31 4.56
N LEU E 105 -23.46 127.37 3.77
CA LEU E 105 -24.03 127.71 2.47
C LEU E 105 -25.30 128.55 2.62
N LYS E 106 -26.23 128.11 3.46
CA LYS E 106 -27.49 128.82 3.64
C LYS E 106 -28.17 128.26 4.88
N LEU E 107 -29.35 128.82 5.17
CA LEU E 107 -30.18 128.40 6.28
C LEU E 107 -31.57 128.06 5.76
N GLU E 108 -32.19 127.05 6.36
CA GLU E 108 -33.53 126.66 5.97
C GLU E 108 -34.21 125.86 7.08
N GLU F 10 19.38 20.06 -4.73
CA GLU F 10 19.14 21.32 -5.42
C GLU F 10 19.98 22.45 -4.83
N VAL F 11 20.60 23.23 -5.71
CA VAL F 11 21.42 24.37 -5.33
C VAL F 11 20.66 25.65 -5.67
N GLN F 12 20.59 26.56 -4.71
CA GLN F 12 19.91 27.83 -4.92
C GLN F 12 20.85 28.81 -5.61
N PHE F 13 20.29 29.60 -6.53
CA PHE F 13 21.01 30.66 -7.21
C PHE F 13 20.32 31.98 -6.94
N LEU F 14 21.10 33.01 -6.64
CA LEU F 14 20.52 34.33 -6.42
C LEU F 14 19.98 34.88 -7.73
N ARG F 15 18.81 35.51 -7.66
CA ARG F 15 18.17 36.11 -8.82
C ARG F 15 17.80 37.55 -8.49
N THR F 16 17.41 38.29 -9.51
CA THR F 16 16.95 39.64 -9.28
C THR F 16 15.63 39.61 -8.54
N ASP F 17 15.30 40.75 -7.92
CA ASP F 17 14.12 40.94 -7.08
C ASP F 17 14.19 40.13 -5.79
N ASP F 18 15.32 39.50 -5.49
CA ASP F 18 15.50 38.75 -4.26
C ASP F 18 16.20 39.63 -3.23
N GLU F 19 15.63 39.66 -2.03
CA GLU F 19 16.18 40.45 -0.94
C GLU F 19 17.32 39.70 -0.27
N VAL F 20 18.45 40.37 -0.11
CA VAL F 20 19.64 39.77 0.47
C VAL F 20 20.20 40.69 1.54
N VAL F 21 21.14 40.15 2.30
CA VAL F 21 21.91 40.91 3.27
C VAL F 21 23.39 40.65 2.99
N LEU F 22 24.17 41.72 2.90
CA LEU F 22 25.60 41.60 2.70
C LEU F 22 26.25 41.31 4.04
N GLN F 23 26.93 40.19 4.14
CA GLN F 23 27.48 39.71 5.41
C GLN F 23 28.98 39.52 5.29
N CYS F 24 29.71 40.00 6.30
CA CYS F 24 31.15 39.84 6.37
C CYS F 24 31.54 39.32 7.75
N SER F 25 32.73 38.74 7.84
CA SER F 25 33.20 38.13 9.07
C SER F 25 34.48 38.83 9.52
N ALA F 26 34.54 39.10 10.81
CA ALA F 26 35.71 39.72 11.42
C ALA F 26 36.06 38.98 12.71
N THR F 27 37.34 39.01 13.05
CA THR F 27 37.85 38.36 14.26
C THR F 27 38.07 39.42 15.32
N VAL F 28 37.44 39.25 16.47
CA VAL F 28 37.57 40.15 17.60
C VAL F 28 37.74 39.30 18.85
N LEU F 29 38.89 39.42 19.52
CA LEU F 29 39.22 38.62 20.70
C LEU F 29 39.05 37.13 20.41
N LYS F 30 39.67 36.68 19.33
CA LYS F 30 39.68 35.29 18.88
C LYS F 30 38.27 34.77 18.60
N GLU F 31 37.29 35.65 18.47
CA GLU F 31 35.90 35.26 18.23
C GLU F 31 35.49 35.72 16.85
N GLN F 32 34.80 34.86 16.11
CA GLN F 32 34.33 35.19 14.77
C GLN F 32 32.98 35.88 14.88
N LEU F 33 32.94 37.15 14.51
CA LEU F 33 31.74 37.97 14.61
C LEU F 33 31.21 38.25 13.21
N LYS F 34 29.95 37.93 12.97
CA LYS F 34 29.32 38.10 11.67
C LYS F 34 28.52 39.39 11.67
N LEU F 35 28.84 40.27 10.73
CA LEU F 35 28.24 41.59 10.65
C LEU F 35 27.48 41.72 9.34
N CYS F 36 26.40 42.49 9.37
CA CYS F 36 25.61 42.76 8.17
C CYS F 36 25.67 44.24 7.86
N LEU F 37 25.81 44.55 6.57
CA LEU F 37 25.81 45.95 6.17
C LEU F 37 24.45 46.55 6.42
N ALA F 38 24.42 47.77 6.94
CA ALA F 38 23.17 48.43 7.30
C ALA F 38 23.28 49.91 6.99
N ALA F 39 22.12 50.53 6.79
CA ALA F 39 22.04 51.97 6.58
C ALA F 39 20.64 52.43 6.93
N GLU F 40 20.54 53.57 7.60
CA GLU F 40 19.23 54.06 8.01
C GLU F 40 18.48 54.70 6.86
N GLY F 41 19.20 55.32 5.93
CA GLY F 41 18.56 55.96 4.79
C GLY F 41 18.20 57.41 5.02
N PHE F 42 17.13 57.66 5.77
CA PHE F 42 16.73 59.03 6.09
C PHE F 42 17.46 59.50 7.33
N GLY F 43 18.12 60.64 7.24
CA GLY F 43 18.85 61.19 8.35
C GLY F 43 20.28 60.75 8.45
N ASN F 44 20.68 59.69 7.74
CA ASN F 44 22.08 59.27 7.72
C ASN F 44 22.27 58.41 6.48
N ARG F 45 22.97 58.95 5.48
CA ARG F 45 23.21 58.19 4.27
C ARG F 45 24.28 57.12 4.45
N LEU F 46 25.18 57.32 5.41
CA LEU F 46 26.33 56.45 5.53
C LEU F 46 25.94 55.06 6.01
N CYS F 47 26.77 54.08 5.68
CA CYS F 47 26.51 52.70 6.00
C CYS F 47 27.37 52.27 7.19
N PHE F 48 26.80 51.42 8.03
CA PHE F 48 27.54 50.87 9.16
C PHE F 48 27.35 49.36 9.22
N LEU F 49 27.82 48.74 10.28
CA LEU F 49 27.79 47.29 10.43
C LEU F 49 26.94 46.91 11.63
N GLU F 50 25.98 46.02 11.42
CA GLU F 50 25.09 45.55 12.47
C GLU F 50 25.46 44.13 12.85
N PRO F 51 26.01 43.91 14.04
CA PRO F 51 26.41 42.54 14.41
C PRO F 51 25.23 41.60 14.53
N THR F 52 25.48 40.35 14.13
CA THR F 52 24.44 39.33 14.09
C THR F 52 24.83 38.02 14.74
N SER F 53 26.05 37.89 15.25
CA SER F 53 26.48 36.63 15.86
C SER F 53 25.88 36.43 17.24
N ASN F 54 25.33 37.48 17.86
CA ASN F 54 24.75 37.39 19.19
C ASN F 54 23.23 37.45 19.16
N ALA F 55 22.61 36.95 18.08
CA ALA F 55 21.17 37.09 17.92
C ALA F 55 20.39 36.33 18.99
N GLN F 56 21.01 35.35 19.65
CA GLN F 56 20.32 34.63 20.70
C GLN F 56 20.03 35.53 21.90
N ASN F 57 20.96 36.43 22.21
CA ASN F 57 20.83 37.29 23.38
C ASN F 57 20.34 38.69 23.04
N VAL F 58 20.80 39.26 21.94
CA VAL F 58 20.37 40.59 21.52
C VAL F 58 19.94 40.52 20.06
N PRO F 59 18.66 40.71 19.75
CA PRO F 59 18.21 40.62 18.36
C PRO F 59 18.82 41.72 17.51
N PRO F 60 19.19 41.42 16.27
CA PRO F 60 19.70 42.46 15.38
C PRO F 60 18.58 43.30 14.80
N ASP F 61 18.97 44.42 14.20
CA ASP F 61 18.02 45.30 13.52
C ASP F 61 18.12 45.06 12.02
N LEU F 62 17.51 43.95 11.59
CA LEU F 62 17.58 43.54 10.19
C LEU F 62 16.67 44.34 9.27
N ALA F 63 15.75 45.12 9.81
CA ALA F 63 14.83 45.86 8.97
C ALA F 63 15.56 46.80 8.03
N ILE F 64 16.77 47.19 8.37
CA ILE F 64 17.56 48.13 7.59
C ILE F 64 18.83 47.50 7.03
N CYS F 65 18.94 46.17 7.08
CA CYS F 65 20.04 45.45 6.44
C CYS F 65 19.62 44.79 5.14
N CYS F 66 18.36 44.89 4.75
CA CYS F 66 17.83 44.18 3.60
C CYS F 66 17.94 45.05 2.35
N PHE F 67 18.43 44.47 1.26
CA PHE F 67 18.54 45.11 -0.03
C PHE F 67 17.87 44.25 -1.08
N THR F 68 17.32 44.88 -2.12
CA THR F 68 16.73 44.17 -3.24
C THR F 68 17.66 44.26 -4.45
N LEU F 69 17.99 43.12 -5.03
CA LEU F 69 18.74 43.06 -6.28
C LEU F 69 17.80 43.46 -7.40
N GLU F 70 17.88 44.72 -7.83
CA GLU F 70 16.96 45.20 -8.86
C GLU F 70 17.41 44.79 -10.26
N GLN F 71 18.67 45.01 -10.59
CA GLN F 71 19.16 44.72 -11.93
C GLN F 71 20.52 44.06 -11.86
N SER F 72 20.82 43.27 -12.88
CA SER F 72 22.14 42.66 -13.02
C SER F 72 22.45 42.63 -14.50
N LEU F 73 23.48 43.37 -14.91
CA LEU F 73 23.80 43.52 -16.32
C LEU F 73 25.28 43.26 -16.54
N SER F 74 25.62 42.88 -17.76
CA SER F 74 27.02 42.84 -18.15
C SER F 74 27.56 44.26 -18.24
N VAL F 75 28.89 44.37 -18.24
CA VAL F 75 29.52 45.69 -18.20
C VAL F 75 29.20 46.48 -19.45
N ARG F 76 29.21 45.82 -20.62
CA ARG F 76 28.87 46.51 -21.85
C ARG F 76 27.42 47.01 -21.83
N ALA F 77 26.51 46.17 -21.36
CA ALA F 77 25.12 46.59 -21.24
C ALA F 77 24.99 47.78 -20.29
N LEU F 78 25.76 47.77 -19.21
CA LEU F 78 25.71 48.89 -18.28
C LEU F 78 26.22 50.16 -18.94
N GLN F 79 27.30 50.07 -19.70
CA GLN F 79 27.82 51.26 -20.40
C GLN F 79 26.79 51.79 -21.38
N GLU F 80 26.13 50.90 -22.12
CA GLU F 80 25.12 51.35 -23.06
C GLU F 80 23.94 52.00 -22.35
N MET F 81 23.52 51.41 -21.24
CA MET F 81 22.41 51.98 -20.48
C MET F 81 22.77 53.36 -19.93
N LEU F 82 23.99 53.52 -19.44
CA LEU F 82 24.44 54.82 -18.98
C LEU F 82 24.48 55.84 -20.11
N ALA F 83 24.95 55.42 -21.29
CA ALA F 83 24.97 56.32 -22.43
C ALA F 83 23.56 56.75 -22.82
N ASN F 84 22.61 55.82 -22.76
CA ASN F 84 21.23 56.13 -23.12
C ASN F 84 20.47 56.68 -21.92
N HIS F 98 13.10 37.76 -14.04
CA HIS F 98 14.08 37.49 -12.99
C HIS F 98 15.35 36.93 -13.58
N ARG F 99 16.33 37.78 -13.82
CA ARG F 99 17.61 37.29 -14.33
C ARG F 99 18.45 36.72 -13.19
N THR F 100 19.12 35.61 -13.48
CA THR F 100 20.05 35.03 -12.52
C THR F 100 21.37 35.79 -12.57
N LEU F 101 21.95 36.02 -11.39
CA LEU F 101 23.21 36.75 -11.34
C LEU F 101 24.33 35.88 -11.86
N LEU F 102 25.23 36.49 -12.63
CA LEU F 102 26.42 35.83 -13.14
C LEU F 102 27.64 36.58 -12.63
N TYR F 103 28.67 35.81 -12.25
CA TYR F 103 29.92 36.42 -11.83
C TYR F 103 30.48 37.30 -12.93
N GLY F 104 30.84 38.53 -12.56
CA GLY F 104 31.30 39.50 -13.53
C GLY F 104 30.27 40.50 -13.97
N HIS F 105 28.99 40.27 -13.68
CA HIS F 105 27.98 41.27 -13.97
C HIS F 105 28.09 42.43 -12.99
N ALA F 106 27.28 43.45 -13.24
CA ALA F 106 27.17 44.59 -12.35
C ALA F 106 25.75 44.65 -11.80
N ILE F 107 25.63 44.71 -10.46
CA ILE F 107 24.34 44.66 -9.81
C ILE F 107 24.00 46.02 -9.22
N LEU F 108 22.71 46.23 -9.03
CA LEU F 108 22.17 47.43 -8.39
C LEU F 108 21.36 47.00 -7.18
N LEU F 109 21.77 47.47 -6.02
CA LEU F 109 21.13 47.11 -4.75
C LEU F 109 20.28 48.27 -4.26
N ARG F 110 19.00 48.02 -4.04
CA ARG F 110 18.09 49.04 -3.55
C ARG F 110 17.74 48.74 -2.10
N HIS F 111 17.91 49.73 -1.25
CA HIS F 111 17.63 49.57 0.18
C HIS F 111 16.15 49.29 0.37
N ALA F 112 15.83 48.23 1.12
CA ALA F 112 14.44 47.82 1.25
C ALA F 112 13.60 48.89 1.95
N HIS F 113 14.14 49.52 2.99
CA HIS F 113 13.36 50.46 3.77
C HIS F 113 13.31 51.83 3.11
N SER F 114 14.47 52.43 2.87
CA SER F 114 14.54 53.80 2.39
C SER F 114 14.34 53.93 0.89
N ARG F 115 14.28 52.81 0.17
CA ARG F 115 14.17 52.80 -1.29
C ARG F 115 15.35 53.47 -1.96
N MET F 116 16.45 53.67 -1.24
CA MET F 116 17.64 54.29 -1.80
C MET F 116 18.59 53.21 -2.31
N TYR F 117 19.60 53.62 -3.06
CA TYR F 117 20.49 52.68 -3.72
C TYR F 117 21.88 52.76 -3.09
N LEU F 118 22.48 51.60 -2.86
CA LEU F 118 23.82 51.54 -2.31
C LEU F 118 24.80 52.15 -3.30
N SER F 119 25.69 53.00 -2.80
CA SER F 119 26.55 53.77 -3.69
C SER F 119 27.90 53.97 -3.03
N CYS F 120 28.88 54.33 -3.85
CA CYS F 120 30.23 54.67 -3.39
C CYS F 120 30.34 56.19 -3.38
N LEU F 121 30.22 56.77 -2.19
CA LEU F 121 30.21 58.22 -2.07
C LEU F 121 31.59 58.80 -2.33
N THR F 122 31.62 60.00 -2.88
CA THR F 122 32.88 60.65 -3.25
C THR F 122 33.61 61.26 -2.07
N THR F 123 32.98 61.29 -0.90
CA THR F 123 33.62 61.83 0.29
C THR F 123 34.38 60.74 1.04
N SER F 124 35.19 61.15 2.01
CA SER F 124 35.99 60.21 2.78
C SER F 124 36.10 60.75 4.21
N ARG F 125 35.40 60.11 5.14
CA ARG F 125 35.43 60.50 6.53
C ARG F 125 36.48 59.75 7.34
N SER F 126 37.14 58.76 6.75
CA SER F 126 38.13 57.97 7.46
C SER F 126 39.47 58.70 7.48
N MET F 127 40.18 58.58 8.59
CA MET F 127 41.51 59.15 8.71
C MET F 127 42.62 58.13 8.51
N THR F 128 42.32 56.85 8.72
CA THR F 128 43.35 55.81 8.60
C THR F 128 43.78 55.63 7.14
N ASP F 129 42.82 55.61 6.23
CA ASP F 129 43.08 55.36 4.81
C ASP F 129 42.89 56.68 4.05
N LYS F 130 43.93 57.12 3.36
CA LYS F 130 43.85 58.34 2.58
C LYS F 130 43.21 58.11 1.22
N LEU F 131 43.07 56.87 0.80
CA LEU F 131 42.56 56.54 -0.53
C LEU F 131 41.14 56.00 -0.50
N ALA F 132 40.58 55.77 0.69
CA ALA F 132 39.29 55.13 0.81
C ALA F 132 38.17 56.12 0.53
N PHE F 133 36.99 55.59 0.25
CA PHE F 133 35.80 56.37 0.04
C PHE F 133 34.69 55.87 0.95
N ASP F 134 33.79 56.77 1.29
CA ASP F 134 32.64 56.42 2.11
C ASP F 134 31.62 55.67 1.28
N VAL F 135 31.00 54.66 1.88
CA VAL F 135 29.96 53.87 1.24
C VAL F 135 28.64 54.21 1.89
N GLY F 136 27.68 54.67 1.10
CA GLY F 136 26.39 55.04 1.63
C GLY F 136 25.25 54.85 0.65
N LEU F 137 24.11 55.44 0.96
CA LEU F 137 22.93 55.34 0.12
C LEU F 137 22.82 56.56 -0.78
N GLN F 138 22.22 56.35 -1.95
CA GLN F 138 22.02 57.39 -2.95
C GLN F 138 20.55 57.44 -3.32
N GLU F 139 20.03 58.66 -3.45
CA GLU F 139 18.60 58.83 -3.68
C GLU F 139 18.16 58.23 -5.01
N ASP F 140 18.96 58.43 -6.06
CA ASP F 140 18.59 58.00 -7.39
C ASP F 140 19.59 57.02 -7.94
N ALA F 141 19.13 56.18 -8.86
CA ALA F 141 19.96 55.15 -9.47
C ALA F 141 20.76 55.68 -10.65
N THR F 142 20.67 56.97 -10.94
CA THR F 142 21.43 57.54 -12.04
C THR F 142 22.92 57.52 -11.73
N GLY F 143 23.71 57.69 -12.78
CA GLY F 143 25.15 57.66 -12.64
C GLY F 143 25.65 56.24 -12.51
N GLU F 144 26.97 56.13 -12.46
CA GLU F 144 27.62 54.82 -12.31
C GLU F 144 28.06 54.55 -10.88
N ALA F 145 27.80 55.48 -9.96
CA ALA F 145 28.27 55.34 -8.58
C ALA F 145 27.54 54.24 -7.82
N CYS F 146 26.41 53.75 -8.34
CA CYS F 146 25.56 52.82 -7.61
C CYS F 146 25.60 51.42 -8.17
N TRP F 147 26.65 51.06 -8.91
CA TRP F 147 26.76 49.76 -9.53
C TRP F 147 28.01 49.06 -9.05
N TRP F 148 27.90 47.75 -8.81
CA TRP F 148 28.99 46.95 -8.27
C TRP F 148 29.12 45.67 -9.08
N THR F 149 30.35 45.21 -9.26
CA THR F 149 30.62 44.01 -10.03
C THR F 149 31.04 42.88 -9.11
N MET F 150 30.36 41.75 -9.22
CA MET F 150 30.66 40.59 -8.39
C MET F 150 31.82 39.82 -8.99
N HIS F 151 32.80 39.49 -8.16
CA HIS F 151 33.91 38.67 -8.59
C HIS F 151 34.07 37.49 -7.66
N PRO F 152 34.40 36.31 -8.19
CA PRO F 152 34.61 35.16 -7.32
C PRO F 152 35.73 35.41 -6.34
N ALA F 153 35.52 34.95 -5.11
CA ALA F 153 36.55 35.14 -4.08
C ALA F 153 37.71 34.20 -4.28
N SER F 154 37.50 33.07 -4.93
CA SER F 154 38.52 32.04 -5.12
C SER F 154 38.28 31.29 -6.42
N LYS F 155 39.01 30.18 -6.57
CA LYS F 155 39.12 29.52 -7.86
C LYS F 155 38.01 28.52 -8.13
N GLN F 156 37.20 28.14 -7.13
CA GLN F 156 36.13 27.18 -7.41
C GLN F 156 35.07 27.80 -8.32
N ARG F 157 34.99 29.12 -8.36
CA ARG F 157 34.08 29.82 -9.24
C ARG F 157 34.88 30.68 -10.22
N SER F 158 34.34 30.84 -11.42
CA SER F 158 34.98 31.61 -12.46
C SER F 158 33.97 32.55 -13.10
N GLU F 159 34.49 33.52 -13.85
CA GLU F 159 33.63 34.54 -14.44
C GLU F 159 32.63 33.91 -15.38
N GLY F 160 31.39 34.42 -15.35
CA GLY F 160 30.31 33.90 -16.13
C GLY F 160 29.47 32.86 -15.44
N GLU F 161 29.98 32.26 -14.37
CA GLU F 161 29.20 31.25 -13.65
C GLU F 161 28.09 31.90 -12.84
N LYS F 162 27.08 31.11 -12.53
CA LYS F 162 26.00 31.56 -11.69
C LYS F 162 26.49 31.76 -10.26
N VAL F 163 25.88 32.72 -9.57
CA VAL F 163 26.25 33.00 -8.17
C VAL F 163 25.31 32.22 -7.27
N ARG F 164 25.87 31.35 -6.45
CA ARG F 164 25.09 30.44 -5.63
C ARG F 164 25.00 30.95 -4.20
N VAL F 165 23.90 30.59 -3.54
CA VAL F 165 23.70 30.98 -2.15
C VAL F 165 24.85 30.45 -1.31
N GLY F 166 25.45 31.32 -0.52
CA GLY F 166 26.56 30.94 0.32
C GLY F 166 27.93 31.15 -0.28
N ASP F 167 28.02 31.72 -1.48
CA ASP F 167 29.30 31.98 -2.09
C ASP F 167 29.95 33.22 -1.49
N ASP F 168 31.23 33.10 -1.15
CA ASP F 168 32.03 34.25 -0.76
C ASP F 168 32.33 35.08 -2.00
N LEU F 169 32.19 36.40 -1.88
CA LEU F 169 32.18 37.28 -3.03
C LEU F 169 33.11 38.47 -2.81
N ILE F 170 33.42 39.13 -3.92
CA ILE F 170 34.18 40.38 -3.93
C ILE F 170 33.37 41.40 -4.73
N LEU F 171 33.12 42.56 -4.15
CA LEU F 171 32.39 43.62 -4.82
C LEU F 171 33.33 44.78 -5.11
N VAL F 172 33.33 45.25 -6.36
CA VAL F 172 34.19 46.34 -6.80
C VAL F 172 33.31 47.46 -7.34
N SER F 173 33.54 48.68 -6.86
CA SER F 173 32.73 49.79 -7.31
C SER F 173 33.05 50.12 -8.76
N VAL F 174 32.02 50.21 -9.59
CA VAL F 174 32.22 50.53 -11.00
C VAL F 174 32.82 51.91 -11.16
N SER F 175 32.31 52.88 -10.40
CA SER F 175 32.78 54.26 -10.54
C SER F 175 34.18 54.43 -9.98
N SER F 176 34.47 53.80 -8.86
CA SER F 176 35.68 54.10 -8.12
C SER F 176 36.77 53.04 -8.22
N GLU F 177 36.45 51.86 -8.76
CA GLU F 177 37.41 50.76 -8.84
C GLU F 177 37.99 50.42 -7.48
N ARG F 178 37.13 50.35 -6.47
CA ARG F 178 37.54 50.03 -5.11
C ARG F 178 36.62 48.95 -4.54
N TYR F 179 37.21 48.09 -3.73
CA TYR F 179 36.46 47.00 -3.12
C TYR F 179 35.58 47.52 -2.00
N LEU F 180 34.44 46.86 -1.80
CA LEU F 180 33.64 47.08 -0.60
C LEU F 180 34.41 46.47 0.56
N HIS F 181 35.09 47.32 1.31
CA HIS F 181 36.09 46.89 2.27
C HIS F 181 35.56 47.02 3.69
N LEU F 182 35.94 46.07 4.54
CA LEU F 182 35.72 46.17 5.97
C LEU F 182 37.04 46.56 6.63
N SER F 183 37.05 47.71 7.29
CA SER F 183 38.27 48.27 7.87
C SER F 183 38.28 48.10 9.37
N THR F 184 39.35 47.48 9.89
CA THR F 184 39.56 47.34 11.32
C THR F 184 40.66 48.26 11.83
N ALA F 185 41.09 49.21 11.00
CA ALA F 185 42.22 50.07 11.38
C ALA F 185 41.90 50.87 12.63
N SER F 186 40.70 51.43 12.72
CA SER F 186 40.26 52.09 13.95
C SER F 186 39.91 51.03 14.99
N GLY F 187 39.52 51.49 16.17
CA GLY F 187 39.08 50.55 17.19
C GLY F 187 37.77 49.88 16.88
N GLU F 188 36.93 50.51 16.07
CA GLU F 188 35.61 49.99 15.74
C GLU F 188 35.65 49.30 14.39
N LEU F 189 34.52 48.69 14.05
CA LEU F 189 34.35 47.99 12.79
C LEU F 189 33.66 48.94 11.82
N GLN F 190 34.28 49.19 10.67
CA GLN F 190 33.78 50.15 9.71
C GLN F 190 33.85 49.58 8.30
N VAL F 191 32.96 50.08 7.45
CA VAL F 191 32.84 49.67 6.07
C VAL F 191 33.13 50.87 5.18
N ASP F 192 34.01 50.67 4.21
CA ASP F 192 34.35 51.71 3.26
C ASP F 192 34.73 51.06 1.94
N ALA F 193 34.99 51.89 0.94
CA ALA F 193 35.41 51.42 -0.38
C ALA F 193 36.90 51.71 -0.52
N SER F 194 37.71 50.66 -0.47
CA SER F 194 39.16 50.78 -0.50
C SER F 194 39.75 49.81 -1.52
N PHE F 195 41.07 49.78 -1.57
CA PHE F 195 41.82 48.92 -2.47
C PHE F 195 42.14 47.57 -1.86
N MET F 196 41.72 47.32 -0.62
CA MET F 196 41.91 46.04 0.02
C MET F 196 40.59 45.28 0.00
N GLN F 197 40.63 44.06 -0.55
CA GLN F 197 39.43 43.28 -0.76
C GLN F 197 38.92 42.70 0.56
N THR F 198 37.63 42.36 0.57
CA THR F 198 37.00 41.72 1.71
C THR F 198 35.91 40.81 1.19
N LEU F 199 35.85 39.59 1.72
CA LEU F 199 34.88 38.61 1.27
C LEU F 199 33.50 38.94 1.84
N TRP F 200 32.48 38.79 1.01
CA TRP F 200 31.11 39.04 1.41
C TRP F 200 30.24 37.85 1.01
N ASN F 201 29.10 37.73 1.67
CA ASN F 201 28.08 36.76 1.32
C ASN F 201 26.75 37.47 1.17
N MET F 202 26.04 37.21 0.07
CA MET F 202 24.67 37.67 -0.06
C MET F 202 23.75 36.56 0.41
N ASN F 203 23.52 36.54 1.72
CA ASN F 203 22.57 35.59 2.27
C ASN F 203 21.16 36.02 1.93
N PRO F 204 20.36 35.17 1.31
CA PRO F 204 19.03 35.60 0.87
C PRO F 204 18.07 35.75 2.04
N ILE F 205 17.08 36.61 1.84
CA ILE F 205 15.96 36.77 2.76
C ILE F 205 14.67 36.24 2.16
N CYS F 206 14.30 36.72 0.98
CA CYS F 206 13.10 36.27 0.32
C CYS F 206 13.30 36.29 -1.18
N SER F 207 12.78 35.26 -1.86
CA SER F 207 12.81 35.20 -3.32
C SER F 207 11.45 35.55 -3.93
N CYS F 208 10.43 34.75 -3.65
CA CYS F 208 9.10 34.95 -4.22
C CYS F 208 8.06 34.59 -3.17
N CYS F 209 7.02 35.40 -3.07
CA CYS F 209 5.99 35.24 -2.06
C CYS F 209 4.64 35.06 -2.76
N GLU F 210 3.87 34.07 -2.31
CA GLU F 210 2.55 33.88 -2.88
C GLU F 210 1.66 35.06 -2.52
N GLU F 211 0.53 35.16 -3.22
CA GLU F 211 -0.42 36.21 -2.91
C GLU F 211 -0.83 36.10 -1.45
N GLY F 212 -0.76 37.23 -0.76
CA GLY F 212 -0.97 37.21 0.67
C GLY F 212 0.02 36.28 1.33
N TYR F 213 -0.51 35.37 2.15
CA TYR F 213 0.24 34.23 2.64
C TYR F 213 1.48 34.68 3.42
N VAL F 214 1.19 35.22 4.61
CA VAL F 214 2.12 35.91 5.49
C VAL F 214 3.50 35.27 5.48
N THR F 215 4.53 36.10 5.38
CA THR F 215 5.92 35.69 5.42
C THR F 215 6.64 36.46 6.51
N GLY F 216 7.83 35.99 6.87
CA GLY F 216 8.58 36.62 7.93
C GLY F 216 9.11 37.99 7.52
N GLY F 217 9.41 38.81 8.52
CA GLY F 217 9.96 40.12 8.28
C GLY F 217 8.96 41.16 7.83
N HIS F 218 7.66 40.86 7.87
CA HIS F 218 6.66 41.80 7.44
C HIS F 218 6.18 42.65 8.62
N VAL F 219 5.55 43.75 8.28
CA VAL F 219 4.87 44.60 9.25
C VAL F 219 3.37 44.41 9.07
N LEU F 220 2.67 44.14 10.17
CA LEU F 220 1.27 43.77 10.10
C LEU F 220 0.57 44.20 11.38
N ARG F 221 -0.75 44.14 11.36
CA ARG F 221 -1.57 44.35 12.54
C ARG F 221 -2.26 43.05 12.92
N LEU F 222 -2.33 42.79 14.22
CA LEU F 222 -2.93 41.58 14.75
C LEU F 222 -4.32 41.93 15.25
N PHE F 223 -5.34 41.55 14.50
CA PHE F 223 -6.71 41.90 14.83
C PHE F 223 -7.39 40.78 15.61
N HIS F 224 -8.14 41.18 16.64
CA HIS F 224 -8.73 40.21 17.55
C HIS F 224 -10.04 39.63 17.00
N GLY F 225 -11.04 40.48 16.85
CA GLY F 225 -12.35 40.01 16.43
C GLY F 225 -12.69 40.36 15.00
N HIS F 226 -13.79 41.05 14.79
CA HIS F 226 -14.29 41.36 13.45
C HIS F 226 -13.87 42.76 13.04
N MET F 227 -12.58 42.90 12.72
CA MET F 227 -12.02 44.14 12.21
C MET F 227 -12.27 45.32 13.15
N ASP F 228 -12.25 45.03 14.45
CA ASP F 228 -12.57 46.02 15.47
C ASP F 228 -11.42 46.30 16.42
N GLU F 229 -10.83 45.28 17.01
CA GLU F 229 -9.79 45.44 18.00
C GLU F 229 -8.46 44.93 17.48
N CYS F 230 -7.39 45.68 17.76
CA CYS F 230 -6.06 45.35 17.30
C CYS F 230 -5.08 45.43 18.45
N LEU F 231 -4.07 44.57 18.43
CA LEU F 231 -3.08 44.57 19.48
C LEU F 231 -2.16 45.78 19.34
N THR F 232 -1.89 46.45 20.46
CA THR F 232 -1.10 47.67 20.43
C THR F 232 -0.57 47.96 21.82
N ILE F 233 0.21 49.03 21.92
CA ILE F 233 0.65 49.54 23.21
C ILE F 233 0.06 50.92 23.40
N SER F 234 0.29 51.51 24.56
CA SER F 234 -0.31 52.80 24.88
C SER F 234 0.28 53.90 24.00
N ALA F 235 -0.42 55.01 23.94
CA ALA F 235 -0.01 56.13 23.10
C ALA F 235 1.20 56.83 23.71
N ALA F 236 1.66 57.88 23.03
CA ALA F 236 2.83 58.61 23.47
C ALA F 236 2.57 59.33 24.78
N ASP F 237 3.63 59.52 25.54
CA ASP F 237 3.60 60.10 26.89
C ASP F 237 2.41 59.55 27.70
N SER F 238 2.46 58.25 27.93
CA SER F 238 1.51 57.58 28.81
C SER F 238 2.20 57.14 30.09
N ASP F 239 1.40 57.01 31.15
CA ASP F 239 1.98 56.74 32.47
C ASP F 239 2.56 55.34 32.57
N ASP F 240 2.26 54.46 31.63
CA ASP F 240 2.77 53.09 31.67
C ASP F 240 4.12 52.97 30.98
N GLN F 241 4.70 54.08 30.52
CA GLN F 241 5.97 54.10 29.80
C GLN F 241 5.92 53.31 28.50
N ARG F 242 4.72 53.17 27.93
CA ARG F 242 4.52 52.46 26.67
C ARG F 242 5.13 51.06 26.75
N ARG F 243 4.91 50.39 27.88
CA ARG F 243 5.43 49.04 28.09
C ARG F 243 4.34 48.04 28.44
N LEU F 244 3.08 48.39 28.19
CA LEU F 244 1.97 47.48 28.46
C LEU F 244 1.13 47.35 27.20
N VAL F 245 0.70 46.12 26.94
CA VAL F 245 0.02 45.78 25.70
C VAL F 245 -1.47 45.71 25.98
N TYR F 246 -2.27 46.27 25.07
CA TYR F 246 -3.72 46.31 25.22
C TYR F 246 -4.38 45.94 23.90
N TYR F 247 -5.60 45.44 24.00
CA TYR F 247 -6.48 45.28 22.86
C TYR F 247 -7.35 46.52 22.78
N GLU F 248 -7.19 47.30 21.73
CA GLU F 248 -7.88 48.57 21.58
C GLU F 248 -8.58 48.60 20.24
N GLY F 249 -9.69 49.35 20.16
CA GLY F 249 -10.40 49.56 18.94
C GLY F 249 -10.51 51.04 18.62
N GLY F 250 -11.02 51.33 17.43
CA GLY F 250 -11.26 52.70 17.04
C GLY F 250 -10.21 53.24 16.08
N ALA F 251 -9.72 54.45 16.37
CA ALA F 251 -8.75 55.08 15.49
C ALA F 251 -7.37 54.43 15.57
N VAL F 252 -7.13 53.61 16.61
CA VAL F 252 -5.84 52.95 16.73
C VAL F 252 -5.61 51.98 15.58
N CYS F 253 -6.67 51.47 14.97
CA CYS F 253 -6.53 50.51 13.89
C CYS F 253 -5.83 51.10 12.68
N THR F 254 -5.80 52.42 12.55
CA THR F 254 -5.13 53.09 11.45
C THR F 254 -3.90 53.87 11.92
N HIS F 255 -3.51 53.72 13.18
CA HIS F 255 -2.36 54.43 13.71
C HIS F 255 -1.13 53.53 13.70
N ALA F 256 0.03 54.17 13.86
CA ALA F 256 1.31 53.49 13.71
C ALA F 256 1.71 52.69 14.93
N ARG F 257 1.07 52.89 16.07
CA ARG F 257 1.47 52.18 17.28
C ARG F 257 0.91 50.77 17.35
N SER F 258 0.08 50.36 16.40
CA SER F 258 -0.44 49.01 16.34
C SER F 258 0.27 48.15 15.32
N LEU F 259 1.42 48.60 14.81
CA LEU F 259 2.14 47.92 13.75
C LEU F 259 3.30 47.14 14.35
N TRP F 260 3.31 45.84 14.14
CA TRP F 260 4.32 44.95 14.70
C TRP F 260 5.08 44.30 13.56
N ARG F 261 6.34 43.97 13.82
CA ARG F 261 7.20 43.30 12.85
C ARG F 261 7.55 41.92 13.36
N LEU F 262 7.38 40.91 12.51
CA LEU F 262 7.60 39.53 12.89
C LEU F 262 9.02 39.11 12.51
N GLU F 263 9.81 38.74 13.49
CA GLU F 263 11.22 38.40 13.26
C GLU F 263 11.49 36.94 13.59
N PRO F 264 11.61 36.08 12.59
CA PRO F 264 12.01 34.70 12.84
C PRO F 264 13.42 34.64 13.41
N LEU F 265 13.68 33.57 14.16
CA LEU F 265 14.94 33.43 14.88
C LEU F 265 16.04 32.89 13.98
N ARG F 266 16.27 33.57 12.87
CA ARG F 266 17.33 33.23 11.94
C ARG F 266 17.52 34.41 10.99
N ILE F 267 18.67 34.45 10.35
CA ILE F 267 19.00 35.54 9.44
C ILE F 267 18.71 35.17 8.00
N SER F 268 19.37 34.13 7.50
CA SER F 268 19.12 33.67 6.14
C SER F 268 17.73 33.07 6.05
N TRP F 269 17.02 33.40 4.96
CA TRP F 269 15.68 32.92 4.70
C TRP F 269 14.68 33.36 5.77
N SER F 270 14.99 34.46 6.46
CA SER F 270 14.04 35.01 7.42
C SER F 270 12.78 35.52 6.76
N GLY F 271 12.82 35.79 5.46
CA GLY F 271 11.66 36.23 4.74
C GLY F 271 10.78 35.10 4.25
N SER F 272 11.08 33.87 4.64
CA SER F 272 10.34 32.72 4.17
C SER F 272 8.90 32.76 4.68
N HIS F 273 8.07 31.88 4.12
CA HIS F 273 6.68 31.79 4.53
C HIS F 273 6.60 31.38 5.98
N LEU F 274 5.70 32.02 6.72
CA LEU F 274 5.49 31.63 8.11
C LEU F 274 4.82 30.26 8.19
N ARG F 275 5.34 29.44 9.09
CA ARG F 275 4.80 28.10 9.33
C ARG F 275 4.29 28.02 10.76
N TRP F 276 3.27 27.21 10.95
CA TRP F 276 2.70 27.02 12.28
C TRP F 276 3.77 26.48 13.22
N GLY F 277 3.81 27.03 14.43
CA GLY F 277 4.77 26.60 15.41
C GLY F 277 6.17 27.13 15.22
N GLN F 278 6.42 27.91 14.17
CA GLN F 278 7.74 28.46 13.94
C GLN F 278 8.02 29.56 14.94
N PRO F 279 9.10 29.49 15.70
CA PRO F 279 9.39 30.55 16.67
C PRO F 279 9.73 31.86 15.99
N LEU F 280 9.30 32.95 16.60
CA LEU F 280 9.56 34.26 16.04
C LEU F 280 9.34 35.34 17.09
N ARG F 281 10.28 36.27 17.15
CA ARG F 281 10.16 37.47 17.95
C ARG F 281 9.15 38.41 17.33
N ILE F 282 8.49 39.21 18.16
CA ILE F 282 7.56 40.23 17.68
C ILE F 282 8.06 41.58 18.17
N ARG F 283 8.26 42.50 17.23
CA ARG F 283 8.89 43.78 17.49
C ARG F 283 7.91 44.90 17.24
N HIS F 284 7.88 45.87 18.14
CA HIS F 284 7.07 47.06 17.96
C HIS F 284 7.86 48.07 17.13
N VAL F 285 7.32 48.44 15.98
CA VAL F 285 8.10 49.21 15.00
C VAL F 285 8.42 50.60 15.54
N THR F 286 7.41 51.32 16.02
CA THR F 286 7.61 52.72 16.37
C THR F 286 8.50 52.87 17.59
N THR F 287 8.39 51.94 18.54
CA THR F 287 9.18 52.03 19.76
C THR F 287 10.43 51.17 19.72
N GLY F 288 10.49 50.16 18.87
CA GLY F 288 11.65 49.31 18.84
C GLY F 288 11.77 48.34 19.99
N ARG F 289 10.68 48.00 20.63
CA ARG F 289 10.70 47.08 21.75
C ARG F 289 10.06 45.76 21.37
N TYR F 290 10.48 44.70 22.04
CA TYR F 290 10.08 43.35 21.69
C TYR F 290 9.11 42.80 22.73
N LEU F 291 8.05 42.17 22.23
CA LEU F 291 7.06 41.55 23.11
C LEU F 291 7.73 40.44 23.91
N ALA F 292 7.51 40.45 25.22
CA ALA F 292 8.24 39.55 26.10
C ALA F 292 7.36 39.11 27.24
N LEU F 293 7.75 38.00 27.86
CA LEU F 293 7.14 37.51 29.08
C LEU F 293 8.17 37.59 30.19
N THR F 294 8.02 38.56 31.08
CA THR F 294 8.95 38.78 32.17
C THR F 294 8.35 38.23 33.46
N GLU F 295 9.22 37.72 34.33
CA GLU F 295 8.75 37.13 35.57
C GLU F 295 8.16 38.16 36.52
N ASP F 296 8.43 39.44 36.30
CA ASP F 296 7.99 40.49 37.22
C ASP F 296 6.64 41.07 36.81
N GLN F 297 6.55 41.62 35.61
CA GLN F 297 5.33 42.26 35.14
C GLN F 297 4.55 41.41 34.15
N GLY F 298 4.99 40.19 33.88
CA GLY F 298 4.27 39.33 32.96
C GLY F 298 4.53 39.68 31.52
N LEU F 299 3.46 39.96 30.76
CA LEU F 299 3.56 40.29 29.35
C LEU F 299 3.81 41.78 29.20
N VAL F 300 5.02 42.14 28.81
CA VAL F 300 5.41 43.51 28.56
C VAL F 300 6.26 43.54 27.29
N VAL F 301 6.56 44.75 26.83
CA VAL F 301 7.50 44.95 25.72
C VAL F 301 8.80 45.45 26.31
N VAL F 302 9.90 44.77 25.98
CA VAL F 302 11.21 45.07 26.55
C VAL F 302 12.12 45.56 25.44
N ASP F 303 13.22 46.18 25.85
CA ASP F 303 14.20 46.68 24.90
C ASP F 303 14.98 45.52 24.29
N ALA F 304 15.79 45.84 23.29
CA ALA F 304 16.56 44.82 22.60
C ALA F 304 17.56 44.14 23.51
N CYS F 305 18.14 44.84 24.47
CA CYS F 305 19.16 44.28 25.34
C CYS F 305 18.61 43.26 26.33
N LYS F 306 17.29 43.12 26.44
CA LYS F 306 16.69 42.18 27.37
C LYS F 306 15.83 41.14 26.67
N ALA F 307 15.99 40.97 25.36
CA ALA F 307 15.23 39.99 24.59
C ALA F 307 16.17 38.82 24.29
N HIS F 308 16.17 37.83 25.17
CA HIS F 308 17.15 36.75 25.14
C HIS F 308 16.55 35.42 24.66
N THR F 309 15.66 35.49 23.67
CA THR F 309 15.10 34.35 22.94
C THR F 309 14.24 33.46 23.81
N LYS F 310 14.26 33.64 25.12
CA LYS F 310 13.38 32.91 26.02
C LYS F 310 12.12 33.67 26.34
N ALA F 311 12.26 34.94 26.74
CA ALA F 311 11.10 35.77 27.01
C ALA F 311 10.39 36.23 25.75
N THR F 312 11.10 36.28 24.62
CA THR F 312 10.59 36.93 23.42
C THR F 312 10.35 35.97 22.26
N SER F 313 10.16 34.68 22.54
CA SER F 313 9.90 33.69 21.50
C SER F 313 8.42 33.34 21.52
N PHE F 314 7.79 33.42 20.36
CA PHE F 314 6.37 33.11 20.21
C PHE F 314 6.17 32.25 18.97
N CYS F 315 4.98 31.68 18.86
CA CYS F 315 4.60 30.90 17.70
C CYS F 315 3.12 31.10 17.44
N PHE F 316 2.72 30.93 16.19
CA PHE F 316 1.32 30.91 15.82
C PHE F 316 0.85 29.46 15.71
N ARG F 317 -0.26 29.15 16.37
CA ARG F 317 -0.81 27.81 16.37
C ARG F 317 -2.24 27.82 15.85
N VAL F 318 -2.56 26.84 15.00
CA VAL F 318 -3.88 26.71 14.43
C VAL F 318 -4.94 26.44 15.49
N SER F 319 -4.66 25.55 16.44
CA SER F 319 -5.62 25.26 17.49
C SER F 319 -4.87 25.13 18.80
N LYS F 320 -5.56 25.43 19.89
CA LYS F 320 -4.96 25.38 21.23
C LYS F 320 -4.65 23.97 21.68
N GLU F 321 -5.01 22.95 20.89
CA GLU F 321 -4.72 21.58 21.26
C GLU F 321 -3.22 21.38 21.41
N LYS F 322 -2.84 20.70 22.49
CA LYS F 322 -1.42 20.49 22.80
C LYS F 322 -0.90 19.40 21.88
N LEU F 323 -0.58 19.80 20.66
CA LEU F 323 -0.01 18.86 19.69
C LEU F 323 1.30 18.28 20.20
N ASP F 324 2.31 19.14 20.36
CA ASP F 324 3.61 18.75 20.92
C ASP F 324 4.20 17.55 20.18
N THR F 325 4.04 17.54 18.86
CA THR F 325 4.46 16.39 18.07
C THR F 325 5.98 16.31 17.96
N ALA F 326 6.59 17.31 17.33
CA ALA F 326 8.04 17.32 17.14
C ALA F 326 8.51 18.70 16.68
N PRO F 327 9.72 19.12 17.06
CA PRO F 327 10.23 20.41 16.58
C PRO F 327 10.52 20.40 15.09
N LYS F 328 9.75 21.18 14.33
CA LYS F 328 9.92 21.25 12.90
C LYS F 328 11.28 21.82 12.53
N ARG F 329 11.89 21.24 11.48
CA ARG F 329 13.20 21.67 11.01
C ARG F 329 13.04 22.70 9.89
N ASP F 330 13.84 23.76 9.96
CA ASP F 330 13.74 24.84 8.99
C ASP F 330 14.29 24.40 7.63
N VAL F 331 13.63 24.87 6.57
CA VAL F 331 14.00 24.54 5.21
C VAL F 331 14.71 25.73 4.59
N GLU F 332 15.57 25.45 3.61
CA GLU F 332 16.35 26.48 2.94
C GLU F 332 15.58 26.97 1.72
N GLY F 333 14.58 27.79 1.98
CA GLY F 333 13.80 28.37 0.92
C GLY F 333 12.54 29.00 1.47
N MET F 334 11.68 29.43 0.55
CA MET F 334 10.40 30.00 0.94
C MET F 334 9.55 28.98 1.70
N GLY F 335 9.77 27.70 1.43
CA GLY F 335 9.12 26.65 2.19
C GLY F 335 7.67 26.51 1.85
N PRO F 336 6.97 25.69 2.63
CA PRO F 336 5.55 25.47 2.38
C PRO F 336 4.74 26.67 2.80
N PRO F 337 3.88 27.19 1.92
CA PRO F 337 3.05 28.35 2.26
C PRO F 337 1.88 27.92 3.12
N GLU F 338 1.72 28.57 4.27
CA GLU F 338 0.74 28.11 5.25
C GLU F 338 -0.25 29.19 5.67
N ILE F 339 0.23 30.29 6.22
CA ILE F 339 -0.60 31.21 6.99
C ILE F 339 -1.02 32.37 6.10
N LYS F 340 -2.32 32.62 6.03
CA LYS F 340 -2.85 33.60 5.11
C LYS F 340 -3.13 34.93 5.81
N TYR F 341 -3.18 35.98 5.01
CA TYR F 341 -3.49 37.32 5.50
C TYR F 341 -5.00 37.48 5.56
N GLY F 342 -5.54 37.68 6.76
CA GLY F 342 -6.94 37.96 6.90
C GLY F 342 -7.86 36.77 6.78
N GLU F 343 -7.32 35.56 6.71
CA GLU F 343 -8.15 34.36 6.66
C GLU F 343 -7.80 33.37 7.75
N SER F 344 -6.52 33.17 8.05
CA SER F 344 -6.12 32.18 9.03
C SER F 344 -6.36 32.71 10.43
N LEU F 345 -6.96 31.87 11.27
CA LEU F 345 -7.05 32.12 12.70
C LEU F 345 -5.76 31.64 13.34
N CYS F 346 -5.15 32.48 14.17
CA CYS F 346 -3.88 32.17 14.79
C CYS F 346 -3.97 32.39 16.30
N PHE F 347 -3.45 31.43 17.05
CA PHE F 347 -3.32 31.54 18.49
C PHE F 347 -1.85 31.76 18.83
N VAL F 348 -1.53 32.92 19.37
CA VAL F 348 -0.16 33.25 19.75
C VAL F 348 0.17 32.52 21.04
N GLN F 349 1.28 31.79 21.05
CA GLN F 349 1.72 31.04 22.21
C GLN F 349 3.17 31.35 22.51
N HIS F 350 3.47 31.55 23.79
CA HIS F 350 4.84 31.73 24.21
C HIS F 350 5.56 30.39 24.18
N VAL F 351 6.72 30.36 23.52
CA VAL F 351 7.38 29.08 23.26
C VAL F 351 7.87 28.44 24.55
N ALA F 352 8.55 29.22 25.39
CA ALA F 352 9.18 28.64 26.56
C ALA F 352 8.16 28.28 27.63
N SER F 353 7.12 29.09 27.79
CA SER F 353 6.16 28.90 28.86
C SER F 353 4.91 28.16 28.43
N GLY F 354 4.59 28.13 27.15
CA GLY F 354 3.35 27.53 26.70
C GLY F 354 2.12 28.37 26.98
N LEU F 355 2.30 29.57 27.53
CA LEU F 355 1.15 30.40 27.83
C LEU F 355 0.52 30.94 26.55
N TRP F 356 -0.77 31.23 26.64
CA TRP F 356 -1.55 31.71 25.52
C TRP F 356 -1.87 33.19 25.70
N LEU F 357 -1.87 33.92 24.60
CA LEU F 357 -2.18 35.34 24.62
C LEU F 357 -3.69 35.53 24.66
N THR F 358 -4.19 36.18 25.71
CA THR F 358 -5.61 36.43 25.86
C THR F 358 -5.80 37.70 26.68
N TYR F 359 -6.99 38.27 26.59
CA TYR F 359 -7.26 39.49 27.33
C TYR F 359 -7.45 39.19 28.81
N ALA F 360 -7.61 40.24 29.60
CA ALA F 360 -7.59 40.13 31.05
C ALA F 360 -8.96 40.22 31.71
N ALA F 361 -10.04 40.27 30.92
CA ALA F 361 -11.40 40.38 31.47
C ALA F 361 -11.50 41.59 32.40
N PRO F 362 -11.61 42.80 31.86
CA PRO F 362 -11.50 44.00 32.69
C PRO F 362 -12.51 44.02 33.82
N ASP F 363 -12.07 44.53 34.97
CA ASP F 363 -12.93 44.63 36.15
C ASP F 363 -14.04 45.64 35.91
N PRO F 364 -15.25 45.41 36.42
CA PRO F 364 -16.33 46.39 36.25
C PRO F 364 -16.04 47.72 36.92
N LYS F 365 -16.95 48.68 36.75
CA LYS F 365 -16.87 50.03 37.29
C LYS F 365 -15.81 50.84 36.55
N ALA F 366 -15.03 50.19 35.69
CA ALA F 366 -14.08 50.87 34.82
C ALA F 366 -14.67 51.19 33.45
N LEU F 367 -15.86 50.68 33.14
CA LEU F 367 -16.50 50.98 31.87
C LEU F 367 -16.97 52.43 31.80
N ARG F 368 -17.42 52.99 32.92
CA ARG F 368 -17.83 54.38 32.95
C ARG F 368 -16.64 55.31 32.68
N LEU F 369 -15.42 54.85 32.96
CA LEU F 369 -14.23 55.60 32.64
C LEU F 369 -13.99 55.73 31.14
N GLY F 370 -14.73 54.98 30.33
CA GLY F 370 -14.51 54.98 28.90
C GLY F 370 -13.33 54.15 28.46
N VAL F 371 -12.82 53.27 29.32
CA VAL F 371 -11.66 52.45 28.99
C VAL F 371 -12.13 51.20 28.26
N LEU F 372 -12.20 51.26 26.93
CA LEU F 372 -12.45 50.09 26.12
C LEU F 372 -11.21 49.24 25.92
N LYS F 373 -10.04 49.73 26.33
CA LYS F 373 -8.83 48.94 26.24
C LYS F 373 -8.90 47.75 27.19
N LYS F 374 -8.54 46.58 26.69
CA LYS F 374 -8.46 45.37 27.48
C LYS F 374 -6.99 44.98 27.58
N LYS F 375 -6.49 44.87 28.81
CA LYS F 375 -5.09 44.52 28.98
C LYS F 375 -4.83 43.12 28.44
N ALA F 376 -3.75 42.98 27.68
CA ALA F 376 -3.38 41.70 27.13
C ALA F 376 -2.44 40.99 28.08
N ILE F 377 -2.76 39.73 28.39
CA ILE F 377 -1.98 38.95 29.35
C ILE F 377 -1.74 37.57 28.76
N LEU F 378 -0.73 36.90 29.33
CA LEU F 378 -0.46 35.50 29.03
C LEU F 378 -1.12 34.64 30.09
N HIS F 379 -1.97 33.72 29.67
CA HIS F 379 -2.72 32.86 30.57
C HIS F 379 -2.59 31.43 30.12
N GLN F 380 -2.63 30.51 31.09
CA GLN F 380 -2.43 29.10 30.78
C GLN F 380 -3.55 28.55 29.91
N GLU F 381 -4.80 28.91 30.18
CA GLU F 381 -5.92 28.37 29.46
C GLU F 381 -6.41 29.28 28.34
N GLY F 382 -6.63 30.56 28.64
CA GLY F 382 -7.14 31.46 27.64
C GLY F 382 -8.61 31.23 27.37
N HIS F 383 -9.10 31.90 26.33
CA HIS F 383 -10.50 31.90 25.98
C HIS F 383 -10.68 31.29 24.59
N MET F 384 -11.93 31.26 24.13
CA MET F 384 -12.24 30.71 22.83
C MET F 384 -11.96 31.70 21.71
N ASP F 385 -12.11 33.00 21.97
CA ASP F 385 -11.96 34.02 20.95
C ASP F 385 -10.55 34.60 20.90
N ASP F 386 -9.56 33.82 21.33
CA ASP F 386 -8.18 34.26 21.32
C ASP F 386 -7.55 34.28 19.94
N ALA F 387 -8.25 33.81 18.91
CA ALA F 387 -7.70 33.80 17.57
C ALA F 387 -7.52 35.21 17.04
N LEU F 388 -6.43 35.43 16.31
CA LEU F 388 -6.06 36.74 15.81
C LEU F 388 -5.96 36.73 14.29
N PHE F 389 -6.51 37.77 13.67
CA PHE F 389 -6.33 38.02 12.25
C PHE F 389 -5.02 38.76 12.03
N LEU F 390 -4.32 38.40 10.97
CA LEU F 390 -3.12 39.13 10.56
C LEU F 390 -3.43 39.88 9.28
N THR F 391 -3.33 41.20 9.32
CA THR F 391 -3.67 42.05 8.18
C THR F 391 -2.43 42.80 7.71
N ARG F 392 -2.32 42.95 6.40
CA ARG F 392 -1.16 43.58 5.80
C ARG F 392 -1.14 45.08 6.09
N CYS F 393 0.06 45.61 6.27
CA CYS F 393 0.29 47.03 6.42
C CYS F 393 0.92 47.57 5.15
N GLN F 394 0.40 48.69 4.67
CA GLN F 394 0.88 49.27 3.42
C GLN F 394 2.34 49.69 3.58
N GLN F 395 3.06 49.67 2.45
CA GLN F 395 4.47 50.03 2.49
C GLN F 395 4.66 51.45 2.99
N GLU F 396 3.76 52.36 2.61
CA GLU F 396 3.85 53.73 3.09
C GLU F 396 3.75 53.80 4.60
N GLU F 397 2.81 53.08 5.20
CA GLU F 397 2.68 53.09 6.64
C GLU F 397 3.86 52.44 7.34
N SER F 398 4.36 51.33 6.80
CA SER F 398 5.51 50.68 7.42
C SER F 398 6.73 51.59 7.40
N GLN F 399 6.99 52.22 6.26
CA GLN F 399 8.11 53.14 6.16
C GLN F 399 7.92 54.32 7.09
N ALA F 400 6.69 54.83 7.20
CA ALA F 400 6.43 55.94 8.09
C ALA F 400 6.70 55.57 9.54
N ALA F 401 6.30 54.37 9.95
CA ALA F 401 6.53 53.96 11.33
C ALA F 401 8.01 53.82 11.63
N ARG F 402 8.77 53.22 10.72
CA ARG F 402 10.21 53.11 10.94
C ARG F 402 10.87 54.50 10.99
N MET F 403 10.43 55.39 10.10
CA MET F 403 10.95 56.75 10.10
C MET F 403 10.64 57.45 11.40
N ILE F 404 9.44 57.22 11.96
CA ILE F 404 9.09 57.78 13.25
C ILE F 404 10.05 57.29 14.31
N HIS F 405 10.33 55.99 14.30
CA HIS F 405 11.25 55.43 15.30
C HIS F 405 12.61 56.10 15.25
N SER F 406 13.21 56.14 14.05
CA SER F 406 14.55 56.70 13.93
C SER F 406 14.57 58.19 14.27
N THR F 407 13.56 58.93 13.79
CA THR F 407 13.49 60.36 14.04
C THR F 407 13.33 60.67 15.52
N ALA F 408 12.46 59.93 16.21
CA ALA F 408 12.27 60.16 17.64
C ALA F 408 13.55 59.87 18.39
N GLY F 409 14.25 58.78 18.04
CA GLY F 409 15.52 58.52 18.70
C GLY F 409 16.52 59.63 18.51
N LEU F 410 16.70 60.08 17.26
CA LEU F 410 17.68 61.11 16.99
C LEU F 410 17.35 62.42 17.70
N TYR F 411 16.07 62.81 17.68
CA TYR F 411 15.72 64.10 18.27
C TYR F 411 15.72 64.04 19.78
N ASN F 412 15.42 62.89 20.38
CA ASN F 412 15.58 62.76 21.83
C ASN F 412 17.05 62.88 22.21
N GLN F 413 17.93 62.28 21.42
CA GLN F 413 19.36 62.46 21.69
C GLN F 413 19.77 63.92 21.57
N PHE F 414 19.26 64.61 20.55
CA PHE F 414 19.56 66.04 20.39
C PHE F 414 19.04 66.84 21.59
N ILE F 415 17.83 66.54 22.04
CA ILE F 415 17.24 67.25 23.17
C ILE F 415 18.06 67.05 24.43
N LYS F 416 18.46 65.80 24.71
CA LYS F 416 19.24 65.58 25.92
C LYS F 416 20.62 66.18 25.81
N GLY F 417 21.19 66.22 24.61
CA GLY F 417 22.44 66.94 24.42
C GLY F 417 22.30 68.42 24.73
N LEU F 418 21.20 69.03 24.28
CA LEU F 418 20.96 70.43 24.62
C LEU F 418 20.78 70.62 26.12
N ASP F 419 20.01 69.75 26.76
CA ASP F 419 19.80 69.84 28.20
C ASP F 419 21.05 69.54 28.99
N SER F 420 22.07 68.92 28.37
CA SER F 420 23.30 68.65 29.09
C SER F 420 23.95 69.93 29.60
N PHE F 421 23.95 70.98 28.79
CA PHE F 421 24.51 72.26 29.18
C PHE F 421 23.44 73.34 29.28
N SER F 422 22.31 73.01 29.92
CA SER F 422 21.22 73.96 30.02
C SER F 422 21.64 75.22 30.76
N GLY F 423 22.31 75.07 31.89
CA GLY F 423 22.76 76.21 32.65
C GLY F 423 24.24 76.16 32.98
N LYS F 424 25.02 75.61 32.06
CA LYS F 424 26.45 75.37 32.28
C LYS F 424 27.24 76.10 31.20
N PRO F 425 27.56 77.37 31.40
CA PRO F 425 28.40 78.07 30.43
C PRO F 425 29.76 77.41 30.31
N ARG F 426 30.27 77.36 29.08
CA ARG F 426 31.55 76.69 28.86
C ARG F 426 32.73 77.56 29.24
N GLY F 427 32.54 78.87 29.35
CA GLY F 427 33.68 79.75 29.55
C GLY F 427 34.62 79.67 28.38
N SER F 428 35.91 79.74 28.66
CA SER F 428 36.95 79.58 27.63
C SER F 428 37.45 78.14 27.56
N GLY F 429 36.52 77.20 27.41
CA GLY F 429 36.86 75.80 27.37
C GLY F 429 35.83 75.00 26.60
N PRO F 430 36.09 73.71 26.42
CA PRO F 430 35.15 72.84 25.69
C PRO F 430 33.84 72.72 26.44
N PRO F 431 32.74 72.49 25.72
CA PRO F 431 31.43 72.39 26.39
C PRO F 431 31.31 71.22 27.37
N ALA F 432 32.27 70.30 27.39
CA ALA F 432 32.32 69.22 28.36
C ALA F 432 31.08 68.33 28.28
N GLY F 433 30.95 67.65 27.15
CA GLY F 433 29.88 66.71 26.93
C GLY F 433 30.00 66.03 25.58
N PRO F 434 29.09 65.11 25.29
CA PRO F 434 29.08 64.49 23.96
C PRO F 434 28.71 65.51 22.90
N ALA F 435 29.27 65.33 21.71
CA ALA F 435 29.02 66.27 20.61
C ALA F 435 27.58 66.14 20.15
N LEU F 436 26.95 67.29 19.89
CA LEU F 436 25.58 67.28 19.40
C LEU F 436 25.54 66.70 17.98
N PRO F 437 24.51 65.94 17.65
CA PRO F 437 24.40 65.40 16.30
C PRO F 437 23.90 66.44 15.30
N ILE F 438 24.71 67.47 15.06
CA ILE F 438 24.28 68.60 14.24
C ILE F 438 24.00 68.15 12.81
N GLU F 439 24.96 67.45 12.21
CA GLU F 439 24.80 67.03 10.82
C GLU F 439 23.64 66.06 10.66
N ALA F 440 23.50 65.12 11.59
CA ALA F 440 22.39 64.18 11.54
C ALA F 440 21.05 64.91 11.63
N VAL F 441 20.95 65.87 12.55
CA VAL F 441 19.70 66.60 12.71
C VAL F 441 19.38 67.39 11.45
N ILE F 442 20.38 68.06 10.88
CA ILE F 442 20.13 68.88 9.69
C ILE F 442 19.65 68.00 8.54
N LEU F 443 20.34 66.88 8.32
CA LEU F 443 19.97 66.00 7.23
C LEU F 443 18.57 65.43 7.44
N SER F 444 18.26 65.03 8.68
CA SER F 444 16.95 64.47 8.97
C SER F 444 15.85 65.49 8.74
N LEU F 445 16.09 66.74 9.16
CA LEU F 445 15.09 67.78 8.97
C LEU F 445 14.85 68.05 7.50
N GLN F 446 15.92 68.09 6.71
CA GLN F 446 15.75 68.31 5.28
C GLN F 446 14.98 67.17 4.65
N ASP F 447 15.29 65.93 5.05
CA ASP F 447 14.58 64.78 4.52
C ASP F 447 13.10 64.83 4.87
N LEU F 448 12.77 65.18 6.12
CA LEU F 448 11.37 65.20 6.51
C LEU F 448 10.62 66.32 5.79
N ILE F 449 11.27 67.46 5.59
CA ILE F 449 10.63 68.55 4.87
C ILE F 449 10.33 68.14 3.44
N GLY F 450 11.28 67.47 2.79
CA GLY F 450 11.00 66.93 1.47
C GLY F 450 9.99 65.81 1.47
N TYR F 451 9.89 65.09 2.59
CA TYR F 451 8.92 64.01 2.73
C TYR F 451 7.51 64.54 2.83
N PHE F 452 7.33 65.72 3.44
CA PHE F 452 6.01 66.30 3.62
C PHE F 452 5.70 67.40 2.62
N GLU F 453 6.46 67.49 1.54
CA GLU F 453 6.23 68.56 0.57
C GLU F 453 4.87 68.37 -0.08
N PRO F 454 4.06 69.43 -0.20
CA PRO F 454 2.76 69.27 -0.84
C PRO F 454 2.93 68.99 -2.32
N PRO F 455 2.00 68.25 -2.93
CA PRO F 455 2.14 67.93 -4.34
C PRO F 455 2.04 69.17 -5.22
N SER F 456 2.74 69.12 -6.35
CA SER F 456 2.76 70.25 -7.26
C SER F 456 1.40 70.47 -7.90
N GLU F 457 1.04 71.74 -8.10
CA GLU F 457 -0.25 72.10 -8.67
C GLU F 457 -0.32 71.80 -10.15
N GLU F 458 0.79 71.45 -10.79
CA GLU F 458 0.81 71.14 -12.20
C GLU F 458 0.37 69.72 -12.52
N LEU F 459 0.24 68.85 -11.50
CA LEU F 459 -0.17 67.49 -11.74
C LEU F 459 -1.64 67.42 -12.12
N GLN F 460 -2.06 66.25 -12.61
CA GLN F 460 -3.47 66.03 -12.86
C GLN F 460 -4.21 65.83 -11.53
N HIS F 461 -5.49 66.18 -11.57
CA HIS F 461 -6.32 66.23 -10.38
C HIS F 461 -6.35 64.90 -9.64
N GLU F 462 -6.42 63.79 -10.38
CA GLU F 462 -6.58 62.48 -9.75
C GLU F 462 -5.36 62.14 -8.89
N GLU F 463 -4.17 62.20 -9.48
CA GLU F 463 -2.98 61.87 -8.71
C GLU F 463 -2.71 62.94 -7.65
N LYS F 464 -3.11 64.18 -7.90
CA LYS F 464 -2.97 65.19 -6.86
C LYS F 464 -3.80 64.84 -5.64
N GLN F 465 -5.04 64.39 -5.85
CA GLN F 465 -5.88 63.97 -4.74
C GLN F 465 -5.28 62.76 -4.02
N SER F 466 -4.77 61.79 -4.77
CA SER F 466 -4.17 60.63 -4.12
C SER F 466 -2.97 61.02 -3.26
N LYS F 467 -2.12 61.91 -3.78
CA LYS F 467 -0.96 62.34 -3.02
C LYS F 467 -1.36 63.17 -1.81
N LEU F 468 -2.41 63.98 -1.93
CA LEU F 468 -2.91 64.71 -0.78
C LEU F 468 -3.39 63.76 0.30
N ARG F 469 -4.08 62.70 -0.09
CA ARG F 469 -4.55 61.72 0.88
C ARG F 469 -3.37 61.06 1.59
N SER F 470 -2.34 60.67 0.84
CA SER F 470 -1.17 60.08 1.45
C SER F 470 -0.48 61.05 2.41
N LEU F 471 -0.37 62.31 2.01
CA LEU F 471 0.29 63.31 2.85
C LEU F 471 -0.47 63.56 4.13
N ARG F 472 -1.80 63.67 4.05
CA ARG F 472 -2.60 63.84 5.25
C ARG F 472 -2.45 62.65 6.17
N ASN F 473 -2.43 61.45 5.60
CA ASN F 473 -2.26 60.25 6.41
C ASN F 473 -0.93 60.26 7.13
N ARG F 474 0.15 60.63 6.44
CA ARG F 474 1.47 60.63 7.06
C ARG F 474 1.58 61.72 8.13
N GLN F 475 0.99 62.90 7.87
CA GLN F 475 0.97 63.93 8.89
C GLN F 475 0.23 63.46 10.14
N SER F 476 -0.91 62.79 9.94
CA SER F 476 -1.67 62.29 11.08
C SER F 476 -0.87 61.24 11.85
N LEU F 477 -0.18 60.35 11.14
CA LEU F 477 0.63 59.34 11.83
C LEU F 477 1.70 59.98 12.68
N PHE F 478 2.48 60.89 12.09
CA PHE F 478 3.56 61.53 12.83
C PHE F 478 3.03 62.32 14.00
N GLN F 479 1.93 63.04 13.83
CA GLN F 479 1.34 63.78 14.93
C GLN F 479 0.90 62.83 16.04
N GLU F 480 0.28 61.71 15.68
CA GLU F 480 -0.21 60.80 16.70
C GLU F 480 0.92 60.11 17.44
N GLU F 481 2.11 60.06 16.87
CA GLU F 481 3.25 59.51 17.61
C GLU F 481 4.00 60.56 18.43
N GLY F 482 3.62 61.82 18.32
CA GLY F 482 4.25 62.84 19.13
C GLY F 482 5.40 63.58 18.49
N MET F 483 5.61 63.41 17.19
CA MET F 483 6.67 64.15 16.51
C MET F 483 6.41 65.65 16.56
N LEU F 484 5.15 66.05 16.59
CA LEU F 484 4.84 67.47 16.73
C LEU F 484 5.37 68.02 18.05
N SER F 485 5.09 67.34 19.14
CA SER F 485 5.59 67.78 20.44
C SER F 485 7.11 67.69 20.50
N LEU F 486 7.70 66.70 19.83
CA LEU F 486 9.15 66.60 19.79
C LEU F 486 9.77 67.81 19.11
N VAL F 487 9.21 68.21 17.97
CA VAL F 487 9.67 69.40 17.26
C VAL F 487 9.49 70.64 18.12
N LEU F 488 8.36 70.74 18.82
CA LEU F 488 8.14 71.90 19.69
C LEU F 488 9.17 71.96 20.81
N ASN F 489 9.51 70.80 21.40
CA ASN F 489 10.52 70.79 22.45
C ASN F 489 11.87 71.24 21.93
N CYS F 490 12.27 70.74 20.76
CA CYS F 490 13.53 71.17 20.17
C CYS F 490 13.53 72.67 19.92
N ILE F 491 12.42 73.20 19.40
CA ILE F 491 12.33 74.62 19.12
C ILE F 491 12.46 75.42 20.40
N ASP F 492 11.80 74.98 21.47
CA ASP F 492 11.88 75.71 22.74
C ASP F 492 13.31 75.72 23.26
N ARG F 493 13.95 74.57 23.30
CA ARG F 493 15.28 74.49 23.89
C ARG F 493 16.30 75.25 23.06
N LEU F 494 16.10 75.36 21.75
CA LEU F 494 16.95 76.23 20.97
C LEU F 494 16.55 77.70 21.10
N ASN F 495 15.29 77.97 21.43
CA ASN F 495 14.77 79.32 21.52
C ASN F 495 15.19 80.02 22.80
N VAL F 496 15.60 79.27 23.83
CA VAL F 496 16.12 79.91 25.04
C VAL F 496 17.40 80.69 24.79
N TYR F 497 17.98 80.58 23.60
CA TYR F 497 19.17 81.34 23.23
C TYR F 497 18.77 82.43 22.26
N THR F 498 19.12 83.67 22.58
CA THR F 498 18.66 84.80 21.79
C THR F 498 19.36 84.90 20.45
N THR F 499 20.59 84.40 20.36
CA THR F 499 21.36 84.52 19.13
C THR F 499 22.41 83.42 19.10
N ALA F 500 23.03 83.27 17.92
CA ALA F 500 24.02 82.22 17.73
C ALA F 500 25.23 82.42 18.64
N ALA F 501 25.60 83.67 18.89
CA ALA F 501 26.70 83.93 19.82
C ALA F 501 26.34 83.49 21.23
N HIS F 502 25.12 83.78 21.66
CA HIS F 502 24.65 83.32 22.96
C HIS F 502 24.69 81.80 23.04
N PHE F 503 24.29 81.14 21.96
CA PHE F 503 24.37 79.69 21.89
C PHE F 503 25.81 79.20 21.97
N ALA F 504 26.72 79.89 21.28
CA ALA F 504 28.13 79.53 21.28
C ALA F 504 28.74 79.63 22.67
N GLU F 505 28.26 80.58 23.47
CA GLU F 505 28.79 80.68 24.83
C GLU F 505 28.50 79.43 25.66
N TYR F 506 27.58 78.57 25.23
CA TYR F 506 27.26 77.36 25.95
C TYR F 506 27.58 76.08 25.19
N ALA F 507 27.69 76.13 23.87
CA ALA F 507 27.87 74.93 23.08
C ALA F 507 29.06 74.98 22.14
N GLY F 508 29.75 76.12 22.04
CA GLY F 508 30.89 76.23 21.15
C GLY F 508 30.51 76.76 19.78
N GLU F 509 31.51 77.33 19.12
CA GLU F 509 31.27 77.98 17.83
C GLU F 509 30.99 76.96 16.74
N GLU F 510 31.66 75.81 16.78
CA GLU F 510 31.44 74.79 15.76
C GLU F 510 30.00 74.29 15.78
N ALA F 511 29.33 74.39 16.92
CA ALA F 511 27.91 74.07 16.98
C ALA F 511 27.05 75.26 16.67
N ALA F 512 27.46 76.45 17.11
CA ALA F 512 26.65 77.65 16.90
C ALA F 512 26.57 78.03 15.43
N GLU F 513 27.51 77.55 14.62
CA GLU F 513 27.46 77.88 13.20
C GLU F 513 26.35 77.16 12.46
N SER F 514 25.52 76.39 13.15
CA SER F 514 24.37 75.73 12.55
C SER F 514 23.07 76.04 13.28
N TRP F 515 23.12 76.90 14.29
CA TRP F 515 21.95 77.14 15.13
C TRP F 515 20.82 77.79 14.34
N LYS F 516 21.15 78.79 13.54
CA LYS F 516 20.15 79.45 12.70
C LYS F 516 19.53 78.48 11.71
N GLU F 517 20.37 77.68 11.04
CA GLU F 517 19.85 76.75 10.05
C GLU F 517 18.94 75.72 10.71
N ILE F 518 19.33 75.24 11.89
CA ILE F 518 18.50 74.23 12.57
C ILE F 518 17.17 74.82 12.98
N VAL F 519 17.14 76.04 13.51
CA VAL F 519 15.85 76.58 13.93
C VAL F 519 14.96 76.83 12.72
N ASN F 520 15.54 77.30 11.62
CA ASN F 520 14.75 77.52 10.42
C ASN F 520 14.18 76.22 9.89
N LEU F 521 15.00 75.16 9.87
CA LEU F 521 14.51 73.86 9.43
C LEU F 521 13.43 73.33 10.35
N LEU F 522 13.56 73.58 11.65
CA LEU F 522 12.54 73.13 12.59
C LEU F 522 11.21 73.80 12.32
N TYR F 523 11.23 75.11 12.07
CA TYR F 523 9.98 75.80 11.77
C TYR F 523 9.39 75.35 10.45
N GLU F 524 10.24 75.14 9.44
CA GLU F 524 9.73 74.67 8.16
C GLU F 524 9.10 73.30 8.30
N LEU F 525 9.72 72.41 9.07
CA LEU F 525 9.16 71.08 9.28
C LEU F 525 7.84 71.15 10.05
N LEU F 526 7.76 72.03 11.04
CA LEU F 526 6.51 72.19 11.77
C LEU F 526 5.39 72.64 10.86
N ALA F 527 5.68 73.60 9.98
CA ALA F 527 4.68 74.06 9.03
C ALA F 527 4.29 72.95 8.07
N SER F 528 5.24 72.13 7.65
CA SER F 528 4.91 71.00 6.78
C SER F 528 4.03 69.98 7.48
N LEU F 529 4.29 69.73 8.76
CA LEU F 529 3.45 68.81 9.51
C LEU F 529 2.03 69.32 9.67
N ILE F 530 1.84 70.60 9.95
CA ILE F 530 0.51 71.12 10.22
C ILE F 530 -0.21 71.63 8.97
N ARG F 531 0.49 71.81 7.86
CA ARG F 531 -0.11 72.47 6.70
C ARG F 531 -1.23 71.62 6.11
N GLY F 532 -2.42 72.21 6.01
CA GLY F 532 -3.54 71.57 5.36
C GLY F 532 -4.24 70.54 6.18
N ASN F 533 -3.82 70.29 7.41
CA ASN F 533 -4.41 69.27 8.27
C ASN F 533 -5.12 69.96 9.42
N ARG F 534 -6.45 69.87 9.43
CA ARG F 534 -7.22 70.53 10.47
C ARG F 534 -6.98 69.87 11.82
N ALA F 535 -6.78 68.56 11.85
CA ALA F 535 -6.53 67.88 13.11
C ALA F 535 -5.26 68.39 13.77
N ASN F 536 -4.21 68.59 12.98
CA ASN F 536 -2.96 69.07 13.54
C ASN F 536 -3.03 70.57 13.84
N CYS F 537 -3.67 71.35 12.97
CA CYS F 537 -3.77 72.78 13.21
C CYS F 537 -4.61 73.08 14.45
N ALA F 538 -5.59 72.23 14.76
CA ALA F 538 -6.42 72.46 15.93
C ALA F 538 -5.66 72.28 17.23
N LEU F 539 -4.49 71.65 17.19
CA LEU F 539 -3.70 71.47 18.39
C LEU F 539 -3.21 72.78 18.97
N PHE F 540 -3.05 73.81 18.17
CA PHE F 540 -2.56 75.09 18.65
C PHE F 540 -3.64 75.94 19.27
N SER F 541 -4.88 75.48 19.29
CA SER F 541 -5.96 76.23 19.93
C SER F 541 -5.76 76.37 21.43
N THR F 542 -4.84 75.60 22.01
CA THR F 542 -4.49 75.74 23.41
C THR F 542 -3.21 76.54 23.61
N ASN F 543 -2.25 76.40 22.72
CA ASN F 543 -0.98 77.13 22.78
C ASN F 543 -0.87 77.96 21.51
N LEU F 544 -1.44 79.16 21.55
CA LEU F 544 -1.25 80.11 20.46
C LEU F 544 -0.24 81.17 20.82
N ASP F 545 -0.15 81.52 22.09
CA ASP F 545 0.91 82.41 22.54
C ASP F 545 2.29 81.82 22.28
N TRP F 546 2.39 80.49 22.25
CA TRP F 546 3.64 79.85 21.88
C TRP F 546 4.11 80.31 20.52
N VAL F 547 3.19 80.51 19.59
CA VAL F 547 3.56 80.96 18.25
C VAL F 547 3.68 82.48 18.20
N VAL F 548 2.67 83.18 18.70
CA VAL F 548 2.62 84.62 18.54
C VAL F 548 3.79 85.29 19.26
N SER F 549 4.13 84.80 20.44
CA SER F 549 5.21 85.41 21.21
C SER F 549 6.55 85.33 20.49
N LYS F 550 6.69 84.43 19.52
CA LYS F 550 7.95 84.25 18.82
C LYS F 550 8.03 85.01 17.51
N LEU F 551 6.99 85.77 17.15
CA LEU F 551 6.97 86.43 15.85
C LEU F 551 8.10 87.43 15.69
N ASP F 552 8.54 88.03 16.80
CA ASP F 552 9.55 89.08 16.75
C ASP F 552 10.97 88.56 16.74
N ARG F 553 11.16 87.25 16.84
CA ARG F 553 12.50 86.67 16.72
C ARG F 553 13.05 86.94 15.33
N LEU F 554 14.32 87.30 15.25
CA LEU F 554 14.89 87.71 13.97
C LEU F 554 15.48 86.56 13.16
N GLU F 555 15.73 85.41 13.78
CA GLU F 555 16.43 84.35 13.06
C GLU F 555 15.53 83.61 12.08
N ALA F 556 14.27 83.39 12.43
CA ALA F 556 13.38 82.56 11.62
C ALA F 556 12.01 83.20 11.49
N SER F 557 12.00 84.51 11.23
CA SER F 557 10.74 85.25 11.21
C SER F 557 9.80 84.74 10.14
N SER F 558 10.32 84.49 8.93
CA SER F 558 9.48 84.01 7.84
C SER F 558 8.87 82.65 8.16
N GLY F 559 9.66 81.74 8.71
CA GLY F 559 9.13 80.44 9.06
C GLY F 559 8.07 80.50 10.14
N ILE F 560 8.29 81.33 11.16
CA ILE F 560 7.30 81.45 12.22
C ILE F 560 6.01 82.03 11.67
N LEU F 561 6.12 83.04 10.81
CA LEU F 561 4.93 83.64 10.23
C LEU F 561 4.18 82.64 9.36
N GLU F 562 4.92 81.80 8.63
CA GLU F 562 4.28 80.77 7.81
C GLU F 562 3.56 79.75 8.67
N VAL F 563 4.16 79.37 9.81
CA VAL F 563 3.49 78.48 10.74
C VAL F 563 2.18 79.09 11.22
N LEU F 564 2.22 80.37 11.59
CA LEU F 564 1.01 81.04 12.04
C LEU F 564 -0.05 81.07 10.95
N TYR F 565 0.38 81.36 9.71
CA TYR F 565 -0.56 81.42 8.60
C TYR F 565 -1.23 80.07 8.37
N CYS F 566 -0.44 79.00 8.41
CA CYS F 566 -1.01 77.66 8.25
C CYS F 566 -1.98 77.33 9.38
N VAL F 567 -1.65 77.73 10.60
CA VAL F 567 -2.54 77.48 11.72
C VAL F 567 -3.86 78.22 11.53
N LEU F 568 -3.81 79.48 11.12
CA LEU F 568 -5.02 80.27 11.02
C LEU F 568 -5.89 79.85 9.85
N ILE F 569 -5.28 79.47 8.73
CA ILE F 569 -6.06 79.13 7.54
C ILE F 569 -6.97 77.93 7.74
N GLU F 570 -6.55 76.94 8.52
CA GLU F 570 -7.26 75.68 8.60
C GLU F 570 -8.21 75.58 9.79
N SER F 571 -7.85 76.11 10.94
CA SER F 571 -8.58 75.85 12.18
C SER F 571 -9.41 77.05 12.60
N PRO F 572 -10.73 76.99 12.52
CA PRO F 572 -11.56 78.07 13.09
C PRO F 572 -11.47 78.16 14.60
N GLU F 573 -11.07 77.07 15.27
CA GLU F 573 -10.93 77.10 16.72
C GLU F 573 -9.87 78.12 17.14
N VAL F 574 -8.78 78.19 16.38
CA VAL F 574 -7.75 79.18 16.68
C VAL F 574 -8.29 80.58 16.52
N LEU F 575 -9.12 80.81 15.50
CA LEU F 575 -9.73 82.12 15.33
C LEU F 575 -10.61 82.48 16.50
N ASN F 576 -11.35 81.51 17.02
CA ASN F 576 -12.27 81.81 18.11
C ASN F 576 -11.58 82.17 19.42
N ILE F 577 -10.26 81.95 19.53
CA ILE F 577 -9.54 82.30 20.75
C ILE F 577 -8.62 83.48 20.55
N ILE F 578 -8.59 84.09 19.37
CA ILE F 578 -7.72 85.23 19.11
C ILE F 578 -8.10 86.37 20.06
N GLN F 579 -7.09 87.06 20.58
CA GLN F 579 -7.30 88.16 21.50
C GLN F 579 -6.60 89.42 21.01
N GLU F 580 -6.93 90.52 21.67
CA GLU F 580 -6.45 91.83 21.25
C GLU F 580 -4.94 91.90 21.31
N ASN F 581 -4.34 91.30 22.33
CA ASN F 581 -2.87 91.29 22.40
C ASN F 581 -2.27 90.54 21.23
N HIS F 582 -2.89 89.43 20.82
CA HIS F 582 -2.42 88.72 19.64
C HIS F 582 -2.48 89.61 18.40
N ILE F 583 -3.60 90.30 18.21
CA ILE F 583 -3.75 91.12 17.02
C ILE F 583 -2.76 92.27 17.03
N LYS F 584 -2.51 92.84 18.21
CA LYS F 584 -1.55 93.92 18.32
C LYS F 584 -0.14 93.41 18.06
N SER F 585 0.15 92.17 18.44
CA SER F 585 1.44 91.58 18.09
C SER F 585 1.59 91.44 16.58
N ILE F 586 0.52 90.99 15.92
CA ILE F 586 0.58 90.80 14.48
C ILE F 586 0.74 92.14 13.76
N ILE F 587 0.12 93.19 14.28
CA ILE F 587 0.28 94.53 13.69
C ILE F 587 1.68 95.07 13.97
N SER F 588 2.18 94.88 15.19
CA SER F 588 3.56 95.25 15.49
C SER F 588 4.53 94.55 14.58
N LEU F 589 4.16 93.39 14.08
CA LEU F 589 4.98 92.73 13.07
C LEU F 589 5.13 93.60 11.84
N LEU F 590 4.03 94.17 11.34
CA LEU F 590 4.14 95.14 10.25
C LEU F 590 5.03 96.30 10.65
N ASP F 591 4.78 96.89 11.82
CA ASP F 591 5.50 98.10 12.22
C ASP F 591 6.99 97.87 12.28
N LYS F 592 7.43 96.70 12.73
CA LYS F 592 8.85 96.47 12.97
C LYS F 592 9.57 95.76 11.83
N HIS F 593 8.87 95.00 10.99
CA HIS F 593 9.51 94.29 9.90
C HIS F 593 9.23 94.89 8.54
N GLY F 594 8.41 95.91 8.45
CA GLY F 594 8.14 96.53 7.17
C GLY F 594 6.83 96.08 6.57
N ARG F 595 6.61 96.54 5.34
CA ARG F 595 5.35 96.29 4.64
C ARG F 595 5.44 94.96 3.92
N ASN F 596 5.02 93.90 4.61
CA ASN F 596 5.04 92.55 4.08
C ASN F 596 3.60 92.10 3.90
N HIS F 597 3.26 91.65 2.69
CA HIS F 597 1.87 91.35 2.39
C HIS F 597 1.40 90.07 3.05
N LYS F 598 2.30 89.22 3.50
CA LYS F 598 1.89 88.01 4.20
C LYS F 598 1.26 88.33 5.54
N VAL F 599 1.71 89.41 6.19
CA VAL F 599 1.05 89.86 7.41
C VAL F 599 -0.38 90.29 7.11
N LEU F 600 -0.57 90.97 5.99
CA LEU F 600 -1.91 91.36 5.58
C LEU F 600 -2.77 90.14 5.32
N ASP F 601 -2.19 89.10 4.72
CA ASP F 601 -2.95 87.87 4.49
C ASP F 601 -3.33 87.20 5.80
N VAL F 602 -2.41 87.18 6.77
CA VAL F 602 -2.72 86.62 8.09
C VAL F 602 -3.87 87.39 8.73
N LEU F 603 -3.83 88.70 8.65
CA LEU F 603 -4.91 89.51 9.20
C LEU F 603 -6.22 89.24 8.47
N CYS F 604 -6.17 89.09 7.14
CA CYS F 604 -7.37 88.75 6.39
C CYS F 604 -7.96 87.44 6.88
N SER F 605 -7.11 86.43 7.07
CA SER F 605 -7.56 85.14 7.56
C SER F 605 -8.15 85.24 8.96
N LEU F 606 -7.71 86.19 9.76
CA LEU F 606 -8.31 86.34 11.08
C LEU F 606 -9.77 86.77 11.02
N CYS F 607 -10.21 87.37 9.92
CA CYS F 607 -11.54 87.97 9.88
C CYS F 607 -12.63 86.97 9.51
N VAL F 608 -12.42 86.19 8.45
CA VAL F 608 -13.40 85.23 7.97
C VAL F 608 -12.70 83.88 7.78
N CYS F 609 -13.33 82.82 8.31
CA CYS F 609 -12.91 81.46 8.01
C CYS F 609 -14.12 80.70 7.50
N ASN F 610 -13.92 79.85 6.49
CA ASN F 610 -14.91 78.92 5.94
C ASN F 610 -16.30 79.55 5.79
N GLY F 611 -16.32 80.85 5.49
CA GLY F 611 -17.56 81.52 5.18
C GLY F 611 -18.33 82.06 6.37
N VAL F 612 -17.71 82.19 7.53
CA VAL F 612 -18.34 82.78 8.71
C VAL F 612 -17.42 83.87 9.22
N ALA F 613 -18.00 85.01 9.59
CA ALA F 613 -17.24 86.18 9.98
C ALA F 613 -17.12 86.28 11.50
N VAL F 614 -15.96 86.71 11.95
CA VAL F 614 -15.69 86.92 13.37
C VAL F 614 -15.68 88.42 13.62
N ARG F 615 -16.79 88.91 14.17
CA ARG F 615 -16.94 90.34 14.40
C ARG F 615 -15.85 90.88 15.30
N SER F 616 -15.47 90.11 16.31
CA SER F 616 -14.45 90.56 17.25
C SER F 616 -13.14 90.82 16.52
N ASN F 617 -12.72 89.89 15.68
CA ASN F 617 -11.49 90.07 14.92
C ASN F 617 -11.59 91.25 13.98
N GLN F 618 -12.72 91.37 13.28
CA GLN F 618 -12.85 92.49 12.34
C GLN F 618 -12.74 93.82 13.07
N ASP F 619 -13.45 93.97 14.18
CA ASP F 619 -13.42 95.22 14.92
C ASP F 619 -12.05 95.49 15.51
N LEU F 620 -11.39 94.47 16.07
CA LEU F 620 -10.09 94.69 16.67
C LEU F 620 -9.06 95.10 15.63
N ILE F 621 -9.06 94.44 14.48
CA ILE F 621 -8.12 94.81 13.42
C ILE F 621 -8.37 96.24 12.98
N THR F 622 -9.65 96.59 12.76
CA THR F 622 -9.94 97.97 12.36
C THR F 622 -9.46 98.96 13.40
N GLU F 623 -9.82 98.74 14.67
CA GLU F 623 -9.53 99.69 15.73
C GLU F 623 -8.04 99.88 15.93
N ASN F 624 -7.26 98.80 15.86
CA ASN F 624 -5.83 98.90 16.10
C ASN F 624 -5.02 99.19 14.85
N LEU F 625 -5.61 99.14 13.68
CA LEU F 625 -4.76 99.30 12.51
C LEU F 625 -5.11 100.51 11.66
N LEU F 626 -6.39 100.85 11.53
CA LEU F 626 -6.76 101.93 10.64
C LEU F 626 -6.49 103.32 11.19
N PRO F 627 -6.99 103.68 12.38
CA PRO F 627 -7.05 105.10 12.74
C PRO F 627 -5.69 105.77 12.85
N GLY F 628 -4.61 105.02 13.03
CA GLY F 628 -3.29 105.63 13.06
C GLY F 628 -2.90 106.23 11.73
N ARG F 629 -3.25 105.56 10.63
CA ARG F 629 -2.91 106.00 9.29
C ARG F 629 -1.41 106.16 9.11
N GLU F 630 -0.65 105.20 9.60
CA GLU F 630 0.80 105.23 9.50
C GLU F 630 1.40 104.00 8.83
N LEU F 631 0.78 102.84 8.95
CA LEU F 631 1.34 101.62 8.37
C LEU F 631 0.84 101.42 6.93
N LEU F 632 -0.47 101.39 6.75
CA LEU F 632 -1.03 101.25 5.43
C LEU F 632 -0.81 102.52 4.63
N LEU F 633 -0.65 102.37 3.32
CA LEU F 633 -0.53 103.50 2.43
C LEU F 633 -1.86 104.24 2.32
N GLN F 634 -1.79 105.55 2.18
CA GLN F 634 -2.97 106.40 2.16
C GLN F 634 -3.23 106.92 0.77
N THR F 635 -4.50 107.05 0.42
CA THR F 635 -4.91 107.53 -0.89
C THR F 635 -5.92 108.65 -0.73
N ASN F 636 -5.94 109.54 -1.72
CA ASN F 636 -6.81 110.70 -1.70
C ASN F 636 -6.66 111.41 -3.04
N LEU F 637 -7.70 112.13 -3.44
CA LEU F 637 -7.66 112.87 -4.70
C LEU F 637 -7.18 114.29 -4.45
N ILE F 638 -6.20 114.72 -5.25
CA ILE F 638 -5.60 116.04 -5.09
C ILE F 638 -5.63 116.75 -6.44
N ASN F 639 -5.46 118.07 -6.39
CA ASN F 639 -5.47 118.89 -7.58
C ASN F 639 -4.04 119.13 -8.05
N TYR F 640 -3.88 119.22 -9.35
CA TYR F 640 -2.60 119.61 -9.92
C TYR F 640 -2.37 121.10 -9.67
N VAL F 641 -1.12 121.46 -9.43
CA VAL F 641 -0.73 122.84 -9.17
C VAL F 641 0.43 123.20 -10.09
N THR F 642 0.37 124.38 -10.68
CA THR F 642 1.40 124.85 -11.59
C THR F 642 1.88 126.22 -11.14
N SER F 643 3.15 126.51 -11.43
CA SER F 643 3.77 127.79 -11.10
C SER F 643 4.11 128.55 -12.36
N ILE F 644 3.88 129.86 -12.33
CA ILE F 644 4.18 130.75 -13.45
C ILE F 644 5.03 131.89 -12.94
N ARG F 645 6.10 132.20 -13.65
CA ARG F 645 7.02 133.25 -13.25
C ARG F 645 7.30 134.16 -14.44
N PRO F 646 7.67 135.41 -14.18
CA PRO F 646 8.29 136.22 -15.21
C PRO F 646 9.77 135.86 -15.34
N ASN F 647 10.33 136.22 -16.49
CA ASN F 647 11.77 136.00 -16.67
C ASN F 647 12.54 137.15 -16.04
N ILE F 648 12.34 137.35 -14.74
CA ILE F 648 12.99 138.42 -13.99
C ILE F 648 13.77 137.77 -12.85
N PHE F 649 15.10 137.87 -12.93
CA PHE F 649 15.98 137.21 -11.97
C PHE F 649 16.83 138.25 -11.29
N VAL F 650 16.82 138.26 -9.96
CA VAL F 650 17.63 139.16 -9.18
C VAL F 650 18.33 138.36 -8.09
N GLY F 651 19.50 138.83 -7.69
CA GLY F 651 20.29 138.11 -6.70
C GLY F 651 21.33 139.02 -6.12
N ARG F 652 22.10 138.46 -5.18
CA ARG F 652 23.12 139.21 -4.49
C ARG F 652 24.42 138.42 -4.49
N ALA F 653 25.51 139.09 -4.89
CA ALA F 653 26.82 138.49 -4.82
C ALA F 653 27.84 139.59 -4.62
N GLU F 654 28.99 139.22 -4.06
CA GLU F 654 30.01 140.21 -3.74
C GLU F 654 30.62 140.78 -5.02
N GLY F 655 30.35 142.05 -5.27
CA GLY F 655 30.76 142.68 -6.50
C GLY F 655 29.75 142.61 -7.63
N SER F 656 28.60 142.00 -7.40
CA SER F 656 27.60 141.86 -8.44
C SER F 656 27.01 143.21 -8.82
N THR F 657 26.59 143.32 -10.07
CA THR F 657 26.07 144.56 -10.61
C THR F 657 24.58 144.77 -10.33
N GLN F 658 23.93 143.81 -9.69
CA GLN F 658 22.49 143.87 -9.52
C GLN F 658 22.10 144.70 -8.30
N TYR F 659 20.97 145.38 -8.43
CA TYR F 659 20.40 146.13 -7.32
C TYR F 659 19.84 145.17 -6.28
N GLY F 660 19.60 145.69 -5.07
CA GLY F 660 19.27 144.84 -3.96
C GLY F 660 17.81 144.77 -3.57
N LYS F 661 17.05 145.82 -3.84
CA LYS F 661 15.67 145.91 -3.40
C LYS F 661 14.73 145.91 -4.59
N TRP F 662 13.72 145.04 -4.56
CA TRP F 662 12.82 144.85 -5.68
C TRP F 662 11.39 144.79 -5.18
N TYR F 663 10.46 145.06 -6.09
CA TYR F 663 9.06 145.17 -5.73
C TYR F 663 8.20 144.78 -6.93
N PHE F 664 7.15 144.03 -6.66
CA PHE F 664 6.17 143.71 -7.68
C PHE F 664 4.83 143.45 -7.00
N GLU F 665 3.77 143.51 -7.78
CA GLU F 665 2.43 143.27 -7.28
C GLU F 665 1.73 142.25 -8.17
N VAL F 666 0.81 141.50 -7.57
CA VAL F 666 -0.06 140.58 -8.29
C VAL F 666 -1.49 140.88 -7.89
N MET F 667 -2.32 141.24 -8.85
CA MET F 667 -3.71 141.55 -8.58
C MET F 667 -4.58 140.37 -9.02
N VAL F 668 -5.47 139.94 -8.13
CA VAL F 668 -6.33 138.79 -8.37
C VAL F 668 -7.60 139.26 -9.04
N ASP F 669 -8.03 138.55 -10.08
CA ASP F 669 -9.22 138.94 -10.82
C ASP F 669 -10.39 137.98 -10.66
N GLU F 670 -10.14 136.68 -10.54
CA GLU F 670 -11.23 135.72 -10.44
C GLU F 670 -10.71 134.45 -9.80
N VAL F 671 -11.34 134.02 -8.71
CA VAL F 671 -10.94 132.79 -8.02
C VAL F 671 -12.19 132.01 -7.66
N VAL F 672 -12.28 130.78 -8.14
CA VAL F 672 -13.37 129.87 -7.77
C VAL F 672 -12.95 129.13 -6.50
N PRO F 673 -13.57 129.39 -5.35
CA PRO F 673 -13.07 128.82 -4.10
C PRO F 673 -13.01 127.30 -4.09
N PHE F 674 -13.98 126.63 -4.71
CA PHE F 674 -13.99 125.18 -4.79
C PHE F 674 -14.44 124.79 -6.19
N LEU F 675 -13.48 124.67 -7.10
CA LEU F 675 -13.78 124.11 -8.41
C LEU F 675 -13.91 122.60 -8.34
N THR F 676 -13.18 121.97 -7.42
CA THR F 676 -13.30 120.54 -7.15
C THR F 676 -13.57 120.34 -5.66
N ALA F 677 -13.46 119.09 -5.20
CA ALA F 677 -13.68 118.82 -3.79
C ALA F 677 -12.57 119.39 -2.92
N GLN F 678 -11.47 119.83 -3.50
CA GLN F 678 -10.36 120.39 -2.77
C GLN F 678 -10.25 121.88 -3.04
N ALA F 679 -9.83 122.63 -2.02
CA ALA F 679 -9.82 124.08 -2.12
C ALA F 679 -8.85 124.55 -3.19
N THR F 680 -9.22 125.62 -3.88
CA THR F 680 -8.39 126.16 -4.93
C THR F 680 -7.12 126.78 -4.35
N HIS F 681 -6.00 126.43 -4.95
CA HIS F 681 -4.68 126.84 -4.50
C HIS F 681 -4.29 128.15 -5.16
N LEU F 682 -3.78 129.09 -4.37
CA LEU F 682 -3.30 130.35 -4.94
C LEU F 682 -2.32 130.98 -3.96
N ARG F 683 -1.07 131.15 -4.39
CA ARG F 683 -0.04 131.74 -3.55
C ARG F 683 0.83 132.67 -4.39
N VAL F 684 1.43 133.63 -3.71
CA VAL F 684 2.29 134.63 -4.34
C VAL F 684 3.55 134.77 -3.49
N GLY F 685 4.70 134.91 -4.15
CA GLY F 685 5.93 135.09 -3.40
C GLY F 685 7.14 135.04 -4.32
N TRP F 686 8.29 134.73 -3.73
CA TRP F 686 9.55 134.62 -4.44
C TRP F 686 10.07 133.19 -4.37
N ALA F 687 10.96 132.85 -5.29
CA ALA F 687 11.53 131.52 -5.35
C ALA F 687 12.97 131.60 -5.86
N LEU F 688 13.74 130.58 -5.52
CA LEU F 688 15.16 130.53 -5.83
C LEU F 688 15.41 129.62 -7.02
N THR F 689 16.22 130.09 -7.96
CA THR F 689 16.42 129.35 -9.21
C THR F 689 17.03 127.98 -8.98
N GLU F 690 18.03 127.91 -8.11
CA GLU F 690 18.72 126.64 -7.89
C GLU F 690 18.01 125.91 -6.77
N GLY F 691 16.93 125.21 -7.11
CA GLY F 691 16.24 124.41 -6.13
C GLY F 691 14.73 124.35 -6.24
N TYR F 692 14.09 125.44 -6.63
CA TYR F 692 12.64 125.45 -6.75
C TYR F 692 12.26 124.78 -8.06
N SER F 693 11.97 123.48 -8.01
CA SER F 693 11.59 122.70 -9.17
C SER F 693 10.38 121.85 -8.82
N PRO F 694 9.18 122.42 -8.87
CA PRO F 694 7.98 121.66 -8.54
C PRO F 694 7.51 120.84 -9.73
N TYR F 695 7.66 119.57 -9.64
CA TYR F 695 7.13 118.85 -10.79
C TYR F 695 5.64 118.60 -10.59
N PRO F 696 4.89 118.45 -11.67
CA PRO F 696 3.45 118.21 -11.53
C PRO F 696 3.18 116.89 -10.85
N GLY F 697 2.08 116.84 -10.12
CA GLY F 697 1.62 115.60 -9.52
C GLY F 697 2.20 115.38 -8.13
N GLY F 698 2.93 114.28 -7.96
CA GLY F 698 3.44 113.91 -6.66
C GLY F 698 4.47 114.89 -6.15
N GLY F 699 4.79 114.73 -4.88
CA GLY F 699 5.75 115.63 -4.27
C GLY F 699 5.75 115.47 -2.77
N GLU F 700 6.08 116.56 -2.09
CA GLU F 700 6.13 116.56 -0.65
C GLU F 700 4.73 116.59 -0.05
N GLY F 701 4.58 115.97 1.11
CA GLY F 701 3.28 115.94 1.74
C GLY F 701 2.28 115.24 0.85
N TRP F 702 1.13 115.88 0.64
CA TRP F 702 0.07 115.35 -0.19
C TRP F 702 0.08 115.95 -1.58
N GLY F 703 1.25 116.23 -2.12
CA GLY F 703 1.35 116.74 -3.46
C GLY F 703 0.81 118.15 -3.59
N GLY F 704 0.58 118.54 -4.84
CA GLY F 704 0.10 119.88 -5.09
C GLY F 704 1.07 120.93 -4.62
N ASN F 705 2.36 120.74 -4.89
CA ASN F 705 3.38 121.65 -4.40
C ASN F 705 3.34 122.96 -5.16
N GLY F 706 3.46 124.06 -4.43
CA GLY F 706 3.49 125.39 -4.99
C GLY F 706 4.55 126.23 -4.31
N VAL F 707 4.27 127.53 -4.22
CA VAL F 707 5.21 128.44 -3.58
C VAL F 707 5.17 128.21 -2.08
N GLY F 708 6.33 127.98 -1.49
CA GLY F 708 6.44 127.73 -0.07
C GLY F 708 6.34 126.29 0.34
N ASP F 709 6.28 125.37 -0.60
CA ASP F 709 6.22 123.95 -0.27
C ASP F 709 7.61 123.34 -0.17
N ASP F 710 8.66 124.14 -0.29
CA ASP F 710 10.01 123.70 -0.04
C ASP F 710 10.74 124.86 0.63
N LEU F 711 12.04 124.70 0.85
CA LEU F 711 12.84 125.75 1.46
C LEU F 711 13.50 126.65 0.45
N TYR F 712 13.08 126.59 -0.82
CA TYR F 712 13.55 127.48 -1.85
C TYR F 712 12.52 128.51 -2.27
N SER F 713 11.33 128.48 -1.69
CA SER F 713 10.28 129.42 -2.05
C SER F 713 9.63 129.97 -0.80
N TYR F 714 9.10 131.17 -0.91
CA TYR F 714 8.50 131.89 0.21
C TYR F 714 7.22 132.55 -0.27
N GLY F 715 6.08 132.01 0.14
CA GLY F 715 4.80 132.42 -0.39
C GLY F 715 3.86 132.99 0.66
N PHE F 716 2.70 133.41 0.15
CA PHE F 716 1.67 134.05 0.98
C PHE F 716 0.33 133.84 0.30
N ASP F 717 -0.62 133.25 1.00
CA ASP F 717 -1.92 132.91 0.43
C ASP F 717 -3.05 133.76 0.95
N GLY F 718 -2.76 134.80 1.74
CA GLY F 718 -3.77 135.66 2.32
C GLY F 718 -3.90 135.50 3.82
N LEU F 719 -3.75 134.29 4.32
CA LEU F 719 -3.86 134.01 5.74
C LEU F 719 -2.59 133.44 6.35
N HIS F 720 -1.70 132.87 5.55
CA HIS F 720 -0.53 132.19 6.06
C HIS F 720 0.70 132.59 5.29
N LEU F 721 1.86 132.44 5.93
CA LEU F 721 3.15 132.53 5.28
C LEU F 721 3.68 131.13 5.07
N TRP F 722 3.93 130.77 3.82
CA TRP F 722 4.28 129.41 3.46
C TRP F 722 5.77 129.30 3.20
N THR F 723 6.42 128.37 3.88
CA THR F 723 7.80 128.02 3.60
C THR F 723 8.08 126.63 4.17
N GLY F 724 8.83 125.84 3.43
CA GLY F 724 9.15 124.51 3.88
C GLY F 724 7.95 123.63 4.10
N HIS F 725 6.87 123.85 3.34
CA HIS F 725 5.64 123.08 3.44
C HIS F 725 4.97 123.23 4.79
N VAL F 726 5.19 124.34 5.48
CA VAL F 726 4.55 124.61 6.75
C VAL F 726 3.85 125.95 6.66
N ALA F 727 2.57 125.97 6.98
CA ALA F 727 1.77 127.18 6.95
C ALA F 727 1.78 127.83 8.32
N ARG F 728 2.17 129.09 8.37
CA ARG F 728 2.20 129.82 9.63
C ARG F 728 1.24 131.00 9.55
N PRO F 729 0.22 131.05 10.40
CA PRO F 729 -0.76 132.13 10.29
C PRO F 729 -0.11 133.49 10.49
N VAL F 730 -0.58 134.47 9.74
CA VAL F 730 -0.08 135.83 9.82
C VAL F 730 -1.27 136.76 9.94
N THR F 731 -1.03 137.94 10.50
CA THR F 731 -2.09 138.88 10.81
C THR F 731 -2.04 140.07 9.85
N SER F 732 -3.19 140.42 9.29
CA SER F 732 -3.36 141.62 8.51
C SER F 732 -4.75 142.18 8.79
N PRO F 733 -4.95 143.48 8.58
CA PRO F 733 -6.30 144.04 8.74
C PRO F 733 -7.28 143.40 7.76
N GLY F 734 -8.26 142.69 8.31
CA GLY F 734 -9.23 142.00 7.50
C GLY F 734 -8.66 140.77 6.83
N GLN F 735 -8.14 139.85 7.65
CA GLN F 735 -7.57 138.62 7.13
C GLN F 735 -8.61 137.85 6.33
N HIS F 736 -8.23 137.45 5.13
CA HIS F 736 -9.09 136.57 4.35
C HIS F 736 -8.26 135.94 3.25
N LEU F 737 -8.68 134.74 2.84
CA LEU F 737 -8.03 134.06 1.74
C LEU F 737 -8.16 134.90 0.47
N LEU F 738 -7.14 134.83 -0.37
CA LEU F 738 -7.04 135.71 -1.54
C LEU F 738 -8.30 135.61 -2.38
N ALA F 739 -9.02 136.72 -2.45
CA ALA F 739 -10.30 136.84 -3.12
C ALA F 739 -10.11 137.73 -4.35
N PRO F 740 -11.08 137.75 -5.26
CA PRO F 740 -10.97 138.65 -6.41
C PRO F 740 -10.90 140.10 -5.96
N GLU F 741 -10.23 140.91 -6.79
CA GLU F 741 -9.99 142.33 -6.57
C GLU F 741 -9.00 142.60 -5.44
N ASP F 742 -8.22 141.60 -5.03
CA ASP F 742 -7.15 141.80 -4.07
C ASP F 742 -5.85 142.09 -4.79
N VAL F 743 -5.03 142.94 -4.18
CA VAL F 743 -3.73 143.30 -4.72
C VAL F 743 -2.69 142.93 -3.69
N VAL F 744 -1.76 142.05 -4.06
CA VAL F 744 -0.72 141.58 -3.17
C VAL F 744 0.58 142.21 -3.60
N SER F 745 1.27 142.85 -2.66
CA SER F 745 2.55 143.50 -2.90
C SER F 745 3.65 142.68 -2.24
N CYS F 746 4.70 142.38 -3.00
CA CYS F 746 5.80 141.58 -2.50
C CYS F 746 7.10 142.36 -2.63
N CYS F 747 7.83 142.48 -1.52
CA CYS F 747 9.06 143.26 -1.45
C CYS F 747 10.22 142.35 -1.07
N LEU F 748 11.29 142.41 -1.84
CA LEU F 748 12.49 141.61 -1.60
C LEU F 748 13.65 142.56 -1.34
N ASP F 749 14.23 142.47 -0.16
CA ASP F 749 15.37 143.28 0.23
C ASP F 749 16.54 142.34 0.44
N LEU F 750 17.42 142.26 -0.56
CA LEU F 750 18.53 141.30 -0.47
C LEU F 750 19.60 141.73 0.51
N SER F 751 19.53 142.95 1.04
CA SER F 751 20.55 143.40 1.98
C SER F 751 20.39 142.75 3.35
N VAL F 752 19.16 142.43 3.74
CA VAL F 752 18.90 141.96 5.10
C VAL F 752 19.28 140.49 5.28
N PRO F 753 18.78 139.53 4.48
CA PRO F 753 17.74 139.59 3.45
C PRO F 753 16.36 139.45 4.06
N SER F 754 15.31 139.96 3.44
CA SER F 754 13.98 139.80 4.00
C SER F 754 12.95 139.88 2.88
N ILE F 755 11.83 139.21 3.09
CA ILE F 755 10.69 139.25 2.18
C ILE F 755 9.47 139.68 2.98
N SER F 756 8.80 140.72 2.50
CA SER F 756 7.63 141.26 3.18
C SER F 756 6.50 141.42 2.19
N PHE F 757 5.28 141.57 2.72
CA PHE F 757 4.09 141.61 1.90
C PHE F 757 3.19 142.75 2.31
N ARG F 758 2.33 143.16 1.38
CA ARG F 758 1.21 144.06 1.67
C ARG F 758 0.03 143.58 0.84
N ILE F 759 -1.14 143.51 1.47
CA ILE F 759 -2.35 143.09 0.79
C ILE F 759 -3.33 144.25 0.82
N ASN F 760 -3.78 144.68 -0.35
CA ASN F 760 -4.68 145.83 -0.49
C ASN F 760 -4.09 147.08 0.14
N GLY F 761 -2.77 147.16 0.21
CA GLY F 761 -2.11 148.30 0.79
C GLY F 761 -1.90 148.22 2.28
N CYS F 762 -2.45 147.23 2.94
CA CYS F 762 -2.16 147.24 4.37
C CYS F 762 -1.07 146.21 4.69
N PRO F 763 -0.19 146.51 5.62
CA PRO F 763 0.96 145.63 5.88
C PRO F 763 0.52 144.28 6.41
N VAL F 764 1.30 143.27 6.07
CA VAL F 764 1.13 141.91 6.57
C VAL F 764 2.19 141.67 7.63
N GLN F 765 1.75 141.38 8.85
CA GLN F 765 2.62 141.41 10.02
C GLN F 765 3.44 140.12 10.11
N GLY F 766 4.33 139.96 9.14
CA GLY F 766 5.22 138.82 9.11
C GLY F 766 6.20 138.89 7.97
N VAL F 767 7.45 138.51 8.22
CA VAL F 767 8.48 138.56 7.19
C VAL F 767 9.29 137.27 7.24
N PHE F 768 9.69 136.78 6.07
CA PHE F 768 10.80 135.86 5.99
C PHE F 768 12.09 136.65 6.10
N GLU F 769 13.11 136.03 6.69
CA GLU F 769 14.39 136.70 6.78
C GLU F 769 15.48 135.67 7.02
N ALA F 770 16.72 136.11 6.85
CA ALA F 770 17.89 135.30 7.14
C ALA F 770 17.90 134.01 6.33
N PHE F 771 17.49 134.08 5.07
CA PHE F 771 17.48 132.89 4.25
C PHE F 771 18.75 132.81 3.40
N ASN F 772 18.84 131.73 2.62
CA ASN F 772 19.99 131.51 1.77
C ASN F 772 19.98 132.49 0.60
N LEU F 773 21.16 132.73 0.04
CA LEU F 773 21.30 133.66 -1.08
C LEU F 773 22.10 133.07 -2.22
N ASP F 774 22.20 131.74 -2.28
CA ASP F 774 23.04 131.06 -3.26
C ASP F 774 22.26 130.78 -4.56
N GLY F 775 21.82 131.85 -5.20
CA GLY F 775 21.05 131.71 -6.42
C GLY F 775 20.34 133.00 -6.75
N LEU F 776 19.43 132.91 -7.71
CA LEU F 776 18.67 134.06 -8.19
C LEU F 776 17.22 133.94 -7.77
N PHE F 777 16.61 135.06 -7.43
CA PHE F 777 15.22 135.12 -6.99
C PHE F 777 14.34 135.62 -8.11
N PHE F 778 13.16 135.01 -8.25
CA PHE F 778 12.21 135.48 -9.24
C PHE F 778 10.80 135.51 -8.66
N PRO F 779 9.97 136.44 -9.13
CA PRO F 779 8.57 136.42 -8.75
C PRO F 779 7.91 135.14 -9.23
N VAL F 780 6.92 134.67 -8.47
CA VAL F 780 6.25 133.42 -8.81
C VAL F 780 4.86 133.43 -8.21
N VAL F 781 3.91 132.84 -8.93
CA VAL F 781 2.59 132.54 -8.42
C VAL F 781 2.30 131.07 -8.65
N SER F 782 1.84 130.38 -7.62
CA SER F 782 1.40 129.01 -7.72
C SER F 782 -0.12 128.97 -7.63
N PHE F 783 -0.73 128.16 -8.48
CA PHE F 783 -2.19 128.18 -8.56
C PHE F 783 -2.67 126.81 -8.99
N SER F 784 -3.93 126.55 -8.67
CA SER F 784 -4.66 125.43 -9.21
C SER F 784 -5.63 125.93 -10.27
N ALA F 785 -6.45 125.04 -10.79
CA ALA F 785 -7.44 125.44 -11.77
C ALA F 785 -8.53 126.26 -11.10
N GLY F 786 -8.92 127.34 -11.76
CA GLY F 786 -9.95 128.22 -11.24
C GLY F 786 -9.47 129.56 -10.77
N VAL F 787 -8.42 130.12 -11.38
CA VAL F 787 -7.88 131.41 -10.98
C VAL F 787 -7.64 132.26 -12.20
N LYS F 788 -7.48 133.55 -11.95
CA LYS F 788 -7.13 134.51 -13.01
C LYS F 788 -6.46 135.69 -12.31
N VAL F 789 -5.14 135.79 -12.44
CA VAL F 789 -4.38 136.83 -11.79
C VAL F 789 -3.59 137.59 -12.83
N ARG F 790 -3.15 138.79 -12.45
CA ARG F 790 -2.36 139.64 -13.33
C ARG F 790 -1.14 140.14 -12.59
N PHE F 791 0.03 139.85 -13.16
CA PHE F 791 1.28 140.39 -12.65
C PHE F 791 1.32 141.89 -12.94
N LEU F 792 1.76 142.67 -11.96
CA LEU F 792 1.99 144.09 -12.15
C LEU F 792 3.45 144.37 -11.82
N LEU F 793 4.25 144.61 -12.85
CA LEU F 793 5.69 144.74 -12.71
C LEU F 793 6.18 146.16 -12.85
N GLY F 794 5.31 147.13 -13.07
CA GLY F 794 5.70 148.51 -13.20
C GLY F 794 6.00 148.90 -14.64
N GLY F 795 6.09 150.20 -14.86
CA GLY F 795 6.35 150.70 -16.19
C GLY F 795 5.24 150.32 -17.13
N ARG F 796 5.60 149.89 -18.33
CA ARG F 796 4.63 149.49 -19.33
C ARG F 796 4.16 148.06 -19.14
N HIS F 797 4.56 147.41 -18.06
CA HIS F 797 4.18 146.03 -17.77
C HIS F 797 3.35 145.93 -16.51
N GLY F 798 2.42 146.85 -16.33
CA GLY F 798 1.52 146.80 -15.20
C GLY F 798 1.68 147.97 -14.25
N GLU F 799 0.76 148.91 -14.31
CA GLU F 799 0.81 150.05 -13.41
C GLU F 799 0.52 149.59 -11.99
N PHE F 800 1.34 150.05 -11.05
CA PHE F 800 1.19 149.65 -9.66
C PHE F 800 -0.04 150.29 -9.06
N LYS F 801 -0.83 149.50 -8.33
CA LYS F 801 -1.95 150.07 -7.61
C LYS F 801 -1.49 150.85 -6.39
N PHE F 802 -0.38 150.44 -5.79
CA PHE F 802 0.15 151.09 -4.60
C PHE F 802 1.59 151.51 -4.85
N LEU F 803 1.98 152.58 -4.20
CA LEU F 803 3.31 153.10 -4.37
C LEU F 803 4.32 152.15 -3.75
N PRO F 804 5.39 151.78 -4.46
CA PRO F 804 6.39 150.92 -3.86
C PRO F 804 7.07 151.63 -2.70
N PRO F 805 7.50 150.90 -1.68
CA PRO F 805 8.17 151.54 -0.57
C PRO F 805 9.48 152.15 -1.02
N PRO F 806 9.97 153.15 -0.29
CA PRO F 806 11.16 153.88 -0.77
C PRO F 806 12.36 152.96 -0.96
N GLY F 807 13.13 153.24 -2.00
CA GLY F 807 14.33 152.50 -2.28
C GLY F 807 14.12 151.22 -3.06
N TYR F 808 12.90 150.75 -3.19
CA TYR F 808 12.61 149.53 -3.91
C TYR F 808 12.40 149.82 -5.38
N ALA F 809 12.95 148.97 -6.21
CA ALA F 809 12.87 149.17 -7.63
C ALA F 809 11.80 148.28 -8.24
N PRO F 810 11.10 148.75 -9.27
CA PRO F 810 10.14 147.88 -9.95
C PRO F 810 10.84 146.71 -10.59
N CYS F 811 10.15 145.57 -10.64
CA CYS F 811 10.75 144.38 -11.19
C CYS F 811 10.94 144.45 -12.70
N HIS F 812 10.22 145.33 -13.39
CA HIS F 812 10.40 145.44 -14.83
C HIS F 812 11.76 146.02 -15.19
N GLU F 813 12.46 146.59 -14.21
CA GLU F 813 13.80 147.11 -14.46
C GLU F 813 14.87 146.03 -14.39
N ALA F 814 14.51 144.79 -14.08
CA ALA F 814 15.48 143.74 -13.93
C ALA F 814 15.61 142.87 -15.18
N VAL F 815 14.87 143.17 -16.24
CA VAL F 815 14.90 142.32 -17.42
C VAL F 815 16.19 142.57 -18.20
N LEU F 816 16.86 141.49 -18.56
CA LEU F 816 18.19 141.57 -19.14
C LEU F 816 18.14 142.17 -20.54
N PRO F 817 19.25 142.74 -21.02
CA PRO F 817 19.25 143.35 -22.35
C PRO F 817 18.92 142.38 -23.47
N ARG F 818 19.39 141.15 -23.39
CA ARG F 818 19.26 140.21 -24.49
C ARG F 818 17.90 139.54 -24.56
N GLU F 819 17.01 139.83 -23.61
CA GLU F 819 15.74 139.12 -23.51
C GLU F 819 14.59 140.12 -23.43
N ARG F 820 13.41 139.64 -23.81
CA ARG F 820 12.17 140.38 -23.66
C ARG F 820 11.38 139.81 -22.50
N LEU F 821 10.62 140.65 -21.83
CA LEU F 821 9.85 140.20 -20.68
C LEU F 821 8.76 139.24 -21.13
N ARG F 822 8.54 138.18 -20.34
CA ARG F 822 7.54 137.20 -20.68
C ARG F 822 7.21 136.39 -19.44
N LEU F 823 6.14 135.59 -19.56
CA LEU F 823 5.70 134.70 -18.50
C LEU F 823 5.93 133.26 -18.95
N GLU F 824 6.57 132.47 -18.10
CA GLU F 824 7.01 131.15 -18.49
C GLU F 824 6.84 130.19 -17.31
N PRO F 825 6.68 128.89 -17.59
CA PRO F 825 6.71 127.91 -16.52
C PRO F 825 8.10 127.73 -15.95
N ILE F 826 8.26 126.80 -15.01
CA ILE F 826 9.52 126.59 -14.32
C ILE F 826 9.95 125.15 -14.54
N LYS F 827 11.07 124.96 -15.22
CA LYS F 827 11.69 123.66 -15.43
C LYS F 827 10.68 122.65 -15.98
N GLU F 828 9.96 123.07 -17.01
CA GLU F 828 9.05 122.18 -17.71
C GLU F 828 9.84 121.12 -18.48
N TYR F 829 9.35 119.88 -18.43
CA TYR F 829 9.90 118.82 -19.25
C TYR F 829 9.04 118.50 -20.47
N ARG F 830 8.06 119.36 -20.75
CA ARG F 830 7.05 119.03 -21.74
C ARG F 830 6.31 120.31 -22.10
N ARG F 831 6.00 120.46 -23.38
CA ARG F 831 5.22 121.61 -23.82
C ARG F 831 4.47 121.25 -25.09
N GLU F 832 3.38 121.97 -25.33
CA GLU F 832 2.59 121.74 -26.53
C GLU F 832 3.32 122.26 -27.76
N GLY F 833 3.10 121.59 -28.88
CA GLY F 833 3.72 121.97 -30.12
C GLY F 833 2.76 121.93 -31.29
N PRO F 834 3.25 122.25 -32.49
CA PRO F 834 2.35 122.27 -33.66
C PRO F 834 1.76 120.92 -33.97
N ARG F 835 2.58 119.88 -34.06
CA ARG F 835 2.10 118.55 -34.41
C ARG F 835 1.84 117.68 -33.19
N GLY F 836 2.06 118.20 -31.99
CA GLY F 836 1.87 117.43 -30.79
C GLY F 836 2.81 117.89 -29.69
N PRO F 837 2.86 117.14 -28.59
CA PRO F 837 3.72 117.54 -27.47
C PRO F 837 5.19 117.53 -27.86
N HIS F 838 5.95 118.43 -27.27
CA HIS F 838 7.39 118.48 -27.42
C HIS F 838 8.03 118.08 -26.11
N LEU F 839 9.02 117.18 -26.17
CA LEU F 839 9.83 116.88 -25.01
C LEU F 839 10.92 117.92 -24.89
N VAL F 840 11.19 118.36 -23.66
CA VAL F 840 12.11 119.44 -23.38
C VAL F 840 13.17 118.96 -22.40
N GLY F 841 14.42 119.27 -22.69
CA GLY F 841 15.51 118.92 -21.80
C GLY F 841 15.67 119.96 -20.71
N PRO F 842 16.71 119.80 -19.90
CA PRO F 842 16.95 120.76 -18.83
C PRO F 842 17.20 122.16 -19.37
N SER F 843 16.85 123.16 -18.58
CA SER F 843 16.97 124.54 -18.99
C SER F 843 18.28 125.12 -18.47
N ARG F 844 18.99 125.83 -19.33
CA ARG F 844 20.17 126.58 -18.90
C ARG F 844 19.74 127.75 -18.02
N CYS F 845 20.38 127.90 -16.87
CA CYS F 845 20.02 128.96 -15.95
C CYS F 845 21.25 129.73 -15.52
N LEU F 846 21.09 131.03 -15.35
CA LEU F 846 22.19 131.86 -14.88
C LEU F 846 22.42 131.65 -13.38
N SER F 847 23.60 132.06 -12.93
CA SER F 847 23.94 132.03 -11.52
C SER F 847 24.06 133.46 -11.02
N HIS F 848 23.96 133.62 -9.70
CA HIS F 848 24.11 134.95 -9.13
C HIS F 848 25.51 135.50 -9.32
N THR F 849 26.49 134.62 -9.58
CA THR F 849 27.84 135.06 -9.87
C THR F 849 28.02 135.52 -11.31
N ASP F 850 27.11 135.13 -12.20
CA ASP F 850 27.23 135.54 -13.60
C ASP F 850 27.08 137.03 -13.78
N PHE F 851 26.59 137.74 -12.77
CA PHE F 851 26.48 139.19 -12.81
C PHE F 851 27.67 139.87 -12.15
N VAL F 852 28.67 139.11 -11.74
CA VAL F 852 29.88 139.65 -11.13
C VAL F 852 30.94 139.73 -12.20
N PRO F 853 31.30 140.93 -12.69
CA PRO F 853 32.33 141.01 -13.73
C PRO F 853 33.69 140.56 -13.20
N CYS F 854 34.38 139.74 -13.98
CA CYS F 854 35.66 139.17 -13.58
C CYS F 854 36.69 139.47 -14.67
N PRO F 855 37.29 140.65 -14.63
CA PRO F 855 38.34 140.98 -15.61
C PRO F 855 39.61 140.21 -15.32
N VAL F 856 40.48 140.15 -16.33
CA VAL F 856 41.78 139.52 -16.14
C VAL F 856 42.62 140.37 -15.21
N ASP F 857 43.53 139.70 -14.49
CA ASP F 857 44.32 140.39 -13.48
C ASP F 857 45.33 141.32 -14.12
N THR F 858 45.40 142.55 -13.61
CA THR F 858 46.35 143.56 -14.08
C THR F 858 47.21 144.09 -12.94
N VAL F 859 47.42 143.26 -11.91
CA VAL F 859 48.28 143.66 -10.79
C VAL F 859 49.70 143.87 -11.27
N GLN F 860 50.17 143.05 -12.21
CA GLN F 860 51.52 143.15 -12.73
C GLN F 860 51.60 144.37 -13.65
N ILE F 861 51.90 145.51 -13.03
CA ILE F 861 52.10 146.77 -13.77
C ILE F 861 53.57 146.79 -14.16
N VAL F 862 53.88 146.10 -15.25
CA VAL F 862 55.24 146.06 -15.80
C VAL F 862 55.08 146.17 -17.32
N LEU F 863 55.22 147.33 -17.83
CA LEU F 863 55.20 147.43 -19.27
C LEU F 863 56.56 147.87 -19.79
N PRO F 864 56.96 147.41 -20.97
CA PRO F 864 58.21 147.90 -21.55
C PRO F 864 58.14 149.40 -21.77
N PRO F 865 59.27 150.10 -21.66
CA PRO F 865 59.22 151.57 -21.77
C PRO F 865 58.66 152.05 -23.10
N HIS F 866 58.93 151.31 -24.20
CA HIS F 866 58.32 151.61 -25.49
C HIS F 866 56.80 151.46 -25.50
N LEU F 867 56.26 150.38 -24.91
CA LEU F 867 54.81 150.34 -24.76
C LEU F 867 54.31 151.49 -23.88
N GLU F 868 55.07 151.84 -22.84
CA GLU F 868 54.66 152.90 -21.95
C GLU F 868 54.56 154.23 -22.69
N ARG F 869 55.54 154.51 -23.55
CA ARG F 869 55.51 155.78 -24.28
C ARG F 869 54.40 155.76 -25.34
N ILE F 870 54.14 154.61 -25.96
CA ILE F 870 53.08 154.56 -26.95
C ILE F 870 51.68 154.52 -26.33
N ARG F 871 51.59 154.28 -25.02
CA ARG F 871 50.28 154.22 -24.38
C ARG F 871 49.56 155.57 -24.42
N GLU F 872 50.28 156.66 -24.19
CA GLU F 872 49.65 157.98 -24.25
C GLU F 872 49.19 158.31 -25.66
N LYS F 873 50.00 157.94 -26.66
CA LYS F 873 49.58 158.12 -28.05
C LYS F 873 48.34 157.29 -28.37
N LEU F 874 48.27 156.08 -27.82
CA LEU F 874 47.07 155.26 -28.01
C LEU F 874 45.85 155.92 -27.37
N ALA F 875 46.03 156.52 -26.18
CA ALA F 875 44.93 157.25 -25.56
C ALA F 875 44.48 158.41 -26.44
N GLU F 876 45.42 159.16 -27.01
CA GLU F 876 45.05 160.24 -27.92
C GLU F 876 44.27 159.72 -29.12
N ASN F 877 44.73 158.60 -29.70
CA ASN F 877 44.10 158.09 -30.91
C ASN F 877 42.71 157.54 -30.64
N ILE F 878 42.53 156.86 -29.50
CA ILE F 878 41.20 156.37 -29.16
C ILE F 878 40.27 157.54 -28.85
N HIS F 879 40.80 158.61 -28.23
CA HIS F 879 39.99 159.81 -28.05
C HIS F 879 39.55 160.40 -29.39
N GLU F 880 40.47 160.46 -30.36
CA GLU F 880 40.13 161.03 -31.66
C GLU F 880 39.12 160.18 -32.40
N LEU F 881 39.23 158.85 -32.29
CA LEU F 881 38.27 157.99 -32.96
C LEU F 881 36.90 158.06 -32.30
N TRP F 882 36.87 158.20 -30.97
CA TRP F 882 35.61 158.46 -30.28
C TRP F 882 35.00 159.78 -30.75
N ALA F 883 35.85 160.79 -30.96
CA ALA F 883 35.39 162.07 -31.49
C ALA F 883 34.81 161.92 -32.89
N LEU F 884 35.45 161.09 -33.72
CA LEU F 884 34.94 160.82 -35.06
C LEU F 884 33.57 160.16 -34.99
N THR F 885 33.41 159.17 -34.12
CA THR F 885 32.10 158.55 -33.95
C THR F 885 31.06 159.56 -33.49
N ARG F 886 31.43 160.45 -32.56
CA ARG F 886 30.49 161.46 -32.09
C ARG F 886 30.09 162.42 -33.20
N ILE F 887 31.03 162.86 -34.04
CA ILE F 887 30.65 163.81 -35.08
C ILE F 887 29.89 163.12 -36.20
N GLU F 888 30.08 161.80 -36.35
CA GLU F 888 29.15 161.02 -37.17
C GLU F 888 27.75 161.04 -36.57
N GLN F 889 27.65 160.91 -35.25
CA GLN F 889 26.36 161.01 -34.58
C GLN F 889 25.79 162.43 -34.62
N GLY F 890 26.62 163.42 -34.95
CA GLY F 890 26.16 164.80 -35.04
C GLY F 890 26.71 165.74 -34.00
N TRP F 891 27.69 165.31 -33.20
CA TRP F 891 28.24 166.16 -32.17
C TRP F 891 29.07 167.28 -32.78
N THR F 892 29.19 168.40 -32.06
CA THR F 892 29.99 169.54 -32.48
C THR F 892 30.81 170.02 -31.29
N TYR F 893 31.84 170.81 -31.58
CA TYR F 893 32.70 171.33 -30.53
C TYR F 893 31.94 172.29 -29.62
N GLY F 894 32.22 172.21 -28.32
CA GLY F 894 31.61 173.09 -27.35
C GLY F 894 32.31 173.01 -26.01
N PRO F 895 32.27 174.11 -25.25
CA PRO F 895 32.87 174.10 -23.91
C PRO F 895 32.24 173.09 -22.97
N VAL F 896 30.94 172.84 -23.11
CA VAL F 896 30.22 171.89 -22.27
C VAL F 896 30.25 170.52 -22.93
N ARG F 897 30.14 169.48 -22.11
CA ARG F 897 30.19 168.08 -22.58
C ARG F 897 28.83 167.46 -22.30
N ASP F 898 27.96 167.46 -23.31
CA ASP F 898 26.62 166.90 -23.19
C ASP F 898 26.32 166.02 -24.40
N ASP F 899 25.73 164.85 -24.13
CA ASP F 899 25.31 163.98 -25.23
C ASP F 899 24.11 164.58 -25.96
N ASN F 900 23.12 165.07 -25.21
CA ASN F 900 21.93 165.65 -25.83
C ASN F 900 22.27 166.92 -26.60
N LYS F 901 23.11 167.78 -26.03
CA LYS F 901 23.45 169.04 -26.69
C LYS F 901 24.45 168.86 -27.82
N ARG F 902 25.04 167.67 -27.95
CA ARG F 902 26.02 167.36 -29.00
C ARG F 902 27.20 168.32 -28.96
N LEU F 903 27.61 168.69 -27.75
CA LEU F 903 28.77 169.57 -27.55
C LEU F 903 29.85 168.81 -26.81
N HIS F 904 31.08 168.87 -27.33
CA HIS F 904 32.19 168.13 -26.75
C HIS F 904 33.50 168.83 -27.06
N PRO F 905 34.26 169.24 -26.03
CA PRO F 905 35.55 169.91 -26.29
C PRO F 905 36.57 169.03 -26.99
N CYS F 906 36.41 167.71 -26.89
CA CYS F 906 37.36 166.77 -27.50
C CYS F 906 37.34 166.81 -29.02
N LEU F 907 36.31 167.37 -29.64
CA LEU F 907 36.15 167.28 -31.08
C LEU F 907 36.94 168.35 -31.83
N VAL F 908 38.19 168.58 -31.42
CA VAL F 908 39.00 169.59 -32.09
C VAL F 908 40.26 168.95 -32.66
N ASN F 909 41.06 168.35 -31.80
CA ASN F 909 42.32 167.70 -32.19
C ASN F 909 42.89 167.02 -30.96
N PHE F 910 43.70 165.99 -31.20
CA PHE F 910 44.30 165.27 -30.08
C PHE F 910 45.34 166.13 -29.36
N HIS F 911 45.96 167.07 -30.09
CA HIS F 911 46.78 168.08 -29.43
C HIS F 911 45.91 169.16 -28.78
N SER F 912 44.85 169.59 -29.47
CA SER F 912 44.05 170.71 -28.98
C SER F 912 43.18 170.34 -27.80
N LEU F 913 42.76 169.08 -27.69
CA LEU F 913 41.91 168.67 -26.59
C LEU F 913 42.68 168.77 -25.28
N PRO F 914 42.02 169.17 -24.18
CA PRO F 914 42.76 169.37 -22.93
C PRO F 914 43.47 168.12 -22.44
N GLU F 915 44.70 168.31 -21.96
CA GLU F 915 45.46 167.21 -21.40
C GLU F 915 44.80 166.59 -20.17
N PRO F 916 44.27 167.35 -19.20
CA PRO F 916 43.55 166.71 -18.08
C PRO F 916 42.36 165.89 -18.54
N GLU F 917 41.64 166.35 -19.56
CA GLU F 917 40.55 165.55 -20.11
C GLU F 917 41.07 164.30 -20.79
N ARG F 918 42.25 164.40 -21.42
CA ARG F 918 42.86 163.22 -22.00
C ARG F 918 43.22 162.19 -20.93
N ASN F 919 43.75 162.67 -19.79
CA ASN F 919 44.18 161.79 -18.71
C ASN F 919 43.03 161.08 -18.02
N TYR F 920 41.78 161.46 -18.32
CA TYR F 920 40.64 160.70 -17.82
C TYR F 920 40.69 159.25 -18.30
N ASN F 921 41.20 159.03 -19.51
CA ASN F 921 41.25 157.70 -20.09
C ASN F 921 42.67 157.17 -20.26
N LEU F 922 43.68 157.88 -19.74
CA LEU F 922 45.04 157.35 -19.78
C LEU F 922 45.14 156.05 -18.99
N GLN F 923 44.42 155.97 -17.88
CA GLN F 923 44.38 154.73 -17.12
C GLN F 923 43.82 153.60 -17.96
N MET F 924 42.74 153.86 -18.69
CA MET F 924 42.16 152.84 -19.55
C MET F 924 43.12 152.44 -20.67
N SER F 925 43.82 153.42 -21.26
CA SER F 925 44.76 153.09 -22.32
C SER F 925 45.91 152.22 -21.81
N GLY F 926 46.40 152.53 -20.61
CA GLY F 926 47.43 151.68 -20.02
C GLY F 926 46.92 150.28 -19.72
N GLU F 927 45.69 150.19 -19.19
CA GLU F 927 45.11 148.87 -18.95
C GLU F 927 44.91 148.10 -20.24
N THR F 928 44.65 148.77 -21.36
CA THR F 928 44.52 148.06 -22.63
C THR F 928 45.80 147.30 -22.95
N LEU F 929 46.94 147.97 -22.88
CA LEU F 929 48.21 147.30 -23.12
C LEU F 929 48.47 146.22 -22.08
N LYS F 930 48.19 146.53 -20.81
CA LYS F 930 48.41 145.56 -19.75
C LYS F 930 47.56 144.31 -19.97
N THR F 931 46.43 144.46 -20.68
CA THR F 931 45.54 143.32 -20.87
C THR F 931 46.12 142.30 -21.82
N LEU F 932 46.68 142.72 -22.95
CA LEU F 932 47.30 141.73 -23.83
C LEU F 932 48.65 141.29 -23.26
N LEU F 933 49.22 142.08 -22.35
CA LEU F 933 50.35 141.54 -21.60
C LEU F 933 49.91 140.39 -20.71
N ALA F 934 48.77 140.52 -20.03
CA ALA F 934 48.34 139.49 -19.09
C ALA F 934 47.73 138.29 -19.80
N LEU F 935 47.05 138.51 -20.92
CA LEU F 935 46.38 137.45 -21.65
C LEU F 935 47.34 136.45 -22.28
N GLY F 936 48.64 136.77 -22.31
CA GLY F 936 49.62 135.92 -22.96
C GLY F 936 50.04 136.37 -24.33
N CYS F 937 49.43 137.44 -24.85
CA CYS F 937 49.82 137.95 -26.16
C CYS F 937 51.22 138.53 -26.09
N HIS F 938 52.07 138.10 -27.04
CA HIS F 938 53.43 138.62 -27.11
C HIS F 938 53.46 139.87 -27.95
N VAL F 939 53.68 141.01 -27.31
CA VAL F 939 53.65 142.30 -27.99
C VAL F 939 54.99 142.98 -27.81
N GLY F 940 55.57 143.43 -28.90
CA GLY F 940 56.87 144.06 -28.85
C GLY F 940 57.04 145.06 -29.98
N MET F 941 58.16 145.77 -29.91
CA MET F 941 58.55 146.82 -30.86
C MET F 941 59.49 146.24 -31.91
N ALA F 942 58.95 145.97 -33.09
CA ALA F 942 59.79 145.52 -34.19
C ALA F 942 60.00 146.61 -35.22
N ASP F 943 58.96 147.40 -35.50
CA ASP F 943 58.99 148.46 -36.50
C ASP F 943 58.96 149.82 -35.82
N GLU F 944 59.93 150.66 -36.14
CA GLU F 944 59.94 152.08 -35.78
C GLU F 944 59.63 153.00 -36.95
N LYS F 945 60.07 152.63 -38.16
CA LYS F 945 59.79 153.46 -39.34
C LYS F 945 58.29 153.53 -39.62
N ALA F 946 57.53 152.49 -39.26
CA ALA F 946 56.08 152.55 -39.40
C ALA F 946 55.50 153.64 -38.51
N GLU F 947 55.98 153.75 -37.28
CA GLU F 947 55.53 154.82 -36.39
C GLU F 947 55.98 156.19 -36.90
N ASP F 948 57.21 156.28 -37.39
CA ASP F 948 57.73 157.56 -37.86
C ASP F 948 56.97 158.07 -39.06
N ASN F 949 56.66 157.18 -40.01
CA ASN F 949 56.00 157.55 -41.25
C ASN F 949 54.65 156.83 -41.33
N LEU F 950 53.56 157.59 -41.22
CA LEU F 950 52.23 157.00 -41.31
C LEU F 950 51.25 158.04 -41.85
N LYS F 951 50.17 157.56 -42.43
CA LYS F 951 49.17 158.42 -43.02
C LYS F 951 48.13 158.83 -41.97
N LYS F 952 47.56 160.02 -42.15
CA LYS F 952 46.64 160.61 -41.19
C LYS F 952 45.28 160.81 -41.85
N THR F 953 44.26 160.17 -41.29
CA THR F 953 42.89 160.43 -41.75
C THR F 953 42.35 161.69 -41.08
N LYS F 954 41.94 162.65 -41.88
CA LYS F 954 41.35 163.89 -41.39
C LYS F 954 39.88 163.95 -41.78
N LEU F 955 39.11 164.68 -40.98
CA LEU F 955 37.67 164.70 -41.16
C LEU F 955 37.33 165.40 -42.47
N PRO F 956 36.24 165.01 -43.13
CA PRO F 956 35.82 165.73 -44.34
C PRO F 956 35.50 167.18 -44.03
N LYS F 957 35.78 168.05 -45.00
CA LYS F 957 35.57 169.48 -44.81
C LYS F 957 34.10 169.79 -44.58
N THR F 958 33.19 169.11 -45.28
CA THR F 958 31.76 169.32 -45.05
C THR F 958 31.36 168.87 -43.65
N TYR F 959 31.87 167.72 -43.21
CA TYR F 959 31.52 167.17 -41.90
C TYR F 959 32.40 167.81 -40.82
N MET F 960 32.06 169.05 -40.48
CA MET F 960 32.81 169.83 -39.52
C MET F 960 32.03 170.09 -38.25
N MET F 961 32.76 170.34 -37.18
CA MET F 961 32.23 170.71 -35.88
C MET F 961 32.03 172.22 -35.82
N SER F 962 31.79 172.76 -34.62
CA SER F 962 31.67 174.20 -34.47
C SER F 962 33.01 174.89 -34.66
N ASN F 963 34.10 174.28 -34.18
CA ASN F 963 35.41 174.92 -34.25
C ASN F 963 35.89 175.07 -35.69
N GLY F 964 35.73 174.03 -36.51
CA GLY F 964 36.16 174.07 -37.89
C GLY F 964 37.47 173.37 -38.18
N TYR F 965 38.25 173.02 -37.16
CA TYR F 965 39.50 172.32 -37.36
C TYR F 965 39.24 170.88 -37.83
N LYS F 966 40.30 170.22 -38.27
CA LYS F 966 40.22 168.84 -38.74
C LYS F 966 41.01 167.94 -37.82
N PRO F 967 40.38 167.17 -36.94
CA PRO F 967 41.12 166.17 -36.16
C PRO F 967 41.79 165.17 -37.07
N ALA F 968 42.97 164.71 -36.65
CA ALA F 968 43.82 163.87 -37.50
C ALA F 968 44.24 162.61 -36.75
N PRO F 969 43.34 161.63 -36.63
CA PRO F 969 43.76 160.30 -36.20
C PRO F 969 44.50 159.58 -37.32
N LEU F 970 45.13 158.46 -36.96
CA LEU F 970 45.92 157.72 -37.93
C LEU F 970 45.03 157.12 -39.01
N ASP F 971 45.51 157.14 -40.24
CA ASP F 971 44.87 156.44 -41.35
C ASP F 971 45.36 155.01 -41.35
N LEU F 972 44.44 154.05 -41.16
CA LEU F 972 44.81 152.66 -40.94
C LEU F 972 44.07 151.73 -41.90
N SER F 973 43.89 152.16 -43.15
CA SER F 973 43.20 151.31 -44.13
C SER F 973 44.11 150.19 -44.63
N HIS F 974 45.42 150.36 -44.48
CA HIS F 974 46.39 149.39 -45.02
C HIS F 974 46.67 148.25 -44.05
N VAL F 975 46.09 148.28 -42.85
CA VAL F 975 46.38 147.26 -41.84
C VAL F 975 45.30 146.19 -41.86
N ARG F 976 45.72 144.92 -41.78
CA ARG F 976 44.81 143.79 -41.74
C ARG F 976 45.02 143.00 -40.45
N LEU F 977 44.06 142.14 -40.14
CA LEU F 977 44.12 141.28 -38.95
C LEU F 977 43.83 139.84 -39.31
N THR F 978 44.40 138.93 -38.52
CA THR F 978 44.09 137.52 -38.62
C THR F 978 42.83 137.21 -37.81
N PRO F 979 42.18 136.07 -38.08
CA PRO F 979 41.04 135.68 -37.22
C PRO F 979 41.40 135.51 -35.76
N ALA F 980 42.61 135.03 -35.46
CA ALA F 980 43.08 134.98 -34.09
C ALA F 980 43.19 136.39 -33.51
N GLN F 981 43.62 137.34 -34.33
CA GLN F 981 43.64 138.73 -33.89
C GLN F 981 42.23 139.26 -33.65
N THR F 982 41.25 138.83 -34.45
CA THR F 982 39.87 139.23 -34.21
C THR F 982 39.37 138.68 -32.87
N THR F 983 39.73 137.42 -32.58
CA THR F 983 39.36 136.85 -31.28
C THR F 983 40.04 137.59 -30.14
N LEU F 984 41.30 138.00 -30.34
CA LEU F 984 41.97 138.84 -29.37
C LEU F 984 41.21 140.15 -29.18
N VAL F 985 40.73 140.74 -30.27
CA VAL F 985 39.91 141.95 -30.17
C VAL F 985 38.68 141.70 -29.31
N ASP F 986 38.01 140.57 -29.56
CA ASP F 986 36.78 140.28 -28.81
C ASP F 986 37.07 140.12 -27.32
N ARG F 987 38.11 139.36 -26.98
CA ARG F 987 38.41 139.17 -25.56
C ARG F 987 38.88 140.47 -24.92
N LEU F 988 39.60 141.32 -25.67
CA LEU F 988 40.00 142.61 -25.13
C LEU F 988 38.78 143.48 -24.85
N ALA F 989 37.81 143.49 -25.77
CA ALA F 989 36.59 144.26 -25.54
C ALA F 989 35.85 143.73 -24.32
N GLU F 990 35.77 142.41 -24.19
CA GLU F 990 35.14 141.82 -23.01
C GLU F 990 35.82 142.28 -21.74
N ASN F 991 37.15 142.20 -21.69
CA ASN F 991 37.85 142.52 -20.45
C ASN F 991 37.75 144.02 -20.15
N GLY F 992 37.79 144.86 -21.17
CA GLY F 992 37.62 146.28 -20.94
C GLY F 992 36.25 146.61 -20.40
N HIS F 993 35.21 145.99 -20.96
CA HIS F 993 33.87 146.20 -20.43
C HIS F 993 33.77 145.72 -18.99
N ASN F 994 34.40 144.59 -18.68
CA ASN F 994 34.36 144.09 -17.31
C ASN F 994 35.08 145.04 -16.35
N VAL F 995 36.20 145.62 -16.79
CA VAL F 995 36.91 146.57 -15.95
C VAL F 995 36.05 147.79 -15.69
N TRP F 996 35.43 148.35 -16.73
CA TRP F 996 34.56 149.50 -16.54
C TRP F 996 33.39 149.14 -15.64
N ALA F 997 32.82 147.96 -15.82
CA ALA F 997 31.67 147.55 -15.02
C ALA F 997 32.05 147.45 -13.54
N ARG F 998 33.18 146.81 -13.25
CA ARG F 998 33.54 146.63 -11.84
C ARG F 998 33.94 147.96 -11.21
N ASP F 999 34.54 148.87 -11.97
CA ASP F 999 34.80 150.19 -11.43
C ASP F 999 33.50 150.93 -11.11
N ARG F 1000 32.53 150.86 -12.01
CA ARG F 1000 31.25 151.51 -11.73
C ARG F 1000 30.56 150.90 -10.54
N VAL F 1001 30.67 149.58 -10.37
CA VAL F 1001 30.10 148.94 -9.20
C VAL F 1001 30.79 149.44 -7.94
N ALA F 1002 32.12 149.54 -7.97
CA ALA F 1002 32.85 150.09 -6.83
C ALA F 1002 32.40 151.51 -6.53
N GLN F 1003 31.97 152.25 -7.53
CA GLN F 1003 31.40 153.57 -7.29
C GLN F 1003 29.94 153.52 -6.83
N GLY F 1004 29.30 152.35 -6.88
CA GLY F 1004 27.94 152.21 -6.38
C GLY F 1004 26.87 152.09 -7.44
N TRP F 1005 27.22 151.89 -8.70
CA TRP F 1005 26.24 151.78 -9.76
C TRP F 1005 25.60 150.41 -9.79
N SER F 1006 24.52 150.30 -10.55
CA SER F 1006 23.78 149.05 -10.67
C SER F 1006 23.05 149.02 -12.00
N TYR F 1007 22.57 147.83 -12.38
CA TYR F 1007 21.90 147.67 -13.65
C TYR F 1007 20.44 148.06 -13.55
N SER F 1008 19.90 148.59 -14.65
CA SER F 1008 18.50 148.93 -14.73
C SER F 1008 18.12 149.07 -16.19
N ALA F 1009 17.04 148.40 -16.60
CA ALA F 1009 16.60 148.47 -17.98
C ALA F 1009 16.23 149.90 -18.36
N VAL F 1010 15.86 150.71 -17.37
CA VAL F 1010 15.61 152.13 -17.57
C VAL F 1010 16.76 152.90 -16.93
N GLN F 1011 17.31 153.86 -17.66
CA GLN F 1011 18.49 154.57 -17.20
C GLN F 1011 18.10 155.66 -16.22
N ASP F 1012 18.83 155.76 -15.11
CA ASP F 1012 18.59 156.77 -14.09
C ASP F 1012 19.95 157.25 -13.59
N ILE F 1013 20.46 158.32 -14.21
CA ILE F 1013 21.78 158.84 -13.83
C ILE F 1013 21.82 159.31 -12.39
N PRO F 1014 20.86 160.10 -11.89
CA PRO F 1014 20.91 160.48 -10.48
C PRO F 1014 20.89 159.30 -9.52
N ALA F 1015 20.26 158.19 -9.91
CA ALA F 1015 20.20 157.00 -9.08
C ALA F 1015 21.33 156.02 -9.35
N ARG F 1016 22.26 156.37 -10.24
CA ARG F 1016 23.40 155.53 -10.58
C ARG F 1016 22.96 154.18 -11.16
N ARG F 1017 21.98 154.22 -12.04
CA ARG F 1017 21.48 153.04 -12.72
C ARG F 1017 21.84 153.11 -14.19
N ASN F 1018 22.43 152.03 -14.71
CA ASN F 1018 22.94 152.07 -16.07
C ASN F 1018 22.53 150.82 -16.84
N PRO F 1019 21.88 150.96 -17.98
CA PRO F 1019 21.44 149.77 -18.73
C PRO F 1019 22.57 148.89 -19.21
N ARG F 1020 23.78 149.42 -19.34
CA ARG F 1020 24.92 148.62 -19.75
C ARG F 1020 25.69 148.05 -18.56
N LEU F 1021 25.30 148.37 -17.34
CA LEU F 1021 26.02 147.91 -16.15
C LEU F 1021 25.78 146.41 -15.97
N VAL F 1022 26.30 145.65 -16.92
CA VAL F 1022 26.10 144.21 -16.98
C VAL F 1022 27.27 143.58 -17.69
N PRO F 1023 27.76 142.45 -17.17
CA PRO F 1023 28.94 141.81 -17.77
C PRO F 1023 28.79 141.55 -19.26
N TYR F 1024 29.94 141.33 -19.90
CA TYR F 1024 29.99 141.37 -21.35
C TYR F 1024 29.12 140.30 -21.98
N ARG F 1025 29.20 139.07 -21.48
CA ARG F 1025 28.45 138.00 -22.12
C ARG F 1025 26.94 138.21 -22.02
N LEU F 1026 26.47 138.90 -20.99
CA LEU F 1026 25.06 139.23 -20.91
C LEU F 1026 24.72 140.56 -21.58
N LEU F 1027 25.71 141.31 -22.04
CA LEU F 1027 25.43 142.54 -22.77
C LEU F 1027 24.72 142.24 -24.09
N ASP F 1028 24.04 143.26 -24.62
CA ASP F 1028 23.32 143.08 -25.88
C ASP F 1028 24.27 143.17 -27.07
N GLU F 1029 23.78 142.69 -28.22
CA GLU F 1029 24.63 142.57 -29.40
C GLU F 1029 25.09 143.92 -29.93
N ALA F 1030 24.24 144.93 -29.90
CA ALA F 1030 24.61 146.23 -30.45
C ALA F 1030 25.77 146.84 -29.68
N THR F 1031 25.65 146.93 -28.36
CA THR F 1031 26.73 147.49 -27.56
C THR F 1031 27.96 146.60 -27.58
N LYS F 1032 27.75 145.28 -27.67
CA LYS F 1032 28.89 144.38 -27.80
C LYS F 1032 29.67 144.66 -29.08
N ARG F 1033 28.95 144.90 -30.18
CA ARG F 1033 29.61 145.24 -31.43
C ARG F 1033 30.29 146.60 -31.36
N SER F 1034 29.69 147.55 -30.67
CA SER F 1034 30.33 148.86 -30.53
C SER F 1034 31.65 148.75 -29.78
N ASN F 1035 31.65 148.04 -28.66
CA ASN F 1035 32.90 147.86 -27.91
C ASN F 1035 33.90 147.06 -28.71
N ARG F 1036 33.43 146.06 -29.46
CA ARG F 1036 34.32 145.27 -30.32
C ARG F 1036 34.97 146.15 -31.37
N ASP F 1037 34.20 147.07 -31.97
CA ASP F 1037 34.76 147.99 -32.95
C ASP F 1037 35.79 148.91 -32.31
N SER F 1038 35.51 149.41 -31.11
CA SER F 1038 36.47 150.28 -30.45
C SER F 1038 37.79 149.56 -30.18
N LEU F 1039 37.72 148.36 -29.63
CA LEU F 1039 38.95 147.61 -29.40
C LEU F 1039 39.63 147.19 -30.71
N CYS F 1040 38.83 146.94 -31.75
CA CYS F 1040 39.41 146.61 -33.06
C CYS F 1040 40.19 147.79 -33.61
N GLN F 1041 39.67 149.01 -33.43
CA GLN F 1041 40.40 150.20 -33.85
C GLN F 1041 41.66 150.40 -33.02
N ALA F 1042 41.59 150.10 -31.72
CA ALA F 1042 42.80 150.17 -30.89
C ALA F 1042 43.86 149.21 -31.40
N VAL F 1043 43.47 147.97 -31.70
CA VAL F 1043 44.39 146.99 -32.25
C VAL F 1043 44.88 147.43 -33.62
N ARG F 1044 44.00 148.09 -34.39
CA ARG F 1044 44.41 148.67 -35.66
C ARG F 1044 45.55 149.65 -35.47
N THR F 1045 45.42 150.56 -34.50
CA THR F 1045 46.48 151.52 -34.22
C THR F 1045 47.77 150.82 -33.80
N LEU F 1046 47.65 149.83 -32.92
CA LEU F 1046 48.85 149.12 -32.45
C LEU F 1046 49.57 148.44 -33.61
N LEU F 1047 48.82 147.82 -34.52
CA LEU F 1047 49.44 147.22 -35.69
C LEU F 1047 49.97 148.26 -36.66
N GLY F 1048 49.27 149.39 -36.80
CA GLY F 1048 49.69 150.43 -37.73
C GLY F 1048 51.01 151.05 -37.32
N TYR F 1049 51.28 151.10 -36.02
CA TYR F 1049 52.64 151.44 -35.61
C TYR F 1049 53.63 150.33 -35.91
N GLY F 1050 53.17 149.19 -36.44
CA GLY F 1050 54.06 148.14 -36.87
C GLY F 1050 54.51 147.18 -35.79
N TYR F 1051 53.92 147.28 -34.59
CA TYR F 1051 54.38 146.48 -33.47
C TYR F 1051 53.85 145.05 -33.57
N ASN F 1052 54.73 144.08 -33.36
CA ASN F 1052 54.33 142.68 -33.50
C ASN F 1052 53.33 142.30 -32.41
N ILE F 1053 52.24 141.67 -32.83
CA ILE F 1053 51.20 141.21 -31.91
C ILE F 1053 51.02 139.72 -32.11
N GLU F 1054 51.28 138.95 -31.06
CA GLU F 1054 51.17 137.50 -31.13
C GLU F 1054 49.87 137.06 -30.49
N PRO F 1055 48.96 136.44 -31.23
CA PRO F 1055 47.74 135.91 -30.62
C PRO F 1055 48.07 134.75 -29.69
N PRO F 1056 47.60 134.81 -28.44
CA PRO F 1056 47.89 133.70 -27.51
C PRO F 1056 47.23 132.41 -27.96
N ASP F 1057 47.91 131.31 -27.66
CA ASP F 1057 47.33 129.98 -27.87
C ASP F 1057 46.17 129.81 -26.90
N GLN F 1058 44.96 129.63 -27.44
CA GLN F 1058 43.77 129.60 -26.60
C GLN F 1058 43.77 128.36 -25.72
N GLU F 1059 43.37 128.55 -24.46
CA GLU F 1059 43.28 127.46 -23.49
C GLU F 1059 41.83 127.12 -23.24
N PRO F 1060 41.35 125.96 -23.68
CA PRO F 1060 39.94 125.61 -23.48
C PRO F 1060 39.62 125.36 -22.01
N SER F 1061 38.39 125.69 -21.63
CA SER F 1061 37.91 125.45 -20.28
C SER F 1061 36.43 125.12 -20.33
N GLN F 1062 35.98 124.32 -19.36
CA GLN F 1062 34.59 123.94 -19.25
C GLN F 1062 34.03 124.55 -17.98
N VAL F 1063 32.99 125.37 -18.13
CA VAL F 1063 32.47 126.14 -16.99
C VAL F 1063 31.77 125.22 -16.00
N GLU F 1064 30.98 124.26 -16.49
CA GLU F 1064 30.07 123.47 -15.67
C GLU F 1064 29.19 124.41 -14.84
N ASN F 1065 28.38 125.19 -15.56
CA ASN F 1065 27.57 126.21 -14.92
C ASN F 1065 26.59 125.60 -13.92
N GLN F 1066 25.98 124.47 -14.28
CA GLN F 1066 25.07 123.76 -13.39
C GLN F 1066 25.68 122.43 -12.96
N SER F 1067 24.87 121.61 -12.30
CA SER F 1067 25.32 120.37 -11.69
C SER F 1067 25.60 119.31 -12.76
N ARG F 1068 25.99 118.12 -12.29
CA ARG F 1068 26.33 117.02 -13.19
C ARG F 1068 25.11 116.27 -13.69
N TRP F 1069 24.19 115.92 -12.80
CA TRP F 1069 23.07 115.06 -13.17
C TRP F 1069 22.02 115.77 -14.02
N ASP F 1070 21.82 117.07 -13.81
CA ASP F 1070 20.88 117.82 -14.63
C ASP F 1070 21.50 118.20 -15.97
N ARG F 1071 22.02 117.22 -16.67
CA ARG F 1071 22.51 117.38 -18.04
C ARG F 1071 21.67 116.64 -19.06
N VAL F 1072 21.19 115.46 -18.71
CA VAL F 1072 20.43 114.62 -19.61
C VAL F 1072 19.11 114.27 -18.95
N ARG F 1073 18.02 114.39 -19.69
CA ARG F 1073 16.70 113.99 -19.25
C ARG F 1073 16.21 112.87 -20.15
N ILE F 1074 16.04 111.67 -19.58
CA ILE F 1074 15.75 110.46 -20.33
C ILE F 1074 14.25 110.22 -20.29
N PHE F 1075 13.65 110.00 -21.45
CA PHE F 1075 12.24 109.69 -21.58
C PHE F 1075 12.10 108.30 -22.19
N ARG F 1076 11.34 107.43 -21.54
CA ARG F 1076 11.11 106.10 -22.06
C ARG F 1076 9.67 105.68 -21.83
N ALA F 1077 9.22 104.71 -22.62
CA ALA F 1077 7.88 104.19 -22.46
C ALA F 1077 7.79 103.33 -21.20
N GLU F 1078 6.56 103.15 -20.73
CA GLU F 1078 6.34 102.32 -19.56
C GLU F 1078 6.75 100.89 -19.83
N LYS F 1079 7.26 100.23 -18.79
CA LYS F 1079 7.76 98.88 -18.94
C LYS F 1079 6.70 97.92 -19.44
N SER F 1080 5.43 98.21 -19.22
CA SER F 1080 4.37 97.34 -19.69
C SER F 1080 4.28 97.30 -21.20
N TYR F 1081 4.93 98.21 -21.90
CA TYR F 1081 4.93 98.26 -23.36
C TYR F 1081 6.13 97.53 -23.97
N THR F 1082 6.82 96.72 -23.18
CA THR F 1082 7.98 96.01 -23.68
C THR F 1082 7.60 95.08 -24.82
N VAL F 1083 8.39 95.09 -25.89
CA VAL F 1083 8.16 94.24 -27.04
C VAL F 1083 9.27 93.18 -27.07
N GLN F 1084 8.87 91.94 -27.31
CA GLN F 1084 9.82 90.83 -27.40
C GLN F 1084 9.75 90.11 -28.74
N SER F 1085 8.93 90.57 -29.67
CA SER F 1085 8.88 90.00 -31.00
C SER F 1085 8.28 91.03 -31.94
N GLY F 1086 8.25 90.70 -33.22
CA GLY F 1086 7.69 91.58 -34.21
C GLY F 1086 8.67 92.62 -34.70
N ARG F 1087 8.17 93.52 -35.53
CA ARG F 1087 8.96 94.59 -36.11
C ARG F 1087 8.27 95.92 -35.84
N TRP F 1088 9.02 96.87 -35.28
CA TRP F 1088 8.44 98.09 -34.78
C TRP F 1088 9.18 99.31 -35.30
N TYR F 1089 8.47 100.42 -35.34
CA TYR F 1089 8.94 101.65 -35.93
C TYR F 1089 8.38 102.82 -35.14
N PHE F 1090 9.22 103.82 -34.86
CA PHE F 1090 8.76 105.08 -34.34
C PHE F 1090 9.71 106.17 -34.79
N GLU F 1091 9.24 107.41 -34.72
CA GLU F 1091 9.97 108.54 -35.24
C GLU F 1091 10.30 109.51 -34.12
N PHE F 1092 11.42 110.21 -34.29
CA PHE F 1092 11.88 111.22 -33.35
C PHE F 1092 12.36 112.43 -34.14
N GLU F 1093 11.68 113.55 -33.98
CA GLU F 1093 12.03 114.77 -34.68
C GLU F 1093 12.94 115.62 -33.82
N ALA F 1094 14.07 116.03 -34.40
CA ALA F 1094 15.02 116.90 -33.72
C ALA F 1094 14.63 118.34 -33.99
N VAL F 1095 13.92 118.94 -33.04
CA VAL F 1095 13.55 120.35 -33.18
C VAL F 1095 14.76 121.24 -33.04
N THR F 1096 15.62 120.95 -32.07
CA THR F 1096 16.94 121.55 -31.99
C THR F 1096 17.94 120.60 -32.63
N THR F 1097 19.23 120.93 -32.51
CA THR F 1097 20.27 120.15 -33.14
C THR F 1097 21.35 119.70 -32.16
N GLY F 1098 21.17 119.94 -30.87
CA GLY F 1098 22.19 119.64 -29.88
C GLY F 1098 22.29 118.18 -29.55
N GLU F 1099 22.71 117.91 -28.32
CA GLU F 1099 22.97 116.54 -27.86
C GLU F 1099 21.65 115.88 -27.50
N MET F 1100 21.13 115.05 -28.39
CA MET F 1100 19.98 114.22 -28.12
C MET F 1100 20.22 112.84 -28.69
N ARG F 1101 19.76 111.82 -27.97
CA ARG F 1101 19.90 110.44 -28.40
C ARG F 1101 18.54 109.79 -28.43
N VAL F 1102 18.37 108.83 -29.32
CA VAL F 1102 17.10 108.13 -29.49
C VAL F 1102 17.38 106.71 -29.92
N GLY F 1103 16.56 105.78 -29.46
CA GLY F 1103 16.76 104.38 -29.79
C GLY F 1103 15.96 103.47 -28.90
N TRP F 1104 16.49 102.28 -28.66
CA TRP F 1104 15.77 101.25 -27.94
C TRP F 1104 16.52 100.90 -26.66
N ALA F 1105 15.76 100.74 -25.57
CA ALA F 1105 16.35 100.54 -24.26
C ALA F 1105 15.68 99.36 -23.58
N ARG F 1106 16.45 98.67 -22.78
CA ARG F 1106 15.94 97.56 -22.00
C ARG F 1106 15.14 98.07 -20.81
N PRO F 1107 14.18 97.28 -20.33
CA PRO F 1107 13.31 97.76 -19.24
C PRO F 1107 14.05 98.13 -17.98
N GLU F 1108 15.17 97.48 -17.69
CA GLU F 1108 15.92 97.76 -16.47
C GLU F 1108 16.88 98.92 -16.65
N LEU F 1109 16.60 99.81 -17.60
CA LEU F 1109 17.47 100.94 -17.85
C LEU F 1109 17.66 101.77 -16.59
N ARG F 1110 18.86 102.20 -16.37
CA ARG F 1110 19.23 102.96 -15.19
C ARG F 1110 19.08 104.45 -15.48
N PRO F 1111 18.52 105.24 -14.55
CA PRO F 1111 18.18 106.62 -14.90
C PRO F 1111 19.33 107.60 -14.83
N ASP F 1112 20.44 107.25 -14.20
CA ASP F 1112 21.55 108.17 -14.03
C ASP F 1112 22.73 107.85 -14.93
N VAL F 1113 22.54 107.05 -15.97
CA VAL F 1113 23.60 106.69 -16.90
C VAL F 1113 23.24 107.24 -18.27
N GLU F 1114 24.22 107.85 -18.93
CA GLU F 1114 23.99 108.32 -20.29
C GLU F 1114 23.59 107.15 -21.18
N LEU F 1115 22.63 107.41 -22.07
CA LEU F 1115 22.13 106.36 -22.93
C LEU F 1115 23.25 105.77 -23.78
N GLY F 1116 23.35 104.46 -23.79
CA GLY F 1116 24.32 103.76 -24.58
C GLY F 1116 25.68 103.61 -23.93
N ALA F 1117 25.94 104.32 -22.85
CA ALA F 1117 27.22 104.17 -22.16
C ALA F 1117 27.32 102.80 -21.49
N ASP F 1118 26.21 102.10 -21.34
CA ASP F 1118 26.21 100.74 -20.84
C ASP F 1118 25.44 99.85 -21.80
N GLU F 1119 25.16 98.62 -21.38
CA GLU F 1119 24.57 97.62 -22.26
C GLU F 1119 23.06 97.63 -22.23
N LEU F 1120 22.44 98.66 -21.69
CA LEU F 1120 20.98 98.71 -21.55
C LEU F 1120 20.31 99.58 -22.60
N ALA F 1121 21.02 100.03 -23.62
CA ALA F 1121 20.41 100.86 -24.65
C ALA F 1121 21.20 100.75 -25.94
N TYR F 1122 20.49 100.94 -27.05
CA TYR F 1122 21.10 101.00 -28.38
C TYR F 1122 20.54 102.27 -29.02
N VAL F 1123 21.22 103.39 -28.83
CA VAL F 1123 20.70 104.68 -29.23
C VAL F 1123 21.59 105.28 -30.30
N PHE F 1124 21.06 106.30 -30.96
CA PHE F 1124 21.76 107.01 -32.02
C PHE F 1124 21.87 108.49 -31.64
N ASN F 1125 23.09 108.98 -31.54
CA ASN F 1125 23.36 110.38 -31.24
C ASN F 1125 23.45 111.12 -32.56
N GLY F 1126 22.56 112.09 -32.75
CA GLY F 1126 22.55 112.81 -34.00
C GLY F 1126 23.30 114.12 -34.01
N HIS F 1127 23.86 114.54 -32.88
CA HIS F 1127 24.62 115.78 -32.88
C HIS F 1127 25.88 115.65 -33.71
N ARG F 1128 26.64 114.58 -33.50
CA ARG F 1128 27.88 114.35 -34.22
C ARG F 1128 27.88 113.02 -34.99
N GLY F 1129 26.75 112.31 -34.99
CA GLY F 1129 26.64 111.11 -35.79
C GLY F 1129 27.36 109.90 -35.24
N GLN F 1130 26.89 109.41 -34.10
CA GLN F 1130 27.46 108.23 -33.47
C GLN F 1130 26.35 107.29 -33.04
N ARG F 1131 26.71 106.04 -32.78
CA ARG F 1131 25.80 105.05 -32.23
C ARG F 1131 26.37 104.55 -30.91
N TRP F 1132 25.50 104.39 -29.92
CA TRP F 1132 25.94 104.17 -28.56
C TRP F 1132 25.42 102.84 -28.06
N HIS F 1133 26.34 101.93 -27.77
CA HIS F 1133 26.04 100.75 -26.96
C HIS F 1133 27.37 100.27 -26.40
N LEU F 1134 27.51 100.35 -25.08
CA LEU F 1134 28.79 100.07 -24.41
C LEU F 1134 29.90 100.94 -24.98
N GLY F 1135 29.56 102.18 -25.30
CA GLY F 1135 30.50 103.11 -25.88
C GLY F 1135 30.00 103.63 -27.21
N SER F 1136 30.83 104.46 -27.82
CA SER F 1136 30.46 105.18 -29.03
C SER F 1136 31.33 104.75 -30.20
N GLU F 1137 30.74 104.72 -31.38
CA GLU F 1137 31.43 104.55 -32.64
C GLU F 1137 30.69 105.34 -33.70
N PRO F 1138 31.40 105.91 -34.66
CA PRO F 1138 30.75 106.78 -35.65
C PRO F 1138 29.72 106.03 -36.47
N PHE F 1139 28.68 106.76 -36.89
CA PHE F 1139 27.57 106.16 -37.62
C PHE F 1139 26.71 107.27 -38.19
N GLY F 1140 26.37 107.18 -39.47
CA GLY F 1140 25.45 108.11 -40.03
C GLY F 1140 26.02 109.52 -40.14
N ARG F 1141 25.11 110.48 -40.19
CA ARG F 1141 25.48 111.88 -40.35
C ARG F 1141 24.72 112.73 -39.35
N PRO F 1142 25.28 113.87 -38.97
CA PRO F 1142 24.55 114.77 -38.04
C PRO F 1142 23.29 115.31 -38.68
N TRP F 1143 22.31 115.57 -37.84
CA TRP F 1143 21.01 116.06 -38.29
C TRP F 1143 20.96 117.57 -38.27
N GLN F 1144 19.85 118.11 -38.76
CA GLN F 1144 19.57 119.53 -38.71
C GLN F 1144 18.21 119.73 -38.07
N SER F 1145 17.85 120.99 -37.84
CA SER F 1145 16.56 121.29 -37.26
C SER F 1145 15.45 120.78 -38.15
N GLY F 1146 14.52 120.04 -37.59
CA GLY F 1146 13.41 119.50 -38.33
C GLY F 1146 13.65 118.14 -38.95
N ASP F 1147 14.86 117.59 -38.82
CA ASP F 1147 15.11 116.25 -39.33
C ASP F 1147 14.37 115.23 -38.49
N VAL F 1148 13.88 114.18 -39.13
CA VAL F 1148 13.09 113.15 -38.47
C VAL F 1148 13.86 111.85 -38.49
N VAL F 1149 14.10 111.29 -37.31
CA VAL F 1149 14.80 110.03 -37.16
C VAL F 1149 13.79 108.92 -36.96
N GLY F 1150 13.82 107.93 -37.83
CA GLY F 1150 12.98 106.77 -37.68
C GLY F 1150 13.76 105.62 -37.06
N CYS F 1151 13.27 105.08 -35.96
CA CYS F 1151 13.96 103.98 -35.29
C CYS F 1151 13.18 102.69 -35.54
N MET F 1152 13.86 101.72 -36.12
CA MET F 1152 13.28 100.43 -36.46
C MET F 1152 13.94 99.36 -35.63
N ILE F 1153 13.16 98.41 -35.13
CA ILE F 1153 13.69 97.22 -34.50
C ILE F 1153 13.03 96.01 -35.14
N ASP F 1154 13.84 95.02 -35.45
CA ASP F 1154 13.38 93.78 -36.09
C ASP F 1154 13.80 92.65 -35.17
N LEU F 1155 12.87 92.16 -34.37
CA LEU F 1155 13.17 91.12 -33.40
C LEU F 1155 13.17 89.72 -33.99
N THR F 1156 12.86 89.59 -35.27
CA THR F 1156 13.07 88.33 -35.98
C THR F 1156 14.49 88.21 -36.49
N GLU F 1157 15.07 89.29 -37.03
CA GLU F 1157 16.44 89.30 -37.51
C GLU F 1157 17.43 89.82 -36.49
N ASN F 1158 16.96 90.38 -35.37
CA ASN F 1158 17.83 90.88 -34.30
C ASN F 1158 18.76 91.98 -34.82
N THR F 1159 18.16 93.03 -35.39
CA THR F 1159 18.91 94.16 -35.92
C THR F 1159 18.18 95.45 -35.59
N ILE F 1160 18.91 96.55 -35.66
CA ILE F 1160 18.35 97.89 -35.44
C ILE F 1160 18.76 98.78 -36.61
N ILE F 1161 17.79 99.50 -37.16
CA ILE F 1161 17.99 100.35 -38.32
C ILE F 1161 17.53 101.76 -37.97
N PHE F 1162 18.31 102.75 -38.37
CA PHE F 1162 17.94 104.15 -38.20
C PHE F 1162 17.83 104.82 -39.57
N THR F 1163 16.80 105.62 -39.75
CA THR F 1163 16.61 106.39 -40.97
C THR F 1163 16.48 107.87 -40.62
N LEU F 1164 17.11 108.71 -41.44
CA LEU F 1164 17.07 110.15 -41.27
C LEU F 1164 16.39 110.75 -42.49
N ASN F 1165 15.21 111.33 -42.29
CA ASN F 1165 14.40 111.88 -43.37
C ASN F 1165 14.13 110.85 -44.46
N GLY F 1166 13.84 109.62 -44.06
CA GLY F 1166 13.53 108.56 -45.00
C GLY F 1166 14.72 107.93 -45.66
N GLU F 1167 15.93 108.31 -45.28
CA GLU F 1167 17.15 107.73 -45.83
C GLU F 1167 17.82 106.89 -44.77
N VAL F 1168 18.11 105.63 -45.10
CA VAL F 1168 18.69 104.72 -44.13
C VAL F 1168 20.12 105.14 -43.84
N LEU F 1169 20.44 105.27 -42.55
CA LEU F 1169 21.79 105.61 -42.14
C LEU F 1169 22.67 104.38 -42.16
N MET F 1170 23.92 104.57 -42.59
CA MET F 1170 24.87 103.48 -42.75
C MET F 1170 26.14 103.81 -42.00
N SER F 1171 26.89 102.77 -41.64
CA SER F 1171 28.13 102.94 -40.92
C SER F 1171 29.23 103.36 -41.89
N ASP F 1172 30.49 103.36 -41.42
CA ASP F 1172 31.60 103.66 -42.31
C ASP F 1172 31.97 102.40 -43.08
N SER F 1173 30.97 101.70 -43.57
CA SER F 1173 31.11 100.45 -44.31
C SER F 1173 29.75 100.20 -44.96
N GLY F 1174 29.60 99.04 -45.57
CA GLY F 1174 28.34 98.76 -46.24
C GLY F 1174 27.20 98.40 -45.32
N SER F 1175 27.42 98.45 -44.01
CA SER F 1175 26.44 97.98 -43.04
C SER F 1175 25.22 98.89 -43.04
N GLU F 1176 24.07 98.32 -43.38
CA GLU F 1176 22.81 99.05 -43.34
C GLU F 1176 22.07 98.86 -42.02
N THR F 1177 22.64 98.12 -41.08
CA THR F 1177 22.04 97.91 -39.77
C THR F 1177 22.93 98.52 -38.70
N ALA F 1178 22.32 99.32 -37.83
CA ALA F 1178 23.09 99.97 -36.77
C ALA F 1178 23.67 98.96 -35.80
N PHE F 1179 22.90 97.95 -35.44
CA PHE F 1179 23.33 96.91 -34.53
C PHE F 1179 22.85 95.56 -35.03
N ARG F 1180 23.59 94.51 -34.71
CA ARG F 1180 23.28 93.17 -35.17
C ARG F 1180 23.39 92.20 -34.01
N GLU F 1181 22.73 91.05 -34.17
CA GLU F 1181 22.83 89.96 -33.20
C GLU F 1181 22.48 90.42 -31.79
N ILE F 1182 21.45 91.25 -31.67
CA ILE F 1182 21.01 91.72 -30.37
C ILE F 1182 20.14 90.65 -29.74
N GLU F 1183 20.48 90.24 -28.53
CA GLU F 1183 19.71 89.25 -27.81
C GLU F 1183 18.40 89.86 -27.31
N ILE F 1184 17.30 89.18 -27.58
CA ILE F 1184 15.99 89.69 -27.16
C ILE F 1184 15.93 89.79 -25.65
N GLY F 1185 16.06 88.65 -24.98
CA GLY F 1185 16.10 88.68 -23.53
C GLY F 1185 14.82 89.22 -22.95
N ASP F 1186 14.94 90.31 -22.19
CA ASP F 1186 13.79 90.85 -21.49
C ASP F 1186 12.88 91.64 -22.43
N GLY F 1187 13.44 92.34 -23.40
CA GLY F 1187 12.67 93.06 -24.38
C GLY F 1187 13.23 94.45 -24.58
N PHE F 1188 12.52 95.26 -25.35
CA PHE F 1188 13.01 96.59 -25.70
C PHE F 1188 11.89 97.62 -25.61
N LEU F 1189 12.29 98.84 -25.26
CA LEU F 1189 11.41 99.98 -25.13
C LEU F 1189 11.99 101.17 -25.89
N PRO F 1190 11.16 101.95 -26.56
CA PRO F 1190 11.65 103.20 -27.14
C PRO F 1190 12.12 104.15 -26.05
N VAL F 1191 13.20 104.86 -26.33
CA VAL F 1191 13.83 105.73 -25.35
C VAL F 1191 14.42 106.92 -26.08
N CYS F 1192 14.49 108.05 -25.39
CA CYS F 1192 15.16 109.21 -25.92
C CYS F 1192 15.69 110.02 -24.75
N SER F 1193 16.77 110.73 -25.00
CA SER F 1193 17.34 111.63 -24.01
C SER F 1193 17.50 113.00 -24.64
N LEU F 1194 17.23 114.02 -23.86
CA LEU F 1194 17.45 115.40 -24.29
C LEU F 1194 18.44 116.04 -23.35
N GLY F 1195 19.41 116.75 -23.92
CA GLY F 1195 20.39 117.47 -23.15
C GLY F 1195 19.87 118.83 -22.76
N PRO F 1196 20.73 119.68 -22.23
CA PRO F 1196 20.29 120.99 -21.76
C PRO F 1196 19.86 121.87 -22.93
N GLY F 1197 18.70 122.51 -22.77
CA GLY F 1197 18.19 123.40 -23.79
C GLY F 1197 17.74 122.72 -25.05
N GLN F 1198 17.50 121.42 -25.02
CA GLN F 1198 17.15 120.65 -26.20
C GLN F 1198 15.66 120.40 -26.24
N VAL F 1199 15.08 120.44 -27.43
CA VAL F 1199 13.67 120.17 -27.66
C VAL F 1199 13.56 119.09 -28.72
N GLY F 1200 12.73 118.10 -28.46
CA GLY F 1200 12.53 117.01 -29.41
C GLY F 1200 11.08 116.59 -29.42
N HIS F 1201 10.68 115.97 -30.52
CA HIS F 1201 9.33 115.48 -30.70
C HIS F 1201 9.38 113.97 -30.93
N LEU F 1202 8.66 113.23 -30.12
CA LEU F 1202 8.65 111.77 -30.19
C LEU F 1202 7.28 111.31 -30.64
N ASN F 1203 7.24 110.55 -31.73
CA ASN F 1203 5.99 110.09 -32.33
C ASN F 1203 6.02 108.57 -32.37
N LEU F 1204 5.16 107.94 -31.57
CA LEU F 1204 5.13 106.50 -31.47
C LEU F 1204 4.13 105.86 -32.42
N GLY F 1205 3.51 106.64 -33.28
CA GLY F 1205 2.67 106.08 -34.33
C GLY F 1205 1.31 105.60 -33.87
N GLN F 1206 0.72 106.25 -32.87
CA GLN F 1206 -0.67 105.97 -32.55
C GLN F 1206 -1.58 106.37 -33.70
N ASP F 1207 -1.32 107.52 -34.30
CA ASP F 1207 -1.98 107.97 -35.50
C ASP F 1207 -1.01 107.76 -36.65
N VAL F 1208 -1.25 106.72 -37.45
CA VAL F 1208 -0.30 106.35 -38.49
C VAL F 1208 -0.13 107.48 -39.50
N SER F 1209 -1.22 108.19 -39.81
CA SER F 1209 -1.13 109.28 -40.77
C SER F 1209 -0.26 110.43 -40.27
N SER F 1210 0.00 110.49 -38.95
CA SER F 1210 0.85 111.55 -38.43
C SER F 1210 2.33 111.32 -38.73
N LEU F 1211 2.73 110.08 -38.98
CA LEU F 1211 4.13 109.81 -39.29
C LEU F 1211 4.50 110.42 -40.63
N ARG F 1212 5.75 110.86 -40.74
CA ARG F 1212 6.17 111.62 -41.90
C ARG F 1212 7.00 110.81 -42.89
N PHE F 1213 7.59 109.69 -42.47
CA PHE F 1213 8.44 108.90 -43.34
C PHE F 1213 8.21 107.40 -43.18
N PHE F 1214 7.06 107.00 -42.65
CA PHE F 1214 6.80 105.59 -42.43
C PHE F 1214 6.56 104.87 -43.75
N ALA F 1215 5.83 105.50 -44.66
CA ALA F 1215 5.61 104.92 -45.98
C ALA F 1215 6.90 104.89 -46.78
N ILE F 1216 7.72 105.93 -46.67
CA ILE F 1216 8.94 106.01 -47.44
C ILE F 1216 9.91 104.90 -47.06
N CYS F 1217 10.08 104.66 -45.76
CA CYS F 1217 11.00 103.61 -45.32
C CYS F 1217 10.47 103.01 -44.04
N GLY F 1218 9.97 101.79 -44.12
CA GLY F 1218 9.49 101.08 -42.96
C GLY F 1218 8.18 100.38 -43.20
N LEU F 1219 7.31 100.97 -44.02
CA LEU F 1219 6.01 100.36 -44.26
C LEU F 1219 6.14 99.10 -45.11
N GLN F 1220 6.86 99.21 -46.22
CA GLN F 1220 6.96 98.07 -47.13
C GLN F 1220 7.86 96.97 -46.59
N GLU F 1221 8.86 97.32 -45.78
CA GLU F 1221 9.71 96.32 -45.17
C GLU F 1221 8.97 95.46 -44.15
N GLY F 1222 7.75 95.85 -43.78
CA GLY F 1222 6.96 95.06 -42.87
C GLY F 1222 6.95 95.55 -41.44
N PHE F 1223 7.53 96.70 -41.16
CA PHE F 1223 7.53 97.21 -39.80
C PHE F 1223 6.18 97.82 -39.46
N GLU F 1224 5.94 97.98 -38.17
CA GLU F 1224 4.70 98.55 -37.69
C GLU F 1224 4.99 99.68 -36.71
N PRO F 1225 4.12 100.68 -36.65
CA PRO F 1225 4.28 101.72 -35.63
C PRO F 1225 4.15 101.13 -34.25
N PHE F 1226 4.90 101.70 -33.31
CA PHE F 1226 5.00 101.10 -31.98
C PHE F 1226 3.67 101.05 -31.26
N ALA F 1227 2.76 101.97 -31.56
CA ALA F 1227 1.50 102.09 -30.84
C ALA F 1227 0.34 102.06 -31.82
N ILE F 1228 0.36 101.13 -32.76
CA ILE F 1228 -0.54 101.24 -33.92
C ILE F 1228 -1.99 101.01 -33.50
N ASN F 1229 -2.26 99.97 -32.73
CA ASN F 1229 -3.62 99.73 -32.24
C ASN F 1229 -3.62 99.92 -30.74
N MET F 1230 -3.71 101.17 -30.32
CA MET F 1230 -3.74 101.54 -28.91
C MET F 1230 -4.66 102.73 -28.79
N GLN F 1231 -5.52 102.72 -27.77
CA GLN F 1231 -6.46 103.82 -27.57
CA GLN F 1231 -6.45 103.83 -27.59
C GLN F 1231 -5.79 105.00 -26.89
N ARG F 1232 -5.37 104.80 -25.67
CA ARG F 1232 -4.73 105.88 -24.98
C ARG F 1232 -3.28 106.00 -25.45
N PRO F 1233 -2.74 107.22 -25.46
CA PRO F 1233 -1.33 107.38 -25.83
C PRO F 1233 -0.43 106.66 -24.85
N VAL F 1234 0.73 106.24 -25.34
CA VAL F 1234 1.65 105.49 -24.52
C VAL F 1234 2.07 106.32 -23.31
N THR F 1235 1.94 105.73 -22.13
CA THR F 1235 2.47 106.35 -20.93
C THR F 1235 3.98 106.39 -21.00
N THR F 1236 4.58 107.52 -20.67
CA THR F 1236 6.02 107.67 -20.64
C THR F 1236 6.49 107.98 -19.24
N TRP F 1237 7.71 107.53 -18.95
CA TRP F 1237 8.40 107.84 -17.70
C TRP F 1237 9.65 108.62 -18.04
N PHE F 1238 10.01 109.54 -17.16
CA PHE F 1238 11.19 110.37 -17.36
C PHE F 1238 12.07 110.33 -16.12
N SER F 1239 13.34 110.65 -16.31
CA SER F 1239 14.31 110.62 -15.23
C SER F 1239 14.21 111.93 -14.46
N LYS F 1240 13.64 111.88 -13.27
CA LYS F 1240 13.46 113.08 -12.46
C LYS F 1240 14.71 113.29 -11.62
N SER F 1241 15.35 114.45 -11.80
CA SER F 1241 16.57 114.77 -11.09
C SER F 1241 16.29 115.46 -9.77
N LEU F 1242 15.48 114.82 -8.94
CA LEU F 1242 15.29 115.25 -7.56
C LEU F 1242 15.90 114.19 -6.66
N PRO F 1243 16.95 114.49 -5.91
CA PRO F 1243 17.55 113.46 -5.07
C PRO F 1243 16.56 112.91 -4.06
N GLN F 1244 16.62 111.59 -3.89
CA GLN F 1244 15.74 110.87 -2.99
C GLN F 1244 16.57 109.86 -2.22
N PHE F 1245 16.09 109.51 -1.03
CA PHE F 1245 16.76 108.52 -0.21
C PHE F 1245 16.24 107.14 -0.55
N GLU F 1246 17.15 106.21 -0.81
CA GLU F 1246 16.80 104.85 -1.15
C GLU F 1246 17.72 103.88 -0.42
N PRO F 1247 17.28 102.64 -0.19
CA PRO F 1247 18.12 101.68 0.53
C PRO F 1247 19.41 101.41 -0.22
N VAL F 1248 20.47 101.13 0.52
CA VAL F 1248 21.74 100.77 -0.09
C VAL F 1248 21.56 99.42 -0.75
N PRO F 1249 21.77 99.30 -2.06
CA PRO F 1249 21.59 98.02 -2.72
C PRO F 1249 22.55 96.99 -2.14
N PRO F 1250 22.10 95.76 -1.95
CA PRO F 1250 22.98 94.74 -1.36
C PRO F 1250 24.19 94.43 -2.21
N GLU F 1251 24.13 94.72 -3.50
CA GLU F 1251 25.21 94.42 -4.43
C GLU F 1251 25.91 95.67 -4.91
N HIS F 1252 25.87 96.73 -4.12
CA HIS F 1252 26.53 97.96 -4.51
C HIS F 1252 28.02 97.72 -4.63
N PRO F 1253 28.65 98.13 -5.72
CA PRO F 1253 30.09 97.84 -5.89
C PRO F 1253 30.98 98.42 -4.82
N HIS F 1254 30.63 99.60 -4.28
CA HIS F 1254 31.55 100.34 -3.43
C HIS F 1254 31.20 100.34 -1.96
N TYR F 1255 29.91 100.30 -1.61
CA TYR F 1255 29.47 100.50 -0.24
C TYR F 1255 28.86 99.22 0.28
N GLU F 1256 29.16 98.90 1.53
CA GLU F 1256 28.61 97.73 2.18
C GLU F 1256 28.13 98.12 3.57
N VAL F 1257 26.95 97.63 3.95
CA VAL F 1257 26.37 97.92 5.25
C VAL F 1257 26.20 96.61 5.99
N ALA F 1258 26.72 96.56 7.22
CA ALA F 1258 26.68 95.36 8.03
C ALA F 1258 25.86 95.62 9.29
N ARG F 1259 24.92 94.73 9.57
CA ARG F 1259 24.09 94.84 10.76
C ARG F 1259 24.72 94.06 11.89
N MET F 1260 25.42 94.75 12.77
CA MET F 1260 26.13 94.13 13.87
C MET F 1260 25.18 93.93 15.04
N ASP F 1261 25.09 92.71 15.54
CA ASP F 1261 24.21 92.42 16.66
C ASP F 1261 24.76 93.01 17.95
N GLY F 1262 23.90 93.12 18.94
CA GLY F 1262 24.28 93.70 20.22
C GLY F 1262 24.99 92.74 21.14
N THR F 1263 26.23 93.05 21.50
CA THR F 1263 26.98 92.25 22.46
C THR F 1263 26.66 92.72 23.88
N VAL F 1264 27.38 92.18 24.86
CA VAL F 1264 27.17 92.60 26.24
C VAL F 1264 27.65 94.03 26.44
N ASP F 1265 28.73 94.42 25.79
CA ASP F 1265 29.32 95.73 25.98
C ASP F 1265 29.05 96.69 24.83
N THR F 1266 28.38 96.26 23.77
CA THR F 1266 28.09 97.13 22.65
C THR F 1266 26.62 97.06 22.30
N PRO F 1267 26.06 98.14 21.76
CA PRO F 1267 24.68 98.11 21.30
C PRO F 1267 24.61 97.66 19.85
N PRO F 1268 23.43 97.31 19.36
CA PRO F 1268 23.31 96.95 17.94
C PRO F 1268 23.71 98.11 17.05
N CYS F 1269 24.40 97.79 15.96
CA CYS F 1269 25.03 98.81 15.14
C CYS F 1269 24.75 98.56 13.68
N LEU F 1270 24.84 99.62 12.89
CA LEU F 1270 24.79 99.58 11.44
C LEU F 1270 26.10 100.18 10.95
N ARG F 1271 26.96 99.35 10.40
CA ARG F 1271 28.31 99.76 10.04
C ARG F 1271 28.45 99.88 8.54
N LEU F 1272 29.09 100.96 8.10
CA LEU F 1272 29.28 101.25 6.69
C LEU F 1272 30.74 100.99 6.30
N ALA F 1273 30.95 100.21 5.27
CA ALA F 1273 32.28 99.85 4.82
C ALA F 1273 32.45 100.18 3.35
N HIS F 1274 33.63 100.65 3.00
CA HIS F 1274 33.97 100.94 1.61
C HIS F 1274 34.60 99.69 1.01
N ARG F 1275 33.91 99.12 0.02
CA ARG F 1275 34.37 97.85 -0.55
C ARG F 1275 35.69 97.98 -1.28
N THR F 1276 35.85 99.05 -2.05
CA THR F 1276 36.95 99.17 -2.99
C THR F 1276 37.97 100.22 -2.59
N TRP F 1277 38.04 100.57 -1.31
CA TRP F 1277 38.90 101.66 -0.89
C TRP F 1277 40.36 101.35 -1.18
N GLY F 1278 41.05 102.32 -1.77
CA GLY F 1278 42.45 102.20 -2.11
C GLY F 1278 42.73 101.66 -3.50
N SER F 1279 41.94 100.70 -3.97
CA SER F 1279 42.23 100.08 -5.25
C SER F 1279 41.91 101.04 -6.39
N GLN F 1280 42.41 100.69 -7.57
CA GLN F 1280 42.07 101.42 -8.78
C GLN F 1280 40.58 101.24 -9.08
N ASN F 1281 39.95 102.35 -9.49
CA ASN F 1281 38.54 102.56 -9.85
C ASN F 1281 37.65 102.86 -8.66
N SER F 1282 38.22 102.97 -7.46
CA SER F 1282 37.41 103.23 -6.28
C SER F 1282 36.68 104.56 -6.41
N LEU F 1283 35.44 104.60 -5.93
CA LEU F 1283 34.64 105.80 -5.94
C LEU F 1283 34.77 106.49 -4.59
N VAL F 1284 35.25 107.72 -4.61
CA VAL F 1284 35.42 108.51 -3.41
C VAL F 1284 34.66 109.81 -3.60
N GLU F 1285 33.47 109.90 -3.02
CA GLU F 1285 32.62 111.07 -3.17
C GLU F 1285 31.75 111.18 -1.94
N MET F 1286 31.14 112.35 -1.77
CA MET F 1286 30.28 112.58 -0.62
C MET F 1286 29.16 111.56 -0.61
N LEU F 1287 28.88 111.02 0.57
CA LEU F 1287 27.82 110.04 0.76
C LEU F 1287 26.85 110.58 1.79
N PHE F 1288 25.58 110.60 1.43
CA PHE F 1288 24.53 111.12 2.30
C PHE F 1288 23.71 109.94 2.79
N LEU F 1289 23.77 109.67 4.08
CA LEU F 1289 23.11 108.51 4.67
C LEU F 1289 22.04 108.96 5.65
N ARG F 1290 21.00 108.16 5.76
CA ARG F 1290 20.00 108.35 6.81
C ARG F 1290 19.35 107.02 7.10
N LEU F 1291 18.74 106.93 8.28
CA LEU F 1291 17.99 105.74 8.63
C LEU F 1291 16.58 105.82 8.07
N SER F 1292 15.99 104.64 7.85
CA SER F 1292 14.73 104.58 7.12
C SER F 1292 13.56 105.06 7.95
N LEU F 1293 13.69 105.15 9.27
CA LEU F 1293 12.51 105.48 10.04
C LEU F 1293 12.74 106.76 10.83
N PRO F 1294 11.72 107.60 10.96
CA PRO F 1294 11.87 108.87 11.66
C PRO F 1294 11.50 108.77 13.13
N VAL F 1295 11.89 109.80 13.88
CA VAL F 1295 11.37 110.06 15.21
C VAL F 1295 10.50 111.29 15.10
N GLN F 1296 9.32 111.24 15.68
CA GLN F 1296 8.35 112.30 15.54
C GLN F 1296 8.17 113.02 16.87
N PHE F 1297 8.31 114.34 16.84
CA PHE F 1297 8.10 115.12 18.05
C PHE F 1297 6.61 115.14 18.40
N HIS F 1298 6.33 115.39 19.67
CA HIS F 1298 4.98 115.29 20.17
C HIS F 1298 4.10 116.37 19.58
N GLN F 1299 2.79 116.15 19.68
CA GLN F 1299 1.83 117.13 19.15
C GLN F 1299 1.83 118.39 19.99
N HIS F 1300 1.99 118.26 21.31
CA HIS F 1300 2.03 119.39 22.21
C HIS F 1300 3.28 119.32 23.06
N PHE F 1301 3.93 120.47 23.23
CA PHE F 1301 5.11 120.55 24.08
C PHE F 1301 4.72 120.86 25.52
N ARG F 1302 5.57 120.42 26.44
CA ARG F 1302 5.36 120.72 27.84
C ARG F 1302 5.52 122.21 28.09
N CYS F 1303 4.72 122.74 29.00
CA CYS F 1303 4.79 124.15 29.35
C CYS F 1303 6.11 124.46 30.03
N THR F 1304 6.68 125.61 29.70
CA THR F 1304 7.96 126.07 30.26
C THR F 1304 9.07 125.04 30.05
N ASP F 1419 28.33 100.70 39.23
CA ASP F 1419 27.47 101.86 39.04
C ASP F 1419 26.66 101.76 37.76
N ASN F 1420 25.98 102.85 37.41
CA ASN F 1420 25.29 103.02 36.14
C ASN F 1420 24.20 101.96 35.95
N ARG F 1421 23.07 102.17 36.63
CA ARG F 1421 21.81 101.50 36.30
C ARG F 1421 20.73 102.58 36.21
N ASP F 1422 19.82 102.41 35.28
CA ASP F 1422 18.74 103.38 35.10
C ASP F 1422 17.76 103.30 36.26
N ASP F 1423 17.30 104.45 36.70
CA ASP F 1423 16.19 104.49 37.64
C ASP F 1423 14.91 104.13 36.91
N PRO F 1424 14.16 103.10 37.33
CA PRO F 1424 12.96 102.72 36.57
C PRO F 1424 11.94 103.82 36.42
N GLU F 1425 11.67 104.59 37.47
CA GLU F 1425 10.67 105.64 37.37
C GLU F 1425 11.10 106.74 36.42
N ILE F 1426 12.38 107.09 36.42
CA ILE F 1426 12.87 108.11 35.50
C ILE F 1426 12.85 107.59 34.06
N ILE F 1427 13.37 106.39 33.84
CA ILE F 1427 13.50 105.87 32.48
C ILE F 1427 12.13 105.58 31.88
N LEU F 1428 11.14 105.26 32.69
CA LEU F 1428 9.80 104.99 32.16
C LEU F 1428 8.98 106.26 31.95
N ASN F 1429 9.48 107.41 32.40
CA ASN F 1429 8.78 108.67 32.22
C ASN F 1429 9.55 109.67 31.38
N THR F 1430 10.79 109.38 31.01
CA THR F 1430 11.58 110.29 30.21
C THR F 1430 11.08 110.33 28.78
N THR F 1431 11.32 111.46 28.12
CA THR F 1431 11.03 111.64 26.71
C THR F 1431 12.27 111.95 25.90
N THR F 1432 13.46 111.65 26.44
CA THR F 1432 14.72 111.91 25.78
C THR F 1432 15.20 110.63 25.12
N TYR F 1433 15.59 110.73 23.86
CA TYR F 1433 16.05 109.59 23.08
C TYR F 1433 17.43 109.87 22.52
N TYR F 1434 18.19 108.81 22.33
CA TYR F 1434 19.61 108.91 22.09
C TYR F 1434 20.03 108.00 20.95
N TYR F 1435 21.01 108.45 20.18
CA TYR F 1435 21.68 107.60 19.22
C TYR F 1435 23.04 108.20 18.93
N SER F 1436 24.03 107.35 18.70
CA SER F 1436 25.40 107.81 18.56
C SER F 1436 25.99 107.27 17.28
N VAL F 1437 27.00 107.97 16.77
CA VAL F 1437 27.71 107.59 15.56
C VAL F 1437 29.18 107.49 15.90
N ARG F 1438 29.80 106.38 15.52
CA ARG F 1438 31.21 106.12 15.80
C ARG F 1438 32.01 106.29 14.51
N VAL F 1439 32.88 107.28 14.49
CA VAL F 1439 33.74 107.54 13.33
C VAL F 1439 35.06 106.80 13.57
N PHE F 1440 35.30 105.76 12.77
CA PHE F 1440 36.46 104.91 12.98
C PHE F 1440 37.75 105.66 12.75
N ALA F 1441 38.80 105.22 13.45
CA ALA F 1441 40.12 105.80 13.23
C ALA F 1441 40.55 105.59 11.80
N GLY F 1442 41.06 106.65 11.17
CA GLY F 1442 41.39 106.67 9.77
C GLY F 1442 40.42 107.47 8.94
N GLN F 1443 39.16 107.52 9.34
CA GLN F 1443 38.21 108.43 8.71
C GLN F 1443 38.37 109.80 9.36
N GLU F 1444 38.67 110.80 8.55
CA GLU F 1444 38.91 112.13 9.08
C GLU F 1444 37.62 112.68 9.66
N PRO F 1445 37.61 113.12 10.91
CA PRO F 1445 36.39 113.73 11.46
C PRO F 1445 35.97 114.97 10.70
N SER F 1446 36.90 115.66 10.05
CA SER F 1446 36.58 116.83 9.27
C SER F 1446 35.70 116.52 8.08
N CYS F 1447 35.56 115.24 7.73
CA CYS F 1447 34.75 114.81 6.60
C CYS F 1447 33.49 114.06 7.02
N VAL F 1448 33.03 114.26 8.26
CA VAL F 1448 31.84 113.58 8.77
C VAL F 1448 30.92 114.62 9.40
N TRP F 1449 29.65 114.59 9.01
CA TRP F 1449 28.61 115.40 9.62
C TRP F 1449 27.57 114.47 10.21
N VAL F 1450 27.20 114.71 11.46
CA VAL F 1450 26.28 113.83 12.20
C VAL F 1450 25.12 114.65 12.70
N GLY F 1451 23.91 114.15 12.54
CA GLY F 1451 22.74 114.85 13.03
C GLY F 1451 21.42 114.27 12.57
N TRP F 1452 20.51 115.14 12.12
CA TRP F 1452 19.20 114.72 11.65
C TRP F 1452 18.84 115.46 10.37
N VAL F 1453 17.93 114.89 9.61
CA VAL F 1453 17.35 115.53 8.43
C VAL F 1453 15.85 115.38 8.48
N THR F 1454 15.14 116.43 8.10
CA THR F 1454 13.70 116.38 7.94
C THR F 1454 13.35 115.70 6.62
N PRO F 1455 12.14 115.17 6.48
CA PRO F 1455 11.84 114.34 5.31
C PRO F 1455 11.86 115.07 3.98
N ASP F 1456 12.17 116.36 3.97
CA ASP F 1456 12.23 117.14 2.75
C ASP F 1456 13.65 117.58 2.43
N TYR F 1457 14.62 116.72 2.68
CA TYR F 1457 16.02 116.99 2.34
C TYR F 1457 16.33 116.38 0.98
N HIS F 1458 16.58 117.22 -0.02
CA HIS F 1458 16.91 116.77 -1.36
C HIS F 1458 18.13 117.51 -1.89
N GLN F 1459 19.16 117.63 -1.09
CA GLN F 1459 20.34 118.40 -1.44
C GLN F 1459 21.52 117.44 -1.61
N HIS F 1460 21.81 117.10 -2.87
CA HIS F 1460 22.88 116.17 -3.20
C HIS F 1460 24.13 116.96 -3.57
N ASP F 1461 24.63 117.72 -2.60
CA ASP F 1461 25.70 118.68 -2.84
C ASP F 1461 27.05 117.98 -2.70
N MET F 1462 27.84 118.02 -3.77
CA MET F 1462 29.13 117.34 -3.81
C MET F 1462 30.20 118.08 -3.02
N ASN F 1463 29.94 119.30 -2.57
CA ASN F 1463 30.87 120.08 -1.77
C ASN F 1463 30.20 120.54 -0.49
N PHE F 1464 29.56 119.62 0.21
CA PHE F 1464 28.69 119.98 1.32
C PHE F 1464 29.49 120.57 2.47
N ASP F 1465 28.91 121.59 3.10
CA ASP F 1465 29.31 122.02 4.42
C ASP F 1465 28.12 122.74 5.04
N LEU F 1466 28.18 122.96 6.35
CA LEU F 1466 27.00 123.41 7.08
C LEU F 1466 26.52 124.77 6.58
N SER F 1467 27.34 125.51 5.86
CA SER F 1467 26.91 126.77 5.26
C SER F 1467 25.96 126.56 4.09
N LYS F 1468 25.92 125.35 3.51
CA LYS F 1468 25.00 125.08 2.41
C LYS F 1468 23.63 124.64 2.87
N VAL F 1469 23.44 124.42 4.17
CA VAL F 1469 22.17 123.92 4.66
C VAL F 1469 21.09 124.98 4.49
N ARG F 1470 19.94 124.56 3.97
CA ARG F 1470 18.82 125.47 3.82
C ARG F 1470 18.38 126.00 5.17
N ALA F 1471 18.14 127.30 5.24
CA ALA F 1471 17.67 127.91 6.48
C ALA F 1471 16.81 129.11 6.14
N VAL F 1472 15.90 129.43 7.05
CA VAL F 1472 15.04 130.60 6.91
C VAL F 1472 14.42 130.87 8.27
N THR F 1473 14.21 132.14 8.58
CA THR F 1473 13.56 132.57 9.80
C THR F 1473 12.27 133.27 9.46
N VAL F 1474 11.18 132.88 10.13
CA VAL F 1474 9.87 133.46 9.90
C VAL F 1474 9.48 134.25 11.13
N THR F 1475 9.28 135.56 10.96
CA THR F 1475 9.10 136.48 12.06
C THR F 1475 7.74 137.17 11.98
N MET F 1476 6.96 137.07 13.05
CA MET F 1476 5.68 137.75 13.16
C MET F 1476 5.74 138.84 14.22
N GLY F 1477 4.92 139.87 14.03
CA GLY F 1477 4.89 141.01 14.91
C GLY F 1477 3.48 141.55 15.04
N ASP F 1478 3.36 142.64 15.80
CA ASP F 1478 2.08 143.32 15.94
C ASP F 1478 2.01 144.46 14.90
N GLU F 1479 1.05 145.36 15.07
CA GLU F 1479 0.84 146.43 14.11
C GLU F 1479 2.07 147.32 13.97
N GLN F 1480 2.89 147.42 15.02
CA GLN F 1480 4.06 148.30 15.01
C GLN F 1480 5.27 147.52 15.50
N GLY F 1481 5.91 146.78 14.59
CA GLY F 1481 7.09 146.00 14.97
C GLY F 1481 6.77 144.98 16.02
N ASN F 1482 7.51 145.03 17.13
CA ASN F 1482 7.26 144.20 18.31
C ASN F 1482 7.18 142.71 17.95
N VAL F 1483 8.30 142.21 17.46
CA VAL F 1483 8.45 140.80 17.16
C VAL F 1483 8.05 139.98 18.38
N HIS F 1484 7.02 139.15 18.24
CA HIS F 1484 6.61 138.27 19.33
C HIS F 1484 6.77 136.81 18.98
N SER F 1485 7.30 136.49 17.82
CA SER F 1485 7.51 135.09 17.42
C SER F 1485 8.56 135.08 16.32
N SER F 1486 9.57 134.24 16.47
CA SER F 1486 10.67 134.15 15.49
C SER F 1486 11.09 132.69 15.41
N LEU F 1487 10.47 131.95 14.49
CA LEU F 1487 10.78 130.55 14.29
C LEU F 1487 11.87 130.39 13.25
N LYS F 1488 12.82 129.51 13.53
CA LYS F 1488 13.93 129.21 12.64
C LYS F 1488 13.70 127.84 12.01
N CYS F 1489 13.75 127.79 10.69
CA CYS F 1489 13.39 126.58 9.95
C CYS F 1489 14.59 126.09 9.16
N SER F 1490 14.66 124.77 9.01
CA SER F 1490 15.73 124.13 8.24
C SER F 1490 15.31 122.71 7.93
N ASN F 1491 16.13 122.03 7.15
CA ASN F 1491 15.88 120.64 6.82
C ASN F 1491 16.99 119.71 7.25
N CYS F 1492 18.01 120.23 7.92
CA CYS F 1492 19.21 119.44 8.20
C CYS F 1492 19.84 119.98 9.47
N TYR F 1493 19.76 119.21 10.55
CA TYR F 1493 20.30 119.61 11.85
C TYR F 1493 21.47 118.69 12.17
N MET F 1494 22.68 119.17 11.92
CA MET F 1494 23.87 118.35 12.12
C MET F 1494 24.94 119.17 12.83
N VAL F 1495 25.97 118.47 13.28
CA VAL F 1495 27.17 119.10 13.80
C VAL F 1495 28.36 118.56 13.03
N TRP F 1496 29.31 119.44 12.78
CA TRP F 1496 30.49 119.10 12.01
C TRP F 1496 31.43 118.27 12.86
N GLY F 1497 32.04 117.25 12.25
CA GLY F 1497 32.98 116.43 12.98
C GLY F 1497 34.27 117.16 13.32
N GLY F 1498 34.58 118.23 12.60
CA GLY F 1498 35.79 118.98 12.85
C GLY F 1498 35.75 119.89 14.05
N ASP F 1499 34.59 120.05 14.67
CA ASP F 1499 34.48 120.84 15.89
C ASP F 1499 34.88 120.06 17.12
N PHE F 1500 35.17 118.77 16.98
CA PHE F 1500 35.42 117.91 18.12
C PHE F 1500 36.85 117.37 18.12
N VAL F 1501 37.73 117.98 17.32
CA VAL F 1501 39.12 117.57 17.26
C VAL F 1501 39.97 118.71 17.80
N SER F 1502 40.78 118.41 18.81
CA SER F 1502 41.65 119.43 19.37
C SER F 1502 42.70 119.83 18.35
N PRO F 1503 43.06 121.11 18.29
CA PRO F 1503 44.04 121.55 17.29
C PRO F 1503 45.45 121.07 17.61
N GLY F 1504 45.66 119.76 17.53
CA GLY F 1504 46.98 119.21 17.80
C GLY F 1504 47.98 119.52 16.70
N GLN F 1505 49.24 119.27 17.01
CA GLN F 1505 50.30 119.47 16.03
C GLN F 1505 50.08 118.60 14.80
N GLN F 1506 49.87 117.31 15.02
CA GLN F 1506 49.58 116.34 13.97
C GLN F 1506 49.04 115.09 14.66
N GLY F 1507 48.93 114.00 13.91
CA GLY F 1507 48.25 112.83 14.42
C GLY F 1507 46.75 112.95 14.35
N ARG F 1508 46.24 113.69 13.35
CA ARG F 1508 44.80 113.87 13.23
C ARG F 1508 44.09 112.54 12.97
N ILE F 1509 44.83 111.53 12.52
CA ILE F 1509 44.32 110.17 12.49
C ILE F 1509 44.53 109.60 13.88
N SER F 1510 43.58 109.85 14.77
CA SER F 1510 43.75 109.48 16.16
C SER F 1510 43.74 107.96 16.31
N HIS F 1511 44.36 107.49 17.39
CA HIS F 1511 44.14 106.12 17.80
C HIS F 1511 42.68 105.90 18.19
N THR F 1512 42.06 106.91 18.79
CA THR F 1512 40.71 106.80 19.33
C THR F 1512 39.69 107.22 18.28
N ASP F 1513 38.66 106.39 18.12
CA ASP F 1513 37.54 106.75 17.28
C ASP F 1513 36.74 107.88 17.92
N LEU F 1514 36.07 108.66 17.10
CA LEU F 1514 35.18 109.71 17.59
C LEU F 1514 33.78 109.12 17.74
N VAL F 1515 33.10 109.43 18.84
CA VAL F 1515 31.75 108.94 19.09
C VAL F 1515 30.86 110.16 19.33
N ILE F 1516 30.21 110.64 18.28
CA ILE F 1516 29.27 111.76 18.37
C ILE F 1516 27.92 111.21 18.79
N GLY F 1517 27.34 111.79 19.82
CA GLY F 1517 26.03 111.38 20.31
C GLY F 1517 24.99 112.45 20.05
N CYS F 1518 23.76 112.02 19.79
CA CYS F 1518 22.66 112.92 19.48
C CYS F 1518 21.49 112.63 20.40
N LEU F 1519 21.08 113.64 21.15
CA LEU F 1519 19.96 113.54 22.07
C LEU F 1519 18.83 114.41 21.58
N VAL F 1520 17.61 113.89 21.63
CA VAL F 1520 16.41 114.64 21.27
C VAL F 1520 15.37 114.43 22.35
N ASP F 1521 14.72 115.52 22.75
CA ASP F 1521 13.64 115.48 23.72
C ASP F 1521 12.34 115.73 22.98
N LEU F 1522 11.56 114.68 22.78
CA LEU F 1522 10.37 114.76 21.95
C LEU F 1522 9.25 115.55 22.61
N ALA F 1523 9.40 115.91 23.88
CA ALA F 1523 8.38 116.68 24.57
C ALA F 1523 8.69 118.16 24.63
N THR F 1524 9.93 118.55 24.36
CA THR F 1524 10.31 119.95 24.39
C THR F 1524 10.89 120.46 23.08
N GLY F 1525 11.25 119.58 22.15
CA GLY F 1525 11.76 120.04 20.88
C GLY F 1525 13.20 120.48 20.88
N LEU F 1526 13.95 120.14 21.92
CA LEU F 1526 15.33 120.57 22.07
C LEU F 1526 16.26 119.42 21.75
N MET F 1527 17.25 119.69 20.89
CA MET F 1527 18.21 118.67 20.48
C MET F 1527 19.61 119.13 20.82
N THR F 1528 20.39 118.24 21.42
CA THR F 1528 21.75 118.54 21.84
C THR F 1528 22.67 117.42 21.40
N PHE F 1529 23.97 117.68 21.42
CA PHE F 1529 24.95 116.74 20.93
C PHE F 1529 26.08 116.61 21.94
N THR F 1530 26.73 115.43 21.95
CA THR F 1530 27.84 115.16 22.84
C THR F 1530 29.03 114.69 22.02
N ALA F 1531 30.21 115.21 22.34
CA ALA F 1531 31.39 114.96 21.52
C ALA F 1531 32.04 113.62 21.85
N ASN F 1532 32.45 113.44 23.11
CA ASN F 1532 33.00 112.18 23.59
C ASN F 1532 32.54 111.94 25.02
N GLY F 1533 31.23 112.11 25.25
CA GLY F 1533 30.71 112.24 26.59
C GLY F 1533 30.69 113.67 27.08
N LYS F 1534 31.32 114.59 26.34
CA LYS F 1534 31.33 116.00 26.70
C LYS F 1534 30.23 116.71 25.92
N GLU F 1535 29.39 117.45 26.62
CA GLU F 1535 28.30 118.17 25.97
C GLU F 1535 28.87 119.21 25.00
N SER F 1536 28.26 119.30 23.83
CA SER F 1536 28.67 120.28 22.84
C SER F 1536 27.89 121.58 23.03
N ASN F 1537 28.43 122.65 22.44
CA ASN F 1537 27.79 123.95 22.53
C ASN F 1537 26.57 124.06 21.63
N THR F 1538 26.62 123.44 20.45
CA THR F 1538 25.56 123.60 19.47
C THR F 1538 24.28 122.88 19.90
N PHE F 1539 23.15 123.49 19.60
CA PHE F 1539 21.85 122.91 19.89
C PHE F 1539 20.84 123.49 18.93
N PHE F 1540 19.71 122.82 18.80
CA PHE F 1540 18.64 123.26 17.93
C PHE F 1540 17.31 123.12 18.64
N GLN F 1541 16.32 123.87 18.16
CA GLN F 1541 14.96 123.82 18.68
C GLN F 1541 14.02 123.60 17.51
N VAL F 1542 13.09 122.66 17.65
CA VAL F 1542 12.18 122.31 16.57
C VAL F 1542 10.75 122.38 17.06
N GLU F 1543 9.83 122.55 16.12
CA GLU F 1543 8.42 122.70 16.42
C GLU F 1543 7.75 121.34 16.60
N PRO F 1544 6.58 121.30 17.23
CA PRO F 1544 5.87 120.04 17.39
C PRO F 1544 5.48 119.42 16.06
N ASN F 1545 5.30 118.10 16.08
CA ASN F 1545 4.99 117.25 14.93
C ASN F 1545 6.14 117.13 13.95
N THR F 1546 7.33 117.56 14.31
CA THR F 1546 8.47 117.47 13.40
C THR F 1546 8.95 116.03 13.29
N LYS F 1547 9.22 115.60 12.07
CA LYS F 1547 9.79 114.29 11.80
C LYS F 1547 11.28 114.45 11.52
N LEU F 1548 12.10 113.64 12.17
CA LEU F 1548 13.54 113.70 12.01
C LEU F 1548 14.09 112.30 11.75
N PHE F 1549 14.96 112.20 10.80
CA PHE F 1549 15.64 110.97 10.47
C PHE F 1549 17.08 111.04 10.94
N PRO F 1550 17.59 110.05 11.65
CA PRO F 1550 19.03 110.00 11.94
C PRO F 1550 19.81 110.00 10.63
N ALA F 1551 20.71 110.95 10.49
CA ALA F 1551 21.43 111.11 9.24
C ALA F 1551 22.91 111.30 9.51
N VAL F 1552 23.73 110.76 8.61
CA VAL F 1552 25.17 110.97 8.63
C VAL F 1552 25.62 111.27 7.21
N PHE F 1553 26.34 112.37 7.03
CA PHE F 1553 26.95 112.72 5.75
C PHE F 1553 28.45 112.55 5.92
N VAL F 1554 29.08 111.84 4.99
CA VAL F 1554 30.48 111.52 5.13
C VAL F 1554 31.16 111.52 3.76
N LEU F 1555 32.43 111.93 3.74
CA LEU F 1555 33.29 111.74 2.59
C LEU F 1555 34.31 110.68 2.94
N PRO F 1556 34.19 109.47 2.42
CA PRO F 1556 35.00 108.37 2.95
C PRO F 1556 36.49 108.59 2.72
N THR F 1557 37.28 108.26 3.73
CA THR F 1557 38.73 108.26 3.61
C THR F 1557 39.35 107.00 4.20
N HIS F 1558 38.59 105.92 4.33
CA HIS F 1558 39.11 104.72 4.96
C HIS F 1558 38.17 103.56 4.64
N GLN F 1559 38.66 102.35 4.85
CA GLN F 1559 37.81 101.17 4.63
C GLN F 1559 36.62 101.16 5.57
N ASN F 1560 36.85 101.54 6.82
CA ASN F 1560 35.80 101.65 7.82
C ASN F 1560 35.43 103.12 7.94
N VAL F 1561 34.15 103.43 7.75
CA VAL F 1561 33.75 104.83 7.70
C VAL F 1561 33.02 105.26 8.95
N ILE F 1562 31.82 104.76 9.15
CA ILE F 1562 31.00 105.19 10.28
C ILE F 1562 30.23 103.99 10.81
N GLN F 1563 29.44 104.22 11.85
CA GLN F 1563 28.70 103.14 12.49
C GLN F 1563 27.55 103.76 13.26
N PHE F 1564 26.32 103.51 12.82
CA PHE F 1564 25.16 103.94 13.57
C PHE F 1564 25.03 103.07 14.82
N GLU F 1565 25.20 103.67 15.99
CA GLU F 1565 25.13 102.93 17.25
C GLU F 1565 23.77 103.22 17.88
N LEU F 1566 22.87 102.24 17.81
CA LEU F 1566 21.51 102.41 18.31
C LEU F 1566 21.41 102.02 19.78
N GLY F 1567 22.20 102.72 20.59
CA GLY F 1567 22.32 102.42 22.00
C GLY F 1567 21.49 103.34 22.87
N LYS F 1568 21.94 103.51 24.11
CA LYS F 1568 21.26 104.34 25.08
C LYS F 1568 22.27 104.85 26.09
N GLN F 1569 21.86 105.84 26.86
CA GLN F 1569 22.62 106.37 27.98
C GLN F 1569 21.91 106.01 29.27
N LYS F 1570 22.43 106.55 30.38
CA LYS F 1570 21.74 106.39 31.65
C LYS F 1570 20.50 107.27 31.67
N ASN F 1571 19.35 106.65 31.95
CA ASN F 1571 18.07 107.35 32.04
C ASN F 1571 17.68 108.01 30.72
N ILE F 1572 18.18 107.50 29.60
CA ILE F 1572 17.80 107.97 28.27
C ILE F 1572 17.40 106.77 27.43
N MET F 1573 16.26 106.87 26.81
CA MET F 1573 15.61 105.81 26.05
C MET F 1573 16.32 105.68 24.71
N PRO F 1574 16.40 104.48 24.14
CA PRO F 1574 16.98 104.32 22.82
C PRO F 1574 16.00 104.69 21.72
N LEU F 1575 16.49 104.62 20.48
CA LEU F 1575 15.69 105.03 19.33
C LEU F 1575 14.49 104.10 19.10
N SER F 1576 14.66 102.81 19.33
CA SER F 1576 13.58 101.87 19.05
C SER F 1576 12.33 102.16 19.87
N ALA F 1577 12.48 102.88 20.98
CA ALA F 1577 11.31 103.32 21.71
C ALA F 1577 10.56 104.41 20.98
N ALA F 1578 11.29 105.37 20.40
CA ALA F 1578 10.65 106.46 19.67
C ALA F 1578 10.12 106.03 18.32
N MET F 1579 10.81 105.14 17.62
CA MET F 1579 10.38 104.74 16.29
C MET F 1579 9.22 103.77 16.30
N PHE F 1580 9.15 102.86 17.27
CA PHE F 1580 8.16 101.79 17.26
C PHE F 1580 7.21 101.92 18.42
N LEU F 1581 5.91 101.81 18.13
CA LEU F 1581 4.89 101.99 19.15
C LEU F 1581 4.92 100.89 20.19
N SER F 1582 5.16 99.66 19.77
CA SER F 1582 5.15 98.53 20.70
C SER F 1582 6.34 98.53 21.64
N GLU F 1583 7.31 99.41 21.43
CA GLU F 1583 8.49 99.49 22.29
C GLU F 1583 8.59 100.82 23.03
N ARG F 1584 7.47 101.53 23.21
CA ARG F 1584 7.53 102.83 23.86
C ARG F 1584 8.14 102.75 25.25
N LYS F 1585 7.94 101.63 25.93
CA LYS F 1585 8.42 101.46 27.30
C LYS F 1585 9.51 100.40 27.40
N ASN F 1586 10.15 100.07 26.28
CA ASN F 1586 11.14 99.01 26.27
C ASN F 1586 12.53 99.65 26.25
N PRO F 1587 13.28 99.62 27.36
CA PRO F 1587 14.60 100.26 27.37
C PRO F 1587 15.68 99.43 26.72
N ALA F 1588 15.38 98.22 26.27
CA ALA F 1588 16.37 97.42 25.57
C ALA F 1588 16.57 97.97 24.17
N PRO F 1589 17.80 98.34 23.78
CA PRO F 1589 18.02 98.79 22.42
C PRO F 1589 17.70 97.71 21.41
N GLN F 1590 17.14 98.11 20.27
CA GLN F 1590 16.81 97.18 19.21
C GLN F 1590 17.09 97.81 17.86
N CYS F 1591 17.31 96.95 16.87
CA CYS F 1591 17.45 97.35 15.47
C CYS F 1591 16.61 96.40 14.63
N PRO F 1592 15.30 96.59 14.59
CA PRO F 1592 14.42 95.68 13.85
C PRO F 1592 14.70 95.75 12.36
N PRO F 1593 14.25 94.75 11.60
CA PRO F 1593 14.64 94.68 10.19
C PRO F 1593 14.18 95.87 9.36
N ARG F 1594 13.13 96.58 9.78
CA ARG F 1594 12.65 97.71 9.01
C ARG F 1594 13.62 98.88 9.05
N LEU F 1595 14.35 99.02 10.16
CA LEU F 1595 15.32 100.10 10.31
C LEU F 1595 16.58 99.76 9.53
N GLU F 1596 16.90 100.55 8.53
CA GLU F 1596 18.02 100.25 7.66
C GLU F 1596 18.63 101.53 7.13
N VAL F 1597 19.85 101.42 6.63
CA VAL F 1597 20.58 102.58 6.13
C VAL F 1597 20.15 102.87 4.70
N GLN F 1598 19.79 104.12 4.43
CA GLN F 1598 19.40 104.57 3.11
C GLN F 1598 20.40 105.62 2.61
N MET F 1599 20.59 105.67 1.31
CA MET F 1599 21.51 106.60 0.68
C MET F 1599 20.74 107.50 -0.28
N LEU F 1600 21.32 108.65 -0.58
CA LEU F 1600 20.67 109.65 -1.41
C LEU F 1600 21.05 109.42 -2.87
N MET F 1601 20.09 109.02 -3.68
CA MET F 1601 20.32 108.81 -5.10
C MET F 1601 19.89 110.02 -5.88
N PRO F 1602 20.69 110.50 -6.83
CA PRO F 1602 20.41 111.82 -7.43
C PRO F 1602 19.29 111.81 -8.46
N VAL F 1603 19.06 110.72 -9.17
CA VAL F 1603 18.07 110.67 -10.24
C VAL F 1603 17.18 109.45 -10.03
N SER F 1604 15.88 109.62 -10.25
CA SER F 1604 14.93 108.53 -10.12
C SER F 1604 13.96 108.58 -11.29
N TRP F 1605 13.34 107.44 -11.57
CA TRP F 1605 12.31 107.37 -12.59
C TRP F 1605 11.01 107.92 -12.05
N SER F 1606 10.35 108.76 -12.85
CA SER F 1606 9.05 109.29 -12.49
C SER F 1606 8.15 109.23 -13.70
N ARG F 1607 6.85 109.23 -13.44
CA ARG F 1607 5.84 109.01 -14.47
C ARG F 1607 5.27 110.33 -14.95
N MET F 1608 5.24 110.51 -16.26
CA MET F 1608 4.66 111.71 -16.83
C MET F 1608 3.15 111.63 -16.75
N PRO F 1609 2.48 112.67 -16.26
CA PRO F 1609 1.01 112.67 -16.27
C PRO F 1609 0.48 112.60 -17.68
N ASN F 1610 -0.73 112.05 -17.80
CA ASN F 1610 -1.35 111.96 -19.11
C ASN F 1610 -1.84 113.32 -19.60
N HIS F 1611 -2.34 114.16 -18.70
CA HIS F 1611 -2.87 115.47 -19.05
C HIS F 1611 -2.26 116.52 -18.14
N PHE F 1612 -2.04 117.71 -18.70
CA PHE F 1612 -1.41 118.80 -17.98
C PHE F 1612 -2.31 120.01 -17.98
N LEU F 1613 -2.16 120.84 -16.96
CA LEU F 1613 -2.99 122.04 -16.83
C LEU F 1613 -2.79 122.96 -18.02
N GLN F 1614 -3.88 123.49 -18.53
CA GLN F 1614 -3.85 124.42 -19.66
C GLN F 1614 -3.80 125.84 -19.12
N VAL F 1615 -2.64 126.46 -19.21
CA VAL F 1615 -2.40 127.79 -18.67
C VAL F 1615 -2.25 128.76 -19.82
N GLU F 1616 -3.03 129.84 -19.78
CA GLU F 1616 -2.99 130.88 -20.79
C GLU F 1616 -2.33 132.11 -20.20
N THR F 1617 -1.23 132.55 -20.81
CA THR F 1617 -0.50 133.72 -20.37
C THR F 1617 -0.40 134.70 -21.52
N ARG F 1618 -0.69 135.97 -21.24
CA ARG F 1618 -0.65 137.00 -22.27
C ARG F 1618 -0.50 138.35 -21.62
N ARG F 1619 -0.12 139.33 -22.43
CA ARG F 1619 0.02 140.71 -21.99
C ARG F 1619 -1.33 141.40 -22.13
N ALA F 1620 -2.00 141.65 -21.02
CA ALA F 1620 -3.34 142.22 -21.06
C ALA F 1620 -3.34 143.68 -21.48
N GLY F 1621 -2.22 144.37 -21.33
CA GLY F 1621 -2.16 145.77 -21.72
C GLY F 1621 -1.01 146.46 -21.01
N GLU F 1622 -0.83 147.73 -21.39
CA GLU F 1622 0.24 148.52 -20.79
C GLU F 1622 -0.03 148.75 -19.30
N ARG F 1623 -1.30 148.88 -18.93
CA ARG F 1623 -1.63 149.09 -17.53
C ARG F 1623 -2.00 147.81 -16.81
N LEU F 1624 -2.71 146.91 -17.49
CA LEU F 1624 -3.22 145.72 -16.84
C LEU F 1624 -2.14 144.70 -16.53
N GLY F 1625 -1.01 144.74 -17.23
CA GLY F 1625 0.06 143.82 -16.94
C GLY F 1625 -0.06 142.51 -17.71
N TRP F 1626 0.46 141.44 -17.12
CA TRP F 1626 0.49 140.13 -17.72
C TRP F 1626 -0.48 139.21 -16.99
N ALA F 1627 -1.31 138.50 -17.75
CA ALA F 1627 -2.39 137.70 -17.19
C ALA F 1627 -2.05 136.23 -17.20
N VAL F 1628 -2.40 135.54 -16.12
CA VAL F 1628 -2.31 134.08 -16.03
C VAL F 1628 -3.70 133.55 -15.75
N GLN F 1629 -4.07 132.48 -16.44
CA GLN F 1629 -5.43 131.96 -16.34
C GLN F 1629 -5.41 130.44 -16.47
N CYS F 1630 -6.22 129.78 -15.65
CA CYS F 1630 -6.37 128.33 -15.73
C CYS F 1630 -7.76 127.96 -15.25
N GLN F 1631 -8.55 127.34 -16.11
CA GLN F 1631 -9.95 127.06 -15.81
C GLN F 1631 -10.28 125.59 -15.69
N ASP F 1632 -9.73 124.74 -16.54
CA ASP F 1632 -10.10 123.34 -16.55
C ASP F 1632 -9.45 122.61 -15.38
N PRO F 1633 -10.21 121.97 -14.51
CA PRO F 1633 -9.61 121.25 -13.39
C PRO F 1633 -8.93 119.96 -13.82
N LEU F 1634 -7.97 119.54 -13.01
CA LEU F 1634 -7.30 118.26 -13.17
C LEU F 1634 -7.06 117.66 -11.79
N THR F 1635 -7.30 116.36 -11.67
CA THR F 1635 -7.21 115.67 -10.40
C THR F 1635 -6.39 114.40 -10.60
N MET F 1636 -5.55 114.08 -9.63
CA MET F 1636 -4.85 112.81 -9.62
C MET F 1636 -5.07 112.12 -8.30
N MET F 1637 -5.01 110.80 -8.33
CA MET F 1637 -5.15 109.98 -7.12
C MET F 1637 -3.76 109.74 -6.56
N ALA F 1638 -3.49 110.31 -5.40
CA ALA F 1638 -2.16 110.29 -4.81
C ALA F 1638 -2.03 109.14 -3.82
N LEU F 1639 -0.88 108.49 -3.84
CA LEU F 1639 -0.54 107.48 -2.85
C LEU F 1639 0.48 108.08 -1.90
N HIS F 1640 0.19 108.03 -0.61
CA HIS F 1640 0.97 108.71 0.41
C HIS F 1640 1.71 107.70 1.25
N ILE F 1641 3.02 107.86 1.35
CA ILE F 1641 3.84 107.05 2.24
C ILE F 1641 3.98 107.83 3.55
N PRO F 1642 3.35 107.38 4.63
CA PRO F 1642 3.24 108.24 5.82
C PRO F 1642 4.57 108.56 6.47
N GLU F 1643 5.46 107.58 6.60
CA GLU F 1643 6.71 107.83 7.33
C GLU F 1643 7.61 108.77 6.56
N GLU F 1644 7.64 108.69 5.24
CA GLU F 1644 8.47 109.57 4.44
C GLU F 1644 7.81 110.91 4.15
N ASN F 1645 6.53 111.06 4.47
CA ASN F 1645 5.80 112.30 4.28
C ASN F 1645 5.89 112.80 2.84
N ARG F 1646 5.73 111.87 1.90
CA ARG F 1646 5.71 112.22 0.48
C ARG F 1646 4.65 111.38 -0.20
N CYS F 1647 4.22 111.85 -1.36
CA CYS F 1647 3.19 111.17 -2.12
C CYS F 1647 3.65 110.98 -3.55
N MET F 1648 3.11 109.93 -4.17
CA MET F 1648 3.33 109.65 -5.58
C MET F 1648 1.99 109.34 -6.22
N ASP F 1649 1.93 109.50 -7.53
CA ASP F 1649 0.75 109.09 -8.27
C ASP F 1649 0.55 107.60 -8.12
N ILE F 1650 -0.69 107.19 -7.83
CA ILE F 1650 -0.97 105.78 -7.64
C ILE F 1650 -0.75 105.01 -8.94
N LEU F 1651 -0.80 105.69 -10.07
CA LEU F 1651 -0.53 105.04 -11.34
C LEU F 1651 0.91 104.61 -11.48
N GLU F 1652 1.81 105.17 -10.66
CA GLU F 1652 3.19 104.69 -10.67
C GLU F 1652 3.31 103.28 -10.13
N LEU F 1653 2.25 102.76 -9.51
CA LEU F 1653 2.25 101.39 -9.03
C LEU F 1653 2.20 100.38 -10.16
N SER F 1654 2.25 100.84 -11.42
CA SER F 1654 2.37 99.91 -12.53
C SER F 1654 3.81 99.49 -12.76
N GLU F 1655 4.75 100.10 -12.04
CA GLU F 1655 6.14 99.68 -12.08
C GLU F 1655 6.72 99.38 -10.71
N ARG F 1656 6.11 99.87 -9.64
CA ARG F 1656 6.55 99.54 -8.28
C ARG F 1656 5.72 98.37 -7.81
N LEU F 1657 6.14 97.17 -8.22
CA LEU F 1657 5.31 95.98 -8.06
C LEU F 1657 5.15 95.60 -6.60
N ASP F 1658 6.15 95.85 -5.76
CA ASP F 1658 6.03 95.52 -4.34
C ASP F 1658 4.97 96.38 -3.67
N LEU F 1659 4.99 97.70 -3.93
CA LEU F 1659 3.94 98.56 -3.43
C LEU F 1659 2.59 98.17 -4.00
N GLN F 1660 2.55 97.77 -5.27
CA GLN F 1660 1.28 97.34 -5.86
C GLN F 1660 0.71 96.13 -5.14
N ARG F 1661 1.55 95.12 -4.87
CA ARG F 1661 1.06 93.95 -4.14
C ARG F 1661 0.62 94.32 -2.74
N PHE F 1662 1.41 95.13 -2.05
CA PHE F 1662 1.04 95.50 -0.69
C PHE F 1662 -0.28 96.26 -0.67
N HIS F 1663 -0.50 97.13 -1.66
CA HIS F 1663 -1.72 97.92 -1.67
C HIS F 1663 -2.93 97.08 -2.09
N SER F 1664 -2.75 96.16 -3.04
CA SER F 1664 -3.84 95.27 -3.39
C SER F 1664 -4.25 94.42 -2.21
N HIS F 1665 -3.27 93.95 -1.43
CA HIS F 1665 -3.59 93.19 -0.24
C HIS F 1665 -4.17 94.08 0.85
N THR F 1666 -3.81 95.37 0.86
CA THR F 1666 -4.47 96.31 1.76
C THR F 1666 -5.94 96.41 1.43
N LEU F 1667 -6.27 96.49 0.14
CA LEU F 1667 -7.67 96.50 -0.27
C LEU F 1667 -8.35 95.20 0.10
N ARG F 1668 -7.65 94.08 -0.03
CA ARG F 1668 -8.23 92.80 0.37
C ARG F 1668 -8.56 92.79 1.86
N LEU F 1669 -7.67 93.35 2.67
CA LEU F 1669 -7.95 93.45 4.10
C LEU F 1669 -9.13 94.37 4.38
N TYR F 1670 -9.25 95.45 3.62
CA TYR F 1670 -10.41 96.32 3.76
C TYR F 1670 -11.69 95.54 3.51
N ARG F 1671 -11.71 94.74 2.44
CA ARG F 1671 -12.88 93.94 2.15
C ARG F 1671 -13.13 92.92 3.25
N ALA F 1672 -12.07 92.35 3.82
CA ALA F 1672 -12.23 91.33 4.84
C ALA F 1672 -12.83 91.91 6.12
N VAL F 1673 -12.38 93.09 6.55
CA VAL F 1673 -12.84 93.60 7.83
C VAL F 1673 -14.31 94.00 7.78
N CYS F 1674 -14.81 94.40 6.62
CA CYS F 1674 -16.20 94.75 6.45
C CYS F 1674 -17.02 93.62 5.84
N ALA F 1675 -16.45 92.42 5.75
CA ALA F 1675 -17.12 91.32 5.09
C ALA F 1675 -18.30 90.83 5.92
N LEU F 1676 -19.32 90.34 5.21
CA LEU F 1676 -20.45 89.65 5.80
C LEU F 1676 -21.19 90.52 6.81
N GLY F 1677 -21.60 91.68 6.34
CA GLY F 1677 -22.52 92.53 7.08
C GLY F 1677 -21.92 93.32 8.22
N ASN F 1678 -20.66 93.70 8.16
CA ASN F 1678 -20.06 94.53 9.20
C ASN F 1678 -20.21 95.99 8.77
N ASN F 1679 -21.44 96.48 8.90
CA ASN F 1679 -21.76 97.81 8.43
C ASN F 1679 -21.05 98.89 9.23
N ARG F 1680 -20.79 98.64 10.50
CA ARG F 1680 -20.05 99.61 11.30
C ARG F 1680 -18.65 99.81 10.74
N VAL F 1681 -17.96 98.72 10.43
CA VAL F 1681 -16.63 98.82 9.85
C VAL F 1681 -16.69 99.39 8.44
N ALA F 1682 -17.78 99.12 7.70
CA ALA F 1682 -17.92 99.73 6.38
C ALA F 1682 -18.01 101.25 6.49
N HIS F 1683 -18.79 101.74 7.47
CA HIS F 1683 -18.83 103.17 7.72
C HIS F 1683 -17.45 103.69 8.07
N ALA F 1684 -16.72 102.94 8.90
CA ALA F 1684 -15.36 103.34 9.22
C ALA F 1684 -14.50 103.45 7.96
N LEU F 1685 -14.66 102.51 7.04
CA LEU F 1685 -13.87 102.51 5.81
C LEU F 1685 -14.22 103.70 4.93
N CYS F 1686 -15.45 104.20 5.03
CA CYS F 1686 -15.79 105.35 4.20
C CYS F 1686 -14.96 106.59 4.53
N SER F 1687 -14.25 106.61 5.66
CA SER F 1687 -13.34 107.72 5.94
C SER F 1687 -11.96 107.49 5.37
N HIS F 1688 -11.66 106.28 4.91
CA HIS F 1688 -10.36 105.95 4.34
C HIS F 1688 -10.37 105.91 2.83
N VAL F 1689 -11.32 105.20 2.23
CA VAL F 1689 -11.54 105.23 0.79
C VAL F 1689 -12.92 105.86 0.60
N ASP F 1690 -12.95 107.10 0.16
CA ASP F 1690 -14.20 107.81 0.08
C ASP F 1690 -14.87 107.59 -1.27
N GLN F 1691 -16.08 108.14 -1.38
CA GLN F 1691 -16.91 107.94 -2.56
C GLN F 1691 -16.25 108.52 -3.80
N ALA F 1692 -15.66 109.71 -3.69
CA ALA F 1692 -15.01 110.31 -4.84
C ALA F 1692 -13.86 109.45 -5.34
N GLN F 1693 -13.05 108.92 -4.42
CA GLN F 1693 -11.96 108.05 -4.81
C GLN F 1693 -12.48 106.80 -5.51
N LEU F 1694 -13.52 106.19 -4.96
CA LEU F 1694 -14.04 104.96 -5.55
C LEU F 1694 -14.57 105.20 -6.95
N LEU F 1695 -15.36 106.26 -7.11
CA LEU F 1695 -15.94 106.54 -8.42
C LEU F 1695 -14.87 106.93 -9.43
N HIS F 1696 -13.81 107.60 -8.96
CA HIS F 1696 -12.67 107.89 -9.83
C HIS F 1696 -11.96 106.62 -10.25
N ALA F 1697 -11.76 105.70 -9.31
CA ALA F 1697 -11.07 104.46 -9.61
C ALA F 1697 -11.85 103.59 -10.58
N LEU F 1698 -13.17 103.69 -10.55
CA LEU F 1698 -13.96 102.93 -11.52
C LEU F 1698 -13.65 103.34 -12.94
N GLU F 1699 -13.52 104.64 -13.20
CA GLU F 1699 -13.31 105.14 -14.55
C GLU F 1699 -11.84 105.29 -14.91
N ASP F 1700 -10.92 105.13 -13.97
CA ASP F 1700 -9.50 105.33 -14.28
C ASP F 1700 -9.03 104.25 -15.25
N ALA F 1701 -8.57 104.65 -16.42
CA ALA F 1701 -8.19 103.71 -17.46
C ALA F 1701 -6.75 103.25 -17.37
N HIS F 1702 -5.95 103.84 -16.48
CA HIS F 1702 -4.55 103.49 -16.36
C HIS F 1702 -4.22 102.74 -15.08
N LEU F 1703 -5.22 102.42 -14.27
CA LEU F 1703 -4.93 101.66 -13.07
C LEU F 1703 -4.40 100.29 -13.43
N PRO F 1704 -3.43 99.77 -12.70
CA PRO F 1704 -3.06 98.37 -12.85
C PRO F 1704 -4.25 97.48 -12.53
N GLY F 1705 -4.29 96.33 -13.18
CA GLY F 1705 -5.42 95.45 -13.10
C GLY F 1705 -5.79 95.02 -11.69
N PRO F 1706 -4.82 94.58 -10.90
CA PRO F 1706 -5.13 94.24 -9.51
C PRO F 1706 -5.76 95.37 -8.72
N LEU F 1707 -5.27 96.60 -8.90
CA LEU F 1707 -5.85 97.72 -8.15
C LEU F 1707 -7.25 98.06 -8.65
N ARG F 1708 -7.45 97.99 -9.97
CA ARG F 1708 -8.78 98.23 -10.52
C ARG F 1708 -9.79 97.23 -9.98
N ALA F 1709 -9.43 95.95 -10.00
CA ALA F 1709 -10.33 94.93 -9.47
C ALA F 1709 -10.56 95.11 -7.97
N GLY F 1710 -9.50 95.45 -7.23
CA GLY F 1710 -9.65 95.66 -5.81
C GLY F 1710 -10.57 96.81 -5.47
N TYR F 1711 -10.49 97.91 -6.22
CA TYR F 1711 -11.36 99.04 -5.93
C TYR F 1711 -12.80 98.75 -6.31
N TYR F 1712 -13.04 98.02 -7.41
CA TYR F 1712 -14.40 97.61 -7.71
C TYR F 1712 -14.98 96.75 -6.60
N ASP F 1713 -14.22 95.74 -6.18
CA ASP F 1713 -14.72 94.87 -5.13
C ASP F 1713 -14.86 95.59 -3.81
N LEU F 1714 -14.03 96.60 -3.56
CA LEU F 1714 -14.15 97.38 -2.34
C LEU F 1714 -15.41 98.22 -2.35
N LEU F 1715 -15.74 98.81 -3.50
CA LEU F 1715 -17.00 99.52 -3.62
C LEU F 1715 -18.17 98.60 -3.33
N ILE F 1716 -18.17 97.41 -3.94
CA ILE F 1716 -19.25 96.47 -3.72
C ILE F 1716 -19.33 96.05 -2.26
N SER F 1717 -18.18 95.83 -1.62
CA SER F 1717 -18.17 95.35 -0.25
C SER F 1717 -18.66 96.42 0.71
N ILE F 1718 -18.20 97.66 0.54
CA ILE F 1718 -18.61 98.73 1.43
C ILE F 1718 -20.09 99.03 1.26
N HIS F 1719 -20.55 99.15 0.02
CA HIS F 1719 -21.84 99.77 -0.23
C HIS F 1719 -22.93 98.81 -0.69
N LEU F 1720 -22.60 97.69 -1.31
CA LEU F 1720 -23.61 96.89 -1.98
C LEU F 1720 -23.72 95.46 -1.52
N GLU F 1721 -22.69 94.91 -0.88
CA GLU F 1721 -22.65 93.47 -0.64
C GLU F 1721 -23.78 93.02 0.27
N SER F 1722 -23.99 93.72 1.39
CA SER F 1722 -25.02 93.30 2.33
C SER F 1722 -26.42 93.39 1.72
N ALA F 1723 -26.69 94.50 1.02
CA ALA F 1723 -28.00 94.65 0.39
C ALA F 1723 -28.22 93.57 -0.66
N CYS F 1724 -27.20 93.30 -1.47
CA CYS F 1724 -27.32 92.27 -2.49
C CYS F 1724 -27.58 90.90 -1.87
N ARG F 1725 -26.88 90.58 -0.79
CA ARG F 1725 -27.06 89.27 -0.17
C ARG F 1725 -28.45 89.14 0.43
N SER F 1726 -28.93 90.17 1.13
CA SER F 1726 -30.25 90.09 1.74
C SER F 1726 -31.34 90.02 0.69
N ARG F 1727 -31.17 90.72 -0.43
CA ARG F 1727 -32.13 90.63 -1.51
C ARG F 1727 -32.11 89.25 -2.17
N ARG F 1728 -30.91 88.74 -2.43
CA ARG F 1728 -30.77 87.45 -3.07
C ARG F 1728 -31.35 86.34 -2.22
N SER F 1729 -31.26 86.47 -0.90
CA SER F 1729 -31.88 85.49 -0.02
C SER F 1729 -33.38 85.44 -0.25
N MET F 1730 -34.00 86.58 -0.51
CA MET F 1730 -35.44 86.68 -0.68
C MET F 1730 -35.90 86.45 -2.10
N LEU F 1731 -34.97 86.36 -3.06
CA LEU F 1731 -35.37 86.17 -4.45
C LEU F 1731 -35.95 84.79 -4.75
N SER F 1732 -35.74 83.79 -3.90
CA SER F 1732 -36.19 82.45 -4.22
C SER F 1732 -37.62 82.18 -3.80
N GLU F 1733 -38.31 83.17 -3.22
CA GLU F 1733 -39.69 83.03 -2.80
C GLU F 1733 -40.55 84.01 -3.59
N TYR F 1734 -41.81 83.63 -3.82
CA TYR F 1734 -42.73 84.44 -4.63
C TYR F 1734 -44.02 84.64 -3.86
N ILE F 1735 -44.11 85.75 -3.14
CA ILE F 1735 -45.32 86.13 -2.42
C ILE F 1735 -46.02 87.18 -3.25
N VAL F 1736 -47.14 86.81 -3.86
CA VAL F 1736 -47.79 87.62 -4.89
C VAL F 1736 -49.05 88.22 -4.29
N PRO F 1737 -49.08 89.52 -4.02
CA PRO F 1737 -50.32 90.14 -3.57
C PRO F 1737 -51.34 90.20 -4.68
N LEU F 1738 -52.61 90.06 -4.32
CA LEU F 1738 -53.70 90.02 -5.28
C LEU F 1738 -54.19 91.45 -5.56
N THR F 1739 -53.31 92.22 -6.15
CA THR F 1739 -53.55 93.60 -6.52
C THR F 1739 -53.93 93.70 -7.98
N PRO F 1740 -54.55 94.83 -8.39
CA PRO F 1740 -54.85 95.00 -9.81
C PRO F 1740 -53.64 94.91 -10.72
N GLU F 1741 -52.49 95.42 -10.27
CA GLU F 1741 -51.26 95.26 -11.04
C GLU F 1741 -50.96 93.79 -11.26
N THR F 1742 -51.16 92.97 -10.24
CA THR F 1742 -51.01 91.53 -10.39
C THR F 1742 -52.02 90.98 -11.39
N ARG F 1743 -53.24 91.51 -11.36
CA ARG F 1743 -54.26 91.02 -12.28
CA ARG F 1743 -54.26 91.01 -12.28
C ARG F 1743 -53.87 91.28 -13.72
N ALA F 1744 -53.26 92.42 -14.01
CA ALA F 1744 -52.91 92.76 -15.37
C ALA F 1744 -51.80 91.89 -15.94
N ILE F 1745 -51.13 91.07 -15.13
CA ILE F 1745 -49.97 90.34 -15.60
C ILE F 1745 -50.40 89.18 -16.48
N THR F 1746 -49.79 89.07 -17.65
CA THR F 1746 -50.01 87.97 -18.57
C THR F 1746 -48.67 87.42 -19.03
N LEU F 1747 -48.67 86.19 -19.53
CA LEU F 1747 -47.41 85.57 -19.93
C LEU F 1747 -46.78 86.29 -21.10
N PHE F 1748 -47.54 86.51 -22.17
CA PHE F 1748 -47.01 87.17 -23.34
C PHE F 1748 -47.56 88.59 -23.44
N PRO F 1749 -46.76 89.54 -23.91
CA PRO F 1749 -47.28 90.89 -24.06
C PRO F 1749 -48.41 90.93 -25.06
N PRO F 1750 -49.33 91.88 -24.93
CA PRO F 1750 -50.49 91.91 -25.84
C PRO F 1750 -50.05 92.08 -27.28
N GLY F 1751 -50.31 91.07 -28.11
CA GLY F 1751 -49.84 91.07 -29.48
C GLY F 1751 -50.80 90.31 -30.38
N ARG F 1752 -50.36 90.12 -31.64
CA ARG F 1752 -51.15 89.46 -32.65
C ARG F 1752 -50.38 88.33 -33.35
N LYS F 1753 -49.34 87.80 -32.70
CA LYS F 1753 -48.54 86.76 -33.34
C LYS F 1753 -49.32 85.46 -33.47
N GLY F 1754 -49.79 84.92 -32.36
CA GLY F 1754 -50.58 83.71 -32.39
C GLY F 1754 -51.35 83.53 -31.10
N GLY F 1755 -52.51 82.90 -31.20
CA GLY F 1755 -53.32 82.68 -30.01
C GLY F 1755 -52.67 81.74 -29.01
N ASN F 1756 -52.08 80.65 -29.49
CA ASN F 1756 -51.41 79.70 -28.61
C ASN F 1756 -50.15 80.31 -27.99
N ALA F 1757 -49.45 81.16 -28.74
CA ALA F 1757 -48.25 81.81 -28.23
C ALA F 1757 -47.96 83.02 -29.09
N ARG F 1758 -47.98 84.20 -28.48
CA ARG F 1758 -47.39 85.38 -29.08
C ARG F 1758 -45.90 85.36 -28.79
N ARG F 1759 -45.18 86.40 -29.22
CA ARG F 1759 -43.74 86.45 -29.02
C ARG F 1759 -43.39 86.68 -27.56
N HIS F 1760 -42.23 86.15 -27.17
CA HIS F 1760 -41.71 86.38 -25.82
C HIS F 1760 -41.42 87.85 -25.61
N GLY F 1761 -41.69 88.33 -24.40
CA GLY F 1761 -41.20 89.63 -24.01
C GLY F 1761 -39.74 89.59 -23.65
N LEU F 1762 -39.14 90.76 -23.51
CA LEU F 1762 -37.77 90.83 -23.06
C LEU F 1762 -37.68 90.34 -21.62
N PRO F 1763 -36.75 89.46 -21.28
CA PRO F 1763 -36.61 89.03 -19.89
C PRO F 1763 -36.22 90.20 -19.01
N GLY F 1764 -36.79 90.24 -17.82
CA GLY F 1764 -36.47 91.28 -16.87
C GLY F 1764 -37.13 92.61 -17.16
N VAL F 1765 -38.00 92.67 -18.16
CA VAL F 1765 -38.74 93.89 -18.49
C VAL F 1765 -40.21 93.60 -18.29
N GLY F 1766 -40.86 94.40 -17.45
CA GLY F 1766 -42.27 94.26 -17.23
C GLY F 1766 -42.61 94.55 -15.79
N VAL F 1767 -43.85 94.27 -15.44
CA VAL F 1767 -44.38 94.53 -14.10
C VAL F 1767 -44.24 93.26 -13.29
N THR F 1768 -43.60 93.36 -12.14
CA THR F 1768 -43.45 92.26 -11.21
C THR F 1768 -44.01 92.70 -9.86
N THR F 1769 -44.90 91.89 -9.29
CA THR F 1769 -45.59 92.27 -8.08
C THR F 1769 -45.16 91.49 -6.85
N SER F 1770 -44.19 90.58 -6.98
CA SER F 1770 -43.74 89.82 -5.82
C SER F 1770 -43.14 90.73 -4.78
N LEU F 1771 -43.37 90.39 -3.51
CA LEU F 1771 -42.91 91.24 -2.42
C LEU F 1771 -41.43 91.03 -2.15
N ARG F 1772 -40.67 92.10 -2.32
CA ARG F 1772 -39.26 92.14 -1.96
C ARG F 1772 -39.05 93.35 -1.06
N PRO F 1773 -38.37 93.19 0.08
CA PRO F 1773 -38.13 94.32 0.96
C PRO F 1773 -37.25 95.36 0.30
N PRO F 1774 -37.42 96.63 0.67
CA PRO F 1774 -36.53 97.68 0.16
C PRO F 1774 -35.18 97.64 0.85
N HIS F 1775 -34.23 98.32 0.23
CA HIS F 1775 -32.91 98.47 0.82
C HIS F 1775 -32.91 99.61 1.82
N HIS F 1776 -32.04 99.51 2.82
CA HIS F 1776 -31.89 100.56 3.82
C HIS F 1776 -30.43 100.97 3.93
N PHE F 1777 -30.18 102.26 3.74
CA PHE F 1777 -28.84 102.81 3.77
C PHE F 1777 -28.80 104.01 4.70
N SER F 1778 -27.64 104.22 5.32
CA SER F 1778 -27.42 105.38 6.16
C SER F 1778 -26.28 106.21 5.59
N PRO F 1779 -26.41 107.54 5.59
CA PRO F 1779 -25.37 108.37 5.01
C PRO F 1779 -24.10 108.31 5.84
N PRO F 1780 -22.96 108.18 5.20
CA PRO F 1780 -21.71 108.25 5.96
C PRO F 1780 -21.40 109.68 6.38
N CYS F 1781 -21.55 109.95 7.67
CA CYS F 1781 -21.21 111.23 8.25
C CYS F 1781 -20.48 110.99 9.55
N PHE F 1782 -19.33 111.65 9.72
CA PHE F 1782 -18.45 111.38 10.85
C PHE F 1782 -18.35 112.57 11.80
N VAL F 1783 -19.29 113.51 11.72
CA VAL F 1783 -19.41 114.58 12.68
C VAL F 1783 -20.69 114.49 13.49
N ALA F 1784 -21.43 113.40 13.35
CA ALA F 1784 -22.64 113.20 14.14
C ALA F 1784 -22.29 112.94 15.60
N ALA F 1785 -23.17 113.39 16.48
CA ALA F 1785 -22.96 113.19 17.91
C ALA F 1785 -22.95 111.71 18.23
N LEU F 1786 -21.99 111.29 19.04
CA LEU F 1786 -21.86 109.87 19.34
C LEU F 1786 -23.01 109.42 20.23
N PRO F 1787 -23.76 108.40 19.82
CA PRO F 1787 -25.00 108.06 20.55
C PRO F 1787 -24.71 107.64 21.98
N ALA F 1788 -25.60 108.05 22.89
CA ALA F 1788 -25.47 107.69 24.29
C ALA F 1788 -25.77 106.24 24.57
N ALA F 1789 -26.38 105.53 23.61
CA ALA F 1789 -26.66 104.11 23.80
C ALA F 1789 -25.37 103.32 23.85
N GLY F 1790 -25.32 102.35 24.77
CA GLY F 1790 -24.13 101.54 24.93
C GLY F 1790 -24.01 100.48 23.86
N VAL F 1791 -22.89 99.76 23.92
CA VAL F 1791 -22.66 98.67 22.98
C VAL F 1791 -23.67 97.55 23.25
N ALA F 1792 -23.99 96.80 22.19
CA ALA F 1792 -24.94 95.68 22.19
C ALA F 1792 -26.35 96.12 22.52
N GLU F 1793 -26.67 97.40 22.44
CA GLU F 1793 -28.02 97.89 22.66
C GLU F 1793 -28.49 98.86 21.58
N ALA F 1794 -27.57 99.57 20.93
CA ALA F 1794 -27.95 100.45 19.83
C ALA F 1794 -28.39 99.63 18.63
N PRO F 1795 -29.29 100.17 17.80
CA PRO F 1795 -29.77 99.42 16.63
C PRO F 1795 -28.63 99.16 15.65
N ALA F 1796 -28.76 98.06 14.91
CA ALA F 1796 -27.73 97.67 13.96
C ALA F 1796 -27.52 98.75 12.91
N ARG F 1797 -26.26 99.00 12.59
CA ARG F 1797 -25.92 100.00 11.60
C ARG F 1797 -26.30 99.53 10.20
N LEU F 1798 -26.78 100.45 9.38
CA LEU F 1798 -27.12 100.18 8.00
C LEU F 1798 -25.92 100.45 7.11
N SER F 1799 -25.97 99.93 5.89
CA SER F 1799 -24.86 100.10 4.98
C SER F 1799 -24.72 101.56 4.58
N PRO F 1800 -23.50 102.01 4.28
CA PRO F 1800 -23.32 103.39 3.83
C PRO F 1800 -24.05 103.61 2.52
N ALA F 1801 -24.50 104.86 2.33
CA ALA F 1801 -25.24 105.22 1.14
C ALA F 1801 -24.28 105.68 0.05
N ILE F 1802 -24.59 105.32 -1.19
CA ILE F 1802 -23.90 105.88 -2.36
C ILE F 1802 -24.99 106.14 -3.39
N PRO F 1803 -24.89 107.17 -4.21
CA PRO F 1803 -25.96 107.44 -5.18
C PRO F 1803 -26.11 106.35 -6.22
N LEU F 1804 -27.22 105.62 -6.13
CA LEU F 1804 -27.40 104.42 -6.94
C LEU F 1804 -27.75 104.74 -8.38
N GLU F 1805 -28.52 105.80 -8.61
CA GLU F 1805 -28.86 106.16 -9.98
C GLU F 1805 -27.62 106.59 -10.76
N ALA F 1806 -26.80 107.45 -10.17
CA ALA F 1806 -25.56 107.84 -10.81
C ALA F 1806 -24.62 106.65 -10.97
N LEU F 1807 -24.56 105.79 -9.96
CA LEU F 1807 -23.70 104.62 -10.05
C LEU F 1807 -24.12 103.71 -11.18
N ARG F 1808 -25.42 103.47 -11.35
CA ARG F 1808 -25.87 102.58 -12.41
C ARG F 1808 -25.68 103.21 -13.78
N ASP F 1809 -25.87 104.53 -13.91
CA ASP F 1809 -25.59 105.17 -15.18
C ASP F 1809 -24.11 105.07 -15.54
N LYS F 1810 -23.24 105.27 -14.56
CA LYS F 1810 -21.81 105.11 -14.79
C LYS F 1810 -21.48 103.68 -15.19
N ALA F 1811 -22.09 102.70 -14.52
CA ALA F 1811 -21.83 101.30 -14.84
C ALA F 1811 -22.25 100.97 -16.25
N LEU F 1812 -23.43 101.41 -16.66
CA LEU F 1812 -23.89 101.15 -18.03
C LEU F 1812 -22.96 101.81 -19.05
N ARG F 1813 -22.59 103.05 -18.81
CA ARG F 1813 -21.70 103.74 -19.74
C ARG F 1813 -20.37 103.01 -19.85
N MET F 1814 -19.82 102.57 -18.71
CA MET F 1814 -18.55 101.87 -18.73
C MET F 1814 -18.65 100.54 -19.46
N LEU F 1815 -19.75 99.82 -19.26
CA LEU F 1815 -19.90 98.54 -19.95
C LEU F 1815 -19.99 98.74 -21.46
N GLY F 1816 -20.71 99.78 -21.89
CA GLY F 1816 -20.76 100.07 -23.32
C GLY F 1816 -19.40 100.45 -23.89
N GLU F 1817 -18.66 101.26 -23.16
CA GLU F 1817 -17.31 101.62 -23.59
C GLU F 1817 -16.43 100.38 -23.70
N ALA F 1818 -16.55 99.47 -22.74
CA ALA F 1818 -15.75 98.25 -22.77
C ALA F 1818 -16.13 97.38 -23.95
N VAL F 1819 -17.42 97.27 -24.27
CA VAL F 1819 -17.84 96.46 -25.41
C VAL F 1819 -17.28 97.04 -26.70
N ARG F 1820 -17.39 98.36 -26.87
CA ARG F 1820 -16.84 98.97 -28.09
C ARG F 1820 -15.33 98.79 -28.17
N ASP F 1821 -14.64 98.95 -27.04
CA ASP F 1821 -13.20 98.78 -27.02
C ASP F 1821 -12.80 97.35 -27.39
N GLY F 1822 -13.52 96.37 -26.85
CA GLY F 1822 -13.23 94.99 -27.20
C GLY F 1822 -13.49 94.69 -28.66
N GLY F 1823 -14.54 95.29 -29.23
CA GLY F 1823 -14.75 95.17 -30.66
C GLY F 1823 -13.61 95.78 -31.46
N GLN F 1824 -13.05 96.88 -30.98
CA GLN F 1824 -11.93 97.50 -31.68
C GLN F 1824 -10.64 96.67 -31.59
N HIS F 1825 -10.55 95.76 -30.64
CA HIS F 1825 -9.39 94.88 -30.47
C HIS F 1825 -8.10 95.67 -30.28
N ALA F 1826 -8.16 96.67 -29.41
CA ALA F 1826 -6.96 97.43 -29.09
C ALA F 1826 -5.96 96.59 -28.32
N ARG F 1827 -4.69 96.95 -28.42
CA ARG F 1827 -3.63 96.17 -27.81
C ARG F 1827 -3.33 96.58 -26.37
N ASP F 1828 -4.02 97.59 -25.85
CA ASP F 1828 -3.82 98.04 -24.47
C ASP F 1828 -5.18 98.08 -23.79
N PRO F 1829 -5.74 96.93 -23.45
CA PRO F 1829 -7.02 96.92 -22.76
C PRO F 1829 -6.88 97.49 -21.36
N VAL F 1830 -7.96 98.06 -20.86
CA VAL F 1830 -7.97 98.61 -19.51
C VAL F 1830 -7.63 97.49 -18.53
N GLY F 1831 -6.79 97.81 -17.55
CA GLY F 1831 -6.38 96.85 -16.56
C GLY F 1831 -5.27 95.93 -17.00
N GLY F 1832 -4.80 96.05 -18.23
CA GLY F 1832 -3.73 95.23 -18.74
C GLY F 1832 -4.18 93.94 -19.39
N SER F 1833 -5.45 93.59 -19.31
CA SER F 1833 -5.96 92.40 -19.97
C SER F 1833 -7.46 92.54 -20.13
N VAL F 1834 -8.02 91.74 -21.04
CA VAL F 1834 -9.46 91.75 -21.28
C VAL F 1834 -10.20 91.31 -20.03
N GLU F 1835 -9.64 90.35 -19.30
CA GLU F 1835 -10.24 89.93 -18.04
C GLU F 1835 -10.36 91.09 -17.07
N PHE F 1836 -9.27 91.83 -16.87
CA PHE F 1836 -9.29 92.97 -15.98
C PHE F 1836 -10.16 94.10 -16.51
N GLN F 1837 -10.39 94.16 -17.81
CA GLN F 1837 -11.26 95.18 -18.36
C GLN F 1837 -12.74 94.86 -18.14
N PHE F 1838 -13.12 93.59 -18.26
CA PHE F 1838 -14.54 93.23 -18.24
C PHE F 1838 -15.03 92.72 -16.90
N VAL F 1839 -14.27 91.87 -16.21
CA VAL F 1839 -14.79 91.22 -15.02
C VAL F 1839 -15.27 92.20 -13.97
N PRO F 1840 -14.52 93.26 -13.60
CA PRO F 1840 -15.06 94.19 -12.60
C PRO F 1840 -16.36 94.85 -13.02
N VAL F 1841 -16.47 95.26 -14.28
CA VAL F 1841 -17.69 95.92 -14.74
C VAL F 1841 -18.87 94.97 -14.68
N LEU F 1842 -18.67 93.73 -15.11
CA LEU F 1842 -19.75 92.76 -15.08
C LEU F 1842 -20.15 92.40 -13.67
N LYS F 1843 -19.19 92.30 -12.75
CA LYS F 1843 -19.55 92.09 -11.35
C LYS F 1843 -20.42 93.22 -10.84
N LEU F 1844 -20.04 94.46 -11.14
CA LEU F 1844 -20.81 95.61 -10.69
C LEU F 1844 -22.23 95.58 -11.26
N VAL F 1845 -22.36 95.30 -12.55
CA VAL F 1845 -23.67 95.29 -13.19
C VAL F 1845 -24.53 94.16 -12.65
N SER F 1846 -23.96 92.99 -12.43
CA SER F 1846 -24.72 91.87 -11.89
C SER F 1846 -25.23 92.20 -10.49
N THR F 1847 -24.38 92.80 -9.66
CA THR F 1847 -24.82 93.18 -8.33
C THR F 1847 -25.97 94.18 -8.39
N LEU F 1848 -25.85 95.19 -9.25
CA LEU F 1848 -26.92 96.17 -9.35
C LEU F 1848 -28.20 95.56 -9.91
N LEU F 1849 -28.08 94.63 -10.85
CA LEU F 1849 -29.25 93.93 -11.37
C LEU F 1849 -29.97 93.16 -10.28
N VAL F 1850 -29.22 92.38 -9.50
CA VAL F 1850 -29.84 91.60 -8.43
C VAL F 1850 -30.49 92.52 -7.42
N MET F 1851 -29.80 93.61 -7.05
CA MET F 1851 -30.42 94.57 -6.14
C MET F 1851 -31.63 95.24 -6.75
N GLY F 1852 -31.77 95.24 -8.08
CA GLY F 1852 -32.93 95.79 -8.71
C GLY F 1852 -32.87 97.26 -9.00
N ILE F 1853 -31.67 97.84 -9.07
CA ILE F 1853 -31.54 99.26 -9.31
C ILE F 1853 -31.99 99.62 -10.72
N PHE F 1854 -31.71 98.75 -11.68
CA PHE F 1854 -31.98 99.08 -13.07
C PHE F 1854 -33.47 99.08 -13.38
N GLY F 1855 -33.87 100.01 -14.24
CA GLY F 1855 -35.22 100.04 -14.77
C GLY F 1855 -35.30 99.35 -16.12
N ASP F 1856 -36.45 99.53 -16.77
CA ASP F 1856 -36.73 98.79 -17.99
C ASP F 1856 -35.79 99.17 -19.12
N GLU F 1857 -35.53 100.47 -19.29
CA GLU F 1857 -34.65 100.90 -20.38
C GLU F 1857 -33.20 100.48 -20.12
N ASP F 1858 -32.77 100.53 -18.87
CA ASP F 1858 -31.44 100.05 -18.54
C ASP F 1858 -31.31 98.57 -18.84
N VAL F 1859 -32.35 97.79 -18.51
CA VAL F 1859 -32.33 96.38 -18.81
C VAL F 1859 -32.29 96.15 -20.32
N LYS F 1860 -33.04 96.95 -21.08
CA LYS F 1860 -33.02 96.82 -22.53
C LYS F 1860 -31.63 97.09 -23.07
N GLN F 1861 -30.94 98.10 -22.54
CA GLN F 1861 -29.59 98.40 -22.99
C GLN F 1861 -28.63 97.26 -22.66
N ILE F 1862 -28.74 96.70 -21.46
CA ILE F 1862 -27.89 95.56 -21.11
C ILE F 1862 -28.15 94.41 -22.06
N LEU F 1863 -29.41 94.17 -22.40
CA LEU F 1863 -29.75 93.08 -23.30
C LEU F 1863 -29.20 93.31 -24.70
N LYS F 1864 -29.28 94.54 -25.19
CA LYS F 1864 -28.66 94.85 -26.48
C LYS F 1864 -27.16 94.63 -26.42
N MET F 1865 -26.54 94.99 -25.31
CA MET F 1865 -25.12 94.79 -25.12
C MET F 1865 -24.77 93.31 -25.19
N ILE F 1866 -25.60 92.48 -24.55
CA ILE F 1866 -25.36 91.04 -24.56
C ILE F 1866 -25.53 90.47 -25.96
N GLU F 1867 -26.64 90.79 -26.61
CA GLU F 1867 -26.91 90.29 -27.94
C GLU F 1867 -27.85 91.25 -28.67
N PRO F 1868 -27.31 92.15 -29.51
CA PRO F 1868 -28.15 93.16 -30.14
C PRO F 1868 -29.20 92.60 -31.08
N GLU F 1869 -28.95 91.46 -31.70
CA GLU F 1869 -29.88 90.92 -32.69
C GLU F 1869 -31.05 90.17 -32.05
N VAL F 1870 -30.78 89.33 -31.06
CA VAL F 1870 -31.84 88.56 -30.44
C VAL F 1870 -32.76 89.43 -29.63
N PHE F 1871 -32.20 90.41 -28.91
CA PHE F 1871 -32.93 91.19 -27.92
C PHE F 1871 -33.33 92.56 -28.43
N THR F 1872 -33.73 92.66 -29.69
CA THR F 1872 -34.30 93.87 -30.24
C THR F 1872 -35.82 93.78 -30.18
N GLU F 1873 -36.45 94.80 -29.62
CA GLU F 1873 -37.90 94.80 -29.46
C GLU F 1873 -38.58 95.50 -30.63
N GLU F 1874 -39.80 95.08 -30.91
CA GLU F 1874 -40.58 95.66 -32.00
C GLU F 1874 -42.07 95.38 -31.82
N LEU F 1922 -18.90 98.79 -34.82
CA LEU F 1922 -19.05 97.39 -34.48
C LEU F 1922 -19.90 97.21 -33.23
N GLU F 1923 -21.18 96.90 -33.43
CA GLU F 1923 -22.12 96.73 -32.32
C GLU F 1923 -22.27 95.26 -31.94
N GLU F 1924 -21.24 94.47 -32.25
CA GLU F 1924 -21.22 93.06 -31.87
C GLU F 1924 -21.36 92.91 -30.37
N GLY F 1925 -22.26 92.02 -29.96
CA GLY F 1925 -22.57 91.86 -28.56
C GLY F 1925 -21.50 91.10 -27.82
N LEU F 1926 -21.72 90.95 -26.51
CA LEU F 1926 -20.75 90.27 -25.67
C LEU F 1926 -20.63 88.79 -25.99
N LEU F 1927 -21.72 88.16 -26.42
CA LEU F 1927 -21.69 86.72 -26.62
C LEU F 1927 -20.89 86.31 -27.85
N GLN F 1928 -20.45 87.25 -28.67
CA GLN F 1928 -19.73 86.96 -29.90
C GLN F 1928 -18.30 87.48 -29.88
N MET F 1929 -17.75 87.81 -28.73
CA MET F 1929 -16.48 88.52 -28.67
C MET F 1929 -15.30 87.61 -28.32
N LYS F 1930 -15.56 86.36 -27.96
CA LYS F 1930 -14.51 85.42 -27.54
C LYS F 1930 -13.78 85.98 -26.31
N LEU F 1931 -14.37 85.71 -25.17
CA LEU F 1931 -13.90 86.16 -23.87
C LEU F 1931 -13.19 85.03 -23.14
N PRO F 1932 -12.32 85.36 -22.20
CA PRO F 1932 -11.72 84.32 -21.35
C PRO F 1932 -12.73 83.76 -20.35
N GLU F 1933 -12.28 82.78 -19.56
CA GLU F 1933 -13.21 82.00 -18.75
C GLU F 1933 -13.79 82.79 -17.61
N SER F 1934 -13.05 83.74 -17.04
CA SER F 1934 -13.62 84.58 -15.99
C SER F 1934 -14.77 85.42 -16.52
N VAL F 1935 -14.59 86.01 -17.71
CA VAL F 1935 -15.66 86.79 -18.31
C VAL F 1935 -16.83 85.90 -18.67
N LYS F 1936 -16.55 84.67 -19.12
CA LYS F 1936 -17.63 83.74 -19.38
C LYS F 1936 -18.42 83.43 -18.11
N LEU F 1937 -17.73 83.28 -16.98
CA LEU F 1937 -18.41 83.03 -15.72
C LEU F 1937 -19.31 84.19 -15.35
N GLN F 1938 -18.83 85.41 -15.55
CA GLN F 1938 -19.68 86.57 -15.27
C GLN F 1938 -20.89 86.63 -16.20
N MET F 1939 -20.71 86.31 -17.47
CA MET F 1939 -21.84 86.24 -18.39
C MET F 1939 -22.84 85.20 -17.94
N CYS F 1940 -22.36 84.08 -17.39
CA CYS F 1940 -23.26 83.08 -16.84
C CYS F 1940 -24.06 83.64 -15.68
N ASN F 1941 -23.42 84.45 -14.84
CA ASN F 1941 -24.19 85.10 -13.77
C ASN F 1941 -25.30 85.99 -14.32
N LEU F 1942 -24.98 86.80 -15.34
CA LEU F 1942 -26.00 87.67 -15.92
C LEU F 1942 -27.15 86.85 -16.51
N LEU F 1943 -26.82 85.83 -17.30
CA LEU F 1943 -27.86 85.03 -17.91
C LEU F 1943 -28.67 84.27 -16.88
N GLU F 1944 -28.04 83.87 -15.77
CA GLU F 1944 -28.78 83.26 -14.68
C GLU F 1944 -29.79 84.23 -14.09
N TYR F 1945 -29.40 85.49 -13.94
CA TYR F 1945 -30.36 86.47 -13.45
C TYR F 1945 -31.56 86.58 -14.38
N PHE F 1946 -31.30 86.63 -15.69
CA PHE F 1946 -32.42 86.78 -16.61
C PHE F 1946 -33.31 85.53 -16.63
N CYS F 1947 -32.72 84.35 -16.49
CA CYS F 1947 -33.52 83.14 -16.36
C CYS F 1947 -34.39 83.19 -15.12
N ASP F 1948 -33.83 83.69 -14.01
CA ASP F 1948 -34.62 83.84 -12.78
C ASP F 1948 -35.79 84.77 -13.00
N GLN F 1949 -35.57 85.86 -13.74
CA GLN F 1949 -36.66 86.78 -14.02
C GLN F 1949 -37.75 86.13 -14.85
N GLU F 1950 -37.36 85.31 -15.82
CA GLU F 1950 -38.36 84.59 -16.60
C GLU F 1950 -39.18 83.65 -15.73
N LEU F 1951 -38.51 82.92 -14.83
CA LEU F 1951 -39.23 82.02 -13.94
C LEU F 1951 -40.19 82.78 -13.03
N GLN F 1952 -39.73 83.89 -12.46
CA GLN F 1952 -40.57 84.70 -11.60
C GLN F 1952 -41.78 85.23 -12.36
N HIS F 1953 -41.57 85.63 -13.61
CA HIS F 1953 -42.67 86.08 -14.44
C HIS F 1953 -43.68 84.97 -14.67
N ARG F 1954 -43.22 83.75 -14.90
CA ARG F 1954 -44.14 82.64 -15.07
C ARG F 1954 -44.96 82.41 -13.81
N VAL F 1955 -44.30 82.44 -12.65
CA VAL F 1955 -45.01 82.22 -11.40
C VAL F 1955 -46.07 83.29 -11.18
N GLU F 1956 -45.72 84.54 -11.43
CA GLU F 1956 -46.66 85.63 -11.24
C GLU F 1956 -47.81 85.57 -12.23
N SER F 1957 -47.52 85.21 -13.49
CA SER F 1957 -48.59 85.06 -14.46
C SER F 1957 -49.54 83.94 -14.08
N LEU F 1958 -48.99 82.85 -13.54
CA LEU F 1958 -49.82 81.77 -13.05
C LEU F 1958 -50.70 82.22 -11.90
N ALA F 1959 -50.14 83.00 -10.97
CA ALA F 1959 -50.93 83.51 -9.85
C ALA F 1959 -52.03 84.44 -10.32
N ALA F 1960 -51.74 85.29 -11.30
CA ALA F 1960 -52.77 86.18 -11.84
C ALA F 1960 -53.89 85.39 -12.48
N PHE F 1961 -53.54 84.38 -13.27
CA PHE F 1961 -54.59 83.55 -13.84
C PHE F 1961 -55.38 82.84 -12.76
N ALA F 1962 -54.72 82.44 -11.67
CA ALA F 1962 -55.44 81.84 -10.56
C ALA F 1962 -56.44 82.82 -9.98
N GLU F 1963 -56.05 84.09 -9.86
CA GLU F 1963 -56.96 85.10 -9.33
C GLU F 1963 -58.19 85.26 -10.22
N ARG F 1964 -58.00 85.25 -11.54
CA ARG F 1964 -59.16 85.37 -12.42
C ARG F 1964 -60.02 84.12 -12.42
N TYR F 1965 -59.39 82.96 -12.55
CA TYR F 1965 -60.13 81.72 -12.69
C TYR F 1965 -60.84 81.34 -11.40
N VAL F 1966 -60.30 81.71 -10.25
CA VAL F 1966 -60.98 81.40 -9.00
C VAL F 1966 -62.25 82.21 -8.87
N ASP F 1967 -62.21 83.48 -9.28
CA ASP F 1967 -63.44 84.27 -9.31
C ASP F 1967 -64.48 83.63 -10.21
N LYS F 1968 -64.08 83.23 -11.42
CA LYS F 1968 -65.03 82.59 -12.32
C LYS F 1968 -65.59 81.30 -11.73
N LEU F 1969 -64.72 80.47 -11.16
CA LEU F 1969 -65.15 79.20 -10.59
C LEU F 1969 -66.10 79.40 -9.42
N GLN F 1970 -65.79 80.35 -8.54
CA GLN F 1970 -66.66 80.61 -7.39
C GLN F 1970 -68.02 81.11 -7.83
N ALA F 1971 -68.05 82.03 -8.80
CA ALA F 1971 -69.34 82.49 -9.31
C ALA F 1971 -70.15 81.35 -9.89
N ASN F 1972 -69.50 80.49 -10.67
CA ASN F 1972 -70.22 79.36 -11.25
C ASN F 1972 -70.72 78.40 -10.18
N GLN F 1973 -69.90 78.12 -9.15
CA GLN F 1973 -70.31 77.18 -8.13
C GLN F 1973 -71.48 77.74 -7.34
N ARG F 1974 -71.47 79.04 -7.07
CA ARG F 1974 -72.61 79.66 -6.41
C ARG F 1974 -73.87 79.53 -7.26
N SER F 1975 -73.75 79.79 -8.57
CA SER F 1975 -74.91 79.66 -9.43
C SER F 1975 -75.40 78.22 -9.49
N ARG F 1976 -74.48 77.27 -9.59
CA ARG F 1976 -74.86 75.86 -9.66
C ARG F 1976 -75.54 75.42 -8.38
N TYR F 1977 -75.05 75.87 -7.23
CA TYR F 1977 -75.72 75.54 -5.98
C TYR F 1977 -77.10 76.18 -5.89
N ALA F 1978 -77.23 77.41 -6.39
CA ALA F 1978 -78.54 78.05 -6.44
C ALA F 1978 -79.52 77.23 -7.26
N LEU F 1979 -79.12 76.79 -8.45
CA LEU F 1979 -80.01 75.99 -9.28
C LEU F 1979 -80.15 74.56 -8.77
N LEU F 1980 -79.23 74.10 -7.92
CA LEU F 1980 -79.36 72.78 -7.33
C LEU F 1980 -80.30 72.79 -6.13
N MET F 1981 -80.50 73.95 -5.50
CA MET F 1981 -81.47 74.03 -4.42
C MET F 1981 -82.90 73.81 -4.89
N ARG F 1982 -83.16 73.82 -6.19
CA ARG F 1982 -84.47 73.52 -6.74
C ARG F 1982 -84.49 72.19 -7.48
N ALA F 1983 -83.50 71.33 -7.26
CA ALA F 1983 -83.38 70.12 -8.06
C ALA F 1983 -84.40 69.06 -7.70
N PHE F 1984 -84.98 69.12 -6.50
CA PHE F 1984 -85.88 68.05 -6.05
C PHE F 1984 -87.11 67.93 -6.94
N THR F 1985 -87.55 69.04 -7.53
CA THR F 1985 -88.77 69.01 -8.33
C THR F 1985 -88.61 68.23 -9.62
N MET F 1986 -87.37 68.00 -10.09
CA MET F 1986 -87.16 67.23 -11.31
C MET F 1986 -86.08 66.17 -11.16
N SER F 1987 -85.88 65.64 -9.96
CA SER F 1987 -84.79 64.68 -9.74
C SER F 1987 -85.22 63.68 -8.67
N ALA F 1988 -84.25 62.96 -8.13
CA ALA F 1988 -84.51 61.85 -7.21
C ALA F 1988 -83.35 61.79 -6.21
N ALA F 1989 -83.24 60.67 -5.51
CA ALA F 1989 -82.22 60.52 -4.48
C ALA F 1989 -80.81 60.56 -5.06
N GLU F 1990 -80.69 60.59 -6.38
CA GLU F 1990 -79.40 60.76 -7.04
C GLU F 1990 -78.82 62.19 -6.83
N THR F 1991 -79.64 63.10 -6.29
CA THR F 1991 -79.16 64.43 -5.93
C THR F 1991 -77.96 64.35 -4.99
N ALA F 1992 -77.83 63.26 -4.24
CA ALA F 1992 -76.68 63.09 -3.37
C ALA F 1992 -75.38 63.09 -4.17
N ARG F 1993 -75.40 62.49 -5.36
CA ARG F 1993 -74.22 62.53 -6.22
C ARG F 1993 -73.90 63.95 -6.67
N ARG F 1994 -74.92 64.70 -7.07
CA ARG F 1994 -74.70 66.07 -7.55
C ARG F 1994 -74.23 66.99 -6.43
N THR F 1995 -74.68 66.73 -5.21
CA THR F 1995 -74.34 67.56 -4.06
C THR F 1995 -73.03 67.15 -3.41
N ARG F 1996 -72.43 66.02 -3.85
CA ARG F 1996 -71.17 65.58 -3.26
C ARG F 1996 -70.10 66.66 -3.34
N GLU F 1997 -70.14 67.50 -4.37
CA GLU F 1997 -69.21 68.63 -4.45
C GLU F 1997 -69.39 69.56 -3.27
N PHE F 1998 -70.63 69.84 -2.90
CA PHE F 1998 -70.92 70.78 -1.83
C PHE F 1998 -70.82 70.17 -0.45
N ARG F 1999 -70.58 68.86 -0.35
CA ARG F 1999 -70.32 68.22 0.93
C ARG F 1999 -68.92 67.63 0.99
N SER F 2000 -67.96 68.27 0.32
CA SER F 2000 -66.59 67.80 0.30
C SER F 2000 -65.64 68.97 0.57
N PRO F 2001 -64.50 68.71 1.18
CA PRO F 2001 -63.63 69.81 1.60
C PRO F 2001 -63.18 70.63 0.41
N PRO F 2002 -62.92 71.92 0.61
CA PRO F 2002 -62.70 72.82 -0.54
C PRO F 2002 -61.58 72.41 -1.46
N GLN F 2003 -60.51 71.84 -0.91
CA GLN F 2003 -59.43 71.33 -1.75
C GLN F 2003 -59.95 70.23 -2.67
N GLU F 2004 -60.75 69.32 -2.14
CA GLU F 2004 -61.32 68.26 -2.97
C GLU F 2004 -62.30 68.82 -3.98
N GLN F 2005 -63.07 69.85 -3.59
CA GLN F 2005 -63.96 70.49 -4.55
C GLN F 2005 -63.17 71.02 -5.74
N ILE F 2006 -62.10 71.77 -5.47
CA ILE F 2006 -61.32 72.35 -6.55
C ILE F 2006 -60.58 71.27 -7.34
N ASN F 2007 -60.19 70.18 -6.68
CA ASN F 2007 -59.58 69.06 -7.41
C ASN F 2007 -60.56 68.48 -8.41
N MET F 2008 -61.79 68.22 -7.98
CA MET F 2008 -62.78 67.67 -8.89
C MET F 2008 -63.13 68.66 -9.99
N LEU F 2009 -63.13 69.95 -9.65
CA LEU F 2009 -63.41 70.97 -10.65
C LEU F 2009 -62.34 71.01 -11.73
N LEU F 2010 -61.07 70.85 -11.36
CA LEU F 2010 -59.99 70.92 -12.34
C LEU F 2010 -59.67 69.58 -12.99
N HIS F 2011 -60.48 68.56 -12.74
CA HIS F 2011 -60.21 67.22 -13.28
C HIS F 2011 -60.93 67.03 -14.61
N PHE F 2012 -60.45 67.75 -15.63
CA PHE F 2012 -61.01 67.60 -16.97
C PHE F 2012 -59.95 67.70 -18.06
N LYS F 2013 -58.74 67.22 -17.79
CA LYS F 2013 -57.68 67.39 -18.77
C LYS F 2013 -57.67 66.27 -19.81
N ASP F 2014 -57.87 65.03 -19.38
CA ASP F 2014 -57.62 63.87 -20.22
C ASP F 2014 -58.78 63.52 -21.16
N GLU F 2015 -59.89 64.26 -21.09
CA GLU F 2015 -61.09 64.09 -21.92
C GLU F 2015 -61.85 62.81 -21.58
N ALA F 2016 -61.31 61.95 -20.72
CA ALA F 2016 -62.07 60.83 -20.19
C ALA F 2016 -62.74 61.16 -18.88
N ASP F 2017 -62.55 62.36 -18.36
CA ASP F 2017 -63.13 62.79 -17.10
C ASP F 2017 -63.97 64.04 -17.30
N GLU F 2018 -64.71 64.09 -18.41
CA GLU F 2018 -65.60 65.21 -18.69
C GLU F 2018 -67.00 65.02 -18.12
N GLU F 2019 -67.26 63.90 -17.44
CA GLU F 2019 -68.57 63.68 -16.84
C GLU F 2019 -68.61 64.08 -15.37
N ASP F 2020 -67.52 63.88 -14.63
CA ASP F 2020 -67.50 64.25 -13.22
C ASP F 2020 -67.33 65.74 -13.03
N CYS F 2021 -66.58 66.40 -13.90
CA CYS F 2021 -66.38 67.83 -13.79
C CYS F 2021 -67.65 68.56 -14.22
N PRO F 2022 -68.29 69.33 -13.35
CA PRO F 2022 -69.52 70.05 -13.71
C PRO F 2022 -69.30 71.44 -14.29
N LEU F 2023 -68.08 71.79 -14.67
CA LEU F 2023 -67.82 73.10 -15.22
C LEU F 2023 -68.36 73.20 -16.64
N PRO F 2024 -68.83 74.38 -17.04
CA PRO F 2024 -69.18 74.58 -18.44
C PRO F 2024 -67.95 74.67 -19.32
N GLU F 2025 -68.18 74.42 -20.61
CA GLU F 2025 -67.08 74.36 -21.56
C GLU F 2025 -66.38 75.71 -21.68
N ASP F 2026 -67.12 76.81 -21.51
CA ASP F 2026 -66.50 78.12 -21.57
C ASP F 2026 -65.47 78.30 -20.46
N ILE F 2027 -65.80 77.85 -19.25
CA ILE F 2027 -64.85 77.93 -18.15
C ILE F 2027 -63.68 76.99 -18.39
N ARG F 2028 -63.96 75.77 -18.88
CA ARG F 2028 -62.87 74.84 -19.16
C ARG F 2028 -61.90 75.41 -20.18
N GLN F 2029 -62.42 76.14 -21.17
CA GLN F 2029 -61.58 76.59 -22.27
C GLN F 2029 -60.56 77.61 -21.82
N ASP F 2030 -60.91 78.45 -20.85
CA ASP F 2030 -59.95 79.43 -20.36
C ASP F 2030 -58.74 78.74 -19.73
N LEU F 2031 -58.98 77.72 -18.92
CA LEU F 2031 -57.87 76.97 -18.34
C LEU F 2031 -57.07 76.26 -19.41
N GLN F 2032 -57.74 75.67 -20.40
CA GLN F 2032 -57.00 74.97 -21.45
C GLN F 2032 -56.13 75.94 -22.24
N ASP F 2033 -56.65 77.12 -22.57
CA ASP F 2033 -55.86 78.10 -23.30
C ASP F 2033 -54.67 78.58 -22.47
N PHE F 2034 -54.89 78.82 -21.18
CA PHE F 2034 -53.76 79.22 -20.35
C PHE F 2034 -52.71 78.12 -20.24
N HIS F 2035 -53.13 76.86 -20.12
CA HIS F 2035 -52.17 75.79 -20.08
C HIS F 2035 -51.36 75.73 -21.36
N GLN F 2036 -52.04 75.90 -22.50
CA GLN F 2036 -51.34 75.89 -23.78
C GLN F 2036 -50.31 77.00 -23.85
N ASP F 2037 -50.71 78.22 -23.49
CA ASP F 2037 -49.77 79.32 -23.60
C ASP F 2037 -48.64 79.22 -22.58
N LEU F 2038 -48.89 78.63 -21.42
CA LEU F 2038 -47.81 78.39 -20.46
C LEU F 2038 -46.80 77.39 -21.00
N LEU F 2039 -47.27 76.28 -21.58
CA LEU F 2039 -46.36 75.33 -22.18
C LEU F 2039 -45.54 75.99 -23.30
N ALA F 2040 -46.19 76.82 -24.11
CA ALA F 2040 -45.46 77.51 -25.17
C ALA F 2040 -44.42 78.45 -24.59
N HIS F 2041 -44.78 79.20 -23.55
CA HIS F 2041 -43.83 80.09 -22.90
C HIS F 2041 -42.66 79.34 -22.31
N CYS F 2042 -42.86 78.12 -21.82
CA CYS F 2042 -41.78 77.27 -21.36
C CYS F 2042 -41.01 76.64 -22.52
N GLY F 2043 -41.45 76.89 -23.76
CA GLY F 2043 -40.79 76.33 -24.92
C GLY F 2043 -40.95 74.84 -25.10
N ILE F 2044 -42.13 74.29 -24.78
CA ILE F 2044 -42.36 72.87 -25.01
C ILE F 2044 -42.64 72.61 -26.49
N GLN F 2045 -43.75 73.15 -27.00
CA GLN F 2045 -44.16 72.85 -28.37
C GLN F 2045 -45.15 73.91 -28.81
N LEU F 2046 -45.34 74.00 -30.13
CA LEU F 2046 -46.28 74.95 -30.71
C LEU F 2046 -47.01 74.33 -31.90
N GLU F 2088 -33.00 79.07 -39.63
CA GLU F 2088 -33.42 79.30 -38.26
C GLU F 2088 -32.21 79.46 -37.33
N LYS F 2089 -31.10 79.96 -37.88
CA LYS F 2089 -29.88 80.08 -37.10
C LYS F 2089 -29.99 81.10 -35.98
N LYS F 2090 -30.81 82.13 -36.15
CA LYS F 2090 -31.04 83.07 -35.07
C LYS F 2090 -31.81 82.37 -33.96
N PRO F 2091 -31.31 82.39 -32.71
CA PRO F 2091 -32.05 81.72 -31.64
C PRO F 2091 -33.45 82.27 -31.39
N GLN F 2092 -33.64 83.58 -31.56
CA GLN F 2092 -34.92 84.28 -31.40
C GLN F 2092 -35.49 84.22 -29.99
N SER F 2093 -34.82 83.59 -29.03
CA SER F 2093 -35.35 83.55 -27.68
C SER F 2093 -34.19 83.34 -26.71
N LEU F 2094 -34.45 83.70 -25.45
CA LEU F 2094 -33.43 83.56 -24.42
C LEU F 2094 -33.03 82.10 -24.25
N GLN F 2095 -34.00 81.20 -24.29
CA GLN F 2095 -33.71 79.78 -24.10
C GLN F 2095 -32.77 79.26 -25.17
N GLU F 2096 -33.11 79.49 -26.44
CA GLU F 2096 -32.26 79.02 -27.52
C GLU F 2096 -30.90 79.70 -27.51
N LEU F 2097 -30.87 80.99 -27.20
CA LEU F 2097 -29.58 81.69 -27.13
C LEU F 2097 -28.68 81.07 -26.08
N VAL F 2098 -29.21 80.85 -24.88
CA VAL F 2098 -28.37 80.32 -23.81
C VAL F 2098 -27.92 78.90 -24.12
N SER F 2099 -28.83 78.06 -24.63
CA SER F 2099 -28.45 76.70 -24.96
C SER F 2099 -27.34 76.68 -26.01
N HIS F 2100 -27.51 77.45 -27.08
CA HIS F 2100 -26.52 77.48 -28.14
CA HIS F 2100 -26.52 77.47 -28.14
C HIS F 2100 -25.18 78.01 -27.63
N MET F 2101 -25.22 79.06 -26.82
CA MET F 2101 -23.98 79.65 -26.35
C MET F 2101 -23.22 78.69 -25.43
N VAL F 2102 -23.93 77.98 -24.54
CA VAL F 2102 -23.26 76.98 -23.71
C VAL F 2102 -22.64 75.91 -24.57
N VAL F 2103 -23.40 75.36 -25.52
CA VAL F 2103 -22.88 74.24 -26.30
C VAL F 2103 -21.70 74.69 -27.15
N ARG F 2104 -21.77 75.88 -27.72
CA ARG F 2104 -20.67 76.40 -28.51
C ARG F 2104 -19.42 76.61 -27.66
N TRP F 2105 -19.59 77.18 -26.47
CA TRP F 2105 -18.44 77.33 -25.58
C TRP F 2105 -17.83 75.98 -25.26
N ALA F 2106 -18.67 74.99 -24.97
CA ALA F 2106 -18.16 73.68 -24.58
C ALA F 2106 -17.44 73.00 -25.73
N GLN F 2107 -17.94 73.13 -26.94
CA GLN F 2107 -17.31 72.44 -28.07
C GLN F 2107 -16.27 73.27 -28.79
N GLU F 2108 -16.03 74.50 -28.35
CA GLU F 2108 -14.92 75.27 -28.90
C GLU F 2108 -13.63 75.07 -28.14
N ASP F 2109 -13.70 74.72 -26.86
CA ASP F 2109 -12.48 74.50 -26.09
C ASP F 2109 -12.80 73.64 -24.87
N TYR F 2110 -11.75 73.03 -24.33
CA TYR F 2110 -11.85 72.21 -23.13
C TYR F 2110 -11.83 73.13 -21.92
N VAL F 2111 -13.02 73.45 -21.39
CA VAL F 2111 -13.12 74.43 -20.32
C VAL F 2111 -12.39 73.91 -19.08
N GLN F 2112 -11.47 74.72 -18.58
CA GLN F 2112 -10.60 74.32 -17.49
C GLN F 2112 -11.11 74.76 -16.12
N SER F 2113 -12.15 75.59 -16.07
CA SER F 2113 -12.63 76.14 -14.81
C SER F 2113 -13.81 75.33 -14.32
N PRO F 2114 -13.68 74.59 -13.21
CA PRO F 2114 -14.83 73.83 -12.69
C PRO F 2114 -16.03 74.70 -12.37
N GLU F 2115 -15.80 75.91 -11.83
CA GLU F 2115 -16.91 76.81 -11.56
C GLU F 2115 -17.63 77.19 -12.85
N LEU F 2116 -16.87 77.49 -13.90
CA LEU F 2116 -17.49 77.83 -15.16
C LEU F 2116 -18.28 76.65 -15.71
N VAL F 2117 -17.72 75.44 -15.63
CA VAL F 2117 -18.40 74.27 -16.15
C VAL F 2117 -19.73 74.07 -15.42
N ARG F 2118 -19.69 74.13 -14.10
CA ARG F 2118 -20.92 73.93 -13.34
C ARG F 2118 -21.94 75.01 -13.66
N ALA F 2119 -21.48 76.26 -13.78
CA ALA F 2119 -22.40 77.34 -14.09
C ALA F 2119 -23.08 77.13 -15.44
N MET F 2120 -22.30 76.82 -16.47
CA MET F 2120 -22.88 76.73 -17.79
C MET F 2120 -23.81 75.53 -17.89
N PHE F 2121 -23.48 74.43 -17.24
CA PHE F 2121 -24.38 73.28 -17.36
C PHE F 2121 -25.64 73.44 -16.52
N SER F 2122 -25.56 74.09 -15.35
CA SER F 2122 -26.78 74.46 -14.65
C SER F 2122 -27.66 75.33 -15.52
N LEU F 2123 -27.06 76.33 -16.17
CA LEU F 2123 -27.80 77.20 -17.05
C LEU F 2123 -28.50 76.41 -18.15
N LEU F 2124 -27.77 75.50 -18.79
CA LEU F 2124 -28.33 74.73 -19.89
C LEU F 2124 -29.50 73.87 -19.42
N HIS F 2125 -29.35 73.21 -18.27
CA HIS F 2125 -30.44 72.39 -17.77
C HIS F 2125 -31.68 73.22 -17.50
N ARG F 2126 -31.50 74.44 -17.00
CA ARG F 2126 -32.66 75.29 -16.77
C ARG F 2126 -33.41 75.56 -18.07
N GLN F 2127 -32.68 75.82 -19.15
CA GLN F 2127 -33.33 76.09 -20.43
C GLN F 2127 -34.04 74.85 -20.96
N TYR F 2128 -33.49 73.67 -20.71
CA TYR F 2128 -34.13 72.48 -21.25
C TYR F 2128 -35.36 72.07 -20.46
N ASP F 2129 -35.39 72.29 -19.15
CA ASP F 2129 -36.54 71.90 -18.33
C ASP F 2129 -37.11 73.13 -17.62
N GLY F 2130 -37.85 73.92 -18.37
CA GLY F 2130 -38.49 75.10 -17.81
C GLY F 2130 -39.70 74.69 -17.00
N LEU F 2131 -40.44 73.70 -17.51
CA LEU F 2131 -41.62 73.24 -16.80
C LEU F 2131 -41.27 72.58 -15.48
N GLY F 2132 -40.19 71.79 -15.47
CA GLY F 2132 -39.72 71.23 -14.21
C GLY F 2132 -39.21 72.30 -13.26
N GLU F 2133 -38.52 73.31 -13.79
CA GLU F 2133 -38.09 74.41 -12.94
C GLU F 2133 -39.28 75.11 -12.30
N LEU F 2134 -40.34 75.34 -13.08
CA LEU F 2134 -41.54 75.96 -12.55
C LEU F 2134 -42.21 75.07 -11.50
N LEU F 2135 -42.26 73.77 -11.76
CA LEU F 2135 -42.87 72.84 -10.81
C LEU F 2135 -42.12 72.85 -9.49
N ARG F 2136 -40.80 72.90 -9.53
CA ARG F 2136 -40.03 72.99 -8.30
C ARG F 2136 -40.09 74.36 -7.65
N ALA F 2137 -40.36 75.42 -8.41
CA ALA F 2137 -40.52 76.74 -7.83
C ALA F 2137 -41.87 76.96 -7.16
N LEU F 2138 -42.92 76.31 -7.63
CA LEU F 2138 -44.26 76.54 -7.09
C LEU F 2138 -44.40 76.34 -5.60
N PRO F 2139 -43.76 75.34 -4.96
CA PRO F 2139 -43.92 75.21 -3.50
C PRO F 2139 -43.54 76.44 -2.72
N ARG F 2140 -42.75 77.34 -3.28
CA ARG F 2140 -42.36 78.57 -2.60
C ARG F 2140 -43.18 79.77 -3.04
N ALA F 2141 -44.26 79.56 -3.79
CA ALA F 2141 -45.15 80.64 -4.19
C ALA F 2141 -46.35 80.67 -3.28
N TYR F 2142 -46.85 81.88 -3.01
CA TYR F 2142 -47.97 82.05 -2.10
C TYR F 2142 -48.67 83.35 -2.44
N THR F 2143 -49.99 83.33 -2.48
CA THR F 2143 -50.79 84.52 -2.73
C THR F 2143 -51.37 85.03 -1.43
N ILE F 2144 -51.29 86.34 -1.23
CA ILE F 2144 -51.79 86.98 -0.02
C ILE F 2144 -52.77 88.06 -0.41
N SER F 2145 -53.63 88.41 0.53
CA SER F 2145 -54.55 89.51 0.34
C SER F 2145 -53.76 90.81 0.26
N PRO F 2146 -54.24 91.79 -0.50
CA PRO F 2146 -53.57 93.09 -0.55
C PRO F 2146 -53.54 93.80 0.78
N SER F 2147 -54.41 93.44 1.72
CA SER F 2147 -54.41 94.06 3.04
C SER F 2147 -53.32 93.50 3.94
N SER F 2148 -52.70 92.38 3.60
CA SER F 2148 -51.66 91.78 4.43
C SER F 2148 -50.26 92.13 3.94
N VAL F 2149 -50.15 93.08 3.01
CA VAL F 2149 -48.87 93.37 2.39
C VAL F 2149 -47.90 93.98 3.38
N GLU F 2150 -48.35 94.98 4.15
CA GLU F 2150 -47.43 95.66 5.05
C GLU F 2150 -46.94 94.73 6.16
N ASP F 2151 -47.83 93.88 6.68
CA ASP F 2151 -47.42 92.98 7.74
C ASP F 2151 -46.50 91.89 7.21
N THR F 2152 -46.78 91.36 6.01
CA THR F 2152 -45.85 90.43 5.40
C THR F 2152 -44.52 91.11 5.11
N MET F 2153 -44.56 92.41 4.85
CA MET F 2153 -43.34 93.17 4.61
C MET F 2153 -42.49 93.20 5.87
N SER F 2154 -43.10 93.55 7.00
CA SER F 2154 -42.37 93.61 8.25
C SER F 2154 -41.83 92.23 8.64
N LEU F 2155 -42.63 91.19 8.42
CA LEU F 2155 -42.18 89.84 8.72
C LEU F 2155 -41.00 89.46 7.84
N LEU F 2156 -41.01 89.86 6.57
CA LEU F 2156 -39.88 89.56 5.69
C LEU F 2156 -38.63 90.31 6.12
N GLU F 2157 -38.79 91.55 6.59
CA GLU F 2157 -37.63 92.28 7.09
C GLU F 2157 -37.01 91.57 8.28
N CYS F 2158 -37.84 91.12 9.22
CA CYS F 2158 -37.32 90.37 10.37
C CYS F 2158 -36.69 89.06 9.94
N LEU F 2159 -37.29 88.36 8.99
CA LEU F 2159 -36.71 87.11 8.52
C LEU F 2159 -35.38 87.34 7.83
N GLY F 2160 -35.25 88.42 7.07
CA GLY F 2160 -33.96 88.75 6.48
C GLY F 2160 -32.92 89.05 7.53
N GLN F 2161 -33.31 89.75 8.59
CA GLN F 2161 -32.38 89.96 9.70
C GLN F 2161 -31.93 88.64 10.31
N ILE F 2162 -32.84 87.70 10.49
CA ILE F 2162 -32.47 86.40 11.04
C ILE F 2162 -31.51 85.67 10.10
N ARG F 2163 -31.82 85.67 8.80
CA ARG F 2163 -30.99 84.97 7.84
C ARG F 2163 -29.60 85.57 7.76
N SER F 2164 -29.49 86.87 7.95
CA SER F 2164 -28.18 87.52 7.91
C SER F 2164 -27.29 87.09 9.06
N LEU F 2165 -27.85 86.49 10.10
CA LEU F 2165 -27.08 86.02 11.24
C LEU F 2165 -26.57 84.60 11.05
N LEU F 2166 -26.81 84.00 9.90
CA LEU F 2166 -26.32 82.66 9.64
C LEU F 2166 -24.85 82.65 9.25
N ILE F 2167 -24.25 83.82 9.01
CA ILE F 2167 -22.90 83.92 8.49
C ILE F 2167 -21.98 84.70 9.41
N VAL F 2168 -22.37 84.87 10.67
CA VAL F 2168 -21.58 85.61 11.63
C VAL F 2168 -21.46 84.80 12.90
N GLN F 2169 -20.28 84.81 13.51
CA GLN F 2169 -20.10 84.20 14.81
C GLN F 2169 -20.99 84.86 15.84
N MET F 2170 -21.59 84.03 16.68
CA MET F 2170 -22.65 84.48 17.57
C MET F 2170 -22.08 85.34 18.68
N GLY F 2171 -22.78 86.42 19.02
CA GLY F 2171 -22.33 87.34 20.03
C GLY F 2171 -23.49 87.99 20.74
N PRO F 2172 -23.20 88.94 21.64
CA PRO F 2172 -24.30 89.59 22.39
C PRO F 2172 -25.16 90.51 21.55
N GLN F 2173 -24.57 91.31 20.67
CA GLN F 2173 -25.37 92.14 19.78
C GLN F 2173 -26.23 91.27 18.87
N GLU F 2174 -25.66 90.19 18.36
CA GLU F 2174 -26.43 89.24 17.56
C GLU F 2174 -27.54 88.62 18.37
N GLU F 2175 -27.29 88.32 19.65
CA GLU F 2175 -28.34 87.79 20.52
C GLU F 2175 -29.50 88.77 20.65
N ASN F 2176 -29.19 90.04 20.89
CA ASN F 2176 -30.25 91.03 21.01
C ASN F 2176 -31.03 91.16 19.72
N LEU F 2177 -30.33 91.23 18.59
CA LEU F 2177 -31.01 91.36 17.31
C LEU F 2177 -31.90 90.16 17.03
N MET F 2178 -31.39 88.96 17.31
CA MET F 2178 -32.16 87.75 17.05
C MET F 2178 -33.39 87.68 17.95
N ILE F 2179 -33.24 88.05 19.21
CA ILE F 2179 -34.37 88.02 20.13
C ILE F 2179 -35.44 88.99 19.67
N GLN F 2180 -35.05 90.22 19.30
CA GLN F 2180 -36.08 91.17 18.90
C GLN F 2180 -36.72 90.76 17.57
N SER F 2181 -35.95 90.18 16.65
CA SER F 2181 -36.52 89.70 15.40
C SER F 2181 -37.56 88.62 15.65
N ILE F 2182 -37.22 87.64 16.49
CA ILE F 2182 -38.17 86.58 16.79
C ILE F 2182 -39.40 87.12 17.46
N GLY F 2183 -39.23 88.03 18.42
CA GLY F 2183 -40.39 88.60 19.10
C GLY F 2183 -41.29 89.35 18.15
N ASN F 2184 -40.72 90.14 17.24
CA ASN F 2184 -41.52 90.84 16.25
C ASN F 2184 -42.27 89.86 15.38
N ILE F 2185 -41.63 88.73 15.04
CA ILE F 2185 -42.31 87.73 14.22
C ILE F 2185 -43.50 87.14 14.97
N MET F 2186 -43.32 86.79 16.25
CA MET F 2186 -44.44 86.29 17.03
C MET F 2186 -45.55 87.30 17.18
N ASN F 2187 -45.25 88.59 17.29
CA ASN F 2187 -46.29 89.60 17.42
C ASN F 2187 -46.90 89.99 16.09
N ASN F 2188 -46.60 89.27 15.02
CA ASN F 2188 -47.14 89.57 13.70
C ASN F 2188 -48.31 88.65 13.41
N LYS F 2189 -49.44 89.23 13.01
CA LYS F 2189 -50.63 88.42 12.77
C LYS F 2189 -50.46 87.52 11.54
N VAL F 2190 -49.56 87.90 10.63
CA VAL F 2190 -49.30 87.07 9.45
C VAL F 2190 -48.71 85.73 9.87
N PHE F 2191 -47.86 85.73 10.90
CA PHE F 2191 -47.29 84.49 11.40
C PHE F 2191 -48.37 83.56 11.95
N TYR F 2192 -49.49 84.12 12.41
CA TYR F 2192 -50.60 83.33 12.91
C TYR F 2192 -51.48 82.83 11.79
N GLN F 2193 -51.83 83.71 10.85
CA GLN F 2193 -52.87 83.42 9.88
C GLN F 2193 -52.37 82.63 8.68
N HIS F 2194 -51.06 82.58 8.45
CA HIS F 2194 -50.50 81.93 7.26
C HIS F 2194 -49.38 80.97 7.64
N PRO F 2195 -49.70 79.95 8.43
CA PRO F 2195 -48.66 78.96 8.78
C PRO F 2195 -48.07 78.28 7.57
N ASN F 2196 -48.86 78.08 6.51
CA ASN F 2196 -48.30 77.49 5.30
C ASN F 2196 -47.23 78.39 4.70
N LEU F 2197 -47.46 79.70 4.70
CA LEU F 2197 -46.44 80.62 4.23
C LEU F 2197 -45.19 80.56 5.09
N MET F 2198 -45.37 80.59 6.41
CA MET F 2198 -44.20 80.53 7.29
C MET F 2198 -43.45 79.21 7.12
N ARG F 2199 -44.15 78.14 6.78
CA ARG F 2199 -43.46 76.89 6.50
C ARG F 2199 -42.71 76.93 5.19
N ALA F 2200 -43.31 77.57 4.18
CA ALA F 2200 -42.64 77.69 2.89
C ALA F 2200 -41.37 78.52 3.00
N LEU F 2201 -41.39 79.56 3.82
CA LEU F 2201 -40.21 80.41 3.96
C LEU F 2201 -39.07 79.73 4.70
N GLY F 2202 -39.31 78.61 5.36
CA GLY F 2202 -38.25 77.91 6.04
C GLY F 2202 -37.79 78.52 7.35
N MET F 2203 -38.68 79.26 8.02
CA MET F 2203 -38.27 79.95 9.24
C MET F 2203 -37.86 78.97 10.32
N HIS F 2204 -38.58 77.87 10.46
CA HIS F 2204 -38.20 76.90 11.48
C HIS F 2204 -36.82 76.32 11.19
N GLU F 2205 -36.51 76.05 9.91
CA GLU F 2205 -35.18 75.58 9.57
C GLU F 2205 -34.12 76.61 9.93
N THR F 2206 -34.40 77.88 9.64
CA THR F 2206 -33.42 78.94 9.94
C THR F 2206 -33.17 79.04 11.44
N VAL F 2207 -34.25 79.07 12.23
CA VAL F 2207 -34.12 79.20 13.67
C VAL F 2207 -33.41 77.98 14.25
N MET F 2208 -33.74 76.80 13.75
CA MET F 2208 -33.06 75.59 14.20
C MET F 2208 -31.58 75.65 13.90
N GLU F 2209 -31.21 76.14 12.72
CA GLU F 2209 -29.80 76.16 12.36
C GLU F 2209 -29.06 77.11 13.30
N VAL F 2210 -29.67 78.26 13.59
CA VAL F 2210 -29.08 79.18 14.56
C VAL F 2210 -28.87 78.48 15.90
N MET F 2211 -29.91 77.82 16.39
CA MET F 2211 -29.85 77.26 17.74
C MET F 2211 -28.85 76.12 17.80
N VAL F 2212 -28.77 75.31 16.74
CA VAL F 2212 -27.83 74.21 16.75
C VAL F 2212 -26.40 74.72 16.66
N ASN F 2213 -26.16 75.79 15.91
CA ASN F 2213 -24.82 76.39 15.93
C ASN F 2213 -24.44 76.82 17.33
N VAL F 2214 -25.34 77.52 18.02
CA VAL F 2214 -25.01 77.99 19.36
C VAL F 2214 -24.79 76.81 20.31
N LEU F 2215 -25.66 75.81 20.24
CA LEU F 2215 -25.55 74.66 21.14
C LEU F 2215 -24.28 73.87 20.89
N GLY F 2216 -23.89 73.70 19.63
CA GLY F 2216 -22.59 73.11 19.34
C GLY F 2216 -21.46 73.94 19.88
N GLY F 2217 -21.62 75.27 19.86
CA GLY F 2217 -20.64 76.13 20.49
C GLY F 2217 -20.60 75.90 22.00
N GLY F 2218 -19.49 75.35 22.47
CA GLY F 2218 -19.37 75.02 23.88
C GLY F 2218 -20.36 73.97 24.36
N GLU F 2219 -20.50 72.88 23.60
CA GLU F 2219 -21.59 71.93 23.81
C GLU F 2219 -21.51 71.21 25.14
N THR F 2220 -20.38 71.23 25.83
CA THR F 2220 -20.33 70.45 27.07
C THR F 2220 -19.96 71.28 28.29
N LYS F 2221 -19.02 72.23 28.17
CA LYS F 2221 -18.57 72.95 29.35
C LYS F 2221 -19.53 74.05 29.77
N GLU F 2222 -20.10 74.78 28.82
CA GLU F 2222 -20.98 75.89 29.14
C GLU F 2222 -21.78 76.27 27.90
N ILE F 2223 -23.09 76.32 28.05
CA ILE F 2223 -23.98 76.79 26.99
C ILE F 2223 -24.22 78.27 27.25
N ARG F 2224 -23.91 79.09 26.26
CA ARG F 2224 -23.96 80.54 26.44
C ARG F 2224 -25.03 81.13 25.54
N PHE F 2225 -25.36 82.39 25.83
CA PHE F 2225 -26.56 83.04 25.30
C PHE F 2225 -27.81 82.19 25.54
N PRO F 2226 -28.03 81.73 26.78
CA PRO F 2226 -29.23 80.94 27.03
C PRO F 2226 -30.51 81.72 26.79
N LYS F 2227 -30.46 83.05 26.84
CA LYS F 2227 -31.66 83.83 26.55
C LYS F 2227 -32.08 83.69 25.10
N MET F 2228 -31.15 83.81 24.16
CA MET F 2228 -31.53 83.61 22.76
C MET F 2228 -31.83 82.14 22.51
N VAL F 2229 -31.18 81.23 23.23
CA VAL F 2229 -31.52 79.81 23.07
C VAL F 2229 -32.96 79.53 23.51
N THR F 2230 -33.38 80.12 24.63
CA THR F 2230 -34.75 79.92 25.08
C THR F 2230 -35.74 80.67 24.21
N SER F 2231 -35.34 81.80 23.64
CA SER F 2231 -36.20 82.48 22.67
C SER F 2231 -36.42 81.61 21.44
N CYS F 2232 -35.35 80.99 20.93
CA CYS F 2232 -35.50 80.07 19.81
C CYS F 2232 -36.41 78.91 20.16
N CYS F 2233 -36.21 78.30 21.33
CA CYS F 2233 -37.01 77.15 21.69
C CYS F 2233 -38.48 77.53 21.87
N ARG F 2234 -38.75 78.68 22.49
CA ARG F 2234 -40.13 79.11 22.66
C ARG F 2234 -40.77 79.39 21.31
N PHE F 2235 -40.03 80.01 20.40
CA PHE F 2235 -40.54 80.24 19.06
C PHE F 2235 -40.92 78.93 18.38
N LEU F 2236 -40.03 77.94 18.44
CA LEU F 2236 -40.32 76.66 17.80
C LEU F 2236 -41.50 75.97 18.44
N CYS F 2237 -41.63 76.04 19.76
CA CYS F 2237 -42.78 75.44 20.42
C CYS F 2237 -44.08 76.08 19.95
N TYR F 2238 -44.10 77.41 19.83
CA TYR F 2238 -45.34 78.05 19.41
C TYR F 2238 -45.64 77.67 17.96
N PHE F 2239 -44.61 77.70 17.11
CA PHE F 2239 -44.75 77.28 15.72
C PHE F 2239 -45.33 75.88 15.61
N CYS F 2240 -44.89 74.97 16.49
CA CYS F 2240 -45.50 73.64 16.55
C CYS F 2240 -46.97 73.71 16.94
N ARG F 2241 -47.30 74.55 17.92
CA ARG F 2241 -48.68 74.65 18.38
C ARG F 2241 -49.61 75.27 17.35
N ILE F 2242 -49.07 75.95 16.33
CA ILE F 2242 -49.94 76.65 15.39
C ILE F 2242 -50.79 75.67 14.59
N SER F 2243 -50.16 74.66 13.99
CA SER F 2243 -50.90 73.75 13.14
C SER F 2243 -50.25 72.38 13.13
N ARG F 2244 -51.06 71.37 12.81
CA ARG F 2244 -50.56 70.00 12.78
C ARG F 2244 -49.49 69.82 11.71
N GLN F 2245 -49.61 70.54 10.60
CA GLN F 2245 -48.57 70.46 9.57
C GLN F 2245 -47.25 70.97 10.10
N ASN F 2246 -47.28 72.09 10.83
CA ASN F 2246 -46.05 72.60 11.44
C ASN F 2246 -45.51 71.63 12.46
N GLN F 2247 -46.40 71.01 13.23
CA GLN F 2247 -45.95 70.04 14.23
C GLN F 2247 -45.26 68.86 13.56
N ARG F 2248 -45.81 68.36 12.46
CA ARG F 2248 -45.16 67.28 11.73
C ARG F 2248 -43.81 67.73 11.18
N SER F 2249 -43.77 68.93 10.62
CA SER F 2249 -42.53 69.43 10.04
C SER F 2249 -41.43 69.50 11.10
N MET F 2250 -41.78 69.95 12.29
CA MET F 2250 -40.80 69.95 13.38
C MET F 2250 -40.49 68.54 13.85
N PHE F 2251 -41.46 67.63 13.78
CA PHE F 2251 -41.22 66.24 14.16
C PHE F 2251 -40.22 65.58 13.22
N ASP F 2252 -40.10 66.08 11.99
CA ASP F 2252 -39.10 65.54 11.08
C ASP F 2252 -37.68 65.71 11.60
N HIS F 2253 -37.45 66.63 12.53
CA HIS F 2253 -36.14 66.82 13.14
C HIS F 2253 -36.09 66.33 14.58
N LEU F 2254 -36.83 65.27 14.91
CA LEU F 2254 -36.93 64.84 16.30
C LEU F 2254 -35.57 64.35 16.81
N SER F 2255 -34.92 63.46 16.06
CA SER F 2255 -33.59 63.01 16.46
C SER F 2255 -32.59 64.15 16.40
N TYR F 2256 -32.81 65.09 15.49
CA TYR F 2256 -31.93 66.24 15.36
C TYR F 2256 -31.99 67.10 16.62
N LEU F 2257 -33.17 67.22 17.22
CA LEU F 2257 -33.28 67.90 18.49
C LEU F 2257 -32.70 67.06 19.62
N LEU F 2258 -32.98 65.75 19.60
CA LEU F 2258 -32.56 64.89 20.71
C LEU F 2258 -31.04 64.86 20.84
N GLU F 2259 -30.33 64.77 19.72
CA GLU F 2259 -28.88 64.74 19.77
C GLU F 2259 -28.29 66.01 20.35
N ASN F 2260 -29.02 67.12 20.29
CA ASN F 2260 -28.61 68.35 20.95
C ASN F 2260 -29.25 68.53 22.31
N SER F 2261 -30.08 67.59 22.75
CA SER F 2261 -30.82 67.74 24.00
C SER F 2261 -30.08 67.19 25.20
N GLY F 2262 -28.91 66.58 25.02
CA GLY F 2262 -28.21 65.99 26.14
C GLY F 2262 -27.73 67.02 27.15
N ILE F 2263 -27.37 68.20 26.68
CA ILE F 2263 -26.81 69.25 27.54
C ILE F 2263 -27.83 70.34 27.85
N GLY F 2264 -29.04 70.27 27.28
CA GLY F 2264 -30.03 71.30 27.54
C GLY F 2264 -30.56 71.32 28.95
N LEU F 2265 -30.22 70.31 29.77
CA LEU F 2265 -30.75 70.22 31.12
C LEU F 2265 -30.27 71.37 32.01
N GLY F 2266 -28.98 71.72 31.92
CA GLY F 2266 -28.45 72.77 32.78
C GLY F 2266 -29.17 74.09 32.57
N MET F 2267 -29.40 74.44 31.32
CA MET F 2267 -30.22 75.61 31.01
C MET F 2267 -31.67 75.33 31.42
N GLN F 2268 -32.34 76.39 31.88
CA GLN F 2268 -33.73 76.29 32.33
CA GLN F 2268 -33.73 76.29 32.33
C GLN F 2268 -34.60 77.21 31.49
N GLY F 2269 -35.87 76.81 31.33
CA GLY F 2269 -36.81 77.57 30.53
C GLY F 2269 -37.36 76.72 29.40
N SER F 2270 -37.24 77.22 28.16
CA SER F 2270 -37.60 76.45 26.99
C SER F 2270 -36.32 75.89 26.37
N THR F 2271 -36.29 74.57 26.18
CA THR F 2271 -35.11 73.85 25.77
C THR F 2271 -35.44 72.90 24.62
N PRO F 2272 -34.43 72.44 23.87
CA PRO F 2272 -34.71 71.54 22.74
C PRO F 2272 -35.49 70.31 23.11
N LEU F 2273 -35.29 69.78 24.31
CA LEU F 2273 -36.12 68.68 24.77
C LEU F 2273 -37.58 69.11 24.86
N ASP F 2274 -37.82 70.33 25.34
CA ASP F 2274 -39.19 70.85 25.39
C ASP F 2274 -39.75 71.01 23.99
N VAL F 2275 -38.92 71.42 23.04
CA VAL F 2275 -39.38 71.54 21.66
C VAL F 2275 -39.80 70.18 21.13
N ALA F 2276 -38.99 69.15 21.38
CA ALA F 2276 -39.34 67.81 20.93
C ALA F 2276 -40.65 67.35 21.56
N ALA F 2277 -40.83 67.64 22.85
CA ALA F 2277 -42.09 67.26 23.50
C ALA F 2277 -43.26 67.99 22.87
N ALA F 2278 -43.10 69.28 22.57
CA ALA F 2278 -44.16 70.04 21.92
C ALA F 2278 -44.38 69.59 20.48
N SER F 2279 -43.43 68.86 19.92
CA SER F 2279 -43.53 68.37 18.54
C SER F 2279 -44.36 67.11 18.42
N VAL F 2280 -44.80 66.50 19.53
CA VAL F 2280 -45.58 65.27 19.49
C VAL F 2280 -46.83 65.34 20.35
N ILE F 2281 -46.99 66.39 21.14
CA ILE F 2281 -48.06 66.44 22.13
C ILE F 2281 -49.42 66.40 21.43
N ASP F 2282 -50.29 65.51 21.90
CA ASP F 2282 -51.67 65.42 21.41
C ASP F 2282 -51.73 65.20 19.91
N ASN F 2283 -50.79 64.42 19.39
CA ASN F 2283 -50.76 64.07 17.97
C ASN F 2283 -50.58 62.56 17.88
N ASN F 2284 -51.69 61.85 17.68
CA ASN F 2284 -51.65 60.39 17.65
C ASN F 2284 -50.80 59.89 16.48
N GLU F 2285 -50.91 60.54 15.32
CA GLU F 2285 -50.14 60.11 14.17
C GLU F 2285 -48.64 60.22 14.43
N LEU F 2286 -48.21 61.35 15.01
CA LEU F 2286 -46.80 61.51 15.32
C LEU F 2286 -46.36 60.61 16.47
N ALA F 2287 -47.27 60.27 17.37
CA ALA F 2287 -46.94 59.32 18.42
C ALA F 2287 -46.69 57.94 17.85
N LEU F 2288 -47.56 57.50 16.93
CA LEU F 2288 -47.39 56.22 16.28
C LEU F 2288 -46.16 56.18 15.39
N ALA F 2289 -45.86 57.27 14.69
CA ALA F 2289 -44.72 57.33 13.80
C ALA F 2289 -43.42 57.55 14.56
N LEU F 2290 -43.46 57.59 15.88
CA LEU F 2290 -42.25 57.86 16.65
C LEU F 2290 -41.35 56.64 16.62
N GLN F 2291 -40.17 56.81 16.02
CA GLN F 2291 -39.29 55.68 15.78
C GLN F 2291 -38.61 55.22 17.07
N GLU F 2292 -38.19 53.95 17.08
CA GLU F 2292 -37.77 53.29 18.31
C GLU F 2292 -36.43 53.79 18.82
N GLN F 2293 -35.47 54.03 17.93
CA GLN F 2293 -34.14 54.41 18.41
C GLN F 2293 -34.17 55.77 19.10
N ASP F 2294 -35.20 56.57 18.81
CA ASP F 2294 -35.38 57.82 19.55
C ASP F 2294 -35.68 57.56 21.01
N LEU F 2295 -36.63 56.65 21.27
CA LEU F 2295 -36.89 56.25 22.64
C LEU F 2295 -35.66 55.63 23.27
N GLU F 2296 -34.89 54.89 22.47
CA GLU F 2296 -33.65 54.31 22.97
C GLU F 2296 -32.68 55.39 23.42
N LYS F 2297 -32.53 56.44 22.60
CA LYS F 2297 -31.62 57.53 22.95
C LYS F 2297 -32.09 58.25 24.22
N VAL F 2298 -33.39 58.50 24.32
CA VAL F 2298 -33.90 59.18 25.49
C VAL F 2298 -33.67 58.35 26.75
N VAL F 2299 -33.93 57.04 26.66
CA VAL F 2299 -33.73 56.18 27.82
C VAL F 2299 -32.25 56.06 28.16
N SER F 2300 -31.38 56.08 27.15
CA SER F 2300 -29.95 56.07 27.43
C SER F 2300 -29.52 57.32 28.18
N TYR F 2301 -30.04 58.48 27.76
CA TYR F 2301 -29.79 59.71 28.49
C TYR F 2301 -30.29 59.61 29.92
N LEU F 2302 -31.50 59.05 30.09
CA LEU F 2302 -32.05 58.92 31.43
C LEU F 2302 -31.19 58.02 32.30
N ALA F 2303 -30.71 56.91 31.74
CA ALA F 2303 -29.83 56.01 32.48
C ALA F 2303 -28.56 56.74 32.88
N GLY F 2304 -28.00 57.53 31.98
CA GLY F 2304 -26.83 58.31 32.34
C GLY F 2304 -27.10 59.28 33.47
N CYS F 2305 -28.28 59.92 33.45
CA CYS F 2305 -28.64 60.82 34.53
C CYS F 2305 -28.84 60.08 35.85
N GLY F 2306 -29.25 58.83 35.78
CA GLY F 2306 -29.47 58.10 37.01
C GLY F 2306 -28.23 57.57 37.68
N LEU F 2307 -27.06 57.70 37.05
CA LEU F 2307 -25.83 57.16 37.62
C LEU F 2307 -24.80 58.22 38.00
N GLN F 2308 -24.89 59.43 37.45
CA GLN F 2308 -23.90 60.46 37.69
C GLN F 2308 -24.58 61.72 38.23
N SER F 2309 -23.85 62.45 39.08
CA SER F 2309 -24.32 63.74 39.55
C SER F 2309 -24.26 64.77 38.42
N CYS F 2310 -25.03 65.83 38.58
CA CYS F 2310 -24.99 66.92 37.62
C CYS F 2310 -23.72 67.71 37.81
N PRO F 2311 -22.84 67.79 36.81
CA PRO F 2311 -21.59 68.55 37.00
C PRO F 2311 -21.81 70.02 37.28
N MET F 2312 -22.86 70.62 36.70
CA MET F 2312 -23.14 72.02 36.96
C MET F 2312 -23.50 72.25 38.43
N LEU F 2313 -24.34 71.37 39.00
CA LEU F 2313 -24.67 71.49 40.41
C LEU F 2313 -23.47 71.18 41.29
N LEU F 2314 -22.64 70.21 40.88
CA LEU F 2314 -21.43 69.93 41.63
C LEU F 2314 -20.52 71.15 41.69
N ALA F 2315 -20.44 71.89 40.60
CA ALA F 2315 -19.62 73.09 40.56
C ALA F 2315 -20.15 74.21 41.44
N LYS F 2316 -21.38 74.09 41.94
CA LYS F 2316 -21.98 75.12 42.78
C LYS F 2316 -22.01 74.74 44.25
N GLY F 2317 -21.27 73.71 44.65
CA GLY F 2317 -21.15 73.37 46.04
C GLY F 2317 -22.26 72.52 46.62
N TYR F 2318 -23.15 71.99 45.79
CA TYR F 2318 -24.17 71.09 46.29
C TYR F 2318 -23.54 69.78 46.76
N PRO F 2319 -24.16 69.10 47.71
CA PRO F 2319 -23.68 67.77 48.09
C PRO F 2319 -23.79 66.80 46.92
N ASP F 2320 -22.87 65.85 46.88
CA ASP F 2320 -22.73 64.94 45.73
C ASP F 2320 -23.54 63.67 46.00
N ILE F 2321 -24.73 63.62 45.44
CA ILE F 2321 -25.49 62.38 45.36
C ILE F 2321 -25.22 61.77 44.01
N GLY F 2322 -25.24 60.44 43.95
CA GLY F 2322 -24.76 59.76 42.76
C GLY F 2322 -25.72 59.75 41.58
N TRP F 2323 -26.55 60.78 41.44
CA TRP F 2323 -27.52 60.80 40.35
C TRP F 2323 -28.10 62.20 40.25
N ASN F 2324 -28.84 62.44 39.16
CA ASN F 2324 -29.33 63.76 38.78
C ASN F 2324 -30.83 63.72 38.56
N PRO F 2325 -31.61 63.80 39.64
CA PRO F 2325 -33.07 63.80 39.49
C PRO F 2325 -33.59 64.93 38.65
N CYS F 2326 -32.89 66.06 38.60
CA CYS F 2326 -33.37 67.19 37.81
C CYS F 2326 -33.46 66.81 36.33
N GLY F 2327 -32.37 66.27 35.77
CA GLY F 2327 -32.43 65.81 34.40
C GLY F 2327 -33.31 64.58 34.23
N GLY F 2328 -33.35 63.75 35.26
CA GLY F 2328 -34.23 62.59 35.19
C GLY F 2328 -35.67 62.98 34.94
N GLU F 2329 -36.15 63.98 35.65
CA GLU F 2329 -37.52 64.45 35.44
C GLU F 2329 -37.69 65.00 34.03
N ARG F 2330 -36.67 65.68 33.52
CA ARG F 2330 -36.78 66.28 32.19
C ARG F 2330 -36.97 65.22 31.12
N TYR F 2331 -36.25 64.10 31.24
CA TYR F 2331 -36.49 63.03 30.27
C TYR F 2331 -37.80 62.29 30.53
N LEU F 2332 -38.18 62.13 31.81
CA LEU F 2332 -39.39 61.41 32.11
C LEU F 2332 -40.62 62.11 31.56
N ASP F 2333 -40.67 63.44 31.63
CA ASP F 2333 -41.83 64.14 31.10
C ASP F 2333 -41.92 63.99 29.58
N PHE F 2334 -40.78 64.02 28.89
CA PHE F 2334 -40.79 63.73 27.46
C PHE F 2334 -41.40 62.37 27.18
N LEU F 2335 -40.89 61.34 27.84
CA LEU F 2335 -41.45 60.01 27.61
C LEU F 2335 -42.94 59.97 27.93
N ARG F 2336 -43.35 60.71 28.96
CA ARG F 2336 -44.76 60.73 29.33
C ARG F 2336 -45.62 61.31 28.22
N PHE F 2337 -45.16 62.39 27.61
CA PHE F 2337 -45.89 62.93 26.46
C PHE F 2337 -45.86 61.95 25.29
N ALA F 2338 -44.79 61.18 25.16
CA ALA F 2338 -44.70 60.23 24.06
C ALA F 2338 -45.66 59.06 24.22
N VAL F 2339 -45.84 58.55 25.43
CA VAL F 2339 -46.59 57.32 25.66
C VAL F 2339 -48.06 57.56 25.99
N PHE F 2340 -48.50 58.81 26.02
CA PHE F 2340 -49.88 59.14 26.37
C PHE F 2340 -50.34 60.29 25.50
N VAL F 2341 -51.41 60.07 24.73
CA VAL F 2341 -51.96 61.08 23.84
C VAL F 2341 -53.47 61.12 24.02
N ASN F 2342 -54.01 62.31 24.31
CA ASN F 2342 -55.44 62.55 24.30
C ASN F 2342 -56.19 61.62 25.25
N GLY F 2343 -55.59 61.33 26.40
CA GLY F 2343 -56.27 60.59 27.45
C GLY F 2343 -56.23 59.09 27.31
N GLU F 2344 -55.50 58.55 26.36
CA GLU F 2344 -55.34 57.11 26.20
C GLU F 2344 -53.87 56.76 26.07
N SER F 2345 -53.56 55.49 26.29
CA SER F 2345 -52.18 55.03 26.25
C SER F 2345 -51.85 54.44 24.88
N VAL F 2346 -50.82 54.98 24.24
CA VAL F 2346 -50.32 54.41 22.99
C VAL F 2346 -49.59 53.13 23.35
N GLU F 2347 -50.21 51.99 23.07
CA GLU F 2347 -49.65 50.72 23.52
C GLU F 2347 -48.33 50.41 22.84
N GLU F 2348 -48.19 50.74 21.56
CA GLU F 2348 -46.97 50.44 20.83
C GLU F 2348 -45.77 51.13 21.48
N ASN F 2349 -45.93 52.40 21.83
CA ASN F 2349 -44.84 53.13 22.46
C ASN F 2349 -44.68 52.73 23.92
N ALA F 2350 -45.78 52.46 24.61
CA ALA F 2350 -45.71 52.11 26.02
C ALA F 2350 -44.94 50.83 26.24
N ASN F 2351 -45.19 49.82 25.43
CA ASN F 2351 -44.46 48.56 25.57
C ASN F 2351 -42.97 48.78 25.38
N VAL F 2352 -42.61 49.53 24.34
CA VAL F 2352 -41.19 49.78 24.07
C VAL F 2352 -40.55 50.49 25.25
N VAL F 2353 -41.22 51.50 25.79
CA VAL F 2353 -40.64 52.26 26.90
C VAL F 2353 -40.46 51.38 28.12
N VAL F 2354 -41.46 50.56 28.44
CA VAL F 2354 -41.34 49.69 29.60
C VAL F 2354 -40.20 48.71 29.44
N ARG F 2355 -40.09 48.11 28.25
CA ARG F 2355 -39.01 47.14 28.02
C ARG F 2355 -37.65 47.80 28.10
N LEU F 2356 -37.50 49.00 27.52
CA LEU F 2356 -36.23 49.69 27.61
C LEU F 2356 -35.88 50.00 29.06
N LEU F 2357 -36.87 50.44 29.82
CA LEU F 2357 -36.62 50.78 31.22
C LEU F 2357 -36.17 49.56 32.01
N ILE F 2358 -36.85 48.42 31.83
CA ILE F 2358 -36.44 47.23 32.58
C ILE F 2358 -35.10 46.71 32.06
N ARG F 2359 -34.76 47.03 30.81
CA ARG F 2359 -33.45 46.63 30.30
C ARG F 2359 -32.33 47.49 30.86
N LYS F 2360 -32.63 48.71 31.30
CA LYS F 2360 -31.66 49.56 31.98
C LYS F 2360 -32.23 49.94 33.34
N PRO F 2361 -32.12 49.04 34.32
CA PRO F 2361 -32.84 49.24 35.58
C PRO F 2361 -32.40 50.46 36.36
N GLU F 2362 -31.20 50.96 36.12
CA GLU F 2362 -30.70 52.13 36.83
C GLU F 2362 -31.52 53.38 36.55
N CYS F 2363 -32.36 53.37 35.52
CA CYS F 2363 -33.21 54.51 35.21
C CYS F 2363 -34.22 54.79 36.32
N PHE F 2364 -34.47 53.82 37.18
CA PHE F 2364 -35.45 53.97 38.25
C PHE F 2364 -34.90 54.72 39.46
N GLY F 2365 -33.62 55.04 39.49
CA GLY F 2365 -33.04 55.74 40.60
C GLY F 2365 -32.54 54.81 41.68
N PRO F 2366 -31.96 55.38 42.74
CA PRO F 2366 -31.42 54.54 43.82
C PRO F 2366 -32.46 53.67 44.47
N ALA F 2367 -33.67 54.17 44.67
CA ALA F 2367 -34.73 53.28 45.08
C ALA F 2367 -35.17 52.45 43.89
N LEU F 2368 -35.88 51.36 44.19
CA LEU F 2368 -36.36 50.44 43.17
C LEU F 2368 -35.21 49.74 42.45
N ARG F 2369 -34.02 49.76 43.04
CA ARG F 2369 -32.86 49.16 42.41
CA ARG F 2369 -32.85 49.16 42.41
C ARG F 2369 -32.76 47.66 42.62
N GLY F 2370 -33.54 47.10 43.55
CA GLY F 2370 -33.47 45.67 43.78
C GLY F 2370 -32.55 45.33 44.93
N GLU F 2371 -31.36 44.85 44.63
CA GLU F 2371 -30.39 44.55 45.68
C GLU F 2371 -29.87 45.85 46.28
N GLY F 2372 -29.82 45.91 47.61
CA GLY F 2372 -29.33 47.09 48.29
C GLY F 2372 -30.14 48.35 48.06
N GLY F 2373 -31.39 48.21 47.61
CA GLY F 2373 -32.22 49.35 47.30
C GLY F 2373 -33.42 49.41 48.22
N SER F 2374 -33.64 50.59 48.80
CA SER F 2374 -34.78 50.79 49.69
C SER F 2374 -36.05 51.00 48.86
N GLY F 2375 -37.18 50.92 49.55
CA GLY F 2375 -38.47 51.03 48.90
C GLY F 2375 -38.78 52.46 48.48
N LEU F 2376 -39.87 52.58 47.72
CA LEU F 2376 -40.27 53.90 47.25
C LEU F 2376 -40.74 54.79 48.41
N LEU F 2377 -41.47 54.21 49.36
CA LEU F 2377 -41.89 54.96 50.53
C LEU F 2377 -40.69 55.41 51.36
N ALA F 2378 -39.72 54.52 51.54
CA ALA F 2378 -38.49 54.90 52.22
C ALA F 2378 -37.78 56.03 51.50
N ALA F 2379 -37.76 55.96 50.17
CA ALA F 2379 -37.11 57.02 49.39
C ALA F 2379 -37.81 58.36 49.58
N ILE F 2380 -39.14 58.37 49.56
CA ILE F 2380 -39.86 59.62 49.73
C ILE F 2380 -39.63 60.19 51.12
N GLU F 2381 -39.64 59.33 52.14
CA GLU F 2381 -39.39 59.82 53.49
C GLU F 2381 -37.97 60.38 53.63
N GLU F 2382 -37.00 59.71 53.02
CA GLU F 2382 -35.64 60.22 53.03
C GLU F 2382 -35.57 61.57 52.32
N ALA F 2383 -36.34 61.74 51.24
CA ALA F 2383 -36.36 63.02 50.55
C ALA F 2383 -36.94 64.11 51.44
N ILE F 2384 -38.00 63.78 52.19
CA ILE F 2384 -38.59 64.77 53.10
C ILE F 2384 -37.59 65.18 54.15
N ARG F 2385 -36.88 64.21 54.73
CA ARG F 2385 -35.88 64.55 55.75
C ARG F 2385 -34.74 65.36 55.14
N ILE F 2386 -34.36 65.04 53.91
CA ILE F 2386 -33.37 65.83 53.19
C ILE F 2386 -33.82 67.26 53.08
N SER F 2387 -35.10 67.46 52.73
CA SER F 2387 -35.63 68.81 52.59
C SER F 2387 -35.57 69.56 53.91
N GLU F 2388 -35.99 68.90 54.99
CA GLU F 2388 -35.98 69.57 56.29
C GLU F 2388 -34.57 69.92 56.74
N ASP F 2389 -33.59 69.08 56.44
CA ASP F 2389 -32.23 69.29 56.94
C ASP F 2389 -31.42 70.11 55.97
N PRO F 2390 -30.99 71.31 56.33
CA PRO F 2390 -30.08 72.06 55.47
C PRO F 2390 -28.69 71.46 55.49
N ALA F 2391 -27.76 72.05 54.75
CA ALA F 2391 -26.41 71.54 54.53
C ALA F 2391 -26.43 70.18 53.85
N ARG F 2392 -27.60 69.62 53.60
CA ARG F 2392 -27.77 68.40 52.86
C ARG F 2392 -28.79 68.52 51.74
N ASP F 2393 -29.54 69.62 51.70
CA ASP F 2393 -30.45 69.92 50.59
C ASP F 2393 -29.92 71.00 49.66
N GLY F 2394 -29.17 71.97 50.18
CA GLY F 2394 -28.62 73.02 49.38
C GLY F 2394 -27.12 73.05 49.50
N PRO F 2395 -26.48 73.98 48.78
CA PRO F 2395 -25.02 74.06 48.84
C PRO F 2395 -24.49 74.38 50.23
N GLY F 2396 -25.30 75.03 51.06
CA GLY F 2396 -24.88 75.38 52.40
C GLY F 2396 -23.74 76.39 52.42
N VAL F 2397 -23.83 77.42 51.57
CA VAL F 2397 -22.81 78.44 51.50
C VAL F 2397 -22.89 79.35 52.71
N PRO F 2410 -36.43 82.41 46.00
CA PRO F 2410 -35.20 81.61 46.00
C PRO F 2410 -33.94 82.47 46.04
N PRO F 2411 -32.92 82.03 46.79
CA PRO F 2411 -31.67 82.80 46.84
C PRO F 2411 -31.03 82.99 45.48
N GLU F 2412 -31.11 81.98 44.61
CA GLU F 2412 -30.60 82.06 43.25
C GLU F 2412 -31.70 82.36 42.26
N GLU F 2413 -32.92 82.61 42.75
CA GLU F 2413 -34.13 82.90 41.98
C GLU F 2413 -34.64 81.67 41.25
N ASN F 2414 -33.82 80.63 41.18
CA ASN F 2414 -34.22 79.30 40.72
C ASN F 2414 -33.57 78.25 41.60
N ARG F 2415 -33.50 78.51 42.90
CA ARG F 2415 -32.79 77.62 43.80
C ARG F 2415 -33.40 76.23 43.76
N VAL F 2416 -32.55 75.24 43.55
CA VAL F 2416 -32.99 73.86 43.38
C VAL F 2416 -32.75 73.13 44.69
N HIS F 2417 -33.79 72.46 45.18
CA HIS F 2417 -33.75 71.74 46.44
C HIS F 2417 -33.69 70.25 46.16
N LEU F 2418 -32.72 69.57 46.75
CA LEU F 2418 -32.51 68.16 46.47
C LEU F 2418 -33.72 67.33 46.89
N GLY F 2419 -34.31 67.63 48.04
CA GLY F 2419 -35.45 66.86 48.49
C GLY F 2419 -36.61 66.95 47.52
N HIS F 2420 -36.97 68.17 47.14
CA HIS F 2420 -38.07 68.33 46.20
C HIS F 2420 -37.74 67.68 44.87
N ALA F 2421 -36.48 67.81 44.43
CA ALA F 2421 -36.10 67.20 43.16
C ALA F 2421 -36.26 65.69 43.20
N ILE F 2422 -35.88 65.07 44.33
CA ILE F 2422 -35.99 63.63 44.46
C ILE F 2422 -37.45 63.20 44.41
N MET F 2423 -38.31 63.84 45.20
CA MET F 2423 -39.70 63.41 45.17
C MET F 2423 -40.34 63.70 43.82
N SER F 2424 -39.93 64.79 43.16
CA SER F 2424 -40.47 65.07 41.84
C SER F 2424 -40.05 64.01 40.84
N PHE F 2425 -38.80 63.57 40.90
CA PHE F 2425 -38.34 62.54 39.99
C PHE F 2425 -39.11 61.25 40.20
N TYR F 2426 -39.31 60.84 41.45
CA TYR F 2426 -40.04 59.60 41.68
C TYR F 2426 -41.50 59.74 41.27
N ALA F 2427 -42.11 60.90 41.53
CA ALA F 2427 -43.48 61.13 41.10
C ALA F 2427 -43.60 61.05 39.58
N ALA F 2428 -42.63 61.64 38.87
CA ALA F 2428 -42.65 61.59 37.42
C ALA F 2428 -42.48 60.15 36.92
N LEU F 2429 -41.60 59.39 37.55
CA LEU F 2429 -41.40 58.01 37.13
C LEU F 2429 -42.66 57.19 37.33
N ILE F 2430 -43.32 57.35 38.48
CA ILE F 2430 -44.54 56.61 38.75
C ILE F 2430 -45.64 57.03 37.79
N ASP F 2431 -45.73 58.32 37.48
CA ASP F 2431 -46.71 58.79 36.51
C ASP F 2431 -46.45 58.18 35.14
N LEU F 2432 -45.18 58.12 34.73
CA LEU F 2432 -44.85 57.50 33.45
C LEU F 2432 -45.27 56.04 33.42
N LEU F 2433 -44.92 55.31 34.46
CA LEU F 2433 -45.28 53.89 34.51
C LEU F 2433 -46.78 53.69 34.50
N GLY F 2434 -47.51 54.56 35.19
CA GLY F 2434 -48.95 54.48 35.17
C GLY F 2434 -49.52 54.74 33.80
N ARG F 2435 -49.00 55.75 33.09
CA ARG F 2435 -49.48 56.01 31.75
C ARG F 2435 -49.08 54.90 30.78
N CYS F 2436 -48.04 54.14 31.09
CA CYS F 2436 -47.68 53.02 30.25
C CYS F 2436 -48.57 51.81 30.46
N ALA F 2437 -49.43 51.82 31.47
CA ALA F 2437 -50.24 50.65 31.78
C ALA F 2437 -51.24 50.39 30.67
N PRO F 2438 -51.58 49.13 30.41
CA PRO F 2438 -52.54 48.83 29.35
C PRO F 2438 -53.92 49.35 29.69
N GLU F 2439 -54.69 49.62 28.65
CA GLU F 2439 -56.04 50.10 28.86
C GLU F 2439 -56.96 48.96 29.31
N MET F 2440 -58.08 49.36 29.92
CA MET F 2440 -58.95 48.39 30.56
C MET F 2440 -59.56 47.44 29.56
N HIS F 2441 -59.87 47.92 28.35
CA HIS F 2441 -60.55 47.03 27.41
C HIS F 2441 -59.56 46.02 26.83
N LEU F 2442 -58.28 46.38 26.72
CA LEU F 2442 -57.28 45.36 26.41
C LEU F 2442 -57.16 44.36 27.55
N ILE F 2443 -57.21 44.83 28.79
CA ILE F 2443 -57.13 43.90 29.92
C ILE F 2443 -58.28 42.91 29.89
N GLN F 2444 -59.50 43.40 29.63
CA GLN F 2444 -60.65 42.49 29.53
C GLN F 2444 -60.56 41.61 28.31
N ALA F 2445 -59.94 42.08 27.22
CA ALA F 2445 -59.78 41.26 26.04
C ALA F 2445 -58.85 40.07 26.28
N GLY F 2446 -58.13 40.06 27.40
CA GLY F 2446 -57.24 38.95 27.68
C GLY F 2446 -55.99 38.94 26.84
N LYS F 2447 -55.56 40.09 26.34
CA LYS F 2447 -54.38 40.13 25.49
C LYS F 2447 -53.13 39.84 26.32
N GLY F 2448 -52.33 38.88 25.85
CA GLY F 2448 -51.20 38.42 26.63
C GLY F 2448 -50.16 39.50 26.87
N GLU F 2449 -49.89 40.31 25.84
CA GLU F 2449 -48.90 41.37 26.00
C GLU F 2449 -49.34 42.38 27.04
N ALA F 2450 -50.61 42.79 27.00
CA ALA F 2450 -51.13 43.74 27.98
C ALA F 2450 -51.06 43.15 29.39
N LEU F 2451 -51.45 41.89 29.54
CA LEU F 2451 -51.38 41.25 30.85
C LEU F 2451 -49.94 41.20 31.36
N ARG F 2452 -49.00 40.88 30.47
CA ARG F 2452 -47.61 40.80 30.89
C ARG F 2452 -47.09 42.15 31.32
N ILE F 2453 -47.42 43.21 30.58
CA ILE F 2453 -46.97 44.55 30.95
C ILE F 2453 -47.56 44.96 32.29
N ARG F 2454 -48.85 44.69 32.50
CA ARG F 2454 -49.45 45.04 33.78
C ARG F 2454 -48.79 44.29 34.91
N ALA F 2455 -48.48 43.01 34.71
CA ALA F 2455 -47.79 42.24 35.74
C ALA F 2455 -46.43 42.83 36.04
N ILE F 2456 -45.70 43.26 35.01
CA ILE F 2456 -44.39 43.86 35.22
C ILE F 2456 -44.53 45.12 36.06
N LEU F 2457 -45.50 45.97 35.74
CA LEU F 2457 -45.70 47.20 36.50
C LEU F 2457 -46.04 46.89 37.95
N ARG F 2458 -46.93 45.94 38.17
CA ARG F 2458 -47.31 45.59 39.54
C ARG F 2458 -46.11 45.07 40.31
N SER F 2459 -45.24 44.32 39.64
CA SER F 2459 -44.01 43.87 40.29
C SER F 2459 -43.11 45.04 40.64
N LEU F 2460 -43.05 46.06 39.76
CA LEU F 2460 -42.18 47.19 40.04
C LEU F 2460 -42.66 48.01 41.23
N VAL F 2461 -43.93 48.39 41.27
CA VAL F 2461 -44.38 49.28 42.33
C VAL F 2461 -45.38 48.57 43.24
N PRO F 2462 -45.08 48.42 44.52
CA PRO F 2462 -45.99 47.70 45.41
C PRO F 2462 -47.11 48.59 45.96
N LEU F 2463 -48.27 47.95 46.13
CA LEU F 2463 -49.48 48.66 46.52
C LEU F 2463 -49.35 49.28 47.89
N ASP F 2464 -48.67 48.59 48.81
CA ASP F 2464 -48.49 49.15 50.14
C ASP F 2464 -47.69 50.45 50.08
N ASP F 2465 -46.65 50.49 49.24
CA ASP F 2465 -45.88 51.72 49.09
C ASP F 2465 -46.73 52.82 48.48
N LEU F 2466 -47.55 52.49 47.47
CA LEU F 2466 -48.45 53.51 46.92
C LEU F 2466 -49.35 54.10 47.99
N VAL F 2467 -50.01 53.24 48.77
CA VAL F 2467 -50.94 53.72 49.79
C VAL F 2467 -50.21 54.52 50.85
N GLY F 2468 -49.02 54.07 51.25
CA GLY F 2468 -48.27 54.81 52.25
C GLY F 2468 -47.87 56.18 51.78
N ILE F 2469 -47.41 56.29 50.55
CA ILE F 2469 -47.01 57.59 50.02
C ILE F 2469 -48.23 58.50 49.89
N ILE F 2470 -49.37 57.93 49.51
CA ILE F 2470 -50.60 58.74 49.52
C ILE F 2470 -50.92 59.22 50.92
N SER F 2471 -50.68 58.39 51.93
CA SER F 2471 -51.07 58.71 53.29
C SER F 2471 -50.07 59.59 54.02
N LEU F 2472 -48.98 60.00 53.37
CA LEU F 2472 -48.04 60.88 54.03
C LEU F 2472 -48.70 62.23 54.33
N PRO F 2473 -48.54 62.75 55.54
CA PRO F 2473 -49.14 64.04 55.86
C PRO F 2473 -48.50 65.17 55.08
N LEU F 2474 -49.32 66.18 54.79
CA LEU F 2474 -48.89 67.37 54.07
C LEU F 2474 -48.80 68.54 55.04
N GLN F 2475 -47.90 69.47 54.77
CA GLN F 2475 -47.83 70.69 55.54
C GLN F 2475 -48.95 71.63 55.10
N ILE F 2476 -49.73 72.10 56.05
CA ILE F 2476 -50.92 72.92 55.81
C ILE F 2476 -50.63 74.33 56.31
N PRO F 2477 -50.99 75.38 55.56
CA PRO F 2477 -50.72 76.74 56.03
C PRO F 2477 -51.45 77.01 57.33
N THR F 2478 -50.69 77.32 58.37
CA THR F 2478 -51.23 77.65 59.67
C THR F 2478 -51.18 79.16 59.87
N LEU F 2479 -51.57 79.58 61.07
CA LEU F 2479 -51.59 80.99 61.45
C LEU F 2479 -50.98 81.12 62.83
N GLY F 2480 -50.36 82.27 63.10
CA GLY F 2480 -49.82 82.53 64.41
C GLY F 2480 -48.72 83.55 64.35
N LYS F 2481 -48.19 83.86 65.55
CA LYS F 2481 -47.07 84.79 65.70
C LYS F 2481 -47.40 86.15 65.08
N ASP F 2482 -48.41 86.80 65.65
CA ASP F 2482 -49.02 88.09 65.30
C ASP F 2482 -49.96 87.96 64.11
N GLY F 2483 -50.15 86.77 63.56
CA GLY F 2483 -51.01 86.57 62.42
C GLY F 2483 -50.32 86.44 61.09
N ALA F 2484 -49.01 86.26 61.07
CA ALA F 2484 -48.31 86.03 59.82
C ALA F 2484 -48.64 84.64 59.30
N LEU F 2485 -48.85 84.55 57.98
CA LEU F 2485 -49.15 83.28 57.35
C LEU F 2485 -47.90 82.42 57.30
N VAL F 2486 -47.95 81.25 57.93
CA VAL F 2486 -46.85 80.29 57.89
C VAL F 2486 -47.17 79.31 56.77
N GLN F 2487 -46.68 79.60 55.58
CA GLN F 2487 -46.97 78.77 54.44
C GLN F 2487 -45.73 78.00 53.99
N PRO F 2488 -45.88 76.76 53.55
CA PRO F 2488 -44.74 76.02 53.02
C PRO F 2488 -44.27 76.60 51.71
N LYS F 2489 -42.97 76.46 51.46
CA LYS F 2489 -42.38 76.88 50.20
C LYS F 2489 -42.56 75.74 49.21
N MET F 2490 -43.46 75.93 48.23
CA MET F 2490 -43.86 74.82 47.38
C MET F 2490 -42.73 74.28 46.54
N SER F 2491 -41.65 75.01 46.39
CA SER F 2491 -40.50 74.52 45.63
C SER F 2491 -39.58 73.65 46.45
N ALA F 2492 -39.83 73.49 47.74
CA ALA F 2492 -38.93 72.74 48.60
C ALA F 2492 -39.68 71.86 49.58
N SER F 2493 -40.84 71.35 49.20
CA SER F 2493 -41.65 70.58 50.14
C SER F 2493 -42.53 69.61 49.39
N PHE F 2494 -43.07 68.64 50.14
CA PHE F 2494 -43.98 67.66 49.59
C PHE F 2494 -45.24 68.36 49.09
N VAL F 2495 -45.64 68.06 47.86
CA VAL F 2495 -46.75 68.76 47.22
C VAL F 2495 -47.75 67.72 46.73
N PRO F 2496 -49.02 68.09 46.63
CA PRO F 2496 -50.04 67.10 46.24
C PRO F 2496 -49.89 66.55 44.85
N ASP F 2497 -49.10 67.18 43.98
CA ASP F 2497 -48.85 66.59 42.67
C ASP F 2497 -48.17 65.25 42.81
N HIS F 2498 -47.26 65.13 43.78
CA HIS F 2498 -46.59 63.87 44.04
C HIS F 2498 -47.59 62.80 44.40
N LYS F 2499 -48.63 63.16 45.17
CA LYS F 2499 -49.67 62.20 45.49
C LYS F 2499 -50.53 61.89 44.27
N ALA F 2500 -50.77 62.89 43.43
CA ALA F 2500 -51.62 62.68 42.26
C ALA F 2500 -51.01 61.67 41.31
N SER F 2501 -49.69 61.70 41.17
CA SER F 2501 -49.03 60.68 40.35
C SER F 2501 -49.36 59.28 40.84
N MET F 2502 -49.24 59.04 42.14
CA MET F 2502 -49.46 57.71 42.67
C MET F 2502 -50.94 57.34 42.62
N VAL F 2503 -51.83 58.32 42.74
CA VAL F 2503 -53.24 58.03 42.56
C VAL F 2503 -53.51 57.56 41.14
N LEU F 2504 -52.88 58.21 40.15
CA LEU F 2504 -53.02 57.76 38.78
C LEU F 2504 -52.51 56.33 38.61
N PHE F 2505 -51.34 56.04 39.21
CA PHE F 2505 -50.78 54.70 39.10
C PHE F 2505 -51.71 53.67 39.73
N LEU F 2506 -52.25 53.99 40.90
CA LEU F 2506 -53.16 53.07 41.59
C LEU F 2506 -54.40 52.81 40.76
N ASP F 2507 -54.96 53.85 40.14
CA ASP F 2507 -56.11 53.66 39.29
C ASP F 2507 -55.79 52.78 38.10
N ARG F 2508 -54.74 53.13 37.36
CA ARG F 2508 -54.52 52.48 36.07
C ARG F 2508 -54.00 51.06 36.21
N VAL F 2509 -53.04 50.84 37.09
CA VAL F 2509 -52.38 49.55 37.17
C VAL F 2509 -53.09 48.61 38.13
N TYR F 2510 -53.40 49.07 39.33
CA TYR F 2510 -54.04 48.21 40.32
C TYR F 2510 -55.55 48.27 40.25
N GLY F 2511 -56.11 49.46 40.19
CA GLY F 2511 -57.55 49.62 40.20
C GLY F 2511 -58.13 49.26 41.56
N ILE F 2512 -59.29 49.83 41.85
CA ILE F 2512 -60.00 49.57 43.09
C ILE F 2512 -61.17 48.66 42.77
N GLU F 2513 -61.18 47.48 43.38
CA GLU F 2513 -62.15 46.45 43.07
C GLU F 2513 -62.91 45.94 44.27
N ASN F 2514 -62.43 46.19 45.48
CA ASN F 2514 -63.08 45.67 46.68
C ASN F 2514 -63.39 46.80 47.65
N GLN F 2515 -64.58 46.71 48.23
CA GLN F 2515 -65.10 47.76 49.09
C GLN F 2515 -64.21 47.97 50.31
N ASP F 2516 -63.71 46.88 50.89
CA ASP F 2516 -62.86 47.02 52.08
C ASP F 2516 -61.63 47.84 51.76
N PHE F 2517 -60.99 47.57 50.61
CA PHE F 2517 -59.81 48.33 50.26
C PHE F 2517 -60.14 49.77 49.93
N LEU F 2518 -61.28 50.01 49.27
CA LEU F 2518 -61.67 51.39 49.00
C LEU F 2518 -61.84 52.17 50.29
N LEU F 2519 -62.53 51.58 51.27
CA LEU F 2519 -62.69 52.25 52.56
C LEU F 2519 -61.35 52.43 53.25
N HIS F 2520 -60.46 51.44 53.13
CA HIS F 2520 -59.16 51.55 53.79
C HIS F 2520 -58.32 52.67 53.20
N VAL F 2521 -58.40 52.86 51.88
CA VAL F 2521 -57.65 53.97 51.29
C VAL F 2521 -58.32 55.29 51.62
N LEU F 2522 -59.65 55.30 51.73
CA LEU F 2522 -60.35 56.53 52.11
C LEU F 2522 -59.92 57.00 53.49
N ASP F 2523 -59.95 56.11 54.48
CA ASP F 2523 -59.78 56.60 55.83
C ASP F 2523 -58.32 56.81 56.22
N VAL F 2524 -57.37 56.55 55.33
CA VAL F 2524 -55.96 56.80 55.61
C VAL F 2524 -55.37 57.84 54.67
N GLY F 2525 -55.77 57.86 53.40
CA GLY F 2525 -55.12 58.74 52.44
C GLY F 2525 -55.94 59.87 51.88
N PHE F 2526 -57.22 59.62 51.60
CA PHE F 2526 -58.05 60.60 50.91
C PHE F 2526 -58.82 61.50 51.87
N LEU F 2527 -59.43 60.91 52.89
CA LEU F 2527 -60.25 61.68 53.82
C LEU F 2527 -59.46 62.78 54.52
N PRO F 2528 -58.24 62.55 55.04
CA PRO F 2528 -57.51 63.66 55.66
C PRO F 2528 -57.24 64.80 54.69
N ASP F 2529 -56.90 64.49 53.44
CA ASP F 2529 -56.61 65.56 52.50
C ASP F 2529 -57.87 66.32 52.12
N MET F 2530 -58.99 65.62 51.96
CA MET F 2530 -60.23 66.32 51.67
C MET F 2530 -60.65 67.21 52.82
N ARG F 2531 -60.48 66.74 54.06
CA ARG F 2531 -60.76 67.60 55.20
C ARG F 2531 -59.84 68.81 55.23
N ALA F 2532 -58.55 68.61 54.93
CA ALA F 2532 -57.61 69.71 54.92
C ALA F 2532 -58.00 70.75 53.87
N ALA F 2533 -58.36 70.29 52.68
CA ALA F 2533 -58.77 71.21 51.63
C ALA F 2533 -60.04 71.95 52.01
N ALA F 2534 -60.99 71.25 52.63
CA ALA F 2534 -62.22 71.91 53.09
C ALA F 2534 -61.91 72.97 54.13
N SER F 2535 -61.01 72.66 55.08
CA SER F 2535 -60.68 73.61 56.13
C SER F 2535 -59.92 74.81 55.59
N LEU F 2536 -59.10 74.63 54.57
CA LEU F 2536 -58.39 75.77 54.00
C LEU F 2536 -59.30 76.71 53.21
N ASP F 2537 -60.56 76.33 52.97
CA ASP F 2537 -61.49 77.18 52.25
C ASP F 2537 -62.07 78.22 53.21
N THR F 2538 -61.19 79.09 53.69
CA THR F 2538 -61.57 80.17 54.58
C THR F 2538 -61.19 81.50 53.93
N ALA F 2539 -61.45 82.59 54.64
CA ALA F 2539 -61.19 83.91 54.07
C ALA F 2539 -59.70 84.10 53.78
N THR F 2540 -58.85 83.62 54.68
CA THR F 2540 -57.42 83.86 54.55
C THR F 2540 -56.72 82.82 53.69
N PHE F 2541 -57.03 81.54 53.88
CA PHE F 2541 -56.27 80.47 53.25
C PHE F 2541 -56.78 80.10 51.86
N SER F 2542 -57.87 80.71 51.40
CA SER F 2542 -58.53 80.22 50.19
C SER F 2542 -57.61 80.29 48.98
N THR F 2543 -56.84 81.37 48.87
CA THR F 2543 -55.99 81.59 47.71
C THR F 2543 -54.55 81.14 47.91
N THR F 2544 -54.25 80.50 49.04
CA THR F 2544 -52.88 80.05 49.26
C THR F 2544 -52.48 78.97 48.25
N GLU F 2545 -51.18 78.91 47.98
CA GLU F 2545 -50.66 77.95 47.01
C GLU F 2545 -51.00 76.53 47.42
N MET F 2546 -50.86 76.22 48.71
CA MET F 2546 -51.14 74.88 49.19
C MET F 2546 -52.61 74.53 48.98
N ALA F 2547 -53.50 75.47 49.23
CA ALA F 2547 -54.93 75.21 49.04
C ALA F 2547 -55.25 75.00 47.57
N LEU F 2548 -54.66 75.80 46.68
CA LEU F 2548 -54.92 75.62 45.26
C LEU F 2548 -54.38 74.27 44.78
N ALA F 2549 -53.22 73.87 45.29
CA ALA F 2549 -52.67 72.57 44.94
C ALA F 2549 -53.59 71.44 45.42
N LEU F 2550 -54.13 71.59 46.63
CA LEU F 2550 -55.07 70.59 47.13
C LEU F 2550 -56.30 70.51 46.25
N ASN F 2551 -56.82 71.66 45.83
CA ASN F 2551 -58.00 71.66 44.99
C ASN F 2551 -57.73 70.95 43.67
N ARG F 2552 -56.59 71.24 43.04
CA ARG F 2552 -56.26 70.59 41.78
C ARG F 2552 -56.09 69.09 41.96
N TYR F 2553 -55.39 68.69 43.04
CA TYR F 2553 -55.18 67.28 43.31
C TYR F 2553 -56.50 66.55 43.54
N LEU F 2554 -57.42 67.16 44.26
CA LEU F 2554 -58.70 66.52 44.53
C LEU F 2554 -59.53 66.42 43.26
N CYS F 2555 -59.63 67.52 42.51
CA CYS F 2555 -60.51 67.56 41.36
C CYS F 2555 -59.88 66.94 40.11
N LEU F 2556 -58.65 66.47 40.19
CA LEU F 2556 -58.03 65.77 39.07
C LEU F 2556 -57.58 64.36 39.40
N ALA F 2557 -57.40 64.01 40.67
CA ALA F 2557 -56.99 62.67 41.04
C ALA F 2557 -57.99 61.95 41.93
N VAL F 2558 -58.40 62.56 43.04
CA VAL F 2558 -59.14 61.82 44.06
C VAL F 2558 -60.61 61.70 43.69
N LEU F 2559 -61.25 62.81 43.40
CA LEU F 2559 -62.70 62.81 43.18
C LEU F 2559 -63.13 61.99 41.97
N PRO F 2560 -62.48 62.09 40.80
CA PRO F 2560 -62.88 61.18 39.71
C PRO F 2560 -62.72 59.71 40.08
N LEU F 2561 -61.69 59.38 40.86
CA LEU F 2561 -61.52 58.00 41.29
C LEU F 2561 -62.67 57.56 42.18
N ILE F 2562 -63.08 58.42 43.10
CA ILE F 2562 -64.21 58.08 43.96
C ILE F 2562 -65.48 57.95 43.14
N THR F 2563 -65.67 58.82 42.15
CA THR F 2563 -66.85 58.74 41.30
C THR F 2563 -66.88 57.43 40.54
N LYS F 2564 -65.71 56.98 40.05
CA LYS F 2564 -65.65 55.65 39.44
C LYS F 2564 -65.99 54.57 40.45
N CYS F 2565 -65.45 54.67 41.66
CA CYS F 2565 -65.69 53.69 42.70
C CYS F 2565 -66.95 53.97 43.49
N ALA F 2566 -67.89 54.72 42.92
CA ALA F 2566 -69.14 54.99 43.60
C ALA F 2566 -69.96 53.75 43.92
N PRO F 2567 -70.17 52.80 43.01
CA PRO F 2567 -71.07 51.67 43.32
C PRO F 2567 -70.62 50.85 44.51
N LEU F 2568 -69.33 50.89 44.85
CA LEU F 2568 -68.83 50.11 45.97
C LEU F 2568 -69.31 50.62 47.32
N PHE F 2569 -70.08 51.70 47.33
CA PHE F 2569 -70.64 52.23 48.56
C PHE F 2569 -72.01 51.68 48.88
N ALA F 2570 -72.45 50.63 48.18
CA ALA F 2570 -73.78 50.09 48.40
C ALA F 2570 -73.90 49.50 49.80
N GLY F 2571 -72.91 48.75 50.25
CA GLY F 2571 -73.03 47.99 51.47
C GLY F 2571 -72.12 48.44 52.59
N THR F 2572 -72.11 49.74 52.88
CA THR F 2572 -71.23 50.30 53.91
C THR F 2572 -71.96 50.61 55.20
N GLU F 2573 -72.92 49.77 55.59
CA GLU F 2573 -73.61 49.97 56.86
C GLU F 2573 -72.62 49.98 58.03
N HIS F 2574 -71.51 49.26 57.90
CA HIS F 2574 -70.58 49.11 59.00
C HIS F 2574 -69.61 50.29 59.13
N ARG F 2575 -69.46 51.12 58.10
CA ARG F 2575 -68.57 52.27 58.17
C ARG F 2575 -69.35 53.55 57.94
N ALA F 2576 -70.56 53.59 58.53
CA ALA F 2576 -71.47 54.69 58.30
C ALA F 2576 -70.89 56.02 58.76
N ILE F 2577 -70.14 56.02 59.85
CA ILE F 2577 -69.55 57.26 60.34
C ILE F 2577 -68.57 57.85 59.32
N MET F 2578 -67.69 57.02 58.77
CA MET F 2578 -66.75 57.51 57.77
C MET F 2578 -67.48 57.96 56.52
N VAL F 2579 -68.48 57.19 56.08
CA VAL F 2579 -69.20 57.57 54.87
C VAL F 2579 -69.89 58.91 55.05
N ASP F 2580 -70.51 59.13 56.21
CA ASP F 2580 -71.16 60.41 56.46
C ASP F 2580 -70.15 61.55 56.52
N SER F 2581 -69.01 61.34 57.16
CA SER F 2581 -67.99 62.39 57.20
C SER F 2581 -67.49 62.71 55.80
N MET F 2582 -67.32 61.70 54.97
CA MET F 2582 -66.89 61.91 53.59
C MET F 2582 -67.93 62.68 52.79
N LEU F 2583 -69.21 62.34 52.96
CA LEU F 2583 -70.27 63.11 52.30
C LEU F 2583 -70.23 64.56 52.73
N HIS F 2584 -70.08 64.81 54.03
CA HIS F 2584 -70.05 66.19 54.49
CA HIS F 2584 -70.04 66.19 54.50
C HIS F 2584 -68.84 66.94 53.94
N THR F 2585 -67.69 66.29 53.89
CA THR F 2585 -66.49 66.96 53.39
C THR F 2585 -66.63 67.29 51.91
N VAL F 2586 -67.17 66.37 51.12
CA VAL F 2586 -67.33 66.66 49.69
C VAL F 2586 -68.37 67.75 49.48
N TYR F 2587 -69.44 67.76 50.29
CA TYR F 2587 -70.43 68.82 50.19
C TYR F 2587 -69.83 70.17 50.56
N ARG F 2588 -69.04 70.21 51.63
CA ARG F 2588 -68.44 71.46 52.06
C ARG F 2588 -67.42 71.96 51.03
N LEU F 2589 -66.71 71.04 50.38
CA LEU F 2589 -65.88 71.45 49.25
C LEU F 2589 -66.71 72.06 48.15
N SER F 2590 -67.86 71.45 47.83
CA SER F 2590 -68.72 72.00 46.79
C SER F 2590 -69.12 73.42 47.12
N ARG F 2591 -69.49 73.68 48.37
CA ARG F 2591 -69.78 75.04 48.76
C ARG F 2591 -68.52 75.82 49.09
N GLY F 2592 -67.54 75.77 48.20
CA GLY F 2592 -66.28 76.41 48.49
C GLY F 2592 -66.00 77.59 47.58
N ARG F 2593 -65.40 78.64 48.15
CA ARG F 2593 -64.99 79.76 47.33
C ARG F 2593 -63.66 79.45 46.63
N SER F 2594 -63.30 80.30 45.69
CA SER F 2594 -62.03 80.18 44.96
C SER F 2594 -61.88 78.81 44.31
N LEU F 2595 -62.93 78.31 43.70
CA LEU F 2595 -62.89 77.11 42.88
C LEU F 2595 -63.36 77.45 41.48
N THR F 2596 -62.63 76.99 40.47
CA THR F 2596 -63.10 77.19 39.11
C THR F 2596 -64.36 76.37 38.86
N LYS F 2597 -65.10 76.77 37.83
CA LYS F 2597 -66.33 76.06 37.51
C LYS F 2597 -66.04 74.61 37.14
N ALA F 2598 -64.90 74.38 36.48
CA ALA F 2598 -64.53 73.01 36.12
C ALA F 2598 -64.34 72.15 37.36
N GLN F 2599 -63.67 72.69 38.37
CA GLN F 2599 -63.50 71.95 39.62
C GLN F 2599 -64.83 71.74 40.32
N ARG F 2600 -65.67 72.77 40.33
CA ARG F 2600 -66.94 72.69 41.05
C ARG F 2600 -67.85 71.63 40.45
N ASP F 2601 -67.90 71.54 39.12
CA ASP F 2601 -68.78 70.55 38.52
C ASP F 2601 -68.29 69.14 38.80
N VAL F 2602 -66.97 68.94 38.87
CA VAL F 2602 -66.44 67.63 39.24
C VAL F 2602 -66.85 67.27 40.65
N ILE F 2603 -66.75 68.22 41.58
CA ILE F 2603 -67.17 67.95 42.96
C ILE F 2603 -68.65 67.60 43.01
N GLU F 2604 -69.47 68.35 42.30
CA GLU F 2604 -70.91 68.08 42.29
C GLU F 2604 -71.21 66.71 41.70
N ASP F 2605 -70.49 66.35 40.63
CA ASP F 2605 -70.70 65.04 40.03
C ASP F 2605 -70.33 63.93 40.99
N CYS F 2606 -69.24 64.11 41.73
CA CYS F 2606 -68.87 63.12 42.73
C CYS F 2606 -69.95 62.96 43.78
N LEU F 2607 -70.49 64.09 44.27
CA LEU F 2607 -71.51 64.00 45.29
C LEU F 2607 -72.78 63.32 44.77
N MET F 2608 -73.18 63.65 43.54
CA MET F 2608 -74.33 62.99 42.94
C MET F 2608 -74.09 61.49 42.82
N ALA F 2609 -72.92 61.10 42.34
CA ALA F 2609 -72.61 59.69 42.16
C ALA F 2609 -72.63 58.95 43.48
N LEU F 2610 -72.07 59.55 44.52
CA LEU F 2610 -72.08 58.90 45.83
C LEU F 2610 -73.51 58.73 46.33
N CYS F 2611 -74.33 59.78 46.21
CA CYS F 2611 -75.69 59.70 46.72
C CYS F 2611 -76.55 58.75 45.91
N ARG F 2612 -76.18 58.47 44.66
CA ARG F 2612 -76.99 57.54 43.87
CA ARG F 2612 -76.97 57.54 43.86
C ARG F 2612 -76.86 56.11 44.37
N TYR F 2613 -75.74 55.74 44.99
CA TYR F 2613 -75.53 54.38 45.43
C TYR F 2613 -75.53 54.20 46.94
N ILE F 2614 -75.38 55.28 47.72
CA ILE F 2614 -75.45 55.13 49.16
C ILE F 2614 -76.89 54.84 49.57
N ARG F 2615 -77.06 53.90 50.49
CA ARG F 2615 -78.38 53.58 51.01
C ARG F 2615 -78.99 54.80 51.70
N PRO F 2616 -80.31 54.94 51.63
CA PRO F 2616 -80.92 56.16 52.16
C PRO F 2616 -80.70 56.38 53.64
N SER F 2617 -80.46 55.33 54.40
CA SER F 2617 -80.36 55.49 55.85
C SER F 2617 -79.13 56.29 56.26
N MET F 2618 -78.08 56.34 55.43
CA MET F 2618 -76.93 57.17 55.75
C MET F 2618 -76.98 58.57 55.16
N LEU F 2619 -78.01 58.91 54.40
CA LEU F 2619 -78.15 60.26 53.88
C LEU F 2619 -78.90 61.17 54.84
N GLN F 2620 -79.18 60.71 56.05
CA GLN F 2620 -79.97 61.50 57.00
C GLN F 2620 -79.25 62.78 57.39
N HIS F 2621 -77.94 62.70 57.66
CA HIS F 2621 -77.23 63.87 58.12
C HIS F 2621 -77.01 64.88 56.99
N LEU F 2622 -76.71 64.38 55.79
CA LEU F 2622 -76.61 65.28 54.65
C LEU F 2622 -77.95 65.97 54.38
N LEU F 2623 -79.05 65.23 54.53
CA LEU F 2623 -80.36 65.84 54.38
C LEU F 2623 -80.62 66.87 55.46
N ARG F 2624 -80.15 66.62 56.68
CA ARG F 2624 -80.29 67.61 57.73
C ARG F 2624 -79.56 68.90 57.38
N ARG F 2625 -78.34 68.79 56.87
CA ARG F 2625 -77.62 69.98 56.48
C ARG F 2625 -78.31 70.70 55.34
N LEU F 2626 -78.85 69.94 54.38
CA LEU F 2626 -79.54 70.56 53.26
C LEU F 2626 -80.81 71.25 53.70
N VAL F 2627 -81.46 70.75 54.76
CA VAL F 2627 -82.64 71.43 55.29
C VAL F 2627 -82.31 72.85 55.71
N PHE F 2628 -81.13 73.05 56.29
CA PHE F 2628 -80.72 74.39 56.66
C PHE F 2628 -80.23 75.20 55.47
N ASP F 2629 -79.55 74.57 54.51
CA ASP F 2629 -78.90 75.31 53.44
C ASP F 2629 -79.82 75.67 52.27
N VAL F 2630 -80.64 74.73 51.80
CA VAL F 2630 -81.38 74.94 50.56
C VAL F 2630 -82.40 76.07 50.63
N PRO F 2631 -83.26 76.18 51.65
CA PRO F 2631 -84.34 77.18 51.60
C PRO F 2631 -83.87 78.61 51.37
N ILE F 2632 -82.59 78.89 51.58
CA ILE F 2632 -82.07 80.21 51.25
C ILE F 2632 -82.20 80.48 49.76
N LEU F 2633 -82.04 79.44 48.95
CA LEU F 2633 -82.22 79.50 47.50
C LEU F 2633 -81.33 80.55 46.86
N ASN F 2634 -80.10 80.63 47.33
CA ASN F 2634 -79.11 81.51 46.72
C ASN F 2634 -78.58 80.84 45.45
N GLU F 2635 -77.49 81.38 44.89
CA GLU F 2635 -76.91 80.77 43.71
C GLU F 2635 -76.28 79.42 44.00
N PHE F 2636 -76.01 79.12 45.27
CA PHE F 2636 -75.34 77.89 45.65
C PHE F 2636 -76.29 76.72 45.84
N ALA F 2637 -77.58 76.91 45.60
CA ALA F 2637 -78.58 75.88 45.85
C ALA F 2637 -78.89 75.03 44.62
N LYS F 2638 -78.23 75.28 43.49
CA LYS F 2638 -78.57 74.56 42.27
C LYS F 2638 -78.25 73.07 42.40
N MET F 2639 -77.01 72.75 42.78
CA MET F 2639 -76.63 71.36 43.01
C MET F 2639 -77.42 70.72 44.13
N PRO F 2640 -77.62 71.34 45.29
CA PRO F 2640 -78.45 70.71 46.32
C PRO F 2640 -79.86 70.43 45.86
N LEU F 2641 -80.49 71.34 45.12
CA LEU F 2641 -81.84 71.07 44.66
C LEU F 2641 -81.87 69.91 43.68
N LYS F 2642 -80.91 69.85 42.76
CA LYS F 2642 -80.89 68.72 41.83
C LYS F 2642 -80.64 67.40 42.56
N LEU F 2643 -79.74 67.43 43.55
CA LEU F 2643 -79.44 66.22 44.32
C LEU F 2643 -80.66 65.74 45.08
N LEU F 2644 -81.39 66.65 45.72
CA LEU F 2644 -82.60 66.26 46.43
C LEU F 2644 -83.64 65.70 45.47
N THR F 2645 -83.76 66.31 44.29
CA THR F 2645 -84.70 65.80 43.30
C THR F 2645 -84.39 64.36 42.95
N ASN F 2646 -83.14 64.07 42.59
CA ASN F 2646 -82.79 62.70 42.23
C ASN F 2646 -82.97 61.75 43.40
N HIS F 2647 -82.56 62.17 44.60
CA HIS F 2647 -82.62 61.28 45.75
C HIS F 2647 -84.05 60.90 46.09
N TYR F 2648 -84.96 61.88 46.09
CA TYR F 2648 -86.33 61.57 46.43
C TYR F 2648 -87.06 60.86 45.30
N GLU F 2649 -86.67 61.10 44.05
CA GLU F 2649 -87.28 60.33 42.98
C GLU F 2649 -86.87 58.87 43.05
N ARG F 2650 -85.61 58.61 43.39
CA ARG F 2650 -85.13 57.23 43.42
C ARG F 2650 -85.64 56.49 44.65
N CYS F 2651 -85.61 57.12 45.81
CA CYS F 2651 -85.90 56.47 47.08
C CYS F 2651 -87.30 56.83 47.60
N TRP F 2652 -88.26 57.00 46.71
CA TRP F 2652 -89.57 57.47 47.13
C TRP F 2652 -90.33 56.41 47.92
N LYS F 2653 -90.15 55.14 47.58
CA LYS F 2653 -90.83 54.09 48.34
C LYS F 2653 -90.39 54.09 49.79
N TYR F 2654 -89.09 54.27 50.03
CA TYR F 2654 -88.53 54.22 51.38
C TYR F 2654 -89.15 55.27 52.29
N TYR F 2655 -89.68 56.36 51.72
CA TYR F 2655 -90.36 57.36 52.52
C TYR F 2655 -91.87 57.23 52.47
N CYS F 2656 -92.43 56.65 51.41
CA CYS F 2656 -93.87 56.66 51.25
C CYS F 2656 -94.53 55.37 51.73
N LEU F 2657 -94.12 54.23 51.19
CA LEU F 2657 -94.81 52.99 51.49
C LEU F 2657 -94.62 52.61 52.95
N PRO F 2658 -95.69 52.19 53.64
CA PRO F 2658 -95.55 51.81 55.05
C PRO F 2658 -94.57 50.67 55.26
N THR F 2659 -94.56 49.69 54.36
CA THR F 2659 -93.60 48.61 54.45
C THR F 2659 -92.21 49.05 54.02
N GLY F 2660 -92.08 50.21 53.40
CA GLY F 2660 -90.78 50.70 53.00
C GLY F 2660 -90.26 49.99 51.77
N TRP F 2661 -89.06 50.41 51.37
CA TRP F 2661 -88.42 49.84 50.20
C TRP F 2661 -87.93 48.42 50.49
N ALA F 2662 -87.80 47.62 49.44
CA ALA F 2662 -87.33 46.26 49.62
C ALA F 2662 -85.91 46.26 50.15
N ASN F 2663 -85.71 45.55 51.25
CA ASN F 2663 -84.40 45.35 51.90
C ASN F 2663 -83.65 46.65 52.12
N PHE F 2664 -84.36 47.77 52.24
CA PHE F 2664 -83.74 49.05 52.56
C PHE F 2664 -84.25 49.66 53.84
N GLY F 2665 -85.30 49.12 54.44
CA GLY F 2665 -85.87 49.69 55.65
C GLY F 2665 -87.01 50.63 55.36
N VAL F 2666 -87.42 51.34 56.41
CA VAL F 2666 -88.45 52.37 56.33
C VAL F 2666 -87.92 53.60 57.04
N THR F 2667 -88.47 54.76 56.69
CA THR F 2667 -88.06 56.01 57.30
C THR F 2667 -88.26 55.98 58.81
N SER F 2668 -87.48 56.80 59.51
CA SER F 2668 -87.40 56.74 60.97
C SER F 2668 -88.14 57.88 61.65
N GLU F 2669 -89.15 58.46 61.00
CA GLU F 2669 -90.03 59.45 61.62
C GLU F 2669 -89.30 60.76 61.92
N GLU F 2670 -87.98 60.75 61.77
CA GLU F 2670 -87.23 62.00 61.76
C GLU F 2670 -86.80 62.39 60.36
N GLU F 2671 -86.56 61.40 59.49
CA GLU F 2671 -86.35 61.71 58.09
C GLU F 2671 -87.60 62.32 57.46
N LEU F 2672 -88.78 61.81 57.83
CA LEU F 2672 -90.01 62.42 57.34
C LEU F 2672 -90.16 63.84 57.85
N HIS F 2673 -89.80 64.08 59.12
CA HIS F 2673 -89.86 65.43 59.64
C HIS F 2673 -88.94 66.36 58.88
N LEU F 2674 -87.73 65.90 58.59
CA LEU F 2674 -86.79 66.70 57.82
C LEU F 2674 -87.32 66.97 56.42
N THR F 2675 -87.92 65.95 55.79
CA THR F 2675 -88.48 66.12 54.45
C THR F 2675 -89.60 67.15 54.45
N ARG F 2676 -90.49 67.08 55.45
CA ARG F 2676 -91.57 68.05 55.54
C ARG F 2676 -91.03 69.46 55.73
N LYS F 2677 -90.05 69.63 56.63
CA LYS F 2677 -89.45 70.94 56.82
C LYS F 2677 -88.83 71.46 55.55
N LEU F 2678 -88.12 70.59 54.82
CA LEU F 2678 -87.47 71.01 53.59
C LEU F 2678 -88.49 71.46 52.56
N PHE F 2679 -89.56 70.67 52.40
CA PHE F 2679 -90.60 71.02 51.44
C PHE F 2679 -91.21 72.37 51.75
N TRP F 2680 -91.60 72.57 53.00
CA TRP F 2680 -92.26 73.83 53.33
C TRP F 2680 -91.28 75.00 53.27
N GLY F 2681 -90.02 74.79 53.62
CA GLY F 2681 -89.05 75.86 53.48
C GLY F 2681 -88.85 76.28 52.04
N ILE F 2682 -88.68 75.31 51.14
CA ILE F 2682 -88.53 75.64 49.73
C ILE F 2682 -89.78 76.33 49.21
N PHE F 2683 -90.95 75.83 49.60
CA PHE F 2683 -92.20 76.41 49.13
C PHE F 2683 -92.35 77.86 49.60
N ASP F 2684 -92.10 78.12 50.87
CA ASP F 2684 -92.24 79.47 51.40
C ASP F 2684 -91.22 80.41 50.77
N SER F 2685 -89.98 79.95 50.61
CA SER F 2685 -88.97 80.80 49.98
C SER F 2685 -89.34 81.11 48.53
N LEU F 2686 -89.83 80.10 47.81
CA LEU F 2686 -90.13 80.29 46.40
C LEU F 2686 -91.38 81.13 46.20
N ALA F 2687 -92.28 81.12 47.19
CA ALA F 2687 -93.47 81.95 47.10
C ALA F 2687 -93.15 83.43 47.25
N HIS F 2688 -91.98 83.78 47.77
CA HIS F 2688 -91.58 85.16 47.92
C HIS F 2688 -90.46 85.58 46.98
N LYS F 2689 -89.66 84.64 46.49
CA LYS F 2689 -88.60 84.99 45.55
C LYS F 2689 -89.19 85.60 44.29
N LYS F 2690 -88.47 86.56 43.72
CA LYS F 2690 -88.85 87.11 42.42
C LYS F 2690 -88.72 86.04 41.36
N TYR F 2691 -89.44 86.23 40.25
CA TYR F 2691 -89.47 85.20 39.22
C TYR F 2691 -88.13 85.08 38.53
N ASP F 2692 -87.49 83.93 38.68
CA ASP F 2692 -86.27 83.59 37.96
C ASP F 2692 -86.49 82.27 37.25
N GLN F 2693 -86.38 82.28 35.93
CA GLN F 2693 -86.71 81.10 35.15
C GLN F 2693 -85.81 79.92 35.49
N GLU F 2694 -84.52 80.18 35.66
CA GLU F 2694 -83.59 79.09 35.97
C GLU F 2694 -83.93 78.48 37.33
N LEU F 2695 -84.26 79.32 38.31
CA LEU F 2695 -84.62 78.81 39.62
C LEU F 2695 -85.89 77.97 39.55
N TYR F 2696 -86.93 78.50 38.90
CA TYR F 2696 -88.21 77.81 38.86
C TYR F 2696 -88.11 76.49 38.12
N ARG F 2697 -87.49 76.50 36.94
CA ARG F 2697 -87.49 75.35 36.05
C ARG F 2697 -86.95 74.11 36.73
N MET F 2698 -85.99 74.29 37.62
CA MET F 2698 -85.37 73.19 38.34
C MET F 2698 -85.78 73.09 39.80
N ALA F 2699 -86.51 74.06 40.33
CA ALA F 2699 -86.96 73.92 41.71
C ALA F 2699 -88.34 73.27 41.77
N MET F 2700 -89.14 73.38 40.72
CA MET F 2700 -90.43 72.70 40.72
C MET F 2700 -90.28 71.18 40.77
N PRO F 2701 -89.34 70.54 40.04
CA PRO F 2701 -89.18 69.09 40.20
C PRO F 2701 -88.82 68.67 41.61
N CYS F 2702 -88.04 69.48 42.34
CA CYS F 2702 -87.71 69.12 43.71
C CYS F 2702 -88.95 69.10 44.58
N LEU F 2703 -89.82 70.11 44.43
CA LEU F 2703 -91.06 70.13 45.19
C LEU F 2703 -91.94 68.95 44.82
N CYS F 2704 -92.04 68.64 43.53
CA CYS F 2704 -92.86 67.50 43.11
C CYS F 2704 -92.32 66.20 43.69
N ALA F 2705 -91.00 66.00 43.64
CA ALA F 2705 -90.42 64.77 44.16
C ALA F 2705 -90.63 64.65 45.66
N ILE F 2706 -90.43 65.74 46.39
CA ILE F 2706 -90.60 65.68 47.84
C ILE F 2706 -92.05 65.39 48.20
N ALA F 2707 -92.99 66.06 47.53
CA ALA F 2707 -94.39 65.80 47.80
C ALA F 2707 -94.77 64.38 47.46
N GLY F 2708 -94.20 63.82 46.39
CA GLY F 2708 -94.44 62.42 46.11
C GLY F 2708 -93.87 61.48 47.13
N ALA F 2709 -92.73 61.83 47.73
CA ALA F 2709 -92.12 60.99 48.75
C ALA F 2709 -92.87 61.03 50.08
N LEU F 2710 -93.39 62.17 50.48
CA LEU F 2710 -94.06 62.26 51.77
C LEU F 2710 -95.40 61.53 51.74
N PRO F 2711 -95.66 60.66 52.70
CA PRO F 2711 -96.99 60.05 52.80
C PRO F 2711 -98.03 61.12 53.10
N PRO F 2712 -99.20 61.02 52.45
CA PRO F 2712 -100.20 62.09 52.60
C PRO F 2712 -100.70 62.26 54.01
N ASP F 2713 -100.77 61.19 54.79
CA ASP F 2713 -101.33 61.24 56.13
C ASP F 2713 -100.27 61.43 57.20
N TYR F 2714 -99.07 61.83 56.82
CA TYR F 2714 -98.01 61.98 57.80
C TYR F 2714 -98.30 63.13 58.75
N VAL F 2715 -98.13 62.87 60.03
CA VAL F 2715 -98.35 63.87 61.08
C VAL F 2715 -97.07 63.97 61.89
N ASP F 2716 -96.48 65.17 61.93
CA ASP F 2716 -95.22 65.36 62.63
C ASP F 2716 -95.44 65.41 64.13
N ALA F 2717 -94.63 64.66 64.87
CA ALA F 2717 -94.77 64.63 66.32
C ALA F 2717 -94.49 65.98 66.94
N SER F 2718 -93.45 66.67 66.47
CA SER F 2718 -93.10 68.00 66.98
C SER F 2718 -93.70 69.04 66.04
N TYR F 2719 -95.01 69.25 66.17
CA TYR F 2719 -95.74 70.20 65.34
C TYR F 2719 -95.61 71.60 65.93
N SER F 2720 -94.37 72.09 65.89
CA SER F 2720 -94.05 73.44 66.34
C SER F 2720 -92.74 73.86 65.70
N SER F 2721 -92.54 75.17 65.61
CA SER F 2721 -91.34 75.69 64.97
C SER F 2721 -90.98 77.03 65.58
N LYS F 2722 -89.69 77.39 65.46
CA LYS F 2722 -89.23 78.67 65.97
C LYS F 2722 -89.68 79.82 65.08
N ALA F 2723 -89.93 79.55 63.80
CA ALA F 2723 -90.35 80.57 62.83
C ALA F 2723 -89.36 81.72 62.74
N GLU F 2724 -88.08 81.39 62.81
CA GLU F 2724 -87.00 82.37 62.69
C GLU F 2724 -86.48 82.41 61.25
N LYS F 2725 -85.75 83.48 60.95
CA LYS F 2725 -85.13 83.67 59.63
C LYS F 2725 -86.14 83.57 58.50
N ASN F 2734 -70.11 81.63 59.79
CA ASN F 2734 -70.28 80.34 60.45
C ASN F 2734 -71.41 80.40 61.47
N PHE F 2735 -71.37 79.48 62.44
CA PHE F 2735 -72.40 79.38 63.47
C PHE F 2735 -71.85 79.97 64.77
N ASP F 2736 -72.51 81.01 65.26
CA ASP F 2736 -72.10 81.68 66.49
C ASP F 2736 -73.24 81.64 67.50
N PRO F 2737 -73.27 80.68 68.41
CA PRO F 2737 -74.34 80.62 69.41
C PRO F 2737 -74.19 81.68 70.48
N ARG F 2738 -75.12 82.63 70.53
CA ARG F 2738 -75.03 83.73 71.48
C ARG F 2738 -75.41 83.26 72.88
N PRO F 2739 -74.55 83.43 73.88
CA PRO F 2739 -74.94 83.10 75.25
C PRO F 2739 -75.89 84.13 75.83
N VAL F 2740 -76.43 83.86 77.02
CA VAL F 2740 -77.41 84.73 77.67
C VAL F 2740 -76.68 85.56 78.72
N GLU F 2741 -76.90 86.87 78.68
CA GLU F 2741 -76.24 87.79 79.62
C GLU F 2741 -77.06 87.86 80.90
N THR F 2742 -76.46 87.46 82.02
CA THR F 2742 -77.09 87.56 83.32
C THR F 2742 -76.19 88.10 84.42
N LEU F 2743 -74.87 88.19 84.18
CA LEU F 2743 -73.99 88.79 85.17
C LEU F 2743 -74.27 90.27 85.35
N ASN F 2744 -74.70 90.95 84.28
CA ASN F 2744 -74.98 92.38 84.36
C ASN F 2744 -76.15 92.66 85.30
N VAL F 2745 -77.19 91.83 85.23
CA VAL F 2745 -78.36 92.01 86.09
C VAL F 2745 -78.10 91.36 87.44
N ILE F 2746 -78.59 92.00 88.50
CA ILE F 2746 -78.42 91.47 89.85
C ILE F 2746 -79.36 90.28 90.06
N ILE F 2747 -78.81 89.18 90.55
CA ILE F 2747 -79.59 87.99 90.83
C ILE F 2747 -80.30 88.17 92.17
N PRO F 2748 -81.58 87.83 92.29
CA PRO F 2748 -82.21 87.81 93.61
C PRO F 2748 -81.68 86.66 94.44
N GLU F 2749 -81.56 86.90 95.75
CA GLU F 2749 -81.08 85.91 96.70
C GLU F 2749 -82.13 85.52 97.72
N LYS F 2750 -83.41 85.71 97.38
CA LYS F 2750 -84.48 85.33 98.29
C LYS F 2750 -84.66 83.81 98.38
N LEU F 2751 -84.01 83.06 97.50
CA LEU F 2751 -84.09 81.60 97.49
C LEU F 2751 -82.72 80.95 97.70
N ASP F 2752 -81.83 81.62 98.44
CA ASP F 2752 -80.51 81.08 98.70
C ASP F 2752 -80.55 79.73 99.41
N SER F 2753 -81.58 79.51 100.23
CA SER F 2753 -81.73 78.22 100.90
C SER F 2753 -81.92 77.09 99.89
N PHE F 2754 -82.37 77.42 98.68
CA PHE F 2754 -82.32 76.46 97.57
C PHE F 2754 -81.03 76.56 96.78
N ILE F 2755 -80.54 77.77 96.54
CA ILE F 2755 -79.36 77.94 95.69
C ILE F 2755 -78.18 77.13 96.23
N ASN F 2756 -77.76 77.45 97.46
CA ASN F 2756 -76.60 76.77 98.04
C ASN F 2756 -76.89 75.29 98.29
N LYS F 2757 -78.11 74.97 98.73
CA LYS F 2757 -78.48 73.58 98.99
C LYS F 2757 -78.30 72.72 97.75
N PHE F 2758 -78.88 73.16 96.62
CA PHE F 2758 -78.71 72.40 95.38
C PHE F 2758 -77.29 72.47 94.84
N ALA F 2759 -76.59 73.59 95.06
CA ALA F 2759 -75.21 73.68 94.58
C ALA F 2759 -74.33 72.62 95.23
N GLU F 2760 -74.50 72.40 96.53
CA GLU F 2760 -73.80 71.32 97.20
C GLU F 2760 -74.43 69.95 96.94
N TYR F 2761 -75.73 69.89 96.68
CA TYR F 2761 -76.37 68.60 96.41
C TYR F 2761 -75.97 68.03 95.06
N THR F 2762 -75.54 68.86 94.12
CA THR F 2762 -74.98 68.32 92.88
C THR F 2762 -73.74 67.47 93.16
N HIS F 2763 -72.81 67.99 93.95
CA HIS F 2763 -71.64 67.21 94.32
C HIS F 2763 -72.01 66.05 95.25
N GLU F 2764 -73.04 66.23 96.07
CA GLU F 2764 -73.51 65.12 96.90
C GLU F 2764 -74.05 63.98 96.04
N LYS F 2765 -74.76 64.31 94.95
CA LYS F 2765 -75.24 63.30 94.03
C LYS F 2765 -74.10 62.67 93.24
N TRP F 2766 -73.06 63.45 92.96
CA TRP F 2766 -71.84 62.85 92.42
C TRP F 2766 -71.23 61.84 93.38
N ALA F 2767 -71.31 62.12 94.69
CA ALA F 2767 -70.85 61.16 95.68
C ALA F 2767 -71.63 59.85 95.60
N PHE F 2768 -72.95 59.94 95.40
CA PHE F 2768 -73.76 58.73 95.19
C PHE F 2768 -73.37 58.03 93.89
N ASP F 2769 -73.10 58.80 92.83
CA ASP F 2769 -72.64 58.19 91.59
C ASP F 2769 -71.33 57.45 91.80
N LYS F 2770 -70.51 57.92 92.74
CA LYS F 2770 -69.26 57.23 93.05
C LYS F 2770 -69.52 55.82 93.61
N ILE F 2771 -70.49 55.69 94.53
CA ILE F 2771 -70.81 54.36 95.04
C ILE F 2771 -71.51 53.54 93.96
N GLN F 2772 -72.20 54.21 93.02
CA GLN F 2772 -72.76 53.51 91.87
C GLN F 2772 -71.67 53.06 90.90
N ASN F 2773 -70.48 53.65 90.99
CA ASN F 2773 -69.35 53.26 90.15
C ASN F 2773 -68.57 52.09 90.72
N ASN F 2774 -68.98 51.58 91.89
CA ASN F 2774 -68.40 50.44 92.60
C ASN F 2774 -67.05 50.76 93.24
N TRP F 2775 -66.51 51.95 93.04
CA TRP F 2775 -65.27 52.39 93.70
C TRP F 2775 -65.61 53.52 94.66
N SER F 2776 -65.20 53.37 95.91
CA SER F 2776 -65.57 54.32 96.96
C SER F 2776 -64.69 55.57 96.86
N TYR F 2777 -65.07 56.59 97.63
CA TYR F 2777 -64.37 57.85 97.67
C TYR F 2777 -63.09 57.73 98.51
N GLY F 2778 -62.16 58.65 98.28
CA GLY F 2778 -60.90 58.65 98.99
C GLY F 2778 -60.46 60.06 99.33
N GLU F 2779 -59.56 60.14 100.31
CA GLU F 2779 -59.03 61.42 100.78
C GLU F 2779 -57.83 61.88 99.97
N ASN F 2780 -56.86 61.01 99.76
CA ASN F 2780 -55.64 61.38 99.06
C ASN F 2780 -55.91 61.59 97.57
N VAL F 2781 -55.18 62.53 96.98
CA VAL F 2781 -55.26 62.77 95.55
C VAL F 2781 -54.51 61.66 94.83
N ASP F 2782 -55.20 60.99 93.90
CA ASP F 2782 -54.61 59.85 93.21
C ASP F 2782 -55.34 59.65 91.88
N GLU F 2783 -54.59 59.17 90.89
CA GLU F 2783 -55.14 58.90 89.56
C GLU F 2783 -55.44 57.43 89.32
N GLU F 2784 -55.15 56.57 90.30
CA GLU F 2784 -55.41 55.14 90.15
C GLU F 2784 -56.84 54.75 90.46
N LEU F 2785 -57.55 55.54 91.27
CA LEU F 2785 -58.93 55.22 91.65
C LEU F 2785 -59.93 55.61 90.57
N LYS F 2786 -59.48 56.26 89.49
CA LYS F 2786 -60.31 56.72 88.37
C LYS F 2786 -61.64 57.32 88.82
N THR F 2787 -61.62 58.00 89.97
CA THR F 2787 -62.79 58.66 90.52
C THR F 2787 -62.39 60.04 91.04
N HIS F 2788 -63.27 60.70 91.77
CA HIS F 2788 -62.93 61.97 92.37
C HIS F 2788 -61.90 61.72 93.48
N PRO F 2789 -60.70 62.29 93.39
CA PRO F 2789 -59.67 61.99 94.39
C PRO F 2789 -59.83 62.74 95.69
N MET F 2790 -60.56 63.87 95.69
CA MET F 2790 -60.71 64.70 96.87
C MET F 2790 -62.08 64.57 97.52
N LEU F 2791 -62.80 63.47 97.24
CA LEU F 2791 -64.13 63.28 97.79
C LEU F 2791 -64.01 62.73 99.22
N ARG F 2792 -64.39 63.55 100.19
CA ARG F 2792 -64.19 63.24 101.60
C ARG F 2792 -65.51 63.33 102.35
N PRO F 2793 -65.64 62.59 103.46
CA PRO F 2793 -66.86 62.70 104.26
C PRO F 2793 -67.00 64.08 104.86
N TYR F 2794 -68.25 64.50 105.06
CA TYR F 2794 -68.54 65.86 105.51
C TYR F 2794 -67.89 66.18 106.85
N LYS F 2795 -67.56 65.16 107.64
CA LYS F 2795 -66.83 65.40 108.88
C LYS F 2795 -65.43 65.94 108.58
N THR F 2796 -64.78 65.44 107.54
CA THR F 2796 -63.45 65.90 107.15
C THR F 2796 -63.41 66.45 105.73
N PHE F 2797 -64.55 66.87 105.19
CA PHE F 2797 -64.60 67.41 103.85
C PHE F 2797 -64.29 68.91 103.89
N SER F 2798 -63.18 69.29 103.28
CA SER F 2798 -62.81 70.71 103.21
C SER F 2798 -63.83 71.48 102.37
N GLU F 2799 -64.11 72.70 102.79
CA GLU F 2799 -65.08 73.54 102.10
C GLU F 2799 -64.49 74.32 100.94
N LYS F 2800 -63.18 74.19 100.69
CA LYS F 2800 -62.58 74.85 99.54
C LYS F 2800 -63.18 74.34 98.22
N ASP F 2801 -63.42 73.03 98.13
CA ASP F 2801 -64.09 72.50 96.95
C ASP F 2801 -65.57 72.81 96.93
N LYS F 2802 -66.21 72.86 98.10
CA LYS F 2802 -67.64 73.17 98.16
C LYS F 2802 -67.93 74.61 97.75
N GLU F 2803 -67.01 75.54 98.04
CA GLU F 2803 -67.19 76.94 97.68
C GLU F 2803 -66.75 77.24 96.25
N ILE F 2804 -66.27 76.24 95.51
CA ILE F 2804 -65.92 76.43 94.11
C ILE F 2804 -66.74 75.57 93.17
N TYR F 2805 -67.48 74.57 93.67
CA TYR F 2805 -68.36 73.78 92.82
C TYR F 2805 -69.72 74.43 92.61
N ARG F 2806 -70.03 75.50 93.36
CA ARG F 2806 -71.36 76.09 93.30
C ARG F 2806 -71.55 77.01 92.09
N TRP F 2807 -70.47 77.39 91.42
CA TRP F 2807 -70.57 78.35 90.32
C TRP F 2807 -71.42 77.85 89.15
N PRO F 2808 -71.30 76.60 88.70
CA PRO F 2808 -72.22 76.13 87.65
C PRO F 2808 -73.68 76.23 88.04
N ILE F 2809 -74.02 75.93 89.30
CA ILE F 2809 -75.41 76.03 89.74
C ILE F 2809 -75.85 77.49 89.81
N LYS F 2810 -74.95 78.36 90.28
CA LYS F 2810 -75.24 79.80 90.29
C LYS F 2810 -75.58 80.29 88.89
N GLU F 2811 -74.73 79.95 87.91
CA GLU F 2811 -74.97 80.40 86.55
C GLU F 2811 -76.20 79.74 85.94
N SER F 2812 -76.49 78.49 86.30
CA SER F 2812 -77.70 77.84 85.81
C SER F 2812 -78.95 78.57 86.30
N LEU F 2813 -78.98 78.93 87.58
CA LEU F 2813 -80.11 79.69 88.11
C LEU F 2813 -80.20 81.06 87.46
N LYS F 2814 -79.05 81.73 87.27
CA LYS F 2814 -79.05 83.01 86.58
C LYS F 2814 -79.64 82.88 85.17
N ALA F 2815 -79.21 81.86 84.43
CA ALA F 2815 -79.70 81.67 83.06
C ALA F 2815 -81.20 81.36 83.04
N MET F 2816 -81.66 80.50 83.96
CA MET F 2816 -83.07 80.14 83.97
C MET F 2816 -83.96 81.28 84.46
N ILE F 2817 -83.42 82.23 85.21
CA ILE F 2817 -84.22 83.38 85.63
C ILE F 2817 -84.10 84.55 84.67
N ALA F 2818 -83.08 84.56 83.80
CA ALA F 2818 -82.94 85.67 82.85
C ALA F 2818 -84.02 85.62 81.77
N TRP F 2819 -84.48 84.43 81.41
CA TRP F 2819 -85.45 84.29 80.33
C TRP F 2819 -86.87 84.57 80.83
N GLU F 2820 -87.07 85.75 81.42
CA GLU F 2820 -88.34 86.26 81.92
C GLU F 2820 -89.14 85.20 82.68
N TRP F 2821 -88.46 84.31 83.40
CA TRP F 2821 -89.10 83.24 84.16
C TRP F 2821 -88.93 83.53 85.64
N THR F 2822 -89.99 84.08 86.26
CA THR F 2822 -89.98 84.29 87.69
C THR F 2822 -90.15 82.96 88.42
N ILE F 2823 -89.49 82.82 89.57
CA ILE F 2823 -89.56 81.62 90.39
C ILE F 2823 -90.18 82.02 91.72
N GLU F 2824 -91.18 81.25 92.16
CA GLU F 2824 -91.90 81.53 93.40
C GLU F 2824 -91.91 80.30 94.28
N LYS F 2825 -91.70 80.51 95.58
CA LYS F 2825 -91.70 79.43 96.56
C LYS F 2825 -93.15 79.19 97.00
N ALA F 2826 -93.80 78.24 96.34
CA ALA F 2826 -95.17 77.89 96.73
C ALA F 2826 -95.20 77.27 98.13
N ARG F 2827 -94.19 76.46 98.45
CA ARG F 2827 -94.10 75.82 99.75
C ARG F 2827 -93.40 76.73 100.75
N GLU F 2828 -93.47 76.34 102.03
CA GLU F 2828 -92.78 77.04 103.12
C GLU F 2828 -92.41 76.01 104.17
N GLY F 2829 -91.18 75.54 104.13
CA GLY F 2829 -90.68 74.57 105.08
C GLY F 2829 -89.18 74.61 105.17
N GLU F 2830 -88.62 73.50 105.63
CA GLU F 2830 -87.17 73.35 105.80
C GLU F 2830 -86.59 74.46 106.67
N TYR F 2855 -72.01 61.42 105.75
CA TYR F 2855 -71.87 61.97 104.41
C TYR F 2855 -72.52 61.06 103.38
N ASN F 2856 -73.79 61.32 103.07
CA ASN F 2856 -74.54 60.50 102.14
C ASN F 2856 -75.78 61.26 101.67
N PRO F 2857 -76.04 61.32 100.36
CA PRO F 2857 -77.27 61.97 99.89
C PRO F 2857 -78.50 61.13 100.13
N GLN F 2858 -79.02 61.17 101.36
CA GLN F 2858 -80.16 60.33 101.71
C GLN F 2858 -81.39 60.61 100.85
N PRO F 2859 -81.81 61.85 100.63
CA PRO F 2859 -82.86 62.09 99.64
C PRO F 2859 -82.31 61.98 98.24
N PRO F 2860 -82.77 61.00 97.45
CA PRO F 2860 -82.15 60.76 96.15
C PRO F 2860 -82.74 61.65 95.05
N ASP F 2861 -81.87 62.29 94.28
CA ASP F 2861 -82.29 63.06 93.11
C ASP F 2861 -82.20 62.15 91.89
N LEU F 2862 -83.33 61.95 91.23
CA LEU F 2862 -83.43 61.11 90.05
C LEU F 2862 -83.96 61.92 88.88
N SER F 2863 -84.02 61.28 87.71
CA SER F 2863 -84.53 61.94 86.52
C SER F 2863 -85.47 61.03 85.72
N GLY F 2864 -85.87 59.87 86.25
CA GLY F 2864 -86.72 58.94 85.52
C GLY F 2864 -88.20 59.21 85.62
N VAL F 2865 -88.63 60.19 86.41
CA VAL F 2865 -90.04 60.50 86.54
C VAL F 2865 -90.44 61.52 85.49
N THR F 2866 -91.73 61.52 85.14
CA THR F 2866 -92.28 62.41 84.15
C THR F 2866 -92.58 63.79 84.73
N LEU F 2867 -92.87 64.74 83.86
CA LEU F 2867 -93.09 66.12 84.27
C LEU F 2867 -94.06 66.79 83.31
N SER F 2868 -94.67 67.87 83.78
CA SER F 2868 -95.64 68.62 82.98
C SER F 2868 -94.98 69.22 81.75
N ARG F 2869 -95.76 69.31 80.66
CA ARG F 2869 -95.22 69.73 79.38
C ARG F 2869 -94.78 71.19 79.39
N GLU F 2870 -95.56 72.07 80.02
CA GLU F 2870 -95.24 73.49 80.01
CA GLU F 2870 -95.23 73.49 80.01
C GLU F 2870 -93.89 73.75 80.68
N LEU F 2871 -93.65 73.13 81.84
CA LEU F 2871 -92.38 73.33 82.54
C LEU F 2871 -91.25 72.53 81.89
N GLN F 2872 -91.57 71.37 81.30
CA GLN F 2872 -90.56 70.62 80.57
C GLN F 2872 -90.06 71.39 79.35
N ALA F 2873 -90.92 72.20 78.73
CA ALA F 2873 -90.47 73.05 77.63
C ALA F 2873 -89.45 74.07 78.11
N MET F 2874 -89.68 74.66 79.28
CA MET F 2874 -88.70 75.59 79.84
C MET F 2874 -87.39 74.87 80.18
N ALA F 2875 -87.49 73.65 80.70
CA ALA F 2875 -86.28 72.87 80.98
C ALA F 2875 -85.51 72.56 79.70
N GLU F 2876 -86.23 72.24 78.62
CA GLU F 2876 -85.58 71.98 77.34
C GLU F 2876 -84.94 73.25 76.78
N GLN F 2877 -85.59 74.40 77.00
CA GLN F 2877 -84.98 75.67 76.59
C GLN F 2877 -83.71 75.94 77.38
N LEU F 2878 -83.71 75.61 78.68
CA LEU F 2878 -82.51 75.77 79.49
C LEU F 2878 -81.40 74.83 79.00
N ALA F 2879 -81.77 73.61 78.60
CA ALA F 2879 -80.77 72.72 78.02
C ALA F 2879 -80.25 73.24 76.69
N GLU F 2880 -81.12 73.86 75.89
CA GLU F 2880 -80.67 74.54 74.67
C GLU F 2880 -79.69 75.64 74.99
N ASN F 2881 -79.96 76.41 76.05
CA ASN F 2881 -79.02 77.43 76.48
C ASN F 2881 -77.69 76.83 76.91
N TYR F 2882 -77.73 75.74 77.67
CA TYR F 2882 -76.51 75.01 78.00
C TYR F 2882 -75.72 74.67 76.74
N HIS F 2883 -76.42 74.10 75.75
CA HIS F 2883 -75.74 73.63 74.55
C HIS F 2883 -75.18 74.80 73.73
N ASN F 2884 -75.90 75.91 73.65
CA ASN F 2884 -75.41 77.02 72.86
C ASN F 2884 -74.25 77.73 73.55
N THR F 2885 -74.28 77.80 74.88
CA THR F 2885 -73.11 78.30 75.61
C THR F 2885 -71.89 77.38 75.41
N TRP F 2886 -72.12 76.07 75.44
CA TRP F 2886 -71.03 75.12 75.21
C TRP F 2886 -70.48 75.26 73.78
N GLY F 2887 -71.37 75.41 72.81
CA GLY F 2887 -70.94 75.63 71.45
C GLY F 2887 -70.18 76.93 71.28
N ARG F 2888 -70.60 77.99 71.98
CA ARG F 2888 -69.86 79.24 71.94
C ARG F 2888 -68.46 79.08 72.50
N LYS F 2889 -68.34 78.42 73.66
CA LYS F 2889 -67.02 78.31 74.27
C LYS F 2889 -66.12 77.35 73.49
N LYS F 2890 -66.70 76.37 72.81
CA LYS F 2890 -65.89 75.51 71.94
C LYS F 2890 -65.48 76.23 70.66
N LYS F 2891 -66.40 76.97 70.05
CA LYS F 2891 -66.09 77.70 68.83
C LYS F 2891 -65.12 78.84 69.04
N GLN F 2892 -65.03 79.37 70.26
CA GLN F 2892 -64.01 80.38 70.53
C GLN F 2892 -62.61 79.81 70.33
N GLU F 2893 -62.37 78.60 70.82
CA GLU F 2893 -61.08 77.95 70.60
C GLU F 2893 -60.95 77.47 69.16
N LEU F 2894 -62.05 76.96 68.59
CA LEU F 2894 -62.00 76.36 67.25
C LEU F 2894 -61.77 77.39 66.15
N GLU F 2895 -62.28 78.60 66.33
CA GLU F 2895 -62.28 79.60 65.25
C GLU F 2895 -60.90 80.17 64.97
N ALA F 2896 -59.89 79.87 65.80
CA ALA F 2896 -58.55 80.36 65.55
C ALA F 2896 -57.97 79.84 64.24
N LYS F 2897 -58.38 78.65 63.80
CA LYS F 2897 -57.87 78.08 62.57
C LYS F 2897 -58.65 78.54 61.34
N GLY F 2898 -59.95 78.78 61.50
CA GLY F 2898 -60.80 79.24 60.41
C GLY F 2898 -61.33 78.16 59.51
N GLY F 2899 -61.01 76.89 59.76
CA GLY F 2899 -61.48 75.81 58.93
C GLY F 2899 -62.05 74.64 59.71
N GLY F 2900 -63.11 74.03 59.19
CA GLY F 2900 -63.76 72.93 59.84
C GLY F 2900 -64.66 73.38 60.98
N THR F 2901 -65.34 72.40 61.58
CA THR F 2901 -66.25 72.69 62.68
C THR F 2901 -66.43 71.43 63.51
N HIS F 2902 -66.73 71.64 64.79
CA HIS F 2902 -67.03 70.51 65.67
C HIS F 2902 -68.33 69.85 65.23
N PRO F 2903 -68.40 68.52 65.26
CA PRO F 2903 -69.63 67.85 64.83
C PRO F 2903 -70.86 68.21 65.66
N LEU F 2904 -70.69 68.57 66.93
CA LEU F 2904 -71.80 68.95 67.78
C LEU F 2904 -72.12 70.43 67.70
N LEU F 2905 -71.46 71.16 66.81
CA LEU F 2905 -71.75 72.58 66.59
C LEU F 2905 -73.00 72.72 65.71
N VAL F 2906 -74.12 72.27 66.28
CA VAL F 2906 -75.39 72.21 65.56
C VAL F 2906 -76.46 72.81 66.44
N PRO F 2907 -77.56 73.28 65.84
CA PRO F 2907 -78.68 73.77 66.65
C PRO F 2907 -79.24 72.68 67.54
N TYR F 2908 -79.74 73.08 68.71
CA TYR F 2908 -80.17 72.13 69.73
C TYR F 2908 -81.31 71.26 69.23
N ASP F 2909 -82.24 71.82 68.46
CA ASP F 2909 -83.34 71.03 67.93
C ASP F 2909 -82.89 70.08 66.83
N THR F 2910 -81.87 70.47 66.07
CA THR F 2910 -81.43 69.66 64.95
C THR F 2910 -80.80 68.34 65.40
N LEU F 2911 -80.00 68.39 66.46
CA LEU F 2911 -79.29 67.20 66.93
C LEU F 2911 -80.25 66.18 67.52
N THR F 2912 -79.84 64.92 67.47
CA THR F 2912 -80.67 63.80 67.90
C THR F 2912 -80.64 63.65 69.43
N ALA F 2913 -81.48 62.74 69.92
CA ALA F 2913 -81.65 62.61 71.37
C ALA F 2913 -80.46 61.96 72.05
N LYS F 2914 -79.68 61.17 71.31
CA LYS F 2914 -78.54 60.49 71.93
C LYS F 2914 -77.48 61.48 72.41
N GLU F 2915 -77.23 62.52 71.62
CA GLU F 2915 -76.29 63.58 72.00
C GLU F 2915 -76.96 64.70 72.79
N LYS F 2916 -78.28 64.67 72.94
CA LYS F 2916 -79.00 65.61 73.79
C LYS F 2916 -79.05 65.15 75.24
N ALA F 2917 -78.57 63.94 75.52
CA ALA F 2917 -78.76 63.30 76.81
C ALA F 2917 -78.13 64.08 77.96
N ARG F 2918 -76.91 64.59 77.79
CA ARG F 2918 -76.22 65.25 78.90
C ARG F 2918 -76.96 66.49 79.37
N ASP F 2919 -77.17 67.45 78.46
CA ASP F 2919 -77.87 68.67 78.81
C ASP F 2919 -79.31 68.40 79.23
N ARG F 2920 -79.99 67.47 78.54
CA ARG F 2920 -81.35 67.14 78.90
C ARG F 2920 -81.44 66.63 80.34
N GLU F 2921 -80.54 65.71 80.71
CA GLU F 2921 -80.57 65.14 82.05
C GLU F 2921 -80.18 66.17 83.09
N LYS F 2922 -79.23 67.05 82.76
CA LYS F 2922 -78.86 68.10 83.73
C LYS F 2922 -80.04 69.03 84.00
N ALA F 2923 -80.70 69.51 82.94
CA ALA F 2923 -81.85 70.38 83.13
C ALA F 2923 -82.98 69.66 83.84
N GLN F 2924 -83.21 68.39 83.49
CA GLN F 2924 -84.27 67.62 84.13
C GLN F 2924 -83.98 67.41 85.61
N GLU F 2925 -82.71 67.17 85.97
CA GLU F 2925 -82.36 66.98 87.37
C GLU F 2925 -82.53 68.26 88.16
N LEU F 2926 -82.13 69.41 87.59
CA LEU F 2926 -82.38 70.68 88.26
C LEU F 2926 -83.86 70.91 88.45
N LEU F 2927 -84.66 70.60 87.42
CA LEU F 2927 -86.10 70.82 87.50
C LEU F 2927 -86.75 69.86 88.49
N LYS F 2928 -86.21 68.65 88.62
CA LYS F 2928 -86.74 67.71 89.62
C LYS F 2928 -86.40 68.19 91.03
N PHE F 2929 -85.22 68.75 91.22
CA PHE F 2929 -84.88 69.32 92.52
C PHE F 2929 -85.80 70.48 92.86
N LEU F 2930 -86.13 71.30 91.85
CA LEU F 2930 -87.17 72.31 92.03
C LEU F 2930 -88.53 71.69 92.34
N GLN F 2931 -88.89 70.61 91.65
CA GLN F 2931 -90.23 70.04 91.72
C GLN F 2931 -90.52 69.43 93.07
N MET F 2932 -89.61 68.59 93.58
CA MET F 2932 -89.94 67.88 94.82
C MET F 2932 -90.02 68.82 96.01
N ASN F 2933 -89.45 70.02 95.89
CA ASN F 2933 -89.64 71.05 96.91
C ASN F 2933 -90.87 71.91 96.65
N GLY F 2934 -91.20 72.17 95.39
CA GLY F 2934 -92.34 73.00 95.07
C GLY F 2934 -91.99 74.42 94.70
N TYR F 2935 -91.09 74.59 93.74
CA TYR F 2935 -90.72 75.88 93.19
C TYR F 2935 -91.49 76.10 91.90
N ALA F 2936 -92.30 77.16 91.85
CA ALA F 2936 -93.17 77.43 90.72
C ALA F 2936 -92.49 78.44 89.79
N VAL F 2937 -92.19 77.99 88.57
CA VAL F 2937 -91.59 78.83 87.55
C VAL F 2937 -92.56 78.92 86.38
N THR F 2938 -92.94 80.14 86.02
CA THR F 2938 -93.89 80.38 84.94
C THR F 2938 -93.45 81.61 84.16
N ARG F 2939 -93.66 81.57 82.84
CA ARG F 2939 -93.28 82.65 81.96
C ARG F 2939 -94.07 83.92 82.26
N LEU F 2946 -102.19 74.97 67.74
CA LEU F 2946 -102.63 74.86 69.12
C LEU F 2946 -103.96 74.10 69.20
N ASP F 2947 -103.98 73.03 69.98
CA ASP F 2947 -105.15 72.17 70.13
C ASP F 2947 -105.62 71.64 68.78
N THR F 2948 -104.67 71.17 67.98
CA THR F 2948 -104.94 70.71 66.63
C THR F 2948 -105.05 69.18 66.61
N SER F 2949 -106.11 68.68 65.99
CA SER F 2949 -106.32 67.24 65.90
C SER F 2949 -105.34 66.63 64.92
N SER F 2950 -105.28 65.29 64.92
CA SER F 2950 -104.34 64.59 64.06
C SER F 2950 -104.66 64.82 62.58
N ILE F 2951 -105.95 64.86 62.23
CA ILE F 2951 -106.32 65.06 60.83
C ILE F 2951 -105.86 66.43 60.35
N GLU F 2952 -106.06 67.45 61.18
CA GLU F 2952 -105.67 68.80 60.78
C GLU F 2952 -104.17 68.99 60.76
N LYS F 2953 -103.40 68.02 61.25
CA LYS F 2953 -101.95 68.05 61.14
C LYS F 2953 -101.42 67.29 59.95
N ARG F 2954 -102.29 66.70 59.14
CA ARG F 2954 -101.82 65.90 58.03
C ARG F 2954 -101.18 66.78 56.96
N PHE F 2955 -100.14 66.22 56.34
CA PHE F 2955 -99.42 66.94 55.30
C PHE F 2955 -100.34 67.27 54.14
N ALA F 2956 -101.18 66.32 53.74
CA ALA F 2956 -102.13 66.58 52.66
C ALA F 2956 -103.09 67.69 53.04
N PHE F 2957 -103.53 67.71 54.30
CA PHE F 2957 -104.42 68.76 54.75
C PHE F 2957 -103.77 70.13 54.62
N GLY F 2958 -102.55 70.27 55.14
CA GLY F 2958 -101.86 71.55 55.04
C GLY F 2958 -101.60 71.96 53.60
N PHE F 2959 -101.20 71.00 52.77
CA PHE F 2959 -100.93 71.28 51.37
C PHE F 2959 -102.17 71.76 50.64
N LEU F 2960 -103.29 71.08 50.86
CA LEU F 2960 -104.54 71.50 50.24
C LEU F 2960 -104.97 72.86 50.75
N GLN F 2961 -104.74 73.14 52.02
CA GLN F 2961 -105.09 74.43 52.58
C GLN F 2961 -104.29 75.54 51.93
N GLN F 2962 -103.00 75.31 51.71
CA GLN F 2962 -102.19 76.31 51.02
C GLN F 2962 -102.64 76.48 49.57
N LEU F 2963 -103.03 75.39 48.92
CA LEU F 2963 -103.53 75.50 47.56
C LEU F 2963 -104.80 76.34 47.50
N LEU F 2964 -105.70 76.18 48.47
CA LEU F 2964 -106.90 77.02 48.48
C LEU F 2964 -106.57 78.47 48.79
N ARG F 2965 -105.63 78.71 49.70
CA ARG F 2965 -105.21 80.07 49.99
C ARG F 2965 -104.59 80.72 48.77
N TRP F 2966 -103.96 79.93 47.92
CA TRP F 2966 -103.49 80.46 46.64
C TRP F 2966 -104.59 80.59 45.61
N MET F 2967 -105.64 79.78 45.72
CA MET F 2967 -106.75 79.90 44.78
C MET F 2967 -107.51 81.20 44.98
N ASP F 2968 -107.66 81.65 46.22
CA ASP F 2968 -108.29 82.95 46.40
C ASP F 2968 -107.44 84.07 45.82
N ILE F 2969 -106.12 84.01 46.02
CA ILE F 2969 -105.22 84.97 45.37
C ILE F 2969 -105.35 84.88 43.86
N SER F 2970 -105.60 83.68 43.35
CA SER F 2970 -105.80 83.52 41.92
C SER F 2970 -107.05 84.26 41.46
N GLN F 2971 -108.16 84.08 42.17
CA GLN F 2971 -109.38 84.81 41.84
C GLN F 2971 -109.16 86.30 41.93
N GLU F 2972 -108.26 86.74 42.81
CA GLU F 2972 -107.93 88.15 42.89
C GLU F 2972 -107.20 88.63 41.64
N PHE F 2973 -106.08 88.02 41.30
CA PHE F 2973 -105.28 88.65 40.25
C PHE F 2973 -105.82 88.36 38.85
N ILE F 2974 -106.58 87.28 38.65
CA ILE F 2974 -107.22 87.12 37.34
C ILE F 2974 -108.31 88.17 37.16
N ALA F 2975 -109.01 88.52 38.24
CA ALA F 2975 -109.95 89.63 38.17
C ALA F 2975 -109.23 90.93 37.84
N HIS F 2976 -108.07 91.14 38.44
CA HIS F 2976 -107.28 92.32 38.10
C HIS F 2976 -106.87 92.32 36.64
N LEU F 2977 -106.47 91.16 36.11
CA LEU F 2977 -106.08 91.07 34.70
C LEU F 2977 -107.28 91.34 33.80
N GLU F 2978 -108.45 90.83 34.16
CA GLU F 2978 -109.66 91.14 33.39
C GLU F 2978 -109.93 92.64 33.41
N ALA F 2979 -109.76 93.27 34.56
CA ALA F 2979 -109.98 94.71 34.66
C ALA F 2979 -109.03 95.47 33.76
N VAL F 2980 -107.75 95.11 33.77
CA VAL F 2980 -106.78 95.85 32.96
C VAL F 2980 -107.00 95.58 31.47
N VAL F 2981 -107.43 94.37 31.12
CA VAL F 2981 -107.67 94.06 29.72
C VAL F 2981 -109.00 94.61 29.25
N SER F 2982 -109.89 95.01 30.16
CA SER F 2982 -111.15 95.65 29.81
C SER F 2982 -111.05 97.16 29.73
N SER F 2983 -110.36 97.80 30.68
CA SER F 2983 -110.22 99.24 30.67
C SER F 2983 -108.97 99.65 31.44
N GLY F 2984 -108.45 100.81 31.10
CA GLY F 2984 -107.26 101.35 31.76
C GLY F 2984 -106.05 100.45 31.61
N ARG F 2985 -105.58 100.29 30.38
CA ARG F 2985 -104.48 99.39 30.09
C ARG F 2985 -103.22 99.82 30.85
N VAL F 2986 -102.55 98.84 31.45
CA VAL F 2986 -101.30 99.08 32.17
C VAL F 2986 -100.50 97.79 32.17
N GLU F 2987 -99.20 97.92 31.96
CA GLU F 2987 -98.29 96.78 31.91
C GLU F 2987 -97.44 96.66 33.17
N LYS F 2988 -97.86 97.31 34.25
CA LYS F 2988 -97.12 97.19 35.50
C LYS F 2988 -97.19 95.78 36.06
N SER F 2989 -98.37 95.15 35.98
CA SER F 2989 -98.61 93.81 36.50
C SER F 2989 -98.18 93.71 37.96
N PRO F 2990 -98.96 94.28 38.90
CA PRO F 2990 -98.56 94.24 40.30
C PRO F 2990 -98.38 92.84 40.85
N HIS F 2991 -99.08 91.85 40.29
CA HIS F 2991 -99.03 90.48 40.77
C HIS F 2991 -98.26 89.57 39.82
N GLU F 2992 -97.19 90.06 39.19
CA GLU F 2992 -96.46 89.24 38.25
C GLU F 2992 -95.82 88.04 38.95
N GLN F 2993 -95.30 88.25 40.16
CA GLN F 2993 -94.76 87.14 40.92
C GLN F 2993 -95.82 86.08 41.18
N GLU F 2994 -97.03 86.51 41.57
CA GLU F 2994 -98.11 85.56 41.78
C GLU F 2994 -98.47 84.84 40.48
N ILE F 2995 -98.51 85.58 39.38
CA ILE F 2995 -98.82 84.97 38.08
C ILE F 2995 -97.86 83.83 37.81
N LYS F 2996 -96.57 84.11 37.91
CA LYS F 2996 -95.59 83.11 37.52
C LYS F 2996 -95.52 81.97 38.53
N PHE F 2997 -95.69 82.27 39.81
CA PHE F 2997 -95.64 81.21 40.80
C PHE F 2997 -96.83 80.26 40.64
N PHE F 2998 -98.01 80.81 40.38
CA PHE F 2998 -99.18 79.97 40.16
C PHE F 2998 -99.05 79.15 38.89
N ALA F 2999 -98.61 79.79 37.80
CA ALA F 2999 -98.63 79.15 36.50
C ALA F 2999 -97.50 78.13 36.33
N LYS F 3000 -96.33 78.40 36.93
CA LYS F 3000 -95.16 77.57 36.68
C LYS F 3000 -94.85 76.59 37.80
N ILE F 3001 -95.40 76.80 39.00
CA ILE F 3001 -95.13 75.93 40.14
C ILE F 3001 -96.38 75.18 40.58
N LEU F 3002 -97.44 75.90 40.91
CA LEU F 3002 -98.61 75.27 41.53
C LEU F 3002 -99.29 74.29 40.60
N LEU F 3003 -99.48 74.67 39.34
CA LEU F 3003 -100.15 73.77 38.41
C LEU F 3003 -99.37 72.47 38.20
N PRO F 3004 -98.07 72.47 37.89
CA PRO F 3004 -97.34 71.20 37.84
C PRO F 3004 -97.33 70.46 39.15
N LEU F 3005 -97.22 71.17 40.27
CA LEU F 3005 -97.21 70.49 41.56
C LEU F 3005 -98.50 69.72 41.78
N ILE F 3006 -99.64 70.35 41.49
CA ILE F 3006 -100.93 69.66 41.57
C ILE F 3006 -100.97 68.50 40.60
N ASN F 3007 -100.56 68.75 39.36
CA ASN F 3007 -100.68 67.75 38.30
C ASN F 3007 -99.93 66.48 38.66
N GLN F 3008 -98.82 66.62 39.37
CA GLN F 3008 -98.10 65.41 39.77
C GLN F 3008 -98.58 64.85 41.09
N TYR F 3009 -98.88 65.70 42.07
CA TYR F 3009 -99.25 65.21 43.39
C TYR F 3009 -100.54 64.41 43.33
N PHE F 3010 -101.55 64.90 42.61
CA PHE F 3010 -102.80 64.17 42.56
C PHE F 3010 -102.81 63.10 41.50
N THR F 3011 -101.77 63.02 40.68
CA THR F 3011 -101.57 61.82 39.88
C THR F 3011 -100.98 60.70 40.73
N ASN F 3012 -100.08 61.05 41.66
CA ASN F 3012 -99.49 60.04 42.52
C ASN F 3012 -100.49 59.49 43.53
N HIS F 3013 -101.24 60.37 44.19
CA HIS F 3013 -102.03 60.00 45.35
C HIS F 3013 -103.53 60.04 45.07
N CYS F 3014 -103.96 59.61 43.88
CA CYS F 3014 -105.39 59.59 43.59
C CYS F 3014 -106.11 58.58 44.46
N LEU F 3015 -105.51 57.41 44.67
CA LEU F 3015 -106.17 56.35 45.39
C LEU F 3015 -106.38 56.70 46.86
N TYR F 3016 -105.44 57.45 47.44
CA TYR F 3016 -105.58 57.86 48.83
C TYR F 3016 -106.82 58.71 49.03
N PHE F 3017 -107.09 59.61 48.10
CA PHE F 3017 -108.27 60.46 48.22
C PHE F 3017 -109.54 59.72 47.81
N LEU F 3018 -109.46 58.79 46.87
CA LEU F 3018 -110.64 58.03 46.51
C LEU F 3018 -111.00 56.96 47.53
N SER F 3019 -110.08 56.60 48.43
CA SER F 3019 -110.32 55.51 49.36
C SER F 3019 -111.24 55.95 50.49
N THR F 3020 -111.86 54.96 51.12
CA THR F 3020 -112.77 55.15 52.23
C THR F 3020 -112.53 54.04 53.25
N PRO F 3021 -112.83 54.27 54.53
CA PRO F 3021 -112.71 53.17 55.50
C PRO F 3021 -113.53 51.97 55.13
N ALA F 3022 -114.65 52.16 54.42
CA ALA F 3022 -115.44 51.02 53.96
C ALA F 3022 -114.66 50.16 52.98
N LYS F 3023 -113.98 50.79 52.01
CA LYS F 3023 -113.21 50.06 51.01
C LYS F 3023 -111.91 50.82 50.76
N VAL F 3024 -110.79 50.14 50.91
CA VAL F 3024 -109.48 50.77 50.79
C VAL F 3024 -108.86 50.39 49.46
N LEU F 3025 -108.55 51.38 48.64
CA LEU F 3025 -107.97 51.15 47.32
C LEU F 3025 -106.45 51.29 47.33
N GLY F 3026 -105.91 52.22 48.09
CA GLY F 3026 -104.48 52.48 48.09
C GLY F 3026 -103.73 51.45 48.91
N SER F 3027 -102.42 51.66 49.01
CA SER F 3027 -101.59 50.79 49.84
C SER F 3027 -101.99 50.90 51.30
N GLY F 3028 -102.22 52.10 51.79
CA GLY F 3028 -102.64 52.30 53.15
C GLY F 3028 -103.12 53.72 53.37
N GLY F 3029 -104.00 53.87 54.35
CA GLY F 3029 -104.53 55.18 54.67
C GLY F 3029 -105.60 55.62 53.71
N HIS F 3030 -106.43 56.57 54.13
CA HIS F 3030 -107.49 57.12 53.30
C HIS F 3030 -107.71 58.57 53.70
N ALA F 3031 -108.03 59.40 52.71
CA ALA F 3031 -108.21 60.81 52.98
C ALA F 3031 -109.38 61.05 53.90
N SER F 3032 -109.24 62.02 54.78
CA SER F 3032 -110.33 62.35 55.68
C SER F 3032 -111.45 63.07 54.92
N ASN F 3033 -112.60 63.18 55.59
CA ASN F 3033 -113.70 63.91 54.99
C ASN F 3033 -113.31 65.34 54.70
N LYS F 3034 -112.55 65.96 55.61
CA LYS F 3034 -112.11 67.32 55.37
C LYS F 3034 -111.23 67.40 54.14
N GLU F 3035 -110.32 66.44 53.96
CA GLU F 3035 -109.45 66.45 52.80
C GLU F 3035 -110.24 66.28 51.51
N LYS F 3036 -111.23 65.40 51.52
CA LYS F 3036 -112.08 65.24 50.35
C LYS F 3036 -112.84 66.53 50.04
N GLU F 3037 -113.38 67.19 51.07
CA GLU F 3037 -114.09 68.43 50.84
C GLU F 3037 -113.17 69.49 50.27
N MET F 3038 -111.93 69.56 50.76
CA MET F 3038 -110.99 70.56 50.26
C MET F 3038 -110.61 70.28 48.82
N ILE F 3039 -110.43 69.01 48.45
CA ILE F 3039 -110.10 68.76 47.04
C ILE F 3039 -111.29 69.08 46.15
N THR F 3040 -112.52 68.84 46.62
CA THR F 3040 -113.68 69.21 45.82
C THR F 3040 -113.77 70.72 45.65
N SER F 3041 -113.58 71.47 46.73
CA SER F 3041 -113.61 72.92 46.62
C SER F 3041 -112.49 73.42 45.72
N LEU F 3042 -111.32 72.78 45.77
CA LEU F 3042 -110.22 73.17 44.89
C LEU F 3042 -110.59 72.98 43.44
N PHE F 3043 -111.16 71.82 43.10
CA PHE F 3043 -111.57 71.59 41.71
C PHE F 3043 -112.61 72.60 41.27
N CYS F 3044 -113.62 72.85 42.10
CA CYS F 3044 -114.65 73.80 41.71
C CYS F 3044 -114.09 75.20 41.54
N LYS F 3045 -113.22 75.63 42.45
CA LYS F 3045 -112.64 76.96 42.35
C LYS F 3045 -111.79 77.10 41.11
N LEU F 3046 -111.00 76.08 40.78
CA LEU F 3046 -110.17 76.15 39.60
C LEU F 3046 -111.00 76.19 38.33
N ALA F 3047 -112.09 75.40 38.28
CA ALA F 3047 -112.99 75.46 37.14
C ALA F 3047 -113.61 76.84 37.01
N ALA F 3048 -114.03 77.43 38.13
CA ALA F 3048 -114.59 78.78 38.08
C ALA F 3048 -113.56 79.78 37.60
N LEU F 3049 -112.31 79.63 38.04
CA LEU F 3049 -111.24 80.52 37.60
C LEU F 3049 -111.04 80.44 36.09
N VAL F 3050 -111.01 79.23 35.55
CA VAL F 3050 -110.75 79.06 34.12
C VAL F 3050 -111.98 79.32 33.27
N ARG F 3051 -113.16 79.45 33.87
CA ARG F 3051 -114.38 79.67 33.11
C ARG F 3051 -114.30 80.99 32.34
N HIS F 3052 -114.50 80.92 31.02
CA HIS F 3052 -114.54 82.09 30.15
C HIS F 3052 -113.27 82.92 30.21
N ARG F 3053 -112.16 82.34 30.67
CA ARG F 3053 -110.89 83.04 30.75
C ARG F 3053 -109.77 82.20 30.16
N VAL F 3054 -110.09 81.30 29.23
CA VAL F 3054 -109.08 80.40 28.68
C VAL F 3054 -108.03 81.19 27.92
N SER F 3055 -108.44 82.25 27.23
CA SER F 3055 -107.48 83.07 26.51
C SER F 3055 -106.51 83.77 27.45
N LEU F 3056 -107.00 84.28 28.58
CA LEU F 3056 -106.15 85.03 29.50
C LEU F 3056 -104.98 84.21 30.01
N PHE F 3057 -105.08 82.88 29.98
CA PHE F 3057 -104.00 82.07 30.49
C PHE F 3057 -102.91 81.84 29.46
N GLY F 3058 -103.15 82.16 28.20
CA GLY F 3058 -102.12 82.00 27.19
C GLY F 3058 -101.73 80.54 27.05
N THR F 3059 -100.45 80.26 27.28
CA THR F 3059 -99.92 78.91 27.13
C THR F 3059 -100.15 78.05 28.37
N ASP F 3060 -100.71 78.60 29.43
CA ASP F 3060 -100.96 77.84 30.64
C ASP F 3060 -102.32 77.14 30.64
N ALA F 3061 -103.15 77.42 29.65
CA ALA F 3061 -104.44 76.75 29.58
C ALA F 3061 -104.32 75.22 29.51
N PRO F 3062 -103.40 74.64 28.74
CA PRO F 3062 -103.23 73.18 28.82
C PRO F 3062 -102.90 72.68 30.20
N ALA F 3063 -102.04 73.40 30.94
CA ALA F 3063 -101.75 72.99 32.30
C ALA F 3063 -102.99 73.04 33.17
N VAL F 3064 -103.80 74.10 33.02
CA VAL F 3064 -105.00 74.23 33.84
C VAL F 3064 -105.98 73.11 33.53
N VAL F 3065 -106.18 72.80 32.25
CA VAL F 3065 -107.15 71.76 31.92
C VAL F 3065 -106.64 70.39 32.36
N ASN F 3066 -105.33 70.15 32.30
CA ASN F 3066 -104.81 68.88 32.80
C ASN F 3066 -105.01 68.77 34.31
N CYS F 3067 -104.76 69.85 35.04
CA CYS F 3067 -105.00 69.83 36.47
C CYS F 3067 -106.47 69.55 36.76
N LEU F 3068 -107.36 70.14 35.96
CA LEU F 3068 -108.78 69.87 36.13
C LEU F 3068 -109.10 68.40 35.87
N HIS F 3069 -108.50 67.82 34.84
CA HIS F 3069 -108.71 66.40 34.57
C HIS F 3069 -108.32 65.55 35.76
N ILE F 3070 -107.13 65.80 36.31
CA ILE F 3070 -106.64 64.98 37.41
C ILE F 3070 -107.52 65.16 38.65
N LEU F 3071 -107.88 66.40 38.95
CA LEU F 3071 -108.74 66.65 40.10
C LEU F 3071 -110.08 65.96 39.94
N ALA F 3072 -110.64 65.99 38.73
CA ALA F 3072 -111.91 65.29 38.50
C ALA F 3072 -111.75 63.80 38.69
N ARG F 3073 -110.62 63.24 38.27
CA ARG F 3073 -110.39 61.83 38.52
C ARG F 3073 -110.20 61.52 40.00
N SER F 3074 -109.85 62.51 40.83
CA SER F 3074 -109.56 62.25 42.23
C SER F 3074 -110.59 62.88 43.17
N LEU F 3075 -111.87 62.79 42.85
CA LEU F 3075 -112.94 63.34 43.68
C LEU F 3075 -113.72 62.19 44.30
N ASP F 3076 -113.94 62.25 45.61
CA ASP F 3076 -114.82 61.31 46.30
C ASP F 3076 -116.19 61.95 46.47
N ALA F 3077 -116.81 62.20 45.31
CA ALA F 3077 -118.07 62.94 45.27
C ALA F 3077 -119.16 62.26 46.08
N ARG F 3078 -119.14 60.94 46.19
CA ARG F 3078 -120.15 60.26 47.00
C ARG F 3078 -120.09 60.72 48.44
N THR F 3079 -118.92 60.63 49.06
CA THR F 3079 -118.78 61.08 50.44
C THR F 3079 -119.05 62.56 50.57
N VAL F 3080 -118.54 63.35 49.61
CA VAL F 3080 -118.71 64.80 49.69
C VAL F 3080 -120.18 65.17 49.69
N MET F 3081 -120.96 64.55 48.81
CA MET F 3081 -122.37 64.93 48.70
C MET F 3081 -123.23 64.25 49.76
N LYS F 3082 -122.80 63.12 50.30
CA LYS F 3082 -123.58 62.50 51.37
C LYS F 3082 -123.38 63.24 52.69
N SER F 3083 -122.15 63.35 53.15
CA SER F 3083 -121.84 63.99 54.42
C SER F 3083 -120.82 65.09 54.16
N GLY F 3084 -121.30 66.28 53.81
CA GLY F 3084 -120.43 67.37 53.47
C GLY F 3084 -121.06 68.73 53.72
N PRO F 3085 -120.21 69.75 53.84
CA PRO F 3085 -120.72 71.10 54.07
C PRO F 3085 -121.51 71.65 52.90
N GLU F 3086 -122.48 72.49 53.24
CA GLU F 3086 -123.36 73.06 52.24
C GLU F 3086 -122.59 73.91 51.24
N ILE F 3087 -121.50 74.54 51.70
CA ILE F 3087 -120.74 75.39 50.80
C ILE F 3087 -120.09 74.56 49.69
N VAL F 3088 -119.48 73.43 50.05
CA VAL F 3088 -118.85 72.58 49.06
C VAL F 3088 -119.89 71.96 48.13
N LYS F 3089 -121.01 71.50 48.70
CA LYS F 3089 -122.04 70.93 47.85
C LYS F 3089 -122.59 71.97 46.89
N ALA F 3090 -122.76 73.21 47.36
CA ALA F 3090 -123.20 74.29 46.50
C ALA F 3090 -122.18 74.59 45.42
N GLY F 3091 -120.90 74.50 45.75
CA GLY F 3091 -119.88 74.69 44.73
C GLY F 3091 -119.98 73.66 43.62
N LEU F 3092 -120.19 72.39 43.99
CA LEU F 3092 -120.30 71.35 42.97
C LEU F 3092 -121.56 71.53 42.13
N ARG F 3093 -122.69 71.80 42.78
CA ARG F 3093 -123.93 72.04 42.03
C ARG F 3093 -123.79 73.24 41.11
N SER F 3094 -123.14 74.31 41.60
CA SER F 3094 -122.94 75.49 40.77
C SER F 3094 -122.04 75.17 39.59
N PHE F 3095 -121.03 74.31 39.79
CA PHE F 3095 -120.22 73.89 38.66
C PHE F 3095 -121.09 73.25 37.59
N PHE F 3096 -121.92 72.28 37.99
CA PHE F 3096 -122.76 71.61 37.01
C PHE F 3096 -123.74 72.57 36.34
N GLU F 3097 -124.33 73.48 37.12
CA GLU F 3097 -125.27 74.44 36.54
C GLU F 3097 -124.58 75.34 35.52
N SER F 3098 -123.39 75.83 35.85
CA SER F 3098 -122.65 76.67 34.92
C SER F 3098 -122.27 75.90 33.66
N ALA F 3099 -121.89 74.64 33.81
CA ALA F 3099 -121.58 73.82 32.64
C ALA F 3099 -122.80 73.67 31.74
N SER F 3100 -123.96 73.40 32.34
CA SER F 3100 -125.18 73.25 31.55
C SER F 3100 -125.50 74.54 30.82
N GLU F 3101 -125.39 75.68 31.49
CA GLU F 3101 -125.69 76.95 30.85
C GLU F 3101 -124.73 77.23 29.70
N ASP F 3102 -123.43 76.97 29.91
CA ASP F 3102 -122.47 77.23 28.85
C ASP F 3102 -122.71 76.34 27.65
N ILE F 3103 -123.07 75.08 27.89
CA ILE F 3103 -123.37 74.19 26.77
C ILE F 3103 -124.63 74.65 26.03
N GLU F 3104 -125.64 75.11 26.77
CA GLU F 3104 -126.83 75.63 26.11
C GLU F 3104 -126.48 76.82 25.24
N LYS F 3105 -125.63 77.73 25.73
CA LYS F 3105 -125.21 78.86 24.91
C LYS F 3105 -124.46 78.40 23.68
N MET F 3106 -123.56 77.42 23.83
CA MET F 3106 -122.80 76.95 22.68
C MET F 3106 -123.71 76.36 21.61
N VAL F 3107 -124.69 75.54 22.03
CA VAL F 3107 -125.54 74.89 21.04
C VAL F 3107 -126.46 75.91 20.38
N GLU F 3108 -126.99 76.85 21.15
CA GLU F 3108 -127.86 77.86 20.56
C GLU F 3108 -127.09 78.75 19.60
N ASN F 3109 -125.80 79.01 19.87
CA ASN F 3109 -124.99 79.74 18.91
C ASN F 3109 -124.73 78.92 17.66
N LEU F 3110 -124.45 77.62 17.81
CA LEU F 3110 -124.23 76.77 16.66
C LEU F 3110 -125.50 76.61 15.82
N ARG F 3111 -126.67 76.91 16.40
CA ARG F 3111 -127.90 76.98 15.59
C ARG F 3111 -127.93 78.18 14.68
N LEU F 3112 -126.80 78.87 14.52
CA LEU F 3112 -126.71 80.09 13.74
C LEU F 3112 -127.62 81.18 14.30
N GLY F 3113 -127.74 81.23 15.64
CA GLY F 3113 -128.26 82.43 16.27
C GLY F 3113 -127.27 83.57 16.20
N LYS F 3114 -125.99 83.25 15.98
CA LYS F 3114 -124.94 84.23 15.75
C LYS F 3114 -124.03 83.70 14.65
N VAL F 3115 -123.31 84.61 14.00
CA VAL F 3115 -122.44 84.21 12.89
C VAL F 3115 -121.36 83.26 13.36
N SER F 3116 -120.71 83.58 14.48
CA SER F 3116 -119.67 82.73 15.07
C SER F 3116 -118.53 82.45 14.10
N LYS F 3123 -117.05 88.85 20.17
CA LYS F 3123 -117.84 89.02 21.38
C LYS F 3123 -117.75 87.79 22.28
N GLY F 3124 -118.72 87.64 23.18
CA GLY F 3124 -118.72 86.53 24.11
C GLY F 3124 -119.03 85.18 23.48
N VAL F 3125 -119.59 85.17 22.27
CA VAL F 3125 -119.85 83.90 21.59
C VAL F 3125 -118.56 83.17 21.27
N GLY F 3126 -117.56 83.90 20.78
CA GLY F 3126 -116.28 83.27 20.48
C GLY F 3126 -115.60 82.72 21.72
N GLN F 3127 -115.62 83.50 22.81
CA GLN F 3127 -115.04 83.02 24.06
C GLN F 3127 -115.79 81.79 24.57
N ASN F 3128 -117.12 81.82 24.50
CA ASN F 3128 -117.89 80.66 24.97
C ASN F 3128 -117.57 79.43 24.14
N LEU F 3129 -117.49 79.58 22.81
CA LEU F 3129 -117.19 78.43 21.96
C LEU F 3129 -115.81 77.87 22.25
N THR F 3130 -114.78 78.73 22.30
CA THR F 3130 -113.44 78.22 22.54
C THR F 3130 -113.31 77.60 23.92
N TYR F 3131 -113.92 78.22 24.94
CA TYR F 3131 -113.85 77.66 26.28
C TYR F 3131 -114.55 76.32 26.35
N THR F 3132 -115.73 76.20 25.74
CA THR F 3132 -116.46 74.94 25.79
C THR F 3132 -115.72 73.85 25.04
N THR F 3133 -115.14 74.17 23.89
CA THR F 3133 -114.50 73.15 23.09
C THR F 3133 -113.09 72.80 23.57
N VAL F 3134 -112.49 73.63 24.41
CA VAL F 3134 -111.14 73.40 24.88
C VAL F 3134 -111.12 72.81 26.29
N ALA F 3135 -111.95 73.35 27.19
CA ALA F 3135 -111.90 72.97 28.59
C ALA F 3135 -113.17 72.28 29.08
N LEU F 3136 -114.32 72.90 28.89
CA LEU F 3136 -115.54 72.43 29.56
C LEU F 3136 -115.91 71.02 29.12
N LEU F 3137 -115.92 70.77 27.82
CA LEU F 3137 -116.31 69.44 27.34
C LEU F 3137 -115.35 68.35 27.79
N PRO F 3138 -114.03 68.47 27.63
CA PRO F 3138 -113.16 67.41 28.15
C PRO F 3138 -113.24 67.23 29.65
N VAL F 3139 -113.33 68.32 30.41
CA VAL F 3139 -113.39 68.18 31.86
C VAL F 3139 -114.68 67.50 32.28
N LEU F 3140 -115.80 67.88 31.66
CA LEU F 3140 -117.07 67.24 31.98
C LEU F 3140 -117.05 65.77 31.59
N THR F 3141 -116.44 65.46 30.45
CA THR F 3141 -116.34 64.06 30.03
C THR F 3141 -115.55 63.24 31.03
N THR F 3142 -114.41 63.78 31.49
CA THR F 3142 -113.62 63.07 32.48
C THR F 3142 -114.40 62.89 33.78
N LEU F 3143 -115.09 63.93 34.23
CA LEU F 3143 -115.83 63.82 35.47
C LEU F 3143 -116.93 62.77 35.38
N PHE F 3144 -117.66 62.75 34.26
CA PHE F 3144 -118.70 61.77 34.08
C PHE F 3144 -118.12 60.36 34.00
N GLN F 3145 -117.02 60.19 33.30
CA GLN F 3145 -116.39 58.88 33.24
C GLN F 3145 -115.96 58.42 34.62
N HIS F 3146 -115.42 59.33 35.42
CA HIS F 3146 -115.01 58.99 36.78
C HIS F 3146 -116.20 58.54 37.61
N ILE F 3147 -117.29 59.29 37.54
CA ILE F 3147 -118.51 58.91 38.28
C ILE F 3147 -119.00 57.55 37.83
N ALA F 3148 -119.05 57.32 36.52
CA ALA F 3148 -119.57 56.06 36.01
C ALA F 3148 -118.68 54.88 36.40
N GLN F 3149 -117.36 55.07 36.34
CA GLN F 3149 -116.46 54.00 36.73
C GLN F 3149 -116.62 53.65 38.20
N HIS F 3150 -116.79 54.65 39.06
CA HIS F 3150 -116.87 54.37 40.49
C HIS F 3150 -118.30 54.27 40.99
N GLN F 3151 -119.29 54.21 40.09
CA GLN F 3151 -120.68 54.00 40.47
C GLN F 3151 -121.16 55.03 41.48
N PHE F 3152 -120.76 56.28 41.27
CA PHE F 3152 -121.17 57.38 42.13
C PHE F 3152 -122.46 58.05 41.66
N GLY F 3153 -122.99 57.64 40.51
CA GLY F 3153 -124.09 58.39 39.92
C GLY F 3153 -125.31 58.46 40.83
N ASP F 3154 -125.69 57.32 41.41
CA ASP F 3154 -126.88 57.25 42.25
C ASP F 3154 -126.77 58.12 43.49
N ASP F 3155 -125.55 58.47 43.91
CA ASP F 3155 -125.36 59.27 45.11
C ASP F 3155 -124.98 60.70 44.81
N VAL F 3156 -124.59 61.00 43.58
CA VAL F 3156 -124.17 62.34 43.21
C VAL F 3156 -125.22 63.07 42.39
N ILE F 3157 -125.67 62.45 41.29
CA ILE F 3157 -126.61 63.12 40.38
C ILE F 3157 -128.01 62.80 40.90
N LEU F 3158 -128.46 63.60 41.87
CA LEU F 3158 -129.71 63.32 42.55
C LEU F 3158 -130.78 64.37 42.35
N ASP F 3159 -130.56 65.63 42.78
CA ASP F 3159 -131.67 66.56 42.93
C ASP F 3159 -131.60 67.72 41.95
N ASP F 3160 -130.52 68.51 41.96
CA ASP F 3160 -130.38 69.57 40.97
C ASP F 3160 -129.28 69.26 39.96
N VAL F 3161 -128.28 68.47 40.34
CA VAL F 3161 -127.33 67.97 39.36
C VAL F 3161 -128.05 67.13 38.32
N GLN F 3162 -129.13 66.45 38.72
CA GLN F 3162 -129.95 65.75 37.74
C GLN F 3162 -130.55 66.72 36.74
N VAL F 3163 -131.05 67.85 37.21
CA VAL F 3163 -131.65 68.81 36.29
C VAL F 3163 -130.58 69.38 35.37
N SER F 3164 -129.40 69.71 35.90
CA SER F 3164 -128.35 70.26 35.05
C SER F 3164 -127.91 69.25 33.99
N CYS F 3165 -127.79 67.99 34.38
CA CYS F 3165 -127.36 66.95 33.46
C CYS F 3165 -128.46 66.63 32.45
N TYR F 3166 -129.72 66.73 32.86
CA TYR F 3166 -130.84 66.61 31.94
C TYR F 3166 -130.78 67.70 30.89
N ARG F 3167 -130.50 68.92 31.31
CA ARG F 3167 -130.41 70.00 30.33
C ARG F 3167 -129.25 69.78 29.38
N THR F 3168 -128.13 69.29 29.89
CA THR F 3168 -127.02 68.93 28.99
C THR F 3168 -127.44 67.84 28.02
N LEU F 3169 -128.16 66.83 28.49
CA LEU F 3169 -128.61 65.75 27.63
C LEU F 3169 -129.57 66.26 26.55
N CYS F 3170 -130.53 67.11 26.93
CA CYS F 3170 -131.42 67.73 25.95
C CYS F 3170 -130.63 68.53 24.92
N SER F 3171 -129.74 69.40 25.39
CA SER F 3171 -129.05 70.32 24.48
C SER F 3171 -128.13 69.58 23.53
N ILE F 3172 -127.32 68.64 24.03
CA ILE F 3172 -126.39 67.93 23.17
C ILE F 3172 -127.13 67.16 22.10
N TYR F 3173 -128.15 66.40 22.48
CA TYR F 3173 -128.91 65.66 21.50
C TYR F 3173 -129.69 66.57 20.56
N SER F 3174 -129.98 67.80 20.98
CA SER F 3174 -130.74 68.68 20.12
C SER F 3174 -129.95 69.15 18.90
N LEU F 3175 -128.74 68.65 18.69
CA LEU F 3175 -127.95 69.01 17.52
C LEU F 3175 -128.29 68.20 16.28
N GLY F 3176 -129.18 67.21 16.40
CA GLY F 3176 -129.50 66.37 15.25
C GLY F 3176 -130.10 67.15 14.11
N THR F 3177 -130.90 68.17 14.42
CA THR F 3177 -131.56 68.99 13.41
C THR F 3177 -130.67 70.11 12.89
N THR F 3178 -129.36 70.02 13.11
CA THR F 3178 -128.43 71.07 12.72
C THR F 3178 -127.42 70.50 11.75
N LYS F 3179 -127.14 71.24 10.68
CA LYS F 3179 -126.20 70.82 9.64
C LYS F 3179 -125.27 71.98 9.34
N ASN F 3180 -124.02 71.89 9.79
CA ASN F 3180 -123.05 72.96 9.61
C ASN F 3180 -121.67 72.35 9.45
N THR F 3181 -120.65 73.20 9.53
CA THR F 3181 -119.27 72.72 9.58
C THR F 3181 -118.76 72.68 11.01
N TYR F 3182 -119.13 73.68 11.82
CA TYR F 3182 -118.71 73.67 13.23
C TYR F 3182 -119.32 72.48 13.96
N VAL F 3183 -120.61 72.21 13.73
CA VAL F 3183 -121.23 71.02 14.28
C VAL F 3183 -120.52 69.77 13.78
N GLU F 3184 -120.13 69.77 12.51
CA GLU F 3184 -119.47 68.62 11.94
C GLU F 3184 -118.16 68.34 12.65
N LYS F 3185 -117.40 69.38 12.97
CA LYS F 3185 -116.13 69.11 13.62
C LYS F 3185 -116.27 68.90 15.12
N LEU F 3186 -117.40 69.30 15.72
CA LEU F 3186 -117.58 69.10 17.16
C LEU F 3186 -118.39 67.86 17.51
N ARG F 3187 -118.94 67.15 16.53
CA ARG F 3187 -119.72 65.95 16.85
C ARG F 3187 -119.00 64.93 17.71
N PRO F 3188 -117.73 64.60 17.46
CA PRO F 3188 -117.11 63.53 18.28
C PRO F 3188 -117.04 63.85 19.76
N ALA F 3189 -116.61 65.05 20.14
CA ALA F 3189 -116.51 65.39 21.56
C ALA F 3189 -117.89 65.40 22.21
N LEU F 3190 -118.88 65.94 21.51
CA LEU F 3190 -120.24 65.94 22.04
C LEU F 3190 -120.74 64.52 22.25
N GLY F 3191 -120.47 63.64 21.28
CA GLY F 3191 -120.91 62.26 21.41
C GLY F 3191 -120.24 61.55 22.57
N GLU F 3192 -118.94 61.78 22.76
CA GLU F 3192 -118.25 61.15 23.87
C GLU F 3192 -118.79 61.64 25.21
N CYS F 3193 -118.99 62.96 25.33
CA CYS F 3193 -119.54 63.48 26.58
C CYS F 3193 -120.94 62.92 26.82
N LEU F 3194 -121.74 62.79 25.77
CA LEU F 3194 -123.07 62.21 25.93
C LEU F 3194 -122.99 60.76 26.36
N ALA F 3195 -122.06 59.99 25.80
CA ALA F 3195 -121.94 58.59 26.19
C ALA F 3195 -121.59 58.48 27.67
N ARG F 3196 -120.65 59.31 28.12
CA ARG F 3196 -120.29 59.28 29.53
C ARG F 3196 -121.44 59.71 30.42
N LEU F 3197 -122.23 60.70 29.96
CA LEU F 3197 -123.37 61.14 30.75
C LEU F 3197 -124.42 60.04 30.84
N ALA F 3198 -124.64 59.31 29.74
CA ALA F 3198 -125.55 58.18 29.78
C ALA F 3198 -125.05 57.12 30.74
N ALA F 3199 -123.74 56.91 30.78
CA ALA F 3199 -123.18 55.97 31.75
C ALA F 3199 -123.41 56.43 33.18
N ALA F 3200 -123.28 57.72 33.44
CA ALA F 3200 -123.32 58.23 34.80
C ALA F 3200 -124.72 58.62 35.27
N MET F 3201 -125.71 58.63 34.39
CA MET F 3201 -127.05 59.05 34.79
C MET F 3201 -127.76 57.95 35.55
N PRO F 3202 -128.31 58.24 36.74
CA PRO F 3202 -129.08 57.23 37.47
C PRO F 3202 -130.52 57.11 37.03
N VAL F 3203 -130.95 57.89 36.05
CA VAL F 3203 -132.34 57.86 35.59
C VAL F 3203 -132.38 57.36 34.16
N ALA F 3204 -133.34 56.49 33.88
CA ALA F 3204 -133.51 55.89 32.56
C ALA F 3204 -134.28 56.87 31.69
N PHE F 3205 -133.54 57.82 31.09
CA PHE F 3205 -134.19 58.87 30.33
C PHE F 3205 -134.76 58.37 29.01
N LEU F 3206 -134.38 57.19 28.56
CA LEU F 3206 -134.95 56.61 27.35
C LEU F 3206 -136.19 55.77 27.62
N GLU F 3207 -136.50 55.52 28.89
CA GLU F 3207 -137.69 54.76 29.27
C GLU F 3207 -138.43 55.53 30.36
N PRO F 3208 -139.05 56.65 30.00
CA PRO F 3208 -139.75 57.45 31.02
C PRO F 3208 -140.93 56.75 31.63
N GLN F 3209 -141.55 55.81 30.90
CA GLN F 3209 -142.77 55.17 31.37
C GLN F 3209 -142.54 54.35 32.63
N LEU F 3210 -141.30 54.07 32.98
CA LEU F 3210 -140.98 53.30 34.17
C LEU F 3210 -140.25 54.13 35.22
N ASN F 3211 -140.31 55.46 35.12
CA ASN F 3211 -139.63 56.30 36.11
C ASN F 3211 -140.24 56.16 37.49
N GLU F 3212 -141.51 55.75 37.58
CA GLU F 3212 -142.17 55.66 38.88
C GLU F 3212 -141.53 54.60 39.77
N TYR F 3213 -140.71 53.71 39.21
CA TYR F 3213 -140.02 52.70 39.99
C TYR F 3213 -138.57 53.06 40.27
N ASN F 3214 -138.14 54.26 39.91
CA ASN F 3214 -136.75 54.66 40.06
C ASN F 3214 -136.61 55.51 41.32
N ALA F 3215 -135.80 55.04 42.26
CA ALA F 3215 -135.65 55.77 43.52
C ALA F 3215 -134.78 57.00 43.37
N CYS F 3216 -133.79 56.96 42.48
CA CYS F 3216 -132.82 58.04 42.34
C CYS F 3216 -133.24 59.06 41.30
N SER F 3217 -134.48 59.52 41.38
CA SER F 3217 -135.01 60.51 40.46
C SER F 3217 -135.66 61.62 41.25
N VAL F 3218 -135.71 62.82 40.66
CA VAL F 3218 -136.27 63.96 41.36
C VAL F 3218 -137.76 63.76 41.60
N TYR F 3219 -138.46 63.12 40.67
CA TYR F 3219 -139.89 62.92 40.80
C TYR F 3219 -140.26 61.96 41.92
N THR F 3220 -139.30 61.26 42.49
CA THR F 3220 -139.53 60.44 43.67
C THR F 3220 -138.86 60.98 44.92
N THR F 3221 -137.72 61.66 44.77
CA THR F 3221 -137.04 62.22 45.94
C THR F 3221 -137.75 63.47 46.43
N LYS F 3222 -138.44 64.19 45.56
CA LYS F 3222 -139.04 65.46 45.92
C LYS F 3222 -140.56 65.42 45.79
N SER F 3223 -141.23 66.07 46.74
CA SER F 3223 -142.68 66.07 46.77
C SER F 3223 -143.24 66.90 45.61
N PRO F 3224 -144.46 66.58 45.16
CA PRO F 3224 -145.10 67.44 44.15
C PRO F 3224 -145.30 68.87 44.61
N ARG F 3225 -145.37 69.10 45.92
CA ARG F 3225 -145.42 70.47 46.44
C ARG F 3225 -144.20 71.24 45.98
N GLU F 3226 -143.01 70.68 46.22
CA GLU F 3226 -141.79 71.21 45.62
C GLU F 3226 -141.74 70.73 44.16
N ARG F 3227 -140.59 70.87 43.52
CA ARG F 3227 -140.44 70.64 42.08
C ARG F 3227 -141.32 71.63 41.33
N ALA F 3228 -141.96 72.53 42.06
CA ALA F 3228 -142.70 73.64 41.50
C ALA F 3228 -142.09 74.99 41.84
N ILE F 3229 -141.48 75.11 43.02
CA ILE F 3229 -140.68 76.29 43.33
C ILE F 3229 -139.51 76.39 42.34
N LEU F 3230 -138.94 75.26 41.98
CA LEU F 3230 -137.98 75.18 40.89
C LEU F 3230 -138.70 74.66 39.65
N GLY F 3231 -138.46 75.31 38.52
CA GLY F 3231 -139.20 75.02 37.31
C GLY F 3231 -139.04 73.61 36.81
N LEU F 3232 -140.09 72.80 36.96
CA LEU F 3232 -140.11 71.47 36.38
C LEU F 3232 -141.42 71.26 35.63
N PRO F 3233 -141.38 70.50 34.54
CA PRO F 3233 -142.56 70.36 33.67
C PRO F 3233 -143.63 69.38 34.18
N ASN F 3234 -143.68 69.07 35.47
CA ASN F 3234 -144.76 68.33 36.12
C ASN F 3234 -144.86 66.89 35.64
N SER F 3235 -144.00 66.45 34.74
CA SER F 3235 -144.01 65.08 34.26
C SER F 3235 -142.62 64.73 33.76
N VAL F 3236 -142.20 63.50 34.01
CA VAL F 3236 -140.91 63.05 33.51
C VAL F 3236 -140.91 63.03 31.98
N GLU F 3237 -142.02 62.63 31.37
CA GLU F 3237 -142.04 62.41 29.94
C GLU F 3237 -141.81 63.69 29.15
N GLU F 3238 -141.98 64.86 29.78
CA GLU F 3238 -141.86 66.13 29.08
C GLU F 3238 -140.51 66.80 29.28
N MET F 3239 -139.62 66.22 30.10
CA MET F 3239 -138.52 67.01 30.64
C MET F 3239 -137.38 67.06 29.63
N CYS F 3240 -137.14 65.95 28.95
CA CYS F 3240 -136.36 65.91 27.71
C CYS F 3240 -137.23 65.34 26.60
N PRO F 3241 -138.15 66.13 26.06
CA PRO F 3241 -139.14 65.57 25.13
C PRO F 3241 -138.57 65.18 23.79
N ASP F 3242 -137.51 65.84 23.34
CA ASP F 3242 -137.00 65.65 21.99
C ASP F 3242 -136.20 64.36 21.85
N ILE F 3243 -135.97 63.65 22.93
CA ILE F 3243 -135.24 62.38 22.89
C ILE F 3243 -136.27 61.28 22.64
N PRO F 3244 -136.17 60.54 21.54
CA PRO F 3244 -137.12 59.45 21.32
C PRO F 3244 -136.97 58.36 22.36
N VAL F 3245 -138.05 57.64 22.60
CA VAL F 3245 -138.03 56.55 23.57
C VAL F 3245 -137.15 55.44 23.03
N LEU F 3246 -136.79 54.47 23.90
CA LEU F 3246 -135.81 53.48 23.53
C LEU F 3246 -136.27 52.64 22.35
N ASP F 3247 -137.54 52.21 22.35
CA ASP F 3247 -138.05 51.40 21.26
C ASP F 3247 -138.01 52.16 19.95
N ARG F 3248 -138.43 53.43 19.96
CA ARG F 3248 -138.41 54.23 18.75
C ARG F 3248 -136.98 54.38 18.22
N LEU F 3249 -136.04 54.65 19.12
CA LEU F 3249 -134.66 54.83 18.70
C LEU F 3249 -134.10 53.54 18.10
N MET F 3250 -134.36 52.41 18.74
CA MET F 3250 -133.90 51.13 18.21
C MET F 3250 -134.52 50.84 16.85
N ALA F 3251 -135.82 51.11 16.70
CA ALA F 3251 -136.46 50.88 15.42
C ALA F 3251 -135.85 51.77 14.33
N ASP F 3252 -135.57 53.03 14.66
CA ASP F 3252 -134.96 53.92 13.67
C ASP F 3252 -133.59 53.40 13.25
N ILE F 3253 -132.76 53.00 14.23
CA ILE F 3253 -131.41 52.54 13.89
C ILE F 3253 -131.47 51.27 13.07
N GLY F 3254 -132.34 50.34 13.44
CA GLY F 3254 -132.49 49.12 12.67
C GLY F 3254 -132.96 49.39 11.25
N GLY F 3255 -133.91 50.33 11.10
CA GLY F 3255 -134.36 50.68 9.77
C GLY F 3255 -133.24 51.26 8.94
N LEU F 3256 -132.42 52.13 9.53
CA LEU F 3256 -131.30 52.68 8.77
C LEU F 3256 -130.31 51.59 8.37
N ALA F 3257 -130.00 50.69 9.30
CA ALA F 3257 -129.05 49.62 8.98
C ALA F 3257 -129.58 48.73 7.86
N GLU F 3258 -130.86 48.34 7.93
CA GLU F 3258 -131.40 47.49 6.88
C GLU F 3258 -131.54 48.21 5.56
N SER F 3259 -131.84 49.52 5.58
CA SER F 3259 -131.83 50.29 4.35
C SER F 3259 -130.44 50.40 3.77
N GLY F 3260 -129.40 50.28 4.58
CA GLY F 3260 -128.06 50.36 4.05
C GLY F 3260 -127.59 51.75 3.72
N ALA F 3261 -128.13 52.76 4.38
CA ALA F 3261 -127.72 54.12 4.13
C ALA F 3261 -126.26 54.31 4.51
N ARG F 3262 -125.59 55.22 3.82
CA ARG F 3262 -124.20 55.52 4.10
C ARG F 3262 -124.10 56.44 5.31
N TYR F 3263 -122.86 56.83 5.64
CA TYR F 3263 -122.61 57.70 6.78
C TYR F 3263 -123.13 59.12 6.53
N THR F 3264 -123.12 59.57 5.29
CA THR F 3264 -123.41 60.97 5.00
C THR F 3264 -124.85 61.32 5.32
N GLU F 3265 -125.78 60.37 5.19
CA GLU F 3265 -127.18 60.64 5.49
C GLU F 3265 -127.54 60.28 6.92
N MET F 3266 -126.60 59.82 7.72
CA MET F 3266 -126.92 59.47 9.10
C MET F 3266 -125.77 59.77 10.06
N PRO F 3267 -125.15 60.95 9.99
CA PRO F 3267 -123.99 61.20 10.84
C PRO F 3267 -124.35 61.43 12.28
N HIS F 3268 -125.52 62.00 12.56
CA HIS F 3268 -125.89 62.28 13.93
C HIS F 3268 -126.05 60.99 14.73
N VAL F 3269 -126.67 59.98 14.13
CA VAL F 3269 -126.84 58.70 14.81
C VAL F 3269 -125.50 58.07 15.09
N ILE F 3270 -124.59 58.11 14.12
CA ILE F 3270 -123.32 57.44 14.26
C ILE F 3270 -122.45 58.14 15.31
N GLU F 3271 -122.43 59.47 15.28
CA GLU F 3271 -121.50 60.19 16.15
C GLU F 3271 -122.03 60.36 17.56
N ILE F 3272 -123.35 60.32 17.76
CA ILE F 3272 -123.92 60.66 19.05
C ILE F 3272 -124.85 59.56 19.58
N THR F 3273 -125.88 59.24 18.80
CA THR F 3273 -126.92 58.34 19.30
C THR F 3273 -126.38 56.95 19.56
N LEU F 3274 -125.54 56.46 18.66
CA LEU F 3274 -124.96 55.13 18.86
C LEU F 3274 -124.07 55.06 20.09
N PRO F 3275 -123.14 55.98 20.33
CA PRO F 3275 -122.41 55.94 21.61
C PRO F 3275 -123.30 56.08 22.82
N MET F 3276 -124.34 56.92 22.74
CA MET F 3276 -125.23 57.07 23.88
C MET F 3276 -125.92 55.75 24.19
N LEU F 3277 -126.38 55.04 23.16
CA LEU F 3277 -127.00 53.74 23.38
C LEU F 3277 -125.99 52.71 23.86
N CYS F 3278 -124.79 52.71 23.29
CA CYS F 3278 -123.76 51.75 23.68
C CYS F 3278 -123.34 51.92 25.12
N SER F 3279 -123.47 53.11 25.68
CA SER F 3279 -123.21 53.31 27.09
C SER F 3279 -124.46 53.24 27.95
N TYR F 3280 -125.64 53.33 27.35
CA TYR F 3280 -126.88 53.31 28.11
C TYR F 3280 -127.33 51.89 28.39
N LEU F 3281 -127.32 51.04 27.36
CA LEU F 3281 -127.82 49.67 27.52
C LEU F 3281 -127.05 48.87 28.55
N PRO F 3282 -125.71 48.84 28.56
CA PRO F 3282 -125.03 48.06 29.60
C PRO F 3282 -125.34 48.52 31.01
N ARG F 3283 -125.52 49.82 31.21
CA ARG F 3283 -125.77 50.30 32.56
C ARG F 3283 -127.09 49.79 33.11
N TRP F 3284 -128.13 49.78 32.27
CA TRP F 3284 -129.45 49.39 32.73
C TRP F 3284 -129.71 47.90 32.61
N TRP F 3285 -128.92 47.19 31.81
CA TRP F 3285 -129.07 45.74 31.76
C TRP F 3285 -128.74 45.13 33.11
N GLU F 3286 -127.75 45.69 33.82
CA GLU F 3286 -127.42 45.24 35.15
C GLU F 3286 -128.45 45.65 36.19
N ARG F 3287 -129.37 46.55 35.85
CA ARG F 3287 -130.38 47.01 36.79
C ARG F 3287 -131.80 46.74 36.31
N GLY F 3288 -131.99 45.80 35.39
CA GLY F 3288 -133.31 45.46 34.94
C GLY F 3288 -133.55 43.97 34.99
N PRO F 3289 -134.57 43.50 34.27
CA PRO F 3289 -134.77 42.07 34.14
C PRO F 3289 -133.60 41.44 33.40
N GLU F 3290 -133.47 40.12 33.56
CA GLU F 3290 -132.34 39.32 33.08
C GLU F 3290 -131.06 39.66 33.80
N ALA F 3291 -131.10 40.53 34.81
CA ALA F 3291 -129.94 40.74 35.65
C ALA F 3291 -129.73 39.51 36.52
N PRO F 3292 -128.56 39.39 37.15
CA PRO F 3292 -128.39 38.37 38.20
C PRO F 3292 -128.72 38.95 39.56
N PRO F 3293 -130.00 39.03 39.92
CA PRO F 3293 -130.39 39.89 41.04
C PRO F 3293 -129.96 39.28 42.36
N PRO F 3294 -129.14 39.98 43.13
CA PRO F 3294 -129.01 39.65 44.56
C PRO F 3294 -130.12 40.34 45.34
N ALA F 3295 -131.34 40.24 44.83
CA ALA F 3295 -132.48 41.01 45.34
C ALA F 3295 -133.52 40.09 46.00
N LEU F 3296 -133.07 39.07 46.71
CA LEU F 3296 -133.99 38.27 47.51
C LEU F 3296 -134.73 39.12 48.54
N PRO F 3297 -134.06 40.00 49.32
CA PRO F 3297 -134.82 40.90 50.19
C PRO F 3297 -135.39 42.10 49.45
N ALA F 3298 -134.67 42.59 48.45
CA ALA F 3298 -135.00 43.85 47.79
C ALA F 3298 -135.58 43.65 46.39
N GLY F 3299 -136.19 42.50 46.12
CA GLY F 3299 -136.84 42.27 44.85
C GLY F 3299 -138.24 42.85 44.73
N ALA F 3300 -138.78 43.41 45.81
CA ALA F 3300 -140.10 44.00 45.76
C ALA F 3300 -140.22 45.13 44.75
N PRO F 3301 -139.31 46.09 44.68
CA PRO F 3301 -139.44 47.15 43.66
C PRO F 3301 -139.24 46.59 42.28
N PRO F 3302 -140.19 46.82 41.37
CA PRO F 3302 -139.98 46.42 39.99
C PRO F 3302 -138.80 47.16 39.40
N PRO F 3303 -138.05 46.52 38.51
CA PRO F 3303 -136.96 47.23 37.85
C PRO F 3303 -137.47 48.42 37.06
N CYS F 3304 -136.68 49.48 37.06
CA CYS F 3304 -137.04 50.74 36.41
C CYS F 3304 -136.71 50.76 34.93
N THR F 3305 -136.32 49.62 34.36
CA THR F 3305 -136.00 49.53 32.94
C THR F 3305 -136.50 48.21 32.39
N ALA F 3306 -136.51 48.11 31.06
CA ALA F 3306 -136.91 46.90 30.37
C ALA F 3306 -135.81 46.39 29.45
N VAL F 3307 -134.56 46.70 29.78
CA VAL F 3307 -133.43 46.32 28.95
C VAL F 3307 -133.07 44.87 29.23
N THR F 3308 -132.99 44.07 28.19
CA THR F 3308 -132.53 42.68 28.24
C THR F 3308 -131.37 42.50 27.28
N SER F 3309 -130.94 41.24 27.13
CA SER F 3309 -129.88 40.94 26.17
C SER F 3309 -130.34 41.09 24.73
N ASP F 3310 -131.65 41.07 24.49
CA ASP F 3310 -132.16 41.27 23.14
C ASP F 3310 -131.74 42.62 22.59
N HIS F 3311 -131.84 43.65 23.42
CA HIS F 3311 -131.50 45.00 22.96
C HIS F 3311 -130.02 45.10 22.61
N LEU F 3312 -129.15 44.54 23.46
CA LEU F 3312 -127.72 44.58 23.18
C LEU F 3312 -127.38 43.81 21.91
N ASN F 3313 -127.97 42.63 21.74
CA ASN F 3313 -127.71 41.86 20.53
C ASN F 3313 -128.20 42.58 19.29
N SER F 3314 -129.39 43.17 19.36
CA SER F 3314 -129.92 43.90 18.21
C SER F 3314 -129.04 45.09 17.88
N LEU F 3315 -128.60 45.82 18.90
CA LEU F 3315 -127.76 46.98 18.66
C LEU F 3315 -126.43 46.58 18.03
N LEU F 3316 -125.84 45.48 18.51
CA LEU F 3316 -124.56 45.05 17.95
C LEU F 3316 -124.73 44.60 16.50
N GLY F 3317 -125.79 43.87 16.20
CA GLY F 3317 -126.05 43.49 14.82
C GLY F 3317 -126.24 44.71 13.93
N ASN F 3318 -126.96 45.71 14.43
CA ASN F 3318 -127.15 46.92 13.64
C ASN F 3318 -125.85 47.67 13.42
N ILE F 3319 -124.99 47.71 14.44
CA ILE F 3319 -123.70 48.38 14.28
C ILE F 3319 -122.84 47.68 13.24
N LEU F 3320 -122.81 46.34 13.28
CA LEU F 3320 -122.06 45.62 12.26
C LEU F 3320 -122.63 45.87 10.88
N ARG F 3321 -123.96 45.90 10.75
CA ARG F 3321 -124.57 46.17 9.46
C ARG F 3321 -124.22 47.57 8.96
N ILE F 3322 -124.21 48.56 9.86
CA ILE F 3322 -123.84 49.92 9.46
C ILE F 3322 -122.39 49.96 8.97
N ILE F 3323 -121.49 49.33 9.72
CA ILE F 3323 -120.08 49.35 9.32
C ILE F 3323 -119.90 48.69 7.97
N VAL F 3324 -120.56 47.55 7.73
CA VAL F 3324 -120.39 46.90 6.44
C VAL F 3324 -121.13 47.64 5.34
N ASN F 3325 -122.13 48.46 5.68
CA ASN F 3325 -122.71 49.34 4.68
C ASN F 3325 -121.71 50.40 4.25
N ASN F 3326 -120.98 50.98 5.19
CA ASN F 3326 -119.97 51.98 4.87
C ASN F 3326 -118.60 51.35 4.65
N LEU F 3327 -118.56 50.11 4.20
CA LEU F 3327 -117.31 49.36 4.22
C LEU F 3327 -116.31 49.88 3.18
N GLY F 3328 -116.78 50.11 1.96
CA GLY F 3328 -115.88 50.46 0.87
C GLY F 3328 -115.65 51.93 0.63
N ILE F 3329 -116.14 52.82 1.49
CA ILE F 3329 -116.01 54.24 1.22
C ILE F 3329 -114.56 54.68 1.44
N ASP F 3330 -114.20 55.77 0.75
CA ASP F 3330 -112.81 56.21 0.74
C ASP F 3330 -112.35 56.66 2.13
N GLU F 3331 -113.11 57.53 2.76
CA GLU F 3331 -112.72 58.11 4.04
C GLU F 3331 -113.81 57.89 5.07
N ALA F 3332 -113.46 57.30 6.19
CA ALA F 3332 -114.38 57.16 7.33
C ALA F 3332 -113.52 57.05 8.58
N THR F 3333 -113.33 58.18 9.26
CA THR F 3333 -112.56 58.20 10.48
C THR F 3333 -113.38 57.88 11.72
N TRP F 3334 -114.69 57.67 11.56
CA TRP F 3334 -115.56 57.40 12.68
C TRP F 3334 -115.61 55.92 13.04
N MET F 3335 -115.04 55.05 12.23
CA MET F 3335 -115.14 53.62 12.48
C MET F 3335 -114.43 53.23 13.76
N LYS F 3336 -113.25 53.79 13.99
CA LYS F 3336 -112.52 53.45 15.22
C LYS F 3336 -113.28 53.91 16.45
N ARG F 3337 -113.85 55.11 16.41
CA ARG F 3337 -114.63 55.59 17.55
C ARG F 3337 -115.86 54.74 17.78
N LEU F 3338 -116.56 54.38 16.70
CA LEU F 3338 -117.74 53.54 16.86
C LEU F 3338 -117.37 52.17 17.42
N ALA F 3339 -116.25 51.61 16.99
CA ALA F 3339 -115.83 50.32 17.51
C ALA F 3339 -115.50 50.40 18.99
N VAL F 3340 -114.74 51.42 19.40
CA VAL F 3340 -114.36 51.53 20.81
C VAL F 3340 -115.56 51.86 21.67
N PHE F 3341 -116.60 52.46 21.09
CA PHE F 3341 -117.82 52.66 21.85
C PHE F 3341 -118.68 51.41 21.91
N ALA F 3342 -118.61 50.56 20.89
CA ALA F 3342 -119.42 49.35 20.88
C ALA F 3342 -118.76 48.17 21.54
N GLN F 3343 -117.49 48.29 21.93
CA GLN F 3343 -116.84 47.18 22.61
C GLN F 3343 -117.55 46.72 23.88
N PRO F 3344 -118.01 47.59 24.78
CA PRO F 3344 -118.65 47.08 26.01
C PRO F 3344 -119.88 46.23 25.75
N ILE F 3345 -120.69 46.53 24.74
CA ILE F 3345 -121.94 45.81 24.57
C ILE F 3345 -121.77 44.44 23.95
N VAL F 3346 -120.57 44.12 23.47
CA VAL F 3346 -120.36 42.86 22.76
C VAL F 3346 -120.39 41.66 23.71
N SER F 3347 -120.23 41.89 25.01
CA SER F 3347 -120.14 40.78 25.95
C SER F 3347 -121.44 39.99 26.01
N ARG F 3348 -122.56 40.57 25.61
CA ARG F 3348 -123.85 39.92 25.70
C ARG F 3348 -124.33 39.39 24.36
N ALA F 3349 -123.44 39.30 23.37
CA ALA F 3349 -123.83 38.86 22.04
C ALA F 3349 -124.25 37.40 22.06
N ARG F 3350 -125.37 37.12 21.44
CA ARG F 3350 -125.83 35.75 21.33
C ARG F 3350 -125.00 35.01 20.29
N PRO F 3351 -124.97 33.67 20.37
CA PRO F 3351 -124.17 32.90 19.40
C PRO F 3351 -124.62 33.07 17.96
N GLU F 3352 -125.85 33.48 17.71
CA GLU F 3352 -126.33 33.59 16.34
C GLU F 3352 -125.57 34.63 15.53
N LEU F 3353 -124.97 35.62 16.18
CA LEU F 3353 -124.24 36.65 15.47
C LEU F 3353 -123.04 36.10 14.71
N LEU F 3354 -122.55 34.93 15.11
CA LEU F 3354 -121.42 34.33 14.38
C LEU F 3354 -121.82 33.98 12.96
N HIS F 3355 -123.01 33.42 12.78
CA HIS F 3355 -123.44 33.05 11.44
C HIS F 3355 -124.18 34.17 10.73
N SER F 3356 -124.95 34.97 11.44
CA SER F 3356 -125.75 35.99 10.78
C SER F 3356 -124.87 37.13 10.27
N HIS F 3357 -123.92 37.59 11.07
CA HIS F 3357 -123.16 38.79 10.75
C HIS F 3357 -121.68 38.53 10.55
N PHE F 3358 -121.00 37.96 11.55
CA PHE F 3358 -119.53 37.96 11.57
C PHE F 3358 -118.97 37.21 10.38
N ILE F 3359 -119.52 36.04 10.07
CA ILE F 3359 -119.00 35.26 8.95
C ILE F 3359 -119.13 36.00 7.63
N PRO F 3360 -120.30 36.57 7.27
CA PRO F 3360 -120.34 37.37 6.05
C PRO F 3360 -119.43 38.59 6.04
N THR F 3361 -119.35 39.31 7.15
CA THR F 3361 -118.51 40.51 7.16
C THR F 3361 -117.05 40.14 6.91
N ILE F 3362 -116.55 39.15 7.65
CA ILE F 3362 -115.17 38.75 7.50
C ILE F 3362 -114.96 38.10 6.14
N GLY F 3363 -115.99 37.50 5.55
CA GLY F 3363 -115.84 36.95 4.22
C GLY F 3363 -115.64 38.03 3.17
N ARG F 3364 -116.41 39.11 3.30
CA ARG F 3364 -116.20 40.24 2.40
C ARG F 3364 -114.80 40.81 2.58
N LEU F 3365 -114.35 40.92 3.82
CA LEU F 3365 -112.99 41.41 4.06
C LEU F 3365 -111.94 40.49 3.44
N ARG F 3366 -112.12 39.17 3.58
CA ARG F 3366 -111.14 38.22 3.06
C ARG F 3366 -111.07 38.30 1.53
N LYS F 3367 -112.22 38.38 0.86
CA LYS F 3367 -112.18 38.45 -0.58
C LYS F 3367 -111.59 39.77 -1.06
N ARG F 3368 -111.86 40.87 -0.34
CA ARG F 3368 -111.21 42.14 -0.70
C ARG F 3368 -109.70 42.04 -0.55
N ALA F 3369 -109.23 41.42 0.53
CA ALA F 3369 -107.79 41.26 0.71
C ALA F 3369 -107.18 40.43 -0.40
N GLY F 3370 -107.88 39.36 -0.80
CA GLY F 3370 -107.40 38.55 -1.90
C GLY F 3370 -107.29 39.33 -3.19
N LYS F 3371 -108.30 40.14 -3.49
CA LYS F 3371 -108.24 40.97 -4.69
C LYS F 3371 -107.06 41.94 -4.66
N VAL F 3372 -106.85 42.59 -3.51
CA VAL F 3372 -105.78 43.58 -3.41
C VAL F 3372 -104.42 42.91 -3.58
N VAL F 3373 -104.20 41.76 -2.95
CA VAL F 3373 -102.90 41.12 -3.10
C VAL F 3373 -102.73 40.57 -4.50
N ALA F 3374 -103.83 40.17 -5.16
CA ALA F 3374 -103.72 39.75 -6.55
C ALA F 3374 -103.26 40.90 -7.43
N GLU F 3375 -103.80 42.09 -7.20
CA GLU F 3375 -103.33 43.26 -7.94
C GLU F 3375 -101.87 43.57 -7.62
N GLU F 3376 -101.48 43.41 -6.36
CA GLU F 3376 -100.09 43.70 -6.00
C GLU F 3376 -99.13 42.74 -6.69
N GLU F 3377 -99.46 41.45 -6.74
CA GLU F 3377 -98.59 40.52 -7.43
C GLU F 3377 -98.62 40.72 -8.93
N GLN F 3378 -99.76 41.17 -9.48
CA GLN F 3378 -99.78 41.53 -10.89
C GLN F 3378 -98.84 42.71 -11.16
N LEU F 3379 -98.80 43.67 -10.25
CA LEU F 3379 -97.86 44.78 -10.40
C LEU F 3379 -96.41 44.30 -10.27
N ARG F 3380 -96.15 43.40 -9.32
CA ARG F 3380 -94.77 43.00 -9.06
C ARG F 3380 -94.22 42.07 -10.13
N LEU F 3381 -95.08 41.29 -10.79
CA LEU F 3381 -94.58 40.33 -11.78
C LEU F 3381 -94.02 41.03 -13.01
N GLU F 3382 -94.49 42.23 -13.32
CA GLU F 3382 -94.01 43.00 -14.46
C GLU F 3382 -93.22 44.18 -13.90
N ALA F 3383 -91.96 44.29 -14.31
CA ALA F 3383 -91.10 45.35 -13.82
C ALA F 3383 -91.07 46.51 -14.81
N LYS F 3384 -91.44 47.70 -14.32
CA LYS F 3384 -91.51 48.88 -15.17
C LYS F 3384 -91.43 50.11 -14.27
N ALA F 3385 -91.02 51.23 -14.87
CA ALA F 3385 -91.08 52.49 -14.15
C ALA F 3385 -92.51 52.92 -13.87
N GLU F 3386 -93.48 52.37 -14.60
CA GLU F 3386 -94.89 52.66 -14.36
C GLU F 3386 -95.44 51.92 -13.16
N ALA F 3387 -94.75 50.88 -12.67
CA ALA F 3387 -95.25 50.12 -11.53
C ALA F 3387 -95.46 51.01 -10.32
N GLU F 3388 -94.63 52.05 -10.17
CA GLU F 3388 -94.85 53.01 -9.09
C GLU F 3388 -96.19 53.72 -9.25
N GLU F 3389 -96.55 54.04 -10.49
CA GLU F 3389 -97.88 54.58 -10.77
C GLU F 3389 -98.84 53.41 -10.76
N GLY F 3390 -99.37 53.11 -9.57
CA GLY F 3390 -100.15 51.92 -9.34
C GLY F 3390 -99.74 51.32 -8.01
N GLU F 3391 -98.47 51.49 -7.66
CA GLU F 3391 -98.04 51.18 -6.31
C GLU F 3391 -98.79 52.01 -5.29
N LEU F 3392 -98.96 53.30 -5.55
CA LEU F 3392 -99.77 54.10 -4.64
C LEU F 3392 -101.24 53.70 -4.66
N LEU F 3393 -101.74 53.20 -5.80
CA LEU F 3393 -103.09 52.67 -5.83
C LEU F 3393 -103.24 51.48 -4.88
N VAL F 3394 -102.32 50.53 -4.95
CA VAL F 3394 -102.43 49.37 -4.08
C VAL F 3394 -102.17 49.76 -2.64
N ARG F 3395 -101.33 50.79 -2.40
CA ARG F 3395 -101.16 51.26 -1.02
C ARG F 3395 -102.46 51.85 -0.47
N ASP F 3396 -103.17 52.64 -1.27
CA ASP F 3396 -104.44 53.20 -0.81
C ASP F 3396 -105.45 52.10 -0.55
N GLU F 3397 -105.49 51.10 -1.42
CA GLU F 3397 -106.39 49.98 -1.19
C GLU F 3397 -106.03 49.24 0.10
N PHE F 3398 -104.74 49.04 0.34
CA PHE F 3398 -104.33 48.38 1.58
C PHE F 3398 -104.68 49.22 2.80
N SER F 3399 -104.58 50.54 2.67
CA SER F 3399 -104.91 51.41 3.80
C SER F 3399 -106.38 51.36 4.13
N VAL F 3400 -107.25 51.42 3.12
CA VAL F 3400 -108.68 51.31 3.40
C VAL F 3400 -109.02 49.94 3.93
N LEU F 3401 -108.35 48.89 3.43
CA LEU F 3401 -108.60 47.55 3.94
C LEU F 3401 -108.20 47.43 5.40
N CYS F 3402 -107.05 48.00 5.76
CA CYS F 3402 -106.63 47.99 7.17
C CYS F 3402 -107.58 48.80 8.02
N ARG F 3403 -108.13 49.89 7.48
CA ARG F 3403 -109.12 50.65 8.24
C ARG F 3403 -110.34 49.80 8.56
N ASP F 3404 -110.85 49.08 7.56
CA ASP F 3404 -111.99 48.19 7.83
C ASP F 3404 -111.61 47.09 8.81
N LEU F 3405 -110.41 46.53 8.67
CA LEU F 3405 -109.97 45.47 9.57
C LEU F 3405 -109.91 45.96 11.00
N TYR F 3406 -109.38 47.16 11.23
CA TYR F 3406 -109.33 47.66 12.59
C TYR F 3406 -110.67 48.18 13.07
N ALA F 3407 -111.61 48.42 12.17
CA ALA F 3407 -112.97 48.71 12.58
C ALA F 3407 -113.74 47.47 13.01
N LEU F 3408 -113.46 46.31 12.41
CA LEU F 3408 -114.21 45.10 12.71
C LEU F 3408 -113.53 44.16 13.67
N TYR F 3409 -112.20 44.10 13.68
CA TYR F 3409 -111.52 43.06 14.44
C TYR F 3409 -111.69 43.16 15.95
N PRO F 3410 -111.64 44.34 16.60
CA PRO F 3410 -111.80 44.33 18.07
C PRO F 3410 -113.12 43.70 18.51
N LEU F 3411 -114.20 43.96 17.78
CA LEU F 3411 -115.46 43.32 18.11
C LEU F 3411 -115.37 41.80 17.96
N LEU F 3412 -114.73 41.33 16.89
CA LEU F 3412 -114.58 39.89 16.69
C LEU F 3412 -113.70 39.28 17.77
N ILE F 3413 -112.66 39.99 18.18
CA ILE F 3413 -111.76 39.48 19.21
C ILE F 3413 -112.52 39.30 20.52
N ARG F 3414 -113.31 40.30 20.89
CA ARG F 3414 -114.08 40.17 22.13
C ARG F 3414 -115.10 39.03 22.03
N TYR F 3415 -115.75 38.91 20.88
CA TYR F 3415 -116.72 37.84 20.69
C TYR F 3415 -116.06 36.47 20.77
N VAL F 3416 -114.88 36.33 20.17
CA VAL F 3416 -114.13 35.09 20.22
C VAL F 3416 -113.74 34.77 21.66
N ASP F 3417 -113.28 35.77 22.41
CA ASP F 3417 -112.94 35.52 23.80
C ASP F 3417 -114.14 35.03 24.59
N ASN F 3418 -115.31 35.59 24.33
CA ASN F 3418 -116.48 35.17 25.07
C ASN F 3418 -117.02 33.81 24.65
N ASN F 3419 -116.77 33.37 23.42
CA ASN F 3419 -117.38 32.13 22.96
C ASN F 3419 -116.40 30.99 22.66
N ARG F 3420 -115.10 31.19 22.90
CA ARG F 3420 -114.14 30.15 22.56
C ARG F 3420 -114.27 28.95 23.48
N ALA F 3421 -114.63 29.16 24.75
CA ALA F 3421 -114.85 28.03 25.64
C ALA F 3421 -115.91 27.10 25.07
N HIS F 3422 -117.05 27.66 24.66
CA HIS F 3422 -118.10 26.84 24.08
CA HIS F 3422 -118.10 26.83 24.08
C HIS F 3422 -117.66 26.20 22.78
N TRP F 3423 -116.95 26.95 21.93
CA TRP F 3423 -116.55 26.39 20.64
C TRP F 3423 -115.61 25.21 20.82
N LEU F 3424 -114.65 25.32 21.74
CA LEU F 3424 -113.75 24.20 21.98
C LEU F 3424 -114.48 23.04 22.63
N THR F 3425 -115.38 23.32 23.57
CA THR F 3425 -116.10 22.25 24.24
C THR F 3425 -116.95 21.46 23.25
N GLU F 3426 -117.61 22.14 22.34
CA GLU F 3426 -118.43 21.50 21.31
C GLU F 3426 -118.01 22.05 19.96
N PRO F 3427 -117.47 21.22 19.06
CA PRO F 3427 -116.97 21.74 17.78
C PRO F 3427 -118.07 22.44 17.00
N ASN F 3428 -117.70 23.52 16.33
CA ASN F 3428 -118.66 24.34 15.60
C ASN F 3428 -118.14 24.60 14.20
N ALA F 3429 -118.92 24.17 13.20
CA ALA F 3429 -118.51 24.36 11.81
C ALA F 3429 -118.35 25.83 11.49
N ASN F 3430 -119.20 26.68 12.07
CA ASN F 3430 -119.07 28.11 11.84
C ASN F 3430 -117.75 28.64 12.40
N ALA F 3431 -117.36 28.20 13.58
CA ALA F 3431 -116.08 28.60 14.13
C ALA F 3431 -114.94 28.11 13.26
N GLU F 3432 -115.06 26.90 12.71
CA GLU F 3432 -114.03 26.41 11.81
C GLU F 3432 -113.91 27.27 10.56
N GLU F 3433 -115.05 27.63 9.96
CA GLU F 3433 -115.02 28.47 8.77
C GLU F 3433 -114.41 29.83 9.07
N LEU F 3434 -114.78 30.41 10.21
CA LEU F 3434 -114.18 31.69 10.60
C LEU F 3434 -112.69 31.55 10.81
N PHE F 3435 -112.23 30.41 11.33
CA PHE F 3435 -110.79 30.22 11.48
C PHE F 3435 -110.11 30.20 10.13
N ARG F 3436 -110.67 29.46 9.17
CA ARG F 3436 -110.09 29.46 7.84
C ARG F 3436 -110.00 30.87 7.29
N MET F 3437 -111.05 31.64 7.52
CA MET F 3437 -111.15 32.98 6.96
C MET F 3437 -110.12 33.93 7.56
N VAL F 3438 -110.03 33.96 8.89
CA VAL F 3438 -109.03 34.82 9.52
C VAL F 3438 -107.63 34.35 9.20
N GLY F 3439 -107.43 33.04 9.04
CA GLY F 3439 -106.12 32.56 8.68
C GLY F 3439 -105.70 32.97 7.28
N GLU F 3440 -106.64 32.95 6.34
CA GLU F 3440 -106.31 33.43 5.00
C GLU F 3440 -105.98 34.91 5.01
N ILE F 3441 -106.72 35.70 5.79
CA ILE F 3441 -106.38 37.11 5.89
C ILE F 3441 -104.97 37.28 6.47
N PHE F 3442 -104.64 36.49 7.48
CA PHE F 3442 -103.31 36.59 8.09
C PHE F 3442 -102.22 36.15 7.12
N ILE F 3443 -102.50 35.13 6.31
CA ILE F 3443 -101.54 34.71 5.29
C ILE F 3443 -101.28 35.84 4.32
N TYR F 3444 -102.35 36.49 3.85
CA TYR F 3444 -102.19 37.64 2.96
C TYR F 3444 -101.34 38.71 3.63
N TRP F 3445 -101.61 38.97 4.91
CA TRP F 3445 -100.86 39.98 5.64
C TRP F 3445 -99.37 39.63 5.70
N SER F 3446 -99.06 38.35 5.91
CA SER F 3446 -97.68 37.95 6.04
C SER F 3446 -96.95 37.98 4.70
N LYS F 3447 -97.63 37.59 3.62
CA LYS F 3447 -96.97 37.54 2.33
C LYS F 3447 -96.72 38.93 1.76
N SER F 3448 -97.70 39.83 1.88
CA SER F 3448 -97.59 41.14 1.26
C SER F 3448 -96.87 42.12 2.16
N HIS F 3449 -95.86 42.79 1.61
CA HIS F 3449 -95.15 43.80 2.39
C HIS F 3449 -95.95 45.09 2.48
N ASN F 3450 -96.69 45.41 1.41
CA ASN F 3450 -97.54 46.60 1.44
C ASN F 3450 -98.62 46.50 2.50
N PHE F 3451 -99.13 45.29 2.75
CA PHE F 3451 -100.12 45.11 3.81
C PHE F 3451 -99.54 45.51 5.16
N LYS F 3452 -98.34 45.02 5.47
CA LYS F 3452 -97.71 45.38 6.73
C LYS F 3452 -97.43 46.88 6.81
N ARG F 3453 -96.94 47.44 5.70
CA ARG F 3453 -96.63 48.87 5.68
C ARG F 3453 -97.89 49.69 5.96
N GLU F 3454 -98.98 49.37 5.28
CA GLU F 3454 -100.21 50.13 5.47
C GLU F 3454 -100.81 49.91 6.85
N GLU F 3455 -100.67 48.70 7.39
CA GLU F 3455 -101.18 48.46 8.74
C GLU F 3455 -100.44 49.30 9.76
N GLN F 3456 -99.11 49.30 9.70
CA GLN F 3456 -98.33 50.07 10.66
C GLN F 3456 -98.61 51.56 10.47
N ASN F 3457 -98.72 52.01 9.21
CA ASN F 3457 -99.03 53.40 8.95
C ASN F 3457 -100.39 53.77 9.53
N PHE F 3458 -101.39 52.92 9.35
CA PHE F 3458 -102.71 53.21 9.88
C PHE F 3458 -102.66 53.34 11.39
N VAL F 3459 -102.00 52.39 12.06
CA VAL F 3459 -101.94 52.42 13.51
C VAL F 3459 -101.28 53.70 13.99
N VAL F 3460 -100.11 54.04 13.42
CA VAL F 3460 -99.37 55.19 13.92
C VAL F 3460 -100.10 56.49 13.60
N GLN F 3461 -100.75 56.57 12.43
CA GLN F 3461 -101.34 57.85 12.03
C GLN F 3461 -102.69 58.08 12.69
N ASN F 3462 -103.41 57.02 13.08
CA ASN F 3462 -104.66 57.19 13.78
C ASN F 3462 -104.51 57.03 15.29
N GLU F 3463 -103.31 56.76 15.78
CA GLU F 3463 -103.06 56.60 17.21
C GLU F 3463 -103.93 55.49 17.80
N ILE F 3464 -104.11 54.41 17.03
CA ILE F 3464 -104.84 53.27 17.53
C ILE F 3464 -104.07 52.63 18.67
N ASN F 3465 -104.71 52.57 19.85
CA ASN F 3465 -104.02 52.08 21.04
C ASN F 3465 -103.59 50.63 20.88
N ASN F 3466 -104.45 49.80 20.28
CA ASN F 3466 -104.15 48.39 19.99
C ASN F 3466 -103.81 47.62 21.27
N MET F 3467 -104.07 48.21 22.42
CA MET F 3467 -103.75 47.64 23.72
C MET F 3467 -104.98 47.43 24.58
N SER F 3468 -105.85 48.46 24.67
CA SER F 3468 -107.14 48.27 25.32
C SER F 3468 -107.99 47.25 24.57
N PHE F 3469 -107.76 47.10 23.27
CA PHE F 3469 -108.45 46.06 22.51
C PHE F 3469 -108.13 44.67 23.03
N LEU F 3470 -107.04 44.53 23.78
CA LEU F 3470 -106.71 43.26 24.43
C LEU F 3470 -106.95 43.27 25.92
N THR F 3471 -106.94 44.43 26.57
CA THR F 3471 -107.17 44.51 28.02
C THR F 3471 -108.60 44.89 28.39
N ALA F 3472 -109.52 44.95 27.41
CA ALA F 3472 -110.90 45.29 27.74
C ALA F 3472 -111.51 44.28 28.69
N ASP F 3473 -111.29 42.99 28.44
CA ASP F 3473 -111.83 41.96 29.33
C ASP F 3473 -111.17 42.03 30.70
N SER F 3474 -109.87 42.29 30.75
CA SER F 3474 -109.17 42.42 32.02
C SER F 3474 -109.76 43.56 32.85
N LYS F 3475 -110.02 44.70 32.21
CA LYS F 3475 -110.63 45.81 32.93
C LYS F 3475 -112.08 45.53 33.31
N SER F 3476 -112.82 44.84 32.44
CA SER F 3476 -114.23 44.57 32.73
C SER F 3476 -114.38 43.60 33.88
N LYS F 3477 -113.45 42.65 34.02
CA LYS F 3477 -113.47 41.72 35.14
C LYS F 3477 -112.96 42.33 36.43
N MET F 3478 -112.68 43.64 36.43
CA MET F 3478 -112.21 44.36 37.61
C MET F 3478 -110.91 43.77 38.15
N ALA F 3479 -109.90 43.79 37.29
CA ALA F 3479 -108.57 43.27 37.65
C ALA F 3479 -107.91 44.17 38.70
N ARG F 3498 -95.02 50.16 27.59
CA ARG F 3498 -93.66 50.60 27.83
C ARG F 3498 -92.76 50.26 26.65
N ARG F 3499 -92.58 48.96 26.41
CA ARG F 3499 -91.73 48.52 25.31
C ARG F 3499 -92.34 48.86 23.97
N GLY F 3500 -93.53 48.32 23.69
CA GLY F 3500 -94.22 48.58 22.45
C GLY F 3500 -95.56 49.27 22.67
N ASP F 3501 -95.57 50.27 23.56
CA ASP F 3501 -96.82 50.95 23.90
C ASP F 3501 -97.42 51.64 22.68
N ARG F 3502 -96.58 52.30 21.88
CA ARG F 3502 -97.09 52.97 20.68
C ARG F 3502 -97.59 51.97 19.65
N TYR F 3503 -96.78 50.97 19.34
CA TYR F 3503 -97.14 49.94 18.39
C TYR F 3503 -96.16 48.77 18.50
N SER F 3504 -96.71 47.57 18.49
CA SER F 3504 -95.89 46.36 18.54
C SER F 3504 -96.58 45.26 17.74
N VAL F 3505 -95.78 44.44 17.06
CA VAL F 3505 -96.33 43.31 16.32
C VAL F 3505 -97.03 42.35 17.25
N GLN F 3506 -96.50 42.17 18.46
CA GLN F 3506 -97.12 41.28 19.44
C GLN F 3506 -98.53 41.73 19.77
N THR F 3507 -98.81 43.02 19.68
CA THR F 3507 -100.12 43.58 19.96
C THR F 3507 -100.91 43.97 18.72
N SER F 3508 -100.43 43.59 17.53
CA SER F 3508 -101.19 43.88 16.31
C SER F 3508 -102.48 43.08 16.30
N LEU F 3509 -103.57 43.71 15.83
CA LEU F 3509 -104.85 43.02 15.83
C LEU F 3509 -104.87 41.88 14.82
N ILE F 3510 -104.23 42.05 13.66
CA ILE F 3510 -104.31 41.03 12.62
C ILE F 3510 -103.71 39.72 13.10
N VAL F 3511 -102.55 39.79 13.75
CA VAL F 3511 -101.95 38.58 14.30
C VAL F 3511 -102.60 38.18 15.61
N ALA F 3512 -103.12 39.13 16.38
CA ALA F 3512 -103.72 38.81 17.67
C ALA F 3512 -104.96 37.97 17.51
N THR F 3513 -105.79 38.29 16.52
CA THR F 3513 -106.99 37.50 16.27
C THR F 3513 -106.64 36.08 15.89
N LEU F 3514 -105.64 35.92 15.03
CA LEU F 3514 -105.25 34.58 14.62
C LEU F 3514 -104.69 33.80 15.80
N LYS F 3515 -103.88 34.43 16.64
CA LYS F 3515 -103.38 33.72 17.82
C LYS F 3515 -104.51 33.32 18.74
N LYS F 3516 -105.46 34.23 18.97
CA LYS F 3516 -106.56 33.89 19.87
C LYS F 3516 -107.40 32.75 19.33
N MET F 3517 -107.63 32.71 18.03
CA MET F 3517 -108.59 31.74 17.55
C MET F 3517 -107.92 30.56 16.85
N LEU F 3518 -106.59 30.46 16.95
CA LEU F 3518 -105.90 29.25 16.53
C LEU F 3518 -106.42 27.98 17.20
N PRO F 3519 -106.63 27.92 18.51
CA PRO F 3519 -107.03 26.65 19.12
C PRO F 3519 -108.26 26.05 18.49
N ILE F 3520 -109.19 26.88 18.02
CA ILE F 3520 -110.35 26.35 17.30
C ILE F 3520 -109.91 25.58 16.08
N GLY F 3521 -108.93 26.12 15.35
CA GLY F 3521 -108.42 25.40 14.20
C GLY F 3521 -107.69 24.14 14.56
N LEU F 3522 -106.80 24.21 15.55
CA LEU F 3522 -106.06 23.03 15.95
C LEU F 3522 -106.98 21.92 16.44
N ASN F 3523 -108.14 22.28 17.00
CA ASN F 3523 -109.10 21.27 17.42
C ASN F 3523 -109.70 20.54 16.23
N MET F 3524 -109.66 21.13 15.05
CA MET F 3524 -110.15 20.41 13.86
C MET F 3524 -109.31 19.18 13.60
N CYS F 3525 -107.99 19.30 13.71
CA CYS F 3525 -107.10 18.22 13.32
C CYS F 3525 -106.95 17.20 14.44
N ALA F 3526 -107.06 15.93 14.08
CA ALA F 3526 -106.83 14.86 15.03
C ALA F 3526 -105.37 14.85 15.47
N PRO F 3527 -105.09 14.37 16.68
CA PRO F 3527 -103.68 14.34 17.14
C PRO F 3527 -102.79 13.52 16.24
N THR F 3528 -103.33 12.52 15.56
CA THR F 3528 -102.53 11.67 14.69
C THR F 3528 -101.92 12.42 13.52
N ASP F 3529 -102.40 13.62 13.22
CA ASP F 3529 -101.95 14.35 12.05
C ASP F 3529 -100.75 15.25 12.34
N GLN F 3530 -100.09 15.11 13.49
CA GLN F 3530 -98.99 15.99 13.82
C GLN F 3530 -97.83 15.83 12.86
N ASP F 3531 -97.51 14.59 12.48
CA ASP F 3531 -96.41 14.37 11.55
C ASP F 3531 -96.74 15.01 10.20
N LEU F 3532 -97.98 14.85 9.73
CA LEU F 3532 -98.39 15.47 8.48
C LEU F 3532 -98.30 16.99 8.58
N ILE F 3533 -98.67 17.54 9.73
CA ILE F 3533 -98.57 18.98 9.93
C ILE F 3533 -97.13 19.43 9.81
N MET F 3534 -96.21 18.70 10.44
CA MET F 3534 -94.80 19.08 10.34
C MET F 3534 -94.30 18.97 8.91
N LEU F 3535 -94.70 17.93 8.19
CA LEU F 3535 -94.27 17.77 6.80
C LEU F 3535 -94.76 18.95 5.96
N ALA F 3536 -96.03 19.32 6.11
CA ALA F 3536 -96.55 20.42 5.33
C ALA F 3536 -95.90 21.74 5.74
N LYS F 3537 -95.55 21.88 7.02
CA LYS F 3537 -94.80 23.06 7.44
C LYS F 3537 -93.46 23.13 6.74
N THR F 3538 -92.79 21.98 6.60
CA THR F 3538 -91.54 21.96 5.86
C THR F 3538 -91.74 22.37 4.41
N ARG F 3539 -92.74 21.79 3.74
CA ARG F 3539 -93.00 22.12 2.35
C ARG F 3539 -93.28 23.60 2.18
N TYR F 3540 -94.10 24.17 3.06
CA TYR F 3540 -94.34 25.60 3.04
C TYR F 3540 -93.06 26.38 3.28
N ALA F 3541 -92.19 25.89 4.17
CA ALA F 3541 -90.90 26.54 4.38
C ALA F 3541 -90.06 26.54 3.12
N LEU F 3542 -90.21 25.55 2.25
CA LEU F 3542 -89.58 25.56 0.95
C LEU F 3542 -90.43 26.28 -0.10
N LYS F 3543 -91.29 27.19 0.33
CA LYS F 3543 -92.01 28.11 -0.55
C LYS F 3543 -92.83 27.33 -1.61
N ASP F 3544 -93.77 26.55 -1.12
CA ASP F 3544 -94.65 25.76 -1.96
C ASP F 3544 -96.07 26.28 -1.84
N THR F 3545 -96.87 26.08 -2.88
CA THR F 3545 -98.21 26.65 -2.89
C THR F 3545 -99.20 25.68 -2.24
N ASP F 3546 -100.44 26.16 -2.12
CA ASP F 3546 -101.50 25.36 -1.50
C ASP F 3546 -101.74 24.08 -2.27
N GLU F 3547 -101.78 24.15 -3.60
CA GLU F 3547 -101.97 22.93 -4.39
C GLU F 3547 -100.81 21.97 -4.19
N GLU F 3548 -99.58 22.50 -4.13
CA GLU F 3548 -98.42 21.64 -3.95
C GLU F 3548 -98.48 20.91 -2.62
N VAL F 3549 -98.78 21.61 -1.53
CA VAL F 3549 -98.83 20.93 -0.25
C VAL F 3549 -100.02 19.97 -0.20
N ARG F 3550 -101.12 20.33 -0.86
CA ARG F 3550 -102.26 19.43 -0.91
C ARG F 3550 -101.90 18.11 -1.59
N GLU F 3551 -101.25 18.18 -2.74
CA GLU F 3551 -100.89 16.94 -3.43
C GLU F 3551 -99.80 16.17 -2.69
N PHE F 3552 -98.87 16.89 -2.05
CA PHE F 3552 -97.85 16.22 -1.25
C PHE F 3552 -98.47 15.43 -0.10
N LEU F 3553 -99.43 16.05 0.59
CA LEU F 3553 -100.17 15.33 1.63
C LEU F 3553 -101.00 14.20 1.06
N GLN F 3554 -101.55 14.38 -0.14
CA GLN F 3554 -102.33 13.32 -0.76
C GLN F 3554 -101.47 12.10 -1.04
N ASN F 3555 -100.26 12.32 -1.54
CA ASN F 3555 -99.35 11.22 -1.84
C ASN F 3555 -98.71 10.62 -0.60
N ASN F 3556 -98.55 11.38 0.47
CA ASN F 3556 -97.84 10.93 1.67
C ASN F 3556 -98.79 10.65 2.82
N LEU F 3557 -99.97 10.10 2.52
CA LEU F 3557 -101.03 10.01 3.52
C LEU F 3557 -100.74 8.94 4.57
N HIS F 3558 -99.83 8.01 4.29
CA HIS F 3558 -99.55 6.90 5.20
C HIS F 3558 -98.41 7.18 6.18
N LEU F 3559 -97.96 8.43 6.31
CA LEU F 3559 -96.99 8.80 7.32
C LEU F 3559 -97.62 9.13 8.67
N GLN F 3560 -98.94 9.17 8.77
CA GLN F 3560 -99.59 9.71 9.96
C GLN F 3560 -99.22 8.90 11.19
N GLY F 3561 -98.99 9.61 12.29
CA GLY F 3561 -98.60 8.96 13.52
C GLY F 3561 -99.63 7.96 14.00
N LYS F 3562 -99.16 6.75 14.30
CA LYS F 3562 -100.02 5.66 14.76
C LYS F 3562 -100.15 5.73 16.27
N VAL F 3563 -101.33 5.33 16.76
CA VAL F 3563 -101.63 5.46 18.19
C VAL F 3563 -100.74 4.52 19.01
N GLU F 3564 -100.50 3.31 18.52
CA GLU F 3564 -99.71 2.34 19.27
C GLU F 3564 -98.27 2.80 19.47
N GLY F 3565 -97.66 3.37 18.45
CA GLY F 3565 -96.25 3.69 18.51
C GLY F 3565 -95.89 4.89 19.37
N SER F 3566 -96.88 5.65 19.81
CA SER F 3566 -96.66 6.81 20.66
C SER F 3566 -97.61 6.73 21.84
N PRO F 3567 -97.11 6.69 23.07
CA PRO F 3567 -98.00 6.57 24.23
C PRO F 3567 -98.79 7.85 24.46
N SER F 3568 -98.20 8.99 24.09
CA SER F 3568 -98.91 10.26 24.22
C SER F 3568 -100.16 10.27 23.37
N LEU F 3569 -100.06 9.76 22.14
CA LEU F 3569 -101.21 9.70 21.26
C LEU F 3569 -102.34 8.87 21.84
N ARG F 3570 -102.06 7.94 22.73
CA ARG F 3570 -103.14 7.13 23.28
C ARG F 3570 -104.14 7.99 24.03
N TRP F 3571 -103.66 8.77 25.00
CA TRP F 3571 -104.59 9.61 25.74
C TRP F 3571 -105.04 10.81 24.93
N GLN F 3572 -104.19 11.35 24.05
CA GLN F 3572 -104.67 12.45 23.22
C GLN F 3572 -105.80 12.01 22.29
N MET F 3573 -105.65 10.83 21.66
CA MET F 3573 -106.69 10.31 20.79
C MET F 3573 -107.93 9.95 21.57
N ALA F 3574 -107.77 9.41 22.78
CA ALA F 3574 -108.94 9.14 23.61
C ALA F 3574 -109.71 10.41 23.89
N LEU F 3575 -109.00 11.47 24.29
CA LEU F 3575 -109.65 12.74 24.57
C LEU F 3575 -110.30 13.31 23.31
N TYR F 3576 -109.64 13.19 22.17
CA TYR F 3576 -110.16 13.72 20.92
C TYR F 3576 -111.44 13.00 20.51
N ARG F 3577 -111.43 11.68 20.53
CA ARG F 3577 -112.63 10.93 20.16
C ARG F 3577 -113.71 11.01 21.22
N GLY F 3578 -113.38 11.53 22.41
CA GLY F 3578 -114.42 11.77 23.39
C GLY F 3578 -115.31 12.96 23.11
N LEU F 3579 -114.99 13.77 22.11
CA LEU F 3579 -115.79 14.93 21.78
C LEU F 3579 -117.14 14.51 21.19
N PRO F 3580 -118.17 15.35 21.32
CA PRO F 3580 -119.50 14.93 20.87
C PRO F 3580 -119.63 14.78 19.37
N GLY F 3581 -119.20 15.79 18.61
CA GLY F 3581 -119.47 15.83 17.18
C GLY F 3581 -118.40 15.21 16.31
N ARG F 3582 -117.61 14.30 16.87
CA ARG F 3582 -116.57 13.62 16.10
C ARG F 3582 -117.17 12.39 15.45
N GLU F 3583 -117.21 12.38 14.12
CA GLU F 3583 -117.69 11.26 13.34
C GLU F 3583 -116.55 10.69 12.51
N GLU F 3584 -116.48 9.35 12.46
CA GLU F 3584 -115.42 8.68 11.71
C GLU F 3584 -115.52 8.94 10.22
N ASP F 3585 -116.72 9.24 9.71
CA ASP F 3585 -116.88 9.55 8.29
C ASP F 3585 -116.19 10.85 7.91
N ALA F 3586 -116.00 11.76 8.86
CA ALA F 3586 -115.31 13.02 8.57
C ALA F 3586 -113.84 12.82 8.26
N ASP F 3587 -113.31 11.63 8.50
CA ASP F 3587 -111.89 11.34 8.22
C ASP F 3587 -111.71 10.87 6.77
N ASP F 3588 -112.26 11.64 5.84
CA ASP F 3588 -111.97 11.40 4.44
C ASP F 3588 -110.59 11.96 4.11
N PRO F 3589 -109.91 11.36 3.13
CA PRO F 3589 -108.58 11.87 2.78
C PRO F 3589 -108.58 13.33 2.35
N GLU F 3590 -109.63 13.75 1.64
CA GLU F 3590 -109.68 15.15 1.20
C GLU F 3590 -109.87 16.08 2.39
N LYS F 3591 -110.75 15.73 3.32
CA LYS F 3591 -110.91 16.56 4.51
C LYS F 3591 -109.63 16.60 5.32
N ILE F 3592 -108.95 15.47 5.44
CA ILE F 3592 -107.70 15.43 6.19
C ILE F 3592 -106.68 16.36 5.54
N VAL F 3593 -106.53 16.27 4.22
CA VAL F 3593 -105.51 17.10 3.59
C VAL F 3593 -105.89 18.56 3.66
N ARG F 3594 -107.19 18.89 3.54
CA ARG F 3594 -107.58 20.28 3.65
C ARG F 3594 -107.21 20.84 5.01
N ARG F 3595 -107.63 20.16 6.08
CA ARG F 3595 -107.39 20.71 7.41
C ARG F 3595 -105.90 20.78 7.72
N VAL F 3596 -105.14 19.75 7.30
CA VAL F 3596 -103.71 19.75 7.57
C VAL F 3596 -103.02 20.87 6.81
N GLN F 3597 -103.39 21.08 5.55
CA GLN F 3597 -102.81 22.18 4.78
C GLN F 3597 -103.10 23.51 5.44
N GLU F 3598 -104.34 23.74 5.82
CA GLU F 3598 -104.73 25.02 6.41
C GLU F 3598 -103.94 25.30 7.69
N VAL F 3599 -103.95 24.33 8.60
CA VAL F 3599 -103.29 24.53 9.88
C VAL F 3599 -101.79 24.67 9.69
N SER F 3600 -101.21 23.91 8.76
CA SER F 3600 -99.78 24.02 8.51
C SER F 3600 -99.42 25.41 8.00
N ALA F 3601 -100.22 25.95 7.08
CA ALA F 3601 -99.93 27.27 6.55
C ALA F 3601 -99.96 28.31 7.66
N VAL F 3602 -101.02 28.29 8.47
CA VAL F 3602 -101.14 29.31 9.52
C VAL F 3602 -100.02 29.15 10.54
N LEU F 3603 -99.66 27.91 10.86
CA LEU F 3603 -98.58 27.69 11.82
C LEU F 3603 -97.26 28.21 11.29
N TYR F 3604 -96.96 27.91 10.03
CA TYR F 3604 -95.69 28.35 9.45
C TYR F 3604 -95.59 29.87 9.50
N HIS F 3605 -96.60 30.55 8.97
CA HIS F 3605 -96.50 32.00 8.95
C HIS F 3605 -96.53 32.61 10.34
N LEU F 3606 -97.27 32.01 11.27
CA LEU F 3606 -97.33 32.54 12.62
C LEU F 3606 -95.99 32.41 13.33
N GLU F 3607 -95.30 31.29 13.15
CA GLU F 3607 -93.98 31.17 13.74
C GLU F 3607 -92.98 32.10 13.06
N GLN F 3608 -93.12 32.33 11.75
CA GLN F 3608 -92.31 33.38 11.13
C GLN F 3608 -92.52 34.72 11.82
N THR F 3609 -93.77 35.09 12.07
CA THR F 3609 -94.06 36.37 12.72
C THR F 3609 -93.51 36.42 14.14
N GLU F 3610 -93.80 35.41 14.96
CA GLU F 3610 -93.37 35.44 16.34
C GLU F 3610 -91.86 35.44 16.47
N HIS F 3611 -91.18 34.60 15.68
CA HIS F 3611 -89.73 34.56 15.64
C HIS F 3611 -89.29 35.13 14.30
N PRO F 3612 -89.05 36.44 14.21
CA PRO F 3612 -88.72 37.04 12.90
C PRO F 3612 -87.44 36.50 12.29
N TYR F 3613 -86.56 35.91 13.11
CA TYR F 3613 -85.28 35.34 12.66
C TYR F 3613 -84.50 36.29 11.75
N LYS F 3614 -84.76 37.59 11.88
CA LYS F 3614 -84.03 38.59 11.11
C LYS F 3614 -82.70 38.96 11.74
N SER F 3615 -82.39 38.40 12.92
CA SER F 3615 -81.09 38.58 13.53
C SER F 3615 -80.03 37.82 12.73
N LYS F 3616 -78.76 38.07 13.06
CA LYS F 3616 -77.61 37.49 12.37
C LYS F 3616 -77.58 37.92 10.90
N LYS F 3617 -78.34 38.96 10.56
CA LYS F 3617 -78.34 39.52 9.21
C LYS F 3617 -77.82 40.94 9.22
N ALA F 3618 -78.43 41.81 10.04
CA ALA F 3618 -77.92 43.14 10.33
C ALA F 3618 -77.89 43.28 11.84
N VAL F 3619 -76.77 42.86 12.43
CA VAL F 3619 -76.53 43.00 13.87
C VAL F 3619 -75.93 44.37 14.13
N TRP F 3620 -75.77 44.72 15.40
CA TRP F 3620 -75.03 45.93 15.76
C TRP F 3620 -73.61 45.78 15.22
N HIS F 3621 -73.25 46.58 14.22
CA HIS F 3621 -72.06 46.31 13.43
C HIS F 3621 -70.97 47.36 13.57
N LYS F 3622 -71.31 48.61 13.87
CA LYS F 3622 -70.38 49.74 13.93
C LYS F 3622 -69.31 49.66 12.84
N LEU F 3623 -69.79 49.62 11.60
CA LEU F 3623 -68.90 49.48 10.44
C LEU F 3623 -67.83 50.55 10.45
N LEU F 3624 -68.25 51.81 10.53
CA LEU F 3624 -67.30 52.90 10.77
C LEU F 3624 -67.89 53.96 11.69
N SER F 3625 -69.02 53.70 12.36
CA SER F 3625 -69.72 54.75 13.07
C SER F 3625 -68.93 55.27 14.26
N LYS F 3626 -68.45 54.37 15.13
CA LYS F 3626 -67.89 54.77 16.41
C LYS F 3626 -66.63 55.62 16.28
N GLN F 3627 -66.01 55.65 15.10
CA GLN F 3627 -64.83 56.48 14.89
C GLN F 3627 -64.95 57.44 13.70
N ARG F 3628 -66.04 57.35 12.93
CA ARG F 3628 -66.22 58.23 11.78
C ARG F 3628 -67.53 59.01 11.86
N ARG F 3629 -68.21 58.99 13.01
CA ARG F 3629 -69.41 59.80 13.16
C ARG F 3629 -69.09 61.29 13.07
N ARG F 3630 -67.97 61.71 13.65
CA ARG F 3630 -67.54 63.09 13.49
C ARG F 3630 -67.34 63.46 12.03
N ALA F 3631 -66.71 62.58 11.25
CA ALA F 3631 -66.47 62.87 9.84
C ALA F 3631 -67.78 62.94 9.06
N VAL F 3632 -68.68 61.98 9.28
CA VAL F 3632 -69.93 61.95 8.51
C VAL F 3632 -70.80 63.15 8.88
N VAL F 3633 -70.74 63.59 10.15
CA VAL F 3633 -71.49 64.77 10.55
C VAL F 3633 -70.88 66.03 9.93
N ALA F 3634 -69.55 66.15 9.98
CA ALA F 3634 -68.90 67.33 9.42
C ALA F 3634 -69.07 67.43 7.91
N CYS F 3635 -69.28 66.29 7.24
CA CYS F 3635 -69.49 66.32 5.79
C CYS F 3635 -70.73 67.15 5.42
N PHE F 3636 -71.69 67.25 6.33
CA PHE F 3636 -72.95 67.93 6.02
C PHE F 3636 -72.93 69.42 6.36
N ARG F 3637 -71.85 69.93 6.94
CA ARG F 3637 -71.81 71.32 7.37
C ARG F 3637 -70.62 72.09 6.81
N MET F 3638 -69.64 71.40 6.25
CA MET F 3638 -68.39 72.07 5.91
C MET F 3638 -68.60 73.04 4.75
N THR F 3639 -67.67 73.98 4.61
CA THR F 3639 -67.92 75.20 3.84
C THR F 3639 -67.82 74.96 2.34
N PRO F 3640 -68.59 75.69 1.53
CA PRO F 3640 -68.41 75.60 0.08
C PRO F 3640 -67.21 76.41 -0.37
N LEU F 3641 -66.80 76.15 -1.61
CA LEU F 3641 -65.60 76.82 -2.13
C LEU F 3641 -65.85 78.30 -2.39
N TYR F 3642 -67.07 78.67 -2.79
CA TYR F 3642 -67.36 80.06 -3.11
C TYR F 3642 -67.40 80.95 -1.88
N ASN F 3643 -67.38 80.40 -0.69
CA ASN F 3643 -67.32 81.21 0.52
C ASN F 3643 -65.90 81.41 1.03
N LEU F 3644 -64.93 80.71 0.46
CA LEU F 3644 -63.56 80.87 0.93
C LEU F 3644 -62.98 82.20 0.48
N PRO F 3645 -62.01 82.73 1.21
CA PRO F 3645 -61.33 83.94 0.77
C PRO F 3645 -60.53 83.70 -0.51
N THR F 3646 -60.34 84.78 -1.26
CA THR F 3646 -59.73 84.67 -2.58
C THR F 3646 -58.33 84.09 -2.51
N HIS F 3647 -57.52 84.51 -1.54
CA HIS F 3647 -56.13 84.07 -1.51
C HIS F 3647 -56.04 82.60 -1.15
N ARG F 3648 -56.82 82.13 -0.18
CA ARG F 3648 -56.85 80.71 0.10
C ARG F 3648 -57.32 79.92 -1.11
N ALA F 3649 -58.35 80.41 -1.79
CA ALA F 3649 -58.82 79.72 -2.98
C ALA F 3649 -57.74 79.64 -4.04
N CYS F 3650 -57.00 80.74 -4.24
CA CYS F 3650 -55.91 80.73 -5.22
C CYS F 3650 -54.83 79.75 -4.84
N ASN F 3651 -54.51 79.65 -3.55
CA ASN F 3651 -53.46 78.72 -3.13
C ASN F 3651 -53.87 77.28 -3.36
N MET F 3652 -55.11 76.93 -2.99
CA MET F 3652 -55.59 75.58 -3.29
C MET F 3652 -55.63 75.34 -4.79
N PHE F 3653 -55.97 76.37 -5.56
CA PHE F 3653 -55.96 76.23 -7.01
C PHE F 3653 -54.56 75.92 -7.52
N LEU F 3654 -53.55 76.59 -6.99
CA LEU F 3654 -52.19 76.33 -7.43
C LEU F 3654 -51.80 74.89 -7.12
N GLU F 3655 -52.15 74.42 -5.93
CA GLU F 3655 -51.82 73.03 -5.59
C GLU F 3655 -52.52 72.05 -6.54
N SER F 3656 -53.81 72.25 -6.77
CA SER F 3656 -54.54 71.36 -7.66
C SER F 3656 -54.00 71.41 -9.08
N TYR F 3657 -53.64 72.61 -9.55
CA TYR F 3657 -53.16 72.76 -10.91
C TYR F 3657 -51.81 72.08 -11.09
N LYS F 3658 -50.88 72.28 -10.15
CA LYS F 3658 -49.58 71.64 -10.31
C LYS F 3658 -49.70 70.13 -10.13
N ALA F 3659 -50.68 69.66 -9.35
CA ALA F 3659 -50.84 68.22 -9.19
C ALA F 3659 -51.49 67.57 -10.40
N ALA F 3660 -52.44 68.24 -11.05
CA ALA F 3660 -53.24 67.59 -12.07
C ALA F 3660 -52.92 68.02 -13.49
N TRP F 3661 -52.15 69.07 -13.67
CA TRP F 3661 -51.89 69.58 -15.01
C TRP F 3661 -50.42 69.74 -15.34
N ILE F 3662 -49.60 70.16 -14.38
CA ILE F 3662 -48.18 70.31 -14.63
C ILE F 3662 -47.43 69.02 -14.38
N LEU F 3663 -47.76 68.33 -13.30
CA LEU F 3663 -47.15 67.03 -13.03
C LEU F 3663 -47.51 66.02 -14.10
N THR F 3664 -48.77 65.99 -14.52
CA THR F 3664 -49.21 65.00 -15.49
C THR F 3664 -48.63 65.25 -16.88
N GLU F 3665 -48.01 66.41 -17.10
CA GLU F 3665 -47.48 66.73 -18.42
C GLU F 3665 -46.24 65.89 -18.71
N ASP F 3666 -46.14 65.41 -19.95
CA ASP F 3666 -45.00 64.64 -20.41
C ASP F 3666 -44.17 65.51 -21.34
N HIS F 3667 -42.87 65.55 -21.09
CA HIS F 3667 -41.96 66.29 -21.96
C HIS F 3667 -40.67 65.50 -22.07
N SER F 3668 -40.40 64.95 -23.24
CA SER F 3668 -39.20 64.18 -23.50
C SER F 3668 -38.14 65.13 -24.04
N PHE F 3669 -37.05 65.27 -23.32
CA PHE F 3669 -35.94 66.10 -23.75
C PHE F 3669 -34.58 65.46 -23.48
N GLU F 3670 -34.54 64.31 -22.81
CA GLU F 3670 -33.28 63.69 -22.48
C GLU F 3670 -32.51 63.30 -23.73
N ASP F 3671 -33.18 62.62 -24.67
CA ASP F 3671 -32.51 62.22 -25.90
C ASP F 3671 -32.06 63.42 -26.71
N ARG F 3672 -32.89 64.45 -26.79
CA ARG F 3672 -32.48 65.65 -27.52
C ARG F 3672 -31.26 66.28 -26.87
N MET F 3673 -31.24 66.40 -25.55
CA MET F 3673 -30.10 67.05 -24.91
C MET F 3673 -28.84 66.22 -25.06
N ILE F 3674 -28.95 64.89 -24.96
CA ILE F 3674 -27.76 64.06 -25.12
C ILE F 3674 -27.26 64.11 -26.55
N ASP F 3675 -28.17 64.14 -27.53
CA ASP F 3675 -27.76 64.29 -28.92
C ASP F 3675 -27.09 65.64 -29.14
N ASP F 3676 -27.62 66.70 -28.53
CA ASP F 3676 -27.00 68.02 -28.67
C ASP F 3676 -25.62 68.04 -28.07
N LEU F 3677 -25.43 67.42 -26.90
CA LEU F 3677 -24.17 67.43 -26.21
C LEU F 3677 -23.15 66.45 -26.78
N SER F 3678 -23.58 65.50 -27.60
CA SER F 3678 -22.66 64.50 -28.13
C SER F 3678 -21.98 64.95 -29.41
N LYS F 3679 -22.24 66.15 -29.88
CA LYS F 3679 -21.71 66.64 -31.15
C LYS F 3679 -20.53 67.56 -30.90
N ALA F 3680 -19.51 67.45 -31.75
CA ALA F 3680 -18.41 68.39 -31.74
C ALA F 3680 -18.66 69.44 -32.82
N GLY F 3681 -18.41 70.70 -32.49
CA GLY F 3681 -18.79 71.79 -33.37
C GLY F 3681 -17.69 72.35 -34.25
N GLU F 3682 -17.71 71.96 -35.52
CA GLU F 3682 -16.92 72.58 -36.60
C GLU F 3682 -15.52 72.99 -36.14
N GLN F 3683 -14.84 72.06 -35.48
CA GLN F 3683 -13.44 72.24 -35.13
C GLN F 3683 -12.52 71.34 -35.94
N GLU F 3684 -13.00 70.84 -37.08
CA GLU F 3684 -12.25 69.90 -37.91
C GLU F 3684 -11.73 70.55 -39.19
N GLU F 3685 -11.45 71.84 -39.16
CA GLU F 3685 -10.94 72.56 -40.32
C GLU F 3685 -9.43 72.72 -40.29
N GLU F 3686 -8.76 72.21 -39.26
CA GLU F 3686 -7.31 72.25 -39.22
C GLU F 3686 -6.69 70.87 -39.39
N GLU F 3687 -7.33 69.83 -38.86
CA GLU F 3687 -6.85 68.45 -38.87
C GLU F 3687 -5.33 68.37 -38.66
N GLU F 3688 -4.87 69.10 -37.65
CA GLU F 3688 -3.47 69.10 -37.25
C GLU F 3688 -3.28 68.04 -36.17
N GLU F 3689 -2.14 68.07 -35.48
CA GLU F 3689 -1.82 67.07 -34.46
C GLU F 3689 -2.59 67.34 -33.16
N VAL F 3690 -3.71 68.05 -33.27
CA VAL F 3690 -4.63 68.31 -32.16
C VAL F 3690 -5.39 67.03 -31.81
N GLU F 3691 -5.04 65.93 -32.47
CA GLU F 3691 -5.76 64.66 -32.41
C GLU F 3691 -5.95 64.13 -30.99
N GLU F 3692 -5.36 64.81 -30.00
CA GLU F 3692 -5.77 64.59 -28.62
C GLU F 3692 -7.29 64.63 -28.48
N LYS F 3693 -7.96 65.37 -29.37
CA LYS F 3693 -9.42 65.34 -29.49
C LYS F 3693 -10.09 65.74 -28.18
N LYS F 3694 -9.94 67.03 -27.86
CA LYS F 3694 -10.58 67.64 -26.71
C LYS F 3694 -12.00 67.12 -26.55
N PRO F 3695 -12.42 66.83 -25.33
CA PRO F 3695 -13.71 66.17 -25.14
C PRO F 3695 -14.87 66.99 -25.67
N ASP F 3696 -15.88 66.29 -26.16
CA ASP F 3696 -17.13 66.91 -26.52
C ASP F 3696 -17.86 67.33 -25.26
N PRO F 3697 -18.88 68.19 -25.37
CA PRO F 3697 -19.52 68.72 -24.15
C PRO F 3697 -20.00 67.66 -23.18
N LEU F 3698 -20.57 66.57 -23.68
CA LEU F 3698 -21.03 65.50 -22.80
C LEU F 3698 -19.87 64.88 -22.05
N HIS F 3699 -18.76 64.67 -22.75
CA HIS F 3699 -17.56 64.14 -22.11
C HIS F 3699 -17.05 65.08 -21.04
N GLN F 3700 -17.08 66.39 -21.31
CA GLN F 3700 -16.65 67.35 -20.30
C GLN F 3700 -17.55 67.33 -19.08
N LEU F 3701 -18.86 67.20 -19.29
CA LEU F 3701 -19.78 67.10 -18.17
C LEU F 3701 -19.49 65.87 -17.31
N VAL F 3702 -19.30 64.73 -17.95
CA VAL F 3702 -18.99 63.51 -17.22
C VAL F 3702 -17.67 63.66 -16.47
N LEU F 3703 -16.68 64.29 -17.09
CA LEU F 3703 -15.40 64.49 -16.43
C LEU F 3703 -15.54 65.41 -15.23
N HIS F 3704 -16.38 66.43 -15.33
CA HIS F 3704 -16.61 67.31 -14.18
C HIS F 3704 -17.24 66.54 -13.02
N PHE F 3705 -18.21 65.69 -13.32
CA PHE F 3705 -18.83 64.90 -12.25
C PHE F 3705 -17.85 63.92 -11.65
N SER F 3706 -17.02 63.28 -12.48
CA SER F 3706 -15.98 62.41 -11.95
C SER F 3706 -15.01 63.18 -11.06
N ARG F 3707 -14.64 64.39 -11.48
CA ARG F 3707 -13.74 65.21 -10.69
C ARG F 3707 -14.32 65.55 -9.33
N THR F 3708 -15.58 65.96 -9.30
CA THR F 3708 -16.18 66.27 -8.01
C THR F 3708 -16.41 65.01 -7.19
N ALA F 3709 -16.45 63.84 -7.82
CA ALA F 3709 -16.54 62.59 -7.06
C ALA F 3709 -15.20 62.17 -6.47
N LEU F 3710 -14.09 62.45 -7.17
CA LEU F 3710 -12.78 62.02 -6.68
C LEU F 3710 -12.16 63.00 -5.68
N THR F 3711 -12.74 64.16 -5.47
CA THR F 3711 -12.17 65.11 -4.52
C THR F 3711 -12.26 64.54 -3.11
N GLU F 3712 -11.17 64.65 -2.37
CA GLU F 3712 -11.07 64.06 -1.02
C GLU F 3712 -12.01 64.82 -0.09
N LYS F 3713 -13.12 64.18 0.27
CA LYS F 3713 -14.09 64.77 1.18
C LYS F 3713 -14.56 63.71 2.17
N SER F 3714 -14.89 64.17 3.38
CA SER F 3714 -15.38 63.25 4.39
C SER F 3714 -16.74 62.67 4.01
N LYS F 3715 -17.62 63.50 3.46
CA LYS F 3715 -18.96 63.08 3.10
C LYS F 3715 -19.30 63.59 1.71
N LEU F 3716 -20.09 62.82 0.97
CA LEU F 3716 -20.53 63.22 -0.36
C LEU F 3716 -21.75 64.12 -0.22
N ASP F 3717 -21.56 65.42 -0.44
CA ASP F 3717 -22.63 66.38 -0.27
C ASP F 3717 -23.66 66.28 -1.39
N GLU F 3718 -24.90 66.60 -1.05
CA GLU F 3718 -26.02 66.45 -1.98
C GLU F 3718 -25.87 67.43 -3.13
N ASP F 3719 -26.10 66.96 -4.36
CA ASP F 3719 -25.89 67.75 -5.56
C ASP F 3719 -27.05 67.54 -6.52
N TYR F 3720 -27.99 68.50 -6.52
CA TYR F 3720 -29.15 68.38 -7.38
C TYR F 3720 -28.75 68.39 -8.85
N LEU F 3721 -27.66 69.08 -9.19
CA LEU F 3721 -27.21 69.07 -10.57
C LEU F 3721 -26.80 67.68 -11.02
N TYR F 3722 -26.02 66.99 -10.20
CA TYR F 3722 -25.63 65.63 -10.54
C TYR F 3722 -26.85 64.74 -10.63
N MET F 3723 -27.79 64.88 -9.70
CA MET F 3723 -28.98 64.05 -9.77
C MET F 3723 -29.73 64.27 -11.07
N ALA F 3724 -29.92 65.53 -11.45
CA ALA F 3724 -30.67 65.84 -12.67
C ALA F 3724 -29.97 65.27 -13.90
N TYR F 3725 -28.66 65.46 -14.01
CA TYR F 3725 -27.99 64.97 -15.20
C TYR F 3725 -27.88 63.47 -15.24
N ALA F 3726 -27.69 62.81 -14.09
CA ALA F 3726 -27.66 61.35 -14.09
C ALA F 3726 -29.01 60.79 -14.48
N ASP F 3727 -30.10 61.42 -14.02
CA ASP F 3727 -31.42 60.99 -14.47
C ASP F 3727 -31.58 61.18 -15.96
N ILE F 3728 -31.08 62.29 -16.50
CA ILE F 3728 -31.18 62.52 -17.95
C ILE F 3728 -30.43 61.42 -18.70
N MET F 3729 -29.19 61.14 -18.28
CA MET F 3729 -28.37 60.15 -18.98
C MET F 3729 -29.00 58.76 -18.89
N ALA F 3730 -29.51 58.40 -17.72
CA ALA F 3730 -30.17 57.11 -17.59
C ALA F 3730 -31.40 57.03 -18.49
N LYS F 3731 -32.20 58.08 -18.53
CA LYS F 3731 -33.41 58.04 -19.35
C LYS F 3731 -33.09 58.10 -20.83
N SER F 3732 -31.90 58.52 -21.20
CA SER F 3732 -31.50 58.46 -22.60
C SER F 3732 -31.17 57.05 -23.05
N CYS F 3733 -30.83 56.16 -22.12
CA CYS F 3733 -30.28 54.87 -22.51
C CYS F 3733 -31.33 53.80 -22.75
N HIS F 3734 -32.48 53.85 -22.09
CA HIS F 3734 -33.41 52.75 -22.27
C HIS F 3734 -34.33 52.98 -23.47
N LEU F 3735 -35.11 54.06 -23.44
CA LEU F 3735 -36.06 54.37 -24.50
C LEU F 3735 -36.94 53.16 -24.85
N GLU F 3736 -37.34 52.42 -23.82
CA GLU F 3736 -38.18 51.23 -24.01
C GLU F 3736 -39.01 50.94 -22.77
N VAL F 3749 -47.92 41.34 -30.60
CA VAL F 3749 -47.14 40.99 -29.40
C VAL F 3749 -46.12 39.92 -29.75
N GLU F 3750 -45.69 39.90 -31.01
CA GLU F 3750 -44.70 38.96 -31.51
C GLU F 3750 -43.64 39.76 -32.28
N VAL F 3751 -42.61 40.20 -31.56
CA VAL F 3751 -41.51 40.91 -32.20
C VAL F 3751 -40.61 39.91 -32.90
N SER F 3752 -40.37 40.15 -34.19
CA SER F 3752 -39.51 39.30 -34.98
C SER F 3752 -38.04 39.58 -34.66
N PHE F 3753 -37.18 38.67 -35.13
CA PHE F 3753 -35.76 38.76 -34.83
C PHE F 3753 -35.18 40.08 -35.28
N GLU F 3754 -35.65 40.59 -36.41
CA GLU F 3754 -35.07 41.81 -36.96
C GLU F 3754 -35.25 42.98 -36.01
N GLU F 3755 -36.49 43.23 -35.58
CA GLU F 3755 -36.72 44.32 -34.65
C GLU F 3755 -36.19 44.05 -33.25
N LYS F 3756 -36.18 42.79 -32.80
CA LYS F 3756 -35.57 42.50 -31.50
C LYS F 3756 -34.09 42.86 -31.49
N GLU F 3757 -33.34 42.36 -32.47
CA GLU F 3757 -31.92 42.66 -32.51
C GLU F 3757 -31.69 44.14 -32.82
N MET F 3758 -32.60 44.77 -33.58
CA MET F 3758 -32.48 46.20 -33.79
C MET F 3758 -32.63 46.96 -32.48
N GLU F 3759 -33.55 46.52 -31.62
CA GLU F 3759 -33.71 47.17 -30.33
C GLU F 3759 -32.44 46.97 -29.50
N LYS F 3760 -31.85 45.78 -29.58
CA LYS F 3760 -30.58 45.54 -28.90
C LYS F 3760 -29.48 46.47 -29.38
N GLN F 3761 -29.34 46.63 -30.71
CA GLN F 3761 -28.28 47.49 -31.24
C GLN F 3761 -28.51 48.94 -30.90
N ARG F 3762 -29.76 49.39 -30.95
CA ARG F 3762 -30.07 50.77 -30.60
C ARG F 3762 -29.72 51.03 -29.15
N LEU F 3763 -30.07 50.09 -28.27
CA LEU F 3763 -29.73 50.22 -26.86
C LEU F 3763 -28.22 50.22 -26.66
N LEU F 3764 -27.50 49.36 -27.38
CA LEU F 3764 -26.05 49.36 -27.28
C LEU F 3764 -25.47 50.70 -27.72
N TYR F 3765 -26.03 51.29 -28.76
CA TYR F 3765 -25.54 52.58 -29.21
C TYR F 3765 -25.77 53.65 -28.15
N GLN F 3766 -26.98 53.66 -27.56
CA GLN F 3766 -27.28 54.67 -26.55
C GLN F 3766 -26.40 54.49 -25.33
N GLN F 3767 -26.05 53.24 -25.01
CA GLN F 3767 -25.15 53.01 -23.89
C GLN F 3767 -23.72 53.37 -24.23
N SER F 3768 -23.34 53.22 -25.50
CA SER F 3768 -22.00 53.59 -25.93
C SER F 3768 -21.81 55.10 -25.88
N ARG F 3769 -22.85 55.86 -26.20
CA ARG F 3769 -22.72 57.32 -26.12
C ARG F 3769 -22.30 57.78 -24.74
N LEU F 3770 -22.60 57.00 -23.70
CA LEU F 3770 -22.23 57.34 -22.33
C LEU F 3770 -20.93 56.66 -21.91
N HIS F 3771 -20.79 55.37 -22.19
CA HIS F 3771 -19.61 54.66 -21.68
C HIS F 3771 -18.37 54.89 -22.53
N THR F 3772 -18.51 55.56 -23.68
CA THR F 3772 -17.32 56.03 -24.39
C THR F 3772 -16.83 57.35 -23.84
N ARG F 3773 -17.42 57.84 -22.77
CA ARG F 3773 -17.06 59.11 -22.17
C ARG F 3773 -16.87 59.01 -20.66
N GLY F 3774 -16.58 57.81 -20.18
CA GLY F 3774 -16.23 57.63 -18.78
C GLY F 3774 -17.39 57.51 -17.82
N ALA F 3775 -18.60 57.34 -18.30
CA ALA F 3775 -19.74 57.18 -17.40
C ALA F 3775 -19.60 55.93 -16.54
N ALA F 3776 -19.03 54.86 -17.09
CA ALA F 3776 -18.82 53.65 -16.31
C ALA F 3776 -17.92 53.92 -15.12
N GLU F 3777 -16.83 54.66 -15.33
CA GLU F 3777 -15.93 54.97 -14.22
C GLU F 3777 -16.56 55.93 -13.24
N MET F 3778 -17.35 56.90 -13.74
CA MET F 3778 -17.96 57.86 -12.82
C MET F 3778 -18.98 57.18 -11.92
N VAL F 3779 -19.70 56.19 -12.45
CA VAL F 3779 -20.64 55.45 -11.61
C VAL F 3779 -19.90 54.79 -10.45
N LEU F 3780 -18.79 54.12 -10.74
CA LEU F 3780 -18.02 53.47 -9.68
C LEU F 3780 -17.46 54.48 -8.70
N GLN F 3781 -16.97 55.61 -9.21
CA GLN F 3781 -16.41 56.63 -8.33
C GLN F 3781 -17.46 57.20 -7.39
N MET F 3782 -18.66 57.45 -7.91
CA MET F 3782 -19.73 57.97 -7.07
C MET F 3782 -20.19 56.95 -6.03
N ILE F 3783 -20.28 55.68 -6.43
CA ILE F 3783 -20.68 54.66 -5.46
C ILE F 3783 -19.63 54.52 -4.38
N SER F 3784 -18.36 54.67 -4.75
CA SER F 3784 -17.30 54.64 -3.75
C SER F 3784 -17.36 55.87 -2.86
N ALA F 3785 -17.70 57.03 -3.42
CA ALA F 3785 -17.68 58.27 -2.65
C ALA F 3785 -18.86 58.36 -1.69
N CYS F 3786 -19.97 57.69 -2.00
CA CYS F 3786 -21.10 57.74 -1.09
C CYS F 3786 -20.75 57.13 0.26
N LYS F 3787 -19.74 56.26 0.31
CA LYS F 3787 -19.24 55.67 1.55
C LYS F 3787 -20.33 54.95 2.34
N GLY F 3788 -21.25 54.30 1.62
CA GLY F 3788 -22.26 53.49 2.26
C GLY F 3788 -23.43 54.24 2.83
N GLU F 3789 -23.68 55.47 2.39
CA GLU F 3789 -24.78 56.27 2.90
C GLU F 3789 -25.90 56.28 1.87
N THR F 3790 -27.09 55.86 2.31
CA THR F 3790 -28.24 55.87 1.44
C THR F 3790 -28.69 57.30 1.15
N GLY F 3791 -29.20 57.52 -0.04
CA GLY F 3791 -29.69 58.83 -0.41
C GLY F 3791 -29.97 58.92 -1.88
N ALA F 3792 -30.44 60.12 -2.27
CA ALA F 3792 -30.78 60.35 -3.67
C ALA F 3792 -29.56 60.22 -4.56
N MET F 3793 -28.38 60.58 -4.07
CA MET F 3793 -27.17 60.48 -4.90
C MET F 3793 -26.87 59.03 -5.26
N VAL F 3794 -26.84 58.15 -4.27
CA VAL F 3794 -26.52 56.76 -4.56
C VAL F 3794 -27.65 56.11 -5.37
N SER F 3795 -28.89 56.50 -5.11
CA SER F 3795 -29.98 55.97 -5.90
C SER F 3795 -29.83 56.35 -7.37
N SER F 3796 -29.50 57.62 -7.64
CA SER F 3796 -29.32 58.05 -9.03
C SER F 3796 -28.13 57.37 -9.68
N THR F 3797 -27.04 57.21 -8.93
CA THR F 3797 -25.87 56.54 -9.49
C THR F 3797 -26.19 55.10 -9.85
N LEU F 3798 -26.89 54.39 -8.97
CA LEU F 3798 -27.27 53.01 -9.26
C LEU F 3798 -28.20 52.93 -10.47
N LYS F 3799 -29.14 53.87 -10.57
CA LYS F 3799 -30.04 53.85 -11.72
C LYS F 3799 -29.28 54.09 -13.02
N LEU F 3800 -28.32 55.01 -13.00
CA LEU F 3800 -27.50 55.23 -14.19
C LEU F 3800 -26.67 53.99 -14.54
N GLY F 3801 -26.10 53.34 -13.53
CA GLY F 3801 -25.32 52.14 -13.79
C GLY F 3801 -26.16 51.04 -14.40
N ILE F 3802 -27.37 50.85 -13.87
CA ILE F 3802 -28.29 49.88 -14.44
C ILE F 3802 -28.62 50.26 -15.87
N SER F 3803 -28.82 51.55 -16.12
CA SER F 3803 -29.19 52.00 -17.45
C SER F 3803 -28.10 51.69 -18.46
N ILE F 3804 -26.84 51.84 -18.08
CA ILE F 3804 -25.76 51.54 -19.01
C ILE F 3804 -25.33 50.07 -18.98
N LEU F 3805 -25.81 49.27 -18.04
CA LEU F 3805 -25.49 47.85 -18.01
C LEU F 3805 -26.61 46.95 -18.51
N ASN F 3806 -27.79 47.50 -18.82
CA ASN F 3806 -28.90 46.65 -19.25
C ASN F 3806 -28.52 45.80 -20.45
N GLY F 3807 -29.04 44.58 -20.46
CA GLY F 3807 -28.69 43.61 -21.46
C GLY F 3807 -27.39 42.89 -21.20
N GLY F 3808 -26.70 43.22 -20.11
CA GLY F 3808 -25.39 42.65 -19.85
C GLY F 3808 -24.36 43.15 -20.83
N ASN F 3809 -24.10 44.46 -20.82
CA ASN F 3809 -23.16 45.06 -21.76
C ASN F 3809 -21.74 44.61 -21.41
N ALA F 3810 -21.18 43.76 -22.27
CA ALA F 3810 -19.85 43.22 -22.00
C ALA F 3810 -18.80 44.31 -21.99
N GLU F 3811 -18.95 45.30 -22.87
CA GLU F 3811 -17.99 46.40 -22.94
C GLU F 3811 -17.99 47.20 -21.65
N VAL F 3812 -19.18 47.53 -21.13
CA VAL F 3812 -19.26 48.29 -19.89
C VAL F 3812 -18.74 47.46 -18.73
N GLN F 3813 -19.06 46.17 -18.68
CA GLN F 3813 -18.54 45.32 -17.62
C GLN F 3813 -17.02 45.28 -17.66
N GLN F 3814 -16.45 45.18 -18.85
CA GLN F 3814 -14.99 45.18 -18.99
C GLN F 3814 -14.39 46.47 -18.50
N LYS F 3815 -14.99 47.61 -18.87
CA LYS F 3815 -14.45 48.89 -18.44
C LYS F 3815 -14.50 49.02 -16.93
N MET F 3816 -15.61 48.62 -16.32
CA MET F 3816 -15.75 48.70 -14.88
C MET F 3816 -14.73 47.80 -14.17
N LEU F 3817 -14.58 46.57 -14.66
CA LEU F 3817 -13.66 45.65 -14.02
C LEU F 3817 -12.22 46.14 -14.15
N ASP F 3818 -11.86 46.66 -15.33
CA ASP F 3818 -10.52 47.19 -15.51
C ASP F 3818 -10.26 48.36 -14.58
N TYR F 3819 -11.22 49.27 -14.47
CA TYR F 3819 -11.05 50.41 -13.58
C TYR F 3819 -10.85 49.95 -12.14
N LEU F 3820 -11.70 49.03 -11.67
CA LEU F 3820 -11.57 48.56 -10.30
C LEU F 3820 -10.23 47.89 -10.07
N LYS F 3821 -9.80 47.05 -11.00
CA LYS F 3821 -8.56 46.31 -10.81
C LYS F 3821 -7.34 47.22 -10.87
N ASP F 3822 -7.37 48.27 -11.69
CA ASP F 3822 -6.21 49.15 -11.72
C ASP F 3822 -6.17 50.06 -10.50
N LYS F 3823 -7.33 50.54 -10.05
CA LYS F 3823 -7.32 51.43 -8.90
C LYS F 3823 -7.03 50.68 -7.61
N LYS F 3824 -7.49 49.44 -7.49
CA LYS F 3824 -7.27 48.62 -6.30
C LYS F 3824 -7.75 49.33 -5.04
N GLU F 3825 -8.92 49.95 -5.12
CA GLU F 3825 -9.50 50.67 -3.99
C GLU F 3825 -10.55 49.81 -3.31
N VAL F 3826 -10.54 49.83 -1.98
CA VAL F 3826 -11.50 49.05 -1.21
C VAL F 3826 -12.79 49.82 -0.96
N GLY F 3827 -12.81 51.12 -1.27
CA GLY F 3827 -13.98 51.93 -0.97
C GLY F 3827 -15.22 51.48 -1.69
N PHE F 3828 -15.08 50.99 -2.92
CA PHE F 3828 -16.26 50.60 -3.69
C PHE F 3828 -17.02 49.48 -3.01
N PHE F 3829 -16.32 48.39 -2.66
CA PHE F 3829 -17.00 47.28 -2.04
C PHE F 3829 -17.35 47.57 -0.58
N GLN F 3830 -16.58 48.42 0.09
CA GLN F 3830 -16.99 48.83 1.43
C GLN F 3830 -18.33 49.57 1.37
N SER F 3831 -18.48 50.47 0.40
CA SER F 3831 -19.75 51.15 0.21
C SER F 3831 -20.86 50.18 -0.14
N ILE F 3832 -20.58 49.22 -1.03
CA ILE F 3832 -21.62 48.27 -1.41
C ILE F 3832 -22.07 47.45 -0.21
N GLN F 3833 -21.12 46.97 0.59
CA GLN F 3833 -21.46 46.17 1.76
C GLN F 3833 -22.27 46.98 2.76
N ALA F 3834 -21.87 48.21 3.03
CA ALA F 3834 -22.62 49.03 3.97
C ALA F 3834 -24.03 49.28 3.47
N LEU F 3835 -24.16 49.63 2.19
CA LEU F 3835 -25.49 49.85 1.62
C LEU F 3835 -26.36 48.63 1.77
N MET F 3836 -25.81 47.45 1.46
CA MET F 3836 -26.61 46.24 1.53
C MET F 3836 -27.00 45.93 2.96
N GLN F 3837 -26.13 46.26 3.92
CA GLN F 3837 -26.50 46.09 5.32
C GLN F 3837 -27.59 47.05 5.76
N THR F 3838 -27.68 48.23 5.17
CA THR F 3838 -28.72 49.17 5.57
C THR F 3838 -30.08 48.87 4.96
N CYS F 3839 -30.17 47.92 4.03
CA CYS F 3839 -31.44 47.62 3.39
C CYS F 3839 -32.41 47.02 4.39
N SER F 3840 -33.68 47.35 4.24
CA SER F 3840 -34.69 47.02 5.23
C SER F 3840 -35.52 45.82 4.78
N VAL F 3841 -36.08 45.11 5.76
CA VAL F 3841 -36.94 43.97 5.51
C VAL F 3841 -38.28 44.26 6.17
N LEU F 3842 -39.22 43.31 6.07
CA LEU F 3842 -40.54 43.50 6.64
C LEU F 3842 -40.43 43.74 8.15
N ASP F 3843 -41.15 44.74 8.64
CA ASP F 3843 -41.15 45.10 10.05
C ASP F 3843 -42.58 45.05 10.57
N LEU F 3844 -42.87 44.04 11.40
CA LEU F 3844 -44.23 43.88 11.90
C LEU F 3844 -44.62 44.99 12.85
N ASN F 3845 -43.67 45.50 13.64
CA ASN F 3845 -44.00 46.62 14.51
C ASN F 3845 -44.41 47.85 13.71
N ALA F 3846 -43.64 48.17 12.66
CA ALA F 3846 -44.01 49.28 11.80
C ALA F 3846 -45.33 49.01 11.11
N PHE F 3847 -45.58 47.77 10.73
CA PHE F 3847 -46.85 47.42 10.11
C PHE F 3847 -48.02 47.67 11.05
N GLU F 3848 -47.88 47.27 12.31
CA GLU F 3848 -48.95 47.49 13.28
C GLU F 3848 -49.16 48.98 13.53
N ARG F 3849 -48.07 49.74 13.64
CA ARG F 3849 -48.20 51.18 13.82
C ARG F 3849 -48.91 51.81 12.64
N GLN F 3850 -48.57 51.39 11.43
CA GLN F 3850 -49.24 51.91 10.24
C GLN F 3850 -50.71 51.54 10.23
N ASN F 3851 -51.04 50.31 10.65
CA ASN F 3851 -52.44 49.92 10.69
C ASN F 3851 -53.23 50.78 11.66
N LYS F 3852 -52.67 51.02 12.85
CA LYS F 3852 -53.34 51.91 13.79
C LYS F 3852 -53.47 53.32 13.22
N ALA F 3853 -52.42 53.82 12.59
CA ALA F 3853 -52.46 55.18 12.04
C ALA F 3853 -53.51 55.30 10.96
N GLU F 3854 -53.58 54.33 10.05
CA GLU F 3854 -54.57 54.40 8.98
C GLU F 3854 -55.98 54.17 9.49
N GLY F 3855 -56.14 53.42 10.59
CA GLY F 3855 -57.45 53.29 11.20
C GLY F 3855 -57.91 54.50 11.97
N LEU F 3856 -56.98 55.32 12.46
CA LEU F 3856 -57.38 56.52 13.19
C LEU F 3856 -58.09 57.52 12.27
N GLY F 3857 -57.54 57.76 11.08
CA GLY F 3857 -58.16 58.69 10.15
C GLY F 3857 -58.04 60.16 10.55
N MET F 3858 -56.86 60.73 10.39
CA MET F 3858 -56.62 62.11 10.74
C MET F 3858 -57.01 63.07 9.61
N VAL F 3859 -57.13 64.35 9.97
CA VAL F 3859 -57.39 65.44 9.03
C VAL F 3859 -56.44 66.59 9.36
N ASN F 3860 -56.49 67.64 8.54
CA ASN F 3860 -55.64 68.80 8.73
C ASN F 3860 -56.47 70.04 9.10
N GLU F 3861 -55.77 71.14 9.34
CA GLU F 3861 -56.43 72.39 9.71
C GLU F 3861 -57.00 73.10 8.48
N ASP F 3862 -56.12 73.52 7.56
CA ASP F 3862 -56.57 74.24 6.37
C ASP F 3862 -57.27 73.29 5.42
N GLY F 3863 -58.58 73.12 5.61
CA GLY F 3863 -59.34 72.19 4.81
C GLY F 3863 -59.57 70.87 5.51
N THR F 3864 -59.49 69.77 4.76
CA THR F 3864 -59.63 68.44 5.35
C THR F 3864 -59.03 67.43 4.38
N VAL F 3865 -57.99 66.74 4.82
CA VAL F 3865 -57.31 65.74 4.01
C VAL F 3865 -57.95 64.38 4.30
N ILE F 3866 -58.29 63.64 3.24
CA ILE F 3866 -58.96 62.35 3.38
C ILE F 3866 -57.86 61.30 3.42
N ASN F 3867 -57.43 60.95 4.63
CA ASN F 3867 -56.47 59.86 4.87
C ASN F 3867 -55.17 60.11 4.11
N ARG F 3868 -54.44 61.13 4.56
CA ARG F 3868 -53.18 61.50 3.95
C ARG F 3868 -52.26 60.28 3.81
N GLN F 3869 -51.62 60.17 2.65
CA GLN F 3869 -50.88 58.98 2.25
C GLN F 3869 -49.37 59.18 2.37
N ASN F 3870 -48.91 59.83 3.44
CA ASN F 3870 -47.49 60.02 3.68
C ASN F 3870 -46.71 58.71 3.61
N GLY F 3871 -45.40 58.81 3.36
CA GLY F 3871 -44.56 57.68 3.02
C GLY F 3871 -44.78 56.39 3.80
N GLU F 3872 -44.78 55.28 3.07
CA GLU F 3872 -44.87 53.97 3.69
C GLU F 3872 -43.65 53.72 4.57
N LYS F 3873 -43.88 53.18 5.76
CA LYS F 3873 -42.80 52.91 6.68
C LYS F 3873 -42.48 51.42 6.79
N VAL F 3874 -43.07 50.59 5.95
CA VAL F 3874 -42.72 49.17 5.85
C VAL F 3874 -42.02 48.97 4.52
N MET F 3875 -40.74 48.62 4.57
CA MET F 3875 -39.91 48.44 3.38
C MET F 3875 -39.98 49.66 2.48
N ALA F 3876 -39.63 50.81 3.06
CA ALA F 3876 -39.71 52.07 2.31
C ALA F 3876 -38.70 52.11 1.18
N ASP F 3877 -37.54 51.49 1.38
CA ASP F 3877 -36.45 51.52 0.41
C ASP F 3877 -36.43 50.27 -0.47
N ASP F 3878 -37.59 49.69 -0.75
CA ASP F 3878 -37.62 48.46 -1.52
C ASP F 3878 -37.12 48.68 -2.94
N GLU F 3879 -37.46 49.83 -3.54
CA GLU F 3879 -36.95 50.14 -4.87
C GLU F 3879 -35.43 50.27 -4.84
N PHE F 3880 -34.89 50.85 -3.77
CA PHE F 3880 -33.44 50.97 -3.67
C PHE F 3880 -32.78 49.60 -3.51
N THR F 3881 -33.38 48.73 -2.71
CA THR F 3881 -32.87 47.37 -2.58
C THR F 3881 -32.86 46.67 -3.94
N GLN F 3882 -33.96 46.81 -4.67
CA GLN F 3882 -34.07 46.15 -5.96
C GLN F 3882 -33.03 46.68 -6.93
N ASP F 3883 -32.81 47.99 -6.96
CA ASP F 3883 -31.84 48.51 -7.91
C ASP F 3883 -30.41 48.18 -7.49
N LEU F 3884 -30.13 48.11 -6.19
CA LEU F 3884 -28.80 47.67 -5.76
C LEU F 3884 -28.51 46.25 -6.21
N PHE F 3885 -29.45 45.34 -5.96
CA PHE F 3885 -29.21 43.95 -6.35
C PHE F 3885 -29.29 43.77 -7.86
N ARG F 3886 -30.09 44.59 -8.54
CA ARG F 3886 -30.09 44.59 -10.00
C ARG F 3886 -28.74 45.00 -10.55
N PHE F 3887 -28.12 45.99 -9.94
CA PHE F 3887 -26.81 46.44 -10.37
C PHE F 3887 -25.78 45.34 -10.17
N LEU F 3888 -25.81 44.69 -9.01
CA LEU F 3888 -24.88 43.59 -8.79
C LEU F 3888 -25.14 42.45 -9.77
N GLN F 3889 -26.38 42.20 -10.12
CA GLN F 3889 -26.68 41.18 -11.12
C GLN F 3889 -26.13 41.56 -12.49
N LEU F 3890 -26.39 42.78 -12.92
CA LEU F 3890 -25.93 43.22 -14.24
C LEU F 3890 -24.42 43.28 -14.33
N LEU F 3891 -23.71 43.40 -13.21
CA LEU F 3891 -22.26 43.23 -13.29
C LEU F 3891 -21.90 41.84 -13.78
N CYS F 3892 -22.60 40.81 -13.33
CA CYS F 3892 -22.28 39.44 -13.68
C CYS F 3892 -23.07 38.92 -14.87
N GLU F 3893 -23.99 39.70 -15.42
CA GLU F 3893 -24.87 39.21 -16.47
C GLU F 3893 -24.07 38.74 -17.68
N GLY F 3894 -24.57 37.69 -18.32
CA GLY F 3894 -23.87 37.09 -19.43
C GLY F 3894 -22.81 36.10 -19.05
N HIS F 3895 -22.76 35.71 -17.77
CA HIS F 3895 -21.77 34.78 -17.23
C HIS F 3895 -20.36 35.36 -17.38
N ASN F 3896 -20.20 36.60 -16.94
CA ASN F 3896 -18.89 37.21 -16.86
C ASN F 3896 -18.10 36.58 -15.73
N ASN F 3897 -17.28 35.58 -16.06
CA ASN F 3897 -16.62 34.81 -15.01
C ASN F 3897 -15.60 35.66 -14.26
N ASP F 3898 -14.94 36.58 -14.95
CA ASP F 3898 -13.99 37.45 -14.28
C ASP F 3898 -14.67 38.29 -13.21
N PHE F 3899 -15.80 38.89 -13.53
CA PHE F 3899 -16.50 39.71 -12.56
C PHE F 3899 -17.16 38.87 -11.48
N GLN F 3900 -17.62 37.66 -11.82
CA GLN F 3900 -18.13 36.76 -10.81
C GLN F 3900 -17.07 36.42 -9.77
N ASN F 3901 -15.86 36.11 -10.23
CA ASN F 3901 -14.77 35.81 -9.31
C ASN F 3901 -14.34 37.04 -8.53
N TYR F 3902 -14.39 38.20 -9.17
CA TYR F 3902 -13.99 39.43 -8.49
C TYR F 3902 -14.95 39.78 -7.38
N LEU F 3903 -16.26 39.56 -7.58
CA LEU F 3903 -17.21 39.83 -6.51
C LEU F 3903 -16.96 38.93 -5.32
N ARG F 3904 -16.54 37.69 -5.55
CA ARG F 3904 -16.24 36.81 -4.42
C ARG F 3904 -14.97 37.23 -3.71
N THR F 3905 -13.90 37.52 -4.47
CA THR F 3905 -12.63 37.88 -3.85
C THR F 3905 -11.92 38.90 -4.71
N GLN F 3906 -11.34 39.90 -4.06
CA GLN F 3906 -10.55 40.93 -4.73
C GLN F 3906 -9.09 40.70 -4.37
N THR F 3907 -8.35 40.10 -5.31
CA THR F 3907 -6.99 39.67 -5.00
C THR F 3907 -6.05 40.86 -4.82
N GLY F 3908 -6.10 41.83 -5.73
CA GLY F 3908 -5.16 42.93 -5.67
C GLY F 3908 -5.38 43.87 -4.50
N ASN F 3909 -6.61 43.94 -3.98
CA ASN F 3909 -6.89 44.84 -2.88
C ASN F 3909 -6.31 44.31 -1.58
N THR F 3910 -6.01 45.23 -0.67
CA THR F 3910 -5.45 44.84 0.62
C THR F 3910 -6.44 44.05 1.45
N THR F 3911 -7.73 44.36 1.33
CA THR F 3911 -8.78 43.65 2.04
C THR F 3911 -9.83 43.18 1.04
N THR F 3912 -10.53 42.13 1.41
CA THR F 3912 -11.49 41.48 0.52
C THR F 3912 -12.87 41.48 1.17
N ILE F 3913 -13.90 41.72 0.38
CA ILE F 3913 -15.29 41.63 0.83
C ILE F 3913 -16.03 40.67 -0.08
N ASN F 3914 -16.73 39.70 0.51
CA ASN F 3914 -17.44 38.67 -0.23
C ASN F 3914 -18.88 39.13 -0.45
N ILE F 3915 -19.15 39.69 -1.63
CA ILE F 3915 -20.48 40.17 -1.95
C ILE F 3915 -21.47 39.02 -2.05
N ILE F 3916 -21.02 37.83 -2.43
CA ILE F 3916 -21.91 36.68 -2.49
C ILE F 3916 -22.49 36.37 -1.12
N ILE F 3917 -21.63 36.25 -0.11
CA ILE F 3917 -22.09 35.95 1.24
C ILE F 3917 -22.87 37.12 1.80
N CYS F 3918 -22.48 38.36 1.45
CA CYS F 3918 -23.27 39.49 1.89
C CYS F 3918 -24.70 39.40 1.35
N THR F 3919 -24.84 39.02 0.08
CA THR F 3919 -26.15 38.83 -0.52
C THR F 3919 -26.93 37.74 0.21
N VAL F 3920 -26.26 36.65 0.57
CA VAL F 3920 -26.94 35.57 1.28
C VAL F 3920 -27.40 36.03 2.65
N ASP F 3921 -26.60 36.84 3.33
CA ASP F 3921 -27.02 37.37 4.63
C ASP F 3921 -28.27 38.23 4.49
N TYR F 3922 -28.31 39.07 3.46
CA TYR F 3922 -29.53 39.85 3.26
C TYR F 3922 -30.71 38.94 2.98
N LEU F 3923 -30.49 37.87 2.21
CA LEU F 3923 -31.56 36.92 1.93
C LEU F 3923 -32.07 36.29 3.21
N LEU F 3924 -31.17 35.98 4.14
CA LEU F 3924 -31.59 35.41 5.41
C LEU F 3924 -32.45 36.37 6.20
N ARG F 3925 -32.02 37.64 6.29
CA ARG F 3925 -32.84 38.61 7.02
C ARG F 3925 -34.21 38.74 6.40
N LEU F 3926 -34.27 38.80 5.07
CA LEU F 3926 -35.55 38.92 4.37
C LEU F 3926 -36.43 37.70 4.61
N GLN F 3927 -35.85 36.50 4.57
CA GLN F 3927 -36.63 35.30 4.78
C GLN F 3927 -37.19 35.25 6.18
N GLU F 3928 -36.39 35.63 7.17
CA GLU F 3928 -36.89 35.63 8.54
C GLU F 3928 -38.04 36.62 8.69
N SER F 3929 -37.94 37.79 8.06
CA SER F 3929 -39.04 38.73 8.11
C SER F 3929 -40.29 38.16 7.46
N ILE F 3930 -40.14 37.49 6.33
CA ILE F 3930 -41.30 36.93 5.63
C ILE F 3930 -41.94 35.82 6.47
N SER F 3931 -41.13 35.02 7.14
CA SER F 3931 -41.68 34.01 8.03
C SER F 3931 -42.44 34.63 9.18
N ASP F 3932 -41.91 35.73 9.75
CA ASP F 3932 -42.63 36.41 10.81
C ASP F 3932 -43.95 36.96 10.31
N PHE F 3933 -43.97 37.50 9.09
CA PHE F 3933 -45.23 37.99 8.51
C PHE F 3933 -46.22 36.84 8.34
N TYR F 3934 -45.76 35.70 7.85
CA TYR F 3934 -46.65 34.55 7.72
C TYR F 3934 -47.19 34.11 9.06
N TRP F 3935 -46.35 34.06 10.09
CA TRP F 3935 -46.84 33.68 11.40
C TRP F 3935 -47.86 34.68 11.90
N TYR F 3936 -47.62 35.97 11.68
CA TYR F 3936 -48.57 36.98 12.09
C TYR F 3936 -49.92 36.75 11.45
N TYR F 3937 -49.94 36.46 10.15
CA TYR F 3937 -51.20 36.34 9.45
C TYR F 3937 -51.78 34.93 9.43
N SER F 3938 -51.09 33.95 10.02
CA SER F 3938 -51.57 32.57 9.94
C SER F 3938 -52.91 32.39 10.63
N GLY F 3939 -53.07 33.02 11.80
CA GLY F 3939 -54.34 32.90 12.51
C GLY F 3939 -55.50 33.49 11.73
N LYS F 3940 -55.28 34.65 11.10
CA LYS F 3940 -56.34 35.33 10.38
C LYS F 3940 -56.80 34.49 9.20
N ASP F 3941 -58.09 34.56 8.90
CA ASP F 3941 -58.66 33.73 7.84
C ASP F 3941 -58.28 34.24 6.46
N VAL F 3942 -58.31 35.56 6.26
CA VAL F 3942 -58.06 36.16 4.96
C VAL F 3942 -57.05 37.28 5.14
N ILE F 3943 -56.14 37.42 4.17
CA ILE F 3943 -55.11 38.44 4.24
C ILE F 3943 -55.68 39.75 3.71
N GLU F 3944 -55.60 40.80 4.51
CA GLU F 3944 -56.16 42.09 4.12
C GLU F 3944 -55.25 42.77 3.11
N GLU F 3945 -55.72 43.90 2.57
CA GLU F 3945 -55.05 44.51 1.43
C GLU F 3945 -53.65 44.98 1.79
N GLN F 3946 -53.47 45.57 2.96
CA GLN F 3946 -52.15 46.08 3.34
C GLN F 3946 -51.15 44.94 3.47
N GLY F 3947 -51.58 43.83 4.07
CA GLY F 3947 -50.72 42.67 4.16
C GLY F 3947 -50.38 42.11 2.80
N LYS F 3948 -51.35 42.09 1.88
CA LYS F 3948 -51.06 41.62 0.53
C LYS F 3948 -50.03 42.51 -0.15
N ARG F 3949 -50.15 43.83 0.03
CA ARG F 3949 -49.20 44.74 -0.60
C ARG F 3949 -47.80 44.56 -0.04
N ASN F 3950 -47.67 44.46 1.28
CA ASN F 3950 -46.35 44.27 1.88
C ASN F 3950 -45.76 42.93 1.47
N PHE F 3951 -46.57 41.87 1.43
CA PHE F 3951 -46.10 40.59 0.93
C PHE F 3951 -45.60 40.71 -0.49
N SER F 3952 -46.34 41.42 -1.34
CA SER F 3952 -45.95 41.53 -2.74
C SER F 3952 -44.61 42.24 -2.88
N LYS F 3953 -44.39 43.31 -2.12
CA LYS F 3953 -43.12 44.01 -2.26
C LYS F 3953 -41.96 43.19 -1.71
N ALA F 3954 -42.17 42.51 -0.58
CA ALA F 3954 -41.13 41.62 -0.10
C ALA F 3954 -40.83 40.52 -1.11
N MET F 3955 -41.87 40.04 -1.79
CA MET F 3955 -41.68 38.99 -2.79
C MET F 3955 -40.88 39.50 -3.97
N SER F 3956 -41.14 40.73 -4.42
CA SER F 3956 -40.37 41.28 -5.52
C SER F 3956 -38.91 41.44 -5.13
N VAL F 3957 -38.65 41.93 -3.93
CA VAL F 3957 -37.27 42.03 -3.47
C VAL F 3957 -36.61 40.65 -3.46
N ALA F 3958 -37.32 39.63 -2.98
CA ALA F 3958 -36.77 38.29 -2.93
C ALA F 3958 -36.49 37.76 -4.33
N LYS F 3959 -37.38 38.04 -5.29
CA LYS F 3959 -37.12 37.67 -6.68
C LYS F 3959 -35.82 38.28 -7.16
N GLN F 3960 -35.61 39.57 -6.88
CA GLN F 3960 -34.39 40.19 -7.34
C GLN F 3960 -33.17 39.55 -6.69
N VAL F 3961 -33.24 39.23 -5.40
CA VAL F 3961 -32.11 38.64 -4.73
C VAL F 3961 -31.81 37.25 -5.27
N PHE F 3962 -32.85 36.46 -5.52
CA PHE F 3962 -32.66 35.14 -6.11
C PHE F 3962 -32.06 35.25 -7.50
N ASN F 3963 -32.50 36.22 -8.29
CA ASN F 3963 -31.92 36.43 -9.61
C ASN F 3963 -30.45 36.81 -9.52
N SER F 3964 -30.10 37.66 -8.54
CA SER F 3964 -28.70 38.03 -8.37
C SER F 3964 -27.85 36.83 -8.01
N LEU F 3965 -28.33 35.98 -7.10
CA LEU F 3965 -27.58 34.79 -6.73
C LEU F 3965 -27.40 33.86 -7.93
N THR F 3966 -28.47 33.68 -8.70
CA THR F 3966 -28.39 32.86 -9.90
C THR F 3966 -27.37 33.42 -10.86
N GLU F 3967 -27.31 34.75 -11.01
CA GLU F 3967 -26.37 35.34 -11.93
C GLU F 3967 -24.95 35.23 -11.40
N TYR F 3968 -24.78 35.19 -10.09
CA TYR F 3968 -23.46 34.92 -9.53
C TYR F 3968 -22.99 33.53 -9.92
N ILE F 3969 -23.84 32.53 -9.76
CA ILE F 3969 -23.36 31.15 -9.84
C ILE F 3969 -23.52 30.51 -11.21
N GLN F 3970 -24.25 31.12 -12.12
CA GLN F 3970 -24.42 30.53 -13.44
C GLN F 3970 -23.15 30.68 -14.27
N GLY F 3971 -22.99 29.77 -15.21
CA GLY F 3971 -21.85 29.79 -16.12
C GLY F 3971 -21.13 28.48 -16.35
N PRO F 3972 -20.86 27.69 -15.29
CA PRO F 3972 -20.94 27.96 -13.86
C PRO F 3972 -19.72 28.67 -13.35
N CYS F 3973 -19.81 29.40 -12.25
CA CYS F 3973 -18.64 29.89 -11.55
C CYS F 3973 -18.45 28.97 -10.36
N THR F 3974 -17.48 28.06 -10.46
CA THR F 3974 -17.34 27.02 -9.46
C THR F 3974 -17.00 27.59 -8.10
N GLY F 3975 -16.19 28.64 -8.06
CA GLY F 3975 -15.87 29.27 -6.79
C GLY F 3975 -17.11 29.80 -6.09
N ASN F 3976 -17.98 30.48 -6.84
CA ASN F 3976 -19.21 30.99 -6.25
C ASN F 3976 -20.12 29.84 -5.83
N GLN F 3977 -20.17 28.77 -6.62
CA GLN F 3977 -20.97 27.62 -6.23
C GLN F 3977 -20.50 27.06 -4.89
N GLN F 3978 -19.19 26.88 -4.73
CA GLN F 3978 -18.68 26.37 -3.47
C GLN F 3978 -18.96 27.33 -2.32
N SER F 3979 -18.77 28.62 -2.56
CA SER F 3979 -18.99 29.61 -1.52
C SER F 3979 -20.43 29.60 -1.05
N LEU F 3980 -21.38 29.47 -1.98
CA LEU F 3980 -22.78 29.34 -1.58
C LEU F 3980 -23.02 28.03 -0.84
N ALA F 3981 -22.43 26.94 -1.32
CA ALA F 3981 -22.67 25.64 -0.70
C ALA F 3981 -22.20 25.63 0.75
N HIS F 3982 -21.24 26.47 1.08
CA HIS F 3982 -20.75 26.55 2.46
C HIS F 3982 -21.35 27.72 3.22
N SER F 3983 -22.41 28.33 2.72
CA SER F 3983 -23.04 29.46 3.36
C SER F 3983 -24.31 29.00 4.07
N ARG F 3984 -25.13 29.97 4.49
CA ARG F 3984 -26.41 29.73 5.13
C ARG F 3984 -27.56 29.70 4.13
N LEU F 3985 -27.24 29.59 2.84
CA LEU F 3985 -28.26 29.56 1.80
C LEU F 3985 -29.23 28.42 2.01
N TRP F 3986 -28.74 27.29 2.52
CA TRP F 3986 -29.64 26.17 2.79
C TRP F 3986 -30.67 26.52 3.84
N ASP F 3987 -30.24 27.21 4.90
CA ASP F 3987 -31.18 27.62 5.94
C ASP F 3987 -32.22 28.58 5.36
N ALA F 3988 -31.78 29.53 4.55
CA ALA F 3988 -32.73 30.44 3.92
C ALA F 3988 -33.72 29.68 3.04
N VAL F 3989 -33.24 28.69 2.29
CA VAL F 3989 -34.13 27.92 1.42
C VAL F 3989 -35.11 27.10 2.24
N VAL F 3990 -34.66 26.54 3.36
CA VAL F 3990 -35.55 25.75 4.20
C VAL F 3990 -36.69 26.61 4.72
N GLY F 3991 -36.36 27.79 5.25
CA GLY F 3991 -37.40 28.69 5.69
C GLY F 3991 -38.33 29.09 4.56
N PHE F 3992 -37.78 29.34 3.38
CA PHE F 3992 -38.61 29.72 2.26
C PHE F 3992 -39.57 28.59 1.87
N LEU F 3993 -39.09 27.35 1.89
CA LEU F 3993 -39.96 26.22 1.57
C LEU F 3993 -41.09 26.11 2.57
N HIS F 3994 -40.78 26.32 3.85
CA HIS F 3994 -41.83 26.32 4.87
C HIS F 3994 -42.88 27.37 4.57
N VAL F 3995 -42.45 28.61 4.34
CA VAL F 3995 -43.39 29.69 4.08
C VAL F 3995 -44.18 29.42 2.81
N PHE F 3996 -43.51 28.92 1.77
CA PHE F 3996 -44.19 28.65 0.51
C PHE F 3996 -45.30 27.62 0.69
N ALA F 3997 -44.98 26.49 1.32
CA ALA F 3997 -45.99 25.45 1.49
C ALA F 3997 -47.19 25.98 2.25
N HIS F 3998 -46.96 26.57 3.42
CA HIS F 3998 -48.11 26.99 4.22
C HIS F 3998 -48.85 28.15 3.57
N MET F 3999 -48.13 29.03 2.88
CA MET F 3999 -48.74 30.21 2.32
C MET F 3999 -49.60 29.83 1.11
N MET F 4000 -49.12 28.90 0.28
CA MET F 4000 -49.94 28.37 -0.80
C MET F 4000 -51.20 27.72 -0.27
N MET F 4001 -51.05 26.83 0.72
CA MET F 4001 -52.20 26.15 1.28
C MET F 4001 -53.23 27.15 1.82
N LYS F 4002 -52.75 28.24 2.41
CA LYS F 4002 -53.68 29.24 2.94
C LYS F 4002 -54.31 30.06 1.83
N LEU F 4003 -53.54 30.47 0.83
CA LEU F 4003 -54.06 31.37 -0.19
C LEU F 4003 -55.02 30.67 -1.13
N ALA F 4004 -54.91 29.35 -1.26
CA ALA F 4004 -55.76 28.65 -2.20
C ALA F 4004 -57.22 28.67 -1.79
N GLN F 4005 -57.54 29.10 -0.58
CA GLN F 4005 -58.86 28.94 -0.01
C GLN F 4005 -59.77 30.16 -0.23
N ASP F 4006 -59.32 31.16 -0.98
CA ASP F 4006 -60.17 32.29 -1.31
C ASP F 4006 -59.63 32.94 -2.58
N SER F 4007 -60.51 33.16 -3.55
CA SER F 4007 -60.08 33.66 -4.85
C SER F 4007 -59.59 35.10 -4.80
N SER F 4008 -59.87 35.83 -3.72
CA SER F 4008 -59.43 37.21 -3.64
C SER F 4008 -57.92 37.35 -3.52
N GLN F 4009 -57.22 36.23 -3.28
CA GLN F 4009 -55.78 36.23 -3.12
C GLN F 4009 -55.08 35.48 -4.24
N ILE F 4010 -55.74 35.36 -5.40
CA ILE F 4010 -55.18 34.59 -6.50
C ILE F 4010 -53.95 35.27 -7.08
N GLU F 4011 -53.96 36.61 -7.13
CA GLU F 4011 -52.79 37.33 -7.61
C GLU F 4011 -51.59 37.12 -6.69
N LEU F 4012 -51.82 37.18 -5.38
CA LEU F 4012 -50.75 36.92 -4.44
C LEU F 4012 -50.23 35.50 -4.58
N LEU F 4013 -51.14 34.55 -4.81
CA LEU F 4013 -50.72 33.16 -4.99
C LEU F 4013 -49.87 33.00 -6.24
N LYS F 4014 -50.25 33.66 -7.33
CA LYS F 4014 -49.43 33.61 -8.55
C LYS F 4014 -48.05 34.19 -8.29
N GLU F 4015 -47.97 35.31 -7.58
CA GLU F 4015 -46.68 35.91 -7.29
C GLU F 4015 -45.83 34.97 -6.45
N LEU F 4016 -46.43 34.34 -5.44
CA LEU F 4016 -45.72 33.36 -4.63
C LEU F 4016 -45.21 32.21 -5.48
N LEU F 4017 -46.02 31.72 -6.41
CA LEU F 4017 -45.62 30.59 -7.23
C LEU F 4017 -44.44 30.94 -8.14
N ASP F 4018 -44.47 32.12 -8.76
CA ASP F 4018 -43.32 32.48 -9.60
C ASP F 4018 -42.09 32.73 -8.76
N LEU F 4019 -42.27 33.19 -7.51
CA LEU F 4019 -41.12 33.33 -6.62
C LEU F 4019 -40.49 31.97 -6.34
N GLN F 4020 -41.32 30.96 -6.10
CA GLN F 4020 -40.78 29.61 -5.92
C GLN F 4020 -40.04 29.16 -7.16
N LYS F 4021 -40.57 29.52 -8.34
CA LYS F 4021 -39.91 29.16 -9.58
C LYS F 4021 -38.51 29.77 -9.64
N ASP F 4022 -38.39 31.03 -9.22
CA ASP F 4022 -37.08 31.67 -9.21
C ASP F 4022 -36.12 30.97 -8.26
N MET F 4023 -36.61 30.59 -7.07
CA MET F 4023 -35.72 29.91 -6.12
C MET F 4023 -35.29 28.54 -6.64
N VAL F 4024 -36.19 27.82 -7.29
CA VAL F 4024 -35.83 26.53 -7.86
C VAL F 4024 -34.83 26.71 -9.00
N VAL F 4025 -34.97 27.78 -9.78
CA VAL F 4025 -33.99 28.07 -10.82
C VAL F 4025 -32.63 28.32 -10.20
N MET F 4026 -32.59 29.00 -9.06
CA MET F 4026 -31.32 29.18 -8.37
C MET F 4026 -30.71 27.85 -7.94
N LEU F 4027 -31.56 26.95 -7.42
CA LEU F 4027 -31.05 25.63 -7.04
C LEU F 4027 -30.50 24.87 -8.25
N LEU F 4028 -31.24 24.89 -9.35
CA LEU F 4028 -30.77 24.22 -10.55
C LEU F 4028 -29.45 24.81 -11.03
N SER F 4029 -29.28 26.11 -10.88
CA SER F 4029 -27.99 26.72 -11.20
C SER F 4029 -26.89 26.20 -10.29
N LEU F 4030 -27.21 25.97 -9.02
CA LEU F 4030 -26.24 25.30 -8.15
C LEU F 4030 -25.89 23.91 -8.65
N LEU F 4031 -26.79 23.24 -9.36
CA LEU F 4031 -26.45 21.91 -9.86
C LEU F 4031 -25.74 21.92 -11.21
N GLU F 4032 -25.30 23.06 -11.70
CA GLU F 4032 -24.62 23.09 -12.99
C GLU F 4032 -23.23 22.46 -12.88
N GLY F 4033 -22.85 21.71 -13.90
CA GLY F 4033 -21.55 21.05 -13.89
C GLY F 4033 -21.37 20.11 -12.73
N ASN F 4034 -22.43 19.41 -12.35
CA ASN F 4034 -22.43 18.57 -11.17
C ASN F 4034 -22.26 17.11 -11.58
N VAL F 4035 -21.25 16.46 -11.03
CA VAL F 4035 -20.97 15.07 -11.32
C VAL F 4035 -21.92 14.19 -10.52
N VAL F 4036 -21.97 12.90 -10.85
CA VAL F 4036 -22.75 11.97 -10.05
C VAL F 4036 -22.15 11.89 -8.65
N ASN F 4037 -23.02 11.89 -7.65
CA ASN F 4037 -22.63 11.87 -6.24
C ASN F 4037 -21.78 13.09 -5.89
N GLY F 4038 -22.06 14.20 -6.54
CA GLY F 4038 -21.44 15.45 -6.18
C GLY F 4038 -21.93 15.99 -4.85
N MET F 4039 -21.05 16.71 -4.17
CA MET F 4039 -21.33 17.12 -2.80
C MET F 4039 -22.40 18.20 -2.74
N ILE F 4040 -22.49 19.06 -3.76
CA ILE F 4040 -23.59 20.02 -3.80
C ILE F 4040 -24.93 19.30 -3.94
N ALA F 4041 -24.99 18.28 -4.79
CA ALA F 4041 -26.23 17.52 -4.94
C ALA F 4041 -26.59 16.79 -3.65
N ARG F 4042 -25.60 16.23 -2.96
CA ARG F 4042 -25.88 15.57 -1.70
C ARG F 4042 -26.36 16.56 -0.64
N GLN F 4043 -25.79 17.77 -0.64
CA GLN F 4043 -26.27 18.81 0.27
C GLN F 4043 -27.69 19.23 -0.08
N MET F 4044 -28.03 19.27 -1.37
CA MET F 4044 -29.38 19.60 -1.78
C MET F 4044 -30.36 18.54 -1.29
N VAL F 4045 -29.98 17.26 -1.37
CA VAL F 4045 -30.82 16.20 -0.87
C VAL F 4045 -31.01 16.29 0.63
N ASP F 4046 -29.93 16.58 1.36
CA ASP F 4046 -30.04 16.75 2.80
C ASP F 4046 -30.95 17.92 3.15
N MET F 4047 -30.86 19.01 2.39
CA MET F 4047 -31.79 20.12 2.54
C MET F 4047 -33.23 19.68 2.36
N LEU F 4048 -33.51 18.98 1.26
CA LEU F 4048 -34.89 18.57 1.00
C LEU F 4048 -35.40 17.65 2.10
N VAL F 4049 -34.54 16.78 2.62
CA VAL F 4049 -34.93 15.92 3.74
C VAL F 4049 -35.20 16.76 4.98
N GLU F 4050 -34.35 17.76 5.23
CA GLU F 4050 -34.54 18.62 6.39
C GLU F 4050 -35.86 19.38 6.33
N SER F 4051 -36.37 19.63 5.14
CA SER F 4051 -37.66 20.27 4.95
C SER F 4051 -38.64 19.31 4.30
N SER F 4052 -38.60 18.05 4.74
CA SER F 4052 -39.39 17.01 4.12
C SER F 4052 -40.88 17.29 4.23
N SER F 4053 -41.33 17.76 5.40
CA SER F 4053 -42.75 18.01 5.57
C SER F 4053 -43.25 19.06 4.60
N ASN F 4054 -42.50 20.16 4.45
CA ASN F 4054 -42.93 21.24 3.57
C ASN F 4054 -42.83 20.84 2.11
N VAL F 4055 -41.80 20.06 1.76
CA VAL F 4055 -41.70 19.58 0.38
C VAL F 4055 -42.88 18.68 0.06
N GLU F 4056 -43.26 17.81 1.00
CA GLU F 4056 -44.43 16.97 0.80
C GLU F 4056 -45.70 17.80 0.68
N MET F 4057 -45.81 18.86 1.47
CA MET F 4057 -46.98 19.73 1.36
C MET F 4057 -47.06 20.37 -0.02
N ILE F 4058 -45.93 20.81 -0.55
CA ILE F 4058 -45.89 21.41 -1.89
C ILE F 4058 -46.30 20.37 -2.94
N LEU F 4059 -45.73 19.18 -2.85
CA LEU F 4059 -46.01 18.14 -3.83
C LEU F 4059 -47.47 17.72 -3.77
N LYS F 4060 -48.04 17.64 -2.56
CA LYS F 4060 -49.45 17.35 -2.41
C LYS F 4060 -50.32 18.47 -2.92
N PHE F 4061 -49.86 19.71 -2.83
CA PHE F 4061 -50.63 20.80 -3.44
C PHE F 4061 -50.68 20.64 -4.95
N PHE F 4062 -49.55 20.28 -5.57
CA PHE F 4062 -49.54 20.16 -7.02
C PHE F 4062 -50.36 18.96 -7.48
N ASP F 4063 -50.18 17.80 -6.84
CA ASP F 4063 -50.82 16.59 -7.34
C ASP F 4063 -52.32 16.62 -7.11
N MET F 4064 -52.78 17.29 -6.04
CA MET F 4064 -54.22 17.36 -5.79
C MET F 4064 -54.93 18.05 -6.94
N PHE F 4065 -54.41 19.17 -7.40
CA PHE F 4065 -55.06 19.88 -8.48
C PHE F 4065 -54.84 19.22 -9.83
N LEU F 4066 -53.68 18.57 -10.02
CA LEU F 4066 -53.53 17.78 -11.24
C LEU F 4066 -54.57 16.67 -11.29
N LYS F 4067 -54.83 15.99 -10.17
CA LYS F 4067 -55.83 14.95 -10.15
C LYS F 4067 -57.24 15.52 -10.28
N LEU F 4068 -57.48 16.70 -9.71
CA LEU F 4068 -58.78 17.32 -9.85
C LEU F 4068 -59.10 17.65 -11.29
N LYS F 4069 -58.12 18.17 -12.03
CA LYS F 4069 -58.37 18.57 -13.41
C LYS F 4069 -58.77 17.38 -14.26
N ASP F 4070 -58.25 16.19 -13.95
CA ASP F 4070 -58.64 15.03 -14.74
C ASP F 4070 -59.87 14.34 -14.17
N ILE F 4071 -60.16 14.50 -12.89
CA ILE F 4071 -61.38 13.91 -12.33
C ILE F 4071 -62.60 14.66 -12.84
N VAL F 4072 -62.53 15.98 -12.93
CA VAL F 4072 -63.71 16.74 -13.36
C VAL F 4072 -64.13 16.34 -14.76
N GLY F 4073 -63.19 15.87 -15.58
CA GLY F 4073 -63.53 15.40 -16.90
C GLY F 4073 -64.00 13.97 -16.99
N SER F 4074 -64.07 13.26 -15.87
CA SER F 4074 -64.47 11.87 -15.88
C SER F 4074 -65.97 11.73 -16.04
N GLU F 4075 -66.37 10.65 -16.73
CA GLU F 4075 -67.79 10.35 -16.86
C GLU F 4075 -68.39 9.98 -15.51
N ALA F 4076 -67.59 9.39 -14.61
CA ALA F 4076 -68.10 9.11 -13.28
C ALA F 4076 -68.47 10.39 -12.54
N PHE F 4077 -67.65 11.42 -12.67
CA PHE F 4077 -67.99 12.72 -12.10
C PHE F 4077 -69.20 13.32 -12.80
N GLN F 4078 -69.26 13.19 -14.13
CA GLN F 4078 -70.41 13.74 -14.86
C GLN F 4078 -71.70 13.05 -14.45
N ASP F 4079 -71.64 11.79 -14.02
CA ASP F 4079 -72.82 11.12 -13.50
C ASP F 4079 -73.37 11.84 -12.28
N TYR F 4080 -72.49 12.25 -11.37
CA TYR F 4080 -72.93 13.03 -10.22
C TYR F 4080 -73.42 14.42 -10.64
N VAL F 4081 -72.78 15.02 -11.63
CA VAL F 4081 -73.22 16.34 -12.10
C VAL F 4081 -74.65 16.20 -12.64
N THR F 4082 -75.57 16.97 -12.06
CA THR F 4082 -76.98 16.92 -12.46
C THR F 4082 -77.60 18.27 -12.75
N ASP F 4083 -77.13 19.33 -12.11
CA ASP F 4083 -77.70 20.66 -12.33
C ASP F 4083 -77.52 21.06 -13.79
N PRO F 4084 -78.59 21.48 -14.48
CA PRO F 4084 -78.44 21.87 -15.89
C PRO F 4084 -77.52 23.05 -16.10
N ARG F 4085 -77.34 23.91 -15.09
CA ARG F 4085 -76.45 25.05 -15.22
C ARG F 4085 -74.99 24.66 -15.32
N GLY F 4086 -74.65 23.41 -15.03
CA GLY F 4086 -73.26 23.01 -14.99
C GLY F 4086 -72.60 23.19 -13.64
N LEU F 4087 -73.37 23.33 -12.57
CA LEU F 4087 -72.85 23.46 -11.23
C LEU F 4087 -73.10 22.16 -10.46
N ILE F 4088 -72.43 22.03 -9.32
CA ILE F 4088 -72.58 20.87 -8.47
C ILE F 4088 -72.62 21.32 -7.03
N SER F 4089 -73.51 20.72 -6.24
CA SER F 4089 -73.62 21.05 -4.84
C SER F 4089 -72.40 20.54 -4.08
N LYS F 4090 -72.15 21.15 -2.92
CA LYS F 4090 -71.02 20.72 -2.10
C LYS F 4090 -71.19 19.29 -1.62
N LYS F 4091 -72.41 18.90 -1.26
CA LYS F 4091 -72.63 17.54 -0.78
C LYS F 4091 -72.46 16.54 -1.92
N ASP F 4092 -72.92 16.89 -3.12
CA ASP F 4092 -72.70 16.03 -4.28
C ASP F 4092 -71.21 15.90 -4.59
N PHE F 4093 -70.47 17.01 -4.49
CA PHE F 4093 -69.03 16.94 -4.70
C PHE F 4093 -68.38 16.03 -3.66
N GLN F 4094 -68.83 16.14 -2.41
CA GLN F 4094 -68.29 15.32 -1.35
C GLN F 4094 -68.53 13.83 -1.60
N LYS F 4095 -69.74 13.49 -2.03
CA LYS F 4095 -70.03 12.07 -2.28
C LYS F 4095 -69.47 11.58 -3.60
N ALA F 4096 -69.12 12.49 -4.51
CA ALA F 4096 -68.52 12.06 -5.77
C ALA F 4096 -67.03 11.82 -5.63
N MET F 4097 -66.35 12.68 -4.88
CA MET F 4097 -64.89 12.63 -4.84
C MET F 4097 -64.40 11.42 -4.06
N ASP F 4098 -65.07 11.11 -2.94
CA ASP F 4098 -64.69 9.94 -2.17
C ASP F 4098 -65.03 8.64 -2.88
N SER F 4099 -65.94 8.68 -3.85
CA SER F 4099 -66.20 7.51 -4.69
C SER F 4099 -65.01 7.16 -5.56
N GLN F 4100 -64.25 8.14 -6.00
CA GLN F 4100 -63.06 7.88 -6.81
C GLN F 4100 -61.97 7.18 -6.03
N LYS F 4101 -62.01 7.24 -4.69
CA LYS F 4101 -60.99 6.64 -3.84
C LYS F 4101 -59.59 7.11 -4.23
N GLN F 4102 -59.46 8.40 -4.52
CA GLN F 4102 -58.17 8.99 -4.82
C GLN F 4102 -57.73 10.04 -3.83
N PHE F 4103 -58.62 10.52 -2.97
CA PHE F 4103 -58.28 11.51 -1.97
C PHE F 4103 -58.70 11.04 -0.59
N THR F 4104 -58.03 11.58 0.42
CA THR F 4104 -58.41 11.32 1.79
C THR F 4104 -59.47 12.35 2.21
N GLY F 4105 -60.08 12.13 3.37
CA GLY F 4105 -61.12 12.99 3.85
C GLY F 4105 -60.67 14.42 4.04
N PRO F 4106 -59.54 14.63 4.72
CA PRO F 4106 -59.00 15.99 4.83
C PRO F 4106 -58.71 16.65 3.49
N GLU F 4107 -58.22 15.89 2.51
CA GLU F 4107 -57.96 16.48 1.20
C GLU F 4107 -59.27 16.88 0.52
N ILE F 4108 -60.31 16.07 0.66
CA ILE F 4108 -61.61 16.43 0.11
C ILE F 4108 -62.14 17.69 0.79
N GLN F 4109 -61.96 17.78 2.11
CA GLN F 4109 -62.37 18.98 2.83
C GLN F 4109 -61.62 20.20 2.34
N PHE F 4110 -60.31 20.06 2.12
CA PHE F 4110 -59.52 21.17 1.62
C PHE F 4110 -59.99 21.60 0.24
N LEU F 4111 -60.29 20.64 -0.64
CA LEU F 4111 -60.80 20.99 -1.96
C LEU F 4111 -62.14 21.69 -1.87
N LEU F 4112 -62.99 21.26 -0.94
CA LEU F 4112 -64.26 21.95 -0.74
C LEU F 4112 -64.02 23.39 -0.30
N SER F 4113 -63.07 23.60 0.61
CA SER F 4113 -62.76 24.95 1.06
C SER F 4113 -62.25 25.81 -0.08
N CYS F 4114 -61.39 25.24 -0.93
CA CYS F 4114 -60.83 26.02 -2.04
C CYS F 4114 -61.87 26.27 -3.12
N SER F 4115 -62.90 25.43 -3.20
CA SER F 4115 -63.97 25.67 -4.15
C SER F 4115 -64.73 26.93 -3.76
N GLU F 4116 -64.97 27.80 -4.74
CA GLU F 4116 -65.65 29.06 -4.48
C GLU F 4116 -67.16 28.83 -4.55
N ALA F 4117 -67.65 28.05 -3.59
CA ALA F 4117 -69.08 27.77 -3.53
C ALA F 4117 -69.85 29.04 -3.20
N ASP F 4118 -70.97 29.24 -3.87
CA ASP F 4118 -71.78 30.42 -3.66
C ASP F 4118 -72.62 30.23 -2.40
N GLU F 4119 -73.55 31.15 -2.16
CA GLU F 4119 -74.45 31.04 -1.02
C GLU F 4119 -75.36 29.82 -1.12
N ASN F 4120 -75.58 29.31 -2.32
CA ASN F 4120 -76.41 28.12 -2.53
C ASN F 4120 -75.61 26.84 -2.47
N GLU F 4121 -74.36 26.91 -2.00
CA GLU F 4121 -73.45 25.76 -1.96
C GLU F 4121 -73.28 25.13 -3.33
N MET F 4122 -73.24 25.95 -4.36
CA MET F 4122 -73.08 25.50 -5.74
C MET F 4122 -71.65 25.77 -6.19
N ILE F 4123 -71.04 24.78 -6.84
CA ILE F 4123 -69.64 24.83 -7.23
C ILE F 4123 -69.57 24.85 -8.75
N ASN F 4124 -68.78 25.79 -9.29
CA ASN F 4124 -68.46 25.82 -10.71
C ASN F 4124 -67.16 25.06 -10.92
N PHE F 4125 -67.30 23.73 -11.05
CA PHE F 4125 -66.11 22.89 -11.16
C PHE F 4125 -65.31 23.17 -12.43
N GLU F 4126 -65.95 23.69 -13.47
CA GLU F 4126 -65.23 23.99 -14.71
C GLU F 4126 -64.12 25.01 -14.46
N GLU F 4127 -64.44 26.09 -13.74
CA GLU F 4127 -63.42 27.07 -13.40
C GLU F 4127 -62.60 26.65 -12.19
N PHE F 4128 -63.19 25.87 -11.28
CA PHE F 4128 -62.44 25.38 -10.13
C PHE F 4128 -61.26 24.54 -10.55
N ALA F 4129 -61.46 23.63 -11.51
CA ALA F 4129 -60.37 22.78 -11.95
C ALA F 4129 -59.28 23.57 -12.65
N ASN F 4130 -59.66 24.54 -13.47
CA ASN F 4130 -58.70 25.31 -14.24
C ASN F 4130 -58.12 26.50 -13.49
N ARG F 4131 -58.55 26.73 -12.25
CA ARG F 4131 -58.12 27.92 -11.53
C ARG F 4131 -56.61 27.93 -11.32
N PHE F 4132 -56.04 26.84 -10.85
CA PHE F 4132 -54.62 26.79 -10.54
C PHE F 4132 -53.80 26.07 -11.59
N GLN F 4133 -54.41 25.62 -12.68
CA GLN F 4133 -53.65 24.85 -13.66
C GLN F 4133 -52.56 25.70 -14.30
N GLU F 4134 -52.89 26.91 -14.74
CA GLU F 4134 -51.92 27.78 -15.39
C GLU F 4134 -50.91 28.40 -14.42
N PRO F 4135 -51.33 28.94 -13.27
CA PRO F 4135 -50.34 29.52 -12.36
C PRO F 4135 -49.30 28.53 -11.87
N ALA F 4136 -49.67 27.27 -11.70
CA ALA F 4136 -48.78 26.29 -11.08
C ALA F 4136 -47.94 25.53 -12.09
N ARG F 4137 -48.08 25.83 -13.38
CA ARG F 4137 -47.45 25.00 -14.40
C ARG F 4137 -45.93 25.17 -14.40
N ASP F 4138 -45.42 26.39 -14.40
CA ASP F 4138 -43.98 26.59 -14.52
C ASP F 4138 -43.25 26.10 -13.29
N ILE F 4139 -43.78 26.38 -12.10
CA ILE F 4139 -43.14 25.88 -10.88
C ILE F 4139 -43.26 24.36 -10.82
N GLY F 4140 -44.38 23.80 -11.27
CA GLY F 4140 -44.48 22.35 -11.30
C GLY F 4140 -43.43 21.73 -12.20
N PHE F 4141 -43.22 22.32 -13.37
CA PHE F 4141 -42.21 21.81 -14.28
C PHE F 4141 -40.82 21.90 -13.67
N ASN F 4142 -40.52 23.02 -13.01
CA ASN F 4142 -39.19 23.16 -12.44
C ASN F 4142 -38.96 22.22 -11.27
N VAL F 4143 -40.00 21.97 -10.46
CA VAL F 4143 -39.88 20.98 -9.41
C VAL F 4143 -39.63 19.60 -10.01
N ALA F 4144 -40.33 19.28 -11.10
CA ALA F 4144 -40.10 18.01 -11.78
C ALA F 4144 -38.67 17.90 -12.29
N VAL F 4145 -38.17 18.97 -12.91
CA VAL F 4145 -36.80 18.98 -13.42
C VAL F 4145 -35.81 18.79 -12.29
N LEU F 4146 -36.03 19.49 -11.17
CA LEU F 4146 -35.13 19.38 -10.03
C LEU F 4146 -35.08 17.96 -9.50
N LEU F 4147 -36.25 17.33 -9.32
CA LEU F 4147 -36.28 15.97 -8.80
C LEU F 4147 -35.64 15.00 -9.78
N THR F 4148 -35.88 15.17 -11.07
CA THR F 4148 -35.25 14.31 -12.06
C THR F 4148 -33.73 14.45 -12.04
N ASN F 4149 -33.23 15.68 -11.97
CA ASN F 4149 -31.80 15.92 -11.93
C ASN F 4149 -31.17 15.28 -10.70
N LEU F 4150 -31.78 15.48 -9.53
CA LEU F 4150 -31.24 14.89 -8.32
C LEU F 4150 -31.29 13.37 -8.36
N SER F 4151 -32.37 12.80 -8.88
CA SER F 4151 -32.46 11.35 -8.95
C SER F 4151 -31.39 10.77 -9.87
N GLU F 4152 -31.12 11.45 -10.97
CA GLU F 4152 -30.13 10.93 -11.91
C GLU F 4152 -28.69 11.20 -11.49
N HIS F 4153 -28.45 12.15 -10.58
CA HIS F 4153 -27.08 12.39 -10.16
C HIS F 4153 -26.76 11.89 -8.76
N VAL F 4154 -27.77 11.48 -7.99
CA VAL F 4154 -27.57 10.82 -6.71
C VAL F 4154 -28.39 9.53 -6.74
N PRO F 4155 -28.00 8.54 -7.55
CA PRO F 4155 -28.88 7.39 -7.78
C PRO F 4155 -28.97 6.43 -6.62
N HIS F 4156 -28.17 6.60 -5.56
CA HIS F 4156 -28.12 5.66 -4.45
C HIS F 4156 -28.42 6.32 -3.12
N ASP F 4157 -29.39 7.22 -3.09
CA ASP F 4157 -29.87 7.79 -1.83
C ASP F 4157 -31.33 7.43 -1.65
N PRO F 4158 -31.67 6.49 -0.77
CA PRO F 4158 -33.08 6.06 -0.65
C PRO F 4158 -34.00 7.14 -0.15
N ARG F 4159 -33.49 8.19 0.49
CA ARG F 4159 -34.34 9.26 0.97
C ARG F 4159 -35.00 10.03 -0.17
N LEU F 4160 -34.49 9.89 -1.39
CA LEU F 4160 -35.03 10.63 -2.52
C LEU F 4160 -36.11 9.87 -3.28
N ARG F 4161 -36.09 8.53 -3.22
CA ARG F 4161 -37.20 7.78 -3.81
C ARG F 4161 -38.53 8.15 -3.20
N ASN F 4162 -38.55 8.51 -1.91
CA ASN F 4162 -39.80 8.93 -1.30
C ASN F 4162 -40.35 10.18 -1.98
N PHE F 4163 -39.50 11.17 -2.22
CA PHE F 4163 -39.93 12.37 -2.91
C PHE F 4163 -40.38 12.07 -4.33
N LEU F 4164 -39.64 11.19 -5.01
CA LEU F 4164 -40.03 10.83 -6.37
C LEU F 4164 -41.41 10.17 -6.41
N GLU F 4165 -41.67 9.28 -5.45
CA GLU F 4165 -42.99 8.66 -5.38
C GLU F 4165 -44.07 9.68 -5.07
N LEU F 4166 -43.79 10.62 -4.17
CA LEU F 4166 -44.76 11.65 -3.86
C LEU F 4166 -45.00 12.58 -5.04
N ALA F 4167 -44.06 12.66 -5.96
CA ALA F 4167 -44.19 13.50 -7.14
C ALA F 4167 -44.47 12.68 -8.39
N GLU F 4168 -44.98 11.46 -8.21
CA GLU F 4168 -45.16 10.57 -9.35
C GLU F 4168 -46.14 11.15 -10.35
N SER F 4169 -47.24 11.73 -9.86
CA SER F 4169 -48.21 12.34 -10.77
C SER F 4169 -47.61 13.53 -11.49
N ILE F 4170 -46.83 14.36 -10.79
CA ILE F 4170 -46.22 15.53 -11.41
C ILE F 4170 -45.27 15.09 -12.52
N LEU F 4171 -44.42 14.09 -12.23
CA LEU F 4171 -43.45 13.63 -13.20
C LEU F 4171 -44.14 13.00 -14.40
N GLU F 4172 -45.19 12.22 -14.16
CA GLU F 4172 -45.95 11.65 -15.27
C GLU F 4172 -46.60 12.74 -16.10
N TYR F 4173 -47.09 13.78 -15.45
CA TYR F 4173 -47.73 14.87 -16.18
C TYR F 4173 -46.75 15.59 -17.08
N PHE F 4174 -45.57 15.91 -16.55
CA PHE F 4174 -44.61 16.70 -17.31
C PHE F 4174 -43.65 15.84 -18.13
N ARG F 4175 -43.86 14.53 -18.17
CA ARG F 4175 -42.98 13.67 -18.95
C ARG F 4175 -42.91 14.05 -20.42
N PRO F 4176 -44.02 14.30 -21.13
CA PRO F 4176 -43.89 14.69 -22.54
C PRO F 4176 -43.17 16.01 -22.76
N TYR F 4177 -43.10 16.88 -21.75
CA TYR F 4177 -42.49 18.19 -21.92
C TYR F 4177 -41.10 18.30 -21.31
N LEU F 4178 -40.65 17.29 -20.60
CA LEU F 4178 -39.32 17.33 -19.99
C LEU F 4178 -38.34 16.80 -21.01
N GLY F 4179 -37.66 17.70 -21.71
CA GLY F 4179 -36.67 17.31 -22.68
C GLY F 4179 -35.30 17.26 -22.04
N ARG F 4180 -34.56 16.18 -22.33
CA ARG F 4180 -33.19 16.05 -21.85
C ARG F 4180 -32.28 15.70 -23.00
N ILE F 4181 -31.10 16.30 -23.02
CA ILE F 4181 -30.04 15.98 -23.97
C ILE F 4181 -28.74 15.87 -23.20
N GLU F 4182 -27.72 15.34 -23.86
CA GLU F 4182 -26.37 15.30 -23.34
C GLU F 4182 -25.47 16.10 -24.26
N ILE F 4183 -24.52 16.82 -23.68
CA ILE F 4183 -23.52 17.58 -24.44
C ILE F 4183 -22.15 17.31 -23.84
N MET F 4184 -21.13 17.59 -24.63
CA MET F 4184 -19.76 17.67 -24.13
C MET F 4184 -19.56 19.09 -23.63
N GLY F 4185 -19.57 19.26 -22.32
CA GLY F 4185 -19.72 20.56 -21.71
C GLY F 4185 -18.45 21.35 -21.61
N ALA F 4186 -18.56 22.49 -20.91
CA ALA F 4186 -17.44 23.39 -20.71
C ALA F 4186 -16.32 22.74 -19.90
N SER F 4187 -16.63 21.69 -19.14
CA SER F 4187 -15.65 21.04 -18.28
C SER F 4187 -15.01 19.82 -18.90
N ARG F 4188 -14.98 19.68 -20.22
CA ARG F 4188 -14.42 18.50 -20.87
C ARG F 4188 -15.05 17.21 -20.35
N ARG F 4189 -16.33 17.24 -20.05
CA ARG F 4189 -17.06 16.07 -19.59
C ARG F 4189 -18.46 16.09 -20.17
N ILE F 4190 -19.07 14.91 -20.26
CA ILE F 4190 -20.42 14.81 -20.77
C ILE F 4190 -21.40 15.22 -19.69
N GLU F 4191 -22.24 16.21 -19.99
CA GLU F 4191 -23.21 16.74 -19.05
C GLU F 4191 -24.61 16.53 -19.59
N ARG F 4192 -25.55 16.28 -18.70
CA ARG F 4192 -26.94 16.11 -19.07
C ARG F 4192 -27.69 17.41 -18.83
N ILE F 4193 -28.46 17.83 -19.84
CA ILE F 4193 -29.17 19.10 -19.82
C ILE F 4193 -30.66 18.82 -19.84
N TYR F 4194 -31.40 19.48 -18.95
CA TYR F 4194 -32.85 19.35 -18.88
C TYR F 4194 -33.46 20.66 -19.33
N PHE F 4195 -34.51 20.58 -20.14
CA PHE F 4195 -35.17 21.77 -20.64
C PHE F 4195 -36.63 21.44 -20.90
N GLU F 4196 -37.33 22.39 -21.49
CA GLU F 4196 -38.77 22.29 -21.68
C GLU F 4196 -39.11 22.19 -23.16
N ILE F 4197 -40.05 21.32 -23.48
CA ILE F 4197 -40.57 21.19 -24.83
C ILE F 4197 -42.03 21.63 -24.81
N SER F 4198 -42.40 22.50 -25.74
CA SER F 4198 -43.75 23.02 -25.74
C SER F 4198 -44.70 22.11 -26.51
N GLU F 4199 -45.99 22.23 -26.17
CA GLU F 4199 -47.01 21.43 -26.84
C GLU F 4199 -47.04 21.73 -28.33
N THR F 4200 -46.95 23.01 -28.70
CA THR F 4200 -46.98 23.36 -30.11
C THR F 4200 -45.81 22.76 -30.86
N ASN F 4201 -44.61 22.85 -30.27
CA ASN F 4201 -43.44 22.29 -30.93
C ASN F 4201 -43.57 20.78 -31.11
N ARG F 4202 -44.03 20.09 -30.07
CA ARG F 4202 -44.16 18.65 -30.19
C ARG F 4202 -45.21 18.28 -31.23
N ALA F 4203 -46.34 18.98 -31.23
CA ALA F 4203 -47.40 18.68 -32.18
C ALA F 4203 -46.92 18.91 -33.61
N GLN F 4204 -46.20 20.00 -33.84
CA GLN F 4204 -45.67 20.26 -35.18
C GLN F 4204 -44.65 19.21 -35.57
N TRP F 4205 -43.82 18.76 -34.64
CA TRP F 4205 -42.85 17.72 -34.96
C TRP F 4205 -43.53 16.40 -35.28
N GLU F 4206 -44.75 16.20 -34.80
CA GLU F 4206 -45.45 14.96 -35.08
C GLU F 4206 -46.20 14.96 -36.39
N MET F 4207 -46.14 16.03 -37.16
CA MET F 4207 -46.90 16.09 -38.40
C MET F 4207 -46.33 15.11 -39.43
N PRO F 4208 -47.20 14.50 -40.25
CA PRO F 4208 -46.72 13.49 -41.20
C PRO F 4208 -45.72 14.02 -42.21
N GLN F 4209 -45.88 15.26 -42.69
CA GLN F 4209 -44.91 15.82 -43.62
C GLN F 4209 -43.54 15.97 -42.97
N VAL F 4210 -43.51 16.42 -41.72
CA VAL F 4210 -42.25 16.53 -41.00
C VAL F 4210 -41.63 15.16 -40.77
N LYS F 4211 -42.45 14.16 -40.45
CA LYS F 4211 -41.90 12.82 -40.25
C LYS F 4211 -41.31 12.28 -41.54
N GLU F 4212 -41.97 12.54 -42.67
CA GLU F 4212 -41.42 12.13 -43.94
C GLU F 4212 -40.12 12.84 -44.24
N SER F 4213 -40.05 14.13 -43.96
CA SER F 4213 -38.80 14.86 -44.16
C SER F 4213 -37.69 14.27 -43.30
N LYS F 4214 -38.02 13.91 -42.06
CA LYS F 4214 -37.02 13.32 -41.17
C LYS F 4214 -36.52 11.99 -41.72
N ARG F 4215 -37.43 11.14 -42.19
CA ARG F 4215 -37.01 9.85 -42.73
C ARG F 4215 -36.13 10.04 -43.95
N GLN F 4216 -36.50 10.96 -44.84
CA GLN F 4216 -35.69 11.20 -46.02
C GLN F 4216 -34.31 11.72 -45.65
N PHE F 4217 -34.24 12.65 -44.68
CA PHE F 4217 -32.95 13.16 -44.25
C PHE F 4217 -32.08 12.08 -43.66
N ILE F 4218 -32.67 11.25 -42.80
CA ILE F 4218 -31.91 10.18 -42.16
C ILE F 4218 -31.37 9.23 -43.22
N PHE F 4219 -32.20 8.90 -44.21
CA PHE F 4219 -31.76 8.04 -45.28
C PHE F 4219 -30.61 8.67 -46.05
N ASP F 4220 -30.73 9.95 -46.42
CA ASP F 4220 -29.66 10.59 -47.17
C ASP F 4220 -28.35 10.57 -46.40
N VAL F 4221 -28.36 11.01 -45.15
CA VAL F 4221 -27.09 11.09 -44.43
C VAL F 4221 -26.48 9.70 -44.24
N VAL F 4222 -27.27 8.74 -43.74
CA VAL F 4222 -26.69 7.45 -43.43
C VAL F 4222 -26.24 6.74 -44.70
N ASN F 4223 -26.97 6.92 -45.79
CA ASN F 4223 -26.60 6.27 -47.04
C ASN F 4223 -25.37 6.92 -47.68
N GLU F 4224 -25.49 8.17 -48.08
CA GLU F 4224 -24.47 8.84 -48.88
C GLU F 4224 -23.83 9.99 -48.12
N GLY F 4225 -23.49 9.78 -46.85
CA GLY F 4225 -22.82 10.80 -46.07
C GLY F 4225 -21.65 10.21 -45.30
N GLY F 4226 -20.72 11.10 -44.95
CA GLY F 4226 -19.59 10.75 -44.14
C GLY F 4226 -19.82 11.09 -42.68
N GLU F 4227 -18.90 10.61 -41.84
CA GLU F 4227 -18.98 10.87 -40.41
C GLU F 4227 -18.58 12.28 -40.05
N ALA F 4228 -18.05 13.05 -41.01
CA ALA F 4228 -17.52 14.37 -40.69
C ALA F 4228 -18.57 15.45 -40.86
N GLU F 4229 -19.41 15.36 -41.88
CA GLU F 4229 -20.41 16.37 -42.15
C GLU F 4229 -21.75 16.08 -41.48
N LYS F 4230 -21.82 15.01 -40.68
CA LYS F 4230 -23.10 14.55 -40.18
C LYS F 4230 -23.77 15.59 -39.30
N MET F 4231 -23.03 16.17 -38.36
CA MET F 4231 -23.65 17.10 -37.43
C MET F 4231 -24.01 18.42 -38.09
N GLU F 4232 -23.17 18.89 -39.01
CA GLU F 4232 -23.53 20.08 -39.77
C GLU F 4232 -24.81 19.85 -40.56
N LEU F 4233 -24.91 18.69 -41.21
CA LEU F 4233 -26.11 18.37 -41.97
C LEU F 4233 -27.33 18.27 -41.06
N PHE F 4234 -27.16 17.67 -39.89
CA PHE F 4234 -28.28 17.54 -38.96
C PHE F 4234 -28.77 18.89 -38.49
N VAL F 4235 -27.85 19.81 -38.19
CA VAL F 4235 -28.25 21.13 -37.73
C VAL F 4235 -28.92 21.91 -38.87
N SER F 4236 -28.41 21.77 -40.09
CA SER F 4236 -29.06 22.40 -41.23
C SER F 4236 -30.47 21.85 -41.41
N PHE F 4237 -30.63 20.55 -41.24
CA PHE F 4237 -31.96 19.95 -41.28
C PHE F 4237 -32.87 20.52 -40.22
N CYS F 4238 -32.34 20.73 -39.02
CA CYS F 4238 -33.12 21.31 -37.94
C CYS F 4238 -33.61 22.71 -38.32
N GLU F 4239 -32.73 23.53 -38.89
CA GLU F 4239 -33.12 24.86 -39.29
C GLU F 4239 -34.20 24.84 -40.37
N ASP F 4240 -34.03 23.96 -41.36
CA ASP F 4240 -35.03 23.81 -42.40
C ASP F 4240 -36.36 23.36 -41.82
N THR F 4241 -36.32 22.46 -40.85
CA THR F 4241 -37.54 21.95 -40.24
C THR F 4241 -38.25 23.05 -39.44
N ILE F 4242 -37.47 23.89 -38.75
CA ILE F 4242 -38.08 25.01 -38.04
C ILE F 4242 -38.80 25.93 -39.02
N PHE F 4243 -38.16 26.21 -40.15
CA PHE F 4243 -38.80 27.06 -41.14
C PHE F 4243 -40.08 26.43 -41.68
N GLU F 4244 -40.04 25.11 -41.94
CA GLU F 4244 -41.24 24.43 -42.41
C GLU F 4244 -42.36 24.47 -41.38
N MET F 4245 -42.01 24.34 -40.10
CA MET F 4245 -42.99 24.47 -39.04
C MET F 4245 -43.61 25.85 -39.05
N GLN F 4246 -42.81 26.89 -39.27
CA GLN F 4246 -43.36 28.23 -39.36
C GLN F 4246 -44.33 28.35 -40.53
N ILE F 4247 -43.95 27.81 -41.69
CA ILE F 4247 -44.83 27.89 -42.86
C ILE F 4247 -46.14 27.18 -42.57
N ALA F 4248 -46.07 26.02 -41.93
CA ALA F 4248 -47.28 25.27 -41.60
C ALA F 4248 -48.16 26.04 -40.63
N ALA F 4249 -47.55 26.67 -39.63
CA ALA F 4249 -48.33 27.47 -38.69
C ALA F 4249 -49.01 28.62 -39.40
N GLN F 4250 -48.30 29.29 -40.31
CA GLN F 4250 -48.89 30.40 -41.04
C GLN F 4250 -50.07 29.96 -41.88
N ILE F 4251 -49.92 28.85 -42.62
CA ILE F 4251 -51.00 28.40 -43.50
C ILE F 4251 -52.10 27.67 -42.74
N SER F 4252 -51.87 27.34 -41.46
CA SER F 4252 -52.90 26.68 -40.68
C SER F 4252 -54.07 27.62 -40.42
N GLU F 4253 -55.27 27.06 -40.44
CA GLU F 4253 -56.46 27.85 -40.21
C GLU F 4253 -57.10 27.48 -38.88
N PRO F 4254 -57.58 28.47 -38.12
CA PRO F 4254 -58.17 28.23 -36.80
C PRO F 4254 -59.54 27.57 -36.87
N PHE F 4540 -62.04 48.36 -49.59
CA PHE F 4540 -62.29 47.00 -50.02
C PHE F 4540 -60.99 46.22 -50.14
N TRP F 4541 -59.86 46.94 -50.09
CA TRP F 4541 -58.57 46.28 -50.22
C TRP F 4541 -58.31 45.32 -49.06
N GLY F 4542 -58.70 45.71 -47.85
CA GLY F 4542 -58.54 44.80 -46.72
C GLY F 4542 -59.33 43.52 -46.88
N GLU F 4543 -60.58 43.63 -47.34
CA GLU F 4543 -61.39 42.43 -47.56
C GLU F 4543 -60.77 41.53 -48.62
N LEU F 4544 -60.34 42.11 -49.74
CA LEU F 4544 -59.75 41.28 -50.79
C LEU F 4544 -58.44 40.66 -50.33
N GLU F 4545 -57.65 41.38 -49.54
CA GLU F 4545 -56.40 40.80 -49.05
C GLU F 4545 -56.64 39.66 -48.08
N VAL F 4546 -57.60 39.83 -47.15
CA VAL F 4546 -57.84 38.74 -46.22
C VAL F 4546 -58.42 37.54 -46.96
N GLN F 4547 -59.29 37.77 -47.95
CA GLN F 4547 -59.78 36.65 -48.73
C GLN F 4547 -58.67 35.99 -49.55
N ARG F 4548 -57.74 36.79 -50.07
CA ARG F 4548 -56.65 36.24 -50.86
C ARG F 4548 -55.74 35.36 -50.01
N VAL F 4549 -55.40 35.81 -48.81
CA VAL F 4549 -54.55 34.97 -47.95
C VAL F 4549 -55.31 33.76 -47.46
N LYS F 4550 -56.62 33.89 -47.21
CA LYS F 4550 -57.40 32.71 -46.87
C LYS F 4550 -57.39 31.69 -48.00
N PHE F 4551 -57.57 32.15 -49.23
CA PHE F 4551 -57.55 31.27 -50.39
C PHE F 4551 -56.19 30.61 -50.57
N LEU F 4552 -55.12 31.39 -50.40
CA LEU F 4552 -53.77 30.88 -50.57
C LEU F 4552 -53.46 29.83 -49.50
N ASN F 4553 -53.88 30.08 -48.26
CA ASN F 4553 -53.72 29.08 -47.22
C ASN F 4553 -54.52 27.83 -47.53
N TYR F 4554 -55.71 28.00 -48.10
CA TYR F 4554 -56.53 26.84 -48.45
C TYR F 4554 -55.83 25.99 -49.49
N LEU F 4555 -55.29 26.63 -50.52
CA LEU F 4555 -54.55 25.90 -51.54
C LEU F 4555 -53.31 25.23 -50.97
N SER F 4556 -52.60 25.90 -50.07
CA SER F 4556 -51.41 25.33 -49.47
C SER F 4556 -51.73 24.11 -48.62
N ARG F 4557 -52.78 24.20 -47.81
CA ARG F 4557 -53.15 23.08 -46.95
C ARG F 4557 -53.56 21.86 -47.77
N ASN F 4558 -54.28 22.08 -48.86
CA ASN F 4558 -54.86 20.99 -49.64
C ASN F 4558 -54.07 20.73 -50.92
N PHE F 4559 -52.77 20.97 -50.91
CA PHE F 4559 -51.98 20.84 -52.12
C PHE F 4559 -51.96 19.40 -52.60
N TYR F 4560 -51.80 18.45 -51.68
CA TYR F 4560 -51.74 17.05 -52.08
C TYR F 4560 -53.12 16.53 -52.48
N THR F 4561 -54.18 17.00 -51.84
CA THR F 4561 -55.51 16.60 -52.28
C THR F 4561 -55.79 17.14 -53.67
N LEU F 4562 -55.36 18.36 -53.97
CA LEU F 4562 -55.47 18.87 -55.33
C LEU F 4562 -54.67 18.02 -56.31
N ARG F 4563 -53.47 17.59 -55.91
CA ARG F 4563 -52.67 16.75 -56.78
C ARG F 4563 -53.38 15.44 -57.10
N PHE F 4564 -53.91 14.79 -56.07
CA PHE F 4564 -54.67 13.56 -56.29
C PHE F 4564 -55.90 13.81 -57.14
N LEU F 4565 -56.56 14.95 -56.92
CA LEU F 4565 -57.73 15.27 -57.72
C LEU F 4565 -57.37 15.43 -59.18
N ALA F 4566 -56.21 16.05 -59.45
CA ALA F 4566 -55.75 16.18 -60.82
C ALA F 4566 -55.51 14.83 -61.46
N LEU F 4567 -54.89 13.91 -60.71
CA LEU F 4567 -54.66 12.57 -61.25
C LEU F 4567 -55.99 11.86 -61.53
N PHE F 4568 -56.94 11.95 -60.60
CA PHE F 4568 -58.24 11.31 -60.78
C PHE F 4568 -58.95 11.87 -62.00
N LEU F 4569 -58.90 13.19 -62.17
CA LEU F 4569 -59.52 13.82 -63.34
C LEU F 4569 -58.86 13.36 -64.62
N ALA F 4570 -57.52 13.21 -64.62
CA ALA F 4570 -56.85 12.72 -65.81
C ALA F 4570 -57.30 11.30 -66.16
N PHE F 4571 -57.44 10.45 -65.14
CA PHE F 4571 -57.91 9.10 -65.39
C PHE F 4571 -59.32 9.12 -65.97
N ALA F 4572 -60.20 9.96 -65.42
CA ALA F 4572 -61.56 10.03 -65.95
C ALA F 4572 -61.57 10.51 -67.39
N ILE F 4573 -60.77 11.52 -67.71
CA ILE F 4573 -60.70 12.03 -69.07
C ILE F 4573 -60.25 10.93 -70.02
N ASN F 4574 -59.20 10.20 -69.63
CA ASN F 4574 -58.68 9.16 -70.52
C ASN F 4574 -59.68 8.03 -70.70
N PHE F 4575 -60.38 7.66 -69.63
CA PHE F 4575 -61.40 6.64 -69.73
C PHE F 4575 -62.49 7.06 -70.70
N ILE F 4576 -62.87 8.33 -70.68
CA ILE F 4576 -63.78 8.83 -71.69
C ILE F 4576 -63.14 8.71 -73.08
N LEU F 4577 -61.86 9.03 -73.18
CA LEU F 4577 -61.18 9.03 -74.46
C LEU F 4577 -61.07 7.64 -75.07
N LEU F 4578 -61.20 6.59 -74.26
CA LEU F 4578 -61.17 5.24 -74.83
C LEU F 4578 -62.31 4.99 -75.79
N PHE F 4579 -63.35 5.82 -75.77
CA PHE F 4579 -64.52 5.61 -76.60
C PHE F 4579 -64.42 6.32 -77.94
N TYR F 4580 -63.30 6.95 -78.23
CA TYR F 4580 -63.16 7.69 -79.47
C TYR F 4580 -63.20 6.77 -80.67
N LYS F 4581 -63.64 7.31 -81.80
CA LYS F 4581 -63.78 6.56 -83.03
C LYS F 4581 -63.53 7.51 -84.18
N VAL F 4582 -62.98 6.99 -85.28
CA VAL F 4582 -62.71 7.77 -86.47
C VAL F 4582 -63.52 7.20 -87.62
N SER F 4583 -64.23 8.06 -88.34
CA SER F 4583 -65.04 7.62 -89.46
C SER F 4583 -65.00 8.69 -90.55
N ASP F 4584 -65.21 8.25 -91.79
CA ASP F 4584 -65.22 9.19 -92.91
C ASP F 4584 -66.53 9.95 -92.97
N SER F 4585 -67.64 9.29 -92.66
CA SER F 4585 -68.94 9.97 -92.66
C SER F 4585 -69.00 10.96 -91.51
N PRO F 4586 -69.73 12.08 -91.69
CA PRO F 4586 -69.88 13.01 -90.59
C PRO F 4586 -70.64 12.37 -89.43
N PRO F 4587 -70.34 12.76 -88.20
CA PRO F 4587 -71.03 12.27 -87.00
C PRO F 4587 -72.41 12.91 -86.83
N ASN F 4626 -60.92 14.54 -98.69
CA ASN F 4626 -61.01 13.12 -98.33
C ASN F 4626 -60.36 12.85 -96.98
N MET F 4627 -60.59 13.74 -96.03
CA MET F 4627 -60.02 13.62 -94.70
C MET F 4627 -61.10 13.24 -93.68
N VAL F 4628 -60.66 12.72 -92.54
CA VAL F 4628 -61.53 11.97 -91.66
C VAL F 4628 -61.94 12.82 -90.45
N TYR F 4629 -62.95 12.36 -89.73
CA TYR F 4629 -63.50 13.03 -88.57
C TYR F 4629 -63.33 12.14 -87.34
N TYR F 4630 -62.93 12.76 -86.23
CA TYR F 4630 -62.76 12.07 -84.96
C TYR F 4630 -63.94 12.46 -84.07
N PHE F 4631 -64.57 11.47 -83.45
CA PHE F 4631 -65.73 11.73 -82.61
C PHE F 4631 -65.92 10.61 -81.61
N LEU F 4632 -66.51 10.96 -80.47
CA LEU F 4632 -66.87 9.96 -79.49
C LEU F 4632 -67.96 9.06 -80.05
N GLU F 4633 -67.96 7.81 -79.63
CA GLU F 4633 -68.95 6.84 -80.09
C GLU F 4633 -69.56 6.22 -78.84
N GLU F 4634 -70.63 6.83 -78.34
CA GLU F 4634 -71.31 6.34 -77.16
C GLU F 4634 -72.80 6.59 -77.31
N SER F 4635 -73.60 5.82 -76.57
CA SER F 4635 -75.05 5.91 -76.66
C SER F 4635 -75.65 6.91 -75.69
N THR F 4636 -75.00 7.15 -74.54
CA THR F 4636 -75.60 7.99 -73.51
C THR F 4636 -75.83 9.41 -73.99
N GLY F 4637 -74.89 9.95 -74.75
CA GLY F 4637 -74.99 11.33 -75.19
C GLY F 4637 -74.49 12.34 -74.19
N TYR F 4638 -74.03 11.90 -73.02
CA TYR F 4638 -73.49 12.80 -72.01
C TYR F 4638 -71.97 12.81 -71.97
N MET F 4639 -71.32 11.88 -72.66
CA MET F 4639 -69.86 11.81 -72.61
C MET F 4639 -69.22 13.03 -73.25
N GLU F 4640 -69.78 13.52 -74.35
CA GLU F 4640 -69.21 14.71 -74.99
C GLU F 4640 -69.27 15.93 -74.08
N PRO F 4641 -70.38 16.26 -73.42
CA PRO F 4641 -70.34 17.34 -72.43
C PRO F 4641 -69.43 17.03 -71.24
N ALA F 4642 -69.41 15.79 -70.78
CA ALA F 4642 -68.59 15.44 -69.62
C ALA F 4642 -67.12 15.65 -69.91
N LEU F 4643 -66.68 15.34 -71.13
CA LEU F 4643 -65.28 15.51 -71.47
C LEU F 4643 -64.87 16.97 -71.42
N TRP F 4644 -65.70 17.87 -71.96
CA TRP F 4644 -65.39 19.29 -71.91
C TRP F 4644 -65.37 19.80 -70.47
N CYS F 4645 -66.36 19.40 -69.67
CA CYS F 4645 -66.39 19.83 -68.28
C CYS F 4645 -65.16 19.36 -67.53
N LEU F 4646 -64.77 18.09 -67.72
CA LEU F 4646 -63.60 17.57 -67.04
C LEU F 4646 -62.32 18.23 -67.53
N SER F 4647 -62.23 18.56 -68.82
CA SER F 4647 -61.03 19.24 -69.31
C SER F 4647 -60.88 20.60 -68.64
N LEU F 4648 -61.96 21.37 -68.57
CA LEU F 4648 -61.89 22.65 -67.88
C LEU F 4648 -61.52 22.48 -66.41
N LEU F 4649 -62.16 21.52 -65.74
CA LEU F 4649 -61.90 21.30 -64.33
C LEU F 4649 -60.44 20.90 -64.10
N HIS F 4650 -59.91 20.06 -64.98
CA HIS F 4650 -58.53 19.59 -64.83
C HIS F 4650 -57.54 20.73 -65.02
N THR F 4651 -57.78 21.59 -66.00
CA THR F 4651 -56.88 22.73 -66.18
C THR F 4651 -56.92 23.64 -64.96
N LEU F 4652 -58.11 23.88 -64.42
CA LEU F 4652 -58.21 24.70 -63.21
C LEU F 4652 -57.47 24.05 -62.04
N VAL F 4653 -57.63 22.73 -61.88
CA VAL F 4653 -56.98 22.05 -60.77
C VAL F 4653 -55.47 22.12 -60.91
N ALA F 4654 -54.96 21.98 -62.13
CA ALA F 4654 -53.52 22.10 -62.34
C ALA F 4654 -53.04 23.50 -61.94
N PHE F 4655 -53.79 24.53 -62.34
CA PHE F 4655 -53.39 25.89 -61.97
C PHE F 4655 -53.35 26.05 -60.46
N LEU F 4656 -54.36 25.53 -59.78
CA LEU F 4656 -54.39 25.62 -58.33
C LEU F 4656 -53.22 24.87 -57.72
N CYS F 4657 -52.82 23.75 -58.31
CA CYS F 4657 -51.65 23.02 -57.83
C CYS F 4657 -50.39 23.86 -57.95
N ILE F 4658 -50.24 24.55 -59.09
CA ILE F 4658 -49.09 25.46 -59.25
C ILE F 4658 -49.08 26.50 -58.14
N ILE F 4659 -50.22 27.13 -57.88
CA ILE F 4659 -50.25 28.18 -56.86
C ILE F 4659 -49.92 27.60 -55.48
N GLY F 4660 -50.51 26.45 -55.15
CA GLY F 4660 -50.24 25.86 -53.86
C GLY F 4660 -48.77 25.51 -53.69
N TYR F 4661 -48.14 25.03 -54.75
CA TYR F 4661 -46.72 24.72 -54.66
C TYR F 4661 -45.91 25.98 -54.42
N ASN F 4662 -46.20 27.06 -55.15
CA ASN F 4662 -45.37 28.22 -54.93
C ASN F 4662 -45.68 28.92 -53.62
N CYS F 4663 -46.79 28.57 -52.98
CA CYS F 4663 -47.08 29.09 -51.65
C CYS F 4663 -46.62 28.17 -50.52
N LEU F 4664 -46.24 26.93 -50.83
CA LEU F 4664 -45.95 25.96 -49.79
C LEU F 4664 -44.50 25.49 -49.76
N LYS F 4665 -43.89 25.25 -50.93
CA LYS F 4665 -42.53 24.72 -50.99
C LYS F 4665 -41.49 25.74 -51.43
N VAL F 4666 -41.86 26.62 -52.35
CA VAL F 4666 -40.92 27.64 -52.84
C VAL F 4666 -40.32 28.45 -51.70
N PRO F 4667 -41.07 28.82 -50.65
CA PRO F 4667 -40.39 29.47 -49.52
C PRO F 4667 -39.25 28.67 -48.94
N LEU F 4668 -39.39 27.36 -48.81
CA LEU F 4668 -38.28 26.55 -48.33
C LEU F 4668 -37.12 26.54 -49.31
N VAL F 4669 -37.42 26.48 -50.61
CA VAL F 4669 -36.36 26.51 -51.61
C VAL F 4669 -35.54 27.79 -51.48
N ILE F 4670 -36.22 28.93 -51.44
CA ILE F 4670 -35.52 30.21 -51.35
C ILE F 4670 -34.81 30.33 -50.01
N PHE F 4671 -35.40 29.79 -48.94
CA PHE F 4671 -34.76 29.85 -47.64
C PHE F 4671 -33.45 29.10 -47.64
N LYS F 4672 -33.46 27.86 -48.13
CA LYS F 4672 -32.23 27.07 -48.17
C LYS F 4672 -31.18 27.78 -48.99
N ARG F 4673 -31.58 28.33 -50.15
CA ARG F 4673 -30.60 28.97 -51.01
C ARG F 4673 -30.00 30.22 -50.36
N GLU F 4674 -30.85 31.06 -49.76
CA GLU F 4674 -30.34 32.24 -49.08
C GLU F 4674 -29.43 31.87 -47.92
N LYS F 4675 -29.79 30.83 -47.16
CA LYS F 4675 -28.99 30.46 -46.01
C LYS F 4675 -27.62 29.97 -46.42
N GLU F 4676 -27.56 29.09 -47.43
CA GLU F 4676 -26.24 28.65 -47.88
C GLU F 4676 -25.43 29.79 -48.47
N LEU F 4677 -26.07 30.69 -49.22
CA LEU F 4677 -25.32 31.82 -49.78
C LEU F 4677 -24.75 32.71 -48.68
N ALA F 4678 -25.55 32.98 -47.64
CA ALA F 4678 -25.08 33.84 -46.57
C ALA F 4678 -23.93 33.20 -45.81
N ARG F 4679 -24.03 31.91 -45.52
CA ARG F 4679 -22.95 31.29 -44.78
C ARG F 4679 -21.68 31.19 -45.62
N LYS F 4680 -21.82 31.02 -46.94
CA LYS F 4680 -20.63 31.06 -47.77
C LYS F 4680 -20.03 32.46 -47.86
N LEU F 4681 -20.86 33.50 -47.87
CA LEU F 4681 -20.33 34.86 -47.82
C LEU F 4681 -19.55 35.09 -46.54
N GLU F 4682 -20.13 34.71 -45.41
CA GLU F 4682 -19.52 35.07 -44.14
C GLU F 4682 -18.32 34.18 -43.80
N PHE F 4683 -18.55 32.86 -43.72
CA PHE F 4683 -17.50 31.99 -43.24
C PHE F 4683 -16.50 31.58 -44.31
N ASP F 4684 -16.71 31.99 -45.57
CA ASP F 4684 -15.79 31.62 -46.63
C ASP F 4684 -15.37 32.76 -47.54
N GLY F 4685 -16.10 33.86 -47.58
CA GLY F 4685 -15.74 34.94 -48.49
C GLY F 4685 -15.86 34.53 -49.94
N LEU F 4686 -17.02 33.99 -50.32
CA LEU F 4686 -17.18 33.48 -51.68
C LEU F 4686 -16.89 34.55 -52.72
N TYR F 4687 -17.55 35.70 -52.61
CA TYR F 4687 -17.40 36.74 -53.61
C TYR F 4687 -16.46 37.84 -53.14
N ILE F 4688 -15.80 37.64 -52.01
CA ILE F 4688 -14.80 38.57 -51.51
C ILE F 4688 -13.39 38.05 -51.78
N THR F 4689 -13.16 36.74 -51.61
CA THR F 4689 -11.84 36.17 -51.78
C THR F 4689 -11.73 35.27 -53.01
N GLU F 4690 -12.55 34.22 -53.10
CA GLU F 4690 -12.27 33.18 -54.09
C GLU F 4690 -12.84 33.49 -55.46
N GLN F 4691 -14.10 33.96 -55.54
CA GLN F 4691 -14.71 34.30 -56.81
C GLN F 4691 -14.80 33.11 -57.75
N PRO F 4692 -15.80 32.20 -57.56
CA PRO F 4692 -15.97 31.05 -58.46
C PRO F 4692 -15.74 31.33 -59.94
N GLY F 4693 -15.20 30.35 -60.66
CA GLY F 4693 -14.73 30.56 -62.02
C GLY F 4693 -15.69 30.25 -63.15
N ASP F 4694 -16.89 30.81 -63.10
CA ASP F 4694 -17.85 30.85 -64.21
C ASP F 4694 -18.37 29.46 -64.60
N ASP F 4695 -17.87 28.40 -63.98
CA ASP F 4695 -18.35 27.04 -64.25
C ASP F 4695 -19.44 26.61 -63.29
N ASP F 4696 -19.62 27.34 -62.19
CA ASP F 4696 -20.66 27.06 -61.20
C ASP F 4696 -21.84 27.95 -61.52
N VAL F 4697 -22.85 27.39 -62.19
CA VAL F 4697 -23.99 28.18 -62.61
C VAL F 4697 -24.75 28.72 -61.39
N LYS F 4698 -24.81 27.93 -60.32
CA LYS F 4698 -25.45 28.39 -59.09
C LYS F 4698 -24.73 29.61 -58.53
N GLY F 4699 -23.41 29.51 -58.36
CA GLY F 4699 -22.67 30.63 -57.80
C GLY F 4699 -22.70 31.85 -58.69
N GLN F 4700 -22.68 31.65 -60.00
CA GLN F 4700 -22.74 32.78 -60.92
C GLN F 4700 -24.10 33.43 -60.91
N TRP F 4701 -25.17 32.65 -60.72
CA TRP F 4701 -26.50 33.24 -60.66
C TRP F 4701 -26.73 33.95 -59.35
N ASP F 4702 -26.10 33.50 -58.28
CA ASP F 4702 -26.30 34.17 -56.99
C ASP F 4702 -25.73 35.58 -56.97
N ARG F 4703 -24.93 35.97 -57.96
CA ARG F 4703 -24.37 37.32 -57.95
C ARG F 4703 -25.45 38.38 -58.11
N LEU F 4704 -26.60 38.04 -58.69
CA LEU F 4704 -27.65 39.03 -58.90
C LEU F 4704 -28.30 39.47 -57.61
N VAL F 4705 -28.19 38.70 -56.53
CA VAL F 4705 -28.95 38.98 -55.32
C VAL F 4705 -28.15 39.73 -54.26
N LEU F 4706 -26.83 39.83 -54.41
CA LEU F 4706 -26.00 40.36 -53.34
C LEU F 4706 -26.35 41.81 -53.02
N ASN F 4707 -26.46 42.65 -54.03
CA ASN F 4707 -26.69 44.07 -53.81
C ASN F 4707 -28.17 44.42 -53.70
N THR F 4708 -29.04 43.44 -53.69
CA THR F 4708 -30.46 43.70 -53.57
C THR F 4708 -30.78 44.24 -52.18
N PRO F 4709 -31.74 45.14 -52.05
CA PRO F 4709 -32.14 45.62 -50.72
C PRO F 4709 -32.67 44.52 -49.83
N SER F 4710 -33.17 43.43 -50.41
CA SER F 4710 -33.90 42.43 -49.67
C SER F 4710 -33.33 41.04 -49.87
N PHE F 4711 -32.01 40.91 -49.82
CA PHE F 4711 -31.41 39.62 -50.09
C PHE F 4711 -31.80 38.57 -49.06
N PRO F 4712 -31.69 38.79 -47.76
CA PRO F 4712 -32.25 37.79 -46.85
C PRO F 4712 -33.72 38.04 -46.56
N SER F 4713 -34.58 37.60 -47.49
CA SER F 4713 -36.02 37.76 -47.32
C SER F 4713 -36.60 36.60 -46.51
N ASN F 4714 -36.24 35.37 -46.85
CA ASN F 4714 -36.72 34.21 -46.11
C ASN F 4714 -35.78 33.78 -45.00
N TYR F 4715 -34.48 33.86 -45.24
CA TYR F 4715 -33.50 33.56 -44.21
C TYR F 4715 -33.65 34.53 -43.05
N TRP F 4716 -33.51 34.04 -41.82
CA TRP F 4716 -33.83 34.86 -40.61
C TRP F 4716 -32.85 35.96 -40.35
N ASP F 4717 -31.69 35.90 -40.93
CA ASP F 4717 -30.61 36.81 -40.56
C ASP F 4717 -30.66 38.04 -41.44
N LYS F 4718 -31.10 39.16 -40.88
CA LYS F 4718 -31.15 40.41 -41.61
C LYS F 4718 -29.91 41.26 -41.43
N PHE F 4719 -28.88 40.73 -40.77
CA PHE F 4719 -27.66 41.46 -40.50
C PHE F 4719 -26.44 40.77 -41.10
N VAL F 4720 -26.68 39.90 -42.07
CA VAL F 4720 -25.60 39.16 -42.70
C VAL F 4720 -24.65 40.11 -43.41
N LYS F 4721 -25.18 41.15 -44.04
CA LYS F 4721 -24.33 42.10 -44.73
C LYS F 4721 -23.47 42.87 -43.75
N ARG F 4722 -24.04 43.28 -42.62
CA ARG F 4722 -23.25 43.93 -41.59
C ARG F 4722 -22.13 43.02 -41.09
N LYS F 4723 -22.44 41.73 -40.88
CA LYS F 4723 -21.42 40.80 -40.42
C LYS F 4723 -20.33 40.62 -41.47
N VAL F 4724 -20.70 40.49 -42.74
CA VAL F 4724 -19.70 40.33 -43.79
C VAL F 4724 -18.81 41.57 -43.87
N LEU F 4725 -19.41 42.75 -43.77
CA LEU F 4725 -18.61 43.96 -43.80
C LEU F 4725 -17.66 44.02 -42.62
N ASP F 4726 -18.18 43.81 -41.40
CA ASP F 4726 -17.32 43.85 -40.23
C ASP F 4726 -16.22 42.81 -40.28
N LYS F 4727 -16.41 41.74 -41.04
CA LYS F 4727 -15.39 40.70 -41.11
C LYS F 4727 -14.36 40.95 -42.20
N HIS F 4728 -14.75 41.50 -43.35
CA HIS F 4728 -13.83 41.58 -44.49
C HIS F 4728 -13.49 42.99 -44.94
N GLY F 4729 -14.15 44.03 -44.42
CA GLY F 4729 -13.99 45.36 -44.97
C GLY F 4729 -12.63 45.94 -44.73
N ASP F 4730 -12.03 45.64 -43.57
CA ASP F 4730 -10.72 46.20 -43.26
C ASP F 4730 -9.69 45.74 -44.27
N ILE F 4731 -9.68 44.45 -44.61
CA ILE F 4731 -8.66 43.91 -45.49
C ILE F 4731 -8.98 44.10 -46.96
N PHE F 4732 -10.26 44.03 -47.35
CA PHE F 4732 -10.61 44.17 -48.76
C PHE F 4732 -11.23 45.49 -49.14
N GLY F 4733 -11.43 46.40 -48.19
CA GLY F 4733 -11.99 47.70 -48.53
C GLY F 4733 -13.45 47.81 -48.15
N ARG F 4734 -13.73 48.64 -47.14
CA ARG F 4734 -15.10 48.76 -46.64
C ARG F 4734 -16.03 49.29 -47.72
N GLU F 4735 -15.59 50.30 -48.46
CA GLU F 4735 -16.44 50.85 -49.52
C GLU F 4735 -16.63 49.84 -50.66
N ARG F 4736 -15.60 49.06 -50.97
CA ARG F 4736 -15.75 48.03 -51.99
C ARG F 4736 -16.75 46.97 -51.57
N ILE F 4737 -16.68 46.52 -50.31
CA ILE F 4737 -17.63 45.56 -49.79
C ILE F 4737 -19.04 46.16 -49.78
N ALA F 4738 -19.14 47.43 -49.41
CA ALA F 4738 -20.45 48.08 -49.38
C ALA F 4738 -21.06 48.15 -50.77
N GLU F 4739 -20.24 48.42 -51.78
CA GLU F 4739 -20.74 48.41 -53.15
C GLU F 4739 -21.11 47.00 -53.59
N LEU F 4740 -20.32 46.01 -53.16
CA LEU F 4740 -20.63 44.63 -53.51
C LEU F 4740 -21.97 44.18 -52.95
N LEU F 4741 -22.24 44.53 -51.70
CA LEU F 4741 -23.45 44.11 -51.02
C LEU F 4741 -24.57 45.14 -51.13
N GLY F 4742 -24.34 46.24 -51.85
CA GLY F 4742 -25.37 47.25 -51.97
C GLY F 4742 -25.73 47.92 -50.66
N MET F 4743 -24.75 48.25 -49.85
CA MET F 4743 -24.98 48.90 -48.56
C MET F 4743 -24.64 50.38 -48.66
N ASP F 4744 -25.27 51.17 -47.79
CA ASP F 4744 -24.92 52.57 -47.63
C ASP F 4744 -24.19 52.72 -46.30
N LEU F 4745 -22.92 53.14 -46.37
CA LEU F 4745 -22.11 53.22 -45.15
C LEU F 4745 -22.63 54.29 -44.21
N ALA F 4746 -23.30 55.32 -44.73
CA ALA F 4746 -23.80 56.40 -43.89
C ALA F 4746 -24.99 55.97 -43.05
N SER F 4747 -25.86 55.11 -43.57
CA SER F 4747 -27.11 54.77 -42.90
C SER F 4747 -26.93 53.90 -41.67
N LEU F 4748 -25.81 53.21 -41.55
CA LEU F 4748 -25.61 52.29 -40.43
C LEU F 4748 -25.63 53.05 -39.11
N GLU F 4749 -24.95 54.20 -39.06
CA GLU F 4749 -24.87 54.97 -37.83
C GLU F 4749 -26.24 55.45 -37.40
N ILE F 4750 -27.03 56.00 -38.32
CA ILE F 4750 -28.35 56.53 -37.94
C ILE F 4750 -29.29 55.40 -37.54
N THR F 4751 -29.19 54.25 -38.20
CA THR F 4751 -30.00 53.10 -37.79
C THR F 4751 -29.65 52.67 -36.37
N ALA F 4752 -28.36 52.66 -36.03
CA ALA F 4752 -27.98 52.43 -34.64
C ALA F 4752 -28.44 53.56 -33.73
N HIS F 4753 -28.54 54.78 -34.27
CA HIS F 4753 -28.92 55.93 -33.45
C HIS F 4753 -30.36 55.83 -32.98
N ASN F 4754 -31.29 55.77 -33.91
CA ASN F 4754 -32.70 55.80 -33.53
C ASN F 4754 -33.52 55.10 -34.61
N GLU F 4755 -34.79 54.91 -34.34
CA GLU F 4755 -35.71 54.22 -35.23
C GLU F 4755 -36.69 55.22 -35.83
N ARG F 4756 -36.92 55.12 -37.13
CA ARG F 4756 -37.86 55.98 -37.84
C ARG F 4756 -39.17 55.24 -38.06
N LYS F 4757 -40.27 55.96 -37.92
CA LYS F 4757 -41.62 55.42 -38.13
C LYS F 4757 -42.26 56.19 -39.27
N PRO F 4758 -42.10 55.76 -40.50
CA PRO F 4758 -42.65 56.49 -41.65
C PRO F 4758 -44.12 56.18 -41.83
N ASP F 4759 -44.69 56.78 -42.88
CA ASP F 4759 -46.09 56.55 -43.24
C ASP F 4759 -46.17 55.38 -44.21
N PRO F 4760 -46.78 54.26 -43.86
CA PRO F 4760 -46.99 53.16 -44.80
C PRO F 4760 -48.32 53.26 -45.52
N PRO F 4761 -48.43 54.05 -46.58
CA PRO F 4761 -49.74 54.24 -47.22
C PRO F 4761 -50.19 52.98 -47.90
N PRO F 4762 -51.39 52.47 -47.58
CA PRO F 4762 -51.89 51.23 -48.17
C PRO F 4762 -52.47 51.39 -49.57
N GLY F 4763 -51.63 51.84 -50.49
CA GLY F 4763 -52.03 52.06 -51.88
C GLY F 4763 -51.25 51.16 -52.83
N LEU F 4764 -51.95 50.63 -53.84
CA LEU F 4764 -51.29 49.80 -54.84
C LEU F 4764 -50.29 50.62 -55.66
N LEU F 4765 -50.59 51.89 -55.92
CA LEU F 4765 -49.61 52.74 -56.59
C LEU F 4765 -48.33 52.84 -55.77
N THR F 4766 -48.45 53.04 -54.46
CA THR F 4766 -47.27 53.11 -53.61
C THR F 4766 -46.56 51.77 -53.51
N TRP F 4767 -47.32 50.66 -53.58
CA TRP F 4767 -46.72 49.34 -53.58
C TRP F 4767 -46.00 49.03 -54.89
N LEU F 4768 -46.34 49.74 -55.97
CA LEU F 4768 -45.77 49.43 -57.27
C LEU F 4768 -44.25 49.50 -57.26
N MET F 4769 -43.68 50.68 -57.02
CA MET F 4769 -42.24 50.86 -57.05
C MET F 4769 -41.51 50.02 -56.00
N SER F 4770 -42.20 49.61 -54.94
CA SER F 4770 -41.56 48.86 -53.86
C SER F 4770 -41.09 47.47 -54.27
N ILE F 4771 -41.27 47.07 -55.53
CA ILE F 4771 -40.87 45.76 -56.01
C ILE F 4771 -39.39 45.77 -56.33
N ASP F 4772 -38.65 44.83 -55.71
CA ASP F 4772 -37.22 44.66 -55.96
C ASP F 4772 -37.05 43.77 -57.18
N VAL F 4773 -36.92 44.39 -58.35
CA VAL F 4773 -37.00 43.65 -59.60
C VAL F 4773 -35.84 42.68 -59.74
N LYS F 4774 -34.64 43.09 -59.34
CA LYS F 4774 -33.49 42.20 -59.47
C LYS F 4774 -33.63 40.98 -58.57
N TYR F 4775 -34.10 41.20 -57.33
CA TYR F 4775 -34.35 40.08 -56.44
C TYR F 4775 -35.42 39.16 -57.02
N GLN F 4776 -36.44 39.74 -57.64
CA GLN F 4776 -37.52 38.92 -58.20
C GLN F 4776 -37.01 38.11 -59.38
N ILE F 4777 -36.16 38.70 -60.21
CA ILE F 4777 -35.59 37.95 -61.34
C ILE F 4777 -34.75 36.80 -60.82
N TRP F 4778 -33.95 37.04 -59.80
CA TRP F 4778 -33.17 35.97 -59.20
C TRP F 4778 -34.08 34.89 -58.63
N LYS F 4779 -35.12 35.28 -57.92
CA LYS F 4779 -36.01 34.31 -57.30
C LYS F 4779 -36.72 33.47 -58.35
N PHE F 4780 -37.16 34.11 -59.43
CA PHE F 4780 -37.86 33.39 -60.48
C PHE F 4780 -36.92 32.48 -61.24
N GLY F 4781 -35.65 32.87 -61.40
CA GLY F 4781 -34.68 31.94 -61.95
C GLY F 4781 -34.47 30.72 -61.08
N VAL F 4782 -34.38 30.94 -59.76
CA VAL F 4782 -34.24 29.81 -58.85
C VAL F 4782 -35.45 28.89 -58.92
N ILE F 4783 -36.65 29.48 -58.99
CA ILE F 4783 -37.87 28.68 -59.09
C ILE F 4783 -37.92 27.90 -60.39
N PHE F 4784 -37.61 28.55 -61.51
CA PHE F 4784 -37.63 27.87 -62.80
C PHE F 4784 -36.54 26.82 -62.93
N THR F 4785 -35.50 26.88 -62.11
CA THR F 4785 -34.52 25.81 -62.09
C THR F 4785 -34.82 24.77 -61.02
N ASP F 4786 -36.07 24.65 -60.60
CA ASP F 4786 -36.48 23.68 -59.61
C ASP F 4786 -37.26 22.56 -60.27
N ASN F 4787 -36.92 21.31 -59.94
CA ASN F 4787 -37.49 20.17 -60.64
C ASN F 4787 -38.99 20.04 -60.41
N SER F 4788 -39.44 20.19 -59.17
CA SER F 4788 -40.86 20.02 -58.89
C SER F 4788 -41.68 21.09 -59.58
N PHE F 4789 -41.21 22.33 -59.54
CA PHE F 4789 -41.92 23.40 -60.23
C PHE F 4789 -41.92 23.19 -61.73
N LEU F 4790 -40.80 22.73 -62.28
CA LEU F 4790 -40.75 22.47 -63.71
C LEU F 4790 -41.74 21.38 -64.09
N TYR F 4791 -41.84 20.33 -63.27
CA TYR F 4791 -42.79 19.28 -63.54
C TYR F 4791 -44.22 19.79 -63.50
N LEU F 4792 -44.53 20.62 -62.51
CA LEU F 4792 -45.89 21.17 -62.43
C LEU F 4792 -46.18 22.10 -63.60
N GLY F 4793 -45.19 22.87 -64.04
CA GLY F 4793 -45.38 23.70 -65.21
C GLY F 4793 -45.58 22.90 -66.48
N TRP F 4794 -44.89 21.77 -66.60
CA TRP F 4794 -45.12 20.89 -67.73
C TRP F 4794 -46.52 20.31 -67.67
N TYR F 4795 -46.98 19.95 -66.48
CA TYR F 4795 -48.34 19.52 -66.29
C TYR F 4795 -49.30 20.60 -66.79
N MET F 4796 -49.03 21.85 -66.43
CA MET F 4796 -49.79 22.99 -66.91
C MET F 4796 -49.86 23.02 -68.44
N VAL F 4797 -48.70 22.95 -69.07
CA VAL F 4797 -48.62 23.15 -70.50
C VAL F 4797 -49.37 22.05 -71.23
N MET F 4798 -49.21 20.80 -70.77
CA MET F 4798 -49.91 19.70 -71.42
C MET F 4798 -51.41 19.76 -71.15
N SER F 4799 -51.81 20.20 -69.97
CA SER F 4799 -53.24 20.37 -69.70
C SER F 4799 -53.84 21.41 -70.63
N LEU F 4800 -53.12 22.51 -70.86
CA LEU F 4800 -53.62 23.54 -71.76
C LEU F 4800 -53.66 23.03 -73.20
N LEU F 4801 -52.63 22.29 -73.62
CA LEU F 4801 -52.63 21.76 -74.98
C LEU F 4801 -53.73 20.72 -75.15
N GLY F 4802 -54.20 20.13 -74.07
CA GLY F 4802 -55.31 19.20 -74.16
C GLY F 4802 -56.57 19.83 -74.72
N HIS F 4803 -56.69 21.15 -74.58
CA HIS F 4803 -57.84 21.84 -75.17
C HIS F 4803 -57.67 22.00 -76.68
N TYR F 4804 -56.43 22.18 -77.14
CA TYR F 4804 -56.17 22.17 -78.57
C TYR F 4804 -56.43 20.78 -79.16
N ASN F 4805 -56.04 19.74 -78.43
CA ASN F 4805 -56.32 18.36 -78.83
C ASN F 4805 -56.44 17.52 -77.58
N ASN F 4806 -57.59 16.87 -77.40
CA ASN F 4806 -57.87 16.21 -76.13
C ASN F 4806 -56.94 15.05 -75.85
N PHE F 4807 -56.24 14.54 -76.86
CA PHE F 4807 -55.36 13.42 -76.61
C PHE F 4807 -54.08 13.81 -75.89
N PHE F 4808 -53.84 15.12 -75.74
CA PHE F 4808 -52.70 15.53 -74.93
C PHE F 4808 -52.94 15.29 -73.46
N PHE F 4809 -54.17 14.94 -73.08
CA PHE F 4809 -54.47 14.56 -71.71
C PHE F 4809 -53.96 13.16 -71.39
N ALA F 4810 -53.57 12.40 -72.41
CA ALA F 4810 -52.97 11.10 -72.15
C ALA F 4810 -51.64 11.24 -71.43
N ALA F 4811 -50.93 12.35 -71.68
CA ALA F 4811 -49.64 12.57 -71.06
C ALA F 4811 -49.74 12.65 -69.55
N HIS F 4812 -50.87 13.15 -69.04
CA HIS F 4812 -51.03 13.27 -67.59
C HIS F 4812 -51.17 11.92 -66.91
N LEU F 4813 -51.45 10.87 -67.68
CA LEU F 4813 -51.43 9.53 -67.11
C LEU F 4813 -50.05 9.13 -66.63
N LEU F 4814 -49.01 9.80 -67.10
CA LEU F 4814 -47.65 9.52 -66.64
C LEU F 4814 -47.44 9.98 -65.20
N ASP F 4815 -48.39 10.75 -64.66
CA ASP F 4815 -48.24 11.31 -63.33
C ASP F 4815 -48.19 10.25 -62.26
N ILE F 4816 -48.68 9.04 -62.55
CA ILE F 4816 -48.71 7.99 -61.54
C ILE F 4816 -47.31 7.65 -61.04
N ALA F 4817 -46.29 7.89 -61.85
CA ALA F 4817 -44.92 7.59 -61.44
C ALA F 4817 -44.50 8.43 -60.25
N MET F 4818 -44.81 9.73 -60.27
CA MET F 4818 -44.54 10.62 -59.15
C MET F 4818 -45.62 10.58 -58.09
N GLY F 4819 -46.85 10.25 -58.45
CA GLY F 4819 -47.91 10.18 -57.46
C GLY F 4819 -47.75 9.03 -56.49
N VAL F 4820 -47.24 7.90 -56.98
CA VAL F 4820 -47.19 6.66 -56.20
C VAL F 4820 -45.73 6.37 -55.87
N LYS F 4821 -45.44 6.24 -54.57
CA LYS F 4821 -44.09 5.91 -54.15
C LYS F 4821 -43.66 4.56 -54.70
N THR F 4822 -44.59 3.64 -54.90
CA THR F 4822 -44.24 2.33 -55.45
C THR F 4822 -43.72 2.46 -56.88
N LEU F 4823 -44.46 3.19 -57.73
CA LEU F 4823 -43.97 3.43 -59.08
C LEU F 4823 -42.66 4.19 -59.07
N ARG F 4824 -42.54 5.15 -58.15
CA ARG F 4824 -41.33 5.95 -58.12
C ARG F 4824 -40.12 5.08 -57.80
N THR F 4825 -40.27 4.16 -56.85
CA THR F 4825 -39.19 3.22 -56.56
C THR F 4825 -38.89 2.32 -57.74
N ILE F 4826 -39.94 1.81 -58.40
CA ILE F 4826 -39.72 0.91 -59.52
C ILE F 4826 -38.96 1.61 -60.64
N LEU F 4827 -39.32 2.86 -60.93
CA LEU F 4827 -38.65 3.58 -62.01
C LEU F 4827 -37.27 4.07 -61.59
N SER F 4828 -37.06 4.33 -60.30
CA SER F 4828 -35.71 4.57 -59.83
C SER F 4828 -34.84 3.34 -60.03
N SER F 4829 -35.45 2.15 -59.96
CA SER F 4829 -34.72 0.94 -60.26
C SER F 4829 -34.28 0.86 -61.72
N VAL F 4830 -34.79 1.72 -62.58
CA VAL F 4830 -34.30 1.83 -63.95
C VAL F 4830 -33.31 2.98 -64.09
N THR F 4831 -33.65 4.14 -63.54
CA THR F 4831 -32.80 5.31 -63.64
C THR F 4831 -31.51 5.19 -62.85
N HIS F 4832 -31.40 4.18 -61.98
CA HIS F 4832 -30.22 4.03 -61.14
C HIS F 4832 -28.97 3.80 -61.99
N ASN F 4833 -29.10 3.05 -63.07
CA ASN F 4833 -27.99 2.75 -63.97
C ASN F 4833 -28.23 3.34 -65.36
N GLY F 4834 -28.76 4.55 -65.40
CA GLY F 4834 -29.12 5.14 -66.68
C GLY F 4834 -27.93 5.39 -67.58
N LYS F 4835 -26.81 5.82 -66.98
CA LYS F 4835 -25.61 6.05 -67.79
C LYS F 4835 -25.12 4.74 -68.39
N GLN F 4836 -25.15 3.66 -67.60
CA GLN F 4836 -24.79 2.34 -68.13
C GLN F 4836 -25.73 1.92 -69.25
N LEU F 4837 -27.04 2.15 -69.09
CA LEU F 4837 -27.98 1.73 -70.12
C LEU F 4837 -27.75 2.49 -71.42
N VAL F 4838 -27.56 3.80 -71.33
CA VAL F 4838 -27.31 4.57 -72.54
C VAL F 4838 -26.01 4.13 -73.19
N MET F 4839 -24.98 3.90 -72.39
CA MET F 4839 -23.70 3.49 -72.96
C MET F 4839 -23.79 2.12 -73.62
N THR F 4840 -24.52 1.19 -73.02
CA THR F 4840 -24.62 -0.13 -73.64
C THR F 4840 -25.49 -0.10 -74.88
N VAL F 4841 -26.49 0.78 -74.94
CA VAL F 4841 -27.23 0.95 -76.18
C VAL F 4841 -26.32 1.51 -77.27
N GLY F 4842 -25.45 2.46 -76.92
CA GLY F 4842 -24.49 2.96 -77.89
C GLY F 4842 -23.54 1.87 -78.38
N LEU F 4843 -23.07 1.03 -77.46
CA LEU F 4843 -22.20 -0.07 -77.87
C LEU F 4843 -22.94 -1.04 -78.79
N LEU F 4844 -24.21 -1.29 -78.51
CA LEU F 4844 -25.03 -2.12 -79.40
C LEU F 4844 -25.11 -1.49 -80.78
N ALA F 4845 -25.31 -0.18 -80.85
CA ALA F 4845 -25.34 0.49 -82.14
C ALA F 4845 -24.03 0.30 -82.88
N VAL F 4846 -22.90 0.40 -82.17
CA VAL F 4846 -21.60 0.26 -82.82
C VAL F 4846 -21.41 -1.16 -83.35
N VAL F 4847 -21.75 -2.17 -82.55
CA VAL F 4847 -21.53 -3.54 -83.00
C VAL F 4847 -22.45 -3.88 -84.18
N VAL F 4848 -23.68 -3.37 -84.15
CA VAL F 4848 -24.57 -3.59 -85.28
C VAL F 4848 -24.02 -2.90 -86.51
N TYR F 4849 -23.39 -1.74 -86.33
CA TYR F 4849 -22.76 -1.07 -87.46
C TYR F 4849 -21.64 -1.89 -88.06
N LEU F 4850 -20.83 -2.51 -87.20
CA LEU F 4850 -19.76 -3.36 -87.72
C LEU F 4850 -20.33 -4.51 -88.53
N TYR F 4851 -21.40 -5.13 -88.03
CA TYR F 4851 -22.04 -6.20 -88.79
C TYR F 4851 -22.60 -5.67 -90.09
N THR F 4852 -23.13 -4.44 -90.09
CA THR F 4852 -23.64 -3.83 -91.30
C THR F 4852 -22.54 -3.64 -92.34
N VAL F 4853 -21.36 -3.22 -91.89
CA VAL F 4853 -20.24 -3.05 -92.80
C VAL F 4853 -19.87 -4.39 -93.43
N VAL F 4854 -19.80 -5.44 -92.61
CA VAL F 4854 -19.46 -6.76 -93.12
C VAL F 4854 -20.49 -7.22 -94.15
N ALA F 4855 -21.78 -7.05 -93.81
CA ALA F 4855 -22.85 -7.50 -94.69
C ALA F 4855 -22.82 -6.75 -96.02
N PHE F 4856 -22.62 -5.44 -95.96
CA PHE F 4856 -22.57 -4.66 -97.20
C PHE F 4856 -21.41 -5.11 -98.07
N ASN F 4857 -20.26 -5.38 -97.47
CA ASN F 4857 -19.10 -5.75 -98.28
C ASN F 4857 -19.25 -7.14 -98.88
N PHE F 4858 -19.87 -8.08 -98.17
CA PHE F 4858 -19.82 -9.46 -98.65
C PHE F 4858 -21.17 -10.13 -98.89
N PHE F 4859 -22.16 -9.94 -98.02
CA PHE F 4859 -23.37 -10.74 -98.04
C PHE F 4859 -24.55 -10.01 -98.66
N ARG F 4860 -24.29 -9.16 -99.65
CA ARG F 4860 -25.34 -8.29 -100.18
C ARG F 4860 -26.44 -9.07 -100.88
N LYS F 4861 -26.13 -10.26 -101.39
CA LYS F 4861 -27.12 -11.03 -102.14
C LYS F 4861 -28.30 -11.44 -101.27
N PHE F 4862 -28.05 -11.71 -100.00
CA PHE F 4862 -29.04 -12.35 -99.15
C PHE F 4862 -30.07 -11.38 -98.61
N TYR F 4863 -29.94 -10.09 -98.89
CA TYR F 4863 -30.79 -9.07 -98.30
C TYR F 4863 -31.88 -8.62 -99.26
N ASN F 4864 -32.39 -9.53 -100.08
CA ASN F 4864 -33.54 -9.27 -100.93
C ASN F 4864 -34.80 -9.65 -100.16
N LYS F 4865 -35.56 -8.64 -99.75
CA LYS F 4865 -36.78 -8.87 -98.98
C LYS F 4865 -38.02 -8.71 -99.84
N SER F 4866 -37.95 -9.09 -101.11
CA SER F 4866 -39.09 -8.99 -102.01
C SER F 4866 -39.39 -10.38 -102.58
N GLU F 4867 -40.63 -10.83 -102.38
CA GLU F 4867 -41.05 -12.09 -102.98
C GLU F 4867 -41.24 -11.99 -104.48
N ASP F 4868 -41.35 -10.76 -105.01
CA ASP F 4868 -41.46 -10.56 -106.44
C ASP F 4868 -40.18 -11.03 -107.13
N GLU F 4869 -40.33 -11.44 -108.39
CA GLU F 4869 -39.21 -11.99 -109.15
C GLU F 4869 -38.57 -10.99 -110.10
N ASP F 4870 -39.28 -9.93 -110.51
CA ASP F 4870 -38.72 -9.00 -111.49
C ASP F 4870 -38.34 -7.65 -110.90
N GLU F 4871 -38.95 -7.23 -109.79
CA GLU F 4871 -38.53 -6.02 -109.09
C GLU F 4871 -38.11 -6.37 -107.68
N PRO F 4872 -36.81 -6.48 -107.41
CA PRO F 4872 -36.36 -6.84 -106.06
C PRO F 4872 -36.27 -5.64 -105.15
N ASP F 4873 -36.39 -5.89 -103.84
CA ASP F 4873 -36.20 -4.87 -102.81
C ASP F 4873 -34.96 -5.25 -102.01
N MET F 4874 -33.82 -4.72 -102.45
CA MET F 4874 -32.57 -5.01 -101.77
C MET F 4874 -32.37 -4.05 -100.61
N LYS F 4875 -32.23 -4.61 -99.41
CA LYS F 4875 -32.13 -3.82 -98.20
C LYS F 4875 -30.71 -3.42 -97.87
N CYS F 4876 -29.71 -3.95 -98.59
CA CYS F 4876 -28.32 -3.67 -98.26
C CYS F 4876 -27.53 -3.23 -99.48
N ASP F 4877 -28.14 -2.41 -100.34
CA ASP F 4877 -27.39 -1.74 -101.39
C ASP F 4877 -26.89 -0.37 -100.96
N ASP F 4878 -27.10 0.00 -99.71
CA ASP F 4878 -26.68 1.29 -99.18
C ASP F 4878 -26.31 1.12 -97.72
N MET F 4879 -25.29 1.86 -97.27
CA MET F 4879 -24.94 1.86 -95.86
C MET F 4879 -26.13 2.23 -94.98
N MET F 4880 -26.80 3.33 -95.31
CA MET F 4880 -27.86 3.80 -94.43
C MET F 4880 -29.04 2.85 -94.42
N THR F 4881 -29.44 2.35 -95.59
CA THR F 4881 -30.54 1.41 -95.66
C THR F 4881 -30.21 0.12 -94.92
N CYS F 4882 -29.01 -0.42 -95.13
CA CYS F 4882 -28.63 -1.66 -94.46
C CYS F 4882 -28.55 -1.47 -92.95
N TYR F 4883 -28.03 -0.33 -92.50
CA TYR F 4883 -27.91 -0.10 -91.07
C TYR F 4883 -29.28 0.06 -90.43
N LEU F 4884 -30.20 0.75 -91.11
CA LEU F 4884 -31.57 0.81 -90.63
C LEU F 4884 -32.16 -0.59 -90.55
N PHE F 4885 -31.96 -1.39 -91.60
CA PHE F 4885 -32.52 -2.74 -91.63
C PHE F 4885 -32.02 -3.56 -90.44
N HIS F 4886 -30.72 -3.52 -90.21
CA HIS F 4886 -30.17 -4.28 -89.08
C HIS F 4886 -30.74 -3.78 -87.77
N MET F 4887 -30.58 -2.48 -87.47
CA MET F 4887 -31.02 -1.97 -86.18
C MET F 4887 -32.52 -2.08 -85.99
N TYR F 4888 -33.28 -2.31 -87.07
CA TYR F 4888 -34.73 -2.36 -86.95
C TYR F 4888 -35.27 -3.79 -86.88
N VAL F 4889 -34.74 -4.70 -87.67
CA VAL F 4889 -35.31 -6.04 -87.72
C VAL F 4889 -34.38 -7.06 -87.05
N GLY F 4890 -33.07 -6.89 -87.18
CA GLY F 4890 -32.17 -7.88 -86.63
C GLY F 4890 -32.17 -7.88 -85.11
N VAL F 4891 -32.20 -6.70 -84.52
CA VAL F 4891 -32.21 -6.62 -83.06
C VAL F 4891 -33.52 -7.17 -82.51
N ARG F 4892 -34.64 -6.87 -83.18
CA ARG F 4892 -35.92 -7.31 -82.69
C ARG F 4892 -36.21 -8.77 -82.97
N ALA F 4893 -35.55 -9.37 -83.95
CA ALA F 4893 -35.78 -10.77 -84.24
C ALA F 4893 -35.27 -11.65 -83.11
N GLY F 4894 -35.94 -12.79 -82.90
CA GLY F 4894 -35.52 -13.69 -81.86
C GLY F 4894 -34.18 -14.34 -82.13
N GLY F 4895 -33.93 -14.68 -83.38
CA GLY F 4895 -32.70 -15.36 -83.74
C GLY F 4895 -31.66 -14.48 -84.40
N GLY F 4896 -31.84 -13.17 -84.33
CA GLY F 4896 -30.91 -12.28 -84.99
C GLY F 4896 -31.26 -12.07 -86.45
N ILE F 4897 -30.27 -11.57 -87.19
CA ILE F 4897 -30.51 -11.17 -88.57
C ILE F 4897 -30.72 -12.38 -89.48
N GLY F 4898 -30.25 -13.54 -89.05
CA GLY F 4898 -30.38 -14.72 -89.89
C GLY F 4898 -31.83 -15.16 -90.04
N ASP F 4899 -32.68 -14.76 -89.09
CA ASP F 4899 -34.10 -15.05 -89.20
C ASP F 4899 -34.71 -14.30 -90.37
N GLU F 4900 -34.16 -13.12 -90.69
CA GLU F 4900 -34.77 -12.29 -91.71
C GLU F 4900 -34.14 -12.49 -93.08
N ILE F 4901 -32.81 -12.57 -93.15
CA ILE F 4901 -32.18 -12.66 -94.47
C ILE F 4901 -32.31 -14.08 -95.03
N GLU F 4902 -31.96 -14.21 -96.30
CA GLU F 4902 -32.22 -15.43 -97.06
C GLU F 4902 -31.34 -16.59 -96.58
N ASP F 4903 -31.75 -17.79 -96.95
CA ASP F 4903 -31.03 -18.99 -96.55
C ASP F 4903 -29.65 -19.03 -97.19
N PRO F 4904 -28.61 -19.43 -96.47
CA PRO F 4904 -27.28 -19.50 -97.07
C PRO F 4904 -26.89 -20.89 -97.56
N ALA F 4905 -27.79 -21.85 -97.45
CA ALA F 4905 -27.46 -23.21 -97.83
C ALA F 4905 -27.11 -23.28 -99.31
N GLY F 4906 -26.11 -24.11 -99.63
CA GLY F 4906 -25.71 -24.26 -101.02
C GLY F 4906 -25.10 -23.01 -101.61
N ASP F 4907 -24.22 -22.36 -100.86
CA ASP F 4907 -23.52 -21.17 -101.33
C ASP F 4907 -22.04 -21.30 -101.00
N GLU F 4908 -21.22 -20.58 -101.78
CA GLU F 4908 -19.79 -20.60 -101.55
C GLU F 4908 -19.44 -19.95 -100.22
N TYR F 4909 -20.35 -19.14 -99.68
CA TYR F 4909 -20.12 -18.43 -98.43
C TYR F 4909 -21.00 -18.94 -97.30
N GLU F 4910 -21.39 -20.21 -97.35
CA GLU F 4910 -22.31 -20.73 -96.35
C GLU F 4910 -21.72 -20.66 -94.95
N LEU F 4911 -20.50 -21.16 -94.78
CA LEU F 4911 -19.90 -21.18 -93.45
C LEU F 4911 -19.65 -19.78 -92.93
N TYR F 4912 -19.17 -18.88 -93.79
CA TYR F 4912 -18.97 -17.50 -93.38
C TYR F 4912 -20.27 -16.89 -92.90
N ARG F 4913 -21.35 -17.14 -93.64
CA ARG F 4913 -22.62 -16.53 -93.28
C ARG F 4913 -23.19 -17.13 -92.01
N VAL F 4914 -23.00 -18.44 -91.79
CA VAL F 4914 -23.52 -19.03 -90.55
C VAL F 4914 -22.75 -18.50 -89.35
N VAL F 4915 -21.44 -18.29 -89.51
CA VAL F 4915 -20.67 -17.69 -88.42
C VAL F 4915 -21.17 -16.28 -88.16
N PHE F 4916 -21.40 -15.52 -89.23
CA PHE F 4916 -21.98 -14.18 -89.13
C PHE F 4916 -23.27 -14.21 -88.31
N ASP F 4917 -24.17 -15.12 -88.64
CA ASP F 4917 -25.48 -15.18 -87.99
C ASP F 4917 -25.37 -15.59 -86.53
N ILE F 4918 -24.62 -16.66 -86.25
CA ILE F 4918 -24.48 -17.13 -84.87
C ILE F 4918 -23.82 -16.07 -83.99
N THR F 4919 -22.76 -15.43 -84.48
CA THR F 4919 -22.11 -14.40 -83.70
C THR F 4919 -23.02 -13.20 -83.49
N PHE F 4920 -23.80 -12.82 -84.50
CA PHE F 4920 -24.76 -11.75 -84.29
C PHE F 4920 -25.75 -12.11 -83.19
N PHE F 4921 -26.30 -13.32 -83.27
CA PHE F 4921 -27.26 -13.77 -82.27
C PHE F 4921 -26.66 -13.76 -80.87
N PHE F 4922 -25.41 -14.19 -80.74
CA PHE F 4922 -24.81 -14.30 -79.41
C PHE F 4922 -24.43 -12.93 -78.85
N PHE F 4923 -23.70 -12.13 -79.62
CA PHE F 4923 -23.23 -10.85 -79.10
C PHE F 4923 -24.37 -9.87 -78.92
N VAL F 4924 -25.30 -9.82 -79.87
CA VAL F 4924 -26.32 -8.78 -79.86
C VAL F 4924 -27.55 -9.24 -79.08
N ILE F 4925 -28.16 -10.34 -79.54
CA ILE F 4925 -29.43 -10.77 -78.98
C ILE F 4925 -29.25 -11.29 -77.56
N VAL F 4926 -28.21 -12.08 -77.32
CA VAL F 4926 -28.08 -12.73 -76.01
C VAL F 4926 -27.34 -11.82 -75.05
N ILE F 4927 -26.08 -11.51 -75.36
CA ILE F 4927 -25.20 -10.89 -74.37
C ILE F 4927 -25.63 -9.47 -74.05
N LEU F 4928 -25.89 -8.63 -75.06
CA LEU F 4928 -26.14 -7.23 -74.78
C LEU F 4928 -27.49 -6.99 -74.13
N LEU F 4929 -28.53 -7.67 -74.62
CA LEU F 4929 -29.82 -7.55 -73.97
C LEU F 4929 -29.78 -8.14 -72.56
N ALA F 4930 -28.98 -9.19 -72.36
CA ALA F 4930 -28.74 -9.68 -71.02
C ALA F 4930 -28.07 -8.62 -70.15
N ILE F 4931 -27.14 -7.85 -70.72
CA ILE F 4931 -26.50 -6.77 -69.97
C ILE F 4931 -27.53 -5.75 -69.51
N ILE F 4932 -28.45 -5.38 -70.41
CA ILE F 4932 -29.45 -4.39 -70.06
C ILE F 4932 -30.34 -4.89 -68.93
N GLN F 4933 -30.87 -6.10 -69.09
CA GLN F 4933 -31.72 -6.67 -68.04
C GLN F 4933 -30.96 -6.83 -66.73
N GLY F 4934 -29.67 -7.18 -66.81
CA GLY F 4934 -28.87 -7.31 -65.62
C GLY F 4934 -28.64 -5.99 -64.93
N LEU F 4935 -28.47 -4.91 -65.69
CA LEU F 4935 -28.37 -3.60 -65.07
C LEU F 4935 -29.63 -3.26 -64.31
N ILE F 4936 -30.79 -3.56 -64.88
CA ILE F 4936 -32.04 -3.28 -64.16
C ILE F 4936 -32.14 -4.12 -62.88
N ILE F 4937 -31.84 -5.41 -62.96
CA ILE F 4937 -31.96 -6.26 -61.78
C ILE F 4937 -30.95 -5.85 -60.72
N ASP F 4938 -29.73 -5.51 -61.13
CA ASP F 4938 -28.72 -5.06 -60.18
C ASP F 4938 -29.13 -3.77 -59.51
N ALA F 4939 -29.80 -2.88 -60.24
CA ALA F 4939 -30.30 -1.66 -59.61
C ALA F 4939 -31.36 -1.99 -58.56
N PHE F 4940 -32.24 -2.95 -58.86
CA PHE F 4940 -33.18 -3.40 -57.84
C PHE F 4940 -32.47 -3.84 -56.57
N GLY F 4941 -31.50 -4.74 -56.73
CA GLY F 4941 -30.78 -5.24 -55.57
C GLY F 4941 -30.04 -4.14 -54.83
N GLU F 4942 -29.46 -3.20 -55.58
CA GLU F 4942 -28.71 -2.12 -54.95
C GLU F 4942 -29.61 -1.24 -54.11
N LEU F 4943 -30.79 -0.90 -54.63
CA LEU F 4943 -31.73 -0.09 -53.85
C LEU F 4943 -32.16 -0.82 -52.59
N ARG F 4944 -32.47 -2.12 -52.72
CA ARG F 4944 -32.90 -2.87 -51.55
C ARG F 4944 -31.82 -2.93 -50.49
N ASP F 4945 -30.56 -3.16 -50.89
CA ASP F 4945 -29.51 -3.26 -49.89
C ASP F 4945 -29.20 -1.89 -49.28
N GLN F 4946 -29.39 -0.81 -50.03
CA GLN F 4946 -29.26 0.51 -49.41
C GLN F 4946 -30.28 0.70 -48.30
N GLN F 4947 -31.55 0.36 -48.58
CA GLN F 4947 -32.57 0.51 -47.54
C GLN F 4947 -32.24 -0.35 -46.33
N GLU F 4948 -31.83 -1.60 -46.56
CA GLU F 4948 -31.48 -2.47 -45.45
C GLU F 4948 -30.30 -1.91 -44.66
N GLN F 4949 -29.31 -1.36 -45.34
CA GLN F 4949 -28.15 -0.82 -44.65
C GLN F 4949 -28.55 0.34 -43.75
N VAL F 4950 -29.39 1.24 -44.26
CA VAL F 4950 -29.82 2.38 -43.45
C VAL F 4950 -30.59 1.89 -42.23
N LYS F 4951 -31.49 0.93 -42.43
CA LYS F 4951 -32.29 0.44 -41.31
C LYS F 4951 -31.42 -0.24 -40.24
N GLU F 4952 -30.49 -1.09 -40.66
CA GLU F 4952 -29.63 -1.75 -39.68
C GLU F 4952 -28.74 -0.75 -38.97
N ASP F 4953 -28.25 0.27 -39.68
CA ASP F 4953 -27.44 1.28 -39.01
C ASP F 4953 -28.24 2.01 -37.94
N MET F 4954 -29.48 2.37 -38.27
CA MET F 4954 -30.31 3.05 -37.28
C MET F 4954 -30.65 2.15 -36.10
N GLU F 4955 -30.87 0.86 -36.35
CA GLU F 4955 -31.20 -0.05 -35.26
C GLU F 4955 -29.98 -0.59 -34.53
N THR F 4956 -28.77 -0.22 -34.96
CA THR F 4956 -27.57 -0.74 -34.32
C THR F 4956 -26.64 0.31 -33.73
N LYS F 4957 -26.64 1.55 -34.20
CA LYS F 4957 -25.78 2.57 -33.63
C LYS F 4957 -26.60 3.80 -33.25
N CYS F 4958 -26.14 4.53 -32.24
CA CYS F 4958 -26.77 5.78 -31.91
C CYS F 4958 -26.40 6.83 -32.94
N PHE F 4959 -27.43 7.49 -33.47
CA PHE F 4959 -27.25 8.49 -34.51
C PHE F 4959 -26.38 9.66 -34.07
N ILE F 4960 -26.30 9.92 -32.77
CA ILE F 4960 -25.55 11.06 -32.27
C ILE F 4960 -24.14 10.66 -31.91
N CYS F 4961 -23.99 9.77 -30.94
CA CYS F 4961 -22.68 9.47 -30.39
C CYS F 4961 -21.94 8.38 -31.14
N GLY F 4962 -22.62 7.56 -31.92
CA GLY F 4962 -21.96 6.53 -32.68
C GLY F 4962 -21.69 5.25 -31.93
N ILE F 4963 -22.06 5.17 -30.66
CA ILE F 4963 -21.84 3.95 -29.89
C ILE F 4963 -22.87 2.90 -30.29
N GLY F 4964 -22.42 1.67 -30.44
CA GLY F 4964 -23.29 0.62 -30.92
C GLY F 4964 -24.27 0.14 -29.86
N SER F 4965 -25.33 -0.51 -30.33
CA SER F 4965 -26.35 -1.03 -29.44
C SER F 4965 -25.83 -2.08 -28.50
N ASP F 4966 -24.73 -2.76 -28.84
CA ASP F 4966 -24.20 -3.82 -27.99
C ASP F 4966 -23.75 -3.28 -26.63
N TYR F 4967 -23.14 -2.09 -26.62
CA TYR F 4967 -22.73 -1.50 -25.35
C TYR F 4967 -23.92 -1.15 -24.50
N PHE F 4968 -24.93 -0.49 -25.09
CA PHE F 4968 -26.07 -0.08 -24.30
C PHE F 4968 -26.92 -1.26 -23.85
N ASP F 4969 -26.81 -2.39 -24.54
CA ASP F 4969 -27.70 -3.49 -24.22
C ASP F 4969 -27.25 -4.30 -23.01
N THR F 4970 -26.09 -4.00 -22.42
CA THR F 4970 -25.74 -4.61 -21.15
C THR F 4970 -26.84 -4.40 -20.12
N THR F 4971 -27.31 -3.17 -20.00
CA THR F 4971 -28.55 -2.87 -19.30
C THR F 4971 -29.72 -3.26 -20.18
N PRO F 4972 -30.79 -3.85 -19.63
CA PRO F 4972 -31.95 -4.19 -20.45
C PRO F 4972 -32.54 -2.97 -21.12
N HIS F 4973 -32.95 -3.14 -22.38
CA HIS F 4973 -33.54 -2.07 -23.19
C HIS F 4973 -32.66 -0.84 -23.20
N GLY F 4974 -31.35 -1.04 -22.99
CA GLY F 4974 -30.46 0.08 -22.85
C GLY F 4974 -30.42 0.95 -24.08
N PHE F 4975 -30.35 0.34 -25.25
CA PHE F 4975 -30.32 1.12 -26.48
C PHE F 4975 -31.63 1.84 -26.71
N GLU F 4976 -32.75 1.18 -26.39
CA GLU F 4976 -34.05 1.83 -26.56
C GLU F 4976 -34.16 3.06 -25.67
N THR F 4977 -33.76 2.95 -24.41
CA THR F 4977 -33.80 4.12 -23.53
C THR F 4977 -32.80 5.16 -23.98
N HIS F 4978 -31.64 4.74 -24.50
CA HIS F 4978 -30.63 5.70 -24.93
C HIS F 4978 -31.13 6.51 -26.12
N THR F 4979 -31.85 5.88 -27.02
CA THR F 4979 -32.36 6.58 -28.20
C THR F 4979 -33.69 7.25 -27.96
N LEU F 4980 -34.35 6.99 -26.83
CA LEU F 4980 -35.58 7.71 -26.52
C LEU F 4980 -35.40 8.83 -25.51
N GLU F 4981 -34.41 8.74 -24.63
CA GLU F 4981 -34.25 9.69 -23.54
C GLU F 4981 -32.91 10.40 -23.57
N GLU F 4982 -31.82 9.66 -23.74
CA GLU F 4982 -30.49 10.22 -23.53
C GLU F 4982 -30.00 11.00 -24.74
N HIS F 4983 -30.09 10.42 -25.93
CA HIS F 4983 -29.55 11.01 -27.14
C HIS F 4983 -30.60 11.07 -28.25
N ASN F 4984 -31.81 11.46 -27.91
CA ASN F 4984 -32.85 11.57 -28.91
C ASN F 4984 -32.59 12.77 -29.81
N LEU F 4985 -32.54 12.54 -31.11
CA LEU F 4985 -32.24 13.64 -32.02
C LEU F 4985 -33.38 14.65 -32.07
N ALA F 4986 -34.60 14.19 -31.90
CA ALA F 4986 -35.73 15.10 -31.79
C ALA F 4986 -35.51 16.07 -30.64
N ASN F 4987 -34.84 15.61 -29.59
CA ASN F 4987 -34.57 16.47 -28.44
C ASN F 4987 -33.52 17.52 -28.78
N TYR F 4988 -32.56 17.19 -29.63
CA TYR F 4988 -31.61 18.21 -30.06
C TYR F 4988 -32.30 19.27 -30.92
N MET F 4989 -33.22 18.82 -31.77
CA MET F 4989 -34.02 19.77 -32.54
C MET F 4989 -34.85 20.67 -31.62
N PHE F 4990 -35.52 20.06 -30.63
CA PHE F 4990 -36.33 20.83 -29.70
C PHE F 4990 -35.47 21.78 -28.87
N PHE F 4991 -34.27 21.35 -28.50
CA PHE F 4991 -33.38 22.22 -27.73
C PHE F 4991 -32.95 23.42 -28.55
N LEU F 4992 -32.69 23.21 -29.83
CA LEU F 4992 -32.35 24.34 -30.69
C LEU F 4992 -33.51 25.32 -30.77
N MET F 4993 -34.73 24.80 -30.94
CA MET F 4993 -35.91 25.68 -30.93
C MET F 4993 -36.04 26.43 -29.62
N TYR F 4994 -35.81 25.74 -28.51
CA TYR F 4994 -35.91 26.33 -27.18
C TYR F 4994 -34.90 27.46 -26.99
N LEU F 4995 -33.66 27.24 -27.40
CA LEU F 4995 -32.66 28.29 -27.32
C LEU F 4995 -33.04 29.49 -28.17
N ILE F 4996 -33.57 29.24 -29.37
CA ILE F 4996 -33.96 30.34 -30.24
C ILE F 4996 -35.04 31.17 -29.57
N ASN F 4997 -36.04 30.52 -28.99
CA ASN F 4997 -37.15 31.27 -28.40
C ASN F 4997 -36.73 31.98 -27.12
N LYS F 4998 -35.84 31.38 -26.34
CA LYS F 4998 -35.52 31.92 -25.03
C LYS F 4998 -34.67 33.18 -25.13
N ASP F 4999 -34.81 34.06 -24.14
CA ASP F 4999 -34.00 35.26 -24.08
C ASP F 4999 -32.57 34.95 -23.67
N GLU F 5000 -31.62 35.63 -24.31
CA GLU F 5000 -30.21 35.38 -24.02
C GLU F 5000 -29.87 35.79 -22.60
N THR F 5001 -30.51 36.83 -22.08
CA THR F 5001 -30.33 37.17 -20.68
C THR F 5001 -30.85 36.07 -19.78
N GLU F 5002 -31.74 35.22 -20.27
CA GLU F 5002 -32.30 34.15 -19.48
C GLU F 5002 -31.61 32.82 -19.70
N HIS F 5003 -30.72 32.74 -20.69
CA HIS F 5003 -29.98 31.50 -20.92
C HIS F 5003 -29.20 31.10 -19.68
N THR F 5004 -29.15 29.81 -19.39
CA THR F 5004 -28.29 29.29 -18.34
C THR F 5004 -26.87 29.18 -18.87
N GLY F 5005 -25.96 28.68 -18.03
CA GLY F 5005 -24.57 28.56 -18.47
C GLY F 5005 -24.42 27.56 -19.59
N GLN F 5006 -25.02 26.39 -19.45
CA GLN F 5006 -24.95 25.36 -20.47
C GLN F 5006 -25.65 25.81 -21.75
N GLU F 5007 -26.80 26.46 -21.60
CA GLU F 5007 -27.52 26.97 -22.76
C GLU F 5007 -26.72 28.03 -23.49
N SER F 5008 -26.07 28.93 -22.75
CA SER F 5008 -25.24 29.95 -23.37
C SER F 5008 -24.05 29.33 -24.08
N TYR F 5009 -23.46 28.32 -23.48
CA TYR F 5009 -22.35 27.60 -24.10
C TYR F 5009 -22.78 27.01 -25.44
N VAL F 5010 -23.87 26.25 -25.44
CA VAL F 5010 -24.35 25.63 -26.66
C VAL F 5010 -24.76 26.68 -27.67
N TRP F 5011 -25.34 27.78 -27.21
CA TRP F 5011 -25.78 28.84 -28.13
C TRP F 5011 -24.59 29.51 -28.80
N LYS F 5012 -23.54 29.82 -28.04
CA LYS F 5012 -22.35 30.41 -28.64
C LYS F 5012 -21.72 29.47 -29.64
N MET F 5013 -21.61 28.18 -29.29
CA MET F 5013 -20.98 27.27 -30.23
C MET F 5013 -21.88 26.99 -31.42
N TYR F 5014 -23.18 27.19 -31.28
CA TYR F 5014 -24.09 27.12 -32.41
C TYR F 5014 -23.89 28.29 -33.35
N GLN F 5015 -23.74 29.49 -32.81
CA GLN F 5015 -23.55 30.65 -33.67
C GLN F 5015 -22.19 30.65 -34.32
N GLU F 5016 -21.19 30.04 -33.70
CA GLU F 5016 -19.89 29.94 -34.33
C GLU F 5016 -19.80 28.76 -35.27
N ARG F 5017 -20.87 27.99 -35.41
CA ARG F 5017 -20.91 26.80 -36.26
C ARG F 5017 -19.84 25.79 -35.81
N CYS F 5018 -19.72 25.61 -34.51
CA CYS F 5018 -18.84 24.62 -33.92
C CYS F 5018 -19.69 23.53 -33.27
N TRP F 5019 -19.59 22.31 -33.77
CA TRP F 5019 -20.41 21.20 -33.30
C TRP F 5019 -19.65 20.26 -32.39
N ASP F 5020 -18.77 20.79 -31.56
CA ASP F 5020 -18.05 19.95 -30.61
C ASP F 5020 -18.87 19.65 -29.37
N PHE F 5021 -20.04 20.27 -29.20
CA PHE F 5021 -20.85 19.96 -28.04
C PHE F 5021 -21.63 18.67 -28.20
N PHE F 5022 -21.83 18.22 -29.43
CA PHE F 5022 -22.48 16.94 -29.65
C PHE F 5022 -21.60 15.83 -29.09
N PRO F 5023 -22.12 14.96 -28.24
CA PRO F 5023 -21.29 13.88 -27.70
C PRO F 5023 -20.92 12.90 -28.82
N ALA F 5024 -19.62 12.77 -29.04
CA ALA F 5024 -19.11 11.92 -30.12
C ALA F 5024 -18.31 10.79 -29.50
N GLY F 5025 -18.83 9.57 -29.59
CA GLY F 5025 -18.16 8.42 -29.04
C GLY F 5025 -18.17 8.33 -27.54
N ASP F 5026 -18.98 9.14 -26.86
CA ASP F 5026 -19.04 9.15 -25.41
C ASP F 5026 -20.45 9.48 -24.97
N CYS F 5027 -20.81 9.03 -23.77
CA CYS F 5027 -22.15 9.26 -23.27
C CYS F 5027 -22.10 9.35 -21.75
N PHE F 5028 -23.22 9.80 -21.19
CA PHE F 5028 -23.33 9.93 -19.74
C PHE F 5028 -23.13 8.59 -19.04
N ARG F 5029 -23.76 7.55 -19.57
CA ARG F 5029 -23.63 6.23 -18.96
C ARG F 5029 -22.20 5.75 -18.97
N LYS F 5030 -21.50 5.95 -20.08
CA LYS F 5030 -20.09 5.56 -20.16
C LYS F 5030 -19.22 6.37 -19.22
N GLN F 5031 -19.48 7.68 -19.11
CA GLN F 5031 -18.61 8.54 -18.33
C GLN F 5031 -18.67 8.21 -16.84
N TYR F 5032 -19.83 7.81 -16.35
CA TYR F 5032 -20.01 7.44 -14.95
C TYR F 5032 -20.30 5.96 -14.81
N GLU F 5033 -19.61 5.14 -15.59
CA GLU F 5033 -19.80 3.70 -15.47
C GLU F 5033 -19.55 3.23 -14.05
N ASP F 5034 -18.47 3.71 -13.43
CA ASP F 5034 -18.15 3.27 -12.08
C ASP F 5034 -19.23 3.68 -11.08
N GLN F 5035 -19.56 4.97 -11.04
CA GLN F 5035 -20.48 5.47 -10.02
C GLN F 5035 -21.90 4.93 -10.23
N LEU F 5036 -22.33 4.87 -11.49
CA LEU F 5036 -23.66 4.33 -11.76
C LEU F 5036 -23.72 2.84 -11.48
N SER F 5037 -22.64 2.12 -11.73
CA SER F 5037 -22.59 0.69 -11.48
C SER F 5037 -21.82 0.38 -10.19
N GLU G 10 -12.79 -17.42 18.27
CA GLU G 10 -12.97 -18.85 18.07
C GLU G 10 -12.88 -19.61 19.39
N VAL G 11 -13.83 -20.52 19.61
CA VAL G 11 -13.88 -21.35 20.81
C VAL G 11 -13.47 -22.77 20.42
N GLN G 12 -12.56 -23.35 21.18
CA GLN G 12 -12.10 -24.71 20.93
C GLN G 12 -13.08 -25.71 21.56
N PHE G 13 -13.32 -26.80 20.85
CA PHE G 13 -14.14 -27.90 21.34
C PHE G 13 -13.29 -29.16 21.36
N LEU G 14 -13.40 -29.93 22.45
CA LEU G 14 -12.67 -31.18 22.53
C LEU G 14 -13.25 -32.18 21.54
N ARG G 15 -12.38 -32.94 20.88
CA ARG G 15 -12.77 -33.95 19.92
C ARG G 15 -12.07 -35.24 20.25
N THR G 16 -12.50 -36.32 19.60
CA THR G 16 -11.83 -37.58 19.79
C THR G 16 -10.44 -37.53 19.20
N ASP G 17 -9.59 -38.46 19.63
CA ASP G 17 -8.19 -38.56 19.28
C ASP G 17 -7.36 -37.40 19.81
N ASP G 18 -7.94 -36.55 20.65
CA ASP G 18 -7.21 -35.44 21.26
C ASP G 18 -6.73 -35.85 22.64
N GLU G 19 -5.45 -35.59 22.90
CA GLU G 19 -4.84 -35.93 24.18
C GLU G 19 -5.16 -34.84 25.19
N VAL G 20 -5.64 -35.26 26.37
CA VAL G 20 -6.03 -34.34 27.41
C VAL G 20 -5.43 -34.80 28.73
N VAL G 21 -5.52 -33.92 29.72
CA VAL G 21 -5.14 -34.22 31.09
C VAL G 21 -6.31 -33.85 31.98
N LEU G 22 -6.71 -34.76 32.85
CA LEU G 22 -7.79 -34.50 33.80
C LEU G 22 -7.21 -33.72 34.97
N GLN G 23 -7.72 -32.52 35.21
CA GLN G 23 -7.17 -31.61 36.20
C GLN G 23 -8.22 -31.25 37.22
N CYS G 24 -7.85 -31.29 38.50
CA CYS G 24 -8.71 -30.90 39.60
C CYS G 24 -7.97 -29.93 40.51
N SER G 25 -8.73 -29.18 41.30
CA SER G 25 -8.18 -28.16 42.17
C SER G 25 -8.53 -28.48 43.61
N ALA G 26 -7.54 -28.33 44.48
CA ALA G 26 -7.72 -28.56 45.91
C ALA G 26 -7.06 -27.43 46.68
N THR G 27 -7.59 -27.15 47.86
CA THR G 27 -7.09 -26.11 48.74
C THR G 27 -6.26 -26.75 49.84
N VAL G 28 -5.00 -26.32 49.95
CA VAL G 28 -4.09 -26.81 50.97
C VAL G 28 -3.36 -25.59 51.54
N LEU G 29 -3.55 -25.35 52.84
CA LEU G 29 -2.97 -24.18 53.52
C LEU G 29 -3.31 -22.89 52.77
N LYS G 30 -4.60 -22.71 52.51
CA LYS G 30 -5.14 -21.54 51.82
C LYS G 30 -4.56 -21.34 50.43
N GLU G 31 -3.91 -22.35 49.87
CA GLU G 31 -3.28 -22.27 48.56
C GLU G 31 -4.02 -23.19 47.60
N GLN G 32 -4.27 -22.70 46.39
CA GLN G 32 -4.96 -23.49 45.37
C GLN G 32 -3.92 -24.30 44.61
N LEU G 33 -3.99 -25.62 44.76
CA LEU G 33 -3.05 -26.54 44.14
C LEU G 33 -3.75 -27.31 43.04
N LYS G 34 -3.18 -27.26 41.84
CA LYS G 34 -3.76 -27.92 40.67
C LYS G 34 -3.07 -29.25 40.44
N LEU G 35 -3.86 -30.32 40.44
CA LEU G 35 -3.35 -31.67 40.33
C LEU G 35 -3.86 -32.30 39.03
N CYS G 36 -3.06 -33.18 38.46
CA CYS G 36 -3.42 -33.92 37.27
C CYS G 36 -3.48 -35.40 37.58
N LEU G 37 -4.51 -36.06 37.07
CA LEU G 37 -4.61 -37.50 37.25
C LEU G 37 -3.47 -38.19 36.53
N ALA G 38 -2.88 -39.19 37.18
CA ALA G 38 -1.73 -39.89 36.64
C ALA G 38 -1.81 -41.35 36.98
N ALA G 39 -1.15 -42.17 36.18
CA ALA G 39 -1.04 -43.60 36.44
C ALA G 39 0.16 -44.12 35.70
N GLU G 40 0.91 -45.02 36.35
CA GLU G 40 2.12 -45.54 35.74
C GLU G 40 1.81 -46.61 34.70
N GLY G 41 0.74 -47.38 34.91
CA GLY G 41 0.35 -48.42 33.98
C GLY G 41 0.98 -49.77 34.28
N PHE G 42 2.26 -49.93 33.95
CA PHE G 42 2.95 -51.18 34.24
C PHE G 42 3.52 -51.13 35.64
N GLY G 43 3.20 -52.14 36.45
CA GLY G 43 3.69 -52.21 37.80
C GLY G 43 2.79 -51.55 38.83
N ASN G 44 1.85 -50.71 38.40
CA ASN G 44 0.90 -50.11 39.33
C ASN G 44 -0.30 -49.66 38.51
N ARG G 45 -1.42 -50.36 38.64
CA ARG G 45 -2.63 -49.98 37.92
C ARG G 45 -3.30 -48.76 38.51
N LEU G 46 -3.11 -48.52 39.80
CA LEU G 46 -3.87 -47.49 40.49
C LEU G 46 -3.46 -46.10 40.03
N CYS G 47 -4.38 -45.16 40.18
CA CYS G 47 -4.18 -43.78 39.75
C CYS G 47 -3.87 -42.90 40.94
N PHE G 48 -2.99 -41.93 40.73
CA PHE G 48 -2.67 -40.96 41.77
C PHE G 48 -2.73 -39.56 41.19
N LEU G 49 -2.30 -38.57 41.98
CA LEU G 49 -2.39 -37.17 41.59
C LEU G 49 -0.99 -36.58 41.50
N GLU G 50 -0.69 -35.93 40.37
CA GLU G 50 0.61 -35.31 40.15
C GLU G 50 0.46 -33.81 40.22
N PRO G 51 0.98 -33.14 41.24
CA PRO G 51 0.81 -31.69 41.36
C PRO G 51 1.50 -30.95 40.22
N THR G 52 0.86 -29.85 39.80
CA THR G 52 1.33 -29.06 38.67
C THR G 52 1.39 -27.57 38.94
N SER G 53 0.99 -27.11 40.13
CA SER G 53 1.00 -25.69 40.41
C SER G 53 2.41 -25.16 40.67
N ASN G 54 3.37 -26.04 40.93
CA ASN G 54 4.75 -25.64 41.21
C ASN G 54 5.69 -25.92 40.04
N ALA G 55 5.17 -25.88 38.82
CA ALA G 55 5.97 -26.27 37.66
C ALA G 55 7.16 -25.36 37.44
N GLN G 56 7.13 -24.14 37.99
CA GLN G 56 8.27 -23.24 37.83
C GLN G 56 9.49 -23.76 38.57
N ASN G 57 9.28 -24.38 39.74
CA ASN G 57 10.39 -24.84 40.55
C ASN G 57 10.65 -26.34 40.41
N VAL G 58 9.60 -27.15 40.31
CA VAL G 58 9.75 -28.59 40.15
C VAL G 58 8.89 -29.03 38.97
N PRO G 59 9.47 -29.50 37.88
CA PRO G 59 8.69 -29.90 36.72
C PRO G 59 7.82 -31.11 37.04
N PRO G 60 6.60 -31.15 36.53
CA PRO G 60 5.75 -32.32 36.73
C PRO G 60 6.13 -33.46 35.80
N ASP G 61 5.59 -34.63 36.10
CA ASP G 61 5.79 -35.81 35.26
C ASP G 61 4.55 -36.01 34.41
N LEU G 62 4.44 -35.21 33.35
CA LEU G 62 3.26 -35.23 32.50
C LEU G 62 3.24 -36.40 31.54
N ALA G 63 4.36 -37.10 31.37
CA ALA G 63 4.38 -38.20 30.40
C ALA G 63 3.36 -39.26 30.72
N ILE G 64 2.91 -39.34 31.97
CA ILE G 64 1.96 -40.35 32.40
C ILE G 64 0.64 -39.72 32.87
N CYS G 65 0.41 -38.45 32.57
CA CYS G 65 -0.86 -37.81 32.83
C CYS G 65 -1.70 -37.64 31.57
N CYS G 66 -1.19 -38.04 30.42
CA CYS G 66 -1.86 -37.81 29.15
C CYS G 66 -2.74 -38.99 28.80
N PHE G 67 -3.97 -38.69 28.36
CA PHE G 67 -4.93 -39.68 27.92
C PHE G 67 -5.45 -39.30 26.55
N THR G 68 -5.80 -40.28 25.73
CA THR G 68 -6.40 -40.03 24.42
C THR G 68 -7.88 -40.35 24.49
N LEU G 69 -8.71 -39.40 24.05
CA LEU G 69 -10.14 -39.63 23.92
C LEU G 69 -10.37 -40.49 22.68
N GLU G 70 -10.56 -41.79 22.88
CA GLU G 70 -10.69 -42.68 21.74
C GLU G 70 -12.10 -42.66 21.16
N GLN G 71 -13.11 -42.78 22.00
CA GLN G 71 -14.49 -42.85 21.54
C GLN G 71 -15.37 -42.00 22.42
N SER G 72 -16.46 -41.53 21.83
CA SER G 72 -17.50 -40.79 22.56
C SER G 72 -18.84 -41.18 21.96
N LEU G 73 -19.68 -41.84 22.73
CA LEU G 73 -20.93 -42.37 22.23
C LEU G 73 -22.07 -41.97 23.16
N SER G 74 -23.27 -41.93 22.61
CA SER G 74 -24.45 -41.80 23.45
C SER G 74 -24.64 -43.08 24.25
N VAL G 75 -25.46 -42.99 25.30
CA VAL G 75 -25.62 -44.12 26.21
C VAL G 75 -26.27 -45.30 25.49
N ARG G 76 -27.26 -45.03 24.63
CA ARG G 76 -27.90 -46.11 23.89
C ARG G 76 -26.91 -46.78 22.95
N ALA G 77 -26.08 -45.99 22.27
CA ALA G 77 -25.07 -46.56 21.38
C ALA G 77 -24.09 -47.40 22.19
N LEU G 78 -23.73 -46.94 23.38
CA LEU G 78 -22.84 -47.73 24.23
C LEU G 78 -23.46 -49.05 24.62
N GLN G 79 -24.74 -49.04 25.00
CA GLN G 79 -25.42 -50.28 25.35
C GLN G 79 -25.44 -51.24 24.17
N GLU G 80 -25.74 -50.73 22.98
CA GLU G 80 -25.76 -51.59 21.81
C GLU G 80 -24.38 -52.15 21.50
N MET G 81 -23.34 -51.33 21.63
CA MET G 81 -21.98 -51.80 21.39
C MET G 81 -21.59 -52.87 22.39
N LEU G 82 -21.96 -52.70 23.66
CA LEU G 82 -21.68 -53.71 24.66
C LEU G 82 -22.42 -55.01 24.37
N ALA G 83 -23.68 -54.89 23.92
CA ALA G 83 -24.44 -56.09 23.56
C ALA G 83 -23.79 -56.81 22.40
N ASN G 84 -23.29 -56.08 21.42
CA ASN G 84 -22.66 -56.68 20.25
C ASN G 84 -21.18 -56.95 20.52
N HIS G 98 -13.34 -37.85 13.58
CA HIS G 98 -13.20 -37.13 14.83
C HIS G 98 -14.53 -36.57 15.31
N ARG G 99 -15.21 -37.31 16.18
CA ARG G 99 -16.47 -36.82 16.73
C ARG G 99 -16.21 -35.80 17.83
N THR G 100 -17.00 -34.75 17.85
CA THR G 100 -16.95 -33.78 18.93
C THR G 100 -17.69 -34.30 20.14
N LEU G 101 -17.11 -34.09 21.32
CA LEU G 101 -17.75 -34.56 22.55
C LEU G 101 -19.00 -33.74 22.84
N LEU G 102 -20.05 -34.41 23.27
CA LEU G 102 -21.28 -33.77 23.69
C LEU G 102 -21.55 -34.13 25.14
N TYR G 103 -22.01 -33.15 25.92
CA TYR G 103 -22.38 -33.41 27.30
C TYR G 103 -23.44 -34.49 27.37
N GLY G 104 -23.21 -35.47 28.23
CA GLY G 104 -24.09 -36.60 28.32
C GLY G 104 -23.63 -37.85 27.59
N HIS G 105 -22.64 -37.73 26.72
CA HIS G 105 -22.09 -38.91 26.08
C HIS G 105 -21.23 -39.69 27.07
N ALA G 106 -20.76 -40.84 26.62
CA ALA G 106 -19.84 -41.66 27.38
C ALA G 106 -18.52 -41.76 26.64
N ILE G 107 -17.43 -41.43 27.32
CA ILE G 107 -16.12 -41.37 26.68
C ILE G 107 -15.26 -42.52 27.17
N LEU G 108 -14.27 -42.85 26.35
CA LEU G 108 -13.27 -43.87 26.66
C LEU G 108 -11.90 -43.21 26.60
N LEU G 109 -11.18 -43.25 27.71
CA LEU G 109 -9.87 -42.61 27.83
C LEU G 109 -8.80 -43.69 27.82
N ARG G 110 -7.86 -43.58 26.89
CA ARG G 110 -6.76 -44.51 26.77
C ARG G 110 -5.48 -43.84 27.24
N HIS G 111 -4.77 -44.49 28.16
CA HIS G 111 -3.55 -43.94 28.69
C HIS G 111 -2.51 -43.85 27.58
N ALA G 112 -1.89 -42.67 27.45
CA ALA G 112 -0.98 -42.44 26.34
C ALA G 112 0.23 -43.37 26.41
N HIS G 113 0.79 -43.55 27.60
CA HIS G 113 2.01 -44.33 27.74
C HIS G 113 1.75 -45.82 27.74
N SER G 114 0.92 -46.29 28.68
CA SER G 114 0.72 -47.71 28.87
C SER G 114 -0.28 -48.32 27.91
N ARG G 115 -0.97 -47.50 27.11
CA ARG G 115 -2.01 -47.95 26.20
C ARG G 115 -3.18 -48.61 26.93
N MET G 116 -3.27 -48.41 28.23
CA MET G 116 -4.36 -48.98 29.02
C MET G 116 -5.50 -47.99 29.12
N TYR G 117 -6.65 -48.45 29.61
CA TYR G 117 -7.85 -47.64 29.64
C TYR G 117 -8.22 -47.32 31.07
N LEU G 118 -8.60 -46.07 31.31
CA LEU G 118 -9.02 -45.64 32.63
C LEU G 118 -10.31 -46.36 33.00
N SER G 119 -10.36 -46.89 34.22
CA SER G 119 -11.46 -47.74 34.61
C SER G 119 -11.77 -47.54 36.09
N CYS G 120 -12.97 -47.97 36.48
CA CYS G 120 -13.40 -47.95 37.87
C CYS G 120 -13.24 -49.36 38.43
N LEU G 121 -12.17 -49.57 39.19
CA LEU G 121 -11.86 -50.90 39.69
C LEU G 121 -12.83 -51.30 40.78
N THR G 122 -13.09 -52.61 40.85
CA THR G 122 -14.06 -53.15 41.80
C THR G 122 -13.52 -53.25 43.22
N THR G 123 -12.23 -53.02 43.43
CA THR G 123 -11.64 -53.07 44.75
C THR G 123 -11.71 -51.70 45.41
N SER G 124 -11.41 -51.67 46.71
CA SER G 124 -11.45 -50.43 47.47
C SER G 124 -10.35 -50.49 48.52
N ARG G 125 -9.30 -49.71 48.32
CA ARG G 125 -8.19 -49.65 49.27
C ARG G 125 -8.35 -48.53 50.29
N SER G 126 -9.35 -47.69 50.16
CA SER G 126 -9.55 -46.58 51.08
C SER G 126 -10.26 -47.07 52.33
N MET G 127 -9.88 -46.51 53.47
CA MET G 127 -10.54 -46.81 54.74
C MET G 127 -11.53 -45.74 55.16
N THR G 128 -11.37 -44.52 54.66
CA THR G 128 -12.26 -43.43 55.07
C THR G 128 -13.66 -43.63 54.52
N ASP G 129 -13.77 -44.03 53.24
CA ASP G 129 -15.05 -44.20 52.58
C ASP G 129 -15.33 -45.68 52.40
N LYS G 130 -16.45 -46.15 52.94
CA LYS G 130 -16.81 -47.56 52.81
C LYS G 130 -17.49 -47.86 51.48
N LEU G 131 -17.90 -46.84 50.75
CA LEU G 131 -18.64 -47.01 49.51
C LEU G 131 -17.81 -46.70 48.27
N ALA G 132 -16.60 -46.21 48.45
CA ALA G 132 -15.78 -45.77 47.33
C ALA G 132 -15.15 -46.95 46.62
N PHE G 133 -14.71 -46.70 45.40
CA PHE G 133 -14.00 -47.69 44.60
C PHE G 133 -12.69 -47.10 44.12
N ASP G 134 -11.72 -47.98 43.89
CA ASP G 134 -10.44 -47.57 43.39
C ASP G 134 -10.54 -47.27 41.90
N VAL G 135 -9.84 -46.22 41.46
CA VAL G 135 -9.80 -45.83 40.05
C VAL G 135 -8.42 -46.16 39.52
N GLY G 136 -8.37 -46.97 38.46
CA GLY G 136 -7.10 -47.34 37.89
C GLY G 136 -7.16 -47.64 36.41
N LEU G 137 -6.13 -48.27 35.89
CA LEU G 137 -6.04 -48.61 34.48
C LEU G 137 -6.48 -50.04 34.25
N GLN G 138 -7.02 -50.29 33.07
CA GLN G 138 -7.51 -51.59 32.67
C GLN G 138 -6.86 -51.98 31.36
N GLU G 139 -6.47 -53.25 31.25
CA GLU G 139 -5.72 -53.69 30.07
C GLU G 139 -6.56 -53.60 28.80
N ASP G 140 -7.82 -53.98 28.88
CA ASP G 140 -8.67 -54.05 27.71
C ASP G 140 -9.88 -53.12 27.87
N ALA G 141 -10.41 -52.68 26.74
CA ALA G 141 -11.56 -51.79 26.72
C ALA G 141 -12.89 -52.53 26.82
N THR G 142 -12.86 -53.84 26.98
CA THR G 142 -14.08 -54.60 27.11
C THR G 142 -14.78 -54.27 28.42
N GLY G 143 -16.07 -54.63 28.49
CA GLY G 143 -16.86 -54.34 29.66
C GLY G 143 -17.29 -52.90 29.69
N GLU G 144 -18.09 -52.57 30.69
CA GLU G 144 -18.57 -51.21 30.87
C GLU G 144 -17.80 -50.45 31.94
N ALA G 145 -16.79 -51.08 32.56
CA ALA G 145 -16.05 -50.45 33.63
C ALA G 145 -15.17 -49.30 33.17
N CYS G 146 -14.94 -49.16 31.86
CA CYS G 146 -13.98 -48.20 31.35
C CYS G 146 -14.64 -47.03 30.63
N TRP G 147 -15.92 -46.77 30.91
CA TRP G 147 -16.66 -45.72 30.24
C TRP G 147 -17.18 -44.73 31.27
N TRP G 148 -17.11 -43.45 30.92
CA TRP G 148 -17.50 -42.36 31.81
C TRP G 148 -18.40 -41.39 31.06
N THR G 149 -19.38 -40.83 31.76
CA THR G 149 -20.32 -39.89 31.17
C THR G 149 -20.04 -38.49 31.66
N MET G 150 -19.87 -37.55 30.73
CA MET G 150 -19.59 -36.18 31.08
C MET G 150 -20.89 -35.45 31.39
N HIS G 151 -20.92 -34.75 32.52
CA HIS G 151 -22.06 -33.94 32.87
C HIS G 151 -21.62 -32.51 33.16
N PRO G 152 -22.41 -31.52 32.75
CA PRO G 152 -22.05 -30.14 33.05
C PRO G 152 -21.97 -29.91 34.55
N ALA G 153 -20.95 -29.14 34.96
CA ALA G 153 -20.79 -28.84 36.36
C ALA G 153 -21.82 -27.84 36.87
N SER G 154 -22.34 -27.02 35.98
CA SER G 154 -23.27 -25.96 36.35
C SER G 154 -24.24 -25.69 35.20
N LYS G 155 -24.98 -24.58 35.34
CA LYS G 155 -26.13 -24.34 34.48
C LYS G 155 -25.79 -23.63 33.17
N GLN G 156 -24.58 -23.09 33.01
CA GLN G 156 -24.26 -22.45 31.74
C GLN G 156 -24.20 -23.45 30.60
N ARG G 157 -23.98 -24.73 30.92
CA ARG G 157 -24.00 -25.79 29.94
C ARG G 157 -25.10 -26.77 30.25
N SER G 158 -25.67 -27.36 29.21
CA SER G 158 -26.75 -28.32 29.35
C SER G 158 -26.46 -29.54 28.50
N GLU G 159 -27.21 -30.62 28.77
CA GLU G 159 -26.98 -31.88 28.09
C GLU G 159 -27.17 -31.72 26.59
N GLY G 160 -26.30 -32.38 25.84
CA GLY G 160 -26.30 -32.28 24.40
C GLY G 160 -25.39 -31.22 23.82
N GLU G 161 -24.98 -30.25 24.63
CA GLU G 161 -24.10 -29.21 24.16
C GLU G 161 -22.68 -29.73 23.95
N LYS G 162 -21.93 -29.05 23.10
CA LYS G 162 -20.53 -29.37 22.90
C LYS G 162 -19.73 -29.05 24.14
N VAL G 163 -18.68 -29.84 24.37
CA VAL G 163 -17.79 -29.62 25.52
C VAL G 163 -16.63 -28.75 25.07
N ARG G 164 -16.49 -27.59 25.71
CA ARG G 164 -15.50 -26.61 25.29
C ARG G 164 -14.27 -26.66 26.18
N VAL G 165 -13.13 -26.28 25.61
CA VAL G 165 -11.89 -26.26 26.36
C VAL G 165 -12.05 -25.34 27.56
N GLY G 166 -11.69 -25.83 28.73
CA GLY G 166 -11.79 -25.05 29.94
C GLY G 166 -13.09 -25.23 30.71
N ASP G 167 -13.96 -26.12 30.27
CA ASP G 167 -15.21 -26.36 31.00
C ASP G 167 -14.96 -27.24 32.20
N ASP G 168 -15.52 -26.84 33.33
CA ASP G 168 -15.56 -27.68 34.52
C ASP G 168 -16.57 -28.79 34.30
N LEU G 169 -16.19 -30.01 34.66
CA LEU G 169 -16.92 -31.20 34.28
C LEU G 169 -17.17 -32.11 35.47
N ILE G 170 -18.11 -33.03 35.28
CA ILE G 170 -18.41 -34.09 36.23
C ILE G 170 -18.37 -35.40 35.48
N LEU G 171 -17.59 -36.36 35.97
CA LEU G 171 -17.49 -37.68 35.36
C LEU G 171 -18.13 -38.71 36.26
N VAL G 172 -19.01 -39.53 35.70
CA VAL G 172 -19.73 -40.56 36.43
C VAL G 172 -19.42 -41.91 35.80
N SER G 173 -19.03 -42.87 36.62
CA SER G 173 -18.70 -44.19 36.08
C SER G 173 -19.96 -44.89 35.61
N VAL G 174 -19.93 -45.39 34.37
CA VAL G 174 -21.09 -46.07 33.83
C VAL G 174 -21.37 -47.35 34.61
N SER G 175 -20.33 -48.09 34.95
CA SER G 175 -20.53 -49.37 35.64
C SER G 175 -20.95 -49.16 37.09
N SER G 176 -20.36 -48.17 37.77
CA SER G 176 -20.51 -48.05 39.21
C SER G 176 -21.43 -46.92 39.64
N GLU G 177 -21.82 -46.03 38.74
CA GLU G 177 -22.64 -44.87 39.09
C GLU G 177 -22.01 -44.05 40.20
N ARG G 178 -20.71 -43.81 40.10
CA ARG G 178 -19.98 -43.03 41.08
C ARG G 178 -19.13 -41.98 40.38
N TYR G 179 -19.00 -40.82 41.02
CA TYR G 179 -18.23 -39.73 40.46
C TYR G 179 -16.74 -40.01 40.59
N LEU G 180 -15.99 -39.50 39.63
CA LEU G 180 -14.53 -39.46 39.76
C LEU G 180 -14.21 -38.42 40.81
N HIS G 181 -13.93 -38.88 42.02
CA HIS G 181 -13.89 -38.04 43.20
C HIS G 181 -12.46 -37.80 43.64
N LEU G 182 -12.19 -36.60 44.12
CA LEU G 182 -10.93 -36.29 44.80
C LEU G 182 -11.20 -36.26 46.30
N SER G 183 -10.52 -37.13 47.04
CA SER G 183 -10.77 -37.31 48.46
C SER G 183 -9.64 -36.69 49.28
N THR G 184 -10.00 -35.79 50.20
CA THR G 184 -9.06 -35.18 51.12
C THR G 184 -9.23 -35.74 52.53
N ALA G 185 -9.98 -36.82 52.69
CA ALA G 185 -10.27 -37.35 54.02
C ALA G 185 -9.00 -37.77 54.73
N SER G 186 -8.10 -38.44 54.03
CA SER G 186 -6.80 -38.75 54.59
C SER G 186 -5.93 -37.49 54.59
N GLY G 187 -4.71 -37.63 55.11
CA GLY G 187 -3.80 -36.50 55.07
C GLY G 187 -3.32 -36.15 53.68
N GLU G 188 -3.30 -37.12 52.77
CA GLU G 188 -2.82 -36.93 51.41
C GLU G 188 -3.98 -36.68 50.47
N LEU G 189 -3.62 -36.38 49.22
CA LEU G 189 -4.58 -36.13 48.16
C LEU G 189 -4.75 -37.42 47.37
N GLN G 190 -5.99 -37.91 47.28
CA GLN G 190 -6.26 -39.18 46.64
C GLN G 190 -7.46 -39.07 45.72
N VAL G 191 -7.48 -39.94 44.71
CA VAL G 191 -8.53 -39.98 43.70
C VAL G 191 -9.22 -41.34 43.80
N ASP G 192 -10.55 -41.32 43.85
CA ASP G 192 -11.32 -42.54 43.89
C ASP G 192 -12.67 -42.26 43.25
N ALA G 193 -13.48 -43.31 43.13
CA ALA G 193 -14.81 -43.21 42.57
C ALA G 193 -15.81 -43.30 43.71
N SER G 194 -16.44 -42.17 44.03
CA SER G 194 -17.35 -42.09 45.16
C SER G 194 -18.64 -41.40 44.74
N PHE G 195 -19.51 -41.19 45.72
CA PHE G 195 -20.80 -40.54 45.52
C PHE G 195 -20.74 -39.03 45.70
N MET G 196 -19.56 -38.49 46.00
CA MET G 196 -19.38 -37.06 46.12
C MET G 196 -18.69 -36.54 44.87
N GLN G 197 -19.31 -35.57 44.22
CA GLN G 197 -18.83 -35.07 42.95
C GLN G 197 -17.59 -34.20 43.12
N THR G 198 -16.83 -34.07 42.04
CA THR G 198 -15.66 -33.21 42.01
C THR G 198 -15.51 -32.68 40.60
N LEU G 199 -15.25 -31.38 40.48
CA LEU G 199 -15.13 -30.74 39.18
C LEU G 199 -13.78 -31.08 38.55
N TRP G 200 -13.80 -31.34 37.25
CA TRP G 200 -12.60 -31.66 36.50
C TRP G 200 -12.53 -30.79 35.26
N ASN G 201 -11.33 -30.64 34.72
CA ASN G 201 -11.11 -29.99 33.44
C ASN G 201 -10.28 -30.90 32.56
N MET G 202 -10.73 -31.09 31.32
CA MET G 202 -9.91 -31.78 30.33
C MET G 202 -9.13 -30.73 29.55
N ASN G 203 -7.99 -30.34 30.11
CA ASN G 203 -7.11 -29.42 29.42
C ASN G 203 -6.43 -30.14 28.27
N PRO G 204 -6.52 -29.65 27.04
CA PRO G 204 -5.96 -30.37 25.90
C PRO G 204 -4.45 -30.31 25.88
N ILE G 205 -3.85 -31.33 25.26
CA ILE G 205 -2.44 -31.36 24.98
C ILE G 205 -2.17 -31.24 23.49
N CYS G 206 -2.76 -32.12 22.69
CA CYS G 206 -2.57 -32.06 21.25
C CYS G 206 -3.85 -32.51 20.57
N SER G 207 -4.20 -31.83 19.47
CA SER G 207 -5.34 -32.21 18.64
C SER G 207 -4.90 -32.93 17.38
N CYS G 208 -4.17 -32.25 16.50
CA CYS G 208 -3.74 -32.81 15.22
C CYS G 208 -2.35 -32.29 14.91
N CYS G 209 -1.50 -33.18 14.41
CA CYS G 209 -0.10 -32.88 14.15
C CYS G 209 0.18 -33.13 12.68
N GLU G 210 0.85 -32.17 12.03
CA GLU G 210 1.23 -32.37 10.64
C GLU G 210 2.23 -33.50 10.52
N GLU G 211 2.42 -33.98 9.29
CA GLU G 211 3.40 -35.00 9.05
C GLU G 211 4.76 -34.53 9.54
N GLY G 212 5.42 -35.36 10.33
CA GLY G 212 6.64 -34.94 10.97
C GLY G 212 6.39 -33.72 11.82
N TYR G 213 7.21 -32.69 11.60
CA TYR G 213 6.94 -31.35 12.11
C TYR G 213 6.83 -31.36 13.63
N VAL G 214 8.01 -31.55 14.24
CA VAL G 214 8.20 -31.77 15.67
C VAL G 214 7.23 -30.98 16.52
N THR G 215 6.64 -31.64 17.51
CA THR G 215 5.74 -31.03 18.47
C THR G 215 6.24 -31.33 19.88
N GLY G 216 5.70 -30.59 20.85
CA GLY G 216 6.13 -30.75 22.22
C GLY G 216 5.68 -32.07 22.80
N GLY G 217 6.39 -32.50 23.85
CA GLY G 217 6.06 -33.73 24.53
C GLY G 217 6.49 -34.99 23.83
N HIS G 218 7.28 -34.88 22.77
CA HIS G 218 7.73 -36.06 22.05
C HIS G 218 9.06 -36.57 22.61
N VAL G 219 9.37 -37.81 22.28
CA VAL G 219 10.66 -38.41 22.55
C VAL G 219 11.43 -38.51 21.25
N LEU G 220 12.66 -38.03 21.25
CA LEU G 220 13.43 -37.90 20.02
C LEU G 220 14.92 -38.02 20.35
N ARG G 221 15.72 -38.17 19.31
CA ARG G 221 17.17 -38.13 19.41
C ARG G 221 17.69 -36.90 18.71
N LEU G 222 18.69 -36.27 19.31
CA LEU G 222 19.29 -35.05 18.78
C LEU G 222 20.60 -35.44 18.11
N PHE G 223 20.60 -35.46 16.78
CA PHE G 223 21.77 -35.89 16.03
C PHE G 223 22.62 -34.71 15.62
N HIS G 224 23.94 -34.87 15.74
CA HIS G 224 24.87 -33.77 15.51
C HIS G 224 25.18 -33.59 14.02
N GLY G 225 25.81 -34.58 13.42
CA GLY G 225 26.25 -34.47 12.04
C GLY G 225 25.40 -35.28 11.08
N HIS G 226 26.05 -36.16 10.32
CA HIS G 226 25.37 -36.93 9.28
C HIS G 226 25.01 -38.31 9.80
N MET G 227 23.98 -38.34 10.65
CA MET G 227 23.41 -39.60 11.16
C MET G 227 24.48 -40.45 11.86
N ASP G 228 25.41 -39.78 12.53
CA ASP G 228 26.55 -40.45 13.16
C ASP G 228 26.59 -40.25 14.66
N GLU G 229 26.52 -39.02 15.14
CA GLU G 229 26.66 -38.71 16.55
C GLU G 229 25.33 -38.20 17.11
N CYS G 230 25.00 -38.66 18.32
CA CYS G 230 23.76 -38.29 18.98
C CYS G 230 24.05 -37.87 20.41
N LEU G 231 23.27 -36.92 20.90
CA LEU G 231 23.45 -36.44 22.27
C LEU G 231 22.96 -37.50 23.25
N THR G 232 23.74 -37.74 24.29
CA THR G 232 23.41 -38.78 25.25
C THR G 232 24.18 -38.55 26.54
N ILE G 233 23.93 -39.41 27.51
CA ILE G 233 24.72 -39.43 28.75
C ILE G 233 25.44 -40.76 28.81
N SER G 234 26.27 -40.93 29.84
CA SER G 234 27.07 -42.13 29.95
C SER G 234 26.20 -43.35 30.25
N ALA G 235 26.76 -44.52 30.00
CA ALA G 235 26.02 -45.76 30.19
C ALA G 235 25.83 -46.05 31.67
N ALA G 236 25.18 -47.18 31.95
CA ALA G 236 24.89 -47.56 33.32
C ALA G 236 26.18 -47.88 34.08
N ASP G 237 26.13 -47.67 35.39
CA ASP G 237 27.26 -47.80 36.30
C ASP G 237 28.54 -47.22 35.69
N SER G 238 28.50 -45.92 35.45
CA SER G 238 29.66 -45.17 35.02
C SER G 238 30.14 -44.26 36.15
N ASP G 239 31.43 -43.92 36.09
CA ASP G 239 32.05 -43.18 37.20
C ASP G 239 31.54 -41.75 37.28
N ASP G 240 30.89 -41.25 36.23
CA ASP G 240 30.39 -39.89 36.25
C ASP G 240 29.01 -39.77 36.84
N GLN G 241 28.46 -40.87 37.37
CA GLN G 241 27.11 -40.92 37.94
C GLN G 241 26.04 -40.58 36.93
N ARG G 242 26.32 -40.81 35.64
CA ARG G 242 25.38 -40.54 34.56
C ARG G 242 24.85 -39.12 34.63
N ARG G 243 25.75 -38.16 34.90
CA ARG G 243 25.39 -36.76 35.01
C ARG G 243 26.19 -35.88 34.06
N LEU G 244 26.84 -36.47 33.08
CA LEU G 244 27.60 -35.70 32.10
C LEU G 244 27.15 -36.09 30.71
N VAL G 245 27.03 -35.08 29.85
CA VAL G 245 26.46 -35.23 28.52
C VAL G 245 27.60 -35.31 27.51
N TYR G 246 27.49 -36.22 26.57
CA TYR G 246 28.50 -36.43 25.55
C TYR G 246 27.85 -36.57 24.19
N TYR G 247 28.63 -36.26 23.16
CA TYR G 247 28.27 -36.59 21.78
C TYR G 247 28.95 -37.92 21.46
N GLU G 248 28.15 -38.95 21.22
CA GLU G 248 28.67 -40.28 21.00
C GLU G 248 28.08 -40.83 19.71
N GLY G 249 28.83 -41.72 19.05
CA GLY G 249 28.35 -42.40 17.87
C GLY G 249 28.41 -43.91 18.05
N GLY G 250 27.86 -44.62 17.07
CA GLY G 250 27.91 -46.06 17.09
C GLY G 250 26.61 -46.71 17.51
N ALA G 251 26.69 -47.68 18.42
CA ALA G 251 25.50 -48.39 18.86
C ALA G 251 24.62 -47.55 19.76
N VAL G 252 25.13 -46.44 20.28
CA VAL G 252 24.33 -45.58 21.13
C VAL G 252 23.15 -44.98 20.37
N CYS G 253 23.28 -44.85 19.05
CA CYS G 253 22.22 -44.25 18.25
C CYS G 253 20.94 -45.07 18.28
N THR G 254 21.03 -46.35 18.63
CA THR G 254 19.86 -47.21 18.74
C THR G 254 19.56 -47.62 20.18
N HIS G 255 20.25 -47.04 21.15
CA HIS G 255 20.05 -47.37 22.54
C HIS G 255 19.14 -46.35 23.21
N ALA G 256 18.63 -46.73 24.39
CA ALA G 256 17.62 -45.94 25.06
C ALA G 256 18.18 -44.76 25.83
N ARG G 257 19.50 -44.70 26.04
CA ARG G 257 20.05 -43.60 26.82
C ARG G 257 20.25 -42.33 26.01
N SER G 258 19.97 -42.36 24.70
CA SER G 258 20.07 -41.18 23.86
C SER G 258 18.70 -40.58 23.57
N LEU G 259 17.66 -41.00 24.28
CA LEU G 259 16.30 -40.57 24.02
C LEU G 259 15.92 -39.48 25.01
N TRP G 260 15.56 -38.32 24.51
CA TRP G 260 15.21 -37.17 25.33
C TRP G 260 13.77 -36.77 25.06
N ARG G 261 13.13 -36.21 26.08
CA ARG G 261 11.76 -35.74 25.98
C ARG G 261 11.72 -34.24 26.11
N LEU G 262 11.03 -33.57 25.19
CA LEU G 262 10.98 -32.13 25.16
C LEU G 262 9.73 -31.64 25.90
N GLU G 263 9.93 -30.87 26.95
CA GLU G 263 8.83 -30.41 27.80
C GLU G 263 8.69 -28.90 27.74
N PRO G 264 7.71 -28.37 27.01
CA PRO G 264 7.45 -26.94 27.04
C PRO G 264 7.00 -26.50 28.43
N LEU G 265 7.26 -25.23 28.72
CA LEU G 265 7.00 -24.67 30.04
C LEU G 265 5.54 -24.29 30.22
N ARG G 266 4.64 -25.24 29.97
CA ARG G 266 3.22 -25.04 30.15
C ARG G 266 2.55 -26.41 30.12
N ILE G 267 1.34 -26.47 30.66
CA ILE G 267 0.61 -27.73 30.72
C ILE G 267 -0.37 -27.86 29.56
N SER G 268 -1.32 -26.93 29.48
CA SER G 268 -2.27 -26.94 28.37
C SER G 268 -1.57 -26.62 27.07
N TRP G 269 -1.90 -27.37 26.02
CA TRP G 269 -1.33 -27.20 24.69
C TRP G 269 0.17 -27.43 24.68
N SER G 270 0.68 -28.22 25.63
CA SER G 270 2.09 -28.58 25.62
C SER G 270 2.45 -29.44 24.44
N GLY G 271 1.47 -30.09 23.82
CA GLY G 271 1.71 -30.90 22.64
C GLY G 271 1.72 -30.12 21.36
N SER G 272 1.64 -28.79 21.43
CA SER G 272 1.57 -27.96 20.24
C SER G 272 2.87 -28.06 19.44
N HIS G 273 2.83 -27.53 18.22
CA HIS G 273 3.99 -27.53 17.37
C HIS G 273 5.11 -26.71 18.01
N LEU G 274 6.33 -27.21 17.93
CA LEU G 274 7.46 -26.46 18.42
C LEU G 274 7.73 -25.24 17.56
N ARG G 275 7.98 -24.12 18.20
CA ARG G 275 8.30 -22.87 17.52
C ARG G 275 9.69 -22.44 17.93
N TRP G 276 10.37 -21.77 17.00
CA TRP G 276 11.71 -21.27 17.26
C TRP G 276 11.69 -20.32 18.44
N GLY G 277 12.65 -20.46 19.33
CA GLY G 277 12.74 -19.61 20.49
C GLY G 277 11.81 -19.96 21.61
N GLN G 278 10.96 -20.98 21.44
CA GLN G 278 10.04 -21.37 22.49
C GLN G 278 10.80 -22.06 23.61
N PRO G 279 10.69 -21.60 24.85
CA PRO G 279 11.42 -22.26 25.94
C PRO G 279 10.87 -23.65 26.21
N LEU G 280 11.78 -24.55 26.57
CA LEU G 280 11.37 -25.92 26.85
C LEU G 280 12.48 -26.64 27.60
N ARG G 281 12.07 -27.36 28.64
CA ARG G 281 12.95 -28.26 29.37
C ARG G 281 13.24 -29.49 28.52
N ILE G 282 14.41 -30.08 28.73
CA ILE G 282 14.78 -31.33 28.06
C ILE G 282 15.03 -32.38 29.13
N ARG G 283 14.32 -33.50 29.04
CA ARG G 283 14.31 -34.53 30.06
C ARG G 283 14.92 -35.80 29.50
N HIS G 284 15.76 -36.45 30.30
CA HIS G 284 16.31 -37.74 29.92
C HIS G 284 15.33 -38.83 30.36
N VAL G 285 14.84 -39.61 29.41
CA VAL G 285 13.72 -40.51 29.69
C VAL G 285 14.13 -41.61 30.66
N THR G 286 15.24 -42.29 30.38
CA THR G 286 15.59 -43.47 31.16
C THR G 286 15.99 -43.11 32.58
N THR G 287 16.66 -41.96 32.75
CA THR G 287 17.11 -41.55 34.07
C THR G 287 16.16 -40.57 34.75
N GLY G 288 15.33 -39.87 34.00
CA GLY G 288 14.44 -38.91 34.62
C GLY G 288 15.11 -37.63 35.07
N ARG G 289 16.24 -37.28 34.50
CA ARG G 289 16.94 -36.06 34.87
C ARG G 289 16.86 -35.03 33.75
N TYR G 290 16.95 -33.76 34.13
CA TYR G 290 16.74 -32.66 33.22
C TYR G 290 18.05 -31.98 32.89
N LEU G 291 18.24 -31.70 31.61
CA LEU G 291 19.43 -30.99 31.16
C LEU G 291 19.47 -29.60 31.78
N ALA G 292 20.61 -29.25 32.36
CA ALA G 292 20.69 -28.03 33.15
C ALA G 292 22.05 -27.39 32.99
N LEU G 293 22.12 -26.10 33.30
CA LEU G 293 23.36 -25.36 33.37
C LEU G 293 23.57 -24.94 34.82
N THR G 294 24.49 -25.61 35.50
CA THR G 294 24.78 -25.34 36.89
C THR G 294 26.07 -24.53 37.00
N GLU G 295 26.11 -23.65 38.00
CA GLU G 295 27.27 -22.78 38.16
C GLU G 295 28.51 -23.56 38.57
N ASP G 296 28.36 -24.79 39.04
CA ASP G 296 29.50 -25.55 39.54
C ASP G 296 30.12 -26.43 38.45
N GLN G 297 29.34 -27.32 37.88
CA GLN G 297 29.83 -28.26 36.87
C GLN G 297 29.44 -27.87 35.45
N GLY G 298 28.77 -26.74 35.26
CA GLY G 298 28.39 -26.32 33.93
C GLY G 298 27.18 -27.05 33.41
N LEU G 299 27.32 -27.70 32.26
CA LEU G 299 26.21 -28.43 31.63
C LEU G 299 26.17 -29.83 32.20
N VAL G 300 25.17 -30.11 33.01
CA VAL G 300 24.93 -31.42 33.59
C VAL G 300 23.44 -31.71 33.52
N VAL G 301 23.07 -32.94 33.87
CA VAL G 301 21.67 -33.33 34.01
C VAL G 301 21.37 -33.43 35.50
N VAL G 302 20.34 -32.73 35.94
CA VAL G 302 20.00 -32.64 37.35
C VAL G 302 18.65 -33.31 37.57
N ASP G 303 18.37 -33.60 38.83
CA ASP G 303 17.11 -34.21 39.19
C ASP G 303 15.98 -33.19 39.10
N ALA G 304 14.76 -33.68 39.26
CA ALA G 304 13.58 -32.81 39.14
C ALA G 304 13.56 -31.73 40.21
N CYS G 305 14.04 -32.03 41.41
CA CYS G 305 13.99 -31.08 42.52
C CYS G 305 14.93 -29.90 42.35
N LYS G 306 15.82 -29.93 41.36
CA LYS G 306 16.76 -28.84 41.13
C LYS G 306 16.61 -28.22 39.76
N ALA G 307 15.48 -28.42 39.10
CA ALA G 307 15.21 -27.85 37.78
C ALA G 307 14.23 -26.71 37.97
N HIS G 308 14.76 -25.50 38.16
CA HIS G 308 13.96 -24.36 38.57
C HIS G 308 13.77 -23.34 37.44
N THR G 309 13.58 -23.84 36.21
CA THR G 309 13.20 -23.07 35.03
C THR G 309 14.28 -22.09 34.59
N LYS G 310 15.29 -21.86 35.41
CA LYS G 310 16.42 -21.03 35.01
C LYS G 310 17.57 -21.84 34.46
N ALA G 311 17.97 -22.89 35.18
CA ALA G 311 19.03 -23.76 34.71
C ALA G 311 18.57 -24.69 33.59
N THR G 312 17.28 -24.96 33.49
CA THR G 312 16.77 -26.03 32.63
C THR G 312 15.89 -25.51 31.50
N SER G 313 16.04 -24.24 31.11
CA SER G 313 15.27 -23.66 30.03
C SER G 313 16.15 -23.55 28.80
N PHE G 314 15.67 -24.07 27.68
CA PHE G 314 16.39 -24.02 26.42
C PHE G 314 15.44 -23.64 25.30
N CYS G 315 16.02 -23.31 24.15
CA CYS G 315 15.25 -22.99 22.96
C CYS G 315 16.01 -23.48 21.75
N PHE G 316 15.28 -23.74 20.67
CA PHE G 316 15.87 -24.05 19.39
C PHE G 316 15.86 -22.80 18.52
N ARG G 317 17.02 -22.47 17.95
CA ARG G 317 17.16 -21.29 17.12
C ARG G 317 17.66 -21.67 15.74
N VAL G 318 17.07 -21.05 14.72
CA VAL G 318 17.43 -21.31 13.34
C VAL G 318 18.87 -20.88 13.04
N SER G 319 19.29 -19.72 13.52
CA SER G 319 20.65 -19.26 13.30
C SER G 319 21.17 -18.63 14.59
N LYS G 320 22.48 -18.68 14.77
CA LYS G 320 23.11 -18.15 15.96
C LYS G 320 23.06 -16.63 16.03
N GLU G 321 22.53 -15.97 15.00
CA GLU G 321 22.42 -14.52 15.01
C GLU G 321 21.57 -14.06 16.18
N LYS G 322 22.06 -13.04 16.88
CA LYS G 322 21.38 -12.53 18.08
C LYS G 322 20.19 -11.71 17.62
N LEU G 323 19.09 -12.42 17.30
CA LEU G 323 17.87 -11.74 16.89
C LEU G 323 17.35 -10.84 18.01
N ASP G 324 16.96 -11.45 19.13
CA ASP G 324 16.52 -10.72 20.33
C ASP G 324 15.42 -9.73 20.00
N THR G 325 14.49 -10.15 19.13
CA THR G 325 13.47 -9.24 18.65
C THR G 325 12.42 -8.98 19.73
N ALA G 326 11.70 -10.02 20.14
CA ALA G 326 10.65 -9.87 21.15
C ALA G 326 10.22 -11.24 21.67
N PRO G 327 9.81 -11.34 22.94
CA PRO G 327 9.31 -12.62 23.45
C PRO G 327 7.98 -13.02 22.82
N LYS G 328 8.00 -14.09 22.05
CA LYS G 328 6.81 -14.58 21.37
C LYS G 328 5.75 -15.02 22.38
N ARG G 329 4.49 -14.71 22.08
CA ARG G 329 3.37 -15.06 22.94
C ARG G 329 2.77 -16.38 22.50
N ASP G 330 2.48 -17.26 23.48
CA ASP G 330 1.96 -18.58 23.17
C ASP G 330 0.51 -18.50 22.69
N VAL G 331 0.18 -19.36 21.73
CA VAL G 331 -1.15 -19.41 21.15
C VAL G 331 -1.88 -20.62 21.70
N GLU G 332 -3.21 -20.52 21.72
CA GLU G 332 -4.06 -21.58 22.26
C GLU G 332 -4.44 -22.51 21.12
N GLY G 333 -3.49 -23.36 20.74
CA GLY G 333 -3.73 -24.35 19.72
C GLY G 333 -2.43 -24.96 19.26
N MET G 334 -2.53 -25.78 18.21
CA MET G 334 -1.34 -26.37 17.63
C MET G 334 -0.38 -25.32 17.10
N GLY G 335 -0.91 -24.16 16.73
CA GLY G 335 -0.10 -23.04 16.35
C GLY G 335 0.55 -23.23 15.00
N PRO G 336 1.46 -22.33 14.65
CA PRO G 336 2.11 -22.40 13.36
C PRO G 336 3.13 -23.53 13.34
N PRO G 337 3.06 -24.41 12.35
CA PRO G 337 4.01 -25.52 12.26
C PRO G 337 5.35 -25.03 11.71
N GLU G 338 6.42 -25.32 12.44
CA GLU G 338 7.72 -24.73 12.10
C GLU G 338 8.82 -25.77 11.91
N ILE G 339 9.11 -26.56 12.93
CA ILE G 339 10.35 -27.32 13.01
C ILE G 339 10.10 -28.74 12.54
N LYS G 340 10.90 -29.19 11.58
CA LYS G 340 10.68 -30.48 10.94
C LYS G 340 11.58 -31.55 11.54
N TYR G 341 11.16 -32.79 11.36
CA TYR G 341 11.93 -33.95 11.82
C TYR G 341 12.94 -34.31 10.74
N GLY G 342 14.22 -34.21 11.07
CA GLY G 342 15.27 -34.64 10.17
C GLY G 342 15.56 -33.69 9.02
N GLU G 343 14.99 -32.49 9.02
CA GLU G 343 15.30 -31.50 8.00
C GLU G 343 15.76 -30.18 8.60
N SER G 344 15.16 -29.73 9.67
CA SER G 344 15.51 -28.43 10.23
C SER G 344 16.82 -28.52 11.00
N LEU G 345 17.71 -27.58 10.76
CA LEU G 345 18.90 -27.39 11.58
C LEU G 345 18.51 -26.55 12.79
N CYS G 346 18.89 -27.00 13.97
CA CYS G 346 18.52 -26.33 15.22
C CYS G 346 19.76 -26.09 16.06
N PHE G 347 19.86 -24.88 16.60
CA PHE G 347 20.91 -24.52 17.56
C PHE G 347 20.27 -24.41 18.93
N VAL G 348 20.67 -25.29 19.84
CA VAL G 348 20.15 -25.27 21.19
C VAL G 348 20.82 -24.15 21.95
N GLN G 349 20.03 -23.30 22.59
CA GLN G 349 20.53 -22.17 23.35
C GLN G 349 19.90 -22.15 24.73
N HIS G 350 20.72 -21.91 25.75
CA HIS G 350 20.20 -21.75 27.10
C HIS G 350 19.53 -20.39 27.21
N VAL G 351 18.30 -20.39 27.72
CA VAL G 351 17.49 -19.17 27.69
C VAL G 351 18.09 -18.10 28.60
N ALA G 352 18.41 -18.47 29.84
CA ALA G 352 18.83 -17.47 30.80
C ALA G 352 20.24 -16.97 30.51
N SER G 353 21.13 -17.84 30.06
CA SER G 353 22.52 -17.47 29.87
C SER G 353 22.87 -17.09 28.45
N GLY G 354 22.08 -17.51 27.47
CA GLY G 354 22.42 -17.26 26.09
C GLY G 354 23.54 -18.14 25.56
N LEU G 355 24.03 -19.07 26.36
CA LEU G 355 25.10 -19.95 25.92
C LEU G 355 24.59 -20.93 24.88
N TRP G 356 25.51 -21.38 24.03
CA TRP G 356 25.20 -22.28 22.93
C TRP G 356 25.77 -23.66 23.24
N LEU G 357 25.04 -24.69 22.84
CA LEU G 357 25.46 -26.06 23.05
C LEU G 357 26.45 -26.46 21.98
N THR G 358 27.67 -26.82 22.38
CA THR G 358 28.71 -27.22 21.46
C THR G 358 29.64 -28.19 22.17
N TYR G 359 30.42 -28.94 21.38
CA TYR G 359 31.33 -29.90 21.95
C TYR G 359 32.53 -29.19 22.56
N ALA G 360 33.40 -29.97 23.20
CA ALA G 360 34.47 -29.42 24.01
C ALA G 360 35.85 -29.51 23.36
N ALA G 361 35.94 -29.95 22.10
CA ALA G 361 37.21 -30.09 21.40
C ALA G 361 38.16 -30.96 22.23
N PRO G 362 38.01 -32.28 22.20
CA PRO G 362 38.75 -33.14 23.12
C PRO G 362 40.26 -32.97 22.99
N ASP G 363 40.94 -33.03 24.14
CA ASP G 363 42.38 -32.89 24.18
C ASP G 363 43.04 -34.09 23.50
N PRO G 364 44.17 -33.89 22.79
CA PRO G 364 44.85 -35.02 22.17
C PRO G 364 45.40 -36.03 23.18
N LYS G 365 45.97 -37.11 22.67
CA LYS G 365 46.53 -38.21 23.47
C LYS G 365 45.43 -39.04 24.10
N ALA G 366 44.18 -38.57 24.00
CA ALA G 366 43.02 -39.34 24.44
C ALA G 366 42.39 -40.15 23.32
N LEU G 367 42.82 -39.94 22.08
CA LEU G 367 42.29 -40.70 20.95
C LEU G 367 42.74 -42.15 21.00
N ARG G 368 43.98 -42.41 21.46
CA ARG G 368 44.46 -43.77 21.59
C ARG G 368 43.65 -44.55 22.62
N LEU G 369 43.03 -43.84 23.57
CA LEU G 369 42.15 -44.49 24.55
C LEU G 369 40.88 -45.02 23.91
N GLY G 370 40.60 -44.68 22.65
CA GLY G 370 39.36 -45.07 22.02
C GLY G 370 38.16 -44.25 22.42
N VAL G 371 38.38 -43.09 23.02
CA VAL G 371 37.28 -42.24 23.47
C VAL G 371 36.82 -41.36 22.33
N LEU G 372 35.87 -41.83 21.54
CA LEU G 372 35.22 -41.02 20.52
C LEU G 372 34.17 -40.09 21.12
N LYS G 373 33.83 -40.25 22.39
CA LYS G 373 32.89 -39.35 23.03
C LYS G 373 33.48 -37.96 23.14
N LYS G 374 32.69 -36.95 22.78
CA LYS G 374 33.07 -35.56 22.92
C LYS G 374 32.17 -34.95 23.98
N LYS G 375 32.78 -34.40 25.02
CA LYS G 375 31.99 -33.81 26.09
C LYS G 375 31.20 -32.62 25.56
N ALA G 376 29.92 -32.56 25.90
CA ALA G 376 29.06 -31.46 25.48
C ALA G 376 29.11 -30.36 26.53
N ILE G 377 29.36 -29.13 26.08
CA ILE G 377 29.49 -27.99 26.97
C ILE G 377 28.67 -26.83 26.42
N LEU G 378 28.39 -25.88 27.29
CA LEU G 378 27.77 -24.62 26.91
C LEU G 378 28.87 -23.58 26.76
N HIS G 379 28.95 -22.98 25.57
CA HIS G 379 29.97 -22.00 25.26
C HIS G 379 29.34 -20.77 24.66
N GLN G 380 29.97 -19.62 24.91
CA GLN G 380 29.40 -18.36 24.44
C GLN G 380 29.35 -18.27 22.93
N GLU G 381 30.40 -18.71 22.24
CA GLU G 381 30.46 -18.59 20.79
C GLU G 381 30.06 -19.86 20.08
N GLY G 382 30.60 -21.00 20.46
CA GLY G 382 30.29 -22.23 19.78
C GLY G 382 30.97 -22.32 18.42
N HIS G 383 30.58 -23.34 17.67
CA HIS G 383 31.19 -23.65 16.39
C HIS G 383 30.15 -23.52 15.30
N MET G 384 30.58 -23.83 14.07
CA MET G 384 29.69 -23.75 12.92
C MET G 384 28.80 -24.98 12.81
N ASP G 385 29.29 -26.15 13.22
CA ASP G 385 28.57 -27.40 13.07
C ASP G 385 27.75 -27.74 14.31
N ASP G 386 27.32 -26.74 15.07
CA ASP G 386 26.52 -26.95 16.27
C ASP G 386 25.06 -27.30 15.96
N ALA G 387 24.66 -27.27 14.70
CA ALA G 387 23.27 -27.58 14.36
C ALA G 387 22.97 -29.05 14.64
N LEU G 388 21.77 -29.32 15.11
CA LEU G 388 21.34 -30.65 15.51
C LEU G 388 20.11 -31.08 14.72
N PHE G 389 20.14 -32.33 14.26
CA PHE G 389 18.98 -32.97 13.67
C PHE G 389 18.11 -33.53 14.78
N LEU G 390 16.79 -33.42 14.61
CA LEU G 390 15.84 -34.05 15.51
C LEU G 390 15.17 -35.19 14.78
N THR G 391 15.34 -36.41 15.28
CA THR G 391 14.80 -37.60 14.64
C THR G 391 13.78 -38.27 15.54
N ARG G 392 12.73 -38.78 14.93
CA ARG G 392 11.63 -39.40 15.67
C ARG G 392 12.06 -40.72 16.30
N CYS G 393 11.53 -40.98 17.49
CA CYS G 393 11.71 -42.24 18.19
C CYS G 393 10.43 -43.04 18.12
N GLN G 394 10.55 -44.32 17.78
CA GLN G 394 9.37 -45.17 17.63
C GLN G 394 8.65 -45.30 18.95
N GLN G 395 7.33 -45.52 18.87
CA GLN G 395 6.54 -45.64 20.08
C GLN G 395 7.01 -46.79 20.94
N GLU G 396 7.42 -47.90 20.31
CA GLU G 396 7.92 -49.03 21.06
C GLU G 396 9.15 -48.65 21.88
N GLU G 397 10.10 -47.92 21.26
CA GLU G 397 11.30 -47.52 21.99
C GLU G 397 10.99 -46.52 23.09
N SER G 398 10.10 -45.56 22.83
CA SER G 398 9.76 -44.59 23.86
C SER G 398 9.11 -45.28 25.06
N GLN G 399 8.17 -46.18 24.80
CA GLN G 399 7.54 -46.90 25.89
C GLN G 399 8.54 -47.76 26.63
N ALA G 400 9.46 -48.39 25.90
CA ALA G 400 10.47 -49.20 26.55
C ALA G 400 11.37 -48.37 27.47
N ALA G 401 11.75 -47.17 27.02
CA ALA G 401 12.60 -46.33 27.85
C ALA G 401 11.88 -45.89 29.13
N ARG G 402 10.62 -45.48 29.00
CA ARG G 402 9.87 -45.11 30.21
C ARG G 402 9.70 -46.29 31.14
N MET G 403 9.43 -47.47 30.58
CA MET G 403 9.31 -48.68 31.39
C MET G 403 10.61 -48.98 32.11
N ILE G 404 11.74 -48.78 31.43
CA ILE G 404 13.04 -48.96 32.06
C ILE G 404 13.17 -48.03 33.25
N HIS G 405 12.79 -46.78 33.07
CA HIS G 405 12.90 -45.81 34.16
C HIS G 405 12.11 -46.25 35.38
N SER G 406 10.82 -46.56 35.18
CA SER G 406 9.98 -46.92 36.31
C SER G 406 10.45 -48.23 36.96
N THR G 407 10.83 -49.21 36.15
CA THR G 407 11.27 -50.50 36.67
C THR G 407 12.54 -50.36 37.48
N ALA G 408 13.51 -49.58 36.98
CA ALA G 408 14.75 -49.38 37.72
C ALA G 408 14.48 -48.69 39.04
N GLY G 409 13.62 -47.68 39.04
CA GLY G 409 13.29 -47.04 40.30
C GLY G 409 12.68 -48.00 41.30
N LEU G 410 11.69 -48.77 40.86
CA LEU G 410 11.02 -49.68 41.79
C LEU G 410 11.96 -50.74 42.32
N TYR G 411 12.81 -51.31 41.46
CA TYR G 411 13.67 -52.39 41.91
C TYR G 411 14.82 -51.87 42.77
N ASN G 412 15.29 -50.65 42.51
CA ASN G 412 16.28 -50.07 43.42
C ASN G 412 15.68 -49.85 44.80
N GLN G 413 14.42 -49.39 44.85
CA GLN G 413 13.77 -49.27 46.14
C GLN G 413 13.64 -50.61 46.83
N PHE G 414 13.28 -51.65 46.08
CA PHE G 414 13.18 -53.00 46.64
C PHE G 414 14.53 -53.47 47.17
N ILE G 415 15.61 -53.22 46.41
CA ILE G 415 16.94 -53.63 46.81
C ILE G 415 17.35 -52.94 48.11
N LYS G 416 17.13 -51.62 48.18
CA LYS G 416 17.55 -50.93 49.39
C LYS G 416 16.67 -51.32 50.57
N GLY G 417 15.40 -51.64 50.34
CA GLY G 417 14.60 -52.19 51.41
C GLY G 417 15.14 -53.50 51.93
N LEU G 418 15.58 -54.38 51.03
CA LEU G 418 16.19 -55.64 51.46
C LEU G 418 17.48 -55.38 52.23
N ASP G 419 18.32 -54.48 51.73
CA ASP G 419 19.56 -54.16 52.42
C ASP G 419 19.34 -53.45 53.74
N SER G 420 18.15 -52.91 53.97
CA SER G 420 17.89 -52.24 55.25
C SER G 420 18.05 -53.20 56.41
N PHE G 421 17.60 -54.43 56.26
CA PHE G 421 17.73 -55.44 57.31
C PHE G 421 18.65 -56.58 56.88
N SER G 422 19.78 -56.24 56.27
CA SER G 422 20.69 -57.27 55.78
C SER G 422 21.19 -58.17 56.91
N GLY G 423 21.60 -57.58 58.03
CA GLY G 423 22.08 -58.36 59.14
C GLY G 423 21.40 -57.99 60.44
N LYS G 424 20.11 -57.64 60.36
CA LYS G 424 19.35 -57.13 61.50
C LYS G 424 18.14 -58.02 61.71
N PRO G 425 18.28 -59.10 62.46
CA PRO G 425 17.12 -59.94 62.78
C PRO G 425 16.09 -59.15 63.54
N ARG G 426 14.81 -59.40 63.22
CA ARG G 426 13.75 -58.65 63.87
C ARG G 426 13.42 -59.18 65.25
N GLY G 427 13.82 -60.41 65.57
CA GLY G 427 13.40 -61.01 66.82
C GLY G 427 11.89 -61.14 66.86
N SER G 428 11.31 -60.93 68.03
CA SER G 428 9.85 -60.94 68.19
C SER G 428 9.28 -59.54 68.09
N GLY G 429 9.61 -58.83 67.01
CA GLY G 429 9.14 -57.48 66.82
C GLY G 429 9.08 -57.11 65.35
N PRO G 430 8.59 -55.91 65.07
CA PRO G 430 8.49 -55.46 63.66
C PRO G 430 9.86 -55.30 63.04
N PRO G 431 9.97 -55.47 61.72
CA PRO G 431 11.29 -55.37 61.07
C PRO G 431 11.93 -54.00 61.17
N ALA G 432 11.21 -52.99 61.65
CA ALA G 432 11.76 -51.65 61.91
C ALA G 432 12.35 -51.03 60.63
N GLY G 433 11.46 -50.74 59.69
CA GLY G 433 11.83 -50.09 58.46
C GLY G 433 10.62 -49.85 57.57
N PRO G 434 10.83 -49.21 56.43
CA PRO G 434 9.73 -49.04 55.48
C PRO G 434 9.29 -50.38 54.91
N ALA G 435 8.00 -50.48 54.62
CA ALA G 435 7.47 -51.73 54.08
C ALA G 435 7.99 -51.98 52.67
N LEU G 436 8.35 -53.22 52.40
CA LEU G 436 8.83 -53.57 51.07
C LEU G 436 7.68 -53.46 50.06
N PRO G 437 7.97 -53.00 48.85
CA PRO G 437 6.92 -52.93 47.83
C PRO G 437 6.62 -54.28 47.20
N ILE G 438 6.09 -55.20 48.00
CA ILE G 438 5.90 -56.58 47.55
C ILE G 438 4.91 -56.63 46.40
N GLU G 439 3.75 -56.01 46.57
CA GLU G 439 2.72 -56.07 45.54
C GLU G 439 3.18 -55.37 44.26
N ALA G 440 3.83 -54.23 44.40
CA ALA G 440 4.34 -53.53 43.23
C ALA G 440 5.37 -54.38 42.49
N VAL G 441 6.27 -55.02 43.22
CA VAL G 441 7.28 -55.84 42.57
C VAL G 441 6.65 -57.02 41.86
N ILE G 442 5.68 -57.68 42.50
CA ILE G 442 5.05 -58.84 41.87
C ILE G 442 4.33 -58.44 40.60
N LEU G 443 3.57 -57.34 40.67
CA LEU G 443 2.83 -56.91 39.49
C LEU G 443 3.80 -56.51 38.37
N SER G 444 4.87 -55.81 38.71
CA SER G 444 5.83 -55.39 37.69
C SER G 444 6.50 -56.59 37.05
N LEU G 445 6.86 -57.59 37.84
CA LEU G 445 7.50 -58.78 37.29
C LEU G 445 6.56 -59.50 36.34
N GLN G 446 5.29 -59.64 36.74
CA GLN G 446 4.33 -60.31 35.86
C GLN G 446 4.15 -59.54 34.56
N ASP G 447 4.09 -58.20 34.65
CA ASP G 447 3.96 -57.39 33.45
C ASP G 447 5.16 -57.54 32.54
N LEU G 448 6.37 -57.55 33.09
CA LEU G 448 7.56 -57.66 32.25
C LEU G 448 7.65 -59.04 31.62
N ILE G 449 7.26 -60.08 32.35
CA ILE G 449 7.25 -61.42 31.79
C ILE G 449 6.29 -61.51 30.62
N GLY G 450 5.10 -60.94 30.78
CA GLY G 450 4.19 -60.88 29.64
C GLY G 450 4.66 -59.97 28.54
N TYR G 451 5.47 -58.97 28.86
CA TYR G 451 6.02 -58.05 27.88
C TYR G 451 7.06 -58.73 27.01
N PHE G 452 7.80 -59.67 27.58
CA PHE G 452 8.86 -60.36 26.85
C PHE G 452 8.44 -61.75 26.38
N GLU G 453 7.16 -62.06 26.38
CA GLU G 453 6.72 -63.39 25.98
C GLU G 453 7.05 -63.62 24.51
N PRO G 454 7.62 -64.76 24.15
CA PRO G 454 7.92 -65.01 22.74
C PRO G 454 6.63 -65.17 21.95
N PRO G 455 6.64 -64.80 20.68
CA PRO G 455 5.43 -64.90 19.87
C PRO G 455 5.00 -66.35 19.68
N SER G 456 3.70 -66.55 19.55
CA SER G 456 3.15 -67.89 19.40
C SER G 456 3.55 -68.49 18.06
N GLU G 457 3.81 -69.79 18.07
CA GLU G 457 4.23 -70.49 16.86
C GLU G 457 3.10 -70.68 15.87
N GLU G 458 1.86 -70.37 16.25
CA GLU G 458 0.72 -70.52 15.37
C GLU G 458 0.55 -69.33 14.43
N LEU G 459 1.28 -68.24 14.63
CA LEU G 459 1.15 -67.09 13.77
C LEU G 459 1.77 -67.36 12.41
N GLN G 460 1.47 -66.47 11.47
CA GLN G 460 2.14 -66.54 10.18
C GLN G 460 3.58 -66.07 10.29
N HIS G 461 4.41 -66.60 9.39
CA HIS G 461 5.85 -66.40 9.46
C HIS G 461 6.23 -64.93 9.44
N GLU G 462 5.55 -64.12 8.63
CA GLU G 462 5.93 -62.72 8.49
C GLU G 462 5.78 -61.95 9.79
N GLU G 463 4.59 -62.01 10.39
CA GLU G 463 4.39 -61.30 11.63
C GLU G 463 5.18 -61.94 12.77
N LYS G 464 5.43 -63.24 12.69
CA LYS G 464 6.28 -63.85 13.71
C LYS G 464 7.69 -63.28 13.64
N GLN G 465 8.23 -63.09 12.44
CA GLN G 465 9.54 -62.49 12.30
C GLN G 465 9.55 -61.05 12.80
N SER G 466 8.51 -60.29 12.48
CA SER G 466 8.46 -58.91 12.95
C SER G 466 8.42 -58.84 14.47
N LYS G 467 7.63 -59.70 15.09
CA LYS G 467 7.54 -59.71 16.54
C LYS G 467 8.85 -60.17 17.17
N LEU G 468 9.54 -61.14 16.55
CA LEU G 468 10.84 -61.54 17.05
C LEU G 468 11.82 -60.39 16.99
N ARG G 469 11.80 -59.62 15.92
CA ARG G 469 12.69 -58.47 15.81
C ARG G 469 12.40 -57.46 16.92
N SER G 470 11.12 -57.16 17.16
CA SER G 470 10.76 -56.24 18.23
C SER G 470 11.22 -56.76 19.59
N LEU G 471 11.03 -58.06 19.84
CA LEU G 471 11.40 -58.64 21.12
C LEU G 471 12.90 -58.59 21.34
N ARG G 472 13.68 -58.92 20.31
CA ARG G 472 15.13 -58.84 20.43
C ARG G 472 15.56 -57.42 20.71
N ASN G 473 14.93 -56.46 20.03
CA ASN G 473 15.28 -55.06 20.26
C ASN G 473 15.00 -54.65 21.69
N ARG G 474 13.85 -55.05 22.23
CA ARG G 474 13.50 -54.67 23.59
C ARG G 474 14.41 -55.35 24.61
N GLN G 475 14.74 -56.61 24.39
CA GLN G 475 15.70 -57.28 25.25
C GLN G 475 17.04 -56.57 25.25
N SER G 476 17.51 -56.17 24.06
CA SER G 476 18.77 -55.46 23.97
C SER G 476 18.72 -54.13 24.70
N LEU G 477 17.61 -53.40 24.57
CA LEU G 477 17.47 -52.12 25.26
C LEU G 477 17.55 -52.31 26.77
N PHE G 478 16.74 -53.23 27.30
CA PHE G 478 16.72 -53.44 28.74
C PHE G 478 18.08 -53.90 29.25
N GLN G 479 18.74 -54.80 28.51
CA GLN G 479 20.07 -55.23 28.92
C GLN G 479 21.05 -54.08 28.92
N GLU G 480 20.99 -53.23 27.90
CA GLU G 480 21.93 -52.13 27.82
C GLU G 480 21.70 -51.10 28.90
N GLU G 481 20.51 -51.04 29.48
CA GLU G 481 20.28 -50.13 30.59
C GLU G 481 20.60 -50.75 31.94
N GLY G 482 20.95 -52.03 31.99
CA GLY G 482 21.33 -52.65 33.24
C GLY G 482 20.22 -53.37 33.98
N MET G 483 19.07 -53.58 33.35
CA MET G 483 17.99 -54.32 34.01
C MET G 483 18.41 -55.76 34.30
N LEU G 484 19.29 -56.31 33.46
CA LEU G 484 19.80 -57.65 33.74
C LEU G 484 20.56 -57.69 35.06
N SER G 485 21.47 -56.74 35.26
CA SER G 485 22.21 -56.70 36.51
C SER G 485 21.30 -56.37 37.68
N LEU G 486 20.27 -55.56 37.45
CA LEU G 486 19.32 -55.26 38.51
C LEU G 486 18.59 -56.51 38.98
N VAL G 487 18.13 -57.32 38.01
CA VAL G 487 17.48 -58.59 38.33
C VAL G 487 18.43 -59.51 39.06
N LEU G 488 19.68 -59.57 38.62
CA LEU G 488 20.65 -60.42 39.29
C LEU G 488 20.89 -59.99 40.73
N ASN G 489 20.96 -58.67 40.97
CA ASN G 489 21.13 -58.19 42.34
C ASN G 489 19.94 -58.57 43.21
N CYS G 490 18.72 -58.39 42.70
CA CYS G 490 17.55 -58.79 43.47
C CYS G 490 17.58 -60.28 43.78
N ILE G 491 17.95 -61.09 42.80
CA ILE G 491 18.00 -62.53 43.01
C ILE G 491 19.03 -62.88 44.08
N ASP G 492 20.20 -62.24 44.04
CA ASP G 492 21.21 -62.52 45.04
C ASP G 492 20.72 -62.17 46.44
N ARG G 493 20.18 -60.97 46.60
CA ARG G 493 19.79 -60.52 47.93
C ARG G 493 18.64 -61.34 48.47
N LEU G 494 17.77 -61.87 47.60
CA LEU G 494 16.77 -62.80 48.08
C LEU G 494 17.34 -64.20 48.30
N ASN G 495 18.42 -64.54 47.60
CA ASN G 495 19.01 -65.86 47.67
C ASN G 495 19.85 -66.06 48.93
N VAL G 496 20.25 -64.99 49.59
CA VAL G 496 20.95 -65.14 50.86
C VAL G 496 20.08 -65.76 51.95
N TYR G 497 18.79 -65.93 51.68
CA TYR G 497 17.87 -66.58 52.62
C TYR G 497 17.54 -67.97 52.09
N THR G 498 17.75 -68.98 52.93
CA THR G 498 17.61 -70.36 52.46
C THR G 498 16.15 -70.75 52.28
N THR G 499 15.25 -70.13 53.02
CA THR G 499 13.84 -70.50 52.95
C THR G 499 12.99 -69.32 53.39
N ALA G 500 11.69 -69.44 53.16
CA ALA G 500 10.77 -68.37 53.49
C ALA G 500 10.73 -68.10 54.98
N ALA G 501 10.87 -69.14 55.79
CA ALA G 501 10.93 -68.93 57.24
C ALA G 501 12.17 -68.15 57.64
N HIS G 502 13.31 -68.47 57.02
CA HIS G 502 14.52 -67.72 57.28
C HIS G 502 14.34 -66.26 56.88
N PHE G 503 13.67 -66.02 55.75
CA PHE G 503 13.35 -64.67 55.33
C PHE G 503 12.44 -63.97 56.34
N ALA G 504 11.44 -64.69 56.85
CA ALA G 504 10.51 -64.13 57.82
C ALA G 504 11.21 -63.72 59.10
N GLU G 505 12.26 -64.44 59.48
CA GLU G 505 12.98 -64.04 60.68
C GLU G 505 13.60 -62.66 60.56
N TYR G 506 13.72 -62.12 59.36
CA TYR G 506 14.30 -60.80 59.14
C TYR G 506 13.33 -59.78 58.57
N ALA G 507 12.26 -60.22 57.91
CA ALA G 507 11.35 -59.30 57.24
C ALA G 507 9.89 -59.46 57.64
N GLY G 508 9.56 -60.45 58.45
CA GLY G 508 8.19 -60.67 58.85
C GLY G 508 7.45 -61.64 57.94
N GLU G 509 6.41 -62.23 58.51
CA GLU G 509 5.67 -63.27 57.80
C GLU G 509 4.86 -62.69 56.65
N GLU G 510 4.30 -61.48 56.83
CA GLU G 510 3.51 -60.87 55.78
C GLU G 510 4.34 -60.60 54.54
N ALA G 511 5.65 -60.46 54.70
CA ALA G 511 6.53 -60.35 53.56
C ALA G 511 7.02 -61.70 53.07
N ALA G 512 7.27 -62.62 54.01
CA ALA G 512 7.79 -63.93 53.63
C ALA G 512 6.77 -64.74 52.86
N GLU G 513 5.49 -64.40 52.97
CA GLU G 513 4.49 -65.15 52.24
C GLU G 513 4.51 -64.87 50.73
N SER G 514 5.45 -64.05 50.26
CA SER G 514 5.60 -63.79 48.84
C SER G 514 7.02 -64.05 48.35
N TRP G 515 7.90 -64.55 49.22
CA TRP G 515 9.31 -64.69 48.89
C TRP G 515 9.50 -65.70 47.76
N LYS G 516 8.83 -66.85 47.87
CA LYS G 516 8.92 -67.87 46.82
C LYS G 516 8.40 -67.35 45.50
N GLU G 517 7.25 -66.68 45.51
CA GLU G 517 6.68 -66.18 44.27
C GLU G 517 7.59 -65.14 43.65
N ILE G 518 8.18 -64.28 44.45
CA ILE G 518 9.06 -63.25 43.90
C ILE G 518 10.31 -63.87 43.29
N VAL G 519 10.91 -64.86 43.95
CA VAL G 519 12.12 -65.43 43.36
C VAL G 519 11.80 -66.17 42.07
N ASN G 520 10.65 -66.86 42.03
CA ASN G 520 10.26 -67.56 40.81
C ASN G 520 10.01 -66.57 39.68
N LEU G 521 9.34 -65.46 39.97
CA LEU G 521 9.11 -64.45 38.95
C LEU G 521 10.41 -63.83 38.49
N LEU G 522 11.36 -63.65 39.40
CA LEU G 522 12.65 -63.09 39.02
C LEU G 522 13.37 -64.00 38.05
N TYR G 523 13.38 -65.30 38.32
CA TYR G 523 14.03 -66.24 37.41
C TYR G 523 13.31 -66.30 36.07
N GLU G 524 11.98 -66.29 36.07
CA GLU G 524 11.24 -66.30 34.82
C GLU G 524 11.55 -65.07 33.99
N LEU G 525 11.62 -63.90 34.63
CA LEU G 525 11.94 -62.67 33.92
C LEU G 525 13.35 -62.70 33.37
N LEU G 526 14.30 -63.24 34.13
CA LEU G 526 15.66 -63.35 33.65
C LEU G 526 15.73 -64.22 32.41
N ALA G 527 15.02 -65.35 32.43
CA ALA G 527 14.98 -66.22 31.26
C ALA G 527 14.33 -65.53 30.08
N SER G 528 13.29 -64.74 30.33
CA SER G 528 12.66 -64.00 29.23
C SER G 528 13.59 -62.95 28.65
N LEU G 529 14.39 -62.29 29.49
CA LEU G 529 15.34 -61.32 28.99
C LEU G 529 16.42 -61.96 28.14
N ILE G 530 16.95 -63.11 28.55
CA ILE G 530 18.06 -63.72 27.84
C ILE G 530 17.64 -64.68 26.75
N ARG G 531 16.38 -65.08 26.70
CA ARG G 531 15.97 -66.14 25.78
C ARG G 531 16.08 -65.70 24.34
N GLY G 532 16.84 -66.46 23.56
CA GLY G 532 16.95 -66.22 22.14
C GLY G 532 17.87 -65.09 21.73
N ASN G 533 18.51 -64.44 22.68
CA ASN G 533 19.38 -63.30 22.41
C ASN G 533 20.81 -63.70 22.72
N ARG G 534 21.63 -63.81 21.69
CA ARG G 534 23.01 -64.23 21.89
C ARG G 534 23.79 -63.18 22.64
N ALA G 535 23.49 -61.90 22.41
CA ALA G 535 24.21 -60.83 23.10
C ALA G 535 23.99 -60.92 24.60
N ASN G 536 22.75 -61.18 25.03
CA ASN G 536 22.47 -61.29 26.45
C ASN G 536 22.98 -62.62 27.02
N CYS G 537 22.83 -63.71 26.27
CA CYS G 537 23.29 -65.00 26.78
C CYS G 537 24.80 -65.03 26.92
N ALA G 538 25.52 -64.28 26.09
CA ALA G 538 26.98 -64.27 26.18
C ALA G 538 27.47 -63.59 27.45
N LEU G 539 26.60 -62.84 28.13
CA LEU G 539 27.01 -62.17 29.36
C LEU G 539 27.35 -63.16 30.47
N PHE G 540 26.79 -64.35 30.44
CA PHE G 540 27.03 -65.33 31.48
C PHE G 540 28.31 -66.11 31.27
N SER G 541 29.04 -65.85 30.18
CA SER G 541 30.31 -66.52 29.95
C SER G 541 31.35 -66.17 31.00
N THR G 542 31.12 -65.13 31.80
CA THR G 542 31.99 -64.78 32.91
C THR G 542 31.47 -65.28 34.24
N ASN G 543 30.15 -65.29 34.42
CA ASN G 543 29.51 -65.76 35.65
C ASN G 543 28.60 -66.91 35.27
N LEU G 544 29.16 -68.11 35.22
CA LEU G 544 28.35 -69.31 35.04
C LEU G 544 28.15 -70.05 36.34
N ASP G 545 29.12 -69.98 37.25
CA ASP G 545 28.94 -70.52 38.58
C ASP G 545 27.79 -69.84 39.30
N TRP G 546 27.50 -68.58 38.96
CA TRP G 546 26.34 -67.90 39.52
C TRP G 546 25.06 -68.69 39.24
N VAL G 547 24.96 -69.29 38.07
CA VAL G 547 23.77 -70.07 37.72
C VAL G 547 23.89 -71.49 38.25
N VAL G 548 25.02 -72.15 37.98
CA VAL G 548 25.13 -73.57 38.29
C VAL G 548 25.04 -73.80 39.79
N SER G 549 25.67 -72.93 40.58
CA SER G 549 25.66 -73.11 42.02
C SER G 549 24.26 -73.05 42.62
N LYS G 550 23.30 -72.48 41.90
CA LYS G 550 21.95 -72.33 42.41
C LYS G 550 21.01 -73.44 41.97
N LEU G 551 21.49 -74.41 41.21
CA LEU G 551 20.61 -75.43 40.65
C LEU G 551 19.94 -76.26 41.73
N ASP G 552 20.59 -76.42 42.87
CA ASP G 552 20.09 -77.28 43.94
C ASP G 552 19.10 -76.57 44.86
N ARG G 553 18.87 -75.28 44.67
CA ARG G 553 17.86 -74.58 45.45
C ARG G 553 16.49 -75.17 45.16
N LEU G 554 15.68 -75.35 46.20
CA LEU G 554 14.41 -76.04 46.05
C LEU G 554 13.25 -75.12 45.68
N GLU G 555 13.39 -73.80 45.87
CA GLU G 555 12.24 -72.93 45.67
C GLU G 555 11.95 -72.66 44.21
N ALA G 556 12.98 -72.54 43.37
CA ALA G 556 12.78 -72.13 41.98
C ALA G 556 13.64 -72.98 41.05
N SER G 557 13.65 -74.29 41.29
CA SER G 557 14.52 -75.18 40.55
C SER G 557 14.21 -75.16 39.06
N SER G 558 12.93 -75.21 38.70
CA SER G 558 12.55 -75.23 37.29
C SER G 558 12.99 -73.95 36.60
N GLY G 559 12.77 -72.80 37.24
CA GLY G 559 13.17 -71.55 36.63
C GLY G 559 14.66 -71.44 36.45
N ILE G 560 15.43 -71.87 37.45
CA ILE G 560 16.88 -71.81 37.33
C ILE G 560 17.35 -72.72 36.20
N LEU G 561 16.78 -73.92 36.10
CA LEU G 561 17.18 -74.83 35.05
C LEU G 561 16.83 -74.26 33.67
N GLU G 562 15.68 -73.59 33.57
CA GLU G 562 15.31 -72.97 32.30
C GLU G 562 16.27 -71.85 31.94
N VAL G 563 16.70 -71.06 32.92
CA VAL G 563 17.70 -70.02 32.66
C VAL G 563 18.97 -70.66 32.13
N LEU G 564 19.43 -71.74 32.75
CA LEU G 564 20.63 -72.41 32.28
C LEU G 564 20.45 -72.94 30.87
N TYR G 565 19.30 -73.51 30.58
CA TYR G 565 19.03 -74.05 29.26
C TYR G 565 19.07 -72.96 28.20
N CYS G 566 18.46 -71.81 28.49
CA CYS G 566 18.48 -70.69 27.56
C CYS G 566 19.90 -70.18 27.36
N VAL G 567 20.69 -70.14 28.43
CA VAL G 567 22.08 -69.70 28.30
C VAL G 567 22.87 -70.64 27.40
N LEU G 568 22.70 -71.95 27.60
CA LEU G 568 23.51 -72.90 26.85
C LEU G 568 23.10 -72.99 25.40
N ILE G 569 21.79 -72.88 25.11
CA ILE G 569 21.32 -73.04 23.75
C ILE G 569 21.87 -71.98 22.79
N GLU G 570 22.05 -70.76 23.25
CA GLU G 570 22.38 -69.65 22.37
C GLU G 570 23.86 -69.33 22.28
N SER G 571 24.59 -69.43 23.38
CA SER G 571 25.96 -68.92 23.44
C SER G 571 26.98 -70.05 23.41
N PRO G 572 27.75 -70.21 22.33
CA PRO G 572 28.85 -71.17 22.36
C PRO G 572 29.97 -70.78 23.31
N GLU G 573 30.07 -69.50 23.65
CA GLU G 573 31.10 -69.06 24.59
C GLU G 573 30.91 -69.73 25.94
N VAL G 574 29.66 -69.87 26.38
CA VAL G 574 29.38 -70.55 27.64
C VAL G 574 29.80 -72.01 27.56
N LEU G 575 29.58 -72.65 26.42
CA LEU G 575 30.02 -74.03 26.26
C LEU G 575 31.53 -74.14 26.35
N ASN G 576 32.26 -73.18 25.79
CA ASN G 576 33.70 -73.27 25.79
C ASN G 576 34.32 -73.10 27.17
N ILE G 577 33.56 -72.66 28.17
CA ILE G 577 34.08 -72.52 29.52
C ILE G 577 33.53 -73.55 30.49
N ILE G 578 32.70 -74.48 30.01
CA ILE G 578 32.13 -75.50 30.88
C ILE G 578 33.25 -76.34 31.47
N GLN G 579 33.13 -76.68 32.75
CA GLN G 579 34.13 -77.46 33.44
C GLN G 579 33.51 -78.70 34.09
N GLU G 580 34.38 -79.59 34.56
CA GLU G 580 33.95 -80.87 35.07
C GLU G 580 33.06 -80.70 36.29
N ASN G 581 33.38 -79.73 37.16
CA ASN G 581 32.52 -79.49 38.30
C ASN G 581 31.13 -79.04 37.87
N HIS G 582 31.04 -78.21 36.83
CA HIS G 582 29.73 -77.84 36.30
C HIS G 582 28.96 -79.06 35.83
N ILE G 583 29.62 -79.92 35.07
CA ILE G 583 28.91 -81.09 34.53
C ILE G 583 28.49 -82.02 35.65
N LYS G 584 29.32 -82.16 36.68
CA LYS G 584 28.95 -83.00 37.81
C LYS G 584 27.79 -82.39 38.59
N SER G 585 27.72 -81.06 38.64
CA SER G 585 26.56 -80.42 39.26
C SER G 585 25.30 -80.73 38.46
N ILE G 586 25.38 -80.67 37.13
CA ILE G 586 24.21 -80.92 36.31
C ILE G 586 23.77 -82.38 36.42
N ILE G 587 24.72 -83.30 36.58
CA ILE G 587 24.35 -84.71 36.78
C ILE G 587 23.78 -84.93 38.17
N SER G 588 24.36 -84.30 39.19
CA SER G 588 23.80 -84.35 40.52
C SER G 588 22.38 -83.83 40.54
N LEU G 589 22.05 -82.94 39.61
CA LEU G 589 20.67 -82.50 39.47
C LEU G 589 19.76 -83.68 39.15
N LEU G 590 20.16 -84.54 38.20
CA LEU G 590 19.40 -85.76 37.96
C LEU G 590 19.31 -86.60 39.23
N ASP G 591 20.45 -86.82 39.87
CA ASP G 591 20.50 -87.73 41.01
C ASP G 591 19.56 -87.28 42.12
N LYS G 592 19.47 -85.98 42.36
CA LYS G 592 18.73 -85.48 43.51
C LYS G 592 17.31 -85.05 43.20
N HIS G 593 16.99 -84.70 41.95
CA HIS G 593 15.65 -84.25 41.62
C HIS G 593 14.86 -85.29 40.81
N GLY G 594 15.46 -86.40 40.44
CA GLY G 594 14.74 -87.41 39.70
C GLY G 594 15.03 -87.37 38.23
N ARG G 595 14.30 -88.19 37.50
CA ARG G 595 14.52 -88.37 36.06
C ARG G 595 13.70 -87.33 35.31
N ASN G 596 14.33 -86.19 35.06
CA ASN G 596 13.73 -85.07 34.36
C ASN G 596 14.42 -84.91 33.02
N HIS G 597 13.64 -84.92 31.93
CA HIS G 597 14.24 -84.93 30.61
C HIS G 597 14.85 -83.59 30.24
N LYS G 598 14.50 -82.51 30.94
CA LYS G 598 15.11 -81.24 30.64
C LYS G 598 16.58 -81.22 31.02
N VAL G 599 16.96 -81.97 32.06
CA VAL G 599 18.38 -82.11 32.39
C VAL G 599 19.09 -82.82 31.25
N LEU G 600 18.45 -83.84 30.67
CA LEU G 600 19.05 -84.53 29.53
C LEU G 600 19.20 -83.58 28.36
N ASP G 601 18.23 -82.70 28.13
CA ASP G 601 18.35 -81.72 27.05
C ASP G 601 19.49 -80.75 27.31
N VAL G 602 19.65 -80.30 28.55
CA VAL G 602 20.76 -79.42 28.89
C VAL G 602 22.08 -80.11 28.60
N LEU G 603 22.20 -81.38 29.00
CA LEU G 603 23.41 -82.13 28.72
C LEU G 603 23.64 -82.30 27.22
N CYS G 604 22.57 -82.55 26.47
CA CYS G 604 22.70 -82.64 25.01
C CYS G 604 23.23 -81.34 24.44
N SER G 605 22.70 -80.21 24.90
CA SER G 605 23.18 -78.91 24.43
C SER G 605 24.63 -78.67 24.80
N LEU G 606 25.11 -79.25 25.90
CA LEU G 606 26.52 -79.08 26.22
C LEU G 606 27.44 -79.72 25.20
N CYS G 607 26.98 -80.69 24.42
CA CYS G 607 27.87 -81.46 23.55
C CYS G 607 28.11 -80.80 22.21
N VAL G 608 27.05 -80.36 21.54
CA VAL G 608 27.15 -79.73 20.22
C VAL G 608 26.38 -78.42 20.24
N CYS G 609 27.01 -77.36 19.74
CA CYS G 609 26.32 -76.11 19.46
C CYS G 609 26.58 -75.74 18.02
N ASN G 610 25.54 -75.21 17.35
CA ASN G 610 25.61 -74.65 16.00
C ASN G 610 26.45 -75.49 15.04
N GLY G 611 26.43 -76.81 15.24
CA GLY G 611 27.08 -77.72 14.32
C GLY G 611 28.55 -77.99 14.57
N VAL G 612 29.06 -77.66 15.75
CA VAL G 612 30.44 -77.95 16.11
C VAL G 612 30.42 -78.68 17.45
N ALA G 613 31.24 -79.73 17.56
CA ALA G 613 31.24 -80.60 18.72
C ALA G 613 32.34 -80.21 19.69
N VAL G 614 32.03 -80.31 20.98
CA VAL G 614 32.97 -80.02 22.05
C VAL G 614 33.38 -81.36 22.65
N ARG G 615 34.57 -81.82 22.27
CA ARG G 615 35.05 -83.13 22.70
C ARG G 615 35.14 -83.19 24.22
N SER G 616 35.56 -82.10 24.86
CA SER G 616 35.70 -82.09 26.30
C SER G 616 34.37 -82.36 26.97
N ASN G 617 33.32 -81.67 26.53
CA ASN G 617 31.99 -81.89 27.10
C ASN G 617 31.51 -83.30 26.84
N GLN G 618 31.70 -83.80 25.63
CA GLN G 618 31.24 -85.15 25.32
C GLN G 618 31.91 -86.17 26.23
N ASP G 619 33.24 -86.09 26.36
CA ASP G 619 33.98 -87.02 27.19
C ASP G 619 33.61 -86.89 28.66
N LEU G 620 33.47 -85.67 29.16
CA LEU G 620 33.15 -85.50 30.57
C LEU G 620 31.77 -86.05 30.89
N ILE G 621 30.78 -85.78 30.04
CA ILE G 621 29.46 -86.31 30.27
C ILE G 621 29.49 -87.83 30.26
N THR G 622 30.16 -88.42 29.28
CA THR G 622 30.25 -89.87 29.23
C THR G 622 30.89 -90.42 30.51
N GLU G 623 32.05 -89.89 30.88
CA GLU G 623 32.83 -90.40 31.98
C GLU G 623 32.07 -90.30 33.31
N ASN G 624 31.37 -89.19 33.53
CA ASN G 624 30.67 -89.00 34.79
C ASN G 624 29.25 -89.53 34.80
N LEU G 625 28.72 -89.93 33.66
CA LEU G 625 27.32 -90.31 33.69
C LEU G 625 27.06 -91.76 33.32
N LEU G 626 27.82 -92.30 32.38
CA LEU G 626 27.52 -93.65 31.90
C LEU G 626 27.98 -94.75 32.85
N PRO G 627 29.26 -94.80 33.24
CA PRO G 627 29.78 -96.04 33.85
C PRO G 627 29.12 -96.43 35.15
N GLY G 628 28.47 -95.51 35.84
CA GLY G 628 27.76 -95.88 37.05
C GLY G 628 26.59 -96.79 36.79
N ARG G 629 25.86 -96.54 35.70
CA ARG G 629 24.69 -97.32 35.32
C ARG G 629 23.64 -97.31 36.42
N GLU G 630 23.39 -96.14 36.99
CA GLU G 630 22.41 -95.98 38.05
C GLU G 630 21.34 -94.94 37.76
N LEU G 631 21.66 -93.90 37.00
CA LEU G 631 20.68 -92.85 36.72
C LEU G 631 19.85 -93.17 35.47
N LEU G 632 20.53 -93.39 34.35
CA LEU G 632 19.84 -93.75 33.13
C LEU G 632 19.28 -95.15 33.24
N LEU G 633 18.16 -95.38 32.56
CA LEU G 633 17.58 -96.70 32.51
C LEU G 633 18.43 -97.63 31.65
N GLN G 634 18.49 -98.89 32.02
CA GLN G 634 19.33 -99.88 31.36
C GLN G 634 18.49 -100.82 30.53
N THR G 635 19.05 -101.25 29.40
CA THR G 635 18.38 -102.16 28.49
C THR G 635 19.29 -103.31 28.15
N ASN G 636 18.69 -104.45 27.85
CA ASN G 636 19.42 -105.67 27.55
C ASN G 636 18.40 -106.72 27.11
N LEU G 637 18.84 -107.68 26.32
CA LEU G 637 17.97 -108.75 25.85
C LEU G 637 18.07 -109.94 26.79
N ILE G 638 16.92 -110.44 27.23
CA ILE G 638 16.85 -111.54 28.18
C ILE G 638 15.95 -112.63 27.61
N ASN G 639 16.09 -113.82 28.17
CA ASN G 639 15.30 -114.96 27.75
C ASN G 639 14.08 -115.12 28.64
N TYR G 640 12.99 -115.58 28.05
CA TYR G 640 11.81 -115.93 28.84
C TYR G 640 12.08 -117.21 29.60
N VAL G 641 11.54 -117.30 30.81
CA VAL G 641 11.70 -118.46 31.67
C VAL G 641 10.33 -118.90 32.14
N THR G 642 10.09 -120.21 32.13
CA THR G 642 8.81 -120.78 32.53
C THR G 642 9.06 -121.85 33.58
N SER G 643 8.09 -122.02 34.47
CA SER G 643 8.15 -123.03 35.52
C SER G 643 7.08 -124.08 35.30
N ILE G 644 7.43 -125.34 35.54
CA ILE G 644 6.52 -126.47 35.41
C ILE G 644 6.56 -127.27 36.69
N ARG G 645 5.39 -127.61 37.22
CA ARG G 645 5.27 -128.34 38.46
C ARG G 645 4.32 -129.52 38.28
N PRO G 646 4.48 -130.56 39.08
CA PRO G 646 3.42 -131.55 39.23
C PRO G 646 2.34 -131.03 40.18
N ASN G 647 1.16 -131.63 40.07
CA ASN G 647 0.10 -131.25 41.00
C ASN G 647 0.26 -132.03 42.29
N ILE G 648 1.41 -131.86 42.94
CA ILE G 648 1.74 -132.53 44.18
C ILE G 648 2.02 -131.47 45.23
N PHE G 649 1.15 -131.38 46.23
CA PHE G 649 1.24 -130.34 47.24
C PHE G 649 1.37 -130.99 48.61
N VAL G 650 2.39 -130.58 49.35
CA VAL G 650 2.63 -131.08 50.70
C VAL G 650 2.91 -129.89 51.60
N GLY G 651 2.55 -130.04 52.86
CA GLY G 651 2.70 -128.95 53.81
C GLY G 651 2.63 -129.46 55.22
N ARG G 652 2.79 -128.55 56.16
CA ARG G 652 2.79 -128.88 57.57
C ARG G 652 1.85 -127.95 58.32
N ALA G 653 0.97 -128.53 59.12
CA ALA G 653 0.11 -127.75 59.99
C ALA G 653 -0.21 -128.58 61.23
N GLU G 654 -0.55 -127.89 62.31
CA GLU G 654 -0.80 -128.56 63.58
C GLU G 654 -2.07 -129.39 63.48
N GLY G 655 -1.91 -130.72 63.53
CA GLY G 655 -3.02 -131.62 63.34
C GLY G 655 -3.26 -132.05 61.90
N SER G 656 -2.45 -131.57 60.96
CA SER G 656 -2.65 -131.92 59.57
C SER G 656 -2.37 -133.39 59.31
N THR G 657 -3.04 -133.93 58.31
CA THR G 657 -2.95 -135.35 57.99
C THR G 657 -1.77 -135.67 57.07
N GLN G 658 -1.01 -134.68 56.63
CA GLN G 658 0.03 -134.89 55.65
C GLN G 658 1.32 -135.36 56.29
N TYR G 659 2.04 -136.21 55.57
CA TYR G 659 3.35 -136.66 55.99
C TYR G 659 4.36 -135.52 55.87
N GLY G 660 5.51 -135.68 56.51
CA GLY G 660 6.44 -134.59 56.64
C GLY G 660 7.64 -134.62 55.72
N LYS G 661 8.07 -135.81 55.30
CA LYS G 661 9.30 -135.96 54.52
C LYS G 661 8.96 -136.47 53.13
N TRP G 662 9.48 -135.79 52.11
CA TRP G 662 9.16 -136.09 50.73
C TRP G 662 10.43 -136.08 49.89
N TYR G 663 10.36 -136.76 48.76
CA TYR G 663 11.52 -136.96 47.91
C TYR G 663 11.09 -137.08 46.47
N PHE G 664 11.84 -136.44 45.57
CA PHE G 664 11.63 -136.61 44.15
C PHE G 664 12.94 -136.35 43.43
N GLU G 665 13.02 -136.81 42.19
CA GLU G 665 14.21 -136.63 41.38
C GLU G 665 13.81 -136.05 40.03
N VAL G 666 14.73 -135.30 39.44
CA VAL G 666 14.59 -134.79 38.08
C VAL G 666 15.84 -135.15 37.32
N MET G 667 15.68 -135.90 36.23
CA MET G 667 16.80 -136.32 35.42
C MET G 667 16.83 -135.49 34.15
N VAL G 668 18.00 -134.94 33.84
CA VAL G 668 18.19 -134.06 32.70
C VAL G 668 18.55 -134.89 31.48
N ASP G 669 17.91 -134.61 30.35
CA ASP G 669 18.14 -135.37 29.14
C ASP G 669 18.86 -134.59 28.04
N GLU G 670 18.60 -133.30 27.90
CA GLU G 670 19.22 -132.52 26.83
C GLU G 670 19.18 -131.06 27.20
N VAL G 671 20.35 -130.42 27.21
CA VAL G 671 20.44 -128.99 27.53
C VAL G 671 21.39 -128.34 26.54
N VAL G 672 20.91 -127.32 25.82
CA VAL G 672 21.73 -126.53 24.93
C VAL G 672 22.33 -125.39 25.75
N PRO G 673 23.64 -125.37 25.99
CA PRO G 673 24.19 -124.37 26.91
C PRO G 673 23.94 -122.94 26.50
N PHE G 674 23.97 -122.64 25.21
CA PHE G 674 23.70 -121.30 24.70
C PHE G 674 22.85 -121.42 23.45
N LEU G 675 21.54 -121.45 23.63
CA LEU G 675 20.63 -121.37 22.50
C LEU G 675 20.55 -119.94 21.98
N THR G 676 20.71 -118.96 22.86
CA THR G 676 20.78 -117.56 22.48
C THR G 676 22.04 -116.95 23.07
N ALA G 677 22.15 -115.62 23.03
CA ALA G 677 23.32 -114.97 23.58
C ALA G 677 23.39 -115.07 25.09
N GLN G 678 22.31 -115.50 25.74
CA GLN G 678 22.26 -115.63 27.18
C GLN G 678 22.22 -117.11 27.55
N ALA G 679 22.84 -117.44 28.68
CA ALA G 679 22.97 -118.83 29.08
C ALA G 679 21.62 -119.45 29.35
N THR G 680 21.48 -120.72 29.01
CA THR G 680 20.23 -121.44 29.22
C THR G 680 19.97 -121.65 30.71
N HIS G 681 18.76 -121.34 31.12
CA HIS G 681 18.33 -121.39 32.51
C HIS G 681 17.79 -122.77 32.83
N LEU G 682 18.20 -123.33 33.96
CA LEU G 682 17.65 -124.62 34.38
C LEU G 682 17.90 -124.77 35.88
N ARG G 683 16.81 -124.88 36.64
CA ARG G 683 16.89 -125.02 38.09
C ARG G 683 15.85 -126.02 38.56
N VAL G 684 16.13 -126.63 39.71
CA VAL G 684 15.25 -127.63 40.31
C VAL G 684 15.14 -127.32 41.80
N GLY G 685 13.94 -127.47 42.35
CA GLY G 685 13.77 -127.24 43.76
C GLY G 685 12.30 -127.29 44.15
N TRP G 686 11.99 -126.63 45.27
CA TRP G 686 10.64 -126.57 45.81
C TRP G 686 10.16 -125.13 45.81
N ALA G 687 8.84 -124.96 45.86
CA ALA G 687 8.24 -123.64 45.86
C ALA G 687 6.97 -123.66 46.69
N LEU G 688 6.59 -122.48 47.17
CA LEU G 688 5.46 -122.31 48.07
C LEU G 688 4.25 -121.78 47.31
N THR G 689 3.09 -122.38 47.54
CA THR G 689 1.91 -122.05 46.75
C THR G 689 1.49 -120.60 46.93
N GLU G 690 1.51 -120.11 48.17
CA GLU G 690 1.07 -118.75 48.45
C GLU G 690 2.27 -117.82 48.32
N GLY G 691 2.57 -117.44 47.08
CA GLY G 691 3.63 -116.48 46.86
C GLY G 691 4.49 -116.68 45.63
N TYR G 692 4.75 -117.92 45.24
CA TYR G 692 5.57 -118.18 44.06
C TYR G 692 4.71 -118.02 42.83
N SER G 693 4.75 -116.82 42.25
CA SER G 693 3.96 -116.49 41.05
C SER G 693 4.86 -115.76 40.07
N PRO G 694 5.66 -116.50 39.30
CA PRO G 694 6.56 -115.85 38.32
C PRO G 694 5.81 -115.51 37.04
N TYR G 695 5.59 -114.28 36.83
CA TYR G 695 4.95 -114.03 35.56
C TYR G 695 5.99 -113.96 34.45
N PRO G 696 5.62 -114.26 33.21
CA PRO G 696 6.58 -114.20 32.12
C PRO G 696 7.08 -112.79 31.89
N GLY G 697 8.32 -112.67 31.46
CA GLY G 697 8.88 -111.39 31.06
C GLY G 697 9.56 -110.69 32.23
N GLY G 698 9.07 -109.50 32.54
CA GLY G 698 9.69 -108.67 33.56
C GLY G 698 9.57 -109.29 34.93
N GLY G 699 10.32 -108.70 35.86
CA GLY G 699 10.32 -109.22 37.21
C GLY G 699 11.45 -108.62 38.01
N GLU G 700 11.92 -109.38 38.98
CA GLU G 700 12.99 -108.93 39.85
C GLU G 700 14.33 -108.99 39.12
N GLY G 701 15.22 -108.08 39.46
CA GLY G 701 16.52 -108.05 38.81
C GLY G 701 16.37 -107.81 37.34
N TRP G 702 17.01 -108.65 36.54
CA TRP G 702 16.96 -108.56 35.08
C TRP G 702 15.98 -109.55 34.49
N GLY G 703 14.87 -109.80 35.17
CA GLY G 703 13.86 -110.67 34.63
C GLY G 703 14.31 -112.12 34.58
N GLY G 704 13.56 -112.90 33.81
CA GLY G 704 13.86 -114.31 33.71
C GLY G 704 13.77 -115.01 35.05
N ASN G 705 12.73 -114.71 35.81
CA ASN G 705 12.61 -115.27 37.15
C ASN G 705 12.24 -116.75 37.09
N GLY G 706 12.88 -117.54 37.94
CA GLY G 706 12.63 -118.95 38.05
C GLY G 706 12.61 -119.38 39.50
N VAL G 707 13.05 -120.61 39.73
CA VAL G 707 13.10 -121.14 41.08
C VAL G 707 14.23 -120.47 41.84
N GLY G 708 13.93 -119.90 42.99
CA GLY G 708 14.91 -119.22 43.81
C GLY G 708 15.07 -117.76 43.52
N ASP G 709 14.26 -117.19 42.65
CA ASP G 709 14.33 -115.76 42.37
C ASP G 709 13.44 -114.94 43.30
N ASP G 710 12.82 -115.58 44.28
CA ASP G 710 12.10 -114.89 45.33
C ASP G 710 12.33 -115.66 46.62
N LEU G 711 11.65 -115.25 47.69
CA LEU G 711 11.78 -115.93 48.96
C LEU G 711 10.72 -117.00 49.17
N TYR G 712 10.00 -117.38 48.11
CA TYR G 712 9.05 -118.47 48.16
C TYR G 712 9.53 -119.72 47.44
N SER G 713 10.71 -119.69 46.85
CA SER G 713 11.23 -120.84 46.13
C SER G 713 12.68 -121.07 46.52
N TYR G 714 13.11 -122.32 46.41
CA TYR G 714 14.44 -122.74 46.81
C TYR G 714 14.98 -123.70 45.76
N GLY G 715 15.92 -123.24 44.95
CA GLY G 715 16.39 -123.97 43.79
C GLY G 715 17.86 -124.33 43.84
N PHE G 716 18.27 -125.05 42.80
CA PHE G 716 19.63 -125.56 42.67
C PHE G 716 19.91 -125.77 41.20
N ASP G 717 20.97 -125.13 40.68
CA ASP G 717 21.29 -125.18 39.27
C ASP G 717 22.54 -126.00 38.95
N GLY G 718 23.10 -126.69 39.93
CA GLY G 718 24.30 -127.47 39.76
C GLY G 718 25.51 -126.89 40.46
N LEU G 719 25.61 -125.57 40.49
CA LEU G 719 26.73 -124.89 41.12
C LEU G 719 26.33 -123.97 42.25
N HIS G 720 25.07 -123.56 42.31
CA HIS G 720 24.62 -122.58 43.29
C HIS G 720 23.32 -123.01 43.93
N LEU G 721 23.07 -122.50 45.12
CA LEU G 721 21.77 -122.60 45.77
C LEU G 721 21.07 -121.25 45.63
N TRP G 722 19.90 -121.26 45.00
CA TRP G 722 19.20 -120.05 44.66
C TRP G 722 18.05 -119.80 45.62
N THR G 723 18.03 -118.62 46.22
CA THR G 723 16.90 -118.17 47.01
C THR G 723 16.97 -116.65 47.12
N GLY G 724 15.81 -116.02 47.04
CA GLY G 724 15.75 -114.58 47.13
C GLY G 724 16.55 -113.87 46.06
N HIS G 725 16.66 -114.47 44.88
CA HIS G 725 17.40 -113.90 43.76
C HIS G 725 18.88 -113.72 44.06
N VAL G 726 19.43 -114.53 44.96
CA VAL G 726 20.85 -114.48 45.26
C VAL G 726 21.42 -115.88 45.10
N ALA G 727 22.47 -115.99 44.31
CA ALA G 727 23.12 -117.26 44.03
C ALA G 727 24.26 -117.45 45.03
N ARG G 728 24.25 -118.57 45.73
CA ARG G 728 25.29 -118.87 46.68
C ARG G 728 26.00 -120.14 46.27
N PRO G 729 27.30 -120.08 45.98
CA PRO G 729 28.00 -121.27 45.51
C PRO G 729 27.95 -122.39 46.53
N VAL G 730 27.81 -123.61 46.04
CA VAL G 730 27.76 -124.80 46.88
C VAL G 730 28.73 -125.82 46.32
N THR G 731 29.19 -126.72 47.18
CA THR G 731 30.23 -127.67 46.83
C THR G 731 29.65 -129.06 46.70
N SER G 732 29.99 -129.74 45.60
CA SER G 732 29.67 -131.13 45.39
C SER G 732 30.84 -131.79 44.65
N PRO G 733 31.00 -133.10 44.79
CA PRO G 733 32.05 -133.78 44.01
C PRO G 733 31.82 -133.62 42.52
N GLY G 734 32.75 -132.93 41.86
CA GLY G 734 32.63 -132.68 40.44
C GLY G 734 31.58 -131.63 40.14
N GLN G 735 31.75 -130.44 40.71
CA GLN G 735 30.81 -129.35 40.48
C GLN G 735 30.73 -129.03 39.00
N HIS G 736 29.51 -128.97 38.47
CA HIS G 736 29.33 -128.50 37.11
C HIS G 736 27.86 -128.12 36.93
N LEU G 737 27.64 -127.18 36.01
CA LEU G 737 26.29 -126.78 35.68
C LEU G 737 25.53 -127.97 35.12
N LEU G 738 24.23 -128.02 35.40
CA LEU G 738 23.41 -129.18 35.08
C LEU G 738 23.53 -129.54 33.61
N ALA G 739 24.11 -130.70 33.35
CA ALA G 739 24.39 -131.21 32.03
C ALA G 739 23.49 -132.40 31.75
N PRO G 740 23.39 -132.84 30.50
CA PRO G 740 22.58 -134.01 30.21
C PRO G 740 23.08 -135.24 30.96
N GLU G 741 22.17 -136.15 31.25
CA GLU G 741 22.39 -137.38 31.99
C GLU G 741 22.67 -137.14 33.47
N ASP G 742 22.35 -135.95 33.98
CA ASP G 742 22.44 -135.70 35.42
C ASP G 742 21.12 -136.00 36.09
N VAL G 743 21.19 -136.49 37.32
CA VAL G 743 20.02 -136.80 38.13
C VAL G 743 20.11 -135.98 39.40
N VAL G 744 19.12 -135.13 39.62
CA VAL G 744 19.08 -134.26 40.78
C VAL G 744 18.02 -134.79 41.73
N SER G 745 18.41 -134.99 42.98
CA SER G 745 17.52 -135.50 44.02
C SER G 745 17.22 -134.36 44.99
N CYS G 746 15.93 -134.15 45.28
CA CYS G 746 15.50 -133.08 46.16
C CYS G 746 14.71 -133.67 47.32
N CYS G 747 15.12 -133.34 48.54
CA CYS G 747 14.52 -133.86 49.76
C CYS G 747 13.96 -132.72 50.58
N LEU G 748 12.69 -132.85 50.98
CA LEU G 748 12.01 -131.84 51.80
C LEU G 748 11.63 -132.49 53.12
N ASP G 749 12.15 -131.96 54.21
CA ASP G 749 11.86 -132.43 55.56
C ASP G 749 11.14 -131.30 56.28
N LEU G 750 9.82 -131.39 56.36
CA LEU G 750 9.05 -130.32 56.96
C LEU G 750 9.20 -130.26 58.47
N SER G 751 9.83 -131.24 59.09
CA SER G 751 9.97 -131.23 60.54
C SER G 751 11.03 -130.23 60.99
N VAL G 752 12.05 -130.00 60.18
CA VAL G 752 13.19 -129.18 60.62
C VAL G 752 12.87 -127.69 60.55
N PRO G 753 12.43 -127.10 59.43
CA PRO G 753 12.29 -127.61 58.06
C PRO G 753 13.60 -127.51 57.32
N SER G 754 13.85 -128.33 56.31
CA SER G 754 15.10 -128.22 55.55
C SER G 754 14.89 -128.78 54.16
N ILE G 755 15.66 -128.26 53.22
CA ILE G 755 15.68 -128.73 51.84
C ILE G 755 17.12 -129.08 51.50
N SER G 756 17.34 -130.31 51.02
CA SER G 756 18.66 -130.78 50.68
C SER G 756 18.63 -131.40 49.30
N PHE G 757 19.82 -131.56 48.72
CA PHE G 757 19.94 -132.03 47.35
C PHE G 757 21.00 -133.11 47.25
N ARG G 758 20.89 -133.90 46.19
CA ARG G 758 21.93 -134.83 45.76
C ARG G 758 21.97 -134.81 44.24
N ILE G 759 23.18 -134.73 43.68
CA ILE G 759 23.36 -134.72 42.24
C ILE G 759 24.16 -135.94 41.87
N ASN G 760 23.62 -136.77 40.97
CA ASN G 760 24.23 -138.02 40.56
C ASN G 760 24.53 -138.93 41.75
N GLY G 761 23.77 -138.78 42.83
CA GLY G 761 23.97 -139.58 44.01
C GLY G 761 24.97 -139.03 45.00
N CYS G 762 25.69 -137.97 44.64
CA CYS G 762 26.59 -137.50 45.68
C CYS G 762 26.00 -136.28 46.38
N PRO G 763 26.21 -136.14 47.69
CA PRO G 763 25.56 -135.06 48.42
C PRO G 763 26.04 -133.69 47.99
N VAL G 764 25.13 -132.73 48.08
CA VAL G 764 25.42 -131.33 47.81
C VAL G 764 25.53 -130.63 49.16
N GLN G 765 26.70 -130.04 49.42
CA GLN G 765 27.05 -129.59 50.77
C GLN G 765 26.42 -128.23 51.05
N GLY G 766 25.10 -128.24 51.13
CA GLY G 766 24.35 -127.04 51.45
C GLY G 766 22.87 -127.31 51.58
N VAL G 767 22.22 -126.69 52.55
CA VAL G 767 20.80 -126.88 52.78
C VAL G 767 20.13 -125.54 53.03
N PHE G 768 18.92 -125.38 52.53
CA PHE G 768 18.02 -124.37 53.05
C PHE G 768 17.42 -124.89 54.34
N GLU G 769 17.14 -123.98 55.27
CA GLU G 769 16.50 -124.39 56.50
C GLU G 769 15.85 -123.19 57.15
N ALA G 770 15.02 -123.47 58.15
CA ALA G 770 14.39 -122.44 58.97
C ALA G 770 13.56 -121.46 58.12
N PHE G 771 12.88 -121.98 57.12
CA PHE G 771 12.07 -121.12 56.27
C PHE G 771 10.61 -121.12 56.74
N ASN G 772 9.80 -120.32 56.05
CA ASN G 772 8.39 -120.20 56.36
C ASN G 772 7.65 -121.48 55.99
N LEU G 773 6.51 -121.70 56.66
CA LEU G 773 5.72 -122.89 56.42
C LEU G 773 4.25 -122.57 56.19
N ASP G 774 3.95 -121.32 55.84
CA ASP G 774 2.57 -120.86 55.71
C ASP G 774 2.03 -121.10 54.30
N GLY G 775 1.97 -122.37 53.93
CA GLY G 775 1.49 -122.72 52.60
C GLY G 775 1.88 -124.15 52.26
N LEU G 776 1.70 -124.49 51.00
CA LEU G 776 1.98 -125.82 50.49
C LEU G 776 3.18 -125.80 49.58
N PHE G 777 3.99 -126.85 49.65
CA PHE G 777 5.21 -126.97 48.86
C PHE G 777 4.99 -127.92 47.69
N PHE G 778 5.52 -127.56 46.54
CA PHE G 778 5.43 -128.44 45.39
C PHE G 778 6.75 -128.51 44.65
N PRO G 779 7.06 -129.64 44.03
CA PRO G 779 8.22 -129.72 43.16
C PRO G 779 8.08 -128.76 41.99
N VAL G 780 9.21 -128.24 41.52
CA VAL G 780 9.18 -127.26 40.44
C VAL G 780 10.52 -127.29 39.72
N VAL G 781 10.47 -127.10 38.41
CA VAL G 781 11.65 -126.86 37.59
C VAL G 781 11.42 -125.59 36.79
N SER G 782 12.40 -124.70 36.82
CA SER G 782 12.39 -123.50 35.99
C SER G 782 13.40 -123.67 34.88
N PHE G 783 13.03 -123.25 33.68
CA PHE G 783 13.87 -123.51 32.53
C PHE G 783 13.64 -122.43 31.50
N SER G 784 14.63 -122.28 30.63
CA SER G 784 14.51 -121.49 29.43
C SER G 784 14.39 -122.43 28.23
N ALA G 785 14.36 -121.87 27.04
CA ALA G 785 14.30 -122.69 25.85
C ALA G 785 15.61 -123.43 25.65
N GLY G 786 15.52 -124.70 25.30
CA GLY G 786 16.68 -125.53 25.07
C GLY G 786 16.94 -126.57 26.12
N VAL G 787 15.90 -127.12 26.74
CA VAL G 787 16.07 -128.13 27.78
C VAL G 787 15.10 -129.27 27.53
N LYS G 788 15.38 -130.39 28.19
CA LYS G 788 14.51 -131.56 28.14
C LYS G 788 14.79 -132.35 29.42
N VAL G 789 13.88 -132.29 30.38
CA VAL G 789 14.07 -132.96 31.66
C VAL G 789 12.88 -133.88 31.90
N ARG G 790 13.08 -134.82 32.81
CA ARG G 790 12.04 -135.78 33.17
C ARG G 790 11.91 -135.84 34.68
N PHE G 791 10.70 -135.57 35.17
CA PHE G 791 10.40 -135.73 36.58
C PHE G 791 10.37 -137.22 36.90
N LEU G 792 10.96 -137.59 38.03
CA LEU G 792 10.88 -138.96 38.54
C LEU G 792 10.25 -138.88 39.93
N LEU G 793 9.00 -139.33 40.02
CA LEU G 793 8.23 -139.19 41.25
C LEU G 793 8.03 -140.49 41.98
N GLY G 794 8.56 -141.60 41.47
CA GLY G 794 8.41 -142.88 42.13
C GLY G 794 7.18 -143.64 41.66
N GLY G 795 7.15 -144.92 42.01
CA GLY G 795 6.03 -145.75 41.60
C GLY G 795 5.96 -145.85 40.09
N ARG G 796 4.74 -145.76 39.56
CA ARG G 796 4.53 -145.83 38.13
C ARG G 796 4.76 -144.49 37.44
N HIS G 797 5.24 -143.49 38.17
CA HIS G 797 5.49 -142.17 37.62
C HIS G 797 6.96 -141.80 37.67
N GLY G 798 7.82 -142.76 37.33
CA GLY G 798 9.24 -142.50 37.27
C GLY G 798 10.03 -143.29 38.29
N GLU G 799 10.71 -144.33 37.84
CA GLU G 799 11.54 -145.12 38.74
C GLU G 799 12.74 -144.30 39.18
N PHE G 800 13.01 -144.32 40.47
CA PHE G 800 14.11 -143.54 41.03
C PHE G 800 15.45 -144.14 40.62
N LYS G 801 16.37 -143.29 40.19
CA LYS G 801 17.71 -143.79 39.91
C LYS G 801 18.46 -144.08 41.19
N PHE G 802 18.17 -143.34 42.27
CA PHE G 802 18.85 -143.51 43.53
C PHE G 802 17.82 -143.77 44.62
N LEU G 803 18.23 -144.52 45.62
CA LEU G 803 17.34 -144.87 46.70
C LEU G 803 17.05 -143.63 47.54
N PRO G 804 15.78 -143.34 47.83
CA PRO G 804 15.49 -142.20 48.69
C PRO G 804 16.05 -142.41 50.07
N PRO G 805 16.46 -141.35 50.76
CA PRO G 805 16.98 -141.50 52.11
C PRO G 805 15.91 -142.03 53.03
N PRO G 806 16.30 -142.68 54.12
CA PRO G 806 15.32 -143.33 54.99
C PRO G 806 14.28 -142.35 55.52
N GLY G 807 13.04 -142.81 55.60
CA GLY G 807 11.96 -142.02 56.14
C GLY G 807 11.30 -141.09 55.14
N TYR G 808 11.91 -140.87 53.99
CA TYR G 808 11.35 -139.97 52.99
C TYR G 808 10.40 -140.72 52.08
N ALA G 809 9.28 -140.10 51.78
CA ALA G 809 8.28 -140.74 50.97
C ALA G 809 8.36 -140.25 49.53
N PRO G 810 8.08 -141.10 48.56
CA PRO G 810 8.03 -140.64 47.17
C PRO G 810 6.92 -139.63 46.99
N CYS G 811 7.15 -138.68 46.09
CA CYS G 811 6.17 -137.62 45.87
C CYS G 811 4.91 -138.12 45.19
N HIS G 812 4.96 -139.26 44.51
CA HIS G 812 3.76 -139.78 43.87
C HIS G 812 2.73 -140.24 44.88
N GLU G 813 3.11 -140.38 46.15
CA GLU G 813 2.17 -140.74 47.19
C GLU G 813 1.39 -139.55 47.72
N ALA G 814 1.66 -138.34 47.24
CA ALA G 814 1.01 -137.15 47.74
C ALA G 814 -0.15 -136.70 46.87
N VAL G 815 -0.45 -137.42 45.80
CA VAL G 815 -1.50 -136.98 44.89
C VAL G 815 -2.87 -137.25 45.52
N LEU G 816 -3.73 -136.24 45.49
CA LEU G 816 -4.99 -136.30 46.22
C LEU G 816 -5.94 -137.30 45.57
N PRO G 817 -6.92 -137.81 46.31
CA PRO G 817 -7.85 -138.79 45.74
C PRO G 817 -8.64 -138.27 44.56
N ARG G 818 -9.05 -137.01 44.59
CA ARG G 818 -9.96 -136.49 43.58
C ARG G 818 -9.26 -136.09 42.29
N GLU G 819 -7.94 -136.19 42.24
CA GLU G 819 -7.16 -135.70 41.11
C GLU G 819 -6.24 -136.78 40.58
N ARG G 820 -5.86 -136.61 39.32
CA ARG G 820 -4.86 -137.46 38.67
C ARG G 820 -3.56 -136.67 38.55
N LEU G 821 -2.44 -137.38 38.62
CA LEU G 821 -1.14 -136.72 38.53
C LEU G 821 -0.96 -136.11 37.15
N ARG G 822 -0.38 -134.92 37.11
CA ARG G 822 -0.15 -134.24 35.85
C ARG G 822 0.89 -133.15 36.04
N LEU G 823 1.34 -132.60 34.93
CA LEU G 823 2.29 -131.50 34.91
C LEU G 823 1.59 -130.25 34.40
N GLU G 824 1.72 -129.15 35.13
CA GLU G 824 0.96 -127.95 34.84
C GLU G 824 1.81 -126.72 35.09
N PRO G 825 1.51 -125.62 34.41
CA PRO G 825 2.18 -124.35 34.74
C PRO G 825 1.71 -123.80 36.07
N ILE G 826 2.19 -122.62 36.44
CA ILE G 826 1.90 -122.03 37.74
C ILE G 826 1.25 -120.68 37.51
N LYS G 827 -0.01 -120.54 37.92
CA LYS G 827 -0.74 -119.29 37.87
C LYS G 827 -0.69 -118.66 36.48
N GLU G 828 -0.97 -119.48 35.48
CA GLU G 828 -1.06 -118.98 34.12
C GLU G 828 -2.30 -118.10 33.96
N TYR G 829 -2.15 -117.00 33.24
CA TYR G 829 -3.28 -116.16 32.87
C TYR G 829 -3.70 -116.37 31.43
N ARG G 830 -3.19 -117.40 30.77
CA ARG G 830 -3.37 -117.55 29.34
C ARG G 830 -2.99 -118.97 28.96
N ARG G 831 -3.75 -119.55 28.04
CA ARG G 831 -3.42 -120.88 27.54
C ARG G 831 -3.98 -121.03 26.13
N GLU G 832 -3.38 -121.94 25.38
CA GLU G 832 -3.84 -122.22 24.04
C GLU G 832 -5.16 -122.97 24.06
N GLY G 833 -5.98 -122.72 23.04
CA GLY G 833 -7.26 -123.36 22.94
C GLY G 833 -7.55 -123.83 21.52
N PRO G 834 -8.73 -124.41 21.32
CA PRO G 834 -9.06 -124.93 19.99
C PRO G 834 -9.13 -123.84 18.93
N ARG G 835 -9.88 -122.77 19.20
CA ARG G 835 -10.04 -121.69 18.23
C ARG G 835 -9.07 -120.54 18.45
N GLY G 836 -8.21 -120.63 19.46
CA GLY G 836 -7.29 -119.56 19.76
C GLY G 836 -6.97 -119.52 21.24
N PRO G 837 -6.26 -118.48 21.67
CA PRO G 837 -5.89 -118.39 23.09
C PRO G 837 -7.11 -118.26 23.98
N HIS G 838 -6.99 -118.83 25.18
CA HIS G 838 -8.01 -118.71 26.22
C HIS G 838 -7.46 -117.83 27.33
N LEU G 839 -8.27 -116.87 27.77
CA LEU G 839 -7.92 -116.11 28.95
C LEU G 839 -8.37 -116.88 30.18
N VAL G 840 -7.53 -116.88 31.22
CA VAL G 840 -7.73 -117.68 32.41
C VAL G 840 -7.70 -116.77 33.62
N GLY G 841 -8.67 -116.95 34.51
CA GLY G 841 -8.72 -116.21 35.75
C GLY G 841 -7.83 -116.82 36.80
N PRO G 842 -7.89 -116.27 38.02
CA PRO G 842 -7.06 -116.81 39.10
C PRO G 842 -7.44 -118.25 39.41
N SER G 843 -6.47 -119.00 39.89
CA SER G 843 -6.65 -120.42 40.18
C SER G 843 -6.99 -120.61 41.65
N ARG G 844 -7.99 -121.43 41.92
CA ARG G 844 -8.27 -121.83 43.29
C ARG G 844 -7.16 -122.73 43.81
N CYS G 845 -6.66 -122.43 45.00
CA CYS G 845 -5.56 -123.18 45.57
C CYS G 845 -5.90 -123.60 47.00
N LEU G 846 -5.47 -124.80 47.37
CA LEU G 846 -5.67 -125.28 48.72
C LEU G 846 -4.71 -124.59 49.69
N SER G 847 -5.04 -124.65 50.97
CA SER G 847 -4.18 -124.15 52.02
C SER G 847 -3.66 -125.32 52.83
N HIS G 848 -2.56 -125.09 53.55
CA HIS G 848 -2.01 -126.15 54.39
C HIS G 848 -2.96 -126.50 55.52
N THR G 849 -3.90 -125.61 55.87
CA THR G 849 -4.90 -125.92 56.87
C THR G 849 -6.04 -126.75 56.32
N ASP G 850 -6.22 -126.79 55.01
CA ASP G 850 -7.30 -127.59 54.43
C ASP G 850 -7.12 -129.08 54.67
N PHE G 851 -5.94 -129.50 55.09
CA PHE G 851 -5.68 -130.90 55.42
C PHE G 851 -5.83 -131.17 56.90
N VAL G 852 -6.25 -130.17 57.68
CA VAL G 852 -6.46 -130.32 59.12
C VAL G 852 -7.94 -130.56 59.34
N PRO G 853 -8.36 -131.77 59.71
CA PRO G 853 -9.78 -132.01 59.93
C PRO G 853 -10.29 -131.24 61.13
N CYS G 854 -11.45 -130.60 60.97
CA CYS G 854 -12.03 -129.75 62.00
C CYS G 854 -13.46 -130.21 62.27
N PRO G 855 -13.63 -131.22 63.10
CA PRO G 855 -14.98 -131.67 63.45
C PRO G 855 -15.68 -130.67 64.36
N VAL G 856 -17.00 -130.78 64.44
CA VAL G 856 -17.77 -129.95 65.34
C VAL G 856 -17.45 -130.32 66.78
N ASP G 857 -17.57 -129.35 67.68
CA ASP G 857 -17.19 -129.57 69.06
C ASP G 857 -18.17 -130.50 69.76
N THR G 858 -17.64 -131.48 70.47
CA THR G 858 -18.44 -132.44 71.24
C THR G 858 -18.03 -132.45 72.70
N VAL G 859 -17.50 -131.33 73.20
CA VAL G 859 -17.12 -131.24 74.61
C VAL G 859 -18.35 -131.37 75.49
N GLN G 860 -19.48 -130.81 75.07
CA GLN G 860 -20.71 -130.87 75.84
C GLN G 860 -21.28 -132.29 75.76
N ILE G 861 -20.82 -133.13 76.68
CA ILE G 861 -21.33 -134.51 76.79
C ILE G 861 -22.54 -134.43 77.71
N VAL G 862 -23.68 -134.05 77.12
CA VAL G 862 -24.95 -134.00 77.83
C VAL G 862 -26.00 -134.57 76.88
N LEU G 863 -26.31 -135.80 77.06
CA LEU G 863 -27.38 -136.34 76.25
C LEU G 863 -28.57 -136.70 77.14
N PRO G 864 -29.79 -136.58 76.64
CA PRO G 864 -30.94 -137.03 77.41
C PRO G 864 -30.84 -138.51 77.69
N PRO G 865 -31.36 -138.98 78.82
CA PRO G 865 -31.20 -140.39 79.18
C PRO G 865 -31.79 -141.34 78.14
N HIS G 866 -32.89 -140.94 77.50
CA HIS G 866 -33.48 -141.71 76.39
C HIS G 866 -32.55 -141.79 75.17
N LEU G 867 -31.92 -140.68 74.77
CA LEU G 867 -30.91 -140.80 73.73
C LEU G 867 -29.76 -141.69 74.19
N GLU G 868 -29.38 -141.59 75.47
CA GLU G 868 -28.28 -142.38 75.99
C GLU G 868 -28.58 -143.87 75.90
N ARG G 869 -29.80 -144.26 76.24
CA ARG G 869 -30.16 -145.67 76.19
C ARG G 869 -30.29 -146.15 74.74
N ILE G 870 -30.77 -145.29 73.85
CA ILE G 870 -30.87 -145.70 72.45
C ILE G 870 -29.53 -145.69 71.72
N ARG G 871 -28.51 -145.08 72.32
CA ARG G 871 -27.20 -145.02 71.66
C ARG G 871 -26.58 -146.41 71.49
N GLU G 872 -26.69 -147.26 72.51
CA GLU G 872 -26.15 -148.61 72.41
C GLU G 872 -26.90 -149.41 71.35
N LYS G 873 -28.22 -149.26 71.28
CA LYS G 873 -28.99 -149.92 70.23
C LYS G 873 -28.58 -149.42 68.85
N LEU G 874 -28.30 -148.12 68.73
CA LEU G 874 -27.82 -147.57 67.46
C LEU G 874 -26.47 -148.18 67.09
N ALA G 875 -25.59 -148.37 68.08
CA ALA G 875 -24.31 -149.03 67.82
C ALA G 875 -24.52 -150.44 67.33
N GLU G 876 -25.44 -151.19 67.95
CA GLU G 876 -25.73 -152.54 67.48
C GLU G 876 -26.25 -152.52 66.04
N ASN G 877 -27.15 -151.59 65.74
CA ASN G 877 -27.76 -151.57 64.41
C ASN G 877 -26.76 -151.18 63.33
N ILE G 878 -25.88 -150.21 63.63
CA ILE G 878 -24.86 -149.85 62.66
C ILE G 878 -23.87 -150.99 62.47
N HIS G 879 -23.57 -151.73 63.55
CA HIS G 879 -22.74 -152.93 63.40
C HIS G 879 -23.40 -153.95 62.49
N GLU G 880 -24.71 -154.18 62.66
CA GLU G 880 -25.40 -155.16 61.84
C GLU G 880 -25.47 -154.72 60.38
N LEU G 881 -25.66 -153.43 60.13
CA LEU G 881 -25.69 -152.96 58.75
C LEU G 881 -24.32 -153.04 58.09
N TRP G 882 -23.26 -152.76 58.87
CA TRP G 882 -21.91 -152.99 58.38
C TRP G 882 -21.69 -154.47 58.05
N ALA G 883 -22.23 -155.35 58.89
CA ALA G 883 -22.15 -156.79 58.62
C ALA G 883 -22.89 -157.15 57.34
N LEU G 884 -24.06 -156.53 57.11
CA LEU G 884 -24.79 -156.77 55.87
C LEU G 884 -23.98 -156.33 54.66
N THR G 885 -23.36 -155.15 54.73
CA THR G 885 -22.51 -154.71 53.63
C THR G 885 -21.35 -155.68 53.41
N ARG G 886 -20.74 -156.17 54.49
CA ARG G 886 -19.65 -157.12 54.34
C ARG G 886 -20.10 -158.43 53.70
N ILE G 887 -21.27 -158.95 54.08
CA ILE G 887 -21.68 -160.23 53.49
C ILE G 887 -22.17 -160.02 52.06
N GLU G 888 -22.59 -158.81 51.72
CA GLU G 888 -22.76 -158.46 50.31
C GLU G 888 -21.42 -158.51 49.58
N GLN G 889 -20.37 -157.98 50.21
CA GLN G 889 -19.03 -158.08 49.63
C GLN G 889 -18.49 -159.51 49.61
N GLY G 890 -19.12 -160.42 50.36
CA GLY G 890 -18.70 -161.81 50.38
C GLY G 890 -18.10 -162.29 51.68
N TRP G 891 -18.16 -161.50 52.74
CA TRP G 891 -17.60 -161.91 54.01
C TRP G 891 -18.42 -163.02 54.64
N THR G 892 -17.77 -163.83 55.48
CA THR G 892 -18.43 -164.92 56.20
C THR G 892 -17.95 -164.89 57.66
N TYR G 893 -18.70 -165.56 58.52
CA TYR G 893 -18.36 -165.59 59.94
C TYR G 893 -17.05 -166.34 60.16
N GLY G 894 -16.24 -165.83 61.09
CA GLY G 894 -14.99 -166.45 61.43
C GLY G 894 -14.41 -165.87 62.70
N PRO G 895 -13.64 -166.68 63.44
CA PRO G 895 -12.99 -166.17 64.66
C PRO G 895 -12.02 -165.03 64.39
N VAL G 896 -11.35 -165.03 63.24
CA VAL G 896 -10.41 -163.99 62.88
C VAL G 896 -11.13 -162.89 62.11
N ARG G 897 -10.59 -161.68 62.17
CA ARG G 897 -11.19 -160.51 61.52
C ARG G 897 -10.22 -160.02 60.45
N ASP G 898 -10.44 -160.48 59.21
CA ASP G 898 -9.60 -160.11 58.08
C ASP G 898 -10.47 -159.69 56.91
N ASP G 899 -10.08 -158.60 56.25
CA ASP G 899 -10.77 -158.18 55.04
C ASP G 899 -10.49 -159.15 53.88
N ASN G 900 -9.23 -159.52 53.70
CA ASN G 900 -8.87 -160.43 52.61
C ASN G 900 -9.49 -161.81 52.82
N LYS G 901 -9.44 -162.32 54.05
CA LYS G 901 -9.97 -163.66 54.32
C LYS G 901 -11.49 -163.68 54.39
N ARG G 902 -12.13 -162.51 54.42
CA ARG G 902 -13.59 -162.40 54.47
C ARG G 902 -14.17 -163.11 55.69
N LEU G 903 -13.45 -163.04 56.80
CA LEU G 903 -13.88 -163.63 58.07
C LEU G 903 -14.10 -162.53 59.09
N HIS G 904 -15.26 -162.57 59.75
CA HIS G 904 -15.62 -161.52 60.70
C HIS G 904 -16.58 -162.08 61.75
N PRO G 905 -16.20 -162.04 63.04
CA PRO G 905 -17.11 -162.56 64.08
C PRO G 905 -18.40 -161.79 64.19
N CYS G 906 -18.45 -160.54 63.73
CA CYS G 906 -19.64 -159.70 63.82
C CYS G 906 -20.78 -160.21 62.97
N LEU G 907 -20.53 -161.07 61.99
CA LEU G 907 -21.55 -161.46 61.02
C LEU G 907 -22.46 -162.56 61.53
N VAL G 908 -22.89 -162.48 62.79
CA VAL G 908 -23.76 -163.51 63.34
C VAL G 908 -25.08 -162.88 63.78
N ASN G 909 -25.01 -161.93 64.70
CA ASN G 909 -26.20 -161.27 65.24
C ASN G 909 -25.71 -160.17 66.18
N PHE G 910 -26.56 -159.14 66.34
CA PHE G 910 -26.18 -158.04 67.22
C PHE G 910 -26.15 -158.48 68.68
N HIS G 911 -26.96 -159.49 69.03
CA HIS G 911 -26.82 -160.12 70.34
C HIS G 911 -25.62 -161.06 70.38
N SER G 912 -25.42 -161.84 69.30
CA SER G 912 -24.38 -162.86 69.31
C SER G 912 -22.98 -162.27 69.20
N LEU G 913 -22.82 -161.13 68.55
CA LEU G 913 -21.50 -160.54 68.40
C LEU G 913 -20.97 -160.11 69.76
N PRO G 914 -19.66 -160.24 70.01
CA PRO G 914 -19.13 -159.95 71.34
C PRO G 914 -19.39 -158.52 71.78
N GLU G 915 -19.76 -158.37 73.05
CA GLU G 915 -19.96 -157.04 73.61
C GLU G 915 -18.71 -156.19 73.61
N PRO G 916 -17.52 -156.69 74.00
CA PRO G 916 -16.31 -155.85 73.88
C PRO G 916 -16.04 -155.40 72.46
N GLU G 917 -16.30 -156.25 71.47
CA GLU G 917 -16.15 -155.83 70.08
C GLU G 917 -17.19 -154.77 69.71
N ARG G 918 -18.39 -154.88 70.29
CA ARG G 918 -19.40 -153.86 70.07
C ARG G 918 -18.95 -152.52 70.65
N ASN G 919 -18.34 -152.53 71.83
CA ASN G 919 -17.92 -151.31 72.51
C ASN G 919 -16.77 -150.62 71.80
N TYR G 920 -16.16 -151.24 70.80
CA TYR G 920 -15.18 -150.55 69.97
C TYR G 920 -15.80 -149.33 69.30
N ASN G 921 -17.07 -149.42 68.93
CA ASN G 921 -17.75 -148.33 68.24
C ASN G 921 -18.85 -147.67 69.08
N LEU G 922 -18.98 -148.03 70.35
CA LEU G 922 -19.94 -147.34 71.21
C LEU G 922 -19.59 -145.86 71.34
N GLN G 923 -18.30 -145.56 71.39
CA GLN G 923 -17.88 -144.16 71.42
C GLN G 923 -18.34 -143.43 70.16
N MET G 924 -18.18 -144.07 69.00
CA MET G 924 -18.63 -143.46 67.76
C MET G 924 -20.15 -143.28 67.74
N SER G 925 -20.89 -144.26 68.24
CA SER G 925 -22.34 -144.15 68.26
C SER G 925 -22.79 -143.01 69.16
N GLY G 926 -22.14 -142.85 70.31
CA GLY G 926 -22.45 -141.72 71.17
C GLY G 926 -22.12 -140.39 70.53
N GLU G 927 -20.96 -140.32 69.86
CA GLU G 927 -20.60 -139.10 69.15
C GLU G 927 -21.58 -138.80 68.03
N THR G 928 -22.18 -139.81 67.40
CA THR G 928 -23.17 -139.54 66.37
C THR G 928 -24.34 -138.74 66.93
N LEU G 929 -24.90 -139.18 68.05
CA LEU G 929 -25.98 -138.42 68.68
C LEU G 929 -25.50 -137.05 69.14
N LYS G 930 -24.31 -137.01 69.74
CA LYS G 930 -23.77 -135.74 70.21
C LYS G 930 -23.60 -134.76 69.06
N THR G 931 -23.41 -135.28 67.83
CA THR G 931 -23.17 -134.40 66.70
C THR G 931 -24.41 -133.64 66.29
N LEU G 932 -25.57 -134.30 66.21
CA LEU G 932 -26.77 -133.54 65.90
C LEU G 932 -27.24 -132.75 67.10
N LEU G 933 -26.79 -133.13 68.30
CA LEU G 933 -27.00 -132.24 69.44
C LEU G 933 -26.22 -130.93 69.24
N ALA G 934 -24.97 -131.03 68.80
CA ALA G 934 -24.12 -129.84 68.68
C ALA G 934 -24.47 -129.02 67.45
N LEU G 935 -24.87 -129.67 66.36
CA LEU G 935 -25.17 -128.99 65.11
C LEU G 935 -26.40 -128.10 65.19
N GLY G 936 -27.19 -128.20 66.26
CA GLY G 936 -28.43 -127.46 66.38
C GLY G 936 -29.67 -128.25 66.07
N CYS G 937 -29.53 -129.50 65.63
CA CYS G 937 -30.70 -130.32 65.35
C CYS G 937 -31.44 -130.64 66.63
N HIS G 938 -32.76 -130.40 66.62
CA HIS G 938 -33.59 -130.69 67.77
C HIS G 938 -34.06 -132.14 67.69
N VAL G 939 -33.54 -132.97 68.57
CA VAL G 939 -33.84 -134.39 68.56
C VAL G 939 -34.45 -134.77 69.90
N GLY G 940 -35.58 -135.46 69.86
CA GLY G 940 -36.26 -135.85 71.08
C GLY G 940 -37.09 -137.09 70.87
N MET G 941 -37.63 -137.58 71.99
CA MET G 941 -38.43 -138.79 72.06
C MET G 941 -39.92 -138.43 72.02
N ALA G 942 -40.52 -138.62 70.85
CA ALA G 942 -41.97 -138.40 70.73
C ALA G 942 -42.72 -139.72 70.63
N ASP G 943 -42.17 -140.69 69.93
CA ASP G 943 -42.79 -141.99 69.71
C ASP G 943 -42.04 -143.07 70.48
N GLU G 944 -42.78 -143.82 71.30
CA GLU G 944 -42.28 -145.04 71.94
C GLU G 944 -42.86 -146.31 71.33
N LYS G 945 -44.12 -146.26 70.86
CA LYS G 945 -44.71 -147.43 70.22
C LYS G 945 -43.99 -147.82 68.95
N ALA G 946 -43.39 -146.84 68.26
CA ALA G 946 -42.58 -147.16 67.08
C ALA G 946 -41.38 -148.00 67.47
N GLU G 947 -40.72 -147.65 68.57
CA GLU G 947 -39.60 -148.46 69.05
C GLU G 947 -40.06 -149.83 69.53
N ASP G 948 -41.20 -149.88 70.23
CA ASP G 948 -41.68 -151.16 70.76
C ASP G 948 -42.06 -152.11 69.63
N ASN G 949 -42.72 -151.62 68.60
CA ASN G 949 -43.19 -152.44 67.48
C ASN G 949 -42.52 -151.99 66.20
N LEU G 950 -41.65 -152.83 65.65
CA LEU G 950 -40.97 -152.51 64.41
C LEU G 950 -40.61 -153.79 63.68
N LYS G 951 -40.46 -153.67 62.36
CA LYS G 951 -40.15 -154.82 61.52
C LYS G 951 -38.64 -155.03 61.44
N LYS G 952 -38.24 -156.29 61.27
CA LYS G 952 -36.84 -156.69 61.30
C LYS G 952 -36.47 -157.28 59.94
N THR G 953 -35.49 -156.67 59.28
CA THR G 953 -34.95 -157.24 58.05
C THR G 953 -33.91 -158.31 58.41
N LYS G 954 -34.13 -159.53 57.92
CA LYS G 954 -33.20 -160.63 58.13
C LYS G 954 -32.56 -161.02 56.81
N LEU G 955 -31.36 -161.57 56.89
CA LEU G 955 -30.60 -161.87 55.69
C LEU G 955 -31.28 -162.98 54.90
N PRO G 956 -31.16 -162.96 53.57
CA PRO G 956 -31.71 -164.07 52.78
C PRO G 956 -31.07 -165.40 53.16
N LYS G 957 -31.86 -166.47 53.09
CA LYS G 957 -31.37 -167.79 53.47
C LYS G 957 -30.22 -168.23 52.57
N THR G 958 -30.30 -167.94 51.27
CA THR G 958 -29.19 -168.28 50.38
C THR G 958 -27.93 -167.49 50.71
N TYR G 959 -28.09 -166.20 51.02
CA TYR G 959 -26.94 -165.34 51.31
C TYR G 959 -26.57 -165.48 52.80
N MET G 960 -25.91 -166.59 53.10
CA MET G 960 -25.54 -166.92 54.46
C MET G 960 -24.04 -166.90 54.66
N MET G 961 -23.64 -166.69 55.91
CA MET G 961 -22.25 -166.72 56.34
C MET G 961 -21.86 -168.16 56.69
N SER G 962 -20.71 -168.32 57.35
CA SER G 962 -20.31 -169.65 57.78
C SER G 962 -21.19 -170.17 58.91
N ASN G 963 -21.60 -169.29 59.83
CA ASN G 963 -22.37 -169.72 60.99
C ASN G 963 -23.76 -170.22 60.58
N GLY G 964 -24.43 -169.51 59.68
CA GLY G 964 -25.75 -169.90 59.24
C GLY G 964 -26.90 -169.15 59.87
N TYR G 965 -26.66 -168.38 60.93
CA TYR G 965 -27.71 -167.60 61.56
C TYR G 965 -28.11 -166.44 60.66
N LYS G 966 -29.21 -165.79 61.02
CA LYS G 966 -29.73 -164.65 60.27
C LYS G 966 -29.65 -163.40 61.13
N PRO G 967 -28.69 -162.50 60.91
CA PRO G 967 -28.71 -161.22 61.61
C PRO G 967 -29.97 -160.44 61.30
N ALA G 968 -30.46 -159.71 62.30
CA ALA G 968 -31.77 -159.05 62.22
C ALA G 968 -31.65 -157.57 62.58
N PRO G 969 -31.13 -156.75 61.67
CA PRO G 969 -31.27 -155.30 61.83
C PRO G 969 -32.69 -154.86 61.53
N LEU G 970 -32.98 -153.61 61.89
CA LEU G 970 -34.33 -153.08 61.71
C LEU G 970 -34.69 -152.99 60.23
N ASP G 971 -35.93 -153.31 59.91
CA ASP G 971 -36.48 -153.09 58.59
C ASP G 971 -37.00 -151.65 58.52
N LEU G 972 -36.42 -150.85 57.63
CA LEU G 972 -36.69 -149.42 57.61
C LEU G 972 -37.09 -148.94 56.22
N SER G 973 -37.88 -149.74 55.50
CA SER G 973 -38.33 -149.35 54.17
C SER G 973 -39.45 -148.31 54.24
N HIS G 974 -40.13 -148.23 55.37
CA HIS G 974 -41.27 -147.34 55.51
C HIS G 974 -40.89 -145.93 55.93
N VAL G 975 -39.60 -145.67 56.18
CA VAL G 975 -39.17 -144.37 56.66
C VAL G 975 -38.66 -143.53 55.50
N ARG G 976 -39.05 -142.25 55.48
CA ARG G 976 -38.62 -141.31 54.45
C ARG G 976 -37.89 -140.14 55.11
N LEU G 977 -37.18 -139.37 54.29
CA LEU G 977 -36.43 -138.21 54.75
C LEU G 977 -36.74 -136.99 53.88
N THR G 978 -36.62 -135.81 54.49
CA THR G 978 -36.71 -134.56 53.76
C THR G 978 -35.34 -134.21 53.17
N PRO G 979 -35.31 -133.31 52.16
CA PRO G 979 -34.01 -132.85 51.66
C PRO G 979 -33.15 -132.20 52.72
N ALA G 980 -33.75 -131.47 53.66
CA ALA G 980 -32.98 -130.94 54.78
C ALA G 980 -32.41 -132.07 55.62
N GLN G 981 -33.17 -133.16 55.78
CA GLN G 981 -32.64 -134.34 56.47
C GLN G 981 -31.49 -134.96 55.69
N THR G 982 -31.56 -134.95 54.35
CA THR G 982 -30.44 -135.45 53.55
C THR G 982 -29.20 -134.60 53.76
N THR G 983 -29.37 -133.29 53.82
CA THR G 983 -28.23 -132.41 54.10
C THR G 983 -27.68 -132.65 55.49
N LEU G 984 -28.56 -132.90 56.46
CA LEU G 984 -28.11 -133.31 57.79
C LEU G 984 -27.28 -134.59 57.71
N VAL G 985 -27.73 -135.55 56.90
CA VAL G 985 -26.98 -136.78 56.70
C VAL G 985 -25.59 -136.47 56.17
N ASP G 986 -25.51 -135.59 55.17
CA ASP G 986 -24.23 -135.26 54.57
C ASP G 986 -23.29 -134.62 55.58
N ARG G 987 -23.79 -133.64 56.35
CA ARG G 987 -22.92 -132.99 57.32
C ARG G 987 -22.53 -133.95 58.44
N LEU G 988 -23.42 -134.86 58.82
CA LEU G 988 -23.06 -135.86 59.82
C LEU G 988 -21.96 -136.76 59.31
N ALA G 989 -22.06 -137.20 58.06
CA ALA G 989 -21.00 -138.04 57.49
C ALA G 989 -19.68 -137.28 57.45
N GLU G 990 -19.73 -136.01 57.06
CA GLU G 990 -18.53 -135.19 57.07
C GLU G 990 -17.91 -135.13 58.45
N ASN G 991 -18.72 -134.85 59.47
CA ASN G 991 -18.15 -134.67 60.80
C ASN G 991 -17.64 -135.99 61.36
N GLY G 992 -18.32 -137.09 61.07
CA GLY G 992 -17.83 -138.39 61.50
C GLY G 992 -16.50 -138.74 60.86
N HIS G 993 -16.38 -138.48 59.55
CA HIS G 993 -15.11 -138.72 58.90
C HIS G 993 -14.01 -137.84 59.49
N ASN G 994 -14.33 -136.59 59.80
CA ASN G 994 -13.33 -135.71 60.39
C ASN G 994 -12.91 -136.20 61.77
N VAL G 995 -13.86 -136.70 62.56
CA VAL G 995 -13.53 -137.25 63.87
C VAL G 995 -12.60 -138.44 63.74
N TRP G 996 -12.93 -139.37 62.84
CA TRP G 996 -12.07 -140.52 62.63
C TRP G 996 -10.69 -140.10 62.14
N ALA G 997 -10.64 -139.13 61.24
CA ALA G 997 -9.38 -138.66 60.70
C ALA G 997 -8.51 -138.05 61.78
N ARG G 998 -9.08 -137.20 62.63
CA ARG G 998 -8.25 -136.56 63.64
C ARG G 998 -7.83 -137.55 64.70
N ASP G 999 -8.65 -138.55 65.01
CA ASP G 999 -8.20 -139.59 65.92
C ASP G 999 -7.04 -140.38 65.33
N ARG G 1000 -7.12 -140.72 64.05
CA ARG G 1000 -6.01 -141.45 63.44
C ARG G 1000 -4.75 -140.60 63.40
N VAL G 1001 -4.90 -139.30 63.17
CA VAL G 1001 -3.74 -138.42 63.20
C VAL G 1001 -3.13 -138.42 64.60
N ALA G 1002 -3.97 -138.32 65.63
CA ALA G 1002 -3.47 -138.39 67.00
C ALA G 1002 -2.74 -139.70 67.26
N GLN G 1003 -3.14 -140.77 66.59
CA GLN G 1003 -2.40 -142.01 66.69
C GLN G 1003 -1.14 -142.04 65.81
N GLY G 1004 -0.95 -141.05 64.95
CA GLY G 1004 0.25 -140.97 64.14
C GLY G 1004 0.10 -141.34 62.68
N TRP G 1005 -1.11 -141.49 62.19
CA TRP G 1005 -1.33 -141.86 60.80
C TRP G 1005 -1.15 -140.66 59.87
N SER G 1006 -1.08 -140.94 58.57
CA SER G 1006 -0.89 -139.92 57.56
C SER G 1006 -1.46 -140.40 56.24
N TYR G 1007 -1.63 -139.48 55.30
CA TYR G 1007 -2.21 -139.81 54.01
C TYR G 1007 -1.15 -140.37 53.08
N SER G 1008 -1.58 -141.27 52.20
CA SER G 1008 -0.71 -141.84 51.18
C SER G 1008 -1.57 -142.47 50.11
N ALA G 1009 -1.31 -142.11 48.85
CA ALA G 1009 -2.08 -142.68 47.75
C ALA G 1009 -1.92 -144.19 47.69
N VAL G 1010 -0.82 -144.71 48.21
CA VAL G 1010 -0.60 -146.14 48.35
C VAL G 1010 -0.72 -146.50 49.82
N GLN G 1011 -1.48 -147.54 50.11
CA GLN G 1011 -1.76 -147.89 51.50
C GLN G 1011 -0.59 -148.68 52.09
N ASP G 1012 -0.19 -148.31 53.31
CA ASP G 1012 0.88 -149.00 54.01
C ASP G 1012 0.49 -149.10 55.49
N ILE G 1013 -0.14 -150.22 55.84
CA ILE G 1013 -0.60 -150.39 57.22
C ILE G 1013 0.54 -150.39 58.22
N PRO G 1014 1.64 -151.11 58.00
CA PRO G 1014 2.76 -151.04 58.97
C PRO G 1014 3.32 -149.65 59.12
N ALA G 1015 3.25 -148.82 58.08
CA ALA G 1015 3.75 -147.45 58.15
C ALA G 1015 2.70 -146.44 58.57
N ARG G 1016 1.49 -146.91 58.87
CA ARG G 1016 0.38 -146.04 59.29
C ARG G 1016 0.01 -145.02 58.23
N ARG G 1017 -0.05 -145.48 56.99
CA ARG G 1017 -0.43 -144.64 55.86
C ARG G 1017 -1.77 -145.11 55.33
N ASN G 1018 -2.70 -144.17 55.15
CA ASN G 1018 -4.05 -144.53 54.78
C ASN G 1018 -4.56 -143.64 53.66
N PRO G 1019 -5.02 -144.23 52.55
CA PRO G 1019 -5.49 -143.41 51.43
C PRO G 1019 -6.70 -142.56 51.75
N ARG G 1020 -7.48 -142.91 52.76
CA ARG G 1020 -8.62 -142.12 53.17
C ARG G 1020 -8.28 -141.10 54.25
N LEU G 1021 -7.05 -141.09 54.74
CA LEU G 1021 -6.66 -140.19 55.82
C LEU G 1021 -6.58 -138.76 55.28
N VAL G 1022 -7.76 -138.25 54.92
CA VAL G 1022 -7.90 -136.94 54.29
C VAL G 1022 -9.27 -136.39 54.59
N PRO G 1023 -9.35 -135.10 54.92
CA PRO G 1023 -10.63 -134.51 55.29
C PRO G 1023 -11.72 -134.74 54.25
N TYR G 1024 -12.96 -134.55 54.70
CA TYR G 1024 -14.10 -135.02 53.93
C TYR G 1024 -14.19 -134.34 52.58
N ARG G 1025 -14.03 -133.02 52.55
CA ARG G 1025 -14.22 -132.31 51.30
C ARG G 1025 -13.17 -132.71 50.26
N LEU G 1026 -11.99 -133.12 50.69
CA LEU G 1026 -11.00 -133.62 49.75
C LEU G 1026 -11.10 -135.12 49.52
N LEU G 1027 -11.96 -135.82 50.24
CA LEU G 1027 -12.16 -137.24 49.99
C LEU G 1027 -12.75 -137.47 48.61
N ASP G 1028 -12.60 -138.68 48.09
CA ASP G 1028 -13.14 -139.00 46.78
C ASP G 1028 -14.63 -139.32 46.86
N GLU G 1029 -15.28 -139.28 45.69
CA GLU G 1029 -16.73 -139.40 45.63
C GLU G 1029 -17.22 -140.76 46.09
N ALA G 1030 -16.50 -141.84 45.76
CA ALA G 1030 -16.97 -143.18 46.13
C ALA G 1030 -17.02 -143.33 47.65
N THR G 1031 -15.92 -143.03 48.32
CA THR G 1031 -15.90 -143.16 49.79
C THR G 1031 -16.81 -142.14 50.43
N LYS G 1032 -16.95 -140.96 49.83
CA LYS G 1032 -17.90 -139.99 50.35
C LYS G 1032 -19.31 -140.53 50.30
N ARG G 1033 -19.68 -141.20 49.21
CA ARG G 1033 -21.01 -141.79 49.10
C ARG G 1033 -21.17 -142.94 50.08
N SER G 1034 -20.12 -143.73 50.30
CA SER G 1034 -20.22 -144.82 51.26
C SER G 1034 -20.49 -144.30 52.67
N ASN G 1035 -19.74 -143.28 53.10
CA ASN G 1035 -19.97 -142.70 54.41
C ASN G 1035 -21.34 -142.03 54.49
N ARG G 1036 -21.76 -141.40 53.39
CA ARG G 1036 -23.09 -140.79 53.35
C ARG G 1036 -24.17 -141.84 53.52
N ASP G 1037 -24.01 -143.00 52.87
CA ASP G 1037 -24.98 -144.07 53.02
C ASP G 1037 -25.00 -144.59 54.46
N SER G 1038 -23.83 -144.73 55.07
CA SER G 1038 -23.79 -145.22 56.45
C SER G 1038 -24.52 -144.26 57.39
N LEU G 1039 -24.24 -142.96 57.28
CA LEU G 1039 -24.94 -142.00 58.13
C LEU G 1039 -26.42 -141.92 57.77
N CYS G 1040 -26.77 -142.11 56.50
CA CYS G 1040 -28.17 -142.12 56.11
C CYS G 1040 -28.91 -143.29 56.75
N GLN G 1041 -28.26 -144.45 56.81
CA GLN G 1041 -28.88 -145.59 57.51
C GLN G 1041 -28.99 -145.33 59.00
N ALA G 1042 -28.00 -144.66 59.59
CA ALA G 1042 -28.11 -144.31 61.01
C ALA G 1042 -29.30 -143.38 61.25
N VAL G 1043 -29.47 -142.37 60.39
CA VAL G 1043 -30.62 -141.48 60.49
C VAL G 1043 -31.91 -142.25 60.23
N ARG G 1044 -31.85 -143.23 59.31
CA ARG G 1044 -32.99 -144.11 59.08
C ARG G 1044 -33.42 -144.80 60.36
N THR G 1045 -32.45 -145.38 61.09
CA THR G 1045 -32.76 -146.04 62.35
C THR G 1045 -33.35 -145.07 63.36
N LEU G 1046 -32.75 -143.88 63.47
CA LEU G 1046 -33.24 -142.88 64.43
C LEU G 1046 -34.68 -142.49 64.12
N LEU G 1047 -35.01 -142.30 62.84
CA LEU G 1047 -36.38 -141.99 62.47
C LEU G 1047 -37.30 -143.20 62.65
N GLY G 1048 -36.79 -144.40 62.38
CA GLY G 1048 -37.61 -145.60 62.49
C GLY G 1048 -38.04 -145.87 63.92
N TYR G 1049 -37.21 -145.48 64.88
CA TYR G 1049 -37.69 -145.47 66.25
C TYR G 1049 -38.71 -144.37 66.50
N GLY G 1050 -38.99 -143.54 65.51
CA GLY G 1050 -40.04 -142.53 65.62
C GLY G 1050 -39.62 -141.24 66.28
N TYR G 1051 -38.33 -141.05 66.54
CA TYR G 1051 -37.88 -139.90 67.30
C TYR G 1051 -37.84 -138.66 66.39
N ASN G 1052 -38.38 -137.55 66.89
CA ASN G 1052 -38.44 -136.33 66.07
C ASN G 1052 -37.04 -135.80 65.82
N ILE G 1053 -36.75 -135.50 64.55
CA ILE G 1053 -35.47 -134.94 64.13
C ILE G 1053 -35.75 -133.62 63.43
N GLU G 1054 -35.22 -132.54 63.99
CA GLU G 1054 -35.42 -131.21 63.42
C GLU G 1054 -34.18 -130.79 62.65
N PRO G 1055 -34.26 -130.58 61.34
CA PRO G 1055 -33.11 -130.07 60.60
C PRO G 1055 -32.77 -128.65 61.03
N PRO G 1056 -31.53 -128.38 61.40
CA PRO G 1056 -31.16 -127.03 61.81
C PRO G 1056 -31.28 -126.05 60.66
N ASP G 1057 -31.64 -124.81 61.01
CA ASP G 1057 -31.63 -123.72 60.05
C ASP G 1057 -30.20 -123.44 59.65
N GLN G 1058 -29.88 -123.60 58.36
CA GLN G 1058 -28.50 -123.50 57.92
C GLN G 1058 -28.00 -122.07 58.04
N GLU G 1059 -26.75 -121.93 58.50
CA GLU G 1059 -26.12 -120.62 58.66
C GLU G 1059 -25.07 -120.43 57.58
N PRO G 1060 -25.29 -119.55 56.61
CA PRO G 1060 -24.29 -119.37 55.53
C PRO G 1060 -23.01 -118.74 56.05
N SER G 1061 -21.90 -119.11 55.42
CA SER G 1061 -20.61 -118.54 55.75
C SER G 1061 -19.77 -118.46 54.48
N GLN G 1062 -18.87 -117.48 54.45
CA GLN G 1062 -17.95 -117.30 53.32
C GLN G 1062 -16.54 -117.58 53.80
N VAL G 1063 -15.89 -118.55 53.18
CA VAL G 1063 -14.58 -119.00 53.66
C VAL G 1063 -13.52 -117.93 53.40
N GLU G 1064 -13.55 -117.30 52.23
CA GLU G 1064 -12.46 -116.44 51.76
C GLU G 1064 -11.14 -117.21 51.84
N ASN G 1065 -11.07 -118.28 51.05
CA ASN G 1065 -9.90 -119.17 51.09
C ASN G 1065 -8.62 -118.43 50.73
N GLN G 1066 -8.68 -117.57 49.72
CA GLN G 1066 -7.55 -116.76 49.31
C GLN G 1066 -7.79 -115.29 49.62
N SER G 1067 -6.89 -114.45 49.11
CA SER G 1067 -6.91 -113.03 49.43
C SER G 1067 -8.05 -112.31 48.71
N ARG G 1068 -8.12 -110.99 48.92
CA ARG G 1068 -9.19 -110.18 48.34
C ARG G 1068 -8.92 -109.81 46.89
N TRP G 1069 -7.71 -109.35 46.58
CA TRP G 1069 -7.42 -108.82 45.25
C TRP G 1069 -7.30 -109.90 44.19
N ASP G 1070 -6.83 -111.09 44.55
CA ASP G 1070 -6.76 -112.18 43.59
C ASP G 1070 -8.11 -112.86 43.42
N ARG G 1071 -9.13 -112.06 43.12
CA ARG G 1071 -10.45 -112.57 42.77
C ARG G 1071 -10.82 -112.30 41.33
N VAL G 1072 -10.42 -111.16 40.80
CA VAL G 1072 -10.77 -110.75 39.44
C VAL G 1072 -9.48 -110.41 38.70
N ARG G 1073 -9.35 -110.93 37.48
CA ARG G 1073 -8.23 -110.60 36.60
C ARG G 1073 -8.78 -109.89 35.38
N ILE G 1074 -8.43 -108.63 35.22
CA ILE G 1074 -8.99 -107.76 34.18
C ILE G 1074 -8.06 -107.73 32.99
N PHE G 1075 -8.62 -107.97 31.81
CA PHE G 1075 -7.88 -107.92 30.56
C PHE G 1075 -8.46 -106.83 29.68
N ARG G 1076 -7.61 -105.93 29.20
CA ARG G 1076 -8.07 -104.86 28.32
C ARG G 1076 -7.06 -104.63 27.23
N ALA G 1077 -7.52 -104.02 26.14
CA ALA G 1077 -6.64 -103.68 25.04
C ALA G 1077 -5.75 -102.50 25.43
N GLU G 1078 -4.65 -102.37 24.70
CA GLU G 1078 -3.72 -101.27 24.95
C GLU G 1078 -4.40 -99.94 24.66
N LYS G 1079 -4.03 -98.93 25.44
CA LYS G 1079 -4.66 -97.62 25.33
C LYS G 1079 -4.52 -97.03 23.94
N SER G 1080 -3.52 -97.43 23.18
CA SER G 1080 -3.34 -96.92 21.83
C SER G 1080 -4.45 -97.35 20.90
N TYR G 1081 -5.26 -98.33 21.28
CA TYR G 1081 -6.37 -98.80 20.47
C TYR G 1081 -7.68 -98.14 20.82
N THR G 1082 -7.64 -97.02 21.55
CA THR G 1082 -8.86 -96.34 21.94
C THR G 1082 -9.63 -95.87 20.71
N VAL G 1083 -10.93 -96.09 20.72
CA VAL G 1083 -11.81 -95.66 19.63
C VAL G 1083 -12.68 -94.52 20.13
N GLN G 1084 -12.80 -93.48 19.33
CA GLN G 1084 -13.62 -92.33 19.66
C GLN G 1084 -14.72 -92.06 18.64
N SER G 1085 -14.85 -92.91 17.62
CA SER G 1085 -15.92 -92.78 16.65
C SER G 1085 -16.10 -94.13 15.97
N GLY G 1086 -17.12 -94.21 15.13
CA GLY G 1086 -17.39 -95.43 14.40
C GLY G 1086 -18.22 -96.40 15.20
N ARG G 1087 -18.42 -97.57 14.61
CA ARG G 1087 -19.19 -98.64 15.22
C ARG G 1087 -18.36 -99.91 15.25
N TRP G 1088 -18.26 -100.53 16.42
CA TRP G 1088 -17.32 -101.62 16.63
C TRP G 1088 -18.00 -102.80 17.29
N TYR G 1089 -17.43 -103.97 17.05
CA TYR G 1089 -17.99 -105.24 17.45
C TYR G 1089 -16.86 -106.18 17.83
N PHE G 1090 -17.04 -106.90 18.93
CA PHE G 1090 -16.15 -108.01 19.26
C PHE G 1090 -16.93 -109.03 20.06
N GLU G 1091 -16.40 -110.24 20.12
CA GLU G 1091 -17.08 -111.35 20.73
C GLU G 1091 -16.29 -111.88 21.91
N PHE G 1092 -17.01 -112.41 22.89
CA PHE G 1092 -16.43 -113.02 24.07
C PHE G 1092 -17.16 -114.31 24.36
N GLU G 1093 -16.45 -115.43 24.28
CA GLU G 1093 -17.01 -116.74 24.52
C GLU G 1093 -16.80 -117.14 25.96
N ALA G 1094 -17.88 -117.54 26.62
CA ALA G 1094 -17.83 -118.00 28.01
C ALA G 1094 -17.59 -119.49 27.99
N VAL G 1095 -16.32 -119.88 28.17
CA VAL G 1095 -15.99 -121.31 28.23
C VAL G 1095 -16.51 -121.92 29.52
N THR G 1096 -16.34 -121.23 30.63
CA THR G 1096 -17.02 -121.57 31.87
C THR G 1096 -18.29 -120.72 31.98
N THR G 1097 -18.94 -120.80 33.13
CA THR G 1097 -20.20 -120.09 33.35
C THR G 1097 -20.19 -119.22 34.58
N GLY G 1098 -19.05 -119.08 35.25
CA GLY G 1098 -18.98 -118.35 36.50
C GLY G 1098 -19.01 -116.85 36.33
N GLU G 1099 -18.37 -116.15 37.26
CA GLU G 1099 -18.38 -114.69 37.29
C GLU G 1099 -17.38 -114.17 36.30
N MET G 1100 -17.86 -113.73 35.14
CA MET G 1100 -17.05 -113.04 34.15
C MET G 1100 -17.84 -111.88 33.59
N ARG G 1101 -17.15 -110.77 33.34
CA ARG G 1101 -17.77 -109.58 32.80
C ARG G 1101 -17.05 -109.17 31.53
N VAL G 1102 -17.77 -108.57 30.60
CA VAL G 1102 -17.21 -108.15 29.33
C VAL G 1102 -17.93 -106.91 28.86
N GLY G 1103 -17.20 -106.02 28.21
CA GLY G 1103 -17.79 -104.77 27.76
C GLY G 1103 -16.75 -103.76 27.37
N TRP G 1104 -17.05 -102.48 27.54
CA TRP G 1104 -16.20 -101.40 27.08
C TRP G 1104 -15.75 -100.57 28.27
N ALA G 1105 -14.48 -100.21 28.27
CA ALA G 1105 -13.86 -99.53 29.39
C ALA G 1105 -13.11 -98.31 28.91
N ARG G 1106 -13.06 -97.31 29.76
CA ARG G 1106 -12.31 -96.11 29.45
C ARG G 1106 -10.83 -96.34 29.68
N PRO G 1107 -9.98 -95.59 28.97
CA PRO G 1107 -8.53 -95.84 29.07
C PRO G 1107 -7.97 -95.69 30.46
N GLU G 1108 -8.54 -94.83 31.28
CA GLU G 1108 -8.04 -94.61 32.63
C GLU G 1108 -8.60 -95.61 33.62
N LEU G 1109 -9.02 -96.78 33.14
CA LEU G 1109 -9.60 -97.79 34.01
C LEU G 1109 -8.63 -98.16 35.12
N ARG G 1110 -9.15 -98.32 36.30
CA ARG G 1110 -8.36 -98.62 37.47
C ARG G 1110 -8.27 -100.13 37.66
N PRO G 1111 -7.09 -100.68 37.99
CA PRO G 1111 -6.93 -102.14 37.95
C PRO G 1111 -7.45 -102.86 39.17
N ASP G 1112 -7.72 -102.17 40.27
CA ASP G 1112 -8.15 -102.83 41.50
C ASP G 1112 -9.63 -102.62 41.80
N VAL G 1113 -10.41 -102.21 40.82
CA VAL G 1113 -11.84 -102.00 40.99
C VAL G 1113 -12.59 -102.99 40.11
N GLU G 1114 -13.62 -103.62 40.67
CA GLU G 1114 -14.45 -104.51 39.87
C GLU G 1114 -15.05 -103.74 38.70
N LEU G 1115 -15.10 -104.40 37.54
CA LEU G 1115 -15.60 -103.74 36.35
C LEU G 1115 -17.03 -103.29 36.55
N GLY G 1116 -17.29 -102.02 36.21
CA GLY G 1116 -18.62 -101.46 36.30
C GLY G 1116 -19.00 -100.92 37.66
N ALA G 1117 -18.22 -101.24 38.70
CA ALA G 1117 -18.51 -100.69 40.01
C ALA G 1117 -18.27 -99.19 40.06
N ASP G 1118 -17.56 -98.65 39.07
CA ASP G 1118 -17.39 -97.21 38.95
C ASP G 1118 -17.77 -96.78 37.55
N GLU G 1119 -17.47 -95.54 37.19
CA GLU G 1119 -17.91 -94.95 35.94
C GLU G 1119 -16.93 -95.17 34.79
N LEU G 1120 -15.98 -96.08 34.94
CA LEU G 1120 -14.96 -96.29 33.93
C LEU G 1120 -15.20 -97.53 33.08
N ALA G 1121 -16.37 -98.16 33.18
CA ALA G 1121 -16.65 -99.34 32.38
C ALA G 1121 -18.14 -99.52 32.22
N TYR G 1122 -18.53 -100.14 31.11
CA TYR G 1122 -19.91 -100.52 30.84
C TYR G 1122 -19.88 -101.98 30.44
N VAL G 1123 -19.98 -102.88 31.41
CA VAL G 1123 -19.78 -104.29 31.18
C VAL G 1123 -21.07 -105.05 31.44
N PHE G 1124 -21.09 -106.30 30.96
CA PHE G 1124 -22.23 -107.18 31.12
C PHE G 1124 -21.78 -108.44 31.86
N ASN G 1125 -22.39 -108.68 33.00
CA ASN G 1125 -22.12 -109.87 33.80
C ASN G 1125 -23.08 -110.96 33.35
N GLY G 1126 -22.54 -112.06 32.86
CA GLY G 1126 -23.38 -113.13 32.37
C GLY G 1126 -23.66 -114.24 33.33
N HIS G 1127 -23.08 -114.22 34.53
CA HIS G 1127 -23.38 -115.27 35.49
C HIS G 1127 -24.82 -115.21 35.95
N ARG G 1128 -25.29 -114.02 36.32
CA ARG G 1128 -26.66 -113.83 36.79
C ARG G 1128 -27.44 -112.83 35.96
N GLY G 1129 -26.84 -112.33 34.87
CA GLY G 1129 -27.55 -111.46 33.96
C GLY G 1129 -27.76 -110.05 34.46
N GLN G 1130 -26.68 -109.31 34.60
CA GLN G 1130 -26.73 -107.91 35.03
C GLN G 1130 -25.84 -107.07 34.14
N ARG G 1131 -26.06 -105.76 34.18
CA ARG G 1131 -25.22 -104.80 33.49
C ARG G 1131 -24.63 -103.84 34.52
N TRP G 1132 -23.36 -103.52 34.37
CA TRP G 1132 -22.62 -102.83 35.41
C TRP G 1132 -22.10 -101.51 34.90
N HIS G 1133 -22.59 -100.42 35.49
CA HIS G 1133 -21.97 -99.10 35.35
C HIS G 1133 -22.44 -98.29 36.54
N LEU G 1134 -21.51 -97.94 37.42
CA LEU G 1134 -21.83 -97.29 38.69
C LEU G 1134 -22.84 -98.11 39.48
N GLY G 1135 -22.68 -99.42 39.42
CA GLY G 1135 -23.57 -100.34 40.09
C GLY G 1135 -24.21 -101.30 39.12
N SER G 1136 -25.07 -102.15 39.66
CA SER G 1136 -25.66 -103.25 38.92
C SER G 1136 -27.16 -103.06 38.78
N GLU G 1137 -27.69 -103.49 37.65
CA GLU G 1137 -29.12 -103.61 37.42
C GLU G 1137 -29.36 -104.79 36.49
N PRO G 1138 -30.45 -105.52 36.67
CA PRO G 1138 -30.67 -106.74 35.87
C PRO G 1138 -30.77 -106.43 34.39
N PHE G 1139 -30.33 -107.40 33.58
CA PHE G 1139 -30.27 -107.23 32.13
C PHE G 1139 -30.00 -108.57 31.49
N GLY G 1140 -30.79 -108.91 30.48
CA GLY G 1140 -30.50 -110.11 29.73
C GLY G 1140 -30.73 -111.37 30.54
N ARG G 1141 -30.07 -112.43 30.12
CA ARG G 1141 -30.21 -113.73 30.72
C ARG G 1141 -28.84 -114.34 30.97
N PRO G 1142 -28.72 -115.23 31.96
CA PRO G 1142 -27.44 -115.89 32.20
C PRO G 1142 -27.05 -116.79 31.04
N TRP G 1143 -25.74 -116.92 30.84
CA TRP G 1143 -25.21 -117.70 29.74
C TRP G 1143 -24.93 -119.14 30.18
N GLN G 1144 -24.54 -119.96 29.21
CA GLN G 1144 -24.12 -121.32 29.47
C GLN G 1144 -22.74 -121.51 28.84
N SER G 1145 -22.16 -122.67 29.08
CA SER G 1145 -20.85 -122.99 28.51
C SER G 1145 -20.93 -122.94 27.00
N GLY G 1146 -20.01 -122.21 26.39
CA GLY G 1146 -19.98 -122.09 24.95
C GLY G 1146 -20.80 -120.96 24.37
N ASP G 1147 -21.55 -120.24 25.20
CA ASP G 1147 -22.29 -119.09 24.70
C ASP G 1147 -21.34 -117.98 24.31
N VAL G 1148 -21.68 -117.26 23.24
CA VAL G 1148 -20.82 -116.20 22.69
C VAL G 1148 -21.52 -114.87 22.88
N VAL G 1149 -20.84 -113.95 23.55
CA VAL G 1149 -21.36 -112.61 23.79
C VAL G 1149 -20.74 -111.67 22.80
N GLY G 1150 -21.57 -110.98 22.03
CA GLY G 1150 -21.10 -109.97 21.12
C GLY G 1150 -21.28 -108.60 21.71
N CYS G 1151 -20.21 -107.83 21.79
CA CYS G 1151 -20.29 -106.49 22.36
C CYS G 1151 -20.20 -105.47 21.24
N MET G 1152 -21.22 -104.63 21.13
CA MET G 1152 -21.29 -103.60 20.10
C MET G 1152 -21.24 -102.23 20.76
N ILE G 1153 -20.50 -101.32 20.15
CA ILE G 1153 -20.52 -99.92 20.54
C ILE G 1153 -20.78 -99.08 19.31
N ASP G 1154 -21.68 -98.12 19.45
CA ASP G 1154 -22.06 -97.22 18.36
C ASP G 1154 -21.80 -95.80 18.85
N LEU G 1155 -20.67 -95.25 18.44
CA LEU G 1155 -20.27 -93.93 18.92
C LEU G 1155 -20.93 -92.80 18.16
N THR G 1156 -21.74 -93.11 17.15
CA THR G 1156 -22.60 -92.11 16.54
C THR G 1156 -23.91 -91.93 17.29
N GLU G 1157 -24.51 -93.02 17.75
CA GLU G 1157 -25.74 -92.99 18.53
C GLU G 1157 -25.50 -93.01 20.04
N ASN G 1158 -24.27 -93.27 20.48
CA ASN G 1158 -23.92 -93.29 21.90
C ASN G 1158 -24.73 -94.34 22.64
N THR G 1159 -24.64 -95.58 22.19
CA THR G 1159 -25.34 -96.70 22.80
C THR G 1159 -24.44 -97.92 22.83
N ILE G 1160 -24.78 -98.88 23.69
CA ILE G 1160 -24.08 -100.14 23.79
C ILE G 1160 -25.08 -101.27 23.71
N ILE G 1161 -24.79 -102.26 22.87
CA ILE G 1161 -25.68 -103.39 22.62
C ILE G 1161 -24.91 -104.67 22.90
N PHE G 1162 -25.56 -105.62 23.57
CA PHE G 1162 -25.00 -106.94 23.81
C PHE G 1162 -25.88 -107.99 23.16
N THR G 1163 -25.24 -108.96 22.51
CA THR G 1163 -25.95 -110.09 21.92
C THR G 1163 -25.39 -111.39 22.46
N LEU G 1164 -26.27 -112.34 22.73
CA LEU G 1164 -25.91 -113.65 23.24
C LEU G 1164 -26.32 -114.68 22.20
N ASN G 1165 -25.34 -115.33 21.59
CA ASN G 1165 -25.59 -116.31 20.53
C ASN G 1165 -26.41 -115.72 19.40
N GLY G 1166 -26.10 -114.48 19.03
CA GLY G 1166 -26.78 -113.82 17.93
C GLY G 1166 -28.12 -113.24 18.27
N GLU G 1167 -28.54 -113.31 19.53
CA GLU G 1167 -29.81 -112.76 19.97
C GLU G 1167 -29.54 -111.53 20.83
N VAL G 1168 -30.17 -110.41 20.48
CA VAL G 1168 -29.92 -109.17 21.20
C VAL G 1168 -30.53 -109.25 22.59
N LEU G 1169 -29.73 -108.95 23.61
CA LEU G 1169 -30.20 -108.94 24.97
C LEU G 1169 -30.96 -107.66 25.27
N MET G 1170 -32.04 -107.78 26.04
CA MET G 1170 -32.91 -106.67 26.34
C MET G 1170 -33.08 -106.55 27.85
N SER G 1171 -33.43 -105.35 28.29
CA SER G 1171 -33.64 -105.11 29.71
C SER G 1171 -35.01 -105.64 30.13
N ASP G 1172 -35.43 -105.31 31.35
CA ASP G 1172 -36.77 -105.70 31.80
C ASP G 1172 -37.78 -104.69 31.27
N SER G 1173 -37.62 -104.33 30.00
CA SER G 1173 -38.46 -103.36 29.30
C SER G 1173 -38.15 -103.52 27.82
N GLY G 1174 -38.69 -102.63 27.00
CA GLY G 1174 -38.46 -102.77 25.58
C GLY G 1174 -37.10 -102.32 25.12
N SER G 1175 -36.23 -101.92 26.04
CA SER G 1175 -34.94 -101.33 25.69
C SER G 1175 -34.05 -102.38 25.04
N GLU G 1176 -33.65 -102.12 23.80
CA GLU G 1176 -32.73 -102.98 23.07
C GLU G 1176 -31.29 -102.52 23.20
N THR G 1177 -31.04 -101.45 23.95
CA THR G 1177 -29.70 -100.94 24.16
C THR G 1177 -29.34 -101.05 25.64
N ALA G 1178 -28.17 -101.63 25.92
CA ALA G 1178 -27.74 -101.81 27.30
C ALA G 1178 -27.52 -100.46 27.98
N PHE G 1179 -26.90 -99.52 27.28
CA PHE G 1179 -26.64 -98.20 27.82
C PHE G 1179 -26.91 -97.16 26.75
N ARG G 1180 -27.29 -95.97 27.18
CA ARG G 1180 -27.65 -94.89 26.28
C ARG G 1180 -26.96 -93.61 26.73
N GLU G 1181 -26.85 -92.68 25.78
CA GLU G 1181 -26.33 -91.34 26.06
C GLU G 1181 -24.97 -91.40 26.74
N ILE G 1182 -24.12 -92.30 26.27
CA ILE G 1182 -22.77 -92.41 26.81
C ILE G 1182 -21.89 -91.33 26.18
N GLU G 1183 -21.24 -90.53 27.01
CA GLU G 1183 -20.36 -89.49 26.52
C GLU G 1183 -19.08 -90.11 25.99
N ILE G 1184 -18.68 -89.71 24.78
CA ILE G 1184 -17.48 -90.27 24.18
C ILE G 1184 -16.26 -89.91 25.01
N GLY G 1185 -16.01 -88.61 25.15
CA GLY G 1185 -14.92 -88.19 26.01
C GLY G 1185 -13.59 -88.71 25.52
N ASP G 1186 -12.93 -89.49 26.37
CA ASP G 1186 -11.58 -89.96 26.06
C ASP G 1186 -11.61 -91.12 25.08
N GLY G 1187 -12.61 -91.98 25.15
CA GLY G 1187 -12.76 -93.09 24.23
C GLY G 1187 -13.07 -94.37 24.97
N PHE G 1188 -13.08 -95.47 24.23
CA PHE G 1188 -13.46 -96.75 24.81
C PHE G 1188 -12.53 -97.86 24.34
N LEU G 1189 -12.33 -98.84 25.20
CA LEU G 1189 -11.53 -100.01 24.95
C LEU G 1189 -12.30 -101.26 25.33
N PRO G 1190 -12.16 -102.34 24.55
CA PRO G 1190 -12.73 -103.61 24.98
C PRO G 1190 -12.05 -104.11 26.24
N VAL G 1191 -12.83 -104.70 27.13
CA VAL G 1191 -12.34 -105.12 28.43
C VAL G 1191 -13.10 -106.38 28.83
N CYS G 1192 -12.45 -107.21 29.62
CA CYS G 1192 -13.10 -108.37 30.19
C CYS G 1192 -12.42 -108.70 31.50
N SER G 1193 -13.18 -109.29 32.41
CA SER G 1193 -12.64 -109.75 33.68
C SER G 1193 -13.02 -111.19 33.86
N LEU G 1194 -12.11 -111.97 34.41
CA LEU G 1194 -12.36 -113.35 34.75
C LEU G 1194 -12.18 -113.53 36.24
N GLY G 1195 -13.11 -114.23 36.87
CA GLY G 1195 -13.02 -114.52 38.27
C GLY G 1195 -12.19 -115.76 38.51
N PRO G 1196 -12.20 -116.26 39.75
CA PRO G 1196 -11.38 -117.43 40.07
C PRO G 1196 -11.87 -118.66 39.34
N GLY G 1197 -10.92 -119.39 38.74
CA GLY G 1197 -11.26 -120.61 38.04
C GLY G 1197 -12.04 -120.44 36.77
N GLN G 1198 -12.06 -119.24 36.21
CA GLN G 1198 -12.86 -118.92 35.04
C GLN G 1198 -11.98 -118.92 33.79
N VAL G 1199 -12.54 -119.41 32.69
CA VAL G 1199 -11.86 -119.43 31.40
C VAL G 1199 -12.77 -118.76 30.38
N GLY G 1200 -12.20 -117.87 29.59
CA GLY G 1200 -12.96 -117.17 28.57
C GLY G 1200 -12.12 -116.98 27.33
N HIS G 1201 -12.81 -116.80 26.22
CA HIS G 1201 -12.18 -116.59 24.93
C HIS G 1201 -12.61 -115.24 24.39
N LEU G 1202 -11.64 -114.40 24.05
CA LEU G 1202 -11.90 -113.05 23.56
C LEU G 1202 -11.46 -112.95 22.11
N ASN G 1203 -12.40 -112.58 21.24
CA ASN G 1203 -12.15 -112.51 19.80
C ASN G 1203 -12.41 -111.09 19.34
N LEU G 1204 -11.36 -110.39 18.95
CA LEU G 1204 -11.48 -109.00 18.53
C LEU G 1204 -11.67 -108.84 17.04
N GLY G 1205 -11.82 -109.93 16.31
CA GLY G 1205 -12.18 -109.84 14.90
C GLY G 1205 -11.06 -109.47 13.98
N GLN G 1206 -9.82 -109.86 14.30
CA GLN G 1206 -8.75 -109.69 13.32
C GLN G 1206 -9.00 -110.56 12.10
N ASP G 1207 -9.45 -111.78 12.32
CA ASP G 1207 -9.89 -112.68 11.25
C ASP G 1207 -11.41 -112.68 11.29
N VAL G 1208 -12.03 -111.98 10.33
CA VAL G 1208 -13.48 -111.82 10.36
C VAL G 1208 -14.17 -113.16 10.26
N SER G 1209 -13.63 -114.09 9.47
CA SER G 1209 -14.26 -115.39 9.33
C SER G 1209 -14.24 -116.19 10.63
N SER G 1210 -13.41 -115.80 11.59
CA SER G 1210 -13.37 -116.51 12.86
C SER G 1210 -14.56 -116.16 13.75
N LEU G 1211 -15.18 -115.01 13.55
CA LEU G 1211 -16.34 -114.65 14.36
C LEU G 1211 -17.50 -115.58 14.07
N ARG G 1212 -18.31 -115.84 15.09
CA ARG G 1212 -19.36 -116.85 14.98
C ARG G 1212 -20.75 -116.26 14.82
N PHE G 1213 -20.96 -115.00 15.17
CA PHE G 1213 -22.28 -114.39 15.08
C PHE G 1213 -22.23 -112.97 14.54
N PHE G 1214 -21.16 -112.60 13.83
CA PHE G 1214 -21.05 -111.24 13.33
C PHE G 1214 -22.01 -111.00 12.17
N ALA G 1215 -22.15 -111.99 11.29
CA ALA G 1215 -23.11 -111.87 10.20
C ALA G 1215 -24.54 -111.89 10.72
N ILE G 1216 -24.81 -112.72 11.74
CA ILE G 1216 -26.16 -112.85 12.26
C ILE G 1216 -26.63 -111.54 12.88
N CYS G 1217 -25.80 -110.89 13.67
CA CYS G 1217 -26.18 -109.64 14.31
C CYS G 1217 -24.96 -108.76 14.44
N GLY G 1218 -24.88 -107.71 13.64
CA GLY G 1218 -23.80 -106.76 13.71
C GLY G 1218 -23.26 -106.37 12.37
N LEU G 1219 -23.27 -107.31 11.41
CA LEU G 1219 -22.73 -107.00 10.09
C LEU G 1219 -23.64 -106.06 9.33
N GLN G 1220 -24.94 -106.38 9.28
CA GLN G 1220 -25.87 -105.58 8.51
C GLN G 1220 -26.17 -104.24 9.16
N GLU G 1221 -26.13 -104.18 10.48
CA GLU G 1221 -26.35 -102.91 11.18
C GLU G 1221 -25.23 -101.91 10.93
N GLY G 1222 -24.13 -102.34 10.33
CA GLY G 1222 -23.05 -101.44 10.00
C GLY G 1222 -21.87 -101.47 10.94
N PHE G 1223 -21.85 -102.39 11.90
CA PHE G 1223 -20.74 -102.45 12.83
C PHE G 1223 -19.55 -103.12 12.17
N GLU G 1224 -18.37 -102.92 12.77
CA GLU G 1224 -17.14 -103.48 12.27
C GLU G 1224 -16.41 -104.22 13.38
N PRO G 1225 -15.67 -105.26 13.06
CA PRO G 1225 -14.85 -105.91 14.08
C PRO G 1225 -13.79 -104.94 14.58
N PHE G 1226 -13.44 -105.09 15.86
CA PHE G 1226 -12.58 -104.10 16.50
C PHE G 1226 -11.21 -104.03 15.88
N ALA G 1227 -10.74 -105.13 15.30
CA ALA G 1227 -9.38 -105.21 14.77
C ALA G 1227 -9.39 -105.66 13.32
N ILE G 1228 -10.28 -105.07 12.52
CA ILE G 1228 -10.58 -105.64 11.22
C ILE G 1228 -9.39 -105.53 10.27
N ASN G 1229 -8.78 -104.35 10.19
CA ASN G 1229 -7.60 -104.18 9.34
C ASN G 1229 -6.41 -103.89 10.25
N MET G 1230 -5.85 -104.96 10.79
CA MET G 1230 -4.71 -104.88 11.69
C MET G 1230 -3.85 -106.10 11.41
N GLN G 1231 -2.55 -105.91 11.33
CA GLN G 1231 -1.63 -107.02 11.06
CA GLN G 1231 -1.65 -107.02 11.05
C GLN G 1231 -1.35 -107.82 12.31
N ARG G 1232 -0.72 -107.20 13.26
CA ARG G 1232 -0.43 -107.92 14.48
C ARG G 1232 -1.67 -107.96 15.37
N PRO G 1233 -1.84 -109.02 16.15
CA PRO G 1233 -2.98 -109.08 17.05
C PRO G 1233 -2.89 -107.97 18.08
N VAL G 1234 -4.06 -107.55 18.56
CA VAL G 1234 -4.13 -106.46 19.52
C VAL G 1234 -3.34 -106.81 20.76
N THR G 1235 -2.43 -105.91 21.16
CA THR G 1235 -1.75 -106.05 22.44
C THR G 1235 -2.76 -105.87 23.56
N THR G 1236 -2.70 -106.76 24.55
CA THR G 1236 -3.57 -106.68 25.71
C THR G 1236 -2.75 -106.47 26.96
N TRP G 1237 -3.34 -105.78 27.92
CA TRP G 1237 -2.78 -105.59 29.24
C TRP G 1237 -3.70 -106.23 30.25
N PHE G 1238 -3.13 -106.79 31.31
CA PHE G 1238 -3.88 -107.45 32.35
C PHE G 1238 -3.50 -106.90 33.72
N SER G 1239 -4.39 -107.07 34.68
CA SER G 1239 -4.17 -106.57 36.02
C SER G 1239 -3.32 -107.59 36.78
N LYS G 1240 -2.06 -107.26 37.00
CA LYS G 1240 -1.15 -108.17 37.69
C LYS G 1240 -1.27 -107.92 39.19
N SER G 1241 -1.62 -108.97 39.92
CA SER G 1241 -1.80 -108.87 41.36
C SER G 1241 -0.51 -109.17 42.11
N LEU G 1242 0.54 -108.43 41.76
CA LEU G 1242 1.77 -108.45 42.53
C LEU G 1242 1.93 -107.08 43.18
N PRO G 1243 1.88 -106.98 44.50
CA PRO G 1243 1.99 -105.67 45.13
C PRO G 1243 3.30 -104.98 44.78
N GLN G 1244 3.21 -103.68 44.51
CA GLN G 1244 4.34 -102.87 44.13
C GLN G 1244 4.27 -101.56 44.89
N PHE G 1245 5.42 -100.93 45.10
CA PHE G 1245 5.48 -99.65 45.77
C PHE G 1245 5.34 -98.54 44.75
N GLU G 1246 4.43 -97.61 45.03
CA GLU G 1246 4.18 -96.47 44.15
C GLU G 1246 4.03 -95.21 44.98
N PRO G 1247 4.30 -94.04 44.39
CA PRO G 1247 4.17 -92.79 45.15
C PRO G 1247 2.76 -92.58 45.62
N VAL G 1248 2.62 -91.93 46.77
CA VAL G 1248 1.30 -91.59 47.30
C VAL G 1248 0.71 -90.53 46.36
N PRO G 1249 -0.44 -90.79 45.76
CA PRO G 1249 -1.02 -89.81 44.85
C PRO G 1249 -1.34 -88.53 45.60
N PRO G 1250 -1.09 -87.38 44.98
CA PRO G 1250 -1.34 -86.12 45.68
C PRO G 1250 -2.79 -85.90 46.03
N GLU G 1251 -3.71 -86.57 45.34
CA GLU G 1251 -5.13 -86.41 45.55
C GLU G 1251 -5.76 -87.64 46.20
N HIS G 1252 -4.97 -88.40 46.94
CA HIS G 1252 -5.50 -89.58 47.60
C HIS G 1252 -6.56 -89.15 48.60
N PRO G 1253 -7.73 -89.79 48.60
CA PRO G 1253 -8.80 -89.34 49.50
C PRO G 1253 -8.44 -89.45 50.96
N HIS G 1254 -7.65 -90.43 51.37
CA HIS G 1254 -7.46 -90.73 52.78
C HIS G 1254 -6.11 -90.34 53.34
N TYR G 1255 -5.05 -90.38 52.54
CA TYR G 1255 -3.69 -90.23 53.04
C TYR G 1255 -3.11 -88.95 52.49
N GLU G 1256 -2.37 -88.23 53.32
CA GLU G 1256 -1.71 -87.00 52.90
C GLU G 1256 -0.29 -87.03 53.45
N VAL G 1257 0.66 -86.63 52.62
CA VAL G 1257 2.06 -86.59 52.99
C VAL G 1257 2.54 -85.15 52.89
N ALA G 1258 3.15 -84.66 53.96
CA ALA G 1258 3.62 -83.28 54.03
C ALA G 1258 5.13 -83.27 54.20
N ARG G 1259 5.81 -82.48 53.37
CA ARG G 1259 7.26 -82.36 53.42
C ARG G 1259 7.61 -81.18 54.31
N MET G 1260 7.94 -81.45 55.57
CA MET G 1260 8.25 -80.43 56.54
C MET G 1260 9.71 -80.03 56.42
N ASP G 1261 9.97 -78.74 56.26
CA ASP G 1261 11.34 -78.26 56.13
C ASP G 1261 12.07 -78.34 57.47
N GLY G 1262 13.39 -78.26 57.40
CA GLY G 1262 14.20 -78.37 58.60
C GLY G 1262 14.33 -77.07 59.37
N THR G 1263 13.88 -77.07 60.62
CA THR G 1263 14.01 -75.92 61.49
C THR G 1263 15.37 -75.98 62.19
N VAL G 1264 15.59 -75.06 63.13
CA VAL G 1264 16.84 -75.07 63.88
C VAL G 1264 16.92 -76.28 64.80
N ASP G 1265 15.79 -76.68 65.37
CA ASP G 1265 15.76 -77.77 66.33
C ASP G 1265 15.20 -79.07 65.77
N THR G 1266 14.75 -79.08 64.52
CA THR G 1266 14.19 -80.29 63.93
C THR G 1266 14.84 -80.55 62.58
N PRO G 1267 14.94 -81.81 62.18
CA PRO G 1267 15.44 -82.13 60.85
C PRO G 1267 14.30 -82.16 59.84
N PRO G 1268 14.62 -82.15 58.55
CA PRO G 1268 13.56 -82.26 57.55
C PRO G 1268 12.80 -83.56 57.70
N CYS G 1269 11.49 -83.50 57.51
CA CYS G 1269 10.61 -84.61 57.84
C CYS G 1269 9.63 -84.86 56.72
N LEU G 1270 9.14 -86.08 56.68
CA LEU G 1270 8.04 -86.50 55.80
C LEU G 1270 6.94 -87.02 56.70
N ARG G 1271 5.84 -86.28 56.80
CA ARG G 1271 4.79 -86.57 57.76
C ARG G 1271 3.57 -87.12 57.05
N LEU G 1272 3.00 -88.18 57.62
CA LEU G 1272 1.84 -88.85 57.05
C LEU G 1272 0.60 -88.51 57.86
N ALA G 1273 -0.45 -88.05 57.20
CA ALA G 1273 -1.68 -87.65 57.86
C ALA G 1273 -2.86 -88.39 57.26
N HIS G 1274 -3.80 -88.76 58.11
CA HIS G 1274 -5.03 -89.41 57.67
C HIS G 1274 -6.07 -88.32 57.43
N ARG G 1275 -6.49 -88.18 56.17
CA ARG G 1275 -7.38 -87.09 55.81
C ARG G 1275 -8.75 -87.25 56.45
N THR G 1276 -9.29 -88.46 56.47
CA THR G 1276 -10.68 -88.70 56.80
C THR G 1276 -10.85 -89.40 58.14
N TRP G 1277 -9.86 -89.34 59.01
CA TRP G 1277 -9.92 -90.11 60.24
C TRP G 1277 -11.11 -89.68 61.10
N GLY G 1278 -11.84 -90.68 61.59
CA GLY G 1278 -12.99 -90.46 62.43
C GLY G 1278 -14.31 -90.34 61.70
N SER G 1279 -14.32 -89.69 60.54
CA SER G 1279 -15.58 -89.46 59.84
C SER G 1279 -16.11 -90.75 59.25
N GLN G 1280 -17.37 -90.70 58.85
CA GLN G 1280 -17.97 -91.82 58.12
C GLN G 1280 -17.30 -91.97 56.77
N ASN G 1281 -17.06 -93.22 56.39
CA ASN G 1281 -16.43 -93.73 55.17
C ASN G 1281 -14.91 -93.78 55.25
N SER G 1282 -14.33 -93.44 56.40
CA SER G 1282 -12.88 -93.45 56.53
C SER G 1282 -12.33 -94.85 56.30
N LEU G 1283 -11.17 -94.92 55.63
CA LEU G 1283 -10.49 -96.18 55.38
C LEU G 1283 -9.45 -96.40 56.46
N VAL G 1284 -9.58 -97.49 57.20
CA VAL G 1284 -8.64 -97.84 58.25
C VAL G 1284 -8.13 -99.24 57.95
N GLU G 1285 -6.93 -99.32 57.39
CA GLU G 1285 -6.34 -100.59 57.02
C GLU G 1285 -4.83 -100.45 57.08
N MET G 1286 -4.14 -101.59 57.08
CA MET G 1286 -2.69 -101.58 57.12
C MET G 1286 -2.13 -100.79 55.96
N LEU G 1287 -1.14 -99.96 56.25
CA LEU G 1287 -0.48 -99.13 55.26
C LEU G 1287 1.00 -99.48 55.26
N PHE G 1288 1.53 -99.80 54.09
CA PHE G 1288 2.93 -100.18 53.93
C PHE G 1288 3.65 -99.04 53.23
N LEU G 1289 4.56 -98.38 53.92
CA LEU G 1289 5.23 -97.22 53.40
C LEU G 1289 6.72 -97.50 53.27
N ARG G 1290 7.35 -96.85 52.29
CA ARG G 1290 8.79 -96.88 52.18
C ARG G 1290 9.23 -95.62 51.43
N LEU G 1291 10.50 -95.27 51.61
CA LEU G 1291 11.06 -94.15 50.88
C LEU G 1291 11.53 -94.61 49.51
N SER G 1292 11.55 -93.66 48.57
CA SER G 1292 11.77 -94.02 47.18
C SER G 1292 13.21 -94.39 46.89
N LEU G 1293 14.15 -94.04 47.76
CA LEU G 1293 15.53 -94.30 47.41
C LEU G 1293 16.19 -95.23 48.41
N PRO G 1294 17.05 -96.14 47.97
CA PRO G 1294 17.68 -97.09 48.87
C PRO G 1294 19.03 -96.61 49.37
N VAL G 1295 19.50 -97.28 50.41
CA VAL G 1295 20.89 -97.21 50.85
C VAL G 1295 21.53 -98.53 50.50
N GLN G 1296 22.72 -98.47 49.91
CA GLN G 1296 23.37 -99.67 49.40
C GLN G 1296 24.60 -99.97 50.25
N PHE G 1297 24.70 -101.20 50.74
CA PHE G 1297 25.87 -101.58 51.49
C PHE G 1297 27.06 -101.73 50.56
N HIS G 1298 28.25 -101.60 51.15
CA HIS G 1298 29.47 -101.57 50.36
C HIS G 1298 29.73 -102.90 49.69
N GLN G 1299 30.58 -102.86 48.67
CA GLN G 1299 30.93 -104.07 47.95
C GLN G 1299 31.77 -105.01 48.80
N HIS G 1300 32.64 -104.46 49.62
CA HIS G 1300 33.48 -105.25 50.52
C HIS G 1300 33.34 -104.73 51.94
N PHE G 1301 33.24 -105.66 52.88
CA PHE G 1301 33.15 -105.31 54.28
C PHE G 1301 34.55 -105.22 54.88
N ARG G 1302 34.66 -104.40 55.92
CA ARG G 1302 35.91 -104.29 56.66
C ARG G 1302 36.22 -105.59 57.37
N CYS G 1303 37.51 -105.92 57.44
CA CYS G 1303 37.92 -107.14 58.12
C CYS G 1303 37.67 -107.02 59.62
N THR G 1304 37.23 -108.12 60.22
CA THR G 1304 36.93 -108.19 61.64
C THR G 1304 35.92 -107.12 62.06
N ASP G 1419 27.27 -78.56 74.60
CA ASP G 1419 27.83 -79.84 74.18
C ASP G 1419 27.35 -80.25 72.80
N ASN G 1420 27.67 -81.48 72.43
CA ASN G 1420 27.15 -82.13 71.23
C ASN G 1420 27.54 -81.36 69.96
N ARG G 1421 28.78 -81.52 69.55
CA ARG G 1421 29.23 -81.18 68.19
C ARG G 1421 29.99 -82.37 67.64
N ASP G 1422 29.82 -82.64 66.36
CA ASP G 1422 30.50 -83.77 65.73
C ASP G 1422 32.00 -83.48 65.62
N ASP G 1423 32.80 -84.50 65.86
CA ASP G 1423 34.21 -84.42 65.56
C ASP G 1423 34.40 -84.50 64.05
N PRO G 1424 35.05 -83.51 63.41
CA PRO G 1424 35.15 -83.55 61.94
C PRO G 1424 35.84 -84.80 61.40
N GLU G 1425 36.93 -85.23 62.04
CA GLU G 1425 37.63 -86.40 61.52
C GLU G 1425 36.80 -87.66 61.66
N ILE G 1426 36.05 -87.80 62.74
CA ILE G 1426 35.19 -88.96 62.90
C ILE G 1426 34.03 -88.92 61.91
N ILE G 1427 33.35 -87.78 61.82
CA ILE G 1427 32.16 -87.69 60.99
C ILE G 1427 32.50 -87.81 59.51
N LEU G 1428 33.70 -87.40 59.12
CA LEU G 1428 34.09 -87.51 57.72
C LEU G 1428 34.64 -88.89 57.36
N ASN G 1429 34.84 -89.76 58.34
CA ASN G 1429 35.33 -91.11 58.07
C ASN G 1429 34.35 -92.19 58.50
N THR G 1430 33.24 -91.83 59.14
CA THR G 1430 32.27 -92.82 59.59
C THR G 1430 31.50 -93.37 58.40
N THR G 1431 31.02 -94.60 58.56
CA THR G 1431 30.14 -95.24 57.58
C THR G 1431 28.79 -95.60 58.19
N THR G 1432 28.42 -94.97 59.30
CA THR G 1432 27.16 -95.23 59.97
C THR G 1432 26.16 -94.16 59.58
N TYR G 1433 24.97 -94.57 59.19
CA TYR G 1433 23.93 -93.67 58.76
C TYR G 1433 22.66 -93.90 59.58
N TYR G 1434 21.89 -92.84 59.74
CA TYR G 1434 20.82 -92.81 60.71
C TYR G 1434 19.56 -92.23 60.10
N TYR G 1435 18.42 -92.74 60.55
CA TYR G 1435 17.13 -92.13 60.26
C TYR G 1435 16.16 -92.59 61.33
N SER G 1436 15.24 -91.71 61.71
CA SER G 1436 14.34 -91.98 62.81
C SER G 1436 12.90 -91.77 62.37
N VAL G 1437 11.99 -92.44 63.06
CA VAL G 1437 10.56 -92.34 62.80
C VAL G 1437 9.88 -91.93 64.10
N ARG G 1438 9.04 -90.90 64.01
CA ARG G 1438 8.33 -90.37 65.17
C ARG G 1438 6.88 -90.80 65.10
N VAL G 1439 6.46 -91.61 66.07
CA VAL G 1439 5.07 -92.07 66.14
C VAL G 1439 4.33 -91.11 67.06
N PHE G 1440 3.40 -90.35 66.48
CA PHE G 1440 2.72 -89.30 67.23
C PHE G 1440 1.84 -89.89 68.32
N ALA G 1441 1.64 -89.11 69.38
CA ALA G 1441 0.74 -89.52 70.44
C ALA G 1441 -0.66 -89.70 69.90
N GLY G 1442 -1.29 -90.81 70.25
CA GLY G 1442 -2.58 -91.20 69.71
C GLY G 1442 -2.49 -92.36 68.75
N GLN G 1443 -1.37 -92.47 68.03
CA GLN G 1443 -1.12 -93.66 67.22
C GLN G 1443 -0.53 -94.72 68.12
N GLU G 1444 -1.20 -95.87 68.21
CA GLU G 1444 -0.74 -96.92 69.09
C GLU G 1444 0.61 -97.46 68.59
N PRO G 1445 1.64 -97.49 69.43
CA PRO G 1445 2.90 -98.08 69.00
C PRO G 1445 2.77 -99.54 68.62
N SER G 1446 1.79 -100.24 69.19
CA SER G 1446 1.58 -101.64 68.84
C SER G 1446 1.16 -101.83 67.40
N CYS G 1447 0.80 -100.75 66.70
CA CYS G 1447 0.38 -100.82 65.32
C CYS G 1447 1.38 -100.17 64.37
N VAL G 1448 2.63 -100.04 64.77
CA VAL G 1448 3.67 -99.44 63.94
C VAL G 1448 4.88 -100.36 63.92
N TRP G 1449 5.38 -100.64 62.71
CA TRP G 1449 6.62 -101.37 62.51
C TRP G 1449 7.58 -100.47 61.76
N VAL G 1450 8.80 -100.36 62.26
CA VAL G 1450 9.81 -99.46 61.71
C VAL G 1450 11.05 -100.25 61.36
N GLY G 1451 11.60 -100.00 60.18
CA GLY G 1451 12.81 -100.68 59.78
C GLY G 1451 13.20 -100.48 58.33
N TRP G 1452 13.55 -101.56 57.64
CA TRP G 1452 13.97 -101.51 56.24
C TRP G 1452 13.32 -102.65 55.48
N VAL G 1453 13.21 -102.48 54.17
CA VAL G 1453 12.77 -103.53 53.26
C VAL G 1453 13.72 -103.60 52.08
N THR G 1454 14.03 -104.81 51.65
CA THR G 1454 14.80 -105.02 50.44
C THR G 1454 13.91 -104.83 49.22
N PRO G 1455 14.48 -104.55 48.05
CA PRO G 1455 13.66 -104.18 46.90
C PRO G 1455 12.73 -105.27 46.39
N ASP G 1456 12.73 -106.44 47.02
CA ASP G 1456 11.86 -107.54 46.60
C ASP G 1456 10.79 -107.84 47.65
N TYR G 1457 10.24 -106.80 48.27
CA TYR G 1457 9.16 -106.96 49.22
C TYR G 1457 7.83 -106.75 48.51
N HIS G 1458 7.04 -107.80 48.40
CA HIS G 1458 5.73 -107.74 47.75
C HIS G 1458 4.68 -108.42 48.60
N GLN G 1459 4.66 -108.13 49.89
CA GLN G 1459 3.76 -108.79 50.83
C GLN G 1459 2.76 -107.77 51.33
N HIS G 1460 1.57 -107.77 50.75
CA HIS G 1460 0.50 -106.85 51.11
C HIS G 1460 -0.45 -107.52 52.09
N ASP G 1461 0.10 -107.86 53.25
CA ASP G 1461 -0.62 -108.67 54.22
C ASP G 1461 -1.47 -107.78 55.12
N MET G 1462 -2.77 -108.02 55.14
CA MET G 1462 -3.70 -107.21 55.89
C MET G 1462 -3.67 -107.50 57.38
N ASN G 1463 -2.96 -108.55 57.81
CA ASN G 1463 -2.83 -108.91 59.21
C ASN G 1463 -1.35 -109.05 59.56
N PHE G 1464 -0.56 -108.05 59.19
CA PHE G 1464 0.89 -108.18 59.27
C PHE G 1464 1.36 -108.27 60.70
N ASP G 1465 2.35 -109.13 60.93
CA ASP G 1465 3.18 -109.08 62.12
C ASP G 1465 4.51 -109.74 61.78
N LEU G 1466 5.50 -109.54 62.63
CA LEU G 1466 6.87 -109.92 62.28
C LEU G 1466 7.00 -111.42 62.04
N SER G 1467 6.03 -112.22 62.50
CA SER G 1467 6.03 -113.64 62.20
C SER G 1467 5.70 -113.94 60.75
N LYS G 1468 5.10 -112.99 60.02
CA LYS G 1468 4.79 -113.21 58.61
C LYS G 1468 5.94 -112.86 57.69
N VAL G 1469 7.02 -112.29 58.21
CA VAL G 1469 8.12 -111.84 57.36
C VAL G 1469 8.82 -113.05 56.77
N ARG G 1470 9.07 -113.00 55.46
CA ARG G 1470 9.80 -114.07 54.79
C ARG G 1470 11.18 -114.21 55.39
N ALA G 1471 11.59 -115.45 55.64
CA ALA G 1471 12.91 -115.72 56.17
C ALA G 1471 13.37 -117.08 55.68
N VAL G 1472 14.69 -117.25 55.60
CA VAL G 1472 15.29 -118.51 55.22
C VAL G 1472 16.76 -118.45 55.60
N THR G 1473 17.32 -119.58 56.00
CA THR G 1473 18.72 -119.70 56.33
C THR G 1473 19.38 -120.66 55.34
N VAL G 1474 20.51 -120.25 54.79
CA VAL G 1474 21.24 -121.06 53.82
C VAL G 1474 22.55 -121.49 54.47
N THR G 1475 22.73 -122.80 54.61
CA THR G 1475 23.83 -123.36 55.39
C THR G 1475 24.72 -124.24 54.50
N MET G 1476 26.01 -123.92 54.48
CA MET G 1476 27.01 -124.72 53.76
C MET G 1476 27.93 -125.42 54.75
N GLY G 1477 28.45 -126.57 54.32
CA GLY G 1477 29.32 -127.38 55.15
C GLY G 1477 30.38 -128.06 54.31
N ASP G 1478 31.20 -128.86 54.97
CA ASP G 1478 32.21 -129.66 54.28
C ASP G 1478 31.63 -131.04 53.99
N GLU G 1479 32.50 -131.99 53.63
CA GLU G 1479 32.04 -133.33 53.25
C GLU G 1479 31.31 -134.02 54.38
N GLN G 1480 31.60 -133.68 55.63
CA GLN G 1480 31.00 -134.34 56.80
C GLN G 1480 30.50 -133.26 57.76
N GLY G 1481 29.30 -132.75 57.51
CA GLY G 1481 28.73 -131.73 58.39
C GLY G 1481 29.59 -130.49 58.44
N ASN G 1482 29.98 -130.10 59.64
CA ASN G 1482 30.91 -129.00 59.86
C ASN G 1482 30.47 -127.73 59.14
N VAL G 1483 29.32 -127.22 59.58
CA VAL G 1483 28.79 -125.97 59.08
C VAL G 1483 29.84 -124.89 59.22
N HIS G 1484 30.26 -124.30 58.10
CA HIS G 1484 31.22 -123.21 58.13
C HIS G 1484 30.64 -121.90 57.62
N SER G 1485 29.36 -121.88 57.27
CA SER G 1485 28.72 -120.66 56.77
C SER G 1485 27.22 -120.83 56.95
N SER G 1486 26.57 -119.84 57.56
CA SER G 1486 25.13 -119.89 57.81
C SER G 1486 24.58 -118.48 57.65
N LEU G 1487 24.15 -118.16 56.42
CA LEU G 1487 23.61 -116.85 56.12
C LEU G 1487 22.09 -116.86 56.32
N LYS G 1488 21.59 -115.79 56.93
CA LYS G 1488 20.18 -115.63 57.19
C LYS G 1488 19.63 -114.56 56.25
N CYS G 1489 18.59 -114.91 55.51
CA CYS G 1489 18.06 -114.05 54.45
C CYS G 1489 16.62 -113.64 54.77
N SER G 1490 16.27 -112.45 54.34
CA SER G 1490 14.92 -111.92 54.53
C SER G 1490 14.73 -110.74 53.60
N ASN G 1491 13.52 -110.22 53.57
CA ASN G 1491 13.21 -109.05 52.77
C ASN G 1491 12.71 -107.87 53.59
N CYS G 1492 12.66 -108.01 54.90
CA CYS G 1492 12.01 -107.00 55.74
C CYS G 1492 12.67 -107.03 57.10
N TYR G 1493 13.42 -105.99 57.43
CA TYR G 1493 14.15 -105.89 58.69
C TYR G 1493 13.52 -104.76 59.49
N MET G 1494 12.64 -105.09 60.42
CA MET G 1494 11.94 -104.09 61.21
C MET G 1494 11.94 -104.48 62.66
N VAL G 1495 11.52 -103.54 63.50
CA VAL G 1495 11.27 -103.79 64.90
C VAL G 1495 9.85 -103.34 65.21
N TRP G 1496 9.19 -104.11 66.07
CA TRP G 1496 7.81 -103.84 66.43
C TRP G 1496 7.75 -102.65 67.38
N GLY G 1497 6.76 -101.80 67.19
CA GLY G 1497 6.60 -100.67 68.08
C GLY G 1497 6.17 -101.05 69.47
N GLY G 1498 5.58 -102.23 69.64
CA GLY G 1498 5.13 -102.68 70.93
C GLY G 1498 6.21 -103.18 71.85
N ASP G 1499 7.43 -103.32 71.36
CA ASP G 1499 8.55 -103.71 72.21
C ASP G 1499 9.12 -102.53 72.98
N PHE G 1500 8.65 -101.33 72.73
CA PHE G 1500 9.23 -100.12 73.30
C PHE G 1500 8.26 -99.41 74.23
N VAL G 1501 7.19 -100.08 74.63
CA VAL G 1501 6.21 -99.51 75.55
C VAL G 1501 6.26 -100.30 76.85
N SER G 1502 6.47 -99.59 77.95
CA SER G 1502 6.53 -100.24 79.24
C SER G 1502 5.14 -100.78 79.59
N PRO G 1503 5.05 -101.95 80.22
CA PRO G 1503 3.74 -102.52 80.55
C PRO G 1503 3.04 -101.76 81.67
N GLY G 1504 2.64 -100.52 81.37
CA GLY G 1504 1.95 -99.73 82.37
C GLY G 1504 0.53 -100.19 82.60
N GLN G 1505 -0.07 -99.68 83.67
CA GLN G 1505 -1.46 -100.02 83.99
C GLN G 1505 -2.39 -99.60 82.86
N GLN G 1506 -2.28 -98.35 82.44
CA GLN G 1506 -3.04 -97.81 81.32
C GLN G 1506 -2.36 -96.50 80.91
N GLY G 1507 -3.02 -95.72 80.07
CA GLY G 1507 -2.38 -94.56 79.49
C GLY G 1507 -1.48 -94.92 78.33
N ARG G 1508 -1.82 -96.00 77.60
CA ARG G 1508 -0.99 -96.42 76.48
C ARG G 1508 -0.93 -95.35 75.40
N ILE G 1509 -1.89 -94.43 75.41
CA ILE G 1509 -1.81 -93.23 74.58
C ILE G 1509 -0.95 -92.24 75.35
N SER G 1510 0.36 -92.35 75.20
CA SER G 1510 1.26 -91.54 76.01
C SER G 1510 1.15 -90.08 75.62
N HIS G 1511 1.53 -89.22 76.57
CA HIS G 1511 1.78 -87.83 76.21
C HIS G 1511 2.96 -87.73 75.25
N THR G 1512 3.95 -88.59 75.42
CA THR G 1512 5.19 -88.51 74.66
C THR G 1512 5.09 -89.37 73.41
N ASP G 1513 5.49 -88.81 72.28
CA ASP G 1513 5.60 -89.57 71.05
C ASP G 1513 6.76 -90.55 71.15
N LEU G 1514 6.66 -91.64 70.40
CA LEU G 1514 7.76 -92.61 70.31
C LEU G 1514 8.66 -92.21 69.15
N VAL G 1515 9.97 -92.28 69.35
CA VAL G 1515 10.94 -91.94 68.31
C VAL G 1515 11.86 -93.14 68.13
N ILE G 1516 11.53 -94.01 67.19
CA ILE G 1516 12.35 -95.17 66.86
C ILE G 1516 13.44 -94.74 65.90
N GLY G 1517 14.69 -95.05 66.22
CA GLY G 1517 15.81 -94.72 65.37
C GLY G 1517 16.43 -95.96 64.75
N CYS G 1518 16.92 -95.81 63.53
CA CYS G 1518 17.51 -96.92 62.78
C CYS G 1518 18.91 -96.54 62.33
N LEU G 1519 19.90 -97.32 62.74
CA LEU G 1519 21.29 -97.12 62.38
C LEU G 1519 21.74 -98.26 61.50
N VAL G 1520 22.47 -97.93 60.44
CA VAL G 1520 23.05 -98.92 59.54
C VAL G 1520 24.50 -98.55 59.30
N ASP G 1521 25.37 -99.55 59.35
CA ASP G 1521 26.79 -99.38 59.07
C ASP G 1521 27.07 -100.04 57.72
N LEU G 1522 27.25 -99.22 56.69
CA LEU G 1522 27.38 -99.73 55.33
C LEU G 1522 28.70 -100.44 55.10
N ALA G 1523 29.63 -100.36 56.04
CA ALA G 1523 30.92 -101.03 55.88
C ALA G 1523 30.99 -102.36 56.61
N THR G 1524 30.06 -102.62 57.52
CA THR G 1524 30.05 -103.87 58.26
C THR G 1524 28.76 -104.67 58.11
N GLY G 1525 27.70 -104.07 57.59
CA GLY G 1525 26.47 -104.81 57.40
C GLY G 1525 25.63 -105.00 58.64
N LEU G 1526 25.92 -104.27 59.70
CA LEU G 1526 25.22 -104.42 60.97
C LEU G 1526 24.22 -103.29 61.15
N MET G 1527 22.99 -103.65 61.50
CA MET G 1527 21.92 -102.69 61.69
C MET G 1527 21.38 -102.81 63.11
N THR G 1528 21.21 -101.67 63.77
CA THR G 1528 20.73 -101.61 65.14
C THR G 1528 19.65 -100.57 65.25
N PHE G 1529 18.89 -100.61 66.34
CA PHE G 1529 17.76 -99.72 66.53
C PHE G 1529 17.80 -99.13 67.93
N THR G 1530 17.24 -97.92 68.06
CA THR G 1530 17.18 -97.23 69.33
C THR G 1530 15.73 -96.85 69.64
N ALA G 1531 15.32 -97.08 70.88
CA ALA G 1531 13.92 -96.92 71.25
C ALA G 1531 13.57 -95.46 71.52
N ASN G 1532 14.24 -94.85 72.50
CA ASN G 1532 14.08 -93.42 72.81
C ASN G 1532 15.44 -92.83 73.18
N GLY G 1533 16.44 -93.12 72.37
CA GLY G 1533 17.81 -92.92 72.77
C GLY G 1533 18.42 -94.11 73.47
N LYS G 1534 17.61 -95.11 73.82
CA LYS G 1534 18.07 -96.33 74.45
C LYS G 1534 18.27 -97.40 73.39
N GLU G 1535 19.44 -98.00 73.36
CA GLU G 1535 19.73 -99.04 72.38
C GLU G 1535 18.79 -100.21 72.58
N SER G 1536 18.29 -100.76 71.48
CA SER G 1536 17.42 -101.92 71.53
C SER G 1536 18.25 -103.20 71.44
N ASN G 1537 17.61 -104.31 71.84
CA ASN G 1537 18.28 -105.60 71.80
C ASN G 1537 18.38 -106.16 70.39
N THR G 1538 17.35 -105.93 69.58
CA THR G 1538 17.28 -106.53 68.25
C THR G 1538 18.30 -105.92 67.31
N PHE G 1539 18.87 -106.75 66.46
CA PHE G 1539 19.82 -106.31 65.44
C PHE G 1539 19.81 -107.30 64.30
N PHE G 1540 20.32 -106.87 63.15
CA PHE G 1540 20.38 -107.72 61.98
C PHE G 1540 21.73 -107.57 61.32
N GLN G 1541 22.10 -108.57 60.53
CA GLN G 1541 23.35 -108.56 59.76
C GLN G 1541 23.00 -108.85 58.31
N VAL G 1542 23.55 -108.06 57.39
CA VAL G 1542 23.24 -108.20 55.97
C VAL G 1542 24.53 -108.33 55.18
N GLU G 1543 24.41 -108.91 53.99
CA GLU G 1543 25.54 -109.17 53.13
C GLU G 1543 25.90 -107.93 52.32
N PRO G 1544 27.10 -107.89 51.75
CA PRO G 1544 27.48 -106.75 50.92
C PRO G 1544 26.62 -106.63 49.68
N ASN G 1545 26.55 -105.41 49.15
CA ASN G 1545 25.75 -105.00 48.00
C ASN G 1545 24.25 -105.02 48.29
N THR G 1546 23.85 -105.14 49.54
CA THR G 1546 22.42 -105.16 49.86
C THR G 1546 21.83 -103.76 49.72
N LYS G 1547 20.65 -103.70 49.11
CA LYS G 1547 19.89 -102.46 49.00
C LYS G 1547 18.77 -102.48 50.03
N LEU G 1548 18.64 -101.40 50.77
CA LEU G 1548 17.61 -101.28 51.81
C LEU G 1548 16.88 -99.97 51.66
N PHE G 1549 15.59 -100.03 51.75
CA PHE G 1549 14.72 -98.87 51.72
C PHE G 1549 14.19 -98.58 53.10
N PRO G 1550 14.26 -97.35 53.60
CA PRO G 1550 13.58 -97.01 54.85
C PRO G 1550 12.10 -97.29 54.70
N ALA G 1551 11.56 -98.09 55.60
CA ALA G 1551 10.17 -98.52 55.49
C ALA G 1551 9.48 -98.39 56.84
N VAL G 1552 8.20 -98.04 56.79
CA VAL G 1552 7.34 -98.02 57.97
C VAL G 1552 6.02 -98.66 57.59
N PHE G 1553 5.59 -99.63 58.38
CA PHE G 1553 4.30 -100.27 58.23
C PHE G 1553 3.46 -99.84 59.42
N VAL G 1554 2.24 -99.36 59.16
CA VAL G 1554 1.42 -98.81 60.22
C VAL G 1554 -0.04 -99.12 59.96
N LEU G 1555 -0.79 -99.32 61.04
CA LEU G 1555 -2.24 -99.37 60.99
C LEU G 1555 -2.77 -98.11 61.65
N PRO G 1556 -3.27 -97.15 60.90
CA PRO G 1556 -3.55 -95.83 61.48
C PRO G 1556 -4.62 -95.89 62.56
N THR G 1557 -4.39 -95.14 63.64
CA THR G 1557 -5.39 -94.97 64.68
C THR G 1557 -5.51 -93.52 65.11
N HIS G 1558 -5.10 -92.58 64.27
CA HIS G 1558 -5.12 -91.18 64.66
C HIS G 1558 -4.94 -90.33 63.40
N GLN G 1559 -5.26 -89.04 63.52
CA GLN G 1559 -5.09 -88.13 62.39
C GLN G 1559 -3.62 -88.02 62.01
N ASN G 1560 -2.75 -87.94 63.02
CA ASN G 1560 -1.32 -87.91 62.81
C ASN G 1560 -0.77 -89.31 63.04
N VAL G 1561 -0.07 -89.85 62.05
CA VAL G 1561 0.34 -91.25 62.14
C VAL G 1561 1.83 -91.38 62.43
N ILE G 1562 2.67 -91.02 61.45
CA ILE G 1562 4.11 -91.20 61.61
C ILE G 1562 4.82 -90.03 60.95
N GLN G 1563 6.14 -90.05 61.00
CA GLN G 1563 6.93 -88.95 60.47
C GLN G 1563 8.34 -89.47 60.21
N PHE G 1564 8.72 -89.55 58.94
CA PHE G 1564 10.10 -89.90 58.61
C PHE G 1564 10.99 -88.72 58.96
N GLU G 1565 11.88 -88.90 59.94
CA GLU G 1565 12.79 -87.84 60.36
C GLU G 1565 14.15 -88.11 59.77
N LEU G 1566 14.51 -87.35 58.75
CA LEU G 1566 15.77 -87.56 58.04
C LEU G 1566 16.90 -86.75 58.69
N GLY G 1567 17.14 -87.04 59.96
CA GLY G 1567 18.09 -86.33 60.76
C GLY G 1567 19.42 -87.04 60.89
N LYS G 1568 20.10 -86.76 61.99
CA LYS G 1568 21.40 -87.35 62.28
C LYS G 1568 21.62 -87.36 63.77
N GLN G 1569 22.61 -88.13 64.20
CA GLN G 1569 23.07 -88.17 65.57
C GLN G 1569 24.45 -87.54 65.66
N LYS G 1570 25.05 -87.64 66.84
CA LYS G 1570 26.43 -87.20 66.98
C LYS G 1570 27.37 -88.20 66.33
N ASN G 1571 28.19 -87.72 65.41
CA ASN G 1571 29.17 -88.53 64.69
C ASN G 1571 28.51 -89.62 63.84
N ILE G 1572 27.26 -89.39 63.43
CA ILE G 1572 26.56 -90.30 62.54
C ILE G 1572 25.99 -89.49 61.39
N MET G 1573 26.23 -89.95 60.20
CA MET G 1573 25.91 -89.28 58.95
C MET G 1573 24.42 -89.46 58.68
N PRO G 1574 23.76 -88.49 58.06
CA PRO G 1574 22.34 -88.65 57.72
C PRO G 1574 22.18 -89.48 56.45
N LEU G 1575 20.91 -89.72 56.09
CA LEU G 1575 20.60 -90.57 54.95
C LEU G 1575 21.03 -89.95 53.64
N SER G 1576 20.91 -88.63 53.49
CA SER G 1576 21.22 -88.01 52.22
C SER G 1576 22.68 -88.21 51.83
N ALA G 1577 23.54 -88.52 52.78
CA ALA G 1577 24.91 -88.90 52.43
C ALA G 1577 24.97 -90.26 51.78
N ALA G 1578 24.22 -91.22 52.29
CA ALA G 1578 24.22 -92.56 51.73
C ALA G 1578 23.46 -92.66 50.42
N MET G 1579 22.35 -91.93 50.30
CA MET G 1579 21.54 -92.02 49.08
C MET G 1579 22.13 -91.28 47.90
N PHE G 1580 22.78 -90.14 48.13
CA PHE G 1580 23.22 -89.28 47.04
C PHE G 1580 24.75 -89.20 47.01
N LEU G 1581 25.31 -89.37 45.82
CA LEU G 1581 26.76 -89.39 45.66
C LEU G 1581 27.37 -88.03 45.94
N SER G 1582 26.71 -86.96 45.51
CA SER G 1582 27.26 -85.62 45.69
C SER G 1582 27.25 -85.15 47.14
N GLU G 1583 26.62 -85.90 48.03
CA GLU G 1583 26.54 -85.54 49.44
C GLU G 1583 27.24 -86.55 50.34
N ARG G 1584 28.19 -87.32 49.80
CA ARG G 1584 28.83 -88.34 50.61
C ARG G 1584 29.52 -87.76 51.83
N LYS G 1585 29.99 -86.52 51.74
CA LYS G 1585 30.71 -85.88 52.82
C LYS G 1585 29.95 -84.68 53.39
N ASN G 1586 28.64 -84.62 53.15
CA ASN G 1586 27.86 -83.48 53.59
C ASN G 1586 27.06 -83.88 54.82
N PRO G 1587 27.44 -83.41 56.02
CA PRO G 1587 26.72 -83.81 57.22
C PRO G 1587 25.41 -83.06 57.43
N ALA G 1588 25.08 -82.10 56.59
CA ALA G 1588 23.82 -81.41 56.71
C ALA G 1588 22.69 -82.33 56.23
N PRO G 1589 21.70 -82.61 57.06
CA PRO G 1589 20.57 -83.42 56.60
C PRO G 1589 19.83 -82.76 55.46
N GLN G 1590 19.37 -83.56 54.51
CA GLN G 1590 18.63 -83.06 53.36
C GLN G 1590 17.51 -84.03 53.00
N CYS G 1591 16.49 -83.48 52.35
CA CYS G 1591 15.39 -84.26 51.77
C CYS G 1591 15.13 -83.75 50.37
N PRO G 1592 15.95 -84.14 49.40
CA PRO G 1592 15.79 -83.63 48.04
C PRO G 1592 14.49 -84.11 47.43
N PRO G 1593 14.04 -83.47 46.35
CA PRO G 1593 12.70 -83.79 45.82
C PRO G 1593 12.54 -85.23 45.37
N ARG G 1594 13.62 -85.92 45.02
CA ARG G 1594 13.49 -87.29 44.56
C ARG G 1594 13.10 -88.23 45.69
N LEU G 1595 13.51 -87.92 46.91
CA LEU G 1595 13.18 -88.74 48.07
C LEU G 1595 11.75 -88.47 48.49
N GLU G 1596 10.89 -89.48 48.40
CA GLU G 1596 9.48 -89.28 48.68
C GLU G 1596 8.89 -90.57 49.23
N VAL G 1597 7.73 -90.44 49.85
CA VAL G 1597 7.05 -91.57 50.48
C VAL G 1597 6.28 -92.34 49.43
N GLN G 1598 6.48 -93.65 49.39
CA GLN G 1598 5.77 -94.53 48.47
C GLN G 1598 4.94 -95.51 49.27
N MET G 1599 3.82 -95.94 48.69
CA MET G 1599 2.91 -96.87 49.32
C MET G 1599 2.78 -98.12 48.46
N LEU G 1600 2.36 -99.21 49.11
CA LEU G 1600 2.27 -100.50 48.43
C LEU G 1600 0.89 -100.67 47.83
N MET G 1601 0.81 -100.69 46.50
CA MET G 1601 -0.45 -100.87 45.81
C MET G 1601 -0.60 -102.33 45.41
N PRO G 1602 -1.75 -102.95 45.63
CA PRO G 1602 -1.84 -104.41 45.47
C PRO G 1602 -1.92 -104.89 44.04
N VAL G 1603 -2.49 -104.11 43.13
CA VAL G 1603 -2.68 -104.54 41.75
C VAL G 1603 -2.15 -103.46 40.82
N SER G 1604 -1.50 -103.88 39.75
CA SER G 1604 -0.96 -102.96 38.76
C SER G 1604 -1.24 -103.50 37.36
N TRP G 1605 -1.23 -102.61 36.39
CA TRP G 1605 -1.39 -103.01 35.00
C TRP G 1605 -0.07 -103.56 34.47
N SER G 1606 -0.15 -104.68 33.78
CA SER G 1606 1.02 -105.27 33.15
C SER G 1606 0.65 -105.71 31.75
N ARG G 1607 1.67 -105.82 30.90
CA ARG G 1607 1.47 -106.08 29.48
C ARG G 1607 1.66 -107.55 29.17
N MET G 1608 0.69 -108.13 28.46
CA MET G 1608 0.80 -109.52 28.05
C MET G 1608 1.81 -109.64 26.92
N PRO G 1609 2.75 -110.57 27.00
CA PRO G 1609 3.66 -110.79 25.89
C PRO G 1609 2.91 -111.24 24.65
N ASN G 1610 3.48 -110.94 23.49
CA ASN G 1610 2.86 -111.35 22.24
C ASN G 1610 2.99 -112.85 22.01
N HIS G 1611 4.11 -113.43 22.38
CA HIS G 1611 4.37 -114.85 22.19
C HIS G 1611 4.84 -115.48 23.49
N PHE G 1612 4.45 -116.73 23.70
CA PHE G 1612 4.78 -117.43 24.93
C PHE G 1612 5.52 -118.72 24.60
N LEU G 1613 6.33 -119.17 25.55
CA LEU G 1613 7.12 -120.37 25.35
C LEU G 1613 6.23 -121.57 25.12
N GLN G 1614 6.60 -122.39 24.15
CA GLN G 1614 5.86 -123.60 23.82
C GLN G 1614 6.45 -124.76 24.59
N VAL G 1615 5.74 -125.21 25.62
CA VAL G 1615 6.21 -126.25 26.52
C VAL G 1615 5.38 -127.50 26.28
N GLU G 1616 6.06 -128.62 26.03
CA GLU G 1616 5.41 -129.90 25.80
C GLU G 1616 5.64 -130.78 27.02
N THR G 1617 4.55 -131.21 27.65
CA THR G 1617 4.60 -132.07 28.81
C THR G 1617 3.81 -133.33 28.53
N ARG G 1618 4.39 -134.48 28.85
CA ARG G 1618 3.74 -135.75 28.62
C ARG G 1618 4.34 -136.81 29.51
N ARG G 1619 3.62 -137.92 29.63
CA ARG G 1619 4.08 -139.07 30.41
C ARG G 1619 4.91 -139.96 29.52
N ALA G 1620 6.22 -139.95 29.71
CA ALA G 1620 7.11 -140.70 28.84
C ALA G 1620 7.01 -142.20 29.05
N GLY G 1621 6.53 -142.64 30.20
CA GLY G 1621 6.39 -144.06 30.45
C GLY G 1621 6.32 -144.33 31.94
N GLU G 1622 6.10 -145.61 32.25
CA GLU G 1622 6.03 -146.02 33.65
C GLU G 1622 7.35 -145.82 34.35
N ARG G 1623 8.46 -146.02 33.65
CA ARG G 1623 9.76 -145.84 34.24
C ARG G 1623 10.36 -144.46 33.97
N LEU G 1624 10.14 -143.93 32.77
CA LEU G 1624 10.79 -142.69 32.38
C LEU G 1624 10.20 -141.48 33.08
N GLY G 1625 8.95 -141.56 33.56
CA GLY G 1625 8.37 -140.44 34.26
C GLY G 1625 7.67 -139.46 33.33
N TRP G 1626 7.65 -138.20 33.73
CA TRP G 1626 6.96 -137.15 33.02
C TRP G 1626 7.98 -136.20 32.41
N ALA G 1627 7.82 -135.89 31.13
CA ALA G 1627 8.82 -135.13 30.37
C ALA G 1627 8.36 -133.69 30.18
N VAL G 1628 9.31 -132.77 30.32
CA VAL G 1628 9.11 -131.36 30.00
C VAL G 1628 10.12 -130.98 28.93
N GLN G 1629 9.67 -130.23 27.93
CA GLN G 1629 10.50 -129.92 26.78
C GLN G 1629 10.17 -128.53 26.26
N CYS G 1630 11.21 -127.78 25.90
CA CYS G 1630 11.03 -126.46 25.30
C CYS G 1630 12.21 -126.17 24.41
N GLN G 1631 11.95 -125.96 23.12
CA GLN G 1631 13.02 -125.83 22.14
C GLN G 1631 13.09 -124.45 21.50
N ASP G 1632 11.97 -123.84 21.18
CA ASP G 1632 11.98 -122.57 20.46
C ASP G 1632 12.36 -121.44 21.40
N PRO G 1633 13.41 -120.68 21.11
CA PRO G 1633 13.79 -119.57 22.00
C PRO G 1633 12.85 -118.39 21.87
N LEU G 1634 12.80 -117.60 22.94
CA LEU G 1634 12.06 -116.35 22.98
C LEU G 1634 12.88 -115.33 23.76
N THR G 1635 12.93 -114.11 23.25
CA THR G 1635 13.74 -113.05 23.82
C THR G 1635 12.89 -111.80 23.96
N MET G 1636 13.06 -111.08 25.06
CA MET G 1636 12.43 -109.77 25.20
C MET G 1636 13.49 -108.76 25.57
N MET G 1637 13.24 -107.51 25.20
CA MET G 1637 14.12 -106.39 25.53
C MET G 1637 13.64 -105.79 26.84
N ALA G 1638 14.44 -105.94 27.88
CA ALA G 1638 14.06 -105.54 29.22
C ALA G 1638 14.57 -104.13 29.52
N LEU G 1639 13.73 -103.36 30.20
CA LEU G 1639 14.12 -102.06 30.72
C LEU G 1639 14.31 -102.18 32.22
N HIS G 1640 15.47 -101.78 32.71
CA HIS G 1640 15.86 -102.00 34.09
C HIS G 1640 15.90 -100.68 34.82
N ILE G 1641 15.17 -100.60 35.94
CA ILE G 1641 15.22 -99.45 36.83
C ILE G 1641 16.26 -99.76 37.90
N PRO G 1642 17.42 -99.10 37.91
CA PRO G 1642 18.52 -99.56 38.75
C PRO G 1642 18.24 -99.47 40.24
N GLU G 1643 17.63 -98.38 40.69
CA GLU G 1643 17.44 -98.20 42.13
C GLU G 1643 16.43 -99.19 42.68
N GLU G 1644 15.38 -99.50 41.93
CA GLU G 1644 14.38 -100.46 42.38
C GLU G 1644 14.79 -101.90 42.12
N ASN G 1645 15.85 -102.13 41.35
CA ASN G 1645 16.34 -103.47 41.07
C ASN G 1645 15.25 -104.37 40.49
N ARG G 1646 14.50 -103.81 39.54
CA ARG G 1646 13.47 -104.57 38.83
C ARG G 1646 13.49 -104.15 37.38
N CYS G 1647 12.95 -105.01 36.53
CA CYS G 1647 12.91 -104.74 35.11
C CYS G 1647 11.50 -104.93 34.58
N MET G 1648 11.20 -104.22 33.50
CA MET G 1648 9.95 -104.35 32.78
C MET G 1648 10.25 -104.45 31.31
N ASP G 1649 9.30 -105.01 30.57
CA ASP G 1649 9.42 -105.03 29.12
C ASP G 1649 9.43 -103.60 28.60
N ILE G 1650 10.38 -103.32 27.69
CA ILE G 1650 10.48 -101.98 27.15
C ILE G 1650 9.24 -101.62 26.36
N LEU G 1651 8.50 -102.61 25.88
CA LEU G 1651 7.27 -102.33 25.16
C LEU G 1651 6.19 -101.77 26.07
N GLU G 1652 6.33 -101.91 27.39
CA GLU G 1652 5.40 -101.26 28.29
C GLU G 1652 5.53 -99.75 28.25
N LEU G 1653 6.58 -99.22 27.65
CA LEU G 1653 6.74 -97.79 27.49
C LEU G 1653 5.76 -97.20 26.50
N SER G 1654 4.83 -98.00 25.97
CA SER G 1654 3.77 -97.45 25.15
C SER G 1654 2.64 -96.90 25.99
N GLU G 1655 2.69 -97.13 27.31
CA GLU G 1655 1.73 -96.54 28.22
C GLU G 1655 2.36 -95.75 29.35
N ARG G 1656 3.63 -95.98 29.64
CA ARG G 1656 4.35 -95.19 30.64
C ARG G 1656 5.06 -94.05 29.92
N LEU G 1657 4.31 -93.00 29.64
CA LEU G 1657 4.77 -91.95 28.74
C LEU G 1657 5.94 -91.17 29.33
N ASP G 1658 5.98 -90.99 30.65
CA ASP G 1658 7.10 -90.28 31.26
C ASP G 1658 8.40 -91.05 31.09
N LEU G 1659 8.38 -92.35 31.35
CA LEU G 1659 9.56 -93.17 31.10
C LEU G 1659 9.90 -93.18 29.62
N GLN G 1660 8.90 -93.20 28.74
CA GLN G 1660 9.18 -93.17 27.31
C GLN G 1660 9.91 -91.89 26.91
N ARG G 1661 9.44 -90.73 27.40
CA ARG G 1661 10.12 -89.49 27.09
C ARG G 1661 11.53 -89.47 27.66
N PHE G 1662 11.69 -89.90 28.91
CA PHE G 1662 13.02 -89.89 29.50
C PHE G 1662 13.96 -90.80 28.73
N HIS G 1663 13.48 -91.95 28.26
CA HIS G 1663 14.36 -92.87 27.56
C HIS G 1663 14.66 -92.39 26.14
N SER G 1664 13.68 -91.79 25.48
CA SER G 1664 13.96 -91.23 24.16
C SER G 1664 15.00 -90.12 24.26
N HIS G 1665 14.91 -89.30 25.31
CA HIS G 1665 15.92 -88.27 25.51
C HIS G 1665 17.25 -88.87 25.95
N THR G 1666 17.21 -90.02 26.63
CA THR G 1666 18.46 -90.72 26.91
C THR G 1666 19.14 -91.14 25.63
N LEU G 1667 18.37 -91.66 24.68
CA LEU G 1667 18.93 -92.00 23.37
C LEU G 1667 19.46 -90.77 22.66
N ARG G 1668 18.75 -89.65 22.79
CA ARG G 1668 19.22 -88.41 22.18
C ARG G 1668 20.56 -88.00 22.77
N LEU G 1669 20.72 -88.15 24.07
CA LEU G 1669 22.00 -87.84 24.71
C LEU G 1669 23.09 -88.80 24.24
N TYR G 1670 22.74 -90.06 24.05
CA TYR G 1670 23.71 -91.01 23.50
C TYR G 1670 24.19 -90.55 22.14
N ARG G 1671 23.28 -90.12 21.29
CA ARG G 1671 23.67 -89.63 19.98
C ARG G 1671 24.51 -88.37 20.10
N ALA G 1672 24.20 -87.50 21.05
CA ALA G 1672 24.94 -86.26 21.20
C ALA G 1672 26.37 -86.51 21.64
N VAL G 1673 26.60 -87.42 22.59
CA VAL G 1673 27.95 -87.57 23.12
C VAL G 1673 28.89 -88.17 22.09
N CYS G 1674 28.36 -88.99 21.17
CA CYS G 1674 29.17 -89.58 20.11
C CYS G 1674 29.03 -88.82 18.80
N ALA G 1675 28.43 -87.64 18.82
CA ALA G 1675 28.18 -86.90 17.61
C ALA G 1675 29.48 -86.36 17.02
N LEU G 1676 29.50 -86.27 15.69
CA LEU G 1676 30.56 -85.61 14.94
C LEU G 1676 31.92 -86.23 15.22
N GLY G 1677 32.00 -87.53 14.99
CA GLY G 1677 33.26 -88.23 14.96
C GLY G 1677 33.88 -88.55 16.30
N ASN G 1678 33.09 -88.73 17.35
CA ASN G 1678 33.64 -89.11 18.65
C ASN G 1678 33.63 -90.63 18.74
N ASN G 1679 34.58 -91.24 18.03
CA ASN G 1679 34.61 -92.68 17.91
C ASN G 1679 34.93 -93.35 19.24
N ARG G 1680 35.71 -92.69 20.09
CA ARG G 1680 36.01 -93.25 21.40
C ARG G 1680 34.73 -93.40 22.22
N VAL G 1681 33.89 -92.37 22.23
CA VAL G 1681 32.63 -92.43 22.95
C VAL G 1681 31.68 -93.41 22.27
N ALA G 1682 31.75 -93.54 20.95
CA ALA G 1682 30.93 -94.54 20.29
C ALA G 1682 31.29 -95.95 20.73
N HIS G 1683 32.59 -96.23 20.84
CA HIS G 1683 33.02 -97.51 21.39
C HIS G 1683 32.52 -97.68 22.81
N ALA G 1684 32.57 -96.62 23.60
CA ALA G 1684 32.03 -96.69 24.96
C ALA G 1684 30.56 -97.05 24.93
N LEU G 1685 29.80 -96.47 23.99
CA LEU G 1685 28.38 -96.73 23.91
C LEU G 1685 28.08 -98.16 23.50
N CYS G 1686 29.00 -98.79 22.77
CA CYS G 1686 28.77 -100.18 22.38
C CYS G 1686 28.67 -101.11 23.59
N SER G 1687 29.10 -100.69 24.77
CA SER G 1687 28.92 -101.51 25.97
C SER G 1687 27.57 -101.26 26.63
N HIS G 1688 26.85 -100.22 26.23
CA HIS G 1688 25.56 -99.89 26.80
C HIS G 1688 24.40 -100.32 25.92
N VAL G 1689 24.43 -99.97 24.65
CA VAL G 1689 23.47 -100.46 23.67
C VAL G 1689 24.28 -101.32 22.71
N ASP G 1690 24.14 -102.63 22.80
CA ASP G 1690 24.97 -103.52 22.02
C ASP G 1690 24.33 -103.81 20.67
N GLN G 1691 25.09 -104.54 19.85
CA GLN G 1691 24.67 -104.84 18.49
C GLN G 1691 23.39 -105.66 18.46
N ALA G 1692 23.29 -106.65 19.35
CA ALA G 1692 22.09 -107.47 19.37
C ALA G 1692 20.86 -106.64 19.71
N GLN G 1693 20.98 -105.75 20.69
CA GLN G 1693 19.85 -104.89 21.03
C GLN G 1693 19.47 -104.00 19.87
N LEU G 1694 20.45 -103.42 19.19
CA LEU G 1694 20.14 -102.51 18.09
C LEU G 1694 19.44 -103.25 16.96
N LEU G 1695 19.97 -104.41 16.58
CA LEU G 1695 19.36 -105.16 15.48
C LEU G 1695 17.98 -105.68 15.85
N HIS G 1696 17.78 -106.01 17.13
CA HIS G 1696 16.45 -106.38 17.60
C HIS G 1696 15.48 -105.20 17.52
N ALA G 1697 15.94 -104.02 17.93
CA ALA G 1697 15.09 -102.84 17.91
C ALA G 1697 14.71 -102.43 16.49
N LEU G 1698 15.58 -102.72 15.52
CA LEU G 1698 15.22 -102.42 14.14
C LEU G 1698 13.99 -103.19 13.70
N GLU G 1699 13.91 -104.47 14.05
CA GLU G 1699 12.81 -105.32 13.60
C GLU G 1699 11.64 -105.35 14.56
N ASP G 1700 11.76 -104.78 15.75
CA ASP G 1700 10.67 -104.85 16.72
C ASP G 1700 9.48 -104.05 16.20
N ALA G 1701 8.35 -104.73 16.01
CA ALA G 1701 7.18 -104.10 15.42
C ALA G 1701 6.28 -103.42 16.45
N HIS G 1702 6.54 -103.59 17.74
CA HIS G 1702 5.71 -103.01 18.78
C HIS G 1702 6.37 -101.87 19.52
N LEU G 1703 7.56 -101.47 19.12
CA LEU G 1703 8.20 -100.35 19.80
C LEU G 1703 7.38 -99.09 19.57
N PRO G 1704 7.25 -98.23 20.59
CA PRO G 1704 6.69 -96.91 20.34
C PRO G 1704 7.55 -96.15 19.35
N GLY G 1705 6.91 -95.27 18.59
CA GLY G 1705 7.56 -94.59 17.50
C GLY G 1705 8.80 -93.81 17.88
N PRO G 1706 8.73 -93.01 18.95
CA PRO G 1706 9.95 -92.31 19.39
C PRO G 1706 11.10 -93.23 19.70
N LEU G 1707 10.86 -94.37 20.35
CA LEU G 1707 11.94 -95.28 20.67
C LEU G 1707 12.48 -95.96 19.42
N ARG G 1708 11.60 -96.33 18.50
CA ARG G 1708 12.04 -96.91 17.24
C ARG G 1708 12.94 -95.96 16.47
N ALA G 1709 12.52 -94.71 16.34
CA ALA G 1709 13.32 -93.72 15.66
C ALA G 1709 14.64 -93.47 16.38
N GLY G 1710 14.60 -93.41 17.71
CA GLY G 1710 15.81 -93.19 18.46
C GLY G 1710 16.81 -94.31 18.30
N TYR G 1711 16.35 -95.56 18.27
CA TYR G 1711 17.28 -96.66 18.11
C TYR G 1711 17.86 -96.72 16.70
N TYR G 1712 17.05 -96.41 15.69
CA TYR G 1712 17.61 -96.31 14.35
C TYR G 1712 18.70 -95.25 14.27
N ASP G 1713 18.40 -94.07 14.78
CA ASP G 1713 19.38 -92.99 14.74
C ASP G 1713 20.60 -93.30 15.59
N LEU G 1714 20.41 -94.05 16.67
CA LEU G 1714 21.55 -94.43 17.51
C LEU G 1714 22.45 -95.41 16.79
N LEU G 1715 21.85 -96.36 16.07
CA LEU G 1715 22.66 -97.25 15.25
C LEU G 1715 23.48 -96.47 14.23
N ILE G 1716 22.83 -95.54 13.54
CA ILE G 1716 23.53 -94.75 12.54
C ILE G 1716 24.65 -93.93 13.18
N SER G 1717 24.37 -93.35 14.35
CA SER G 1717 25.36 -92.48 14.99
C SER G 1717 26.55 -93.27 15.49
N ILE G 1718 26.32 -94.41 16.12
CA ILE G 1718 27.42 -95.21 16.65
C ILE G 1718 28.25 -95.77 15.50
N HIS G 1719 27.61 -96.33 14.49
CA HIS G 1719 28.32 -97.17 13.55
C HIS G 1719 28.52 -96.58 12.16
N LEU G 1720 27.66 -95.66 11.71
CA LEU G 1720 27.67 -95.27 10.31
C LEU G 1720 27.86 -93.79 10.06
N GLU G 1721 27.63 -92.92 11.04
CA GLU G 1721 27.58 -91.49 10.77
C GLU G 1721 28.92 -90.95 10.29
N SER G 1722 30.00 -91.31 10.97
CA SER G 1722 31.31 -90.79 10.59
C SER G 1722 31.73 -91.26 9.21
N ALA G 1723 31.54 -92.56 8.93
CA ALA G 1723 31.89 -93.08 7.62
C ALA G 1723 31.06 -92.42 6.53
N CYS G 1724 29.76 -92.26 6.76
CA CYS G 1724 28.90 -91.62 5.78
C CYS G 1724 29.35 -90.19 5.51
N ARG G 1725 29.68 -89.45 6.57
CA ARG G 1725 30.07 -88.06 6.38
C ARG G 1725 31.39 -87.96 5.62
N SER G 1726 32.37 -88.79 5.97
CA SER G 1726 33.65 -88.72 5.28
C SER G 1726 33.52 -89.14 3.82
N ARG G 1727 32.65 -90.12 3.53
CA ARG G 1727 32.43 -90.50 2.15
C ARG G 1727 31.70 -89.40 1.39
N ARG G 1728 30.68 -88.82 2.00
CA ARG G 1728 29.89 -87.78 1.34
C ARG G 1728 30.75 -86.57 1.04
N SER G 1729 31.72 -86.27 1.89
CA SER G 1729 32.64 -85.17 1.61
C SER G 1729 33.40 -85.42 0.32
N MET G 1730 33.75 -86.67 0.05
CA MET G 1730 34.55 -87.02 -1.10
C MET G 1730 33.70 -87.31 -2.34
N LEU G 1731 32.38 -87.37 -2.20
CA LEU G 1731 31.53 -87.68 -3.34
C LEU G 1731 31.47 -86.56 -4.39
N SER G 1732 31.83 -85.33 -4.04
CA SER G 1732 31.67 -84.23 -4.97
C SER G 1732 32.86 -84.06 -5.91
N GLU G 1733 33.87 -84.92 -5.82
CA GLU G 1733 35.03 -84.87 -6.69
C GLU G 1733 35.12 -86.16 -7.49
N TYR G 1734 35.67 -86.06 -8.69
CA TYR G 1734 35.75 -87.20 -9.61
C TYR G 1734 37.18 -87.35 -10.11
N ILE G 1735 37.95 -88.19 -9.43
CA ILE G 1735 39.31 -88.50 -9.82
C ILE G 1735 39.27 -89.85 -10.52
N VAL G 1736 39.45 -89.85 -11.83
CA VAL G 1736 39.19 -91.03 -12.66
C VAL G 1736 40.53 -91.60 -13.10
N PRO G 1737 40.95 -92.74 -12.58
CA PRO G 1737 42.16 -93.38 -13.09
C PRO G 1737 41.95 -93.92 -14.48
N LEU G 1738 43.01 -93.86 -15.29
CA LEU G 1738 42.94 -94.30 -16.68
C LEU G 1738 43.25 -95.79 -16.78
N THR G 1739 42.35 -96.56 -16.20
CA THR G 1739 42.44 -98.00 -16.17
C THR G 1739 41.57 -98.60 -17.27
N PRO G 1740 41.81 -99.88 -17.62
CA PRO G 1740 40.93 -100.52 -18.61
C PRO G 1740 39.47 -100.53 -18.23
N GLU G 1741 39.18 -100.70 -16.93
CA GLU G 1741 37.78 -100.60 -16.48
C GLU G 1741 37.21 -99.24 -16.82
N THR G 1742 38.01 -98.19 -16.65
CA THR G 1742 37.57 -96.86 -17.05
C THR G 1742 37.36 -96.81 -18.55
N ARG G 1743 38.22 -97.47 -19.32
CA ARG G 1743 38.09 -97.44 -20.77
CA ARG G 1743 38.08 -97.43 -20.77
C ARG G 1743 36.77 -98.07 -21.22
N ALA G 1744 36.35 -99.14 -20.55
CA ALA G 1744 35.13 -99.82 -20.96
C ALA G 1744 33.87 -99.01 -20.69
N ILE G 1745 33.95 -97.89 -19.98
CA ILE G 1745 32.75 -97.17 -19.57
C ILE G 1745 32.18 -96.41 -20.76
N THR G 1746 30.88 -96.58 -20.99
CA THR G 1746 30.15 -95.86 -22.01
C THR G 1746 28.88 -95.28 -21.40
N LEU G 1747 28.32 -94.27 -22.07
CA LEU G 1747 27.14 -93.62 -21.53
C LEU G 1747 25.95 -94.57 -21.49
N PHE G 1748 25.64 -95.21 -22.60
CA PHE G 1748 24.51 -96.11 -22.65
C PHE G 1748 24.99 -97.55 -22.71
N PRO G 1749 24.27 -98.47 -22.08
CA PRO G 1749 24.68 -99.87 -22.14
C PRO G 1749 24.62 -100.38 -23.56
N PRO G 1750 25.44 -101.37 -23.90
CA PRO G 1750 25.47 -101.85 -25.29
C PRO G 1750 24.11 -102.38 -25.73
N GLY G 1751 23.50 -101.72 -26.70
CA GLY G 1751 22.16 -102.07 -27.13
C GLY G 1751 21.95 -101.77 -28.60
N ARG G 1752 20.70 -101.91 -29.02
CA ARG G 1752 20.30 -101.71 -30.41
C ARG G 1752 19.12 -100.76 -30.55
N LYS G 1753 18.90 -99.90 -29.56
CA LYS G 1753 17.74 -99.00 -29.61
C LYS G 1753 17.93 -97.93 -30.69
N GLY G 1754 19.00 -97.15 -30.58
CA GLY G 1754 19.30 -96.14 -31.58
C GLY G 1754 20.74 -95.69 -31.48
N GLY G 1755 21.31 -95.30 -32.62
CA GLY G 1755 22.69 -94.85 -32.64
C GLY G 1755 22.91 -93.57 -31.86
N ASN G 1756 21.99 -92.60 -32.01
CA ASN G 1756 22.11 -91.34 -31.29
C ASN G 1756 21.90 -91.54 -29.79
N ALA G 1757 21.01 -92.46 -29.42
CA ALA G 1757 20.74 -92.75 -28.02
C ALA G 1757 20.07 -94.10 -27.91
N ARG G 1758 20.74 -95.02 -27.23
CA ARG G 1758 20.09 -96.23 -26.75
C ARG G 1758 19.38 -95.90 -25.44
N ARG G 1759 18.75 -96.90 -24.83
CA ARG G 1759 18.00 -96.68 -23.60
C ARG G 1759 18.93 -96.40 -22.43
N HIS G 1760 18.43 -95.61 -21.48
CA HIS G 1760 19.18 -95.33 -20.26
C HIS G 1760 19.37 -96.60 -19.45
N GLY G 1761 20.53 -96.73 -18.84
CA GLY G 1761 20.72 -97.77 -17.85
C GLY G 1761 20.08 -97.39 -16.52
N LEU G 1762 19.99 -98.37 -15.64
CA LEU G 1762 19.48 -98.09 -14.31
C LEU G 1762 20.46 -97.18 -13.58
N PRO G 1763 20.00 -96.11 -12.95
CA PRO G 1763 20.91 -95.26 -12.18
C PRO G 1763 21.52 -96.03 -11.03
N GLY G 1764 22.79 -95.79 -10.76
CA GLY G 1764 23.48 -96.44 -9.68
C GLY G 1764 23.86 -97.87 -9.94
N VAL G 1765 23.66 -98.37 -11.16
CA VAL G 1765 24.04 -99.72 -11.53
C VAL G 1765 25.08 -99.61 -12.64
N GLY G 1766 26.24 -100.21 -12.41
CA GLY G 1766 27.28 -100.21 -13.41
C GLY G 1766 28.63 -100.09 -12.76
N VAL G 1767 29.64 -99.91 -13.60
CA VAL G 1767 31.02 -99.83 -13.17
C VAL G 1767 31.38 -98.36 -13.00
N THR G 1768 31.86 -98.01 -11.81
CA THR G 1768 32.33 -96.67 -11.51
C THR G 1768 33.77 -96.75 -11.03
N THR G 1769 34.64 -95.96 -11.64
CA THR G 1769 36.06 -96.05 -11.37
C THR G 1769 36.61 -94.87 -10.58
N SER G 1770 35.77 -93.91 -10.18
CA SER G 1770 36.26 -92.77 -9.42
C SER G 1770 36.83 -93.23 -8.09
N LEU G 1771 37.90 -92.56 -7.65
CA LEU G 1771 38.57 -92.96 -6.43
C LEU G 1771 37.81 -92.46 -5.21
N ARG G 1772 37.36 -93.40 -4.39
CA ARG G 1772 36.77 -93.12 -3.10
C ARG G 1772 37.50 -93.95 -2.05
N PRO G 1773 37.92 -93.35 -0.94
CA PRO G 1773 38.63 -94.11 0.09
C PRO G 1773 37.73 -95.16 0.71
N PRO G 1774 38.30 -96.27 1.17
CA PRO G 1774 37.51 -97.28 1.88
C PRO G 1774 37.18 -96.83 3.29
N HIS G 1775 36.20 -97.51 3.88
CA HIS G 1775 35.86 -97.28 5.27
C HIS G 1775 36.80 -98.05 6.19
N HIS G 1776 37.00 -97.53 7.39
CA HIS G 1776 37.83 -98.18 8.39
C HIS G 1776 37.06 -98.31 9.68
N PHE G 1777 36.96 -99.55 10.17
CA PHE G 1777 36.23 -99.86 11.39
C PHE G 1777 37.08 -100.70 12.29
N SER G 1778 36.87 -100.54 13.60
CA SER G 1778 37.54 -101.33 14.61
C SER G 1778 36.51 -102.12 15.40
N PRO G 1779 36.79 -103.39 15.71
CA PRO G 1779 35.82 -104.20 16.43
C PRO G 1779 35.65 -103.70 17.85
N PRO G 1780 34.43 -103.60 18.33
CA PRO G 1780 34.23 -103.25 19.73
C PRO G 1780 34.59 -104.41 20.64
N CYS G 1781 35.70 -104.30 21.34
CA CYS G 1781 36.13 -105.28 22.33
C CYS G 1781 36.63 -104.55 23.56
N PHE G 1782 36.14 -104.95 24.72
CA PHE G 1782 36.42 -104.22 25.96
C PHE G 1782 37.25 -105.04 26.93
N VAL G 1783 37.91 -106.08 26.45
CA VAL G 1783 38.89 -106.82 27.23
C VAL G 1783 40.30 -106.67 26.68
N ALA G 1784 40.50 -105.81 25.70
CA ALA G 1784 41.82 -105.55 25.16
C ALA G 1784 42.68 -104.81 26.18
N ALA G 1785 43.98 -105.10 26.15
CA ALA G 1785 44.90 -104.44 27.05
C ALA G 1785 44.93 -102.95 26.78
N LEU G 1786 44.89 -102.16 27.85
CA LEU G 1786 44.82 -100.72 27.70
C LEU G 1786 46.15 -100.20 27.18
N PRO G 1787 46.17 -99.47 26.07
CA PRO G 1787 47.44 -99.11 25.43
C PRO G 1787 48.29 -98.24 26.33
N ALA G 1788 49.60 -98.48 26.29
CA ALA G 1788 50.54 -97.70 27.09
C ALA G 1788 50.73 -96.29 26.55
N ALA G 1789 50.27 -96.00 25.34
CA ALA G 1789 50.38 -94.67 24.79
C ALA G 1789 49.50 -93.70 25.58
N GLY G 1790 50.02 -92.51 25.83
CA GLY G 1790 49.29 -91.52 26.59
C GLY G 1790 48.23 -90.83 25.75
N VAL G 1791 47.47 -89.96 26.42
CA VAL G 1791 46.44 -89.19 25.73
C VAL G 1791 47.11 -88.20 24.77
N ALA G 1792 46.40 -87.87 23.70
CA ALA G 1792 46.81 -86.96 22.64
C ALA G 1792 48.03 -87.48 21.87
N GLU G 1793 48.34 -88.76 21.97
CA GLU G 1793 49.44 -89.37 21.22
C GLU G 1793 49.04 -90.67 20.53
N ALA G 1794 48.08 -91.40 21.09
CA ALA G 1794 47.61 -92.62 20.44
C ALA G 1794 46.84 -92.28 19.16
N PRO G 1795 46.86 -93.17 18.18
CA PRO G 1795 46.14 -92.89 16.93
C PRO G 1795 44.64 -92.77 17.16
N ALA G 1796 43.99 -91.98 16.31
CA ALA G 1796 42.56 -91.75 16.44
C ALA G 1796 41.78 -93.06 16.33
N ARG G 1797 40.78 -93.20 17.20
CA ARG G 1797 39.96 -94.40 17.19
C ARG G 1797 39.06 -94.43 15.96
N LEU G 1798 38.88 -95.63 15.41
CA LEU G 1798 37.98 -95.84 14.29
C LEU G 1798 36.59 -96.19 14.79
N SER G 1799 35.61 -96.08 13.90
CA SER G 1799 34.24 -96.35 14.28
C SER G 1799 34.08 -97.82 14.61
N PRO G 1800 33.15 -98.15 15.52
CA PRO G 1800 32.89 -99.56 15.82
C PRO G 1800 32.39 -100.28 14.59
N ALA G 1801 32.69 -101.58 14.51
CA ALA G 1801 32.30 -102.39 13.38
C ALA G 1801 30.95 -103.01 13.63
N ILE G 1802 30.13 -103.11 12.59
CA ILE G 1802 28.90 -103.88 12.62
C ILE G 1802 28.83 -104.60 11.28
N PRO G 1803 28.29 -105.81 11.21
CA PRO G 1803 28.26 -106.52 9.92
C PRO G 1803 27.39 -105.83 8.87
N LEU G 1804 28.05 -105.26 7.86
CA LEU G 1804 27.35 -104.42 6.90
C LEU G 1804 26.52 -105.21 5.92
N GLU G 1805 26.99 -106.40 5.51
CA GLU G 1805 26.20 -107.21 4.59
C GLU G 1805 24.89 -107.66 5.23
N ALA G 1806 24.96 -108.17 6.46
CA ALA G 1806 23.75 -108.55 7.17
C ALA G 1806 22.87 -107.34 7.42
N LEU G 1807 23.47 -106.21 7.78
CA LEU G 1807 22.70 -105.01 8.04
C LEU G 1807 21.94 -104.55 6.79
N ARG G 1808 22.60 -104.57 5.63
CA ARG G 1808 21.94 -104.13 4.41
C ARG G 1808 20.86 -105.11 3.98
N ASP G 1809 21.08 -106.41 4.16
CA ASP G 1809 20.02 -107.37 3.85
C ASP G 1809 18.82 -107.15 4.74
N LYS G 1810 19.05 -106.92 6.03
CA LYS G 1810 17.94 -106.63 6.94
C LYS G 1810 17.23 -105.36 6.53
N ALA G 1811 17.98 -104.33 6.14
CA ALA G 1811 17.36 -103.06 5.75
C ALA G 1811 16.48 -103.24 4.52
N LEU G 1812 16.98 -103.96 3.51
CA LEU G 1812 16.18 -104.20 2.31
C LEU G 1812 14.93 -104.98 2.63
N ARG G 1813 15.06 -106.03 3.45
CA ARG G 1813 13.88 -106.83 3.81
C ARG G 1813 12.86 -105.98 4.55
N MET G 1814 13.32 -105.14 5.47
CA MET G 1814 12.40 -104.29 6.22
C MET G 1814 11.71 -103.28 5.32
N LEU G 1815 12.45 -102.69 4.37
CA LEU G 1815 11.83 -101.74 3.47
C LEU G 1815 10.77 -102.40 2.62
N GLY G 1816 11.03 -103.62 2.14
CA GLY G 1816 10.02 -104.33 1.38
C GLY G 1816 8.79 -104.66 2.20
N GLU G 1817 9.01 -105.09 3.45
CA GLU G 1817 7.87 -105.36 4.33
C GLU G 1817 7.06 -104.09 4.56
N ALA G 1818 7.73 -102.96 4.75
CA ALA G 1818 7.03 -101.71 4.96
C ALA G 1818 6.22 -101.29 3.74
N VAL G 1819 6.78 -101.48 2.54
CA VAL G 1819 6.05 -101.14 1.33
C VAL G 1819 4.79 -101.99 1.20
N ARG G 1820 4.93 -103.30 1.42
CA ARG G 1820 3.75 -104.17 1.35
C ARG G 1820 2.72 -103.79 2.39
N ASP G 1821 3.17 -103.50 3.61
CA ASP G 1821 2.25 -103.12 4.68
C ASP G 1821 1.51 -101.83 4.33
N GLY G 1822 2.22 -100.85 3.79
CA GLY G 1822 1.57 -99.61 3.39
C GLY G 1822 0.58 -99.81 2.27
N GLY G 1823 0.89 -100.71 1.33
CA GLY G 1823 -0.09 -101.06 0.33
C GLY G 1823 -1.33 -101.71 0.93
N GLN G 1824 -1.15 -102.51 1.98
CA GLN G 1824 -2.30 -103.14 2.62
C GLN G 1824 -3.15 -102.15 3.40
N HIS G 1825 -2.62 -100.97 3.74
CA HIS G 1825 -3.36 -99.93 4.45
C HIS G 1825 -3.90 -100.43 5.78
N ALA G 1826 -3.05 -101.11 6.54
CA ALA G 1826 -3.43 -101.55 7.88
C ALA G 1826 -3.59 -100.37 8.81
N ARG G 1827 -4.42 -100.56 9.84
CA ARG G 1827 -4.73 -99.48 10.76
C ARG G 1827 -3.75 -99.38 11.92
N ASP G 1828 -2.78 -100.28 12.01
CA ASP G 1828 -1.77 -100.25 13.07
C ASP G 1828 -0.39 -100.28 12.43
N PRO G 1829 0.04 -99.18 11.84
CA PRO G 1829 1.38 -99.15 11.25
C PRO G 1829 2.44 -99.24 12.33
N VAL G 1830 3.59 -99.79 11.95
CA VAL G 1830 4.71 -99.89 12.88
C VAL G 1830 5.08 -98.49 13.36
N GLY G 1831 5.35 -98.37 14.65
CA GLY G 1831 5.71 -97.10 15.23
C GLY G 1831 4.54 -96.21 15.55
N GLY G 1832 3.32 -96.63 15.26
CA GLY G 1832 2.15 -95.83 15.54
C GLY G 1832 1.72 -94.90 14.43
N SER G 1833 2.54 -94.74 13.39
CA SER G 1833 2.18 -93.89 12.27
C SER G 1833 3.02 -94.29 11.06
N VAL G 1834 2.54 -93.90 9.89
CA VAL G 1834 3.27 -94.20 8.65
C VAL G 1834 4.62 -93.52 8.66
N GLU G 1835 4.69 -92.31 9.22
CA GLU G 1835 5.95 -91.62 9.33
C GLU G 1835 6.95 -92.43 10.15
N PHE G 1836 6.53 -92.90 11.32
CA PHE G 1836 7.41 -93.71 12.15
C PHE G 1836 7.71 -95.06 11.53
N GLN G 1837 6.86 -95.55 10.64
CA GLN G 1837 7.15 -96.81 9.97
C GLN G 1837 8.18 -96.65 8.86
N PHE G 1838 8.14 -95.56 8.12
CA PHE G 1838 8.98 -95.43 6.93
C PHE G 1838 10.25 -94.61 7.16
N VAL G 1839 10.17 -93.49 7.88
CA VAL G 1839 11.31 -92.58 7.97
C VAL G 1839 12.57 -93.26 8.49
N PRO G 1840 12.54 -94.03 9.58
CA PRO G 1840 13.79 -94.67 10.02
C PRO G 1840 14.38 -95.63 8.99
N VAL G 1841 13.53 -96.42 8.32
CA VAL G 1841 14.03 -97.36 7.33
C VAL G 1841 14.69 -96.62 6.18
N LEU G 1842 14.04 -95.55 5.70
CA LEU G 1842 14.60 -94.80 4.59
C LEU G 1842 15.88 -94.09 4.97
N LYS G 1843 15.97 -93.57 6.20
CA LYS G 1843 17.23 -93.00 6.66
C LYS G 1843 18.34 -94.03 6.62
N LEU G 1844 18.05 -95.24 7.12
CA LEU G 1844 19.05 -96.30 7.13
C LEU G 1844 19.50 -96.65 5.71
N VAL G 1845 18.55 -96.80 4.81
CA VAL G 1845 18.89 -97.18 3.44
C VAL G 1845 19.67 -96.09 2.74
N SER G 1846 19.29 -94.83 2.94
CA SER G 1846 20.03 -93.73 2.33
C SER G 1846 21.46 -93.68 2.83
N THR G 1847 21.65 -93.87 4.13
CA THR G 1847 23.00 -93.89 4.67
C THR G 1847 23.82 -95.02 4.06
N LEU G 1848 23.24 -96.21 3.96
CA LEU G 1848 23.99 -97.32 3.39
C LEU G 1848 24.26 -97.11 1.91
N LEU G 1849 23.32 -96.50 1.19
CA LEU G 1849 23.55 -96.18 -0.22
C LEU G 1849 24.72 -95.23 -0.39
N VAL G 1850 24.74 -94.14 0.39
CA VAL G 1850 25.84 -93.18 0.28
C VAL G 1850 27.15 -93.83 0.65
N MET G 1851 27.18 -94.64 1.71
CA MET G 1851 28.39 -95.36 2.03
C MET G 1851 28.79 -96.36 0.97
N GLY G 1852 27.85 -96.78 0.12
CA GLY G 1852 28.18 -97.66 -0.97
C GLY G 1852 28.13 -99.13 -0.63
N ILE G 1853 27.42 -99.51 0.42
CA ILE G 1853 27.36 -100.91 0.82
C ILE G 1853 26.62 -101.74 -0.22
N PHE G 1854 25.58 -101.18 -0.81
CA PHE G 1854 24.72 -101.95 -1.71
C PHE G 1854 25.42 -102.27 -3.02
N GLY G 1855 25.16 -103.46 -3.53
CA GLY G 1855 25.59 -103.85 -4.86
C GLY G 1855 24.51 -103.62 -5.89
N ASP G 1856 24.77 -104.16 -7.08
CA ASP G 1856 23.89 -103.88 -8.22
C ASP G 1856 22.50 -104.44 -8.02
N GLU G 1857 22.39 -105.68 -7.52
CA GLU G 1857 21.07 -106.28 -7.34
C GLU G 1857 20.31 -105.60 -6.22
N ASP G 1858 21.01 -105.20 -5.16
CA ASP G 1858 20.36 -104.45 -4.09
C ASP G 1858 19.82 -103.13 -4.61
N VAL G 1859 20.60 -102.45 -5.46
CA VAL G 1859 20.15 -101.21 -6.05
C VAL G 1859 18.94 -101.46 -6.94
N LYS G 1860 18.96 -102.54 -7.71
CA LYS G 1860 17.82 -102.86 -8.55
C LYS G 1860 16.56 -103.07 -7.71
N GLN G 1861 16.70 -103.75 -6.57
CA GLN G 1861 15.55 -103.97 -5.71
C GLN G 1861 15.03 -102.66 -5.12
N ILE G 1862 15.94 -101.78 -4.71
CA ILE G 1862 15.50 -100.48 -4.20
C ILE G 1862 14.77 -99.72 -5.28
N LEU G 1863 15.26 -99.79 -6.52
CA LEU G 1863 14.62 -99.08 -7.62
C LEU G 1863 13.23 -99.65 -7.91
N LYS G 1864 13.09 -100.97 -7.89
CA LYS G 1864 11.76 -101.56 -8.05
C LYS G 1864 10.83 -101.11 -6.93
N MET G 1865 11.36 -101.02 -5.72
CA MET G 1865 10.58 -100.56 -4.58
C MET G 1865 10.10 -99.13 -4.81
N ILE G 1866 10.97 -98.28 -5.33
CA ILE G 1866 10.59 -96.90 -5.59
C ILE G 1866 9.55 -96.81 -6.70
N GLU G 1867 9.80 -97.48 -7.81
CA GLU G 1867 8.87 -97.46 -8.93
C GLU G 1867 9.03 -98.72 -9.77
N PRO G 1868 8.19 -99.74 -9.56
CA PRO G 1868 8.39 -101.00 -10.26
C PRO G 1868 8.24 -100.92 -11.76
N GLU G 1869 7.45 -100.00 -12.27
CA GLU G 1869 7.19 -99.94 -13.70
C GLU G 1869 8.29 -99.21 -14.46
N VAL G 1870 8.76 -98.08 -13.94
CA VAL G 1870 9.78 -97.31 -14.65
C VAL G 1870 11.12 -98.03 -14.62
N PHE G 1871 11.45 -98.65 -13.49
CA PHE G 1871 12.79 -99.19 -13.25
C PHE G 1871 12.85 -100.69 -13.43
N THR G 1872 12.16 -101.22 -14.43
CA THR G 1872 12.26 -102.62 -14.79
C THR G 1872 13.25 -102.75 -15.95
N GLU G 1873 14.22 -103.63 -15.81
CA GLU G 1873 15.25 -103.80 -16.83
C GLU G 1873 14.89 -104.91 -17.79
N GLU G 1874 15.38 -104.78 -19.02
CA GLU G 1874 15.12 -105.78 -20.06
C GLU G 1874 16.14 -105.68 -21.18
N LEU G 1922 -0.15 -106.36 -4.10
CA LEU G 1922 0.00 -104.95 -4.46
C LEU G 1922 1.47 -104.54 -4.46
N GLU G 1923 2.07 -104.49 -5.64
CA GLU G 1923 3.47 -104.12 -5.79
C GLU G 1923 3.65 -102.65 -6.13
N GLU G 1924 2.65 -101.85 -5.75
CA GLU G 1924 2.70 -100.41 -5.95
C GLU G 1924 3.93 -99.83 -5.26
N GLY G 1925 4.68 -99.01 -5.99
CA GLY G 1925 5.91 -98.47 -5.48
C GLY G 1925 5.70 -97.37 -4.46
N LEU G 1926 6.82 -96.87 -3.95
CA LEU G 1926 6.75 -95.82 -2.93
C LEU G 1926 6.21 -94.52 -3.48
N LEU G 1927 6.46 -94.21 -4.75
CA LEU G 1927 6.08 -92.91 -5.27
C LEU G 1927 4.58 -92.78 -5.48
N GLN G 1928 3.82 -93.86 -5.32
CA GLN G 1928 2.38 -93.85 -5.56
C GLN G 1928 1.57 -94.12 -4.29
N MET G 1929 2.17 -94.00 -3.11
CA MET G 1929 1.52 -94.45 -1.89
C MET G 1929 0.91 -93.32 -1.07
N LYS G 1930 1.16 -92.07 -1.43
CA LYS G 1930 0.68 -90.89 -0.69
C LYS G 1930 1.26 -90.95 0.73
N LEU G 1931 2.45 -90.44 0.85
CA LEU G 1931 3.22 -90.39 2.08
C LEU G 1931 3.17 -89.00 2.70
N PRO G 1932 3.40 -88.89 3.99
CA PRO G 1932 3.52 -87.57 4.61
C PRO G 1932 4.83 -86.88 4.24
N GLU G 1933 5.01 -85.66 4.73
CA GLU G 1933 6.09 -84.81 4.24
C GLU G 1933 7.46 -85.30 4.68
N SER G 1934 7.56 -85.91 5.87
CA SER G 1934 8.85 -86.46 6.27
C SER G 1934 9.28 -87.59 5.35
N VAL G 1935 8.36 -88.47 5.00
CA VAL G 1935 8.69 -89.55 4.08
C VAL G 1935 9.01 -89.00 2.70
N LYS G 1936 8.30 -87.94 2.29
CA LYS G 1936 8.65 -87.30 1.02
C LYS G 1936 10.05 -86.74 1.05
N LEU G 1937 10.46 -86.15 2.17
CA LEU G 1937 11.82 -85.64 2.29
C LEU G 1937 12.85 -86.75 2.16
N GLN G 1938 12.58 -87.89 2.79
CA GLN G 1938 13.50 -89.02 2.65
C GLN G 1938 13.55 -89.54 1.22
N MET G 1939 12.40 -89.60 0.54
CA MET G 1939 12.41 -89.98 -0.87
C MET G 1939 13.22 -89.01 -1.71
N CYS G 1940 13.17 -87.72 -1.35
CA CYS G 1940 14.01 -86.75 -2.04
C CYS G 1940 15.48 -87.04 -1.82
N ASN G 1941 15.85 -87.45 -0.61
CA ASN G 1941 17.24 -87.85 -0.38
C ASN G 1941 17.64 -89.02 -1.28
N LEU G 1942 16.79 -90.04 -1.37
CA LEU G 1942 17.12 -91.19 -2.22
C LEU G 1942 17.26 -90.77 -3.68
N LEU G 1943 16.30 -90.00 -4.18
CA LEU G 1943 16.36 -89.60 -5.58
C LEU G 1943 17.55 -88.68 -5.84
N GLU G 1944 17.94 -87.88 -4.86
CA GLU G 1944 19.14 -87.08 -4.99
C GLU G 1944 20.37 -87.96 -5.13
N TYR G 1945 20.44 -89.04 -4.37
CA TYR G 1945 21.56 -89.96 -4.52
C TYR G 1945 21.60 -90.53 -5.93
N PHE G 1946 20.46 -90.93 -6.46
CA PHE G 1946 20.47 -91.52 -7.80
C PHE G 1946 20.82 -90.49 -8.87
N CYS G 1947 20.38 -89.24 -8.70
CA CYS G 1947 20.80 -88.18 -9.61
C CYS G 1947 22.32 -87.98 -9.55
N ASP G 1948 22.89 -88.03 -8.35
CA ASP G 1948 24.33 -87.91 -8.21
C ASP G 1948 25.04 -89.04 -8.94
N GLN G 1949 24.50 -90.25 -8.85
CA GLN G 1949 25.11 -91.36 -9.57
C GLN G 1949 25.05 -91.15 -11.07
N GLU G 1950 23.94 -90.63 -11.58
CA GLU G 1950 23.87 -90.34 -13.01
C GLU G 1950 24.91 -89.31 -13.43
N LEU G 1951 25.07 -88.26 -12.63
CA LEU G 1951 26.08 -87.24 -12.95
C LEU G 1951 27.48 -87.82 -12.93
N GLN G 1952 27.79 -88.63 -11.92
CA GLN G 1952 29.10 -89.25 -11.84
C GLN G 1952 29.34 -90.16 -13.02
N HIS G 1953 28.31 -90.88 -13.45
CA HIS G 1953 28.44 -91.73 -14.63
C HIS G 1953 28.74 -90.90 -15.87
N ARG G 1954 28.08 -89.75 -16.01
CA ARG G 1954 28.37 -88.90 -17.16
C ARG G 1954 29.82 -88.42 -17.14
N VAL G 1955 30.29 -88.00 -15.97
CA VAL G 1955 31.67 -87.51 -15.87
C VAL G 1955 32.65 -88.61 -16.24
N GLU G 1956 32.42 -89.82 -15.72
CA GLU G 1956 33.33 -90.93 -16.01
C GLU G 1956 33.27 -91.34 -17.47
N SER G 1957 32.09 -91.34 -18.06
CA SER G 1957 31.97 -91.65 -19.48
C SER G 1957 32.71 -90.63 -20.33
N LEU G 1958 32.61 -89.35 -19.94
CA LEU G 1958 33.34 -88.31 -20.63
C LEU G 1958 34.85 -88.51 -20.51
N ALA G 1959 35.32 -88.89 -19.32
CA ALA G 1959 36.74 -89.14 -19.13
C ALA G 1959 37.21 -90.32 -19.96
N ALA G 1960 36.40 -91.38 -20.03
CA ALA G 1960 36.77 -92.53 -20.84
C ALA G 1960 36.86 -92.15 -22.32
N PHE G 1961 35.89 -91.39 -22.80
CA PHE G 1961 35.98 -90.94 -24.18
C PHE G 1961 37.21 -90.06 -24.39
N ALA G 1962 37.56 -89.25 -23.39
CA ALA G 1962 38.77 -88.45 -23.49
C ALA G 1962 39.99 -89.35 -23.63
N GLU G 1963 40.02 -90.45 -22.89
CA GLU G 1963 41.14 -91.37 -22.97
C GLU G 1963 41.26 -91.98 -24.36
N ARG G 1964 40.14 -92.34 -24.97
CA ARG G 1964 40.20 -92.90 -26.33
C ARG G 1964 40.56 -91.85 -27.37
N TYR G 1965 39.89 -90.70 -27.30
CA TYR G 1965 40.06 -89.69 -28.32
C TYR G 1965 41.44 -89.05 -28.27
N VAL G 1966 42.04 -88.96 -27.08
CA VAL G 1966 43.37 -88.39 -26.98
C VAL G 1966 44.39 -89.31 -27.64
N ASP G 1967 44.24 -90.62 -27.46
CA ASP G 1967 45.10 -91.55 -28.17
C ASP G 1967 44.96 -91.38 -29.67
N LYS G 1968 43.73 -91.31 -30.17
CA LYS G 1968 43.55 -91.13 -31.62
C LYS G 1968 44.15 -89.81 -32.09
N LEU G 1969 43.93 -88.73 -31.35
CA LEU G 1969 44.44 -87.42 -31.76
C LEU G 1969 45.96 -87.41 -31.76
N GLN G 1970 46.58 -87.99 -30.73
CA GLN G 1970 48.03 -88.00 -30.67
C GLN G 1970 48.63 -88.82 -31.81
N ALA G 1971 48.05 -89.97 -32.10
CA ALA G 1971 48.53 -90.76 -33.22
C ALA G 1971 48.42 -89.98 -34.52
N ASN G 1972 47.28 -89.31 -34.73
CA ASN G 1972 47.13 -88.53 -35.95
C ASN G 1972 48.11 -87.38 -36.02
N GLN G 1973 48.34 -86.68 -34.90
CA GLN G 1973 49.25 -85.55 -34.92
C GLN G 1973 50.67 -86.00 -35.19
N ARG G 1974 51.07 -87.14 -34.64
CA ARG G 1974 52.38 -87.69 -34.95
C ARG G 1974 52.50 -88.02 -36.43
N SER G 1975 51.46 -88.66 -37.00
CA SER G 1975 51.49 -88.97 -38.43
C SER G 1975 51.54 -87.70 -39.27
N ARG G 1976 50.75 -86.70 -38.92
CA ARG G 1976 50.73 -85.45 -39.68
C ARG G 1976 52.07 -84.74 -39.60
N TYR G 1977 52.72 -84.74 -38.43
CA TYR G 1977 54.05 -84.15 -38.34
C TYR G 1977 55.06 -84.94 -39.16
N ALA G 1978 54.94 -86.26 -39.17
CA ALA G 1978 55.82 -87.07 -40.00
C ALA G 1978 55.69 -86.70 -41.47
N LEU G 1979 54.46 -86.58 -41.95
CA LEU G 1979 54.27 -86.22 -43.36
C LEU G 1979 54.53 -84.74 -43.62
N LEU G 1980 54.53 -83.91 -42.57
CA LEU G 1980 54.87 -82.51 -42.75
C LEU G 1980 56.38 -82.29 -42.78
N MET G 1981 57.15 -83.22 -42.22
CA MET G 1981 58.61 -83.11 -42.32
C MET G 1981 59.12 -83.26 -43.75
N ARG G 1982 58.28 -83.72 -44.69
CA ARG G 1982 58.63 -83.79 -46.09
C ARG G 1982 57.88 -82.77 -46.94
N ALA G 1983 57.30 -81.74 -46.31
CA ALA G 1983 56.42 -80.83 -47.04
C ALA G 1983 57.19 -79.87 -47.94
N PHE G 1984 58.48 -79.65 -47.68
CA PHE G 1984 59.23 -78.64 -48.44
C PHE G 1984 59.30 -78.98 -49.92
N THR G 1985 59.29 -80.27 -50.27
CA THR G 1985 59.43 -80.68 -51.66
C THR G 1985 58.22 -80.30 -52.51
N MET G 1986 57.06 -80.06 -51.89
CA MET G 1986 55.88 -79.67 -52.65
C MET G 1986 55.17 -78.46 -52.06
N SER G 1987 55.87 -77.56 -51.39
CA SER G 1987 55.22 -76.43 -50.73
C SER G 1987 56.16 -75.23 -50.75
N ALA G 1988 55.85 -74.24 -49.93
CA ALA G 1988 56.55 -72.96 -49.94
C ALA G 1988 56.59 -72.43 -48.52
N ALA G 1989 56.89 -71.14 -48.37
CA ALA G 1989 57.03 -70.53 -47.04
C ALA G 1989 55.70 -70.54 -46.28
N GLU G 1990 54.62 -70.95 -46.93
CA GLU G 1990 53.33 -71.12 -46.26
C GLU G 1990 53.34 -72.32 -45.28
N THR G 1991 54.41 -73.12 -45.30
CA THR G 1991 54.56 -74.19 -44.33
C THR G 1991 54.54 -73.67 -42.90
N ALA G 1992 54.86 -72.39 -42.72
CA ALA G 1992 54.78 -71.78 -41.38
C ALA G 1992 53.35 -71.85 -40.85
N ARG G 1993 52.37 -71.64 -41.73
CA ARG G 1993 50.97 -71.77 -41.30
C ARG G 1993 50.65 -73.18 -40.87
N ARG G 1994 51.10 -74.17 -41.65
CA ARG G 1994 50.78 -75.57 -41.34
C ARG G 1994 51.49 -76.02 -40.06
N THR G 1995 52.67 -75.49 -39.80
CA THR G 1995 53.45 -75.85 -38.64
C THR G 1995 53.07 -75.07 -37.38
N ARG G 1996 52.20 -74.06 -37.51
CA ARG G 1996 51.78 -73.28 -36.34
C ARG G 1996 51.21 -74.16 -35.24
N GLU G 1997 50.57 -75.27 -35.60
CA GLU G 1997 50.10 -76.21 -34.60
C GLU G 1997 51.27 -76.76 -33.79
N PHE G 1998 52.36 -77.10 -34.45
CA PHE G 1998 53.49 -77.70 -33.77
C PHE G 1998 54.40 -76.68 -33.09
N ARG G 1999 54.14 -75.39 -33.26
CA ARG G 1999 54.87 -74.36 -32.52
C ARG G 1999 53.94 -73.58 -31.59
N SER G 2000 52.93 -74.24 -31.05
CA SER G 2000 51.98 -73.61 -30.15
C SER G 2000 51.77 -74.48 -28.93
N PRO G 2001 51.48 -73.88 -27.78
CA PRO G 2001 51.42 -74.66 -26.54
C PRO G 2001 50.34 -75.72 -26.62
N PRO G 2002 50.53 -76.84 -25.92
CA PRO G 2002 49.65 -78.01 -26.13
C PRO G 2002 48.18 -77.72 -25.91
N GLN G 2003 47.85 -76.86 -24.94
CA GLN G 2003 46.46 -76.49 -24.76
C GLN G 2003 45.90 -75.80 -26.01
N GLU G 2004 46.68 -74.91 -26.61
CA GLU G 2004 46.24 -74.25 -27.83
C GLU G 2004 46.17 -75.23 -29.00
N GLN G 2005 47.09 -76.19 -29.05
CA GLN G 2005 47.02 -77.23 -30.06
C GLN G 2005 45.69 -77.96 -29.97
N ILE G 2006 45.35 -78.42 -28.77
CA ILE G 2006 44.10 -79.18 -28.62
C ILE G 2006 42.88 -78.30 -28.83
N ASN G 2007 42.98 -77.02 -28.49
CA ASN G 2007 41.88 -76.10 -28.77
C ASN G 2007 41.63 -75.99 -30.26
N MET G 2008 42.70 -75.80 -31.04
CA MET G 2008 42.53 -75.71 -32.49
C MET G 2008 42.07 -77.04 -33.07
N LEU G 2009 42.52 -78.15 -32.48
CA LEU G 2009 42.07 -79.46 -32.95
C LEU G 2009 40.59 -79.66 -32.74
N LEU G 2010 40.05 -79.20 -31.61
CA LEU G 2010 38.63 -79.40 -31.30
C LEU G 2010 37.75 -78.30 -31.84
N HIS G 2011 38.28 -77.37 -32.65
CA HIS G 2011 37.50 -76.24 -33.15
C HIS G 2011 36.91 -76.57 -34.51
N PHE G 2012 35.94 -77.49 -34.50
CA PHE G 2012 35.24 -77.84 -35.73
C PHE G 2012 33.76 -78.11 -35.50
N LYS G 2013 33.14 -77.39 -34.57
CA LYS G 2013 31.74 -77.69 -34.27
C LYS G 2013 30.77 -76.95 -35.18
N ASP G 2014 31.04 -75.69 -35.48
CA ASP G 2014 30.06 -74.82 -36.12
C ASP G 2014 30.03 -74.95 -37.64
N GLU G 2015 30.88 -75.78 -38.23
CA GLU G 2015 30.97 -76.05 -39.65
C GLU G 2015 31.53 -74.86 -40.44
N ALA G 2016 31.71 -73.71 -39.82
CA ALA G 2016 32.41 -72.61 -40.43
C ALA G 2016 33.90 -72.62 -40.11
N ASP G 2017 34.36 -73.57 -39.29
CA ASP G 2017 35.75 -73.68 -38.89
C ASP G 2017 36.30 -75.04 -39.27
N GLU G 2018 35.93 -75.53 -40.45
CA GLU G 2018 36.44 -76.80 -40.95
C GLU G 2018 37.71 -76.66 -41.75
N GLU G 2019 38.24 -75.44 -41.90
CA GLU G 2019 39.48 -75.24 -42.63
C GLU G 2019 40.69 -75.18 -41.72
N ASP G 2020 40.55 -74.59 -40.52
CA ASP G 2020 41.67 -74.51 -39.60
C ASP G 2020 41.94 -75.83 -38.90
N CYS G 2021 40.89 -76.61 -38.62
CA CYS G 2021 41.07 -77.90 -37.97
C CYS G 2021 41.64 -78.89 -38.97
N PRO G 2022 42.82 -79.45 -38.72
CA PRO G 2022 43.42 -80.42 -39.65
C PRO G 2022 43.04 -81.87 -39.38
N LEU G 2023 42.04 -82.13 -38.56
CA LEU G 2023 41.65 -83.49 -38.26
C LEU G 2023 40.93 -84.11 -39.46
N PRO G 2024 41.09 -85.40 -39.68
CA PRO G 2024 40.27 -86.08 -40.69
C PRO G 2024 38.83 -86.24 -40.22
N GLU G 2025 37.95 -86.43 -41.21
CA GLU G 2025 36.53 -86.51 -40.92
C GLU G 2025 36.20 -87.71 -40.04
N ASP G 2026 36.96 -88.80 -40.18
CA ASP G 2026 36.70 -89.97 -39.33
C ASP G 2026 36.94 -89.64 -37.87
N ILE G 2027 38.00 -88.90 -37.57
CA ILE G 2027 38.27 -88.49 -36.19
C ILE G 2027 37.22 -87.50 -35.71
N ARG G 2028 36.83 -86.55 -36.58
CA ARG G 2028 35.80 -85.60 -36.19
C ARG G 2028 34.49 -86.30 -35.86
N GLN G 2029 34.17 -87.36 -36.59
CA GLN G 2029 32.88 -88.00 -36.43
C GLN G 2029 32.73 -88.67 -35.08
N ASP G 2030 33.82 -89.22 -34.54
CA ASP G 2030 33.72 -89.85 -33.23
C ASP G 2030 33.35 -88.83 -32.17
N LEU G 2031 33.98 -87.66 -32.20
CA LEU G 2031 33.62 -86.61 -31.25
C LEU G 2031 32.19 -86.14 -31.46
N GLN G 2032 31.76 -85.99 -32.71
CA GLN G 2032 30.39 -85.54 -32.95
C GLN G 2032 29.38 -86.56 -32.43
N ASP G 2033 29.64 -87.85 -32.66
CA ASP G 2033 28.73 -88.88 -32.17
C ASP G 2033 28.69 -88.90 -30.65
N PHE G 2034 29.84 -88.77 -30.00
CA PHE G 2034 29.83 -88.72 -28.55
C PHE G 2034 29.10 -87.50 -28.03
N HIS G 2035 29.27 -86.34 -28.67
CA HIS G 2035 28.54 -85.17 -28.22
C HIS G 2035 27.04 -85.39 -28.35
N GLN G 2036 26.62 -85.99 -29.46
CA GLN G 2036 25.21 -86.27 -29.66
C GLN G 2036 24.67 -87.19 -28.58
N ASP G 2037 25.37 -88.28 -28.29
CA ASP G 2037 24.86 -89.21 -27.31
C ASP G 2037 24.93 -88.64 -25.90
N LEU G 2038 25.89 -87.77 -25.62
CA LEU G 2038 25.91 -87.09 -24.33
C LEU G 2038 24.72 -86.16 -24.16
N LEU G 2039 24.40 -85.37 -25.19
CA LEU G 2039 23.21 -84.52 -25.11
C LEU G 2039 21.96 -85.36 -24.92
N ALA G 2040 21.87 -86.48 -25.62
CA ALA G 2040 20.70 -87.34 -25.46
C ALA G 2040 20.63 -87.90 -24.04
N HIS G 2041 21.76 -88.34 -23.50
CA HIS G 2041 21.81 -88.84 -22.14
C HIS G 2041 21.41 -87.78 -21.12
N CYS G 2042 21.73 -86.51 -21.39
CA CYS G 2042 21.27 -85.42 -20.55
C CYS G 2042 19.82 -85.06 -20.81
N GLY G 2043 19.18 -85.73 -21.77
CA GLY G 2043 17.79 -85.46 -22.10
C GLY G 2043 17.54 -84.14 -22.77
N ILE G 2044 18.42 -83.71 -23.66
CA ILE G 2044 18.19 -82.48 -24.41
C ILE G 2044 17.20 -82.72 -25.54
N GLN G 2045 17.57 -83.55 -26.51
CA GLN G 2045 16.74 -83.75 -27.68
C GLN G 2045 17.18 -85.03 -28.38
N LEU G 2046 16.31 -85.53 -29.25
CA LEU G 2046 16.58 -86.75 -30.00
C LEU G 2046 16.03 -86.63 -31.42
N GLU G 2088 2.05 -91.36 -23.63
CA GLU G 2088 3.41 -91.23 -23.10
C GLU G 2088 3.38 -90.92 -21.61
N LYS G 2089 2.35 -91.39 -20.92
CA LYS G 2089 2.19 -91.08 -19.50
C LYS G 2089 3.28 -91.71 -18.65
N LYS G 2090 3.81 -92.86 -19.06
CA LYS G 2090 4.92 -93.45 -18.33
C LYS G 2090 6.16 -92.56 -18.50
N PRO G 2091 6.80 -92.13 -17.42
CA PRO G 2091 7.99 -91.28 -17.57
C PRO G 2091 9.12 -91.94 -18.33
N GLN G 2092 9.31 -93.24 -18.18
CA GLN G 2092 10.34 -94.04 -18.85
C GLN G 2092 11.77 -93.65 -18.51
N SER G 2093 11.99 -92.66 -17.65
CA SER G 2093 13.34 -92.29 -17.29
C SER G 2093 13.34 -91.62 -15.92
N LEU G 2094 14.52 -91.62 -15.30
CA LEU G 2094 14.65 -91.02 -13.98
C LEU G 2094 14.31 -89.54 -14.01
N GLN G 2095 14.75 -88.84 -15.06
CA GLN G 2095 14.51 -87.41 -15.16
C GLN G 2095 13.02 -87.10 -15.20
N GLU G 2096 12.30 -87.75 -16.11
CA GLU G 2096 10.87 -87.52 -16.22
C GLU G 2096 10.13 -87.95 -14.96
N LEU G 2097 10.52 -89.07 -14.36
CA LEU G 2097 9.88 -89.51 -13.14
C LEU G 2097 10.03 -88.48 -12.03
N VAL G 2098 11.25 -87.98 -11.82
CA VAL G 2098 11.47 -87.03 -10.75
C VAL G 2098 10.73 -85.72 -11.02
N SER G 2099 10.79 -85.23 -12.25
CA SER G 2099 10.09 -83.99 -12.56
C SER G 2099 8.60 -84.11 -12.31
N HIS G 2100 8.00 -85.20 -12.82
CA HIS G 2100 6.56 -85.41 -12.64
CA HIS G 2100 6.57 -85.39 -12.65
C HIS G 2100 6.20 -85.55 -11.17
N MET G 2101 7.00 -86.29 -10.42
CA MET G 2101 6.68 -86.51 -9.02
C MET G 2101 6.76 -85.23 -8.22
N VAL G 2102 7.77 -84.39 -8.47
CA VAL G 2102 7.85 -83.10 -7.79
C VAL G 2102 6.64 -82.26 -8.13
N VAL G 2103 6.31 -82.14 -9.41
CA VAL G 2103 5.22 -81.25 -9.80
C VAL G 2103 3.90 -81.76 -9.24
N ARG G 2104 3.69 -83.07 -9.25
CA ARG G 2104 2.45 -83.63 -8.71
C ARG G 2104 2.36 -83.39 -7.21
N TRP G 2105 3.46 -83.58 -6.48
CA TRP G 2105 3.45 -83.28 -5.06
C TRP G 2105 3.11 -81.82 -4.82
N ALA G 2106 3.71 -80.92 -5.59
CA ALA G 2106 3.49 -79.50 -5.39
C ALA G 2106 2.06 -79.10 -5.69
N GLN G 2107 1.46 -79.66 -6.72
CA GLN G 2107 0.11 -79.27 -7.10
C GLN G 2107 -0.97 -80.12 -6.45
N GLU G 2108 -0.60 -81.11 -5.64
CA GLU G 2108 -1.60 -81.83 -4.88
C GLU G 2108 -1.86 -81.22 -3.51
N ASP G 2109 -0.88 -80.50 -2.94
CA ASP G 2109 -1.09 -79.88 -1.64
C ASP G 2109 -0.09 -78.75 -1.45
N TYR G 2110 -0.43 -77.85 -0.53
CA TYR G 2110 0.44 -76.74 -0.18
C TYR G 2110 1.49 -77.23 0.80
N VAL G 2111 2.68 -77.54 0.29
CA VAL G 2111 3.72 -78.14 1.11
C VAL G 2111 4.13 -77.18 2.21
N GLN G 2112 4.06 -77.65 3.46
CA GLN G 2112 4.29 -76.82 4.63
C GLN G 2112 5.72 -76.89 5.13
N SER G 2113 6.53 -77.81 4.62
CA SER G 2113 7.87 -78.02 5.13
C SER G 2113 8.88 -77.28 4.26
N PRO G 2114 9.53 -76.23 4.77
CA PRO G 2114 10.53 -75.53 3.95
C PRO G 2114 11.67 -76.42 3.49
N GLU G 2115 12.11 -77.36 4.32
CA GLU G 2115 13.15 -78.29 3.91
C GLU G 2115 12.66 -79.14 2.75
N LEU G 2116 11.43 -79.64 2.83
CA LEU G 2116 10.91 -80.43 1.72
C LEU G 2116 10.80 -79.62 0.45
N VAL G 2117 10.34 -78.36 0.56
CA VAL G 2117 10.19 -77.52 -0.62
C VAL G 2117 11.54 -77.31 -1.28
N ARG G 2118 12.55 -76.95 -0.49
CA ARG G 2118 13.86 -76.72 -1.05
C ARG G 2118 14.42 -77.98 -1.68
N ALA G 2119 14.23 -79.12 -1.03
CA ALA G 2119 14.73 -80.38 -1.58
C ALA G 2119 14.09 -80.69 -2.91
N MET G 2120 12.76 -80.60 -3.01
CA MET G 2120 12.10 -81.00 -4.23
C MET G 2120 12.43 -80.05 -5.37
N PHE G 2121 12.56 -78.75 -5.07
CA PHE G 2121 12.85 -77.85 -6.17
C PHE G 2121 14.31 -77.93 -6.62
N SER G 2122 15.24 -78.18 -5.69
CA SER G 2122 16.60 -78.48 -6.11
C SER G 2122 16.63 -79.71 -7.02
N LEU G 2123 15.90 -80.75 -6.62
CA LEU G 2123 15.82 -81.96 -7.43
C LEU G 2123 15.30 -81.65 -8.82
N LEU G 2124 14.22 -80.88 -8.91
CA LEU G 2124 13.61 -80.57 -10.20
C LEU G 2124 14.56 -79.79 -11.09
N HIS G 2125 15.26 -78.81 -10.53
CA HIS G 2125 16.20 -78.04 -11.32
C HIS G 2125 17.30 -78.92 -11.86
N ARG G 2126 17.76 -79.88 -11.07
CA ARG G 2126 18.79 -80.79 -11.57
C ARG G 2126 18.30 -81.56 -12.80
N GLN G 2127 17.05 -82.02 -12.78
CA GLN G 2127 16.53 -82.76 -13.92
C GLN G 2127 16.38 -81.86 -15.14
N TYR G 2128 16.05 -80.60 -14.93
CA TYR G 2128 15.86 -79.73 -16.09
C TYR G 2128 17.18 -79.29 -16.72
N ASP G 2129 18.23 -79.12 -15.92
CA ASP G 2129 19.52 -78.66 -16.45
C ASP G 2129 20.60 -79.68 -16.11
N GLY G 2130 20.61 -80.77 -16.87
CA GLY G 2130 21.62 -81.80 -16.68
C GLY G 2130 22.93 -81.35 -17.27
N LEU G 2131 22.86 -80.68 -18.42
CA LEU G 2131 24.07 -80.21 -19.08
C LEU G 2131 24.75 -79.14 -18.25
N GLY G 2132 23.97 -78.22 -17.66
CA GLY G 2132 24.56 -77.25 -16.77
C GLY G 2132 25.12 -77.88 -15.50
N GLU G 2133 24.44 -78.90 -14.97
CA GLU G 2133 24.98 -79.61 -13.82
C GLU G 2133 26.33 -80.25 -14.17
N LEU G 2134 26.43 -80.86 -15.34
CA LEU G 2134 27.69 -81.46 -15.77
C LEU G 2134 28.76 -80.40 -15.96
N LEU G 2135 28.40 -79.27 -16.55
CA LEU G 2135 29.38 -78.19 -16.76
C LEU G 2135 29.93 -77.69 -15.43
N ARG G 2136 29.07 -77.56 -14.43
CA ARG G 2136 29.54 -77.15 -13.12
C ARG G 2136 30.29 -78.25 -12.38
N ALA G 2137 30.03 -79.51 -12.69
CA ALA G 2137 30.77 -80.61 -12.09
C ALA G 2137 32.16 -80.81 -12.67
N LEU G 2138 32.36 -80.50 -13.95
CA LEU G 2138 33.64 -80.75 -14.59
C LEU G 2138 34.85 -80.12 -13.90
N PRO G 2139 34.79 -78.90 -13.35
CA PRO G 2139 35.99 -78.36 -12.70
C PRO G 2139 36.53 -79.22 -11.58
N ARG G 2140 35.73 -80.12 -11.02
CA ARG G 2140 36.20 -81.00 -9.97
C ARG G 2140 36.54 -82.39 -10.48
N ALA G 2141 36.63 -82.58 -11.78
CA ALA G 2141 37.03 -83.85 -12.37
C ALA G 2141 38.49 -83.78 -12.78
N TYR G 2142 39.19 -84.91 -12.64
CA TYR G 2142 40.61 -84.97 -12.93
C TYR G 2142 40.98 -86.41 -13.26
N THR G 2143 41.77 -86.58 -14.30
CA THR G 2143 42.25 -87.90 -14.68
C THR G 2143 43.70 -88.07 -14.24
N ILE G 2144 43.99 -89.23 -13.66
CA ILE G 2144 45.32 -89.54 -13.17
C ILE G 2144 45.80 -90.82 -13.81
N SER G 2145 47.11 -90.98 -13.82
CA SER G 2145 47.70 -92.22 -14.29
C SER G 2145 47.35 -93.36 -13.34
N PRO G 2146 47.21 -94.58 -13.85
CA PRO G 2146 46.94 -95.71 -12.96
C PRO G 2146 48.05 -95.97 -11.96
N SER G 2147 49.26 -95.47 -12.22
CA SER G 2147 50.35 -95.65 -11.27
C SER G 2147 50.29 -94.69 -10.10
N SER G 2148 49.47 -93.66 -10.16
CA SER G 2148 49.36 -92.68 -9.08
C SER G 2148 48.17 -92.95 -8.18
N VAL G 2149 47.53 -94.11 -8.33
CA VAL G 2149 46.29 -94.38 -7.61
C VAL G 2149 46.54 -94.51 -6.13
N GLU G 2150 47.55 -95.28 -5.73
CA GLU G 2150 47.77 -95.52 -4.30
C GLU G 2150 48.18 -94.23 -3.59
N ASP G 2151 49.00 -93.41 -4.23
CA ASP G 2151 49.41 -92.17 -3.59
C ASP G 2151 48.27 -91.17 -3.52
N THR G 2152 47.46 -91.08 -4.58
CA THR G 2152 46.26 -90.25 -4.49
C THR G 2152 45.31 -90.78 -3.43
N MET G 2153 45.33 -92.08 -3.22
CA MET G 2153 44.50 -92.69 -2.19
C MET G 2153 44.94 -92.21 -0.81
N SER G 2154 46.24 -92.29 -0.53
CA SER G 2154 46.76 -91.85 0.76
C SER G 2154 46.50 -90.36 0.97
N LEU G 2155 46.69 -89.57 -0.08
CA LEU G 2155 46.42 -88.14 0.01
C LEU G 2155 44.96 -87.87 0.31
N LEU G 2156 44.05 -88.63 -0.30
CA LEU G 2156 42.63 -88.45 -0.02
C LEU G 2156 42.29 -88.85 1.40
N GLU G 2157 42.93 -89.89 1.92
CA GLU G 2157 42.70 -90.25 3.32
C GLU G 2157 43.11 -89.12 4.26
N CYS G 2158 44.29 -88.54 4.01
CA CYS G 2158 44.74 -87.42 4.83
C CYS G 2158 43.81 -86.21 4.69
N LEU G 2159 43.36 -85.93 3.46
CA LEU G 2159 42.45 -84.81 3.25
C LEU G 2159 41.12 -85.04 3.96
N GLY G 2160 40.63 -86.27 3.96
CA GLY G 2160 39.41 -86.57 4.70
C GLY G 2160 39.59 -86.38 6.19
N GLN G 2161 40.76 -86.76 6.71
CA GLN G 2161 41.07 -86.49 8.11
C GLN G 2161 41.04 -85.00 8.40
N ILE G 2162 41.62 -84.19 7.51
CA ILE G 2162 41.61 -82.74 7.72
C ILE G 2162 40.19 -82.21 7.70
N ARG G 2163 39.39 -82.64 6.72
CA ARG G 2163 38.03 -82.15 6.60
C ARG G 2163 37.18 -82.54 7.80
N SER G 2164 37.45 -83.69 8.39
CA SER G 2164 36.70 -84.12 9.56
C SER G 2164 36.95 -83.22 10.77
N LEU G 2165 38.02 -82.43 10.75
CA LEU G 2165 38.34 -81.52 11.84
C LEU G 2165 37.67 -80.17 11.69
N LEU G 2166 36.84 -79.99 10.67
CA LEU G 2166 36.13 -78.74 10.49
C LEU G 2166 34.91 -78.63 11.39
N ILE G 2167 34.52 -79.71 12.07
CA ILE G 2167 33.29 -79.77 12.85
C ILE G 2167 33.54 -80.08 14.31
N VAL G 2168 34.77 -79.91 14.77
CA VAL G 2168 35.14 -80.21 16.14
C VAL G 2168 35.91 -79.03 16.71
N GLN G 2169 35.63 -78.69 17.97
CA GLN G 2169 36.42 -77.68 18.65
C GLN G 2169 37.87 -78.13 18.75
N MET G 2170 38.78 -77.18 18.53
CA MET G 2170 40.17 -77.49 18.35
C MET G 2170 40.80 -77.87 19.69
N GLY G 2171 41.66 -78.89 19.66
CA GLY G 2171 42.29 -79.38 20.87
C GLY G 2171 43.66 -79.95 20.57
N PRO G 2172 44.31 -80.53 21.59
CA PRO G 2172 45.65 -81.07 21.37
C PRO G 2172 45.70 -82.32 20.51
N GLN G 2173 44.77 -83.25 20.71
CA GLN G 2173 44.72 -84.44 19.85
C GLN G 2173 44.43 -84.03 18.41
N GLU G 2174 43.52 -83.07 18.24
CA GLU G 2174 43.25 -82.54 16.91
C GLU G 2174 44.48 -81.87 16.33
N GLU G 2175 45.26 -81.17 17.15
CA GLU G 2175 46.49 -80.55 16.67
C GLU G 2175 47.46 -81.60 16.16
N ASN G 2176 47.64 -82.68 16.92
CA ASN G 2176 48.55 -83.74 16.47
C ASN G 2176 48.07 -84.37 15.18
N LEU G 2177 46.78 -84.67 15.11
CA LEU G 2177 46.24 -85.29 13.90
C LEU G 2177 46.39 -84.38 12.70
N MET G 2178 46.12 -83.09 12.87
CA MET G 2178 46.23 -82.14 11.77
C MET G 2178 47.66 -81.98 11.31
N ILE G 2179 48.60 -81.92 12.27
CA ILE G 2179 50.00 -81.78 11.92
C ILE G 2179 50.47 -83.00 11.12
N GLN G 2180 50.12 -84.21 11.59
CA GLN G 2180 50.59 -85.38 10.86
C GLN G 2180 49.92 -85.49 9.50
N SER G 2181 48.65 -85.10 9.40
CA SER G 2181 47.98 -85.12 8.10
C SER G 2181 48.66 -84.19 7.11
N ILE G 2182 48.95 -82.97 7.56
CA ILE G 2182 49.60 -82.01 6.67
C ILE G 2182 50.98 -82.50 6.27
N GLY G 2183 51.74 -83.04 7.22
CA GLY G 2183 53.06 -83.54 6.90
C GLY G 2183 53.02 -84.67 5.89
N ASN G 2184 52.08 -85.60 6.06
CA ASN G 2184 51.94 -86.68 5.10
C ASN G 2184 51.57 -86.14 3.73
N ILE G 2185 50.75 -85.08 3.68
CA ILE G 2185 50.40 -84.49 2.40
C ILE G 2185 51.63 -83.90 1.73
N MET G 2186 52.44 -83.15 2.48
CA MET G 2186 53.67 -82.60 1.91
C MET G 2186 54.64 -83.67 1.45
N ASN G 2187 54.73 -84.80 2.15
CA ASN G 2187 55.63 -85.86 1.74
C ASN G 2187 55.05 -86.74 0.63
N ASN G 2188 53.94 -86.34 0.03
CA ASN G 2188 53.31 -87.11 -1.03
C ASN G 2188 53.68 -86.50 -2.38
N LYS G 2189 54.17 -87.34 -3.30
CA LYS G 2189 54.60 -86.82 -4.59
C LYS G 2189 53.42 -86.33 -5.42
N VAL G 2190 52.22 -86.83 -5.14
CA VAL G 2190 51.04 -86.36 -5.85
C VAL G 2190 50.78 -84.90 -5.57
N PHE G 2191 51.04 -84.45 -4.35
CA PHE G 2191 50.88 -83.04 -4.02
C PHE G 2191 51.83 -82.17 -4.81
N TYR G 2192 52.97 -82.72 -5.22
CA TYR G 2192 53.93 -81.99 -6.04
C TYR G 2192 53.56 -81.99 -7.51
N GLN G 2193 53.18 -83.16 -8.02
CA GLN G 2193 53.05 -83.34 -9.46
C GLN G 2193 51.69 -82.88 -10.00
N HIS G 2194 50.69 -82.71 -9.15
CA HIS G 2194 49.34 -82.38 -9.58
C HIS G 2194 48.79 -81.19 -8.81
N PRO G 2195 49.44 -80.04 -8.90
CA PRO G 2195 48.91 -78.85 -8.22
C PRO G 2195 47.51 -78.49 -8.67
N ASN G 2196 47.17 -78.74 -9.93
CA ASN G 2196 45.80 -78.47 -10.38
C ASN G 2196 44.81 -79.34 -9.61
N LEU G 2197 45.14 -80.61 -9.39
CA LEU G 2197 44.28 -81.47 -8.60
C LEU G 2197 44.15 -80.96 -7.17
N MET G 2198 45.27 -80.62 -6.55
CA MET G 2198 45.21 -80.11 -5.18
C MET G 2198 44.41 -78.81 -5.09
N ARG G 2199 44.42 -78.01 -6.15
CA ARG G 2199 43.61 -76.81 -6.16
C ARG G 2199 42.13 -77.15 -6.32
N ALA G 2200 41.83 -78.15 -7.15
CA ALA G 2200 40.44 -78.55 -7.34
C ALA G 2200 39.85 -79.11 -6.06
N LEU G 2201 40.65 -79.84 -5.29
CA LEU G 2201 40.15 -80.42 -4.05
C LEU G 2201 39.89 -79.39 -2.96
N GLY G 2202 40.39 -78.17 -3.12
CA GLY G 2202 40.13 -77.14 -2.13
C GLY G 2202 40.95 -77.25 -0.85
N MET G 2203 42.12 -77.87 -0.92
CA MET G 2203 42.90 -78.10 0.30
C MET G 2203 43.32 -76.78 0.93
N HIS G 2204 43.72 -75.80 0.12
CA HIS G 2204 44.11 -74.53 0.70
C HIS G 2204 42.95 -73.86 1.41
N GLU G 2205 41.75 -73.95 0.84
CA GLU G 2205 40.58 -73.42 1.51
C GLU G 2205 40.35 -74.12 2.84
N THR G 2206 40.47 -75.45 2.86
CA THR G 2206 40.25 -76.20 4.10
C THR G 2206 41.26 -75.81 5.17
N VAL G 2207 42.54 -75.75 4.80
CA VAL G 2207 43.59 -75.42 5.76
C VAL G 2207 43.40 -73.99 6.25
N MET G 2208 43.05 -73.07 5.35
CA MET G 2208 42.80 -71.70 5.76
C MET G 2208 41.64 -71.63 6.74
N GLU G 2209 40.58 -72.40 6.51
CA GLU G 2209 39.43 -72.31 7.40
C GLU G 2209 39.82 -72.81 8.77
N VAL G 2210 40.60 -73.89 8.83
CA VAL G 2210 41.11 -74.38 10.11
C VAL G 2210 41.90 -73.28 10.82
N MET G 2211 42.84 -72.67 10.10
CA MET G 2211 43.74 -71.71 10.72
C MET G 2211 42.99 -70.48 11.19
N VAL G 2212 42.01 -70.03 10.41
CA VAL G 2212 41.26 -68.85 10.79
C VAL G 2212 40.38 -69.14 11.99
N ASN G 2213 39.81 -70.35 12.08
CA ASN G 2213 39.08 -70.70 13.29
C ASN G 2213 39.97 -70.62 14.51
N VAL G 2214 41.17 -71.20 14.43
CA VAL G 2214 42.06 -71.19 15.58
C VAL G 2214 42.48 -69.76 15.92
N LEU G 2215 42.83 -68.96 14.92
CA LEU G 2215 43.27 -67.59 15.17
C LEU G 2215 42.16 -66.73 15.76
N GLY G 2216 40.93 -66.91 15.29
CA GLY G 2216 39.80 -66.24 15.94
C GLY G 2216 39.64 -66.70 17.37
N GLY G 2217 39.93 -67.97 17.63
CA GLY G 2217 39.92 -68.45 19.00
C GLY G 2217 41.01 -67.77 19.82
N GLY G 2218 40.59 -66.93 20.76
CA GLY G 2218 41.55 -66.18 21.55
C GLY G 2218 42.37 -65.20 20.75
N GLU G 2219 41.72 -64.42 19.89
CA GLU G 2219 42.42 -63.63 18.88
C GLU G 2219 43.30 -62.53 19.47
N THR G 2220 43.12 -62.17 20.73
CA THR G 2220 43.91 -61.06 21.24
C THR G 2220 44.74 -61.41 22.47
N LYS G 2221 44.20 -62.19 23.39
CA LYS G 2221 44.92 -62.45 24.64
C LYS G 2221 46.01 -63.50 24.48
N GLU G 2222 45.75 -64.56 23.72
CA GLU G 2222 46.71 -65.64 23.57
C GLU G 2222 46.32 -66.49 22.38
N ILE G 2223 47.27 -66.68 21.46
CA ILE G 2223 47.08 -67.58 20.34
C ILE G 2223 47.65 -68.93 20.75
N ARG G 2224 46.83 -69.96 20.67
CA ARG G 2224 47.20 -71.27 21.17
C ARG G 2224 47.28 -72.28 20.02
N PHE G 2225 47.88 -73.41 20.32
CA PHE G 2225 48.33 -74.36 19.30
C PHE G 2225 49.17 -73.68 18.22
N PRO G 2226 50.19 -72.90 18.61
CA PRO G 2226 51.02 -72.25 17.60
C PRO G 2226 51.74 -73.25 16.72
N LYS G 2227 51.95 -74.48 17.19
CA LYS G 2227 52.60 -75.48 16.35
C LYS G 2227 51.73 -75.86 15.15
N MET G 2228 50.44 -76.11 15.38
CA MET G 2228 49.59 -76.41 14.24
C MET G 2228 49.37 -75.15 13.40
N VAL G 2229 49.38 -73.98 14.04
CA VAL G 2229 49.26 -72.74 13.26
C VAL G 2229 50.45 -72.56 12.32
N THR G 2230 51.66 -72.83 12.81
CA THR G 2230 52.82 -72.71 11.95
C THR G 2230 52.89 -73.83 10.93
N SER G 2231 52.38 -75.01 11.26
CA SER G 2231 52.26 -76.07 10.26
C SER G 2231 51.33 -75.66 9.13
N CYS G 2232 50.19 -75.07 9.47
CA CYS G 2232 49.27 -74.57 8.44
C CYS G 2232 49.94 -73.51 7.59
N CYS G 2233 50.63 -72.55 8.22
CA CYS G 2233 51.24 -71.48 7.46
C CYS G 2233 52.34 -72.00 6.56
N ARG G 2234 53.16 -72.93 7.05
CA ARG G 2234 54.21 -73.49 6.21
C ARG G 2234 53.63 -74.26 5.04
N PHE G 2235 52.56 -75.01 5.28
CA PHE G 2235 51.88 -75.72 4.20
C PHE G 2235 51.41 -74.74 3.14
N LEU G 2236 50.75 -73.66 3.55
CA LEU G 2236 50.25 -72.70 2.57
C LEU G 2236 51.38 -72.03 1.81
N CYS G 2237 52.48 -71.71 2.49
CA CYS G 2237 53.62 -71.12 1.80
C CYS G 2237 54.17 -72.06 0.74
N TYR G 2238 54.29 -73.35 1.06
CA TYR G 2238 54.83 -74.26 0.07
C TYR G 2238 53.85 -74.39 -1.10
N PHE G 2239 52.56 -74.53 -0.79
CA PHE G 2239 51.52 -74.57 -1.81
C PHE G 2239 51.61 -73.37 -2.74
N CYS G 2240 51.86 -72.19 -2.19
CA CYS G 2240 52.09 -71.01 -3.02
C CYS G 2240 53.32 -71.17 -3.90
N ARG G 2241 54.40 -71.71 -3.35
CA ARG G 2241 55.62 -71.87 -4.11
C ARG G 2241 55.52 -72.91 -5.21
N ILE G 2242 54.51 -73.78 -5.17
CA ILE G 2242 54.42 -74.85 -6.16
C ILE G 2242 54.19 -74.29 -7.56
N SER G 2243 53.20 -73.43 -7.73
CA SER G 2243 52.87 -72.95 -9.07
C SER G 2243 52.26 -71.56 -8.98
N ARG G 2244 52.37 -70.83 -10.10
CA ARG G 2244 51.83 -69.48 -10.14
C ARG G 2244 50.32 -69.48 -9.98
N GLN G 2245 49.64 -70.51 -10.49
CA GLN G 2245 48.20 -70.59 -10.30
C GLN G 2245 47.85 -70.72 -8.83
N ASN G 2246 48.58 -71.55 -8.09
CA ASN G 2246 48.36 -71.67 -6.66
C ASN G 2246 48.67 -70.35 -5.96
N GLN G 2247 49.72 -69.67 -6.39
CA GLN G 2247 50.06 -68.40 -5.79
C GLN G 2247 48.94 -67.38 -5.99
N ARG G 2248 48.37 -67.34 -7.19
CA ARG G 2248 47.25 -66.44 -7.42
C ARG G 2248 46.04 -66.83 -6.58
N SER G 2249 45.77 -68.13 -6.49
CA SER G 2249 44.62 -68.58 -5.71
C SER G 2249 44.74 -68.16 -4.26
N MET G 2250 45.95 -68.28 -3.70
CA MET G 2250 46.17 -67.80 -2.35
C MET G 2250 46.12 -66.28 -2.27
N PHE G 2251 46.54 -65.59 -3.33
CA PHE G 2251 46.47 -64.13 -3.36
C PHE G 2251 45.03 -63.65 -3.33
N ASP G 2252 44.09 -64.47 -3.77
CA ASP G 2252 42.69 -64.10 -3.69
C ASP G 2252 42.22 -63.89 -2.26
N HIS G 2253 42.94 -64.43 -1.27
CA HIS G 2253 42.61 -64.23 0.13
C HIS G 2253 43.60 -63.33 0.84
N LEU G 2254 44.15 -62.34 0.14
CA LEU G 2254 45.22 -61.52 0.72
C LEU G 2254 44.70 -60.71 1.89
N SER G 2255 43.59 -60.00 1.70
CA SER G 2255 42.98 -59.25 2.80
C SER G 2255 42.49 -60.20 3.89
N TYR G 2256 42.05 -61.39 3.49
CA TYR G 2256 41.58 -62.39 4.43
C TYR G 2256 42.70 -62.82 5.37
N LEU G 2257 43.92 -62.92 4.84
CA LEU G 2257 45.07 -63.20 5.69
C LEU G 2257 45.46 -61.98 6.51
N LEU G 2258 45.41 -60.80 5.90
CA LEU G 2258 45.87 -59.58 6.57
C LEU G 2258 45.02 -59.28 7.81
N GLU G 2259 43.71 -59.44 7.69
CA GLU G 2259 42.82 -59.18 8.82
C GLU G 2259 43.09 -60.11 9.99
N ASN G 2260 43.66 -61.28 9.73
CA ASN G 2260 44.10 -62.18 10.79
C ASN G 2260 45.58 -62.03 11.13
N SER G 2261 46.28 -61.12 10.46
CA SER G 2261 47.72 -61.00 10.64
C SER G 2261 48.11 -60.00 11.73
N GLY G 2262 47.13 -59.31 12.33
CA GLY G 2262 47.46 -58.31 13.33
C GLY G 2262 48.10 -58.90 14.57
N ILE G 2263 47.68 -60.10 14.95
CA ILE G 2263 48.15 -60.75 16.17
C ILE G 2263 49.19 -61.83 15.90
N GLY G 2264 49.50 -62.11 14.64
CA GLY G 2264 50.47 -63.15 14.34
C GLY G 2264 51.89 -62.81 14.74
N LEU G 2265 52.14 -61.57 15.16
CA LEU G 2265 53.50 -61.15 15.48
C LEU G 2265 54.05 -61.89 16.71
N GLY G 2266 53.23 -62.05 17.76
CA GLY G 2266 53.72 -62.70 18.96
C GLY G 2266 54.20 -64.12 18.69
N MET G 2267 53.44 -64.86 17.91
CA MET G 2267 53.89 -66.18 17.46
C MET G 2267 55.06 -66.02 16.51
N GLN G 2268 56.00 -66.96 16.57
CA GLN G 2268 57.19 -66.95 15.75
CA GLN G 2268 57.19 -66.95 15.74
C GLN G 2268 57.24 -68.19 14.88
N GLY G 2269 57.85 -68.06 13.70
CA GLY G 2269 57.93 -69.15 12.75
C GLY G 2269 57.29 -68.78 11.43
N SER G 2270 56.35 -69.60 10.98
CA SER G 2270 55.54 -69.29 9.80
C SER G 2270 54.20 -68.76 10.26
N THR G 2271 53.84 -67.57 9.77
CA THR G 2271 52.67 -66.84 10.22
C THR G 2271 51.86 -66.35 9.03
N PRO G 2272 50.59 -65.99 9.24
CA PRO G 2272 49.76 -65.54 8.10
C PRO G 2272 50.35 -64.39 7.34
N LEU G 2273 51.07 -63.49 8.02
CA LEU G 2273 51.78 -62.43 7.31
C LEU G 2273 52.82 -63.03 6.36
N ASP G 2274 53.52 -64.07 6.82
CA ASP G 2274 54.49 -64.74 5.97
C ASP G 2274 53.80 -65.40 4.79
N VAL G 2275 52.60 -65.96 5.02
CA VAL G 2275 51.86 -66.56 3.92
C VAL G 2275 51.51 -65.51 2.87
N ALA G 2276 51.05 -64.34 3.33
CA ALA G 2276 50.72 -63.27 2.40
C ALA G 2276 51.95 -62.84 1.62
N ALA G 2277 53.10 -62.74 2.30
CA ALA G 2277 54.32 -62.39 1.59
C ALA G 2277 54.69 -63.43 0.56
N ALA G 2278 54.55 -64.71 0.90
CA ALA G 2278 54.82 -65.78 -0.04
C ALA G 2278 53.79 -65.83 -1.17
N SER G 2279 52.66 -65.17 -1.00
CA SER G 2279 51.60 -65.15 -1.98
C SER G 2279 51.83 -64.13 -3.08
N VAL G 2280 52.86 -63.28 -2.96
CA VAL G 2280 53.13 -62.25 -3.96
C VAL G 2280 54.59 -62.24 -4.41
N ILE G 2281 55.46 -63.01 -3.78
CA ILE G 2281 56.90 -62.91 -4.01
C ILE G 2281 57.20 -63.29 -5.46
N ASP G 2282 57.97 -62.45 -6.13
CA ASP G 2282 58.46 -62.70 -7.49
C ASP G 2282 57.30 -62.98 -8.46
N ASN G 2283 56.20 -62.25 -8.27
CA ASN G 2283 55.05 -62.35 -9.16
C ASN G 2283 54.64 -60.93 -9.53
N ASN G 2284 55.08 -60.49 -10.71
CA ASN G 2284 54.80 -59.13 -11.14
C ASN G 2284 53.31 -58.88 -11.30
N GLU G 2285 52.59 -59.86 -11.85
CA GLU G 2285 51.15 -59.69 -12.04
C GLU G 2285 50.45 -59.50 -10.71
N LEU G 2286 50.78 -60.31 -9.72
CA LEU G 2286 50.15 -60.16 -8.41
C LEU G 2286 50.62 -58.90 -7.70
N ALA G 2287 51.84 -58.44 -7.98
CA ALA G 2287 52.29 -57.18 -7.42
C ALA G 2287 51.49 -56.02 -7.99
N LEU G 2288 51.26 -56.01 -9.30
CA LEU G 2288 50.47 -54.97 -9.93
C LEU G 2288 49.01 -55.03 -9.50
N ALA G 2289 48.46 -56.23 -9.35
CA ALA G 2289 47.07 -56.38 -8.94
C ALA G 2289 46.87 -56.16 -7.46
N LEU G 2290 47.91 -55.80 -6.72
CA LEU G 2290 47.79 -55.64 -5.29
C LEU G 2290 47.01 -54.38 -4.99
N GLN G 2291 45.85 -54.54 -4.36
CA GLN G 2291 44.93 -53.42 -4.17
C GLN G 2291 45.43 -52.49 -3.07
N GLU G 2292 44.98 -51.24 -3.12
CA GLU G 2292 45.58 -50.18 -2.31
C GLU G 2292 45.20 -50.28 -0.83
N GLN G 2293 43.95 -50.64 -0.53
CA GLN G 2293 43.54 -50.65 0.88
C GLN G 2293 44.29 -51.73 1.64
N ASP G 2294 44.83 -52.73 0.95
CA ASP G 2294 45.68 -53.70 1.61
C ASP G 2294 46.96 -53.05 2.12
N LEU G 2295 47.63 -52.27 1.27
CA LEU G 2295 48.78 -51.51 1.71
C LEU G 2295 48.38 -50.55 2.83
N GLU G 2296 47.18 -49.99 2.74
CA GLU G 2296 46.71 -49.10 3.79
C GLU G 2296 46.60 -49.84 5.12
N LYS G 2297 46.05 -51.05 5.10
CA LYS G 2297 45.91 -51.83 6.32
C LYS G 2297 47.26 -52.19 6.90
N VAL G 2298 48.20 -52.59 6.04
CA VAL G 2298 49.53 -52.95 6.52
C VAL G 2298 50.21 -51.75 7.15
N VAL G 2299 50.12 -50.59 6.51
CA VAL G 2299 50.76 -49.39 7.06
C VAL G 2299 50.07 -48.95 8.35
N SER G 2300 48.76 -49.15 8.44
CA SER G 2300 48.07 -48.84 9.70
C SER G 2300 48.57 -49.73 10.83
N TYR G 2301 48.73 -51.03 10.55
CA TYR G 2301 49.32 -51.92 11.54
C TYR G 2301 50.72 -51.47 11.92
N LEU G 2302 51.52 -51.07 10.93
CA LEU G 2302 52.88 -50.62 11.22
C LEU G 2302 52.87 -49.38 12.09
N ALA G 2303 51.97 -48.44 11.81
CA ALA G 2303 51.86 -47.25 12.62
C ALA G 2303 51.48 -47.61 14.05
N GLY G 2304 50.55 -48.54 14.21
CA GLY G 2304 50.21 -49.00 15.56
C GLY G 2304 51.40 -49.60 16.28
N CYS G 2305 52.20 -50.38 15.56
CA CYS G 2305 53.40 -50.95 16.17
C CYS G 2305 54.41 -49.89 16.53
N GLY G 2306 54.44 -48.79 15.81
CA GLY G 2306 55.41 -47.77 16.12
C GLY G 2306 55.07 -46.88 17.29
N LEU G 2307 53.87 -47.02 17.85
CA LEU G 2307 53.44 -46.16 18.96
C LEU G 2307 53.26 -46.89 20.27
N GLN G 2308 53.07 -48.20 20.27
CA GLN G 2308 52.79 -48.95 21.49
C GLN G 2308 53.81 -50.07 21.65
N SER G 2309 54.12 -50.38 22.91
CA SER G 2309 54.97 -51.53 23.20
C SER G 2309 54.22 -52.83 22.94
N CYS G 2310 54.99 -53.90 22.75
CA CYS G 2310 54.38 -55.21 22.56
C CYS G 2310 53.85 -55.71 23.91
N PRO G 2311 52.54 -55.96 24.03
CA PRO G 2311 52.02 -56.43 25.32
C PRO G 2311 52.60 -57.76 25.76
N MET G 2312 52.89 -58.65 24.81
CA MET G 2312 53.48 -59.94 25.17
C MET G 2312 54.85 -59.75 25.79
N LEU G 2313 55.68 -58.88 25.21
CA LEU G 2313 57.00 -58.61 25.79
C LEU G 2313 56.88 -57.87 27.11
N LEU G 2314 55.90 -56.97 27.22
CA LEU G 2314 55.67 -56.29 28.49
C LEU G 2314 55.33 -57.28 29.59
N ALA G 2315 54.55 -58.30 29.25
CA ALA G 2315 54.18 -59.32 30.23
C ALA G 2315 55.36 -60.19 30.66
N LYS G 2316 56.50 -60.10 29.97
CA LYS G 2316 57.67 -60.91 30.29
C LYS G 2316 58.76 -60.11 31.00
N GLY G 2317 58.45 -58.91 31.47
CA GLY G 2317 59.40 -58.14 32.25
C GLY G 2317 60.40 -57.34 31.47
N TYR G 2318 60.23 -57.22 30.15
CA TYR G 2318 61.13 -56.37 29.38
C TYR G 2318 60.89 -54.90 29.73
N PRO G 2319 61.91 -54.06 29.59
CA PRO G 2319 61.70 -52.62 29.77
C PRO G 2319 60.74 -52.09 28.73
N ASP G 2320 59.98 -51.07 29.12
CA ASP G 2320 58.89 -50.54 28.30
C ASP G 2320 59.40 -49.40 27.44
N ILE G 2321 59.71 -49.69 26.20
CA ILE G 2321 59.95 -48.66 25.19
C ILE G 2321 58.64 -48.45 24.45
N GLY G 2322 58.42 -47.23 23.99
CA GLY G 2322 57.10 -46.88 23.48
C GLY G 2322 56.80 -47.37 22.07
N TRP G 2323 57.37 -48.50 21.66
CA TRP G 2323 57.15 -49.00 20.32
C TRP G 2323 57.64 -50.44 20.24
N ASN G 2324 57.30 -51.10 19.13
CA ASN G 2324 57.51 -52.53 18.96
C ASN G 2324 58.28 -52.78 17.67
N PRO G 2325 59.60 -52.65 17.71
CA PRO G 2325 60.40 -52.90 16.50
C PRO G 2325 60.25 -54.31 15.96
N CYS G 2326 59.95 -55.28 16.82
CA CYS G 2326 59.80 -56.65 16.34
C CYS G 2326 58.68 -56.76 15.33
N GLY G 2327 57.49 -56.26 15.67
CA GLY G 2327 56.40 -56.26 14.71
C GLY G 2327 56.64 -55.29 13.58
N GLY G 2328 57.34 -54.19 13.86
CA GLY G 2328 57.66 -53.25 12.81
C GLY G 2328 58.43 -53.91 11.67
N GLU G 2329 59.43 -54.71 12.01
CA GLU G 2329 60.19 -55.42 10.99
C GLU G 2329 59.29 -56.38 10.22
N ARG G 2330 58.37 -57.04 10.93
CA ARG G 2330 57.51 -58.02 10.27
C ARG G 2330 56.65 -57.38 9.20
N TYR G 2331 56.13 -56.18 9.47
CA TYR G 2331 55.37 -55.50 8.42
C TYR G 2331 56.28 -54.92 7.34
N LEU G 2332 57.46 -54.44 7.72
CA LEU G 2332 58.36 -53.84 6.74
C LEU G 2332 58.81 -54.86 5.70
N ASP G 2333 59.09 -56.10 6.12
CA ASP G 2333 59.51 -57.09 5.14
C ASP G 2333 58.39 -57.43 4.17
N PHE G 2334 57.15 -57.49 4.65
CA PHE G 2334 56.02 -57.66 3.75
C PHE G 2334 55.99 -56.55 2.71
N LEU G 2335 56.02 -55.30 3.15
CA LEU G 2335 55.99 -54.22 2.19
C LEU G 2335 57.16 -54.30 1.23
N ARG G 2336 58.32 -54.74 1.71
CA ARG G 2336 59.49 -54.85 0.86
C ARG G 2336 59.26 -55.86 -0.25
N PHE G 2337 58.67 -57.01 0.08
CA PHE G 2337 58.33 -57.97 -0.97
C PHE G 2337 57.27 -57.40 -1.91
N ALA G 2338 56.39 -56.56 -1.39
CA ALA G 2338 55.35 -55.98 -2.24
C ALA G 2338 55.89 -54.97 -3.25
N VAL G 2339 56.86 -54.15 -2.84
CA VAL G 2339 57.31 -53.04 -3.66
C VAL G 2339 58.51 -53.39 -4.53
N PHE G 2340 59.01 -54.62 -4.48
CA PHE G 2340 60.19 -55.03 -5.22
C PHE G 2340 59.98 -56.44 -5.73
N VAL G 2341 60.04 -56.63 -7.04
CA VAL G 2341 59.84 -57.93 -7.66
C VAL G 2341 60.93 -58.13 -8.71
N ASN G 2342 61.66 -59.24 -8.59
CA ASN G 2342 62.60 -59.69 -9.62
C ASN G 2342 63.66 -58.63 -9.93
N GLY G 2343 64.12 -57.93 -8.91
CA GLY G 2343 65.23 -57.01 -9.06
C GLY G 2343 64.88 -55.63 -9.57
N GLU G 2344 63.60 -55.30 -9.72
CA GLU G 2344 63.18 -53.98 -10.13
C GLU G 2344 62.11 -53.47 -9.18
N SER G 2345 61.88 -52.16 -9.21
CA SER G 2345 60.93 -51.54 -8.31
C SER G 2345 59.59 -51.35 -9.01
N VAL G 2346 58.53 -51.90 -8.43
CA VAL G 2346 57.18 -51.67 -8.91
C VAL G 2346 56.80 -50.24 -8.54
N GLU G 2347 56.81 -49.35 -9.53
CA GLU G 2347 56.61 -47.94 -9.24
C GLU G 2347 55.22 -47.65 -8.69
N GLU G 2348 54.20 -48.34 -9.22
CA GLU G 2348 52.84 -48.09 -8.79
C GLU G 2348 52.68 -48.36 -7.29
N ASN G 2349 53.24 -49.48 -6.83
CA ASN G 2349 53.16 -49.81 -5.41
C ASN G 2349 54.10 -48.96 -4.58
N ALA G 2350 55.27 -48.66 -5.12
CA ALA G 2350 56.27 -47.90 -4.37
C ALA G 2350 55.76 -46.51 -4.04
N ASN G 2351 55.14 -45.84 -5.01
CA ASN G 2351 54.62 -44.51 -4.75
C ASN G 2351 53.56 -44.55 -3.66
N VAL G 2352 52.66 -45.51 -3.73
CA VAL G 2352 51.60 -45.63 -2.73
C VAL G 2352 52.20 -45.85 -1.35
N VAL G 2353 53.20 -46.72 -1.25
CA VAL G 2353 53.78 -47.02 0.05
C VAL G 2353 54.47 -45.79 0.61
N VAL G 2354 55.22 -45.07 -0.22
CA VAL G 2354 55.92 -43.88 0.26
C VAL G 2354 54.92 -42.83 0.74
N ARG G 2355 53.85 -42.62 -0.02
CA ARG G 2355 52.87 -41.62 0.38
C ARG G 2355 52.17 -42.01 1.67
N LEU G 2356 51.82 -43.29 1.81
CA LEU G 2356 51.19 -43.72 3.04
C LEU G 2356 52.12 -43.52 4.23
N LEU G 2357 53.39 -43.85 4.05
CA LEU G 2357 54.36 -43.71 5.12
C LEU G 2357 54.50 -42.25 5.54
N ILE G 2358 54.62 -41.34 4.58
CA ILE G 2358 54.76 -39.93 4.95
C ILE G 2358 53.45 -39.40 5.52
N ARG G 2359 52.32 -40.03 5.17
CA ARG G 2359 51.06 -39.62 5.77
C ARG G 2359 50.91 -40.08 7.20
N LYS G 2360 51.62 -41.14 7.59
CA LYS G 2360 51.65 -41.59 8.98
C LYS G 2360 53.10 -41.61 9.43
N PRO G 2361 53.65 -40.45 9.79
CA PRO G 2361 55.10 -40.36 10.03
C PRO G 2361 55.61 -41.21 11.17
N GLU G 2362 54.74 -41.58 12.10
CA GLU G 2362 55.15 -42.39 13.24
C GLU G 2362 55.64 -43.77 12.84
N CYS G 2363 55.36 -44.20 11.61
CA CYS G 2363 55.84 -45.50 11.14
C CYS G 2363 57.36 -45.57 11.07
N PHE G 2364 58.04 -44.44 11.08
CA PHE G 2364 59.48 -44.40 10.98
C PHE G 2364 60.18 -44.65 12.31
N GLY G 2365 59.44 -44.75 13.40
CA GLY G 2365 60.04 -44.99 14.69
C GLY G 2365 60.41 -43.71 15.40
N PRO G 2366 60.95 -43.83 16.62
CA PRO G 2366 61.30 -42.63 17.39
C PRO G 2366 62.34 -41.76 16.71
N ALA G 2367 63.30 -42.36 16.03
CA ALA G 2367 64.16 -41.56 15.19
C ALA G 2367 63.40 -41.20 13.92
N LEU G 2368 63.92 -40.20 13.21
CA LEU G 2368 63.29 -39.71 11.99
C LEU G 2368 61.91 -39.10 12.25
N ARG G 2369 61.62 -38.76 13.50
CA ARG G 2369 60.32 -38.21 13.86
CA ARG G 2369 60.32 -38.21 13.86
C ARG G 2369 60.21 -36.72 13.58
N GLY G 2370 61.32 -36.03 13.36
CA GLY G 2370 61.25 -34.61 13.10
C GLY G 2370 61.50 -33.80 14.34
N GLU G 2371 60.44 -33.27 14.95
CA GLU G 2371 60.61 -32.51 16.19
C GLU G 2371 60.93 -33.48 17.32
N GLY G 2372 61.93 -33.12 18.13
CA GLY G 2372 62.31 -33.95 19.26
C GLY G 2372 62.85 -35.32 18.89
N GLY G 2373 63.25 -35.52 17.64
CA GLY G 2373 63.70 -36.82 17.17
C GLY G 2373 65.17 -36.77 16.79
N SER G 2374 65.93 -37.73 17.31
CA SER G 2374 67.34 -37.81 17.00
C SER G 2374 67.55 -38.46 15.63
N GLY G 2375 68.77 -38.34 15.12
CA GLY G 2375 69.08 -38.84 13.80
C GLY G 2375 69.18 -40.35 13.76
N LEU G 2376 69.30 -40.86 12.54
CA LEU G 2376 69.39 -42.31 12.36
C LEU G 2376 70.68 -42.85 12.93
N LEU G 2377 71.79 -42.13 12.73
CA LEU G 2377 73.07 -42.54 13.31
C LEU G 2377 73.01 -42.54 14.83
N ALA G 2378 72.40 -41.50 15.41
CA ALA G 2378 72.23 -41.46 16.85
C ALA G 2378 71.40 -42.64 17.32
N ALA G 2379 70.35 -42.99 16.56
CA ALA G 2379 69.51 -44.11 16.94
C ALA G 2379 70.28 -45.42 16.93
N ILE G 2380 71.11 -45.64 15.90
CA ILE G 2380 71.87 -46.87 15.82
C ILE G 2380 72.88 -46.95 16.97
N GLU G 2381 73.53 -45.84 17.28
CA GLU G 2381 74.49 -45.84 18.39
C GLU G 2381 73.78 -46.12 19.71
N GLU G 2382 72.61 -45.52 19.91
CA GLU G 2382 71.84 -45.81 21.11
C GLU G 2382 71.47 -47.28 21.17
N ALA G 2383 71.14 -47.88 20.03
CA ALA G 2383 70.82 -49.30 20.00
C ALA G 2383 72.03 -50.14 20.39
N ILE G 2384 73.21 -49.76 19.91
CA ILE G 2384 74.42 -50.50 20.27
C ILE G 2384 74.66 -50.41 21.78
N ARG G 2385 74.52 -49.22 22.35
CA ARG G 2385 74.72 -49.08 23.78
C ARG G 2385 73.67 -49.86 24.56
N ILE G 2386 72.43 -49.87 24.06
CA ILE G 2386 71.37 -50.69 24.65
C ILE G 2386 71.79 -52.14 24.67
N SER G 2387 72.35 -52.62 23.56
CA SER G 2387 72.79 -54.02 23.48
C SER G 2387 73.87 -54.31 24.50
N GLU G 2388 74.86 -53.42 24.60
CA GLU G 2388 75.95 -53.65 25.54
C GLU G 2388 75.47 -53.64 26.98
N ASP G 2389 74.49 -52.79 27.30
CA ASP G 2389 74.07 -52.63 28.69
C ASP G 2389 72.93 -53.57 29.02
N PRO G 2390 73.12 -54.54 29.92
CA PRO G 2390 72.00 -55.37 30.35
C PRO G 2390 71.06 -54.59 31.24
N ALA G 2391 69.99 -55.24 31.72
CA ALA G 2391 68.91 -54.62 32.48
C ALA G 2391 68.19 -53.55 31.66
N ARG G 2392 68.66 -53.27 30.44
CA ARG G 2392 68.00 -52.37 29.53
C ARG G 2392 67.82 -52.98 28.15
N ASP G 2393 68.41 -54.14 27.89
CA ASP G 2393 68.17 -54.90 26.67
C ASP G 2393 67.29 -56.11 26.87
N GLY G 2394 67.38 -56.75 28.03
CA GLY G 2394 66.57 -57.91 28.31
C GLY G 2394 65.71 -57.68 29.54
N PRO G 2395 64.90 -58.68 29.90
CA PRO G 2395 64.05 -58.51 31.09
C PRO G 2395 64.82 -58.32 32.37
N GLY G 2396 66.07 -58.79 32.43
CA GLY G 2396 66.88 -58.65 33.62
C GLY G 2396 66.33 -59.43 34.80
N VAL G 2397 65.90 -60.66 34.56
CA VAL G 2397 65.35 -61.50 35.62
C VAL G 2397 66.48 -62.00 36.52
N PRO G 2410 70.27 -68.93 23.29
CA PRO G 2410 69.38 -68.00 23.98
C PRO G 2410 68.74 -68.61 25.23
N PRO G 2411 68.61 -67.81 26.30
CA PRO G 2411 67.99 -68.34 27.53
C PRO G 2411 66.57 -68.83 27.30
N GLU G 2412 65.80 -68.16 26.45
CA GLU G 2412 64.46 -68.57 26.09
C GLU G 2412 64.43 -69.33 24.76
N GLU G 2413 65.60 -69.59 24.18
CA GLU G 2413 65.82 -70.28 22.91
C GLU G 2413 65.40 -69.42 21.73
N ASN G 2414 64.68 -68.33 22.01
CA ASN G 2414 64.38 -67.29 21.03
C ASN G 2414 64.48 -65.93 21.71
N ARG G 2415 65.48 -65.78 22.57
CA ARG G 2415 65.60 -64.56 23.36
C ARG G 2415 65.73 -63.35 22.44
N VAL G 2416 64.88 -62.35 22.67
CA VAL G 2416 64.83 -61.18 21.83
C VAL G 2416 65.57 -60.05 22.52
N HIS G 2417 66.50 -59.43 21.80
CA HIS G 2417 67.33 -58.37 22.34
C HIS G 2417 66.86 -57.04 21.76
N LEU G 2418 66.60 -56.07 22.65
CA LEU G 2418 66.04 -54.80 22.20
C LEU G 2418 67.00 -54.07 21.26
N GLY G 2419 68.30 -54.10 21.57
CA GLY G 2419 69.24 -53.41 20.71
C GLY G 2419 69.25 -53.95 19.30
N HIS G 2420 69.36 -55.27 19.18
CA HIS G 2420 69.35 -55.87 17.85
C HIS G 2420 68.02 -55.63 17.15
N ALA G 2421 66.92 -55.69 17.90
CA ALA G 2421 65.62 -55.44 17.29
C ALA G 2421 65.53 -54.03 16.74
N ILE G 2422 66.07 -53.06 17.48
CA ILE G 2422 66.02 -51.67 17.01
C ILE G 2422 66.82 -51.50 15.74
N MET G 2423 68.06 -51.99 15.73
CA MET G 2423 68.85 -51.80 14.51
C MET G 2423 68.26 -52.58 13.35
N SER G 2424 67.66 -53.74 13.62
CA SER G 2424 67.02 -54.50 12.55
C SER G 2424 65.84 -53.74 11.98
N PHE G 2425 65.05 -53.12 12.85
CA PHE G 2425 63.90 -52.35 12.36
C PHE G 2425 64.35 -51.19 11.49
N TYR G 2426 65.37 -50.46 11.93
CA TYR G 2426 65.82 -49.34 11.12
C TYR G 2426 66.45 -49.80 9.82
N ALA G 2427 67.19 -50.91 9.85
CA ALA G 2427 67.75 -51.45 8.62
C ALA G 2427 66.65 -51.86 7.66
N ALA G 2428 65.60 -52.49 8.17
CA ALA G 2428 64.48 -52.89 7.31
C ALA G 2428 63.79 -51.67 6.73
N LEU G 2429 63.60 -50.62 7.53
CA LEU G 2429 62.95 -49.42 7.01
C LEU G 2429 63.78 -48.78 5.91
N ILE G 2430 65.09 -48.68 6.12
CA ILE G 2430 65.95 -48.08 5.10
C ILE G 2430 65.97 -48.93 3.84
N ASP G 2431 65.98 -50.25 4.00
CA ASP G 2431 65.92 -51.13 2.85
C ASP G 2431 64.62 -50.95 2.08
N LEU G 2432 63.50 -50.82 2.79
CA LEU G 2432 62.22 -50.58 2.14
C LEU G 2432 62.24 -49.28 1.36
N LEU G 2433 62.72 -48.21 1.99
CA LEU G 2433 62.75 -46.92 1.32
C LEU G 2433 63.66 -46.97 0.09
N GLY G 2434 64.77 -47.69 0.19
CA GLY G 2434 65.65 -47.82 -0.95
C GLY G 2434 65.00 -48.57 -2.09
N ARG G 2435 64.28 -49.65 -1.77
CA ARG G 2435 63.59 -50.38 -2.83
C ARG G 2435 62.43 -49.59 -3.40
N CYS G 2436 61.91 -48.61 -2.67
CA CYS G 2436 60.87 -47.75 -3.21
C CYS G 2436 61.41 -46.68 -4.14
N ALA G 2437 62.72 -46.52 -4.23
CA ALA G 2437 63.30 -45.44 -5.02
C ALA G 2437 63.03 -45.69 -6.51
N PRO G 2438 62.86 -44.63 -7.28
CA PRO G 2438 62.61 -44.81 -8.72
C PRO G 2438 63.80 -45.41 -9.42
N GLU G 2439 63.53 -46.09 -10.52
CA GLU G 2439 64.61 -46.68 -11.29
C GLU G 2439 65.36 -45.61 -12.09
N MET G 2440 66.58 -45.97 -12.47
CA MET G 2440 67.48 -44.98 -13.06
C MET G 2440 66.95 -44.49 -14.40
N HIS G 2441 66.29 -45.35 -15.18
CA HIS G 2441 65.85 -44.90 -16.49
C HIS G 2441 64.64 -43.98 -16.38
N LEU G 2442 63.80 -44.16 -15.35
CA LEU G 2442 62.80 -43.15 -15.06
C LEU G 2442 63.45 -41.85 -14.64
N ILE G 2443 64.50 -41.92 -13.82
CA ILE G 2443 65.18 -40.69 -13.41
C ILE G 2443 65.73 -39.94 -14.61
N GLN G 2444 66.37 -40.66 -15.54
CA GLN G 2444 66.88 -40.00 -16.75
C GLN G 2444 65.75 -39.53 -17.64
N ALA G 2445 64.61 -40.22 -17.64
CA ALA G 2445 63.47 -39.78 -18.44
C ALA G 2445 62.91 -38.45 -17.95
N GLY G 2446 63.30 -37.99 -16.78
CA GLY G 2446 62.80 -36.73 -16.27
C GLY G 2446 61.37 -36.78 -15.79
N LYS G 2447 60.88 -37.96 -15.40
CA LYS G 2447 59.51 -38.07 -14.96
C LYS G 2447 59.32 -37.37 -13.62
N GLY G 2448 58.31 -36.49 -13.57
CA GLY G 2448 58.13 -35.65 -12.39
C GLY G 2448 57.82 -36.45 -11.15
N GLU G 2449 56.99 -37.47 -11.27
CA GLU G 2449 56.64 -38.28 -10.09
C GLU G 2449 57.88 -38.97 -9.53
N ALA G 2450 58.70 -39.56 -10.41
CA ALA G 2450 59.92 -40.23 -9.96
C ALA G 2450 60.86 -39.24 -9.29
N LEU G 2451 61.03 -38.06 -9.89
CA LEU G 2451 61.90 -37.06 -9.29
C LEU G 2451 61.37 -36.63 -7.92
N ARG G 2452 60.07 -36.46 -7.80
CA ARG G 2452 59.49 -36.05 -6.52
C ARG G 2452 59.71 -37.13 -5.45
N ILE G 2453 59.51 -38.39 -5.81
CA ILE G 2453 59.70 -39.47 -4.85
C ILE G 2453 61.15 -39.53 -4.41
N ARG G 2454 62.08 -39.41 -5.36
CA ARG G 2454 63.50 -39.44 -5.00
C ARG G 2454 63.84 -38.29 -4.07
N ALA G 2455 63.29 -37.10 -4.35
CA ALA G 2455 63.54 -35.96 -3.47
C ALA G 2455 63.01 -36.22 -2.08
N ILE G 2456 61.82 -36.83 -1.98
CA ILE G 2456 61.26 -37.14 -0.66
C ILE G 2456 62.17 -38.10 0.10
N LEU G 2457 62.66 -39.13 -0.59
CA LEU G 2457 63.55 -40.08 0.08
C LEU G 2457 64.82 -39.40 0.55
N ARG G 2458 65.42 -38.57 -0.30
CA ARG G 2458 66.65 -37.89 0.08
C ARG G 2458 66.41 -36.98 1.27
N SER G 2459 65.23 -36.35 1.34
CA SER G 2459 64.90 -35.55 2.50
C SER G 2459 64.77 -36.41 3.74
N LEU G 2460 64.22 -37.62 3.60
CA LEU G 2460 64.06 -38.48 4.77
C LEU G 2460 65.39 -38.95 5.33
N VAL G 2461 66.26 -39.49 4.49
CA VAL G 2461 67.50 -40.07 5.03
C VAL G 2461 68.72 -39.28 4.56
N PRO G 2462 69.49 -38.69 5.46
CA PRO G 2462 70.63 -37.89 5.05
C PRO G 2462 71.88 -38.71 4.78
N LEU G 2463 72.64 -38.23 3.79
CA LEU G 2463 73.80 -38.96 3.30
C LEU G 2463 74.87 -39.11 4.37
N ASP G 2464 75.04 -38.08 5.21
CA ASP G 2464 76.03 -38.18 6.26
C ASP G 2464 75.68 -39.30 7.23
N ASP G 2465 74.40 -39.43 7.57
CA ASP G 2465 73.98 -40.52 8.44
C ASP G 2465 74.20 -41.88 7.78
N LEU G 2466 73.90 -41.99 6.49
CA LEU G 2466 74.19 -43.25 5.80
C LEU G 2466 75.67 -43.62 5.90
N VAL G 2467 76.54 -42.67 5.58
CA VAL G 2467 77.97 -42.96 5.58
C VAL G 2467 78.45 -43.27 6.99
N GLY G 2468 77.95 -42.54 7.98
CA GLY G 2468 78.36 -42.82 9.35
C GLY G 2468 77.95 -44.21 9.80
N ILE G 2469 76.72 -44.61 9.50
CA ILE G 2469 76.27 -45.94 9.90
C ILE G 2469 77.06 -47.01 9.17
N ILE G 2470 77.41 -46.77 7.91
CA ILE G 2470 78.30 -47.70 7.21
C ILE G 2470 79.65 -47.77 7.91
N SER G 2471 80.15 -46.65 8.41
CA SER G 2471 81.48 -46.59 8.99
C SER G 2471 81.54 -47.06 10.43
N LEU G 2472 80.43 -47.48 11.02
CA LEU G 2472 80.47 -47.97 12.39
C LEU G 2472 81.32 -49.24 12.46
N PRO G 2473 82.21 -49.33 13.44
CA PRO G 2473 83.04 -50.55 13.55
C PRO G 2473 82.21 -51.75 13.94
N LEU G 2474 82.64 -52.91 13.45
CA LEU G 2474 82.00 -54.19 13.74
C LEU G 2474 82.85 -54.97 14.70
N GLN G 2475 82.22 -55.79 15.53
CA GLN G 2475 82.96 -56.70 16.39
C GLN G 2475 83.46 -57.89 15.57
N ILE G 2476 84.76 -58.15 15.66
CA ILE G 2476 85.42 -59.17 14.87
C ILE G 2476 85.83 -60.31 15.79
N PRO G 2477 85.64 -61.57 15.42
CA PRO G 2477 86.04 -62.67 16.29
C PRO G 2477 87.54 -62.64 16.56
N THR G 2478 87.89 -62.50 17.83
CA THR G 2478 89.28 -62.50 18.25
C THR G 2478 89.64 -63.85 18.86
N LEU G 2479 90.86 -63.94 19.37
CA LEU G 2479 91.37 -65.14 20.00
C LEU G 2479 92.07 -64.76 21.29
N GLY G 2480 92.04 -65.66 22.26
CA GLY G 2480 92.77 -65.43 23.50
C GLY G 2480 92.18 -66.24 24.62
N LYS G 2481 92.80 -66.10 25.79
CA LYS G 2481 92.37 -66.77 27.03
C LYS G 2481 92.28 -68.28 26.83
N ASP G 2482 93.46 -68.87 26.59
CA ASP G 2482 93.77 -70.28 26.31
C ASP G 2482 93.42 -70.66 24.87
N GLY G 2483 92.95 -69.72 24.05
CA GLY G 2483 92.59 -70.02 22.69
C GLY G 2483 91.11 -70.20 22.42
N ALA G 2484 90.25 -69.85 23.37
CA ALA G 2484 88.82 -69.90 23.12
C ALA G 2484 88.41 -68.79 22.15
N LEU G 2485 87.52 -69.14 21.22
CA LEU G 2485 87.04 -68.19 20.23
C LEU G 2485 86.09 -67.20 20.90
N VAL G 2486 86.43 -65.92 20.86
CA VAL G 2486 85.58 -64.87 21.40
C VAL G 2486 84.77 -64.33 20.22
N GLN G 2487 83.59 -64.91 20.02
CA GLN G 2487 82.78 -64.51 18.89
C GLN G 2487 81.55 -63.74 19.34
N PRO G 2488 81.12 -62.72 18.59
CA PRO G 2488 79.89 -62.02 18.95
C PRO G 2488 78.68 -62.90 18.74
N LYS G 2489 77.65 -62.66 19.56
CA LYS G 2489 76.37 -63.34 19.42
C LYS G 2489 75.56 -62.59 18.37
N MET G 2490 75.40 -63.20 17.20
CA MET G 2490 74.85 -62.48 16.06
C MET G 2490 73.40 -62.05 16.28
N SER G 2491 72.72 -62.63 17.26
CA SER G 2491 71.36 -62.23 17.54
C SER G 2491 71.28 -61.02 18.45
N ALA G 2492 72.40 -60.52 18.95
CA ALA G 2492 72.37 -59.41 19.89
C ALA G 2492 73.46 -58.40 19.61
N SER G 2493 73.84 -58.21 18.35
CA SER G 2493 74.94 -57.33 18.04
C SER G 2493 74.76 -56.76 16.63
N PHE G 2494 75.54 -55.71 16.36
CA PHE G 2494 75.55 -55.09 15.03
C PHE G 2494 76.05 -56.09 14.00
N VAL G 2495 75.31 -56.24 12.91
CA VAL G 2495 75.63 -57.26 11.91
C VAL G 2495 75.72 -56.57 10.56
N PRO G 2496 76.49 -57.15 9.63
CA PRO G 2496 76.69 -56.49 8.34
C PRO G 2496 75.44 -56.36 7.49
N ASP G 2497 74.38 -57.11 7.80
CA ASP G 2497 73.14 -56.91 7.06
C ASP G 2497 72.60 -55.51 7.26
N HIS G 2498 72.77 -54.97 8.47
CA HIS G 2498 72.36 -53.61 8.75
C HIS G 2498 73.11 -52.63 7.86
N LYS G 2499 74.39 -52.89 7.61
CA LYS G 2499 75.14 -52.04 6.70
C LYS G 2499 74.72 -52.25 5.25
N ALA G 2500 74.35 -53.49 4.90
CA ALA G 2500 73.97 -53.78 3.53
C ALA G 2500 72.71 -53.02 3.14
N SER G 2501 71.78 -52.90 4.08
CA SER G 2501 70.59 -52.09 3.81
C SER G 2501 70.96 -50.68 3.41
N MET G 2502 71.84 -50.03 4.18
CA MET G 2502 72.19 -48.65 3.88
C MET G 2502 73.03 -48.54 2.62
N VAL G 2503 73.83 -49.56 2.32
CA VAL G 2503 74.52 -49.55 1.03
C VAL G 2503 73.53 -49.58 -0.11
N LEU G 2504 72.49 -50.40 0.00
CA LEU G 2504 71.44 -50.41 -1.02
C LEU G 2504 70.79 -49.04 -1.15
N PHE G 2505 70.47 -48.42 -0.02
CA PHE G 2505 69.84 -47.10 -0.06
C PHE G 2505 70.75 -46.09 -0.73
N LEU G 2506 72.03 -46.10 -0.39
CA LEU G 2506 72.98 -45.17 -0.96
C LEU G 2506 73.10 -45.36 -2.46
N ASP G 2507 73.12 -46.62 -2.92
CA ASP G 2507 73.17 -46.86 -4.35
C ASP G 2507 71.92 -46.36 -5.05
N ARG G 2508 70.75 -46.75 -4.56
CA ARG G 2508 69.53 -46.50 -5.32
C ARG G 2508 69.10 -45.04 -5.26
N VAL G 2509 69.15 -44.42 -4.09
CA VAL G 2509 68.60 -43.08 -3.95
C VAL G 2509 69.63 -42.01 -4.23
N TYR G 2510 70.82 -42.13 -3.64
CA TYR G 2510 71.85 -41.11 -3.83
C TYR G 2510 72.75 -41.41 -5.02
N GLY G 2511 73.23 -42.65 -5.12
CA GLY G 2511 74.17 -43.00 -6.16
C GLY G 2511 75.51 -42.33 -5.95
N ILE G 2512 76.55 -42.95 -6.49
CA ILE G 2512 77.91 -42.43 -6.41
C ILE G 2512 78.25 -41.85 -7.77
N GLU G 2513 78.55 -40.55 -7.79
CA GLU G 2513 78.76 -39.83 -9.03
C GLU G 2513 80.09 -39.09 -9.09
N ASN G 2514 80.75 -38.90 -7.96
CA ASN G 2514 81.99 -38.14 -7.92
C ASN G 2514 83.10 -38.95 -7.26
N GLN G 2515 84.28 -38.86 -7.88
CA GLN G 2515 85.42 -39.67 -7.47
C GLN G 2515 85.83 -39.35 -6.04
N ASP G 2516 85.79 -38.08 -5.65
CA ASP G 2516 86.19 -37.72 -4.30
C ASP G 2516 85.29 -38.40 -3.28
N PHE G 2517 83.99 -38.41 -3.52
CA PHE G 2517 83.09 -39.05 -2.58
C PHE G 2517 83.25 -40.56 -2.59
N LEU G 2518 83.50 -41.15 -3.77
CA LEU G 2518 83.73 -42.59 -3.79
C LEU G 2518 84.95 -42.96 -2.95
N LEU G 2519 86.05 -42.21 -3.10
CA LEU G 2519 87.22 -42.47 -2.29
C LEU G 2519 86.95 -42.24 -0.81
N HIS G 2520 86.15 -41.21 -0.50
CA HIS G 2520 85.87 -40.91 0.90
C HIS G 2520 85.05 -42.03 1.53
N VAL G 2521 84.12 -42.62 0.79
CA VAL G 2521 83.36 -43.73 1.37
C VAL G 2521 84.23 -44.98 1.44
N LEU G 2522 85.16 -45.14 0.49
CA LEU G 2522 86.07 -46.28 0.54
C LEU G 2522 86.92 -46.25 1.79
N ASP G 2523 87.55 -45.11 2.06
CA ASP G 2523 88.57 -45.13 3.12
C ASP G 2523 87.98 -44.99 4.52
N VAL G 2524 86.67 -44.89 4.67
CA VAL G 2524 86.03 -44.82 5.97
C VAL G 2524 85.10 -46.01 6.22
N GLY G 2525 84.37 -46.47 5.19
CA GLY G 2525 83.37 -47.48 5.41
C GLY G 2525 83.61 -48.84 4.80
N PHE G 2526 84.17 -48.89 3.59
CA PHE G 2526 84.31 -50.14 2.86
C PHE G 2526 85.67 -50.80 3.10
N LEU G 2527 86.73 -50.02 3.03
CA LEU G 2527 88.07 -50.60 3.17
C LEU G 2527 88.27 -51.30 4.51
N PRO G 2528 87.87 -50.74 5.66
CA PRO G 2528 88.05 -51.49 6.90
C PRO G 2528 87.33 -52.81 6.91
N ASP G 2529 86.11 -52.86 6.37
CA ASP G 2529 85.35 -54.11 6.38
C ASP G 2529 85.97 -55.13 5.43
N MET G 2530 86.45 -54.68 4.27
CA MET G 2530 87.10 -55.62 3.37
C MET G 2530 88.39 -56.16 3.97
N ARG G 2531 89.16 -55.31 4.66
CA ARG G 2531 90.33 -55.82 5.35
C ARG G 2531 89.95 -56.81 6.45
N ALA G 2532 88.89 -56.52 7.20
CA ALA G 2532 88.46 -57.43 8.25
C ALA G 2532 88.06 -58.78 7.68
N ALA G 2533 87.30 -58.77 6.58
CA ALA G 2533 86.89 -60.02 5.95
C ALA G 2533 88.09 -60.78 5.42
N ALA G 2534 89.06 -60.07 4.84
CA ALA G 2534 90.26 -60.74 4.36
C ALA G 2534 91.02 -61.37 5.52
N SER G 2535 91.14 -60.66 6.63
CA SER G 2535 91.89 -61.18 7.77
C SER G 2535 91.18 -62.37 8.41
N LEU G 2536 89.85 -62.39 8.41
CA LEU G 2536 89.15 -63.52 8.97
C LEU G 2536 89.25 -64.78 8.12
N ASP G 2537 89.79 -64.68 6.91
CA ASP G 2537 89.95 -65.85 6.04
C ASP G 2537 91.21 -66.62 6.46
N THR G 2538 91.15 -67.15 7.67
CA THR G 2538 92.24 -67.96 8.22
C THR G 2538 91.70 -69.35 8.54
N ALA G 2539 92.57 -70.21 9.08
CA ALA G 2539 92.16 -71.57 9.36
C ALA G 2539 91.05 -71.62 10.39
N THR G 2540 91.11 -70.77 11.41
CA THR G 2540 90.16 -70.81 12.51
C THR G 2540 88.90 -69.99 12.23
N PHE G 2541 89.06 -68.78 11.71
CA PHE G 2541 87.94 -67.85 11.61
C PHE G 2541 87.15 -68.00 10.32
N SER G 2542 87.56 -68.88 9.40
CA SER G 2542 86.98 -68.90 8.07
C SER G 2542 85.49 -69.20 8.10
N THR G 2543 85.08 -70.11 8.96
CA THR G 2543 83.69 -70.56 9.02
C THR G 2543 82.89 -69.85 10.10
N THR G 2544 83.45 -68.86 10.78
CA THR G 2544 82.70 -68.17 11.81
C THR G 2544 81.52 -67.42 11.21
N GLU G 2545 80.49 -67.23 12.04
CA GLU G 2545 79.29 -66.56 11.60
C GLU G 2545 79.58 -65.14 11.14
N MET G 2546 80.44 -64.44 11.88
CA MET G 2546 80.79 -63.06 11.54
C MET G 2546 81.49 -63.02 10.18
N ALA G 2547 82.40 -63.97 9.93
CA ALA G 2547 83.09 -63.99 8.65
C ALA G 2547 82.14 -64.29 7.50
N LEU G 2548 81.21 -65.23 7.69
CA LEU G 2548 80.26 -65.52 6.63
C LEU G 2548 79.36 -64.32 6.37
N ALA G 2549 78.95 -63.61 7.42
CA ALA G 2549 78.16 -62.41 7.25
C ALA G 2549 78.94 -61.35 6.48
N LEU G 2550 80.21 -61.19 6.79
CA LEU G 2550 81.03 -60.24 6.05
C LEU G 2550 81.13 -60.62 4.58
N ASN G 2551 81.30 -61.91 4.30
CA ASN G 2551 81.38 -62.34 2.91
C ASN G 2551 80.10 -62.04 2.16
N ARG G 2552 78.95 -62.33 2.78
CA ARG G 2552 77.68 -62.05 2.11
C ARG G 2552 77.50 -60.56 1.89
N TYR G 2553 77.82 -59.75 2.90
CA TYR G 2553 77.68 -58.31 2.79
C TYR G 2553 78.57 -57.74 1.70
N LEU G 2554 79.80 -58.24 1.59
CA LEU G 2554 80.70 -57.74 0.56
C LEU G 2554 80.25 -58.17 -0.82
N CYS G 2555 79.90 -59.44 -0.99
CA CYS G 2555 79.56 -59.96 -2.31
C CYS G 2555 78.13 -59.67 -2.73
N LEU G 2556 77.35 -59.01 -1.88
CA LEU G 2556 76.00 -58.60 -2.24
C LEU G 2556 75.76 -57.11 -2.14
N ALA G 2557 76.57 -56.37 -1.40
CA ALA G 2557 76.39 -54.93 -1.27
C ALA G 2557 77.59 -54.13 -1.76
N VAL G 2558 78.79 -54.43 -1.26
CA VAL G 2558 79.93 -53.54 -1.48
C VAL G 2558 80.55 -53.75 -2.85
N LEU G 2559 80.89 -54.99 -3.17
CA LEU G 2559 81.63 -55.26 -4.39
C LEU G 2559 80.86 -54.93 -5.66
N PRO G 2560 79.57 -55.27 -5.80
CA PRO G 2560 78.84 -54.81 -6.99
C PRO G 2560 78.81 -53.30 -7.11
N LEU G 2561 78.70 -52.59 -5.99
CA LEU G 2561 78.72 -51.14 -6.03
C LEU G 2561 80.06 -50.62 -6.53
N ILE G 2562 81.16 -51.21 -6.07
CA ILE G 2562 82.47 -50.80 -6.55
C ILE G 2562 82.62 -51.12 -8.03
N THR G 2563 82.11 -52.28 -8.46
CA THR G 2563 82.18 -52.63 -9.87
C THR G 2563 81.42 -51.63 -10.72
N LYS G 2564 80.25 -51.18 -10.26
CA LYS G 2564 79.54 -50.12 -10.96
C LYS G 2564 80.36 -48.83 -10.98
N CYS G 2565 80.98 -48.49 -9.85
CA CYS G 2565 81.78 -47.28 -9.73
C CYS G 2565 83.21 -47.48 -10.18
N ALA G 2566 83.47 -48.50 -10.99
CA ALA G 2566 84.83 -48.75 -11.47
C ALA G 2566 85.40 -47.60 -12.30
N PRO G 2567 84.69 -47.01 -13.27
CA PRO G 2567 85.32 -46.00 -14.11
C PRO G 2567 85.82 -44.79 -13.34
N LEU G 2568 85.29 -44.53 -12.16
CA LEU G 2568 85.70 -43.38 -11.38
C LEU G 2568 87.11 -43.53 -10.83
N PHE G 2569 87.77 -44.65 -11.08
CA PHE G 2569 89.15 -44.87 -10.65
C PHE G 2569 90.17 -44.44 -11.69
N ALA G 2570 89.74 -43.73 -12.74
CA ALA G 2570 90.67 -43.35 -13.79
C ALA G 2570 91.73 -42.39 -13.28
N GLY G 2571 91.34 -41.40 -12.50
CA GLY G 2571 92.24 -40.33 -12.12
C GLY G 2571 92.59 -40.29 -10.65
N THR G 2572 93.00 -41.42 -10.08
CA THR G 2572 93.32 -41.51 -8.67
C THR G 2572 94.81 -41.50 -8.39
N GLU G 2573 95.59 -40.74 -9.17
CA GLU G 2573 97.01 -40.64 -8.91
C GLU G 2573 97.29 -40.15 -7.49
N HIS G 2574 96.38 -39.36 -6.93
CA HIS G 2574 96.62 -38.74 -5.63
C HIS G 2574 96.31 -39.65 -4.46
N ARG G 2575 95.54 -40.72 -4.67
CA ARG G 2575 95.20 -41.66 -3.61
C ARG G 2575 95.72 -43.05 -3.96
N ALA G 2576 96.93 -43.09 -4.52
CA ALA G 2576 97.49 -44.33 -5.02
C ALA G 2576 97.67 -45.35 -3.92
N ILE G 2577 98.04 -44.91 -2.72
CA ILE G 2577 98.23 -45.84 -1.61
C ILE G 2577 96.92 -46.55 -1.25
N MET G 2578 95.83 -45.81 -1.14
CA MET G 2578 94.55 -46.44 -0.85
C MET G 2578 94.12 -47.35 -1.97
N VAL G 2579 94.30 -46.92 -3.22
CA VAL G 2579 93.87 -47.74 -4.34
C VAL G 2579 94.64 -49.05 -4.36
N ASP G 2580 95.94 -49.00 -4.11
CA ASP G 2580 96.74 -50.22 -4.08
C ASP G 2580 96.32 -51.13 -2.94
N SER G 2581 96.05 -50.56 -1.76
CA SER G 2581 95.62 -51.38 -0.64
C SER G 2581 94.28 -52.04 -0.95
N MET G 2582 93.38 -51.31 -1.59
CA MET G 2582 92.09 -51.87 -1.98
C MET G 2582 92.25 -53.00 -3.00
N LEU G 2583 93.13 -52.82 -3.99
CA LEU G 2583 93.39 -53.89 -4.93
C LEU G 2583 93.92 -55.13 -4.22
N HIS G 2584 94.85 -54.94 -3.30
CA HIS G 2584 95.39 -56.09 -2.59
CA HIS G 2584 95.40 -56.08 -2.58
C HIS G 2584 94.33 -56.79 -1.75
N THR G 2585 93.46 -56.02 -1.09
CA THR G 2585 92.44 -56.64 -0.26
C THR G 2585 91.45 -57.42 -1.10
N VAL G 2586 91.04 -56.86 -2.24
CA VAL G 2586 90.08 -57.59 -3.07
C VAL G 2586 90.74 -58.84 -3.66
N TYR G 2587 92.02 -58.75 -4.02
CA TYR G 2587 92.73 -59.93 -4.51
C TYR G 2587 92.83 -61.01 -3.43
N ARG G 2588 93.17 -60.60 -2.20
CA ARG G 2588 93.30 -61.56 -1.12
C ARG G 2588 91.96 -62.18 -0.78
N LEU G 2589 90.88 -61.43 -0.89
CA LEU G 2589 89.55 -62.02 -0.76
C LEU G 2589 89.31 -63.05 -1.84
N SER G 2590 89.71 -62.75 -3.08
CA SER G 2590 89.53 -63.71 -4.16
C SER G 2590 90.25 -65.00 -3.85
N ARG G 2591 91.46 -64.92 -3.34
CA ARG G 2591 92.17 -66.13 -2.93
C ARG G 2591 91.74 -66.56 -1.54
N GLY G 2592 90.44 -66.66 -1.31
CA GLY G 2592 89.96 -66.98 0.02
C GLY G 2592 89.27 -68.32 0.07
N ARG G 2593 89.47 -69.04 1.17
CA ARG G 2593 88.76 -70.29 1.37
C ARG G 2593 87.36 -70.00 1.89
N SER G 2594 86.52 -71.05 1.90
CA SER G 2594 85.16 -70.96 2.41
C SER G 2594 84.36 -69.85 1.75
N LEU G 2595 84.48 -69.73 0.44
CA LEU G 2595 83.64 -68.83 -0.35
C LEU G 2595 82.92 -69.66 -1.41
N THR G 2596 81.63 -69.42 -1.57
CA THR G 2596 80.91 -70.10 -2.63
C THR G 2596 81.38 -69.59 -3.98
N LYS G 2597 81.11 -70.39 -5.02
CA LYS G 2597 81.53 -69.99 -6.36
C LYS G 2597 80.86 -68.71 -6.78
N ALA G 2598 79.60 -68.51 -6.37
CA ALA G 2598 78.89 -67.29 -6.70
C ALA G 2598 79.58 -66.07 -6.11
N GLN G 2599 80.03 -66.17 -4.86
CA GLN G 2599 80.77 -65.07 -4.24
C GLN G 2599 82.10 -64.85 -4.94
N ARG G 2600 82.79 -65.95 -5.26
CA ARG G 2600 84.12 -65.84 -5.84
C ARG G 2600 84.07 -65.16 -7.19
N ASP G 2601 83.08 -65.50 -8.02
CA ASP G 2601 83.01 -64.87 -9.33
C ASP G 2601 82.71 -63.39 -9.22
N VAL G 2602 81.92 -62.98 -8.24
CA VAL G 2602 81.67 -61.56 -8.03
C VAL G 2602 82.96 -60.84 -7.65
N ILE G 2603 83.75 -61.45 -6.75
CA ILE G 2603 85.02 -60.83 -6.37
C ILE G 2603 85.93 -60.70 -7.58
N GLU G 2604 86.02 -61.76 -8.39
CA GLU G 2604 86.87 -61.71 -9.57
C GLU G 2604 86.40 -60.65 -10.55
N ASP G 2605 85.08 -60.53 -10.74
CA ASP G 2605 84.55 -59.52 -11.63
C ASP G 2605 84.89 -58.13 -11.14
N CYS G 2606 84.80 -57.90 -9.83
CA CYS G 2606 85.18 -56.61 -9.28
C CYS G 2606 86.65 -56.31 -9.56
N LEU G 2607 87.52 -57.29 -9.36
CA LEU G 2607 88.95 -57.05 -9.58
C LEU G 2607 89.22 -56.76 -11.05
N MET G 2608 88.58 -57.51 -11.96
CA MET G 2608 88.75 -57.25 -13.38
C MET G 2608 88.29 -55.83 -13.74
N ALA G 2609 87.12 -55.43 -13.21
CA ALA G 2609 86.59 -54.12 -13.52
C ALA G 2609 87.50 -53.01 -13.01
N LEU G 2610 88.04 -53.18 -11.80
CA LEU G 2610 88.95 -52.19 -11.27
C LEU G 2610 90.20 -52.09 -12.13
N CYS G 2611 90.78 -53.23 -12.50
CA CYS G 2611 92.00 -53.20 -13.28
C CYS G 2611 91.78 -52.68 -14.69
N ARG G 2612 90.56 -52.73 -15.21
CA ARG G 2612 90.31 -52.22 -16.55
CA ARG G 2612 90.30 -52.22 -16.55
C ARG G 2612 90.40 -50.70 -16.61
N TYR G 2613 90.12 -50.02 -15.50
CA TYR G 2613 90.13 -48.56 -15.52
C TYR G 2613 91.26 -47.94 -14.71
N ILE G 2614 91.91 -48.68 -13.83
CA ILE G 2614 93.05 -48.13 -13.11
C ILE G 2614 94.22 -47.95 -14.08
N ARG G 2615 94.89 -46.80 -13.96
CA ARG G 2615 96.06 -46.52 -14.77
C ARG G 2615 97.14 -47.56 -14.48
N PRO G 2616 97.95 -47.91 -15.48
CA PRO G 2616 98.92 -49.00 -15.29
C PRO G 2616 99.95 -48.71 -14.22
N SER G 2617 100.23 -47.45 -13.91
CA SER G 2617 101.29 -47.14 -12.97
C SER G 2617 100.95 -47.59 -11.55
N MET G 2618 99.67 -47.74 -11.21
CA MET G 2618 99.32 -48.26 -9.89
C MET G 2618 99.11 -49.76 -9.84
N LEU G 2619 99.21 -50.46 -10.96
CA LEU G 2619 99.12 -51.91 -10.93
C LEU G 2619 100.45 -52.59 -10.69
N GLN G 2620 101.49 -51.82 -10.37
CA GLN G 2620 102.81 -52.39 -10.19
C GLN G 2620 102.85 -53.37 -9.03
N HIS G 2621 102.24 -53.02 -7.90
CA HIS G 2621 102.33 -53.88 -6.73
C HIS G 2621 101.47 -55.13 -6.90
N LEU G 2622 100.29 -55.00 -7.50
CA LEU G 2622 99.48 -56.16 -7.80
C LEU G 2622 100.22 -57.09 -8.76
N LEU G 2623 100.90 -56.51 -9.75
CA LEU G 2623 101.70 -57.33 -10.66
C LEU G 2623 102.84 -58.02 -9.92
N ARG G 2624 103.45 -57.34 -8.95
CA ARG G 2624 104.50 -57.97 -8.16
C ARG G 2624 103.96 -59.17 -7.40
N ARG G 2625 102.79 -59.04 -6.79
CA ARG G 2625 102.21 -60.19 -6.09
C ARG G 2625 101.88 -61.32 -7.06
N LEU G 2626 101.36 -60.96 -8.24
CA LEU G 2626 101.03 -61.99 -9.22
C LEU G 2626 102.28 -62.70 -9.73
N VAL G 2627 103.42 -62.01 -9.77
CA VAL G 2627 104.66 -62.65 -10.19
C VAL G 2627 104.99 -63.81 -9.26
N PHE G 2628 104.72 -63.66 -7.96
CA PHE G 2628 104.95 -64.74 -7.02
C PHE G 2628 103.85 -65.79 -7.09
N ASP G 2629 102.60 -65.38 -7.29
CA ASP G 2629 101.48 -66.31 -7.17
C ASP G 2629 101.22 -67.14 -8.43
N VAL G 2630 101.24 -66.52 -9.62
CA VAL G 2630 100.77 -67.22 -10.82
C VAL G 2630 101.63 -68.41 -11.21
N PRO G 2631 102.97 -68.32 -11.26
CA PRO G 2631 103.75 -69.44 -11.82
C PRO G 2631 103.50 -70.78 -11.15
N ILE G 2632 102.90 -70.80 -9.96
CA ILE G 2632 102.53 -72.07 -9.35
C ILE G 2632 101.51 -72.79 -10.22
N LEU G 2633 100.63 -72.03 -10.88
CA LEU G 2633 99.64 -72.55 -11.82
C LEU G 2633 98.76 -73.62 -11.17
N ASN G 2634 98.34 -73.36 -9.93
CA ASN G 2634 97.40 -74.23 -9.27
C ASN G 2634 95.99 -73.90 -9.77
N GLU G 2635 94.97 -74.41 -9.10
CA GLU G 2635 93.60 -74.13 -9.50
C GLU G 2635 93.24 -72.66 -9.27
N PHE G 2636 93.98 -71.95 -8.44
CA PHE G 2636 93.67 -70.58 -8.08
C PHE G 2636 94.24 -69.56 -9.06
N ALA G 2637 94.89 -70.02 -10.13
CA ALA G 2637 95.55 -69.12 -11.06
C ALA G 2637 94.69 -68.73 -12.26
N LYS G 2638 93.45 -69.22 -12.32
CA LYS G 2638 92.61 -68.95 -13.49
C LYS G 2638 92.29 -67.47 -13.61
N MET G 2639 91.75 -66.87 -12.55
CA MET G 2639 91.49 -65.44 -12.56
C MET G 2639 92.75 -64.61 -12.73
N PRO G 2640 93.85 -64.88 -12.02
CA PRO G 2640 95.06 -64.09 -12.28
C PRO G 2640 95.56 -64.18 -13.70
N LEU G 2641 95.52 -65.35 -14.32
CA LEU G 2641 95.97 -65.44 -15.70
C LEU G 2641 95.07 -64.64 -16.64
N LYS G 2642 93.75 -64.73 -16.44
CA LYS G 2642 92.86 -63.95 -17.29
C LYS G 2642 93.07 -62.45 -17.08
N LEU G 2643 93.26 -62.04 -15.83
CA LEU G 2643 93.49 -60.63 -15.53
C LEU G 2643 94.76 -60.11 -16.19
N LEU G 2644 95.84 -60.89 -16.09
CA LEU G 2644 97.08 -60.49 -16.74
C LEU G 2644 96.91 -60.41 -18.25
N THR G 2645 96.18 -61.37 -18.82
CA THR G 2645 95.92 -61.33 -20.26
C THR G 2645 95.26 -60.02 -20.67
N ASN G 2646 94.16 -59.67 -19.99
CA ASN G 2646 93.46 -58.44 -20.36
C ASN G 2646 94.33 -57.22 -20.11
N HIS G 2647 95.05 -57.19 -18.99
CA HIS G 2647 95.83 -56.01 -18.65
C HIS G 2647 96.93 -55.77 -19.68
N TYR G 2648 97.64 -56.82 -20.07
CA TYR G 2648 98.73 -56.62 -21.02
C TYR G 2648 98.22 -56.41 -22.44
N GLU G 2649 97.05 -56.96 -22.78
CA GLU G 2649 96.48 -56.66 -24.09
C GLU G 2649 96.06 -55.20 -24.18
N ARG G 2650 95.49 -54.66 -23.10
CA ARG G 2650 95.03 -53.28 -23.13
C ARG G 2650 96.18 -52.29 -23.06
N CYS G 2651 97.14 -52.53 -22.18
CA CYS G 2651 98.20 -51.57 -21.88
C CYS G 2651 99.52 -51.96 -22.54
N TRP G 2652 99.46 -52.54 -23.74
CA TRP G 2652 100.68 -53.04 -24.36
C TRP G 2652 101.60 -51.91 -24.81
N LYS G 2653 101.04 -50.79 -25.25
CA LYS G 2653 101.89 -49.68 -25.67
C LYS G 2653 102.73 -49.17 -24.51
N TYR G 2654 102.11 -49.07 -23.32
CA TYR G 2654 102.80 -48.53 -22.15
C TYR G 2654 104.04 -49.34 -21.79
N TYR G 2655 104.09 -50.61 -22.18
CA TYR G 2655 105.28 -51.41 -21.95
C TYR G 2655 106.17 -51.54 -23.16
N CYS G 2656 105.62 -51.39 -24.37
CA CYS G 2656 106.41 -51.67 -25.56
C CYS G 2656 106.99 -50.40 -26.19
N LEU G 2657 106.15 -49.43 -26.52
CA LEU G 2657 106.63 -48.28 -27.27
C LEU G 2657 107.58 -47.44 -26.41
N PRO G 2658 108.71 -47.00 -26.96
CA PRO G 2658 109.64 -46.19 -26.17
C PRO G 2658 109.02 -44.91 -25.65
N THR G 2659 108.18 -44.26 -26.45
CA THR G 2659 107.48 -43.07 -25.99
C THR G 2659 106.35 -43.41 -25.04
N GLY G 2660 105.96 -44.67 -24.94
CA GLY G 2660 104.92 -45.06 -24.03
C GLY G 2660 103.54 -44.69 -24.53
N TRP G 2661 102.55 -45.03 -23.72
CA TRP G 2661 101.17 -44.75 -24.07
C TRP G 2661 100.88 -43.27 -23.95
N ALA G 2662 99.88 -42.80 -24.69
CA ALA G 2662 99.51 -41.40 -24.65
C ALA G 2662 99.02 -41.02 -23.26
N ASN G 2663 99.64 -39.99 -22.69
CA ASN G 2663 99.28 -39.41 -21.39
C ASN G 2663 99.18 -40.46 -20.28
N PHE G 2664 99.89 -41.59 -20.42
CA PHE G 2664 99.93 -42.60 -19.39
C PHE G 2664 101.33 -42.86 -18.86
N GLY G 2665 102.36 -42.32 -19.49
CA GLY G 2665 103.72 -42.58 -19.06
C GLY G 2665 104.36 -43.73 -19.82
N VAL G 2666 105.52 -44.13 -19.31
CA VAL G 2666 106.26 -45.27 -19.84
C VAL G 2666 106.66 -46.13 -18.66
N THR G 2667 106.91 -47.41 -18.93
CA THR G 2667 107.30 -48.34 -17.89
C THR G 2667 108.58 -47.88 -17.20
N SER G 2668 108.75 -48.33 -15.95
CA SER G 2668 109.80 -47.81 -15.09
C SER G 2668 110.96 -48.79 -14.91
N GLU G 2669 111.17 -49.68 -15.87
CA GLU G 2669 112.35 -50.55 -15.89
C GLU G 2669 112.31 -51.58 -14.77
N GLU G 2670 111.37 -51.44 -13.85
CA GLU G 2670 111.08 -52.49 -12.89
C GLU G 2670 109.81 -53.23 -13.25
N GLU G 2671 108.84 -52.53 -13.85
CA GLU G 2671 107.67 -53.22 -14.39
C GLU G 2671 108.07 -54.16 -15.52
N LEU G 2672 109.01 -53.75 -16.36
CA LEU G 2672 109.50 -54.66 -17.40
C LEU G 2672 110.21 -55.85 -16.79
N HIS G 2673 110.98 -55.64 -15.73
CA HIS G 2673 111.63 -56.76 -15.07
C HIS G 2673 110.60 -57.73 -14.52
N LEU G 2674 109.54 -57.21 -13.88
CA LEU G 2674 108.48 -58.05 -13.37
C LEU G 2674 107.79 -58.81 -14.49
N THR G 2675 107.54 -58.14 -15.60
CA THR G 2675 106.89 -58.79 -16.74
C THR G 2675 107.74 -59.92 -17.28
N ARG G 2676 109.05 -59.68 -17.41
CA ARG G 2676 109.94 -60.73 -17.89
C ARG G 2676 109.95 -61.93 -16.95
N LYS G 2677 110.05 -61.65 -15.64
CA LYS G 2677 110.04 -62.74 -14.67
C LYS G 2677 108.74 -63.52 -14.76
N LEU G 2678 107.62 -62.83 -14.89
CA LEU G 2678 106.33 -63.51 -14.96
C LEU G 2678 106.23 -64.38 -16.20
N PHE G 2679 106.67 -63.86 -17.34
CA PHE G 2679 106.62 -64.63 -18.58
C PHE G 2679 107.45 -65.89 -18.46
N TRP G 2680 108.70 -65.76 -17.98
CA TRP G 2680 109.53 -66.94 -17.92
C TRP G 2680 109.06 -67.92 -16.86
N GLY G 2681 108.50 -67.43 -15.76
CA GLY G 2681 107.95 -68.33 -14.75
C GLY G 2681 106.78 -69.14 -15.29
N ILE G 2682 105.85 -68.47 -15.97
CA ILE G 2682 104.72 -69.18 -16.55
C ILE G 2682 105.22 -70.17 -17.59
N PHE G 2683 106.17 -69.76 -18.43
CA PHE G 2683 106.68 -70.65 -19.47
C PHE G 2683 107.33 -71.88 -18.88
N ASP G 2684 108.20 -71.70 -17.89
CA ASP G 2684 108.89 -72.84 -17.28
C ASP G 2684 107.91 -73.76 -16.56
N SER G 2685 106.94 -73.20 -15.85
CA SER G 2685 105.96 -74.03 -15.17
C SER G 2685 105.12 -74.81 -16.18
N LEU G 2686 104.72 -74.17 -17.27
CA LEU G 2686 103.86 -74.81 -18.24
C LEU G 2686 104.61 -75.85 -19.05
N ALA G 2687 105.93 -75.68 -19.20
CA ALA G 2687 106.74 -76.67 -19.91
C ALA G 2687 106.88 -77.96 -19.13
N HIS G 2688 106.58 -77.95 -17.82
CA HIS G 2688 106.66 -79.15 -17.00
C HIS G 2688 105.30 -79.67 -16.56
N LYS G 2689 104.28 -78.82 -16.51
CA LYS G 2689 102.96 -79.27 -16.12
C LYS G 2689 102.44 -80.31 -17.10
N LYS G 2690 101.70 -81.29 -16.58
CA LYS G 2690 101.04 -82.25 -17.44
C LYS G 2690 99.98 -81.55 -18.28
N TYR G 2691 99.61 -82.16 -19.39
CA TYR G 2691 98.69 -81.52 -20.31
C TYR G 2691 97.29 -81.43 -19.72
N ASP G 2692 96.84 -80.19 -19.50
CA ASP G 2692 95.48 -79.91 -19.06
C ASP G 2692 94.88 -78.91 -20.04
N GLN G 2693 93.79 -79.31 -20.70
CA GLN G 2693 93.23 -78.49 -21.76
C GLN G 2693 92.76 -77.15 -21.23
N GLU G 2694 92.10 -77.14 -20.08
CA GLU G 2694 91.61 -75.89 -19.52
C GLU G 2694 92.76 -74.95 -19.19
N LEU G 2695 93.85 -75.49 -18.63
CA LEU G 2695 95.00 -74.66 -18.33
C LEU G 2695 95.61 -74.09 -19.59
N TYR G 2696 95.85 -74.93 -20.59
CA TYR G 2696 96.52 -74.50 -21.80
C TYR G 2696 95.70 -73.46 -22.56
N ARG G 2697 94.40 -73.74 -22.73
CA ARG G 2697 93.55 -72.93 -23.60
C ARG G 2697 93.54 -71.47 -23.17
N MET G 2698 93.66 -71.22 -21.87
CA MET G 2698 93.65 -69.89 -21.33
C MET G 2698 95.01 -69.41 -20.84
N ALA G 2699 96.03 -70.26 -20.82
CA ALA G 2699 97.34 -69.77 -20.43
C ALA G 2699 98.15 -69.35 -21.63
N MET G 2700 97.86 -69.90 -22.81
CA MET G 2700 98.58 -69.44 -24.00
C MET G 2700 98.28 -67.98 -24.34
N PRO G 2701 97.05 -67.46 -24.22
CA PRO G 2701 96.87 -66.02 -24.44
C PRO G 2701 97.65 -65.16 -23.49
N CYS G 2702 97.83 -65.57 -22.25
CA CYS G 2702 98.62 -64.77 -21.32
C CYS G 2702 100.07 -64.67 -21.80
N LEU G 2703 100.65 -65.78 -22.23
CA LEU G 2703 102.01 -65.77 -22.75
C LEU G 2703 102.10 -64.90 -23.99
N CYS G 2704 101.13 -65.01 -24.89
CA CYS G 2704 101.15 -64.19 -26.09
C CYS G 2704 101.07 -62.71 -25.75
N ALA G 2705 100.17 -62.34 -24.84
CA ALA G 2705 100.02 -60.94 -24.47
C ALA G 2705 101.28 -60.40 -23.82
N ILE G 2706 101.89 -61.17 -22.91
CA ILE G 2706 103.09 -60.69 -22.24
C ILE G 2706 104.23 -60.54 -23.23
N ALA G 2707 104.41 -61.51 -24.12
CA ALA G 2707 105.45 -61.40 -25.13
C ALA G 2707 105.21 -60.21 -26.06
N GLY G 2708 103.96 -59.94 -26.39
CA GLY G 2708 103.68 -58.74 -27.15
C GLY G 2708 103.96 -57.45 -26.42
N ALA G 2709 103.77 -57.43 -25.11
CA ALA G 2709 104.04 -56.24 -24.32
C ALA G 2709 105.52 -55.98 -24.13
N LEU G 2710 106.33 -57.02 -23.96
CA LEU G 2710 107.75 -56.81 -23.70
C LEU G 2710 108.46 -56.33 -24.96
N PRO G 2711 109.23 -55.25 -24.90
CA PRO G 2711 110.05 -54.85 -26.03
C PRO G 2711 111.08 -55.92 -26.35
N PRO G 2712 111.31 -56.20 -27.63
CA PRO G 2712 112.20 -57.31 -27.98
C PRO G 2712 113.63 -57.12 -27.52
N ASP G 2713 114.10 -55.87 -27.46
CA ASP G 2713 115.49 -55.60 -27.12
C ASP G 2713 115.68 -55.29 -25.64
N TYR G 2714 114.69 -55.61 -24.81
CA TYR G 2714 114.79 -55.29 -23.39
C TYR G 2714 115.88 -56.13 -22.74
N VAL G 2715 116.72 -55.47 -21.95
CA VAL G 2715 117.80 -56.12 -21.22
C VAL G 2715 117.64 -55.78 -19.75
N ASP G 2716 117.49 -56.80 -18.91
CA ASP G 2716 117.26 -56.58 -17.50
C ASP G 2716 118.55 -56.20 -16.80
N ALA G 2717 118.50 -55.15 -15.99
CA ALA G 2717 119.69 -54.69 -15.28
C ALA G 2717 120.19 -55.75 -14.30
N SER G 2718 119.28 -56.39 -13.57
CA SER G 2718 119.64 -57.42 -12.61
C SER G 2718 119.46 -58.78 -13.29
N TYR G 2719 120.42 -59.13 -14.14
CA TYR G 2719 120.37 -60.39 -14.89
C TYR G 2719 120.95 -61.51 -14.02
N SER G 2720 120.22 -61.79 -12.94
CA SER G 2720 120.57 -62.88 -12.04
C SER G 2720 119.32 -63.27 -11.27
N SER G 2721 119.32 -64.50 -10.76
CA SER G 2721 118.16 -65.01 -10.05
C SER G 2721 118.60 -66.04 -9.02
N LYS G 2722 117.76 -66.22 -8.00
CA LYS G 2722 118.04 -67.20 -6.96
C LYS G 2722 117.82 -68.62 -7.47
N ALA G 2723 116.94 -68.79 -8.45
CA ALA G 2723 116.62 -70.10 -9.03
C ALA G 2723 116.11 -71.07 -7.96
N GLU G 2724 115.30 -70.54 -7.04
CA GLU G 2724 114.68 -71.34 -5.99
C GLU G 2724 113.26 -71.74 -6.39
N LYS G 2725 112.73 -72.73 -5.67
CA LYS G 2725 111.37 -73.21 -5.89
C LYS G 2725 111.12 -73.62 -7.35
N ASN G 2734 101.78 -69.02 5.08
CA ASN G 2734 102.21 -67.63 4.92
C ASN G 2734 103.71 -67.53 4.66
N PHE G 2735 104.28 -66.38 4.95
CA PHE G 2735 105.70 -66.11 4.73
C PHE G 2735 106.43 -66.20 6.06
N ASP G 2736 107.39 -67.11 6.15
CA ASP G 2736 108.18 -67.32 7.36
C ASP G 2736 109.65 -67.15 7.05
N PRO G 2737 110.22 -65.96 7.25
CA PRO G 2737 111.65 -65.77 6.97
C PRO G 2737 112.54 -66.41 8.03
N ARG G 2738 113.29 -67.42 7.63
CA ARG G 2738 114.13 -68.16 8.57
C ARG G 2738 115.36 -67.34 8.93
N PRO G 2739 115.62 -67.08 10.21
CA PRO G 2739 116.87 -66.40 10.59
C PRO G 2739 118.05 -67.34 10.50
N VAL G 2740 119.26 -66.80 10.67
CA VAL G 2740 120.50 -67.58 10.57
C VAL G 2740 120.98 -67.92 11.97
N GLU G 2741 121.28 -69.21 12.19
CA GLU G 2741 121.71 -69.68 13.49
C GLU G 2741 123.22 -69.49 13.62
N THR G 2742 123.64 -68.67 14.59
CA THR G 2742 125.06 -68.46 14.86
C THR G 2742 125.40 -68.51 16.35
N LEU G 2743 124.42 -68.47 17.24
CA LEU G 2743 124.71 -68.60 18.67
C LEU G 2743 125.25 -69.98 19.00
N ASN G 2744 124.79 -71.00 18.28
CA ASN G 2744 125.25 -72.37 18.55
C ASN G 2744 126.73 -72.53 18.26
N VAL G 2745 127.21 -71.92 17.18
CA VAL G 2745 128.63 -71.99 16.83
C VAL G 2745 129.40 -70.93 17.59
N ILE G 2746 130.62 -71.29 18.02
CA ILE G 2746 131.46 -70.35 18.74
C ILE G 2746 132.03 -69.32 17.79
N ILE G 2747 131.90 -68.05 18.15
CA ILE G 2747 132.43 -66.94 17.35
C ILE G 2747 133.93 -66.83 17.62
N PRO G 2748 134.76 -66.65 16.60
CA PRO G 2748 136.17 -66.34 16.85
C PRO G 2748 136.31 -64.92 17.38
N GLU G 2749 137.27 -64.73 18.29
CA GLU G 2749 137.53 -63.43 18.89
C GLU G 2749 138.92 -62.91 18.54
N LYS G 2750 139.50 -63.38 17.43
CA LYS G 2750 140.81 -62.90 17.02
C LYS G 2750 140.77 -61.48 16.47
N LEU G 2751 139.57 -60.93 16.24
CA LEU G 2751 139.39 -59.58 15.73
C LEU G 2751 138.60 -58.71 16.70
N ASP G 2752 138.72 -58.97 18.00
CA ASP G 2752 138.00 -58.20 19.00
C ASP G 2752 138.36 -56.72 18.96
N SER G 2753 139.60 -56.40 18.57
CA SER G 2753 140.02 -55.01 18.44
C SER G 2753 139.20 -54.29 17.37
N PHE G 2754 138.60 -55.03 16.44
CA PHE G 2754 137.59 -54.47 15.56
C PHE G 2754 136.18 -54.60 16.12
N ILE G 2755 135.87 -55.75 16.74
CA ILE G 2755 134.51 -55.98 17.22
C ILE G 2755 134.08 -54.88 18.17
N ASN G 2756 134.78 -54.74 19.29
CA ASN G 2756 134.41 -53.75 20.30
C ASN G 2756 134.56 -52.33 19.76
N LYS G 2757 135.62 -52.08 18.99
CA LYS G 2757 135.83 -50.75 18.43
C LYS G 2757 134.65 -50.30 17.60
N PHE G 2758 134.20 -51.13 16.65
CA PHE G 2758 133.04 -50.78 15.85
C PHE G 2758 131.75 -50.79 16.65
N ALA G 2759 131.63 -51.66 17.65
CA ALA G 2759 130.43 -51.70 18.47
C ALA G 2759 130.22 -50.37 19.18
N GLU G 2760 131.28 -49.79 19.72
CA GLU G 2760 131.20 -48.46 20.31
C GLU G 2760 131.19 -47.35 19.26
N TYR G 2761 131.79 -47.57 18.09
CA TYR G 2761 131.81 -46.54 17.06
C TYR G 2761 130.44 -46.34 16.43
N THR G 2762 129.56 -47.36 16.49
CA THR G 2762 128.19 -47.14 16.04
C THR G 2762 127.50 -46.07 16.89
N HIS G 2763 127.60 -46.18 18.21
CA HIS G 2763 127.03 -45.15 19.08
C HIS G 2763 127.79 -43.85 18.96
N GLU G 2764 129.10 -43.91 18.70
CA GLU G 2764 129.87 -42.69 18.47
C GLU G 2764 129.38 -41.96 17.22
N LYS G 2765 129.04 -42.70 16.16
CA LYS G 2765 128.48 -42.10 14.95
C LYS G 2765 127.07 -41.58 15.20
N TRP G 2766 126.32 -42.25 16.08
CA TRP G 2766 125.05 -41.67 16.52
C TRP G 2766 125.26 -40.33 17.22
N ALA G 2767 126.35 -40.21 17.98
CA ALA G 2767 126.67 -38.93 18.61
C ALA G 2767 126.91 -37.84 17.57
N PHE G 2768 127.59 -38.18 16.47
CA PHE G 2768 127.75 -37.24 15.37
C PHE G 2768 126.42 -36.91 14.71
N ASP G 2769 125.56 -37.91 14.54
CA ASP G 2769 124.22 -37.65 14.01
C ASP G 2769 123.45 -36.71 14.92
N LYS G 2770 123.74 -36.73 16.22
CA LYS G 2770 123.09 -35.79 17.14
C LYS G 2770 123.47 -34.35 16.83
N ILE G 2771 124.76 -34.09 16.56
CA ILE G 2771 125.14 -32.73 16.20
C ILE G 2771 124.63 -32.39 14.80
N GLN G 2772 124.45 -33.41 13.96
CA GLN G 2772 123.81 -33.18 12.66
C GLN G 2772 122.33 -32.89 12.80
N ASN G 2773 121.74 -33.25 13.95
CA ASN G 2773 120.33 -32.97 14.22
C ASN G 2773 120.11 -31.57 14.77
N ASN G 2774 121.18 -30.80 14.98
CA ASN G 2774 121.18 -29.42 15.48
C ASN G 2774 120.89 -29.32 16.97
N TRP G 2775 120.57 -30.44 17.64
CA TRP G 2775 120.36 -30.45 19.07
C TRP G 2775 121.47 -31.29 19.71
N SER G 2776 122.16 -30.69 20.68
CA SER G 2776 123.32 -31.33 21.29
C SER G 2776 122.90 -32.41 22.29
N TYR G 2777 123.88 -33.18 22.74
CA TYR G 2777 123.65 -34.25 23.70
C TYR G 2777 123.48 -33.69 25.11
N GLY G 2778 122.85 -34.49 25.97
CA GLY G 2778 122.61 -34.09 27.34
C GLY G 2778 122.81 -35.24 28.30
N GLU G 2779 123.00 -34.88 29.57
CA GLU G 2779 123.23 -35.87 30.62
C GLU G 2779 121.91 -36.38 31.22
N ASN G 2780 121.03 -35.46 31.59
CA ASN G 2780 119.77 -35.85 32.23
C ASN G 2780 118.84 -36.54 31.25
N VAL G 2781 118.08 -37.49 31.76
CA VAL G 2781 117.06 -38.18 30.96
C VAL G 2781 115.88 -37.23 30.78
N ASP G 2782 115.50 -36.98 29.53
CA ASP G 2782 114.42 -36.04 29.24
C ASP G 2782 113.84 -36.36 27.87
N GLU G 2783 112.54 -36.10 27.72
CA GLU G 2783 111.83 -36.33 26.48
C GLU G 2783 111.62 -35.06 25.67
N GLU G 2784 112.05 -33.91 26.17
CA GLU G 2784 111.89 -32.65 25.46
C GLU G 2784 112.97 -32.40 24.42
N LEU G 2785 114.14 -33.02 24.58
CA LEU G 2785 115.24 -32.81 23.65
C LEU G 2785 115.10 -33.64 22.38
N LYS G 2786 114.10 -34.52 22.31
CA LYS G 2786 113.82 -35.41 21.18
C LYS G 2786 115.09 -36.04 20.61
N THR G 2787 116.06 -36.32 21.48
CA THR G 2787 117.31 -36.96 21.10
C THR G 2787 117.66 -38.04 22.11
N HIS G 2788 118.87 -38.56 22.05
CA HIS G 2788 119.31 -39.53 23.05
C HIS G 2788 119.47 -38.81 24.38
N PRO G 2789 118.74 -39.19 25.42
CA PRO G 2789 118.81 -38.44 26.68
C PRO G 2789 120.03 -38.79 27.54
N MET G 2790 120.64 -39.94 27.32
CA MET G 2790 121.77 -40.39 28.13
C MET G 2790 123.10 -40.27 27.40
N LEU G 2791 123.18 -39.45 26.35
CA LEU G 2791 124.41 -39.29 25.59
C LEU G 2791 125.33 -38.32 26.33
N ARG G 2792 126.45 -38.84 26.84
CA ARG G 2792 127.35 -38.10 27.70
C ARG G 2792 128.76 -38.14 27.14
N PRO G 2793 129.58 -37.14 27.44
CA PRO G 2793 130.97 -37.17 26.99
C PRO G 2793 131.73 -38.32 27.66
N TYR G 2794 132.73 -38.83 26.93
CA TYR G 2794 133.45 -40.02 27.37
C TYR G 2794 134.13 -39.81 28.72
N LYS G 2795 134.38 -38.56 29.12
CA LYS G 2795 134.89 -38.30 30.46
C LYS G 2795 133.88 -38.70 31.53
N THR G 2796 132.59 -38.44 31.28
CA THR G 2796 131.53 -38.79 32.22
C THR G 2796 130.51 -39.75 31.62
N PHE G 2797 130.87 -40.48 30.57
CA PHE G 2797 129.96 -41.41 29.92
C PHE G 2797 130.02 -42.75 30.63
N SER G 2798 128.91 -43.13 31.27
CA SER G 2798 128.83 -44.42 31.93
C SER G 2798 128.95 -45.55 30.92
N GLU G 2799 129.63 -46.63 31.32
CA GLU G 2799 129.83 -47.77 30.44
C GLU G 2799 128.68 -48.77 30.47
N LYS G 2800 127.65 -48.52 31.29
CA LYS G 2800 126.49 -49.41 31.29
C LYS G 2800 125.78 -49.42 29.94
N ASP G 2801 125.67 -48.26 29.30
CA ASP G 2801 125.10 -48.20 27.96
C ASP G 2801 126.06 -48.72 26.90
N LYS G 2802 127.37 -48.52 27.09
CA LYS G 2802 128.35 -49.01 26.13
C LYS G 2802 128.43 -50.52 26.12
N GLU G 2803 128.23 -51.17 27.26
CA GLU G 2803 128.26 -52.62 27.35
C GLU G 2803 126.94 -53.28 26.96
N ILE G 2804 125.92 -52.50 26.62
CA ILE G 2804 124.67 -53.05 26.15
C ILE G 2804 124.33 -52.64 24.72
N TYR G 2805 125.02 -51.66 24.14
CA TYR G 2805 124.81 -51.31 22.74
C TYR G 2805 125.60 -52.19 21.78
N ARG G 2806 126.52 -53.02 22.29
CA ARG G 2806 127.39 -53.79 21.42
C ARG G 2806 126.73 -55.04 20.86
N TRP G 2807 125.60 -55.45 21.44
CA TRP G 2807 124.96 -56.71 21.02
C TRP G 2807 124.52 -56.71 19.56
N PRO G 2808 123.90 -55.65 19.01
CA PRO G 2808 123.61 -55.67 17.57
C PRO G 2808 124.84 -55.85 16.71
N ILE G 2809 125.98 -55.25 17.06
CA ILE G 2809 127.20 -55.41 16.28
C ILE G 2809 127.74 -56.83 16.43
N LYS G 2810 127.68 -57.38 17.64
CA LYS G 2810 128.08 -58.77 17.87
C LYS G 2810 127.28 -59.71 16.97
N GLU G 2811 125.96 -59.55 16.96
CA GLU G 2811 125.13 -60.43 16.15
C GLU G 2811 125.33 -60.18 14.65
N SER G 2812 125.61 -58.93 14.26
CA SER G 2812 125.90 -58.66 12.86
C SER G 2812 127.15 -59.38 12.40
N LEU G 2813 128.21 -59.33 13.22
CA LEU G 2813 129.43 -60.05 12.87
C LEU G 2813 129.20 -61.55 12.85
N LYS G 2814 128.43 -62.07 13.82
CA LYS G 2814 128.09 -63.48 13.82
C LYS G 2814 127.37 -63.88 12.55
N ALA G 2815 126.38 -63.09 12.13
CA ALA G 2815 125.61 -63.39 10.94
C ALA G 2815 126.48 -63.33 9.69
N MET G 2816 127.34 -62.32 9.59
CA MET G 2816 128.18 -62.19 8.40
C MET G 2816 129.29 -63.23 8.34
N ILE G 2817 129.66 -63.82 9.47
CA ILE G 2817 130.65 -64.88 9.45
C ILE G 2817 130.02 -66.27 9.36
N ALA G 2818 128.73 -66.40 9.65
CA ALA G 2818 128.07 -67.70 9.55
C ALA G 2818 127.91 -68.14 8.11
N TRP G 2819 127.74 -67.20 7.18
CA TRP G 2819 127.51 -67.54 5.78
C TRP G 2819 128.81 -67.87 5.07
N GLU G 2820 129.57 -68.83 5.61
CA GLU G 2820 130.83 -69.34 5.07
C GLU G 2820 131.74 -68.24 4.56
N TRP G 2821 131.75 -67.08 5.22
CA TRP G 2821 132.56 -65.93 4.84
C TRP G 2821 133.64 -65.74 5.89
N THR G 2822 134.85 -66.22 5.61
CA THR G 2822 135.97 -65.97 6.49
C THR G 2822 136.45 -64.53 6.36
N ILE G 2823 136.88 -63.95 7.48
CA ILE G 2823 137.39 -62.59 7.52
C ILE G 2823 138.86 -62.64 7.92
N GLU G 2824 139.70 -61.93 7.17
CA GLU G 2824 141.14 -61.93 7.39
C GLU G 2824 141.63 -60.49 7.53
N LYS G 2825 142.53 -60.27 8.49
CA LYS G 2825 143.13 -58.96 8.71
C LYS G 2825 144.33 -58.82 7.78
N ALA G 2826 144.09 -58.23 6.61
CA ALA G 2826 145.19 -57.97 5.68
C ALA G 2826 146.18 -56.98 6.27
N ARG G 2827 145.68 -55.95 6.97
CA ARG G 2827 146.54 -54.95 7.58
C ARG G 2827 147.00 -55.39 8.96
N GLU G 2828 147.96 -54.65 9.50
CA GLU G 2828 148.46 -54.87 10.86
C GLU G 2828 148.89 -53.52 11.44
N GLY G 2829 148.01 -52.92 12.22
CA GLY G 2829 148.29 -51.64 12.83
C GLY G 2829 147.42 -51.42 14.05
N GLU G 2830 147.25 -50.16 14.41
CA GLU G 2830 146.45 -49.75 15.57
C GLU G 2830 146.92 -50.45 16.84
N TYR G 2855 135.15 -36.28 23.51
CA TYR G 2855 134.12 -37.20 23.02
C TYR G 2855 133.60 -36.74 21.66
N ASN G 2856 134.20 -37.28 20.60
CA ASN G 2856 133.84 -36.91 19.24
C ASN G 2856 134.37 -37.95 18.27
N PRO G 2857 133.54 -38.42 17.34
CA PRO G 2857 134.03 -39.38 16.33
C PRO G 2857 134.88 -38.69 15.27
N GLN G 2858 136.15 -38.44 15.57
CA GLN G 2858 137.00 -37.70 14.63
C GLN G 2858 137.15 -38.41 13.30
N PRO G 2859 137.44 -39.71 13.23
CA PRO G 2859 137.37 -40.40 11.94
C PRO G 2859 135.92 -40.63 11.54
N PRO G 2860 135.47 -40.02 10.45
CA PRO G 2860 134.05 -40.10 10.09
C PRO G 2860 133.71 -41.35 9.31
N ASP G 2861 132.67 -42.06 9.72
CA ASP G 2861 132.16 -43.21 8.98
C ASP G 2861 131.03 -42.72 8.08
N LEU G 2862 131.20 -42.90 6.78
CA LEU G 2862 130.24 -42.47 5.77
C LEU G 2862 129.78 -43.68 4.95
N SER G 2863 128.83 -43.44 4.05
CA SER G 2863 128.35 -44.49 3.17
C SER G 2863 128.18 -44.03 1.73
N GLY G 2864 128.66 -42.84 1.38
CA GLY G 2864 128.50 -42.31 0.04
C GLY G 2864 129.54 -42.74 -0.96
N VAL G 2865 130.56 -43.49 -0.55
CA VAL G 2865 131.60 -43.96 -1.46
C VAL G 2865 131.18 -45.30 -2.06
N THR G 2866 131.74 -45.59 -3.24
CA THR G 2866 131.44 -46.81 -3.96
C THR G 2866 132.28 -47.98 -3.42
N LEU G 2867 131.94 -49.19 -3.85
CA LEU G 2867 132.61 -50.39 -3.37
C LEU G 2867 132.57 -51.45 -4.46
N SER G 2868 133.47 -52.42 -4.33
CA SER G 2868 133.58 -53.50 -5.29
C SER G 2868 132.31 -54.35 -5.30
N ARG G 2869 131.99 -54.88 -6.49
CA ARG G 2869 130.72 -55.59 -6.68
C ARG G 2869 130.68 -56.89 -5.89
N GLU G 2870 131.77 -57.64 -5.86
CA GLU G 2870 131.78 -58.93 -5.18
CA GLU G 2870 131.77 -58.93 -5.19
C GLU G 2870 131.49 -58.79 -3.69
N LEU G 2871 132.13 -57.82 -3.04
CA LEU G 2871 131.90 -57.59 -1.62
C LEU G 2871 130.58 -56.87 -1.37
N GLN G 2872 130.16 -56.01 -2.29
CA GLN G 2872 128.85 -55.37 -2.16
C GLN G 2872 127.72 -56.39 -2.23
N ALA G 2873 127.91 -57.47 -3.00
CA ALA G 2873 126.91 -58.54 -3.03
C ALA G 2873 126.79 -59.20 -1.65
N MET G 2874 127.91 -59.44 -0.98
CA MET G 2874 127.87 -59.99 0.37
C MET G 2874 127.20 -59.01 1.34
N ALA G 2875 127.49 -57.72 1.19
CA ALA G 2875 126.83 -56.73 2.03
C ALA G 2875 125.32 -56.72 1.80
N GLU G 2876 124.89 -56.85 0.54
CA GLU G 2876 123.47 -56.90 0.24
C GLU G 2876 122.83 -58.16 0.79
N GLN G 2877 123.57 -59.28 0.78
CA GLN G 2877 123.07 -60.50 1.39
C GLN G 2877 122.92 -60.33 2.90
N LEU G 2878 123.87 -59.63 3.53
CA LEU G 2878 123.76 -59.34 4.96
C LEU G 2878 122.55 -58.46 5.25
N ALA G 2879 122.29 -57.48 4.37
CA ALA G 2879 121.08 -56.66 4.52
C ALA G 2879 119.81 -57.49 4.33
N GLU G 2880 119.84 -58.45 3.41
CA GLU G 2880 118.72 -59.38 3.25
C GLU G 2880 118.52 -60.18 4.54
N ASN G 2881 119.62 -60.61 5.16
CA ASN G 2881 119.51 -61.32 6.43
C ASN G 2881 118.92 -60.42 7.52
N TYR G 2882 119.36 -59.16 7.57
CA TYR G 2882 118.74 -58.20 8.47
C TYR G 2882 117.24 -58.14 8.26
N HIS G 2883 116.82 -58.00 7.00
CA HIS G 2883 115.41 -57.83 6.70
C HIS G 2883 114.61 -59.09 7.02
N ASN G 2884 115.18 -60.28 6.75
CA ASN G 2884 114.42 -61.50 7.02
C ASN G 2884 114.33 -61.77 8.52
N THR G 2885 115.37 -61.43 9.28
CA THR G 2885 115.27 -61.51 10.73
C THR G 2885 114.23 -60.54 11.26
N TRP G 2886 114.19 -59.31 10.71
CA TRP G 2886 113.20 -58.34 11.12
C TRP G 2886 111.79 -58.81 10.78
N GLY G 2887 111.61 -59.39 9.59
CA GLY G 2887 110.33 -59.94 9.22
C GLY G 2887 109.92 -61.10 10.11
N ARG G 2888 110.87 -61.94 10.50
CA ARG G 2888 110.57 -63.03 11.43
C ARG G 2888 110.10 -62.49 12.76
N LYS G 2889 110.81 -61.52 13.31
CA LYS G 2889 110.44 -61.02 14.64
C LYS G 2889 109.15 -60.22 14.59
N LYS G 2890 108.82 -59.60 13.46
CA LYS G 2890 107.53 -58.92 13.32
C LYS G 2890 106.40 -59.93 13.13
N LYS G 2891 106.62 -60.96 12.31
CA LYS G 2891 105.61 -61.97 12.07
C LYS G 2891 105.33 -62.84 13.28
N GLN G 2892 106.29 -62.94 14.21
CA GLN G 2892 106.01 -63.67 15.45
C GLN G 2892 104.90 -62.98 16.23
N GLU G 2893 104.94 -61.65 16.33
CA GLU G 2893 103.87 -60.92 16.99
C GLU G 2893 102.61 -60.88 16.13
N LEU G 2894 102.78 -60.74 14.81
CA LEU G 2894 101.63 -60.57 13.92
C LEU G 2894 100.81 -61.84 13.77
N GLU G 2895 101.43 -63.02 13.85
CA GLU G 2895 100.76 -64.27 13.55
C GLU G 2895 99.77 -64.70 14.63
N ALA G 2896 99.73 -64.01 15.76
CA ALA G 2896 98.77 -64.35 16.81
C ALA G 2896 97.33 -64.17 16.34
N LYS G 2897 97.08 -63.24 15.42
CA LYS G 2897 95.72 -63.00 14.93
C LYS G 2897 95.35 -63.94 13.79
N GLY G 2898 96.32 -64.30 12.94
CA GLY G 2898 96.08 -65.19 11.83
C GLY G 2898 95.55 -64.52 10.58
N GLY G 2899 95.37 -63.21 10.59
CA GLY G 2899 94.86 -62.52 9.42
C GLY G 2899 95.63 -61.26 9.07
N GLY G 2900 95.81 -61.02 7.78
CA GLY G 2900 96.56 -59.86 7.32
C GLY G 2900 98.06 -60.08 7.41
N THR G 2901 98.80 -59.09 6.92
CA THR G 2901 100.25 -59.15 6.94
C THR G 2901 100.82 -57.73 6.89
N HIS G 2902 102.00 -57.58 7.46
CA HIS G 2902 102.70 -56.31 7.38
C HIS G 2902 103.09 -56.02 5.94
N PRO G 2903 102.95 -54.76 5.49
CA PRO G 2903 103.30 -54.44 4.09
C PRO G 2903 104.74 -54.73 3.74
N LEU G 2904 105.67 -54.64 4.69
CA LEU G 2904 107.08 -54.90 4.44
C LEU G 2904 107.44 -56.37 4.60
N LEU G 2905 106.44 -57.24 4.84
CA LEU G 2905 106.67 -58.68 4.92
C LEU G 2905 106.79 -59.25 3.50
N VAL G 2906 107.86 -58.83 2.83
CA VAL G 2906 108.09 -59.18 1.43
C VAL G 2906 109.54 -59.64 1.28
N PRO G 2907 109.83 -60.43 0.26
CA PRO G 2907 111.23 -60.81 0.00
C PRO G 2907 112.09 -59.59 -0.26
N TYR G 2908 113.36 -59.69 0.16
CA TYR G 2908 114.28 -58.55 0.11
C TYR G 2908 114.49 -58.05 -1.31
N ASP G 2909 114.55 -58.95 -2.28
CA ASP G 2909 114.73 -58.54 -3.67
C ASP G 2909 113.46 -57.91 -4.23
N THR G 2910 112.29 -58.36 -3.77
CA THR G 2910 111.02 -57.87 -4.32
C THR G 2910 110.80 -56.40 -3.97
N LEU G 2911 111.12 -56.00 -2.75
CA LEU G 2911 110.84 -54.64 -2.30
C LEU G 2911 111.76 -53.64 -3.01
N THR G 2912 111.27 -52.40 -3.12
CA THR G 2912 111.94 -51.34 -3.84
C THR G 2912 113.07 -50.73 -3.01
N ALA G 2913 113.85 -49.85 -3.64
CA ALA G 2913 115.05 -49.32 -3.00
C ALA G 2913 114.71 -48.33 -1.90
N LYS G 2914 113.55 -47.68 -1.95
CA LYS G 2914 113.21 -46.68 -0.94
C LYS G 2914 113.05 -47.32 0.44
N GLU G 2915 112.46 -48.50 0.51
CA GLU G 2915 112.32 -49.23 1.75
C GLU G 2915 113.50 -50.15 2.04
N LYS G 2916 114.44 -50.27 1.10
CA LYS G 2916 115.69 -51.00 1.32
C LYS G 2916 116.76 -50.13 1.96
N ALA G 2917 116.48 -48.83 2.12
CA ALA G 2917 117.50 -47.87 2.52
C ALA G 2917 118.11 -48.17 3.88
N ARG G 2918 117.29 -48.52 4.87
CA ARG G 2918 117.80 -48.69 6.23
C ARG G 2918 118.81 -49.83 6.31
N ASP G 2919 118.38 -51.04 5.93
CA ASP G 2919 119.28 -52.19 5.97
C ASP G 2919 120.45 -52.02 5.01
N ARG G 2920 120.21 -51.45 3.82
CA ARG G 2920 121.30 -51.23 2.87
C ARG G 2920 122.37 -50.32 3.47
N GLU G 2921 121.95 -49.21 4.08
CA GLU G 2921 122.91 -48.28 4.65
C GLU G 2921 123.62 -48.87 5.85
N LYS G 2922 122.92 -49.66 6.67
CA LYS G 2922 123.57 -50.29 7.82
C LYS G 2922 124.66 -51.26 7.35
N ALA G 2923 124.33 -52.14 6.39
CA ALA G 2923 125.32 -53.08 5.88
C ALA G 2923 126.48 -52.35 5.20
N GLN G 2924 126.16 -51.29 4.44
CA GLN G 2924 127.21 -50.53 3.76
C GLN G 2924 128.11 -49.84 4.76
N GLU G 2925 127.56 -49.31 5.85
CA GLU G 2925 128.38 -48.65 6.87
C GLU G 2925 129.30 -49.66 7.56
N LEU G 2926 128.77 -50.83 7.90
CA LEU G 2926 129.63 -51.87 8.49
C LEU G 2926 130.74 -52.26 7.51
N LEU G 2927 130.40 -52.39 6.24
CA LEU G 2927 131.40 -52.79 5.25
C LEU G 2927 132.42 -51.68 5.01
N LYS G 2928 132.01 -50.41 5.12
CA LYS G 2928 132.96 -49.32 5.00
C LYS G 2928 133.90 -49.27 6.20
N PHE G 2929 133.39 -49.58 7.40
CA PHE G 2929 134.26 -49.66 8.56
C PHE G 2929 135.26 -50.80 8.41
N LEU G 2930 134.82 -51.91 7.82
CA LEU G 2930 135.75 -52.96 7.45
C LEU G 2930 136.76 -52.50 6.39
N GLN G 2931 136.29 -51.73 5.40
CA GLN G 2931 137.10 -51.39 4.23
C GLN G 2931 138.23 -50.43 4.59
N MET G 2932 137.92 -49.35 5.32
CA MET G 2932 138.96 -48.36 5.56
C MET G 2932 140.06 -48.90 6.46
N ASN G 2933 139.81 -49.98 7.19
CA ASN G 2933 140.85 -50.66 7.93
C ASN G 2933 141.55 -51.73 7.11
N GLY G 2934 140.82 -52.41 6.22
CA GLY G 2934 141.42 -53.46 5.41
C GLY G 2934 141.13 -54.86 5.90
N TYR G 2935 139.85 -55.17 6.11
CA TYR G 2935 139.41 -56.51 6.47
C TYR G 2935 138.93 -57.22 5.22
N ALA G 2936 139.56 -58.35 4.89
CA ALA G 2936 139.28 -59.09 3.66
C ALA G 2936 138.29 -60.20 3.96
N VAL G 2937 137.09 -60.11 3.38
CA VAL G 2937 136.06 -61.13 3.52
C VAL G 2937 135.79 -61.71 2.13
N THR G 2938 135.94 -63.03 2.00
CA THR G 2938 135.73 -63.72 0.74
C THR G 2938 135.05 -65.05 1.01
N ARG G 2939 134.17 -65.43 0.09
CA ARG G 2939 133.41 -66.68 0.22
C ARG G 2939 134.33 -67.89 0.16
N LEU G 2946 126.96 -65.11 -17.00
CA LEU G 2946 128.28 -64.64 -16.60
C LEU G 2946 129.06 -64.11 -17.80
N ASP G 2947 129.50 -62.86 -17.70
CA ASP G 2947 130.23 -62.18 -18.77
C ASP G 2947 129.41 -62.17 -20.06
N THR G 2948 128.12 -61.83 -19.92
CA THR G 2948 127.19 -61.84 -21.05
C THR G 2948 127.01 -60.43 -21.60
N SER G 2949 127.14 -60.30 -22.93
CA SER G 2949 126.99 -59.01 -23.57
C SER G 2949 125.53 -58.58 -23.56
N SER G 2950 125.30 -57.32 -23.92
CA SER G 2950 123.94 -56.79 -23.91
C SER G 2950 123.05 -57.49 -24.91
N ILE G 2951 123.58 -57.83 -26.09
CA ILE G 2951 122.78 -58.50 -27.10
C ILE G 2951 122.33 -59.86 -26.60
N GLU G 2952 123.24 -60.61 -25.98
CA GLU G 2952 122.88 -61.94 -25.50
C GLU G 2952 121.95 -61.89 -24.31
N LYS G 2953 121.72 -60.72 -23.73
CA LYS G 2953 120.73 -60.58 -22.67
C LYS G 2953 119.37 -60.14 -23.17
N ARG G 2954 119.21 -59.97 -24.48
CA ARG G 2954 117.94 -59.48 -25.00
C ARG G 2954 116.86 -60.53 -24.84
N PHE G 2955 115.65 -60.04 -24.57
CA PHE G 2955 114.51 -60.92 -24.39
C PHE G 2955 114.24 -61.72 -25.64
N ALA G 2956 114.32 -61.08 -26.81
CA ALA G 2956 114.12 -61.80 -28.06
C ALA G 2956 115.18 -62.87 -28.25
N PHE G 2957 116.42 -62.57 -27.87
CA PHE G 2957 117.49 -63.55 -27.97
C PHE G 2957 117.18 -64.78 -27.12
N GLY G 2958 116.83 -64.57 -25.85
CA GLY G 2958 116.52 -65.70 -24.99
C GLY G 2958 115.32 -66.49 -25.49
N PHE G 2959 114.29 -65.78 -25.95
CA PHE G 2959 113.08 -66.44 -26.44
C PHE G 2959 113.38 -67.28 -27.66
N LEU G 2960 114.15 -66.76 -28.61
CA LEU G 2960 114.51 -67.52 -29.79
C LEU G 2960 115.37 -68.72 -29.41
N GLN G 2961 116.25 -68.54 -28.42
CA GLN G 2961 117.09 -69.64 -27.99
C GLN G 2961 116.25 -70.78 -27.40
N GLN G 2962 115.25 -70.43 -26.61
CA GLN G 2962 114.36 -71.46 -26.08
C GLN G 2962 113.55 -72.12 -27.19
N LEU G 2963 113.15 -71.35 -28.19
CA LEU G 2963 112.42 -71.95 -29.31
C LEU G 2963 113.30 -72.95 -30.06
N LEU G 2964 114.58 -72.64 -30.24
CA LEU G 2964 115.46 -73.60 -30.89
C LEU G 2964 115.70 -74.82 -30.03
N ARG G 2965 115.85 -74.62 -28.72
CA ARG G 2965 116.03 -75.76 -27.82
C ARG G 2965 114.79 -76.66 -27.85
N TRP G 2966 113.62 -76.08 -28.08
CA TRP G 2966 112.44 -76.89 -28.28
C TRP G 2966 112.36 -77.48 -29.68
N MET G 2967 112.98 -76.85 -30.66
CA MET G 2967 112.97 -77.41 -32.01
C MET G 2967 113.78 -78.69 -32.08
N ASP G 2968 114.90 -78.75 -31.36
CA ASP G 2968 115.63 -80.03 -31.35
C ASP G 2968 114.81 -81.13 -30.67
N ILE G 2969 114.13 -80.81 -29.57
CA ILE G 2969 113.22 -81.78 -28.95
C ILE G 2969 112.12 -82.17 -29.93
N SER G 2970 111.72 -81.23 -30.79
CA SER G 2970 110.72 -81.56 -31.81
C SER G 2970 111.26 -82.58 -32.79
N GLN G 2971 112.47 -82.35 -33.29
CA GLN G 2971 113.09 -83.32 -34.19
C GLN G 2971 113.25 -84.67 -33.52
N GLU G 2972 113.43 -84.67 -32.20
CA GLU G 2972 113.49 -85.93 -31.47
C GLU G 2972 112.15 -86.66 -31.48
N PHE G 2973 111.09 -86.01 -30.99
CA PHE G 2973 109.88 -86.80 -30.80
C PHE G 2973 109.11 -87.04 -32.08
N ILE G 2974 109.26 -86.20 -33.11
CA ILE G 2974 108.65 -86.54 -34.38
C ILE G 2974 109.33 -87.74 -35.00
N ALA G 2975 110.66 -87.86 -34.81
CA ALA G 2975 111.36 -89.06 -35.25
C ALA G 2975 110.85 -90.27 -34.48
N HIS G 2976 110.60 -90.12 -33.18
CA HIS G 2976 110.03 -91.22 -32.41
C HIS G 2976 108.65 -91.60 -32.93
N LEU G 2977 107.83 -90.61 -33.27
CA LEU G 2977 106.50 -90.90 -33.81
C LEU G 2977 106.59 -91.60 -35.15
N GLU G 2978 107.53 -91.19 -36.00
CA GLU G 2978 107.74 -91.89 -37.26
C GLU G 2978 108.15 -93.33 -37.01
N ALA G 2979 109.02 -93.55 -36.02
CA ALA G 2979 109.45 -94.90 -35.70
C ALA G 2979 108.28 -95.77 -35.25
N VAL G 2980 107.42 -95.23 -34.39
CA VAL G 2980 106.31 -96.04 -33.87
C VAL G 2980 105.26 -96.26 -34.96
N VAL G 2981 105.10 -95.28 -35.86
CA VAL G 2981 104.13 -95.46 -36.93
C VAL G 2981 104.68 -96.33 -38.05
N SER G 2982 106.00 -96.55 -38.09
CA SER G 2982 106.61 -97.44 -39.06
C SER G 2982 106.71 -98.88 -38.57
N SER G 2983 107.10 -99.08 -37.31
CA SER G 2983 107.21 -100.43 -36.77
C SER G 2983 107.09 -100.38 -35.25
N GLY G 2984 106.67 -101.51 -34.68
CA GLY G 2984 106.52 -101.63 -33.25
C GLY G 2984 105.51 -100.66 -32.68
N ARG G 2985 104.24 -100.82 -33.06
CA ARG G 2985 103.20 -99.89 -32.65
C ARG G 2985 103.05 -99.87 -31.13
N VAL G 2986 102.95 -98.66 -30.57
CA VAL G 2986 102.77 -98.50 -29.14
C VAL G 2986 102.06 -97.16 -28.92
N GLU G 2987 101.10 -97.14 -28.01
CA GLU G 2987 100.33 -95.95 -27.70
C GLU G 2987 100.75 -95.33 -26.37
N LYS G 2988 101.94 -95.68 -25.87
CA LYS G 2988 102.41 -95.07 -24.62
C LYS G 2988 102.68 -93.58 -24.79
N SER G 2989 103.26 -93.19 -25.93
CA SER G 2989 103.61 -91.81 -26.23
C SER G 2989 104.45 -91.21 -25.10
N PRO G 2990 105.72 -91.57 -25.00
CA PRO G 2990 106.54 -91.05 -23.90
C PRO G 2990 106.65 -89.54 -23.89
N HIS G 2991 106.51 -88.89 -25.04
CA HIS G 2991 106.64 -87.44 -25.15
C HIS G 2991 105.29 -86.75 -25.37
N GLU G 2992 104.22 -87.26 -24.75
CA GLU G 2992 102.91 -86.65 -24.98
C GLU G 2992 102.88 -85.22 -24.46
N GLN G 2993 103.51 -84.98 -23.32
CA GLN G 2993 103.59 -83.61 -22.80
C GLN G 2993 104.29 -82.70 -23.79
N GLU G 2994 105.40 -83.17 -24.37
CA GLU G 2994 106.10 -82.37 -25.37
C GLU G 2994 105.23 -82.15 -26.59
N ILE G 2995 104.51 -83.18 -27.04
CA ILE G 2995 103.63 -83.05 -28.19
C ILE G 2995 102.66 -81.92 -27.96
N LYS G 2996 101.97 -81.95 -26.82
CA LYS G 2996 100.90 -80.99 -26.59
C LYS G 2996 101.46 -79.60 -26.32
N PHE G 2997 102.59 -79.51 -25.62
CA PHE G 2997 103.17 -78.20 -25.37
C PHE G 2997 103.64 -77.54 -26.66
N PHE G 2998 104.26 -78.31 -27.54
CA PHE G 2998 104.71 -77.75 -28.81
C PHE G 2998 103.53 -77.37 -29.67
N ALA G 2999 102.51 -78.23 -29.77
CA ALA G 2999 101.43 -78.02 -30.71
C ALA G 2999 100.45 -76.95 -30.25
N LYS G 3000 100.21 -76.84 -28.95
CA LYS G 3000 99.17 -75.97 -28.44
C LYS G 3000 99.69 -74.66 -27.86
N ILE G 3001 100.98 -74.56 -27.55
CA ILE G 3001 101.56 -73.37 -26.95
C ILE G 3001 102.55 -72.70 -27.89
N LEU G 3002 103.58 -73.44 -28.31
CA LEU G 3002 104.69 -72.83 -29.02
C LEU G 3002 104.26 -72.31 -30.39
N LEU G 3003 103.47 -73.07 -31.11
CA LEU G 3003 103.05 -72.60 -32.43
C LEU G 3003 102.21 -71.33 -32.35
N PRO G 3004 101.16 -71.24 -31.53
CA PRO G 3004 100.47 -69.95 -31.40
C PRO G 3004 101.35 -68.84 -30.87
N LEU G 3005 102.25 -69.15 -29.94
CA LEU G 3005 103.13 -68.12 -29.39
C LEU G 3005 103.99 -67.53 -30.49
N ILE G 3006 104.58 -68.37 -31.34
CA ILE G 3006 105.34 -67.90 -32.48
C ILE G 3006 104.45 -67.10 -33.42
N ASN G 3007 103.29 -67.65 -33.74
CA ASN G 3007 102.40 -67.06 -34.73
C ASN G 3007 102.01 -65.65 -34.34
N GLN G 3008 101.89 -65.38 -33.05
CA GLN G 3008 101.56 -64.02 -32.64
C GLN G 3008 102.79 -63.16 -32.43
N TYR G 3009 103.85 -63.71 -31.84
CA TYR G 3009 105.03 -62.91 -31.53
C TYR G 3009 105.67 -62.36 -32.79
N PHE G 3010 105.82 -63.20 -33.82
CA PHE G 3010 106.46 -62.71 -35.03
C PHE G 3010 105.49 -62.02 -35.98
N THR G 3011 104.19 -62.04 -35.67
CA THR G 3011 103.29 -61.12 -36.33
C THR G 3011 103.40 -59.73 -35.73
N ASN G 3012 103.60 -59.64 -34.42
CA ASN G 3012 103.73 -58.33 -33.78
C ASN G 3012 105.06 -57.66 -34.15
N HIS G 3013 106.16 -58.40 -34.07
CA HIS G 3013 107.49 -57.82 -34.15
C HIS G 3013 108.22 -58.16 -35.44
N CYS G 3014 107.51 -58.19 -36.56
CA CYS G 3014 108.17 -58.47 -37.82
C CYS G 3014 109.15 -57.37 -38.20
N LEU G 3015 108.75 -56.11 -37.98
CA LEU G 3015 109.58 -54.98 -38.39
C LEU G 3015 110.87 -54.90 -37.61
N TYR G 3016 110.85 -55.29 -36.33
CA TYR G 3016 112.06 -55.26 -35.53
C TYR G 3016 113.12 -56.19 -36.10
N PHE G 3017 112.70 -57.38 -36.56
CA PHE G 3017 113.65 -58.30 -37.15
C PHE G 3017 114.04 -57.92 -38.57
N LEU G 3018 113.12 -57.32 -39.32
CA LEU G 3018 113.47 -56.89 -40.67
C LEU G 3018 114.32 -55.63 -40.69
N SER G 3019 114.37 -54.88 -39.58
CA SER G 3019 115.07 -53.61 -39.57
C SER G 3019 116.58 -53.81 -39.50
N THR G 3020 117.31 -52.79 -39.93
CA THR G 3020 118.76 -52.75 -39.94
C THR G 3020 119.21 -51.37 -39.51
N PRO G 3021 120.42 -51.24 -38.95
CA PRO G 3021 120.92 -49.89 -38.63
C PRO G 3021 120.98 -48.99 -39.86
N ALA G 3022 121.16 -49.55 -41.04
CA ALA G 3022 121.13 -48.74 -42.25
C ALA G 3022 119.76 -48.12 -42.48
N LYS G 3023 118.70 -48.90 -42.32
CA LYS G 3023 117.34 -48.40 -42.51
C LYS G 3023 116.45 -49.01 -41.43
N VAL G 3024 115.75 -48.15 -40.69
CA VAL G 3024 114.94 -48.60 -39.57
C VAL G 3024 113.48 -48.53 -39.96
N LEU G 3025 112.80 -49.68 -39.89
CA LEU G 3025 111.40 -49.77 -40.25
C LEU G 3025 110.47 -49.68 -39.05
N GLY G 3026 110.86 -50.25 -37.92
CA GLY G 3026 110.00 -50.27 -36.75
C GLY G 3026 110.01 -48.94 -36.02
N SER G 3027 109.30 -48.91 -34.90
CA SER G 3027 109.28 -47.73 -34.06
C SER G 3027 110.67 -47.43 -33.51
N GLY G 3028 111.36 -48.46 -33.04
CA GLY G 3028 112.71 -48.28 -32.53
C GLY G 3028 113.37 -49.62 -32.33
N GLY G 3029 114.69 -49.60 -32.41
CA GLY G 3029 115.48 -50.81 -32.24
C GLY G 3029 115.47 -51.68 -33.48
N HIS G 3030 116.46 -52.57 -33.57
CA HIS G 3030 116.57 -53.50 -34.69
C HIS G 3030 117.22 -54.77 -34.20
N ALA G 3031 116.79 -55.90 -34.74
CA ALA G 3031 117.31 -57.18 -34.30
C ALA G 3031 118.79 -57.29 -34.61
N SER G 3032 119.53 -57.92 -33.69
CA SER G 3032 120.95 -58.11 -33.92
C SER G 3032 121.16 -59.19 -34.98
N ASN G 3033 122.41 -59.27 -35.45
CA ASN G 3033 122.75 -60.29 -36.42
C ASN G 3033 122.51 -61.68 -35.84
N LYS G 3034 122.82 -61.87 -34.57
CA LYS G 3034 122.56 -63.16 -33.94
C LYS G 3034 121.07 -63.48 -33.94
N GLU G 3035 120.24 -62.48 -33.64
CA GLU G 3035 118.80 -62.71 -33.62
C GLU G 3035 118.28 -63.07 -35.01
N LYS G 3036 118.78 -62.39 -36.04
CA LYS G 3036 118.39 -62.73 -37.41
C LYS G 3036 118.82 -64.14 -37.77
N GLU G 3037 120.04 -64.52 -37.40
CA GLU G 3037 120.50 -65.88 -37.68
C GLU G 3037 119.63 -66.91 -36.98
N MET G 3038 119.25 -66.63 -35.74
CA MET G 3038 118.44 -67.58 -35.00
C MET G 3038 117.05 -67.71 -35.62
N ILE G 3039 116.46 -66.61 -36.06
CA ILE G 3039 115.14 -66.73 -36.68
C ILE G 3039 115.24 -67.49 -38.00
N THR G 3040 116.33 -67.31 -38.75
CA THR G 3040 116.52 -68.07 -39.98
C THR G 3040 116.67 -69.56 -39.69
N SER G 3041 117.47 -69.91 -38.71
CA SER G 3041 117.62 -71.32 -38.35
C SER G 3041 116.31 -71.89 -37.84
N LEU G 3042 115.53 -71.09 -37.13
CA LEU G 3042 114.23 -71.56 -36.66
C LEU G 3042 113.30 -71.88 -37.82
N PHE G 3043 113.24 -70.99 -38.80
CA PHE G 3043 112.41 -71.24 -39.97
C PHE G 3043 112.86 -72.50 -40.70
N CYS G 3044 114.16 -72.62 -40.92
CA CYS G 3044 114.67 -73.78 -41.65
C CYS G 3044 114.39 -75.07 -40.90
N LYS G 3045 114.61 -75.07 -39.58
CA LYS G 3045 114.36 -76.27 -38.78
C LYS G 3045 112.89 -76.65 -38.80
N LEU G 3046 112.00 -75.67 -38.71
CA LEU G 3046 110.57 -75.98 -38.71
C LEU G 3046 110.13 -76.52 -40.06
N ALA G 3047 110.66 -75.95 -41.14
CA ALA G 3047 110.37 -76.49 -42.46
C ALA G 3047 110.85 -77.93 -42.59
N ALA G 3048 112.07 -78.20 -42.11
CA ALA G 3048 112.58 -79.56 -42.15
C ALA G 3048 111.72 -80.50 -41.32
N LEU G 3049 111.24 -80.04 -40.17
CA LEU G 3049 110.38 -80.85 -39.33
C LEU G 3049 109.09 -81.22 -40.05
N VAL G 3050 108.47 -80.23 -40.71
CA VAL G 3050 107.19 -80.46 -41.37
C VAL G 3050 107.34 -81.16 -42.71
N ARG G 3051 108.56 -81.26 -43.24
CA ARG G 3051 108.77 -81.90 -44.54
C ARG G 3051 108.33 -83.35 -44.51
N HIS G 3052 107.44 -83.72 -45.42
CA HIS G 3052 106.96 -85.09 -45.59
C HIS G 3052 106.34 -85.66 -44.33
N ARG G 3053 105.91 -84.81 -43.40
CA ARG G 3053 105.27 -85.26 -42.18
C ARG G 3053 104.00 -84.47 -41.90
N VAL G 3054 103.36 -83.96 -42.95
CA VAL G 3054 102.18 -83.13 -42.76
C VAL G 3054 101.05 -83.95 -42.14
N SER G 3055 100.93 -85.22 -42.53
CA SER G 3055 99.90 -86.08 -41.96
C SER G 3055 100.12 -86.29 -40.47
N LEU G 3056 101.37 -86.50 -40.05
CA LEU G 3056 101.66 -86.81 -38.65
C LEU G 3056 101.21 -85.70 -37.71
N PHE G 3057 101.04 -84.49 -38.20
CA PHE G 3057 100.63 -83.39 -37.33
C PHE G 3057 99.12 -83.33 -37.15
N GLY G 3058 98.36 -84.07 -37.96
CA GLY G 3058 96.91 -84.05 -37.78
C GLY G 3058 96.34 -82.67 -38.01
N THR G 3059 95.67 -82.16 -36.99
CA THR G 3059 95.04 -80.84 -37.09
C THR G 3059 95.99 -79.69 -36.81
N ASP G 3060 97.25 -79.98 -36.47
CA ASP G 3060 98.21 -78.91 -36.21
C ASP G 3060 98.95 -78.47 -37.46
N ALA G 3061 98.77 -79.15 -38.58
CA ALA G 3061 99.42 -78.73 -39.83
C ALA G 3061 99.05 -77.31 -40.23
N PRO G 3062 97.80 -76.85 -40.14
CA PRO G 3062 97.54 -75.43 -40.41
C PRO G 3062 98.33 -74.49 -39.52
N ALA G 3063 98.46 -74.81 -38.23
CA ALA G 3063 99.26 -73.97 -37.35
C ALA G 3063 100.71 -73.94 -37.80
N VAL G 3064 101.26 -75.10 -38.18
CA VAL G 3064 102.65 -75.16 -38.60
C VAL G 3064 102.87 -74.33 -39.86
N VAL G 3065 101.97 -74.46 -40.83
CA VAL G 3065 102.17 -73.73 -42.08
C VAL G 3065 101.98 -72.24 -41.86
N ASN G 3066 101.08 -71.84 -40.96
CA ASN G 3066 100.95 -70.42 -40.67
C ASN G 3066 102.19 -69.87 -40.00
N CYS G 3067 102.77 -70.63 -39.07
CA CYS G 3067 104.02 -70.21 -38.46
C CYS G 3067 105.11 -70.08 -39.50
N LEU G 3068 105.15 -71.01 -40.45
CA LEU G 3068 106.13 -70.91 -41.53
C LEU G 3068 105.91 -69.66 -42.36
N HIS G 3069 104.65 -69.33 -42.67
CA HIS G 3069 104.36 -68.12 -43.41
C HIS G 3069 104.91 -66.89 -42.69
N ILE G 3070 104.63 -66.78 -41.40
CA ILE G 3070 105.05 -65.61 -40.65
C ILE G 3070 106.55 -65.53 -40.56
N LEU G 3071 107.21 -66.66 -40.29
CA LEU G 3071 108.66 -66.68 -40.21
C LEU G 3071 109.28 -66.26 -41.55
N ALA G 3072 108.71 -66.75 -42.65
CA ALA G 3072 109.21 -66.36 -43.96
C ALA G 3072 109.05 -64.86 -44.19
N ARG G 3073 107.93 -64.31 -43.73
CA ARG G 3073 107.77 -62.86 -43.84
C ARG G 3073 108.73 -62.09 -42.96
N SER G 3074 109.29 -62.72 -41.92
CA SER G 3074 110.15 -62.01 -40.98
C SER G 3074 111.60 -62.47 -41.04
N LEU G 3075 112.14 -62.67 -42.24
CA LEU G 3075 113.53 -63.08 -42.41
C LEU G 3075 114.33 -61.93 -43.02
N ASP G 3076 115.48 -61.63 -42.42
CA ASP G 3076 116.41 -60.66 -42.99
C ASP G 3076 117.49 -61.42 -43.75
N ALA G 3077 117.04 -62.10 -44.81
CA ALA G 3077 117.91 -63.00 -45.56
C ALA G 3077 119.11 -62.28 -46.15
N ARG G 3078 118.99 -60.99 -46.47
CA ARG G 3078 120.13 -60.26 -46.99
C ARG G 3078 121.27 -60.24 -45.99
N THR G 3079 120.99 -59.79 -44.77
CA THR G 3079 122.03 -59.77 -43.74
C THR G 3079 122.52 -61.17 -43.44
N VAL G 3080 121.58 -62.13 -43.34
CA VAL G 3080 121.96 -63.49 -42.98
C VAL G 3080 122.93 -64.07 -43.99
N MET G 3081 122.67 -63.86 -45.28
CA MET G 3081 123.51 -64.45 -46.31
C MET G 3081 124.77 -63.63 -46.57
N LYS G 3082 124.75 -62.33 -46.28
CA LYS G 3082 125.96 -61.55 -46.46
C LYS G 3082 126.95 -61.82 -45.34
N SER G 3083 126.54 -61.59 -44.09
CA SER G 3083 127.43 -61.76 -42.94
C SER G 3083 126.76 -62.73 -41.97
N GLY G 3084 126.96 -64.02 -42.19
CA GLY G 3084 126.33 -65.02 -41.37
C GLY G 3084 127.10 -66.32 -41.29
N PRO G 3085 126.81 -67.11 -40.28
CA PRO G 3085 127.51 -68.39 -40.11
C PRO G 3085 127.19 -69.38 -41.22
N GLU G 3086 128.19 -70.21 -41.51
CA GLU G 3086 128.06 -71.18 -42.58
C GLU G 3086 126.94 -72.17 -42.29
N ILE G 3087 126.70 -72.47 -41.02
CA ILE G 3087 125.65 -73.43 -40.68
C ILE G 3087 124.28 -72.88 -41.07
N VAL G 3088 124.01 -71.62 -40.73
CA VAL G 3088 122.73 -71.02 -41.08
C VAL G 3088 122.58 -70.89 -42.58
N LYS G 3089 123.64 -70.43 -43.26
CA LYS G 3089 123.55 -70.32 -44.72
C LYS G 3089 123.32 -71.68 -45.36
N ALA G 3090 123.97 -72.72 -44.84
CA ALA G 3090 123.75 -74.07 -45.34
C ALA G 3090 122.33 -74.53 -45.08
N GLY G 3091 121.76 -74.15 -43.93
CA GLY G 3091 120.38 -74.48 -43.68
C GLY G 3091 119.44 -73.87 -44.70
N LEU G 3092 119.66 -72.60 -45.04
CA LEU G 3092 118.79 -71.94 -46.02
C LEU G 3092 118.96 -72.56 -47.40
N ARG G 3093 120.21 -72.78 -47.82
CA ARG G 3093 120.45 -73.42 -49.11
C ARG G 3093 119.84 -74.81 -49.16
N SER G 3094 119.96 -75.57 -48.07
CA SER G 3094 119.37 -76.89 -48.02
C SER G 3094 117.85 -76.82 -48.09
N PHE G 3095 117.25 -75.81 -47.49
CA PHE G 3095 115.82 -75.64 -47.63
C PHE G 3095 115.44 -75.48 -49.08
N PHE G 3096 116.14 -74.58 -49.79
CA PHE G 3096 115.81 -74.36 -51.19
C PHE G 3096 116.04 -75.62 -52.03
N GLU G 3097 117.14 -76.32 -51.77
CA GLU G 3097 117.43 -77.55 -52.51
C GLU G 3097 116.35 -78.60 -52.29
N SER G 3098 115.93 -78.78 -51.04
CA SER G 3098 114.89 -79.75 -50.75
C SER G 3098 113.58 -79.36 -51.42
N ALA G 3099 113.27 -78.06 -51.42
CA ALA G 3099 112.06 -77.60 -52.09
C ALA G 3099 112.11 -77.91 -53.58
N SER G 3100 113.25 -77.65 -54.21
CA SER G 3100 113.39 -77.94 -55.63
C SER G 3100 113.22 -79.42 -55.92
N GLU G 3101 113.84 -80.27 -55.10
CA GLU G 3101 113.71 -81.71 -55.30
C GLU G 3101 112.27 -82.18 -55.13
N ASP G 3102 111.59 -81.68 -54.10
CA ASP G 3102 110.21 -82.09 -53.87
C ASP G 3102 109.32 -81.66 -55.02
N ILE G 3103 109.53 -80.45 -55.56
CA ILE G 3103 108.73 -80.01 -56.67
C ILE G 3103 109.03 -80.85 -57.92
N GLU G 3104 110.29 -81.21 -58.13
CA GLU G 3104 110.61 -82.08 -59.26
C GLU G 3104 109.89 -83.42 -59.13
N LYS G 3105 109.88 -83.99 -57.93
CA LYS G 3105 109.16 -85.23 -57.72
C LYS G 3105 107.67 -85.07 -57.98
N MET G 3106 107.08 -83.98 -57.51
CA MET G 3106 105.65 -83.77 -57.72
C MET G 3106 105.33 -83.66 -59.20
N VAL G 3107 106.12 -82.92 -59.96
CA VAL G 3107 105.80 -82.73 -61.37
C VAL G 3107 106.03 -84.02 -62.14
N GLU G 3108 107.10 -84.76 -61.82
CA GLU G 3108 107.32 -86.02 -62.52
C GLU G 3108 106.24 -87.04 -62.19
N ASN G 3109 105.69 -87.00 -60.98
CA ASN G 3109 104.56 -87.87 -60.69
C ASN G 3109 103.32 -87.42 -61.44
N LEU G 3110 103.07 -86.13 -61.53
CA LEU G 3110 101.91 -85.65 -62.28
C LEU G 3110 102.05 -85.94 -63.77
N ARG G 3111 103.26 -86.22 -64.25
CA ARG G 3111 103.43 -86.70 -65.63
C ARG G 3111 102.92 -88.11 -65.81
N LEU G 3112 102.20 -88.64 -64.83
CA LEU G 3112 101.73 -90.03 -64.83
C LEU G 3112 102.89 -91.01 -64.87
N GLY G 3113 103.99 -90.67 -64.19
CA GLY G 3113 104.97 -91.68 -63.86
C GLY G 3113 104.47 -92.63 -62.79
N LYS G 3114 103.47 -92.21 -62.03
CA LYS G 3114 102.77 -93.03 -61.06
C LYS G 3114 101.28 -92.73 -61.14
N VAL G 3115 100.46 -93.69 -60.68
CA VAL G 3115 99.02 -93.52 -60.78
C VAL G 3115 98.55 -92.31 -59.97
N SER G 3116 99.05 -92.18 -58.75
CA SER G 3116 98.72 -91.05 -57.87
C SER G 3116 97.22 -90.92 -57.64
N LYS G 3123 101.91 -94.86 -51.11
CA LYS G 3123 103.36 -94.77 -50.97
C LYS G 3123 103.81 -93.32 -50.77
N GLY G 3124 105.08 -93.06 -51.06
CA GLY G 3124 105.62 -91.72 -50.86
C GLY G 3124 105.14 -90.70 -51.87
N VAL G 3125 104.55 -91.14 -52.98
CA VAL G 3125 104.01 -90.20 -53.97
C VAL G 3125 102.85 -89.41 -53.37
N GLY G 3126 101.95 -90.10 -52.66
CA GLY G 3126 100.83 -89.40 -52.05
C GLY G 3126 101.28 -88.41 -50.99
N GLN G 3127 102.24 -88.81 -50.15
CA GLN G 3127 102.76 -87.89 -49.15
C GLN G 3127 103.44 -86.70 -49.80
N ASN G 3128 104.22 -86.93 -50.86
CA ASN G 3128 104.88 -85.82 -51.53
C ASN G 3128 103.87 -84.87 -52.14
N LEU G 3129 102.82 -85.41 -52.77
CA LEU G 3129 101.82 -84.55 -53.37
C LEU G 3129 101.09 -83.72 -52.33
N THR G 3130 100.61 -84.36 -51.26
CA THR G 3130 99.88 -83.60 -50.26
C THR G 3130 100.77 -82.58 -49.55
N TYR G 3131 102.01 -82.94 -49.25
CA TYR G 3131 102.92 -82.00 -48.61
C TYR G 3131 103.22 -80.81 -49.52
N THR G 3132 103.45 -81.07 -50.80
CA THR G 3132 103.77 -79.98 -51.71
C THR G 3132 102.57 -79.07 -51.90
N THR G 3133 101.38 -79.64 -52.02
CA THR G 3133 100.21 -78.82 -52.30
C THR G 3133 99.64 -78.15 -51.06
N VAL G 3134 100.03 -78.59 -49.86
CA VAL G 3134 99.51 -78.01 -48.63
C VAL G 3134 100.50 -77.04 -48.00
N ALA G 3135 101.78 -77.38 -47.95
CA ALA G 3135 102.77 -76.59 -47.24
C ALA G 3135 103.84 -75.99 -48.14
N LEU G 3136 104.50 -76.80 -48.95
CA LEU G 3136 105.70 -76.33 -49.64
C LEU G 3136 105.39 -75.20 -50.60
N LEU G 3137 104.37 -75.36 -51.43
CA LEU G 3137 104.05 -74.32 -52.39
C LEU G 3137 103.63 -73.00 -51.74
N PRO G 3138 102.70 -72.98 -50.78
CA PRO G 3138 102.38 -71.69 -50.15
C PRO G 3138 103.56 -71.07 -49.41
N VAL G 3139 104.36 -71.88 -48.71
CA VAL G 3139 105.49 -71.32 -47.99
C VAL G 3139 106.52 -70.73 -48.94
N LEU G 3140 106.80 -71.45 -50.04
CA LEU G 3140 107.74 -70.94 -51.02
C LEU G 3140 107.22 -69.67 -51.67
N THR G 3141 105.91 -69.63 -51.95
CA THR G 3141 105.32 -68.44 -52.54
C THR G 3141 105.46 -67.24 -51.61
N THR G 3142 105.19 -67.44 -50.33
CA THR G 3142 105.35 -66.35 -49.37
C THR G 3142 106.79 -65.90 -49.27
N LEU G 3143 107.74 -66.85 -49.24
CA LEU G 3143 109.14 -66.47 -49.13
C LEU G 3143 109.60 -65.67 -50.35
N PHE G 3144 109.19 -66.11 -51.54
CA PHE G 3144 109.56 -65.39 -52.75
C PHE G 3144 108.93 -64.01 -52.78
N GLN G 3145 107.67 -63.89 -52.37
CA GLN G 3145 107.03 -62.59 -52.34
C GLN G 3145 107.75 -61.67 -51.37
N HIS G 3146 108.16 -62.20 -50.22
CA HIS G 3146 108.89 -61.42 -49.24
C HIS G 3146 110.21 -60.90 -49.81
N ILE G 3147 110.96 -61.80 -50.47
CA ILE G 3147 112.22 -61.41 -51.08
C ILE G 3147 111.98 -60.33 -52.12
N ALA G 3148 110.98 -60.52 -52.98
CA ALA G 3148 110.72 -59.57 -54.05
C ALA G 3148 110.30 -58.22 -53.51
N GLN G 3149 109.46 -58.20 -52.48
CA GLN G 3149 109.03 -56.94 -51.89
C GLN G 3149 110.20 -56.19 -51.30
N HIS G 3150 111.11 -56.89 -50.64
CA HIS G 3150 112.21 -56.22 -49.96
C HIS G 3150 113.48 -56.17 -50.81
N GLN G 3151 113.40 -56.54 -52.08
CA GLN G 3151 114.53 -56.44 -53.00
C GLN G 3151 115.76 -57.18 -52.48
N PHE G 3152 115.54 -58.35 -51.92
CA PHE G 3152 116.61 -59.19 -51.41
C PHE G 3152 117.15 -60.14 -52.45
N GLY G 3153 116.56 -60.19 -53.64
CA GLY G 3153 116.91 -61.23 -54.59
C GLY G 3153 118.37 -61.20 -54.99
N ASP G 3154 118.88 -60.02 -55.30
CA ASP G 3154 120.26 -59.87 -55.76
C ASP G 3154 121.26 -60.29 -54.70
N ASP G 3155 120.88 -60.31 -53.44
CA ASP G 3155 121.80 -60.67 -52.37
C ASP G 3155 121.55 -62.06 -51.81
N VAL G 3156 120.40 -62.66 -52.10
CA VAL G 3156 120.05 -63.97 -51.57
C VAL G 3156 120.19 -65.05 -52.64
N ILE G 3157 119.55 -64.88 -53.78
CA ILE G 3157 119.53 -65.92 -54.82
C ILE G 3157 120.76 -65.68 -55.69
N LEU G 3158 121.89 -66.21 -55.24
CA LEU G 3158 123.16 -65.91 -55.90
C LEU G 3158 123.84 -67.13 -56.51
N ASP G 3159 124.21 -68.13 -55.71
CA ASP G 3159 125.16 -69.13 -56.19
C ASP G 3159 124.54 -70.52 -56.34
N ASP G 3160 124.00 -71.10 -55.28
CA ASP G 3160 123.30 -72.37 -55.40
C ASP G 3160 121.80 -72.24 -55.23
N VAL G 3161 121.35 -71.23 -54.49
CA VAL G 3161 119.93 -70.91 -54.47
C VAL G 3161 119.46 -70.55 -55.87
N GLN G 3162 120.33 -69.93 -56.68
CA GLN G 3162 119.99 -69.70 -58.08
C GLN G 3162 119.75 -71.01 -58.80
N VAL G 3163 120.60 -72.01 -58.57
CA VAL G 3163 120.40 -73.28 -59.25
C VAL G 3163 119.10 -73.94 -58.80
N SER G 3164 118.83 -73.90 -57.50
CA SER G 3164 117.61 -74.52 -56.99
C SER G 3164 116.37 -73.83 -57.56
N CYS G 3165 116.40 -72.50 -57.63
CA CYS G 3165 115.28 -71.75 -58.15
C CYS G 3165 115.14 -71.92 -59.65
N TYR G 3166 116.26 -72.07 -60.36
CA TYR G 3166 116.23 -72.40 -61.77
C TYR G 3166 115.56 -73.74 -62.00
N ARG G 3167 115.87 -74.73 -61.17
CA ARG G 3167 115.25 -76.03 -61.32
C ARG G 3167 113.75 -75.93 -61.05
N THR G 3168 113.36 -75.15 -60.04
CA THR G 3168 111.94 -74.92 -59.82
C THR G 3168 111.29 -74.27 -61.03
N LEU G 3169 111.96 -73.27 -61.60
CA LEU G 3169 111.41 -72.58 -62.78
C LEU G 3169 111.26 -73.54 -63.96
N CYS G 3170 112.28 -74.35 -64.23
CA CYS G 3170 112.18 -75.38 -65.27
C CYS G 3170 111.02 -76.32 -65.02
N SER G 3171 110.94 -76.87 -63.80
CA SER G 3171 109.96 -77.90 -63.50
C SER G 3171 108.55 -77.36 -63.56
N ILE G 3172 108.28 -76.20 -62.96
CA ILE G 3172 106.93 -75.67 -62.94
C ILE G 3172 106.45 -75.37 -64.35
N TYR G 3173 107.28 -74.69 -65.13
CA TYR G 3173 106.89 -74.40 -66.51
C TYR G 3173 106.80 -75.66 -67.35
N SER G 3174 107.49 -76.73 -66.97
CA SER G 3174 107.43 -77.95 -67.77
C SER G 3174 106.07 -78.64 -67.71
N LEU G 3175 105.08 -78.05 -67.06
CA LEU G 3175 103.75 -78.63 -67.00
C LEU G 3175 102.89 -78.29 -68.22
N GLY G 3176 103.40 -77.46 -69.14
CA GLY G 3176 102.58 -77.07 -70.27
C GLY G 3176 102.20 -78.24 -71.14
N THR G 3177 103.08 -79.22 -71.27
CA THR G 3177 102.86 -80.39 -72.10
C THR G 3177 102.08 -81.49 -71.37
N THR G 3178 101.41 -81.14 -70.27
CA THR G 3178 100.68 -82.10 -69.46
C THR G 3178 99.22 -81.71 -69.41
N LYS G 3179 98.33 -82.70 -69.58
CA LYS G 3179 96.89 -82.46 -69.58
C LYS G 3179 96.24 -83.52 -68.69
N ASN G 3180 95.80 -83.11 -67.50
CA ASN G 3180 95.20 -84.02 -66.54
C ASN G 3180 94.13 -83.29 -65.75
N THR G 3181 93.69 -83.91 -64.66
CA THR G 3181 92.79 -83.25 -63.73
C THR G 3181 93.56 -82.70 -62.53
N TYR G 3182 94.55 -83.44 -62.05
CA TYR G 3182 95.37 -82.94 -60.95
C TYR G 3182 96.13 -81.69 -61.37
N VAL G 3183 96.72 -81.70 -62.55
CA VAL G 3183 97.36 -80.51 -63.08
C VAL G 3183 96.35 -79.39 -63.20
N GLU G 3184 95.13 -79.72 -63.62
CA GLU G 3184 94.11 -78.69 -63.80
C GLU G 3184 93.78 -78.02 -62.48
N LYS G 3185 93.72 -78.80 -61.39
CA LYS G 3185 93.38 -78.15 -60.13
C LYS G 3185 94.59 -77.53 -59.45
N LEU G 3186 95.81 -77.87 -59.86
CA LEU G 3186 96.99 -77.29 -59.25
C LEU G 3186 97.58 -76.13 -60.03
N ARG G 3187 97.07 -75.84 -61.23
CA ARG G 3187 97.63 -74.74 -62.02
C ARG G 3187 97.67 -73.40 -61.29
N PRO G 3188 96.65 -72.97 -60.55
CA PRO G 3188 96.72 -71.64 -59.94
C PRO G 3188 97.87 -71.47 -58.96
N ALA G 3189 98.07 -72.42 -58.04
CA ALA G 3189 99.14 -72.29 -57.07
C ALA G 3189 100.50 -72.30 -57.74
N LEU G 3190 100.67 -73.18 -58.73
CA LEU G 3190 101.93 -73.22 -59.47
C LEU G 3190 102.18 -71.90 -60.18
N GLY G 3191 101.15 -71.32 -60.78
CA GLY G 3191 101.31 -70.06 -61.46
C GLY G 3191 101.67 -68.93 -60.51
N GLU G 3192 101.04 -68.90 -59.35
CA GLU G 3192 101.37 -67.86 -58.38
C GLU G 3192 102.80 -67.99 -57.88
N CYS G 3193 103.22 -69.22 -57.56
CA CYS G 3193 104.60 -69.42 -57.13
C CYS G 3193 105.57 -69.03 -58.21
N LEU G 3194 105.26 -69.34 -59.47
CA LEU G 3194 106.11 -68.94 -60.57
C LEU G 3194 106.19 -67.43 -60.71
N ALA G 3195 105.06 -66.75 -60.55
CA ALA G 3195 105.08 -65.30 -60.66
C ALA G 3195 105.96 -64.69 -59.60
N ARG G 3196 105.85 -65.18 -58.36
CA ARG G 3196 106.69 -64.67 -57.29
C ARG G 3196 108.16 -64.99 -57.54
N LEU G 3197 108.45 -66.17 -58.10
CA LEU G 3197 109.83 -66.51 -58.40
C LEU G 3197 110.39 -65.62 -59.49
N ALA G 3198 109.58 -65.29 -60.49
CA ALA G 3198 110.02 -64.36 -61.52
C ALA G 3198 110.28 -62.99 -60.91
N ALA G 3199 109.45 -62.57 -59.95
CA ALA G 3199 109.72 -61.32 -59.26
C ALA G 3199 111.02 -61.34 -58.49
N ALA G 3200 111.34 -62.47 -57.84
CA ALA G 3200 112.48 -62.54 -56.95
C ALA G 3200 113.77 -62.98 -57.64
N MET G 3201 113.72 -63.39 -58.88
CA MET G 3201 114.92 -63.87 -59.56
C MET G 3201 115.79 -62.70 -60.01
N PRO G 3202 117.08 -62.70 -59.68
CA PRO G 3202 117.97 -61.64 -60.15
C PRO G 3202 118.53 -61.87 -61.54
N VAL G 3203 118.16 -62.97 -62.19
CA VAL G 3203 118.68 -63.29 -63.52
C VAL G 3203 117.52 -63.27 -64.52
N ALA G 3204 117.78 -62.68 -65.68
CA ALA G 3204 116.79 -62.54 -66.73
C ALA G 3204 116.74 -63.83 -67.53
N PHE G 3205 115.98 -64.79 -67.00
CA PHE G 3205 115.94 -66.12 -67.61
C PHE G 3205 115.22 -66.14 -68.95
N LEU G 3206 114.45 -65.10 -69.27
CA LEU G 3206 113.81 -65.02 -70.57
C LEU G 3206 114.66 -64.33 -71.61
N GLU G 3207 115.79 -63.76 -71.23
CA GLU G 3207 116.72 -63.10 -72.15
C GLU G 3207 118.13 -63.59 -71.86
N PRO G 3208 118.42 -64.85 -72.19
CA PRO G 3208 119.75 -65.39 -71.90
C PRO G 3208 120.85 -64.72 -72.69
N GLN G 3209 120.54 -64.16 -73.85
CA GLN G 3209 121.57 -63.61 -74.71
C GLN G 3209 122.26 -62.40 -74.09
N LEU G 3210 121.71 -61.86 -73.01
CA LEU G 3210 122.32 -60.72 -72.33
C LEU G 3210 122.78 -61.07 -70.92
N ASN G 3211 122.94 -62.36 -70.62
CA ASN G 3211 123.40 -62.74 -69.29
C ASN G 3211 124.82 -62.28 -69.01
N GLU G 3212 125.62 -62.07 -70.05
CA GLU G 3212 127.00 -61.67 -69.86
C GLU G 3212 127.14 -60.32 -69.18
N TYR G 3213 126.06 -59.54 -69.15
CA TYR G 3213 126.08 -58.24 -68.48
C TYR G 3213 125.44 -58.27 -67.10
N ASN G 3214 125.07 -59.44 -66.61
CA ASN G 3214 124.37 -59.57 -65.34
C ASN G 3214 125.38 -59.96 -64.27
N ALA G 3215 125.51 -59.13 -63.24
CA ALA G 3215 126.50 -59.39 -62.20
C ALA G 3215 126.02 -60.47 -61.24
N CYS G 3216 124.71 -60.56 -61.01
CA CYS G 3216 124.17 -61.47 -60.00
C CYS G 3216 123.78 -62.82 -60.60
N SER G 3217 124.69 -63.40 -61.37
CA SER G 3217 124.47 -64.70 -62.00
C SER G 3217 125.65 -65.61 -61.71
N VAL G 3218 125.39 -66.92 -61.71
CA VAL G 3218 126.46 -67.86 -61.40
C VAL G 3218 127.55 -67.81 -62.47
N TYR G 3219 127.17 -67.61 -63.72
CA TYR G 3219 128.14 -67.59 -64.81
C TYR G 3219 129.08 -66.41 -64.74
N THR G 3220 128.81 -65.42 -63.90
CA THR G 3220 129.73 -64.32 -63.66
C THR G 3220 130.35 -64.35 -62.27
N THR G 3221 129.63 -64.87 -61.29
CA THR G 3221 130.18 -64.94 -59.94
C THR G 3221 131.19 -66.08 -59.80
N LYS G 3222 131.06 -67.12 -60.61
CA LYS G 3222 131.91 -68.30 -60.48
C LYS G 3222 132.74 -68.52 -61.73
N SER G 3223 133.98 -68.94 -61.52
CA SER G 3223 134.92 -69.15 -62.60
C SER G 3223 134.51 -70.36 -63.44
N PRO G 3224 134.89 -70.39 -64.72
CA PRO G 3224 134.63 -71.60 -65.52
C PRO G 3224 135.33 -72.82 -64.98
N ARG G 3225 136.41 -72.66 -64.22
CA ARG G 3225 137.04 -73.79 -63.55
C ARG G 3225 136.04 -74.48 -62.63
N GLU G 3226 135.39 -73.71 -61.76
CA GLU G 3226 134.25 -74.20 -61.01
C GLU G 3226 133.03 -74.19 -61.94
N ARG G 3227 131.83 -74.33 -61.37
CA ARG G 3227 130.62 -74.54 -62.15
C ARG G 3227 130.73 -75.84 -62.95
N ALA G 3228 131.82 -76.56 -62.75
CA ALA G 3228 132.02 -77.89 -63.29
C ALA G 3228 132.10 -78.95 -62.22
N ILE G 3229 132.65 -78.62 -61.05
CA ILE G 3229 132.55 -79.51 -59.90
C ILE G 3229 131.09 -79.74 -59.54
N LEU G 3230 130.28 -78.69 -59.65
CA LEU G 3230 128.83 -78.81 -59.57
C LEU G 3230 128.26 -78.80 -60.97
N GLY G 3231 127.34 -79.72 -61.24
CA GLY G 3231 126.83 -79.94 -62.57
C GLY G 3231 126.15 -78.72 -63.16
N LEU G 3232 126.80 -78.08 -64.12
CA LEU G 3232 126.17 -77.01 -64.88
C LEU G 3232 126.38 -77.23 -66.37
N PRO G 3233 125.40 -76.85 -67.19
CA PRO G 3233 125.47 -77.16 -68.63
C PRO G 3233 126.36 -76.25 -69.44
N ASN G 3234 127.34 -75.56 -68.85
CA ASN G 3234 128.41 -74.83 -69.54
C ASN G 3234 127.89 -73.64 -70.33
N SER G 3235 126.58 -73.38 -70.31
CA SER G 3235 126.03 -72.23 -71.00
C SER G 3235 124.72 -71.85 -70.33
N VAL G 3236 124.46 -70.54 -70.26
CA VAL G 3236 123.20 -70.08 -69.68
C VAL G 3236 122.03 -70.53 -70.54
N GLU G 3237 122.20 -70.50 -71.86
CA GLU G 3237 121.09 -70.75 -72.76
C GLU G 3237 120.53 -72.14 -72.63
N GLU G 3238 121.30 -73.07 -72.06
CA GLU G 3238 120.88 -74.46 -71.98
C GLU G 3238 120.29 -74.84 -70.62
N MET G 3239 120.28 -73.92 -69.66
CA MET G 3239 120.11 -74.33 -68.27
C MET G 3239 118.62 -74.51 -67.94
N CYS G 3240 117.79 -73.63 -68.49
CA CYS G 3240 116.35 -73.87 -68.61
C CYS G 3240 115.96 -73.79 -70.08
N PRO G 3241 116.24 -74.84 -70.86
CA PRO G 3241 116.07 -74.74 -72.31
C PRO G 3241 114.62 -74.69 -72.74
N ASP G 3242 113.72 -75.30 -71.99
CA ASP G 3242 112.33 -75.45 -72.43
C ASP G 3242 111.52 -74.18 -72.29
N ILE G 3243 112.10 -73.13 -71.70
CA ILE G 3243 111.44 -71.84 -71.56
C ILE G 3243 111.73 -71.03 -72.82
N PRO G 3244 110.71 -70.66 -73.59
CA PRO G 3244 110.97 -69.85 -74.78
C PRO G 3244 111.51 -68.48 -74.41
N VAL G 3245 112.25 -67.88 -75.33
CA VAL G 3245 112.82 -66.56 -75.09
C VAL G 3245 111.69 -65.55 -75.06
N LEU G 3246 112.00 -64.34 -74.59
CA LEU G 3246 110.96 -63.35 -74.34
C LEU G 3246 110.21 -63.00 -75.63
N ASP G 3247 110.95 -62.79 -76.72
CA ASP G 3247 110.30 -62.42 -77.98
C ASP G 3247 109.39 -63.54 -78.47
N ARG G 3248 109.85 -64.79 -78.38
CA ARG G 3248 109.03 -65.90 -78.82
C ARG G 3248 107.77 -66.01 -77.97
N LEU G 3249 107.90 -65.84 -76.66
CA LEU G 3249 106.74 -65.93 -75.79
C LEU G 3249 105.73 -64.82 -76.09
N MET G 3250 106.22 -63.59 -76.29
CA MET G 3250 105.33 -62.48 -76.61
C MET G 3250 104.64 -62.71 -77.95
N ALA G 3251 105.38 -63.21 -78.94
CA ALA G 3251 104.77 -63.49 -80.24
C ALA G 3251 103.68 -64.55 -80.11
N ASP G 3252 103.95 -65.61 -79.34
CA ASP G 3252 102.94 -66.64 -79.14
C ASP G 3252 101.69 -66.08 -78.49
N ILE G 3253 101.86 -65.29 -77.43
CA ILE G 3253 100.69 -64.75 -76.73
C ILE G 3253 99.91 -63.82 -77.62
N GLY G 3254 100.60 -62.95 -78.36
CA GLY G 3254 99.91 -62.07 -79.29
C GLY G 3254 99.17 -62.83 -80.37
N GLY G 3255 99.78 -63.89 -80.89
CA GLY G 3255 99.10 -64.70 -81.88
C GLY G 3255 97.84 -65.34 -81.33
N LEU G 3256 97.91 -65.86 -80.10
CA LEU G 3256 96.72 -66.43 -79.50
C LEU G 3256 95.63 -65.38 -79.30
N ALA G 3257 96.01 -64.20 -78.83
CA ALA G 3257 95.02 -63.14 -78.59
C ALA G 3257 94.36 -62.73 -79.90
N GLU G 3258 95.14 -62.53 -80.95
CA GLU G 3258 94.56 -62.13 -82.23
C GLU G 3258 93.74 -63.25 -82.87
N SER G 3259 94.15 -64.50 -82.68
CA SER G 3259 93.30 -65.61 -83.14
C SER G 3259 92.00 -65.69 -82.38
N GLY G 3260 91.96 -65.18 -81.15
CA GLY G 3260 90.71 -65.20 -80.41
C GLY G 3260 90.38 -66.55 -79.81
N ALA G 3261 91.38 -67.37 -79.54
CA ALA G 3261 91.13 -68.68 -78.95
C ALA G 3261 90.55 -68.52 -77.56
N ARG G 3262 89.72 -69.48 -77.16
CA ARG G 3262 89.12 -69.47 -75.84
C ARG G 3262 90.13 -69.95 -74.80
N TYR G 3263 89.66 -70.03 -73.55
CA TYR G 3263 90.50 -70.47 -72.45
C TYR G 3263 90.85 -71.95 -72.55
N THR G 3264 89.95 -72.76 -73.12
CA THR G 3264 90.13 -74.20 -73.07
C THR G 3264 91.32 -74.66 -73.89
N GLU G 3265 91.66 -73.94 -74.95
CA GLU G 3265 92.80 -74.30 -75.77
C GLU G 3265 94.08 -73.59 -75.36
N MET G 3266 94.03 -72.76 -74.32
CA MET G 3266 95.24 -72.08 -73.89
C MET G 3266 95.29 -71.89 -72.37
N PRO G 3267 95.03 -72.93 -71.58
CA PRO G 3267 94.99 -72.72 -70.13
C PRO G 3267 96.36 -72.55 -69.52
N HIS G 3268 97.39 -73.18 -70.09
CA HIS G 3268 98.71 -73.09 -69.52
C HIS G 3268 99.22 -71.65 -69.57
N VAL G 3269 99.00 -70.98 -70.70
CA VAL G 3269 99.44 -69.59 -70.84
C VAL G 3269 98.73 -68.72 -69.83
N ILE G 3270 97.42 -68.92 -69.69
CA ILE G 3270 96.63 -68.05 -68.83
C ILE G 3270 96.99 -68.26 -67.37
N GLU G 3271 97.16 -69.51 -66.95
CA GLU G 3271 97.35 -69.80 -65.53
C GLU G 3271 98.79 -69.61 -65.08
N ILE G 3272 99.75 -69.69 -65.99
CA ILE G 3272 101.16 -69.71 -65.60
C ILE G 3272 101.97 -68.65 -66.33
N THR G 3273 101.98 -68.74 -67.67
CA THR G 3273 102.88 -67.90 -68.46
C THR G 3273 102.53 -66.43 -68.32
N LEU G 3274 101.24 -66.11 -68.34
CA LEU G 3274 100.83 -64.71 -68.18
C LEU G 3274 101.21 -64.14 -66.83
N PRO G 3275 100.94 -64.80 -65.69
CA PRO G 3275 101.46 -64.27 -64.42
C PRO G 3275 102.97 -64.17 -64.37
N MET G 3276 103.67 -65.13 -64.96
CA MET G 3276 105.13 -65.05 -64.96
C MET G 3276 105.61 -63.83 -65.71
N LEU G 3277 105.01 -63.54 -66.87
CA LEU G 3277 105.37 -62.33 -67.61
C LEU G 3277 104.95 -61.07 -66.88
N CYS G 3278 103.76 -61.06 -66.28
CA CYS G 3278 103.27 -59.89 -65.57
C CYS G 3278 104.13 -59.54 -64.37
N SER G 3279 104.82 -60.53 -63.80
CA SER G 3279 105.76 -60.24 -62.74
C SER G 3279 107.20 -60.10 -63.23
N TYR G 3280 107.49 -60.54 -64.45
CA TYR G 3280 108.85 -60.47 -64.96
C TYR G 3280 109.13 -59.11 -65.59
N LEU G 3281 108.21 -58.63 -66.42
CA LEU G 3281 108.45 -57.38 -67.13
C LEU G 3281 108.63 -56.19 -66.20
N PRO G 3282 107.80 -55.96 -65.18
CA PRO G 3282 108.05 -54.81 -64.30
C PRO G 3282 109.39 -54.85 -63.60
N ARG G 3283 109.85 -56.04 -63.23
CA ARG G 3283 111.11 -56.13 -62.51
C ARG G 3283 112.28 -55.68 -63.37
N TRP G 3284 112.29 -56.07 -64.64
CA TRP G 3284 113.41 -55.75 -65.51
C TRP G 3284 113.26 -54.43 -66.23
N TRP G 3285 112.04 -53.90 -66.31
CA TRP G 3285 111.88 -52.57 -66.87
C TRP G 3285 112.62 -51.53 -66.04
N GLU G 3286 112.63 -51.70 -64.73
CA GLU G 3286 113.37 -50.81 -63.85
C GLU G 3286 114.88 -51.04 -63.92
N ARG G 3287 115.32 -52.12 -64.55
CA ARG G 3287 116.75 -52.43 -64.65
C ARG G 3287 117.23 -52.52 -66.09
N GLY G 3288 116.51 -51.96 -67.04
CA GLY G 3288 116.94 -51.96 -68.41
C GLY G 3288 116.90 -50.59 -69.02
N PRO G 3289 116.91 -50.52 -70.35
CA PRO G 3289 116.73 -49.23 -71.02
C PRO G 3289 115.34 -48.70 -70.73
N GLU G 3290 115.18 -47.39 -70.94
CA GLU G 3290 113.99 -46.62 -70.59
C GLU G 3290 113.79 -46.52 -69.09
N ALA G 3291 114.71 -47.05 -68.29
CA ALA G 3291 114.67 -46.80 -66.87
C ALA G 3291 115.02 -45.35 -66.59
N PRO G 3292 114.75 -44.87 -65.37
CA PRO G 3292 115.29 -43.58 -64.95
C PRO G 3292 116.62 -43.74 -64.26
N PRO G 3293 117.72 -43.91 -65.01
CA PRO G 3293 118.95 -44.42 -64.42
C PRO G 3293 119.60 -43.40 -63.52
N PRO G 3294 119.78 -43.70 -62.24
CA PRO G 3294 120.74 -42.93 -61.45
C PRO G 3294 122.14 -43.52 -61.63
N ALA G 3295 122.50 -43.76 -62.89
CA ALA G 3295 123.71 -44.48 -63.24
C ALA G 3295 124.72 -43.58 -63.93
N LEU G 3296 124.84 -42.33 -63.50
CA LEU G 3296 125.91 -41.48 -64.01
C LEU G 3296 127.28 -42.07 -63.72
N PRO G 3297 127.60 -42.56 -62.50
CA PRO G 3297 128.88 -43.26 -62.31
C PRO G 3297 128.85 -44.70 -62.81
N ALA G 3298 127.70 -45.35 -62.67
CA ALA G 3298 127.59 -46.79 -62.91
C ALA G 3298 126.85 -47.12 -64.22
N GLY G 3299 126.86 -46.20 -65.18
CA GLY G 3299 126.26 -46.48 -66.47
C GLY G 3299 127.12 -47.26 -67.43
N ALA G 3300 128.37 -47.53 -67.06
CA ALA G 3300 129.26 -48.31 -67.92
C ALA G 3300 128.72 -49.70 -68.24
N PRO G 3301 128.23 -50.49 -67.28
CA PRO G 3301 127.70 -51.82 -67.64
C PRO G 3301 126.42 -51.69 -68.44
N PRO G 3302 126.36 -52.31 -69.61
CA PRO G 3302 125.11 -52.33 -70.37
C PRO G 3302 124.04 -53.02 -69.57
N PRO G 3303 122.79 -52.59 -69.70
CA PRO G 3303 121.69 -53.29 -69.02
C PRO G 3303 121.59 -54.73 -69.49
N CYS G 3304 121.26 -55.61 -68.57
CA CYS G 3304 121.17 -57.04 -68.82
C CYS G 3304 119.84 -57.46 -69.40
N THR G 3305 118.98 -56.51 -69.78
CA THR G 3305 117.69 -56.81 -70.37
C THR G 3305 117.39 -55.81 -71.46
N ALA G 3306 116.36 -56.12 -72.25
CA ALA G 3306 115.90 -55.25 -73.33
C ALA G 3306 114.44 -54.88 -73.15
N VAL G 3307 113.95 -54.89 -71.92
CA VAL G 3307 112.54 -54.62 -71.64
C VAL G 3307 112.33 -53.11 -71.64
N THR G 3308 111.34 -52.66 -72.42
CA THR G 3308 110.91 -51.28 -72.45
C THR G 3308 109.42 -51.22 -72.17
N SER G 3309 108.84 -50.02 -72.32
CA SER G 3309 107.40 -49.88 -72.13
C SER G 3309 106.61 -50.53 -73.25
N ASP G 3310 107.24 -50.77 -74.40
CA ASP G 3310 106.54 -51.44 -75.50
C ASP G 3310 106.08 -52.82 -75.08
N HIS G 3311 106.92 -53.56 -74.35
CA HIS G 3311 106.55 -54.90 -73.95
C HIS G 3311 105.39 -54.89 -72.98
N LEU G 3312 105.41 -53.98 -72.01
CA LEU G 3312 104.31 -53.90 -71.06
C LEU G 3312 103.01 -53.51 -71.75
N ASN G 3313 103.06 -52.53 -72.66
CA ASN G 3313 101.86 -52.13 -73.38
C ASN G 3313 101.33 -53.26 -74.24
N SER G 3314 102.21 -53.97 -74.94
CA SER G 3314 101.78 -55.09 -75.77
C SER G 3314 101.15 -56.19 -74.93
N LEU G 3315 101.75 -56.50 -73.79
CA LEU G 3315 101.22 -57.53 -72.92
C LEU G 3315 99.85 -57.14 -72.38
N LEU G 3316 99.68 -55.89 -71.99
CA LEU G 3316 98.39 -55.45 -71.48
C LEU G 3316 97.32 -55.50 -72.55
N GLY G 3317 97.65 -55.05 -73.76
CA GLY G 3317 96.70 -55.17 -74.85
C GLY G 3317 96.31 -56.60 -75.13
N ASN G 3318 97.28 -57.51 -75.09
CA ASN G 3318 96.99 -58.91 -75.32
C ASN G 3318 96.11 -59.48 -74.21
N ILE G 3319 96.36 -59.08 -72.97
CA ILE G 3319 95.53 -59.58 -71.87
C ILE G 3319 94.10 -59.11 -72.02
N LEU G 3320 93.92 -57.84 -72.38
CA LEU G 3320 92.56 -57.34 -72.60
C LEU G 3320 91.89 -58.10 -73.74
N ARG G 3321 92.63 -58.36 -74.82
CA ARG G 3321 92.07 -59.10 -75.94
C ARG G 3321 91.67 -60.51 -75.53
N ILE G 3322 92.50 -61.17 -74.71
CA ILE G 3322 92.16 -62.51 -74.25
C ILE G 3322 90.89 -62.48 -73.40
N ILE G 3323 90.80 -61.53 -72.47
CA ILE G 3323 89.62 -61.46 -71.62
C ILE G 3323 88.37 -61.22 -72.45
N VAL G 3324 88.43 -60.32 -73.43
CA VAL G 3324 87.24 -60.08 -74.24
C VAL G 3324 86.97 -61.23 -75.19
N ASN G 3325 87.98 -62.03 -75.52
CA ASN G 3325 87.70 -63.25 -76.26
C ASN G 3325 86.91 -64.24 -75.43
N ASN G 3326 87.26 -64.38 -74.14
CA ASN G 3326 86.54 -65.28 -73.24
C ASN G 3326 85.41 -64.54 -72.52
N LEU G 3327 84.85 -63.50 -73.13
CA LEU G 3327 83.98 -62.61 -72.38
C LEU G 3327 82.64 -63.26 -72.05
N GLY G 3328 82.02 -63.93 -73.02
CA GLY G 3328 80.68 -64.45 -72.86
C GLY G 3328 80.58 -65.88 -72.36
N ILE G 3329 81.68 -66.52 -71.97
CA ILE G 3329 81.60 -67.91 -71.59
C ILE G 3329 80.92 -68.05 -70.24
N ASP G 3330 80.34 -69.23 -70.01
CA ASP G 3330 79.52 -69.44 -68.81
C ASP G 3330 80.36 -69.37 -67.55
N GLU G 3331 81.46 -70.12 -67.50
CA GLU G 3331 82.27 -70.21 -66.30
C GLU G 3331 83.71 -69.87 -66.63
N ALA G 3332 84.27 -68.90 -65.89
CA ALA G 3332 85.68 -68.56 -65.99
C ALA G 3332 86.09 -67.95 -64.66
N THR G 3333 86.66 -68.77 -63.80
CA THR G 3333 87.12 -68.30 -62.50
C THR G 3333 88.53 -67.76 -62.53
N TRP G 3334 89.20 -67.81 -63.68
CA TRP G 3334 90.57 -67.33 -63.80
C TRP G 3334 90.65 -65.84 -64.08
N MET G 3335 89.52 -65.19 -64.37
CA MET G 3335 89.57 -63.78 -64.75
C MET G 3335 90.05 -62.92 -63.59
N LYS G 3336 89.58 -63.19 -62.38
CA LYS G 3336 90.01 -62.40 -61.24
C LYS G 3336 91.50 -62.56 -60.99
N ARG G 3337 92.01 -63.79 -61.08
CA ARG G 3337 93.43 -64.01 -60.87
C ARG G 3337 94.25 -63.33 -61.95
N LEU G 3338 93.81 -63.42 -63.21
CA LEU G 3338 94.55 -62.76 -64.27
C LEU G 3338 94.54 -61.25 -64.10
N ALA G 3339 93.43 -60.68 -63.64
CA ALA G 3339 93.38 -59.24 -63.42
C ALA G 3339 94.31 -58.82 -62.30
N VAL G 3340 94.29 -59.54 -61.18
CA VAL G 3340 95.16 -59.15 -60.06
C VAL G 3340 96.62 -59.40 -60.39
N PHE G 3341 96.91 -60.28 -61.34
CA PHE G 3341 98.29 -60.42 -61.78
C PHE G 3341 98.68 -59.35 -62.78
N ALA G 3342 97.74 -58.86 -63.57
CA ALA G 3342 98.05 -57.85 -64.57
C ALA G 3342 97.96 -56.43 -64.03
N GLN G 3343 97.48 -56.24 -62.80
CA GLN G 3343 97.44 -54.88 -62.25
C GLN G 3343 98.79 -54.17 -62.24
N PRO G 3344 99.89 -54.79 -61.80
CA PRO G 3344 101.16 -54.03 -61.75
C PRO G 3344 101.61 -53.49 -63.10
N ILE G 3345 101.38 -54.21 -64.20
CA ILE G 3345 101.94 -53.76 -65.47
C ILE G 3345 101.15 -52.64 -66.11
N VAL G 3346 99.97 -52.30 -65.56
CA VAL G 3346 99.12 -51.30 -66.19
C VAL G 3346 99.68 -49.89 -66.05
N SER G 3347 100.61 -49.68 -65.11
CA SER G 3347 101.11 -48.34 -64.85
C SER G 3347 101.86 -47.76 -66.05
N ARG G 3348 102.33 -48.61 -66.95
CA ARG G 3348 103.11 -48.16 -68.10
C ARG G 3348 102.31 -48.14 -69.38
N ALA G 3349 100.97 -48.23 -69.28
CA ALA G 3349 100.15 -48.27 -70.47
C ALA G 3349 100.21 -46.95 -71.23
N ARG G 3350 100.39 -47.05 -72.52
CA ARG G 3350 100.38 -45.86 -73.34
C ARG G 3350 98.96 -45.35 -73.53
N PRO G 3351 98.81 -44.08 -73.87
CA PRO G 3351 97.44 -43.52 -74.05
C PRO G 3351 96.65 -44.18 -75.15
N GLU G 3352 97.29 -44.84 -76.11
CA GLU G 3352 96.56 -45.42 -77.23
C GLU G 3352 95.61 -46.53 -76.78
N LEU G 3353 95.89 -47.17 -75.65
CA LEU G 3353 95.03 -48.26 -75.19
C LEU G 3353 93.63 -47.79 -74.87
N LEU G 3354 93.45 -46.50 -74.61
CA LEU G 3354 92.10 -45.99 -74.35
C LEU G 3354 91.21 -46.15 -75.56
N HIS G 3355 91.73 -45.87 -76.76
CA HIS G 3355 90.92 -45.98 -77.95
C HIS G 3355 90.99 -47.37 -78.59
N SER G 3356 92.15 -48.02 -78.52
CA SER G 3356 92.29 -49.30 -79.19
C SER G 3356 91.52 -50.40 -78.47
N HIS G 3357 91.61 -50.44 -77.14
CA HIS G 3357 91.07 -51.55 -76.38
C HIS G 3357 89.94 -51.14 -75.43
N PHE G 3358 90.21 -50.20 -74.52
CA PHE G 3358 89.30 -49.99 -73.40
C PHE G 3358 87.92 -49.56 -73.86
N ILE G 3359 87.86 -48.62 -74.81
CA ILE G 3359 86.56 -48.15 -75.29
C ILE G 3359 85.75 -49.28 -75.91
N PRO G 3360 86.29 -50.09 -76.83
CA PRO G 3360 85.49 -51.23 -77.33
C PRO G 3360 85.10 -52.23 -76.26
N THR G 3361 86.01 -52.58 -75.34
CA THR G 3361 85.66 -53.57 -74.32
C THR G 3361 84.51 -53.08 -73.46
N ILE G 3362 84.62 -51.85 -72.96
CA ILE G 3362 83.58 -51.31 -72.12
C ILE G 3362 82.30 -51.08 -72.92
N GLY G 3363 82.41 -50.84 -74.23
CA GLY G 3363 81.21 -50.72 -75.04
C GLY G 3363 80.45 -52.03 -75.14
N ARG G 3364 81.18 -53.13 -75.34
CA ARG G 3364 80.53 -54.43 -75.33
C ARG G 3364 79.88 -54.70 -73.99
N LEU G 3365 80.57 -54.36 -72.90
CA LEU G 3365 79.97 -54.53 -71.58
C LEU G 3365 78.70 -53.70 -71.42
N ARG G 3366 78.73 -52.45 -71.88
CA ARG G 3366 77.57 -51.58 -71.72
C ARG G 3366 76.38 -52.10 -72.49
N LYS G 3367 76.59 -52.54 -73.73
CA LYS G 3367 75.47 -53.05 -74.49
C LYS G 3367 74.93 -54.36 -73.91
N ARG G 3368 75.81 -55.20 -73.37
CA ARG G 3368 75.32 -56.40 -72.70
C ARG G 3368 74.48 -56.04 -71.49
N ALA G 3369 74.91 -55.06 -70.70
CA ALA G 3369 74.13 -54.64 -69.55
C ALA G 3369 72.77 -54.10 -69.98
N GLY G 3370 72.75 -53.32 -71.06
CA GLY G 3370 71.48 -52.82 -71.56
C GLY G 3370 70.54 -53.95 -71.97
N LYS G 3371 71.07 -54.95 -72.65
CA LYS G 3371 70.24 -56.08 -73.04
C LYS G 3371 69.67 -56.80 -71.82
N VAL G 3372 70.51 -57.03 -70.81
CA VAL G 3372 70.06 -57.78 -69.64
C VAL G 3372 68.97 -57.00 -68.90
N VAL G 3373 69.16 -55.69 -68.72
CA VAL G 3373 68.13 -54.94 -68.01
C VAL G 3373 66.87 -54.83 -68.85
N ALA G 3374 66.99 -54.81 -70.18
CA ALA G 3374 65.80 -54.83 -71.02
C ALA G 3374 65.01 -56.11 -70.80
N GLU G 3375 65.70 -57.25 -70.72
CA GLU G 3375 65.01 -58.49 -70.43
C GLU G 3375 64.39 -58.47 -69.04
N GLU G 3376 65.08 -57.89 -68.06
CA GLU G 3376 64.54 -57.83 -66.71
C GLU G 3376 63.27 -57.00 -66.66
N GLU G 3377 63.25 -55.85 -67.33
CA GLU G 3377 62.03 -55.05 -67.34
C GLU G 3377 60.93 -55.71 -68.16
N GLN G 3378 61.28 -56.46 -69.19
CA GLN G 3378 60.28 -57.25 -69.90
C GLN G 3378 59.65 -58.29 -68.99
N LEU G 3379 60.47 -58.91 -68.15
CA LEU G 3379 59.94 -59.85 -67.16
C LEU G 3379 59.06 -59.15 -66.14
N ARG G 3380 59.48 -57.98 -65.68
CA ARG G 3380 58.76 -57.32 -64.59
C ARG G 3380 57.45 -56.69 -65.06
N LEU G 3381 57.37 -56.29 -66.33
CA LEU G 3381 56.16 -55.61 -66.79
C LEU G 3381 54.97 -56.55 -66.86
N GLU G 3382 55.21 -57.84 -67.03
CA GLU G 3382 54.15 -58.85 -67.06
C GLU G 3382 54.26 -59.68 -65.78
N ALA G 3383 53.17 -59.71 -65.01
CA ALA G 3383 53.17 -60.43 -63.76
C ALA G 3383 52.57 -61.82 -63.94
N LYS G 3384 53.34 -62.84 -63.58
CA LYS G 3384 52.91 -64.22 -63.76
C LYS G 3384 53.74 -65.09 -62.82
N ALA G 3385 53.19 -66.27 -62.51
CA ALA G 3385 53.97 -67.25 -61.76
C ALA G 3385 55.14 -67.78 -62.57
N GLU G 3386 55.10 -67.63 -63.89
CA GLU G 3386 56.21 -68.04 -64.73
C GLU G 3386 57.37 -67.06 -64.70
N ALA G 3387 57.15 -65.84 -64.22
CA ALA G 3387 58.22 -64.85 -64.18
C ALA G 3387 59.42 -65.34 -63.38
N GLU G 3388 59.17 -66.15 -62.35
CA GLU G 3388 60.27 -66.76 -61.61
C GLU G 3388 61.10 -67.67 -62.52
N GLU G 3389 60.43 -68.41 -63.39
CA GLU G 3389 61.12 -69.20 -64.41
C GLU G 3389 61.56 -68.23 -65.50
N GLY G 3390 62.75 -67.67 -65.31
CA GLY G 3390 63.24 -66.59 -66.15
C GLY G 3390 63.92 -65.56 -65.26
N GLU G 3391 63.41 -65.44 -64.04
CA GLU G 3391 64.12 -64.66 -63.03
C GLU G 3391 65.51 -65.24 -62.79
N LEU G 3392 65.61 -66.55 -62.67
CA LEU G 3392 66.93 -67.16 -62.53
C LEU G 3392 67.77 -67.01 -63.79
N LEU G 3393 67.14 -66.95 -64.97
CA LEU G 3393 67.88 -66.67 -66.18
C LEU G 3393 68.53 -65.29 -66.12
N VAL G 3394 67.75 -64.27 -65.75
CA VAL G 3394 68.30 -62.93 -65.68
C VAL G 3394 69.32 -62.83 -64.55
N ARG G 3395 69.13 -63.59 -63.46
CA ARG G 3395 70.15 -63.59 -62.41
C ARG G 3395 71.47 -64.18 -62.91
N ASP G 3396 71.40 -65.27 -63.67
CA ASP G 3396 72.63 -65.85 -64.20
C ASP G 3396 73.32 -64.88 -65.18
N GLU G 3397 72.52 -64.21 -66.00
CA GLU G 3397 73.10 -63.21 -66.90
C GLU G 3397 73.75 -62.07 -66.11
N PHE G 3398 73.10 -61.61 -65.05
CA PHE G 3398 73.69 -60.56 -64.23
C PHE G 3398 74.96 -61.04 -63.56
N SER G 3399 75.01 -62.31 -63.15
CA SER G 3399 76.21 -62.82 -62.49
C SER G 3399 77.37 -62.89 -63.46
N VAL G 3400 77.14 -63.38 -64.67
CA VAL G 3400 78.24 -63.42 -65.64
C VAL G 3400 78.66 -62.00 -66.02
N LEU G 3401 77.71 -61.08 -66.11
CA LEU G 3401 78.05 -59.71 -66.43
C LEU G 3401 78.89 -59.08 -65.32
N CYS G 3402 78.54 -59.33 -64.06
CA CYS G 3402 79.34 -58.83 -62.96
C CYS G 3402 80.72 -59.47 -62.94
N ARG G 3403 80.81 -60.74 -63.34
CA ARG G 3403 82.12 -61.38 -63.45
C ARG G 3403 83.00 -60.66 -64.46
N ASP G 3404 82.46 -60.36 -65.63
CA ASP G 3404 83.23 -59.62 -66.62
C ASP G 3404 83.59 -58.22 -66.11
N LEU G 3405 82.64 -57.56 -65.43
CA LEU G 3405 82.91 -56.23 -64.91
C LEU G 3405 84.04 -56.25 -63.90
N TYR G 3406 84.06 -57.23 -63.01
CA TYR G 3406 85.14 -57.27 -62.04
C TYR G 3406 86.42 -57.82 -62.64
N ALA G 3407 86.36 -58.46 -63.79
CA ALA G 3407 87.57 -58.80 -64.53
C ALA G 3407 88.18 -57.62 -65.25
N LEU G 3408 87.39 -56.68 -65.71
CA LEU G 3408 87.90 -55.56 -66.50
C LEU G 3408 88.08 -54.28 -65.71
N TYR G 3409 87.24 -54.02 -64.71
CA TYR G 3409 87.25 -52.71 -64.07
C TYR G 3409 88.52 -52.37 -63.31
N PRO G 3410 89.16 -53.27 -62.56
CA PRO G 3410 90.38 -52.84 -61.86
C PRO G 3410 91.46 -52.31 -62.79
N LEU G 3411 91.61 -52.93 -63.97
CA LEU G 3411 92.56 -52.42 -64.95
C LEU G 3411 92.16 -51.03 -65.41
N LEU G 3412 90.87 -50.82 -65.68
CA LEU G 3412 90.41 -49.49 -66.10
C LEU G 3412 90.59 -48.46 -65.02
N ILE G 3413 90.37 -48.84 -63.76
CA ILE G 3413 90.52 -47.92 -62.64
C ILE G 3413 91.97 -47.47 -62.54
N ARG G 3414 92.90 -48.42 -62.63
CA ARG G 3414 94.30 -48.03 -62.56
C ARG G 3414 94.68 -47.14 -63.74
N TYR G 3415 94.20 -47.47 -64.94
CA TYR G 3415 94.51 -46.66 -66.10
C TYR G 3415 93.95 -45.25 -65.97
N VAL G 3416 92.73 -45.13 -65.45
CA VAL G 3416 92.12 -43.83 -65.23
C VAL G 3416 92.92 -43.04 -64.21
N ASP G 3417 93.36 -43.68 -63.14
CA ASP G 3417 94.17 -42.97 -62.15
C ASP G 3417 95.46 -42.46 -62.78
N ASN G 3418 96.08 -43.25 -63.65
CA ASN G 3418 97.31 -42.78 -64.25
C ASN G 3418 97.12 -41.72 -65.32
N ASN G 3419 95.96 -41.64 -65.97
CA ASN G 3419 95.81 -40.70 -67.06
C ASN G 3419 94.80 -39.59 -66.83
N ARG G 3420 94.19 -39.50 -65.65
CA ARG G 3420 93.18 -38.48 -65.41
C ARG G 3420 93.79 -37.08 -65.36
N ALA G 3421 95.01 -36.95 -64.85
CA ALA G 3421 95.66 -35.65 -64.87
C ALA G 3421 95.75 -35.11 -66.28
N HIS G 3422 96.24 -35.93 -67.21
CA HIS G 3422 96.33 -35.49 -68.59
CA HIS G 3422 96.33 -35.49 -68.59
C HIS G 3422 94.96 -35.22 -69.19
N TRP G 3423 93.98 -36.09 -68.89
CA TRP G 3423 92.66 -35.89 -69.49
C TRP G 3423 92.03 -34.58 -69.03
N LEU G 3424 92.15 -34.27 -67.74
CA LEU G 3424 91.60 -33.00 -67.26
C LEU G 3424 92.39 -31.82 -67.80
N THR G 3425 93.72 -31.93 -67.87
CA THR G 3425 94.52 -30.83 -68.37
C THR G 3425 94.18 -30.50 -69.82
N GLU G 3426 93.99 -31.54 -70.63
CA GLU G 3426 93.62 -31.37 -72.04
C GLU G 3426 92.40 -32.23 -72.32
N PRO G 3427 91.26 -31.65 -72.67
CA PRO G 3427 90.04 -32.44 -72.84
C PRO G 3427 90.24 -33.50 -73.92
N ASN G 3428 89.65 -34.68 -73.69
CA ASN G 3428 89.81 -35.81 -74.59
C ASN G 3428 88.45 -36.41 -74.90
N ALA G 3429 88.11 -36.43 -76.20
CA ALA G 3429 86.82 -36.95 -76.61
C ALA G 3429 86.69 -38.42 -76.24
N ASN G 3430 87.80 -39.17 -76.28
CA ASN G 3430 87.75 -40.57 -75.87
C ASN G 3430 87.43 -40.71 -74.40
N ALA G 3431 88.03 -39.85 -73.56
CA ALA G 3431 87.71 -39.88 -72.15
C ALA G 3431 86.25 -39.51 -71.91
N GLU G 3432 85.73 -38.57 -72.69
CA GLU G 3432 84.32 -38.22 -72.55
C GLU G 3432 83.41 -39.39 -72.92
N GLU G 3433 83.73 -40.08 -74.01
CA GLU G 3433 82.92 -41.23 -74.42
C GLU G 3433 82.98 -42.33 -73.36
N LEU G 3434 84.17 -42.59 -72.81
CA LEU G 3434 84.28 -43.57 -71.75
C LEU G 3434 83.49 -43.17 -70.53
N PHE G 3435 83.43 -41.87 -70.23
CA PHE G 3435 82.61 -41.42 -69.12
C PHE G 3435 81.15 -41.72 -69.35
N ARG G 3436 80.66 -41.39 -70.55
CA ARG G 3436 79.27 -41.71 -70.87
C ARG G 3436 79.01 -43.19 -70.67
N MET G 3437 79.96 -44.00 -71.11
CA MET G 3437 79.78 -45.45 -71.11
C MET G 3437 79.74 -46.00 -69.69
N VAL G 3438 80.71 -45.63 -68.85
CA VAL G 3438 80.70 -46.09 -67.47
C VAL G 3438 79.49 -45.53 -66.73
N GLY G 3439 79.06 -44.32 -67.06
CA GLY G 3439 77.88 -43.77 -66.41
C GLY G 3439 76.62 -44.53 -66.75
N GLU G 3440 76.49 -44.95 -68.01
CA GLU G 3440 75.32 -45.75 -68.37
C GLU G 3440 75.34 -47.09 -67.67
N ILE G 3441 76.52 -47.70 -67.55
CA ILE G 3441 76.60 -48.96 -66.79
C ILE G 3441 76.18 -48.72 -65.35
N PHE G 3442 76.63 -47.62 -64.75
CA PHE G 3442 76.28 -47.34 -63.37
C PHE G 3442 74.80 -47.05 -63.21
N ILE G 3443 74.19 -46.38 -64.19
CA ILE G 3443 72.75 -46.15 -64.17
C ILE G 3443 72.01 -47.48 -64.18
N TYR G 3444 72.42 -48.39 -65.06
CA TYR G 3444 71.81 -49.71 -65.08
C TYR G 3444 71.95 -50.40 -63.73
N TRP G 3445 73.13 -50.28 -63.13
CA TRP G 3445 73.37 -50.90 -61.84
C TRP G 3445 72.44 -50.34 -60.78
N SER G 3446 72.21 -49.02 -60.81
CA SER G 3446 71.38 -48.40 -59.79
C SER G 3446 69.91 -48.73 -59.99
N LYS G 3447 69.45 -48.79 -61.24
CA LYS G 3447 68.04 -49.04 -61.49
C LYS G 3447 67.66 -50.48 -61.20
N SER G 3448 68.50 -51.44 -61.59
CA SER G 3448 68.15 -52.84 -61.48
C SER G 3448 68.53 -53.38 -60.10
N HIS G 3449 67.59 -54.03 -59.44
CA HIS G 3449 67.88 -54.65 -58.15
C HIS G 3449 68.64 -55.95 -58.32
N ASN G 3450 68.34 -56.69 -59.39
CA ASN G 3450 69.07 -57.92 -59.66
C ASN G 3450 70.53 -57.66 -59.92
N PHE G 3451 70.87 -56.52 -60.53
CA PHE G 3451 72.28 -56.18 -60.75
C PHE G 3451 73.01 -56.05 -59.42
N LYS G 3452 72.42 -55.32 -58.47
CA LYS G 3452 73.04 -55.18 -57.17
C LYS G 3452 73.15 -56.52 -56.46
N ARG G 3453 72.08 -57.33 -56.53
CA ARG G 3453 72.09 -58.62 -55.87
C ARG G 3453 73.20 -59.50 -56.42
N GLU G 3454 73.33 -59.56 -57.74
CA GLU G 3454 74.35 -60.41 -58.36
C GLU G 3454 75.74 -59.87 -58.09
N GLU G 3455 75.90 -58.54 -58.05
CA GLU G 3455 77.22 -58.00 -57.74
C GLU G 3455 77.66 -58.35 -56.34
N GLN G 3456 76.77 -58.17 -55.36
CA GLN G 3456 77.14 -58.50 -53.98
C GLN G 3456 77.39 -59.99 -53.86
N ASN G 3457 76.56 -60.81 -54.52
CA ASN G 3457 76.76 -62.25 -54.48
C ASN G 3457 78.12 -62.63 -55.07
N PHE G 3458 78.47 -62.03 -56.20
CA PHE G 3458 79.76 -62.33 -56.82
C PHE G 3458 80.90 -61.98 -55.89
N VAL G 3459 80.85 -60.79 -55.29
CA VAL G 3459 81.93 -60.37 -54.41
C VAL G 3459 82.07 -61.34 -53.24
N VAL G 3460 80.96 -61.66 -52.57
CA VAL G 3460 81.05 -62.48 -51.38
C VAL G 3460 81.45 -63.91 -51.73
N GLN G 3461 80.97 -64.43 -52.85
CA GLN G 3461 81.22 -65.84 -53.15
C GLN G 3461 82.61 -66.05 -53.73
N ASN G 3462 83.19 -65.04 -54.39
CA ASN G 3462 84.55 -65.18 -54.89
C ASN G 3462 85.59 -64.54 -53.98
N GLU G 3463 85.17 -63.97 -52.85
CA GLU G 3463 86.08 -63.34 -51.90
C GLU G 3463 86.91 -62.26 -52.57
N ILE G 3464 86.28 -61.50 -53.47
CA ILE G 3464 86.95 -60.37 -54.11
C ILE G 3464 87.25 -59.32 -53.06
N ASN G 3465 88.53 -58.99 -52.91
CA ASN G 3465 88.94 -58.08 -51.86
C ASN G 3465 88.33 -56.69 -52.05
N ASN G 3466 88.29 -56.21 -53.30
CA ASN G 3466 87.68 -54.93 -53.66
C ASN G 3466 88.31 -53.76 -52.92
N MET G 3467 89.46 -54.01 -52.29
CA MET G 3467 90.16 -53.04 -51.48
C MET G 3467 91.57 -52.77 -51.99
N SER G 3468 92.33 -53.82 -52.29
CA SER G 3468 93.60 -53.63 -52.96
C SER G 3468 93.41 -53.04 -54.35
N PHE G 3469 92.25 -53.26 -54.97
CA PHE G 3469 91.95 -52.63 -56.24
C PHE G 3469 91.94 -51.11 -56.12
N LEU G 3470 91.80 -50.58 -54.91
CA LEU G 3470 91.90 -49.15 -54.68
C LEU G 3470 93.21 -48.72 -54.01
N THR G 3471 93.87 -49.62 -53.28
CA THR G 3471 95.12 -49.28 -52.62
C THR G 3471 96.35 -49.75 -53.38
N ALA G 3472 96.21 -50.23 -54.61
CA ALA G 3472 97.36 -50.66 -55.38
C ALA G 3472 98.33 -49.52 -55.63
N ASP G 3473 97.81 -48.35 -55.99
CA ASP G 3473 98.66 -47.19 -56.21
C ASP G 3473 99.31 -46.73 -54.91
N SER G 3474 98.57 -46.78 -53.81
CA SER G 3474 99.14 -46.40 -52.51
C SER G 3474 100.30 -47.31 -52.14
N LYS G 3475 100.15 -48.62 -52.36
CA LYS G 3475 101.25 -49.54 -52.07
C LYS G 3475 102.41 -49.37 -53.06
N SER G 3476 102.10 -49.10 -54.33
CA SER G 3476 103.16 -48.95 -55.33
C SER G 3476 104.00 -47.71 -55.08
N LYS G 3477 103.38 -46.65 -54.59
CA LYS G 3477 104.11 -45.43 -54.25
C LYS G 3477 104.86 -45.54 -52.93
N MET G 3478 104.90 -46.72 -52.32
CA MET G 3478 105.61 -46.99 -51.07
C MET G 3478 105.12 -46.06 -49.96
N ALA G 3479 103.83 -46.19 -49.66
CA ALA G 3479 103.20 -45.41 -48.60
C ALA G 3479 103.72 -45.83 -47.23
N ARG G 3498 88.04 -52.92 -41.84
CA ARG G 3498 87.45 -53.06 -40.52
C ARG G 3498 85.93 -52.97 -40.60
N ARG G 3499 85.43 -51.79 -41.00
CA ARG G 3499 83.99 -51.58 -41.10
C ARG G 3499 83.40 -52.41 -42.24
N GLY G 3500 83.86 -52.16 -43.46
CA GLY G 3500 83.37 -52.88 -44.62
C GLY G 3500 84.47 -53.67 -45.30
N ASP G 3501 85.32 -54.33 -44.50
CA ASP G 3501 86.46 -55.06 -45.06
C ASP G 3501 86.01 -56.17 -46.00
N ARG G 3502 84.96 -56.92 -45.62
CA ARG G 3502 84.47 -57.98 -46.47
C ARG G 3502 83.84 -57.43 -47.74
N TYR G 3503 82.94 -56.46 -47.60
CA TYR G 3503 82.29 -55.84 -48.75
C TYR G 3503 81.59 -54.57 -48.29
N SER G 3504 81.74 -53.51 -49.07
CA SER G 3504 81.08 -52.25 -48.78
C SER G 3504 80.75 -51.56 -50.09
N VAL G 3505 79.60 -50.87 -50.12
CA VAL G 3505 79.22 -50.12 -51.30
C VAL G 3505 80.23 -49.03 -51.60
N GLN G 3506 80.79 -48.41 -50.56
CA GLN G 3506 81.79 -47.36 -50.76
C GLN G 3506 83.00 -47.89 -51.53
N THR G 3507 83.28 -49.19 -51.39
CA THR G 3507 84.42 -49.81 -52.06
C THR G 3507 84.01 -50.68 -53.26
N SER G 3508 82.75 -50.62 -53.68
CA SER G 3508 82.33 -51.36 -54.85
C SER G 3508 83.01 -50.81 -56.10
N LEU G 3509 83.42 -51.71 -56.99
CA LEU G 3509 84.11 -51.25 -58.20
C LEU G 3509 83.19 -50.49 -59.14
N ILE G 3510 81.93 -50.91 -59.25
CA ILE G 3510 81.04 -50.28 -60.21
C ILE G 3510 80.83 -48.81 -59.87
N VAL G 3511 80.61 -48.51 -58.59
CA VAL G 3511 80.48 -47.11 -58.19
C VAL G 3511 81.84 -46.43 -58.07
N ALA G 3512 82.89 -47.17 -57.74
CA ALA G 3512 84.20 -46.56 -57.56
C ALA G 3512 84.73 -46.00 -58.88
N THR G 3513 84.54 -46.74 -59.97
CA THR G 3513 84.99 -46.25 -61.26
C THR G 3513 84.26 -44.97 -61.64
N LEU G 3514 82.95 -44.93 -61.42
CA LEU G 3514 82.19 -43.74 -61.76
C LEU G 3514 82.64 -42.56 -60.90
N LYS G 3515 82.85 -42.78 -59.60
CA LYS G 3515 83.34 -41.69 -58.78
C LYS G 3515 84.70 -41.20 -59.23
N LYS G 3516 85.61 -42.11 -59.56
CA LYS G 3516 86.93 -41.69 -59.99
C LYS G 3516 86.87 -40.90 -61.29
N MET G 3517 86.02 -41.31 -62.22
CA MET G 3517 86.10 -40.68 -63.52
C MET G 3517 84.98 -39.68 -63.75
N LEU G 3518 84.20 -39.36 -62.72
CA LEU G 3518 83.27 -38.24 -62.80
C LEU G 3518 83.91 -36.92 -63.20
N PRO G 3519 85.05 -36.50 -62.64
CA PRO G 3519 85.57 -35.17 -62.99
C PRO G 3519 85.78 -34.98 -64.47
N ILE G 3520 86.12 -36.04 -65.20
CA ILE G 3520 86.22 -35.94 -66.64
C ILE G 3520 84.89 -35.52 -67.24
N GLY G 3521 83.80 -36.10 -66.74
CA GLY G 3521 82.49 -35.71 -67.23
C GLY G 3521 82.11 -34.30 -66.84
N LEU G 3522 82.34 -33.93 -65.57
CA LEU G 3522 82.00 -32.58 -65.13
C LEU G 3522 82.79 -31.54 -65.91
N ASN G 3523 84.00 -31.88 -66.36
CA ASN G 3523 84.77 -30.94 -67.17
C ASN G 3523 84.13 -30.71 -68.53
N MET G 3524 83.28 -31.62 -69.00
CA MET G 3524 82.57 -31.37 -70.25
C MET G 3524 81.67 -30.16 -70.13
N CYS G 3525 80.94 -30.06 -69.03
CA CYS G 3525 79.92 -29.02 -68.89
C CYS G 3525 80.53 -27.71 -68.45
N ALA G 3526 80.14 -26.63 -69.13
CA ALA G 3526 80.56 -25.30 -68.74
C ALA G 3526 79.98 -24.95 -67.37
N PRO G 3527 80.66 -24.08 -66.62
CA PRO G 3527 80.13 -23.71 -65.30
C PRO G 3527 78.76 -23.07 -65.37
N THR G 3528 78.43 -22.43 -66.48
CA THR G 3528 77.14 -21.76 -66.60
C THR G 3528 75.97 -22.73 -66.58
N ASP G 3529 76.22 -24.02 -66.75
CA ASP G 3529 75.15 -25.01 -66.84
C ASP G 3529 74.75 -25.59 -65.50
N GLN G 3530 75.21 -25.00 -64.39
CA GLN G 3530 74.90 -25.57 -63.08
C GLN G 3530 73.40 -25.54 -62.79
N ASP G 3531 72.74 -24.43 -63.13
CA ASP G 3531 71.30 -24.36 -62.90
C ASP G 3531 70.57 -25.41 -63.71
N LEU G 3532 70.97 -25.59 -64.97
CA LEU G 3532 70.36 -26.62 -65.80
C LEU G 3532 70.60 -28.00 -65.22
N ILE G 3533 71.79 -28.23 -64.68
CA ILE G 3533 72.10 -29.51 -64.06
C ILE G 3533 71.18 -29.75 -62.87
N MET G 3534 70.98 -28.74 -62.03
CA MET G 3534 70.07 -28.90 -60.90
C MET G 3534 68.65 -29.17 -61.37
N LEU G 3535 68.19 -28.46 -62.40
CA LEU G 3535 66.84 -28.69 -62.90
C LEU G 3535 66.67 -30.11 -63.40
N ALA G 3536 67.64 -30.60 -64.17
CA ALA G 3536 67.53 -31.97 -64.68
C ALA G 3536 67.63 -32.97 -63.55
N LYS G 3537 68.41 -32.67 -62.51
CA LYS G 3537 68.44 -33.54 -61.34
C LYS G 3537 67.08 -33.61 -60.68
N THR G 3538 66.38 -32.48 -60.60
CA THR G 3538 65.02 -32.49 -60.06
C THR G 3538 64.10 -33.36 -60.93
N ARG G 3539 64.14 -33.15 -62.24
CA ARG G 3539 63.28 -33.93 -63.12
C ARG G 3539 63.55 -35.42 -62.98
N TYR G 3540 64.82 -35.81 -62.95
CA TYR G 3540 65.17 -37.19 -62.70
C TYR G 3540 64.66 -37.67 -61.34
N ALA G 3541 64.73 -36.81 -60.32
CA ALA G 3541 64.17 -37.16 -59.03
C ALA G 3541 62.69 -37.43 -59.08
N LEU G 3542 61.97 -36.77 -60.00
CA LEU G 3542 60.58 -37.09 -60.26
C LEU G 3542 60.41 -38.21 -61.28
N LYS G 3543 61.42 -39.07 -61.42
CA LYS G 3543 61.33 -40.30 -62.20
C LYS G 3543 60.92 -40.02 -63.65
N ASP G 3544 61.76 -39.27 -64.34
CA ASP G 3544 61.55 -38.91 -65.73
C ASP G 3544 62.61 -39.58 -66.59
N THR G 3545 62.29 -39.82 -67.86
CA THR G 3545 63.21 -40.56 -68.70
C THR G 3545 64.18 -39.62 -69.40
N ASP G 3546 65.12 -40.20 -70.13
CA ASP G 3546 66.13 -39.43 -70.83
C ASP G 3546 65.51 -38.48 -71.84
N GLU G 3547 64.52 -38.96 -72.61
CA GLU G 3547 63.86 -38.08 -73.56
C GLU G 3547 63.14 -36.95 -72.85
N GLU G 3548 62.50 -37.24 -71.73
CA GLU G 3548 61.78 -36.21 -70.99
C GLU G 3548 62.72 -35.12 -70.51
N VAL G 3549 63.84 -35.49 -69.91
CA VAL G 3549 64.76 -34.47 -69.43
C VAL G 3549 65.40 -33.73 -70.60
N ARG G 3550 65.64 -34.43 -71.71
CA ARG G 3550 66.18 -33.77 -72.89
C ARG G 3550 65.24 -32.68 -73.39
N GLU G 3551 63.96 -33.00 -73.53
CA GLU G 3551 63.02 -31.99 -74.02
C GLU G 3551 62.79 -30.90 -73.00
N PHE G 3552 62.81 -31.22 -71.71
CA PHE G 3552 62.68 -30.20 -70.68
C PHE G 3552 63.83 -29.21 -70.75
N LEU G 3553 65.05 -29.71 -70.90
CA LEU G 3553 66.21 -28.84 -71.08
C LEU G 3553 66.12 -28.06 -72.39
N GLN G 3554 65.58 -28.68 -73.44
CA GLN G 3554 65.43 -27.99 -74.71
C GLN G 3554 64.49 -26.80 -74.58
N ASN G 3555 63.38 -26.98 -73.87
CA ASN G 3555 62.42 -25.90 -73.69
C ASN G 3555 62.88 -24.86 -72.67
N ASN G 3556 63.72 -25.23 -71.71
CA ASN G 3556 64.11 -24.33 -70.63
C ASN G 3556 65.56 -23.87 -70.79
N LEU G 3557 65.98 -23.62 -72.03
CA LEU G 3557 67.40 -23.38 -72.30
C LEU G 3557 67.86 -22.02 -71.82
N HIS G 3558 66.95 -21.09 -71.55
CA HIS G 3558 67.29 -19.72 -71.16
C HIS G 3558 67.37 -19.52 -69.66
N LEU G 3559 67.38 -20.58 -68.87
CA LEU G 3559 67.60 -20.48 -67.42
C LEU G 3559 69.07 -20.48 -67.04
N GLN G 3560 69.98 -20.69 -67.99
CA GLN G 3560 71.38 -20.92 -67.64
C GLN G 3560 71.97 -19.72 -66.91
N GLY G 3561 72.77 -20.02 -65.89
CA GLY G 3561 73.38 -18.98 -65.09
C GLY G 3561 74.24 -18.05 -65.92
N LYS G 3562 74.00 -16.76 -65.75
CA LYS G 3562 74.72 -15.72 -66.48
C LYS G 3562 75.97 -15.34 -65.71
N VAL G 3563 77.03 -14.99 -66.45
CA VAL G 3563 78.32 -14.72 -65.84
C VAL G 3563 78.26 -13.46 -64.97
N GLU G 3564 77.56 -12.42 -65.44
CA GLU G 3564 77.49 -11.17 -64.70
C GLU G 3564 76.81 -11.32 -63.35
N GLY G 3565 75.73 -12.09 -63.28
CA GLY G 3565 74.94 -12.16 -62.07
C GLY G 3565 75.56 -12.96 -60.95
N SER G 3566 76.62 -13.71 -61.23
CA SER G 3566 77.31 -14.49 -60.21
C SER G 3566 78.80 -14.20 -60.30
N PRO G 3567 79.42 -13.72 -59.23
CA PRO G 3567 80.85 -13.38 -59.29
C PRO G 3567 81.71 -14.63 -59.38
N SER G 3568 81.23 -15.73 -58.78
CA SER G 3568 81.95 -16.99 -58.87
C SER G 3568 82.09 -17.45 -60.32
N LEU G 3569 81.01 -17.33 -61.09
CA LEU G 3569 81.04 -17.71 -62.48
C LEU G 3569 82.07 -16.94 -63.27
N ARG G 3570 82.44 -15.73 -62.84
CA ARG G 3570 83.41 -14.97 -63.60
C ARG G 3570 84.75 -15.71 -63.67
N TRP G 3571 85.30 -16.07 -62.52
CA TRP G 3571 86.58 -16.77 -62.55
C TRP G 3571 86.42 -18.21 -62.99
N GLN G 3572 85.29 -18.87 -62.68
CA GLN G 3572 85.11 -20.22 -63.17
C GLN G 3572 85.05 -20.25 -64.70
N MET G 3573 84.30 -19.32 -65.30
CA MET G 3573 84.21 -19.25 -66.75
C MET G 3573 85.53 -18.85 -67.37
N ALA G 3574 86.28 -17.95 -66.73
CA ALA G 3574 87.60 -17.62 -67.24
C ALA G 3574 88.49 -18.85 -67.28
N LEU G 3575 88.50 -19.61 -66.19
CA LEU G 3575 89.32 -20.83 -66.14
C LEU G 3575 88.85 -21.83 -67.18
N TYR G 3576 87.53 -21.97 -67.36
CA TYR G 3576 86.99 -22.93 -68.31
C TYR G 3576 87.36 -22.58 -69.74
N ARG G 3577 87.17 -21.32 -70.13
CA ARG G 3577 87.54 -20.90 -71.47
C ARG G 3577 89.04 -20.82 -71.66
N GLY G 3578 89.82 -20.90 -70.58
CA GLY G 3578 91.25 -20.97 -70.75
C GLY G 3578 91.78 -22.31 -71.23
N LEU G 3579 90.92 -23.33 -71.32
CA LEU G 3579 91.35 -24.64 -71.76
C LEU G 3579 91.68 -24.63 -73.25
N PRO G 3580 92.54 -25.53 -73.72
CA PRO G 3580 92.97 -25.47 -75.12
C PRO G 3580 91.88 -25.82 -76.11
N GLY G 3581 91.17 -26.92 -75.90
CA GLY G 3581 90.26 -27.44 -76.91
C GLY G 3581 88.83 -26.96 -76.77
N ARG G 3582 88.63 -25.83 -76.12
CA ARG G 3582 87.30 -25.26 -75.96
C ARG G 3582 86.97 -24.38 -77.17
N GLU G 3583 85.99 -24.80 -77.95
CA GLU G 3583 85.53 -24.05 -79.12
C GLU G 3583 84.09 -23.59 -78.89
N GLU G 3584 83.82 -22.33 -79.26
CA GLU G 3584 82.49 -21.79 -79.08
C GLU G 3584 81.43 -22.50 -79.93
N ASP G 3585 81.85 -23.10 -81.04
CA ASP G 3585 80.90 -23.85 -81.87
C ASP G 3585 80.38 -25.08 -81.17
N ALA G 3586 81.12 -25.63 -80.20
CA ALA G 3586 80.66 -26.79 -79.46
C ALA G 3586 79.46 -26.48 -78.57
N ASP G 3587 79.14 -25.21 -78.38
CA ASP G 3587 77.99 -24.82 -77.55
C ASP G 3587 76.70 -24.79 -78.37
N ASP G 3588 76.45 -25.87 -79.08
CA ASP G 3588 75.15 -26.03 -79.73
C ASP G 3588 74.12 -26.46 -78.70
N PRO G 3589 72.86 -26.09 -78.90
CA PRO G 3589 71.83 -26.48 -77.93
C PRO G 3589 71.72 -27.98 -77.74
N GLU G 3590 71.89 -28.76 -78.81
CA GLU G 3590 71.81 -30.21 -78.67
C GLU G 3590 72.97 -30.76 -77.85
N LYS G 3591 74.18 -30.27 -78.10
CA LYS G 3591 75.32 -30.71 -77.31
C LYS G 3591 75.15 -30.32 -75.85
N ILE G 3592 74.64 -29.11 -75.60
CA ILE G 3592 74.43 -28.67 -74.24
C ILE G 3592 73.43 -29.57 -73.54
N VAL G 3593 72.31 -29.87 -74.20
CA VAL G 3593 71.31 -30.69 -73.54
C VAL G 3593 71.82 -32.11 -73.35
N ARG G 3594 72.58 -32.64 -74.29
CA ARG G 3594 73.13 -33.98 -74.11
C ARG G 3594 74.02 -34.03 -72.89
N ARG G 3595 75.00 -33.13 -72.82
CA ARG G 3595 75.95 -33.21 -71.71
C ARG G 3595 75.26 -32.95 -70.38
N VAL G 3596 74.32 -32.00 -70.34
CA VAL G 3596 73.63 -31.71 -69.09
C VAL G 3596 72.78 -32.89 -68.65
N GLN G 3597 72.08 -33.53 -69.59
CA GLN G 3597 71.30 -34.71 -69.24
C GLN G 3597 72.17 -35.80 -68.68
N GLU G 3598 73.28 -36.10 -69.35
CA GLU G 3598 74.16 -37.18 -68.92
C GLU G 3598 74.68 -36.93 -67.52
N VAL G 3599 75.25 -35.74 -67.30
CA VAL G 3599 75.85 -35.44 -66.00
C VAL G 3599 74.78 -35.40 -64.92
N SER G 3600 73.59 -34.89 -65.24
CA SER G 3600 72.52 -34.86 -64.25
C SER G 3600 72.12 -36.27 -63.84
N ALA G 3601 71.99 -37.18 -64.81
CA ALA G 3601 71.60 -38.53 -64.48
C ALA G 3601 72.62 -39.19 -63.56
N VAL G 3602 73.91 -39.08 -63.92
CA VAL G 3602 74.93 -39.72 -63.12
C VAL G 3602 74.99 -39.10 -61.72
N LEU G 3603 74.82 -37.78 -61.64
CA LEU G 3603 74.85 -37.12 -60.33
C LEU G 3603 73.69 -37.57 -59.46
N TYR G 3604 72.49 -37.64 -60.05
CA TYR G 3604 71.32 -38.03 -59.28
C TYR G 3604 71.52 -39.43 -58.69
N HIS G 3605 71.85 -40.39 -59.56
CA HIS G 3605 71.98 -41.74 -59.06
C HIS G 3605 73.17 -41.89 -58.11
N LEU G 3606 74.26 -41.15 -58.33
CA LEU G 3606 75.41 -41.26 -57.45
C LEU G 3606 75.09 -40.72 -56.06
N GLU G 3607 74.35 -39.61 -55.99
CA GLU G 3607 73.96 -39.13 -54.67
C GLU G 3607 72.96 -40.06 -54.00
N GLN G 3608 72.08 -40.69 -54.78
CA GLN G 3608 71.25 -41.74 -54.19
C GLN G 3608 72.10 -42.83 -53.56
N THR G 3609 73.14 -43.30 -54.26
CA THR G 3609 74.00 -44.33 -53.72
C THR G 3609 74.75 -43.88 -52.48
N GLU G 3610 75.41 -42.72 -52.54
CA GLU G 3610 76.21 -42.26 -51.42
C GLU G 3610 75.36 -41.99 -50.20
N HIS G 3611 74.20 -41.34 -50.38
CA HIS G 3611 73.26 -41.10 -49.30
C HIS G 3611 72.05 -41.99 -49.55
N PRO G 3612 72.02 -43.21 -49.02
CA PRO G 3612 70.90 -44.11 -49.33
C PRO G 3612 69.56 -43.61 -48.86
N TYR G 3613 69.54 -42.67 -47.91
CA TYR G 3613 68.31 -42.08 -47.35
C TYR G 3613 67.27 -43.14 -46.97
N LYS G 3614 67.72 -44.36 -46.70
CA LYS G 3614 66.83 -45.43 -46.27
C LYS G 3614 66.53 -45.38 -44.79
N SER G 3615 67.16 -44.46 -44.06
CA SER G 3615 66.83 -44.24 -42.65
C SER G 3615 65.44 -43.61 -42.54
N LYS G 3616 64.94 -43.56 -41.30
CA LYS G 3616 63.60 -43.06 -40.99
C LYS G 3616 62.52 -43.90 -41.66
N LYS G 3617 62.89 -45.10 -42.12
CA LYS G 3617 61.95 -46.03 -42.72
C LYS G 3617 61.84 -47.29 -41.87
N ALA G 3618 62.98 -47.94 -41.61
CA ALA G 3618 63.08 -49.05 -40.67
C ALA G 3618 64.24 -48.70 -39.73
N VAL G 3619 63.93 -47.95 -38.67
CA VAL G 3619 64.90 -47.61 -37.63
C VAL G 3619 64.92 -48.73 -36.60
N TRP G 3620 65.85 -48.65 -35.66
CA TRP G 3620 65.84 -49.57 -34.53
C TRP G 3620 64.52 -49.38 -33.78
N HIS G 3621 63.65 -50.38 -33.84
CA HIS G 3621 62.25 -50.21 -33.45
C HIS G 3621 61.83 -50.98 -32.20
N LYS G 3622 62.46 -52.13 -31.93
CA LYS G 3622 62.10 -53.03 -30.83
C LYS G 3622 60.58 -53.11 -30.65
N LEU G 3623 59.92 -53.54 -31.74
CA LEU G 3623 58.46 -53.62 -31.76
C LEU G 3623 57.95 -54.47 -30.60
N LEU G 3624 58.46 -55.70 -30.49
CA LEU G 3624 58.22 -56.50 -29.31
C LEU G 3624 59.45 -57.31 -28.90
N SER G 3625 60.63 -57.03 -29.46
CA SER G 3625 61.78 -57.90 -29.29
C SER G 3625 62.27 -57.91 -27.85
N LYS G 3626 62.49 -56.73 -27.27
CA LYS G 3626 63.19 -56.63 -25.99
C LYS G 3626 62.43 -57.28 -24.85
N GLN G 3627 61.14 -57.57 -25.02
CA GLN G 3627 60.36 -58.26 -23.99
C GLN G 3627 59.68 -59.52 -24.46
N ARG G 3628 59.74 -59.85 -25.75
CA ARG G 3628 59.11 -61.04 -26.28
C ARG G 3628 60.11 -61.95 -27.01
N ARG G 3629 61.41 -61.68 -26.87
CA ARG G 3629 62.40 -62.58 -27.46
C ARG G 3629 62.35 -63.96 -26.81
N ARG G 3630 62.16 -64.01 -25.50
CA ARG G 3630 61.96 -65.30 -24.84
C ARG G 3630 60.77 -66.06 -25.41
N ALA G 3631 59.66 -65.37 -25.63
CA ALA G 3631 58.47 -66.03 -26.16
C ALA G 3631 58.70 -66.54 -27.58
N VAL G 3632 59.29 -65.70 -28.44
CA VAL G 3632 59.48 -66.09 -29.83
C VAL G 3632 60.50 -67.23 -29.92
N VAL G 3633 61.49 -67.26 -29.04
CA VAL G 3633 62.44 -68.36 -29.03
C VAL G 3633 61.78 -69.64 -28.52
N ALA G 3634 60.99 -69.54 -27.44
CA ALA G 3634 60.33 -70.73 -26.90
C ALA G 3634 59.30 -71.30 -27.86
N CYS G 3635 58.75 -70.47 -28.75
CA CYS G 3635 57.78 -70.97 -29.71
C CYS G 3635 58.39 -72.04 -30.61
N PHE G 3636 59.70 -72.00 -30.81
CA PHE G 3636 60.36 -72.93 -31.73
C PHE G 3636 60.82 -74.22 -31.09
N ARG G 3637 60.66 -74.38 -29.77
CA ARG G 3637 61.19 -75.55 -29.07
C ARG G 3637 60.12 -76.26 -28.24
N MET G 3638 58.97 -75.63 -28.02
CA MET G 3638 58.03 -76.18 -27.05
C MET G 3638 57.42 -77.48 -27.57
N THR G 3639 56.88 -78.26 -26.66
CA THR G 3639 56.63 -79.68 -26.91
C THR G 3639 55.38 -79.90 -27.76
N PRO G 3640 55.35 -80.94 -28.59
CA PRO G 3640 54.11 -81.27 -29.31
C PRO G 3640 53.14 -82.00 -28.39
N LEU G 3641 51.89 -82.08 -28.84
CA LEU G 3641 50.84 -82.68 -28.03
C LEU G 3641 51.02 -84.19 -27.92
N TYR G 3642 51.53 -84.84 -28.97
CA TYR G 3642 51.67 -86.28 -28.95
C TYR G 3642 52.77 -86.77 -28.01
N ASN G 3643 53.60 -85.88 -27.48
CA ASN G 3643 54.60 -86.26 -26.51
C ASN G 3643 54.13 -86.08 -25.07
N LEU G 3644 52.99 -85.46 -24.86
CA LEU G 3644 52.51 -85.26 -23.50
C LEU G 3644 52.00 -86.56 -22.91
N PRO G 3645 52.03 -86.69 -21.58
CA PRO G 3645 51.44 -87.87 -20.94
C PRO G 3645 49.94 -87.90 -21.13
N THR G 3646 49.39 -89.12 -21.08
CA THR G 3646 47.99 -89.33 -21.39
C THR G 3646 47.07 -88.56 -20.46
N HIS G 3647 47.38 -88.53 -19.17
CA HIS G 3647 46.47 -87.91 -18.23
C HIS G 3647 46.46 -86.39 -18.39
N ARG G 3648 47.63 -85.78 -18.58
CA ARG G 3648 47.66 -84.35 -18.88
C ARG G 3648 46.90 -84.05 -20.16
N ALA G 3649 47.09 -84.88 -21.19
CA ALA G 3649 46.38 -84.66 -22.44
C ALA G 3649 44.88 -84.75 -22.23
N CYS G 3650 44.42 -85.72 -21.43
CA CYS G 3650 43.00 -85.86 -21.18
C CYS G 3650 42.45 -84.65 -20.42
N ASN G 3651 43.22 -84.12 -19.48
CA ASN G 3651 42.76 -82.97 -18.72
C ASN G 3651 42.62 -81.74 -19.61
N MET G 3652 43.63 -81.48 -20.45
CA MET G 3652 43.50 -80.37 -21.40
C MET G 3652 42.34 -80.61 -22.36
N PHE G 3653 42.12 -81.87 -22.74
CA PHE G 3653 40.98 -82.19 -23.59
C PHE G 3653 39.68 -81.83 -22.91
N LEU G 3654 39.54 -82.15 -21.63
CA LEU G 3654 38.31 -81.83 -20.92
C LEU G 3654 38.09 -80.33 -20.87
N GLU G 3655 39.15 -79.57 -20.61
CA GLU G 3655 39.01 -78.12 -20.59
C GLU G 3655 38.56 -77.60 -21.96
N SER G 3656 39.23 -78.04 -23.02
CA SER G 3656 38.88 -77.58 -24.36
C SER G 3656 37.45 -77.98 -24.72
N TYR G 3657 37.05 -79.20 -24.37
CA TYR G 3657 35.73 -79.68 -24.71
C TYR G 3657 34.64 -78.90 -23.98
N LYS G 3658 34.81 -78.66 -22.69
CA LYS G 3658 33.78 -77.91 -21.98
C LYS G 3658 33.77 -76.45 -22.43
N ALA G 3659 34.90 -75.93 -22.88
CA ALA G 3659 34.92 -74.54 -23.35
C ALA G 3659 34.30 -74.40 -24.74
N ALA G 3660 34.50 -75.36 -25.61
CA ALA G 3660 34.13 -75.18 -27.01
C ALA G 3660 32.90 -75.97 -27.44
N TRP G 3661 32.43 -76.90 -26.62
CA TRP G 3661 31.32 -77.75 -27.03
C TRP G 3661 30.17 -77.78 -26.04
N ILE G 3662 30.46 -77.76 -24.75
CA ILE G 3662 29.39 -77.77 -23.76
C ILE G 3662 28.92 -76.37 -23.42
N LEU G 3663 29.87 -75.44 -23.28
CA LEU G 3663 29.49 -74.05 -23.06
C LEU G 3663 28.74 -73.47 -24.25
N THR G 3664 29.21 -73.76 -25.47
CA THR G 3664 28.58 -73.19 -26.65
C THR G 3664 27.20 -73.76 -26.91
N GLU G 3665 26.82 -74.82 -26.22
CA GLU G 3665 25.53 -75.45 -26.45
C GLU G 3665 24.40 -74.57 -25.92
N ASP G 3666 23.32 -74.48 -26.70
CA ASP G 3666 22.14 -73.72 -26.33
C ASP G 3666 21.04 -74.70 -25.96
N HIS G 3667 20.41 -74.47 -24.80
CA HIS G 3667 19.29 -75.30 -24.37
C HIS G 3667 18.29 -74.39 -23.68
N SER G 3668 17.14 -74.19 -24.32
CA SER G 3668 16.08 -73.37 -23.78
C SER G 3668 15.13 -74.27 -22.99
N PHE G 3669 15.03 -74.02 -21.69
CA PHE G 3669 14.13 -74.76 -20.83
C PHE G 3669 13.40 -73.88 -19.84
N GLU G 3670 13.71 -72.59 -19.78
CA GLU G 3670 13.07 -71.71 -18.80
C GLU G 3670 11.58 -71.62 -19.05
N ASP G 3671 11.18 -71.36 -20.31
CA ASP G 3671 9.77 -71.25 -20.61
C ASP G 3671 9.03 -72.55 -20.35
N ARG G 3672 9.65 -73.69 -20.73
CA ARG G 3672 9.01 -74.96 -20.46
C ARG G 3672 8.84 -75.19 -18.97
N MET G 3673 9.85 -74.88 -18.17
CA MET G 3673 9.72 -75.14 -16.74
C MET G 3673 8.69 -74.22 -16.11
N ILE G 3674 8.64 -72.95 -16.53
CA ILE G 3674 7.66 -72.04 -15.97
C ILE G 3674 6.26 -72.45 -16.38
N ASP G 3675 6.08 -72.91 -17.63
CA ASP G 3675 4.79 -73.42 -18.05
C ASP G 3675 4.39 -74.66 -17.25
N ASP G 3676 5.35 -75.54 -16.99
CA ASP G 3676 5.06 -76.73 -16.19
C ASP G 3676 4.64 -76.37 -14.79
N LEU G 3677 5.34 -75.40 -14.18
CA LEU G 3677 5.07 -75.01 -12.81
C LEU G 3677 3.86 -74.11 -12.65
N SER G 3678 3.36 -73.53 -13.74
CA SER G 3678 2.23 -72.62 -13.65
C SER G 3678 0.89 -73.32 -13.71
N LYS G 3679 0.87 -74.64 -13.81
CA LYS G 3679 -0.36 -75.41 -13.98
C LYS G 3679 -0.77 -76.02 -12.65
N ALA G 3680 -2.08 -76.02 -12.38
CA ALA G 3680 -2.63 -76.75 -11.25
C ALA G 3680 -3.13 -78.10 -11.72
N GLY G 3681 -2.84 -79.14 -10.96
CA GLY G 3681 -3.13 -80.48 -11.43
C GLY G 3681 -4.40 -81.13 -10.91
N GLU G 3682 -5.43 -81.15 -11.76
CA GLU G 3682 -6.65 -81.94 -11.58
C GLU G 3682 -7.11 -81.97 -10.13
N GLN G 3683 -7.16 -80.80 -9.51
CA GLN G 3683 -7.74 -80.65 -8.18
C GLN G 3683 -9.08 -79.92 -8.22
N GLU G 3684 -9.73 -79.87 -9.39
CA GLU G 3684 -10.97 -79.13 -9.57
C GLU G 3684 -12.18 -80.05 -9.70
N GLU G 3685 -12.14 -81.21 -9.06
CA GLU G 3685 -13.24 -82.16 -9.12
C GLU G 3685 -14.14 -82.08 -7.90
N GLU G 3686 -13.85 -81.19 -6.96
CA GLU G 3686 -14.72 -81.00 -5.81
C GLU G 3686 -15.44 -79.67 -5.85
N GLU G 3687 -14.79 -78.62 -6.36
CA GLU G 3687 -15.31 -77.24 -6.41
C GLU G 3687 -16.10 -76.88 -5.16
N GLU G 3688 -15.51 -77.20 -4.02
CA GLU G 3688 -16.08 -76.86 -2.72
C GLU G 3688 -15.53 -75.51 -2.28
N GLU G 3689 -15.71 -75.15 -1.01
CA GLU G 3689 -15.27 -73.86 -0.49
C GLU G 3689 -13.77 -73.83 -0.25
N VAL G 3690 -13.04 -74.69 -0.97
CA VAL G 3690 -11.58 -74.74 -0.96
C VAL G 3690 -11.03 -73.55 -1.73
N GLU G 3691 -11.92 -72.65 -2.17
CA GLU G 3691 -11.61 -71.55 -3.08
C GLU G 3691 -10.48 -70.65 -2.59
N GLU G 3692 -9.99 -70.90 -1.36
CA GLU G 3692 -8.71 -70.34 -0.96
C GLU G 3692 -7.64 -70.56 -2.03
N LYS G 3693 -7.79 -71.62 -2.83
CA LYS G 3693 -6.97 -71.85 -4.02
C LYS G 3693 -5.49 -71.93 -3.67
N LYS G 3694 -5.16 -73.01 -2.98
CA LYS G 3694 -3.78 -73.34 -2.62
C LYS G 3694 -2.85 -73.02 -3.77
N PRO G 3695 -1.70 -72.43 -3.50
CA PRO G 3695 -0.84 -71.93 -4.58
C PRO G 3695 -0.40 -73.05 -5.52
N ASP G 3696 -0.24 -72.69 -6.79
CA ASP G 3696 0.36 -73.58 -7.76
C ASP G 3696 1.85 -73.69 -7.47
N PRO G 3697 2.53 -74.67 -8.06
CA PRO G 3697 3.93 -74.91 -7.69
C PRO G 3697 4.82 -73.68 -7.84
N LEU G 3698 4.64 -72.89 -8.89
CA LEU G 3698 5.44 -71.69 -9.06
C LEU G 3698 5.18 -70.71 -7.94
N HIS G 3699 3.93 -70.55 -7.54
CA HIS G 3699 3.58 -69.68 -6.44
C HIS G 3699 4.23 -70.16 -5.15
N GLN G 3700 4.24 -71.49 -4.93
CA GLN G 3700 4.88 -72.01 -3.73
C GLN G 3700 6.37 -71.76 -3.74
N LEU G 3701 7.02 -71.89 -4.90
CA LEU G 3701 8.44 -71.60 -4.99
C LEU G 3701 8.73 -70.14 -4.66
N VAL G 3702 7.95 -69.23 -5.22
CA VAL G 3702 8.13 -67.81 -4.94
C VAL G 3702 7.91 -67.53 -3.47
N LEU G 3703 6.91 -68.16 -2.87
CA LEU G 3703 6.64 -67.96 -1.45
C LEU G 3703 7.78 -68.48 -0.59
N HIS G 3704 8.39 -69.60 -0.99
CA HIS G 3704 9.54 -70.11 -0.25
C HIS G 3704 10.69 -69.12 -0.30
N PHE G 3705 10.96 -68.56 -1.48
CA PHE G 3705 12.04 -67.59 -1.59
C PHE G 3705 11.74 -66.33 -0.79
N SER G 3706 10.50 -65.86 -0.82
CA SER G 3706 10.12 -64.72 0.00
C SER G 3706 10.32 -65.04 1.48
N ARG G 3707 9.94 -66.25 1.90
CA ARG G 3707 10.09 -66.64 3.29
C ARG G 3707 11.55 -66.63 3.72
N THR G 3708 12.43 -67.20 2.89
CA THR G 3708 13.84 -67.18 3.26
C THR G 3708 14.43 -65.78 3.17
N ALA G 3709 13.79 -64.89 2.42
CA ALA G 3709 14.24 -63.49 2.40
C ALA G 3709 13.79 -62.72 3.64
N LEU G 3710 12.61 -63.03 4.17
CA LEU G 3710 12.10 -62.28 5.33
C LEU G 3710 12.61 -62.80 6.67
N THR G 3711 13.31 -63.92 6.69
CA THR G 3711 13.84 -64.44 7.96
C THR G 3711 14.88 -63.48 8.52
N GLU G 3712 14.78 -63.18 9.81
CA GLU G 3712 15.67 -62.22 10.45
C GLU G 3712 17.08 -62.79 10.50
N LYS G 3713 17.96 -62.25 9.66
CA LYS G 3713 19.35 -62.67 9.61
C LYS G 3713 20.24 -61.45 9.49
N SER G 3714 21.43 -61.55 10.07
CA SER G 3714 22.39 -60.45 9.98
C SER G 3714 22.85 -60.23 8.55
N LYS G 3715 23.11 -61.30 7.81
CA LYS G 3715 23.61 -61.21 6.45
C LYS G 3715 22.84 -62.17 5.56
N LEU G 3716 22.65 -61.79 4.30
CA LEU G 3716 21.96 -62.64 3.34
C LEU G 3716 22.97 -63.62 2.75
N ASP G 3717 22.86 -64.87 3.17
CA ASP G 3717 23.82 -65.89 2.74
C ASP G 3717 23.59 -66.29 1.28
N GLU G 3718 24.67 -66.68 0.63
CA GLU G 3718 24.63 -66.98 -0.79
C GLU G 3718 23.81 -68.23 -1.03
N ASP G 3719 22.95 -68.20 -2.05
CA ASP G 3719 22.02 -69.29 -2.32
C ASP G 3719 21.97 -69.55 -3.83
N TYR G 3720 22.70 -70.58 -4.25
CA TYR G 3720 22.75 -70.91 -5.67
C TYR G 3720 21.38 -71.31 -6.20
N LEU G 3721 20.54 -71.90 -5.34
CA LEU G 3721 19.19 -72.25 -5.78
C LEU G 3721 18.39 -71.01 -6.14
N TYR G 3722 18.42 -69.99 -5.29
CA TYR G 3722 17.72 -68.76 -5.60
C TYR G 3722 18.28 -68.13 -6.86
N MET G 3723 19.60 -68.12 -7.00
CA MET G 3723 20.18 -67.54 -8.21
C MET G 3723 19.67 -68.25 -9.46
N ALA G 3724 19.69 -69.59 -9.44
CA ALA G 3724 19.27 -70.36 -10.59
C ALA G 3724 17.82 -70.09 -10.94
N TYR G 3725 16.94 -70.11 -9.94
CA TYR G 3725 15.53 -69.92 -10.26
C TYR G 3725 15.21 -68.49 -10.64
N ALA G 3726 15.87 -67.50 -10.04
CA ALA G 3726 15.64 -66.12 -10.46
C ALA G 3726 16.10 -65.91 -11.90
N ASP G 3727 17.22 -66.53 -12.28
CA ASP G 3727 17.65 -66.46 -13.67
C ASP G 3727 16.63 -67.11 -14.59
N ILE G 3728 16.06 -68.25 -14.17
CA ILE G 3728 15.05 -68.91 -14.98
C ILE G 3728 13.84 -68.00 -15.18
N MET G 3729 13.35 -67.43 -14.08
CA MET G 3729 12.16 -66.59 -14.16
C MET G 3729 12.41 -65.35 -15.00
N ALA G 3730 13.58 -64.72 -14.84
CA ALA G 3730 13.90 -63.57 -15.67
C ALA G 3730 13.96 -63.95 -17.14
N LYS G 3731 14.60 -65.07 -17.46
CA LYS G 3731 14.71 -65.47 -18.85
C LYS G 3731 13.38 -65.92 -19.44
N SER G 3732 12.41 -66.25 -18.61
CA SER G 3732 11.09 -66.56 -19.11
C SER G 3732 10.33 -65.32 -19.54
N CYS G 3733 10.69 -64.15 -19.02
CA CYS G 3733 9.86 -62.98 -19.23
C CYS G 3733 10.18 -62.20 -20.48
N HIS G 3734 11.41 -62.22 -20.97
CA HIS G 3734 11.69 -61.36 -22.12
C HIS G 3734 11.39 -62.10 -23.43
N LEU G 3735 12.04 -63.22 -23.69
CA LEU G 3735 11.88 -63.97 -24.94
C LEU G 3735 11.99 -63.07 -26.17
N GLU G 3736 12.91 -62.13 -26.12
CA GLU G 3736 13.11 -61.19 -27.22
C GLU G 3736 14.54 -60.66 -27.25
N VAL G 3749 12.70 -55.33 -41.43
CA VAL G 3749 13.07 -54.54 -40.27
C VAL G 3749 12.01 -53.48 -40.00
N GLU G 3750 10.78 -53.78 -40.40
CA GLU G 3750 9.62 -52.89 -40.21
C GLU G 3750 8.51 -53.72 -39.58
N VAL G 3751 8.47 -53.77 -38.26
CA VAL G 3751 7.40 -54.47 -37.57
C VAL G 3751 6.15 -53.61 -37.58
N SER G 3752 5.05 -54.19 -38.05
CA SER G 3752 3.78 -53.50 -38.10
C SER G 3752 3.15 -53.45 -36.71
N PHE G 3753 2.11 -52.61 -36.60
CA PHE G 3753 1.47 -52.39 -35.30
C PHE G 3753 0.96 -53.68 -34.72
N GLU G 3754 0.45 -54.58 -35.56
CA GLU G 3754 -0.15 -55.80 -35.05
C GLU G 3754 0.87 -56.64 -34.30
N GLU G 3755 2.02 -56.92 -34.92
CA GLU G 3755 3.03 -57.71 -34.25
C GLU G 3755 3.72 -56.95 -33.13
N LYS G 3756 3.89 -55.63 -33.24
CA LYS G 3756 4.46 -54.86 -32.13
C LYS G 3756 3.58 -54.99 -30.89
N GLU G 3757 2.29 -54.70 -31.01
CA GLU G 3757 1.42 -54.79 -29.86
C GLU G 3757 1.26 -56.24 -29.42
N MET G 3758 1.35 -57.19 -30.34
CA MET G 3758 1.32 -58.58 -29.94
C MET G 3758 2.53 -58.92 -29.08
N GLU G 3759 3.68 -58.38 -29.43
CA GLU G 3759 4.88 -58.62 -28.62
C GLU G 3759 4.68 -58.00 -27.24
N LYS G 3760 4.08 -56.81 -27.19
CA LYS G 3760 3.77 -56.19 -25.91
C LYS G 3760 2.85 -57.06 -25.07
N GLN G 3761 1.78 -57.58 -25.66
CA GLN G 3761 0.83 -58.39 -24.89
C GLN G 3761 1.45 -59.69 -24.43
N ARG G 3762 2.26 -60.32 -25.28
CA ARG G 3762 2.92 -61.56 -24.89
C ARG G 3762 3.87 -61.30 -23.72
N LEU G 3763 4.62 -60.20 -23.78
CA LEU G 3763 5.49 -59.85 -22.68
C LEU G 3763 4.71 -59.56 -21.41
N LEU G 3764 3.58 -58.86 -21.53
CA LEU G 3764 2.74 -58.61 -20.36
C LEU G 3764 2.25 -59.91 -19.76
N TYR G 3765 1.89 -60.88 -20.61
CA TYR G 3765 1.43 -62.16 -20.08
C TYR G 3765 2.55 -62.88 -19.33
N GLN G 3766 3.74 -62.89 -19.92
CA GLN G 3766 4.87 -63.57 -19.28
C GLN G 3766 5.22 -62.90 -17.97
N GLN G 3767 5.07 -61.58 -17.89
CA GLN G 3767 5.33 -60.88 -16.64
C GLN G 3767 4.22 -61.11 -15.63
N SER G 3768 2.99 -61.30 -16.10
CA SER G 3768 1.88 -61.59 -15.21
C SER G 3768 2.02 -62.96 -14.58
N ARG G 3769 2.54 -63.93 -15.32
CA ARG G 3769 2.73 -65.25 -14.73
C ARG G 3769 3.60 -65.20 -13.48
N LEU G 3770 4.46 -64.20 -13.37
CA LEU G 3770 5.32 -64.04 -12.20
C LEU G 3770 4.73 -63.09 -11.17
N HIS G 3771 4.24 -61.93 -11.61
CA HIS G 3771 3.80 -60.94 -10.65
C HIS G 3771 2.40 -61.23 -10.11
N THR G 3772 1.70 -62.23 -10.66
CA THR G 3772 0.49 -62.71 -10.02
C THR G 3772 0.80 -63.72 -8.92
N ARG G 3773 2.06 -63.93 -8.62
CA ARG G 3773 2.48 -64.90 -7.62
C ARG G 3773 3.51 -64.31 -6.65
N GLY G 3774 3.52 -62.99 -6.51
CA GLY G 3774 4.34 -62.35 -5.51
C GLY G 3774 5.78 -62.11 -5.88
N ALA G 3775 6.15 -62.27 -7.15
CA ALA G 3775 7.52 -62.03 -7.56
C ALA G 3775 7.90 -60.57 -7.33
N ALA G 3776 6.97 -59.64 -7.55
CA ALA G 3776 7.26 -58.24 -7.31
C ALA G 3776 7.64 -57.99 -5.86
N GLU G 3777 6.90 -58.59 -4.92
CA GLU G 3777 7.24 -58.40 -3.52
C GLU G 3777 8.53 -59.11 -3.15
N MET G 3778 8.80 -60.29 -3.73
CA MET G 3778 10.01 -61.01 -3.39
C MET G 3778 11.24 -60.25 -3.87
N VAL G 3779 11.15 -59.58 -5.01
CA VAL G 3779 12.26 -58.77 -5.49
C VAL G 3779 12.59 -57.69 -4.47
N LEU G 3780 11.58 -56.97 -3.98
CA LEU G 3780 11.80 -55.93 -2.99
C LEU G 3780 12.36 -56.50 -1.71
N GLN G 3781 11.82 -57.64 -1.26
CA GLN G 3781 12.29 -58.25 -0.03
C GLN G 3781 13.76 -58.65 -0.13
N MET G 3782 14.16 -59.23 -1.27
CA MET G 3782 15.55 -59.62 -1.45
C MET G 3782 16.46 -58.41 -1.52
N ILE G 3783 16.04 -57.35 -2.20
CA ILE G 3783 16.87 -56.16 -2.28
C ILE G 3783 17.02 -55.54 -0.90
N SER G 3784 15.97 -55.59 -0.09
CA SER G 3784 16.08 -55.11 1.28
C SER G 3784 16.98 -56.01 2.12
N ALA G 3785 16.93 -57.32 1.89
CA ALA G 3785 17.69 -58.25 2.71
C ALA G 3785 19.17 -58.22 2.38
N CYS G 3786 19.53 -57.85 1.15
CA CYS G 3786 20.95 -57.78 0.82
C CYS G 3786 21.67 -56.74 1.66
N LYS G 3787 20.95 -55.77 2.21
CA LYS G 3787 21.50 -54.76 3.11
C LYS G 3787 22.67 -54.00 2.49
N GLY G 3788 22.60 -53.75 1.19
CA GLY G 3788 23.60 -52.94 0.53
C GLY G 3788 24.89 -53.65 0.19
N GLU G 3789 24.88 -54.98 0.14
CA GLU G 3789 26.08 -55.74 -0.19
C GLU G 3789 26.01 -56.23 -1.62
N THR G 3790 27.01 -55.88 -2.41
CA THR G 3790 27.07 -56.32 -3.79
C THR G 3790 27.35 -57.82 -3.85
N GLY G 3791 26.78 -58.46 -4.86
CA GLY G 3791 27.01 -59.88 -5.04
C GLY G 3791 26.07 -60.47 -6.07
N ALA G 3792 26.24 -61.77 -6.28
CA ALA G 3792 25.42 -62.47 -7.25
C ALA G 3792 23.95 -62.43 -6.87
N MET G 3793 23.64 -62.45 -5.58
CA MET G 3793 22.25 -62.43 -5.15
C MET G 3793 21.56 -61.13 -5.56
N VAL G 3794 22.17 -59.99 -5.26
CA VAL G 3794 21.53 -58.72 -5.60
C VAL G 3794 21.52 -58.53 -7.10
N SER G 3795 22.57 -59.01 -7.79
CA SER G 3795 22.56 -58.91 -9.25
C SER G 3795 21.39 -59.70 -9.85
N SER G 3796 21.16 -60.92 -9.36
CA SER G 3796 20.07 -61.72 -9.87
C SER G 3796 18.73 -61.10 -9.54
N THR G 3797 18.59 -60.56 -8.34
CA THR G 3797 17.32 -59.93 -7.96
C THR G 3797 17.03 -58.73 -8.84
N LEU G 3798 18.04 -57.90 -9.11
CA LEU G 3798 17.84 -56.75 -9.98
C LEU G 3798 17.50 -57.18 -11.39
N LYS G 3799 18.14 -58.23 -11.89
CA LYS G 3799 17.82 -58.69 -13.24
C LYS G 3799 16.39 -59.20 -13.32
N LEU G 3800 15.94 -59.92 -12.29
CA LEU G 3800 14.55 -60.36 -12.27
C LEU G 3800 13.58 -59.18 -12.21
N GLY G 3801 13.90 -58.18 -11.40
CA GLY G 3801 13.03 -57.02 -11.32
C GLY G 3801 12.93 -56.29 -12.64
N ILE G 3802 14.06 -56.13 -13.32
CA ILE G 3802 14.06 -55.53 -14.65
C ILE G 3802 13.22 -56.37 -15.60
N SER G 3803 13.35 -57.69 -15.50
CA SER G 3803 12.63 -58.58 -16.40
C SER G 3803 11.13 -58.43 -16.23
N ILE G 3804 10.65 -58.26 -15.00
CA ILE G 3804 9.22 -58.10 -14.79
C ILE G 3804 8.75 -56.65 -14.90
N LEU G 3805 9.65 -55.68 -14.97
CA LEU G 3805 9.27 -54.29 -15.14
C LEU G 3805 9.46 -53.76 -16.56
N ASN G 3806 10.03 -54.55 -17.47
CA ASN G 3806 10.27 -54.05 -18.82
C ASN G 3806 8.99 -53.55 -19.46
N GLY G 3807 9.12 -52.49 -20.25
CA GLY G 3807 7.99 -51.83 -20.83
C GLY G 3807 7.28 -50.88 -19.91
N GLY G 3808 7.72 -50.75 -18.67
CA GLY G 3808 7.02 -49.94 -17.70
C GLY G 3808 5.70 -50.56 -17.30
N ASN G 3809 5.74 -51.75 -16.70
CA ASN G 3809 4.52 -52.46 -16.32
C ASN G 3809 3.84 -51.72 -15.19
N ALA G 3810 2.70 -51.10 -15.50
CA ALA G 3810 2.00 -50.31 -14.50
C ALA G 3810 1.50 -51.18 -13.36
N GLU G 3811 1.08 -52.40 -13.67
CA GLU G 3811 0.58 -53.31 -12.64
C GLU G 3811 1.70 -53.68 -11.67
N VAL G 3812 2.88 -54.00 -12.18
CA VAL G 3812 4.00 -54.35 -11.31
C VAL G 3812 4.44 -53.14 -10.49
N GLN G 3813 4.48 -51.96 -11.11
CA GLN G 3813 4.84 -50.76 -10.37
C GLN G 3813 3.85 -50.51 -9.24
N GLN G 3814 2.56 -50.69 -9.51
CA GLN G 3814 1.55 -50.51 -8.48
C GLN G 3814 1.74 -51.49 -7.35
N LYS G 3815 2.00 -52.76 -7.67
CA LYS G 3815 2.18 -53.76 -6.62
C LYS G 3815 3.39 -53.42 -5.76
N MET G 3816 4.50 -53.03 -6.39
CA MET G 3816 5.70 -52.68 -5.65
C MET G 3816 5.46 -51.47 -4.75
N LEU G 3817 4.82 -50.44 -5.28
CA LEU G 3817 4.58 -49.24 -4.49
C LEU G 3817 3.66 -49.52 -3.32
N ASP G 3818 2.61 -50.32 -3.55
CA ASP G 3818 1.71 -50.68 -2.47
C ASP G 3818 2.43 -51.46 -1.39
N TYR G 3819 3.26 -52.42 -1.78
CA TYR G 3819 4.00 -53.20 -0.80
C TYR G 3819 4.91 -52.30 0.03
N LEU G 3820 5.66 -51.42 -0.63
CA LEU G 3820 6.57 -50.53 0.10
C LEU G 3820 5.80 -49.63 1.05
N LYS G 3821 4.69 -49.07 0.59
CA LYS G 3821 3.96 -48.13 1.44
C LYS G 3821 3.28 -48.82 2.60
N ASP G 3822 2.83 -50.06 2.43
CA ASP G 3822 2.21 -50.72 3.58
C ASP G 3822 3.26 -51.20 4.57
N LYS G 3823 4.39 -51.70 4.10
CA LYS G 3823 5.41 -52.18 5.03
C LYS G 3823 6.10 -51.04 5.76
N LYS G 3824 6.30 -49.90 5.08
CA LYS G 3824 6.95 -48.73 5.69
C LYS G 3824 8.32 -49.09 6.25
N GLU G 3825 9.08 -49.87 5.49
CA GLU G 3825 10.40 -50.30 5.91
C GLU G 3825 11.46 -49.44 5.22
N VAL G 3826 12.47 -49.04 5.99
CA VAL G 3826 13.56 -48.22 5.45
C VAL G 3826 14.66 -49.06 4.84
N GLY G 3827 14.63 -50.38 5.04
CA GLY G 3827 15.71 -51.23 4.57
C GLY G 3827 15.88 -51.20 3.07
N PHE G 3828 14.78 -51.09 2.33
CA PHE G 3828 14.86 -51.14 0.87
C PHE G 3828 15.70 -49.99 0.34
N PHE G 3829 15.37 -48.76 0.74
CA PHE G 3829 16.11 -47.62 0.24
C PHE G 3829 17.47 -47.50 0.88
N GLN G 3830 17.64 -47.98 2.11
CA GLN G 3830 18.98 -48.03 2.67
C GLN G 3830 19.89 -48.94 1.85
N SER G 3831 19.37 -50.10 1.45
CA SER G 3831 20.12 -50.99 0.58
C SER G 3831 20.41 -50.35 -0.76
N ILE G 3832 19.41 -49.68 -1.34
CA ILE G 3832 19.61 -49.05 -2.64
C ILE G 3832 20.70 -47.99 -2.56
N GLN G 3833 20.64 -47.14 -1.53
CA GLN G 3833 21.63 -46.09 -1.37
C GLN G 3833 23.02 -46.67 -1.18
N ALA G 3834 23.16 -47.68 -0.33
CA ALA G 3834 24.47 -48.28 -0.12
C ALA G 3834 25.01 -48.87 -1.41
N LEU G 3835 24.17 -49.61 -2.14
CA LEU G 3835 24.60 -50.19 -3.40
C LEU G 3835 25.06 -49.12 -4.37
N MET G 3836 24.30 -48.03 -4.48
CA MET G 3836 24.69 -46.99 -5.41
C MET G 3836 25.98 -46.32 -5.00
N GLN G 3837 26.23 -46.21 -3.69
CA GLN G 3837 27.50 -45.68 -3.23
C GLN G 3837 28.66 -46.61 -3.52
N THR G 3838 28.44 -47.91 -3.57
CA THR G 3838 29.54 -48.83 -3.84
C THR G 3838 29.88 -48.94 -5.32
N CYS G 3839 29.08 -48.34 -6.21
CA CYS G 3839 29.34 -48.45 -7.63
C CYS G 3839 30.62 -47.71 -8.00
N SER G 3840 31.36 -48.27 -8.96
CA SER G 3840 32.69 -47.80 -9.28
C SER G 3840 32.70 -46.93 -10.52
N VAL G 3841 33.68 -46.05 -10.60
CA VAL G 3841 33.87 -45.18 -11.76
C VAL G 3841 35.25 -45.45 -12.32
N LEU G 3842 35.61 -44.73 -13.38
CA LEU G 3842 36.92 -44.93 -14.02
C LEU G 3842 38.04 -44.68 -13.02
N ASP G 3843 39.01 -45.58 -12.98
CA ASP G 3843 40.14 -45.48 -12.07
C ASP G 3843 41.43 -45.49 -12.88
N LEU G 3844 42.09 -44.33 -12.94
CA LEU G 3844 43.30 -44.23 -13.76
C LEU G 3844 44.44 -45.04 -13.18
N ASN G 3845 44.53 -45.15 -11.85
CA ASN G 3845 45.57 -45.99 -11.26
C ASN G 3845 45.38 -47.44 -11.65
N ALA G 3846 44.16 -47.95 -11.57
CA ALA G 3846 43.88 -49.31 -11.99
C ALA G 3846 44.15 -49.48 -13.48
N PHE G 3847 43.84 -48.45 -14.26
CA PHE G 3847 44.10 -48.50 -15.70
C PHE G 3847 45.59 -48.63 -15.99
N GLU G 3848 46.41 -47.84 -15.29
CA GLU G 3848 47.85 -47.91 -15.48
C GLU G 3848 48.40 -49.27 -15.05
N ARG G 3849 47.92 -49.78 -13.92
CA ARG G 3849 48.35 -51.10 -13.48
C ARG G 3849 47.98 -52.16 -14.50
N GLN G 3850 46.77 -52.09 -15.05
CA GLN G 3850 46.37 -53.04 -16.07
C GLN G 3850 47.23 -52.91 -17.32
N ASN G 3851 47.57 -51.69 -17.71
CA ASN G 3851 48.42 -51.50 -18.89
C ASN G 3851 49.77 -52.14 -18.67
N LYS G 3852 50.37 -51.92 -17.50
CA LYS G 3852 51.65 -52.57 -17.20
C LYS G 3852 51.51 -54.09 -17.20
N ALA G 3853 50.44 -54.61 -16.60
CA ALA G 3853 50.25 -56.04 -16.53
C ALA G 3853 50.09 -56.65 -17.92
N GLU G 3854 49.30 -56.02 -18.78
CA GLU G 3854 49.11 -56.56 -20.12
C GLU G 3854 50.35 -56.39 -20.97
N GLY G 3855 51.18 -55.38 -20.70
CA GLY G 3855 52.43 -55.27 -21.41
C GLY G 3855 53.50 -56.24 -20.95
N LEU G 3856 53.42 -56.72 -19.71
CA LEU G 3856 54.40 -57.70 -19.24
C LEU G 3856 54.29 -59.02 -19.99
N GLY G 3857 53.07 -59.53 -20.18
CA GLY G 3857 52.89 -60.78 -20.90
C GLY G 3857 53.34 -62.02 -20.14
N MET G 3858 52.55 -62.43 -19.14
CA MET G 3858 52.88 -63.59 -18.33
C MET G 3858 52.41 -64.88 -18.99
N VAL G 3859 52.95 -66.01 -18.49
CA VAL G 3859 52.55 -67.35 -18.89
C VAL G 3859 52.38 -68.19 -17.63
N ASN G 3860 51.95 -69.43 -17.80
CA ASN G 3860 51.72 -70.34 -16.69
C ASN G 3860 52.71 -71.52 -16.75
N GLU G 3861 52.63 -72.38 -15.73
CA GLU G 3861 53.51 -73.55 -15.65
C GLU G 3861 53.02 -74.67 -16.57
N ASP G 3862 51.84 -75.21 -16.28
CA ASP G 3862 51.31 -76.32 -17.08
C ASP G 3862 50.89 -75.82 -18.45
N GLY G 3863 51.82 -75.80 -19.40
CA GLY G 3863 51.55 -75.28 -20.72
C GLY G 3863 52.04 -73.86 -20.90
N THR G 3864 51.25 -73.04 -21.59
CA THR G 3864 51.58 -71.64 -21.78
C THR G 3864 50.32 -70.88 -22.16
N VAL G 3865 49.89 -69.96 -21.32
CA VAL G 3865 48.71 -69.15 -21.59
C VAL G 3865 49.12 -67.87 -22.31
N ILE G 3866 48.41 -67.56 -23.39
CA ILE G 3866 48.74 -66.40 -24.23
C ILE G 3866 47.94 -65.23 -23.68
N ASN G 3867 48.55 -64.47 -22.77
CA ASN G 3867 47.97 -63.23 -22.23
C ASN G 3867 46.59 -63.50 -21.60
N ARG G 3868 46.65 -64.22 -20.48
CA ARG G 3868 45.44 -64.56 -19.74
C ARG G 3868 44.58 -63.33 -19.48
N GLN G 3869 43.28 -63.48 -19.69
CA GLN G 3869 42.33 -62.37 -19.71
C GLN G 3869 41.50 -62.30 -18.43
N ASN G 3870 42.13 -62.51 -17.27
CA ASN G 3870 41.46 -62.40 -15.98
C ASN G 3870 40.72 -61.08 -15.84
N GLY G 3871 39.73 -61.06 -14.94
CA GLY G 3871 38.77 -59.97 -14.82
C GLY G 3871 39.30 -58.56 -14.95
N GLU G 3872 38.59 -57.74 -15.71
CA GLU G 3872 38.92 -56.32 -15.82
C GLU G 3872 38.79 -55.64 -14.46
N LYS G 3873 39.77 -54.80 -14.12
CA LYS G 3873 39.76 -54.10 -12.85
C LYS G 3873 39.42 -52.62 -13.01
N VAL G 3874 39.02 -52.19 -14.20
CA VAL G 3874 38.52 -50.83 -14.41
C VAL G 3874 37.02 -50.95 -14.69
N MET G 3875 36.22 -50.40 -13.79
CA MET G 3875 34.76 -50.48 -13.87
C MET G 3875 34.29 -51.91 -14.06
N ALA G 3876 34.70 -52.76 -13.12
CA ALA G 3876 34.36 -54.18 -13.24
C ALA G 3876 32.86 -54.42 -13.09
N ASP G 3877 32.20 -53.60 -12.27
CA ASP G 3877 30.77 -53.76 -11.98
C ASP G 3877 29.90 -52.85 -12.83
N ASP G 3878 30.33 -52.56 -14.07
CA ASP G 3878 29.57 -51.65 -14.90
C ASP G 3878 28.20 -52.21 -15.24
N GLU G 3879 28.14 -53.52 -15.50
CA GLU G 3879 26.84 -54.14 -15.77
C GLU G 3879 25.93 -54.04 -14.56
N PHE G 3880 26.50 -54.17 -13.35
CA PHE G 3880 25.69 -54.04 -12.16
C PHE G 3880 25.20 -52.61 -11.98
N THR G 3881 26.05 -51.63 -12.25
CA THR G 3881 25.61 -50.23 -12.19
C THR G 3881 24.48 -49.99 -13.17
N GLN G 3882 24.63 -50.51 -14.39
CA GLN G 3882 23.60 -50.29 -15.40
C GLN G 3882 22.29 -50.94 -15.00
N ASP G 3883 22.33 -52.15 -14.44
CA ASP G 3883 21.08 -52.78 -14.07
C ASP G 3883 20.46 -52.13 -12.84
N LEU G 3884 21.26 -51.62 -11.92
CA LEU G 3884 20.68 -50.88 -10.79
C LEU G 3884 19.96 -49.64 -11.25
N PHE G 3885 20.60 -48.85 -12.11
CA PHE G 3885 19.94 -47.63 -12.57
C PHE G 3885 18.81 -47.92 -13.55
N ARG G 3886 18.90 -49.03 -14.29
CA ARG G 3886 17.79 -49.47 -15.12
C ARG G 3886 16.58 -49.82 -14.27
N PHE G 3887 16.82 -50.48 -13.15
CA PHE G 3887 15.73 -50.83 -12.25
C PHE G 3887 15.08 -49.60 -11.68
N LEU G 3888 15.89 -48.63 -11.24
CA LEU G 3888 15.31 -47.38 -10.74
C LEU G 3888 14.55 -46.64 -11.84
N GLN G 3889 15.02 -46.71 -13.08
CA GLN G 3889 14.30 -46.09 -14.18
C GLN G 3889 12.96 -46.78 -14.42
N LEU G 3890 12.96 -48.11 -14.49
CA LEU G 3890 11.74 -48.85 -14.75
C LEU G 3890 10.73 -48.71 -13.63
N LEU G 3891 11.16 -48.38 -12.42
CA LEU G 3891 10.18 -48.03 -11.40
C LEU G 3891 9.35 -46.82 -11.82
N CYS G 3892 9.99 -45.82 -12.43
CA CYS G 3892 9.32 -44.57 -12.79
C CYS G 3892 8.83 -44.56 -14.24
N GLU G 3893 9.10 -45.61 -15.01
CA GLU G 3893 8.78 -45.59 -16.43
C GLU G 3893 7.28 -45.41 -16.65
N GLY G 3894 6.93 -44.68 -17.70
CA GLY G 3894 5.56 -44.36 -17.97
C GLY G 3894 5.05 -43.15 -17.25
N HIS G 3895 5.94 -42.39 -16.62
CA HIS G 3895 5.59 -41.21 -15.84
C HIS G 3895 4.69 -41.59 -14.67
N ASN G 3896 5.11 -42.59 -13.91
CA ASN G 3896 4.43 -42.95 -12.68
C ASN G 3896 4.72 -41.89 -11.63
N ASN G 3897 3.80 -40.93 -11.49
CA ASN G 3897 4.06 -39.79 -10.62
C ASN G 3897 4.14 -40.21 -9.16
N ASP G 3898 3.33 -41.18 -8.77
CA ASP G 3898 3.38 -41.65 -7.39
C ASP G 3898 4.75 -42.21 -7.05
N PHE G 3899 5.30 -43.06 -7.92
CA PHE G 3899 6.60 -43.64 -7.66
C PHE G 3899 7.72 -42.61 -7.80
N GLN G 3900 7.57 -41.65 -8.71
CA GLN G 3900 8.53 -40.57 -8.80
C GLN G 3900 8.59 -39.77 -7.50
N ASN G 3901 7.44 -39.44 -6.94
CA ASN G 3901 7.43 -38.71 -5.67
C ASN G 3901 7.94 -39.57 -4.53
N TYR G 3902 7.65 -40.87 -4.57
CA TYR G 3902 8.11 -41.75 -3.51
C TYR G 3902 9.62 -41.89 -3.50
N LEU G 3903 10.24 -41.94 -4.68
CA LEU G 3903 11.69 -42.01 -4.73
C LEU G 3903 12.32 -40.77 -4.13
N ARG G 3904 11.69 -39.60 -4.32
CA ARG G 3904 12.24 -38.39 -3.73
C ARG G 3904 12.04 -38.38 -2.22
N THR G 3905 10.85 -38.71 -1.74
CA THR G 3905 10.58 -38.68 -0.32
C THR G 3905 9.63 -39.80 0.05
N GLN G 3906 9.90 -40.45 1.18
CA GLN G 3906 9.05 -41.52 1.71
C GLN G 3906 8.38 -40.97 2.96
N THR G 3907 7.12 -40.58 2.82
CA THR G 3907 6.43 -39.88 3.90
C THR G 3907 6.16 -40.80 5.08
N GLY G 3908 5.64 -42.00 4.83
CA GLY G 3908 5.26 -42.88 5.92
C GLY G 3908 6.44 -43.44 6.69
N ASN G 3909 7.60 -43.53 6.07
CA ASN G 3909 8.76 -44.08 6.75
C ASN G 3909 9.32 -43.10 7.77
N THR G 3910 9.97 -43.65 8.80
CA THR G 3910 10.54 -42.80 9.84
C THR G 3910 11.68 -41.95 9.31
N THR G 3911 12.44 -42.47 8.35
CA THR G 3911 13.53 -41.75 7.73
C THR G 3911 13.35 -41.76 6.23
N THR G 3912 13.92 -40.77 5.56
CA THR G 3912 13.75 -40.57 4.13
C THR G 3912 15.11 -40.56 3.45
N ILE G 3913 15.18 -41.19 2.28
CA ILE G 3913 16.38 -41.18 1.45
C ILE G 3913 16.00 -40.67 0.07
N ASN G 3914 16.75 -39.68 -0.42
CA ASN G 3914 16.48 -39.04 -1.70
C ASN G 3914 17.28 -39.75 -2.79
N ILE G 3915 16.62 -40.68 -3.49
CA ILE G 3915 17.28 -41.42 -4.55
C ILE G 3915 17.65 -40.52 -5.72
N ILE G 3916 16.90 -39.45 -5.93
CA ILE G 3916 17.25 -38.52 -7.02
C ILE G 3916 18.62 -37.90 -6.77
N ILE G 3917 18.82 -37.35 -5.57
CA ILE G 3917 20.10 -36.73 -5.26
C ILE G 3917 21.20 -37.77 -5.17
N CYS G 3918 20.87 -38.98 -4.71
CA CYS G 3918 21.87 -40.04 -4.72
C CYS G 3918 22.34 -40.33 -6.15
N THR G 3919 21.39 -40.37 -7.09
CA THR G 3919 21.72 -40.56 -8.49
C THR G 3919 22.61 -39.44 -9.00
N VAL G 3920 22.31 -38.21 -8.61
CA VAL G 3920 23.11 -37.08 -9.07
C VAL G 3920 24.52 -37.16 -8.50
N ASP G 3921 24.67 -37.60 -7.25
CA ASP G 3921 26.00 -37.77 -6.68
C ASP G 3921 26.80 -38.80 -7.45
N TYR G 3922 26.17 -39.91 -7.81
CA TYR G 3922 26.89 -40.89 -8.61
C TYR G 3922 27.29 -40.28 -9.95
N LEU G 3923 26.39 -39.49 -10.55
CA LEU G 3923 26.71 -38.84 -11.82
C LEU G 3923 27.91 -37.93 -11.68
N LEU G 3924 28.01 -37.22 -10.56
CA LEU G 3924 29.16 -36.36 -10.33
C LEU G 3924 30.46 -37.16 -10.25
N ARG G 3925 30.44 -38.26 -9.49
CA ARG G 3925 31.65 -39.07 -9.40
C ARG G 3925 32.06 -39.58 -10.77
N LEU G 3926 31.08 -40.06 -11.55
CA LEU G 3926 31.37 -40.57 -12.87
C LEU G 3926 31.93 -39.48 -13.79
N GLN G 3927 31.35 -38.28 -13.74
CA GLN G 3927 31.82 -37.20 -14.59
C GLN G 3927 33.24 -36.81 -14.23
N GLU G 3928 33.55 -36.74 -12.94
CA GLU G 3928 34.91 -36.41 -12.54
C GLU G 3928 35.89 -37.46 -13.05
N SER G 3929 35.52 -38.73 -12.97
CA SER G 3929 36.39 -39.78 -13.50
C SER G 3929 36.59 -39.62 -15.00
N ILE G 3930 35.53 -39.31 -15.73
CA ILE G 3930 35.64 -39.16 -17.18
C ILE G 3930 36.52 -37.98 -17.53
N SER G 3931 36.40 -36.88 -16.78
CA SER G 3931 37.27 -35.75 -17.00
C SER G 3931 38.73 -36.10 -16.73
N ASP G 3932 38.99 -36.87 -15.68
CA ASP G 3932 40.35 -37.31 -15.41
C ASP G 3932 40.88 -38.16 -16.56
N PHE G 3933 40.05 -39.05 -17.09
CA PHE G 3933 40.45 -39.87 -18.22
C PHE G 3933 40.78 -38.99 -19.43
N TYR G 3934 39.94 -37.99 -19.70
CA TYR G 3934 40.22 -37.10 -20.81
C TYR G 3934 41.53 -36.35 -20.61
N TRP G 3935 41.77 -35.86 -19.39
CA TRP G 3935 43.03 -35.19 -19.13
C TRP G 3935 44.21 -36.12 -19.33
N TYR G 3936 44.08 -37.36 -18.87
CA TYR G 3936 45.15 -38.33 -19.06
C TYR G 3936 45.46 -38.51 -20.54
N TYR G 3937 44.45 -38.64 -21.37
CA TYR G 3937 44.67 -38.93 -22.78
C TYR G 3937 44.81 -37.69 -23.65
N SER G 3938 44.67 -36.49 -23.10
CA SER G 3938 44.71 -35.28 -23.93
C SER G 3938 46.06 -35.11 -24.61
N GLY G 3939 47.15 -35.36 -23.89
CA GLY G 3939 48.46 -35.22 -24.49
C GLY G 3939 48.69 -36.20 -25.63
N LYS G 3940 48.24 -37.44 -25.47
CA LYS G 3940 48.45 -38.46 -26.49
C LYS G 3940 47.69 -38.11 -27.76
N ASP G 3941 48.30 -38.45 -28.90
CA ASP G 3941 47.72 -38.07 -30.19
C ASP G 3941 46.50 -38.91 -30.52
N VAL G 3942 46.56 -40.22 -30.26
CA VAL G 3942 45.50 -41.14 -30.62
C VAL G 3942 45.17 -41.99 -29.40
N ILE G 3943 43.88 -42.29 -29.22
CA ILE G 3943 43.44 -43.08 -28.08
C ILE G 3943 43.59 -44.55 -28.41
N GLU G 3944 44.31 -45.28 -27.57
CA GLU G 3944 44.55 -46.69 -27.83
C GLU G 3944 43.31 -47.51 -27.51
N GLU G 3945 43.36 -48.80 -27.82
CA GLU G 3945 42.16 -49.64 -27.77
C GLU G 3945 41.61 -49.75 -26.36
N GLN G 3946 42.50 -49.92 -25.37
CA GLN G 3946 42.03 -50.09 -24.00
C GLN G 3946 41.34 -48.83 -23.51
N GLY G 3947 41.91 -47.66 -23.82
CA GLY G 3947 41.27 -46.42 -23.47
C GLY G 3947 39.92 -46.26 -24.15
N LYS G 3948 39.83 -46.66 -25.42
CA LYS G 3948 38.54 -46.59 -26.10
C LYS G 3948 37.51 -47.48 -25.43
N ARG G 3949 37.91 -48.68 -25.02
CA ARG G 3949 36.97 -49.59 -24.38
C ARG G 3949 36.49 -49.04 -23.04
N ASN G 3950 37.41 -48.53 -22.23
CA ASN G 3950 37.01 -47.97 -20.94
C ASN G 3950 36.13 -46.74 -21.11
N PHE G 3951 36.45 -45.88 -22.08
CA PHE G 3951 35.59 -44.76 -22.40
C PHE G 3951 34.21 -45.23 -22.79
N SER G 3952 34.13 -46.26 -23.61
CA SER G 3952 32.83 -46.74 -24.07
C SER G 3952 31.98 -47.25 -22.93
N LYS G 3953 32.59 -47.99 -22.00
CA LYS G 3953 31.78 -48.50 -20.89
C LYS G 3953 31.36 -47.39 -19.94
N ALA G 3954 32.26 -46.44 -19.66
CA ALA G 3954 31.84 -45.30 -18.85
C ALA G 3954 30.72 -44.53 -19.54
N MET G 3955 30.77 -44.44 -20.86
CA MET G 3955 29.74 -43.73 -21.61
C MET G 3955 28.41 -44.45 -21.51
N SER G 3956 28.41 -45.78 -21.59
CA SER G 3956 27.16 -46.52 -21.46
C SER G 3956 26.57 -46.34 -20.07
N VAL G 3957 27.41 -46.39 -19.04
CA VAL G 3957 26.91 -46.14 -17.69
C VAL G 3957 26.30 -44.74 -17.60
N ALA G 3958 26.96 -43.74 -18.18
CA ALA G 3958 26.44 -42.38 -18.15
C ALA G 3958 25.12 -42.27 -18.89
N LYS G 3959 24.99 -42.96 -20.02
CA LYS G 3959 23.71 -42.99 -20.72
C LYS G 3959 22.62 -43.52 -19.82
N GLN G 3960 22.89 -44.62 -19.11
CA GLN G 3960 21.86 -45.16 -18.24
C GLN G 3960 21.50 -44.17 -17.13
N VAL G 3961 22.49 -43.50 -16.57
CA VAL G 3961 22.20 -42.56 -15.48
C VAL G 3961 21.40 -41.38 -15.99
N PHE G 3962 21.74 -40.87 -17.17
CA PHE G 3962 20.97 -39.78 -17.77
C PHE G 3962 19.55 -40.21 -18.06
N ASN G 3963 19.36 -41.43 -18.55
CA ASN G 3963 18.02 -41.95 -18.78
C ASN G 3963 17.24 -42.06 -17.49
N SER G 3964 17.88 -42.51 -16.41
CA SER G 3964 17.19 -42.60 -15.14
C SER G 3964 16.76 -41.23 -14.65
N LEU G 3965 17.63 -40.23 -14.76
CA LEU G 3965 17.27 -38.89 -14.33
C LEU G 3965 16.10 -38.34 -15.16
N THR G 3966 16.15 -38.57 -16.47
CA THR G 3966 15.06 -38.15 -17.33
C THR G 3966 13.77 -38.82 -16.93
N GLU G 3967 13.82 -40.10 -16.57
CA GLU G 3967 12.60 -40.80 -16.18
C GLU G 3967 12.11 -40.33 -14.82
N TYR G 3968 13.01 -39.86 -13.96
CA TYR G 3968 12.57 -39.24 -12.73
C TYR G 3968 11.76 -37.98 -12.99
N ILE G 3969 12.27 -37.11 -13.88
CA ILE G 3969 11.71 -35.77 -13.97
C ILE G 3969 10.66 -35.61 -15.06
N GLN G 3970 10.51 -36.57 -15.95
CA GLN G 3970 9.52 -36.44 -17.01
C GLN G 3970 8.12 -36.65 -16.47
N GLY G 3971 7.14 -36.05 -17.15
CA GLY G 3971 5.75 -36.19 -16.79
C GLY G 3971 4.93 -34.91 -16.76
N PRO G 3972 5.45 -33.80 -16.19
CA PRO G 3972 6.64 -33.63 -15.37
C PRO G 3972 6.37 -33.97 -13.93
N CYS G 3973 7.37 -34.34 -13.15
CA CYS G 3973 7.26 -34.41 -11.70
C CYS G 3973 7.92 -33.15 -11.16
N THR G 3974 7.09 -32.18 -10.76
CA THR G 3974 7.61 -30.87 -10.40
C THR G 3974 8.53 -30.94 -9.19
N GLY G 3975 8.21 -31.81 -8.23
CA GLY G 3975 9.07 -31.96 -7.09
C GLY G 3975 10.46 -32.43 -7.47
N ASN G 3976 10.54 -33.43 -8.34
CA ASN G 3976 11.83 -33.90 -8.82
C ASN G 3976 12.55 -32.84 -9.62
N GLN G 3977 11.82 -32.08 -10.43
CA GLN G 3977 12.45 -31.00 -11.16
C GLN G 3977 13.10 -29.99 -10.23
N GLN G 3978 12.37 -29.58 -9.19
CA GLN G 3978 12.94 -28.64 -8.24
C GLN G 3978 14.14 -29.23 -7.51
N SER G 3979 14.03 -30.49 -7.09
CA SER G 3979 15.10 -31.14 -6.38
C SER G 3979 16.37 -31.20 -7.22
N LEU G 3980 16.24 -31.50 -8.51
CA LEU G 3980 17.39 -31.47 -9.40
C LEU G 3980 17.92 -30.05 -9.57
N ALA G 3981 17.02 -29.08 -9.70
CA ALA G 3981 17.45 -27.71 -9.93
C ALA G 3981 18.26 -27.18 -8.77
N HIS G 3982 18.05 -27.73 -7.57
CA HIS G 3982 18.80 -27.31 -6.41
C HIS G 3982 19.94 -28.27 -6.07
N SER G 3983 20.31 -29.15 -6.98
CA SER G 3983 21.37 -30.11 -6.76
C SER G 3983 22.64 -29.66 -7.47
N ARG G 3984 23.61 -30.57 -7.57
CA ARG G 3984 24.86 -30.33 -8.26
C ARG G 3984 24.81 -30.78 -9.72
N LEU G 3985 23.60 -31.02 -10.23
CA LEU G 3985 23.44 -31.46 -11.61
C LEU G 3985 24.04 -30.47 -12.58
N TRP G 3986 23.96 -29.17 -12.26
CA TRP G 3986 24.56 -28.17 -13.14
C TRP G 3986 26.06 -28.34 -13.21
N ASP G 3987 26.71 -28.60 -12.09
CA ASP G 3987 28.15 -28.82 -12.09
C ASP G 3987 28.51 -30.04 -12.92
N ALA G 3988 27.74 -31.12 -12.76
CA ALA G 3988 27.99 -32.31 -13.57
C ALA G 3988 27.83 -32.01 -15.05
N VAL G 3989 26.81 -31.23 -15.41
CA VAL G 3989 26.59 -30.91 -16.82
C VAL G 3989 27.70 -30.03 -17.35
N VAL G 3990 28.20 -29.10 -16.55
CA VAL G 3990 29.27 -28.23 -16.99
C VAL G 3990 30.52 -29.04 -17.30
N GLY G 3991 30.88 -29.95 -16.39
CA GLY G 3991 32.00 -30.82 -16.66
C GLY G 3991 31.79 -31.68 -17.90
N PHE G 3992 30.58 -32.19 -18.06
CA PHE G 3992 30.30 -33.01 -19.23
C PHE G 3992 30.43 -32.21 -20.52
N LEU G 3993 29.96 -30.97 -20.52
CA LEU G 3993 30.09 -30.14 -21.70
C LEU G 3993 31.55 -29.89 -22.05
N HIS G 3994 32.38 -29.65 -21.02
CA HIS G 3994 33.81 -29.49 -21.25
C HIS G 3994 34.39 -30.74 -21.90
N VAL G 3995 34.13 -31.90 -21.32
CA VAL G 3995 34.68 -33.14 -21.87
C VAL G 3995 34.16 -33.39 -23.27
N PHE G 3996 32.87 -33.14 -23.51
CA PHE G 3996 32.30 -33.37 -24.82
C PHE G 3996 32.97 -32.51 -25.87
N ALA G 3997 33.09 -31.21 -25.62
CA ALA G 3997 33.70 -30.33 -26.60
C ALA G 3997 35.10 -30.78 -26.94
N HIS G 3998 35.95 -30.95 -25.92
CA HIS G 3998 37.34 -31.26 -26.21
C HIS G 3998 37.48 -32.66 -26.79
N MET G 3999 36.64 -33.59 -26.37
CA MET G 3999 36.76 -34.97 -26.80
C MET G 3999 36.32 -35.11 -28.25
N MET G 4000 35.24 -34.41 -28.64
CA MET G 4000 34.85 -34.37 -30.04
C MET G 4000 35.95 -33.77 -30.90
N MET G 4001 36.48 -32.61 -30.50
CA MET G 4001 37.53 -31.97 -31.27
C MET G 4001 38.73 -32.91 -31.44
N LYS G 4002 39.05 -33.68 -30.41
CA LYS G 4002 40.18 -34.59 -30.51
C LYS G 4002 39.85 -35.80 -31.39
N LEU G 4003 38.66 -36.38 -31.24
CA LEU G 4003 38.34 -37.61 -31.94
C LEU G 4003 38.12 -37.39 -33.42
N ALA G 4004 37.76 -36.17 -33.80
CA ALA G 4004 37.45 -35.92 -35.20
C ALA G 4004 38.69 -36.03 -36.09
N GLN G 4005 39.88 -36.11 -35.52
CA GLN G 4005 41.12 -35.99 -36.25
C GLN G 4005 41.71 -37.33 -36.69
N ASP G 4006 41.00 -38.43 -36.47
CA ASP G 4006 41.43 -39.73 -36.97
C ASP G 4006 40.22 -40.65 -37.07
N SER G 4007 40.07 -41.28 -38.23
CA SER G 4007 38.88 -42.08 -38.49
C SER G 4007 38.83 -43.35 -37.65
N SER G 4008 39.94 -43.75 -37.02
CA SER G 4008 39.93 -44.97 -36.22
C SER G 4008 39.10 -44.82 -34.96
N GLN G 4009 38.67 -43.60 -34.63
CA GLN G 4009 37.90 -43.33 -33.44
C GLN G 4009 36.48 -42.87 -33.76
N ILE G 4010 36.00 -43.20 -34.95
CA ILE G 4010 34.69 -42.73 -35.39
C ILE G 4010 33.58 -43.37 -34.57
N GLU G 4011 33.74 -44.65 -34.20
CA GLU G 4011 32.75 -45.29 -33.36
C GLU G 4011 32.67 -44.63 -31.99
N LEU G 4012 33.83 -44.33 -31.40
CA LEU G 4012 33.84 -43.64 -30.12
C LEU G 4012 33.20 -42.26 -30.23
N LEU G 4013 33.44 -41.58 -31.35
CA LEU G 4013 32.84 -40.26 -31.55
C LEU G 4013 31.33 -40.36 -31.66
N LYS G 4014 30.83 -41.37 -32.36
CA LYS G 4014 29.38 -41.57 -32.44
C LYS G 4014 28.80 -41.84 -31.07
N GLU G 4015 29.46 -42.66 -30.27
CA GLU G 4015 28.96 -42.95 -28.93
C GLU G 4015 28.93 -41.68 -28.09
N LEU G 4016 29.99 -40.87 -28.18
CA LEU G 4016 30.01 -39.59 -27.47
C LEU G 4016 28.87 -38.69 -27.89
N LEU G 4017 28.60 -38.63 -29.20
CA LEU G 4017 27.55 -37.77 -29.71
C LEU G 4017 26.16 -38.20 -29.21
N ASP G 4018 25.88 -39.50 -29.22
CA ASP G 4018 24.58 -39.92 -28.71
C ASP G 4018 24.49 -39.72 -27.21
N LEU G 4019 25.62 -39.80 -26.50
CA LEU G 4019 25.60 -39.49 -25.08
C LEU G 4019 25.22 -38.03 -24.85
N GLN G 4020 25.78 -37.12 -25.65
CA GLN G 4020 25.37 -35.73 -25.55
C GLN G 4020 23.90 -35.58 -25.83
N LYS G 4021 23.38 -36.34 -26.80
CA LYS G 4021 21.96 -36.28 -27.09
C LYS G 4021 21.14 -36.67 -25.87
N ASP G 4022 21.56 -37.71 -25.16
CA ASP G 4022 20.85 -38.12 -23.95
C ASP G 4022 20.88 -37.02 -22.89
N MET G 4023 22.03 -36.37 -22.72
CA MET G 4023 22.10 -35.32 -21.71
C MET G 4023 21.23 -34.12 -22.08
N VAL G 4024 21.19 -33.77 -23.36
CA VAL G 4024 20.34 -32.68 -23.80
C VAL G 4024 18.87 -33.05 -23.63
N VAL G 4025 18.52 -34.32 -23.85
CA VAL G 4025 17.15 -34.76 -23.60
C VAL G 4025 16.81 -34.60 -22.13
N MET G 4026 17.76 -34.89 -21.25
CA MET G 4026 17.51 -34.66 -19.83
C MET G 4026 17.27 -33.18 -19.53
N LEU G 4027 18.05 -32.30 -20.14
CA LEU G 4027 17.84 -30.87 -19.96
C LEU G 4027 16.46 -30.45 -20.44
N LEU G 4028 16.08 -30.90 -21.63
CA LEU G 4028 14.77 -30.58 -22.16
C LEU G 4028 13.66 -31.08 -21.24
N SER G 4029 13.86 -32.24 -20.63
CA SER G 4029 12.90 -32.71 -19.64
C SER G 4029 12.84 -31.78 -18.44
N LEU G 4030 13.97 -31.22 -18.03
CA LEU G 4030 13.93 -30.19 -17.00
C LEU G 4030 13.12 -28.98 -17.43
N LEU G 4031 13.05 -28.69 -18.73
CA LEU G 4031 12.25 -27.55 -19.17
C LEU G 4031 10.78 -27.86 -19.38
N GLU G 4032 10.29 -29.02 -18.98
CA GLU G 4032 8.88 -29.34 -19.17
C GLU G 4032 8.00 -28.50 -18.24
N GLY G 4033 6.87 -28.05 -18.75
CA GLY G 4033 5.97 -27.24 -17.96
C GLY G 4033 6.61 -25.97 -17.44
N ASN G 4034 7.46 -25.35 -18.25
CA ASN G 4034 8.23 -24.20 -17.84
C ASN G 4034 7.60 -22.93 -18.39
N VAL G 4035 7.29 -22.00 -17.50
CA VAL G 4035 6.68 -20.74 -17.88
C VAL G 4035 7.76 -19.81 -18.41
N VAL G 4036 7.35 -18.71 -19.04
CA VAL G 4036 8.31 -17.70 -19.46
C VAL G 4036 8.99 -17.11 -18.24
N ASN G 4037 10.30 -16.94 -18.34
CA ASN G 4037 11.13 -16.43 -17.25
C ASN G 4037 11.05 -17.34 -16.02
N GLY G 4038 10.90 -18.63 -16.27
CA GLY G 4038 10.96 -19.60 -15.20
C GLY G 4038 12.37 -19.77 -14.67
N MET G 4039 12.45 -20.12 -13.39
CA MET G 4039 13.74 -20.13 -12.71
C MET G 4039 14.61 -21.29 -13.16
N ILE G 4040 14.02 -22.41 -13.54
CA ILE G 4040 14.82 -23.49 -14.12
C ILE G 4040 15.44 -23.07 -15.43
N ALA G 4041 14.68 -22.37 -16.28
CA ALA G 4041 15.23 -21.88 -17.54
C ALA G 4041 16.34 -20.86 -17.31
N ARG G 4042 16.15 -19.98 -16.32
CA ARG G 4042 17.20 -19.01 -16.03
C ARG G 4042 18.45 -19.69 -15.50
N GLN G 4043 18.28 -20.75 -14.70
CA GLN G 4043 19.43 -21.52 -14.23
C GLN G 4043 20.11 -22.23 -15.39
N MET G 4044 19.34 -22.72 -16.35
CA MET G 4044 19.93 -23.35 -17.53
C MET G 4044 20.75 -22.34 -18.33
N VAL G 4045 20.26 -21.11 -18.46
CA VAL G 4045 21.01 -20.09 -19.16
C VAL G 4045 22.30 -19.75 -18.41
N ASP G 4046 22.22 -19.64 -17.08
CA ASP G 4046 23.43 -19.37 -16.30
C ASP G 4046 24.43 -20.50 -16.44
N MET G 4047 23.95 -21.74 -16.48
CA MET G 4047 24.82 -22.88 -16.76
C MET G 4047 25.51 -22.73 -18.10
N LEU G 4048 24.75 -22.46 -19.16
CA LEU G 4048 25.34 -22.35 -20.49
C LEU G 4048 26.37 -21.22 -20.53
N VAL G 4049 26.10 -20.13 -19.85
CA VAL G 4049 27.08 -19.04 -19.78
C VAL G 4049 28.32 -19.49 -19.01
N GLU G 4050 28.13 -20.22 -17.92
CA GLU G 4050 29.26 -20.71 -17.14
C GLU G 4050 30.15 -21.63 -17.96
N SER G 4051 29.60 -22.31 -18.95
CA SER G 4051 30.36 -23.16 -19.86
C SER G 4051 30.33 -22.60 -21.26
N SER G 4052 30.45 -21.27 -21.37
CA SER G 4052 30.32 -20.60 -22.64
C SER G 4052 31.38 -21.06 -23.62
N SER G 4053 32.62 -21.21 -23.17
CA SER G 4053 33.69 -21.61 -24.08
C SER G 4053 33.40 -22.97 -24.69
N ASN G 4054 32.99 -23.93 -23.87
CA ASN G 4054 32.75 -25.28 -24.38
C ASN G 4054 31.51 -25.33 -25.25
N VAL G 4055 30.47 -24.56 -24.89
CA VAL G 4055 29.29 -24.50 -25.74
C VAL G 4055 29.64 -23.93 -27.11
N GLU G 4056 30.47 -22.89 -27.13
CA GLU G 4056 30.93 -22.33 -28.40
C GLU G 4056 31.76 -23.33 -29.18
N MET G 4057 32.59 -24.12 -28.50
CA MET G 4057 33.36 -25.14 -29.19
C MET G 4057 32.45 -26.17 -29.83
N ILE G 4058 31.41 -26.58 -29.13
CA ILE G 4058 30.45 -27.54 -29.68
C ILE G 4058 29.75 -26.96 -30.90
N LEU G 4059 29.28 -25.71 -30.78
CA LEU G 4059 28.55 -25.08 -31.87
C LEU G 4059 29.45 -24.88 -33.08
N LYS G 4060 30.72 -24.52 -32.85
CA LYS G 4060 31.67 -24.41 -33.94
C LYS G 4060 31.99 -25.75 -34.56
N PHE G 4061 31.95 -26.83 -33.78
CA PHE G 4061 32.12 -28.14 -34.37
C PHE G 4061 30.99 -28.46 -35.31
N PHE G 4062 29.76 -28.15 -34.91
CA PHE G 4062 28.61 -28.47 -35.76
C PHE G 4062 28.59 -27.61 -37.02
N ASP G 4063 28.80 -26.29 -36.87
CA ASP G 4063 28.64 -25.41 -38.02
C ASP G 4063 29.76 -25.59 -39.02
N MET G 4064 30.96 -25.95 -38.57
CA MET G 4064 32.06 -26.16 -39.51
C MET G 4064 31.74 -27.26 -40.49
N PHE G 4065 31.22 -28.40 -40.01
CA PHE G 4065 30.91 -29.48 -40.91
C PHE G 4065 29.64 -29.24 -41.69
N LEU G 4066 28.67 -28.51 -41.12
CA LEU G 4066 27.52 -28.11 -41.94
C LEU G 4066 27.97 -27.24 -43.10
N LYS G 4067 28.90 -26.30 -42.86
CA LYS G 4067 29.37 -25.46 -43.94
C LYS G 4067 30.25 -26.24 -44.91
N LEU G 4068 31.01 -27.21 -44.42
CA LEU G 4068 31.81 -28.05 -45.30
C LEU G 4068 30.95 -28.84 -46.26
N LYS G 4069 29.85 -29.41 -45.77
CA LYS G 4069 29.01 -30.24 -46.62
C LYS G 4069 28.43 -29.44 -47.78
N ASP G 4070 28.16 -28.15 -47.58
CA ASP G 4070 27.64 -27.35 -48.67
C ASP G 4070 28.74 -26.71 -49.50
N ILE G 4071 29.93 -26.51 -48.94
CA ILE G 4071 31.03 -25.99 -49.73
C ILE G 4071 31.51 -27.01 -50.74
N VAL G 4072 31.60 -28.29 -50.33
CA VAL G 4072 32.12 -29.30 -51.25
C VAL G 4072 31.24 -29.41 -52.48
N GLY G 4073 29.96 -29.07 -52.37
CA GLY G 4073 29.09 -29.09 -53.53
C GLY G 4073 29.11 -27.84 -54.37
N SER G 4074 29.91 -26.84 -54.00
CA SER G 4074 29.94 -25.59 -54.74
C SER G 4074 30.74 -25.73 -56.03
N GLU G 4075 30.31 -24.99 -57.04
CA GLU G 4075 31.04 -24.96 -58.29
C GLU G 4075 32.40 -24.29 -58.10
N ALA G 4076 32.50 -23.35 -57.17
CA ALA G 4076 33.80 -22.74 -56.88
C ALA G 4076 34.78 -23.79 -56.37
N PHE G 4077 34.32 -24.67 -55.49
CA PHE G 4077 35.16 -25.77 -55.04
C PHE G 4077 35.47 -26.73 -56.18
N GLN G 4078 34.48 -27.03 -57.01
CA GLN G 4078 34.72 -27.92 -58.13
C GLN G 4078 35.74 -27.35 -59.10
N ASP G 4079 35.84 -26.03 -59.19
CA ASP G 4079 36.88 -25.41 -60.02
C ASP G 4079 38.26 -25.79 -59.52
N TYR G 4080 38.47 -25.78 -58.20
CA TYR G 4080 39.74 -26.23 -57.66
C TYR G 4080 39.93 -27.72 -57.84
N VAL G 4081 38.86 -28.51 -57.74
CA VAL G 4081 38.97 -29.95 -57.94
C VAL G 4081 39.44 -30.20 -59.37
N THR G 4082 40.58 -30.88 -59.53
CA THR G 4082 41.14 -31.17 -60.84
C THR G 4082 41.51 -32.63 -61.07
N ASP G 4083 41.85 -33.35 -60.02
CA ASP G 4083 42.24 -34.75 -60.19
C ASP G 4083 41.08 -35.55 -60.75
N PRO G 4084 41.28 -36.31 -61.82
CA PRO G 4084 40.17 -37.09 -62.39
C PRO G 4084 39.61 -38.12 -61.44
N ARG G 4085 40.39 -38.60 -60.48
CA ARG G 4085 39.90 -39.58 -59.53
C ARG G 4085 38.85 -39.02 -58.58
N GLY G 4086 38.68 -37.71 -58.53
CA GLY G 4086 37.79 -37.11 -57.56
C GLY G 4086 38.43 -36.77 -56.24
N LEU G 4087 39.75 -36.70 -56.19
CA LEU G 4087 40.47 -36.32 -54.98
C LEU G 4087 41.03 -34.91 -55.13
N ILE G 4088 41.46 -34.35 -54.02
CA ILE G 4088 42.03 -33.01 -54.01
C ILE G 4088 43.23 -33.01 -53.08
N SER G 4089 44.29 -32.33 -53.50
CA SER G 4089 45.49 -32.24 -52.68
C SER G 4089 45.23 -31.33 -51.48
N LYS G 4090 46.05 -31.52 -50.45
CA LYS G 4090 45.91 -30.70 -49.25
C LYS G 4090 46.16 -29.23 -49.55
N LYS G 4091 47.16 -28.94 -50.39
CA LYS G 4091 47.45 -27.54 -50.70
C LYS G 4091 46.33 -26.92 -51.52
N ASP G 4092 45.74 -27.69 -52.45
CA ASP G 4092 44.59 -27.21 -53.19
C ASP G 4092 43.41 -26.96 -52.26
N PHE G 4093 43.18 -27.86 -51.32
CA PHE G 4093 42.11 -27.64 -50.34
C PHE G 4093 42.36 -26.37 -49.55
N GLN G 4094 43.61 -26.15 -49.14
CA GLN G 4094 43.97 -24.98 -48.37
C GLN G 4094 43.71 -23.70 -49.15
N LYS G 4095 44.08 -23.69 -50.44
CA LYS G 4095 43.86 -22.47 -51.23
C LYS G 4095 42.43 -22.33 -51.70
N ALA G 4096 41.65 -23.41 -51.66
CA ALA G 4096 40.24 -23.30 -52.05
C ALA G 4096 39.39 -22.81 -50.90
N MET G 4097 39.67 -23.29 -49.69
CA MET G 4097 38.77 -23.01 -48.57
C MET G 4097 38.89 -21.57 -48.12
N ASP G 4098 40.11 -21.03 -48.11
CA ASP G 4098 40.29 -19.63 -47.73
C ASP G 4098 39.76 -18.68 -48.79
N SER G 4099 39.59 -19.15 -50.03
CA SER G 4099 38.95 -18.34 -51.05
C SER G 4099 37.47 -18.10 -50.74
N GLN G 4100 36.81 -19.06 -50.10
CA GLN G 4100 35.41 -18.88 -49.73
C GLN G 4100 35.22 -17.81 -48.67
N LYS G 4101 36.28 -17.47 -47.93
CA LYS G 4101 36.20 -16.49 -46.85
C LYS G 4101 35.10 -16.84 -45.85
N GLN G 4102 34.99 -18.12 -45.53
CA GLN G 4102 34.03 -18.58 -44.53
C GLN G 4102 34.68 -19.20 -43.30
N PHE G 4103 35.96 -19.52 -43.36
CA PHE G 4103 36.66 -20.10 -42.23
C PHE G 4103 37.91 -19.30 -41.91
N THR G 4104 38.35 -19.40 -40.66
CA THR G 4104 39.60 -18.79 -40.25
C THR G 4104 40.73 -19.79 -40.52
N GLY G 4105 41.96 -19.32 -40.40
CA GLY G 4105 43.12 -20.14 -40.65
C GLY G 4105 43.20 -21.36 -39.76
N PRO G 4106 43.04 -21.18 -38.45
CA PRO G 4106 42.99 -22.36 -37.56
C PRO G 4106 41.88 -23.33 -37.89
N GLU G 4107 40.71 -22.84 -38.31
CA GLU G 4107 39.63 -23.76 -38.68
C GLU G 4107 39.99 -24.54 -39.93
N ILE G 4108 40.62 -23.89 -40.90
CA ILE G 4108 41.07 -24.60 -42.10
C ILE G 4108 42.11 -25.64 -41.74
N GLN G 4109 43.02 -25.30 -40.82
CA GLN G 4109 44.01 -26.28 -40.37
C GLN G 4109 43.35 -27.46 -39.70
N PHE G 4110 42.34 -27.21 -38.87
CA PHE G 4110 41.62 -28.28 -38.21
C PHE G 4110 40.93 -29.19 -39.22
N LEU G 4111 40.30 -28.59 -40.24
CA LEU G 4111 39.66 -29.39 -41.27
C LEU G 4111 40.67 -30.22 -42.03
N LEU G 4112 41.85 -29.66 -42.29
CA LEU G 4112 42.91 -30.44 -42.92
C LEU G 4112 43.31 -31.62 -42.05
N SER G 4113 43.43 -31.39 -40.75
CA SER G 4113 43.78 -32.48 -39.85
C SER G 4113 42.71 -33.56 -39.84
N CYS G 4114 41.45 -33.17 -39.83
CA CYS G 4114 40.37 -34.15 -39.80
C CYS G 4114 40.23 -34.87 -41.14
N SER G 4115 40.68 -34.25 -42.22
CA SER G 4115 40.66 -34.93 -43.51
C SER G 4115 41.62 -36.11 -43.49
N GLU G 4116 41.15 -37.27 -43.95
CA GLU G 4116 41.97 -38.47 -43.94
C GLU G 4116 42.83 -38.51 -45.21
N ALA G 4117 43.75 -37.55 -45.29
CA ALA G 4117 44.65 -37.47 -46.42
C ALA G 4117 45.58 -38.69 -46.43
N ASP G 4118 45.79 -39.25 -47.62
CA ASP G 4118 46.64 -40.42 -47.76
C ASP G 4118 48.10 -39.98 -47.74
N GLU G 4119 49.00 -40.91 -48.03
CA GLU G 4119 50.42 -40.59 -48.11
C GLU G 4119 50.73 -39.61 -49.24
N ASN G 4120 49.87 -39.52 -50.26
CA ASN G 4120 50.06 -38.61 -51.36
C ASN G 4120 49.41 -37.25 -51.10
N GLU G 4121 48.99 -36.99 -49.87
CA GLU G 4121 48.29 -35.76 -49.49
C GLU G 4121 47.04 -35.56 -50.34
N MET G 4122 46.34 -36.64 -50.64
CA MET G 4122 45.12 -36.62 -51.42
C MET G 4122 43.92 -36.78 -50.51
N ILE G 4123 42.90 -35.96 -50.71
CA ILE G 4123 41.73 -35.93 -49.85
C ILE G 4123 40.51 -36.39 -50.64
N ASN G 4124 39.75 -37.32 -50.07
CA ASN G 4124 38.47 -37.74 -50.62
C ASN G 4124 37.39 -36.89 -49.98
N PHE G 4125 37.18 -35.70 -50.55
CA PHE G 4125 36.22 -34.77 -49.96
C PHE G 4125 34.79 -35.30 -49.98
N GLU G 4126 34.47 -36.20 -50.91
CA GLU G 4126 33.12 -36.75 -50.96
C GLU G 4126 32.77 -37.47 -49.66
N GLU G 4127 33.68 -38.32 -49.18
CA GLU G 4127 33.45 -38.98 -47.90
C GLU G 4127 33.80 -38.10 -46.71
N PHE G 4128 34.75 -37.17 -46.89
CA PHE G 4128 35.09 -36.26 -45.81
C PHE G 4128 33.89 -35.41 -45.40
N ALA G 4129 33.15 -34.88 -46.38
CA ALA G 4129 32.00 -34.05 -46.05
C ALA G 4129 30.91 -34.85 -45.37
N ASN G 4130 30.66 -36.06 -45.82
CA ASN G 4130 29.58 -36.88 -45.30
C ASN G 4130 29.97 -37.69 -44.07
N ARG G 4131 31.23 -37.58 -43.62
CA ARG G 4131 31.68 -38.42 -42.53
C ARG G 4131 30.90 -38.15 -41.25
N PHE G 4132 30.75 -36.89 -40.88
CA PHE G 4132 30.08 -36.54 -39.63
C PHE G 4132 28.66 -36.06 -39.81
N GLN G 4133 28.14 -36.06 -41.03
CA GLN G 4133 26.79 -35.53 -41.23
C GLN G 4133 25.76 -36.36 -40.51
N GLU G 4134 25.81 -37.68 -40.64
CA GLU G 4134 24.83 -38.54 -40.01
C GLU G 4134 25.03 -38.68 -38.50
N PRO G 4135 26.25 -38.91 -38.00
CA PRO G 4135 26.42 -39.03 -36.55
C PRO G 4135 25.99 -37.79 -35.78
N ALA G 4136 26.17 -36.60 -36.34
CA ALA G 4136 25.94 -35.36 -35.61
C ALA G 4136 24.53 -34.83 -35.78
N ARG G 4137 23.68 -35.52 -36.53
CA ARG G 4137 22.38 -34.96 -36.86
C ARG G 4137 21.45 -34.89 -35.66
N ASP G 4138 21.31 -35.97 -34.90
CA ASP G 4138 20.35 -35.98 -33.80
C ASP G 4138 20.75 -35.02 -32.70
N ILE G 4139 22.04 -35.01 -32.33
CA ILE G 4139 22.50 -34.08 -31.32
C ILE G 4139 22.40 -32.64 -31.82
N GLY G 4140 22.68 -32.42 -33.10
CA GLY G 4140 22.50 -31.09 -33.65
C GLY G 4140 21.06 -30.62 -33.54
N PHE G 4141 20.12 -31.50 -33.86
CA PHE G 4141 18.72 -31.14 -33.77
C PHE G 4141 18.32 -30.84 -32.33
N ASN G 4142 18.81 -31.64 -31.38
CA ASN G 4142 18.43 -31.41 -30.00
C ASN G 4142 19.05 -30.14 -29.44
N VAL G 4143 20.28 -29.81 -29.86
CA VAL G 4143 20.86 -28.53 -29.47
C VAL G 4143 20.03 -27.38 -30.04
N ALA G 4144 19.59 -27.51 -31.29
CA ALA G 4144 18.75 -26.49 -31.88
C ALA G 4144 17.44 -26.34 -31.12
N VAL G 4145 16.81 -27.46 -30.76
CA VAL G 4145 15.56 -27.41 -30.00
C VAL G 4145 15.78 -26.75 -28.66
N LEU G 4146 16.88 -27.10 -27.98
CA LEU G 4146 17.17 -26.51 -26.68
C LEU G 4146 17.34 -25.00 -26.78
N LEU G 4147 18.12 -24.54 -27.75
CA LEU G 4147 18.33 -23.10 -27.90
C LEU G 4147 17.03 -22.39 -28.25
N THR G 4148 16.22 -22.99 -29.13
CA THR G 4148 14.93 -22.38 -29.46
C THR G 4148 14.03 -22.27 -28.24
N ASN G 4149 13.95 -23.34 -27.45
CA ASN G 4149 13.13 -23.34 -26.25
C ASN G 4149 13.57 -22.27 -25.27
N LEU G 4150 14.88 -22.19 -25.01
CA LEU G 4150 15.38 -21.18 -24.09
C LEU G 4150 15.16 -19.77 -24.61
N SER G 4151 15.34 -19.56 -25.92
CA SER G 4151 15.13 -18.23 -26.47
C SER G 4151 13.68 -17.81 -26.35
N GLU G 4152 12.76 -18.74 -26.56
CA GLU G 4152 11.35 -18.39 -26.49
C GLU G 4152 10.81 -18.30 -25.07
N HIS G 4153 11.50 -18.88 -24.08
CA HIS G 4153 11.00 -18.78 -22.72
C HIS G 4153 11.79 -17.83 -21.83
N VAL G 4154 12.95 -17.36 -22.29
CA VAL G 4154 13.71 -16.32 -21.61
C VAL G 4154 14.01 -15.24 -22.66
N PRO G 4155 13.00 -14.49 -23.10
CA PRO G 4155 13.20 -13.62 -24.26
C PRO G 4155 14.01 -12.37 -23.96
N HIS G 4156 14.32 -12.09 -22.70
CA HIS G 4156 15.01 -10.86 -22.33
C HIS G 4156 16.32 -11.12 -21.60
N ASP G 4157 17.09 -12.10 -22.05
CA ASP G 4157 18.43 -12.32 -21.54
C ASP G 4157 19.45 -12.15 -22.65
N PRO G 4158 20.18 -11.05 -22.71
CA PRO G 4158 21.09 -10.81 -23.84
C PRO G 4158 22.22 -11.82 -23.94
N ARG G 4159 22.53 -12.53 -22.86
CA ARG G 4159 23.60 -13.52 -22.91
C ARG G 4159 23.25 -14.69 -23.83
N LEU G 4160 21.98 -14.86 -24.18
CA LEU G 4160 21.56 -15.97 -25.01
C LEU G 4160 21.54 -15.65 -26.49
N ARG G 4161 21.37 -14.37 -26.86
CA ARG G 4161 21.50 -14.01 -28.26
C ARG G 4161 22.87 -14.37 -28.82
N ASN G 4162 23.92 -14.32 -28.00
CA ASN G 4162 25.22 -14.72 -28.49
C ASN G 4162 25.23 -16.18 -28.92
N PHE G 4163 24.66 -17.06 -28.10
CA PHE G 4163 24.58 -18.47 -28.46
C PHE G 4163 23.74 -18.68 -29.70
N LEU G 4164 22.62 -17.95 -29.79
CA LEU G 4164 21.76 -18.08 -30.96
C LEU G 4164 22.50 -17.67 -32.22
N GLU G 4165 23.27 -16.59 -32.17
CA GLU G 4165 24.06 -16.18 -33.31
C GLU G 4165 25.12 -17.21 -33.66
N LEU G 4166 25.78 -17.77 -32.64
CA LEU G 4166 26.78 -18.80 -32.91
C LEU G 4166 26.17 -20.07 -33.47
N ALA G 4167 24.88 -20.28 -33.26
CA ALA G 4167 24.18 -21.45 -33.77
C ALA G 4167 23.28 -21.10 -34.93
N GLU G 4168 23.55 -19.98 -35.60
CA GLU G 4168 22.66 -19.51 -36.66
C GLU G 4168 22.59 -20.51 -37.80
N SER G 4169 23.74 -21.07 -38.18
CA SER G 4169 23.75 -22.06 -39.25
C SER G 4169 22.99 -23.31 -38.84
N ILE G 4170 23.17 -23.76 -37.59
CA ILE G 4170 22.48 -24.96 -37.12
C ILE G 4170 20.97 -24.74 -37.15
N LEU G 4171 20.53 -23.59 -36.64
CA LEU G 4171 19.11 -23.30 -36.60
C LEU G 4171 18.52 -23.18 -38.00
N GLU G 4172 19.24 -22.53 -38.90
CA GLU G 4172 18.78 -22.44 -40.28
C GLU G 4172 18.72 -23.82 -40.92
N TYR G 4173 19.68 -24.68 -40.61
CA TYR G 4173 19.68 -26.02 -41.18
C TYR G 4173 18.49 -26.82 -40.71
N PHE G 4174 18.20 -26.79 -39.42
CA PHE G 4174 17.13 -27.61 -38.87
C PHE G 4174 15.78 -26.92 -38.86
N ARG G 4175 15.69 -25.72 -39.45
CA ARG G 4175 14.41 -25.02 -39.48
C ARG G 4175 13.29 -25.82 -40.15
N PRO G 4176 13.48 -26.43 -41.31
CA PRO G 4176 12.38 -27.22 -41.90
C PRO G 4176 11.97 -28.41 -41.07
N TYR G 4177 12.82 -28.92 -40.18
CA TYR G 4177 12.49 -30.11 -39.41
C TYR G 4177 12.11 -29.82 -37.97
N LEU G 4178 12.22 -28.59 -37.52
CA LEU G 4178 11.87 -28.24 -36.15
C LEU G 4178 10.39 -27.91 -36.14
N GLY G 4179 9.56 -28.87 -35.75
CA GLY G 4179 8.13 -28.65 -35.65
C GLY G 4179 7.77 -28.20 -34.25
N ARG G 4180 6.93 -27.17 -34.18
CA ARG G 4180 6.42 -26.69 -32.90
C ARG G 4180 4.91 -26.57 -32.97
N ILE G 4181 4.25 -26.97 -31.89
CA ILE G 4181 2.81 -26.80 -31.71
C ILE G 4181 2.57 -26.27 -30.32
N GLU G 4182 1.35 -25.82 -30.07
CA GLU G 4182 0.89 -25.42 -28.75
C GLU G 4182 -0.26 -26.32 -28.35
N ILE G 4183 -0.30 -26.69 -27.07
CA ILE G 4183 -1.39 -27.47 -26.51
C ILE G 4183 -1.83 -26.83 -25.20
N MET G 4184 -3.03 -27.19 -24.77
CA MET G 4184 -3.49 -26.91 -23.41
C MET G 4184 -3.03 -28.07 -22.55
N GLY G 4185 -1.99 -27.82 -21.75
CA GLY G 4185 -1.25 -28.89 -21.14
C GLY G 4185 -1.84 -29.41 -19.87
N ALA G 4186 -1.06 -30.28 -19.22
CA ALA G 4186 -1.47 -30.90 -17.96
C ALA G 4186 -1.65 -29.88 -16.85
N SER G 4187 -1.04 -28.71 -16.97
CA SER G 4187 -1.09 -27.69 -15.92
C SER G 4187 -2.14 -26.63 -16.16
N ARG G 4188 -3.20 -26.90 -16.93
CA ARG G 4188 -4.22 -25.90 -17.23
C ARG G 4188 -3.63 -24.62 -17.81
N ARG G 4189 -2.58 -24.75 -18.61
CA ARG G 4189 -1.94 -23.62 -19.26
C ARG G 4189 -1.52 -24.01 -20.67
N ILE G 4190 -1.37 -23.03 -21.53
CA ILE G 4190 -0.94 -23.29 -22.90
C ILE G 4190 0.57 -23.50 -22.90
N GLU G 4191 1.01 -24.64 -23.42
CA GLU G 4191 2.41 -25.00 -23.46
C GLU G 4191 2.84 -25.18 -24.91
N ARG G 4192 4.08 -24.81 -25.20
CA ARG G 4192 4.64 -24.97 -26.52
C ARG G 4192 5.49 -26.23 -26.57
N ILE G 4193 5.26 -27.05 -27.59
CA ILE G 4193 5.90 -28.34 -27.74
C ILE G 4193 6.78 -28.31 -28.98
N TYR G 4194 8.02 -28.76 -28.84
CA TYR G 4194 8.96 -28.84 -29.96
C TYR G 4194 9.19 -30.30 -30.28
N PHE G 4195 9.22 -30.63 -31.57
CA PHE G 4195 9.43 -32.00 -31.99
C PHE G 4195 10.09 -31.98 -33.35
N GLU G 4196 10.23 -33.16 -33.94
CA GLU G 4196 10.97 -33.33 -35.17
C GLU G 4196 10.04 -33.75 -36.30
N ILE G 4197 10.25 -33.17 -37.47
CA ILE G 4197 9.52 -33.52 -38.68
C ILE G 4197 10.51 -34.16 -39.64
N SER G 4198 10.15 -35.31 -40.19
CA SER G 4198 11.09 -36.01 -41.07
C SER G 4198 10.96 -35.52 -42.51
N GLU G 4199 12.03 -35.72 -43.27
CA GLU G 4199 12.04 -35.33 -44.67
C GLU G 4199 10.96 -36.07 -45.45
N THR G 4200 10.82 -37.36 -45.20
CA THR G 4200 9.82 -38.14 -45.91
C THR G 4200 8.42 -37.63 -45.62
N ASN G 4201 8.13 -37.35 -44.35
CA ASN G 4201 6.80 -36.85 -44.00
C ASN G 4201 6.53 -35.51 -44.64
N ARG G 4202 7.51 -34.60 -44.62
CA ARG G 4202 7.28 -33.31 -45.24
C ARG G 4202 7.09 -33.43 -46.73
N ALA G 4203 7.90 -34.26 -47.39
CA ALA G 4203 7.78 -34.43 -48.83
C ALA G 4203 6.43 -35.01 -49.20
N GLN G 4204 5.97 -36.00 -48.45
CA GLN G 4204 4.65 -36.57 -48.72
C GLN G 4204 3.55 -35.55 -48.49
N TRP G 4205 3.68 -34.72 -47.46
CA TRP G 4205 2.67 -33.69 -47.21
C TRP G 4205 2.66 -32.65 -48.32
N GLU G 4206 3.75 -32.50 -49.05
CA GLU G 4206 3.80 -31.52 -50.11
C GLU G 4206 3.26 -32.03 -51.44
N MET G 4207 2.79 -33.26 -51.50
CA MET G 4207 2.33 -33.81 -52.76
C MET G 4207 1.04 -33.12 -53.21
N PRO G 4208 0.87 -32.92 -54.52
CA PRO G 4208 -0.32 -32.19 -55.01
C PRO G 4208 -1.63 -32.85 -54.65
N GLN G 4209 -1.71 -34.18 -54.66
CA GLN G 4209 -2.95 -34.85 -54.29
C GLN G 4209 -3.29 -34.59 -52.83
N VAL G 4210 -2.28 -34.62 -51.94
CA VAL G 4210 -2.50 -34.32 -50.54
C VAL G 4210 -2.92 -32.87 -50.36
N LYS G 4211 -2.30 -31.95 -51.11
CA LYS G 4211 -2.70 -30.55 -50.97
C LYS G 4211 -4.14 -30.35 -51.43
N GLU G 4212 -4.54 -31.04 -52.49
CA GLU G 4212 -5.94 -30.95 -52.92
C GLU G 4212 -6.87 -31.51 -51.87
N SER G 4213 -6.50 -32.64 -51.26
CA SER G 4213 -7.33 -33.20 -50.19
C SER G 4213 -7.45 -32.22 -49.04
N LYS G 4214 -6.35 -31.55 -48.70
CA LYS G 4214 -6.39 -30.58 -47.62
C LYS G 4214 -7.32 -29.42 -47.95
N ARG G 4215 -7.23 -28.90 -49.17
CA ARG G 4215 -8.10 -27.79 -49.55
C ARG G 4215 -9.56 -28.21 -49.51
N GLN G 4216 -9.87 -29.40 -50.02
CA GLN G 4216 -11.25 -29.86 -49.98
C GLN G 4216 -11.74 -30.03 -48.55
N PHE G 4217 -10.91 -30.60 -47.68
CA PHE G 4217 -11.31 -30.76 -46.29
C PHE G 4217 -11.56 -29.42 -45.62
N ILE G 4218 -10.66 -28.48 -45.84
CA ILE G 4218 -10.81 -27.16 -45.22
C ILE G 4218 -12.10 -26.52 -45.69
N PHE G 4219 -12.38 -26.62 -46.98
CA PHE G 4219 -13.61 -26.08 -47.53
C PHE G 4219 -14.83 -26.73 -46.89
N ASP G 4220 -14.84 -28.07 -46.79
CA ASP G 4220 -15.99 -28.74 -46.21
C ASP G 4220 -16.23 -28.28 -44.78
N VAL G 4221 -15.19 -28.32 -43.93
CA VAL G 4221 -15.43 -27.99 -42.53
C VAL G 4221 -15.87 -26.54 -42.39
N VAL G 4222 -15.14 -25.60 -43.00
CA VAL G 4222 -15.45 -24.20 -42.78
C VAL G 4222 -16.81 -23.85 -43.37
N ASN G 4223 -17.17 -24.47 -44.49
CA ASN G 4223 -18.45 -24.18 -45.11
C ASN G 4223 -19.61 -24.79 -44.34
N GLU G 4224 -19.65 -26.12 -44.26
CA GLU G 4224 -20.81 -26.83 -43.74
C GLU G 4224 -20.46 -27.60 -42.46
N GLY G 4225 -19.73 -26.95 -41.55
CA GLY G 4225 -19.41 -27.57 -40.29
C GLY G 4225 -19.63 -26.62 -39.14
N GLY G 4226 -19.81 -27.21 -37.96
CA GLY G 4226 -19.95 -26.47 -36.73
C GLY G 4226 -18.63 -26.37 -35.98
N GLU G 4227 -18.64 -25.53 -34.95
CA GLU G 4227 -17.46 -25.35 -34.12
C GLU G 4227 -17.22 -26.52 -33.18
N ALA G 4228 -18.19 -27.45 -33.08
CA ALA G 4228 -18.07 -28.51 -32.10
C ALA G 4228 -17.37 -29.74 -32.66
N GLU G 4229 -17.65 -30.09 -33.92
CA GLU G 4229 -17.08 -31.28 -34.53
C GLU G 4229 -15.77 -30.99 -35.26
N LYS G 4230 -15.28 -29.76 -35.19
CA LYS G 4230 -14.15 -29.36 -36.02
C LYS G 4230 -12.91 -30.17 -35.72
N MET G 4231 -12.57 -30.32 -34.44
CA MET G 4231 -11.32 -31.00 -34.10
C MET G 4231 -11.41 -32.51 -34.36
N GLU G 4232 -12.57 -33.10 -34.10
CA GLU G 4232 -12.75 -34.51 -34.43
C GLU G 4232 -12.59 -34.72 -35.93
N LEU G 4233 -13.19 -33.84 -36.73
CA LEU G 4233 -13.07 -33.95 -38.17
C LEU G 4233 -11.63 -33.76 -38.62
N PHE G 4234 -10.92 -32.81 -38.01
CA PHE G 4234 -9.55 -32.57 -38.38
C PHE G 4234 -8.66 -33.78 -38.08
N VAL G 4235 -8.88 -34.41 -36.92
CA VAL G 4235 -8.08 -35.57 -36.58
C VAL G 4235 -8.41 -36.74 -37.49
N SER G 4236 -9.68 -36.92 -37.83
CA SER G 4236 -10.06 -37.95 -38.79
C SER G 4236 -9.41 -37.70 -40.14
N PHE G 4237 -9.36 -36.45 -40.56
CA PHE G 4237 -8.65 -36.09 -41.79
C PHE G 4237 -7.18 -36.44 -41.70
N CYS G 4238 -6.57 -36.20 -40.54
CA CYS G 4238 -5.16 -36.53 -40.37
C CYS G 4238 -4.94 -38.04 -40.53
N GLU G 4239 -5.80 -38.84 -39.92
CA GLU G 4239 -5.68 -40.29 -40.04
C GLU G 4239 -5.83 -40.75 -41.49
N ASP G 4240 -6.82 -40.20 -42.18
CA ASP G 4240 -7.01 -40.52 -43.59
C ASP G 4240 -5.80 -40.12 -44.42
N THR G 4241 -5.22 -38.97 -44.12
CA THR G 4241 -4.06 -38.49 -44.85
C THR G 4241 -2.84 -39.38 -44.61
N ILE G 4242 -2.67 -39.85 -43.37
CA ILE G 4242 -1.59 -40.78 -43.09
C ILE G 4242 -1.74 -42.05 -43.91
N PHE G 4243 -2.97 -42.56 -43.98
CA PHE G 4243 -3.20 -43.75 -44.77
C PHE G 4243 -2.92 -43.51 -46.25
N GLU G 4244 -3.33 -42.36 -46.77
CA GLU G 4244 -3.04 -42.04 -48.17
C GLU G 4244 -1.54 -41.93 -48.41
N MET G 4245 -0.82 -41.36 -47.47
CA MET G 4245 0.64 -41.30 -47.59
C MET G 4245 1.22 -42.70 -47.65
N GLN G 4246 0.72 -43.62 -46.83
CA GLN G 4246 1.19 -45.00 -46.90
C GLN G 4246 0.91 -45.61 -48.26
N ILE G 4247 -0.29 -45.40 -48.80
CA ILE G 4247 -0.62 -45.96 -50.10
C ILE G 4247 0.31 -45.40 -51.16
N ALA G 4248 0.58 -44.10 -51.11
CA ALA G 4248 1.48 -43.48 -52.07
C ALA G 4248 2.89 -44.03 -51.95
N ALA G 4249 3.38 -44.24 -50.73
CA ALA G 4249 4.70 -44.82 -50.55
C ALA G 4249 4.75 -46.22 -51.13
N GLN G 4250 3.71 -47.02 -50.90
CA GLN G 4250 3.69 -48.37 -51.42
C GLN G 4250 3.72 -48.38 -52.94
N ILE G 4251 2.89 -47.55 -53.58
CA ILE G 4251 2.83 -47.55 -55.04
C ILE G 4251 3.99 -46.80 -55.67
N SER G 4252 4.77 -46.07 -54.88
CA SER G 4252 5.92 -45.36 -55.41
C SER G 4252 6.99 -46.34 -55.88
N GLU G 4253 7.64 -45.99 -56.98
CA GLU G 4253 8.68 -46.85 -57.52
C GLU G 4253 10.04 -46.19 -57.38
N PRO G 4254 11.08 -46.96 -57.00
CA PRO G 4254 12.42 -46.42 -56.78
C PRO G 4254 13.12 -46.02 -58.08
N PHE G 4540 8.05 -69.83 -60.86
CA PHE G 4540 7.67 -68.71 -61.70
C PHE G 4540 6.63 -67.83 -61.02
N TRP G 4541 6.08 -68.32 -59.91
CA TRP G 4541 5.08 -67.55 -59.19
C TRP G 4541 5.66 -66.25 -58.63
N GLY G 4542 6.89 -66.31 -58.13
CA GLY G 4542 7.52 -65.09 -57.65
C GLY G 4542 7.70 -64.05 -58.73
N GLU G 4543 8.14 -64.48 -59.91
CA GLU G 4543 8.31 -63.54 -61.02
C GLU G 4543 6.98 -62.92 -61.42
N LEU G 4544 5.93 -63.74 -61.54
CA LEU G 4544 4.64 -63.20 -61.95
C LEU G 4544 4.07 -62.28 -60.88
N GLU G 4545 4.30 -62.59 -59.60
CA GLU G 4545 3.80 -61.72 -58.54
C GLU G 4545 4.52 -60.38 -58.52
N VAL G 4546 5.85 -60.40 -58.67
CA VAL G 4546 6.56 -59.13 -58.67
C VAL G 4546 6.18 -58.31 -59.90
N GLN G 4547 6.00 -58.95 -61.06
CA GLN G 4547 5.54 -58.22 -62.22
C GLN G 4547 4.12 -57.68 -62.04
N ARG G 4548 3.26 -58.45 -61.37
CA ARG G 4548 1.89 -58.01 -61.15
C ARG G 4548 1.84 -56.79 -60.25
N VAL G 4549 2.62 -56.80 -59.16
CA VAL G 4549 2.61 -55.64 -58.28
C VAL G 4549 3.29 -54.44 -58.96
N LYS G 4550 4.32 -54.68 -59.78
CA LYS G 4550 4.89 -53.59 -60.54
C LYS G 4550 3.86 -52.97 -61.48
N PHE G 4551 3.10 -53.81 -62.18
CA PHE G 4551 2.08 -53.32 -63.09
C PHE G 4551 0.99 -52.56 -62.35
N LEU G 4552 0.56 -53.09 -61.20
CA LEU G 4552 -0.48 -52.45 -60.41
C LEU G 4552 -0.02 -51.09 -59.89
N ASN G 4553 1.23 -51.02 -59.43
CA ASN G 4553 1.78 -49.73 -59.03
C ASN G 4553 1.85 -48.78 -60.20
N TYR G 4554 2.20 -49.28 -61.37
CA TYR G 4554 2.27 -48.42 -62.55
C TYR G 4554 0.90 -47.83 -62.87
N LEU G 4555 -0.13 -48.66 -62.84
CA LEU G 4555 -1.48 -48.18 -63.08
C LEU G 4555 -1.92 -47.19 -62.01
N SER G 4556 -1.57 -47.45 -60.75
CA SER G 4556 -1.95 -46.55 -59.68
C SER G 4556 -1.28 -45.19 -59.82
N ARG G 4557 0.02 -45.18 -60.13
CA ARG G 4557 0.74 -43.92 -60.27
C ARG G 4557 0.19 -43.08 -61.41
N ASN G 4558 -0.16 -43.73 -62.52
CA ASN G 4558 -0.57 -43.03 -63.73
C ASN G 4558 -2.08 -43.06 -63.94
N PHE G 4559 -2.84 -43.09 -62.85
CA PHE G 4559 -4.29 -43.21 -62.98
C PHE G 4559 -4.88 -42.00 -63.68
N TYR G 4560 -4.41 -40.80 -63.32
CA TYR G 4560 -4.97 -39.60 -63.93
C TYR G 4560 -4.50 -39.44 -65.37
N THR G 4561 -3.27 -39.84 -65.68
CA THR G 4561 -2.83 -39.80 -67.07
C THR G 4561 -3.64 -40.77 -67.91
N LEU G 4562 -3.96 -41.94 -67.36
CA LEU G 4562 -4.85 -42.85 -68.07
C LEU G 4562 -6.22 -42.23 -68.27
N ARG G 4563 -6.74 -41.53 -67.26
CA ARG G 4563 -8.03 -40.89 -67.39
C ARG G 4563 -8.03 -39.86 -68.52
N PHE G 4564 -7.00 -39.01 -68.55
CA PHE G 4564 -6.88 -38.03 -69.61
C PHE G 4564 -6.72 -38.71 -70.96
N LEU G 4565 -5.97 -39.82 -71.01
CA LEU G 4565 -5.79 -40.54 -72.25
C LEU G 4565 -7.12 -41.08 -72.75
N ALA G 4566 -7.96 -41.57 -71.83
CA ALA G 4566 -9.28 -42.04 -72.22
C ALA G 4566 -10.12 -40.93 -72.81
N LEU G 4567 -10.07 -39.75 -72.19
CA LEU G 4567 -10.83 -38.62 -72.73
C LEU G 4567 -10.32 -38.23 -74.12
N PHE G 4568 -9.00 -38.17 -74.29
CA PHE G 4568 -8.43 -37.82 -75.59
C PHE G 4568 -8.82 -38.82 -76.65
N LEU G 4569 -8.79 -40.11 -76.31
CA LEU G 4569 -9.20 -41.15 -77.24
C LEU G 4569 -10.67 -41.01 -77.61
N ALA G 4570 -11.53 -40.67 -76.63
CA ALA G 4570 -12.93 -40.47 -76.95
C ALA G 4570 -13.12 -39.31 -77.92
N PHE G 4571 -12.39 -38.21 -77.70
CA PHE G 4571 -12.48 -37.09 -78.63
C PHE G 4571 -12.04 -37.50 -80.03
N ALA G 4572 -10.95 -38.25 -80.13
CA ALA G 4572 -10.49 -38.69 -81.45
C ALA G 4572 -11.52 -39.57 -82.13
N ILE G 4573 -12.10 -40.51 -81.38
CA ILE G 4573 -13.12 -41.38 -81.94
C ILE G 4573 -14.29 -40.57 -82.47
N ASN G 4574 -14.76 -39.62 -81.67
CA ASN G 4574 -15.92 -38.83 -82.09
C ASN G 4574 -15.60 -37.97 -83.30
N PHE G 4575 -14.39 -37.40 -83.34
CA PHE G 4575 -13.99 -36.61 -84.50
C PHE G 4575 -13.99 -37.48 -85.76
N ILE G 4576 -13.54 -38.72 -85.64
CA ILE G 4576 -13.67 -39.64 -86.77
C ILE G 4576 -15.14 -39.85 -87.10
N LEU G 4577 -15.98 -39.99 -86.07
CA LEU G 4577 -17.39 -40.28 -86.28
C LEU G 4577 -18.13 -39.14 -86.96
N LEU G 4578 -17.59 -37.93 -86.93
CA LEU G 4578 -18.24 -36.83 -87.63
C LEU G 4578 -18.30 -37.05 -89.13
N PHE G 4579 -17.52 -37.99 -89.66
CA PHE G 4579 -17.45 -38.22 -91.10
C PHE G 4579 -18.44 -39.27 -91.56
N TYR G 4580 -19.26 -39.79 -90.68
CA TYR G 4580 -20.19 -40.84 -91.04
C TYR G 4580 -21.23 -40.34 -92.04
N LYS G 4581 -21.73 -41.27 -92.84
CA LYS G 4581 -22.69 -40.95 -93.88
C LYS G 4581 -23.59 -42.16 -94.05
N VAL G 4582 -24.85 -41.92 -94.40
CA VAL G 4582 -25.81 -42.98 -94.64
C VAL G 4582 -26.27 -42.91 -96.09
N SER G 4583 -26.25 -44.05 -96.77
CA SER G 4583 -26.66 -44.10 -98.16
C SER G 4583 -27.37 -45.43 -98.43
N ASP G 4584 -28.25 -45.42 -99.42
CA ASP G 4584 -28.96 -46.65 -99.78
C ASP G 4584 -28.08 -47.59 -100.59
N SER G 4585 -27.24 -47.03 -101.47
CA SER G 4585 -26.33 -47.86 -102.25
C SER G 4585 -25.25 -48.46 -101.35
N PRO G 4586 -24.77 -49.66 -101.65
CA PRO G 4586 -23.68 -50.23 -100.87
C PRO G 4586 -22.44 -49.39 -101.00
N PRO G 4587 -21.62 -49.33 -99.94
CA PRO G 4587 -20.34 -48.62 -99.94
C PRO G 4587 -19.26 -49.36 -100.71
N ASN G 4626 -35.28 -52.80 -98.13
CA ASN G 4626 -35.16 -51.38 -98.43
C ASN G 4626 -34.58 -50.61 -97.25
N MET G 4627 -33.56 -51.19 -96.62
CA MET G 4627 -32.92 -50.58 -95.46
C MET G 4627 -31.53 -50.09 -95.82
N VAL G 4628 -31.00 -49.18 -95.01
CA VAL G 4628 -29.90 -48.34 -95.38
C VAL G 4628 -28.59 -48.83 -94.76
N TYR G 4629 -27.48 -48.32 -95.28
CA TYR G 4629 -26.14 -48.68 -94.84
C TYR G 4629 -25.45 -47.45 -94.27
N TYR G 4630 -24.75 -47.63 -93.15
CA TYR G 4630 -23.97 -46.57 -92.52
C TYR G 4630 -22.51 -46.84 -92.79
N PHE G 4631 -21.78 -45.81 -93.22
CA PHE G 4631 -20.38 -45.98 -93.57
C PHE G 4631 -19.66 -44.65 -93.48
N LEU G 4632 -18.37 -44.72 -93.18
CA LEU G 4632 -17.53 -43.53 -93.21
C LEU G 4632 -17.42 -43.02 -94.63
N GLU G 4633 -17.29 -41.71 -94.77
CA GLU G 4633 -17.16 -41.09 -96.08
C GLU G 4633 -15.92 -40.21 -96.03
N GLU G 4634 -14.77 -40.80 -96.39
CA GLU G 4634 -13.52 -40.07 -96.39
C GLU G 4634 -12.66 -40.59 -97.54
N SER G 4635 -11.71 -39.75 -97.96
CA SER G 4635 -10.86 -40.08 -99.10
C SER G 4635 -9.58 -40.81 -98.70
N THR G 4636 -9.08 -40.60 -97.48
CA THR G 4636 -7.80 -41.15 -97.10
C THR G 4636 -7.81 -42.67 -97.12
N GLY G 4637 -8.89 -43.28 -96.66
CA GLY G 4637 -8.97 -44.72 -96.57
C GLY G 4637 -8.35 -45.30 -95.31
N TYR G 4638 -7.82 -44.45 -94.43
CA TYR G 4638 -7.24 -44.91 -93.17
C TYR G 4638 -8.16 -44.69 -91.98
N MET G 4639 -9.25 -43.92 -92.16
CA MET G 4639 -10.13 -43.62 -91.04
C MET G 4639 -10.84 -44.88 -90.54
N GLU G 4640 -11.26 -45.75 -91.44
CA GLU G 4640 -11.92 -46.98 -91.00
C GLU G 4640 -11.01 -47.85 -90.16
N PRO G 4641 -9.76 -48.12 -90.53
CA PRO G 4641 -8.86 -48.84 -89.60
C PRO G 4641 -8.57 -48.07 -88.33
N ALA G 4642 -8.41 -46.74 -88.44
CA ALA G 4642 -8.09 -45.95 -87.26
C ALA G 4642 -9.20 -46.01 -86.23
N LEU G 4643 -10.45 -46.02 -86.68
CA LEU G 4643 -11.57 -46.07 -85.75
C LEU G 4643 -11.57 -47.38 -84.96
N TRP G 4644 -11.33 -48.50 -85.64
CA TRP G 4644 -11.27 -49.78 -84.94
C TRP G 4644 -10.12 -49.82 -83.95
N CYS G 4645 -8.94 -49.35 -84.38
CA CYS G 4645 -7.79 -49.33 -83.49
C CYS G 4645 -8.06 -48.48 -82.26
N LEU G 4646 -8.64 -47.29 -82.45
CA LEU G 4646 -8.93 -46.41 -81.32
C LEU G 4646 -10.00 -46.99 -80.42
N SER G 4647 -10.99 -47.68 -80.98
CA SER G 4647 -12.01 -48.29 -80.14
C SER G 4647 -11.40 -49.35 -79.22
N LEU G 4648 -10.55 -50.21 -79.79
CA LEU G 4648 -9.88 -51.20 -78.94
C LEU G 4648 -9.01 -50.53 -77.89
N LEU G 4649 -8.24 -49.52 -78.29
CA LEU G 4649 -7.36 -48.85 -77.35
C LEU G 4649 -8.16 -48.18 -76.23
N HIS G 4650 -9.29 -47.58 -76.58
CA HIS G 4650 -10.11 -46.89 -75.58
C HIS G 4650 -10.70 -47.87 -74.58
N THR G 4651 -11.18 -49.02 -75.06
CA THR G 4651 -11.70 -50.01 -74.12
C THR G 4651 -10.61 -50.49 -73.18
N LEU G 4652 -9.42 -50.73 -73.72
CA LEU G 4652 -8.30 -51.15 -72.86
C LEU G 4652 -7.97 -50.07 -71.83
N VAL G 4653 -7.94 -48.80 -72.26
CA VAL G 4653 -7.60 -47.73 -71.34
C VAL G 4653 -8.64 -47.62 -70.24
N ALA G 4654 -9.91 -47.78 -70.58
CA ALA G 4654 -10.96 -47.75 -69.56
C ALA G 4654 -10.75 -48.87 -68.55
N PHE G 4655 -10.43 -50.07 -69.03
CA PHE G 4655 -10.19 -51.18 -68.09
C PHE G 4655 -9.04 -50.86 -67.17
N LEU G 4656 -7.96 -50.31 -67.71
CA LEU G 4656 -6.82 -49.96 -66.88
C LEU G 4656 -7.19 -48.88 -65.87
N CYS G 4657 -8.07 -47.96 -66.25
CA CYS G 4657 -8.54 -46.96 -65.29
C CYS G 4657 -9.30 -47.60 -64.15
N ILE G 4658 -10.15 -48.57 -64.46
CA ILE G 4658 -10.86 -49.30 -63.41
C ILE G 4658 -9.87 -49.94 -62.44
N ILE G 4659 -8.86 -50.62 -62.98
CA ILE G 4659 -7.90 -51.30 -62.10
C ILE G 4659 -7.14 -50.30 -61.26
N GLY G 4660 -6.69 -49.20 -61.86
CA GLY G 4660 -5.96 -48.21 -61.10
C GLY G 4660 -6.80 -47.61 -59.99
N TYR G 4661 -8.08 -47.39 -60.26
CA TYR G 4661 -8.94 -46.85 -59.22
C TYR G 4661 -9.08 -47.84 -58.07
N ASN G 4662 -9.30 -49.12 -58.38
CA ASN G 4662 -9.49 -50.03 -57.26
C ASN G 4662 -8.18 -50.34 -56.55
N CYS G 4663 -7.04 -49.98 -57.13
CA CYS G 4663 -5.76 -50.10 -56.44
C CYS G 4663 -5.34 -48.83 -55.74
N LEU G 4664 -5.98 -47.69 -55.99
CA LEU G 4664 -5.51 -46.42 -55.48
C LEU G 4664 -6.47 -45.75 -54.50
N LYS G 4665 -7.78 -45.80 -54.76
CA LYS G 4665 -8.76 -45.11 -53.92
C LYS G 4665 -9.60 -46.06 -53.06
N VAL G 4666 -9.94 -47.22 -53.61
CA VAL G 4666 -10.74 -48.18 -52.85
C VAL G 4666 -10.13 -48.51 -51.50
N PRO G 4667 -8.81 -48.64 -51.35
CA PRO G 4667 -8.26 -48.82 -50.00
C PRO G 4667 -8.66 -47.72 -49.04
N LEU G 4668 -8.66 -46.46 -49.49
CA LEU G 4668 -9.10 -45.39 -48.60
C LEU G 4668 -10.59 -45.51 -48.28
N VAL G 4669 -11.40 -45.89 -49.27
CA VAL G 4669 -12.83 -46.06 -49.01
C VAL G 4669 -13.05 -47.11 -47.92
N ILE G 4670 -12.43 -48.27 -48.06
CA ILE G 4670 -12.60 -49.34 -47.08
C ILE G 4670 -12.00 -48.93 -45.75
N PHE G 4671 -10.90 -48.20 -45.76
CA PHE G 4671 -10.28 -47.76 -44.51
C PHE G 4671 -11.22 -46.86 -43.74
N LYS G 4672 -11.78 -45.85 -44.41
CA LYS G 4672 -12.70 -44.94 -43.73
C LYS G 4672 -13.88 -45.69 -43.18
N ARG G 4673 -14.43 -46.62 -43.96
CA ARG G 4673 -15.61 -47.34 -43.50
C ARG G 4673 -15.30 -48.23 -42.30
N GLU G 4674 -14.18 -48.96 -42.35
CA GLU G 4674 -13.81 -49.79 -41.22
C GLU G 4674 -13.55 -48.95 -39.98
N LYS G 4675 -12.89 -47.80 -40.14
CA LYS G 4675 -12.56 -46.98 -38.99
C LYS G 4675 -13.81 -46.43 -38.32
N GLU G 4676 -14.75 -45.91 -39.11
CA GLU G 4676 -15.99 -45.43 -38.50
C GLU G 4676 -16.77 -46.57 -37.86
N LEU G 4677 -16.82 -47.74 -38.50
CA LEU G 4677 -17.54 -48.86 -37.90
C LEU G 4677 -16.93 -49.28 -36.57
N ALA G 4678 -15.59 -49.34 -36.51
CA ALA G 4678 -14.94 -49.75 -35.28
C ALA G 4678 -15.17 -48.75 -34.17
N ARG G 4679 -15.08 -47.46 -34.47
CA ARG G 4679 -15.28 -46.48 -33.41
C ARG G 4679 -16.73 -46.46 -32.94
N LYS G 4680 -17.68 -46.72 -33.84
CA LYS G 4680 -19.06 -46.83 -33.40
C LYS G 4680 -19.29 -48.10 -32.57
N LEU G 4681 -18.63 -49.20 -32.90
CA LEU G 4681 -18.72 -50.37 -32.05
C LEU G 4681 -18.19 -50.10 -30.66
N GLU G 4682 -17.02 -49.48 -30.57
CA GLU G 4682 -16.38 -49.34 -29.27
C GLU G 4682 -17.00 -48.21 -28.44
N PHE G 4683 -16.99 -46.99 -28.97
CA PHE G 4683 -17.41 -45.85 -28.16
C PHE G 4683 -18.91 -45.66 -28.12
N ASP G 4684 -19.68 -46.44 -28.86
CA ASP G 4684 -21.13 -46.29 -28.88
C ASP G 4684 -21.92 -47.58 -28.72
N GLY G 4685 -21.33 -48.74 -28.97
CA GLY G 4685 -22.09 -49.97 -28.89
C GLY G 4685 -23.18 -50.05 -29.92
N LEU G 4686 -22.84 -49.83 -31.19
CA LEU G 4686 -23.85 -49.79 -32.24
C LEU G 4686 -24.67 -51.07 -32.28
N TYR G 4687 -24.00 -52.21 -32.37
CA TYR G 4687 -24.69 -53.48 -32.50
C TYR G 4687 -24.77 -54.23 -31.19
N ILE G 4688 -24.35 -53.59 -30.10
CA ILE G 4688 -24.45 -54.16 -28.77
C ILE G 4688 -25.62 -53.55 -28.00
N THR G 4689 -25.83 -52.24 -28.13
CA THR G 4689 -26.86 -51.56 -27.39
C THR G 4689 -28.01 -51.07 -28.27
N GLU G 4690 -27.73 -50.24 -29.28
CA GLU G 4690 -28.82 -49.52 -29.93
C GLU G 4690 -29.46 -50.31 -31.06
N GLN G 4691 -28.66 -50.96 -31.91
CA GLN G 4691 -29.20 -51.76 -33.01
C GLN G 4691 -30.04 -50.94 -33.98
N PRO G 4692 -29.41 -50.17 -34.90
CA PRO G 4692 -30.16 -49.38 -35.89
C PRO G 4692 -31.39 -50.06 -36.47
N GLY G 4693 -32.43 -49.28 -36.77
CA GLY G 4693 -33.73 -49.82 -37.10
C GLY G 4693 -34.04 -50.02 -38.57
N ASP G 4694 -33.17 -50.72 -39.30
CA ASP G 4694 -33.41 -51.23 -40.66
C ASP G 4694 -33.59 -50.12 -41.69
N ASP G 4695 -33.59 -48.86 -41.29
CA ASP G 4695 -33.70 -47.74 -42.22
C ASP G 4695 -32.35 -47.20 -42.64
N ASP G 4696 -31.28 -47.57 -41.93
CA ASP G 4696 -29.92 -47.17 -42.25
C ASP G 4696 -29.29 -48.28 -43.06
N VAL G 4697 -29.26 -48.10 -44.39
CA VAL G 4697 -28.74 -49.15 -45.25
C VAL G 4697 -27.26 -49.40 -44.99
N LYS G 4698 -26.51 -48.34 -44.66
CA LYS G 4698 -25.10 -48.49 -44.32
C LYS G 4698 -24.94 -49.36 -43.08
N GLY G 4699 -25.65 -49.02 -42.00
CA GLY G 4699 -25.53 -49.79 -40.78
C GLY G 4699 -26.01 -51.21 -40.93
N GLN G 4700 -27.05 -51.42 -41.73
CA GLN G 4700 -27.54 -52.78 -41.93
C GLN G 4700 -26.59 -53.58 -42.78
N TRP G 4701 -25.89 -52.95 -43.73
CA TRP G 4701 -24.93 -53.68 -44.54
C TRP G 4701 -23.67 -53.99 -43.76
N ASP G 4702 -23.31 -53.15 -42.79
CA ASP G 4702 -22.10 -53.42 -42.03
C ASP G 4702 -22.23 -54.65 -41.14
N ARG G 4703 -23.43 -55.20 -40.97
CA ARG G 4703 -23.58 -56.38 -40.13
C ARG G 4703 -22.87 -57.59 -40.72
N LEU G 4704 -22.64 -57.62 -42.03
CA LEU G 4704 -22.00 -58.77 -42.65
C LEU G 4704 -20.53 -58.89 -42.28
N VAL G 4705 -19.89 -57.82 -41.82
CA VAL G 4705 -18.45 -57.83 -41.63
C VAL G 4705 -18.04 -58.09 -40.19
N LEU G 4706 -18.96 -58.03 -39.24
CA LEU G 4706 -18.57 -58.08 -37.84
C LEU G 4706 -17.90 -59.40 -37.49
N ASN G 4707 -18.47 -60.52 -37.88
CA ASN G 4707 -17.95 -61.82 -37.51
C ASN G 4707 -16.89 -62.33 -38.46
N THR G 4708 -16.48 -61.53 -39.43
CA THR G 4708 -15.46 -61.96 -40.36
C THR G 4708 -14.12 -62.09 -39.65
N PRO G 4709 -13.28 -63.04 -40.05
CA PRO G 4709 -11.94 -63.14 -39.44
C PRO G 4709 -11.10 -61.92 -39.69
N SER G 4710 -11.39 -61.15 -40.73
CA SER G 4710 -10.51 -60.09 -41.18
C SER G 4710 -11.23 -58.76 -41.27
N PHE G 4711 -12.03 -58.43 -40.27
CA PHE G 4711 -12.81 -57.19 -40.37
C PHE G 4711 -11.93 -55.95 -40.40
N PRO G 4712 -10.97 -55.76 -39.51
CA PRO G 4712 -10.07 -54.60 -39.72
C PRO G 4712 -8.90 -54.99 -40.62
N SER G 4713 -9.14 -54.99 -41.93
CA SER G 4713 -8.09 -55.29 -42.88
C SER G 4713 -7.28 -54.05 -43.23
N ASN G 4714 -7.94 -52.93 -43.51
CA ASN G 4714 -7.25 -51.69 -43.82
C ASN G 4714 -7.05 -50.81 -42.60
N TYR G 4715 -8.03 -50.76 -41.71
CA TYR G 4715 -7.90 -50.02 -40.48
C TYR G 4715 -6.78 -50.60 -39.64
N TRP G 4716 -6.00 -49.75 -38.98
CA TRP G 4716 -4.76 -50.20 -38.29
C TRP G 4716 -4.99 -51.00 -37.05
N ASP G 4717 -6.18 -50.95 -36.52
CA ASP G 4717 -6.43 -51.53 -35.20
C ASP G 4717 -6.90 -52.97 -35.37
N LYS G 4718 -6.03 -53.92 -35.04
CA LYS G 4718 -6.38 -55.33 -35.12
C LYS G 4718 -6.87 -55.88 -33.81
N PHE G 4719 -7.10 -55.03 -32.81
CA PHE G 4719 -7.54 -55.45 -31.49
C PHE G 4719 -8.87 -54.80 -31.11
N VAL G 4720 -9.59 -54.32 -32.11
CA VAL G 4720 -10.87 -53.65 -31.86
C VAL G 4720 -11.86 -54.62 -31.25
N LYS G 4721 -11.85 -55.87 -31.70
CA LYS G 4721 -12.76 -56.85 -31.15
C LYS G 4721 -12.44 -57.15 -29.70
N ARG G 4722 -11.16 -57.26 -29.37
CA ARG G 4722 -10.77 -57.45 -27.98
C ARG G 4722 -11.22 -56.27 -27.13
N LYS G 4723 -11.06 -55.05 -27.64
CA LYS G 4723 -11.49 -53.88 -26.88
C LYS G 4723 -13.01 -53.86 -26.68
N VAL G 4724 -13.76 -54.18 -27.73
CA VAL G 4724 -15.21 -54.21 -27.62
C VAL G 4724 -15.65 -55.26 -26.60
N LEU G 4725 -15.02 -56.44 -26.64
CA LEU G 4725 -15.36 -57.47 -25.68
C LEU G 4725 -15.04 -57.02 -24.26
N ASP G 4726 -13.83 -56.51 -24.04
CA ASP G 4726 -13.45 -56.08 -22.70
C ASP G 4726 -14.34 -54.95 -22.21
N LYS G 4727 -14.95 -54.19 -23.11
CA LYS G 4727 -15.80 -53.10 -22.68
C LYS G 4727 -17.25 -53.50 -22.43
N HIS G 4728 -17.80 -54.44 -23.20
CA HIS G 4728 -19.23 -54.72 -23.13
C HIS G 4728 -19.58 -56.13 -22.69
N GLY G 4729 -18.62 -57.05 -22.60
CA GLY G 4729 -18.95 -58.45 -22.38
C GLY G 4729 -19.53 -58.71 -21.01
N ASP G 4730 -19.05 -58.00 -20.00
CA ASP G 4730 -19.55 -58.23 -18.66
C ASP G 4730 -21.04 -57.95 -18.57
N ILE G 4731 -21.50 -56.84 -19.15
CA ILE G 4731 -22.89 -56.45 -19.02
C ILE G 4731 -23.79 -57.13 -20.06
N PHE G 4732 -23.29 -57.36 -21.28
CA PHE G 4732 -24.14 -57.98 -22.30
C PHE G 4732 -23.83 -59.43 -22.58
N GLY G 4733 -22.85 -60.03 -21.92
CA GLY G 4733 -22.56 -61.43 -22.14
C GLY G 4733 -21.34 -61.64 -23.01
N ARG G 4734 -20.28 -62.15 -22.41
CA ARG G 4734 -19.02 -62.32 -23.14
C ARG G 4734 -19.18 -63.29 -24.29
N GLU G 4735 -19.88 -64.40 -24.08
CA GLU G 4735 -20.09 -65.36 -25.15
C GLU G 4735 -20.97 -64.79 -26.25
N ARG G 4736 -21.98 -64.00 -25.89
CA ARG G 4736 -22.82 -63.36 -26.88
C ARG G 4736 -22.03 -62.38 -27.74
N ILE G 4737 -21.18 -61.57 -27.10
CA ILE G 4737 -20.32 -60.64 -27.83
C ILE G 4737 -19.35 -61.41 -28.71
N ALA G 4738 -18.81 -62.52 -28.21
CA ALA G 4738 -17.87 -63.31 -28.99
C ALA G 4738 -18.54 -63.88 -30.22
N GLU G 4739 -19.79 -64.34 -30.09
CA GLU G 4739 -20.53 -64.81 -31.25
C GLU G 4739 -20.83 -63.67 -32.20
N LEU G 4740 -21.15 -62.49 -31.67
CA LEU G 4740 -21.43 -61.34 -32.52
C LEU G 4740 -20.23 -60.96 -33.36
N LEU G 4741 -19.06 -60.94 -32.74
CA LEU G 4741 -17.84 -60.53 -33.43
C LEU G 4741 -17.07 -61.69 -34.03
N GLY G 4742 -17.59 -62.91 -33.92
CA GLY G 4742 -16.90 -64.06 -34.48
C GLY G 4742 -15.57 -64.34 -33.81
N MET G 4743 -15.52 -64.25 -32.49
CA MET G 4743 -14.29 -64.51 -31.75
C MET G 4743 -14.35 -65.88 -31.09
N ASP G 4744 -13.19 -66.45 -30.84
CA ASP G 4744 -13.06 -67.67 -30.05
C ASP G 4744 -12.48 -67.30 -28.69
N LEU G 4745 -13.26 -67.52 -27.63
CA LEU G 4745 -12.83 -67.11 -26.31
C LEU G 4745 -11.62 -67.90 -25.84
N ALA G 4746 -11.46 -69.13 -26.33
CA ALA G 4746 -10.33 -69.96 -25.91
C ALA G 4746 -9.00 -69.49 -26.47
N SER G 4747 -8.98 -68.95 -27.69
CA SER G 4747 -7.75 -68.63 -28.38
C SER G 4747 -7.04 -67.40 -27.81
N LEU G 4748 -7.76 -66.55 -27.10
CA LEU G 4748 -7.16 -65.32 -26.59
C LEU G 4748 -6.02 -65.63 -25.62
N GLU G 4749 -6.25 -66.59 -24.73
CA GLU G 4749 -5.24 -66.93 -23.73
C GLU G 4749 -3.97 -67.46 -24.39
N ILE G 4750 -4.10 -68.37 -25.35
CA ILE G 4750 -2.91 -68.95 -25.97
C ILE G 4750 -2.18 -67.90 -26.81
N THR G 4751 -2.92 -67.00 -27.46
CA THR G 4751 -2.27 -65.93 -28.21
C THR G 4751 -1.47 -65.03 -27.26
N ALA G 4752 -2.02 -64.73 -26.08
CA ALA G 4752 -1.22 -64.04 -25.07
C ALA G 4752 -0.07 -64.89 -24.57
N HIS G 4753 -0.23 -66.22 -24.58
CA HIS G 4753 0.78 -67.11 -24.05
C HIS G 4753 2.04 -67.08 -24.91
N ASN G 4754 1.91 -67.45 -26.19
CA ASN G 4754 3.08 -67.57 -27.04
C ASN G 4754 2.66 -67.37 -28.48
N GLU G 4755 3.64 -67.29 -29.37
CA GLU G 4755 3.42 -67.05 -30.79
C GLU G 4755 3.74 -68.31 -31.57
N ARG G 4756 2.87 -68.65 -32.51
CA ARG G 4756 3.03 -69.82 -33.36
C ARG G 4756 3.57 -69.39 -34.72
N LYS G 4757 4.49 -70.19 -35.28
CA LYS G 4757 5.09 -69.94 -36.58
C LYS G 4757 4.73 -71.11 -37.49
N PRO G 4758 3.62 -71.05 -38.20
CA PRO G 4758 3.19 -72.17 -39.04
C PRO G 4758 3.93 -72.16 -40.37
N ASP G 4759 3.58 -73.13 -41.22
CA ASP G 4759 4.14 -73.22 -42.56
C ASP G 4759 3.26 -72.44 -43.53
N PRO G 4760 3.76 -71.36 -44.14
CA PRO G 4760 3.00 -70.65 -45.17
C PRO G 4760 3.31 -71.16 -46.56
N PRO G 4761 2.68 -72.25 -47.01
CA PRO G 4761 3.04 -72.81 -48.31
C PRO G 4761 2.60 -71.90 -49.44
N PRO G 4762 3.52 -71.51 -50.32
CA PRO G 4762 3.21 -70.58 -51.41
C PRO G 4762 2.52 -71.25 -52.60
N GLY G 4763 1.35 -71.84 -52.35
CA GLY G 4763 0.58 -72.52 -53.37
C GLY G 4763 -0.77 -71.84 -53.58
N LEU G 4764 -1.18 -71.76 -54.85
CA LEU G 4764 -2.49 -71.19 -55.17
C LEU G 4764 -3.63 -72.05 -54.62
N LEU G 4765 -3.45 -73.37 -54.61
CA LEU G 4765 -4.46 -74.23 -53.98
C LEU G 4765 -4.61 -73.89 -52.51
N THR G 4766 -3.50 -73.68 -51.80
CA THR G 4766 -3.58 -73.32 -50.38
C THR G 4766 -4.15 -71.92 -50.20
N TRP G 4767 -3.89 -71.02 -51.15
CA TRP G 4767 -4.45 -69.69 -51.10
C TRP G 4767 -5.95 -69.69 -51.38
N LEU G 4768 -6.46 -70.74 -52.03
CA LEU G 4768 -7.87 -70.75 -52.44
C LEU G 4768 -8.79 -70.59 -51.24
N MET G 4769 -8.79 -71.55 -50.32
CA MET G 4769 -9.69 -71.49 -49.17
C MET G 4769 -9.47 -70.29 -48.28
N SER G 4770 -8.29 -69.67 -48.32
CA SER G 4770 -7.97 -68.55 -47.45
C SER G 4770 -8.79 -67.30 -47.76
N ILE G 4771 -9.69 -67.34 -48.72
CA ILE G 4771 -10.51 -66.18 -49.09
C ILE G 4771 -11.68 -66.06 -48.13
N ASP G 4772 -11.81 -64.90 -47.50
CA ASP G 4772 -12.91 -64.59 -46.60
C ASP G 4772 -14.09 -64.11 -47.42
N VAL G 4773 -14.98 -65.03 -47.81
CA VAL G 4773 -15.99 -64.72 -48.80
C VAL G 4773 -16.97 -63.68 -48.29
N LYS G 4774 -17.36 -63.76 -47.02
CA LYS G 4774 -18.30 -62.79 -46.48
C LYS G 4774 -17.71 -61.40 -46.46
N TYR G 4775 -16.44 -61.29 -46.04
CA TYR G 4775 -15.77 -60.00 -46.07
C TYR G 4775 -15.68 -59.48 -47.49
N GLN G 4776 -15.42 -60.36 -48.45
CA GLN G 4776 -15.30 -59.92 -49.84
C GLN G 4776 -16.65 -59.45 -50.38
N ILE G 4777 -17.73 -60.12 -50.02
CA ILE G 4777 -19.05 -59.68 -50.44
C ILE G 4777 -19.36 -58.32 -49.86
N TRP G 4778 -19.04 -58.11 -48.59
CA TRP G 4778 -19.23 -56.80 -47.99
C TRP G 4778 -18.39 -55.74 -48.68
N LYS G 4779 -17.13 -56.05 -48.97
CA LYS G 4779 -16.24 -55.08 -49.59
C LYS G 4779 -16.73 -54.73 -50.99
N PHE G 4780 -17.18 -55.72 -51.74
CA PHE G 4780 -17.66 -55.47 -53.08
C PHE G 4780 -18.96 -54.70 -53.06
N GLY G 4781 -19.82 -54.93 -52.07
CA GLY G 4781 -20.98 -54.08 -51.93
C GLY G 4781 -20.63 -52.63 -51.65
N VAL G 4782 -19.65 -52.42 -50.76
CA VAL G 4782 -19.20 -51.06 -50.47
C VAL G 4782 -18.64 -50.40 -51.73
N ILE G 4783 -17.86 -51.16 -52.51
CA ILE G 4783 -17.29 -50.61 -53.73
C ILE G 4783 -18.37 -50.28 -54.75
N PHE G 4784 -19.33 -51.19 -54.95
CA PHE G 4784 -20.40 -50.94 -55.91
C PHE G 4784 -21.34 -49.84 -55.46
N THR G 4785 -21.35 -49.49 -54.19
CA THR G 4785 -22.10 -48.32 -53.74
C THR G 4785 -21.26 -47.07 -53.69
N ASP G 4786 -20.16 -47.02 -54.45
CA ASP G 4786 -19.29 -45.86 -54.49
C ASP G 4786 -19.49 -45.12 -55.81
N ASN G 4787 -19.63 -43.79 -55.73
CA ASN G 4787 -19.98 -43.02 -56.92
C ASN G 4787 -18.89 -43.06 -57.97
N SER G 4788 -17.63 -42.88 -57.57
CA SER G 4788 -16.55 -42.85 -58.55
C SER G 4788 -16.41 -44.19 -59.25
N PHE G 4789 -16.49 -45.27 -58.48
CA PHE G 4789 -16.41 -46.59 -59.10
C PHE G 4789 -17.59 -46.84 -60.01
N LEU G 4790 -18.79 -46.42 -59.61
CA LEU G 4790 -19.95 -46.61 -60.46
C LEU G 4790 -19.78 -45.85 -61.77
N TYR G 4791 -19.25 -44.62 -61.69
CA TYR G 4791 -19.02 -43.86 -62.90
C TYR G 4791 -18.01 -44.53 -63.80
N LEU G 4792 -16.93 -45.06 -63.23
CA LEU G 4792 -15.94 -45.76 -64.05
C LEU G 4792 -16.52 -47.03 -64.65
N GLY G 4793 -17.37 -47.73 -63.92
CA GLY G 4793 -18.01 -48.91 -64.47
C GLY G 4793 -18.97 -48.56 -65.59
N TRP G 4794 -19.67 -47.43 -65.47
CA TRP G 4794 -20.52 -47.00 -66.56
C TRP G 4794 -19.69 -46.64 -67.78
N TYR G 4795 -18.54 -46.01 -67.55
CA TYR G 4795 -17.60 -45.75 -68.63
C TYR G 4795 -17.23 -47.06 -69.32
N MET G 4796 -16.94 -48.09 -68.53
CA MET G 4796 -16.66 -49.42 -69.03
C MET G 4796 -17.78 -49.92 -69.93
N VAL G 4797 -19.00 -49.87 -69.42
CA VAL G 4797 -20.12 -50.48 -70.12
C VAL G 4797 -20.37 -49.78 -71.43
N MET G 4798 -20.30 -48.45 -71.43
CA MET G 4798 -20.52 -47.72 -72.67
C MET G 4798 -19.38 -47.92 -73.66
N SER G 4799 -18.14 -48.02 -73.16
CA SER G 4799 -17.03 -48.31 -74.05
C SER G 4799 -17.20 -49.67 -74.71
N LEU G 4800 -17.66 -50.67 -73.95
CA LEU G 4800 -17.90 -51.98 -74.54
C LEU G 4800 -19.05 -51.95 -75.53
N LEU G 4801 -20.12 -51.23 -75.22
CA LEU G 4801 -21.24 -51.13 -76.15
C LEU G 4801 -20.84 -50.38 -77.41
N GLY G 4802 -19.81 -49.56 -77.33
CA GLY G 4802 -19.32 -48.88 -78.52
C GLY G 4802 -18.86 -49.83 -79.60
N HIS G 4803 -18.49 -51.05 -79.22
CA HIS G 4803 -18.12 -52.04 -80.23
C HIS G 4803 -19.35 -52.63 -80.90
N TYR G 4804 -20.46 -52.76 -80.16
CA TYR G 4804 -21.72 -53.13 -80.78
C TYR G 4804 -22.21 -52.06 -81.73
N ASN G 4805 -22.06 -50.80 -81.34
CA ASN G 4805 -22.39 -49.67 -82.20
C ASN G 4805 -21.49 -48.51 -81.83
N ASN G 4806 -20.72 -48.02 -82.81
CA ASN G 4806 -19.67 -47.05 -82.50
C ASN G 4806 -20.21 -45.74 -81.99
N PHE G 4807 -21.50 -45.46 -82.18
CA PHE G 4807 -22.03 -44.19 -81.71
C PHE G 4807 -22.21 -44.16 -80.21
N PHE G 4808 -22.06 -45.30 -79.52
CA PHE G 4808 -22.09 -45.28 -78.08
C PHE G 4808 -20.85 -44.64 -77.50
N PHE G 4809 -19.84 -44.37 -78.33
CA PHE G 4809 -18.67 -43.65 -77.90
C PHE G 4809 -18.94 -42.16 -77.75
N ALA G 4810 -20.07 -41.69 -78.26
CA ALA G 4810 -20.46 -40.30 -78.06
C ALA G 4810 -20.72 -40.02 -76.59
N ALA G 4811 -21.18 -41.03 -75.85
CA ALA G 4811 -21.48 -40.85 -74.43
C ALA G 4811 -20.25 -40.48 -73.64
N HIS G 4812 -19.08 -40.96 -74.06
CA HIS G 4812 -17.86 -40.66 -73.33
C HIS G 4812 -17.45 -39.21 -73.46
N LEU G 4813 -18.02 -38.49 -74.43
CA LEU G 4813 -17.79 -37.06 -74.50
C LEU G 4813 -18.35 -36.33 -73.29
N LEU G 4814 -19.26 -36.95 -72.55
CA LEU G 4814 -19.79 -36.34 -71.35
C LEU G 4814 -18.76 -36.31 -70.23
N ASP G 4815 -17.64 -37.01 -70.42
CA ASP G 4815 -16.64 -37.11 -69.37
C ASP G 4815 -16.00 -35.77 -69.04
N ILE G 4816 -16.10 -34.80 -69.96
CA ILE G 4816 -15.45 -33.51 -69.72
C ILE G 4816 -16.00 -32.83 -68.48
N ALA G 4817 -17.22 -33.15 -68.08
CA ALA G 4817 -17.80 -32.54 -66.90
C ALA G 4817 -17.04 -32.90 -65.63
N MET G 4818 -16.67 -34.18 -65.50
CA MET G 4818 -15.85 -34.63 -64.38
C MET G 4818 -14.37 -34.43 -64.62
N GLY G 4819 -13.92 -34.42 -65.87
CA GLY G 4819 -12.51 -34.21 -66.14
C GLY G 4819 -12.04 -32.81 -65.82
N VAL G 4820 -12.91 -31.81 -66.04
CA VAL G 4820 -12.52 -30.41 -65.94
C VAL G 4820 -13.22 -29.81 -64.73
N LYS G 4821 -12.43 -29.25 -63.81
CA LYS G 4821 -13.00 -28.62 -62.63
C LYS G 4821 -13.89 -27.44 -63.02
N THR G 4822 -13.60 -26.78 -64.14
CA THR G 4822 -14.43 -25.67 -64.58
C THR G 4822 -15.84 -26.15 -64.96
N LEU G 4823 -15.92 -27.20 -65.78
CA LEU G 4823 -17.22 -27.77 -66.10
C LEU G 4823 -17.92 -28.28 -64.86
N ARG G 4824 -17.15 -28.89 -63.95
CA ARG G 4824 -17.76 -29.45 -62.76
C ARG G 4824 -18.40 -28.36 -61.92
N THR G 4825 -17.72 -27.22 -61.77
CA THR G 4825 -18.31 -26.09 -61.06
C THR G 4825 -19.54 -25.56 -61.78
N ILE G 4826 -19.46 -25.43 -63.11
CA ILE G 4826 -20.60 -24.89 -63.86
C ILE G 4826 -21.82 -25.78 -63.70
N LEU G 4827 -21.63 -27.10 -63.76
CA LEU G 4827 -22.77 -28.01 -63.64
C LEU G 4827 -23.24 -28.13 -62.20
N SER G 4828 -22.34 -27.95 -61.22
CA SER G 4828 -22.79 -27.83 -59.84
C SER G 4828 -23.67 -26.61 -59.67
N SER G 4829 -23.42 -25.56 -60.46
CA SER G 4829 -24.29 -24.40 -60.44
C SER G 4829 -25.69 -24.70 -60.95
N VAL G 4830 -25.90 -25.86 -61.58
CA VAL G 4830 -27.24 -26.30 -61.94
C VAL G 4830 -27.80 -27.28 -60.91
N THR G 4831 -26.99 -28.26 -60.51
CA THR G 4831 -27.43 -29.26 -59.56
C THR G 4831 -27.64 -28.70 -58.15
N HIS G 4832 -27.20 -27.48 -57.89
CA HIS G 4832 -27.31 -26.90 -56.56
C HIS G 4832 -28.76 -26.77 -56.15
N ASN G 4833 -29.64 -26.41 -57.09
CA ASN G 4833 -31.07 -26.24 -56.84
C ASN G 4833 -31.89 -27.24 -57.64
N GLY G 4834 -31.41 -28.48 -57.69
CA GLY G 4834 -32.08 -29.48 -58.52
C GLY G 4834 -33.47 -29.80 -58.03
N LYS G 4835 -33.66 -29.87 -56.71
CA LYS G 4835 -34.98 -30.13 -56.18
C LYS G 4835 -35.95 -29.02 -56.55
N GLN G 4836 -35.49 -27.77 -56.45
CA GLN G 4836 -36.31 -26.64 -56.87
C GLN G 4836 -36.65 -26.73 -58.36
N LEU G 4837 -35.67 -27.09 -59.20
CA LEU G 4837 -35.92 -27.15 -60.63
C LEU G 4837 -36.96 -28.23 -60.95
N VAL G 4838 -36.81 -29.41 -60.37
CA VAL G 4838 -37.78 -30.46 -60.63
C VAL G 4838 -39.16 -30.04 -60.13
N MET G 4839 -39.22 -29.43 -58.96
CA MET G 4839 -40.52 -29.03 -58.42
C MET G 4839 -41.18 -27.96 -59.28
N THR G 4840 -40.40 -27.01 -59.79
CA THR G 4840 -41.01 -25.96 -60.61
C THR G 4840 -41.41 -26.51 -61.98
N VAL G 4841 -40.69 -27.50 -62.51
CA VAL G 4841 -41.17 -28.15 -63.73
C VAL G 4841 -42.48 -28.87 -63.47
N GLY G 4842 -42.62 -29.52 -62.32
CA GLY G 4842 -43.89 -30.15 -61.99
C GLY G 4842 -45.01 -29.14 -61.86
N LEU G 4843 -44.73 -27.99 -61.25
CA LEU G 4843 -45.75 -26.94 -61.14
C LEU G 4843 -46.13 -26.43 -62.51
N LEU G 4844 -45.16 -26.30 -63.41
CA LEU G 4844 -45.45 -25.91 -64.79
C LEU G 4844 -46.37 -26.93 -65.45
N ALA G 4845 -46.10 -28.22 -65.24
CA ALA G 4845 -46.97 -29.24 -65.79
C ALA G 4845 -48.39 -29.10 -65.27
N VAL G 4846 -48.53 -28.81 -63.97
CA VAL G 4846 -49.87 -28.68 -63.39
C VAL G 4846 -50.60 -27.48 -63.97
N VAL G 4847 -49.93 -26.33 -64.09
CA VAL G 4847 -50.61 -25.14 -64.60
C VAL G 4847 -50.98 -25.33 -66.06
N VAL G 4848 -50.11 -25.98 -66.84
CA VAL G 4848 -50.46 -26.25 -68.23
C VAL G 4848 -51.65 -27.19 -68.29
N TYR G 4849 -51.74 -28.14 -67.35
CA TYR G 4849 -52.89 -29.02 -67.31
C TYR G 4849 -54.17 -28.26 -67.03
N LEU G 4850 -54.11 -27.30 -66.13
CA LEU G 4850 -55.30 -26.49 -65.85
C LEU G 4850 -55.74 -25.74 -67.10
N TYR G 4851 -54.79 -25.16 -67.83
CA TYR G 4851 -55.12 -24.49 -69.07
C TYR G 4851 -55.69 -25.47 -70.08
N THR G 4852 -55.17 -26.70 -70.10
CA THR G 4852 -55.69 -27.72 -71.00
C THR G 4852 -57.14 -28.05 -70.68
N VAL G 4853 -57.47 -28.14 -69.40
CA VAL G 4853 -58.86 -28.40 -69.01
C VAL G 4853 -59.76 -27.28 -69.49
N VAL G 4854 -59.34 -26.04 -69.29
CA VAL G 4854 -60.14 -24.90 -69.73
C VAL G 4854 -60.33 -24.93 -71.23
N ALA G 4855 -59.26 -25.18 -71.98
CA ALA G 4855 -59.33 -25.18 -73.43
C ALA G 4855 -60.24 -26.28 -73.94
N PHE G 4856 -60.14 -27.48 -73.35
CA PHE G 4856 -61.00 -28.57 -73.78
C PHE G 4856 -62.46 -28.25 -73.52
N ASN G 4857 -62.76 -27.63 -72.38
CA ASN G 4857 -64.17 -27.37 -72.07
C ASN G 4857 -64.74 -26.26 -72.95
N PHE G 4858 -63.94 -25.26 -73.30
CA PHE G 4858 -64.55 -24.10 -73.96
C PHE G 4858 -63.99 -23.74 -75.33
N PHE G 4859 -62.67 -23.81 -75.54
CA PHE G 4859 -62.05 -23.22 -76.72
C PHE G 4859 -61.68 -24.29 -77.75
N ARG G 4860 -62.47 -25.35 -77.86
CA ARG G 4860 -62.09 -26.48 -78.69
C ARG G 4860 -62.05 -26.11 -80.16
N LYS G 4861 -62.82 -25.10 -80.58
CA LYS G 4861 -62.88 -24.77 -82.01
C LYS G 4861 -61.55 -24.29 -82.54
N PHE G 4862 -60.76 -23.61 -81.71
CA PHE G 4862 -59.58 -22.90 -82.17
C PHE G 4862 -58.38 -23.80 -82.36
N TYR G 4863 -58.50 -25.08 -82.03
CA TYR G 4863 -57.35 -25.99 -82.04
C TYR G 4863 -57.33 -26.87 -83.28
N ASN G 4864 -57.79 -26.33 -84.41
CA ASN G 4864 -57.68 -27.01 -85.69
C ASN G 4864 -56.36 -26.61 -86.34
N LYS G 4865 -55.42 -27.54 -86.38
CA LYS G 4865 -54.10 -27.28 -86.94
C LYS G 4865 -53.96 -27.87 -88.34
N SER G 4866 -55.03 -27.89 -89.12
CA SER G 4866 -54.99 -28.43 -90.47
C SER G 4866 -55.44 -27.35 -91.45
N GLU G 4867 -54.59 -27.04 -92.42
CA GLU G 4867 -54.95 -26.09 -93.47
C GLU G 4867 -55.97 -26.69 -94.44
N ASP G 4868 -56.14 -28.00 -94.44
CA ASP G 4868 -57.13 -28.65 -95.27
C ASP G 4868 -58.53 -28.23 -94.82
N GLU G 4869 -59.47 -28.25 -95.78
CA GLU G 4869 -60.82 -27.81 -95.53
C GLU G 4869 -61.81 -28.93 -95.27
N ASP G 4870 -61.52 -30.16 -95.71
CA ASP G 4870 -62.47 -31.24 -95.57
C ASP G 4870 -62.06 -32.28 -94.53
N GLU G 4871 -60.77 -32.42 -94.24
CA GLU G 4871 -60.32 -33.29 -93.15
C GLU G 4871 -59.55 -32.46 -92.12
N PRO G 4872 -60.17 -32.09 -91.01
CA PRO G 4872 -59.48 -31.27 -90.02
C PRO G 4872 -58.66 -32.12 -89.07
N ASP G 4873 -57.62 -31.50 -88.50
CA ASP G 4873 -56.80 -32.12 -87.46
C ASP G 4873 -57.02 -31.34 -86.17
N MET G 4874 -57.99 -31.80 -85.38
CA MET G 4874 -58.30 -31.12 -84.13
C MET G 4874 -57.39 -31.65 -83.03
N LYS G 4875 -56.65 -30.74 -82.41
CA LYS G 4875 -55.66 -31.09 -81.40
C LYS G 4875 -56.24 -31.15 -80.00
N CYS G 4876 -57.49 -30.73 -79.81
CA CYS G 4876 -58.07 -30.69 -78.48
C CYS G 4876 -59.43 -31.36 -78.44
N ASP G 4877 -59.58 -32.48 -79.13
CA ASP G 4877 -60.76 -33.32 -78.95
C ASP G 4877 -60.54 -34.41 -77.91
N ASP G 4878 -59.40 -34.40 -77.24
CA ASP G 4878 -59.07 -35.39 -76.23
C ASP G 4878 -58.20 -34.73 -75.17
N MET G 4879 -58.38 -35.14 -73.92
CA MET G 4879 -57.52 -34.66 -72.85
C MET G 4879 -56.05 -34.90 -73.15
N MET G 4880 -55.72 -36.14 -73.51
CA MET G 4880 -54.31 -36.48 -73.68
C MET G 4880 -53.71 -35.76 -74.87
N THR G 4881 -54.43 -35.71 -75.99
CA THR G 4881 -53.92 -35.01 -77.16
C THR G 4881 -53.77 -33.52 -76.88
N CYS G 4882 -54.76 -32.90 -76.24
CA CYS G 4882 -54.67 -31.47 -75.95
C CYS G 4882 -53.53 -31.18 -74.98
N TYR G 4883 -53.34 -32.03 -73.98
CA TYR G 4883 -52.29 -31.79 -73.01
C TYR G 4883 -50.91 -31.95 -73.65
N LEU G 4884 -50.76 -32.95 -74.52
CA LEU G 4884 -49.52 -33.05 -75.29
C LEU G 4884 -49.31 -31.81 -76.12
N PHE G 4885 -50.34 -31.35 -76.81
CA PHE G 4885 -50.22 -30.17 -77.65
C PHE G 4885 -49.75 -28.97 -76.85
N HIS G 4886 -50.38 -28.72 -75.71
CA HIS G 4886 -49.97 -27.60 -74.88
C HIS G 4886 -48.53 -27.75 -74.42
N MET G 4887 -48.21 -28.86 -73.73
CA MET G 4887 -46.88 -29.01 -73.17
C MET G 4887 -45.80 -29.07 -74.26
N TYR G 4888 -46.19 -29.30 -75.52
CA TYR G 4888 -45.20 -29.43 -76.58
C TYR G 4888 -45.02 -28.15 -77.38
N VAL G 4889 -46.10 -27.45 -77.71
CA VAL G 4889 -45.98 -26.29 -78.58
C VAL G 4889 -46.19 -24.99 -77.80
N GLY G 4890 -47.09 -24.99 -76.82
CA GLY G 4890 -47.38 -23.76 -76.12
C GLY G 4890 -46.22 -23.30 -75.26
N VAL G 4891 -45.56 -24.23 -74.58
CA VAL G 4891 -44.43 -23.86 -73.74
C VAL G 4891 -43.28 -23.38 -74.60
N ARG G 4892 -43.04 -24.03 -75.74
CA ARG G 4892 -41.92 -23.65 -76.59
C ARG G 4892 -42.19 -22.41 -77.42
N ALA G 4893 -43.44 -22.03 -77.63
CA ALA G 4893 -43.72 -20.85 -78.42
C ALA G 4893 -43.31 -19.60 -77.65
N GLY G 4894 -42.90 -18.57 -78.39
CA GLY G 4894 -42.48 -17.33 -77.75
C GLY G 4894 -43.64 -16.61 -77.08
N GLY G 4895 -44.81 -16.63 -77.70
CA GLY G 4895 -45.95 -15.91 -77.16
C GLY G 4895 -46.98 -16.79 -76.48
N GLY G 4896 -46.62 -18.03 -76.17
CA GLY G 4896 -47.57 -18.93 -75.56
C GLY G 4896 -48.43 -19.63 -76.59
N ILE G 4897 -49.54 -20.18 -76.11
CA ILE G 4897 -50.39 -21.01 -76.95
C ILE G 4897 -51.14 -20.18 -77.99
N GLY G 4898 -51.29 -18.88 -77.74
CA GLY G 4898 -52.01 -18.04 -78.69
C GLY G 4898 -51.29 -17.90 -80.00
N ASP G 4899 -49.97 -18.10 -80.00
CA ASP G 4899 -49.21 -18.08 -81.24
C ASP G 4899 -49.61 -19.23 -82.14
N GLU G 4900 -50.03 -20.35 -81.54
CA GLU G 4900 -50.30 -21.55 -82.33
C GLU G 4900 -51.77 -21.67 -82.68
N ILE G 4901 -52.67 -21.42 -81.74
CA ILE G 4901 -54.09 -21.65 -82.03
C ILE G 4901 -54.64 -20.51 -82.86
N GLU G 4902 -55.86 -20.72 -83.37
CA GLU G 4902 -56.46 -19.84 -84.36
C GLU G 4902 -56.81 -18.48 -83.78
N ASP G 4903 -57.03 -17.51 -84.66
CA ASP G 4903 -57.33 -16.15 -84.25
C ASP G 4903 -58.71 -16.12 -83.57
N PRO G 4904 -58.86 -15.36 -82.49
CA PRO G 4904 -60.17 -15.28 -81.83
C PRO G 4904 -60.99 -14.07 -82.23
N ALA G 4905 -60.49 -13.26 -83.15
CA ALA G 4905 -61.19 -12.05 -83.53
C ALA G 4905 -62.55 -12.37 -84.13
N GLY G 4906 -63.53 -11.54 -83.80
CA GLY G 4906 -64.88 -11.76 -84.32
C GLY G 4906 -65.52 -13.02 -83.80
N ASP G 4907 -65.41 -13.29 -82.51
CA ASP G 4907 -66.03 -14.44 -81.88
C ASP G 4907 -66.72 -14.01 -80.60
N GLU G 4908 -67.72 -14.79 -80.19
CA GLU G 4908 -68.44 -14.48 -78.97
C GLU G 4908 -67.55 -14.65 -77.75
N TYR G 4909 -66.45 -15.38 -77.89
CA TYR G 4909 -65.53 -15.64 -76.79
C TYR G 4909 -64.19 -14.94 -76.98
N GLU G 4910 -64.17 -13.81 -77.70
CA GLU G 4910 -62.90 -13.15 -78.00
C GLU G 4910 -62.19 -12.71 -76.72
N LEU G 4911 -62.90 -12.01 -75.85
CA LEU G 4911 -62.26 -11.49 -74.64
C LEU G 4911 -61.81 -12.62 -73.73
N TYR G 4912 -62.63 -13.65 -73.58
CA TYR G 4912 -62.24 -14.79 -72.77
C TYR G 4912 -60.97 -15.42 -73.31
N ARG G 4913 -60.89 -15.58 -74.63
CA ARG G 4913 -59.74 -16.23 -75.21
C ARG G 4913 -58.49 -15.36 -75.11
N VAL G 4914 -58.64 -14.03 -75.24
CA VAL G 4914 -57.46 -13.18 -75.11
C VAL G 4914 -56.94 -13.18 -73.68
N VAL G 4915 -57.85 -13.24 -72.70
CA VAL G 4915 -57.40 -13.36 -71.32
C VAL G 4915 -56.69 -14.69 -71.12
N PHE G 4916 -57.25 -15.76 -71.67
CA PHE G 4916 -56.61 -17.07 -71.65
C PHE G 4916 -55.19 -16.99 -72.18
N ASP G 4917 -55.01 -16.36 -73.34
CA ASP G 4917 -53.70 -16.31 -73.99
C ASP G 4917 -52.71 -15.45 -73.21
N ILE G 4918 -53.12 -14.25 -72.80
CA ILE G 4918 -52.22 -13.37 -72.06
C ILE G 4918 -51.81 -14.00 -70.73
N THR G 4919 -52.75 -14.59 -70.00
CA THR G 4919 -52.39 -15.24 -68.74
C THR G 4919 -51.49 -16.43 -68.96
N PHE G 4920 -51.72 -17.22 -70.02
CA PHE G 4920 -50.80 -18.30 -70.29
C PHE G 4920 -49.39 -17.78 -70.55
N PHE G 4921 -49.29 -16.74 -71.37
CA PHE G 4921 -47.99 -16.16 -71.68
C PHE G 4921 -47.29 -15.66 -70.42
N PHE G 4922 -48.04 -15.02 -69.52
CA PHE G 4922 -47.41 -14.43 -68.35
C PHE G 4922 -47.01 -15.48 -67.33
N PHE G 4923 -47.95 -16.36 -66.96
CA PHE G 4923 -47.65 -17.34 -65.91
C PHE G 4923 -46.66 -18.38 -66.39
N VAL G 4924 -46.78 -18.85 -67.62
CA VAL G 4924 -45.98 -19.97 -68.07
C VAL G 4924 -44.70 -19.49 -68.72
N ILE G 4925 -44.82 -18.69 -69.78
CA ILE G 4925 -43.65 -18.30 -70.56
C ILE G 4925 -42.77 -17.35 -69.79
N VAL G 4926 -43.35 -16.38 -69.09
CA VAL G 4926 -42.54 -15.36 -68.45
C VAL G 4926 -42.12 -15.81 -67.06
N ILE G 4927 -43.10 -16.01 -66.18
CA ILE G 4927 -42.81 -16.15 -64.76
C ILE G 4927 -42.07 -17.46 -64.47
N LEU G 4928 -42.57 -18.58 -64.99
CA LEU G 4928 -41.98 -19.86 -64.58
C LEU G 4928 -40.61 -20.09 -65.18
N LEU G 4929 -40.43 -19.76 -66.46
CA LEU G 4929 -39.11 -19.85 -67.06
C LEU G 4929 -38.15 -18.88 -66.39
N ALA G 4930 -38.64 -17.71 -66.00
CA ALA G 4930 -37.85 -16.80 -65.19
C ALA G 4930 -37.44 -17.43 -63.87
N ILE G 4931 -38.34 -18.19 -63.25
CA ILE G 4931 -38.01 -18.88 -62.00
C ILE G 4931 -36.87 -19.86 -62.22
N ILE G 4932 -36.92 -20.61 -63.31
CA ILE G 4932 -35.87 -21.59 -63.59
C ILE G 4932 -34.53 -20.90 -63.78
N GLN G 4933 -34.50 -19.89 -64.64
CA GLN G 4933 -33.25 -19.17 -64.87
C GLN G 4933 -32.75 -18.50 -63.60
N GLY G 4934 -33.67 -18.01 -62.76
CA GLY G 4934 -33.27 -17.41 -61.51
C GLY G 4934 -32.69 -18.40 -60.54
N LEU G 4935 -33.22 -19.63 -60.52
CA LEU G 4935 -32.62 -20.66 -59.69
C LEU G 4935 -31.18 -20.92 -60.11
N ILE G 4936 -30.95 -20.99 -61.42
CA ILE G 4936 -29.58 -21.22 -61.89
C ILE G 4936 -28.66 -20.06 -61.49
N ILE G 4937 -29.10 -18.82 -61.71
CA ILE G 4937 -28.25 -17.67 -61.38
C ILE G 4937 -28.00 -17.59 -59.87
N ASP G 4938 -29.04 -17.86 -59.08
CA ASP G 4938 -28.88 -17.84 -57.64
C ASP G 4938 -27.91 -18.91 -57.18
N ALA G 4939 -27.92 -20.08 -57.83
CA ALA G 4939 -26.94 -21.10 -57.48
C ALA G 4939 -25.53 -20.63 -57.80
N PHE G 4940 -25.35 -19.95 -58.94
CA PHE G 4940 -24.04 -19.36 -59.22
C PHE G 4940 -23.58 -18.45 -58.08
N GLY G 4941 -24.44 -17.50 -57.70
CA GLY G 4941 -24.08 -16.57 -56.65
C GLY G 4941 -23.81 -17.27 -55.33
N GLU G 4942 -24.60 -18.29 -55.01
CA GLU G 4942 -24.44 -19.01 -53.77
C GLU G 4942 -23.10 -19.72 -53.71
N LEU G 4943 -22.71 -20.38 -54.80
CA LEU G 4943 -21.40 -21.04 -54.82
C LEU G 4943 -20.28 -20.03 -54.68
N ARG G 4944 -20.38 -18.89 -55.37
CA ARG G 4944 -19.32 -17.90 -55.28
C ARG G 4944 -19.19 -17.36 -53.85
N ASP G 4945 -20.32 -17.07 -53.20
CA ASP G 4945 -20.21 -16.52 -51.86
C ASP G 4945 -19.76 -17.56 -50.86
N GLN G 4946 -20.05 -18.85 -51.10
CA GLN G 4946 -19.46 -19.88 -50.25
C GLN G 4946 -17.94 -19.88 -50.34
N GLN G 4947 -17.41 -19.83 -51.58
CA GLN G 4947 -15.95 -19.80 -51.72
C GLN G 4947 -15.36 -18.57 -51.03
N GLU G 4948 -15.98 -17.41 -51.24
CA GLU G 4948 -15.48 -16.20 -50.60
C GLU G 4948 -15.53 -16.30 -49.09
N GLN G 4949 -16.60 -16.88 -48.55
CA GLN G 4949 -16.71 -17.01 -47.10
C GLN G 4949 -15.60 -17.89 -46.54
N VAL G 4950 -15.33 -19.02 -47.20
CA VAL G 4950 -14.27 -19.90 -46.72
C VAL G 4950 -12.92 -19.19 -46.77
N LYS G 4951 -12.64 -18.48 -47.86
CA LYS G 4951 -11.37 -17.78 -47.99
C LYS G 4951 -11.19 -16.71 -46.93
N GLU G 4952 -12.23 -15.89 -46.72
CA GLU G 4952 -12.11 -14.84 -45.70
C GLU G 4952 -11.97 -15.43 -44.31
N ASP G 4953 -12.67 -16.53 -44.02
CA ASP G 4953 -12.52 -17.16 -42.72
C ASP G 4953 -11.09 -17.64 -42.51
N MET G 4954 -10.51 -18.27 -43.53
CA MET G 4954 -9.13 -18.73 -43.40
C MET G 4954 -8.16 -17.58 -43.27
N GLU G 4955 -8.40 -16.47 -43.96
CA GLU G 4955 -7.49 -15.34 -43.88
C GLU G 4955 -7.78 -14.43 -42.70
N THR G 4956 -8.81 -14.72 -41.90
CA THR G 4956 -9.15 -13.86 -40.78
C THR G 4956 -9.11 -14.53 -39.41
N LYS G 4957 -9.30 -15.84 -39.31
CA LYS G 4957 -9.25 -16.50 -38.01
C LYS G 4957 -8.26 -17.65 -38.05
N CYS G 4958 -7.67 -17.96 -36.90
CA CYS G 4958 -6.83 -19.14 -36.81
C CYS G 4958 -7.69 -20.39 -36.81
N PHE G 4959 -7.36 -21.32 -37.69
CA PHE G 4959 -8.13 -22.56 -37.83
C PHE G 4959 -8.15 -23.39 -36.56
N ILE G 4960 -7.17 -23.23 -35.68
CA ILE G 4960 -7.09 -24.04 -34.48
C ILE G 4960 -7.76 -23.34 -33.32
N CYS G 4961 -7.24 -22.18 -32.93
CA CYS G 4961 -7.68 -21.54 -31.69
C CYS G 4961 -8.88 -20.63 -31.89
N GLY G 4962 -9.18 -20.20 -33.11
CA GLY G 4962 -10.32 -19.36 -33.35
C GLY G 4962 -10.11 -17.89 -33.10
N ILE G 4963 -8.91 -17.47 -32.69
CA ILE G 4963 -8.65 -16.07 -32.45
C ILE G 4963 -8.47 -15.35 -33.79
N GLY G 4964 -9.05 -14.16 -33.91
CA GLY G 4964 -9.02 -13.45 -35.15
C GLY G 4964 -7.67 -12.84 -35.45
N SER G 4965 -7.46 -12.52 -36.73
CA SER G 4965 -6.22 -11.92 -37.17
C SER G 4965 -5.98 -10.56 -36.55
N ASP G 4966 -7.04 -9.87 -36.12
CA ASP G 4966 -6.86 -8.53 -35.55
C ASP G 4966 -6.03 -8.56 -34.28
N TYR G 4967 -6.23 -9.59 -33.44
CA TYR G 4967 -5.43 -9.69 -32.22
C TYR G 4967 -3.97 -9.94 -32.54
N PHE G 4968 -3.70 -10.88 -33.45
CA PHE G 4968 -2.32 -11.22 -33.76
C PHE G 4968 -1.62 -10.09 -34.51
N ASP G 4969 -2.38 -9.21 -35.17
CA ASP G 4969 -1.75 -8.20 -35.99
C ASP G 4969 -1.20 -7.02 -35.21
N THR G 4970 -1.45 -6.94 -33.90
CA THR G 4970 -0.79 -5.93 -33.09
C THR G 4970 0.72 -5.98 -33.30
N THR G 4971 1.29 -7.17 -33.21
CA THR G 4971 2.64 -7.41 -33.67
C THR G 4971 2.64 -7.50 -35.19
N PRO G 4972 3.65 -6.94 -35.87
CA PRO G 4972 3.70 -7.03 -37.33
C PRO G 4972 3.74 -8.48 -37.79
N HIS G 4973 3.00 -8.76 -38.87
CA HIS G 4973 2.91 -10.10 -39.45
C HIS G 4973 2.54 -11.14 -38.41
N GLY G 4974 1.84 -10.69 -37.35
CA GLY G 4974 1.57 -11.57 -36.24
C GLY G 4974 0.73 -12.75 -36.64
N PHE G 4975 -0.30 -12.53 -37.45
CA PHE G 4975 -1.16 -13.63 -37.88
C PHE G 4975 -0.40 -14.57 -38.80
N GLU G 4976 0.45 -14.02 -39.67
CA GLU G 4976 1.23 -14.88 -40.55
C GLU G 4976 2.16 -15.78 -39.77
N THR G 4977 2.86 -15.24 -38.77
CA THR G 4977 3.73 -16.07 -37.95
C THR G 4977 2.92 -17.03 -37.12
N HIS G 4978 1.74 -16.62 -36.66
CA HIS G 4978 0.92 -17.51 -35.84
C HIS G 4978 0.44 -18.71 -36.64
N THR G 4979 0.10 -18.50 -37.91
CA THR G 4979 -0.37 -19.59 -38.74
C THR G 4979 0.74 -20.34 -39.43
N LEU G 4980 1.98 -19.85 -39.38
CA LEU G 4980 3.09 -20.62 -39.92
C LEU G 4980 3.93 -21.34 -38.86
N GLU G 4981 3.96 -20.84 -37.63
CA GLU G 4981 4.84 -21.38 -36.61
C GLU G 4981 4.08 -21.86 -35.38
N GLU G 4982 3.16 -21.05 -34.87
CA GLU G 4982 2.57 -21.31 -33.56
C GLU G 4982 1.45 -22.35 -33.63
N HIS G 4983 0.52 -22.18 -34.55
CA HIS G 4983 -0.67 -23.02 -34.65
C HIS G 4983 -0.85 -23.57 -36.05
N ASN G 4984 0.23 -24.02 -36.67
CA ASN G 4984 0.13 -24.57 -38.02
C ASN G 4984 -0.54 -25.94 -37.95
N LEU G 4985 -1.61 -26.11 -38.72
CA LEU G 4985 -2.33 -27.38 -38.68
C LEU G 4985 -1.50 -28.51 -39.27
N ALA G 4986 -0.67 -28.21 -40.25
CA ALA G 4986 0.25 -29.20 -40.76
C ALA G 4986 1.14 -29.73 -39.64
N ASN G 4987 1.46 -28.87 -38.68
CA ASN G 4987 2.30 -29.30 -37.57
C ASN G 4987 1.53 -30.24 -36.63
N TYR G 4988 0.23 -30.04 -36.48
CA TYR G 4988 -0.54 -30.99 -35.68
C TYR G 4988 -0.61 -32.34 -36.37
N MET G 4989 -0.75 -32.32 -37.70
CA MET G 4989 -0.69 -33.57 -38.46
C MET G 4989 0.66 -34.25 -38.30
N PHE G 4990 1.74 -33.49 -38.44
CA PHE G 4990 3.08 -34.05 -38.30
C PHE G 4990 3.32 -34.56 -36.89
N PHE G 4991 2.79 -33.86 -35.88
CA PHE G 4991 2.95 -34.31 -34.51
C PHE G 4991 2.23 -35.62 -34.27
N LEU G 4992 1.05 -35.78 -34.86
CA LEU G 4992 0.35 -37.05 -34.75
C LEU G 4992 1.17 -38.18 -35.38
N MET G 4993 1.73 -37.92 -36.56
CA MET G 4993 2.60 -38.92 -37.19
C MET G 4993 3.79 -39.25 -36.32
N TYR G 4994 4.40 -38.23 -35.73
CA TYR G 4994 5.57 -38.39 -34.87
C TYR G 4994 5.25 -39.24 -33.65
N LEU G 4995 4.12 -38.97 -33.00
CA LEU G 4995 3.71 -39.79 -31.87
C LEU G 4995 3.48 -41.23 -32.28
N ILE G 4996 2.85 -41.44 -33.43
CA ILE G 4996 2.60 -42.80 -33.89
C ILE G 4996 3.91 -43.54 -34.09
N ASN G 4997 4.89 -42.90 -34.71
CA ASN G 4997 6.15 -43.58 -35.00
C ASN G 4997 6.97 -43.81 -33.74
N LYS G 4998 6.92 -42.88 -32.81
CA LYS G 4998 7.81 -42.94 -31.65
C LYS G 4998 7.38 -44.03 -30.68
N ASP G 4999 8.36 -44.57 -29.95
CA ASP G 4999 8.08 -45.56 -28.93
C ASP G 4999 7.46 -44.93 -27.70
N GLU G 5000 6.46 -45.62 -27.13
CA GLU G 5000 5.77 -45.09 -25.96
C GLU G 5000 6.70 -44.99 -24.77
N THR G 5001 7.65 -45.92 -24.65
CA THR G 5001 8.66 -45.78 -23.62
C THR G 5001 9.52 -44.55 -23.84
N GLU G 5002 9.57 -44.03 -25.06
CA GLU G 5002 10.37 -42.86 -25.36
C GLU G 5002 9.56 -41.58 -25.37
N HIS G 5003 8.24 -41.67 -25.27
CA HIS G 5003 7.42 -40.45 -25.21
C HIS G 5003 7.82 -39.59 -24.02
N THR G 5004 7.81 -38.27 -24.23
CA THR G 5004 8.01 -37.35 -23.13
C THR G 5004 6.70 -37.19 -22.37
N GLY G 5005 6.69 -36.34 -21.35
CA GLY G 5005 5.47 -36.15 -20.58
C GLY G 5005 4.36 -35.53 -21.40
N GLN G 5006 4.68 -34.47 -22.14
CA GLN G 5006 3.70 -33.80 -22.98
C GLN G 5006 3.22 -34.72 -24.10
N GLU G 5007 4.15 -35.45 -24.70
CA GLU G 5007 3.80 -36.39 -25.75
C GLU G 5007 2.89 -37.50 -25.23
N SER G 5008 3.19 -38.02 -24.03
CA SER G 5008 2.35 -39.05 -23.44
C SER G 5008 0.96 -38.50 -23.13
N TYR G 5009 0.91 -37.27 -22.63
CA TYR G 5009 -0.38 -36.62 -22.36
C TYR G 5009 -1.22 -36.54 -23.62
N VAL G 5010 -0.65 -35.99 -24.69
CA VAL G 5010 -1.38 -35.85 -25.95
C VAL G 5010 -1.74 -37.21 -26.51
N TRP G 5011 -0.86 -38.19 -26.35
CA TRP G 5011 -1.13 -39.53 -26.88
C TRP G 5011 -2.29 -40.19 -26.16
N LYS G 5012 -2.31 -40.10 -24.83
CA LYS G 5012 -3.43 -40.65 -24.08
C LYS G 5012 -4.73 -39.98 -24.45
N MET G 5013 -4.73 -38.65 -24.56
CA MET G 5013 -5.97 -37.98 -24.88
C MET G 5013 -6.37 -38.22 -26.34
N TYR G 5014 -5.41 -38.55 -27.19
CA TYR G 5014 -5.72 -38.96 -28.55
C TYR G 5014 -6.39 -40.32 -28.57
N GLN G 5015 -5.88 -41.26 -27.78
CA GLN G 5015 -6.49 -42.59 -27.77
C GLN G 5015 -7.85 -42.59 -27.10
N GLU G 5016 -8.08 -41.68 -26.17
CA GLU G 5016 -9.39 -41.57 -25.55
C GLU G 5016 -10.36 -40.75 -26.38
N ARG G 5017 -9.90 -40.22 -27.52
CA ARG G 5017 -10.70 -39.36 -28.38
C ARG G 5017 -11.18 -38.12 -27.63
N CYS G 5018 -10.28 -37.53 -26.85
CA CYS G 5018 -10.54 -36.28 -26.14
C CYS G 5018 -9.67 -35.20 -26.76
N TRP G 5019 -10.30 -34.18 -27.33
CA TRP G 5019 -9.58 -33.12 -28.04
C TRP G 5019 -9.50 -31.84 -27.23
N ASP G 5020 -9.33 -31.96 -25.91
CA ASP G 5020 -9.19 -30.77 -25.09
C ASP G 5020 -7.77 -30.24 -25.10
N PHE G 5021 -6.81 -30.94 -25.70
CA PHE G 5021 -5.46 -30.42 -25.76
C PHE G 5021 -5.30 -29.37 -26.85
N PHE G 5022 -6.18 -29.35 -27.84
CA PHE G 5022 -6.13 -28.31 -28.85
C PHE G 5022 -6.41 -26.96 -28.20
N PRO G 5023 -5.57 -25.96 -28.39
CA PRO G 5023 -5.84 -24.66 -27.77
C PRO G 5023 -7.06 -24.02 -28.41
N ALA G 5024 -8.07 -23.76 -27.59
CA ALA G 5024 -9.34 -23.23 -28.06
C ALA G 5024 -9.53 -21.85 -27.44
N GLY G 5025 -9.47 -20.82 -28.27
CA GLY G 5025 -9.64 -19.46 -27.80
C GLY G 5025 -8.49 -18.93 -26.98
N ASP G 5026 -7.35 -19.60 -26.97
CA ASP G 5026 -6.20 -19.18 -26.19
C ASP G 5026 -4.92 -19.56 -26.92
N CYS G 5027 -3.86 -18.83 -26.65
CA CYS G 5027 -2.60 -19.10 -27.32
C CYS G 5027 -1.45 -18.71 -26.40
N PHE G 5028 -0.25 -19.12 -26.79
CA PHE G 5028 0.95 -18.83 -26.02
C PHE G 5028 1.16 -17.32 -25.88
N ARG G 5029 0.99 -16.59 -26.97
CA ARG G 5029 1.18 -15.15 -26.94
C ARG G 5029 0.21 -14.48 -25.99
N LYS G 5030 -1.05 -14.91 -26.02
CA LYS G 5030 -2.05 -14.36 -25.12
C LYS G 5030 -1.76 -14.71 -23.67
N GLN G 5031 -1.32 -15.94 -23.41
CA GLN G 5031 -1.14 -16.38 -22.03
C GLN G 5031 -0.01 -15.63 -21.34
N TYR G 5032 1.04 -15.27 -22.07
CA TYR G 5032 2.17 -14.54 -21.52
C TYR G 5032 2.24 -13.14 -22.12
N GLU G 5033 1.08 -12.50 -22.29
CA GLU G 5033 1.07 -11.13 -22.80
C GLU G 5033 1.94 -10.22 -21.94
N ASP G 5034 1.81 -10.33 -20.63
CA ASP G 5034 2.58 -9.45 -19.74
C ASP G 5034 4.08 -9.70 -19.87
N GLN G 5035 4.51 -10.95 -19.72
CA GLN G 5035 5.94 -11.24 -19.69
C GLN G 5035 6.59 -11.01 -21.05
N LEU G 5036 5.89 -11.40 -22.12
CA LEU G 5036 6.43 -11.17 -23.45
C LEU G 5036 6.47 -9.70 -23.79
N SER G 5037 5.48 -8.94 -23.34
CA SER G 5037 5.43 -7.50 -23.59
C SER G 5037 5.89 -6.71 -22.37
N GLU H 10 -15.27 20.53 12.10
CA GLU H 10 -16.72 20.52 12.25
C GLU H 10 -17.15 21.19 13.54
N VAL H 11 -18.16 22.07 13.44
CA VAL H 11 -18.72 22.78 14.58
C VAL H 11 -20.07 22.18 14.90
N GLN H 12 -20.30 21.87 16.17
CA GLN H 12 -21.56 21.32 16.61
C GLN H 12 -22.57 22.44 16.84
N PHE H 13 -23.82 22.19 16.46
CA PHE H 13 -24.92 23.10 16.69
C PHE H 13 -25.98 22.40 17.54
N LEU H 14 -26.50 23.10 18.54
CA LEU H 14 -27.56 22.51 19.35
C LEU H 14 -28.83 22.38 18.53
N ARG H 15 -29.53 21.26 18.73
CA ARG H 15 -30.76 20.99 18.03
C ARG H 15 -31.82 20.58 19.05
N THR H 16 -33.06 20.52 18.60
CA THR H 16 -34.12 20.05 19.47
C THR H 16 -33.93 18.57 19.76
N ASP H 17 -34.57 18.11 20.84
CA ASP H 17 -34.48 16.75 21.37
C ASP H 17 -33.09 16.44 21.91
N ASP H 18 -32.21 17.42 22.01
CA ASP H 18 -30.89 17.22 22.58
C ASP H 18 -30.88 17.63 24.05
N GLU H 19 -30.35 16.75 24.89
CA GLU H 19 -30.29 17.00 26.32
C GLU H 19 -29.10 17.88 26.64
N VAL H 20 -29.34 18.94 27.40
CA VAL H 20 -28.31 19.90 27.75
C VAL H 20 -28.36 20.17 29.24
N VAL H 21 -27.32 20.84 29.73
CA VAL H 21 -27.26 21.33 31.09
C VAL H 21 -26.93 22.82 31.04
N LEU H 22 -27.70 23.62 31.75
CA LEU H 22 -27.45 25.05 31.83
C LEU H 22 -26.34 25.29 32.84
N GLN H 23 -25.24 25.88 32.41
CA GLN H 23 -24.05 26.04 33.23
C GLN H 23 -23.68 27.51 33.35
N CYS H 24 -23.38 27.94 34.57
CA CYS H 24 -22.93 29.30 34.84
C CYS H 24 -21.68 29.26 35.70
N SER H 25 -20.94 30.36 35.67
CA SER H 25 -19.68 30.46 36.38
C SER H 25 -19.74 31.57 37.42
N ALA H 26 -19.23 31.28 38.60
CA ALA H 26 -19.19 32.26 39.68
C ALA H 26 -17.82 32.21 40.33
N THR H 27 -17.40 33.34 40.89
CA THR H 27 -16.12 33.47 41.56
C THR H 27 -16.34 33.42 43.07
N VAL H 28 -15.67 32.48 43.73
CA VAL H 28 -15.76 32.33 45.17
C VAL H 28 -14.33 32.11 45.69
N LEU H 29 -13.85 33.03 46.53
CA LEU H 29 -12.49 32.98 47.06
C LEU H 29 -11.48 32.86 45.92
N LYS H 30 -11.59 33.76 44.94
CA LYS H 30 -10.72 33.83 43.78
C LYS H 30 -10.70 32.55 42.96
N GLU H 31 -11.68 31.67 43.16
CA GLU H 31 -11.76 30.39 42.46
C GLU H 31 -12.98 30.40 41.56
N GLN H 32 -12.81 29.92 40.33
CA GLN H 32 -13.91 29.85 39.37
C GLN H 32 -14.67 28.54 39.58
N LEU H 33 -15.91 28.65 40.02
CA LEU H 33 -16.75 27.50 40.33
C LEU H 33 -17.85 27.40 39.28
N LYS H 34 -17.94 26.23 38.64
CA LYS H 34 -18.93 26.00 37.60
C LYS H 34 -20.13 25.27 38.18
N LEU H 35 -21.31 25.88 38.02
CA LEU H 35 -22.53 25.36 38.61
C LEU H 35 -23.49 25.00 37.49
N CYS H 36 -24.32 23.98 37.74
CA CYS H 36 -25.33 23.56 36.79
C CYS H 36 -26.71 23.75 37.43
N LEU H 37 -27.65 24.26 36.64
CA LEU H 37 -29.00 24.41 37.13
C LEU H 37 -29.61 23.04 37.39
N ALA H 38 -30.30 22.91 38.51
CA ALA H 38 -30.88 21.64 38.91
C ALA H 38 -32.23 21.87 39.55
N ALA H 39 -33.06 20.83 39.52
CA ALA H 39 -34.35 20.86 40.18
C ALA H 39 -34.80 19.43 40.42
N GLU H 40 -35.37 19.18 41.60
CA GLU H 40 -35.79 17.83 41.93
C GLU H 40 -37.09 17.45 41.24
N GLY H 41 -37.97 18.41 41.03
CA GLY H 41 -39.24 18.15 40.38
C GLY H 41 -40.35 17.77 41.34
N PHE H 42 -40.35 16.55 41.84
CA PHE H 42 -41.35 16.11 42.80
C PHE H 42 -40.89 16.47 44.20
N GLY H 43 -41.75 17.17 44.94
CA GLY H 43 -41.45 17.58 46.28
C GLY H 43 -40.77 18.91 46.41
N ASN H 44 -40.23 19.45 45.32
CA ASN H 44 -39.64 20.78 45.34
C ASN H 44 -39.59 21.29 43.91
N ARG H 45 -40.45 22.25 43.60
CA ARG H 45 -40.47 22.82 42.25
C ARG H 45 -39.30 23.76 42.00
N LEU H 46 -38.76 24.36 43.05
CA LEU H 46 -37.76 25.41 42.88
C LEU H 46 -36.46 24.84 42.35
N CYS H 47 -35.69 25.71 41.70
CA CYS H 47 -34.43 25.33 41.09
C CYS H 47 -33.27 25.80 41.95
N PHE H 48 -32.22 24.99 42.00
CA PHE H 48 -31.01 25.37 42.71
C PHE H 48 -29.79 25.13 41.84
N LEU H 49 -28.60 25.27 42.40
CA LEU H 49 -27.36 25.15 41.67
C LEU H 49 -26.54 23.98 42.22
N GLU H 50 -26.11 23.11 41.32
CA GLU H 50 -25.32 21.94 41.68
C GLU H 50 -23.88 22.15 41.23
N PRO H 51 -22.94 22.34 42.14
CA PRO H 51 -21.56 22.58 41.72
C PRO H 51 -20.95 21.39 41.01
N THR H 52 -20.10 21.69 40.02
CA THR H 52 -19.50 20.67 39.17
C THR H 52 -18.00 20.83 39.01
N SER H 53 -17.38 21.85 39.58
CA SER H 53 -15.95 22.06 39.42
C SER H 53 -15.13 21.09 40.25
N ASN H 54 -15.73 20.43 41.23
CA ASN H 54 -15.04 19.49 42.10
C ASN H 54 -15.38 18.04 41.78
N ALA H 55 -15.70 17.74 40.53
CA ALA H 55 -16.16 16.40 40.17
C ALA H 55 -15.11 15.33 40.41
N GLN H 56 -13.83 15.71 40.48
CA GLN H 56 -12.79 14.73 40.74
C GLN H 56 -12.91 14.16 42.14
N ASN H 57 -13.29 14.99 43.11
CA ASN H 57 -13.36 14.55 44.50
C ASN H 57 -14.77 14.22 44.95
N VAL H 58 -15.77 14.98 44.52
CA VAL H 58 -17.16 14.72 44.87
C VAL H 58 -17.99 14.72 43.60
N PRO H 59 -18.56 13.60 43.20
CA PRO H 59 -19.34 13.54 41.97
C PRO H 59 -20.59 14.39 42.07
N PRO H 60 -20.97 15.09 41.01
CA PRO H 60 -22.21 15.86 41.02
C PRO H 60 -23.41 14.97 40.82
N ASP H 61 -24.58 15.55 41.08
CA ASP H 61 -25.86 14.87 40.87
C ASP H 61 -26.47 15.37 39.57
N LEU H 62 -25.94 14.86 38.46
CA LEU H 62 -26.35 15.31 37.14
C LEU H 62 -27.68 14.73 36.70
N ALA H 63 -28.19 13.71 37.38
CA ALA H 63 -29.43 13.09 36.94
C ALA H 63 -30.58 14.07 36.92
N ILE H 64 -30.48 15.17 37.67
CA ILE H 64 -31.52 16.17 37.78
C ILE H 64 -31.08 17.52 37.23
N CYS H 65 -29.96 17.57 36.52
CA CYS H 65 -29.53 18.77 35.83
C CYS H 65 -29.79 18.72 34.34
N CYS H 66 -30.32 17.62 33.83
CA CYS H 66 -30.49 17.43 32.39
C CYS H 66 -31.87 17.90 31.96
N PHE H 67 -31.90 18.65 30.86
CA PHE H 67 -33.13 19.14 30.25
C PHE H 67 -33.13 18.78 28.78
N THR H 68 -34.32 18.55 28.23
CA THR H 68 -34.47 18.28 26.80
C THR H 68 -35.05 19.51 26.11
N LEU H 69 -34.38 19.95 25.06
CA LEU H 69 -34.90 21.03 24.21
C LEU H 69 -36.01 20.46 23.36
N GLU H 70 -37.26 20.69 23.76
CA GLU H 70 -38.38 20.11 23.05
C GLU H 70 -38.74 20.92 21.82
N GLN H 71 -38.88 22.23 21.95
CA GLN H 71 -39.30 23.06 20.84
C GLN H 71 -38.46 24.32 20.79
N SER H 72 -38.33 24.88 19.59
CA SER H 72 -37.67 26.16 19.40
C SER H 72 -38.41 26.89 18.29
N LEU H 73 -39.05 28.00 18.61
CA LEU H 73 -39.88 28.71 17.67
C LEU H 73 -39.52 30.18 17.66
N SER H 74 -39.83 30.84 16.54
CA SER H 74 -39.75 32.29 16.51
C SER H 74 -40.85 32.87 17.39
N VAL H 75 -40.69 34.15 17.73
CA VAL H 75 -41.61 34.78 18.67
C VAL H 75 -43.01 34.85 18.08
N ARG H 76 -43.13 35.17 16.79
CA ARG H 76 -44.43 35.21 16.14
C ARG H 76 -45.09 33.84 16.15
N ALA H 77 -44.32 32.80 15.85
CA ALA H 77 -44.86 31.44 15.89
C ALA H 77 -45.32 31.09 17.29
N LEU H 78 -44.56 31.52 18.31
CA LEU H 78 -44.96 31.26 19.68
C LEU H 78 -46.28 31.96 20.02
N GLN H 79 -46.41 33.22 19.59
CA GLN H 79 -47.67 33.93 19.84
C GLN H 79 -48.84 33.23 19.17
N GLU H 80 -48.65 32.80 17.93
CA GLU H 80 -49.73 32.10 17.24
C GLU H 80 -50.08 30.79 17.93
N MET H 81 -49.06 30.05 18.37
CA MET H 81 -49.31 28.79 19.07
C MET H 81 -50.06 29.03 20.37
N LEU H 82 -49.69 30.07 21.10
CA LEU H 82 -50.41 30.40 22.34
C LEU H 82 -51.84 30.79 22.05
N ALA H 83 -52.07 31.56 20.98
CA ALA H 83 -53.43 31.92 20.61
C ALA H 83 -54.26 30.69 20.26
N ASN H 84 -53.66 29.74 19.56
CA ASN H 84 -54.37 28.53 19.18
C ASN H 84 -54.28 27.47 20.28
N HIS H 98 -35.95 17.63 13.84
CA HIS H 98 -34.97 18.27 14.70
C HIS H 98 -34.60 19.64 14.17
N ARG H 99 -35.24 20.67 14.69
CA ARG H 99 -34.89 22.04 14.28
C ARG H 99 -33.64 22.50 15.01
N THR H 100 -32.77 23.19 14.29
CA THR H 100 -31.59 23.80 14.89
C THR H 100 -31.98 25.10 15.57
N LEU H 101 -31.42 25.33 16.76
CA LEU H 101 -31.74 26.54 17.49
C LEU H 101 -31.11 27.75 16.80
N LEU H 102 -31.88 28.84 16.74
CA LEU H 102 -31.40 30.10 16.21
C LEU H 102 -31.49 31.15 17.31
N TYR H 103 -30.47 32.01 17.37
CA TYR H 103 -30.49 33.11 18.33
C TYR H 103 -31.72 33.98 18.10
N GLY H 104 -32.43 34.27 19.17
CA GLY H 104 -33.67 35.00 19.08
C GLY H 104 -34.92 34.16 19.10
N HIS H 105 -34.82 32.85 18.93
CA HIS H 105 -35.97 32.00 19.07
C HIS H 105 -36.35 31.86 20.54
N ALA H 106 -37.48 31.18 20.77
CA ALA H 106 -37.92 30.86 22.11
C ALA H 106 -37.93 29.35 22.29
N ILE H 107 -37.26 28.87 23.33
CA ILE H 107 -37.09 27.44 23.55
C ILE H 107 -37.93 26.99 24.74
N LEU H 108 -38.25 25.70 24.73
CA LEU H 108 -38.96 25.05 25.81
C LEU H 108 -38.09 23.92 26.35
N LEU H 109 -37.76 23.99 27.63
CA LEU H 109 -36.88 23.01 28.26
C LEU H 109 -37.71 22.10 29.15
N ARG H 110 -37.62 20.81 28.91
CA ARG H 110 -38.34 19.81 29.70
C ARG H 110 -37.36 19.07 30.58
N HIS H 111 -37.66 19.01 31.87
CA HIS H 111 -36.79 18.35 32.82
C HIS H 111 -36.75 16.86 32.50
N ALA H 112 -35.53 16.31 32.41
CA ALA H 112 -35.37 14.93 31.98
C ALA H 112 -36.00 13.97 32.97
N HIS H 113 -35.84 14.21 34.26
CA HIS H 113 -36.31 13.27 35.27
C HIS H 113 -37.80 13.45 35.54
N SER H 114 -38.20 14.65 35.95
CA SER H 114 -39.57 14.88 36.39
C SER H 114 -40.54 15.11 35.24
N ARG H 115 -40.05 15.23 34.01
CA ARG H 115 -40.88 15.53 32.84
C ARG H 115 -41.57 16.88 32.96
N MET H 116 -41.13 17.74 33.87
CA MET H 116 -41.71 19.05 34.05
C MET H 116 -40.93 20.06 33.21
N TYR H 117 -41.49 21.26 33.08
CA TYR H 117 -40.94 22.28 32.20
C TYR H 117 -40.39 23.43 33.04
N LEU H 118 -39.22 23.91 32.65
CA LEU H 118 -38.62 25.03 33.34
C LEU H 118 -39.47 26.28 33.13
N SER H 119 -39.73 27.02 34.20
CA SER H 119 -40.67 28.12 34.13
C SER H 119 -40.22 29.24 35.05
N CYS H 120 -40.77 30.42 34.82
CA CYS H 120 -40.54 31.58 35.67
C CYS H 120 -41.75 31.73 36.58
N LEU H 121 -41.59 31.31 37.83
CA LEU H 121 -42.69 31.31 38.77
C LEU H 121 -43.04 32.73 39.20
N THR H 122 -44.33 32.95 39.48
CA THR H 122 -44.82 34.26 39.84
C THR H 122 -44.53 34.65 41.27
N THR H 123 -44.02 33.73 42.08
CA THR H 123 -43.68 34.03 43.46
C THR H 123 -42.23 34.51 43.55
N SER H 124 -41.88 35.03 44.74
CA SER H 124 -40.54 35.54 44.97
C SER H 124 -40.17 35.26 46.41
N ARG H 125 -39.26 34.32 46.63
CA ARG H 125 -38.80 33.98 47.96
C ARG H 125 -37.54 34.74 48.37
N SER H 126 -36.94 35.50 47.45
CA SER H 126 -35.72 36.23 47.77
C SER H 126 -36.06 37.52 48.48
N MET H 127 -35.21 37.90 49.43
CA MET H 127 -35.36 39.16 50.14
C MET H 127 -34.43 40.25 49.63
N THR H 128 -33.32 39.87 48.98
CA THR H 128 -32.37 40.85 48.50
C THR H 128 -32.94 41.66 47.34
N ASP H 129 -33.61 40.99 46.41
CA ASP H 129 -34.16 41.64 45.22
C ASP H 129 -35.67 41.71 45.34
N LYS H 130 -36.22 42.92 45.27
CA LYS H 130 -37.66 43.10 45.36
C LYS H 130 -38.36 42.86 44.04
N LEU H 131 -37.61 42.79 42.94
CA LEU H 131 -38.17 42.67 41.61
C LEU H 131 -37.98 41.28 41.02
N ALA H 132 -37.23 40.42 41.69
CA ALA H 132 -36.89 39.11 41.15
C ALA H 132 -38.07 38.15 41.27
N PHE H 133 -38.00 37.09 40.48
CA PHE H 133 -38.99 36.02 40.53
C PHE H 133 -38.28 34.69 40.72
N ASP H 134 -38.99 33.75 41.33
CA ASP H 134 -38.46 32.42 41.52
C ASP H 134 -38.51 31.64 40.21
N VAL H 135 -37.47 30.84 39.96
CA VAL H 135 -37.39 30.01 38.77
C VAL H 135 -37.54 28.56 39.21
N GLY H 136 -38.53 27.89 38.65
CA GLY H 136 -38.78 26.51 39.02
C GLY H 136 -39.38 25.69 37.90
N LEU H 137 -39.91 24.52 38.24
CA LEU H 137 -40.51 23.62 37.27
C LEU H 137 -42.01 23.80 37.26
N GLN H 138 -42.61 23.54 36.10
CA GLN H 138 -44.03 23.67 35.88
C GLN H 138 -44.57 22.36 35.32
N GLU H 139 -45.73 21.94 35.81
CA GLU H 139 -46.26 20.63 35.43
C GLU H 139 -46.59 20.57 33.94
N ASP H 140 -47.18 21.63 33.40
CA ASP H 140 -47.66 21.63 32.03
C ASP H 140 -46.96 22.73 31.24
N ALA H 141 -46.87 22.51 29.93
CA ALA H 141 -46.23 23.46 29.02
C ALA H 141 -47.17 24.57 28.57
N THR H 142 -48.39 24.61 29.09
CA THR H 142 -49.32 25.65 28.72
C THR H 142 -48.86 27.00 29.27
N GLY H 143 -49.42 28.06 28.71
CA GLY H 143 -49.05 29.39 29.10
C GLY H 143 -47.74 29.81 28.48
N GLU H 144 -47.36 31.05 28.74
CA GLU H 144 -46.11 31.59 28.23
C GLU H 144 -45.02 31.61 29.29
N ALA H 145 -45.30 31.13 30.49
CA ALA H 145 -44.33 31.18 31.58
C ALA H 145 -43.15 30.23 31.38
N CYS H 146 -43.26 29.28 30.45
CA CYS H 146 -42.26 28.23 30.30
C CYS H 146 -41.42 28.38 29.05
N TRP H 147 -41.35 29.59 28.49
CA TRP H 147 -40.62 29.83 27.26
C TRP H 147 -39.55 30.88 27.49
N TRP H 148 -38.38 30.66 26.89
CA TRP H 148 -37.22 31.53 27.08
C TRP H 148 -36.61 31.85 25.72
N THR H 149 -36.11 33.07 25.57
CA THR H 149 -35.53 33.51 24.31
C THR H 149 -34.01 33.61 24.47
N MET H 150 -33.28 32.96 23.56
CA MET H 150 -31.83 32.98 23.62
C MET H 150 -31.31 34.23 22.93
N HIS H 151 -30.41 34.94 23.60
CA HIS H 151 -29.77 36.10 23.01
C HIS H 151 -28.26 35.95 23.09
N PRO H 152 -27.55 36.38 22.06
CA PRO H 152 -26.09 36.31 22.10
C PRO H 152 -25.54 37.12 23.25
N ALA H 153 -24.53 36.56 23.92
CA ALA H 153 -23.91 37.26 25.04
C ALA H 153 -23.04 38.42 24.58
N SER H 154 -22.53 38.35 23.35
CA SER H 154 -21.62 39.35 22.83
C SER H 154 -21.77 39.47 21.33
N LYS H 155 -20.83 40.18 20.71
CA LYS H 155 -20.98 40.62 19.33
C LYS H 155 -20.53 39.60 18.30
N GLN H 156 -19.81 38.54 18.70
CA GLN H 156 -19.39 37.56 17.69
C GLN H 156 -20.59 36.82 17.12
N ARG H 157 -21.70 36.79 17.85
CA ARG H 157 -22.94 36.19 17.36
C ARG H 157 -24.02 37.24 17.26
N SER H 158 -24.91 37.07 16.31
CA SER H 158 -26.00 38.00 16.08
C SER H 158 -27.30 37.24 15.91
N GLU H 159 -28.41 37.97 16.01
CA GLU H 159 -29.73 37.35 15.97
C GLU H 159 -29.92 36.63 14.64
N GLY H 160 -30.55 35.46 14.71
CA GLY H 160 -30.76 34.63 13.56
C GLY H 160 -29.70 33.59 13.33
N GLU H 161 -28.52 33.75 13.92
CA GLU H 161 -27.45 32.79 13.73
C GLU H 161 -27.74 31.51 14.51
N LYS H 162 -27.11 30.42 14.07
CA LYS H 162 -27.21 29.16 14.77
C LYS H 162 -26.49 29.24 16.11
N VAL H 163 -27.00 28.49 17.09
CA VAL H 163 -26.38 28.46 18.41
C VAL H 163 -25.42 27.29 18.46
N ARG H 164 -24.15 27.58 18.72
CA ARG H 164 -23.11 26.56 18.67
C ARG H 164 -22.75 26.09 20.07
N VAL H 165 -22.29 24.84 20.14
CA VAL H 165 -21.87 24.27 21.41
C VAL H 165 -20.76 25.13 21.99
N GLY H 166 -20.92 25.51 23.26
CA GLY H 166 -19.94 26.32 23.94
C GLY H 166 -20.18 27.81 23.87
N ASP H 167 -21.30 28.24 23.28
CA ASP H 167 -21.61 29.66 23.22
C ASP H 167 -22.16 30.15 24.56
N ASP H 168 -21.64 31.28 25.02
CA ASP H 168 -22.20 31.97 26.17
C ASP H 168 -23.50 32.63 25.75
N LEU H 169 -24.53 32.50 26.58
CA LEU H 169 -25.89 32.83 26.20
C LEU H 169 -26.56 33.70 27.25
N ILE H 170 -27.66 34.33 26.84
CA ILE H 170 -28.53 35.10 27.73
C ILE H 170 -29.94 34.59 27.52
N LEU H 171 -30.61 34.21 28.60
CA LEU H 171 -31.98 33.74 28.55
C LEU H 171 -32.90 34.76 29.20
N VAL H 172 -33.97 35.11 28.50
CA VAL H 172 -34.94 36.10 28.96
C VAL H 172 -36.31 35.43 29.01
N SER H 173 -37.00 35.57 30.14
CA SER H 173 -38.30 34.95 30.27
C SER H 173 -39.31 35.67 29.39
N VAL H 174 -40.04 34.90 28.59
CA VAL H 174 -41.04 35.50 27.70
C VAL H 174 -42.13 36.16 28.52
N SER H 175 -42.60 35.49 29.58
CA SER H 175 -43.70 36.02 30.35
C SER H 175 -43.28 37.21 31.20
N SER H 176 -42.08 37.16 31.78
CA SER H 176 -41.69 38.13 32.79
C SER H 176 -40.69 39.16 32.31
N GLU H 177 -40.08 38.97 31.14
CA GLU H 177 -39.06 39.88 30.62
C GLU H 177 -37.91 40.05 31.61
N ARG H 178 -37.47 38.93 32.19
CA ARG H 178 -36.38 38.94 33.15
C ARG H 178 -35.36 37.88 32.77
N TYR H 179 -34.09 38.18 33.03
CA TYR H 179 -33.01 37.26 32.72
C TYR H 179 -32.98 36.12 33.71
N LEU H 180 -32.55 34.96 33.25
CA LEU H 180 -32.20 33.86 34.14
C LEU H 180 -30.92 34.24 34.85
N HIS H 181 -31.06 34.71 36.08
CA HIS H 181 -30.01 35.39 36.80
C HIS H 181 -29.42 34.50 37.87
N LEU H 182 -28.11 34.59 38.06
CA LEU H 182 -27.43 33.99 39.19
C LEU H 182 -27.14 35.07 40.22
N SER H 183 -27.70 34.93 41.41
CA SER H 183 -27.61 35.96 42.44
C SER H 183 -26.63 35.55 43.52
N THR H 184 -25.64 36.40 43.79
CA THR H 184 -24.69 36.20 44.88
C THR H 184 -24.95 37.14 46.04
N ALA H 185 -26.11 37.81 46.05
CA ALA H 185 -26.38 38.81 47.08
C ALA H 185 -26.39 38.18 48.46
N SER H 186 -27.02 37.02 48.60
CA SER H 186 -26.96 36.28 49.85
C SER H 186 -25.60 35.62 49.98
N GLY H 187 -25.38 34.92 51.10
CA GLY H 187 -24.14 34.20 51.26
C GLY H 187 -24.00 33.01 50.34
N GLU H 188 -25.13 32.43 49.90
CA GLU H 188 -25.14 31.26 49.06
C GLU H 188 -25.31 31.65 47.60
N LEU H 189 -25.23 30.64 46.74
CA LEU H 189 -25.39 30.80 45.31
C LEU H 189 -26.82 30.44 44.95
N GLN H 190 -27.54 31.38 44.34
CA GLN H 190 -28.95 31.19 44.03
C GLN H 190 -29.26 31.63 42.62
N VAL H 191 -30.31 31.02 42.07
CA VAL H 191 -30.76 31.29 40.71
C VAL H 191 -32.17 31.86 40.77
N ASP H 192 -32.38 32.97 40.08
CA ASP H 192 -33.70 33.60 40.02
C ASP H 192 -33.82 34.31 38.68
N ALA H 193 -35.00 34.87 38.45
CA ALA H 193 -35.27 35.62 37.23
C ALA H 193 -35.30 37.10 37.59
N SER H 194 -34.27 37.83 37.18
CA SER H 194 -34.12 39.23 37.53
C SER H 194 -33.78 40.04 36.30
N PHE H 195 -33.54 41.33 36.52
CA PHE H 195 -33.21 42.27 35.47
C PHE H 195 -31.71 42.37 35.23
N MET H 196 -30.91 41.62 35.97
CA MET H 196 -29.47 41.58 35.76
C MET H 196 -29.11 40.31 35.01
N GLN H 197 -28.43 40.46 33.89
CA GLN H 197 -28.13 39.34 33.01
C GLN H 197 -27.03 38.46 33.60
N THR H 198 -26.99 37.21 33.14
CA THR H 198 -25.96 36.27 33.52
C THR H 198 -25.71 35.34 32.35
N LEU H 199 -24.44 35.10 32.04
CA LEU H 199 -24.08 34.26 30.91
C LEU H 199 -24.29 32.79 31.26
N TRP H 200 -24.81 32.04 30.30
CA TRP H 200 -25.04 30.62 30.48
C TRP H 200 -24.46 29.87 29.29
N ASN H 201 -24.22 28.58 29.50
CA ASN H 201 -23.81 27.67 28.43
C ASN H 201 -24.73 26.46 28.45
N MET H 202 -25.25 26.09 27.29
CA MET H 202 -25.96 24.82 27.16
C MET H 202 -24.96 23.77 26.70
N ASN H 203 -24.27 23.18 27.65
CA ASN H 203 -23.37 22.09 27.34
C ASN H 203 -24.18 20.84 27.03
N PRO H 204 -23.97 20.22 25.87
CA PRO H 204 -24.81 19.08 25.50
C PRO H 204 -24.47 17.84 26.30
N ILE H 205 -25.47 16.97 26.44
CA ILE H 205 -25.29 15.65 27.01
C ILE H 205 -25.43 14.57 25.96
N CYS H 206 -26.55 14.55 25.24
CA CYS H 206 -26.78 13.56 24.20
C CYS H 206 -27.59 14.18 23.09
N SER H 207 -27.24 13.83 21.85
CA SER H 207 -27.98 14.27 20.67
C SER H 207 -28.86 13.15 20.11
N CYS H 208 -28.25 12.07 19.65
CA CYS H 208 -28.97 10.96 19.04
C CYS H 208 -28.29 9.66 19.43
N CYS H 209 -29.09 8.65 19.76
CA CYS H 209 -28.59 7.37 20.24
C CYS H 209 -29.08 6.28 19.31
N GLU H 210 -28.18 5.39 18.92
CA GLU H 210 -28.59 4.27 18.09
C GLU H 210 -29.51 3.35 18.87
N GLU H 211 -30.19 2.46 18.14
CA GLU H 211 -31.06 1.49 18.79
C GLU H 211 -30.23 0.69 19.79
N GLY H 212 -30.75 0.60 21.01
CA GLY H 212 -29.98 -0.01 22.08
C GLY H 212 -28.67 0.73 22.25
N TYR H 213 -27.59 -0.03 22.25
CA TYR H 213 -26.24 0.52 22.12
C TYR H 213 -25.95 1.50 23.26
N VAL H 214 -25.78 0.90 24.45
CA VAL H 214 -25.66 1.57 25.74
C VAL H 214 -24.90 2.88 25.64
N THR H 215 -25.44 3.92 26.27
CA THR H 215 -24.81 5.23 26.35
C THR H 215 -24.70 5.63 27.81
N GLY H 216 -23.90 6.66 28.07
CA GLY H 216 -23.69 7.11 29.42
C GLY H 216 -24.92 7.77 30.01
N GLY H 217 -24.97 7.80 31.34
CA GLY H 217 -26.07 8.43 32.04
C GLY H 217 -27.35 7.63 32.08
N HIS H 218 -27.32 6.38 31.66
CA HIS H 218 -28.52 5.56 31.67
C HIS H 218 -28.64 4.79 32.97
N VAL H 219 -29.84 4.31 33.24
CA VAL H 219 -30.12 3.41 34.35
C VAL H 219 -30.34 2.02 33.78
N LEU H 220 -29.65 1.03 34.33
CA LEU H 220 -29.65 -0.31 33.77
C LEU H 220 -29.41 -1.32 34.88
N ARG H 221 -29.63 -2.59 34.54
CA ARG H 221 -29.30 -3.70 35.42
C ARG H 221 -28.15 -4.49 34.81
N LEU H 222 -27.25 -4.94 35.66
CA LEU H 222 -26.08 -5.70 35.24
C LEU H 222 -26.35 -7.16 35.56
N PHE H 223 -26.64 -7.95 34.52
CA PHE H 223 -27.00 -9.34 34.69
C PHE H 223 -25.78 -10.24 34.51
N HIS H 224 -25.67 -11.25 35.39
CA HIS H 224 -24.49 -12.10 35.41
C HIS H 224 -24.58 -13.21 34.38
N GLY H 225 -25.54 -14.11 34.53
CA GLY H 225 -25.64 -15.26 33.65
C GLY H 225 -26.77 -15.16 32.66
N HIS H 226 -27.66 -16.15 32.68
CA HIS H 226 -28.74 -16.23 31.70
C HIS H 226 -30.03 -15.68 32.29
N MET H 227 -30.07 -14.36 32.39
CA MET H 227 -31.27 -13.63 32.83
C MET H 227 -31.73 -14.11 34.21
N ASP H 228 -30.78 -14.45 35.06
CA ASP H 228 -31.09 -15.02 36.37
C ASP H 228 -30.57 -14.17 37.52
N GLU H 229 -29.29 -13.81 37.51
CA GLU H 229 -28.68 -13.08 38.61
C GLU H 229 -28.32 -11.66 38.17
N CYS H 230 -28.57 -10.70 39.05
CA CYS H 230 -28.31 -9.30 38.78
C CYS H 230 -27.55 -8.69 39.95
N LEU H 231 -26.67 -7.74 39.64
CA LEU H 231 -25.90 -7.07 40.67
C LEU H 231 -26.80 -6.13 41.46
N THR H 232 -26.66 -6.16 42.78
CA THR H 232 -27.52 -5.36 43.64
C THR H 232 -26.87 -5.23 45.01
N ILE H 233 -27.55 -4.48 45.88
CA ILE H 233 -27.16 -4.40 47.28
C ILE H 233 -28.29 -4.99 48.11
N SER H 234 -28.08 -5.06 49.42
CA SER H 234 -29.06 -5.68 50.29
C SER H 234 -30.33 -4.84 50.37
N ALA H 235 -31.40 -5.47 50.83
CA ALA H 235 -32.69 -4.80 50.91
C ALA H 235 -32.70 -3.79 52.05
N ALA H 236 -33.83 -3.13 52.22
CA ALA H 236 -33.97 -2.10 53.24
C ALA H 236 -33.87 -2.71 54.64
N ASP H 237 -33.41 -1.89 55.57
CA ASP H 237 -33.13 -2.29 56.96
C ASP H 237 -32.46 -3.66 57.02
N SER H 238 -31.27 -3.72 56.46
CA SER H 238 -30.41 -4.90 56.55
C SER H 238 -29.22 -4.61 57.44
N ASP H 239 -28.67 -5.67 58.03
CA ASP H 239 -27.61 -5.51 59.03
C ASP H 239 -26.32 -5.01 58.41
N ASP H 240 -26.18 -5.08 57.09
CA ASP H 240 -24.95 -4.62 56.44
C ASP H 240 -24.98 -3.14 56.10
N GLN H 241 -26.04 -2.43 56.52
CA GLN H 241 -26.21 -1.00 56.23
C GLN H 241 -26.30 -0.72 54.74
N ARG H 242 -26.73 -1.71 53.96
CA ARG H 242 -26.89 -1.56 52.51
C ARG H 242 -25.60 -1.05 51.89
N ARG H 243 -24.46 -1.60 52.33
CA ARG H 243 -23.16 -1.19 51.82
C ARG H 243 -22.36 -2.36 51.27
N LEU H 244 -23.02 -3.50 51.02
CA LEU H 244 -22.34 -4.66 50.47
C LEU H 244 -23.09 -5.12 49.23
N VAL H 245 -22.32 -5.50 48.21
CA VAL H 245 -22.85 -5.82 46.89
C VAL H 245 -22.92 -7.33 46.76
N TYR H 246 -24.03 -7.82 46.22
CA TYR H 246 -24.25 -9.24 46.04
C TYR H 246 -24.80 -9.52 44.66
N TYR H 247 -24.57 -10.74 44.19
CA TYR H 247 -25.24 -11.27 43.01
C TYR H 247 -26.46 -12.05 43.50
N GLU H 248 -27.64 -11.57 43.16
CA GLU H 248 -28.88 -12.16 43.64
C GLU H 248 -29.78 -12.45 42.46
N GLY H 249 -30.63 -13.47 42.60
CA GLY H 249 -31.62 -13.80 41.61
C GLY H 249 -33.02 -13.78 42.21
N GLY H 250 -34.01 -13.93 41.34
CA GLY H 250 -35.38 -13.99 41.78
C GLY H 250 -36.16 -12.72 41.57
N ALA H 251 -36.88 -12.28 42.60
CA ALA H 251 -37.70 -11.08 42.49
C ALA H 251 -36.86 -9.82 42.46
N VAL H 252 -35.59 -9.89 42.85
CA VAL H 252 -34.74 -8.72 42.83
C VAL H 252 -34.55 -8.19 41.41
N CYS H 253 -34.67 -9.06 40.41
CA CYS H 253 -34.47 -8.65 39.03
C CYS H 253 -35.49 -7.63 38.58
N THR H 254 -36.62 -7.52 39.26
CA THR H 254 -37.65 -6.54 38.93
C THR H 254 -37.79 -5.47 39.99
N HIS H 255 -36.90 -5.45 40.98
CA HIS H 255 -36.96 -4.48 42.06
C HIS H 255 -36.01 -3.32 41.79
N ALA H 256 -36.23 -2.23 42.53
CA ALA H 256 -35.52 -0.99 42.28
C ALA H 256 -34.11 -0.96 42.87
N ARG H 257 -33.76 -1.90 43.74
CA ARG H 257 -32.44 -1.86 44.35
C ARG H 257 -31.36 -2.46 43.47
N SER H 258 -31.71 -3.00 42.31
CA SER H 258 -30.75 -3.54 41.36
C SER H 258 -30.49 -2.58 40.20
N LEU H 259 -30.93 -1.34 40.31
CA LEU H 259 -30.83 -0.37 39.24
C LEU H 259 -29.65 0.55 39.50
N TRP H 260 -28.70 0.58 38.57
CA TRP H 260 -27.49 1.38 38.70
C TRP H 260 -27.44 2.40 37.58
N ARG H 261 -26.80 3.53 37.87
CA ARG H 261 -26.63 4.60 36.90
C ARG H 261 -25.16 4.75 36.56
N LEU H 262 -24.85 4.80 35.27
CA LEU H 262 -23.47 4.86 34.81
C LEU H 262 -23.09 6.32 34.55
N GLU H 263 -22.08 6.79 35.28
CA GLU H 263 -21.68 8.20 35.20
C GLU H 263 -20.27 8.32 34.66
N PRO H 264 -20.10 8.70 33.39
CA PRO H 264 -18.76 8.97 32.87
C PRO H 264 -18.14 10.16 33.58
N LEU H 265 -16.80 10.16 33.59
CA LEU H 265 -16.05 11.16 34.34
C LEU H 265 -15.91 12.46 33.55
N ARG H 266 -17.04 13.01 33.12
CA ARG H 266 -17.08 14.28 32.43
C ARG H 266 -18.52 14.76 32.42
N ILE H 267 -18.71 16.05 32.18
CA ILE H 267 -20.02 16.65 32.17
C ILE H 267 -20.57 16.76 30.76
N SER H 268 -19.88 17.51 29.91
CA SER H 268 -20.31 17.63 28.52
C SER H 268 -20.14 16.30 27.80
N TRP H 269 -21.14 15.94 26.99
CA TRP H 269 -21.14 14.71 26.23
C TRP H 269 -21.09 13.46 27.11
N SER H 270 -21.55 13.60 28.36
CA SER H 270 -21.63 12.44 29.24
C SER H 270 -22.66 11.43 28.75
N GLY H 271 -23.59 11.84 27.90
CA GLY H 271 -24.56 10.94 27.34
C GLY H 271 -24.08 10.20 26.11
N SER H 272 -22.81 10.34 25.77
CA SER H 272 -22.28 9.73 24.57
C SER H 272 -22.29 8.21 24.69
N HIS H 273 -22.06 7.55 23.56
CA HIS H 273 -22.02 6.10 23.54
C HIS H 273 -20.89 5.59 24.42
N LEU H 274 -21.16 4.54 25.17
CA LEU H 274 -20.12 3.94 25.99
C LEU H 274 -19.09 3.24 25.12
N ARG H 275 -17.82 3.46 25.45
CA ARG H 275 -16.71 2.84 24.75
C ARG H 275 -15.94 1.96 25.70
N TRP H 276 -15.37 0.88 25.17
CA TRP H 276 -14.59 -0.03 25.98
C TRP H 276 -13.42 0.70 26.63
N GLY H 277 -13.20 0.43 27.91
CA GLY H 277 -12.13 1.07 28.62
C GLY H 277 -12.40 2.47 29.08
N GLN H 278 -13.56 3.03 28.76
CA GLN H 278 -13.90 4.38 29.18
C GLN H 278 -14.18 4.39 30.67
N PRO H 279 -13.50 5.22 31.46
CA PRO H 279 -13.77 5.25 32.89
C PRO H 279 -15.15 5.81 33.20
N LEU H 280 -15.77 5.26 34.22
CA LEU H 280 -17.09 5.72 34.61
C LEU H 280 -17.41 5.23 36.01
N ARG H 281 -17.97 6.15 36.81
CA ARG H 281 -18.52 5.83 38.11
C ARG H 281 -19.82 5.07 37.95
N ILE H 282 -20.13 4.23 38.93
CA ILE H 282 -21.39 3.50 38.96
C ILE H 282 -22.13 3.88 40.24
N ARG H 283 -23.35 4.37 40.07
CA ARG H 283 -24.13 4.95 41.17
C ARG H 283 -25.36 4.10 41.42
N HIS H 284 -25.65 3.85 42.69
CA HIS H 284 -26.87 3.16 43.07
C HIS H 284 -28.00 4.18 43.17
N VAL H 285 -29.05 4.00 42.38
CA VAL H 285 -30.05 5.04 42.23
C VAL H 285 -30.83 5.24 43.52
N THR H 286 -31.34 4.16 44.11
CA THR H 286 -32.24 4.30 45.25
C THR H 286 -31.51 4.81 46.48
N THR H 287 -30.26 4.40 46.65
CA THR H 287 -29.50 4.82 47.83
C THR H 287 -28.59 6.01 47.56
N GLY H 288 -28.23 6.27 46.32
CA GLY H 288 -27.35 7.38 46.03
C GLY H 288 -25.90 7.14 46.40
N ARG H 289 -25.48 5.90 46.48
CA ARG H 289 -24.10 5.59 46.81
C ARG H 289 -23.36 5.03 45.61
N TYR H 290 -22.05 5.22 45.60
CA TYR H 290 -21.22 4.89 44.47
C TYR H 290 -20.38 3.66 44.74
N LEU H 291 -20.36 2.75 43.76
CA LEU H 291 -19.55 1.55 43.87
C LEU H 291 -18.08 1.93 43.99
N ALA H 292 -17.40 1.35 44.98
CA ALA H 292 -16.05 1.78 45.30
C ALA H 292 -15.21 0.60 45.76
N LEU H 293 -13.90 0.77 45.67
CA LEU H 293 -12.94 -0.18 46.21
C LEU H 293 -12.20 0.51 47.34
N THR H 294 -12.52 0.14 48.58
CA THR H 294 -11.92 0.73 49.76
C THR H 294 -10.88 -0.22 50.32
N GLU H 295 -9.81 0.35 50.88
CA GLU H 295 -8.72 -0.46 51.41
C GLU H 295 -9.14 -1.26 52.63
N ASP H 296 -10.26 -0.90 53.27
CA ASP H 296 -10.68 -1.55 54.50
C ASP H 296 -11.62 -2.72 54.24
N GLN H 297 -12.76 -2.45 53.60
CA GLN H 297 -13.77 -3.46 53.36
C GLN H 297 -13.78 -3.96 51.92
N GLY H 298 -12.85 -3.50 51.08
CA GLY H 298 -12.80 -3.95 49.71
C GLY H 298 -13.84 -3.30 48.84
N LEU H 299 -14.68 -4.10 48.19
CA LEU H 299 -15.72 -3.60 47.29
C LEU H 299 -16.96 -3.27 48.10
N VAL H 300 -17.24 -1.99 48.26
CA VAL H 300 -18.42 -1.50 48.95
C VAL H 300 -18.99 -0.34 48.15
N VAL H 301 -20.17 0.12 48.55
CA VAL H 301 -20.77 1.33 48.00
C VAL H 301 -20.61 2.44 49.03
N VAL H 302 -20.03 3.55 48.61
CA VAL H 302 -19.72 4.66 49.50
C VAL H 302 -20.56 5.86 49.11
N ASP H 303 -20.63 6.81 50.03
CA ASP H 303 -21.37 8.04 49.78
C ASP H 303 -20.63 8.92 48.80
N ALA H 304 -21.30 9.99 48.37
CA ALA H 304 -20.71 10.91 47.40
C ALA H 304 -19.45 11.59 47.91
N CYS H 305 -19.39 11.88 49.21
CA CYS H 305 -18.26 12.60 49.77
C CYS H 305 -16.98 11.77 49.84
N LYS H 306 -17.06 10.47 49.56
CA LYS H 306 -15.88 9.61 49.61
C LYS H 306 -15.60 8.95 48.28
N ALA H 307 -16.15 9.47 47.18
CA ALA H 307 -15.92 8.93 45.84
C ALA H 307 -14.97 9.87 45.12
N HIS H 308 -13.67 9.59 45.23
CA HIS H 308 -12.64 10.51 44.79
C HIS H 308 -11.94 10.04 43.51
N THR H 309 -12.71 9.46 42.58
CA THR H 309 -12.30 9.10 41.23
C THR H 309 -11.25 7.99 41.21
N LYS H 310 -10.67 7.66 42.35
CA LYS H 310 -9.74 6.53 42.44
C LYS H 310 -10.42 5.26 42.87
N ALA H 311 -11.20 5.32 43.94
CA ALA H 311 -11.94 4.16 44.40
C ALA H 311 -13.15 3.85 43.54
N THR H 312 -13.67 4.83 42.82
CA THR H 312 -14.96 4.71 42.16
C THR H 312 -14.87 4.78 40.64
N SER H 313 -13.71 4.47 40.07
CA SER H 313 -13.53 4.48 38.62
C SER H 313 -13.52 3.05 38.12
N PHE H 314 -14.33 2.77 37.12
CA PHE H 314 -14.43 1.45 36.52
C PHE H 314 -14.47 1.58 35.01
N CYS H 315 -14.28 0.44 34.34
CA CYS H 315 -14.38 0.38 32.90
C CYS H 315 -14.96 -0.96 32.50
N PHE H 316 -15.58 -1.00 31.33
CA PHE H 316 -16.03 -2.24 30.73
C PHE H 316 -15.01 -2.71 29.70
N ARG H 317 -14.61 -3.97 29.81
CA ARG H 317 -13.62 -4.53 28.90
C ARG H 317 -14.19 -5.76 28.21
N VAL H 318 -13.92 -5.85 26.90
CA VAL H 318 -14.38 -6.97 26.10
C VAL H 318 -13.77 -8.29 26.54
N SER H 319 -12.47 -8.32 26.83
CA SER H 319 -11.83 -9.53 27.28
C SER H 319 -10.85 -9.18 28.40
N LYS H 320 -10.62 -10.14 29.28
CA LYS H 320 -9.74 -9.94 30.42
C LYS H 320 -8.28 -9.81 30.01
N GLU H 321 -7.96 -9.97 28.73
CA GLU H 321 -6.58 -9.84 28.27
C GLU H 321 -6.05 -8.45 28.59
N LYS H 322 -4.83 -8.40 29.12
CA LYS H 322 -4.23 -7.14 29.53
C LYS H 322 -3.76 -6.41 28.28
N LEU H 323 -4.71 -5.74 27.63
CA LEU H 323 -4.37 -4.96 26.44
C LEU H 323 -3.37 -3.86 26.78
N ASP H 324 -3.79 -2.91 27.62
CA ASP H 324 -2.93 -1.83 28.10
C ASP H 324 -2.25 -1.10 26.95
N THR H 325 -3.01 -0.88 25.88
CA THR H 325 -2.43 -0.29 24.67
C THR H 325 -2.15 1.20 24.86
N ALA H 326 -3.19 1.99 25.08
CA ALA H 326 -3.04 3.43 25.25
C ALA H 326 -4.32 4.05 25.79
N PRO H 327 -4.23 5.12 26.58
CA PRO H 327 -5.44 5.79 27.07
C PRO H 327 -6.20 6.48 25.95
N LYS H 328 -7.39 5.98 25.66
CA LYS H 328 -8.22 6.55 24.61
C LYS H 328 -8.62 7.98 24.93
N ARG H 329 -8.63 8.84 23.91
CA ARG H 329 -9.00 10.23 24.07
C ARG H 329 -10.47 10.42 23.76
N ASP H 330 -11.15 11.20 24.59
CA ASP H 330 -12.58 11.41 24.44
C ASP H 330 -12.88 12.30 23.23
N VAL H 331 -13.97 11.98 22.55
CA VAL H 331 -14.38 12.71 21.37
C VAL H 331 -15.57 13.60 21.73
N GLU H 332 -15.72 14.69 20.98
CA GLU H 332 -16.78 15.66 21.22
C GLU H 332 -18.00 15.28 20.39
N GLY H 333 -18.71 14.26 20.87
CA GLY H 333 -19.92 13.83 20.21
C GLY H 333 -20.36 12.49 20.74
N MET H 334 -21.39 11.93 20.09
CA MET H 334 -21.85 10.61 20.46
C MET H 334 -20.77 9.56 20.28
N GLY H 335 -19.83 9.80 19.37
CA GLY H 335 -18.68 8.95 19.21
C GLY H 335 -19.03 7.63 18.56
N PRO H 336 -18.07 6.72 18.54
CA PRO H 336 -18.29 5.42 17.92
C PRO H 336 -19.19 4.56 18.79
N PRO H 337 -20.26 4.01 18.21
CA PRO H 337 -21.17 3.14 18.98
C PRO H 337 -20.57 1.76 19.15
N GLU H 338 -20.47 1.32 20.40
CA GLU H 338 -19.75 0.08 20.70
C GLU H 338 -20.56 -0.95 21.44
N ILE H 339 -21.07 -0.61 22.63
CA ILE H 339 -21.54 -1.60 23.59
C ILE H 339 -23.05 -1.72 23.49
N LYS H 340 -23.54 -2.94 23.30
CA LYS H 340 -24.95 -3.16 23.04
C LYS H 340 -25.69 -3.58 24.31
N TYR H 341 -26.99 -3.38 24.29
CA TYR H 341 -27.86 -3.77 25.38
C TYR H 341 -28.24 -5.23 25.21
N GLY H 342 -27.83 -6.07 26.15
CA GLY H 342 -28.25 -7.46 26.14
C GLY H 342 -27.52 -8.34 25.15
N GLU H 343 -26.48 -7.84 24.50
CA GLU H 343 -25.69 -8.66 23.58
C GLU H 343 -24.21 -8.66 23.93
N SER H 344 -23.65 -7.52 24.32
CA SER H 344 -22.23 -7.44 24.59
C SER H 344 -21.91 -8.05 25.95
N LEU H 345 -20.88 -8.88 25.99
CA LEU H 345 -20.31 -9.36 27.24
C LEU H 345 -19.33 -8.32 27.73
N CYS H 346 -19.44 -7.94 29.00
CA CYS H 346 -18.61 -6.90 29.57
C CYS H 346 -17.96 -7.40 30.86
N PHE H 347 -16.66 -7.15 31.00
CA PHE H 347 -15.92 -7.42 32.22
C PHE H 347 -15.65 -6.09 32.92
N VAL H 348 -16.23 -5.91 34.09
CA VAL H 348 -16.03 -4.69 34.87
C VAL H 348 -14.66 -4.76 35.52
N GLN H 349 -13.86 -3.72 35.35
CA GLN H 349 -12.53 -3.64 35.90
C GLN H 349 -12.33 -2.33 36.63
N HIS H 350 -11.73 -2.39 37.81
CA HIS H 350 -11.40 -1.18 38.53
C HIS H 350 -10.19 -0.53 37.87
N VAL H 351 -10.31 0.76 37.59
CA VAL H 351 -9.30 1.44 36.77
C VAL H 351 -7.97 1.52 37.52
N ALA H 352 -8.00 1.98 38.77
CA ALA H 352 -6.76 2.23 39.48
C ALA H 352 -6.07 0.93 39.89
N SER H 353 -6.84 -0.08 40.27
CA SER H 353 -6.27 -1.31 40.80
C SER H 353 -6.14 -2.42 39.76
N GLY H 354 -6.89 -2.36 38.67
CA GLY H 354 -6.88 -3.43 37.72
C GLY H 354 -7.63 -4.67 38.16
N LEU H 355 -8.27 -4.63 39.33
CA LEU H 355 -8.99 -5.78 39.82
C LEU H 355 -10.26 -6.01 38.99
N TRP H 356 -10.69 -7.27 38.96
CA TRP H 356 -11.84 -7.69 38.20
C TRP H 356 -13.00 -8.00 39.14
N LEU H 357 -14.21 -7.67 38.71
CA LEU H 357 -15.40 -7.93 39.49
C LEU H 357 -15.82 -9.38 39.30
N THR H 358 -15.85 -10.14 40.41
CA THR H 358 -16.24 -11.53 40.37
C THR H 358 -16.85 -11.90 41.71
N TYR H 359 -17.58 -13.01 41.73
CA TYR H 359 -18.22 -13.45 42.96
C TYR H 359 -17.18 -14.05 43.91
N ALA H 360 -17.63 -14.40 45.11
CA ALA H 360 -16.73 -14.77 46.18
C ALA H 360 -16.70 -16.28 46.46
N ALA H 361 -17.37 -17.10 45.64
CA ALA H 361 -17.41 -18.54 45.85
C ALA H 361 -17.90 -18.86 47.27
N PRO H 362 -19.20 -18.78 47.53
CA PRO H 362 -19.69 -18.87 48.91
C PRO H 362 -19.27 -20.17 49.60
N ASP H 363 -18.96 -20.05 50.88
CA ASP H 363 -18.55 -21.20 51.68
C ASP H 363 -19.72 -22.16 51.85
N PRO H 364 -19.46 -23.47 51.86
CA PRO H 364 -20.56 -24.44 52.07
C PRO H 364 -21.20 -24.32 53.44
N LYS H 365 -22.25 -25.11 53.68
CA LYS H 365 -23.03 -25.13 54.91
C LYS H 365 -23.89 -23.88 55.03
N ALA H 366 -23.70 -22.93 54.13
CA ALA H 366 -24.56 -21.75 54.05
C ALA H 366 -25.69 -21.91 53.04
N LEU H 367 -25.67 -22.98 52.24
CA LEU H 367 -26.74 -23.24 51.29
C LEU H 367 -28.03 -23.62 51.99
N ARG H 368 -27.95 -24.36 53.10
CA ARG H 368 -29.15 -24.72 53.85
C ARG H 368 -29.82 -23.48 54.43
N LEU H 369 -29.07 -22.40 54.64
CA LEU H 369 -29.64 -21.14 55.08
C LEU H 369 -30.53 -20.49 54.02
N GLY H 370 -30.51 -21.00 52.80
CA GLY H 370 -31.26 -20.37 51.72
C GLY H 370 -30.61 -19.14 51.14
N VAL H 371 -29.32 -18.93 51.41
CA VAL H 371 -28.62 -17.75 50.92
C VAL H 371 -28.09 -18.02 49.51
N LEU H 372 -28.90 -17.72 48.51
CA LEU H 372 -28.45 -17.77 47.12
C LEU H 372 -27.64 -16.54 46.73
N LYS H 373 -27.59 -15.52 47.58
CA LYS H 373 -26.77 -14.37 47.31
C LYS H 373 -25.29 -14.74 47.35
N LYS H 374 -24.56 -14.28 46.34
CA LYS H 374 -23.12 -14.46 46.27
C LYS H 374 -22.47 -13.10 46.43
N LYS H 375 -21.61 -12.96 47.43
CA LYS H 375 -20.97 -11.68 47.66
C LYS H 375 -20.09 -11.32 46.47
N ALA H 376 -20.20 -10.07 46.02
CA ALA H 376 -19.38 -9.59 44.91
C ALA H 376 -18.11 -8.99 45.44
N ILE H 377 -16.97 -9.41 44.89
CA ILE H 377 -15.67 -8.96 45.34
C ILE H 377 -14.82 -8.59 44.13
N LEU H 378 -13.78 -7.82 44.39
CA LEU H 378 -12.77 -7.50 43.39
C LEU H 378 -11.60 -8.45 43.59
N HIS H 379 -11.25 -9.20 42.54
CA HIS H 379 -10.19 -10.18 42.59
C HIS H 379 -9.25 -9.98 41.42
N GLN H 380 -7.98 -10.32 41.64
CA GLN H 380 -6.97 -10.09 40.61
C GLN H 380 -7.22 -10.93 39.37
N GLU H 381 -7.59 -12.19 39.54
CA GLU H 381 -7.77 -13.09 38.41
C GLU H 381 -9.22 -13.22 37.97
N GLY H 382 -10.13 -13.47 38.90
CA GLY H 382 -11.51 -13.65 38.54
C GLY H 382 -11.75 -14.99 37.88
N HIS H 383 -12.96 -15.15 37.36
CA HIS H 383 -13.41 -16.40 36.78
C HIS H 383 -13.72 -16.20 35.30
N MET H 384 -14.19 -17.27 34.68
CA MET H 384 -14.52 -17.22 33.26
C MET H 384 -15.89 -16.60 33.02
N ASP H 385 -16.83 -16.79 33.94
CA ASP H 385 -18.20 -16.33 33.77
C ASP H 385 -18.43 -14.95 34.38
N ASP H 386 -17.38 -14.13 34.46
CA ASP H 386 -17.48 -12.79 35.02
C ASP H 386 -18.15 -11.79 34.07
N ALA H 387 -18.47 -12.21 32.84
CA ALA H 387 -19.09 -11.30 31.90
C ALA H 387 -20.50 -10.93 32.35
N LEU H 388 -20.89 -9.68 32.13
CA LEU H 388 -22.15 -9.15 32.58
C LEU H 388 -22.97 -8.62 31.41
N PHE H 389 -24.26 -8.95 31.41
CA PHE H 389 -25.22 -8.37 30.48
C PHE H 389 -25.68 -7.03 31.01
N LEU H 390 -25.86 -6.06 30.13
CA LEU H 390 -26.45 -4.79 30.49
C LEU H 390 -27.83 -4.70 29.86
N THR H 391 -28.85 -4.58 30.69
CA THR H 391 -30.23 -4.56 30.21
C THR H 391 -30.87 -3.22 30.55
N ARG H 392 -31.70 -2.74 29.63
CA ARG H 392 -32.34 -1.43 29.78
C ARG H 392 -33.39 -1.46 30.88
N CYS H 393 -33.49 -0.34 31.58
CA CYS H 393 -34.51 -0.11 32.58
C CYS H 393 -35.54 0.86 32.04
N GLN H 394 -36.81 0.52 32.20
CA GLN H 394 -37.88 1.37 31.67
C GLN H 394 -37.87 2.73 32.34
N GLN H 395 -38.34 3.74 31.60
CA GLN H 395 -38.34 5.08 32.14
C GLN H 395 -39.18 5.17 33.41
N GLU H 396 -40.29 4.44 33.44
CA GLU H 396 -41.13 4.44 34.64
C GLU H 396 -40.37 3.93 35.84
N GLU H 397 -39.62 2.83 35.68
CA GLU H 397 -38.86 2.29 36.80
C GLU H 397 -37.72 3.22 37.22
N SER H 398 -37.02 3.81 36.26
CA SER H 398 -35.94 4.72 36.60
C SER H 398 -36.46 5.93 37.38
N GLN H 399 -37.57 6.51 36.90
CA GLN H 399 -38.15 7.64 37.60
C GLN H 399 -38.62 7.24 38.98
N ALA H 400 -39.21 6.04 39.10
CA ALA H 400 -39.67 5.57 40.40
C ALA H 400 -38.51 5.41 41.37
N ALA H 401 -37.38 4.88 40.91
CA ALA H 401 -36.23 4.70 41.80
C ALA H 401 -35.69 6.04 42.26
N ARG H 402 -35.55 7.00 41.36
CA ARG H 402 -35.07 8.32 41.77
C ARG H 402 -36.05 8.98 42.74
N MET H 403 -37.35 8.83 42.49
CA MET H 403 -38.36 9.36 43.39
C MET H 403 -38.25 8.72 44.76
N ILE H 404 -37.99 7.42 44.81
CA ILE H 404 -37.79 6.73 46.07
C ILE H 404 -36.63 7.35 46.82
N HIS H 405 -35.52 7.58 46.11
CA HIS H 405 -34.35 8.15 46.75
C HIS H 405 -34.67 9.50 47.39
N SER H 406 -35.25 10.42 46.61
CA SER H 406 -35.52 11.75 47.13
C SER H 406 -36.54 11.71 48.27
N THR H 407 -37.59 10.91 48.11
CA THR H 407 -38.62 10.81 49.13
C THR H 407 -38.08 10.26 50.43
N ALA H 408 -37.27 9.20 50.35
CA ALA H 408 -36.68 8.64 51.57
C ALA H 408 -35.79 9.64 52.26
N GLY H 409 -34.98 10.37 51.51
CA GLY H 409 -34.16 11.40 52.12
C GLY H 409 -34.99 12.45 52.85
N LEU H 410 -36.01 12.97 52.17
CA LEU H 410 -36.81 14.04 52.76
C LEU H 410 -37.54 13.54 54.00
N TYR H 411 -38.11 12.34 53.95
CA TYR H 411 -38.89 11.87 55.09
C TYR H 411 -38.00 11.46 56.25
N ASN H 412 -36.79 10.96 55.98
CA ASN H 412 -35.86 10.71 57.07
C ASN H 412 -35.47 12.00 57.75
N GLN H 413 -35.26 13.07 56.97
CA GLN H 413 -34.99 14.37 57.58
C GLN H 413 -36.15 14.83 58.43
N PHE H 414 -37.38 14.65 57.93
CA PHE H 414 -38.56 15.01 58.70
C PHE H 414 -38.65 14.22 60.00
N ILE H 415 -38.38 12.92 59.92
CA ILE H 415 -38.44 12.05 61.10
C ILE H 415 -37.42 12.49 62.14
N LYS H 416 -36.18 12.76 61.72
CA LYS H 416 -35.19 13.15 62.69
C LYS H 416 -35.48 14.54 63.26
N GLY H 417 -36.07 15.42 62.46
CA GLY H 417 -36.53 16.68 63.00
C GLY H 417 -37.57 16.51 64.07
N LEU H 418 -38.53 15.60 63.85
CA LEU H 418 -39.53 15.32 64.88
C LEU H 418 -38.88 14.73 66.12
N ASP H 419 -37.96 13.78 65.95
CA ASP H 419 -37.28 13.19 67.09
C ASP H 419 -36.35 14.16 67.80
N SER H 420 -36.01 15.28 67.18
CA SER H 420 -35.14 16.26 67.83
C SER H 420 -35.78 16.78 69.10
N PHE H 421 -37.09 17.03 69.08
CA PHE H 421 -37.81 17.49 70.27
C PHE H 421 -38.83 16.47 70.75
N SER H 422 -38.42 15.20 70.82
CA SER H 422 -39.34 14.15 71.23
C SER H 422 -39.86 14.39 72.64
N GLY H 423 -38.99 14.72 73.57
CA GLY H 423 -39.41 14.97 74.93
C GLY H 423 -38.91 16.28 75.46
N LYS H 424 -38.83 17.28 74.60
CA LYS H 424 -38.25 18.58 74.92
C LYS H 424 -39.29 19.67 74.67
N PRO H 425 -40.14 19.95 75.63
CA PRO H 425 -41.10 21.05 75.47
C PRO H 425 -40.37 22.37 75.26
N ARG H 426 -40.91 23.20 74.38
CA ARG H 426 -40.26 24.47 74.09
C ARG H 426 -40.53 25.53 75.15
N GLY H 427 -41.57 25.35 75.96
CA GLY H 427 -41.96 26.41 76.87
C GLY H 427 -42.37 27.64 76.10
N SER H 428 -42.03 28.81 76.64
CA SER H 428 -42.28 30.08 75.96
C SER H 428 -41.06 30.54 75.16
N GLY H 429 -40.55 29.66 74.30
CA GLY H 429 -39.38 29.96 73.52
C GLY H 429 -39.34 29.16 72.23
N PRO H 430 -38.34 29.42 71.39
CA PRO H 430 -38.23 28.70 70.12
C PRO H 430 -37.95 27.23 70.35
N PRO H 431 -38.37 26.37 69.43
CA PRO H 431 -38.17 24.93 69.61
C PRO H 431 -36.71 24.50 69.67
N ALA H 432 -35.77 25.39 69.35
CA ALA H 432 -34.33 25.14 69.49
C ALA H 432 -33.89 23.93 68.65
N GLY H 433 -33.98 24.11 67.34
CA GLY H 433 -33.54 23.12 66.39
C GLY H 433 -33.72 23.59 64.96
N PRO H 434 -33.32 22.76 64.00
CA PRO H 434 -33.56 23.11 62.60
C PRO H 434 -35.04 23.09 62.28
N ALA H 435 -35.45 23.96 61.36
CA ALA H 435 -36.85 24.04 61.00
C ALA H 435 -37.28 22.78 60.26
N LEU H 436 -38.46 22.30 60.60
CA LEU H 436 -38.99 21.12 59.92
C LEU H 436 -39.32 21.46 58.46
N PRO H 437 -39.08 20.54 57.54
CA PRO H 437 -39.42 20.80 56.13
C PRO H 437 -40.90 20.63 55.86
N ILE H 438 -41.72 21.51 56.44
CA ILE H 438 -43.16 21.35 56.38
C ILE H 438 -43.66 21.48 54.94
N GLU H 439 -43.23 22.53 54.25
CA GLU H 439 -43.69 22.77 52.89
C GLU H 439 -43.22 21.67 51.96
N ALA H 440 -41.96 21.25 52.10
CA ALA H 440 -41.45 20.17 51.27
C ALA H 440 -42.22 18.88 51.49
N VAL H 441 -42.52 18.56 52.75
CA VAL H 441 -43.26 17.33 53.04
C VAL H 441 -44.66 17.40 52.45
N ILE H 442 -45.33 18.54 52.61
CA ILE H 442 -46.69 18.66 52.09
C ILE H 442 -46.71 18.50 50.58
N LEU H 443 -45.80 19.19 49.90
CA LEU H 443 -45.76 19.11 48.45
C LEU H 443 -45.43 17.68 47.99
N SER H 444 -44.49 17.03 48.67
CA SER H 444 -44.12 15.67 48.28
C SER H 444 -45.29 14.72 48.48
N LEU H 445 -46.01 14.86 49.59
CA LEU H 445 -47.15 13.98 49.84
C LEU H 445 -48.22 14.17 48.78
N GLN H 446 -48.51 15.43 48.42
CA GLN H 446 -49.51 15.67 47.39
C GLN H 446 -49.07 15.08 46.05
N ASP H 447 -47.79 15.22 45.73
CA ASP H 447 -47.29 14.65 44.48
C ASP H 447 -47.40 13.14 44.47
N LEU H 448 -47.06 12.49 45.59
CA LEU H 448 -47.12 11.03 45.62
C LEU H 448 -48.57 10.54 45.55
N ILE H 449 -49.48 11.25 46.19
CA ILE H 449 -50.89 10.89 46.14
C ILE H 449 -51.40 10.98 44.71
N GLY H 450 -51.04 12.06 44.01
CA GLY H 450 -51.39 12.13 42.61
C GLY H 450 -50.66 11.14 41.73
N TYR H 451 -49.48 10.70 42.16
CA TYR H 451 -48.71 9.70 41.44
C TYR H 451 -49.35 8.33 41.53
N PHE H 452 -50.00 8.03 42.65
CA PHE H 452 -50.62 6.73 42.86
C PHE H 452 -52.12 6.75 42.66
N GLU H 453 -52.66 7.79 42.03
CA GLU H 453 -54.11 7.86 41.85
C GLU H 453 -54.57 6.74 40.94
N PRO H 454 -55.63 6.02 41.29
CA PRO H 454 -56.11 4.95 40.43
C PRO H 454 -56.67 5.52 39.14
N PRO H 455 -56.58 4.78 38.03
CA PRO H 455 -57.08 5.30 36.76
C PRO H 455 -58.59 5.49 36.79
N SER H 456 -59.05 6.46 36.01
CA SER H 456 -60.47 6.78 35.97
C SER H 456 -61.26 5.65 35.31
N GLU H 457 -62.46 5.41 35.82
CA GLU H 457 -63.30 4.34 35.31
C GLU H 457 -63.91 4.67 33.95
N GLU H 458 -63.76 5.91 33.49
CA GLU H 458 -64.30 6.31 32.20
C GLU H 458 -63.39 5.94 31.03
N LEU H 459 -62.16 5.50 31.30
CA LEU H 459 -61.25 5.13 30.22
C LEU H 459 -61.69 3.83 29.57
N GLN H 460 -61.10 3.54 28.42
CA GLN H 460 -61.31 2.24 27.80
C GLN H 460 -60.57 1.15 28.56
N HIS H 461 -61.11 -0.05 28.46
CA HIS H 461 -60.64 -1.18 29.26
C HIS H 461 -59.15 -1.46 29.04
N GLU H 462 -58.68 -1.36 27.81
CA GLU H 462 -57.30 -1.71 27.51
C GLU H 462 -56.31 -0.80 28.23
N GLU H 463 -56.46 0.51 28.06
CA GLU H 463 -55.56 1.43 28.72
C GLU H 463 -55.77 1.43 30.23
N LYS H 464 -56.99 1.14 30.68
CA LYS H 464 -57.22 1.02 32.11
C LYS H 464 -56.41 -0.14 32.69
N GLN H 465 -56.38 -1.27 31.99
CA GLN H 465 -55.59 -2.40 32.45
C GLN H 465 -54.10 -2.07 32.44
N SER H 466 -53.64 -1.39 31.39
CA SER H 466 -52.22 -1.04 31.34
C SER H 466 -51.84 -0.12 32.50
N LYS H 467 -52.69 0.88 32.79
CA LYS H 467 -52.40 1.79 33.88
C LYS H 467 -52.47 1.08 35.23
N LEU H 468 -53.39 0.14 35.38
CA LEU H 468 -53.43 -0.65 36.61
C LEU H 468 -52.15 -1.44 36.79
N ARG H 469 -51.65 -2.03 35.71
CA ARG H 469 -50.40 -2.77 35.81
C ARG H 469 -49.25 -1.86 36.24
N SER H 470 -49.16 -0.68 35.64
CA SER H 470 -48.12 0.27 36.02
C SER H 470 -48.24 0.69 37.48
N LEU H 471 -49.48 0.94 37.93
CA LEU H 471 -49.69 1.37 39.30
C LEU H 471 -49.32 0.28 40.30
N ARG H 472 -49.71 -0.97 40.01
CA ARG H 472 -49.34 -2.07 40.89
C ARG H 472 -47.83 -2.21 40.94
N ASN H 473 -47.16 -2.06 39.80
CA ASN H 473 -45.72 -2.17 39.77
C ASN H 473 -45.06 -1.09 40.62
N ARG H 474 -45.56 0.14 40.52
CA ARG H 474 -44.97 1.23 41.29
C ARG H 474 -45.23 1.07 42.78
N GLN H 475 -46.43 0.63 43.14
CA GLN H 475 -46.72 0.34 44.55
C GLN H 475 -45.78 -0.72 45.09
N SER H 476 -45.56 -1.79 44.31
CA SER H 476 -44.66 -2.85 44.74
C SER H 476 -43.24 -2.32 44.90
N LEU H 477 -42.78 -1.49 43.97
CA LEU H 477 -41.43 -0.94 44.09
C LEU H 477 -41.28 -0.12 45.36
N PHE H 478 -42.20 0.81 45.59
CA PHE H 478 -42.10 1.66 46.77
C PHE H 478 -42.19 0.84 48.04
N GLN H 479 -43.07 -0.15 48.08
CA GLN H 479 -43.16 -0.99 49.26
C GLN H 479 -41.87 -1.75 49.49
N GLU H 480 -41.28 -2.28 48.42
CA GLU H 480 -40.07 -3.06 48.58
C GLU H 480 -38.89 -2.21 49.00
N GLU H 481 -38.94 -0.90 48.77
CA GLU H 481 -37.87 -0.03 49.27
C GLU H 481 -38.11 0.47 50.68
N GLY H 482 -39.27 0.18 51.26
CA GLY H 482 -39.54 0.59 52.62
C GLY H 482 -40.28 1.90 52.79
N MET H 483 -40.82 2.47 51.72
CA MET H 483 -41.60 3.69 51.85
C MET H 483 -42.83 3.48 52.70
N LEU H 484 -43.38 2.26 52.70
CA LEU H 484 -44.52 1.97 53.56
C LEU H 484 -44.14 2.13 55.03
N SER H 485 -43.01 1.53 55.43
CA SER H 485 -42.56 1.67 56.81
C SER H 485 -42.17 3.10 57.13
N LEU H 486 -41.64 3.82 56.16
CA LEU H 486 -41.31 5.23 56.37
C LEU H 486 -42.55 6.04 56.68
N VAL H 487 -43.61 5.83 55.90
CA VAL H 487 -44.87 6.51 56.13
C VAL H 487 -45.44 6.14 57.50
N LEU H 488 -45.35 4.86 57.87
CA LEU H 488 -45.84 4.45 59.17
C LEU H 488 -45.08 5.12 60.31
N ASN H 489 -43.75 5.24 60.17
CA ASN H 489 -42.97 5.92 61.19
C ASN H 489 -43.36 7.37 61.33
N CYS H 490 -43.54 8.06 60.19
CA CYS H 490 -43.98 9.46 60.26
C CYS H 490 -45.33 9.57 60.94
N ILE H 491 -46.25 8.67 60.60
CA ILE H 491 -47.58 8.70 61.20
C ILE H 491 -47.50 8.48 62.70
N ASP H 492 -46.67 7.54 63.15
CA ASP H 492 -46.54 7.29 64.58
C ASP H 492 -46.00 8.52 65.30
N ARG H 493 -44.90 9.08 64.79
CA ARG H 493 -44.28 10.19 65.47
C ARG H 493 -45.17 11.43 65.50
N LEU H 494 -46.01 11.59 64.49
CA LEU H 494 -47.00 12.66 64.57
C LEU H 494 -48.19 12.28 65.44
N ASN H 495 -48.46 11.00 65.60
CA ASN H 495 -49.60 10.51 66.35
C ASN H 495 -49.38 10.56 67.85
N VAL H 496 -48.11 10.66 68.30
CA VAL H 496 -47.88 10.83 69.72
C VAL H 496 -48.41 12.15 70.25
N TYR H 497 -48.87 13.05 69.39
CA TYR H 497 -49.47 14.31 69.79
C TYR H 497 -50.97 14.22 69.58
N THR H 498 -51.73 14.52 70.63
CA THR H 498 -53.17 14.33 70.59
C THR H 498 -53.86 15.38 69.75
N THR H 499 -53.28 16.57 69.64
CA THR H 499 -53.91 17.65 68.91
C THR H 499 -52.84 18.64 68.45
N ALA H 500 -53.25 19.56 67.58
CA ALA H 500 -52.32 20.53 67.02
C ALA H 500 -51.76 21.43 68.11
N ALA H 501 -52.56 21.77 69.11
CA ALA H 501 -52.05 22.57 70.22
C ALA H 501 -50.98 21.82 71.00
N HIS H 502 -51.21 20.53 71.23
CA HIS H 502 -50.20 19.71 71.90
C HIS H 502 -48.92 19.67 71.07
N PHE H 503 -49.06 19.56 69.76
CA PHE H 503 -47.89 19.63 68.87
C PHE H 503 -47.19 20.98 68.96
N ALA H 504 -47.97 22.06 69.01
CA ALA H 504 -47.40 23.40 69.08
C ALA H 504 -46.61 23.59 70.37
N GLU H 505 -47.02 22.94 71.45
CA GLU H 505 -46.25 23.06 72.68
C GLU H 505 -44.83 22.53 72.55
N TYR H 506 -44.54 21.75 71.51
CA TYR H 506 -43.21 21.19 71.29
C TYR H 506 -42.54 21.67 70.02
N ALA H 507 -43.29 22.14 69.03
CA ALA H 507 -42.72 22.51 67.75
C ALA H 507 -43.07 23.92 67.30
N GLY H 508 -43.91 24.63 68.02
CA GLY H 508 -44.29 25.98 67.65
C GLY H 508 -45.54 26.01 66.80
N GLU H 509 -46.19 27.18 66.84
CA GLU H 509 -47.47 27.34 66.15
C GLU H 509 -47.30 27.33 64.64
N GLU H 510 -46.22 27.93 64.14
CA GLU H 510 -46.00 27.98 62.70
C GLU H 510 -45.86 26.58 62.11
N ALA H 511 -45.43 25.62 62.91
CA ALA H 511 -45.40 24.23 62.48
C ALA H 511 -46.71 23.53 62.76
N ALA H 512 -47.36 23.83 63.89
CA ALA H 512 -48.58 23.15 64.24
C ALA H 512 -49.72 23.50 63.30
N GLU H 513 -49.61 24.62 62.59
CA GLU H 513 -50.68 24.98 61.66
C GLU H 513 -50.72 24.09 60.43
N SER H 514 -49.86 23.07 60.34
CA SER H 514 -49.87 22.13 59.24
C SER H 514 -49.97 20.68 59.72
N TRP H 515 -50.09 20.47 61.03
CA TRP H 515 -50.04 19.12 61.58
C TRP H 515 -51.21 18.28 61.09
N LYS H 516 -52.42 18.85 61.12
CA LYS H 516 -53.60 18.14 60.64
C LYS H 516 -53.47 17.80 59.16
N GLU H 517 -53.05 18.77 58.35
CA GLU H 517 -52.93 18.52 56.93
C GLU H 517 -51.90 17.44 56.65
N ILE H 518 -50.78 17.45 57.37
CA ILE H 518 -49.75 16.45 57.15
C ILE H 518 -50.24 15.07 57.52
N VAL H 519 -50.94 14.93 58.65
CA VAL H 519 -51.39 13.59 59.03
C VAL H 519 -52.43 13.08 58.04
N ASN H 520 -53.31 13.97 57.57
CA ASN H 520 -54.30 13.55 56.59
C ASN H 520 -53.65 13.11 55.29
N LEU H 521 -52.66 13.87 54.83
CA LEU H 521 -51.94 13.48 53.62
C LEU H 521 -51.20 12.17 53.81
N LEU H 522 -50.64 11.94 55.00
CA LEU H 522 -49.96 10.69 55.26
C LEU H 522 -50.91 9.51 55.15
N TYR H 523 -52.09 9.64 55.74
CA TYR H 523 -53.06 8.54 55.65
C TYR H 523 -53.53 8.33 54.21
N GLU H 524 -53.77 9.41 53.49
CA GLU H 524 -54.19 9.29 52.10
C GLU H 524 -53.12 8.58 51.26
N LEU H 525 -51.85 8.94 51.48
CA LEU H 525 -50.76 8.30 50.76
C LEU H 525 -50.64 6.83 51.11
N LEU H 526 -50.82 6.51 52.40
CA LEU H 526 -50.78 5.11 52.80
C LEU H 526 -51.86 4.30 52.11
N ALA H 527 -53.07 4.85 52.05
CA ALA H 527 -54.16 4.18 51.36
C ALA H 527 -53.87 4.03 49.88
N SER H 528 -53.24 5.04 49.26
CA SER H 528 -52.89 4.93 47.86
C SER H 528 -51.84 3.86 47.62
N LEU H 529 -50.87 3.74 48.52
CA LEU H 529 -49.86 2.70 48.41
C LEU H 529 -50.46 1.31 48.53
N ILE H 530 -51.38 1.09 49.46
CA ILE H 530 -51.90 -0.25 49.68
C ILE H 530 -53.14 -0.57 48.86
N ARG H 531 -53.77 0.41 48.23
CA ARG H 531 -55.05 0.18 47.58
C ARG H 531 -54.91 -0.76 46.39
N GLY H 532 -55.67 -1.85 46.42
CA GLY H 532 -55.72 -2.76 45.30
C GLY H 532 -54.54 -3.70 45.18
N ASN H 533 -53.59 -3.65 46.10
CA ASN H 533 -52.40 -4.48 46.04
C ASN H 533 -52.45 -5.46 47.20
N ARG H 534 -52.61 -6.74 46.88
CA ARG H 534 -52.71 -7.76 47.91
C ARG H 534 -51.39 -7.92 48.64
N ALA H 535 -50.28 -7.78 47.94
CA ALA H 535 -48.98 -7.92 48.58
C ALA H 535 -48.78 -6.86 49.66
N ASN H 536 -49.18 -5.62 49.38
CA ASN H 536 -49.04 -4.57 50.37
C ASN H 536 -50.10 -4.67 51.46
N CYS H 537 -51.33 -5.03 51.10
CA CYS H 537 -52.37 -5.15 52.11
C CYS H 537 -52.10 -6.29 53.08
N ALA H 538 -51.41 -7.34 52.62
CA ALA H 538 -51.11 -8.46 53.48
C ALA H 538 -50.10 -8.10 54.57
N LEU H 539 -49.40 -6.98 54.41
CA LEU H 539 -48.42 -6.57 55.40
C LEU H 539 -49.07 -6.23 56.74
N PHE H 540 -50.33 -5.82 56.74
CA PHE H 540 -51.01 -5.44 57.97
C PHE H 540 -51.56 -6.62 58.73
N SER H 541 -51.40 -7.84 58.21
CA SER H 541 -51.86 -9.02 58.93
C SER H 541 -51.10 -9.25 60.23
N THR H 542 -49.99 -8.55 60.42
CA THR H 542 -49.25 -8.61 61.67
C THR H 542 -49.55 -7.42 62.57
N ASN H 543 -49.76 -6.24 61.99
CA ASN H 543 -50.07 -5.02 62.73
C ASN H 543 -51.44 -4.54 62.24
N LEU H 544 -52.49 -5.07 62.85
CA LEU H 544 -53.83 -4.55 62.60
C LEU H 544 -54.30 -3.64 63.72
N ASP H 545 -53.86 -3.90 64.94
CA ASP H 545 -54.13 -2.98 66.04
C ASP H 545 -53.55 -1.61 65.77
N TRP H 546 -52.46 -1.54 65.00
CA TRP H 546 -51.91 -0.25 64.59
C TRP H 546 -52.96 0.59 63.90
N VAL H 547 -53.81 -0.03 63.08
CA VAL H 547 -54.84 0.72 62.38
C VAL H 547 -56.08 0.88 63.26
N VAL H 548 -56.55 -0.21 63.85
CA VAL H 548 -57.83 -0.16 64.55
C VAL H 548 -57.75 0.79 65.74
N SER H 549 -56.64 0.76 66.47
CA SER H 549 -56.51 1.61 67.64
C SER H 549 -56.59 3.09 67.31
N LYS H 550 -56.37 3.47 66.07
CA LYS H 550 -56.37 4.87 65.67
C LYS H 550 -57.69 5.33 65.11
N LEU H 551 -58.71 4.46 65.05
CA LEU H 551 -59.96 4.83 64.41
C LEU H 551 -60.65 5.99 65.12
N ASP H 552 -60.46 6.11 66.42
CA ASP H 552 -61.14 7.12 67.22
C ASP H 552 -60.45 8.48 67.20
N ARG H 553 -59.30 8.59 66.56
CA ARG H 553 -58.65 9.89 66.41
C ARG H 553 -59.53 10.81 65.58
N LEU H 554 -59.64 12.07 66.01
CA LEU H 554 -60.57 12.99 65.36
C LEU H 554 -59.97 13.75 64.18
N GLU H 555 -58.65 13.78 64.04
CA GLU H 555 -58.07 14.62 63.01
C GLU H 555 -58.18 14.01 61.61
N ALA H 556 -58.04 12.70 61.50
CA ALA H 556 -57.98 12.05 60.18
C ALA H 556 -58.84 10.79 60.17
N SER H 557 -60.04 10.89 60.73
CA SER H 557 -60.89 9.71 60.89
C SER H 557 -61.24 9.09 59.55
N SER H 558 -61.60 9.92 58.57
CA SER H 558 -61.98 9.40 57.26
C SER H 558 -60.82 8.68 56.59
N GLY H 559 -59.63 9.27 56.66
CA GLY H 559 -58.48 8.62 56.05
C GLY H 559 -58.13 7.31 56.71
N ILE H 560 -58.19 7.26 58.04
CA ILE H 560 -57.89 6.01 58.72
C ILE H 560 -58.91 4.94 58.36
N LEU H 561 -60.18 5.32 58.31
CA LEU H 561 -61.22 4.35 57.95
C LEU H 561 -61.02 3.86 56.53
N GLU H 562 -60.62 4.73 55.62
CA GLU H 562 -60.35 4.32 54.25
C GLU H 562 -59.17 3.36 54.17
N VAL H 563 -58.13 3.62 54.97
CA VAL H 563 -57.01 2.68 55.03
C VAL H 563 -57.49 1.31 55.49
N LEU H 564 -58.31 1.28 56.54
CA LEU H 564 -58.83 0.01 57.03
C LEU H 564 -59.66 -0.69 55.97
N TYR H 565 -60.49 0.07 55.25
CA TYR H 565 -61.34 -0.52 54.22
C TYR H 565 -60.51 -1.13 53.11
N CYS H 566 -59.45 -0.42 52.68
CA CYS H 566 -58.58 -0.96 51.65
C CYS H 566 -57.86 -2.21 52.14
N VAL H 567 -57.44 -2.23 53.40
CA VAL H 567 -56.80 -3.41 53.94
C VAL H 567 -57.74 -4.60 53.95
N LEU H 568 -58.98 -4.39 54.38
CA LEU H 568 -59.90 -5.51 54.51
C LEU H 568 -60.38 -6.04 53.16
N ILE H 569 -60.57 -5.14 52.19
CA ILE H 569 -61.10 -5.56 50.89
C ILE H 569 -60.19 -6.54 50.16
N GLU H 570 -58.88 -6.38 50.28
CA GLU H 570 -57.94 -7.13 49.45
C GLU H 570 -57.37 -8.36 50.12
N SER H 571 -57.10 -8.32 51.42
CA SER H 571 -56.34 -9.38 52.08
C SER H 571 -57.24 -10.25 52.94
N PRO H 572 -57.47 -11.52 52.56
CA PRO H 572 -58.20 -12.43 53.47
C PRO H 572 -57.41 -12.77 54.72
N GLU H 573 -56.09 -12.60 54.69
CA GLU H 573 -55.28 -12.87 55.88
C GLU H 573 -55.66 -11.94 57.01
N VAL H 574 -55.95 -10.69 56.70
CA VAL H 574 -56.38 -9.75 57.73
C VAL H 574 -57.72 -10.18 58.31
N LEU H 575 -58.62 -10.68 57.47
CA LEU H 575 -59.89 -11.17 57.97
C LEU H 575 -59.70 -12.35 58.92
N ASN H 576 -58.76 -13.23 58.60
CA ASN H 576 -58.57 -14.42 59.44
C ASN H 576 -58.00 -14.10 60.82
N ILE H 577 -57.52 -12.87 61.05
CA ILE H 577 -56.99 -12.51 62.36
C ILE H 577 -57.89 -11.54 63.10
N ILE H 578 -59.03 -11.16 62.52
CA ILE H 578 -59.94 -10.22 63.18
C ILE H 578 -60.40 -10.81 64.50
N GLN H 579 -60.49 -9.97 65.52
CA GLN H 579 -60.91 -10.40 66.85
C GLN H 579 -62.07 -9.55 67.34
N GLU H 580 -62.66 -10.03 68.44
CA GLU H 580 -63.87 -9.40 68.97
C GLU H 580 -63.61 -7.97 69.39
N ASN H 581 -62.44 -7.69 69.96
CA ASN H 581 -62.12 -6.31 70.32
C ASN H 581 -62.03 -5.43 69.09
N HIS H 582 -61.49 -5.94 67.98
CA HIS H 582 -61.48 -5.18 66.74
C HIS H 582 -62.90 -4.86 66.28
N ILE H 583 -63.77 -5.86 66.29
CA ILE H 583 -65.14 -5.65 65.81
C ILE H 583 -65.87 -4.67 66.71
N LYS H 584 -65.63 -4.75 68.02
CA LYS H 584 -66.26 -3.82 68.94
C LYS H 584 -65.73 -2.41 68.74
N SER H 585 -64.46 -2.27 68.37
CA SER H 585 -63.94 -0.96 68.02
C SER H 585 -64.63 -0.40 66.78
N ILE H 586 -64.84 -1.24 65.78
CA ILE H 586 -65.48 -0.79 64.55
C ILE H 586 -66.93 -0.41 64.81
N ILE H 587 -67.61 -1.11 65.70
CA ILE H 587 -68.98 -0.75 66.06
C ILE H 587 -69.01 0.54 66.88
N SER H 588 -68.08 0.67 67.83
CA SER H 588 -67.96 1.91 68.58
C SER H 588 -67.72 3.08 67.66
N LEU H 589 -67.11 2.83 66.50
CA LEU H 589 -66.99 3.88 65.51
C LEU H 589 -68.36 4.40 65.08
N LEU H 590 -69.30 3.50 64.80
CA LEU H 590 -70.67 3.94 64.54
C LEU H 590 -71.22 4.72 65.71
N ASP H 591 -71.09 4.16 66.90
CA ASP H 591 -71.72 4.77 68.07
C ASP H 591 -71.22 6.19 68.31
N LYS H 592 -69.94 6.44 68.08
CA LYS H 592 -69.36 7.73 68.42
C LYS H 592 -69.28 8.72 67.28
N HIS H 593 -69.26 8.26 66.02
CA HIS H 593 -69.16 9.16 64.88
C HIS H 593 -70.46 9.29 64.10
N GLY H 594 -71.50 8.56 64.47
CA GLY H 594 -72.76 8.68 63.77
C GLY H 594 -72.97 7.58 62.76
N ARG H 595 -74.06 7.72 62.01
CA ARG H 595 -74.49 6.71 61.06
C ARG H 595 -73.79 6.95 59.74
N ASN H 596 -72.63 6.33 59.57
CA ASN H 596 -71.83 6.45 58.38
C ASN H 596 -71.83 5.10 57.66
N HIS H 597 -72.21 5.11 56.38
CA HIS H 597 -72.39 3.85 55.68
C HIS H 597 -71.07 3.16 55.35
N LYS H 598 -69.95 3.89 55.40
CA LYS H 598 -68.67 3.26 55.15
C LYS H 598 -68.30 2.29 56.26
N VAL H 599 -68.73 2.58 57.49
CA VAL H 599 -68.54 1.61 58.57
C VAL H 599 -69.32 0.34 58.28
N LEU H 600 -70.54 0.49 57.76
CA LEU H 600 -71.32 -0.67 57.38
C LEU H 600 -70.64 -1.46 56.28
N ASP H 601 -70.02 -0.78 55.33
CA ASP H 601 -69.29 -1.47 54.27
C ASP H 601 -68.09 -2.23 54.82
N VAL H 602 -67.37 -1.62 55.77
CA VAL H 602 -66.25 -2.29 56.40
C VAL H 602 -66.72 -3.55 57.11
N LEU H 603 -67.83 -3.45 57.84
CA LEU H 603 -68.38 -4.62 58.51
C LEU H 603 -68.82 -5.68 57.50
N CYS H 604 -69.42 -5.27 56.38
CA CYS H 604 -69.79 -6.22 55.35
C CYS H 604 -68.56 -6.96 54.82
N SER H 605 -67.48 -6.22 54.58
CA SER H 605 -66.25 -6.84 54.11
C SER H 605 -65.66 -7.79 55.13
N LEU H 606 -65.90 -7.56 56.42
CA LEU H 606 -65.41 -8.50 57.41
C LEU H 606 -66.06 -9.88 57.31
N CYS H 607 -67.24 -9.97 56.71
CA CYS H 607 -68.00 -11.22 56.74
C CYS H 607 -67.60 -12.19 55.64
N VAL H 608 -67.51 -11.71 54.40
CA VAL H 608 -67.17 -12.55 53.25
C VAL H 608 -66.06 -11.87 52.47
N CYS H 609 -65.03 -12.64 52.12
CA CYS H 609 -64.01 -12.21 51.18
C CYS H 609 -63.91 -13.25 50.08
N ASN H 610 -63.74 -12.79 48.84
CA ASN H 610 -63.48 -13.62 47.66
C ASN H 610 -64.33 -14.88 47.62
N GLY H 611 -65.55 -14.79 48.13
CA GLY H 611 -66.50 -15.87 48.03
C GLY H 611 -66.43 -16.93 49.10
N VAL H 612 -65.77 -16.65 50.23
CA VAL H 612 -65.72 -17.57 51.36
C VAL H 612 -66.14 -16.79 52.59
N ALA H 613 -66.96 -17.43 53.42
CA ALA H 613 -67.55 -16.77 54.58
C ALA H 613 -66.77 -17.08 55.85
N VAL H 614 -66.65 -16.07 56.70
CA VAL H 614 -65.98 -16.20 57.99
C VAL H 614 -67.06 -16.22 59.07
N ARG H 615 -67.36 -17.43 59.55
CA ARG H 615 -68.42 -17.59 60.53
C ARG H 615 -68.16 -16.78 61.78
N SER H 616 -66.90 -16.73 62.20
CA SER H 616 -66.56 -15.99 63.41
C SER H 616 -66.93 -14.53 63.27
N ASN H 617 -66.55 -13.92 62.16
CA ASN H 617 -66.89 -12.52 61.93
C ASN H 617 -68.39 -12.32 61.86
N GLN H 618 -69.09 -13.20 61.14
CA GLN H 618 -70.53 -13.04 61.04
C GLN H 618 -71.20 -13.09 62.41
N ASP H 619 -70.84 -14.08 63.22
CA ASP H 619 -71.42 -14.22 64.54
C ASP H 619 -71.06 -13.06 65.45
N LEU H 620 -69.81 -12.61 65.42
CA LEU H 620 -69.41 -11.53 66.31
C LEU H 620 -70.12 -10.24 65.94
N ILE H 621 -70.22 -9.93 64.65
CA ILE H 621 -70.94 -8.73 64.24
C ILE H 621 -72.39 -8.81 64.67
N THR H 622 -73.04 -9.95 64.44
CA THR H 622 -74.42 -10.08 64.87
C THR H 622 -74.56 -9.88 66.37
N GLU H 623 -73.75 -10.59 67.15
CA GLU H 623 -73.87 -10.58 68.61
C GLU H 623 -73.63 -9.20 69.18
N ASN H 624 -72.66 -8.47 68.66
CA ASN H 624 -72.34 -7.16 69.22
C ASN H 624 -73.10 -6.02 68.57
N LEU H 625 -73.83 -6.26 67.50
CA LEU H 625 -74.46 -5.11 66.85
C LEU H 625 -75.97 -5.18 66.82
N LEU H 626 -76.55 -6.35 66.66
CA LEU H 626 -78.00 -6.43 66.50
C LEU H 626 -78.77 -6.29 67.81
N PRO H 627 -78.50 -7.09 68.84
CA PRO H 627 -79.46 -7.20 69.95
C PRO H 627 -79.68 -5.90 70.71
N GLY H 628 -78.77 -4.95 70.64
CA GLY H 628 -79.01 -3.67 71.30
C GLY H 628 -80.16 -2.90 70.69
N ARG H 629 -80.29 -2.95 69.37
CA ARG H 629 -81.33 -2.23 68.63
C ARG H 629 -81.28 -0.74 68.91
N GLU H 630 -80.09 -0.18 68.89
CA GLU H 630 -79.90 1.24 69.13
C GLU H 630 -79.16 1.97 68.02
N LEU H 631 -78.26 1.30 67.30
CA LEU H 631 -77.50 1.97 66.25
C LEU H 631 -78.22 1.89 64.91
N LEU H 632 -78.53 0.68 64.46
CA LEU H 632 -79.27 0.51 63.23
C LEU H 632 -80.70 0.98 63.39
N LEU H 633 -81.27 1.49 62.31
CA LEU H 633 -82.66 1.89 62.31
C LEU H 633 -83.57 0.67 62.37
N GLN H 634 -84.69 0.82 63.05
CA GLN H 634 -85.61 -0.29 63.27
C GLN H 634 -86.86 -0.13 62.43
N THR H 635 -87.40 -1.24 61.97
CA THR H 635 -88.59 -1.26 61.14
C THR H 635 -89.60 -2.24 61.71
N ASN H 636 -90.87 -1.95 61.45
CA ASN H 636 -91.97 -2.76 61.97
C ASN H 636 -93.24 -2.21 61.35
N LEU H 637 -94.25 -3.08 61.24
CA LEU H 637 -95.54 -2.67 60.70
C LEU H 637 -96.46 -2.23 61.82
N ILE H 638 -97.08 -1.06 61.66
CA ILE H 638 -97.95 -0.49 62.67
C ILE H 638 -99.27 -0.12 62.03
N ASN H 639 -100.28 0.07 62.88
CA ASN H 639 -101.61 0.43 62.43
C ASN H 639 -101.80 1.93 62.50
N TYR H 640 -102.56 2.46 61.55
CA TYR H 640 -102.96 3.85 61.62
C TYR H 640 -103.98 4.04 62.73
N VAL H 641 -103.90 5.19 63.40
CA VAL H 641 -104.81 5.52 64.48
C VAL H 641 -105.38 6.91 64.22
N THR H 642 -106.68 7.06 64.44
CA THR H 642 -107.39 8.30 64.21
C THR H 642 -108.15 8.70 65.48
N SER H 643 -108.31 10.00 65.68
CA SER H 643 -109.04 10.53 66.82
C SER H 643 -110.30 11.24 66.34
N ILE H 644 -111.40 11.05 67.08
CA ILE H 644 -112.67 11.67 66.78
C ILE H 644 -113.16 12.37 68.03
N ARG H 645 -113.59 13.62 67.89
CA ARG H 645 -114.06 14.42 69.01
C ARG H 645 -115.40 15.06 68.68
N PRO H 646 -116.21 15.36 69.68
CA PRO H 646 -117.33 16.27 69.48
C PRO H 646 -116.83 17.71 69.48
N ASN H 647 -117.64 18.60 68.90
CA ASN H 647 -117.29 20.01 68.94
C ASN H 647 -117.74 20.60 70.27
N ILE H 648 -117.22 20.06 71.36
CA ILE H 648 -117.54 20.50 72.71
C ILE H 648 -116.24 20.92 73.38
N PHE H 649 -116.11 22.21 73.66
CA PHE H 649 -114.88 22.76 74.21
C PHE H 649 -115.19 23.44 75.53
N VAL H 650 -114.46 23.05 76.57
CA VAL H 650 -114.61 23.63 77.89
C VAL H 650 -113.23 23.98 78.42
N GLY H 651 -113.17 25.00 79.25
CA GLY H 651 -111.89 25.45 79.77
C GLY H 651 -112.10 26.33 80.99
N ARG H 652 -111.00 26.77 81.56
CA ARG H 652 -111.03 27.60 82.75
C ARG H 652 -110.14 28.81 82.56
N ALA H 653 -110.70 29.98 82.86
CA ALA H 653 -109.92 31.22 82.84
C ALA H 653 -110.52 32.16 83.87
N GLU H 654 -109.70 33.10 84.33
CA GLU H 654 -110.12 34.02 85.38
C GLU H 654 -111.18 34.97 84.83
N GLY H 655 -112.40 34.82 85.32
CA GLY H 655 -113.52 35.59 84.82
C GLY H 655 -114.27 34.94 83.68
N SER H 656 -113.87 33.74 83.25
CA SER H 656 -114.52 33.08 82.14
C SER H 656 -115.94 32.66 82.51
N THR H 657 -116.80 32.61 81.51
CA THR H 657 -118.21 32.29 81.70
C THR H 657 -118.49 30.80 81.72
N GLN H 658 -117.48 29.95 81.53
CA GLN H 658 -117.71 28.53 81.40
C GLN H 658 -117.78 27.84 82.75
N TYR H 659 -118.61 26.81 82.82
CA TYR H 659 -118.70 25.97 84.01
C TYR H 659 -117.45 25.11 84.14
N GLY H 660 -117.26 24.57 85.34
CA GLY H 660 -116.00 23.91 85.64
C GLY H 660 -116.01 22.39 85.60
N LYS H 661 -117.15 21.77 85.84
CA LYS H 661 -117.24 20.32 85.95
C LYS H 661 -118.08 19.77 84.82
N TRP H 662 -117.54 18.77 84.13
CA TRP H 662 -118.18 18.21 82.95
C TRP H 662 -118.12 16.70 82.99
N TYR H 663 -119.02 16.06 82.26
CA TYR H 663 -119.18 14.62 82.30
C TYR H 663 -119.68 14.13 80.96
N PHE H 664 -119.11 13.02 80.49
CA PHE H 664 -119.62 12.34 79.31
C PHE H 664 -119.27 10.88 79.40
N GLU H 665 -119.96 10.07 78.61
CA GLU H 665 -119.74 8.63 78.57
C GLU H 665 -119.54 8.19 77.14
N VAL H 666 -118.77 7.11 76.98
CA VAL H 666 -118.58 6.46 75.70
C VAL H 666 -118.86 4.98 75.88
N MET H 667 -119.84 4.46 75.16
CA MET H 667 -120.21 3.05 75.26
C MET H 667 -119.66 2.31 74.05
N VAL H 668 -118.99 1.20 74.30
CA VAL H 668 -118.34 0.42 73.26
C VAL H 668 -119.34 -0.61 72.74
N ASP H 669 -119.41 -0.76 71.43
CA ASP H 669 -120.36 -1.68 70.82
C ASP H 669 -119.71 -2.88 70.15
N GLU H 670 -118.55 -2.70 69.53
CA GLU H 670 -117.92 -3.82 68.81
C GLU H 670 -116.44 -3.53 68.67
N VAL H 671 -115.60 -4.44 69.14
CA VAL H 671 -114.16 -4.30 69.05
C VAL H 671 -113.56 -5.63 68.61
N VAL H 672 -112.82 -5.61 67.50
CA VAL H 672 -112.10 -6.79 67.04
C VAL H 672 -110.72 -6.76 67.69
N PRO H 673 -110.41 -7.67 68.60
CA PRO H 673 -109.15 -7.56 69.36
C PRO H 673 -107.91 -7.55 68.49
N PHE H 674 -107.89 -8.33 67.41
CA PHE H 674 -106.76 -8.35 66.49
C PHE H 674 -107.30 -8.40 65.06
N LEU H 675 -107.53 -7.23 64.48
CA LEU H 675 -107.85 -7.17 63.07
C LEU H 675 -106.62 -7.36 62.22
N THR H 676 -105.47 -6.94 62.73
CA THR H 676 -104.18 -7.17 62.08
C THR H 676 -103.23 -7.84 63.06
N ALA H 677 -101.96 -7.92 62.72
CA ALA H 677 -100.99 -8.52 63.63
C ALA H 677 -100.75 -7.68 64.88
N GLN H 678 -101.24 -6.46 64.90
CA GLN H 678 -101.07 -5.58 66.05
C GLN H 678 -102.42 -5.36 66.73
N ALA H 679 -102.38 -5.21 68.05
CA ALA H 679 -103.60 -5.14 68.82
C ALA H 679 -104.40 -3.89 68.45
N THR H 680 -105.71 -4.02 68.46
CA THR H 680 -106.58 -2.91 68.13
C THR H 680 -106.53 -1.83 69.22
N HIS H 681 -106.37 -0.60 68.78
CA HIS H 681 -106.20 0.55 69.64
C HIS H 681 -107.56 1.14 69.98
N LEU H 682 -107.79 1.44 71.25
CA LEU H 682 -109.04 2.10 71.64
C LEU H 682 -108.82 2.78 72.99
N ARG H 683 -108.97 4.10 73.02
CA ARG H 683 -108.78 4.88 74.23
C ARG H 683 -109.84 5.97 74.31
N VAL H 684 -110.13 6.40 75.53
CA VAL H 684 -111.13 7.43 75.80
C VAL H 684 -110.54 8.40 76.81
N GLY H 685 -110.79 9.69 76.63
CA GLY H 685 -110.30 10.67 77.57
C GLY H 685 -110.54 12.08 77.08
N TRP H 686 -109.74 13.00 77.60
CA TRP H 686 -109.81 14.41 77.24
C TRP H 686 -108.52 14.86 76.58
N ALA H 687 -108.59 15.96 75.84
CA ALA H 687 -107.44 16.48 75.13
C ALA H 687 -107.52 18.00 75.09
N LEU H 688 -106.35 18.62 74.93
CA LEU H 688 -106.22 20.06 74.96
C LEU H 688 -106.10 20.61 73.54
N THR H 689 -106.84 21.68 73.24
CA THR H 689 -106.91 22.18 71.88
C THR H 689 -105.55 22.67 71.39
N GLU H 690 -104.82 23.38 72.22
CA GLU H 690 -103.54 23.94 71.82
C GLU H 690 -102.45 22.93 72.12
N GLY H 691 -102.28 21.97 71.20
CA GLY H 691 -101.22 21.00 71.36
C GLY H 691 -101.52 19.59 70.92
N TYR H 692 -102.74 19.12 71.11
CA TYR H 692 -103.08 17.76 70.72
C TYR H 692 -103.34 17.74 69.22
N SER H 693 -102.31 17.40 68.46
CA SER H 693 -102.39 17.34 66.99
C SER H 693 -101.73 16.06 66.52
N PRO H 694 -102.45 14.94 66.56
CA PRO H 694 -101.86 13.67 66.13
C PRO H 694 -101.95 13.54 64.61
N TYR H 695 -100.86 13.61 63.97
CA TYR H 695 -101.00 13.41 62.55
C TYR H 695 -100.96 11.92 62.23
N PRO H 696 -101.59 11.49 61.14
CA PRO H 696 -101.59 10.06 60.81
C PRO H 696 -100.18 9.58 60.51
N GLY H 697 -99.94 8.31 60.83
CA GLY H 697 -98.69 7.67 60.47
C GLY H 697 -97.63 7.83 61.56
N GLY H 698 -96.52 8.44 61.21
CA GLY H 698 -95.40 8.56 62.11
C GLY H 698 -95.71 9.43 63.29
N GLY H 699 -94.83 9.38 64.27
CA GLY H 699 -95.03 10.16 65.47
C GLY H 699 -94.07 9.73 66.56
N GLU H 700 -94.52 9.89 67.79
CA GLU H 700 -93.69 9.54 68.94
C GLU H 700 -93.67 8.03 69.13
N GLY H 701 -92.54 7.54 69.63
CA GLY H 701 -92.42 6.11 69.84
C GLY H 701 -92.52 5.38 68.53
N TRP H 702 -93.38 4.36 68.50
CA TRP H 702 -93.60 3.56 67.31
C TRP H 702 -94.87 3.98 66.57
N GLY H 703 -95.17 5.27 66.57
CA GLY H 703 -96.31 5.74 65.82
C GLY H 703 -97.62 5.30 66.45
N GLY H 704 -98.67 5.44 65.65
CA GLY H 704 -99.99 5.09 66.12
C GLY H 704 -100.40 5.93 67.31
N ASN H 705 -100.15 7.23 67.26
CA ASN H 705 -100.43 8.10 68.40
C ASN H 705 -101.93 8.31 68.56
N GLY H 706 -102.38 8.26 69.80
CA GLY H 706 -103.77 8.49 70.14
C GLY H 706 -103.87 9.34 71.39
N VAL H 707 -104.93 9.09 72.15
CA VAL H 707 -105.13 9.82 73.39
C VAL H 707 -104.12 9.36 74.43
N GLY H 708 -103.39 10.31 75.00
CA GLY H 708 -102.39 10.00 75.99
C GLY H 708 -101.01 9.75 75.44
N ASP H 709 -100.80 9.92 74.15
CA ASP H 709 -99.48 9.74 73.57
C ASP H 709 -98.67 11.02 73.58
N ASP H 710 -99.19 12.08 74.18
CA ASP H 710 -98.44 13.31 74.41
C ASP H 710 -98.86 13.85 75.76
N LEU H 711 -98.37 15.02 76.11
CA LEU H 711 -98.72 15.65 77.37
C LEU H 711 -99.91 16.60 77.25
N TYR H 712 -100.62 16.55 76.13
CA TYR H 712 -101.84 17.33 75.94
C TYR H 712 -103.10 16.48 75.99
N SER H 713 -102.98 15.16 76.18
CA SER H 713 -104.13 14.30 76.22
C SER H 713 -104.01 13.34 77.40
N TYR H 714 -105.15 12.89 77.90
CA TYR H 714 -105.22 12.03 79.07
C TYR H 714 -106.25 10.96 78.81
N GLY H 715 -105.81 9.72 78.57
CA GLY H 715 -106.67 8.66 78.14
C GLY H 715 -106.73 7.48 79.09
N PHE H 716 -107.56 6.51 78.70
CA PHE H 716 -107.82 5.32 79.50
C PHE H 716 -108.28 4.22 78.56
N ASP H 717 -107.58 3.09 78.57
CA ASP H 717 -107.87 2.00 77.65
C ASP H 717 -108.48 0.79 78.32
N GLY H 718 -108.84 0.88 79.59
CA GLY H 718 -109.39 -0.22 80.35
C GLY H 718 -108.46 -0.77 81.39
N LEU H 719 -107.17 -0.80 81.11
CA LEU H 719 -106.18 -1.32 82.03
C LEU H 719 -105.13 -0.30 82.44
N HIS H 720 -104.96 0.77 81.67
CA HIS H 720 -103.90 1.74 81.93
C HIS H 720 -104.42 3.15 81.82
N LEU H 721 -103.73 4.06 82.48
CA LEU H 721 -103.92 5.50 82.29
C LEU H 721 -102.80 6.01 81.41
N TRP H 722 -103.16 6.59 80.27
CA TRP H 722 -102.19 6.99 79.27
C TRP H 722 -101.97 8.49 79.32
N THR H 723 -100.71 8.89 79.44
CA THR H 723 -100.33 10.28 79.31
C THR H 723 -98.84 10.35 79.01
N GLY H 724 -98.46 11.26 78.12
CA GLY H 724 -97.07 11.40 77.76
C GLY H 724 -96.46 10.15 77.16
N HIS H 725 -97.27 9.36 76.48
CA HIS H 725 -96.82 8.12 75.84
C HIS H 725 -96.31 7.10 76.85
N VAL H 726 -96.78 7.16 78.08
CA VAL H 726 -96.41 6.18 79.10
C VAL H 726 -97.68 5.58 79.68
N ALA H 727 -97.76 4.26 79.67
CA ALA H 727 -98.92 3.53 80.17
C ALA H 727 -98.67 3.18 81.63
N ARG H 728 -99.60 3.58 82.50
CA ARG H 728 -99.49 3.28 83.92
C ARG H 728 -100.67 2.42 84.33
N PRO H 729 -100.44 1.21 84.81
CA PRO H 729 -101.55 0.32 85.17
C PRO H 729 -102.42 0.93 86.25
N VAL H 730 -103.72 0.71 86.13
CA VAL H 730 -104.69 1.22 87.09
C VAL H 730 -105.59 0.07 87.47
N THR H 731 -106.20 0.18 88.65
CA THR H 731 -106.99 -0.90 89.23
C THR H 731 -108.46 -0.54 89.19
N SER H 732 -109.28 -1.48 88.71
CA SER H 732 -110.72 -1.40 88.76
C SER H 732 -111.28 -2.78 89.01
N PRO H 733 -112.48 -2.89 89.58
CA PRO H 733 -113.11 -4.21 89.74
C PRO H 733 -113.30 -4.89 88.40
N GLY H 734 -112.61 -6.00 88.21
CA GLY H 734 -112.69 -6.73 86.96
C GLY H 734 -111.95 -6.02 85.84
N GLN H 735 -110.66 -5.79 86.05
CA GLN H 735 -109.83 -5.13 85.04
C GLN H 735 -109.85 -5.93 83.75
N HIS H 736 -110.13 -5.24 82.64
CA HIS H 736 -110.01 -5.87 81.34
C HIS H 736 -109.95 -4.79 80.29
N LEU H 737 -109.28 -5.11 79.18
CA LEU H 737 -109.22 -4.19 78.05
C LEU H 737 -110.63 -3.94 77.53
N LEU H 738 -110.85 -2.72 77.04
CA LEU H 738 -112.18 -2.29 76.66
C LEU H 738 -112.82 -3.25 75.68
N ALA H 739 -113.88 -3.90 76.13
CA ALA H 739 -114.60 -4.93 75.39
C ALA H 739 -115.96 -4.39 74.99
N PRO H 740 -116.67 -5.05 74.09
CA PRO H 740 -118.01 -4.60 73.74
C PRO H 740 -118.93 -4.62 74.95
N GLU H 741 -119.91 -3.72 74.92
CA GLU H 741 -120.90 -3.51 75.98
C GLU H 741 -120.30 -2.86 77.22
N ASP H 742 -119.12 -2.27 77.12
CA ASP H 742 -118.55 -1.51 78.22
C ASP H 742 -118.94 -0.05 78.10
N VAL H 743 -119.14 0.60 79.24
CA VAL H 743 -119.49 2.01 79.30
C VAL H 743 -118.42 2.71 80.12
N VAL H 744 -117.75 3.67 79.51
CA VAL H 744 -116.66 4.41 80.14
C VAL H 744 -117.18 5.80 80.45
N SER H 745 -117.04 6.22 81.70
CA SER H 745 -117.46 7.54 82.16
C SER H 745 -116.23 8.38 82.44
N CYS H 746 -116.21 9.58 81.90
CA CYS H 746 -115.08 10.48 82.05
C CYS H 746 -115.54 11.79 82.68
N CYS H 747 -114.89 12.18 83.77
CA CYS H 747 -115.25 13.36 84.54
C CYS H 747 -114.09 14.34 84.55
N LEU H 748 -114.36 15.59 84.20
CA LEU H 748 -113.36 16.64 84.18
C LEU H 748 -113.76 17.72 85.17
N ASP H 749 -112.93 17.94 86.18
CA ASP H 749 -113.16 18.96 87.20
C ASP H 749 -112.05 19.99 87.05
N LEU H 750 -112.37 21.11 86.41
CA LEU H 750 -111.36 22.11 86.15
C LEU H 750 -110.95 22.89 87.40
N SER H 751 -111.65 22.71 88.52
CA SER H 751 -111.31 23.44 89.72
C SER H 751 -110.06 22.88 90.38
N VAL H 752 -109.81 21.58 90.25
CA VAL H 752 -108.72 20.94 90.99
C VAL H 752 -107.36 21.21 90.35
N PRO H 753 -107.12 20.91 89.06
CA PRO H 753 -107.92 20.21 88.05
C PRO H 753 -107.73 18.71 88.17
N SER H 754 -108.69 17.89 87.75
CA SER H 754 -108.51 16.46 87.81
C SER H 754 -109.38 15.79 86.76
N ILE H 755 -108.93 14.63 86.31
CA ILE H 755 -109.68 13.79 85.38
C ILE H 755 -109.81 12.41 86.01
N SER H 756 -111.04 11.93 86.09
CA SER H 756 -111.33 10.64 86.70
C SER H 756 -112.21 9.83 85.77
N PHE H 757 -112.26 8.53 86.01
CA PHE H 757 -112.98 7.62 85.14
C PHE H 757 -113.85 6.67 85.96
N ARG H 758 -114.85 6.11 85.29
CA ARG H 758 -115.64 4.99 85.79
C ARG H 758 -115.93 4.07 84.62
N ILE H 759 -115.74 2.77 84.83
CA ILE H 759 -116.00 1.78 83.79
C ILE H 759 -117.11 0.86 84.29
N ASN H 760 -118.19 0.77 83.52
CA ASN H 760 -119.36 -0.01 83.89
C ASN H 760 -119.93 0.42 85.24
N GLY H 761 -119.71 1.67 85.62
CA GLY H 761 -120.18 2.18 86.88
C GLY H 761 -119.26 1.96 88.06
N CYS H 762 -118.18 1.20 87.87
CA CYS H 762 -117.33 1.09 89.06
C CYS H 762 -116.13 2.01 88.93
N PRO H 763 -115.69 2.61 90.04
CA PRO H 763 -114.62 3.60 89.96
C PRO H 763 -113.31 3.00 89.50
N VAL H 764 -112.53 3.81 88.79
CA VAL H 764 -111.19 3.46 88.35
C VAL H 764 -110.21 4.18 89.27
N GLN H 765 -109.38 3.41 89.96
CA GLN H 765 -108.59 3.93 91.08
C GLN H 765 -107.34 4.64 90.58
N GLY H 766 -107.59 5.76 89.91
CA GLY H 766 -106.51 6.58 89.40
C GLY H 766 -107.02 7.86 88.77
N VAL H 767 -106.34 8.98 88.99
CA VAL H 767 -106.74 10.25 88.43
C VAL H 767 -105.52 10.98 87.88
N PHE H 768 -105.71 11.67 86.78
CA PHE H 768 -104.79 12.73 86.40
C PHE H 768 -105.13 13.96 87.21
N GLU H 769 -104.12 14.75 87.55
CA GLU H 769 -104.37 15.99 88.27
C GLU H 769 -103.20 16.93 88.08
N ALA H 770 -103.41 18.18 88.47
CA ALA H 770 -102.37 19.20 88.47
C ALA H 770 -101.77 19.39 87.08
N PHE H 771 -102.61 19.35 86.06
CA PHE H 771 -102.11 19.55 84.71
C PHE H 771 -102.28 20.99 84.26
N ASN H 772 -101.82 21.26 83.06
CA ASN H 772 -101.90 22.59 82.49
C ASN H 772 -103.34 22.94 82.14
N LEU H 773 -103.62 24.24 82.09
CA LEU H 773 -104.97 24.72 81.80
C LEU H 773 -104.97 25.78 80.71
N ASP H 774 -103.91 25.87 79.92
CA ASP H 774 -103.76 26.93 78.93
C ASP H 774 -104.38 26.53 77.59
N GLY H 775 -105.69 26.31 77.62
CA GLY H 775 -106.40 25.91 76.41
C GLY H 775 -107.77 25.37 76.77
N LEU H 776 -108.40 24.77 75.77
CA LEU H 776 -109.73 24.21 75.90
C LEU H 776 -109.66 22.69 75.86
N PHE H 777 -110.52 22.05 76.65
CA PHE H 777 -110.57 20.59 76.73
C PHE H 777 -111.77 20.06 75.96
N PHE H 778 -111.56 18.96 75.25
CA PHE H 778 -112.67 18.34 74.56
C PHE H 778 -112.65 16.83 74.72
N PRO H 779 -113.80 16.20 74.72
CA PRO H 779 -113.85 14.73 74.71
C PRO H 779 -113.20 14.19 73.45
N VAL H 780 -112.59 13.02 73.56
CA VAL H 780 -111.88 12.45 72.43
C VAL H 780 -111.81 10.94 72.62
N VAL H 781 -111.92 10.21 71.51
CA VAL H 781 -111.64 8.79 71.46
C VAL H 781 -110.62 8.54 70.35
N SER H 782 -109.58 7.78 70.66
CA SER H 782 -108.61 7.35 69.67
C SER H 782 -108.82 5.88 69.40
N PHE H 783 -108.74 5.49 68.14
CA PHE H 783 -109.07 4.13 67.79
C PHE H 783 -108.29 3.73 66.54
N SER H 784 -108.15 2.43 66.37
CA SER H 784 -107.66 1.85 65.13
C SER H 784 -108.84 1.23 64.41
N ALA H 785 -108.55 0.57 63.29
CA ALA H 785 -109.61 -0.10 62.56
C ALA H 785 -110.12 -1.32 63.33
N GLY H 786 -111.43 -1.47 63.37
CA GLY H 786 -112.05 -2.57 64.06
C GLY H 786 -112.78 -2.21 65.32
N VAL H 787 -113.38 -1.02 65.39
CA VAL H 787 -114.09 -0.57 66.58
C VAL H 787 -115.42 0.03 66.16
N LYS H 788 -116.30 0.16 67.15
CA LYS H 788 -117.59 0.80 66.96
C LYS H 788 -118.03 1.29 68.33
N VAL H 789 -117.95 2.60 68.56
CA VAL H 789 -118.29 3.18 69.85
C VAL H 789 -119.33 4.25 69.65
N ARG H 790 -120.01 4.59 70.73
CA ARG H 790 -121.04 5.62 70.70
C ARG H 790 -120.80 6.61 71.83
N PHE H 791 -120.68 7.87 71.48
CA PHE H 791 -120.60 8.94 72.45
C PHE H 791 -121.96 9.12 73.11
N LEU H 792 -121.97 9.28 74.42
CA LEU H 792 -123.19 9.60 75.16
C LEU H 792 -122.94 10.92 75.88
N LEU H 793 -123.58 11.98 75.38
CA LEU H 793 -123.33 13.32 75.87
C LEU H 793 -124.47 13.89 76.70
N GLY H 794 -125.54 13.13 76.91
CA GLY H 794 -126.66 13.59 77.70
C GLY H 794 -127.70 14.29 76.86
N GLY H 795 -128.87 14.48 77.47
CA GLY H 795 -129.97 15.13 76.77
C GLY H 795 -130.39 14.30 75.57
N ARG H 796 -130.65 14.98 74.46
CA ARG H 796 -131.05 14.31 73.24
C ARG H 796 -129.87 13.76 72.45
N HIS H 797 -128.67 13.83 73.01
CA HIS H 797 -127.47 13.35 72.34
C HIS H 797 -126.83 12.18 73.10
N GLY H 798 -127.66 11.26 73.58
CA GLY H 798 -127.16 10.09 74.25
C GLY H 798 -127.55 10.02 75.71
N GLU H 799 -128.52 9.17 76.02
CA GLU H 799 -128.93 8.99 77.41
C GLU H 799 -127.83 8.31 78.19
N PHE H 800 -127.53 8.85 79.36
CA PHE H 800 -126.45 8.30 80.18
C PHE H 800 -126.87 6.97 80.78
N LYS H 801 -125.97 5.99 80.71
CA LYS H 801 -126.25 4.72 81.38
C LYS H 801 -126.12 4.86 82.89
N PHE H 802 -125.24 5.74 83.35
CA PHE H 802 -125.01 5.94 84.77
C PHE H 802 -125.22 7.39 85.12
N LEU H 803 -125.66 7.62 86.34
CA LEU H 803 -125.93 8.97 86.79
C LEU H 803 -124.62 9.73 86.93
N PRO H 804 -124.51 10.93 86.38
CA PRO H 804 -123.29 11.71 86.57
C PRO H 804 -123.10 12.05 88.03
N PRO H 805 -121.85 12.15 88.50
CA PRO H 805 -121.63 12.52 89.88
C PRO H 805 -122.14 13.91 90.16
N PRO H 806 -122.46 14.22 91.42
CA PRO H 806 -123.09 15.50 91.72
C PRO H 806 -122.22 16.67 91.30
N GLY H 807 -122.89 17.72 90.80
CA GLY H 807 -122.22 18.93 90.39
C GLY H 807 -121.66 18.91 88.99
N TYR H 808 -121.57 17.75 88.37
CA TYR H 808 -121.02 17.64 87.02
C TYR H 808 -122.12 17.87 85.99
N ALA H 809 -121.79 18.60 84.97
CA ALA H 809 -122.76 18.93 83.95
C ALA H 809 -122.57 18.04 82.73
N PRO H 810 -123.66 17.67 82.05
CA PRO H 810 -123.51 16.92 80.82
C PRO H 810 -122.78 17.74 79.76
N CYS H 811 -122.02 17.05 78.93
CA CYS H 811 -121.24 17.75 77.91
C CYS H 811 -122.10 18.36 76.82
N HIS H 812 -123.33 17.88 76.64
CA HIS H 812 -124.18 18.46 75.61
C HIS H 812 -124.60 19.88 75.96
N GLU H 813 -124.40 20.31 77.20
CA GLU H 813 -124.69 21.67 77.60
C GLU H 813 -123.59 22.65 77.25
N ALA H 814 -122.49 22.17 76.69
CA ALA H 814 -121.36 23.04 76.38
C ALA H 814 -121.32 23.49 74.93
N VAL H 815 -122.29 23.09 74.12
CA VAL H 815 -122.26 23.42 72.71
C VAL H 815 -122.65 24.88 72.52
N LEU H 816 -121.85 25.60 71.74
CA LEU H 816 -121.99 27.03 71.62
C LEU H 816 -123.26 27.39 70.85
N PRO H 817 -123.77 28.62 71.04
CA PRO H 817 -125.01 29.00 70.36
C PRO H 817 -124.90 28.97 68.85
N ARG H 818 -123.77 29.36 68.29
CA ARG H 818 -123.66 29.52 66.85
C ARG H 818 -123.40 28.20 66.13
N GLU H 819 -123.27 27.10 66.85
CA GLU H 819 -122.88 25.83 66.25
C GLU H 819 -123.86 24.74 66.64
N ARG H 820 -123.90 23.69 65.82
CA ARG H 820 -124.66 22.49 66.11
C ARG H 820 -123.69 21.38 66.51
N LEU H 821 -124.15 20.49 67.39
CA LEU H 821 -123.29 19.42 67.86
C LEU H 821 -122.96 18.47 66.70
N ARG H 822 -121.71 18.01 66.67
CA ARG H 822 -121.29 17.11 65.61
C ARG H 822 -120.00 16.42 66.03
N LEU H 823 -119.63 15.41 65.26
CA LEU H 823 -118.40 14.66 65.46
C LEU H 823 -117.44 14.96 64.33
N GLU H 824 -116.21 15.32 64.66
CA GLU H 824 -115.26 15.81 63.68
C GLU H 824 -113.87 15.30 63.99
N PRO H 825 -113.01 15.17 63.00
CA PRO H 825 -111.60 14.87 63.26
C PRO H 825 -110.88 16.05 63.90
N ILE H 826 -109.58 15.91 64.12
CA ILE H 826 -108.79 16.91 64.80
C ILE H 826 -107.66 17.35 63.88
N LYS H 827 -107.68 18.62 63.48
CA LYS H 827 -106.63 19.21 62.68
C LYS H 827 -106.31 18.39 61.44
N GLU H 828 -107.36 18.00 60.73
CA GLU H 828 -107.18 17.29 59.47
C GLU H 828 -106.61 18.22 58.42
N TYR H 829 -105.67 17.71 57.62
CA TYR H 829 -105.15 18.44 56.47
C TYR H 829 -105.74 17.94 55.17
N ARG H 830 -106.76 17.11 55.22
CA ARG H 830 -107.24 16.41 54.04
C ARG H 830 -108.62 15.84 54.35
N ARG H 831 -109.52 15.90 53.38
CA ARG H 831 -110.84 15.30 53.54
C ARG H 831 -111.37 14.93 52.18
N GLU H 832 -112.30 13.97 52.17
CA GLU H 832 -112.93 13.54 50.94
C GLU H 832 -113.90 14.61 50.44
N GLY H 833 -114.03 14.68 49.12
CA GLY H 833 -114.91 15.64 48.50
C GLY H 833 -115.70 15.04 47.36
N PRO H 834 -116.52 15.86 46.71
CA PRO H 834 -117.35 15.33 45.62
C PRO H 834 -116.55 14.80 44.45
N ARG H 835 -115.61 15.59 43.95
CA ARG H 835 -114.81 15.20 42.80
C ARG H 835 -113.47 14.57 43.20
N GLY H 836 -113.19 14.46 44.48
CA GLY H 836 -111.93 13.93 44.94
C GLY H 836 -111.52 14.52 46.26
N PRO H 837 -110.29 14.24 46.69
CA PRO H 837 -109.84 14.76 47.98
C PRO H 837 -109.76 16.28 47.98
N HIS H 838 -110.02 16.87 49.13
CA HIS H 838 -109.88 18.30 49.35
C HIS H 838 -108.70 18.54 50.27
N LEU H 839 -107.84 19.47 49.91
CA LEU H 839 -106.80 19.91 50.82
C LEU H 839 -107.36 20.97 51.76
N VAL H 840 -106.98 20.89 53.02
CA VAL H 840 -107.54 21.74 54.07
C VAL H 840 -106.41 22.45 54.79
N GLY H 841 -106.57 23.75 55.00
CA GLY H 841 -105.60 24.53 55.72
C GLY H 841 -105.80 24.42 57.21
N PRO H 842 -105.04 25.18 57.98
CA PRO H 842 -105.18 25.13 59.44
C PRO H 842 -106.56 25.57 59.87
N SER H 843 -107.00 25.04 61.00
CA SER H 843 -108.32 25.32 61.52
C SER H 843 -108.26 26.44 62.54
N ARG H 844 -109.19 27.39 62.43
CA ARG H 844 -109.33 28.42 63.45
C ARG H 844 -109.87 27.79 64.73
N CYS H 845 -109.24 28.10 65.85
CA CYS H 845 -109.64 27.52 67.12
C CYS H 845 -109.80 28.61 68.16
N LEU H 846 -110.79 28.45 69.04
CA LEU H 846 -111.01 29.39 70.13
C LEU H 846 -109.96 29.19 71.21
N SER H 847 -109.82 30.20 72.06
CA SER H 847 -108.95 30.13 73.21
C SER H 847 -109.81 30.16 74.47
N HIS H 848 -109.23 29.69 75.57
CA HIS H 848 -109.96 29.71 76.83
C HIS H 848 -110.24 31.13 77.29
N THR H 849 -109.49 32.11 76.79
CA THR H 849 -109.76 33.50 77.10
C THR H 849 -110.90 34.08 76.28
N ASP H 850 -111.24 33.45 75.16
CA ASP H 850 -112.32 33.97 74.33
C ASP H 850 -113.67 33.92 75.03
N PHE H 851 -113.77 33.20 76.14
CA PHE H 851 -114.99 33.14 76.92
C PHE H 851 -114.96 34.12 78.09
N VAL H 852 -113.92 34.95 78.19
CA VAL H 852 -113.80 35.94 79.24
C VAL H 852 -114.27 37.28 78.66
N PRO H 853 -115.43 37.78 79.05
CA PRO H 853 -115.88 39.06 78.50
C PRO H 853 -114.98 40.20 78.95
N CYS H 854 -114.62 41.06 78.00
CA CYS H 854 -113.69 42.17 78.24
C CYS H 854 -114.33 43.47 77.78
N PRO H 855 -115.17 44.07 78.63
CA PRO H 855 -115.78 45.35 78.28
C PRO H 855 -114.76 46.47 78.32
N VAL H 856 -115.11 47.59 77.68
CA VAL H 856 -114.25 48.77 77.73
C VAL H 856 -114.25 49.34 79.13
N ASP H 857 -113.15 49.98 79.50
CA ASP H 857 -112.99 50.48 80.86
C ASP H 857 -113.93 51.67 81.12
N THR H 858 -114.62 51.62 82.25
CA THR H 858 -115.52 52.69 82.67
C THR H 858 -115.15 53.20 84.05
N VAL H 859 -113.87 53.11 84.42
CA VAL H 859 -113.42 53.62 85.71
C VAL H 859 -113.59 55.14 85.76
N GLN H 860 -113.35 55.81 84.64
CA GLN H 860 -113.47 57.27 84.58
C GLN H 860 -114.95 57.63 84.60
N ILE H 861 -115.48 57.78 85.81
CA ILE H 861 -116.87 58.21 86.00
C ILE H 861 -116.84 59.74 86.02
N VAL H 862 -116.82 60.32 84.83
CA VAL H 862 -116.84 61.77 84.66
C VAL H 862 -117.79 62.06 83.50
N LEU H 863 -119.00 62.37 83.81
CA LEU H 863 -119.88 62.76 82.73
C LEU H 863 -120.27 64.22 82.87
N PRO H 864 -120.48 64.92 81.76
CA PRO H 864 -120.96 66.30 81.86
C PRO H 864 -122.31 66.33 82.55
N PRO H 865 -122.61 67.41 83.27
CA PRO H 865 -123.88 67.44 84.03
C PRO H 865 -125.10 67.28 83.16
N HIS H 866 -125.06 67.82 81.93
CA HIS H 866 -126.14 67.62 80.96
C HIS H 866 -126.30 66.16 80.54
N LEU H 867 -125.20 65.44 80.27
CA LEU H 867 -125.36 64.01 80.06
C LEU H 867 -125.90 63.32 81.30
N GLU H 868 -125.46 63.77 82.48
CA GLU H 868 -125.91 63.14 83.73
C GLU H 868 -127.41 63.29 83.90
N ARG H 869 -127.94 64.48 83.60
CA ARG H 869 -129.37 64.69 83.75
C ARG H 869 -130.15 63.94 82.68
N ILE H 870 -129.61 63.82 81.47
CA ILE H 870 -130.32 63.08 80.43
C ILE H 870 -130.20 61.57 80.60
N ARG H 871 -129.30 61.10 81.48
CA ARG H 871 -129.14 59.66 81.66
C ARG H 871 -130.39 59.03 82.27
N GLU H 872 -131.01 59.68 83.24
CA GLU H 872 -132.23 59.14 83.83
C GLU H 872 -133.37 59.11 82.83
N LYS H 873 -133.48 60.14 81.99
CA LYS H 873 -134.47 60.13 80.93
C LYS H 873 -134.21 59.01 79.93
N LEU H 874 -132.94 58.75 79.62
CA LEU H 874 -132.60 57.64 78.76
C LEU H 874 -133.01 56.31 79.38
N ALA H 875 -132.80 56.16 80.69
CA ALA H 875 -133.26 54.96 81.38
C ALA H 875 -134.77 54.79 81.28
N GLU H 876 -135.52 55.88 81.47
CA GLU H 876 -136.96 55.81 81.31
C GLU H 876 -137.35 55.39 79.90
N ASN H 877 -136.68 55.97 78.89
CA ASN H 877 -137.06 55.69 77.51
C ASN H 877 -136.73 54.26 77.12
N ILE H 878 -135.58 53.75 77.57
CA ILE H 878 -135.24 52.35 77.26
C ILE H 878 -136.19 51.41 77.99
N HIS H 879 -136.62 51.78 79.21
CA HIS H 879 -137.64 50.99 79.89
C HIS H 879 -138.94 50.96 79.10
N GLU H 880 -139.36 52.11 78.57
CA GLU H 880 -140.60 52.17 77.81
C GLU H 880 -140.51 51.37 76.52
N LEU H 881 -139.35 51.41 75.85
CA LEU H 881 -139.20 50.66 74.62
C LEU H 881 -139.16 49.15 74.89
N TRP H 882 -138.53 48.76 76.00
CA TRP H 882 -138.60 47.37 76.43
C TRP H 882 -140.04 46.96 76.71
N ALA H 883 -140.82 47.86 77.32
CA ALA H 883 -142.24 47.59 77.55
C ALA H 883 -143.00 47.44 76.24
N LEU H 884 -142.67 48.26 75.24
CA LEU H 884 -143.30 48.13 73.93
C LEU H 884 -142.98 46.78 73.31
N THR H 885 -141.71 46.35 73.38
CA THR H 885 -141.36 45.03 72.87
C THR H 885 -142.12 43.93 73.60
N ARG H 886 -142.25 44.06 74.93
CA ARG H 886 -142.99 43.06 75.69
C ARG H 886 -144.47 43.01 75.30
N ILE H 887 -145.11 44.16 75.09
CA ILE H 887 -146.54 44.11 74.76
C ILE H 887 -146.73 43.68 73.31
N GLU H 888 -145.71 43.86 72.46
CA GLU H 888 -145.71 43.18 71.17
C GLU H 888 -145.65 41.67 71.36
N GLN H 889 -144.83 41.19 72.29
CA GLN H 889 -144.78 39.78 72.60
C GLN H 889 -146.06 39.29 73.29
N GLY H 890 -146.90 40.19 73.78
CA GLY H 890 -148.14 39.82 74.42
C GLY H 890 -148.23 40.09 75.90
N TRP H 891 -147.25 40.79 76.47
CA TRP H 891 -147.26 41.05 77.90
C TRP H 891 -148.35 42.06 78.25
N THR H 892 -148.84 42.00 79.49
CA THR H 892 -149.85 42.91 80.00
C THR H 892 -149.43 43.39 81.39
N TYR H 893 -150.04 44.48 81.85
CA TYR H 893 -149.71 45.03 83.15
C TYR H 893 -150.12 44.08 84.26
N GLY H 894 -149.29 43.97 85.29
CA GLY H 894 -149.59 43.15 86.44
C GLY H 894 -148.65 43.44 87.60
N PRO H 895 -149.13 43.23 88.82
CA PRO H 895 -148.26 43.42 89.99
C PRO H 895 -147.03 42.51 90.01
N VAL H 896 -147.15 41.30 89.47
CA VAL H 896 -146.05 40.36 89.42
C VAL H 896 -145.30 40.53 88.11
N ARG H 897 -144.02 40.16 88.12
CA ARG H 897 -143.15 40.29 86.96
C ARG H 897 -142.73 38.90 86.51
N ASP H 898 -143.46 38.34 85.54
CA ASP H 898 -143.19 37.01 85.03
C ASP H 898 -143.20 37.04 83.51
N ASP H 899 -142.22 36.36 82.91
CA ASP H 899 -142.20 36.23 81.45
C ASP H 899 -143.33 35.31 80.97
N ASN H 900 -143.48 34.16 81.63
CA ASN H 900 -144.52 33.21 81.24
C ASN H 900 -145.91 33.79 81.44
N LYS H 901 -146.13 34.46 82.57
CA LYS H 901 -147.46 35.01 82.87
C LYS H 901 -147.75 36.28 82.09
N ARG H 902 -146.74 36.85 81.42
CA ARG H 902 -146.89 38.06 80.62
C ARG H 902 -147.43 39.23 81.46
N LEU H 903 -146.98 39.29 82.71
CA LEU H 903 -147.38 40.37 83.63
C LEU H 903 -146.14 41.18 83.99
N HIS H 904 -146.25 42.50 83.87
CA HIS H 904 -145.12 43.38 84.13
C HIS H 904 -145.61 44.76 84.58
N PRO H 905 -145.24 45.20 85.78
CA PRO H 905 -145.69 46.52 86.25
C PRO H 905 -145.16 47.67 85.39
N CYS H 906 -144.07 47.47 84.66
CA CYS H 906 -143.47 48.52 83.84
C CYS H 906 -144.35 48.93 82.67
N LEU H 907 -145.34 48.12 82.30
CA LEU H 907 -146.09 48.37 81.07
C LEU H 907 -147.22 49.37 81.28
N VAL H 908 -146.95 50.46 82.00
CA VAL H 908 -148.00 51.46 82.24
C VAL H 908 -147.55 52.81 81.68
N ASN H 909 -146.43 53.32 82.17
CA ASN H 909 -145.90 54.61 81.76
C ASN H 909 -144.56 54.81 82.44
N PHE H 910 -143.70 55.62 81.82
CA PHE H 910 -142.39 55.86 82.40
C PHE H 910 -142.49 56.67 83.68
N HIS H 911 -143.53 57.50 83.80
CA HIS H 911 -143.83 58.13 85.08
C HIS H 911 -144.51 57.16 86.04
N SER H 912 -145.44 56.34 85.52
CA SER H 912 -146.23 55.47 86.39
C SER H 912 -145.44 54.28 86.91
N LEU H 913 -144.44 53.82 86.17
CA LEU H 913 -143.65 52.68 86.62
C LEU H 913 -142.86 53.06 87.87
N PRO H 914 -142.69 52.13 88.82
CA PRO H 914 -142.03 52.48 90.09
C PRO H 914 -140.61 53.00 89.88
N GLU H 915 -140.27 54.04 90.63
CA GLU H 915 -138.91 54.59 90.58
C GLU H 915 -137.86 53.59 91.04
N PRO H 916 -138.04 52.84 92.14
CA PRO H 916 -137.04 51.82 92.48
C PRO H 916 -136.84 50.78 91.40
N GLU H 917 -137.92 50.39 90.71
CA GLU H 917 -137.78 49.46 89.59
C GLU H 917 -137.04 50.12 88.43
N ARG H 918 -137.25 51.42 88.25
CA ARG H 918 -136.50 52.15 87.23
C ARG H 918 -135.01 52.17 87.54
N ASN H 919 -134.66 52.37 88.82
CA ASN H 919 -133.27 52.46 89.24
C ASN H 919 -132.53 51.13 89.13
N TYR H 920 -133.23 50.03 88.86
CA TYR H 920 -132.56 48.77 88.56
C TYR H 920 -131.65 48.91 87.35
N ASN H 921 -132.04 49.73 86.38
CA ASN H 921 -131.27 49.91 85.16
C ASN H 921 -130.68 51.30 85.02
N LEU H 922 -130.77 52.15 86.05
CA LEU H 922 -130.11 53.45 85.98
C LEU H 922 -128.60 53.29 85.87
N GLN H 923 -128.05 52.28 86.54
CA GLN H 923 -126.63 51.98 86.41
C GLN H 923 -126.28 51.66 84.97
N MET H 924 -127.10 50.82 84.32
CA MET H 924 -126.86 50.48 82.93
C MET H 924 -126.98 51.70 82.02
N SER H 925 -127.96 52.57 82.28
CA SER H 925 -128.12 53.76 81.44
C SER H 925 -126.92 54.69 81.59
N GLY H 926 -126.40 54.84 82.81
CA GLY H 926 -125.20 55.62 83.00
C GLY H 926 -124.00 55.01 82.31
N GLU H 927 -123.85 53.69 82.40
CA GLU H 927 -122.77 53.02 81.71
C GLU H 927 -122.88 53.17 80.20
N THR H 928 -124.11 53.26 79.66
CA THR H 928 -124.26 53.47 78.22
C THR H 928 -123.58 54.76 77.79
N LEU H 929 -123.86 55.85 78.48
CA LEU H 929 -123.22 57.12 78.17
C LEU H 929 -121.72 57.05 78.41
N LYS H 930 -121.32 56.43 79.52
CA LYS H 930 -119.90 56.32 79.83
C LYS H 930 -119.17 55.52 78.75
N THR H 931 -119.90 54.65 78.04
CA THR H 931 -119.25 53.80 77.05
C THR H 931 -118.83 54.60 75.82
N LEU H 932 -119.70 55.47 75.30
CA LEU H 932 -119.27 56.29 74.17
C LEU H 932 -118.35 57.40 74.64
N LEU H 933 -118.37 57.72 75.93
CA LEU H 933 -117.30 58.57 76.46
C LEU H 933 -115.96 57.88 76.37
N ALA H 934 -115.90 56.59 76.74
CA ALA H 934 -114.63 55.87 76.79
C ALA H 934 -114.16 55.47 75.40
N LEU H 935 -115.09 55.14 74.51
CA LEU H 935 -114.77 54.66 73.18
C LEU H 935 -114.12 55.73 72.30
N GLY H 936 -114.15 56.99 72.74
CA GLY H 936 -113.64 58.08 71.95
C GLY H 936 -114.69 58.88 71.21
N CYS H 937 -115.96 58.49 71.30
CA CYS H 937 -117.02 59.24 70.66
C CYS H 937 -117.20 60.59 71.34
N HIS H 938 -117.22 61.65 70.54
CA HIS H 938 -117.42 62.99 71.06
C HIS H 938 -118.90 63.29 71.14
N VAL H 939 -119.42 63.36 72.36
CA VAL H 939 -120.85 63.55 72.58
C VAL H 939 -121.05 64.81 73.40
N GLY H 940 -121.92 65.69 72.92
CA GLY H 940 -122.15 66.94 73.62
C GLY H 940 -123.56 67.46 73.34
N MET H 941 -123.89 68.53 74.06
CA MET H 941 -125.19 69.19 74.01
C MET H 941 -125.13 70.38 73.04
N ALA H 942 -125.67 70.18 71.84
CA ALA H 942 -125.75 71.29 70.89
C ALA H 942 -127.18 71.81 70.76
N ASP H 943 -128.16 70.90 70.80
CA ASP H 943 -129.56 71.25 70.64
C ASP H 943 -130.29 71.06 71.96
N GLU H 944 -130.98 72.11 72.40
CA GLU H 944 -131.93 72.05 73.51
C GLU H 944 -133.38 72.13 73.08
N LYS H 945 -133.67 72.86 72.00
CA LYS H 945 -135.03 72.95 71.50
C LYS H 945 -135.54 71.60 71.01
N ALA H 946 -134.64 70.75 70.52
CA ALA H 946 -135.03 69.40 70.14
C ALA H 946 -135.54 68.61 71.36
N GLU H 947 -134.85 68.74 72.49
CA GLU H 947 -135.31 68.09 73.71
C GLU H 947 -136.62 68.70 74.21
N ASP H 948 -136.73 70.03 74.14
CA ASP H 948 -137.93 70.70 74.63
C ASP H 948 -139.16 70.31 73.82
N ASN H 949 -139.02 70.26 72.49
CA ASN H 949 -140.13 69.97 71.60
C ASN H 949 -139.84 68.69 70.84
N LEU H 950 -140.61 67.63 71.12
CA LEU H 950 -140.43 66.36 70.44
C LEU H 950 -141.75 65.61 70.42
N LYS H 951 -141.89 64.72 69.44
CA LYS H 951 -143.10 63.94 69.29
C LYS H 951 -143.03 62.67 70.12
N LYS H 952 -144.21 62.21 70.56
CA LYS H 952 -144.32 61.07 71.47
C LYS H 952 -145.11 59.96 70.78
N THR H 953 -144.48 58.80 70.63
CA THR H 953 -145.20 57.63 70.13
C THR H 953 -145.94 56.96 71.28
N LYS H 954 -147.26 56.81 71.13
CA LYS H 954 -148.08 56.15 72.12
C LYS H 954 -148.63 54.85 71.54
N LEU H 955 -148.92 53.91 72.43
CA LEU H 955 -149.30 52.57 71.99
C LEU H 955 -150.66 52.63 71.30
N PRO H 956 -150.92 51.77 70.33
CA PRO H 956 -152.25 51.71 69.71
C PRO H 956 -153.32 51.38 70.74
N LYS H 957 -154.50 51.95 70.54
CA LYS H 957 -155.60 51.73 71.48
C LYS H 957 -156.01 50.26 71.54
N THR H 958 -156.01 49.57 70.40
CA THR H 958 -156.32 48.14 70.41
C THR H 958 -155.26 47.34 71.15
N TYR H 959 -153.98 47.68 70.94
CA TYR H 959 -152.88 46.95 71.57
C TYR H 959 -152.63 47.51 72.96
N MET H 960 -153.50 47.13 73.89
CA MET H 960 -153.47 47.62 75.25
C MET H 960 -153.13 46.51 76.24
N MET H 961 -152.59 46.93 77.38
CA MET H 961 -152.26 46.05 78.49
C MET H 961 -153.50 45.90 79.39
N SER H 962 -153.31 45.35 80.59
CA SER H 962 -154.42 45.22 81.53
C SER H 962 -154.84 46.59 82.05
N ASN H 963 -153.87 47.48 82.31
CA ASN H 963 -154.19 48.78 82.90
C ASN H 963 -155.01 49.64 81.96
N GLY H 964 -154.65 49.69 80.68
CA GLY H 964 -155.37 50.49 79.71
C GLY H 964 -154.72 51.81 79.35
N TYR H 965 -153.72 52.25 80.11
CA TYR H 965 -153.03 53.50 79.80
C TYR H 965 -152.17 53.34 78.55
N LYS H 966 -151.70 54.46 78.03
CA LYS H 966 -150.85 54.46 76.84
C LYS H 966 -149.45 54.95 77.21
N PRO H 967 -148.46 54.07 77.31
CA PRO H 967 -147.08 54.53 77.50
C PRO H 967 -146.65 55.40 76.34
N ALA H 968 -145.83 56.40 76.64
CA ALA H 968 -145.45 57.43 75.67
C ALA H 968 -143.93 57.59 75.60
N PRO H 969 -143.24 56.66 74.94
CA PRO H 969 -141.84 56.91 74.59
C PRO H 969 -141.74 57.91 73.44
N LEU H 970 -140.52 58.38 73.21
CA LEU H 970 -140.31 59.39 72.17
C LEU H 970 -140.60 58.81 70.80
N ASP H 971 -141.20 59.63 69.94
CA ASP H 971 -141.37 59.30 68.53
C ASP H 971 -140.11 59.73 67.80
N LEU H 972 -139.42 58.76 67.19
CA LEU H 972 -138.09 59.01 66.62
C LEU H 972 -138.01 58.53 65.18
N SER H 973 -139.08 58.74 64.41
CA SER H 973 -139.06 58.32 63.00
C SER H 973 -138.27 59.30 62.15
N HIS H 974 -138.07 60.53 62.63
CA HIS H 974 -137.40 61.56 61.86
C HIS H 974 -135.89 61.54 62.00
N VAL H 975 -135.36 60.64 62.84
CA VAL H 975 -133.92 60.62 63.09
C VAL H 975 -133.27 59.55 62.23
N ARG H 976 -132.11 59.89 61.64
CA ARG H 976 -131.34 58.97 60.81
C ARG H 976 -129.96 58.79 61.41
N LEU H 977 -129.26 57.75 60.94
CA LEU H 977 -127.89 57.46 61.38
C LEU H 977 -126.98 57.24 60.20
N THR H 978 -125.69 57.52 60.41
CA THR H 978 -124.67 57.21 59.44
C THR H 978 -124.20 55.77 59.62
N PRO H 979 -123.54 55.19 58.62
CA PRO H 979 -122.96 53.85 58.82
C PRO H 979 -121.95 53.78 59.94
N ALA H 980 -121.17 54.85 60.14
CA ALA H 980 -120.28 54.90 61.29
C ALA H 980 -121.08 54.89 62.59
N GLN H 981 -122.23 55.57 62.60
CA GLN H 981 -123.11 55.49 63.76
C GLN H 981 -123.66 54.09 63.96
N THR H 982 -123.94 53.37 62.87
CA THR H 982 -124.39 51.98 63.01
C THR H 982 -123.30 51.12 63.62
N THR H 983 -122.05 51.34 63.20
CA THR H 983 -120.93 50.61 63.80
C THR H 983 -120.77 50.96 65.27
N LEU H 984 -120.98 52.24 65.62
CA LEU H 984 -121.00 52.63 67.02
C LEU H 984 -122.09 51.88 67.77
N VAL H 985 -123.27 51.74 67.16
CA VAL H 985 -124.35 50.97 67.77
C VAL H 985 -123.90 49.54 68.03
N ASP H 986 -123.25 48.93 67.04
CA ASP H 986 -122.82 47.54 67.20
C ASP H 986 -121.81 47.39 68.33
N ARG H 987 -120.81 48.27 68.38
CA ARG H 987 -119.82 48.17 69.44
C ARG H 987 -120.43 48.47 70.80
N LEU H 988 -121.40 49.39 70.86
CA LEU H 988 -122.07 49.66 72.12
C LEU H 988 -122.85 48.44 72.59
N ALA H 989 -123.55 47.77 71.68
CA ALA H 989 -124.27 46.55 72.05
C ALA H 989 -123.31 45.49 72.55
N GLU H 990 -122.17 45.33 71.85
CA GLU H 990 -121.16 44.39 72.30
C GLU H 990 -120.70 44.69 73.70
N ASN H 991 -120.36 45.95 73.98
CA ASN H 991 -119.81 46.29 75.29
C ASN H 991 -120.87 46.15 76.37
N GLY H 992 -122.11 46.51 76.08
CA GLY H 992 -123.17 46.32 77.05
C GLY H 992 -123.39 44.86 77.37
N HIS H 993 -123.39 44.01 76.35
CA HIS H 993 -123.52 42.57 76.61
C HIS H 993 -122.36 42.07 77.45
N ASN H 994 -121.15 42.54 77.16
CA ASN H 994 -119.99 42.10 77.93
C ASN H 994 -120.10 42.56 79.38
N VAL H 995 -120.59 43.78 79.62
CA VAL H 995 -120.77 44.26 80.98
C VAL H 995 -121.77 43.38 81.72
N TRP H 996 -122.91 43.11 81.10
CA TRP H 996 -123.90 42.25 81.73
C TRP H 996 -123.34 40.86 81.99
N ALA H 997 -122.58 40.32 81.04
CA ALA H 997 -122.01 39.00 81.18
C ALA H 997 -121.05 38.93 82.35
N ARG H 998 -120.15 39.92 82.46
CA ARG H 998 -119.17 39.87 83.53
C ARG H 998 -119.82 40.10 84.88
N ASP H 999 -120.86 40.93 84.93
CA ASP H 999 -121.60 41.07 86.19
C ASP H 999 -122.25 39.76 86.60
N ARG H 1000 -122.87 39.06 85.65
CA ARG H 1000 -123.50 37.79 85.99
C ARG H 1000 -122.45 36.76 86.42
N VAL H 1001 -121.27 36.78 85.80
CA VAL H 1001 -120.21 35.89 86.22
C VAL H 1001 -119.79 36.22 87.64
N ALA H 1002 -119.65 37.51 87.96
CA ALA H 1002 -119.32 37.89 89.32
C ALA H 1002 -120.38 37.42 90.30
N GLN H 1003 -121.63 37.32 89.86
CA GLN H 1003 -122.67 36.73 90.70
C GLN H 1003 -122.64 35.21 90.71
N GLY H 1004 -121.84 34.57 89.87
CA GLY H 1004 -121.71 33.14 89.88
C GLY H 1004 -122.39 32.38 88.76
N TRP H 1005 -122.87 33.08 87.73
CA TRP H 1005 -123.56 32.43 86.63
C TRP H 1005 -122.58 31.79 85.67
N SER H 1006 -123.11 30.95 84.77
CA SER H 1006 -122.30 30.23 83.80
C SER H 1006 -123.15 29.91 82.58
N TYR H 1007 -122.48 29.53 81.49
CA TYR H 1007 -123.19 29.24 80.27
C TYR H 1007 -123.72 27.82 80.26
N SER H 1008 -124.86 27.62 79.59
CA SER H 1008 -125.45 26.31 79.43
C SER H 1008 -126.45 26.36 78.30
N ALA H 1009 -126.32 25.43 77.35
CA ALA H 1009 -127.23 25.39 76.22
C ALA H 1009 -128.67 25.18 76.69
N VAL H 1010 -128.84 24.56 77.85
CA VAL H 1010 -130.16 24.43 78.47
C VAL H 1010 -130.22 25.37 79.67
N GLN H 1011 -131.30 26.13 79.77
CA GLN H 1011 -131.39 27.16 80.80
C GLN H 1011 -131.80 26.55 82.13
N ASP H 1012 -131.12 26.94 83.20
CA ASP H 1012 -131.44 26.45 84.55
C ASP H 1012 -131.28 27.64 85.50
N ILE H 1013 -132.40 28.33 85.75
CA ILE H 1013 -132.36 29.50 86.62
C ILE H 1013 -131.94 29.15 88.04
N PRO H 1014 -132.48 28.11 88.69
CA PRO H 1014 -131.99 27.78 90.04
C PRO H 1014 -130.51 27.45 90.08
N ALA H 1015 -129.95 26.93 89.00
CA ALA H 1015 -128.54 26.59 88.94
C ALA H 1015 -127.68 27.73 88.40
N ARG H 1016 -128.28 28.87 88.09
CA ARG H 1016 -127.57 30.05 87.57
C ARG H 1016 -126.88 29.74 86.24
N ARG H 1017 -127.59 29.05 85.37
CA ARG H 1017 -127.10 28.72 84.04
C ARG H 1017 -127.91 29.50 83.01
N ASN H 1018 -127.23 30.17 82.09
CA ASN H 1018 -127.91 31.05 81.16
C ASN H 1018 -127.38 30.83 79.75
N PRO H 1019 -128.26 30.52 78.79
CA PRO H 1019 -127.80 30.28 77.41
C PRO H 1019 -127.14 31.48 76.76
N ARG H 1020 -127.42 32.69 77.22
CA ARG H 1020 -126.78 33.88 76.68
C ARG H 1020 -125.52 34.26 77.43
N LEU H 1021 -125.18 33.54 78.50
CA LEU H 1021 -124.00 33.89 79.30
C LEU H 1021 -122.73 33.56 78.53
N VAL H 1022 -122.54 34.32 77.45
CA VAL H 1022 -121.44 34.09 76.51
C VAL H 1022 -121.11 35.40 75.84
N PRO H 1023 -119.82 35.68 75.68
CA PRO H 1023 -119.41 36.97 75.10
C PRO H 1023 -120.05 37.23 73.74
N TYR H 1024 -120.02 38.51 73.35
CA TYR H 1024 -120.84 38.97 72.25
C TYR H 1024 -120.48 38.28 70.95
N ARG H 1025 -119.19 38.17 70.64
CA ARG H 1025 -118.81 37.60 69.36
C ARG H 1025 -119.21 36.14 69.24
N LEU H 1026 -119.29 35.42 70.35
CA LEU H 1026 -119.79 34.05 70.30
C LEU H 1026 -121.29 33.95 70.48
N LEU H 1027 -121.97 35.05 70.77
CA LEU H 1027 -123.44 35.03 70.87
C LEU H 1027 -124.06 34.70 69.52
N ASP H 1028 -125.30 34.23 69.54
CA ASP H 1028 -125.98 33.89 68.30
C ASP H 1028 -126.54 35.14 67.62
N GLU H 1029 -126.89 34.98 66.34
CA GLU H 1029 -127.28 36.12 65.51
C GLU H 1029 -128.58 36.75 65.99
N ALA H 1030 -129.55 35.94 66.42
CA ALA H 1030 -130.83 36.50 66.83
C ALA H 1030 -130.69 37.42 68.04
N THR H 1031 -130.05 36.93 69.10
CA THR H 1031 -129.86 37.77 70.29
C THR H 1031 -128.92 38.92 70.00
N LYS H 1032 -127.93 38.70 69.12
CA LYS H 1032 -127.06 39.80 68.73
C LYS H 1032 -127.86 40.92 68.07
N ARG H 1033 -128.79 40.55 67.18
CA ARG H 1033 -129.64 41.55 66.53
C ARG H 1033 -130.58 42.22 67.52
N SER H 1034 -131.08 41.46 68.50
CA SER H 1034 -131.94 42.08 69.51
C SER H 1034 -131.19 43.13 70.31
N ASN H 1035 -129.99 42.81 70.77
CA ASN H 1035 -129.19 43.78 71.52
C ASN H 1035 -128.80 44.96 70.63
N ARG H 1036 -128.49 44.68 69.36
CA ARG H 1036 -128.18 45.75 68.42
C ARG H 1036 -129.35 46.69 68.24
N ASP H 1037 -130.56 46.15 68.15
CA ASP H 1037 -131.75 46.99 68.04
C ASP H 1037 -131.95 47.83 69.30
N SER H 1038 -131.74 47.24 70.47
CA SER H 1038 -131.90 48.00 71.70
C SER H 1038 -130.93 49.17 71.77
N LEU H 1039 -129.65 48.92 71.47
CA LEU H 1039 -128.68 50.01 71.48
C LEU H 1039 -128.95 51.00 70.35
N CYS H 1040 -129.47 50.54 69.22
CA CYS H 1040 -129.82 51.44 68.13
C CYS H 1040 -130.94 52.38 68.55
N GLN H 1041 -131.93 51.86 69.29
CA GLN H 1041 -132.98 52.72 69.81
C GLN H 1041 -132.45 53.70 70.85
N ALA H 1042 -131.50 53.26 71.67
CA ALA H 1042 -130.88 54.19 72.62
C ALA H 1042 -130.17 55.33 71.89
N VAL H 1043 -129.41 55.00 70.84
CA VAL H 1043 -128.75 56.01 70.03
C VAL H 1043 -129.77 56.88 69.32
N ARG H 1044 -130.90 56.27 68.91
CA ARG H 1044 -132.00 57.02 68.34
C ARG H 1044 -132.47 58.10 69.30
N THR H 1045 -132.70 57.73 70.57
CA THR H 1045 -133.13 58.70 71.58
C THR H 1045 -132.08 59.80 71.77
N LEU H 1046 -130.81 59.41 71.85
CA LEU H 1046 -129.75 60.39 72.06
C LEU H 1046 -129.71 61.40 70.90
N LEU H 1047 -129.86 60.92 69.67
CA LEU H 1047 -129.90 61.82 68.53
C LEU H 1047 -131.18 62.64 68.49
N GLY H 1048 -132.31 62.03 68.90
CA GLY H 1048 -133.59 62.72 68.87
C GLY H 1048 -133.62 63.90 69.82
N TYR H 1049 -132.89 63.80 70.93
CA TYR H 1049 -132.68 64.98 71.74
C TYR H 1049 -131.76 65.99 71.06
N GLY H 1050 -131.22 65.67 69.88
CA GLY H 1050 -130.44 66.62 69.12
C GLY H 1050 -128.97 66.70 69.50
N TYR H 1051 -128.51 65.82 70.36
CA TYR H 1051 -127.14 65.92 70.88
C TYR H 1051 -126.14 65.39 69.86
N ASN H 1052 -125.07 66.16 69.64
CA ASN H 1052 -124.09 65.77 68.62
C ASN H 1052 -123.37 64.50 69.05
N ILE H 1053 -123.29 63.53 68.12
CA ILE H 1053 -122.60 62.26 68.35
C ILE H 1053 -121.54 62.12 67.28
N GLU H 1054 -120.28 62.04 67.71
CA GLU H 1054 -119.17 61.92 66.78
C GLU H 1054 -118.70 60.48 66.76
N PRO H 1055 -118.78 59.78 65.62
CA PRO H 1055 -118.23 58.43 65.54
C PRO H 1055 -116.72 58.45 65.65
N PRO H 1056 -116.16 57.66 66.57
CA PRO H 1056 -114.70 57.64 66.72
C PRO H 1056 -114.02 57.10 65.46
N ASP H 1057 -112.83 57.63 65.20
CA ASP H 1057 -111.98 57.10 64.13
C ASP H 1057 -111.52 55.70 64.55
N GLN H 1058 -111.90 54.70 63.77
CA GLN H 1058 -111.63 53.31 64.15
C GLN H 1058 -110.14 53.02 64.12
N GLU H 1059 -109.67 52.29 65.13
CA GLU H 1059 -108.26 51.91 65.24
C GLU H 1059 -108.12 50.43 64.93
N PRO H 1060 -107.52 50.06 63.80
CA PRO H 1060 -107.39 48.64 63.46
C PRO H 1060 -106.44 47.92 64.40
N SER H 1061 -106.71 46.63 64.63
CA SER H 1061 -105.86 45.79 65.45
C SER H 1061 -105.90 44.38 64.89
N GLN H 1062 -104.79 43.65 65.10
CA GLN H 1062 -104.68 42.27 64.67
C GLN H 1062 -104.58 41.39 65.90
N VAL H 1063 -105.52 40.46 66.05
CA VAL H 1063 -105.61 39.67 67.27
C VAL H 1063 -104.45 38.69 67.37
N GLU H 1064 -104.08 38.06 66.25
CA GLU H 1064 -103.16 36.92 66.26
C GLU H 1064 -103.62 35.86 67.26
N ASN H 1065 -104.82 35.32 66.99
CA ASN H 1065 -105.44 34.38 67.91
C ASN H 1065 -104.57 33.15 68.13
N GLN H 1066 -103.96 32.64 67.07
CA GLN H 1066 -103.07 31.49 67.15
C GLN H 1066 -101.63 31.92 66.84
N SER H 1067 -100.76 30.92 66.71
CA SER H 1067 -99.33 31.16 66.55
C SER H 1067 -99.02 31.69 65.16
N ARG H 1068 -97.72 31.90 64.91
CA ARG H 1068 -97.26 32.46 63.64
C ARG H 1068 -97.16 31.40 62.54
N TRP H 1069 -96.55 30.25 62.84
CA TRP H 1069 -96.27 29.25 61.81
C TRP H 1069 -97.51 28.51 61.35
N ASP H 1070 -98.48 28.29 62.23
CA ASP H 1070 -99.73 27.64 61.84
C ASP H 1070 -100.66 28.62 61.13
N ARG H 1071 -100.16 29.29 60.11
CA ARG H 1071 -100.95 30.15 59.25
C ARG H 1071 -101.07 29.61 57.84
N VAL H 1072 -100.01 29.01 57.31
CA VAL H 1072 -99.98 28.52 55.95
C VAL H 1072 -99.57 27.05 55.99
N ARG H 1073 -100.30 26.22 55.25
CA ARG H 1073 -99.96 24.81 55.09
C ARG H 1073 -99.64 24.56 53.63
N ILE H 1074 -98.40 24.21 53.34
CA ILE H 1074 -97.89 24.09 51.99
C ILE H 1074 -97.94 22.64 51.55
N PHE H 1075 -98.52 22.39 50.38
CA PHE H 1075 -98.60 21.06 49.80
C PHE H 1075 -97.85 21.04 48.48
N ARG H 1076 -96.93 20.11 48.33
CA ARG H 1076 -96.17 20.00 47.09
C ARG H 1076 -95.98 18.54 46.72
N ALA H 1077 -95.72 18.31 45.44
CA ALA H 1077 -95.45 16.95 44.98
C ALA H 1077 -94.08 16.49 45.45
N GLU H 1078 -93.89 15.18 45.45
CA GLU H 1078 -92.62 14.61 45.85
C GLU H 1078 -91.52 15.04 44.88
N LYS H 1079 -90.32 15.21 45.42
CA LYS H 1079 -89.21 15.70 44.61
C LYS H 1079 -88.91 14.80 43.42
N SER H 1080 -89.27 13.52 43.51
CA SER H 1080 -89.02 12.60 42.41
C SER H 1080 -89.84 12.94 41.17
N TYR H 1081 -90.86 13.79 41.30
CA TYR H 1081 -91.69 14.21 40.18
C TYR H 1081 -91.21 15.49 39.54
N THR H 1082 -89.99 15.92 39.82
CA THR H 1082 -89.48 17.16 39.26
C THR H 1082 -89.44 17.07 37.74
N VAL H 1083 -89.89 18.14 37.08
CA VAL H 1083 -89.87 18.21 35.62
C VAL H 1083 -88.84 19.24 35.22
N GLN H 1084 -88.02 18.90 34.23
CA GLN H 1084 -87.00 19.81 33.71
C GLN H 1084 -87.17 20.10 32.23
N SER H 1085 -88.21 19.59 31.60
CA SER H 1085 -88.50 19.89 30.20
C SER H 1085 -89.97 19.60 29.94
N GLY H 1086 -90.42 19.93 28.74
CA GLY H 1086 -91.80 19.69 28.37
C GLY H 1086 -92.71 20.81 28.80
N ARG H 1087 -94.00 20.58 28.57
CA ARG H 1087 -95.04 21.53 28.90
C ARG H 1087 -96.09 20.84 29.75
N TRP H 1088 -96.41 21.42 30.90
CA TRP H 1088 -97.24 20.76 31.89
C TRP H 1088 -98.37 21.66 32.35
N TYR H 1089 -99.43 21.02 32.81
CA TYR H 1089 -100.68 21.68 33.17
C TYR H 1089 -101.29 20.95 34.35
N PHE H 1090 -101.78 21.71 35.33
CA PHE H 1090 -102.60 21.15 36.38
C PHE H 1090 -103.56 22.23 36.86
N GLU H 1091 -104.61 21.78 37.54
CA GLU H 1091 -105.68 22.68 37.96
C GLU H 1091 -105.78 22.71 39.47
N PHE H 1092 -106.23 23.85 39.98
CA PHE H 1092 -106.44 24.05 41.40
C PHE H 1092 -107.77 24.78 41.59
N GLU H 1093 -108.72 24.10 42.23
CA GLU H 1093 -110.04 24.67 42.47
C GLU H 1093 -110.07 25.34 43.84
N ALA H 1094 -110.52 26.59 43.86
CA ALA H 1094 -110.66 27.34 45.10
C ALA H 1094 -112.06 27.09 45.64
N VAL H 1095 -112.16 26.16 46.60
CA VAL H 1095 -113.45 25.88 47.22
C VAL H 1095 -113.86 27.04 48.12
N THR H 1096 -112.92 27.57 48.89
CA THR H 1096 -113.12 28.84 49.57
C THR H 1096 -112.52 29.95 48.73
N THR H 1097 -112.48 31.16 49.28
CA THR H 1097 -111.99 32.31 48.56
C THR H 1097 -110.89 33.06 49.29
N GLY H 1098 -110.40 32.53 50.40
CA GLY H 1098 -109.43 33.22 51.22
C GLY H 1098 -108.03 33.19 50.65
N GLU H 1099 -107.05 33.24 51.53
CA GLU H 1099 -105.64 33.32 51.15
C GLU H 1099 -105.15 31.92 50.77
N MET H 1100 -105.07 31.66 49.48
CA MET H 1100 -104.46 30.45 48.96
C MET H 1100 -103.61 30.80 47.76
N ARG H 1101 -102.48 30.12 47.62
CA ARG H 1101 -101.56 30.34 46.52
C ARG H 1101 -101.31 29.02 45.82
N VAL H 1102 -101.06 29.08 44.52
CA VAL H 1102 -100.83 27.89 43.73
C VAL H 1102 -99.86 28.24 42.61
N GLY H 1103 -99.00 27.29 42.25
CA GLY H 1103 -98.01 27.54 41.22
C GLY H 1103 -96.93 26.50 41.21
N TRP H 1104 -95.73 26.90 40.82
CA TRP H 1104 -94.63 25.97 40.63
C TRP H 1104 -93.50 26.31 41.58
N ALA H 1105 -92.90 25.29 42.19
CA ALA H 1105 -91.91 25.48 43.22
C ALA H 1105 -90.70 24.62 42.92
N ARG H 1106 -89.54 25.11 43.32
CA ARG H 1106 -88.33 24.35 43.16
C ARG H 1106 -88.22 23.27 44.22
N PRO H 1107 -87.50 22.20 43.94
CA PRO H 1107 -87.44 21.08 44.88
C PRO H 1107 -86.90 21.44 46.25
N GLU H 1108 -86.00 22.41 46.33
CA GLU H 1108 -85.42 22.80 47.61
C GLU H 1108 -86.27 23.81 48.34
N LEU H 1109 -87.58 23.83 48.07
CA LEU H 1109 -88.48 24.77 48.72
C LEU H 1109 -88.41 24.62 50.23
N ARG H 1110 -88.40 25.73 50.90
CA ARG H 1110 -88.30 25.78 52.36
C ARG H 1110 -89.70 25.75 52.96
N PRO H 1111 -89.93 24.98 54.03
CA PRO H 1111 -91.31 24.78 54.49
C PRO H 1111 -91.84 25.90 55.36
N ASP H 1112 -91.00 26.79 55.88
CA ASP H 1112 -91.45 27.83 56.79
C ASP H 1112 -91.47 29.21 56.15
N VAL H 1113 -91.42 29.29 54.82
CA VAL H 1113 -91.45 30.55 54.10
C VAL H 1113 -92.72 30.61 53.29
N GLU H 1114 -93.41 31.75 53.33
CA GLU H 1114 -94.58 31.93 52.49
C GLU H 1114 -94.21 31.76 51.03
N LEU H 1115 -95.09 31.10 50.27
CA LEU H 1115 -94.80 30.83 48.88
C LEU H 1115 -94.59 32.12 48.11
N GLY H 1116 -93.51 32.17 47.35
CA GLY H 1116 -93.20 33.31 46.54
C GLY H 1116 -92.46 34.43 47.24
N ALA H 1117 -92.40 34.40 48.57
CA ALA H 1117 -91.65 35.43 49.28
C ALA H 1117 -90.16 35.30 49.04
N ASP H 1118 -89.72 34.17 48.50
CA ASP H 1118 -88.33 33.99 48.10
C ASP H 1118 -88.28 33.49 46.66
N GLU H 1119 -87.11 33.08 46.21
CA GLU H 1119 -86.88 32.72 44.82
C GLU H 1119 -87.17 31.26 44.52
N LEU H 1120 -87.82 30.55 45.43
CA LEU H 1120 -88.06 29.11 45.26
C LEU H 1120 -89.46 28.78 44.80
N ALA H 1121 -90.26 29.77 44.41
CA ALA H 1121 -91.62 29.50 43.96
C ALA H 1121 -92.11 30.61 43.05
N TYR H 1122 -93.01 30.25 42.14
CA TYR H 1122 -93.68 31.20 41.26
C TYR H 1122 -95.17 30.89 41.38
N VAL H 1123 -95.84 31.52 42.33
CA VAL H 1123 -97.21 31.17 42.67
C VAL H 1123 -98.13 32.34 42.37
N PHE H 1124 -99.42 32.05 42.33
CA PHE H 1124 -100.45 33.04 42.08
C PHE H 1124 -101.41 33.08 43.24
N ASN H 1125 -101.52 34.24 43.88
CA ASN H 1125 -102.45 34.45 44.98
C ASN H 1125 -103.77 34.93 44.41
N GLY H 1126 -104.82 34.17 44.63
CA GLY H 1126 -106.10 34.52 44.08
C GLY H 1126 -107.02 35.28 44.99
N HIS H 1127 -106.64 35.52 46.24
CA HIS H 1127 -107.51 36.29 47.12
C HIS H 1127 -107.62 37.72 46.66
N ARG H 1128 -106.49 38.36 46.36
CA ARG H 1128 -106.47 39.76 45.92
C ARG H 1128 -105.82 39.92 44.55
N GLY H 1129 -105.46 38.83 43.90
CA GLY H 1129 -104.96 38.90 42.54
C GLY H 1129 -103.53 39.40 42.43
N GLN H 1130 -102.58 38.61 42.92
CA GLN H 1130 -101.17 38.95 42.84
C GLN H 1130 -100.38 37.74 42.40
N ARG H 1131 -99.16 37.98 41.94
CA ARG H 1131 -98.23 36.92 41.60
C ARG H 1131 -96.98 37.08 42.47
N TRP H 1132 -96.46 35.96 42.96
CA TRP H 1132 -95.44 36.00 44.00
C TRP H 1132 -94.18 35.31 43.51
N HIS H 1133 -93.11 36.09 43.40
CA HIS H 1133 -91.76 35.55 43.27
C HIS H 1133 -90.82 36.65 43.71
N LEU H 1134 -90.12 36.42 44.82
CA LEU H 1134 -89.28 37.44 45.45
C LEU H 1134 -90.10 38.69 45.74
N GLY H 1135 -91.34 38.49 46.15
CA GLY H 1135 -92.24 39.58 46.45
C GLY H 1135 -93.49 39.50 45.60
N SER H 1136 -94.36 40.49 45.78
CA SER H 1136 -95.67 40.50 45.17
C SER H 1136 -95.81 41.64 44.18
N GLU H 1137 -96.55 41.40 43.11
CA GLU H 1137 -96.98 42.42 42.18
C GLU H 1137 -98.36 42.03 41.65
N PRO H 1138 -99.23 43.00 41.39
CA PRO H 1138 -100.60 42.67 40.98
C PRO H 1138 -100.64 41.89 39.68
N PHE H 1139 -101.65 41.03 39.56
CA PHE H 1139 -101.78 40.15 38.41
C PHE H 1139 -103.16 39.52 38.44
N GLY H 1140 -103.85 39.55 37.31
CA GLY H 1140 -105.10 38.85 37.21
C GLY H 1140 -106.18 39.48 38.07
N ARG H 1141 -107.16 38.65 38.40
CA ARG H 1141 -108.32 39.09 39.16
C ARG H 1141 -108.59 38.10 40.29
N PRO H 1142 -109.21 38.56 41.37
CA PRO H 1142 -109.55 37.65 42.47
C PRO H 1142 -110.59 36.62 42.02
N TRP H 1143 -110.51 35.45 42.63
CA TRP H 1143 -111.40 34.34 42.28
C TRP H 1143 -112.62 34.34 43.19
N GLN H 1144 -113.54 33.43 42.87
CA GLN H 1144 -114.71 33.18 43.69
C GLN H 1144 -114.78 31.71 44.02
N SER H 1145 -115.74 31.34 44.85
CA SER H 1145 -115.90 29.94 45.22
C SER H 1145 -116.19 29.11 43.98
N GLY H 1146 -115.44 28.04 43.80
CA GLY H 1146 -115.63 27.17 42.66
C GLY H 1146 -114.82 27.53 41.44
N ASP H 1147 -114.09 28.63 41.47
CA ASP H 1147 -113.24 28.98 40.34
C ASP H 1147 -112.07 28.01 40.25
N VAL H 1148 -111.67 27.68 39.03
CA VAL H 1148 -110.63 26.71 38.78
C VAL H 1148 -109.43 27.41 38.17
N VAL H 1149 -108.28 27.29 38.81
CA VAL H 1149 -107.04 27.89 38.35
C VAL H 1149 -106.23 26.83 37.63
N GLY H 1150 -105.89 27.07 36.38
CA GLY H 1150 -105.03 26.19 35.65
C GLY H 1150 -103.62 26.73 35.62
N CYS H 1151 -102.65 25.94 36.06
CA CYS H 1151 -101.26 26.38 36.09
C CYS H 1151 -100.50 25.66 34.97
N MET H 1152 -99.90 26.45 34.10
CA MET H 1152 -99.16 25.95 32.95
C MET H 1152 -97.71 26.32 33.12
N ILE H 1153 -96.81 25.40 32.79
CA ILE H 1153 -95.39 25.69 32.71
C ILE H 1153 -94.90 25.21 31.35
N ASP H 1154 -94.11 26.04 30.69
CA ASP H 1154 -93.55 25.75 29.38
C ASP H 1154 -92.04 25.85 29.51
N LEU H 1155 -91.38 24.71 29.66
CA LEU H 1155 -89.95 24.71 29.89
C LEU H 1155 -89.14 24.84 28.61
N THR H 1156 -89.80 24.89 27.45
CA THR H 1156 -89.13 25.26 26.22
C THR H 1156 -89.05 26.76 26.03
N GLU H 1157 -90.11 27.49 26.38
CA GLU H 1157 -90.13 28.94 26.28
C GLU H 1157 -89.80 29.63 27.60
N ASN H 1158 -89.72 28.88 28.71
CA ASN H 1158 -89.38 29.43 30.01
C ASN H 1158 -90.39 30.50 30.46
N THR H 1159 -91.66 30.12 30.49
CA THR H 1159 -92.72 31.02 30.90
C THR H 1159 -93.73 30.26 31.76
N ILE H 1160 -94.52 31.02 32.51
CA ILE H 1160 -95.58 30.46 33.33
C ILE H 1160 -96.88 31.19 33.03
N ILE H 1161 -97.95 30.45 32.82
CA ILE H 1161 -99.25 30.98 32.43
C ILE H 1161 -100.28 30.49 33.44
N PHE H 1162 -101.17 31.38 33.87
CA PHE H 1162 -102.27 31.02 34.75
C PHE H 1162 -103.59 31.32 34.04
N THR H 1163 -104.54 30.40 34.15
CA THR H 1163 -105.87 30.59 33.61
C THR H 1163 -106.90 30.41 34.71
N LEU H 1164 -107.92 31.27 34.69
CA LEU H 1164 -109.01 31.22 35.67
C LEU H 1164 -110.29 30.93 34.91
N ASN H 1165 -110.87 29.76 35.16
CA ASN H 1165 -112.07 29.31 34.47
C ASN H 1165 -111.89 29.32 32.96
N GLY H 1166 -110.73 28.89 32.49
CA GLY H 1166 -110.45 28.82 31.08
C GLY H 1166 -110.07 30.13 30.43
N GLU H 1167 -109.95 31.20 31.20
CA GLU H 1167 -109.56 32.50 30.69
C GLU H 1167 -108.16 32.83 31.17
N VAL H 1168 -107.27 33.16 30.24
CA VAL H 1168 -105.89 33.42 30.59
C VAL H 1168 -105.79 34.72 31.37
N LEU H 1169 -105.12 34.67 32.52
CA LEU H 1169 -104.92 35.86 33.32
C LEU H 1169 -103.76 36.68 32.79
N MET H 1170 -103.92 38.00 32.81
CA MET H 1170 -102.96 38.93 32.25
C MET H 1170 -102.57 39.94 33.31
N SER H 1171 -101.39 40.52 33.14
CA SER H 1171 -100.89 41.53 34.07
C SER H 1171 -101.56 42.86 33.77
N ASP H 1172 -101.07 43.93 34.40
CA ASP H 1172 -101.60 45.26 34.12
C ASP H 1172 -100.94 45.80 32.86
N SER H 1173 -100.82 44.95 31.85
CA SER H 1173 -100.20 45.26 30.56
C SER H 1173 -100.61 44.13 29.63
N GLY H 1174 -100.04 44.11 28.43
CA GLY H 1174 -100.41 43.09 27.50
C GLY H 1174 -99.83 41.73 27.76
N SER H 1175 -99.10 41.57 28.85
CA SER H 1175 -98.36 40.35 29.13
C SER H 1175 -99.33 39.21 29.42
N GLU H 1176 -99.27 38.18 28.58
CA GLU H 1176 -100.08 36.98 28.77
C GLU H 1176 -99.34 35.89 29.53
N THR H 1177 -98.11 36.15 29.95
CA THR H 1177 -97.32 35.21 30.73
C THR H 1177 -97.05 35.78 32.11
N ALA H 1178 -97.34 34.98 33.14
CA ALA H 1178 -97.13 35.43 34.51
C ALA H 1178 -95.66 35.69 34.79
N PHE H 1179 -94.79 34.82 34.32
CA PHE H 1179 -93.35 34.95 34.52
C PHE H 1179 -92.64 34.59 33.24
N ARG H 1180 -91.46 35.17 33.04
CA ARG H 1180 -90.69 34.97 31.83
C ARG H 1180 -89.24 34.72 32.19
N GLU H 1181 -88.52 34.10 31.26
CA GLU H 1181 -87.09 33.89 31.39
C GLU H 1181 -86.75 33.17 32.70
N ILE H 1182 -87.55 32.18 33.06
CA ILE H 1182 -87.28 31.39 34.26
C ILE H 1182 -86.22 30.35 33.94
N GLU H 1183 -85.15 30.34 34.73
CA GLU H 1183 -84.10 29.36 34.55
C GLU H 1183 -84.56 27.99 35.02
N ILE H 1184 -84.37 26.98 34.18
CA ILE H 1184 -84.79 25.63 34.53
C ILE H 1184 -84.04 25.15 35.75
N GLY H 1185 -82.73 25.06 35.65
CA GLY H 1185 -81.94 24.69 36.81
C GLY H 1185 -82.30 23.31 37.30
N ASP H 1186 -82.73 23.25 38.56
CA ASP H 1186 -82.99 21.96 39.18
C ASP H 1186 -84.32 21.37 38.72
N GLY H 1187 -85.33 22.20 38.48
CA GLY H 1187 -86.61 21.76 37.98
C GLY H 1187 -87.73 22.40 38.75
N PHE H 1188 -88.95 21.95 38.47
CA PHE H 1188 -90.13 22.55 39.07
C PHE H 1188 -91.11 21.49 39.52
N LEU H 1189 -91.84 21.81 40.59
CA LEU H 1189 -92.87 20.97 41.18
C LEU H 1189 -94.13 21.78 41.39
N PRO H 1190 -95.30 21.19 41.15
CA PRO H 1190 -96.55 21.85 41.53
C PRO H 1190 -96.62 22.03 43.04
N VAL H 1191 -97.16 23.17 43.46
CA VAL H 1191 -97.20 23.52 44.87
C VAL H 1191 -98.44 24.33 45.12
N CYS H 1192 -98.97 24.23 46.33
CA CYS H 1192 -100.08 25.06 46.74
C CYS H 1192 -99.99 25.27 48.24
N SER H 1193 -100.50 26.40 48.69
CA SER H 1193 -100.57 26.69 50.11
C SER H 1193 -102.00 27.06 50.45
N LEU H 1194 -102.46 26.62 51.61
CA LEU H 1194 -103.76 26.99 52.11
C LEU H 1194 -103.59 27.70 53.44
N GLY H 1195 -104.30 28.80 53.61
CA GLY H 1195 -104.27 29.55 54.84
C GLY H 1195 -105.24 28.98 55.83
N PRO H 1196 -105.47 29.69 56.93
CA PRO H 1196 -106.36 29.17 57.97
C PRO H 1196 -107.80 29.10 57.47
N GLY H 1197 -108.44 27.97 57.74
CA GLY H 1197 -109.83 27.79 57.34
C GLY H 1197 -110.07 27.69 55.86
N GLN H 1198 -109.04 27.41 55.07
CA GLN H 1198 -109.14 27.39 53.63
C GLN H 1198 -109.23 25.96 53.13
N VAL H 1199 -110.04 25.75 52.11
CA VAL H 1199 -110.20 24.45 51.47
C VAL H 1199 -109.94 24.61 49.99
N GLY H 1200 -109.15 23.70 49.43
CA GLY H 1200 -108.83 23.75 48.02
C GLY H 1200 -108.76 22.35 47.46
N HIS H 1201 -108.96 22.25 46.15
CA HIS H 1201 -108.90 20.99 45.43
C HIS H 1201 -107.80 21.07 44.40
N LEU H 1202 -106.88 20.12 44.43
CA LEU H 1202 -105.74 20.09 43.52
C LEU H 1202 -105.88 18.88 42.60
N ASN H 1203 -105.88 19.13 41.30
CA ASN H 1203 -106.07 18.09 40.30
C ASN H 1203 -104.85 18.07 39.39
N LEU H 1204 -104.06 17.01 39.47
CA LEU H 1204 -102.83 16.91 38.70
C LEU H 1204 -103.03 16.20 37.37
N GLY H 1205 -104.27 15.87 37.01
CA GLY H 1205 -104.54 15.34 35.70
C GLY H 1205 -104.17 13.89 35.48
N GLN H 1206 -104.23 13.07 36.52
CA GLN H 1206 -104.09 11.63 36.31
C GLN H 1206 -105.22 11.10 35.46
N ASP H 1207 -106.44 11.55 35.72
CA ASP H 1207 -107.60 11.26 34.89
C ASP H 1207 -107.89 12.51 34.08
N VAL H 1208 -107.52 12.48 32.80
CA VAL H 1208 -107.63 13.67 31.96
C VAL H 1208 -109.07 14.14 31.87
N SER H 1209 -110.03 13.21 31.83
CA SER H 1209 -111.43 13.60 31.72
C SER H 1209 -111.91 14.32 32.97
N SER H 1210 -111.19 14.21 34.09
CA SER H 1210 -111.59 14.91 35.30
C SER H 1210 -111.30 16.40 35.24
N LEU H 1211 -110.35 16.82 34.41
CA LEU H 1211 -110.04 18.24 34.30
C LEU H 1211 -111.22 18.99 33.69
N ARG H 1212 -111.40 20.23 34.11
CA ARG H 1212 -112.58 20.99 33.73
C ARG H 1212 -112.32 22.04 32.66
N PHE H 1213 -111.07 22.45 32.47
CA PHE H 1213 -110.75 23.49 31.50
C PHE H 1213 -109.49 23.18 30.71
N PHE H 1214 -109.09 21.91 30.63
CA PHE H 1214 -107.87 21.56 29.93
C PHE H 1214 -108.06 21.67 28.43
N ALA H 1215 -109.22 21.25 27.92
CA ALA H 1215 -109.52 21.39 26.50
C ALA H 1215 -109.70 22.85 26.13
N ILE H 1216 -110.33 23.63 27.01
CA ILE H 1216 -110.59 25.03 26.70
C ILE H 1216 -109.30 25.81 26.55
N CYS H 1217 -108.35 25.62 27.47
CA CYS H 1217 -107.08 26.34 27.39
C CYS H 1217 -105.98 25.46 27.94
N GLY H 1218 -105.13 24.96 27.05
CA GLY H 1218 -104.01 24.15 27.44
C GLY H 1218 -103.82 22.94 26.58
N LEU H 1219 -104.91 22.35 26.10
CA LEU H 1219 -104.80 21.15 25.27
C LEU H 1219 -104.23 21.49 23.90
N GLN H 1220 -104.79 22.49 23.23
CA GLN H 1220 -104.35 22.81 21.88
C GLN H 1220 -102.99 23.48 21.86
N GLU H 1221 -102.64 24.23 22.90
CA GLU H 1221 -101.33 24.84 22.97
C GLU H 1221 -100.22 23.82 23.11
N GLY H 1222 -100.54 22.56 23.37
CA GLY H 1222 -99.54 21.53 23.47
C GLY H 1222 -99.15 21.12 24.86
N PHE H 1223 -99.82 21.64 25.88
CA PHE H 1223 -99.49 21.28 27.25
C PHE H 1223 -100.04 19.90 27.58
N GLU H 1224 -99.50 19.32 28.64
CA GLU H 1224 -99.92 18.00 29.10
C GLU H 1224 -100.24 18.04 30.58
N PRO H 1225 -101.19 17.23 31.03
CA PRO H 1225 -101.43 17.13 32.46
C PRO H 1225 -100.21 16.59 33.17
N PHE H 1226 -100.02 17.06 34.41
CA PHE H 1226 -98.77 16.77 35.11
C PHE H 1226 -98.58 15.29 35.36
N ALA H 1227 -99.67 14.53 35.48
CA ALA H 1227 -99.60 13.13 35.84
C ALA H 1227 -100.34 12.27 34.82
N ILE H 1228 -100.11 12.54 33.54
CA ILE H 1228 -100.99 12.00 32.51
C ILE H 1228 -100.86 10.49 32.40
N ASN H 1229 -99.63 9.98 32.34
CA ASN H 1229 -99.42 8.54 32.28
C ASN H 1229 -98.73 8.12 33.58
N MET H 1230 -99.54 7.94 34.62
CA MET H 1230 -99.06 7.54 35.93
C MET H 1230 -100.13 6.66 36.53
N GLN H 1231 -99.72 5.55 37.14
CA GLN H 1231 -100.67 4.62 37.73
CA GLN H 1231 -100.68 4.63 37.73
C GLN H 1231 -101.12 5.10 39.11
N ARG H 1232 -100.21 5.16 40.03
CA ARG H 1232 -100.58 5.61 41.34
C ARG H 1232 -100.67 7.14 41.36
N PRO H 1233 -101.55 7.70 42.17
CA PRO H 1233 -101.63 9.16 42.27
C PRO H 1233 -100.33 9.72 42.80
N VAL H 1234 -100.05 10.97 42.42
CA VAL H 1234 -98.81 11.61 42.82
C VAL H 1234 -98.74 11.69 44.33
N THR H 1235 -97.62 11.22 44.90
CA THR H 1235 -97.36 11.41 46.31
C THR H 1235 -97.15 12.87 46.59
N THR H 1236 -97.77 13.39 47.64
CA THR H 1236 -97.61 14.76 48.04
C THR H 1236 -96.99 14.84 49.43
N TRP H 1237 -96.24 15.91 49.65
CA TRP H 1237 -95.67 16.23 50.94
C TRP H 1237 -96.26 17.55 51.41
N PHE H 1238 -96.46 17.68 52.72
CA PHE H 1238 -97.01 18.89 53.28
C PHE H 1238 -96.12 19.38 54.41
N SER H 1239 -96.26 20.66 54.73
CA SER H 1239 -95.45 21.29 55.77
C SER H 1239 -96.11 21.02 57.10
N LYS H 1240 -95.52 20.13 57.89
CA LYS H 1240 -96.07 19.77 59.18
C LYS H 1240 -95.55 20.74 60.23
N SER H 1241 -96.45 21.44 60.90
CA SER H 1241 -96.10 22.43 61.91
C SER H 1241 -95.98 21.81 63.29
N LEU H 1242 -95.15 20.78 63.40
CA LEU H 1242 -94.77 20.22 64.69
C LEU H 1242 -93.29 20.52 64.89
N PRO H 1243 -92.92 21.33 65.87
CA PRO H 1243 -91.51 21.65 66.06
C PRO H 1243 -90.68 20.39 66.32
N GLN H 1244 -89.52 20.36 65.70
CA GLN H 1244 -88.60 19.24 65.80
C GLN H 1244 -87.20 19.79 65.99
N PHE H 1245 -86.34 19.00 66.61
CA PHE H 1245 -84.96 19.37 66.81
C PHE H 1245 -84.12 18.93 65.62
N GLU H 1246 -83.34 19.84 65.07
CA GLU H 1246 -82.49 19.58 63.93
C GLU H 1246 -81.13 20.22 64.15
N PRO H 1247 -80.09 19.69 63.51
CA PRO H 1247 -78.75 20.27 63.69
C PRO H 1247 -78.71 21.71 63.20
N VAL H 1248 -77.86 22.50 63.85
CA VAL H 1248 -77.68 23.89 63.43
C VAL H 1248 -76.97 23.87 62.08
N PRO H 1249 -77.57 24.42 61.03
CA PRO H 1249 -76.93 24.39 59.73
C PRO H 1249 -75.60 25.13 59.78
N PRO H 1250 -74.58 24.61 59.11
CA PRO H 1250 -73.26 25.25 59.16
C PRO H 1250 -73.26 26.64 58.58
N GLU H 1251 -74.22 26.95 57.73
CA GLU H 1251 -74.28 28.24 57.03
C GLU H 1251 -75.45 29.09 57.54
N HIS H 1252 -75.86 28.86 58.78
CA HIS H 1252 -76.96 29.64 59.33
C HIS H 1252 -76.54 31.10 59.40
N PRO H 1253 -77.37 32.03 58.94
CA PRO H 1253 -76.95 33.44 58.92
C PRO H 1253 -76.67 34.01 60.30
N HIS H 1254 -77.38 33.55 61.32
CA HIS H 1254 -77.34 34.22 62.62
C HIS H 1254 -76.59 33.47 63.70
N TYR H 1255 -76.61 32.15 63.68
CA TYR H 1255 -76.10 31.35 64.78
C TYR H 1255 -74.88 30.57 64.31
N GLU H 1256 -73.87 30.49 65.16
CA GLU H 1256 -72.66 29.75 64.87
C GLU H 1256 -72.31 28.91 66.09
N VAL H 1257 -71.92 27.67 65.86
CA VAL H 1257 -71.54 26.75 66.92
C VAL H 1257 -70.10 26.34 66.70
N ALA H 1258 -69.27 26.49 67.74
CA ALA H 1258 -67.85 26.19 67.67
C ALA H 1258 -67.53 25.07 68.63
N ARG H 1259 -66.82 24.06 68.13
CA ARG H 1259 -66.42 22.92 68.95
C ARG H 1259 -65.03 23.19 69.51
N MET H 1260 -64.97 23.64 70.76
CA MET H 1260 -63.73 23.99 71.40
C MET H 1260 -63.10 22.75 72.01
N ASP H 1261 -61.84 22.49 71.67
CA ASP H 1261 -61.15 21.32 72.19
C ASP H 1261 -60.81 21.50 73.66
N GLY H 1262 -60.50 20.40 74.32
CA GLY H 1262 -60.20 20.43 75.74
C GLY H 1262 -58.77 20.82 76.05
N THR H 1263 -58.60 21.92 76.78
CA THR H 1263 -57.28 22.35 77.21
C THR H 1263 -56.93 21.66 78.54
N VAL H 1264 -55.81 22.06 79.14
CA VAL H 1264 -55.42 21.48 80.42
C VAL H 1264 -56.38 21.92 81.51
N ASP H 1265 -56.86 23.16 81.45
CA ASP H 1265 -57.71 23.71 82.49
C ASP H 1265 -59.18 23.79 82.11
N THR H 1266 -59.54 23.44 80.88
CA THR H 1266 -60.92 23.50 80.45
C THR H 1266 -61.34 22.18 79.82
N PRO H 1267 -62.62 21.83 79.91
CA PRO H 1267 -63.11 20.64 79.24
C PRO H 1267 -63.55 20.96 77.84
N PRO H 1268 -63.75 19.95 76.99
CA PRO H 1268 -64.28 20.23 75.65
C PRO H 1268 -65.64 20.89 75.71
N CYS H 1269 -65.86 21.85 74.82
CA CYS H 1269 -67.02 22.71 74.91
C CYS H 1269 -67.68 22.86 73.54
N LEU H 1270 -68.96 23.20 73.58
CA LEU H 1270 -69.75 23.55 72.41
C LEU H 1270 -70.26 24.96 72.65
N ARG H 1271 -69.73 25.92 71.92
CA ARG H 1271 -70.00 27.33 72.16
C ARG H 1271 -70.91 27.89 71.08
N LEU H 1272 -71.92 28.65 71.50
CA LEU H 1272 -72.90 29.25 70.60
C LEU H 1272 -72.63 30.74 70.46
N ALA H 1273 -72.53 31.20 69.23
CA ALA H 1273 -72.23 32.60 68.96
C ALA H 1273 -73.29 33.18 68.04
N HIS H 1274 -73.64 34.43 68.28
CA HIS H 1274 -74.57 35.15 67.44
C HIS H 1274 -73.79 35.88 66.36
N ARG H 1275 -74.00 35.50 65.10
CA ARG H 1275 -73.19 36.04 64.01
C ARG H 1275 -73.47 37.52 63.81
N THR H 1276 -74.73 37.93 63.87
CA THR H 1276 -75.15 39.25 63.42
C THR H 1276 -75.57 40.15 64.57
N TRP H 1277 -75.13 39.86 65.79
CA TRP H 1277 -75.62 40.61 66.93
C TRP H 1277 -75.27 42.07 66.83
N GLY H 1278 -76.25 42.93 67.07
CA GLY H 1278 -76.08 44.36 67.04
C GLY H 1278 -76.37 45.01 65.70
N SER H 1279 -75.99 44.36 64.60
CA SER H 1279 -76.14 44.97 63.30
C SER H 1279 -77.62 45.01 62.90
N GLN H 1280 -77.89 45.81 61.87
CA GLN H 1280 -79.22 45.84 61.28
C GLN H 1280 -79.53 44.50 60.63
N ASN H 1281 -80.77 44.04 60.82
CA ASN H 1281 -81.40 42.80 60.36
C ASN H 1281 -81.14 41.62 61.29
N SER H 1282 -80.46 41.82 62.41
CA SER H 1282 -80.18 40.72 63.32
C SER H 1282 -81.46 40.10 63.84
N LEU H 1283 -81.45 38.78 63.97
CA LEU H 1283 -82.58 38.05 64.50
C LEU H 1283 -82.37 37.82 65.98
N VAL H 1284 -83.30 38.32 66.80
CA VAL H 1284 -83.23 38.17 68.25
C VAL H 1284 -84.54 37.54 68.68
N GLU H 1285 -84.51 36.23 68.94
CA GLU H 1285 -85.70 35.51 69.32
C GLU H 1285 -85.26 34.32 70.17
N MET H 1286 -86.23 33.73 70.87
CA MET H 1286 -85.95 32.58 71.71
C MET H 1286 -85.32 31.47 70.89
N LEU H 1287 -84.28 30.86 71.43
CA LEU H 1287 -83.58 29.77 70.79
C LEU H 1287 -83.62 28.56 71.71
N PHE H 1288 -84.09 27.44 71.18
CA PHE H 1288 -84.22 26.21 71.95
C PHE H 1288 -83.14 25.24 71.46
N LEU H 1289 -82.19 24.93 72.32
CA LEU H 1289 -81.05 24.10 71.96
C LEU H 1289 -81.08 22.81 72.77
N ARG H 1290 -80.55 21.76 72.17
CA ARG H 1290 -80.32 20.52 72.89
C ARG H 1290 -79.20 19.77 72.20
N LEU H 1291 -78.59 18.85 72.94
CA LEU H 1291 -77.56 17.99 72.38
C LEU H 1291 -78.20 16.80 71.68
N SER H 1292 -77.49 16.27 70.69
CA SER H 1292 -78.08 15.26 69.83
C SER H 1292 -78.23 13.91 70.51
N LEU H 1293 -77.54 13.67 71.62
CA LEU H 1293 -77.60 12.34 72.18
C LEU H 1293 -78.16 12.37 73.59
N PRO H 1294 -78.95 11.38 73.96
CA PRO H 1294 -79.57 11.38 75.29
C PRO H 1294 -78.75 10.59 76.31
N VAL H 1295 -79.09 10.79 77.57
CA VAL H 1295 -78.66 9.93 78.66
C VAL H 1295 -79.88 9.16 79.12
N GLN H 1296 -79.73 7.86 79.29
CA GLN H 1296 -80.86 7.00 79.60
C GLN H 1296 -80.74 6.48 81.02
N PHE H 1297 -81.79 6.66 81.80
CA PHE H 1297 -81.79 6.14 83.15
C PHE H 1297 -81.90 4.62 83.13
N HIS H 1298 -81.44 4.00 84.21
CA HIS H 1298 -81.33 2.56 84.25
C HIS H 1298 -82.71 1.91 84.25
N GLN H 1299 -82.73 0.62 83.92
CA GLN H 1299 -83.98 -0.11 83.87
C GLN H 1299 -84.55 -0.32 85.27
N HIS H 1300 -83.68 -0.53 86.25
CA HIS H 1300 -84.09 -0.72 87.64
C HIS H 1300 -83.33 0.25 88.52
N PHE H 1301 -84.03 0.85 89.46
CA PHE H 1301 -83.42 1.75 90.42
C PHE H 1301 -82.94 0.98 91.65
N ARG H 1302 -81.90 1.52 92.29
CA ARG H 1302 -81.42 0.93 93.53
C ARG H 1302 -82.46 1.06 94.62
N CYS H 1303 -82.53 0.05 95.48
CA CYS H 1303 -83.47 0.07 96.59
C CYS H 1303 -83.09 1.16 97.59
N THR H 1304 -84.10 1.83 98.12
CA THR H 1304 -83.93 2.91 99.09
C THR H 1304 -83.00 4.01 98.56
N ASP H 1419 -54.57 19.19 95.58
CA ASP H 1419 -55.78 18.45 95.92
C ASP H 1419 -56.55 18.03 94.69
N ASN H 1420 -57.76 17.51 94.92
CA ASN H 1420 -58.73 17.22 93.87
C ASN H 1420 -58.18 16.19 92.88
N ARG H 1421 -58.20 14.92 93.29
CA ARG H 1421 -58.07 13.78 92.38
C ARG H 1421 -59.18 12.80 92.71
N ASP H 1422 -59.75 12.18 91.68
CA ASP H 1422 -60.83 11.24 91.89
C ASP H 1422 -60.30 9.97 92.55
N ASP H 1423 -61.08 9.43 93.46
CA ASP H 1423 -60.79 8.10 94.00
C ASP H 1423 -61.15 7.06 92.94
N PRO H 1424 -60.22 6.20 92.52
CA PRO H 1424 -60.55 5.25 91.44
C PRO H 1424 -61.73 4.34 91.75
N GLU H 1425 -61.82 3.82 92.97
CA GLU H 1425 -62.91 2.91 93.28
C GLU H 1425 -64.25 3.63 93.28
N ILE H 1426 -64.29 4.88 93.76
CA ILE H 1426 -65.54 5.63 93.73
C ILE H 1426 -65.92 5.99 92.30
N ILE H 1427 -64.97 6.51 91.52
CA ILE H 1427 -65.28 7.00 90.19
C ILE H 1427 -65.64 5.85 89.25
N LEU H 1428 -65.11 4.66 89.50
CA LEU H 1428 -65.44 3.52 88.65
C LEU H 1428 -66.74 2.84 89.05
N ASN H 1429 -67.33 3.22 90.17
CA ASN H 1429 -68.58 2.63 90.62
C ASN H 1429 -69.71 3.64 90.73
N THR H 1430 -69.44 4.92 90.50
CA THR H 1430 -70.48 5.93 90.59
C THR H 1430 -71.41 5.86 89.38
N THR H 1431 -72.64 6.30 89.58
CA THR H 1431 -73.61 6.43 88.52
C THR H 1431 -74.09 7.86 88.34
N THR H 1432 -73.33 8.83 88.83
CA THR H 1432 -73.67 10.23 88.72
C THR H 1432 -72.91 10.85 87.57
N TYR H 1433 -73.61 11.58 86.71
CA TYR H 1433 -73.03 12.20 85.54
C TYR H 1433 -73.32 13.68 85.55
N TYR H 1434 -72.41 14.44 84.95
CA TYR H 1434 -72.37 15.88 85.11
C TYR H 1434 -72.18 16.56 83.77
N TYR H 1435 -72.78 17.74 83.64
CA TYR H 1435 -72.51 18.63 82.52
C TYR H 1435 -72.91 20.02 82.95
N SER H 1436 -72.16 21.01 82.49
CA SER H 1436 -72.35 22.38 82.92
C SER H 1436 -72.51 23.29 81.73
N VAL H 1437 -73.18 24.42 81.95
CA VAL H 1437 -73.41 25.43 80.94
C VAL H 1437 -72.86 26.75 81.44
N ARG H 1438 -72.05 27.41 80.63
CA ARG H 1438 -71.43 28.68 80.99
C ARG H 1438 -72.13 29.81 80.25
N VAL H 1439 -72.78 30.70 81.00
CA VAL H 1439 -73.46 31.84 80.43
C VAL H 1439 -72.49 33.02 80.45
N PHE H 1440 -72.06 33.45 79.27
CA PHE H 1440 -71.03 34.47 79.19
C PHE H 1440 -71.53 35.80 79.72
N ALA H 1441 -70.59 36.60 80.22
CA ALA H 1441 -70.92 37.94 80.68
C ALA H 1441 -71.47 38.75 79.52
N GLY H 1442 -72.58 39.45 79.76
CA GLY H 1442 -73.30 40.15 78.74
C GLY H 1442 -74.61 39.48 78.35
N GLN H 1443 -74.66 38.16 78.43
CA GLN H 1443 -75.92 37.45 78.27
C GLN H 1443 -76.65 37.46 79.60
N GLU H 1444 -77.84 38.01 79.62
CA GLU H 1444 -78.58 38.13 80.86
C GLU H 1444 -78.96 36.74 81.37
N PRO H 1445 -78.62 36.39 82.61
CA PRO H 1445 -79.04 35.09 83.13
C PRO H 1445 -80.53 34.94 83.18
N SER H 1446 -81.28 36.04 83.27
CA SER H 1446 -82.73 35.98 83.28
C SER H 1446 -83.30 35.46 81.97
N CYS H 1447 -82.48 35.38 80.92
CA CYS H 1447 -82.92 34.91 79.62
C CYS H 1447 -82.31 33.57 79.25
N VAL H 1448 -81.86 32.78 80.23
CA VAL H 1448 -81.26 31.48 79.99
C VAL H 1448 -81.93 30.45 80.89
N TRP H 1449 -82.35 29.34 80.30
CA TRP H 1449 -82.87 28.20 81.04
C TRP H 1449 -81.98 27.00 80.74
N VAL H 1450 -81.54 26.30 81.77
CA VAL H 1450 -80.60 25.20 81.64
C VAL H 1450 -81.20 23.96 82.29
N GLY H 1451 -81.11 22.83 81.59
CA GLY H 1451 -81.63 21.59 82.14
C GLY H 1451 -81.67 20.44 81.16
N TRP H 1452 -82.78 19.71 81.13
CA TRP H 1452 -82.94 18.57 80.25
C TRP H 1452 -84.32 18.61 79.61
N VAL H 1453 -84.45 17.93 78.47
CA VAL H 1453 -85.73 17.74 77.80
C VAL H 1453 -85.87 16.27 77.44
N THR H 1454 -87.06 15.72 77.60
CA THR H 1454 -87.37 14.39 77.14
C THR H 1454 -87.62 14.40 75.65
N PRO H 1455 -87.49 13.27 74.98
CA PRO H 1455 -87.54 13.27 73.51
C PRO H 1455 -88.86 13.69 72.90
N ASP H 1456 -89.86 14.03 73.71
CA ASP H 1456 -91.15 14.46 73.21
C ASP H 1456 -91.42 15.92 73.53
N TYR H 1457 -90.40 16.76 73.42
CA TYR H 1457 -90.55 18.20 73.60
C TYR H 1457 -90.75 18.86 72.25
N HIS H 1458 -91.93 19.40 72.02
CA HIS H 1458 -92.25 20.09 70.77
C HIS H 1458 -92.93 21.42 71.04
N GLN H 1459 -92.38 22.19 71.96
CA GLN H 1459 -92.98 23.46 72.38
C GLN H 1459 -92.08 24.60 71.93
N HIS H 1460 -92.43 25.22 70.82
CA HIS H 1460 -91.67 26.32 70.25
C HIS H 1460 -92.29 27.65 70.67
N ASP H 1461 -92.27 27.87 71.99
CA ASP H 1461 -92.97 29.00 72.58
C ASP H 1461 -92.09 30.23 72.56
N MET H 1462 -92.56 31.29 71.92
CA MET H 1462 -91.79 32.51 71.77
C MET H 1462 -91.74 33.35 73.04
N ASN H 1463 -92.54 33.00 74.05
CA ASN H 1463 -92.55 33.69 75.32
C ASN H 1463 -92.35 32.70 76.45
N PHE H 1464 -91.32 31.87 76.33
CA PHE H 1464 -91.16 30.73 77.23
C PHE H 1464 -90.86 31.20 78.64
N ASP H 1465 -91.44 30.49 79.60
CA ASP H 1465 -90.99 30.52 80.99
C ASP H 1465 -91.45 29.23 81.64
N LEU H 1466 -90.88 28.92 82.80
CA LEU H 1466 -91.08 27.60 83.39
C LEU H 1466 -92.53 27.31 83.69
N SER H 1467 -93.38 28.34 83.74
CA SER H 1467 -94.81 28.12 83.90
C SER H 1467 -95.47 27.53 82.67
N LYS H 1468 -94.83 27.63 81.50
CA LYS H 1468 -95.38 27.05 80.29
C LYS H 1468 -95.04 25.58 80.11
N VAL H 1469 -94.17 25.02 80.96
CA VAL H 1469 -93.72 23.65 80.77
C VAL H 1469 -94.87 22.71 81.03
N ARG H 1470 -95.05 21.74 80.13
CA ARG H 1470 -96.08 20.73 80.32
C ARG H 1470 -95.83 19.94 81.60
N ALA H 1471 -96.90 19.72 82.36
CA ALA H 1471 -96.80 18.96 83.58
C ALA H 1471 -98.12 18.26 83.84
N VAL H 1472 -98.05 17.14 84.56
CA VAL H 1472 -99.23 16.38 84.94
C VAL H 1472 -98.80 15.42 86.04
N THR H 1473 -99.71 15.17 86.97
CA THR H 1473 -99.50 14.21 88.05
C THR H 1473 -100.50 13.09 87.91
N VAL H 1474 -100.01 11.86 87.99
CA VAL H 1474 -100.85 10.67 87.87
C VAL H 1474 -100.89 9.98 89.21
N THR H 1475 -102.08 9.86 89.80
CA THR H 1475 -102.24 9.41 91.17
C THR H 1475 -103.10 8.16 91.23
N MET H 1476 -102.57 7.11 91.83
CA MET H 1476 -103.30 5.86 92.04
C MET H 1476 -103.60 5.67 93.52
N GLY H 1477 -104.69 4.96 93.80
CA GLY H 1477 -105.13 4.71 95.16
C GLY H 1477 -105.76 3.35 95.28
N ASP H 1478 -106.24 3.04 96.47
CA ASP H 1478 -106.96 1.80 96.72
C ASP H 1478 -108.46 2.06 96.55
N GLU H 1479 -109.28 1.11 97.03
CA GLU H 1479 -110.73 1.22 96.84
C GLU H 1479 -111.30 2.46 97.51
N GLN H 1480 -110.64 2.96 98.57
CA GLN H 1480 -111.14 4.11 99.33
C GLN H 1480 -110.00 5.11 99.50
N GLY H 1481 -109.78 5.96 98.50
CA GLY H 1481 -108.73 6.95 98.59
C GLY H 1481 -107.36 6.32 98.75
N ASN H 1482 -106.66 6.72 99.81
CA ASN H 1482 -105.38 6.12 100.19
C ASN H 1482 -104.40 6.11 99.01
N VAL H 1483 -104.04 7.32 98.58
CA VAL H 1483 -103.04 7.49 97.54
C VAL H 1483 -101.78 6.74 97.94
N HIS H 1484 -101.37 5.77 97.12
CA HIS H 1484 -100.14 5.04 97.38
C HIS H 1484 -99.11 5.25 96.29
N SER H 1485 -99.40 6.09 95.30
CA SER H 1485 -98.45 6.35 94.21
C SER H 1485 -98.85 7.67 93.57
N SER H 1486 -97.90 8.57 93.40
CA SER H 1486 -98.16 9.89 92.83
C SER H 1486 -96.95 10.27 91.99
N LEU H 1487 -96.98 9.93 90.71
CA LEU H 1487 -95.89 10.23 89.80
C LEU H 1487 -96.14 11.56 89.12
N LYS H 1488 -95.08 12.36 89.02
CA LYS H 1488 -95.14 13.67 88.39
C LYS H 1488 -94.41 13.59 87.05
N CYS H 1489 -95.09 14.00 85.98
CA CYS H 1489 -94.59 13.83 84.63
C CYS H 1489 -94.39 15.19 83.98
N SER H 1490 -93.40 15.27 83.09
CA SER H 1490 -93.12 16.48 82.36
C SER H 1490 -92.22 16.12 81.19
N ASN H 1491 -91.95 17.10 80.35
CA ASN H 1491 -91.05 16.91 79.21
C ASN H 1491 -89.85 17.83 79.25
N CYS H 1492 -89.70 18.65 80.29
CA CYS H 1492 -88.69 19.70 80.30
C CYS H 1492 -88.30 19.96 81.75
N TYR H 1493 -87.10 19.57 82.13
CA TYR H 1493 -86.59 19.72 83.49
C TYR H 1493 -85.46 20.72 83.45
N MET H 1494 -85.75 21.97 83.79
CA MET H 1494 -84.75 23.03 83.73
C MET H 1494 -84.82 23.88 84.98
N VAL H 1495 -83.81 24.73 85.14
CA VAL H 1495 -83.81 25.75 86.17
C VAL H 1495 -83.58 27.09 85.49
N TRP H 1496 -84.26 28.11 86.01
CA TRP H 1496 -84.19 29.45 85.46
C TRP H 1496 -82.86 30.09 85.84
N GLY H 1497 -82.26 30.80 84.90
CA GLY H 1497 -81.02 31.49 85.20
C GLY H 1497 -81.18 32.64 86.16
N GLY H 1498 -82.39 33.17 86.29
CA GLY H 1498 -82.63 34.29 87.18
C GLY H 1498 -82.71 33.93 88.63
N ASP H 1499 -82.72 32.65 88.98
CA ASP H 1499 -82.70 32.23 90.36
C ASP H 1499 -81.31 32.25 90.96
N PHE H 1500 -80.28 32.53 90.15
CA PHE H 1500 -78.90 32.42 90.59
C PHE H 1500 -78.21 33.77 90.58
N VAL H 1501 -78.97 34.86 90.49
CA VAL H 1501 -78.42 36.20 90.50
C VAL H 1501 -78.88 36.90 91.76
N SER H 1502 -77.93 37.38 92.55
CA SER H 1502 -78.28 38.09 93.77
C SER H 1502 -78.98 39.41 93.44
N PRO H 1503 -79.99 39.80 94.21
CA PRO H 1503 -80.71 41.03 93.90
C PRO H 1503 -79.87 42.28 94.16
N GLY H 1504 -78.82 42.47 93.38
CA GLY H 1504 -77.97 43.64 93.55
C GLY H 1504 -78.64 44.91 93.06
N GLN H 1505 -78.04 46.04 93.43
CA GLN H 1505 -78.56 47.33 93.00
C GLN H 1505 -78.56 47.44 91.48
N GLN H 1506 -77.43 47.14 90.86
CA GLN H 1506 -77.29 47.12 89.41
C GLN H 1506 -76.00 46.38 89.10
N GLY H 1507 -75.55 46.45 87.86
CA GLY H 1507 -74.44 45.62 87.44
C GLY H 1507 -74.86 44.20 87.13
N ARG H 1508 -76.10 44.02 86.66
CA ARG H 1508 -76.60 42.67 86.38
C ARG H 1508 -75.79 42.03 85.26
N ILE H 1509 -75.07 42.83 84.47
CA ILE H 1509 -74.09 42.31 83.54
C ILE H 1509 -72.82 42.10 84.35
N SER H 1510 -72.71 40.95 84.98
CA SER H 1510 -71.60 40.71 85.88
C SER H 1510 -70.29 40.62 85.12
N HIS H 1511 -69.20 40.89 85.82
CA HIS H 1511 -67.90 40.53 85.29
C HIS H 1511 -67.78 39.01 85.16
N THR H 1512 -68.38 38.27 86.09
CA THR H 1512 -68.23 36.83 86.16
C THR H 1512 -69.34 36.15 85.37
N ASP H 1513 -68.97 35.18 84.54
CA ASP H 1513 -69.94 34.36 83.86
C ASP H 1513 -70.64 33.45 84.85
N LEU H 1514 -71.86 33.05 84.53
CA LEU H 1514 -72.59 32.09 85.33
C LEU H 1514 -72.30 30.69 84.81
N VAL H 1515 -72.07 29.74 85.72
CA VAL H 1515 -71.79 28.36 85.34
C VAL H 1515 -72.81 27.48 86.04
N ILE H 1516 -73.91 27.17 85.36
CA ILE H 1516 -74.93 26.28 85.90
C ILE H 1516 -74.51 24.84 85.62
N GLY H 1517 -74.52 24.01 86.65
CA GLY H 1517 -74.17 22.60 86.51
C GLY H 1517 -75.36 21.71 86.73
N CYS H 1518 -75.39 20.60 86.00
CA CYS H 1518 -76.49 19.66 86.04
C CYS H 1518 -75.97 18.27 86.36
N LEU H 1519 -76.46 17.68 87.45
CA LEU H 1519 -76.07 16.35 87.89
C LEU H 1519 -77.26 15.43 87.76
N VAL H 1520 -77.04 14.22 87.25
CA VAL H 1520 -78.07 13.21 87.15
C VAL H 1520 -77.50 11.89 87.66
N ASP H 1521 -78.27 11.19 88.47
CA ASP H 1521 -77.91 9.88 88.98
C ASP H 1521 -78.77 8.85 88.26
N LEU H 1522 -78.17 8.13 87.32
CA LEU H 1522 -78.92 7.21 86.47
C LEU H 1522 -79.41 5.99 87.22
N ALA H 1523 -78.96 5.78 88.46
CA ALA H 1523 -79.39 4.63 89.23
C ALA H 1523 -80.50 4.96 90.21
N THR H 1524 -80.74 6.23 90.49
CA THR H 1524 -81.78 6.63 91.41
C THR H 1524 -82.81 7.57 90.80
N GLY H 1525 -82.55 8.15 89.65
CA GLY H 1525 -83.53 9.01 89.01
C GLY H 1525 -83.61 10.40 89.58
N LEU H 1526 -82.63 10.82 90.36
CA LEU H 1526 -82.63 12.11 91.02
C LEU H 1526 -81.71 13.07 90.28
N MET H 1527 -82.20 14.26 89.98
CA MET H 1527 -81.44 15.27 89.27
C MET H 1527 -81.36 16.54 90.10
N THR H 1528 -80.16 17.08 90.21
CA THR H 1528 -79.91 18.28 91.00
C THR H 1528 -79.08 19.25 90.19
N PHE H 1529 -79.03 20.50 90.64
CA PHE H 1529 -78.35 21.56 89.91
C PHE H 1529 -77.48 22.36 90.86
N THR H 1530 -76.40 22.93 90.31
CA THR H 1530 -75.47 23.75 91.09
C THR H 1530 -75.32 25.10 90.41
N ALA H 1531 -75.36 26.17 91.23
CA ALA H 1531 -75.38 27.52 90.68
C ALA H 1531 -73.99 28.00 90.31
N ASN H 1532 -73.08 28.04 91.26
CA ASN H 1532 -71.67 28.39 91.03
C ASN H 1532 -70.78 27.54 91.90
N GLY H 1533 -71.03 26.24 91.91
CA GLY H 1533 -70.50 25.36 92.92
C GLY H 1533 -71.39 25.26 94.14
N LYS H 1534 -72.42 26.08 94.24
CA LYS H 1534 -73.37 26.03 95.33
C LYS H 1534 -74.59 25.23 94.91
N GLU H 1535 -74.95 24.23 95.71
CA GLU H 1535 -76.10 23.41 95.39
C GLU H 1535 -77.36 24.24 95.36
N SER H 1536 -78.21 24.00 94.38
CA SER H 1536 -79.48 24.69 94.25
C SER H 1536 -80.56 23.94 95.01
N ASN H 1537 -81.67 24.64 95.27
CA ASN H 1537 -82.78 24.04 95.97
C ASN H 1537 -83.60 23.13 95.08
N THR H 1538 -83.74 23.49 93.81
CA THR H 1538 -84.61 22.75 92.90
C THR H 1538 -84.02 21.38 92.55
N PHE H 1539 -84.90 20.40 92.44
CA PHE H 1539 -84.52 19.05 92.05
C PHE H 1539 -85.72 18.37 91.42
N PHE H 1540 -85.45 17.30 90.68
CA PHE H 1540 -86.50 16.53 90.04
C PHE H 1540 -86.24 15.05 90.23
N GLN H 1541 -87.28 14.26 90.09
CA GLN H 1541 -87.22 12.81 90.18
C GLN H 1541 -87.86 12.24 88.94
N VAL H 1542 -87.20 11.27 88.30
CA VAL H 1542 -87.69 10.69 87.06
C VAL H 1542 -87.74 9.17 87.18
N GLU H 1543 -88.57 8.57 86.35
CA GLU H 1543 -88.79 7.13 86.37
C GLU H 1543 -87.70 6.40 85.59
N PRO H 1544 -87.55 5.11 85.81
CA PRO H 1544 -86.56 4.33 85.05
C PRO H 1544 -86.88 4.31 83.56
N ASN H 1545 -85.83 4.10 82.76
CA ASN H 1545 -85.83 4.10 81.30
C ASN H 1545 -86.07 5.47 80.70
N THR H 1546 -85.99 6.53 81.50
CA THR H 1546 -86.21 7.87 80.97
C THR H 1546 -85.01 8.32 80.14
N LYS H 1547 -85.29 8.91 78.99
CA LYS H 1547 -84.28 9.50 78.13
C LYS H 1547 -84.29 11.01 78.31
N LEU H 1548 -83.10 11.58 78.53
CA LEU H 1548 -82.98 13.01 78.73
C LEU H 1548 -81.89 13.57 77.84
N PHE H 1549 -82.16 14.67 77.22
CA PHE H 1549 -81.23 15.39 76.38
C PHE H 1549 -80.75 16.63 77.10
N PRO H 1550 -79.46 16.89 77.17
CA PRO H 1550 -79.00 18.20 77.68
C PRO H 1550 -79.57 19.31 76.83
N ALA H 1551 -80.25 20.25 77.46
CA ALA H 1551 -80.94 21.28 76.72
C ALA H 1551 -80.67 22.64 77.36
N VAL H 1552 -80.57 23.66 76.51
CA VAL H 1552 -80.47 25.04 76.95
C VAL H 1552 -81.41 25.87 76.10
N PHE H 1553 -82.26 26.65 76.75
CA PHE H 1553 -83.14 27.60 76.09
C PHE H 1553 -82.64 28.99 76.43
N VAL H 1554 -82.47 29.83 75.42
CA VAL H 1554 -81.85 31.14 75.64
C VAL H 1554 -82.49 32.16 74.71
N LEU H 1555 -82.60 33.40 75.20
CA LEU H 1555 -82.93 34.54 74.37
C LEU H 1555 -81.68 35.39 74.25
N PRO H 1556 -80.99 35.38 73.11
CA PRO H 1556 -79.66 36.00 73.04
C PRO H 1556 -79.70 37.49 73.31
N THR H 1557 -78.71 37.95 74.08
CA THR H 1557 -78.51 39.38 74.29
C THR H 1557 -77.05 39.77 74.15
N HIS H 1558 -76.24 38.97 73.44
CA HIS H 1558 -74.82 39.26 73.35
C HIS H 1558 -74.25 38.41 72.22
N GLN H 1559 -73.04 38.78 71.78
CA GLN H 1559 -72.38 38.00 70.74
C GLN H 1559 -72.07 36.59 71.23
N ASN H 1560 -71.63 36.48 72.47
CA ASN H 1560 -71.37 35.19 73.10
C ASN H 1560 -72.56 34.84 73.97
N VAL H 1561 -73.17 33.68 73.74
CA VAL H 1561 -74.41 33.36 74.43
C VAL H 1561 -74.19 32.33 75.52
N ILE H 1562 -73.90 31.09 75.13
CA ILE H 1562 -73.77 30.00 76.09
C ILE H 1562 -72.66 29.08 75.64
N GLN H 1563 -72.41 28.03 76.42
CA GLN H 1563 -71.32 27.12 76.13
C GLN H 1563 -71.61 25.81 76.86
N PHE H 1564 -71.88 24.74 76.11
CA PHE H 1564 -72.02 23.43 76.71
C PHE H 1564 -70.65 22.94 77.15
N GLU H 1565 -70.45 22.79 78.45
CA GLU H 1565 -69.18 22.34 78.99
C GLU H 1565 -69.31 20.87 79.37
N LEU H 1566 -68.73 20.00 78.56
CA LEU H 1566 -68.85 18.56 78.75
C LEU H 1566 -67.73 18.05 79.65
N GLY H 1567 -67.69 18.60 80.86
CA GLY H 1567 -66.64 18.31 81.82
C GLY H 1567 -67.07 17.30 82.85
N LYS H 1568 -66.43 17.39 84.03
CA LYS H 1568 -66.70 16.48 85.13
C LYS H 1568 -66.35 17.19 86.43
N GLN H 1569 -66.82 16.61 87.52
CA GLN H 1569 -66.48 17.04 88.86
C GLN H 1569 -65.60 15.98 89.53
N LYS H 1570 -65.33 16.18 90.81
CA LYS H 1570 -64.62 15.17 91.58
C LYS H 1570 -65.55 13.99 91.85
N ASN H 1571 -65.12 12.80 91.46
CA ASN H 1571 -65.87 11.56 91.67
C ASN H 1571 -67.22 11.58 90.94
N ILE H 1572 -67.32 12.35 89.86
CA ILE H 1572 -68.51 12.38 89.03
C ILE H 1572 -68.08 12.19 87.59
N MET H 1573 -68.73 11.27 86.91
CA MET H 1573 -68.41 10.83 85.57
C MET H 1573 -68.92 11.88 84.58
N PRO H 1574 -68.24 12.08 83.46
CA PRO H 1574 -68.73 13.01 82.45
C PRO H 1574 -69.82 12.38 81.59
N LEU H 1575 -70.36 13.20 80.67
CA LEU H 1575 -71.48 12.76 79.85
C LEU H 1575 -71.08 11.66 78.89
N SER H 1576 -69.87 11.71 78.34
CA SER H 1576 -69.48 10.72 77.33
C SER H 1576 -69.49 9.32 77.90
N ALA H 1577 -69.42 9.16 79.22
CA ALA H 1577 -69.59 7.85 79.79
C ALA H 1577 -71.03 7.37 79.71
N ALA H 1578 -71.99 8.25 79.97
CA ALA H 1578 -73.39 7.89 79.90
C ALA H 1578 -73.90 7.73 78.48
N MET H 1579 -73.44 8.57 77.56
CA MET H 1579 -73.94 8.52 76.19
C MET H 1579 -73.35 7.37 75.37
N PHE H 1580 -72.10 7.00 75.60
CA PHE H 1580 -71.42 6.03 74.75
C PHE H 1580 -71.06 4.79 75.54
N LEU H 1581 -71.37 3.62 74.97
CA LEU H 1581 -71.15 2.36 75.66
C LEU H 1581 -69.67 2.07 75.84
N SER H 1582 -68.86 2.38 74.84
CA SER H 1582 -67.44 2.08 74.90
C SER H 1582 -66.69 2.95 75.90
N GLU H 1583 -67.34 3.98 76.46
CA GLU H 1583 -66.71 4.87 77.42
C GLU H 1583 -67.35 4.80 78.80
N ARG H 1584 -68.03 3.69 79.12
CA ARG H 1584 -68.72 3.60 80.40
C ARG H 1584 -67.77 3.79 81.57
N LYS H 1585 -66.52 3.38 81.41
CA LYS H 1585 -65.54 3.45 82.47
C LYS H 1585 -64.42 4.44 82.16
N ASN H 1586 -64.64 5.35 81.24
CA ASN H 1586 -63.61 6.29 80.82
C ASN H 1586 -63.87 7.64 81.47
N PRO H 1587 -63.11 8.04 82.47
CA PRO H 1587 -63.37 9.33 83.13
C PRO H 1587 -62.85 10.53 82.36
N ALA H 1588 -62.17 10.33 81.25
CA ALA H 1588 -61.73 11.45 80.44
C ALA H 1588 -62.90 12.05 79.71
N PRO H 1589 -63.20 13.34 79.88
CA PRO H 1589 -64.28 13.95 79.13
C PRO H 1589 -64.02 13.91 77.63
N GLN H 1590 -65.08 13.70 76.86
CA GLN H 1590 -64.98 13.64 75.41
C GLN H 1590 -66.19 14.30 74.77
N CYS H 1591 -66.00 14.77 73.55
CA CYS H 1591 -67.08 15.31 72.71
C CYS H 1591 -66.93 14.71 71.31
N PRO H 1592 -67.35 13.47 71.12
CA PRO H 1592 -67.18 12.81 69.83
C PRO H 1592 -68.01 13.50 68.75
N PRO H 1593 -67.71 13.25 67.48
CA PRO H 1593 -68.38 14.01 66.42
C PRO H 1593 -69.88 13.84 66.38
N ARG H 1594 -70.41 12.74 66.90
CA ARG H 1594 -71.85 12.53 66.85
C ARG H 1594 -72.59 13.48 67.78
N LEU H 1595 -71.96 13.87 68.87
CA LEU H 1595 -72.56 14.79 69.83
C LEU H 1595 -72.48 16.20 69.29
N GLU H 1596 -73.63 16.82 69.03
CA GLU H 1596 -73.65 18.13 68.41
C GLU H 1596 -74.88 18.90 68.87
N VAL H 1597 -74.84 20.21 68.67
CA VAL H 1597 -75.92 21.09 69.11
C VAL H 1597 -77.02 21.08 68.07
N GLN H 1598 -78.25 20.85 68.52
CA GLN H 1598 -79.41 20.86 67.67
C GLN H 1598 -80.35 21.99 68.10
N MET H 1599 -81.08 22.54 67.14
CA MET H 1599 -82.02 23.62 67.38
C MET H 1599 -83.42 23.18 67.00
N LEU H 1600 -84.41 23.86 67.57
CA LEU H 1600 -85.81 23.50 67.36
C LEU H 1600 -86.36 24.26 66.17
N MET H 1601 -86.66 23.55 65.08
CA MET H 1601 -87.23 24.17 63.89
C MET H 1601 -88.74 24.01 63.92
N PRO H 1602 -89.51 25.05 63.61
CA PRO H 1602 -90.95 25.00 63.86
C PRO H 1602 -91.73 24.21 62.82
N VAL H 1603 -91.28 24.15 61.57
CA VAL H 1603 -92.01 23.50 60.50
C VAL H 1603 -91.08 22.56 59.76
N SER H 1604 -91.58 21.38 59.40
CA SER H 1604 -90.81 20.39 58.67
C SER H 1604 -91.68 19.79 57.58
N TRP H 1605 -91.02 19.24 56.57
CA TRP H 1605 -91.73 18.54 55.52
C TRP H 1605 -92.13 17.15 55.98
N SER H 1606 -93.36 16.77 55.71
CA SER H 1606 -93.84 15.44 56.03
C SER H 1606 -94.63 14.91 54.85
N ARG H 1607 -94.73 13.59 54.78
CA ARG H 1607 -95.31 12.90 53.64
C ARG H 1607 -96.75 12.53 53.90
N MET H 1608 -97.63 12.88 52.98
CA MET H 1608 -99.03 12.52 53.11
C MET H 1608 -99.21 11.03 52.81
N PRO H 1609 -99.90 10.29 53.66
CA PRO H 1609 -100.17 8.88 53.35
C PRO H 1609 -101.01 8.76 52.09
N ASN H 1610 -100.85 7.62 51.42
CA ASN H 1610 -101.63 7.39 50.21
C ASN H 1610 -103.09 7.11 50.52
N HIS H 1611 -103.36 6.39 51.61
CA HIS H 1611 -104.72 6.03 51.98
C HIS H 1611 -104.95 6.40 53.43
N PHE H 1612 -106.18 6.79 53.74
CA PHE H 1612 -106.54 7.23 55.08
C PHE H 1612 -107.71 6.40 55.60
N LEU H 1613 -107.78 6.28 56.92
CA LEU H 1613 -108.83 5.48 57.54
C LEU H 1613 -110.20 6.05 57.20
N GLN H 1614 -111.13 5.14 56.87
CA GLN H 1614 -112.49 5.51 56.53
C GLN H 1614 -113.33 5.46 57.80
N VAL H 1615 -113.68 6.62 58.34
CA VAL H 1615 -114.40 6.74 59.59
C VAL H 1615 -115.81 7.22 59.29
N GLU H 1616 -116.80 6.50 59.78
CA GLU H 1616 -118.20 6.85 59.61
C GLU H 1616 -118.74 7.37 60.94
N THR H 1617 -119.22 8.60 60.94
CA THR H 1617 -119.80 9.21 62.13
C THR H 1617 -121.22 9.65 61.81
N ARG H 1618 -122.14 9.33 62.71
CA ARG H 1618 -123.54 9.69 62.52
C ARG H 1618 -124.25 9.69 63.85
N ARG H 1619 -125.43 10.31 63.87
CA ARG H 1619 -126.28 10.36 65.05
C ARG H 1619 -127.17 9.13 65.06
N ALA H 1620 -126.87 8.18 65.95
CA ALA H 1620 -127.61 6.93 65.95
C ALA H 1620 -129.02 7.09 66.49
N GLY H 1621 -129.29 8.14 67.24
CA GLY H 1621 -130.62 8.36 67.76
C GLY H 1621 -130.59 9.28 68.96
N GLU H 1622 -131.78 9.60 69.44
CA GLU H 1622 -131.90 10.47 70.61
C GLU H 1622 -131.30 9.81 71.84
N ARG H 1623 -131.44 8.50 71.96
CA ARG H 1623 -130.90 7.79 73.10
C ARG H 1623 -129.53 7.19 72.83
N LEU H 1624 -129.31 6.67 71.62
CA LEU H 1624 -128.08 5.97 71.33
C LEU H 1624 -126.87 6.89 71.20
N GLY H 1625 -127.09 8.17 70.91
CA GLY H 1625 -125.98 9.09 70.82
C GLY H 1625 -125.37 9.14 69.43
N TRP H 1626 -124.08 9.44 69.39
CA TRP H 1626 -123.34 9.60 68.15
C TRP H 1626 -122.38 8.45 67.98
N ALA H 1627 -122.37 7.84 66.80
CA ALA H 1627 -121.62 6.62 66.54
C ALA H 1627 -120.36 6.91 65.74
N VAL H 1628 -119.27 6.25 66.11
CA VAL H 1628 -118.03 6.27 65.35
C VAL H 1628 -117.70 4.84 64.97
N GLN H 1629 -117.27 4.64 63.73
CA GLN H 1629 -117.06 3.30 63.21
C GLN H 1629 -115.90 3.30 62.23
N CYS H 1630 -115.05 2.28 62.30
CA CYS H 1630 -113.96 2.12 61.37
C CYS H 1630 -113.65 0.63 61.25
N GLN H 1631 -113.76 0.10 60.04
CA GLN H 1631 -113.64 -1.34 59.82
C GLN H 1631 -112.44 -1.73 58.98
N ASP H 1632 -112.13 -0.98 57.94
CA ASP H 1632 -111.06 -1.38 57.03
C ASP H 1632 -109.70 -1.10 57.64
N PRO H 1633 -108.83 -2.10 57.80
CA PRO H 1633 -107.52 -1.86 58.39
C PRO H 1633 -106.60 -1.13 57.43
N LEU H 1634 -105.62 -0.44 58.03
CA LEU H 1634 -104.55 0.21 57.29
C LEU H 1634 -103.26 0.03 58.07
N THR H 1635 -102.18 -0.27 57.35
CA THR H 1635 -100.89 -0.56 57.95
C THR H 1635 -99.82 0.25 57.24
N MET H 1636 -98.86 0.77 57.99
CA MET H 1636 -97.70 1.40 57.39
C MET H 1636 -96.44 0.80 57.98
N MET H 1637 -95.37 0.83 57.20
CA MET H 1637 -94.08 0.33 57.64
C MET H 1637 -93.31 1.50 58.24
N ALA H 1638 -93.08 1.45 59.53
CA ALA H 1638 -92.48 2.56 60.27
C ALA H 1638 -90.98 2.38 60.38
N LEU H 1639 -90.25 3.46 60.24
CA LEU H 1639 -88.82 3.49 60.50
C LEU H 1639 -88.59 4.21 61.81
N HIS H 1640 -87.88 3.57 62.73
CA HIS H 1640 -87.73 4.05 64.08
C HIS H 1640 -86.30 4.49 64.31
N ILE H 1641 -86.12 5.74 64.76
CA ILE H 1641 -84.82 6.25 65.16
C ILE H 1641 -84.70 6.04 66.67
N PRO H 1642 -83.85 5.12 67.12
CA PRO H 1642 -83.91 4.71 68.53
C PRO H 1642 -83.56 5.81 69.51
N GLU H 1643 -82.53 6.59 69.22
CA GLU H 1643 -82.09 7.59 70.19
C GLU H 1643 -83.12 8.71 70.35
N GLU H 1644 -83.77 9.10 69.26
CA GLU H 1644 -84.78 10.14 69.32
C GLU H 1644 -86.14 9.63 69.75
N ASN H 1645 -86.33 8.32 69.80
CA ASN H 1645 -87.58 7.71 70.24
C ASN H 1645 -88.77 8.22 69.42
N ARG H 1646 -88.57 8.30 68.11
CA ARG H 1646 -89.63 8.68 67.20
C ARG H 1646 -89.54 7.84 65.94
N CYS H 1647 -90.65 7.76 65.22
CA CYS H 1647 -90.70 6.96 64.01
C CYS H 1647 -91.26 7.80 62.87
N MET H 1648 -90.86 7.42 61.66
CA MET H 1648 -91.37 8.02 60.44
C MET H 1648 -91.72 6.91 59.48
N ASP H 1649 -92.58 7.23 58.53
CA ASP H 1649 -92.88 6.29 57.47
C ASP H 1649 -91.63 6.00 56.66
N ILE H 1650 -91.37 4.72 56.40
CA ILE H 1650 -90.17 4.37 55.66
C ILE H 1650 -90.23 4.92 54.25
N LEU H 1651 -91.42 5.21 53.74
CA LEU H 1651 -91.54 5.80 52.41
C LEU H 1651 -91.01 7.21 52.37
N GLU H 1652 -90.83 7.86 53.51
CA GLU H 1652 -90.19 9.17 53.52
C GLU H 1652 -88.73 9.09 53.14
N LEU H 1653 -88.16 7.90 53.11
CA LEU H 1653 -86.78 7.71 52.68
C LEU H 1653 -86.61 7.95 51.19
N SER H 1654 -87.66 8.36 50.49
CA SER H 1654 -87.51 8.76 49.09
C SER H 1654 -87.02 10.20 48.98
N GLU H 1655 -86.95 10.92 50.10
CA GLU H 1655 -86.37 12.25 50.12
C GLU H 1655 -85.25 12.41 51.12
N ARG H 1656 -85.16 11.54 52.13
CA ARG H 1656 -84.07 11.57 53.09
C ARG H 1656 -83.01 10.61 52.59
N LEU H 1657 -82.19 11.09 51.66
CA LEU H 1657 -81.29 10.21 50.93
C LEU H 1657 -80.20 9.64 51.81
N ASP H 1658 -79.74 10.38 52.83
CA ASP H 1658 -78.72 9.85 53.72
C ASP H 1658 -79.25 8.67 54.52
N LEU H 1659 -80.45 8.80 55.08
CA LEU H 1659 -81.06 7.67 55.76
C LEU H 1659 -81.32 6.53 54.81
N GLN H 1660 -81.71 6.83 53.56
CA GLN H 1660 -81.93 5.77 52.60
C GLN H 1660 -80.65 4.99 52.32
N ARG H 1661 -79.53 5.69 52.12
CA ARG H 1661 -78.27 4.98 51.90
C ARG H 1661 -77.87 4.17 53.13
N PHE H 1662 -77.99 4.77 54.32
CA PHE H 1662 -77.60 4.04 55.51
C PHE H 1662 -78.47 2.79 55.69
N HIS H 1663 -79.75 2.88 55.39
CA HIS H 1663 -80.62 1.73 55.58
C HIS H 1663 -80.41 0.67 54.51
N SER H 1664 -80.15 1.08 53.26
CA SER H 1664 -79.84 0.11 52.24
C SER H 1664 -78.56 -0.64 52.58
N HIS H 1665 -77.57 0.07 53.11
CA HIS H 1665 -76.35 -0.60 53.54
C HIS H 1665 -76.58 -1.43 54.80
N THR H 1666 -77.54 -1.05 55.63
CA THR H 1666 -77.93 -1.90 56.74
C THR H 1666 -78.48 -3.23 56.23
N LEU H 1667 -79.32 -3.18 55.21
CA LEU H 1667 -79.82 -4.40 54.60
C LEU H 1667 -78.69 -5.22 53.98
N ARG H 1668 -77.72 -4.53 53.37
CA ARG H 1668 -76.57 -5.23 52.82
C ARG H 1668 -75.79 -5.97 53.89
N LEU H 1669 -75.64 -5.34 55.06
CA LEU H 1669 -74.97 -5.99 56.17
C LEU H 1669 -75.78 -7.18 56.68
N TYR H 1670 -77.10 -7.05 56.70
CA TYR H 1670 -77.95 -8.17 57.07
C TYR H 1670 -77.70 -9.35 56.15
N ARG H 1671 -77.64 -9.09 54.84
CA ARG H 1671 -77.36 -10.16 53.90
C ARG H 1671 -75.98 -10.74 54.11
N ALA H 1672 -75.01 -9.90 54.43
CA ALA H 1672 -73.64 -10.37 54.62
C ALA H 1672 -73.52 -11.29 55.83
N VAL H 1673 -74.15 -10.94 56.95
CA VAL H 1673 -73.94 -11.72 58.16
C VAL H 1673 -74.56 -13.10 58.03
N CYS H 1674 -75.62 -13.25 57.26
CA CYS H 1674 -76.27 -14.53 57.04
C CYS H 1674 -75.84 -15.17 55.73
N ALA H 1675 -74.82 -14.63 55.08
CA ALA H 1675 -74.40 -15.13 53.77
C ALA H 1675 -73.78 -16.51 53.88
N LEU H 1676 -73.97 -17.30 52.83
CA LEU H 1676 -73.29 -18.57 52.65
C LEU H 1676 -73.57 -19.54 53.80
N GLY H 1677 -74.86 -19.76 54.02
CA GLY H 1677 -75.30 -20.83 54.90
C GLY H 1677 -75.20 -20.56 56.37
N ASN H 1678 -75.30 -19.31 56.82
CA ASN H 1678 -75.29 -19.00 58.25
C ASN H 1678 -76.73 -18.99 58.73
N ASN H 1679 -77.29 -20.19 58.87
CA ASN H 1679 -78.70 -20.32 59.20
C ASN H 1679 -79.00 -19.84 60.61
N ARG H 1680 -78.03 -19.95 61.52
CA ARG H 1680 -78.24 -19.43 62.87
C ARG H 1680 -78.45 -17.93 62.85
N VAL H 1681 -77.61 -17.21 62.10
CA VAL H 1681 -77.76 -15.77 61.99
C VAL H 1681 -79.01 -15.42 61.19
N ALA H 1682 -79.41 -16.26 60.24
CA ALA H 1682 -80.67 -16.01 59.54
C ALA H 1682 -81.85 -16.08 60.50
N HIS H 1683 -81.85 -17.09 61.37
CA HIS H 1683 -82.89 -17.15 62.39
C HIS H 1683 -82.85 -15.92 63.28
N ALA H 1684 -81.65 -15.47 63.64
CA ALA H 1684 -81.54 -14.24 64.41
C ALA H 1684 -82.16 -13.06 63.67
N LEU H 1685 -81.94 -12.98 62.37
CA LEU H 1685 -82.48 -11.88 61.58
C LEU H 1685 -83.99 -11.93 61.50
N CYS H 1686 -84.58 -13.11 61.60
CA CYS H 1686 -86.03 -13.19 61.57
C CYS H 1686 -86.70 -12.45 62.72
N SER H 1687 -85.95 -12.08 63.77
CA SER H 1687 -86.53 -11.26 64.82
C SER H 1687 -86.40 -9.78 64.53
N HIS H 1688 -85.62 -9.39 63.53
CA HIS H 1688 -85.42 -8.00 63.16
C HIS H 1688 -86.24 -7.59 61.95
N VAL H 1689 -86.17 -8.35 60.88
CA VAL H 1689 -87.03 -8.16 59.71
C VAL H 1689 -87.90 -9.41 59.64
N ASP H 1690 -89.16 -9.27 60.02
CA ASP H 1690 -90.02 -10.43 60.11
C ASP H 1690 -90.72 -10.71 58.77
N GLN H 1691 -91.45 -11.82 58.76
CA GLN H 1691 -92.10 -12.29 57.54
C GLN H 1691 -93.13 -11.30 57.04
N ALA H 1692 -93.91 -10.73 57.95
CA ALA H 1692 -94.92 -9.76 57.55
C ALA H 1692 -94.28 -8.54 56.90
N GLN H 1693 -93.20 -8.04 57.48
CA GLN H 1693 -92.50 -6.90 56.89
C GLN H 1693 -91.97 -7.24 55.51
N LEU H 1694 -91.36 -8.42 55.36
CA LEU H 1694 -90.79 -8.79 54.07
C LEU H 1694 -91.87 -8.90 53.00
N LEU H 1695 -92.97 -9.58 53.32
CA LEU H 1695 -94.03 -9.76 52.33
C LEU H 1695 -94.70 -8.44 52.01
N HIS H 1696 -94.79 -7.53 52.99
CA HIS H 1696 -95.30 -6.19 52.71
C HIS H 1696 -94.36 -5.43 51.79
N ALA H 1697 -93.06 -5.52 52.03
CA ALA H 1697 -92.08 -4.80 51.21
C ALA H 1697 -92.07 -5.32 49.79
N LEU H 1698 -92.38 -6.59 49.58
CA LEU H 1698 -92.45 -7.11 48.22
C LEU H 1698 -93.52 -6.38 47.41
N GLU H 1699 -94.68 -6.15 47.99
CA GLU H 1699 -95.79 -5.56 47.27
C GLU H 1699 -95.85 -4.04 47.38
N ASP H 1700 -95.02 -3.43 48.22
CA ASP H 1700 -95.09 -1.98 48.39
C ASP H 1700 -94.66 -1.30 47.10
N ALA H 1701 -95.56 -0.51 46.53
CA ALA H 1701 -95.30 0.12 45.23
C ALA H 1701 -94.60 1.47 45.35
N HIS H 1702 -94.44 2.00 46.55
CA HIS H 1702 -93.83 3.31 46.74
C HIS H 1702 -92.46 3.23 47.37
N LEU H 1703 -91.92 2.04 47.61
CA LEU H 1703 -90.59 1.97 48.17
C LEU H 1703 -89.58 2.53 47.19
N PRO H 1704 -88.57 3.25 47.67
CA PRO H 1704 -87.45 3.60 46.79
C PRO H 1704 -86.77 2.34 46.29
N GLY H 1705 -86.21 2.44 45.09
CA GLY H 1705 -85.66 1.30 44.41
C GLY H 1705 -84.61 0.55 45.17
N PRO H 1706 -83.63 1.25 45.75
CA PRO H 1706 -82.63 0.55 46.57
C PRO H 1706 -83.23 -0.24 47.72
N LEU H 1707 -84.23 0.31 48.40
CA LEU H 1707 -84.83 -0.41 49.51
C LEU H 1707 -85.65 -1.61 49.03
N ARG H 1708 -86.37 -1.43 47.91
CA ARG H 1708 -87.12 -2.55 47.34
C ARG H 1708 -86.18 -3.70 46.97
N ALA H 1709 -85.09 -3.40 46.28
CA ALA H 1709 -84.14 -4.43 45.91
C ALA H 1709 -83.51 -5.06 47.14
N GLY H 1710 -83.18 -4.24 48.14
CA GLY H 1710 -82.57 -4.78 49.35
C GLY H 1710 -83.50 -5.73 50.09
N TYR H 1711 -84.78 -5.40 50.16
CA TYR H 1711 -85.71 -6.28 50.87
C TYR H 1711 -85.95 -7.57 50.10
N TYR H 1712 -86.02 -7.51 48.76
CA TYR H 1712 -86.11 -8.75 48.00
C TYR H 1712 -84.90 -9.64 48.25
N ASP H 1713 -83.70 -9.07 48.15
CA ASP H 1713 -82.50 -9.85 48.35
C ASP H 1713 -82.39 -10.35 49.78
N LEU H 1714 -82.92 -9.58 50.74
CA LEU H 1714 -82.89 -10.02 52.13
C LEU H 1714 -83.82 -11.20 52.34
N LEU H 1715 -84.99 -11.18 51.71
CA LEU H 1715 -85.87 -12.34 51.77
C LEU H 1715 -85.19 -13.56 51.20
N ILE H 1716 -84.56 -13.42 50.04
CA ILE H 1716 -83.88 -14.56 49.43
C ILE H 1716 -82.75 -15.05 50.31
N SER H 1717 -82.00 -14.13 50.92
CA SER H 1717 -80.84 -14.52 51.73
C SER H 1717 -81.27 -15.23 53.00
N ILE H 1718 -82.28 -14.70 53.69
CA ILE H 1718 -82.72 -15.32 54.93
C ILE H 1718 -83.35 -16.68 54.65
N HIS H 1719 -84.22 -16.76 53.66
CA HIS H 1719 -85.09 -17.92 53.55
C HIS H 1719 -84.78 -18.86 52.41
N LEU H 1720 -84.15 -18.40 51.33
CA LEU H 1720 -84.07 -19.21 50.12
C LEU H 1720 -82.67 -19.49 49.63
N GLU H 1721 -81.68 -18.69 50.01
CA GLU H 1721 -80.37 -18.76 49.38
C GLU H 1721 -79.70 -20.13 49.59
N SER H 1722 -79.70 -20.62 50.83
CA SER H 1722 -79.03 -21.88 51.11
C SER H 1722 -79.70 -23.04 50.39
N ALA H 1723 -81.03 -23.08 50.43
CA ALA H 1723 -81.75 -24.15 49.74
C ALA H 1723 -81.50 -24.10 48.25
N CYS H 1724 -81.54 -22.91 47.67
CA CYS H 1724 -81.29 -22.77 46.23
C CYS H 1724 -79.90 -23.23 45.88
N ARG H 1725 -78.90 -22.87 46.68
CA ARG H 1725 -77.53 -23.26 46.37
C ARG H 1725 -77.35 -24.77 46.47
N SER H 1726 -77.89 -25.38 47.52
CA SER H 1726 -77.74 -26.82 47.67
C SER H 1726 -78.46 -27.58 46.58
N ARG H 1727 -79.62 -27.08 46.14
CA ARG H 1727 -80.33 -27.72 45.03
C ARG H 1727 -79.57 -27.54 43.72
N ARG H 1728 -79.08 -26.33 43.47
CA ARG H 1728 -78.37 -26.05 42.23
C ARG H 1728 -77.10 -26.88 42.14
N SER H 1729 -76.45 -27.17 43.27
CA SER H 1729 -75.29 -28.04 43.24
C SER H 1729 -75.66 -29.41 42.71
N MET H 1730 -76.84 -29.90 43.06
CA MET H 1730 -77.28 -31.23 42.69
C MET H 1730 -77.97 -31.28 41.34
N LEU H 1731 -78.25 -30.13 40.73
CA LEU H 1731 -78.95 -30.12 39.44
C LEU H 1731 -78.10 -30.64 38.29
N SER H 1732 -76.78 -30.69 38.41
CA SER H 1732 -75.96 -31.08 37.28
C SER H 1732 -75.77 -32.59 37.15
N GLU H 1733 -76.37 -33.38 38.03
CA GLU H 1733 -76.30 -34.83 37.99
C GLU H 1733 -77.69 -35.40 37.77
N TYR H 1734 -77.74 -36.55 37.10
CA TYR H 1734 -79.02 -37.17 36.74
C TYR H 1734 -78.99 -38.64 37.19
N ILE H 1735 -79.51 -38.89 38.39
CA ILE H 1735 -79.65 -40.23 38.92
C ILE H 1735 -81.09 -40.65 38.73
N VAL H 1736 -81.34 -41.56 37.80
CA VAL H 1736 -82.68 -41.87 37.34
C VAL H 1736 -83.08 -43.23 37.89
N PRO H 1737 -83.99 -43.30 38.85
CA PRO H 1737 -84.47 -44.60 39.31
C PRO H 1737 -85.33 -45.26 38.24
N LEU H 1738 -85.25 -46.59 38.19
CA LEU H 1738 -85.96 -47.36 37.18
C LEU H 1738 -87.36 -47.70 37.70
N THR H 1739 -88.15 -46.67 37.87
CA THR H 1739 -89.51 -46.76 38.34
C THR H 1739 -90.48 -46.72 37.18
N PRO H 1740 -91.74 -47.16 37.38
CA PRO H 1740 -92.72 -47.05 36.30
C PRO H 1740 -92.93 -45.63 35.80
N GLU H 1741 -92.87 -44.64 36.69
CA GLU H 1741 -92.95 -43.25 36.24
C GLU H 1741 -91.82 -42.94 35.28
N THR H 1742 -90.62 -43.45 35.56
CA THR H 1742 -89.52 -43.30 34.63
C THR H 1742 -89.81 -44.00 33.32
N ARG H 1743 -90.45 -45.17 33.38
CA ARG H 1743 -90.76 -45.92 32.18
CA ARG H 1743 -90.75 -45.91 32.16
C ARG H 1743 -91.70 -45.12 31.26
N ALA H 1744 -92.66 -44.43 31.84
CA ALA H 1744 -93.63 -43.69 31.04
C ALA H 1744 -93.03 -42.49 30.33
N ILE H 1745 -91.79 -42.11 30.63
CA ILE H 1745 -91.24 -40.88 30.07
C ILE H 1745 -90.86 -41.09 28.61
N THR H 1746 -91.33 -40.17 27.75
CA THR H 1746 -90.98 -40.15 26.34
C THR H 1746 -90.54 -38.75 25.95
N LEU H 1747 -89.81 -38.66 24.84
CA LEU H 1747 -89.30 -37.37 24.42
C LEU H 1747 -90.43 -36.40 24.06
N PHE H 1748 -91.34 -36.83 23.20
CA PHE H 1748 -92.42 -35.97 22.78
C PHE H 1748 -93.72 -36.44 23.42
N PRO H 1749 -94.60 -35.51 23.77
CA PRO H 1749 -95.88 -35.91 24.34
C PRO H 1749 -96.67 -36.71 23.33
N PRO H 1750 -97.55 -37.61 23.80
CA PRO H 1750 -98.29 -38.46 22.86
C PRO H 1750 -99.15 -37.63 21.92
N GLY H 1751 -98.84 -37.68 20.62
CA GLY H 1751 -99.52 -36.85 19.66
C GLY H 1751 -99.58 -37.53 18.30
N ARG H 1752 -100.03 -36.77 17.30
CA ARG H 1752 -100.20 -37.26 15.95
C ARG H 1752 -99.54 -36.36 14.91
N LYS H 1753 -98.55 -35.56 15.32
CA LYS H 1753 -97.92 -34.64 14.39
C LYS H 1753 -97.09 -35.39 13.36
N GLY H 1754 -96.12 -36.17 13.82
CA GLY H 1754 -95.29 -36.97 12.91
C GLY H 1754 -94.58 -38.06 13.66
N GLY H 1755 -94.34 -39.17 12.96
CA GLY H 1755 -93.66 -40.29 13.61
C GLY H 1755 -92.22 -39.97 13.97
N ASN H 1756 -91.49 -39.30 13.08
CA ASN H 1756 -90.11 -38.94 13.36
C ASN H 1756 -90.03 -37.89 14.46
N ALA H 1757 -90.99 -36.98 14.52
CA ALA H 1757 -91.01 -35.95 15.55
C ALA H 1757 -92.42 -35.38 15.65
N ARG H 1758 -93.04 -35.55 16.81
CA ARG H 1758 -94.23 -34.78 17.15
C ARG H 1758 -93.77 -33.42 17.69
N ARG H 1759 -94.71 -32.59 18.11
CA ARG H 1759 -94.37 -31.26 18.59
C ARG H 1759 -93.68 -31.32 19.95
N HIS H 1760 -92.82 -30.34 20.20
CA HIS H 1760 -92.16 -30.22 21.48
C HIS H 1760 -93.18 -29.94 22.58
N GLY H 1761 -92.95 -30.53 23.75
CA GLY H 1761 -93.70 -30.13 24.92
C GLY H 1761 -93.18 -28.83 25.48
N LEU H 1762 -93.94 -28.27 26.39
CA LEU H 1762 -93.50 -27.07 27.08
C LEU H 1762 -92.29 -27.41 27.96
N PRO H 1763 -91.22 -26.63 27.88
CA PRO H 1763 -90.07 -26.90 28.76
C PRO H 1763 -90.45 -26.73 30.21
N GLY H 1764 -89.92 -27.61 31.06
CA GLY H 1764 -90.19 -27.54 32.47
C GLY H 1764 -91.55 -28.05 32.88
N VAL H 1765 -92.32 -28.62 31.96
CA VAL H 1765 -93.62 -29.19 32.24
C VAL H 1765 -93.56 -30.68 31.93
N GLY H 1766 -93.86 -31.50 32.91
CA GLY H 1766 -93.89 -32.92 32.71
C GLY H 1766 -93.38 -33.64 33.94
N VAL H 1767 -93.20 -34.94 33.79
CA VAL H 1767 -92.77 -35.81 34.87
C VAL H 1767 -91.26 -35.95 34.80
N THR H 1768 -90.58 -35.64 35.90
CA THR H 1768 -89.15 -35.81 36.01
C THR H 1768 -88.86 -36.69 37.20
N THR H 1769 -88.06 -37.73 36.99
CA THR H 1769 -87.81 -38.73 38.01
C THR H 1769 -86.42 -38.68 38.61
N SER H 1770 -85.57 -37.74 38.19
CA SER H 1770 -84.23 -37.66 38.74
C SER H 1770 -84.28 -37.35 40.22
N LEU H 1771 -83.34 -37.93 40.96
CA LEU H 1771 -83.34 -37.79 42.42
C LEU H 1771 -82.75 -36.43 42.81
N ARG H 1772 -83.56 -35.63 43.46
CA ARG H 1772 -83.13 -34.38 44.07
C ARG H 1772 -83.57 -34.38 45.53
N PRO H 1773 -82.69 -34.06 46.47
CA PRO H 1773 -83.07 -34.04 47.87
C PRO H 1773 -84.11 -32.98 48.15
N PRO H 1774 -84.97 -33.21 49.15
CA PRO H 1774 -85.94 -32.20 49.54
C PRO H 1774 -85.27 -31.08 50.35
N HIS H 1775 -85.98 -29.97 50.46
CA HIS H 1775 -85.53 -28.87 51.29
C HIS H 1775 -85.90 -29.12 52.74
N HIS H 1776 -85.11 -28.56 53.64
CA HIS H 1776 -85.37 -28.67 55.07
C HIS H 1776 -85.37 -27.29 55.70
N PHE H 1777 -86.47 -26.95 56.37
CA PHE H 1777 -86.65 -25.66 57.00
C PHE H 1777 -87.11 -25.85 58.43
N SER H 1778 -86.71 -24.91 59.29
CA SER H 1778 -87.14 -24.89 60.67
C SER H 1778 -87.92 -23.62 60.95
N PRO H 1779 -89.02 -23.70 61.69
CA PRO H 1779 -89.82 -22.52 61.95
C PRO H 1779 -89.08 -21.54 62.82
N PRO H 1780 -89.11 -20.26 62.49
CA PRO H 1780 -88.51 -19.27 63.39
C PRO H 1780 -89.38 -19.05 64.61
N CYS H 1781 -88.91 -19.54 65.76
CA CYS H 1781 -89.57 -19.35 67.04
C CYS H 1781 -88.51 -19.02 68.07
N PHE H 1782 -88.74 -17.94 68.83
CA PHE H 1782 -87.73 -17.42 69.74
C PHE H 1782 -88.14 -17.56 71.20
N VAL H 1783 -89.13 -18.40 71.49
CA VAL H 1783 -89.49 -18.76 72.85
C VAL H 1783 -89.20 -20.22 73.15
N ALA H 1784 -88.54 -20.93 72.25
CA ALA H 1784 -88.16 -22.31 72.49
C ALA H 1784 -87.08 -22.39 73.56
N ALA H 1785 -87.12 -23.48 74.33
CA ALA H 1785 -86.12 -23.67 75.38
C ALA H 1785 -84.74 -23.80 74.76
N LEU H 1786 -83.77 -23.12 75.35
CA LEU H 1786 -82.43 -23.11 74.79
C LEU H 1786 -81.79 -24.48 74.98
N PRO H 1787 -81.33 -25.12 73.90
CA PRO H 1787 -80.88 -26.52 74.01
C PRO H 1787 -79.69 -26.66 74.95
N ALA H 1788 -79.69 -27.76 75.71
CA ALA H 1788 -78.59 -28.02 76.63
C ALA H 1788 -77.32 -28.44 75.93
N ALA H 1789 -77.38 -28.78 74.64
CA ALA H 1789 -76.20 -29.15 73.90
C ALA H 1789 -75.27 -27.94 73.75
N GLY H 1790 -73.98 -28.19 73.91
CA GLY H 1790 -73.00 -27.11 73.82
C GLY H 1790 -72.71 -26.73 72.38
N VAL H 1791 -71.88 -25.69 72.25
CA VAL H 1791 -71.48 -25.24 70.92
C VAL H 1791 -70.61 -26.31 70.26
N ALA H 1792 -70.65 -26.35 68.93
CA ALA H 1792 -69.92 -27.29 68.07
C ALA H 1792 -70.36 -28.73 68.29
N GLU H 1793 -71.50 -28.97 68.91
CA GLU H 1793 -72.04 -30.31 69.09
C GLU H 1793 -73.51 -30.44 68.70
N ALA H 1794 -74.27 -29.36 68.81
CA ALA H 1794 -75.66 -29.38 68.38
C ALA H 1794 -75.75 -29.49 66.87
N PRO H 1795 -76.81 -30.11 66.34
CA PRO H 1795 -76.94 -30.25 64.88
C PRO H 1795 -77.06 -28.90 64.20
N ALA H 1796 -76.60 -28.85 62.95
CA ALA H 1796 -76.62 -27.61 62.20
C ALA H 1796 -78.04 -27.08 62.06
N ARG H 1797 -78.19 -25.77 62.21
CA ARG H 1797 -79.49 -25.14 62.09
C ARG H 1797 -79.95 -25.13 60.64
N LEU H 1798 -81.25 -25.33 60.44
CA LEU H 1798 -81.85 -25.27 59.13
C LEU H 1798 -82.34 -23.86 58.85
N SER H 1799 -82.60 -23.59 57.58
CA SER H 1799 -83.04 -22.26 57.19
C SER H 1799 -84.42 -21.97 57.76
N PRO H 1800 -84.72 -20.71 58.05
CA PRO H 1800 -86.05 -20.37 58.53
C PRO H 1800 -87.10 -20.70 57.49
N ALA H 1801 -88.30 -21.03 57.97
CA ALA H 1801 -89.39 -21.40 57.09
C ALA H 1801 -90.19 -20.16 56.72
N ILE H 1802 -90.65 -20.12 55.47
CA ILE H 1802 -91.62 -19.13 55.03
C ILE H 1802 -92.60 -19.87 54.14
N PRO H 1803 -93.88 -19.52 54.13
CA PRO H 1803 -94.84 -20.25 53.30
C PRO H 1803 -94.56 -20.14 51.81
N LEU H 1804 -94.11 -21.25 51.22
CA LEU H 1804 -93.62 -21.23 49.85
C LEU H 1804 -94.75 -21.16 48.84
N GLU H 1805 -95.88 -21.81 49.11
CA GLU H 1805 -97.00 -21.73 48.17
C GLU H 1805 -97.55 -20.31 48.07
N ALA H 1806 -97.76 -19.67 49.22
CA ALA H 1806 -98.20 -18.28 49.21
C ALA H 1806 -97.16 -17.37 48.59
N LEU H 1807 -95.88 -17.63 48.88
CA LEU H 1807 -94.83 -16.80 48.31
C LEU H 1807 -94.78 -16.92 46.80
N ARG H 1808 -94.93 -18.13 46.26
CA ARG H 1808 -94.89 -18.29 44.81
C ARG H 1808 -96.12 -17.70 44.15
N ASP H 1809 -97.29 -17.81 44.77
CA ASP H 1809 -98.47 -17.17 44.21
C ASP H 1809 -98.30 -15.65 44.18
N LYS H 1810 -97.77 -15.08 45.25
CA LYS H 1810 -97.51 -13.65 45.27
C LYS H 1810 -96.50 -13.26 44.20
N ALA H 1811 -95.45 -14.07 44.03
CA ALA H 1811 -94.44 -13.77 43.01
C ALA H 1811 -95.03 -13.78 41.61
N LEU H 1812 -95.84 -14.79 41.30
CA LEU H 1812 -96.47 -14.85 39.99
C LEU H 1812 -97.40 -13.66 39.76
N ARG H 1813 -98.21 -13.33 40.77
CA ARG H 1813 -99.10 -12.20 40.62
C ARG H 1813 -98.33 -10.91 40.39
N MET H 1814 -97.24 -10.72 41.13
CA MET H 1814 -96.44 -9.51 40.98
C MET H 1814 -95.80 -9.45 39.61
N LEU H 1815 -95.30 -10.58 39.10
CA LEU H 1815 -94.69 -10.57 37.79
C LEU H 1815 -95.70 -10.23 36.71
N GLY H 1816 -96.92 -10.77 36.83
CA GLY H 1816 -97.96 -10.40 35.87
C GLY H 1816 -98.31 -8.94 35.93
N GLU H 1817 -98.44 -8.39 37.14
CA GLU H 1817 -98.72 -6.97 37.28
C GLU H 1817 -97.61 -6.14 36.66
N ALA H 1818 -96.36 -6.54 36.86
CA ALA H 1818 -95.23 -5.81 36.29
C ALA H 1818 -95.25 -5.86 34.76
N VAL H 1819 -95.58 -7.02 34.19
CA VAL H 1819 -95.64 -7.12 32.73
C VAL H 1819 -96.72 -6.21 32.17
N ARG H 1820 -97.91 -6.22 32.80
CA ARG H 1820 -98.97 -5.35 32.32
C ARG H 1820 -98.59 -3.87 32.47
N ASP H 1821 -97.96 -3.52 33.58
CA ASP H 1821 -97.54 -2.15 33.80
C ASP H 1821 -96.52 -1.71 32.77
N GLY H 1822 -95.55 -2.57 32.46
CA GLY H 1822 -94.58 -2.24 31.44
C GLY H 1822 -95.19 -2.10 30.07
N GLY H 1823 -96.19 -2.92 29.76
CA GLY H 1823 -96.93 -2.72 28.52
C GLY H 1823 -97.65 -1.40 28.48
N GLN H 1824 -98.17 -0.95 29.63
CA GLN H 1824 -98.84 0.34 29.67
C GLN H 1824 -97.89 1.52 29.53
N HIS H 1825 -96.60 1.31 29.77
CA HIS H 1825 -95.58 2.36 29.62
C HIS H 1825 -95.87 3.56 30.50
N ALA H 1826 -96.21 3.30 31.77
CA ALA H 1826 -96.44 4.37 32.72
C ALA H 1826 -95.13 5.08 33.03
N ARG H 1827 -95.24 6.35 33.42
CA ARG H 1827 -94.07 7.18 33.69
C ARG H 1827 -93.56 7.07 35.10
N ASP H 1828 -94.21 6.30 35.97
CA ASP H 1828 -93.78 6.11 37.34
C ASP H 1828 -93.69 4.61 37.61
N PRO H 1829 -92.67 3.95 37.08
CA PRO H 1829 -92.51 2.53 37.35
C PRO H 1829 -92.18 2.29 38.82
N VAL H 1830 -92.57 1.13 39.31
CA VAL H 1830 -92.25 0.76 40.69
C VAL H 1830 -90.75 0.77 40.88
N GLY H 1831 -90.30 1.32 42.01
CA GLY H 1831 -88.90 1.41 42.30
C GLY H 1831 -88.19 2.57 41.66
N GLY H 1832 -88.89 3.37 40.87
CA GLY H 1832 -88.29 4.50 40.22
C GLY H 1832 -87.70 4.23 38.85
N SER H 1833 -87.62 2.97 38.44
CA SER H 1833 -87.10 2.62 37.13
C SER H 1833 -87.59 1.23 36.77
N VAL H 1834 -87.54 0.94 35.46
CA VAL H 1834 -87.96 -0.37 34.98
C VAL H 1834 -87.05 -1.46 35.55
N GLU H 1835 -85.76 -1.15 35.68
CA GLU H 1835 -84.82 -2.09 36.29
C GLU H 1835 -85.25 -2.44 37.70
N PHE H 1836 -85.53 -1.43 38.52
CA PHE H 1836 -85.98 -1.68 39.89
C PHE H 1836 -87.34 -2.32 39.95
N GLN H 1837 -88.17 -2.17 38.91
CA GLN H 1837 -89.45 -2.84 38.89
C GLN H 1837 -89.35 -4.31 38.57
N PHE H 1838 -88.45 -4.68 37.65
CA PHE H 1838 -88.43 -6.06 37.16
C PHE H 1838 -87.36 -6.92 37.80
N VAL H 1839 -86.15 -6.41 38.01
CA VAL H 1839 -85.05 -7.26 38.46
C VAL H 1839 -85.35 -7.99 39.75
N PRO H 1840 -85.86 -7.35 40.81
CA PRO H 1840 -86.16 -8.11 42.02
C PRO H 1840 -87.18 -9.22 41.81
N VAL H 1841 -88.23 -8.96 41.04
CA VAL H 1841 -89.25 -9.98 40.81
C VAL H 1841 -88.67 -11.16 40.06
N LEU H 1842 -87.86 -10.89 39.03
CA LEU H 1842 -87.27 -11.96 38.25
C LEU H 1842 -86.26 -12.76 39.07
N LYS H 1843 -85.50 -12.09 39.94
CA LYS H 1843 -84.62 -12.84 40.83
C LYS H 1843 -85.41 -13.78 41.72
N LEU H 1844 -86.52 -13.29 42.28
CA LEU H 1844 -87.34 -14.13 43.14
C LEU H 1844 -87.89 -15.32 42.38
N VAL H 1845 -88.40 -15.10 41.18
CA VAL H 1845 -89.00 -16.18 40.40
C VAL H 1845 -87.95 -17.20 39.98
N SER H 1846 -86.76 -16.73 39.58
CA SER H 1846 -85.70 -17.64 39.20
C SER H 1846 -85.29 -18.52 40.37
N THR H 1847 -85.16 -17.92 41.55
CA THR H 1847 -84.81 -18.70 42.73
C THR H 1847 -85.87 -19.75 43.02
N LEU H 1848 -87.14 -19.37 42.96
CA LEU H 1848 -88.18 -20.35 43.23
C LEU H 1848 -88.25 -21.43 42.17
N LEU H 1849 -87.99 -21.08 40.91
CA LEU H 1849 -87.94 -22.08 39.85
C LEU H 1849 -86.84 -23.09 40.10
N VAL H 1850 -85.63 -22.62 40.42
CA VAL H 1850 -84.53 -23.53 40.66
C VAL H 1850 -84.83 -24.42 41.87
N MET H 1851 -85.38 -23.83 42.93
CA MET H 1851 -85.77 -24.65 44.08
C MET H 1851 -86.88 -25.62 43.73
N GLY H 1852 -87.63 -25.38 42.66
CA GLY H 1852 -88.65 -26.31 42.25
C GLY H 1852 -90.00 -26.12 42.89
N ILE H 1853 -90.28 -24.92 43.43
CA ILE H 1853 -91.54 -24.69 44.10
C ILE H 1853 -92.70 -24.72 43.10
N PHE H 1854 -92.48 -24.20 41.90
CA PHE H 1854 -93.56 -24.06 40.96
C PHE H 1854 -94.01 -25.41 40.40
N GLY H 1855 -95.32 -25.53 40.18
CA GLY H 1855 -95.88 -26.67 39.50
C GLY H 1855 -96.09 -26.39 38.02
N ASP H 1856 -96.81 -27.31 37.38
CA ASP H 1856 -96.95 -27.26 35.93
C ASP H 1856 -97.70 -26.02 35.48
N GLU H 1857 -98.81 -25.69 36.14
CA GLU H 1857 -99.59 -24.53 35.73
C GLU H 1857 -98.83 -23.23 35.99
N ASP H 1858 -98.10 -23.17 37.09
CA ASP H 1858 -97.29 -21.99 37.36
C ASP H 1858 -96.22 -21.82 36.29
N VAL H 1859 -95.60 -22.93 35.87
CA VAL H 1859 -94.61 -22.88 34.80
C VAL H 1859 -95.27 -22.42 33.50
N LYS H 1860 -96.47 -22.92 33.22
CA LYS H 1860 -97.17 -22.48 32.01
C LYS H 1860 -97.43 -20.99 32.02
N GLN H 1861 -97.83 -20.46 33.19
CA GLN H 1861 -98.06 -19.02 33.28
C GLN H 1861 -96.78 -18.22 33.09
N ILE H 1862 -95.68 -18.68 33.68
CA ILE H 1862 -94.40 -18.00 33.47
C ILE H 1862 -94.04 -18.01 31.99
N LEU H 1863 -94.28 -19.13 31.32
CA LEU H 1863 -93.95 -19.24 29.91
C LEU H 1863 -94.81 -18.31 29.06
N LYS H 1864 -96.11 -18.21 29.38
CA LYS H 1864 -96.96 -17.26 28.68
C LYS H 1864 -96.45 -15.84 28.91
N MET H 1865 -96.02 -15.55 30.13
CA MET H 1865 -95.49 -14.24 30.45
C MET H 1865 -94.26 -13.93 29.61
N ILE H 1866 -93.38 -14.93 29.44
CA ILE H 1866 -92.17 -14.73 28.64
C ILE H 1866 -92.52 -14.53 27.18
N GLU H 1867 -93.36 -15.40 26.63
CA GLU H 1867 -93.75 -15.31 25.23
C GLU H 1867 -95.10 -15.96 25.03
N PRO H 1868 -96.18 -15.19 25.01
CA PRO H 1868 -97.51 -15.80 24.93
C PRO H 1868 -97.78 -16.55 23.65
N GLU H 1869 -97.15 -16.17 22.53
CA GLU H 1869 -97.43 -16.80 21.26
C GLU H 1869 -96.70 -18.12 21.08
N VAL H 1870 -95.42 -18.16 21.42
CA VAL H 1870 -94.63 -19.38 21.22
C VAL H 1870 -95.07 -20.47 22.18
N PHE H 1871 -95.37 -20.10 23.43
CA PHE H 1871 -95.57 -21.06 24.51
C PHE H 1871 -97.05 -21.26 24.83
N THR H 1872 -97.90 -21.29 23.81
CA THR H 1872 -99.30 -21.64 23.97
C THR H 1872 -99.48 -23.12 23.64
N GLU H 1873 -100.12 -23.85 24.55
CA GLU H 1873 -100.29 -25.28 24.37
C GLU H 1873 -101.63 -25.58 23.72
N GLU H 1874 -101.68 -26.69 22.98
CA GLU H 1874 -102.90 -27.12 22.32
C GLU H 1874 -102.85 -28.61 21.97
N LEU H 1922 -102.95 -5.44 26.50
CA LEU H 1922 -101.65 -5.72 25.91
C LEU H 1922 -100.97 -6.89 26.61
N GLU H 1923 -101.07 -8.06 26.00
CA GLU H 1923 -100.49 -9.28 26.57
C GLU H 1923 -99.11 -9.58 25.98
N GLU H 1924 -98.45 -8.53 25.50
CA GLU H 1924 -97.11 -8.65 24.97
C GLU H 1924 -96.17 -9.22 26.04
N GLY H 1925 -95.40 -10.22 25.64
CA GLY H 1925 -94.54 -10.91 26.57
C GLY H 1925 -93.31 -10.11 26.95
N LEU H 1926 -92.51 -10.71 27.83
CA LEU H 1926 -91.31 -10.03 28.30
C LEU H 1926 -90.27 -9.86 27.21
N LEU H 1927 -90.20 -10.81 26.26
CA LEU H 1927 -89.13 -10.77 25.28
C LEU H 1927 -89.33 -9.68 24.24
N GLN H 1928 -90.48 -8.99 24.25
CA GLN H 1928 -90.77 -7.97 23.27
C GLN H 1928 -90.93 -6.57 23.87
N MET H 1929 -90.45 -6.37 25.10
CA MET H 1929 -90.75 -5.14 25.82
C MET H 1929 -89.60 -4.13 25.81
N LYS H 1930 -88.43 -4.52 25.31
CA LYS H 1930 -87.24 -3.65 25.31
C LYS H 1930 -86.87 -3.28 26.76
N LEU H 1931 -86.14 -4.17 27.37
CA LEU H 1931 -85.69 -4.08 28.74
C LEU H 1931 -84.24 -3.63 28.80
N PRO H 1932 -83.82 -3.05 29.92
CA PRO H 1932 -82.39 -2.76 30.10
C PRO H 1932 -81.58 -4.01 30.34
N GLU H 1933 -80.27 -3.84 30.48
CA GLU H 1933 -79.36 -4.97 30.46
C GLU H 1933 -79.47 -5.84 31.71
N SER H 1934 -79.78 -5.25 32.86
CA SER H 1934 -79.98 -6.07 34.05
C SER H 1934 -81.19 -6.99 33.88
N VAL H 1935 -82.29 -6.47 33.34
CA VAL H 1935 -83.45 -7.31 33.11
C VAL H 1935 -83.14 -8.36 32.05
N LYS H 1936 -82.35 -8.00 31.04
CA LYS H 1936 -81.94 -8.99 30.06
C LYS H 1936 -81.13 -10.11 30.70
N LEU H 1937 -80.25 -9.77 31.64
CA LEU H 1937 -79.47 -10.79 32.35
C LEU H 1937 -80.39 -11.72 33.14
N GLN H 1938 -81.40 -11.17 33.78
CA GLN H 1938 -82.33 -12.02 34.51
C GLN H 1938 -83.13 -12.93 33.56
N MET H 1939 -83.54 -12.40 32.41
CA MET H 1939 -84.21 -13.23 31.42
C MET H 1939 -83.30 -14.35 30.95
N CYS H 1940 -82.00 -14.07 30.83
CA CYS H 1940 -81.06 -15.12 30.47
C CYS H 1940 -81.01 -16.19 31.55
N ASN H 1941 -81.08 -15.80 32.82
CA ASN H 1941 -81.16 -16.81 33.88
C ASN H 1941 -82.39 -17.69 33.73
N LEU H 1942 -83.54 -17.09 33.47
CA LEU H 1942 -84.77 -17.87 33.31
C LEU H 1942 -84.65 -18.84 32.13
N LEU H 1943 -84.20 -18.33 30.98
CA LEU H 1943 -84.09 -19.18 29.81
C LEU H 1943 -83.05 -20.27 30.01
N GLU H 1944 -82.00 -19.99 30.77
CA GLU H 1944 -81.03 -21.02 31.12
C GLU H 1944 -81.67 -22.12 31.93
N TYR H 1945 -82.54 -21.75 32.86
CA TYR H 1945 -83.25 -22.78 33.62
C TYR H 1945 -84.08 -23.66 32.71
N PHE H 1946 -84.80 -23.05 31.77
CA PHE H 1946 -85.63 -23.88 30.90
C PHE H 1946 -84.81 -24.75 29.96
N CYS H 1947 -83.66 -24.26 29.51
CA CYS H 1947 -82.75 -25.10 28.73
C CYS H 1947 -82.26 -26.29 29.55
N ASP H 1948 -81.95 -26.05 30.82
CA ASP H 1948 -81.54 -27.13 31.70
C ASP H 1948 -82.64 -28.17 31.84
N GLN H 1949 -83.89 -27.72 31.94
CA GLN H 1949 -84.99 -28.66 32.04
C GLN H 1949 -85.12 -29.49 30.77
N GLU H 1950 -84.92 -28.87 29.61
CA GLU H 1950 -84.96 -29.64 28.37
C GLU H 1950 -83.87 -30.69 28.34
N LEU H 1951 -82.66 -30.32 28.76
CA LEU H 1951 -81.57 -31.30 28.78
C LEU H 1951 -81.86 -32.44 29.73
N GLN H 1952 -82.36 -32.12 30.92
CA GLN H 1952 -82.69 -33.16 31.89
C GLN H 1952 -83.78 -34.08 31.34
N HIS H 1953 -84.75 -33.51 30.65
CA HIS H 1953 -85.78 -34.33 30.03
C HIS H 1953 -85.20 -35.27 28.99
N ARG H 1954 -84.25 -34.79 28.19
CA ARG H 1954 -83.62 -35.67 27.21
C ARG H 1954 -82.89 -36.81 27.89
N VAL H 1955 -82.15 -36.50 28.96
CA VAL H 1955 -81.40 -37.55 29.66
C VAL H 1955 -82.35 -38.59 30.23
N GLU H 1956 -83.44 -38.14 30.85
CA GLU H 1956 -84.39 -39.07 31.44
C GLU H 1956 -85.11 -39.90 30.38
N SER H 1957 -85.46 -39.29 29.25
CA SER H 1957 -86.08 -40.03 28.16
C SER H 1957 -85.13 -41.09 27.62
N LEU H 1958 -83.85 -40.75 27.51
CA LEU H 1958 -82.86 -41.71 27.09
C LEU H 1958 -82.74 -42.87 28.07
N ALA H 1959 -82.76 -42.56 29.38
CA ALA H 1959 -82.70 -43.61 30.38
C ALA H 1959 -83.92 -44.52 30.32
N ALA H 1960 -85.09 -43.93 30.12
CA ALA H 1960 -86.31 -44.74 30.00
C ALA H 1960 -86.24 -45.66 28.80
N PHE H 1961 -85.79 -45.14 27.66
CA PHE H 1961 -85.63 -46.01 26.51
C PHE H 1961 -84.60 -47.09 26.77
N ALA H 1962 -83.55 -46.77 27.53
CA ALA H 1962 -82.58 -47.79 27.90
C ALA H 1962 -83.25 -48.89 28.71
N GLU H 1963 -84.13 -48.51 29.63
CA GLU H 1963 -84.82 -49.50 30.45
C GLU H 1963 -85.68 -50.42 29.59
N ARG H 1964 -86.36 -49.88 28.58
CA ARG H 1964 -87.18 -50.73 27.72
C ARG H 1964 -86.32 -51.61 26.81
N TYR H 1965 -85.33 -51.00 26.16
CA TYR H 1965 -84.54 -51.70 25.18
C TYR H 1965 -83.66 -52.76 25.81
N VAL H 1966 -83.21 -52.55 27.04
CA VAL H 1966 -82.39 -53.56 27.71
C VAL H 1966 -83.22 -54.80 28.00
N ASP H 1967 -84.47 -54.60 28.43
CA ASP H 1967 -85.35 -55.75 28.61
C ASP H 1967 -85.52 -56.51 27.32
N LYS H 1968 -85.80 -55.80 26.22
CA LYS H 1968 -85.96 -56.49 24.94
C LYS H 1968 -84.69 -57.22 24.53
N LEU H 1969 -83.54 -56.58 24.68
CA LEU H 1969 -82.27 -57.19 24.29
C LEU H 1969 -81.97 -58.43 25.12
N GLN H 1970 -82.19 -58.34 26.43
CA GLN H 1970 -81.92 -59.48 27.30
C GLN H 1970 -82.83 -60.65 26.96
N ALA H 1971 -84.12 -60.38 26.73
CA ALA H 1971 -85.02 -61.45 26.33
C ALA H 1971 -84.56 -62.11 25.04
N ASN H 1972 -84.18 -61.29 24.06
CA ASN H 1972 -83.71 -61.86 22.79
C ASN H 1972 -82.44 -62.66 22.97
N GLN H 1973 -81.49 -62.17 23.78
CA GLN H 1973 -80.24 -62.89 23.95
C GLN H 1973 -80.47 -64.21 24.65
N ARG H 1974 -81.37 -64.24 25.63
CA ARG H 1974 -81.72 -65.50 26.26
C ARG H 1974 -82.33 -66.47 25.25
N SER H 1975 -83.24 -65.99 24.40
CA SER H 1975 -83.84 -66.85 23.41
C SER H 1975 -82.79 -67.35 22.41
N ARG H 1976 -81.90 -66.47 21.98
CA ARG H 1976 -80.87 -66.86 21.02
C ARG H 1976 -79.92 -67.88 21.62
N TYR H 1977 -79.56 -67.73 22.89
CA TYR H 1977 -78.73 -68.73 23.53
C TYR H 1977 -79.46 -70.05 23.68
N ALA H 1978 -80.75 -70.00 23.98
CA ALA H 1978 -81.54 -71.22 24.05
C ALA H 1978 -81.52 -71.97 22.71
N LEU H 1979 -81.74 -71.25 21.61
CA LEU H 1979 -81.72 -71.91 20.31
C LEU H 1979 -80.31 -72.23 19.84
N LEU H 1980 -79.30 -71.59 20.43
CA LEU H 1980 -77.92 -71.93 20.09
C LEU H 1980 -77.44 -73.16 20.84
N MET H 1981 -78.07 -73.49 21.97
CA MET H 1981 -77.71 -74.73 22.66
C MET H 1981 -78.06 -75.98 21.86
N ARG H 1982 -78.85 -75.85 20.80
CA ARG H 1982 -79.15 -76.97 19.91
C ARG H 1982 -78.49 -76.82 18.55
N ALA H 1983 -77.48 -75.96 18.42
CA ALA H 1983 -76.93 -75.64 17.12
C ALA H 1983 -76.05 -76.77 16.57
N PHE H 1984 -75.54 -77.66 17.42
CA PHE H 1984 -74.60 -78.67 16.95
C PHE H 1984 -75.22 -79.61 15.93
N THR H 1985 -76.53 -79.84 16.02
CA THR H 1985 -77.19 -80.77 15.12
C THR H 1985 -77.23 -80.28 13.68
N MET H 1986 -77.08 -78.97 13.46
CA MET H 1986 -77.09 -78.46 12.09
C MET H 1986 -75.94 -77.50 11.81
N SER H 1987 -74.81 -77.65 12.48
CA SER H 1987 -73.70 -76.70 12.32
C SER H 1987 -72.38 -77.44 12.49
N ALA H 1988 -71.32 -76.68 12.69
CA ALA H 1988 -69.96 -77.21 12.71
C ALA H 1988 -69.14 -76.40 13.70
N ALA H 1989 -67.81 -76.52 13.61
CA ALA H 1989 -66.93 -75.83 14.55
C ALA H 1989 -67.02 -74.31 14.43
N GLU H 1990 -67.75 -73.82 13.43
CA GLU H 1990 -68.02 -72.40 13.28
C GLU H 1990 -68.96 -71.86 14.40
N THR H 1991 -69.54 -72.77 15.19
CA THR H 1991 -70.34 -72.36 16.34
C THR H 1991 -69.54 -71.49 17.30
N ALA H 1992 -68.20 -71.60 17.27
CA ALA H 1992 -67.36 -70.74 18.09
C ALA H 1992 -67.58 -69.27 17.74
N ARG H 1993 -67.75 -68.98 16.45
CA ARG H 1993 -68.04 -67.61 16.05
C ARG H 1993 -69.37 -67.13 16.59
N ARG H 1994 -70.40 -67.98 16.52
CA ARG H 1994 -71.73 -67.59 16.98
C ARG H 1994 -71.76 -67.42 18.49
N THR H 1995 -70.97 -68.21 19.20
CA THR H 1995 -70.93 -68.18 20.66
C THR H 1995 -69.99 -67.11 21.20
N ARG H 1996 -69.21 -66.45 20.34
CA ARG H 1996 -68.29 -65.41 20.79
C ARG H 1996 -69.01 -64.33 21.59
N GLU H 1997 -70.27 -64.05 21.26
CA GLU H 1997 -71.05 -63.11 22.06
C GLU H 1997 -71.19 -63.58 23.49
N PHE H 1998 -71.45 -64.88 23.68
CA PHE H 1998 -71.68 -65.41 25.01
C PHE H 1998 -70.38 -65.73 25.75
N ARG H 1999 -69.22 -65.58 25.12
CA ARG H 1999 -67.95 -65.70 25.81
C ARG H 1999 -67.18 -64.39 25.80
N SER H 2000 -67.88 -63.27 25.85
CA SER H 2000 -67.27 -61.96 25.85
C SER H 2000 -67.88 -61.09 26.94
N PRO H 2001 -67.12 -60.17 27.51
CA PRO H 2001 -67.62 -59.42 28.67
C PRO H 2001 -68.86 -58.63 28.30
N PRO H 2002 -69.76 -58.40 29.28
CA PRO H 2002 -71.07 -57.84 28.94
C PRO H 2002 -71.03 -56.51 28.22
N GLN H 2003 -70.06 -55.65 28.55
CA GLN H 2003 -69.92 -54.41 27.81
C GLN H 2003 -69.64 -54.67 26.35
N GLU H 2004 -68.76 -55.63 26.06
CA GLU H 2004 -68.46 -55.97 24.67
C GLU H 2004 -69.66 -56.61 23.99
N GLN H 2005 -70.43 -57.42 24.74
CA GLN H 2005 -71.64 -57.99 24.18
C GLN H 2005 -72.58 -56.88 23.72
N ILE H 2006 -72.84 -55.91 24.59
CA ILE H 2006 -73.77 -54.84 24.25
C ILE H 2006 -73.19 -53.95 23.16
N ASN H 2007 -71.87 -53.78 23.12
CA ASN H 2007 -71.24 -53.03 22.02
C ASN H 2007 -71.52 -53.70 20.69
N MET H 2008 -71.30 -55.01 20.62
CA MET H 2008 -71.54 -55.72 19.37
C MET H 2008 -73.02 -55.73 19.03
N LEU H 2009 -73.88 -55.78 20.04
CA LEU H 2009 -75.31 -55.73 19.79
C LEU H 2009 -75.74 -54.41 19.20
N LEU H 2010 -75.18 -53.30 19.66
CA LEU H 2010 -75.57 -51.98 19.16
C LEU H 2010 -74.77 -51.54 17.94
N HIS H 2011 -73.97 -52.42 17.36
CA HIS H 2011 -73.13 -52.05 16.21
C HIS H 2011 -73.85 -52.38 14.91
N PHE H 2012 -74.91 -51.61 14.63
CA PHE H 2012 -75.64 -51.77 13.38
C PHE H 2012 -76.12 -50.45 12.81
N LYS H 2013 -75.36 -49.37 12.99
CA LYS H 2013 -75.83 -48.08 12.53
C LYS H 2013 -75.51 -47.80 11.08
N ASP H 2014 -74.30 -48.16 10.65
CA ASP H 2014 -73.78 -47.71 9.36
C ASP H 2014 -74.24 -48.58 8.18
N GLU H 2015 -75.00 -49.63 8.43
CA GLU H 2015 -75.54 -50.55 7.43
C GLU H 2015 -74.47 -51.43 6.79
N ALA H 2016 -73.19 -51.18 7.07
CA ALA H 2016 -72.13 -52.08 6.67
C ALA H 2016 -71.80 -53.09 7.75
N ASP H 2017 -72.45 -53.01 8.90
CA ASP H 2017 -72.21 -53.91 10.02
C ASP H 2017 -73.49 -54.62 10.41
N GLU H 2018 -74.28 -55.02 9.42
CA GLU H 2018 -75.51 -55.76 9.67
C GLU H 2018 -75.31 -57.26 9.70
N GLU H 2019 -74.07 -57.74 9.53
CA GLU H 2019 -73.80 -59.16 9.59
C GLU H 2019 -73.32 -59.61 10.97
N ASP H 2020 -72.54 -58.78 11.66
CA ASP H 2020 -72.05 -59.15 12.99
C ASP H 2020 -73.13 -59.00 14.05
N CYS H 2021 -74.01 -58.01 13.91
CA CYS H 2021 -75.07 -57.81 14.88
C CYS H 2021 -76.13 -58.88 14.69
N PRO H 2022 -76.39 -59.71 15.70
CA PRO H 2022 -77.41 -60.77 15.57
C PRO H 2022 -78.81 -60.35 15.97
N LEU H 2023 -79.07 -59.07 16.14
CA LEU H 2023 -80.40 -58.62 16.53
C LEU H 2023 -81.37 -58.75 15.37
N PRO H 2024 -82.63 -59.05 15.64
CA PRO H 2024 -83.64 -59.00 14.59
C PRO H 2024 -83.97 -57.56 14.21
N GLU H 2025 -84.52 -57.43 13.00
CA GLU H 2025 -84.80 -56.10 12.46
C GLU H 2025 -85.83 -55.37 13.30
N ASP H 2026 -86.77 -56.09 13.92
CA ASP H 2026 -87.75 -55.42 14.77
C ASP H 2026 -87.09 -54.74 15.96
N ILE H 2027 -86.11 -55.41 16.57
CA ILE H 2027 -85.39 -54.81 17.69
C ILE H 2027 -84.53 -53.65 17.19
N ARG H 2028 -83.87 -53.82 16.04
CA ARG H 2028 -83.07 -52.73 15.51
C ARG H 2028 -83.91 -51.48 15.24
N GLN H 2029 -85.15 -51.69 14.79
CA GLN H 2029 -85.97 -50.57 14.35
C GLN H 2029 -86.36 -49.68 15.53
N ASP H 2030 -86.57 -50.26 16.70
CA ASP H 2030 -86.91 -49.44 17.86
C ASP H 2030 -85.78 -48.48 18.21
N LEU H 2031 -84.54 -48.97 18.20
CA LEU H 2031 -83.40 -48.10 18.44
C LEU H 2031 -83.27 -47.05 17.36
N GLN H 2032 -83.47 -47.43 16.10
CA GLN H 2032 -83.35 -46.45 15.02
C GLN H 2032 -84.41 -45.35 15.15
N ASP H 2033 -85.63 -45.73 15.48
CA ASP H 2033 -86.69 -44.73 15.64
C ASP H 2033 -86.40 -43.81 16.82
N PHE H 2034 -85.92 -44.37 17.93
CA PHE H 2034 -85.58 -43.51 19.05
C PHE H 2034 -84.42 -42.58 18.71
N HIS H 2035 -83.42 -43.06 17.99
CA HIS H 2035 -82.34 -42.17 17.59
C HIS H 2035 -82.86 -41.04 16.72
N GLN H 2036 -83.75 -41.36 15.79
CA GLN H 2036 -84.32 -40.34 14.93
C GLN H 2036 -85.07 -39.30 15.74
N ASP H 2037 -85.92 -39.73 16.64
CA ASP H 2037 -86.71 -38.77 17.41
C ASP H 2037 -85.86 -37.99 18.39
N LEU H 2038 -84.77 -38.56 18.89
CA LEU H 2038 -83.85 -37.81 19.73
C LEU H 2038 -83.15 -36.71 18.94
N LEU H 2039 -82.66 -37.04 17.74
CA LEU H 2039 -82.06 -36.01 16.90
C LEU H 2039 -83.06 -34.91 16.58
N ALA H 2040 -84.30 -35.28 16.29
CA ALA H 2040 -85.31 -34.26 16.03
C ALA H 2040 -85.56 -33.38 17.24
N HIS H 2041 -85.64 -34.00 18.42
CA HIS H 2041 -85.84 -33.26 19.66
C HIS H 2041 -84.68 -32.31 19.93
N CYS H 2042 -83.46 -32.69 19.55
CA CYS H 2042 -82.32 -31.79 19.64
C CYS H 2042 -82.31 -30.76 18.53
N GLY H 2043 -83.26 -30.82 17.61
CA GLY H 2043 -83.34 -29.88 16.52
C GLY H 2043 -82.26 -30.02 15.46
N ILE H 2044 -81.87 -31.25 15.15
CA ILE H 2044 -80.89 -31.47 14.08
C ILE H 2044 -81.54 -31.33 12.72
N GLN H 2045 -82.47 -32.22 12.40
CA GLN H 2045 -83.07 -32.24 11.07
C GLN H 2045 -84.36 -33.05 11.13
N LEU H 2046 -85.19 -32.86 10.11
CA LEU H 2046 -86.45 -33.56 10.01
C LEU H 2046 -86.75 -33.94 8.57
N GLU H 2088 -92.26 -18.19 8.23
CA GLU H 2088 -91.78 -18.98 9.36
C GLU H 2088 -91.16 -18.08 10.42
N LYS H 2089 -91.66 -16.84 10.51
CA LYS H 2089 -91.10 -15.88 11.45
C LYS H 2089 -91.32 -16.28 12.90
N LYS H 2090 -92.40 -16.99 13.21
CA LYS H 2090 -92.61 -17.49 14.56
C LYS H 2090 -91.57 -18.55 14.85
N PRO H 2091 -90.81 -18.43 15.94
CA PRO H 2091 -89.79 -19.46 16.24
C PRO H 2091 -90.37 -20.84 16.46
N GLN H 2092 -91.56 -20.95 17.06
CA GLN H 2092 -92.28 -22.19 17.32
C GLN H 2092 -91.56 -23.14 18.26
N SER H 2093 -90.40 -22.79 18.79
CA SER H 2093 -89.71 -23.66 19.72
C SER H 2093 -88.78 -22.85 20.60
N LEU H 2094 -88.42 -23.42 21.74
CA LEU H 2094 -87.54 -22.74 22.69
C LEU H 2094 -86.19 -22.45 22.05
N GLN H 2095 -85.66 -23.40 21.28
CA GLN H 2095 -84.36 -23.21 20.67
C GLN H 2095 -84.35 -22.03 19.72
N GLU H 2096 -85.31 -21.98 18.79
CA GLU H 2096 -85.37 -20.88 17.85
C GLU H 2096 -85.66 -19.57 18.54
N LEU H 2097 -86.53 -19.57 19.54
CA LEU H 2097 -86.82 -18.35 20.28
C LEU H 2097 -85.57 -17.79 20.93
N VAL H 2098 -84.81 -18.64 21.63
CA VAL H 2098 -83.64 -18.16 22.34
C VAL H 2098 -82.57 -17.68 21.35
N SER H 2099 -82.35 -18.44 20.27
CA SER H 2099 -81.35 -18.02 19.30
C SER H 2099 -81.71 -16.66 18.70
N HIS H 2100 -82.96 -16.51 18.27
CA HIS H 2100 -83.39 -15.25 17.67
CA HIS H 2100 -83.38 -15.25 17.67
C HIS H 2100 -83.29 -14.10 18.66
N MET H 2101 -83.69 -14.33 19.90
CA MET H 2101 -83.67 -13.24 20.88
C MET H 2101 -82.24 -12.80 21.19
N VAL H 2102 -81.32 -13.76 21.32
CA VAL H 2102 -79.92 -13.39 21.54
C VAL H 2102 -79.40 -12.57 20.36
N VAL H 2103 -79.63 -13.06 19.14
CA VAL H 2103 -79.06 -12.37 17.98
C VAL H 2103 -79.68 -10.99 17.83
N ARG H 2104 -80.98 -10.87 18.07
CA ARG H 2104 -81.63 -9.56 17.98
C ARG H 2104 -81.09 -8.61 19.02
N TRP H 2105 -80.92 -9.07 20.26
CA TRP H 2105 -80.33 -8.22 21.29
C TRP H 2105 -78.95 -7.77 20.88
N ALA H 2106 -78.14 -8.68 20.35
CA ALA H 2106 -76.78 -8.34 19.99
C ALA H 2106 -76.72 -7.34 18.85
N GLN H 2107 -77.60 -7.48 17.86
CA GLN H 2107 -77.54 -6.59 16.72
C GLN H 2107 -78.42 -5.37 16.86
N GLU H 2108 -79.12 -5.22 17.98
CA GLU H 2108 -79.85 -3.98 18.22
C GLU H 2108 -79.02 -2.96 18.98
N ASP H 2109 -78.04 -3.38 19.76
CA ASP H 2109 -77.21 -2.45 20.49
C ASP H 2109 -75.90 -3.11 20.87
N TYR H 2110 -74.91 -2.28 21.16
CA TYR H 2110 -73.59 -2.74 21.60
C TYR H 2110 -73.66 -3.03 23.10
N VAL H 2111 -73.85 -4.30 23.44
CA VAL H 2111 -74.06 -4.68 24.83
C VAL H 2111 -72.83 -4.34 25.65
N GLN H 2112 -73.03 -3.57 26.71
CA GLN H 2112 -71.94 -3.06 27.53
C GLN H 2112 -71.64 -3.92 28.74
N SER H 2113 -72.48 -4.91 29.04
CA SER H 2113 -72.31 -5.69 30.25
C SER H 2113 -71.59 -7.00 29.92
N PRO H 2114 -70.36 -7.20 30.39
CA PRO H 2114 -69.68 -8.46 30.10
C PRO H 2114 -70.43 -9.68 30.62
N GLU H 2115 -71.06 -9.58 31.79
CA GLU H 2115 -71.85 -10.69 32.29
C GLU H 2115 -73.00 -11.01 31.35
N LEU H 2116 -73.69 -9.98 30.87
CA LEU H 2116 -74.79 -10.22 29.94
C LEU H 2116 -74.28 -10.85 28.65
N VAL H 2117 -73.15 -10.38 28.14
CA VAL H 2117 -72.61 -10.92 26.90
C VAL H 2117 -72.30 -12.40 27.07
N ARG H 2118 -71.60 -12.74 28.14
CA ARG H 2118 -71.24 -14.13 28.37
C ARG H 2118 -72.49 -14.99 28.53
N ALA H 2119 -73.49 -14.49 29.26
CA ALA H 2119 -74.71 -15.24 29.47
C ALA H 2119 -75.41 -15.52 28.15
N MET H 2120 -75.58 -14.49 27.31
CA MET H 2120 -76.36 -14.68 26.09
C MET H 2120 -75.62 -15.59 25.13
N PHE H 2121 -74.29 -15.48 25.06
CA PHE H 2121 -73.60 -16.34 24.11
C PHE H 2121 -73.49 -17.79 24.59
N SER H 2122 -73.38 -18.01 25.90
CA SER H 2122 -73.50 -19.36 26.42
C SER H 2122 -74.85 -19.95 26.06
N LEU H 2123 -75.91 -19.16 26.26
CA LEU H 2123 -77.25 -19.60 25.93
C LEU H 2123 -77.35 -19.97 24.46
N LEU H 2124 -76.82 -19.13 23.57
CA LEU H 2124 -76.91 -19.39 22.14
C LEU H 2124 -76.19 -20.66 21.75
N HIS H 2125 -74.99 -20.87 22.31
CA HIS H 2125 -74.24 -22.07 21.98
C HIS H 2125 -75.00 -23.30 22.43
N ARG H 2126 -75.67 -23.24 23.57
CA ARG H 2126 -76.46 -24.40 24.00
C ARG H 2126 -77.54 -24.73 22.98
N GLN H 2127 -78.21 -23.73 22.44
CA GLN H 2127 -79.25 -23.99 21.45
C GLN H 2127 -78.68 -24.56 20.18
N TYR H 2128 -77.48 -24.13 19.79
CA TYR H 2128 -76.93 -24.63 18.53
C TYR H 2128 -76.39 -26.05 18.66
N ASP H 2129 -75.86 -26.44 19.81
CA ASP H 2129 -75.30 -27.78 19.99
C ASP H 2129 -76.01 -28.49 21.14
N GLY H 2130 -77.21 -28.97 20.86
CA GLY H 2130 -77.96 -29.71 21.84
C GLY H 2130 -77.41 -31.10 21.99
N LEU H 2131 -77.02 -31.69 20.86
CA LEU H 2131 -76.49 -33.05 20.89
C LEU H 2131 -75.15 -33.09 21.61
N GLY H 2132 -74.30 -32.08 21.39
CA GLY H 2132 -73.07 -32.00 22.15
C GLY H 2132 -73.30 -31.74 23.62
N GLU H 2133 -74.30 -30.91 23.95
CA GLU H 2133 -74.63 -30.70 25.35
C GLU H 2133 -75.06 -32.01 26.00
N LEU H 2134 -75.88 -32.79 25.30
CA LEU H 2134 -76.31 -34.08 25.83
C LEU H 2134 -75.14 -35.03 25.99
N LEU H 2135 -74.24 -35.05 25.02
CA LEU H 2135 -73.07 -35.92 25.09
C LEU H 2135 -72.20 -35.59 26.29
N ARG H 2136 -72.03 -34.30 26.56
CA ARG H 2136 -71.27 -33.90 27.74
C ARG H 2136 -72.03 -34.10 29.04
N ALA H 2137 -73.36 -34.12 29.01
CA ALA H 2137 -74.14 -34.40 30.20
C ALA H 2137 -74.20 -35.87 30.57
N LEU H 2138 -74.12 -36.77 29.59
CA LEU H 2138 -74.27 -38.19 29.87
C LEU H 2138 -73.30 -38.75 30.90
N PRO H 2139 -72.02 -38.35 30.95
CA PRO H 2139 -71.14 -38.92 31.98
C PRO H 2139 -71.63 -38.74 33.40
N ARG H 2140 -72.52 -37.79 33.65
CA ARG H 2140 -73.06 -37.58 34.98
C ARG H 2140 -74.44 -38.19 35.16
N ALA H 2141 -74.88 -39.04 34.23
CA ALA H 2141 -76.15 -39.74 34.35
C ALA H 2141 -75.89 -41.16 34.83
N TYR H 2142 -76.82 -41.67 35.64
CA TYR H 2142 -76.66 -42.99 36.22
C TYR H 2142 -78.03 -43.52 36.57
N THR H 2143 -78.29 -44.79 36.24
CA THR H 2143 -79.54 -45.44 36.58
C THR H 2143 -79.34 -46.35 37.78
N ILE H 2144 -80.28 -46.29 38.72
CA ILE H 2144 -80.21 -47.10 39.93
C ILE H 2144 -81.49 -47.89 40.05
N SER H 2145 -81.41 -48.97 40.81
CA SER H 2145 -82.58 -49.76 41.11
C SER H 2145 -83.54 -48.95 41.98
N PRO H 2146 -84.84 -49.18 41.85
CA PRO H 2146 -85.80 -48.47 42.72
C PRO H 2146 -85.62 -48.79 44.18
N SER H 2147 -84.98 -49.91 44.52
CA SER H 2147 -84.75 -50.25 45.91
C SER H 2147 -83.60 -49.47 46.53
N SER H 2148 -82.76 -48.82 45.74
CA SER H 2148 -81.61 -48.07 46.25
C SER H 2148 -81.91 -46.58 46.37
N VAL H 2149 -83.17 -46.19 46.22
CA VAL H 2149 -83.51 -44.78 46.16
C VAL H 2149 -83.28 -44.10 47.51
N GLU H 2150 -83.74 -44.72 48.60
CA GLU H 2150 -83.63 -44.07 49.90
C GLU H 2150 -82.17 -43.94 50.33
N ASP H 2151 -81.36 -44.96 50.05
CA ASP H 2151 -79.95 -44.89 50.44
C ASP H 2151 -79.19 -43.89 49.58
N THR H 2152 -79.48 -43.85 48.27
CA THR H 2152 -78.90 -42.81 47.44
C THR H 2152 -79.36 -41.43 47.90
N MET H 2153 -80.57 -41.36 48.43
CA MET H 2153 -81.08 -40.10 48.96
C MET H 2153 -80.25 -39.63 50.14
N SER H 2154 -80.02 -40.53 51.10
CA SER H 2154 -79.23 -40.18 52.27
C SER H 2154 -77.81 -39.81 51.88
N LEU H 2155 -77.24 -40.55 50.94
CA LEU H 2155 -75.89 -40.24 50.47
C LEU H 2155 -75.85 -38.87 49.81
N LEU H 2156 -76.88 -38.51 49.04
CA LEU H 2156 -76.91 -37.19 48.42
C LEU H 2156 -77.05 -36.10 49.46
N GLU H 2157 -77.82 -36.33 50.52
CA GLU H 2157 -77.92 -35.34 51.58
C GLU H 2157 -76.56 -35.10 52.23
N CYS H 2158 -75.83 -36.18 52.52
CA CYS H 2158 -74.49 -36.02 53.10
C CYS H 2158 -73.55 -35.33 52.13
N LEU H 2159 -73.62 -35.67 50.85
CA LEU H 2159 -72.76 -35.02 49.87
C LEU H 2159 -73.08 -33.53 49.75
N GLY H 2160 -74.36 -33.17 49.82
CA GLY H 2160 -74.71 -31.77 49.82
C GLY H 2160 -74.18 -31.03 51.03
N GLN H 2161 -74.22 -31.69 52.19
CA GLN H 2161 -73.61 -31.11 53.38
C GLN H 2161 -72.12 -30.88 53.17
N ILE H 2162 -71.42 -31.84 52.58
CA ILE H 2162 -70.00 -31.67 52.32
C ILE H 2162 -69.75 -30.51 51.36
N ARG H 2163 -70.52 -30.45 50.28
CA ARG H 2163 -70.33 -29.40 49.29
C ARG H 2163 -70.59 -28.03 49.87
N SER H 2164 -71.54 -27.92 50.81
CA SER H 2164 -71.84 -26.65 51.43
C SER H 2164 -70.68 -26.12 52.26
N LEU H 2165 -69.72 -26.97 52.62
CA LEU H 2165 -68.57 -26.56 53.39
C LEU H 2165 -67.43 -26.08 52.52
N LEU H 2166 -67.62 -25.99 51.22
CA LEU H 2166 -66.59 -25.48 50.33
C LEU H 2166 -66.52 -23.97 50.33
N ILE H 2167 -67.48 -23.29 50.95
CA ILE H 2167 -67.62 -21.84 50.88
C ILE H 2167 -67.56 -21.20 52.26
N VAL H 2168 -67.06 -21.92 53.26
CA VAL H 2168 -66.99 -21.41 54.62
C VAL H 2168 -65.61 -21.68 55.16
N GLN H 2169 -65.06 -20.71 55.89
CA GLN H 2169 -63.80 -20.92 56.59
C GLN H 2169 -63.94 -22.05 57.60
N MET H 2170 -62.91 -22.88 57.65
CA MET H 2170 -62.98 -24.13 58.37
C MET H 2170 -62.95 -23.88 59.88
N GLY H 2171 -63.77 -24.60 60.63
CA GLY H 2171 -63.87 -24.44 62.05
C GLY H 2171 -64.22 -25.74 62.75
N PRO H 2172 -64.44 -25.67 64.07
CA PRO H 2172 -64.76 -26.91 64.80
C PRO H 2172 -66.13 -27.49 64.50
N GLN H 2173 -67.15 -26.64 64.40
CA GLN H 2173 -68.47 -27.15 64.03
C GLN H 2173 -68.45 -27.73 62.63
N GLU H 2174 -67.73 -27.08 61.71
CA GLU H 2174 -67.55 -27.62 60.37
C GLU H 2174 -66.80 -28.94 60.41
N GLU H 2175 -65.80 -29.06 61.29
CA GLU H 2175 -65.09 -30.32 61.43
C GLU H 2175 -66.03 -31.44 61.86
N ASN H 2176 -66.87 -31.18 62.86
CA ASN H 2176 -67.80 -32.20 63.31
C ASN H 2176 -68.77 -32.59 62.21
N LEU H 2177 -69.32 -31.60 61.51
CA LEU H 2177 -70.27 -31.88 60.45
C LEU H 2177 -69.61 -32.69 59.32
N MET H 2178 -68.40 -32.32 58.95
CA MET H 2178 -67.70 -33.02 57.89
C MET H 2178 -67.38 -34.45 58.29
N ILE H 2179 -66.94 -34.65 59.53
CA ILE H 2179 -66.62 -35.99 60.00
C ILE H 2179 -67.87 -36.87 59.99
N GLN H 2180 -68.99 -36.35 60.49
CA GLN H 2180 -70.18 -37.19 60.51
C GLN H 2180 -70.70 -37.45 59.10
N SER H 2181 -70.59 -36.47 58.20
CA SER H 2181 -71.01 -36.68 56.82
C SER H 2181 -70.20 -37.78 56.17
N ILE H 2182 -68.88 -37.73 56.33
CA ILE H 2182 -68.01 -38.74 55.73
C ILE H 2182 -68.32 -40.11 56.31
N GLY H 2183 -68.48 -40.17 57.64
CA GLY H 2183 -68.79 -41.46 58.25
C GLY H 2183 -70.10 -42.05 57.76
N ASN H 2184 -71.13 -41.21 57.63
CA ASN H 2184 -72.39 -41.68 57.10
C ASN H 2184 -72.22 -42.18 55.68
N ILE H 2185 -71.38 -41.51 54.89
CA ILE H 2185 -71.15 -41.96 53.52
C ILE H 2185 -70.49 -43.33 53.52
N MET H 2186 -69.45 -43.53 54.35
CA MET H 2186 -68.82 -44.84 54.43
C MET H 2186 -69.76 -45.93 54.91
N ASN H 2187 -70.69 -45.61 55.82
CA ASN H 2187 -71.63 -46.62 56.28
C ASN H 2187 -72.81 -46.83 55.34
N ASN H 2188 -72.76 -46.27 54.14
CA ASN H 2188 -73.84 -46.39 53.17
C ASN H 2188 -73.47 -47.48 52.16
N LYS H 2189 -74.37 -48.43 51.95
CA LYS H 2189 -74.07 -49.52 51.03
C LYS H 2189 -73.99 -49.04 49.59
N VAL H 2190 -74.64 -47.92 49.28
CA VAL H 2190 -74.57 -47.36 47.93
C VAL H 2190 -73.14 -46.95 47.59
N PHE H 2191 -72.41 -46.42 48.58
CA PHE H 2191 -71.02 -46.06 48.36
C PHE H 2191 -70.17 -47.27 48.02
N TYR H 2192 -70.57 -48.45 48.48
CA TYR H 2192 -69.86 -49.68 48.17
C TYR H 2192 -70.24 -50.24 46.82
N GLN H 2193 -71.55 -50.27 46.53
CA GLN H 2193 -72.05 -51.00 45.37
C GLN H 2193 -71.98 -50.21 44.08
N HIS H 2194 -71.82 -48.90 44.14
CA HIS H 2194 -71.85 -48.04 42.95
C HIS H 2194 -70.64 -47.11 42.93
N PRO H 2195 -69.44 -47.66 42.88
CA PRO H 2195 -68.25 -46.80 42.79
C PRO H 2195 -68.26 -45.91 41.57
N ASN H 2196 -68.82 -46.37 40.46
CA ASN H 2196 -68.92 -45.53 39.28
C ASN H 2196 -69.78 -44.30 39.56
N LEU H 2197 -70.89 -44.48 40.29
CA LEU H 2197 -71.71 -43.33 40.67
C LEU H 2197 -70.94 -42.38 41.57
N MET H 2198 -70.27 -42.92 42.59
CA MET H 2198 -69.51 -42.06 43.48
C MET H 2198 -68.41 -41.32 42.74
N ARG H 2199 -67.85 -41.92 41.69
CA ARG H 2199 -66.86 -41.24 40.89
C ARG H 2199 -67.48 -40.14 40.05
N ALA H 2200 -68.67 -40.41 39.50
CA ALA H 2200 -69.36 -39.40 38.70
C ALA H 2200 -69.73 -38.19 39.54
N LEU H 2201 -70.12 -38.41 40.79
CA LEU H 2201 -70.52 -37.30 41.65
C LEU H 2201 -69.35 -36.43 42.06
N GLY H 2202 -68.11 -36.89 41.88
CA GLY H 2202 -66.96 -36.06 42.22
C GLY H 2202 -66.65 -35.98 43.70
N MET H 2203 -67.04 -36.99 44.48
CA MET H 2203 -66.86 -36.92 45.92
C MET H 2203 -65.38 -36.85 46.28
N HIS H 2204 -64.54 -37.62 45.59
CA HIS H 2204 -63.13 -37.57 45.90
C HIS H 2204 -62.55 -36.18 45.63
N GLU H 2205 -62.99 -35.55 44.54
CA GLU H 2205 -62.54 -34.19 44.28
C GLU H 2205 -62.99 -33.24 45.38
N THR H 2206 -64.23 -33.38 45.84
CA THR H 2206 -64.73 -32.49 46.90
C THR H 2206 -63.94 -32.68 48.19
N VAL H 2207 -63.73 -33.93 48.60
CA VAL H 2207 -63.01 -34.20 49.83
C VAL H 2207 -61.57 -33.73 49.72
N MET H 2208 -60.95 -33.94 48.56
CA MET H 2208 -59.59 -33.45 48.36
C MET H 2208 -59.53 -31.94 48.46
N GLU H 2209 -60.51 -31.24 47.91
CA GLU H 2209 -60.46 -29.79 47.94
C GLU H 2209 -60.57 -29.30 49.38
N VAL H 2210 -61.46 -29.94 50.15
CA VAL H 2210 -61.56 -29.62 51.57
C VAL H 2210 -60.21 -29.81 52.26
N MET H 2211 -59.60 -30.98 52.04
CA MET H 2211 -58.38 -31.32 52.78
C MET H 2211 -57.23 -30.39 52.37
N VAL H 2212 -57.15 -30.05 51.08
CA VAL H 2212 -56.07 -29.18 50.65
C VAL H 2212 -56.27 -27.77 51.17
N ASN H 2213 -57.51 -27.30 51.27
CA ASN H 2213 -57.74 -26.00 51.91
C ASN H 2213 -57.23 -26.01 53.34
N VAL H 2214 -57.59 -27.05 54.10
CA VAL H 2214 -57.16 -27.09 55.50
C VAL H 2214 -55.64 -27.19 55.60
N LEU H 2215 -55.03 -28.03 54.77
CA LEU H 2215 -53.58 -28.21 54.83
C LEU H 2215 -52.85 -26.94 54.44
N GLY H 2216 -53.34 -26.22 53.43
CA GLY H 2216 -52.77 -24.91 53.14
C GLY H 2216 -52.93 -23.95 54.29
N GLY H 2217 -54.05 -24.07 55.01
CA GLY H 2217 -54.22 -23.28 56.22
C GLY H 2217 -53.19 -23.66 57.27
N GLY H 2218 -52.27 -22.75 57.55
CA GLY H 2218 -51.19 -23.04 58.49
C GLY H 2218 -50.28 -24.15 58.04
N GLU H 2219 -49.83 -24.10 56.78
CA GLU H 2219 -49.15 -25.24 56.16
C GLU H 2219 -47.81 -25.57 56.80
N THR H 2220 -47.23 -24.68 57.58
CA THR H 2220 -45.90 -24.98 58.11
C THR H 2220 -45.83 -24.94 59.63
N LYS H 2221 -46.49 -23.99 60.29
CA LYS H 2221 -46.33 -23.86 61.73
C LYS H 2221 -47.17 -24.87 62.51
N GLU H 2222 -48.40 -25.13 62.06
CA GLU H 2222 -49.28 -26.03 62.78
C GLU H 2222 -50.43 -26.43 61.86
N ILE H 2223 -50.63 -27.73 61.73
CA ILE H 2223 -51.77 -28.28 60.99
C ILE H 2223 -52.87 -28.54 62.01
N ARG H 2224 -54.02 -27.95 61.78
CA ARG H 2224 -55.10 -28.00 62.75
C ARG H 2224 -56.29 -28.76 62.18
N PHE H 2225 -57.21 -29.11 63.06
CA PHE H 2225 -58.25 -30.09 62.78
C PHE H 2225 -57.67 -31.38 62.20
N PRO H 2226 -56.64 -31.95 62.85
CA PRO H 2226 -56.09 -33.22 62.34
C PRO H 2226 -57.09 -34.34 62.33
N LYS H 2227 -58.14 -34.27 63.16
CA LYS H 2227 -59.15 -35.31 63.14
C LYS H 2227 -59.92 -35.33 61.84
N MET H 2228 -60.37 -34.15 61.36
CA MET H 2228 -61.05 -34.13 60.07
C MET H 2228 -60.06 -34.41 58.95
N VAL H 2229 -58.80 -34.01 59.12
CA VAL H 2229 -57.80 -34.32 58.10
C VAL H 2229 -57.60 -35.84 57.98
N THR H 2230 -57.53 -36.54 59.11
CA THR H 2230 -57.37 -37.99 59.05
C THR H 2230 -58.66 -38.67 58.60
N SER H 2231 -59.82 -38.09 58.90
CA SER H 2231 -61.06 -38.63 58.35
C SER H 2231 -61.08 -38.52 56.84
N CYS H 2232 -60.67 -37.37 56.30
CA CYS H 2232 -60.56 -37.22 54.86
C CYS H 2232 -59.60 -38.23 54.26
N CYS H 2233 -58.43 -38.38 54.87
CA CYS H 2233 -57.44 -39.29 54.31
C CYS H 2233 -57.92 -40.74 54.35
N ARG H 2234 -58.56 -41.14 55.45
CA ARG H 2234 -59.07 -42.49 55.55
C ARG H 2234 -60.17 -42.73 54.53
N PHE H 2235 -61.04 -41.73 54.33
CA PHE H 2235 -62.07 -41.84 53.30
C PHE H 2235 -61.45 -42.06 51.93
N LEU H 2236 -60.45 -41.25 51.59
CA LEU H 2236 -59.82 -41.38 50.27
C LEU H 2236 -59.13 -42.73 50.12
N CYS H 2237 -58.47 -43.21 51.17
CA CYS H 2237 -57.84 -44.52 51.09
C CYS H 2237 -58.86 -45.61 50.82
N TYR H 2238 -60.01 -45.57 51.51
CA TYR H 2238 -60.99 -46.61 51.29
C TYR H 2238 -61.54 -46.50 49.86
N PHE H 2239 -61.85 -45.28 49.44
CA PHE H 2239 -62.30 -45.03 48.07
C PHE H 2239 -61.34 -45.62 47.05
N CYS H 2240 -60.02 -45.47 47.29
CA CYS H 2240 -59.04 -46.10 46.44
C CYS H 2240 -59.15 -47.62 46.47
N ARG H 2241 -59.34 -48.18 47.66
CA ARG H 2241 -59.43 -49.63 47.79
C ARG H 2241 -60.68 -50.21 47.15
N ILE H 2242 -61.70 -49.40 46.86
CA ILE H 2242 -62.95 -49.94 46.35
C ILE H 2242 -62.75 -50.56 44.97
N SER H 2243 -62.15 -49.82 44.04
CA SER H 2243 -62.02 -50.33 42.68
C SER H 2243 -60.79 -49.74 42.02
N ARG H 2244 -60.31 -50.46 41.00
CA ARG H 2244 -59.12 -50.01 40.29
C ARG H 2244 -59.37 -48.69 39.58
N GLN H 2245 -60.60 -48.46 39.09
CA GLN H 2245 -60.90 -47.19 38.46
C GLN H 2245 -60.78 -46.04 39.46
N ASN H 2246 -61.28 -46.24 40.67
CA ASN H 2246 -61.14 -45.22 41.70
C ASN H 2246 -59.67 -45.02 42.05
N GLN H 2247 -58.91 -46.11 42.11
CA GLN H 2247 -57.49 -45.99 42.42
C GLN H 2247 -56.77 -45.17 41.35
N ARG H 2248 -57.09 -45.41 40.09
CA ARG H 2248 -56.49 -44.61 39.01
C ARG H 2248 -56.90 -43.15 39.13
N SER H 2249 -58.19 -42.92 39.40
CA SER H 2249 -58.67 -41.54 39.50
C SER H 2249 -57.94 -40.78 40.60
N MET H 2250 -57.71 -41.44 41.73
CA MET H 2250 -56.92 -40.82 42.78
C MET H 2250 -55.46 -40.69 42.39
N PHE H 2251 -54.94 -41.62 41.60
CA PHE H 2251 -53.56 -41.54 41.13
C PHE H 2251 -53.36 -40.34 40.22
N ASP H 2252 -54.42 -39.86 39.58
CA ASP H 2252 -54.31 -38.66 38.76
C ASP H 2252 -53.89 -37.44 39.57
N HIS H 2253 -54.07 -37.46 40.88
CA HIS H 2253 -53.64 -36.37 41.75
C HIS H 2253 -52.44 -36.73 42.60
N LEU H 2254 -51.54 -37.56 42.08
CA LEU H 2254 -50.43 -38.06 42.89
C LEU H 2254 -49.50 -36.92 43.30
N SER H 2255 -49.07 -36.12 42.33
CA SER H 2255 -48.23 -34.96 42.65
C SER H 2255 -49.00 -33.96 43.49
N TYR H 2256 -50.31 -33.87 43.27
CA TYR H 2256 -51.16 -32.96 44.03
C TYR H 2256 -51.17 -33.34 45.51
N LEU H 2257 -51.15 -34.64 45.80
CA LEU H 2257 -51.02 -35.09 47.18
C LEU H 2257 -49.60 -34.88 47.69
N LEU H 2258 -48.61 -35.17 46.85
CA LEU H 2258 -47.21 -35.10 47.30
C LEU H 2258 -46.83 -33.70 47.71
N GLU H 2259 -47.25 -32.70 46.93
CA GLU H 2259 -46.92 -31.31 47.25
C GLU H 2259 -47.53 -30.87 48.58
N ASN H 2260 -48.59 -31.52 49.03
CA ASN H 2260 -49.15 -31.28 50.35
C ASN H 2260 -48.65 -32.28 51.39
N SER H 2261 -47.79 -33.21 51.01
CA SER H 2261 -47.37 -34.27 51.91
C SER H 2261 -46.12 -33.92 52.69
N GLY H 2262 -45.51 -32.76 52.43
CA GLY H 2262 -44.27 -32.41 53.12
C GLY H 2262 -44.46 -32.21 54.61
N ILE H 2263 -45.61 -31.69 55.01
CA ILE H 2263 -45.88 -31.38 56.41
C ILE H 2263 -46.78 -32.41 57.08
N GLY H 2264 -47.26 -33.40 56.35
CA GLY H 2264 -48.15 -34.39 56.94
C GLY H 2264 -47.47 -35.31 57.94
N LEU H 2265 -46.14 -35.23 58.07
CA LEU H 2265 -45.42 -36.13 58.96
C LEU H 2265 -45.77 -35.88 60.43
N GLY H 2266 -45.85 -34.61 60.83
CA GLY H 2266 -46.13 -34.32 62.23
C GLY H 2266 -47.45 -34.90 62.69
N MET H 2267 -48.48 -34.76 61.86
CA MET H 2267 -49.75 -35.44 62.13
C MET H 2267 -49.58 -36.94 61.99
N GLN H 2268 -50.29 -37.68 62.82
CA GLN H 2268 -50.23 -39.14 62.82
CA GLN H 2268 -50.23 -39.14 62.82
C GLN H 2268 -51.61 -39.73 62.52
N GLY H 2269 -51.61 -40.90 61.90
CA GLY H 2269 -52.84 -41.55 61.52
C GLY H 2269 -52.89 -41.79 60.02
N SER H 2270 -53.94 -41.31 59.37
CA SER H 2270 -54.04 -41.35 57.92
C SER H 2270 -53.68 -39.97 57.37
N THR H 2271 -52.72 -39.93 56.46
CA THR H 2271 -52.14 -38.70 55.96
C THR H 2271 -52.07 -38.73 54.45
N PRO H 2272 -51.92 -37.56 53.80
CA PRO H 2272 -51.89 -37.55 52.33
C PRO H 2272 -50.82 -38.44 51.73
N LEU H 2273 -49.69 -38.60 52.41
CA LEU H 2273 -48.69 -39.56 51.95
C LEU H 2273 -49.27 -40.97 51.96
N ASP H 2274 -50.04 -41.30 53.00
CA ASP H 2274 -50.68 -42.60 53.05
C ASP H 2274 -51.69 -42.75 51.94
N VAL H 2275 -52.40 -41.67 51.61
CA VAL H 2275 -53.35 -41.72 50.50
C VAL H 2275 -52.62 -42.01 49.19
N ALA H 2276 -51.50 -41.33 48.97
CA ALA H 2276 -50.72 -41.58 47.76
C ALA H 2276 -50.25 -43.03 47.70
N ALA H 2277 -49.80 -43.56 48.84
CA ALA H 2277 -49.37 -44.95 48.88
C ALA H 2277 -50.53 -45.90 48.55
N ALA H 2278 -51.71 -45.61 49.11
CA ALA H 2278 -52.89 -46.42 48.81
C ALA H 2278 -53.36 -46.24 47.38
N SER H 2279 -52.90 -45.20 46.71
CA SER H 2279 -53.29 -44.93 45.33
C SER H 2279 -52.49 -45.72 44.32
N VAL H 2280 -51.46 -46.46 44.74
CA VAL H 2280 -50.64 -47.24 43.83
C VAL H 2280 -50.45 -48.68 44.28
N ILE H 2281 -50.90 -49.04 45.48
CA ILE H 2281 -50.58 -50.34 46.05
C ILE H 2281 -51.20 -51.44 45.20
N ASP H 2282 -50.38 -52.43 44.86
CA ASP H 2282 -50.82 -53.62 44.14
C ASP H 2282 -51.50 -53.27 42.82
N ASN H 2283 -50.97 -52.24 42.15
CA ASN H 2283 -51.47 -51.83 40.85
C ASN H 2283 -50.26 -51.68 39.93
N ASN H 2284 -50.00 -52.71 39.12
CA ASN H 2284 -48.84 -52.69 38.26
C ASN H 2284 -48.92 -51.57 37.23
N GLU H 2285 -50.10 -51.34 36.67
CA GLU H 2285 -50.25 -50.28 35.68
C GLU H 2285 -49.93 -48.92 36.27
N LEU H 2286 -50.43 -48.64 37.47
CA LEU H 2286 -50.13 -47.36 38.10
C LEU H 2286 -48.68 -47.28 38.57
N ALA H 2287 -48.07 -48.43 38.89
CA ALA H 2287 -46.66 -48.43 39.22
C ALA H 2287 -45.81 -48.08 38.02
N LEU H 2288 -46.12 -48.66 36.86
CA LEU H 2288 -45.41 -48.34 35.64
C LEU H 2288 -45.65 -46.92 35.17
N ALA H 2289 -46.87 -46.42 35.33
CA ALA H 2289 -47.18 -45.06 34.92
C ALA H 2289 -46.70 -44.02 35.90
N LEU H 2290 -46.01 -44.42 36.95
CA LEU H 2290 -45.57 -43.48 37.97
C LEU H 2290 -44.44 -42.64 37.42
N GLN H 2291 -44.69 -41.34 37.30
CA GLN H 2291 -43.74 -40.45 36.63
C GLN H 2291 -42.52 -40.18 37.52
N GLU H 2292 -41.42 -39.81 36.87
CA GLU H 2292 -40.12 -39.79 37.54
C GLU H 2292 -39.98 -38.62 38.52
N GLN H 2293 -40.49 -37.44 38.18
CA GLN H 2293 -40.29 -36.29 39.04
C GLN H 2293 -41.01 -36.48 40.37
N ASP H 2294 -42.01 -37.35 40.39
CA ASP H 2294 -42.65 -37.69 41.66
C ASP H 2294 -41.68 -38.40 42.59
N LEU H 2295 -40.98 -39.42 42.07
CA LEU H 2295 -39.94 -40.07 42.85
C LEU H 2295 -38.87 -39.07 43.23
N GLU H 2296 -38.57 -38.13 42.34
CA GLU H 2296 -37.59 -37.10 42.66
C GLU H 2296 -38.03 -36.26 43.84
N LYS H 2297 -39.30 -35.86 43.85
CA LYS H 2297 -39.82 -35.05 44.95
C LYS H 2297 -39.79 -35.83 46.26
N VAL H 2298 -40.18 -37.10 46.21
CA VAL H 2298 -40.18 -37.91 47.44
C VAL H 2298 -38.77 -38.06 47.97
N VAL H 2299 -37.80 -38.33 47.09
CA VAL H 2299 -36.42 -38.48 47.54
C VAL H 2299 -35.86 -37.17 48.04
N SER H 2300 -36.27 -36.05 47.45
CA SER H 2300 -35.84 -34.75 47.95
C SER H 2300 -36.36 -34.52 49.37
N TYR H 2301 -37.63 -34.85 49.61
CA TYR H 2301 -38.17 -34.77 50.96
C TYR H 2301 -37.39 -35.68 51.91
N LEU H 2302 -37.07 -36.88 51.46
CA LEU H 2302 -36.33 -37.80 52.32
C LEU H 2302 -34.95 -37.25 52.65
N ALA H 2303 -34.27 -36.66 51.66
CA ALA H 2303 -32.98 -36.05 51.91
C ALA H 2303 -33.10 -34.93 52.91
N GLY H 2304 -34.14 -34.10 52.78
CA GLY H 2304 -34.36 -33.06 53.77
C GLY H 2304 -34.56 -33.62 55.17
N CYS H 2305 -35.31 -34.71 55.27
CA CYS H 2305 -35.51 -35.34 56.57
C CYS H 2305 -34.22 -35.92 57.13
N GLY H 2306 -33.31 -36.34 56.26
CA GLY H 2306 -32.08 -36.91 56.75
C GLY H 2306 -31.05 -35.92 57.24
N LEU H 2307 -31.29 -34.62 57.06
CA LEU H 2307 -30.31 -33.61 57.45
C LEU H 2307 -30.76 -32.71 58.58
N GLN H 2308 -32.06 -32.60 58.84
CA GLN H 2308 -32.58 -31.68 59.84
C GLN H 2308 -33.42 -32.45 60.85
N SER H 2309 -33.41 -31.97 62.10
CA SER H 2309 -34.28 -32.52 63.12
C SER H 2309 -35.73 -32.11 62.85
N CYS H 2310 -36.64 -32.87 63.44
CA CYS H 2310 -38.06 -32.53 63.33
C CYS H 2310 -38.35 -31.32 64.22
N PRO H 2311 -38.81 -30.20 63.66
CA PRO H 2311 -39.08 -29.03 64.52
C PRO H 2311 -40.17 -29.29 65.55
N MET H 2312 -41.16 -30.10 65.22
CA MET H 2312 -42.21 -30.41 66.19
C MET H 2312 -41.65 -31.16 67.39
N LEU H 2313 -40.78 -32.15 67.15
CA LEU H 2313 -40.15 -32.86 68.26
C LEU H 2313 -39.19 -31.97 69.02
N LEU H 2314 -38.48 -31.09 68.31
CA LEU H 2314 -37.60 -30.14 68.98
C LEU H 2314 -38.39 -29.25 69.94
N ALA H 2315 -39.58 -28.84 69.53
CA ALA H 2315 -40.42 -28.00 70.37
C ALA H 2315 -40.95 -28.74 71.61
N LYS H 2316 -40.80 -30.05 71.67
CA LYS H 2316 -41.28 -30.83 72.80
C LYS H 2316 -40.17 -31.28 73.73
N GLY H 2317 -38.97 -30.72 73.59
CA GLY H 2317 -37.90 -31.01 74.51
C GLY H 2317 -37.11 -32.25 74.23
N TYR H 2318 -37.29 -32.89 73.08
CA TYR H 2318 -36.48 -34.04 72.74
C TYR H 2318 -35.04 -33.61 72.47
N PRO H 2319 -34.07 -34.49 72.69
CA PRO H 2319 -32.69 -34.17 72.30
C PRO H 2319 -32.58 -33.98 70.80
N ASP H 2320 -31.66 -33.11 70.40
CA ASP H 2320 -31.53 -32.69 69.00
C ASP H 2320 -30.51 -33.57 68.31
N ILE H 2321 -31.00 -34.56 67.58
CA ILE H 2321 -30.18 -35.31 66.64
C ILE H 2321 -30.38 -34.68 65.27
N GLY H 2322 -29.34 -34.73 64.45
CA GLY H 2322 -29.36 -33.95 63.22
C GLY H 2322 -30.18 -34.54 62.09
N TRP H 2323 -31.25 -35.28 62.40
CA TRP H 2323 -32.06 -35.90 61.36
C TRP H 2323 -33.36 -36.38 61.98
N ASN H 2324 -34.29 -36.78 61.10
CA ASN H 2324 -35.67 -37.10 61.48
C ASN H 2324 -36.03 -38.48 60.96
N PRO H 2325 -35.65 -39.53 61.70
CA PRO H 2325 -36.00 -40.88 61.27
C PRO H 2325 -37.48 -41.12 61.16
N CYS H 2326 -38.29 -40.41 61.94
CA CYS H 2326 -39.74 -40.60 61.87
C CYS H 2326 -40.27 -40.29 60.47
N GLY H 2327 -39.94 -39.11 59.95
CA GLY H 2327 -40.34 -38.79 58.59
C GLY H 2327 -39.61 -39.62 57.55
N GLY H 2328 -38.36 -39.98 57.86
CA GLY H 2328 -37.62 -40.84 56.94
C GLY H 2328 -38.35 -42.14 56.67
N GLU H 2329 -38.86 -42.77 57.73
CA GLU H 2329 -39.62 -44.01 57.54
C GLU H 2329 -40.86 -43.76 56.72
N ARG H 2330 -41.52 -42.61 56.94
CA ARG H 2330 -42.76 -42.34 56.22
C ARG H 2330 -42.53 -42.24 54.72
N TYR H 2331 -41.42 -41.63 54.31
CA TYR H 2331 -41.13 -41.61 52.87
C TYR H 2331 -40.63 -42.96 52.38
N LEU H 2332 -39.88 -43.68 53.20
CA LEU H 2332 -39.34 -44.96 52.76
C LEU H 2332 -40.44 -45.95 52.47
N ASP H 2333 -41.49 -45.98 53.31
CA ASP H 2333 -42.57 -46.93 53.05
C ASP H 2333 -43.32 -46.60 51.75
N PHE H 2334 -43.50 -45.31 51.47
CA PHE H 2334 -44.06 -44.93 50.18
C PHE H 2334 -43.23 -45.48 49.03
N LEU H 2335 -41.93 -45.21 49.06
CA LEU H 2335 -41.10 -45.72 47.98
C LEU H 2335 -41.16 -47.23 47.90
N ARG H 2336 -41.26 -47.89 49.05
CA ARG H 2336 -41.34 -49.35 49.06
C ARG H 2336 -42.58 -49.84 48.34
N PHE H 2337 -43.72 -49.20 48.59
CA PHE H 2337 -44.93 -49.56 47.85
C PHE H 2337 -44.78 -49.25 46.37
N ALA H 2338 -44.03 -48.21 46.04
CA ALA H 2338 -43.84 -47.84 44.65
C ALA H 2338 -42.99 -48.84 43.89
N VAL H 2339 -41.93 -49.35 44.50
CA VAL H 2339 -40.95 -50.18 43.79
C VAL H 2339 -41.24 -51.67 43.88
N PHE H 2340 -42.32 -52.07 44.55
CA PHE H 2340 -42.65 -53.48 44.73
C PHE H 2340 -44.15 -53.65 44.62
N VAL H 2341 -44.60 -54.46 43.67
CA VAL H 2341 -46.02 -54.71 43.44
C VAL H 2341 -46.23 -56.21 43.29
N ASN H 2342 -47.13 -56.77 44.09
CA ASN H 2342 -47.60 -58.14 43.92
C ASN H 2342 -46.46 -59.15 43.98
N GLY H 2343 -45.47 -58.90 44.84
CA GLY H 2343 -44.42 -59.87 45.07
C GLY H 2343 -43.27 -59.84 44.10
N GLU H 2344 -43.22 -58.88 43.18
CA GLU H 2344 -42.12 -58.74 42.25
C GLU H 2344 -41.63 -57.30 42.26
N SER H 2345 -40.42 -57.10 41.75
CA SER H 2345 -39.82 -55.78 41.74
C SER H 2345 -40.03 -55.10 40.40
N VAL H 2346 -40.64 -53.92 40.42
CA VAL H 2346 -40.77 -53.10 39.23
C VAL H 2346 -39.39 -52.53 38.91
N GLU H 2347 -38.74 -53.09 37.89
CA GLU H 2347 -37.36 -52.72 37.62
C GLU H 2347 -37.24 -51.27 37.18
N GLU H 2348 -38.20 -50.77 36.40
CA GLU H 2348 -38.12 -49.40 35.92
C GLU H 2348 -38.10 -48.41 37.07
N ASN H 2349 -38.96 -48.62 38.07
CA ASN H 2349 -39.00 -47.74 39.21
C ASN H 2349 -37.83 -47.98 40.16
N ALA H 2350 -37.44 -49.25 40.30
CA ALA H 2350 -36.37 -49.59 41.22
C ALA H 2350 -35.06 -48.94 40.82
N ASN H 2351 -34.74 -48.99 39.52
CA ASN H 2351 -33.50 -48.38 39.07
C ASN H 2351 -33.50 -46.89 39.34
N VAL H 2352 -34.63 -46.22 39.06
CA VAL H 2352 -34.71 -44.78 39.29
C VAL H 2352 -34.52 -44.46 40.76
N VAL H 2353 -35.15 -45.24 41.64
CA VAL H 2353 -35.05 -44.97 43.06
C VAL H 2353 -33.63 -45.16 43.54
N VAL H 2354 -32.97 -46.23 43.10
CA VAL H 2354 -31.60 -46.48 43.53
C VAL H 2354 -30.69 -45.35 43.07
N ARG H 2355 -30.84 -44.93 41.81
CA ARG H 2355 -29.97 -43.88 41.29
C ARG H 2355 -30.21 -42.57 42.03
N LEU H 2356 -31.47 -42.23 42.30
CA LEU H 2356 -31.74 -41.01 43.05
C LEU H 2356 -31.13 -41.07 44.43
N LEU H 2357 -31.24 -42.22 45.09
CA LEU H 2357 -30.70 -42.37 46.43
C LEU H 2357 -29.19 -42.19 46.42
N ILE H 2358 -28.49 -42.83 45.48
CA ILE H 2358 -27.04 -42.68 45.46
C ILE H 2358 -26.65 -41.27 45.03
N ARG H 2359 -27.54 -40.58 44.31
CA ARG H 2359 -27.26 -39.20 43.95
C ARG H 2359 -27.43 -38.25 45.12
N LYS H 2360 -28.23 -38.63 46.12
CA LYS H 2360 -28.36 -37.85 47.35
C LYS H 2360 -28.02 -38.77 48.52
N PRO H 2361 -26.72 -38.97 48.78
CA PRO H 2361 -26.32 -40.01 49.74
C PRO H 2361 -26.80 -39.77 51.15
N GLU H 2362 -27.13 -38.53 51.51
CA GLU H 2362 -27.58 -38.22 52.86
C GLU H 2362 -28.89 -38.90 53.20
N CYS H 2363 -29.62 -39.40 52.20
CA CYS H 2363 -30.87 -40.10 52.46
C CYS H 2363 -30.67 -41.37 53.27
N PHE H 2364 -29.45 -41.89 53.34
CA PHE H 2364 -29.18 -43.12 54.05
C PHE H 2364 -29.01 -42.91 55.55
N GLY H 2365 -29.00 -41.67 56.03
CA GLY H 2365 -28.85 -41.42 57.44
C GLY H 2365 -27.40 -41.26 57.84
N PRO H 2366 -27.16 -40.99 59.12
CA PRO H 2366 -25.78 -40.79 59.59
C PRO H 2366 -24.90 -42.00 59.39
N ALA H 2367 -25.43 -43.20 59.56
CA ALA H 2367 -24.68 -44.36 59.15
C ALA H 2367 -24.75 -44.48 57.63
N LEU H 2368 -23.84 -45.28 57.09
CA LEU H 2368 -23.74 -45.47 55.64
C LEU H 2368 -23.36 -44.19 54.91
N ARG H 2369 -22.83 -43.21 55.64
CA ARG H 2369 -22.47 -41.93 55.03
CA ARG H 2369 -22.47 -41.93 55.04
C ARG H 2369 -21.12 -41.96 54.34
N GLY H 2370 -20.30 -42.96 54.59
CA GLY H 2370 -19.00 -43.02 53.95
C GLY H 2370 -17.91 -42.47 54.84
N GLU H 2371 -17.47 -41.24 54.58
CA GLU H 2371 -16.47 -40.63 55.43
C GLU H 2371 -17.09 -40.26 56.77
N GLY H 2372 -16.39 -40.58 57.86
CA GLY H 2372 -16.87 -40.26 59.18
C GLY H 2372 -18.17 -40.94 59.57
N GLY H 2373 -18.55 -42.01 58.87
CA GLY H 2373 -19.80 -42.69 59.12
C GLY H 2373 -19.56 -44.11 59.62
N SER H 2374 -20.24 -44.44 60.72
CA SER H 2374 -20.11 -45.77 61.28
C SER H 2374 -20.98 -46.76 60.51
N GLY H 2375 -20.75 -48.04 60.76
CA GLY H 2375 -21.45 -49.08 60.03
C GLY H 2375 -22.89 -49.23 60.47
N LEU H 2376 -23.61 -50.06 59.74
CA LEU H 2376 -25.02 -50.27 60.05
C LEU H 2376 -25.18 -51.01 61.36
N LEU H 2377 -24.32 -52.00 61.62
CA LEU H 2377 -24.37 -52.71 62.89
C LEU H 2377 -24.05 -51.77 64.06
N ALA H 2378 -23.04 -50.92 63.88
CA ALA H 2378 -22.73 -49.93 64.91
C ALA H 2378 -23.93 -49.00 65.14
N ALA H 2379 -24.61 -48.62 64.07
CA ALA H 2379 -25.76 -47.75 64.20
C ALA H 2379 -26.88 -48.42 64.99
N ILE H 2380 -27.15 -49.69 64.70
CA ILE H 2380 -28.21 -50.39 65.41
C ILE H 2380 -27.85 -50.55 66.89
N GLU H 2381 -26.59 -50.86 67.19
CA GLU H 2381 -26.19 -50.99 68.59
C GLU H 2381 -26.30 -49.65 69.31
N GLU H 2382 -25.91 -48.57 68.65
CA GLU H 2382 -26.08 -47.25 69.24
C GLU H 2382 -27.54 -46.95 69.49
N ALA H 2383 -28.42 -47.38 68.58
CA ALA H 2383 -29.85 -47.17 68.79
C ALA H 2383 -30.35 -47.95 69.99
N ILE H 2384 -29.87 -49.18 70.17
CA ILE H 2384 -30.27 -49.97 71.33
C ILE H 2384 -29.83 -49.29 72.61
N ARG H 2385 -28.59 -48.80 72.65
CA ARG H 2385 -28.11 -48.12 73.85
C ARG H 2385 -28.89 -46.84 74.10
N ILE H 2386 -29.25 -46.13 73.01
CA ILE H 2386 -30.10 -44.95 73.12
C ILE H 2386 -31.42 -45.31 73.78
N SER H 2387 -32.00 -46.43 73.36
CA SER H 2387 -33.27 -46.87 73.93
C SER H 2387 -33.14 -47.16 75.41
N GLU H 2388 -32.09 -47.89 75.78
CA GLU H 2388 -31.90 -48.22 77.19
C GLU H 2388 -31.67 -46.98 78.05
N ASP H 2389 -30.98 -45.98 77.53
CA ASP H 2389 -30.61 -44.82 78.33
C ASP H 2389 -31.67 -43.74 78.22
N PRO H 2390 -32.36 -43.40 79.30
CA PRO H 2390 -33.29 -42.25 79.25
C PRO H 2390 -32.52 -40.95 79.21
N ALA H 2391 -33.23 -39.82 79.17
CA ALA H 2391 -32.69 -38.49 78.98
C ALA H 2391 -31.96 -38.35 77.65
N ARG H 2392 -31.88 -39.42 76.88
CA ARG H 2392 -31.32 -39.41 75.54
C ARG H 2392 -32.23 -40.07 74.54
N ASP H 2393 -33.30 -40.75 74.98
CA ASP H 2393 -34.31 -41.30 74.11
C ASP H 2393 -35.60 -40.50 74.12
N GLY H 2394 -35.96 -39.91 75.24
CA GLY H 2394 -37.16 -39.11 75.34
C GLY H 2394 -36.84 -37.70 75.77
N PRO H 2395 -37.87 -36.86 75.89
CA PRO H 2395 -37.62 -35.47 76.29
C PRO H 2395 -37.02 -35.35 77.68
N GLY H 2396 -37.23 -36.34 78.53
CA GLY H 2396 -36.70 -36.30 79.88
C GLY H 2396 -37.29 -35.18 80.72
N VAL H 2397 -38.61 -35.01 80.64
CA VAL H 2397 -39.29 -33.97 81.41
C VAL H 2397 -39.37 -34.36 82.87
N PRO H 2410 -48.10 -45.39 76.55
CA PRO H 2410 -47.22 -44.23 76.33
C PRO H 2410 -47.67 -43.00 77.13
N PRO H 2411 -46.70 -42.25 77.68
CA PRO H 2411 -47.06 -41.04 78.44
C PRO H 2411 -47.85 -40.04 77.62
N GLU H 2412 -47.52 -39.90 76.34
CA GLU H 2412 -48.25 -39.03 75.42
C GLU H 2412 -49.26 -39.80 74.58
N GLU H 2413 -49.42 -41.10 74.85
CA GLU H 2413 -50.30 -42.03 74.17
C GLU H 2413 -49.80 -42.37 72.77
N ASN H 2414 -48.84 -41.58 72.27
CA ASN H 2414 -48.10 -41.88 71.06
C ASN H 2414 -46.64 -41.53 71.26
N ARG H 2415 -46.12 -41.83 72.45
CA ARG H 2415 -44.77 -41.43 72.79
C ARG H 2415 -43.77 -42.03 71.81
N VAL H 2416 -42.93 -41.18 71.25
CA VAL H 2416 -41.98 -41.60 70.22
C VAL H 2416 -40.62 -41.76 70.86
N HIS H 2417 -40.00 -42.92 70.64
CA HIS H 2417 -38.71 -43.25 71.21
C HIS H 2417 -37.65 -43.15 70.13
N LEU H 2418 -36.58 -42.41 70.40
CA LEU H 2418 -35.57 -42.18 69.40
C LEU H 2418 -34.88 -43.48 68.99
N GLY H 2419 -34.60 -44.35 69.96
CA GLY H 2419 -33.94 -45.60 69.61
C GLY H 2419 -34.76 -46.45 68.66
N HIS H 2420 -36.03 -46.65 68.99
CA HIS H 2420 -36.88 -47.44 68.12
C HIS H 2420 -37.05 -46.76 66.78
N ALA H 2421 -37.15 -45.43 66.76
CA ALA H 2421 -37.29 -44.72 65.49
C ALA H 2421 -36.06 -44.94 64.62
N ILE H 2422 -34.88 -44.91 65.22
CA ILE H 2422 -33.66 -45.10 64.45
C ILE H 2422 -33.61 -46.49 63.85
N MET H 2423 -33.85 -47.52 64.66
CA MET H 2423 -33.77 -48.86 64.10
C MET H 2423 -34.88 -49.08 63.08
N SER H 2424 -36.05 -48.47 63.28
CA SER H 2424 -37.12 -48.61 62.30
C SER H 2424 -36.74 -47.96 60.98
N PHE H 2425 -36.11 -46.78 61.04
CA PHE H 2425 -35.69 -46.12 59.81
C PHE H 2425 -34.67 -46.97 59.06
N TYR H 2426 -33.68 -47.51 59.76
CA TYR H 2426 -32.69 -48.32 59.07
C TYR H 2426 -33.29 -49.60 58.52
N ALA H 2427 -34.21 -50.21 59.27
CA ALA H 2427 -34.89 -51.40 58.77
C ALA H 2427 -35.68 -51.09 57.52
N ALA H 2428 -36.39 -49.96 57.51
CA ALA H 2428 -37.15 -49.57 56.33
C ALA H 2428 -36.24 -49.31 55.15
N LEU H 2429 -35.10 -48.66 55.38
CA LEU H 2429 -34.18 -48.40 54.28
C LEU H 2429 -33.64 -49.69 53.69
N ILE H 2430 -33.25 -50.63 54.56
CA ILE H 2430 -32.73 -51.90 54.06
C ILE H 2430 -33.82 -52.68 53.33
N ASP H 2431 -35.04 -52.63 53.83
CA ASP H 2431 -36.15 -53.29 53.14
C ASP H 2431 -36.37 -52.68 51.77
N LEU H 2432 -36.30 -51.35 51.67
CA LEU H 2432 -36.45 -50.69 50.38
C LEU H 2432 -35.37 -51.12 49.42
N LEU H 2433 -34.12 -51.11 49.87
CA LEU H 2433 -33.01 -51.49 48.99
C LEU H 2433 -33.15 -52.95 48.56
N GLY H 2434 -33.61 -53.81 49.46
CA GLY H 2434 -33.81 -55.19 49.09
C GLY H 2434 -34.90 -55.34 48.04
N ARG H 2435 -36.00 -54.62 48.20
CA ARG H 2435 -37.05 -54.69 47.19
C ARG H 2435 -36.62 -54.07 45.88
N CYS H 2436 -35.63 -53.19 45.89
CA CYS H 2436 -35.12 -52.64 44.64
C CYS H 2436 -34.19 -53.59 43.92
N ALA H 2437 -33.80 -54.70 44.53
CA ALA H 2437 -32.84 -55.60 43.93
C ALA H 2437 -33.43 -56.26 42.69
N PRO H 2438 -32.61 -56.54 41.68
CA PRO H 2438 -33.13 -57.18 40.47
C PRO H 2438 -33.63 -58.58 40.75
N GLU H 2439 -34.57 -59.02 39.93
CA GLU H 2439 -35.09 -60.36 40.09
C GLU H 2439 -34.10 -61.40 39.59
N MET H 2440 -34.29 -62.63 40.06
CA MET H 2440 -33.31 -63.68 39.81
C MET H 2440 -33.21 -64.02 38.34
N HIS H 2441 -34.32 -63.96 37.60
CA HIS H 2441 -34.25 -64.36 36.21
C HIS H 2441 -33.57 -63.29 35.37
N LEU H 2442 -33.68 -62.01 35.76
CA LEU H 2442 -32.84 -60.99 35.14
C LEU H 2442 -31.38 -61.24 35.47
N ILE H 2443 -31.08 -61.62 36.72
CA ILE H 2443 -29.69 -61.88 37.07
C ILE H 2443 -29.12 -63.01 36.22
N GLN H 2444 -29.88 -64.10 36.05
CA GLN H 2444 -29.41 -65.20 35.21
C GLN H 2444 -29.36 -64.79 33.74
N ALA H 2445 -30.23 -63.88 33.31
CA ALA H 2445 -30.19 -63.42 31.93
C ALA H 2445 -28.92 -62.64 31.62
N GLY H 2446 -28.16 -62.26 32.63
CA GLY H 2446 -26.94 -61.52 32.39
C GLY H 2446 -27.15 -60.08 32.00
N LYS H 2447 -28.29 -59.48 32.36
CA LYS H 2447 -28.56 -58.12 31.97
C LYS H 2447 -27.64 -57.16 32.72
N GLY H 2448 -26.98 -56.29 31.96
CA GLY H 2448 -25.96 -55.43 32.54
C GLY H 2448 -26.51 -54.47 33.57
N GLU H 2449 -27.67 -53.90 33.30
CA GLU H 2449 -28.27 -52.97 34.26
C GLU H 2449 -28.58 -53.65 35.58
N ALA H 2450 -29.18 -54.85 35.50
CA ALA H 2450 -29.50 -55.59 36.72
C ALA H 2450 -28.24 -55.94 37.49
N LEU H 2451 -27.20 -56.38 36.79
CA LEU H 2451 -25.95 -56.71 37.46
C LEU H 2451 -25.36 -55.47 38.13
N ARG H 2452 -25.40 -54.34 37.44
CA ARG H 2452 -24.85 -53.11 38.02
C ARG H 2452 -25.61 -52.70 39.27
N ILE H 2453 -26.94 -52.78 39.22
CA ILE H 2453 -27.73 -52.41 40.40
C ILE H 2453 -27.43 -53.33 41.56
N ARG H 2454 -27.34 -54.63 41.29
CA ARG H 2454 -27.03 -55.57 42.37
C ARG H 2454 -25.66 -55.27 42.97
N ALA H 2455 -24.69 -54.95 42.12
CA ALA H 2455 -23.36 -54.61 42.62
C ALA H 2455 -23.41 -53.37 43.49
N ILE H 2456 -24.20 -52.37 43.08
CA ILE H 2456 -24.33 -51.15 43.88
C ILE H 2456 -24.91 -51.48 45.26
N LEU H 2457 -25.96 -52.30 45.29
CA LEU H 2457 -26.56 -52.66 46.55
C LEU H 2457 -25.57 -53.40 47.44
N ARG H 2458 -24.84 -54.36 46.88
CA ARG H 2458 -23.88 -55.11 47.67
C ARG H 2458 -22.81 -54.19 48.21
N SER H 2459 -22.41 -53.18 47.44
CA SER H 2459 -21.45 -52.20 47.93
C SER H 2459 -22.04 -51.40 49.08
N LEU H 2460 -23.33 -51.07 49.00
CA LEU H 2460 -23.95 -50.27 50.07
C LEU H 2460 -24.02 -51.05 51.38
N VAL H 2461 -24.56 -52.26 51.36
CA VAL H 2461 -24.77 -52.97 52.62
C VAL H 2461 -23.88 -54.20 52.71
N PRO H 2462 -23.00 -54.28 53.69
CA PRO H 2462 -22.09 -55.42 53.78
C PRO H 2462 -22.70 -56.62 54.49
N LEU H 2463 -22.31 -57.80 53.99
CA LEU H 2463 -22.90 -59.05 54.46
C LEU H 2463 -22.61 -59.30 55.93
N ASP H 2464 -21.42 -58.92 56.39
CA ASP H 2464 -21.10 -59.11 57.80
C ASP H 2464 -22.03 -58.28 58.68
N ASP H 2465 -22.33 -57.05 58.27
CA ASP H 2465 -23.28 -56.24 59.02
C ASP H 2465 -24.68 -56.85 59.01
N LEU H 2466 -25.12 -57.36 57.86
CA LEU H 2466 -26.41 -58.03 57.83
C LEU H 2466 -26.47 -59.18 58.83
N VAL H 2467 -25.46 -60.05 58.81
CA VAL H 2467 -25.47 -61.22 59.68
C VAL H 2467 -25.39 -60.79 61.14
N GLY H 2468 -24.57 -59.79 61.44
CA GLY H 2468 -24.47 -59.32 62.80
C GLY H 2468 -25.78 -58.77 63.33
N ILE H 2469 -26.46 -57.96 62.52
CA ILE H 2469 -27.73 -57.40 62.95
C ILE H 2469 -28.77 -58.50 63.13
N ILE H 2470 -28.74 -59.52 62.26
CA ILE H 2470 -29.61 -60.67 62.47
C ILE H 2470 -29.29 -61.36 63.79
N SER H 2471 -28.01 -61.43 64.14
CA SER H 2471 -27.59 -62.18 65.31
C SER H 2471 -27.72 -61.39 66.61
N LEU H 2472 -28.20 -60.16 66.58
CA LEU H 2472 -28.38 -59.41 67.80
C LEU H 2472 -29.42 -60.10 68.68
N PRO H 2473 -29.15 -60.25 69.97
CA PRO H 2473 -30.12 -60.88 70.86
C PRO H 2473 -31.36 -60.03 71.04
N LEU H 2474 -32.49 -60.69 71.22
CA LEU H 2474 -33.77 -60.05 71.44
C LEU H 2474 -34.16 -60.20 72.90
N GLN H 2475 -34.89 -59.22 73.42
CA GLN H 2475 -35.44 -59.35 74.77
C GLN H 2475 -36.66 -60.26 74.73
N ILE H 2476 -36.65 -61.28 75.60
CA ILE H 2476 -37.68 -62.31 75.62
C ILE H 2476 -38.49 -62.13 76.90
N PRO H 2477 -39.82 -62.24 76.86
CA PRO H 2477 -40.61 -62.08 78.07
C PRO H 2477 -40.25 -63.13 79.11
N THR H 2478 -39.78 -62.68 80.26
CA THR H 2478 -39.44 -63.56 81.36
C THR H 2478 -40.53 -63.53 82.41
N LEU H 2479 -40.29 -64.22 83.51
CA LEU H 2479 -41.21 -64.30 84.62
C LEU H 2479 -40.44 -64.10 85.92
N GLY H 2480 -41.11 -63.54 86.92
CA GLY H 2480 -40.50 -63.39 88.21
C GLY H 2480 -41.15 -62.28 89.01
N LYS H 2481 -40.64 -62.10 90.23
CA LYS H 2481 -41.10 -61.04 91.13
C LYS H 2481 -42.60 -61.14 91.36
N ASP H 2482 -43.00 -62.25 91.99
CA ASP H 2482 -44.36 -62.71 92.33
C ASP H 2482 -45.09 -63.27 91.13
N GLY H 2483 -44.45 -63.34 89.96
CA GLY H 2483 -45.10 -63.85 88.78
C GLY H 2483 -45.60 -62.82 87.80
N ALA H 2484 -45.22 -61.56 87.95
CA ALA H 2484 -45.59 -60.55 86.98
C ALA H 2484 -44.82 -60.75 85.69
N LEU H 2485 -45.52 -60.59 84.57
CA LEU H 2485 -44.89 -60.74 83.26
C LEU H 2485 -43.99 -59.55 82.98
N VAL H 2486 -42.70 -59.82 82.78
CA VAL H 2486 -41.74 -58.77 82.43
C VAL H 2486 -41.63 -58.80 80.91
N GLN H 2487 -42.43 -57.98 80.26
CA GLN H 2487 -42.45 -57.96 78.80
C GLN H 2487 -41.84 -56.68 78.27
N PRO H 2488 -41.11 -56.75 77.17
CA PRO H 2488 -40.58 -55.52 76.56
C PRO H 2488 -41.70 -54.67 75.97
N LYS H 2489 -41.48 -53.36 75.97
CA LYS H 2489 -42.41 -52.43 75.35
C LYS H 2489 -42.06 -52.37 73.87
N MET H 2490 -42.92 -52.94 73.03
CA MET H 2490 -42.59 -53.14 71.63
C MET H 2490 -42.39 -51.82 70.88
N SER H 2491 -42.87 -50.71 71.42
CA SER H 2491 -42.68 -49.42 70.78
C SER H 2491 -41.34 -48.79 71.11
N ALA H 2492 -40.55 -49.41 71.99
CA ALA H 2492 -39.29 -48.79 72.39
C ALA H 2492 -38.17 -49.82 72.50
N SER H 2493 -38.18 -50.85 71.65
CA SER H 2493 -37.20 -51.90 71.78
C SER H 2493 -36.98 -52.56 70.43
N PHE H 2494 -35.90 -53.32 70.34
CA PHE H 2494 -35.58 -54.07 69.14
C PHE H 2494 -36.65 -55.12 68.89
N VAL H 2495 -37.17 -55.16 67.67
CA VAL H 2495 -38.29 -56.04 67.35
C VAL H 2495 -37.91 -56.88 66.15
N PRO H 2496 -38.50 -58.06 66.00
CA PRO H 2496 -38.10 -58.97 64.92
C PRO H 2496 -38.40 -58.45 63.53
N ASP H 2497 -39.25 -57.43 63.38
CA ASP H 2497 -39.45 -56.85 62.07
C ASP H 2497 -38.16 -56.26 61.53
N HIS H 2498 -37.37 -55.67 62.42
CA HIS H 2498 -36.07 -55.13 62.03
C HIS H 2498 -35.19 -56.24 61.47
N LYS H 2499 -35.24 -57.42 62.07
CA LYS H 2499 -34.48 -58.54 61.53
C LYS H 2499 -35.07 -59.05 60.22
N ALA H 2500 -36.39 -58.99 60.09
CA ALA H 2500 -37.03 -59.49 58.89
C ALA H 2500 -36.62 -58.68 57.67
N SER H 2501 -36.48 -57.37 57.85
CA SER H 2501 -35.99 -56.53 56.76
C SER H 2501 -34.64 -57.03 56.25
N MET H 2502 -33.70 -57.28 57.16
CA MET H 2502 -32.37 -57.70 56.74
C MET H 2502 -32.37 -59.11 56.18
N VAL H 2503 -33.27 -59.96 56.66
CA VAL H 2503 -33.40 -61.28 56.05
C VAL H 2503 -33.85 -61.14 54.60
N LEU H 2504 -34.81 -60.26 54.35
CA LEU H 2504 -35.23 -60.01 52.97
C LEU H 2504 -34.07 -59.51 52.13
N PHE H 2505 -33.30 -58.57 52.67
CA PHE H 2505 -32.16 -58.05 51.92
C PHE H 2505 -31.16 -59.15 51.61
N LEU H 2506 -30.86 -59.99 52.60
CA LEU H 2506 -29.91 -61.07 52.41
C LEU H 2506 -30.38 -62.04 51.35
N ASP H 2507 -31.67 -62.36 51.36
CA ASP H 2507 -32.20 -63.25 50.33
C ASP H 2507 -32.10 -62.63 48.95
N ARG H 2508 -32.59 -61.40 48.79
CA ARG H 2508 -32.75 -60.85 47.45
C ARG H 2508 -31.42 -60.43 46.84
N VAL H 2509 -30.56 -59.76 47.62
CA VAL H 2509 -29.35 -59.19 47.05
C VAL H 2509 -28.18 -60.17 47.10
N TYR H 2510 -27.95 -60.79 48.25
CA TYR H 2510 -26.82 -61.71 48.39
C TYR H 2510 -27.20 -63.14 48.04
N GLY H 2511 -28.31 -63.62 48.58
CA GLY H 2511 -28.69 -65.00 48.39
C GLY H 2511 -27.75 -65.95 49.11
N ILE H 2512 -28.28 -67.13 49.43
CA ILE H 2512 -27.51 -68.16 50.10
C ILE H 2512 -27.16 -69.22 49.06
N GLU H 2513 -25.87 -69.44 48.86
CA GLU H 2513 -25.39 -70.31 47.80
C GLU H 2513 -24.46 -71.40 48.29
N ASN H 2514 -23.90 -71.27 49.48
CA ASN H 2514 -22.94 -72.22 49.99
C ASN H 2514 -23.37 -72.77 51.34
N GLN H 2515 -23.20 -74.08 51.48
CA GLN H 2515 -23.67 -74.79 52.67
C GLN H 2515 -22.99 -74.28 53.92
N ASP H 2516 -21.69 -73.98 53.86
CA ASP H 2516 -20.99 -73.51 55.04
C ASP H 2516 -21.59 -72.20 55.53
N PHE H 2517 -21.90 -71.28 54.62
CA PHE H 2517 -22.48 -70.02 55.03
C PHE H 2517 -23.90 -70.20 55.53
N LEU H 2518 -24.68 -71.11 54.92
CA LEU H 2518 -26.01 -71.36 55.43
C LEU H 2518 -25.96 -71.87 56.86
N LEU H 2519 -25.07 -72.82 57.16
CA LEU H 2519 -24.93 -73.31 58.52
C LEU H 2519 -24.44 -72.21 59.45
N HIS H 2520 -23.54 -71.35 58.97
CA HIS H 2520 -23.02 -70.30 59.81
C HIS H 2520 -24.10 -69.29 60.18
N VAL H 2521 -25.01 -68.99 59.25
CA VAL H 2521 -26.08 -68.07 59.59
C VAL H 2521 -27.10 -68.77 60.48
N LEU H 2522 -27.30 -70.08 60.29
CA LEU H 2522 -28.20 -70.81 61.16
C LEU H 2522 -27.75 -70.78 62.60
N ASP H 2523 -26.49 -71.10 62.85
CA ASP H 2523 -26.09 -71.31 64.24
C ASP H 2523 -25.77 -70.01 64.97
N VAL H 2524 -25.89 -68.86 64.32
CA VAL H 2524 -25.67 -67.58 64.98
C VAL H 2524 -26.93 -66.71 64.99
N GLY H 2525 -27.72 -66.74 63.91
CA GLY H 2525 -28.83 -65.83 63.80
C GLY H 2525 -30.23 -66.42 63.85
N PHE H 2526 -30.42 -67.58 63.23
CA PHE H 2526 -31.75 -68.16 63.08
C PHE H 2526 -32.09 -69.13 64.21
N LEU H 2527 -31.15 -70.02 64.52
CA LEU H 2527 -31.41 -71.04 65.54
C LEU H 2527 -31.77 -70.44 66.89
N PRO H 2528 -31.06 -69.43 67.41
CA PRO H 2528 -31.50 -68.87 68.70
C PRO H 2528 -32.90 -68.31 68.68
N ASP H 2529 -33.29 -67.65 67.59
CA ASP H 2529 -34.62 -67.06 67.53
C ASP H 2529 -35.68 -68.15 67.41
N MET H 2530 -35.41 -69.20 66.65
CA MET H 2530 -36.38 -70.29 66.56
C MET H 2530 -36.53 -70.99 67.90
N ARG H 2531 -35.43 -71.18 68.63
CA ARG H 2531 -35.55 -71.75 69.97
C ARG H 2531 -36.33 -70.83 70.89
N ALA H 2532 -36.09 -69.52 70.80
CA ALA H 2532 -36.83 -68.59 71.65
C ALA H 2532 -38.32 -68.63 71.35
N ALA H 2533 -38.68 -68.66 70.07
CA ALA H 2533 -40.09 -68.73 69.70
C ALA H 2533 -40.71 -70.04 70.17
N ALA H 2534 -39.97 -71.15 70.03
CA ALA H 2534 -40.49 -72.42 70.52
C ALA H 2534 -40.71 -72.38 72.04
N SER H 2535 -39.77 -71.80 72.77
CA SER H 2535 -39.89 -71.76 74.22
C SER H 2535 -41.03 -70.85 74.67
N LEU H 2536 -41.29 -69.77 73.93
CA LEU H 2536 -42.40 -68.90 74.31
C LEU H 2536 -43.76 -69.53 74.05
N ASP H 2537 -43.82 -70.67 73.37
CA ASP H 2537 -45.10 -71.33 73.10
C ASP H 2537 -45.51 -72.13 74.34
N THR H 2538 -45.78 -71.39 75.42
CA THR H 2538 -46.23 -71.98 76.67
C THR H 2538 -47.60 -71.39 77.01
N ALA H 2539 -48.15 -71.80 78.14
CA ALA H 2539 -49.48 -71.35 78.54
C ALA H 2539 -49.52 -69.84 78.74
N THR H 2540 -48.47 -69.28 79.34
CA THR H 2540 -48.47 -67.87 79.67
C THR H 2540 -47.97 -66.99 78.53
N PHE H 2541 -46.88 -67.38 77.87
CA PHE H 2541 -46.22 -66.51 76.91
C PHE H 2541 -46.78 -66.63 75.50
N SER H 2542 -47.74 -67.51 75.26
CA SER H 2542 -48.15 -67.83 73.89
C SER H 2542 -48.70 -66.61 73.18
N THR H 2543 -49.49 -65.80 73.88
CA THR H 2543 -50.16 -64.65 73.29
C THR H 2543 -49.41 -63.34 73.49
N THR H 2544 -48.20 -63.39 74.05
CA THR H 2544 -47.46 -62.15 74.25
C THR H 2544 -47.08 -61.53 72.91
N GLU H 2545 -46.92 -60.20 72.94
CA GLU H 2545 -46.60 -59.45 71.73
C GLU H 2545 -45.27 -59.93 71.14
N MET H 2546 -44.28 -60.17 72.01
CA MET H 2546 -42.98 -60.61 71.55
C MET H 2546 -43.09 -61.97 70.86
N ALA H 2547 -43.88 -62.88 71.42
CA ALA H 2547 -44.05 -64.19 70.82
C ALA H 2547 -44.75 -64.10 69.47
N LEU H 2548 -45.78 -63.27 69.37
CA LEU H 2548 -46.46 -63.13 68.10
C LEU H 2548 -45.54 -62.51 67.05
N ALA H 2549 -44.72 -61.54 67.46
CA ALA H 2549 -43.75 -60.96 66.53
C ALA H 2549 -42.75 -62.01 66.07
N LEU H 2550 -42.29 -62.87 66.98
CA LEU H 2550 -41.38 -63.93 66.58
C LEU H 2550 -42.04 -64.88 65.60
N ASN H 2551 -43.30 -65.23 65.83
CA ASN H 2551 -43.99 -66.12 64.92
C ASN H 2551 -44.10 -65.50 63.53
N ARG H 2552 -44.47 -64.23 63.45
CA ARG H 2552 -44.57 -63.58 62.15
C ARG H 2552 -43.22 -63.51 61.46
N TYR H 2553 -42.18 -63.16 62.21
CA TYR H 2553 -40.84 -63.07 61.63
C TYR H 2553 -40.36 -64.41 61.12
N LEU H 2554 -40.64 -65.49 61.86
CA LEU H 2554 -40.20 -66.81 61.40
C LEU H 2554 -41.00 -67.26 60.19
N CYS H 2555 -42.31 -67.11 60.22
CA CYS H 2555 -43.14 -67.62 59.15
C CYS H 2555 -43.23 -66.70 57.95
N LEU H 2556 -42.56 -65.55 57.99
CA LEU H 2556 -42.50 -64.66 56.84
C LEU H 2556 -41.09 -64.36 56.37
N ALA H 2557 -40.08 -64.56 57.20
CA ALA H 2557 -38.70 -64.30 56.80
C ALA H 2557 -37.81 -65.53 56.85
N VAL H 2558 -37.77 -66.22 57.99
CA VAL H 2558 -36.75 -67.25 58.21
C VAL H 2558 -37.11 -68.55 57.53
N LEU H 2559 -38.31 -69.06 57.82
CA LEU H 2559 -38.69 -70.37 57.34
C LEU H 2559 -38.78 -70.47 55.83
N PRO H 2560 -39.39 -69.54 55.10
CA PRO H 2560 -39.32 -69.62 53.64
C PRO H 2560 -37.91 -69.63 53.11
N LEU H 2561 -37.01 -68.86 53.72
CA LEU H 2561 -35.63 -68.86 53.30
C LEU H 2561 -34.99 -70.22 53.50
N ILE H 2562 -35.24 -70.86 54.64
CA ILE H 2562 -34.71 -72.19 54.88
C ILE H 2562 -35.30 -73.19 53.89
N THR H 2563 -36.59 -73.05 53.59
CA THR H 2563 -37.21 -73.95 52.62
C THR H 2563 -36.58 -73.81 51.24
N LYS H 2564 -36.27 -72.58 50.84
CA LYS H 2564 -35.52 -72.37 49.60
C LYS H 2564 -34.14 -73.01 49.68
N CYS H 2565 -33.46 -72.84 50.81
CA CYS H 2565 -32.13 -73.39 51.01
C CYS H 2565 -32.16 -74.82 51.52
N ALA H 2566 -33.26 -75.53 51.31
CA ALA H 2566 -33.33 -76.92 51.75
C ALA H 2566 -32.30 -77.83 51.10
N PRO H 2567 -32.08 -77.81 49.78
CA PRO H 2567 -31.16 -78.79 49.18
C PRO H 2567 -29.74 -78.70 49.72
N LEU H 2568 -29.34 -77.57 50.28
CA LEU H 2568 -27.99 -77.41 50.80
C LEU H 2568 -27.76 -78.24 52.05
N PHE H 2569 -28.76 -78.96 52.54
CA PHE H 2569 -28.63 -79.82 53.70
C PHE H 2569 -28.25 -81.25 53.33
N ALA H 2570 -27.88 -81.49 52.08
CA ALA H 2570 -27.56 -82.85 51.67
C ALA H 2570 -26.33 -83.39 52.39
N GLY H 2571 -25.28 -82.58 52.50
CA GLY H 2571 -24.01 -83.06 53.00
C GLY H 2571 -23.59 -82.48 54.33
N THR H 2572 -24.48 -82.52 55.32
CA THR H 2572 -24.20 -81.95 56.63
C THR H 2572 -23.87 -82.99 57.68
N GLU H 2573 -23.15 -84.05 57.28
CA GLU H 2573 -22.74 -85.06 58.25
C GLU H 2573 -21.92 -84.44 59.38
N HIS H 2574 -21.20 -83.35 59.09
CA HIS H 2574 -20.29 -82.77 60.07
C HIS H 2574 -20.99 -81.86 61.06
N ARG H 2575 -22.19 -81.39 60.77
CA ARG H 2575 -22.94 -80.52 61.68
C ARG H 2575 -24.25 -81.18 62.09
N ALA H 2576 -24.18 -82.49 62.33
CA ALA H 2576 -25.37 -83.28 62.59
C ALA H 2576 -26.09 -82.80 63.84
N ILE H 2577 -25.34 -82.39 64.86
CA ILE H 2577 -25.96 -81.93 66.10
C ILE H 2577 -26.82 -80.68 65.85
N MET H 2578 -26.27 -79.71 65.12
CA MET H 2578 -27.07 -78.52 64.82
C MET H 2578 -28.25 -78.84 63.95
N VAL H 2579 -28.07 -79.72 62.95
CA VAL H 2579 -29.17 -80.05 62.07
C VAL H 2579 -30.30 -80.72 62.85
N ASP H 2580 -29.94 -81.63 63.76
CA ASP H 2580 -30.96 -82.29 64.56
C ASP H 2580 -31.68 -81.31 65.48
N SER H 2581 -30.92 -80.39 66.10
CA SER H 2581 -31.57 -79.41 66.97
C SER H 2581 -32.52 -78.52 66.16
N MET H 2582 -32.11 -78.15 64.95
CA MET H 2582 -32.97 -77.34 64.09
C MET H 2582 -34.24 -78.11 63.69
N LEU H 2583 -34.10 -79.39 63.36
CA LEU H 2583 -35.30 -80.19 63.06
C LEU H 2583 -36.22 -80.24 64.26
N HIS H 2584 -35.69 -80.45 65.45
CA HIS H 2584 -36.54 -80.51 66.63
CA HIS H 2584 -36.52 -80.50 66.64
C HIS H 2584 -37.22 -79.18 66.88
N THR H 2585 -36.50 -78.06 66.71
CA THR H 2585 -37.11 -76.76 66.97
C THR H 2585 -38.23 -76.47 65.98
N VAL H 2586 -38.01 -76.80 64.70
CA VAL H 2586 -39.08 -76.53 63.73
C VAL H 2586 -40.27 -77.44 63.98
N TYR H 2587 -40.02 -78.69 64.38
CA TYR H 2587 -41.13 -79.58 64.72
C TYR H 2587 -41.90 -79.07 65.93
N ARG H 2588 -41.20 -78.62 66.96
CA ARG H 2588 -41.86 -78.11 68.15
C ARG H 2588 -42.64 -76.85 67.85
N LEU H 2589 -42.13 -76.01 66.95
CA LEU H 2589 -42.93 -74.88 66.49
C LEU H 2589 -44.19 -75.35 65.80
N SER H 2590 -44.08 -76.39 64.96
CA SER H 2590 -45.27 -76.89 64.28
C SER H 2590 -46.32 -77.33 65.29
N ARG H 2591 -45.89 -78.02 66.33
CA ARG H 2591 -46.84 -78.39 67.39
C ARG H 2591 -47.05 -77.23 68.36
N GLY H 2592 -47.32 -76.05 67.85
CA GLY H 2592 -47.45 -74.90 68.70
C GLY H 2592 -48.85 -74.34 68.74
N ARG H 2593 -49.27 -73.89 69.92
CA ARG H 2593 -50.56 -73.24 70.03
C ARG H 2593 -50.44 -71.79 69.57
N SER H 2594 -51.60 -71.14 69.41
CA SER H 2594 -51.66 -69.72 69.03
C SER H 2594 -50.88 -69.43 67.75
N LEU H 2595 -51.02 -70.29 66.76
CA LEU H 2595 -50.49 -70.05 65.43
C LEU H 2595 -51.64 -70.11 64.44
N THR H 2596 -51.69 -69.14 63.53
CA THR H 2596 -52.69 -69.20 62.48
C THR H 2596 -52.40 -70.37 61.55
N LYS H 2597 -53.43 -70.78 60.81
CA LYS H 2597 -53.26 -71.88 59.88
C LYS H 2597 -52.24 -71.55 58.81
N ALA H 2598 -52.20 -70.28 58.38
CA ALA H 2598 -51.23 -69.86 57.38
C ALA H 2598 -49.81 -70.04 57.89
N GLN H 2599 -49.55 -69.68 59.14
CA GLN H 2599 -48.23 -69.88 59.72
C GLN H 2599 -47.93 -71.37 59.87
N ARG H 2600 -48.91 -72.15 60.30
CA ARG H 2600 -48.68 -73.56 60.55
C ARG H 2600 -48.32 -74.29 59.27
N ASP H 2601 -49.01 -73.98 58.17
CA ASP H 2601 -48.69 -74.68 56.94
C ASP H 2601 -47.31 -74.32 56.43
N VAL H 2602 -46.86 -73.09 56.65
CA VAL H 2602 -45.49 -72.72 56.28
C VAL H 2602 -44.48 -73.53 57.10
N ILE H 2603 -44.73 -73.66 58.41
CA ILE H 2603 -43.82 -74.45 59.23
C ILE H 2603 -43.78 -75.90 58.75
N GLU H 2604 -44.94 -76.47 58.47
CA GLU H 2604 -44.99 -77.85 58.00
C GLU H 2604 -44.27 -78.01 56.68
N ASP H 2605 -44.44 -77.05 55.77
CA ASP H 2605 -43.75 -77.11 54.49
C ASP H 2605 -42.25 -77.06 54.67
N CYS H 2606 -41.78 -76.21 55.59
CA CYS H 2606 -40.34 -76.16 55.87
C CYS H 2606 -39.84 -77.50 56.38
N LEU H 2607 -40.59 -78.12 57.30
CA LEU H 2607 -40.13 -79.40 57.84
C LEU H 2607 -40.11 -80.47 56.76
N MET H 2608 -41.15 -80.51 55.91
CA MET H 2608 -41.15 -81.47 54.81
C MET H 2608 -39.97 -81.26 53.88
N ALA H 2609 -39.69 -80.00 53.54
CA ALA H 2609 -38.59 -79.70 52.63
C ALA H 2609 -37.26 -80.11 53.23
N LEU H 2610 -37.06 -79.85 54.52
CA LEU H 2610 -35.82 -80.25 55.16
C LEU H 2610 -35.67 -81.76 55.15
N CYS H 2611 -36.74 -82.47 55.50
CA CYS H 2611 -36.65 -83.92 55.56
C CYS H 2611 -36.48 -84.56 54.19
N ARG H 2612 -36.88 -83.87 53.12
CA ARG H 2612 -36.71 -84.43 51.79
CA ARG H 2612 -36.71 -84.43 51.78
C ARG H 2612 -35.25 -84.50 51.36
N TYR H 2613 -34.41 -83.61 51.88
CA TYR H 2613 -33.02 -83.58 51.47
C TYR H 2613 -32.04 -84.01 52.54
N ILE H 2614 -32.44 -84.04 53.81
CA ILE H 2614 -31.54 -84.53 54.86
C ILE H 2614 -31.36 -86.02 54.69
N ARG H 2615 -30.11 -86.47 54.84
CA ARG H 2615 -29.80 -87.89 54.78
C ARG H 2615 -30.53 -88.63 55.89
N PRO H 2616 -30.93 -89.87 55.65
CA PRO H 2616 -31.74 -90.59 56.65
C PRO H 2616 -31.06 -90.78 57.98
N SER H 2617 -29.72 -90.79 58.02
CA SER H 2617 -29.04 -91.09 59.27
C SER H 2617 -29.23 -90.00 60.32
N MET H 2618 -29.54 -88.77 59.91
CA MET H 2618 -29.82 -87.72 60.89
C MET H 2618 -31.29 -87.56 61.23
N LEU H 2619 -32.18 -88.33 60.62
CA LEU H 2619 -33.59 -88.28 60.98
C LEU H 2619 -33.93 -89.24 62.10
N GLN H 2620 -32.93 -89.87 62.72
CA GLN H 2620 -33.20 -90.86 63.76
C GLN H 2620 -33.88 -90.24 64.96
N HIS H 2621 -33.42 -89.07 65.40
CA HIS H 2621 -33.99 -88.48 66.60
C HIS H 2621 -35.39 -87.93 66.36
N LEU H 2622 -35.60 -87.32 65.19
CA LEU H 2622 -36.94 -86.87 64.84
C LEU H 2622 -37.89 -88.05 64.75
N LEU H 2623 -37.42 -89.17 64.20
CA LEU H 2623 -38.24 -90.38 64.16
C LEU H 2623 -38.54 -90.89 65.55
N ARG H 2624 -37.56 -90.80 66.46
CA ARG H 2624 -37.81 -91.20 67.85
C ARG H 2624 -38.91 -90.36 68.48
N ARG H 2625 -38.87 -89.05 68.27
CA ARG H 2625 -39.92 -88.20 68.82
C ARG H 2625 -41.27 -88.53 68.19
N LEU H 2626 -41.28 -88.80 66.87
CA LEU H 2626 -42.53 -89.13 66.22
C LEU H 2626 -43.09 -90.46 66.70
N VAL H 2627 -42.22 -91.39 67.11
CA VAL H 2627 -42.70 -92.65 67.66
C VAL H 2627 -43.55 -92.42 68.89
N PHE H 2628 -43.18 -91.44 69.71
CA PHE H 2628 -43.97 -91.10 70.89
C PHE H 2628 -45.21 -90.28 70.52
N ASP H 2629 -45.09 -89.38 69.55
CA ASP H 2629 -46.17 -88.42 69.27
C ASP H 2629 -47.27 -88.97 68.38
N VAL H 2630 -46.93 -89.67 67.29
CA VAL H 2630 -47.93 -90.01 66.28
C VAL H 2630 -48.99 -90.97 66.78
N PRO H 2631 -48.68 -92.08 67.47
CA PRO H 2631 -49.73 -93.07 67.78
C PRO H 2631 -50.91 -92.52 68.54
N ILE H 2632 -50.80 -91.34 69.14
CA ILE H 2632 -51.95 -90.72 69.77
C ILE H 2632 -53.02 -90.42 68.72
N LEU H 2633 -52.59 -90.07 67.51
CA LEU H 2633 -53.48 -89.84 66.37
C LEU H 2633 -54.53 -88.76 66.67
N ASN H 2634 -54.09 -87.70 67.35
CA ASN H 2634 -54.96 -86.56 67.59
C ASN H 2634 -55.03 -85.71 66.33
N GLU H 2635 -55.57 -84.50 66.43
CA GLU H 2635 -55.63 -83.63 65.27
C GLU H 2635 -54.24 -83.15 64.83
N PHE H 2636 -53.25 -83.25 65.71
CA PHE H 2636 -51.91 -82.75 65.42
C PHE H 2636 -51.04 -83.75 64.70
N ALA H 2637 -51.57 -84.92 64.35
CA ALA H 2637 -50.79 -85.98 63.73
C ALA H 2637 -50.84 -85.97 62.21
N LYS H 2638 -51.55 -85.01 61.61
CA LYS H 2638 -51.70 -85.01 60.15
C LYS H 2638 -50.36 -84.77 59.45
N MET H 2639 -49.65 -83.70 59.83
CA MET H 2639 -48.33 -83.45 59.27
C MET H 2639 -47.34 -84.54 59.61
N PRO H 2640 -47.24 -85.03 60.85
CA PRO H 2640 -46.31 -86.13 61.10
C PRO H 2640 -46.60 -87.38 60.28
N LEU H 2641 -47.87 -87.75 60.10
CA LEU H 2641 -48.16 -88.92 59.30
C LEU H 2641 -47.76 -88.70 57.84
N LYS H 2642 -48.05 -87.53 57.29
CA LYS H 2642 -47.64 -87.28 55.90
C LYS H 2642 -46.12 -87.28 55.77
N LEU H 2643 -45.43 -86.70 56.74
CA LEU H 2643 -43.96 -86.66 56.71
C LEU H 2643 -43.38 -88.07 56.75
N LEU H 2644 -43.90 -88.91 57.64
CA LEU H 2644 -43.41 -90.29 57.71
C LEU H 2644 -43.69 -91.02 56.42
N THR H 2645 -44.86 -90.79 55.83
CA THR H 2645 -45.18 -91.43 54.54
C THR H 2645 -44.13 -91.09 53.49
N ASN H 2646 -43.86 -89.79 53.31
CA ASN H 2646 -42.90 -89.40 52.30
C ASN H 2646 -41.50 -89.93 52.63
N HIS H 2647 -41.10 -89.85 53.89
CA HIS H 2647 -39.76 -90.26 54.27
C HIS H 2647 -39.54 -91.74 54.01
N TYR H 2648 -40.49 -92.58 54.39
CA TYR H 2648 -40.30 -94.01 54.19
C TYR H 2648 -40.50 -94.41 52.74
N GLU H 2649 -41.31 -93.68 51.97
CA GLU H 2649 -41.40 -93.98 50.55
C GLU H 2649 -40.10 -93.65 49.84
N ARG H 2650 -39.46 -92.54 50.22
CA ARG H 2650 -38.24 -92.14 49.55
C ARG H 2650 -37.05 -93.00 49.96
N CYS H 2651 -36.91 -93.28 51.26
CA CYS H 2651 -35.73 -93.93 51.80
C CYS H 2651 -35.99 -95.40 52.13
N TRP H 2652 -36.82 -96.07 51.32
CA TRP H 2652 -37.20 -97.43 51.66
C TRP H 2652 -36.05 -98.41 51.50
N LYS H 2653 -35.16 -98.18 50.52
CA LYS H 2653 -34.03 -99.08 50.36
C LYS H 2653 -33.14 -99.05 51.59
N TYR H 2654 -32.90 -97.87 52.15
CA TYR H 2654 -32.02 -97.73 53.30
C TYR H 2654 -32.48 -98.55 54.49
N TYR H 2655 -33.77 -98.85 54.57
CA TYR H 2655 -34.28 -99.70 55.64
C TYR H 2655 -34.48 -101.14 55.21
N CYS H 2656 -34.70 -101.39 53.93
CA CYS H 2656 -35.07 -102.74 53.51
C CYS H 2656 -33.88 -103.55 52.98
N LEU H 2657 -33.18 -103.03 51.99
CA LEU H 2657 -32.14 -103.82 51.35
C LEU H 2657 -30.98 -104.06 52.31
N PRO H 2658 -30.46 -105.29 52.37
CA PRO H 2658 -29.34 -105.55 53.29
C PRO H 2658 -28.12 -104.71 52.99
N THR H 2659 -27.82 -104.48 51.72
CA THR H 2659 -26.72 -103.60 51.36
C THR H 2659 -27.05 -102.14 51.58
N GLY H 2660 -28.31 -101.80 51.79
CA GLY H 2660 -28.69 -100.44 52.04
C GLY H 2660 -28.70 -99.61 50.77
N TRP H 2661 -29.03 -98.34 50.95
CA TRP H 2661 -29.10 -97.42 49.83
C TRP H 2661 -27.70 -97.06 49.35
N ALA H 2662 -27.61 -96.67 48.08
CA ALA H 2662 -26.32 -96.31 47.52
C ALA H 2662 -25.75 -95.09 48.23
N ASN H 2663 -24.52 -95.23 48.72
CA ASN H 2663 -23.76 -94.16 49.39
C ASN H 2663 -24.56 -93.46 50.49
N PHE H 2664 -25.53 -94.15 51.09
CA PHE H 2664 -26.28 -93.61 52.21
C PHE H 2664 -26.16 -94.44 53.47
N GLY H 2665 -25.59 -95.63 53.39
CA GLY H 2665 -25.48 -96.49 54.56
C GLY H 2665 -26.62 -97.49 54.64
N VAL H 2666 -26.69 -98.14 55.80
CA VAL H 2666 -27.76 -99.07 56.12
C VAL H 2666 -28.26 -98.74 57.51
N THR H 2667 -29.49 -99.14 57.79
CA THR H 2667 -30.10 -98.88 59.09
C THR H 2667 -29.26 -99.49 60.20
N SER H 2668 -29.40 -98.92 61.40
CA SER H 2668 -28.53 -99.25 62.52
C SER H 2668 -29.21 -100.11 63.57
N GLU H 2669 -30.23 -100.88 63.19
CA GLU H 2669 -30.85 -101.87 64.07
C GLU H 2669 -31.60 -101.21 65.21
N GLU H 2670 -31.45 -99.91 65.37
CA GLU H 2670 -32.32 -99.14 66.26
C GLU H 2670 -33.34 -98.34 65.48
N GLU H 2671 -32.97 -97.89 64.27
CA GLU H 2671 -33.96 -97.28 63.40
C GLU H 2671 -35.02 -98.29 62.99
N LEU H 2672 -34.63 -99.53 62.74
CA LEU H 2672 -35.64 -100.56 62.45
C LEU H 2672 -36.52 -100.81 63.65
N HIS H 2673 -35.96 -100.81 64.86
CA HIS H 2673 -36.77 -100.99 66.05
C HIS H 2673 -37.78 -99.86 66.19
N LEU H 2674 -37.33 -98.61 65.95
CA LEU H 2674 -38.24 -97.48 66.00
C LEU H 2674 -39.33 -97.60 64.96
N THR H 2675 -38.97 -98.03 63.74
CA THR H 2675 -39.95 -98.18 62.68
C THR H 2675 -41.00 -99.22 63.04
N ARG H 2676 -40.55 -100.35 63.60
CA ARG H 2676 -41.49 -101.39 64.01
C ARG H 2676 -42.43 -100.88 65.10
N LYS H 2677 -41.88 -100.19 66.09
CA LYS H 2677 -42.71 -99.63 67.15
C LYS H 2677 -43.74 -98.66 66.58
N LEU H 2678 -43.30 -97.80 65.66
CA LEU H 2678 -44.20 -96.83 65.08
C LEU H 2678 -45.32 -97.50 64.30
N PHE H 2679 -44.98 -98.51 63.50
CA PHE H 2679 -45.99 -99.22 62.73
C PHE H 2679 -47.03 -99.85 63.64
N TRP H 2680 -46.56 -100.57 64.66
CA TRP H 2680 -47.54 -101.25 65.51
C TRP H 2680 -48.34 -100.28 66.35
N GLY H 2681 -47.74 -99.16 66.77
CA GLY H 2681 -48.49 -98.16 67.49
C GLY H 2681 -49.60 -97.55 66.65
N ILE H 2682 -49.27 -97.17 65.41
CA ILE H 2682 -50.30 -96.62 64.53
C ILE H 2682 -51.37 -97.65 64.27
N PHE H 2683 -50.98 -98.91 64.03
CA PHE H 2683 -51.95 -99.96 63.74
C PHE H 2683 -52.89 -100.18 64.92
N ASP H 2684 -52.34 -100.29 66.13
CA ASP H 2684 -53.17 -100.53 67.29
C ASP H 2684 -54.09 -99.35 67.57
N SER H 2685 -53.57 -98.13 67.44
CA SER H 2685 -54.42 -96.96 67.65
C SER H 2685 -55.53 -96.90 66.62
N LEU H 2686 -55.22 -97.19 65.36
CA LEU H 2686 -56.21 -97.08 64.31
C LEU H 2686 -57.23 -98.20 64.38
N ALA H 2687 -56.86 -99.34 64.96
CA ALA H 2687 -57.80 -100.43 65.12
C ALA H 2687 -58.86 -100.14 66.18
N HIS H 2688 -58.62 -99.13 67.03
CA HIS H 2688 -59.59 -98.75 68.04
C HIS H 2688 -60.24 -97.41 67.79
N LYS H 2689 -59.61 -96.53 67.02
CA LYS H 2689 -60.21 -95.24 66.72
C LYS H 2689 -61.51 -95.43 65.96
N LYS H 2690 -62.47 -94.55 66.23
CA LYS H 2690 -63.70 -94.55 65.45
C LYS H 2690 -63.40 -94.14 64.01
N TYR H 2691 -64.31 -94.52 63.11
CA TYR H 2691 -64.05 -94.30 61.70
C TYR H 2691 -64.09 -92.82 61.36
N ASP H 2692 -62.96 -92.28 60.95
CA ASP H 2692 -62.85 -90.92 60.45
C ASP H 2692 -62.21 -90.98 59.06
N GLN H 2693 -62.94 -90.49 58.06
CA GLN H 2693 -62.47 -90.63 56.68
C GLN H 2693 -61.16 -89.90 56.47
N GLU H 2694 -61.03 -88.69 57.00
CA GLU H 2694 -59.81 -87.93 56.81
C GLU H 2694 -58.62 -88.64 57.44
N LEU H 2695 -58.82 -89.21 58.63
CA LEU H 2695 -57.74 -89.94 59.29
C LEU H 2695 -57.34 -91.16 58.48
N TYR H 2696 -58.32 -91.96 58.07
CA TYR H 2696 -58.03 -93.20 57.36
C TYR H 2696 -57.36 -92.95 56.02
N ARG H 2697 -57.90 -92.01 55.23
CA ARG H 2697 -57.46 -91.79 53.86
C ARG H 2697 -55.97 -91.50 53.79
N MET H 2698 -55.45 -90.83 54.80
CA MET H 2698 -54.04 -90.47 54.84
C MET H 2698 -53.23 -91.27 55.84
N ALA H 2699 -53.86 -92.11 56.67
CA ALA H 2699 -53.06 -92.92 57.57
C ALA H 2699 -52.76 -94.27 56.96
N MET H 2700 -53.59 -94.74 56.02
CA MET H 2700 -53.26 -96.00 55.36
C MET H 2700 -51.98 -95.92 54.53
N PRO H 2701 -51.69 -94.83 53.79
CA PRO H 2701 -50.39 -94.78 53.10
C PRO H 2701 -49.21 -94.83 54.05
N CYS H 2702 -49.32 -94.26 55.24
CA CYS H 2702 -48.20 -94.34 56.18
C CYS H 2702 -47.93 -95.78 56.58
N LEU H 2703 -48.99 -96.54 56.88
CA LEU H 2703 -48.82 -97.93 57.22
C LEU H 2703 -48.23 -98.72 56.06
N CYS H 2704 -48.71 -98.47 54.84
CA CYS H 2704 -48.18 -99.16 53.69
C CYS H 2704 -46.71 -98.85 53.49
N ALA H 2705 -46.33 -97.58 53.60
CA ALA H 2705 -44.93 -97.20 53.42
C ALA H 2705 -44.04 -97.82 54.47
N ILE H 2706 -44.47 -97.81 55.73
CA ILE H 2706 -43.65 -98.37 56.80
C ILE H 2706 -43.49 -99.88 56.61
N ALA H 2707 -44.58 -100.57 56.28
CA ALA H 2707 -44.49 -102.00 56.04
C ALA H 2707 -43.60 -102.31 54.85
N GLY H 2708 -43.63 -101.48 53.81
CA GLY H 2708 -42.70 -101.67 52.73
C GLY H 2708 -41.26 -101.43 53.09
N ALA H 2709 -40.99 -100.51 54.01
CA ALA H 2709 -39.64 -100.23 54.45
C ALA H 2709 -39.06 -101.31 55.34
N LEU H 2710 -39.88 -101.90 56.21
CA LEU H 2710 -39.36 -102.89 57.15
C LEU H 2710 -39.03 -104.19 56.42
N PRO H 2711 -37.84 -104.75 56.60
CA PRO H 2711 -37.54 -106.06 56.05
C PRO H 2711 -38.44 -107.11 56.67
N PRO H 2712 -38.93 -108.06 55.88
CA PRO H 2712 -39.90 -109.02 56.40
C PRO H 2712 -39.36 -109.90 57.51
N ASP H 2713 -38.07 -110.21 57.47
CA ASP H 2713 -37.47 -111.13 58.43
C ASP H 2713 -36.83 -110.41 59.60
N TYR H 2714 -37.14 -109.13 59.80
CA TYR H 2714 -36.52 -108.37 60.87
C TYR H 2714 -36.98 -108.90 62.22
N VAL H 2715 -36.03 -109.09 63.12
CA VAL H 2715 -36.29 -109.57 64.48
C VAL H 2715 -35.69 -108.57 65.44
N ASP H 2716 -36.52 -107.99 66.30
CA ASP H 2716 -36.05 -106.95 67.22
C ASP H 2716 -35.31 -107.59 68.38
N ALA H 2717 -34.13 -107.04 68.69
CA ALA H 2717 -33.33 -107.57 69.78
C ALA H 2717 -34.03 -107.45 71.12
N SER H 2718 -34.66 -106.30 71.37
CA SER H 2718 -35.39 -106.06 72.61
C SER H 2718 -36.87 -106.35 72.36
N TYR H 2719 -37.20 -107.64 72.32
CA TYR H 2719 -38.58 -108.08 72.06
C TYR H 2719 -39.37 -108.06 73.38
N SER H 2720 -39.54 -106.86 73.90
CA SER H 2720 -40.33 -106.64 75.10
C SER H 2720 -40.78 -105.19 75.12
N SER H 2721 -41.86 -104.92 75.86
CA SER H 2721 -42.41 -103.58 75.91
C SER H 2721 -43.09 -103.37 77.26
N LYS H 2722 -43.21 -102.09 77.63
CA LYS H 2722 -43.88 -101.75 78.89
C LYS H 2722 -45.39 -101.91 78.76
N ALA H 2723 -45.93 -101.78 77.54
CA ALA H 2723 -47.37 -101.89 77.29
C ALA H 2723 -48.15 -100.87 78.11
N GLU H 2724 -47.62 -99.67 78.24
CA GLU H 2724 -48.28 -98.58 78.94
C GLU H 2724 -49.01 -97.68 77.96
N LYS H 2725 -49.90 -96.86 78.50
CA LYS H 2725 -50.67 -95.90 77.71
C LYS H 2725 -51.41 -96.55 76.54
N ASN H 2734 -46.12 -81.58 79.80
CA ASN H 2734 -44.74 -81.97 79.52
C ASN H 2734 -44.44 -83.34 80.12
N PHE H 2735 -43.15 -83.61 80.35
CA PHE H 2735 -42.69 -84.88 80.89
C PHE H 2735 -42.34 -84.70 82.36
N ASP H 2736 -43.03 -85.44 83.22
CA ASP H 2736 -42.82 -85.38 84.67
C ASP H 2736 -42.44 -86.76 85.19
N PRO H 2737 -41.16 -87.05 85.33
CA PRO H 2737 -40.77 -88.37 85.85
C PRO H 2737 -41.00 -88.50 87.35
N ARG H 2738 -41.91 -89.37 87.74
CA ARG H 2738 -42.26 -89.52 89.15
C ARG H 2738 -41.17 -90.29 89.89
N PRO H 2739 -40.60 -89.73 90.96
CA PRO H 2739 -39.64 -90.52 91.75
C PRO H 2739 -40.34 -91.56 92.61
N VAL H 2740 -39.56 -92.42 93.26
CA VAL H 2740 -40.09 -93.50 94.07
C VAL H 2740 -40.04 -93.08 95.54
N GLU H 2741 -41.17 -93.23 96.24
CA GLU H 2741 -41.27 -92.84 97.64
C GLU H 2741 -40.76 -93.99 98.51
N THR H 2742 -39.71 -93.73 99.28
CA THR H 2742 -39.18 -94.70 100.23
C THR H 2742 -38.84 -94.12 101.60
N LEU H 2743 -38.80 -92.80 101.74
CA LEU H 2743 -38.56 -92.21 103.05
C LEU H 2743 -39.72 -92.49 104.00
N ASN H 2744 -40.95 -92.57 103.47
CA ASN H 2744 -42.12 -92.83 104.30
C ASN H 2744 -42.04 -94.20 104.95
N VAL H 2745 -41.61 -95.21 104.21
CA VAL H 2745 -41.49 -96.56 104.73
C VAL H 2745 -40.16 -96.71 105.47
N ILE H 2746 -40.18 -97.45 106.57
CA ILE H 2746 -38.98 -97.69 107.35
C ILE H 2746 -38.08 -98.68 106.62
N ILE H 2747 -36.80 -98.33 106.48
CA ILE H 2747 -35.82 -99.19 105.84
C ILE H 2747 -35.37 -100.24 106.85
N PRO H 2748 -35.27 -101.51 106.46
CA PRO H 2748 -34.64 -102.50 107.35
C PRO H 2748 -33.13 -102.25 107.45
N GLU H 2749 -32.59 -102.49 108.64
CA GLU H 2749 -31.17 -102.32 108.90
C GLU H 2749 -30.48 -103.64 109.25
N LYS H 2750 -31.06 -104.76 108.83
CA LYS H 2750 -30.44 -106.05 109.10
C LYS H 2750 -29.20 -106.29 108.24
N LEU H 2751 -28.95 -105.45 107.25
CA LEU H 2751 -27.79 -105.56 106.37
C LEU H 2751 -26.90 -104.32 106.44
N ASP H 2752 -26.86 -103.66 107.61
CA ASP H 2752 -26.03 -102.48 107.77
C ASP H 2752 -24.56 -102.76 107.53
N SER H 2753 -24.11 -103.98 107.83
CA SER H 2753 -22.73 -104.36 107.55
C SER H 2753 -22.41 -104.28 106.07
N PHE H 2754 -23.43 -104.37 105.21
CA PHE H 2754 -23.25 -104.04 103.80
C PHE H 2754 -23.53 -102.57 103.50
N ILE H 2755 -24.56 -102.00 104.12
CA ILE H 2755 -24.95 -100.63 103.81
C ILE H 2755 -23.77 -99.68 104.01
N ASN H 2756 -23.26 -99.60 105.25
CA ASN H 2756 -22.17 -98.68 105.56
C ASN H 2756 -20.89 -99.07 104.81
N LYS H 2757 -20.61 -100.37 104.73
CA LYS H 2757 -19.42 -100.83 104.04
C LYS H 2757 -19.38 -100.35 102.61
N PHE H 2758 -20.46 -100.57 101.84
CA PHE H 2758 -20.51 -100.08 100.48
C PHE H 2758 -20.59 -98.57 100.39
N ALA H 2759 -21.25 -97.92 101.35
CA ALA H 2759 -21.33 -96.46 101.33
C ALA H 2759 -19.95 -95.83 101.41
N GLU H 2760 -19.08 -96.36 102.26
CA GLU H 2760 -17.70 -95.91 102.30
C GLU H 2760 -16.85 -96.48 101.16
N TYR H 2761 -17.19 -97.66 100.64
CA TYR H 2761 -16.42 -98.25 99.55
C TYR H 2761 -16.62 -97.50 98.24
N THR H 2762 -17.74 -96.79 98.08
CA THR H 2762 -17.89 -95.93 96.92
C THR H 2762 -16.81 -94.84 96.89
N HIS H 2763 -16.61 -94.15 98.02
CA HIS H 2763 -15.56 -93.15 98.10
C HIS H 2763 -14.18 -93.80 98.06
N GLU H 2764 -14.06 -95.02 98.60
CA GLU H 2764 -12.79 -95.73 98.50
C GLU H 2764 -12.44 -96.05 97.04
N LYS H 2765 -13.44 -96.42 96.24
CA LYS H 2765 -13.23 -96.65 94.81
C LYS H 2765 -12.93 -95.35 94.08
N TRP H 2766 -13.54 -94.25 94.53
CA TRP H 2766 -13.13 -92.94 94.01
C TRP H 2766 -11.65 -92.67 94.31
N ALA H 2767 -11.18 -93.11 95.47
CA ALA H 2767 -9.75 -92.95 95.78
C ALA H 2767 -8.89 -93.73 94.79
N PHE H 2768 -9.31 -94.93 94.41
CA PHE H 2768 -8.61 -95.68 93.37
C PHE H 2768 -8.68 -94.97 92.03
N ASP H 2769 -9.84 -94.40 91.69
CA ASP H 2769 -9.96 -93.62 90.47
C ASP H 2769 -8.99 -92.44 90.48
N LYS H 2770 -8.70 -91.91 91.67
CA LYS H 2770 -7.72 -90.82 91.77
C LYS H 2770 -6.34 -91.27 91.34
N ILE H 2771 -5.89 -92.46 91.76
CA ILE H 2771 -4.59 -92.94 91.31
C ILE H 2771 -4.66 -93.34 89.84
N GLN H 2772 -5.84 -93.72 89.36
CA GLN H 2772 -6.03 -93.95 87.93
C GLN H 2772 -6.00 -92.64 87.13
N ASN H 2773 -6.21 -91.52 87.81
CA ASN H 2773 -6.14 -90.21 87.15
C ASN H 2773 -4.73 -89.65 87.07
N ASN H 2774 -3.74 -90.38 87.61
CA ASN H 2774 -2.31 -90.05 87.62
C ASN H 2774 -1.96 -88.94 88.60
N TRP H 2775 -2.94 -88.32 89.25
CA TRP H 2775 -2.70 -87.32 90.27
C TRP H 2775 -3.15 -87.87 91.62
N SER H 2776 -2.26 -87.85 92.60
CA SER H 2776 -2.51 -88.45 93.89
C SER H 2776 -3.41 -87.54 94.74
N TYR H 2777 -3.89 -88.10 95.85
CA TYR H 2777 -4.75 -87.39 96.78
C TYR H 2777 -3.95 -86.41 97.63
N GLY H 2778 -4.66 -85.42 98.18
CA GLY H 2778 -4.02 -84.41 99.01
C GLY H 2778 -4.89 -84.05 100.20
N GLU H 2779 -4.25 -83.45 101.19
CA GLU H 2779 -4.93 -83.05 102.42
C GLU H 2779 -5.53 -81.65 102.30
N ASN H 2780 -4.75 -80.68 101.84
CA ASN H 2780 -5.22 -79.30 101.76
C ASN H 2780 -6.26 -79.14 100.67
N VAL H 2781 -7.21 -78.24 100.91
CA VAL H 2781 -8.22 -77.92 99.91
C VAL H 2781 -7.58 -77.03 98.85
N ASP H 2782 -7.67 -77.46 97.60
CA ASP H 2782 -7.03 -76.72 96.51
C ASP H 2782 -7.73 -77.06 95.20
N GLU H 2783 -7.76 -76.09 94.29
CA GLU H 2783 -8.38 -76.25 92.99
C GLU H 2783 -7.37 -76.51 91.88
N GLU H 2784 -6.08 -76.52 92.19
CA GLU H 2784 -5.05 -76.77 91.19
C GLU H 2784 -4.83 -78.26 90.91
N LEU H 2785 -5.16 -79.14 91.85
CA LEU H 2785 -4.95 -80.56 91.66
C LEU H 2785 -6.05 -81.22 90.83
N LYS H 2786 -7.10 -80.46 90.47
CA LYS H 2786 -8.24 -80.93 89.68
C LYS H 2786 -8.72 -82.31 90.12
N THR H 2787 -8.63 -82.59 91.41
CA THR H 2787 -9.09 -83.86 91.99
C THR H 2787 -9.84 -83.57 93.27
N HIS H 2788 -10.14 -84.61 94.05
CA HIS H 2788 -10.76 -84.41 95.34
C HIS H 2788 -9.77 -83.74 96.27
N PRO H 2789 -10.05 -82.54 96.79
CA PRO H 2789 -9.05 -81.84 97.61
C PRO H 2789 -8.98 -82.34 99.05
N MET H 2790 -10.02 -83.00 99.54
CA MET H 2790 -10.07 -83.46 100.93
C MET H 2790 -9.86 -84.96 101.06
N LEU H 2791 -9.27 -85.60 100.05
CA LEU H 2791 -9.05 -87.05 100.10
C LEU H 2791 -7.80 -87.34 100.91
N ARG H 2792 -7.98 -87.95 102.08
CA ARG H 2792 -6.92 -88.16 103.05
C ARG H 2792 -6.81 -89.64 103.41
N PRO H 2793 -5.63 -90.09 103.81
CA PRO H 2793 -5.49 -91.48 104.24
C PRO H 2793 -6.31 -91.75 105.51
N TYR H 2794 -6.77 -93.00 105.64
CA TYR H 2794 -7.68 -93.36 106.72
C TYR H 2794 -7.08 -93.11 108.09
N LYS H 2795 -5.75 -93.05 108.20
CA LYS H 2795 -5.11 -92.67 109.45
C LYS H 2795 -5.47 -91.24 109.84
N THR H 2796 -5.51 -90.33 108.85
CA THR H 2796 -5.84 -88.93 109.10
C THR H 2796 -7.07 -88.49 108.32
N PHE H 2797 -7.93 -89.41 107.91
CA PHE H 2797 -9.14 -89.07 107.16
C PHE H 2797 -10.26 -88.74 108.13
N SER H 2798 -10.71 -87.49 108.11
CA SER H 2798 -11.81 -87.08 108.96
C SER H 2798 -13.09 -87.79 108.54
N GLU H 2799 -13.91 -88.15 109.53
CA GLU H 2799 -15.16 -88.86 109.28
C GLU H 2799 -16.32 -87.94 108.95
N LYS H 2800 -16.11 -86.62 108.94
CA LYS H 2800 -17.17 -85.70 108.55
C LYS H 2800 -17.59 -85.92 107.11
N ASP H 2801 -16.63 -86.17 106.21
CA ASP H 2801 -16.97 -86.48 104.84
C ASP H 2801 -17.52 -87.90 104.69
N LYS H 2802 -17.03 -88.84 105.50
CA LYS H 2802 -17.51 -90.22 105.43
C LYS H 2802 -18.97 -90.34 105.88
N GLU H 2803 -19.39 -89.51 106.84
CA GLU H 2803 -20.75 -89.54 107.36
C GLU H 2803 -21.71 -88.71 106.50
N ILE H 2804 -21.22 -88.07 105.44
CA ILE H 2804 -22.09 -87.34 104.53
C ILE H 2804 -22.06 -87.89 103.11
N TYR H 2805 -21.11 -88.76 102.77
CA TYR H 2805 -21.11 -89.40 101.46
C TYR H 2805 -22.01 -90.62 101.39
N ARG H 2806 -22.51 -91.10 102.52
CA ARG H 2806 -23.29 -92.34 102.55
C ARG H 2806 -24.73 -92.15 102.09
N TRP H 2807 -25.21 -90.92 102.02
CA TRP H 2807 -26.62 -90.68 101.70
C TRP H 2807 -27.01 -91.18 100.32
N PRO H 2808 -26.23 -90.97 99.25
CA PRO H 2808 -26.60 -91.58 97.96
C PRO H 2808 -26.73 -93.09 98.02
N ILE H 2809 -25.86 -93.77 98.76
CA ILE H 2809 -25.96 -95.23 98.86
C ILE H 2809 -27.19 -95.62 99.69
N LYS H 2810 -27.47 -94.87 100.75
CA LYS H 2810 -28.67 -95.11 101.54
C LYS H 2810 -29.92 -95.02 100.67
N GLU H 2811 -30.02 -93.95 99.87
CA GLU H 2811 -31.19 -93.78 99.02
C GLU H 2811 -31.22 -94.81 97.89
N SER H 2812 -30.07 -95.23 97.39
CA SER H 2812 -30.04 -96.27 96.38
C SER H 2812 -30.59 -97.58 96.92
N LEU H 2813 -30.17 -97.96 98.13
CA LEU H 2813 -30.71 -99.17 98.74
C LEU H 2813 -32.20 -99.03 99.01
N LYS H 2814 -32.63 -97.86 99.49
CA LYS H 2814 -34.05 -97.63 99.70
C LYS H 2814 -34.84 -97.81 98.41
N ALA H 2815 -34.34 -97.22 97.31
CA ALA H 2815 -35.04 -97.31 96.03
C ALA H 2815 -35.08 -98.74 95.53
N MET H 2816 -33.96 -99.47 95.64
CA MET H 2816 -33.93 -100.84 95.13
C MET H 2816 -34.74 -101.80 96.00
N ILE H 2817 -35.00 -101.46 97.26
CA ILE H 2817 -35.84 -102.31 98.09
C ILE H 2817 -37.31 -101.89 98.05
N ALA H 2818 -37.61 -100.67 97.60
CA ALA H 2818 -39.01 -100.24 97.52
C ALA H 2818 -39.77 -100.97 96.42
N TRP H 2819 -39.09 -101.34 95.34
CA TRP H 2819 -39.76 -101.98 94.22
C TRP H 2819 -39.97 -103.47 94.48
N GLU H 2820 -40.64 -103.79 95.59
CA GLU H 2820 -41.00 -105.14 96.00
C GLU H 2820 -39.88 -106.16 95.80
N TRP H 2821 -38.63 -105.72 95.99
CA TRP H 2821 -37.47 -106.59 95.82
C TRP H 2821 -36.85 -106.83 97.19
N THR H 2822 -37.14 -108.00 97.78
CA THR H 2822 -36.51 -108.38 99.03
C THR H 2822 -35.06 -108.80 98.79
N ILE H 2823 -34.20 -108.48 99.75
CA ILE H 2823 -32.79 -108.83 99.68
C ILE H 2823 -32.48 -109.78 100.82
N GLU H 2824 -31.80 -110.89 100.50
CA GLU H 2824 -31.48 -111.91 101.47
C GLU H 2824 -29.98 -112.20 101.45
N LYS H 2825 -29.40 -112.36 102.64
CA LYS H 2825 -27.98 -112.67 102.78
C LYS H 2825 -27.82 -114.19 102.68
N ALA H 2826 -27.54 -114.67 101.46
CA ALA H 2826 -27.28 -116.09 101.27
C ALA H 2826 -26.01 -116.52 102.00
N ARG H 2827 -24.98 -115.68 101.99
CA ARG H 2827 -23.74 -115.98 102.66
C ARG H 2827 -23.78 -115.55 104.12
N GLU H 2828 -22.78 -116.00 104.87
CA GLU H 2828 -22.61 -115.62 106.27
C GLU H 2828 -21.11 -115.58 106.58
N GLY H 2829 -20.53 -114.40 106.53
CA GLY H 2829 -19.13 -114.23 106.81
C GLY H 2829 -18.82 -112.81 107.23
N GLU H 2830 -17.56 -112.43 107.06
CA GLU H 2830 -17.08 -111.09 107.40
C GLU H 2830 -17.38 -110.74 108.86
N TYR H 2855 -4.60 -96.89 103.59
CA TYR H 2855 -5.76 -96.36 102.88
C TYR H 2855 -5.71 -96.72 101.40
N ASN H 2856 -6.35 -97.84 101.06
CA ASN H 2856 -6.33 -98.34 99.69
C ASN H 2856 -7.44 -99.36 99.51
N PRO H 2857 -8.25 -99.25 98.46
CA PRO H 2857 -9.28 -100.27 98.21
C PRO H 2857 -8.69 -101.56 97.65
N GLN H 2858 -8.15 -102.40 98.52
CA GLN H 2858 -7.48 -103.62 98.06
C GLN H 2858 -8.41 -104.54 97.29
N PRO H 2859 -9.62 -104.84 97.76
CA PRO H 2859 -10.56 -105.57 96.91
C PRO H 2859 -11.15 -104.64 95.86
N PRO H 2860 -10.87 -104.89 94.57
CA PRO H 2860 -11.29 -103.94 93.53
C PRO H 2860 -12.72 -104.17 93.08
N ASP H 2861 -13.51 -103.10 93.03
CA ASP H 2861 -14.85 -103.15 92.48
C ASP H 2861 -14.79 -102.76 91.01
N LEU H 2862 -15.20 -103.66 90.14
CA LEU H 2862 -15.19 -103.45 88.70
C LEU H 2862 -16.61 -103.61 88.15
N SER H 2863 -16.74 -103.36 86.84
CA SER H 2863 -18.03 -103.51 86.18
C SER H 2863 -17.92 -104.20 84.82
N GLY H 2864 -16.76 -104.76 84.49
CA GLY H 2864 -16.57 -105.40 83.20
C GLY H 2864 -17.00 -106.84 83.11
N VAL H 2865 -17.44 -107.44 84.22
CA VAL H 2865 -17.89 -108.83 84.20
C VAL H 2865 -19.37 -108.89 83.88
N THR H 2866 -19.80 -110.04 83.35
CA THR H 2866 -21.18 -110.25 82.96
C THR H 2866 -22.02 -110.66 84.17
N LEU H 2867 -23.34 -110.66 83.99
CA LEU H 2867 -24.27 -110.95 85.07
C LEU H 2867 -25.52 -111.60 84.50
N SER H 2868 -26.26 -112.28 85.37
CA SER H 2868 -27.48 -112.96 84.98
C SER H 2868 -28.53 -111.97 84.50
N ARG H 2869 -29.35 -112.41 83.54
CA ARG H 2869 -30.31 -111.52 82.89
C ARG H 2869 -31.40 -111.06 83.85
N GLU H 2870 -31.91 -111.96 84.69
CA GLU H 2870 -33.00 -111.60 85.59
CA GLU H 2870 -33.01 -111.60 85.58
C GLU H 2870 -32.60 -110.49 86.54
N LEU H 2871 -31.41 -110.60 87.14
CA LEU H 2871 -30.95 -109.58 88.07
C LEU H 2871 -30.45 -108.34 87.33
N GLN H 2872 -29.90 -108.50 86.13
CA GLN H 2872 -29.50 -107.35 85.32
C GLN H 2872 -30.71 -106.52 84.92
N ALA H 2873 -31.86 -107.14 84.74
CA ALA H 2873 -33.08 -106.39 84.47
C ALA H 2873 -33.45 -105.49 85.66
N MET H 2874 -33.33 -106.03 86.88
CA MET H 2874 -33.58 -105.21 88.06
C MET H 2874 -32.57 -104.08 88.17
N ALA H 2875 -31.31 -104.36 87.85
CA ALA H 2875 -30.29 -103.31 87.87
C ALA H 2875 -30.61 -102.21 86.84
N GLU H 2876 -31.08 -102.61 85.66
CA GLU H 2876 -31.46 -101.63 84.65
C GLU H 2876 -32.68 -100.84 85.08
N GLN H 2877 -33.61 -101.47 85.79
CA GLN H 2877 -34.75 -100.73 86.34
C GLN H 2877 -34.29 -99.74 87.39
N LEU H 2878 -33.31 -100.12 88.22
CA LEU H 2878 -32.76 -99.17 89.19
C LEU H 2878 -32.07 -98.00 88.50
N ALA H 2879 -31.37 -98.28 87.40
CA ALA H 2879 -30.78 -97.19 86.62
C ALA H 2879 -31.85 -96.30 85.99
N GLU H 2880 -32.96 -96.89 85.54
CA GLU H 2880 -34.10 -96.10 85.08
C GLU H 2880 -34.63 -95.21 86.18
N ASN H 2881 -34.71 -95.74 87.41
CA ASN H 2881 -35.13 -94.94 88.54
C ASN H 2881 -34.15 -93.80 88.81
N TYR H 2882 -32.86 -94.08 88.74
CA TYR H 2882 -31.86 -93.03 88.84
C TYR H 2882 -32.12 -91.94 87.82
N HIS H 2883 -32.34 -92.33 86.57
CA HIS H 2883 -32.51 -91.35 85.50
C HIS H 2883 -33.80 -90.56 85.66
N ASN H 2884 -34.88 -91.20 86.10
CA ASN H 2884 -36.14 -90.47 86.22
C ASN H 2884 -36.10 -89.53 87.43
N THR H 2885 -35.42 -89.92 88.51
CA THR H 2885 -35.21 -88.99 89.61
C THR H 2885 -34.35 -87.81 89.17
N TRP H 2886 -33.31 -88.06 88.38
CA TRP H 2886 -32.47 -86.99 87.87
C TRP H 2886 -33.27 -86.06 86.97
N GLY H 2887 -34.10 -86.63 86.09
CA GLY H 2887 -34.95 -85.82 85.25
C GLY H 2887 -35.95 -85.00 86.04
N ARG H 2888 -36.50 -85.57 87.12
CA ARG H 2888 -37.41 -84.82 87.97
C ARG H 2888 -36.70 -83.64 88.60
N LYS H 2889 -35.50 -83.87 89.16
CA LYS H 2889 -34.81 -82.77 89.85
C LYS H 2889 -34.30 -81.72 88.88
N LYS H 2890 -34.00 -82.11 87.63
CA LYS H 2890 -33.63 -81.12 86.62
C LYS H 2890 -34.85 -80.35 86.13
N LYS H 2891 -35.96 -81.04 85.89
CA LYS H 2891 -37.17 -80.38 85.42
C LYS H 2891 -37.80 -79.47 86.46
N GLN H 2892 -37.53 -79.71 87.76
CA GLN H 2892 -38.01 -78.77 88.77
C GLN H 2892 -37.40 -77.40 88.58
N GLU H 2893 -36.10 -77.34 88.29
CA GLU H 2893 -35.45 -76.07 88.02
C GLU H 2893 -35.84 -75.56 86.63
N LEU H 2894 -35.94 -76.45 85.66
CA LEU H 2894 -36.19 -76.05 84.28
C LEU H 2894 -37.59 -75.49 84.06
N GLU H 2895 -38.58 -76.00 84.79
CA GLU H 2895 -39.98 -75.66 84.54
C GLU H 2895 -40.34 -74.24 84.95
N ALA H 2896 -39.46 -73.52 85.63
CA ALA H 2896 -39.74 -72.14 86.01
C ALA H 2896 -39.93 -71.24 84.80
N LYS H 2897 -39.28 -71.54 83.67
CA LYS H 2897 -39.42 -70.73 82.47
C LYS H 2897 -40.62 -71.13 81.63
N GLY H 2898 -40.97 -72.41 81.61
CA GLY H 2898 -42.09 -72.89 80.85
C GLY H 2898 -41.83 -73.18 79.39
N GLY H 2899 -40.59 -72.99 78.93
CA GLY H 2899 -40.27 -73.24 77.53
C GLY H 2899 -38.99 -74.03 77.34
N GLY H 2900 -38.99 -74.93 76.36
CA GLY H 2900 -37.84 -75.77 76.09
C GLY H 2900 -37.75 -76.94 77.06
N THR H 2901 -36.76 -77.79 76.81
CA THR H 2901 -36.55 -78.96 77.64
C THR H 2901 -35.11 -79.40 77.52
N HIS H 2902 -34.61 -80.04 78.58
CA HIS H 2902 -33.27 -80.60 78.55
C HIS H 2902 -33.22 -81.75 77.55
N PRO H 2903 -32.15 -81.87 76.78
CA PRO H 2903 -32.06 -82.96 75.78
C PRO H 2903 -32.14 -84.35 76.39
N LEU H 2904 -31.69 -84.53 77.63
CA LEU H 2904 -31.73 -85.82 78.28
C LEU H 2904 -33.04 -86.06 79.02
N LEU H 2905 -34.00 -85.15 78.90
CA LEU H 2905 -35.32 -85.34 79.48
C LEU H 2905 -36.15 -86.28 78.61
N VAL H 2906 -35.69 -87.52 78.56
CA VAL H 2906 -36.28 -88.54 77.69
C VAL H 2906 -36.48 -89.82 78.51
N PRO H 2907 -37.40 -90.67 78.09
CA PRO H 2907 -37.55 -91.97 78.76
C PRO H 2907 -36.27 -92.78 78.70
N TYR H 2908 -36.04 -93.57 79.76
CA TYR H 2908 -34.79 -94.31 79.91
C TYR H 2908 -34.58 -95.29 78.77
N ASP H 2909 -35.63 -95.94 78.30
CA ASP H 2909 -35.49 -96.89 77.19
C ASP H 2909 -35.24 -96.17 75.87
N THR H 2910 -35.79 -94.96 75.72
CA THR H 2910 -35.68 -94.24 74.45
C THR H 2910 -34.23 -93.81 74.18
N LEU H 2911 -33.54 -93.34 75.21
CA LEU H 2911 -32.18 -92.82 75.02
C LEU H 2911 -31.20 -93.95 74.69
N THR H 2912 -30.13 -93.58 73.99
CA THR H 2912 -29.15 -94.51 73.50
C THR H 2912 -28.18 -94.92 74.61
N ALA H 2913 -27.31 -95.89 74.30
CA ALA H 2913 -26.44 -96.48 75.32
C ALA H 2913 -25.32 -95.53 75.72
N LYS H 2914 -24.93 -94.60 74.85
CA LYS H 2914 -23.83 -93.71 75.18
C LYS H 2914 -24.17 -92.79 76.34
N GLU H 2915 -25.41 -92.30 76.39
CA GLU H 2915 -25.88 -91.48 77.50
C GLU H 2915 -26.47 -92.30 78.64
N LYS H 2916 -26.61 -93.62 78.46
CA LYS H 2916 -27.03 -94.51 79.53
C LYS H 2916 -25.86 -94.99 80.38
N ALA H 2917 -24.64 -94.63 79.99
CA ALA H 2917 -23.44 -95.20 80.58
C ALA H 2917 -23.32 -94.90 82.08
N ARG H 2918 -23.60 -93.67 82.50
CA ARG H 2918 -23.38 -93.28 83.90
C ARG H 2918 -24.26 -94.09 84.84
N ASP H 2919 -25.59 -94.01 84.65
CA ASP H 2919 -26.51 -94.75 85.49
C ASP H 2919 -26.34 -96.25 85.35
N ARG H 2920 -26.09 -96.74 84.12
CA ARG H 2920 -25.88 -98.16 83.92
C ARG H 2920 -24.68 -98.65 84.73
N GLU H 2921 -23.56 -97.93 84.67
CA GLU H 2921 -22.37 -98.35 85.38
C GLU H 2921 -22.55 -98.24 86.89
N LYS H 2922 -23.26 -97.21 87.35
CA LYS H 2922 -23.51 -97.09 88.79
C LYS H 2922 -24.34 -98.27 89.30
N ALA H 2923 -25.44 -98.59 88.62
CA ALA H 2923 -26.26 -99.72 89.02
C ALA H 2923 -25.48 -101.03 88.92
N GLN H 2924 -24.70 -101.20 87.86
CA GLN H 2924 -23.92 -102.41 87.70
C GLN H 2924 -22.87 -102.55 88.80
N GLU H 2925 -22.24 -101.44 89.19
CA GLU H 2925 -21.24 -101.50 90.26
C GLU H 2925 -21.88 -101.85 91.59
N LEU H 2926 -23.04 -101.27 91.90
CA LEU H 2926 -23.74 -101.65 93.12
C LEU H 2926 -24.11 -103.14 93.08
N LEU H 2927 -24.58 -103.61 91.93
CA LEU H 2927 -24.99 -105.01 91.82
C LEU H 2927 -23.78 -105.94 91.89
N LYS H 2928 -22.62 -105.51 91.40
CA LYS H 2928 -21.40 -106.31 91.52
C LYS H 2928 -20.94 -106.38 92.97
N PHE H 2929 -21.07 -105.27 93.71
CA PHE H 2929 -20.74 -105.29 95.13
C PHE H 2929 -21.67 -106.23 95.88
N LEU H 2930 -22.96 -106.26 95.49
CA LEU H 2930 -23.87 -107.26 96.01
C LEU H 2930 -23.46 -108.68 95.61
N GLN H 2931 -23.02 -108.86 94.36
CA GLN H 2931 -22.78 -110.18 93.80
C GLN H 2931 -21.58 -110.86 94.44
N MET H 2932 -20.45 -110.15 94.54
CA MET H 2932 -19.25 -110.83 95.02
C MET H 2932 -19.36 -111.21 96.49
N ASN H 2933 -20.30 -110.60 97.22
CA ASN H 2933 -20.61 -111.04 98.57
C ASN H 2933 -21.68 -112.12 98.62
N GLY H 2934 -22.65 -112.07 97.71
CA GLY H 2934 -23.71 -113.06 97.71
C GLY H 2934 -25.02 -112.58 98.32
N TYR H 2935 -25.50 -111.43 97.85
CA TYR H 2935 -26.80 -110.89 98.27
C TYR H 2935 -27.83 -111.27 97.22
N ALA H 2936 -28.87 -111.99 97.63
CA ALA H 2936 -29.89 -112.51 96.72
C ALA H 2936 -31.08 -111.57 96.72
N VAL H 2937 -31.34 -110.94 95.57
CA VAL H 2937 -32.48 -110.05 95.38
C VAL H 2937 -33.38 -110.66 94.32
N THR H 2938 -34.64 -110.89 94.67
CA THR H 2938 -35.61 -111.48 93.77
C THR H 2938 -36.95 -110.80 93.96
N ARG H 2939 -37.68 -110.64 92.86
CA ARG H 2939 -38.99 -110.00 92.89
C ARG H 2939 -39.99 -110.81 93.70
N LEU H 2946 -42.31 -114.79 75.38
CA LEU H 2946 -41.54 -115.60 76.30
C LEU H 2946 -41.14 -116.92 75.64
N ASP H 2947 -39.84 -117.19 75.62
CA ASP H 2947 -39.28 -118.39 74.98
C ASP H 2947 -39.68 -118.47 73.52
N THR H 2948 -39.57 -117.35 72.82
CA THR H 2948 -39.99 -117.24 71.43
C THR H 2948 -38.79 -117.39 70.50
N SER H 2949 -38.93 -118.26 69.50
CA SER H 2949 -37.84 -118.47 68.54
C SER H 2949 -37.71 -117.26 67.62
N SER H 2950 -36.61 -117.26 66.86
CA SER H 2950 -36.35 -116.14 65.96
C SER H 2950 -37.41 -116.02 64.89
N ILE H 2951 -37.88 -117.15 64.35
CA ILE H 2951 -38.88 -117.12 63.30
C ILE H 2951 -40.18 -116.50 63.82
N GLU H 2952 -40.59 -116.89 65.02
CA GLU H 2952 -41.83 -116.36 65.58
C GLU H 2952 -41.71 -114.91 65.98
N LYS H 2953 -40.51 -114.35 65.98
CA LYS H 2953 -40.32 -112.93 66.22
C LYS H 2953 -40.27 -112.10 64.95
N ARG H 2954 -40.41 -112.73 63.78
CA ARG H 2954 -40.29 -111.98 62.53
C ARG H 2954 -41.47 -111.04 62.35
N PHE H 2955 -41.16 -109.90 61.75
CA PHE H 2955 -42.19 -108.89 61.52
C PHE H 2955 -43.27 -109.43 60.61
N ALA H 2956 -42.88 -110.16 59.55
CA ALA H 2956 -43.87 -110.75 58.67
C ALA H 2956 -44.74 -111.76 59.41
N PHE H 2957 -44.14 -112.53 60.31
CA PHE H 2957 -44.91 -113.48 61.10
C PHE H 2957 -45.96 -112.77 61.94
N GLY H 2958 -45.55 -111.74 62.68
CA GLY H 2958 -46.53 -111.02 63.49
C GLY H 2958 -47.61 -110.35 62.67
N PHE H 2959 -47.22 -109.78 61.53
CA PHE H 2959 -48.17 -109.10 60.66
C PHE H 2959 -49.20 -110.08 60.10
N LEU H 2960 -48.74 -111.24 59.64
CA LEU H 2960 -49.65 -112.25 59.13
C LEU H 2960 -50.57 -112.76 60.24
N GLN H 2961 -50.02 -112.89 61.46
CA GLN H 2961 -50.83 -113.35 62.58
C GLN H 2961 -51.95 -112.36 62.88
N GLN H 2962 -51.64 -111.06 62.84
CA GLN H 2962 -52.68 -110.07 63.05
C GLN H 2962 -53.70 -110.09 61.93
N LEU H 2963 -53.26 -110.32 60.70
CA LEU H 2963 -54.20 -110.41 59.59
C LEU H 2963 -55.15 -111.59 59.78
N LEU H 2964 -54.65 -112.73 60.25
CA LEU H 2964 -55.54 -113.85 60.50
C LEU H 2964 -56.49 -113.57 61.66
N ARG H 2965 -56.00 -112.92 62.70
CA ARG H 2965 -56.86 -112.56 63.82
C ARG H 2965 -57.96 -111.61 63.37
N TRP H 2966 -57.67 -110.78 62.38
CA TRP H 2966 -58.72 -109.97 61.79
C TRP H 2966 -59.60 -110.74 60.83
N MET H 2967 -59.08 -111.80 60.20
CA MET H 2967 -59.91 -112.58 59.30
C MET H 2967 -61.00 -113.33 60.06
N ASP H 2968 -60.69 -113.81 61.27
CA ASP H 2968 -61.77 -114.43 62.03
C ASP H 2968 -62.84 -113.41 62.42
N ILE H 2969 -62.44 -112.21 62.82
CA ILE H 2969 -63.39 -111.14 63.07
C ILE H 2969 -64.19 -110.83 61.80
N SER H 2970 -63.55 -110.98 60.64
CA SER H 2970 -64.25 -110.78 59.38
C SER H 2970 -65.34 -111.81 59.19
N GLN H 2971 -65.01 -113.08 59.42
CA GLN H 2971 -66.01 -114.14 59.32
C GLN H 2971 -67.13 -113.92 60.31
N GLU H 2972 -66.82 -113.28 61.44
CA GLU H 2972 -67.87 -112.95 62.41
C GLU H 2972 -68.82 -111.89 61.86
N PHE H 2973 -68.29 -110.72 61.48
CA PHE H 2973 -69.24 -109.65 61.18
C PHE H 2973 -69.87 -109.79 59.81
N ILE H 2974 -69.25 -110.49 58.85
CA ILE H 2974 -69.97 -110.74 57.61
C ILE H 2974 -71.13 -111.70 57.85
N ALA H 2975 -70.94 -112.66 58.76
CA ALA H 2975 -72.06 -113.51 59.14
C ALA H 2975 -73.17 -112.69 59.79
N HIS H 2976 -72.78 -111.74 60.64
CA HIS H 2976 -73.78 -110.85 61.24
C HIS H 2976 -74.52 -110.05 60.17
N LEU H 2977 -73.79 -109.55 59.17
CA LEU H 2977 -74.42 -108.80 58.09
C LEU H 2977 -75.37 -109.68 57.29
N GLU H 2978 -74.98 -110.92 57.02
CA GLU H 2978 -75.88 -111.85 56.36
C GLU H 2978 -77.13 -112.08 57.18
N ALA H 2979 -76.97 -112.21 58.50
CA ALA H 2979 -78.13 -112.41 59.37
C ALA H 2979 -79.08 -111.22 59.30
N VAL H 2980 -78.54 -110.00 59.36
CA VAL H 2980 -79.41 -108.83 59.37
C VAL H 2980 -80.04 -108.63 58.00
N VAL H 2981 -79.34 -108.99 56.93
CA VAL H 2981 -79.92 -108.83 55.60
C VAL H 2981 -80.87 -109.97 55.27
N SER H 2982 -80.85 -111.05 56.04
CA SER H 2982 -81.79 -112.15 55.87
C SER H 2982 -83.05 -111.98 56.71
N SER H 2983 -82.92 -111.58 57.97
CA SER H 2983 -84.07 -111.39 58.83
C SER H 2983 -83.73 -110.40 59.93
N GLY H 2984 -84.76 -109.76 60.47
CA GLY H 2984 -84.60 -108.80 61.54
C GLY H 2984 -83.74 -107.63 61.15
N ARG H 2985 -84.21 -106.83 60.20
CA ARG H 2985 -83.42 -105.71 59.69
C ARG H 2985 -83.12 -104.70 60.79
N VAL H 2986 -81.87 -104.26 60.83
CA VAL H 2986 -81.43 -103.26 61.80
C VAL H 2986 -80.23 -102.53 61.21
N GLU H 2987 -80.21 -101.22 61.39
CA GLU H 2987 -79.14 -100.37 60.87
C GLU H 2987 -78.20 -99.91 61.97
N LYS H 2988 -78.19 -100.59 63.11
CA LYS H 2988 -77.27 -100.23 64.19
C LYS H 2988 -75.83 -100.50 63.77
N SER H 2989 -75.58 -101.64 63.10
CA SER H 2989 -74.25 -102.04 62.68
C SER H 2989 -73.28 -102.05 63.86
N PRO H 2990 -73.37 -103.04 64.75
CA PRO H 2990 -72.48 -103.04 65.92
C PRO H 2990 -71.01 -103.08 65.56
N HIS H 2991 -70.65 -103.62 64.39
CA HIS H 2991 -69.26 -103.75 63.98
C HIS H 2991 -68.91 -102.76 62.88
N GLU H 2992 -69.46 -101.55 62.90
CA GLU H 2992 -69.16 -100.60 61.82
C GLU H 2992 -67.70 -100.23 61.81
N GLN H 2993 -67.10 -100.07 62.98
CA GLN H 2993 -65.67 -99.79 63.05
C GLN H 2993 -64.87 -100.91 62.42
N GLU H 2994 -65.22 -102.16 62.71
CA GLU H 2994 -64.54 -103.28 62.09
C GLU H 2994 -64.75 -103.29 60.58
N ILE H 2995 -65.97 -103.00 60.13
CA ILE H 2995 -66.25 -102.95 58.70
C ILE H 2995 -65.30 -102.00 58.02
N LYS H 2996 -65.22 -100.77 58.53
CA LYS H 2996 -64.45 -99.74 57.85
C LYS H 2996 -62.96 -100.01 57.99
N PHE H 2997 -62.51 -100.51 59.13
CA PHE H 2997 -61.10 -100.79 59.30
C PHE H 2997 -60.64 -101.89 58.36
N PHE H 2998 -61.45 -102.95 58.23
CA PHE H 2998 -61.10 -104.03 57.33
C PHE H 2998 -61.13 -103.57 55.88
N ALA H 2999 -62.17 -102.82 55.49
CA ALA H 2999 -62.37 -102.50 54.09
C ALA H 2999 -61.43 -101.40 53.61
N LYS H 3000 -61.10 -100.45 54.47
CA LYS H 3000 -60.35 -99.28 54.05
C LYS H 3000 -58.87 -99.31 54.42
N ILE H 3001 -58.47 -100.17 55.35
CA ILE H 3001 -57.09 -100.26 55.81
C ILE H 3001 -56.47 -101.60 55.44
N LEU H 3002 -57.07 -102.70 55.89
CA LEU H 3002 -56.43 -104.00 55.78
C LEU H 3002 -56.28 -104.43 54.32
N LEU H 3003 -57.32 -104.24 53.52
CA LEU H 3003 -57.23 -104.64 52.12
C LEU H 3003 -56.15 -103.89 51.36
N PRO H 3004 -56.08 -102.55 51.40
CA PRO H 3004 -54.95 -101.88 50.76
C PRO H 3004 -53.61 -102.25 51.36
N LEU H 3005 -53.54 -102.45 52.67
CA LEU H 3005 -52.29 -102.82 53.29
C LEU H 3005 -51.77 -104.14 52.75
N ILE H 3006 -52.66 -105.13 52.64
CA ILE H 3006 -52.29 -106.40 52.04
C ILE H 3006 -51.89 -106.21 50.59
N ASN H 3007 -52.72 -105.46 49.85
CA ASN H 3007 -52.52 -105.31 48.41
C ASN H 3007 -51.15 -104.73 48.11
N GLN H 3008 -50.66 -103.86 48.97
CA GLN H 3008 -49.33 -103.31 48.73
C GLN H 3008 -48.22 -104.16 49.34
N TYR H 3009 -48.43 -104.70 50.54
CA TYR H 3009 -47.37 -105.45 51.21
C TYR H 3009 -46.99 -106.69 50.42
N PHE H 3010 -47.98 -107.43 49.94
CA PHE H 3010 -47.65 -108.65 49.21
C PHE H 3010 -47.37 -108.39 47.74
N THR H 3011 -47.57 -107.16 47.27
CA THR H 3011 -46.99 -106.78 45.99
C THR H 3011 -45.50 -106.48 46.13
N ASN H 3012 -45.12 -105.88 47.25
CA ASN H 3012 -43.71 -105.58 47.45
C ASN H 3012 -42.89 -106.84 47.71
N HIS H 3013 -43.37 -107.71 48.59
CA HIS H 3013 -42.58 -108.82 49.11
C HIS H 3013 -43.04 -110.18 48.59
N CYS H 3014 -43.43 -110.26 47.33
CA CYS H 3014 -43.85 -111.54 46.79
C CYS H 3014 -42.69 -112.52 46.73
N LEU H 3015 -41.51 -112.03 46.33
CA LEU H 3015 -40.37 -112.91 46.14
C LEU H 3015 -39.88 -113.49 47.46
N TYR H 3016 -39.98 -112.74 48.55
CA TYR H 3016 -39.57 -113.26 49.84
C TYR H 3016 -40.38 -114.48 50.24
N PHE H 3017 -41.68 -114.45 49.98
CA PHE H 3017 -42.53 -115.59 50.31
C PHE H 3017 -42.39 -116.71 49.31
N LEU H 3018 -42.14 -116.39 48.04
CA LEU H 3018 -41.94 -117.46 47.05
C LEU H 3018 -40.58 -118.11 47.16
N SER H 3019 -39.62 -117.49 47.84
CA SER H 3019 -38.26 -118.02 47.88
C SER H 3019 -38.16 -119.21 48.83
N THR H 3020 -37.13 -120.01 48.61
CA THR H 3020 -36.83 -121.19 49.41
C THR H 3020 -35.32 -121.27 49.60
N PRO H 3021 -34.86 -121.92 50.68
CA PRO H 3021 -33.40 -122.10 50.82
C PRO H 3021 -32.79 -122.83 49.65
N ALA H 3022 -33.55 -123.69 48.98
CA ALA H 3022 -33.03 -124.35 47.79
C ALA H 3022 -32.73 -123.35 46.67
N LYS H 3023 -33.65 -122.42 46.43
CA LYS H 3023 -33.46 -121.42 45.39
C LYS H 3023 -33.98 -120.08 45.91
N VAL H 3024 -33.14 -119.06 45.85
CA VAL H 3024 -33.47 -117.76 46.41
C VAL H 3024 -33.78 -116.80 45.28
N LEU H 3025 -34.98 -116.25 45.27
CA LEU H 3025 -35.42 -115.32 44.24
C LEU H 3025 -35.24 -113.86 44.64
N GLY H 3026 -35.48 -113.53 45.90
CA GLY H 3026 -35.41 -112.16 46.35
C GLY H 3026 -33.98 -111.70 46.55
N SER H 3027 -33.86 -110.46 47.03
CA SER H 3027 -32.54 -109.92 47.34
C SER H 3027 -31.88 -110.72 48.47
N GLY H 3028 -32.64 -111.04 49.50
CA GLY H 3028 -32.12 -111.82 50.60
C GLY H 3028 -33.24 -112.29 51.49
N GLY H 3029 -32.98 -113.40 52.17
CA GLY H 3029 -33.95 -113.97 53.07
C GLY H 3029 -35.06 -114.72 52.34
N HIS H 3030 -35.75 -115.60 53.07
CA HIS H 3030 -36.85 -116.36 52.51
C HIS H 3030 -37.85 -116.65 53.62
N ALA H 3031 -39.12 -116.65 53.27
CA ALA H 3031 -40.16 -116.85 54.25
C ALA H 3031 -40.06 -118.24 54.87
N SER H 3032 -40.33 -118.31 56.17
CA SER H 3032 -40.30 -119.59 56.83
C SER H 3032 -41.51 -120.43 56.43
N ASN H 3033 -41.45 -121.72 56.77
CA ASN H 3033 -42.58 -122.59 56.49
C ASN H 3033 -43.83 -122.10 57.19
N LYS H 3034 -43.68 -121.61 58.42
CA LYS H 3034 -44.84 -121.07 59.12
C LYS H 3034 -45.42 -119.88 58.38
N GLU H 3035 -44.57 -118.99 57.89
CA GLU H 3035 -45.05 -117.83 57.16
C GLU H 3035 -45.78 -118.22 55.89
N LYS H 3036 -45.25 -119.21 55.17
CA LYS H 3036 -45.94 -119.70 53.98
C LYS H 3036 -47.29 -120.31 54.32
N GLU H 3037 -47.35 -121.09 55.40
CA GLU H 3037 -48.62 -121.67 55.81
C GLU H 3037 -49.62 -120.59 56.17
N MET H 3038 -49.17 -119.55 56.86
CA MET H 3038 -50.09 -118.48 57.24
C MET H 3038 -50.59 -117.72 56.03
N ILE H 3039 -49.73 -117.47 55.04
CA ILE H 3039 -50.24 -116.77 53.87
C ILE H 3039 -51.23 -117.64 53.11
N THR H 3040 -51.00 -118.96 53.07
CA THR H 3040 -51.96 -119.85 52.41
C THR H 3040 -53.30 -119.84 53.14
N SER H 3041 -53.28 -119.94 54.47
CA SER H 3041 -54.51 -119.89 55.22
C SER H 3041 -55.20 -118.55 55.05
N LEU H 3042 -54.44 -117.47 54.95
CA LEU H 3042 -55.03 -116.16 54.73
C LEU H 3042 -55.76 -116.10 53.39
N PHE H 3043 -55.11 -116.60 52.34
CA PHE H 3043 -55.77 -116.61 51.04
C PHE H 3043 -57.03 -117.44 51.06
N CYS H 3044 -56.96 -118.63 51.64
CA CYS H 3044 -58.14 -119.50 51.68
C CYS H 3044 -59.27 -118.87 52.48
N LYS H 3045 -58.94 -118.28 53.63
CA LYS H 3045 -59.97 -117.65 54.45
C LYS H 3045 -60.62 -116.48 53.73
N LEU H 3046 -59.83 -115.67 53.04
CA LEU H 3046 -60.38 -114.52 52.33
C LEU H 3046 -61.27 -114.97 51.18
N ALA H 3047 -60.86 -116.02 50.47
CA ALA H 3047 -61.72 -116.57 49.42
C ALA H 3047 -63.02 -117.08 49.98
N ALA H 3048 -62.96 -117.79 51.12
CA ALA H 3048 -64.18 -118.27 51.75
C ALA H 3048 -65.07 -117.11 52.19
N LEU H 3049 -64.47 -116.04 52.70
CA LEU H 3049 -65.23 -114.87 53.11
C LEU H 3049 -65.97 -114.25 51.92
N VAL H 3050 -65.29 -114.11 50.78
CA VAL H 3050 -65.89 -113.47 49.62
C VAL H 3050 -66.81 -114.40 48.85
N ARG H 3051 -66.78 -115.70 49.15
CA ARG H 3051 -67.63 -116.64 48.42
C ARG H 3051 -69.10 -116.31 48.61
N HIS H 3052 -69.82 -116.14 47.49
CA HIS H 3052 -71.26 -115.89 47.49
C HIS H 3052 -71.66 -114.67 48.30
N ARG H 3053 -70.73 -113.75 48.54
CA ARG H 3053 -71.01 -112.53 49.27
C ARG H 3053 -70.44 -111.31 48.57
N VAL H 3054 -70.29 -111.39 47.24
CA VAL H 3054 -69.67 -110.30 46.50
C VAL H 3054 -70.54 -109.05 46.59
N SER H 3055 -71.86 -109.22 46.57
CA SER H 3055 -72.75 -108.07 46.69
C SER H 3055 -72.61 -107.39 48.05
N LEU H 3056 -72.49 -108.17 49.13
CA LEU H 3056 -72.43 -107.59 50.46
C LEU H 3056 -71.27 -106.64 50.64
N PHE H 3057 -70.22 -106.76 49.82
CA PHE H 3057 -69.08 -105.88 49.96
C PHE H 3057 -69.25 -104.55 49.25
N GLY H 3058 -70.27 -104.42 48.41
CA GLY H 3058 -70.50 -103.15 47.74
C GLY H 3058 -69.33 -102.78 46.86
N THR H 3059 -68.74 -101.62 47.14
CA THR H 3059 -67.63 -101.13 46.34
C THR H 3059 -66.28 -101.71 46.76
N ASP H 3060 -66.24 -102.54 47.81
CA ASP H 3060 -64.99 -103.13 48.25
C ASP H 3060 -64.68 -104.45 47.56
N ALA H 3061 -65.61 -104.98 46.77
CA ALA H 3061 -65.36 -106.22 46.04
C ALA H 3061 -64.14 -106.11 45.12
N PRO H 3062 -63.91 -105.03 44.37
CA PRO H 3062 -62.66 -104.94 43.61
C PRO H 3062 -61.42 -105.03 44.48
N ALA H 3063 -61.43 -104.39 45.65
CA ALA H 3063 -60.29 -104.50 46.55
C ALA H 3063 -60.09 -105.94 46.99
N VAL H 3064 -61.17 -106.63 47.33
CA VAL H 3064 -61.06 -108.00 47.79
C VAL H 3064 -60.50 -108.90 46.69
N VAL H 3065 -61.00 -108.75 45.47
CA VAL H 3065 -60.51 -109.62 44.40
C VAL H 3065 -59.06 -109.29 44.05
N ASN H 3066 -58.66 -108.02 44.13
CA ASN H 3066 -57.26 -107.69 43.89
C ASN H 3066 -56.36 -108.31 44.95
N CYS H 3067 -56.80 -108.25 46.22
CA CYS H 3067 -56.03 -108.89 47.28
C CYS H 3067 -55.92 -110.38 47.03
N LEU H 3068 -57.01 -111.00 46.56
CA LEU H 3068 -56.96 -112.42 46.24
C LEU H 3068 -55.96 -112.70 45.12
N HIS H 3069 -55.95 -111.84 44.08
CA HIS H 3069 -54.99 -112.01 42.99
C HIS H 3069 -53.56 -111.99 43.52
N ILE H 3070 -53.25 -111.00 44.35
CA ILE H 3070 -51.87 -110.87 44.84
C ILE H 3070 -51.50 -112.04 45.72
N LEU H 3071 -52.40 -112.44 46.61
CA LEU H 3071 -52.14 -113.58 47.47
C LEU H 3071 -51.91 -114.84 46.67
N ALA H 3072 -52.71 -115.05 45.62
CA ALA H 3072 -52.51 -116.21 44.77
C ALA H 3072 -51.17 -116.16 44.08
N ARG H 3073 -50.74 -114.97 43.66
CA ARG H 3073 -49.41 -114.87 43.08
C ARG H 3073 -48.31 -115.10 44.09
N SER H 3074 -48.58 -114.97 45.39
CA SER H 3074 -47.54 -115.10 46.40
C SER H 3074 -47.72 -116.32 47.28
N LEU H 3075 -48.07 -117.47 46.70
CA LEU H 3075 -48.24 -118.71 47.46
C LEU H 3075 -47.12 -119.67 47.11
N ASP H 3076 -46.48 -120.24 48.13
CA ASP H 3076 -45.50 -121.30 47.93
C ASP H 3076 -46.19 -122.65 48.15
N ALA H 3077 -47.15 -122.92 47.26
CA ALA H 3077 -48.00 -124.09 47.39
C ALA H 3077 -47.21 -125.39 47.40
N ARG H 3078 -46.06 -125.44 46.72
CA ARG H 3078 -45.26 -126.65 46.74
C ARG H 3078 -44.82 -126.99 48.16
N THR H 3079 -44.19 -126.04 48.84
CA THR H 3079 -43.76 -126.28 50.21
C THR H 3079 -44.95 -126.53 51.11
N VAL H 3080 -46.01 -125.75 50.94
CA VAL H 3080 -47.17 -125.88 51.81
C VAL H 3080 -47.76 -127.28 51.72
N MET H 3081 -47.89 -127.82 50.50
CA MET H 3081 -48.51 -129.12 50.33
C MET H 3081 -47.54 -130.27 50.59
N LYS H 3082 -46.24 -130.04 50.45
CA LYS H 3082 -45.29 -131.10 50.76
C LYS H 3082 -45.14 -131.26 52.26
N SER H 3083 -44.72 -130.19 52.94
CA SER H 3083 -44.49 -130.24 54.39
C SER H 3083 -45.33 -129.16 55.04
N GLY H 3084 -46.57 -129.49 55.35
CA GLY H 3084 -47.49 -128.53 55.92
C GLY H 3084 -48.56 -129.14 56.77
N PRO H 3085 -49.18 -128.34 57.63
CA PRO H 3085 -50.23 -128.85 58.50
C PRO H 3085 -51.47 -129.26 57.73
N GLU H 3086 -52.14 -130.28 58.29
CA GLU H 3086 -53.33 -130.81 57.66
C GLU H 3086 -54.42 -129.78 57.54
N ILE H 3087 -54.49 -128.85 58.48
CA ILE H 3087 -55.53 -127.82 58.43
C ILE H 3087 -55.35 -126.93 57.22
N VAL H 3088 -54.12 -126.47 56.98
CA VAL H 3088 -53.86 -125.61 55.83
C VAL H 3088 -54.07 -126.38 54.53
N LYS H 3089 -53.59 -127.61 54.46
CA LYS H 3089 -53.80 -128.39 53.24
C LYS H 3089 -55.28 -128.62 53.00
N ALA H 3090 -56.04 -128.87 54.05
CA ALA H 3090 -57.48 -129.02 53.91
C ALA H 3090 -58.13 -127.73 53.46
N GLY H 3091 -57.64 -126.59 53.93
CA GLY H 3091 -58.17 -125.33 53.45
C GLY H 3091 -57.96 -125.16 51.96
N LEU H 3092 -56.77 -125.49 51.47
CA LEU H 3092 -56.52 -125.34 50.04
C LEU H 3092 -57.36 -126.30 49.21
N ARG H 3093 -57.43 -127.57 49.64
CA ARG H 3093 -58.27 -128.54 48.95
C ARG H 3093 -59.73 -128.12 48.96
N SER H 3094 -60.21 -127.60 50.09
CA SER H 3094 -61.58 -127.13 50.18
C SER H 3094 -61.82 -125.94 49.26
N PHE H 3095 -60.82 -125.07 49.12
CA PHE H 3095 -60.96 -123.98 48.16
C PHE H 3095 -61.18 -124.52 46.76
N PHE H 3096 -60.33 -125.47 46.35
CA PHE H 3096 -60.49 -126.02 45.01
C PHE H 3096 -61.82 -126.74 44.83
N GLU H 3097 -62.24 -127.50 45.84
CA GLU H 3097 -63.52 -128.20 45.77
C GLU H 3097 -64.68 -127.23 45.64
N SER H 3098 -64.67 -126.16 46.43
CA SER H 3098 -65.73 -125.18 46.35
C SER H 3098 -65.75 -124.49 44.99
N ALA H 3099 -64.56 -124.20 44.46
CA ALA H 3099 -64.49 -123.60 43.13
C ALA H 3099 -65.09 -124.52 42.08
N SER H 3100 -64.76 -125.81 42.15
CA SER H 3100 -65.30 -126.76 41.18
C SER H 3100 -66.82 -126.83 41.28
N GLU H 3101 -67.35 -126.88 42.51
CA GLU H 3101 -68.79 -126.94 42.68
C GLU H 3101 -69.47 -125.69 42.14
N ASP H 3102 -68.91 -124.52 42.43
CA ASP H 3102 -69.52 -123.28 41.97
C ASP H 3102 -69.50 -123.22 40.45
N ILE H 3103 -68.43 -123.67 39.82
CA ILE H 3103 -68.38 -123.66 38.36
C ILE H 3103 -69.39 -124.65 37.79
N GLU H 3104 -69.55 -125.81 38.43
CA GLU H 3104 -70.56 -126.75 37.97
C GLU H 3104 -71.95 -126.13 38.04
N LYS H 3105 -72.25 -125.44 39.14
CA LYS H 3105 -73.54 -124.77 39.25
C LYS H 3105 -73.71 -123.71 38.17
N MET H 3106 -72.67 -122.92 37.90
CA MET H 3106 -72.78 -121.88 36.89
C MET H 3106 -73.06 -122.48 35.52
N VAL H 3107 -72.35 -123.55 35.16
CA VAL H 3107 -72.53 -124.11 33.83
C VAL H 3107 -73.90 -124.79 33.71
N GLU H 3108 -74.33 -125.49 34.76
CA GLU H 3108 -75.65 -126.11 34.69
C GLU H 3108 -76.75 -125.07 34.63
N ASN H 3109 -76.56 -123.92 35.26
CA ASN H 3109 -77.55 -122.85 35.11
C ASN H 3109 -77.52 -122.28 33.70
N LEU H 3110 -76.33 -122.08 33.13
CA LEU H 3110 -76.25 -121.57 31.76
C LEU H 3110 -76.81 -122.56 30.76
N ARG H 3111 -76.96 -123.83 31.13
CA ARG H 3111 -77.69 -124.79 30.29
C ARG H 3111 -79.16 -124.53 30.26
N LEU H 3112 -79.60 -123.38 30.77
CA LEU H 3112 -81.02 -123.05 30.90
C LEU H 3112 -81.76 -124.04 31.79
N GLY H 3113 -81.08 -124.53 32.83
CA GLY H 3113 -81.79 -125.16 33.93
C GLY H 3113 -82.58 -124.15 34.75
N LYS H 3114 -82.20 -122.89 34.67
CA LYS H 3114 -82.92 -121.78 35.27
C LYS H 3114 -82.93 -120.61 34.29
N VAL H 3115 -83.90 -119.71 34.46
CA VAL H 3115 -84.04 -118.58 33.54
C VAL H 3115 -82.78 -117.70 33.58
N SER H 3116 -82.31 -117.38 34.78
CA SER H 3116 -81.11 -116.57 34.97
C SER H 3116 -81.20 -115.22 34.28
N LYS H 3123 -82.74 -115.31 43.11
CA LYS H 3123 -82.36 -116.41 43.98
C LYS H 3123 -80.83 -116.61 43.99
N GLY H 3124 -80.40 -117.80 44.39
CA GLY H 3124 -78.98 -118.09 44.46
C GLY H 3124 -78.30 -118.25 43.12
N VAL H 3125 -79.07 -118.44 42.05
CA VAL H 3125 -78.47 -118.55 40.72
C VAL H 3125 -77.81 -117.24 40.33
N GLY H 3126 -78.49 -116.11 40.57
CA GLY H 3126 -77.90 -114.83 40.24
C GLY H 3126 -76.65 -114.54 41.03
N GLN H 3127 -76.67 -114.83 42.34
CA GLN H 3127 -75.48 -114.65 43.16
C GLN H 3127 -74.35 -115.54 42.68
N ASN H 3128 -74.64 -116.81 42.36
CA ASN H 3128 -73.60 -117.70 41.89
C ASN H 3128 -73.00 -117.21 40.58
N LEU H 3129 -73.84 -116.74 39.66
CA LEU H 3129 -73.33 -116.26 38.38
C LEU H 3129 -72.46 -115.03 38.57
N THR H 3130 -72.93 -114.04 39.32
CA THR H 3130 -72.13 -112.84 39.48
C THR H 3130 -70.84 -113.11 40.25
N TYR H 3131 -70.90 -113.96 41.27
CA TYR H 3131 -69.68 -114.29 42.02
C TYR H 3131 -68.68 -115.03 41.14
N THR H 3132 -69.15 -115.98 40.34
CA THR H 3132 -68.24 -116.74 39.49
C THR H 3132 -67.63 -115.85 38.43
N THR H 3133 -68.43 -114.97 37.83
CA THR H 3133 -67.91 -114.15 36.73
C THR H 3133 -67.11 -112.95 37.20
N VAL H 3134 -67.21 -112.57 38.47
CA VAL H 3134 -66.49 -111.42 38.99
C VAL H 3134 -65.24 -111.82 39.76
N ALA H 3135 -65.33 -112.84 40.61
CA ALA H 3135 -64.23 -113.21 41.49
C ALA H 3135 -63.64 -114.57 41.21
N LEU H 3136 -64.46 -115.62 41.17
CA LEU H 3136 -63.94 -116.97 41.17
C LEU H 3136 -63.11 -117.26 39.93
N LEU H 3137 -63.63 -116.92 38.75
CA LEU H 3137 -62.89 -117.18 37.52
C LEU H 3137 -61.58 -116.43 37.44
N PRO H 3138 -61.52 -115.12 37.67
CA PRO H 3138 -60.21 -114.45 37.62
C PRO H 3138 -59.25 -114.95 38.68
N VAL H 3139 -59.72 -115.22 39.90
CA VAL H 3139 -58.82 -115.68 40.93
C VAL H 3139 -58.27 -117.07 40.60
N LEU H 3140 -59.14 -117.96 40.10
CA LEU H 3140 -58.68 -119.28 39.70
C LEU H 3140 -57.70 -119.20 38.55
N THR H 3141 -57.95 -118.30 37.60
CA THR H 3141 -57.05 -118.13 36.47
C THR H 3141 -55.68 -117.67 36.94
N THR H 3142 -55.65 -116.70 37.85
CA THR H 3142 -54.37 -116.24 38.38
C THR H 3142 -53.65 -117.34 39.14
N LEU H 3143 -54.38 -118.12 39.95
CA LEU H 3143 -53.73 -119.18 40.71
C LEU H 3143 -53.14 -120.24 39.79
N PHE H 3144 -53.88 -120.62 38.75
CA PHE H 3144 -53.37 -121.60 37.81
C PHE H 3144 -52.18 -121.07 37.04
N GLN H 3145 -52.22 -119.80 36.63
CA GLN H 3145 -51.07 -119.22 35.94
C GLN H 3145 -49.85 -119.22 36.84
N HIS H 3146 -50.05 -118.89 38.12
CA HIS H 3146 -48.94 -118.89 39.07
C HIS H 3146 -48.33 -120.28 39.21
N ILE H 3147 -49.18 -121.30 39.36
CA ILE H 3147 -48.70 -122.66 39.47
C ILE H 3147 -47.93 -123.05 38.22
N ALA H 3148 -48.48 -122.74 37.05
CA ALA H 3148 -47.84 -123.13 35.80
C ALA H 3148 -46.51 -122.43 35.61
N GLN H 3149 -46.44 -121.15 35.95
CA GLN H 3149 -45.19 -120.42 35.82
C GLN H 3149 -44.13 -120.99 36.72
N HIS H 3150 -44.49 -121.37 37.94
CA HIS H 3150 -43.49 -121.85 38.89
C HIS H 3150 -43.39 -123.37 38.92
N GLN H 3151 -44.03 -124.06 37.98
CA GLN H 3151 -43.90 -125.51 37.85
C GLN H 3151 -44.27 -126.23 39.15
N PHE H 3152 -45.33 -125.75 39.80
CA PHE H 3152 -45.82 -126.35 41.03
C PHE H 3152 -46.86 -127.43 40.79
N GLY H 3153 -47.27 -127.64 39.54
CA GLY H 3153 -48.39 -128.51 39.27
C GLY H 3153 -48.18 -129.92 39.77
N ASP H 3154 -47.01 -130.49 39.48
CA ASP H 3154 -46.72 -131.87 39.84
C ASP H 3154 -46.71 -132.08 41.34
N ASP H 3155 -46.53 -131.03 42.13
CA ASP H 3155 -46.48 -131.16 43.57
C ASP H 3155 -47.74 -130.67 44.26
N VAL H 3156 -48.59 -129.93 43.56
CA VAL H 3156 -49.80 -129.38 44.14
C VAL H 3156 -51.04 -130.14 43.70
N ILE H 3157 -51.23 -130.29 42.39
CA ILE H 3157 -52.46 -130.91 41.87
C ILE H 3157 -52.17 -132.40 41.79
N LEU H 3158 -52.37 -133.08 42.93
CA LEU H 3158 -52.00 -134.49 43.03
C LEU H 3158 -53.16 -135.43 43.27
N ASP H 3159 -53.90 -135.29 44.38
CA ASP H 3159 -54.78 -136.37 44.81
C ASP H 3159 -56.25 -136.00 44.74
N ASP H 3160 -56.69 -134.95 45.43
CA ASP H 3160 -58.06 -134.49 45.31
C ASP H 3160 -58.17 -133.17 44.57
N VAL H 3161 -57.13 -132.35 44.62
CA VAL H 3161 -57.09 -131.18 43.76
C VAL H 3161 -57.13 -131.60 42.30
N GLN H 3162 -56.55 -132.77 41.98
CA GLN H 3162 -56.68 -133.30 40.63
C GLN H 3162 -58.13 -133.57 40.29
N VAL H 3163 -58.89 -134.15 41.23
CA VAL H 3163 -60.29 -134.42 40.93
C VAL H 3163 -61.07 -133.13 40.76
N SER H 3164 -60.81 -132.14 41.62
CA SER H 3164 -61.53 -130.88 41.51
C SER H 3164 -61.22 -130.19 40.18
N CYS H 3165 -59.95 -130.21 39.77
CA CYS H 3165 -59.55 -129.58 38.53
C CYS H 3165 -60.04 -130.35 37.32
N TYR H 3166 -60.13 -131.69 37.43
CA TYR H 3166 -60.76 -132.49 36.40
C TYR H 3166 -62.22 -132.12 36.23
N ARG H 3167 -62.93 -131.92 37.33
CA ARG H 3167 -64.32 -131.54 37.23
C ARG H 3167 -64.46 -130.16 36.59
N THR H 3168 -63.57 -129.24 36.94
CA THR H 3168 -63.57 -127.95 36.26
C THR H 3168 -63.31 -128.11 34.76
N LEU H 3169 -62.35 -128.96 34.39
CA LEU H 3169 -62.05 -129.19 32.99
C LEU H 3169 -63.23 -129.78 32.25
N CYS H 3170 -63.89 -130.78 32.83
CA CYS H 3170 -65.10 -131.34 32.24
C CYS H 3170 -66.18 -130.28 32.07
N SER H 3171 -66.46 -129.52 33.13
CA SER H 3171 -67.57 -128.58 33.11
C SER H 3171 -67.33 -127.46 32.13
N ILE H 3172 -66.14 -126.86 32.13
CA ILE H 3172 -65.87 -125.73 31.24
C ILE H 3172 -65.98 -126.16 29.79
N TYR H 3173 -65.34 -127.28 29.44
CA TYR H 3173 -65.43 -127.75 28.07
C TYR H 3173 -66.82 -128.20 27.71
N SER H 3174 -67.65 -128.58 28.69
CA SER H 3174 -68.99 -129.03 28.38
C SER H 3174 -69.89 -127.91 27.87
N LEU H 3175 -69.38 -126.72 27.65
CA LEU H 3175 -70.17 -125.62 27.12
C LEU H 3175 -70.25 -125.63 25.60
N GLY H 3176 -69.57 -126.54 24.93
CA GLY H 3176 -69.57 -126.54 23.48
C GLY H 3176 -70.96 -126.77 22.91
N THR H 3177 -71.76 -127.59 23.57
CA THR H 3177 -73.10 -127.93 23.13
C THR H 3177 -74.14 -126.90 23.58
N THR H 3178 -73.70 -125.71 23.97
CA THR H 3178 -74.59 -124.67 24.47
C THR H 3178 -74.48 -123.45 23.59
N LYS H 3179 -75.62 -122.85 23.24
CA LYS H 3179 -75.67 -121.68 22.37
C LYS H 3179 -76.62 -120.66 23.01
N ASN H 3180 -76.05 -119.60 23.58
CA ASN H 3180 -76.85 -118.58 24.26
C ASN H 3180 -76.17 -117.23 24.08
N THR H 3181 -76.64 -116.25 24.85
CA THR H 3181 -75.96 -114.96 24.90
C THR H 3181 -75.04 -114.86 26.11
N TYR H 3182 -75.45 -115.41 27.25
CA TYR H 3182 -74.59 -115.41 28.42
C TYR H 3182 -73.34 -116.23 28.17
N VAL H 3183 -73.49 -117.41 27.57
CA VAL H 3183 -72.33 -118.20 27.18
C VAL H 3183 -71.47 -117.42 26.21
N GLU H 3184 -72.11 -116.69 25.29
CA GLU H 3184 -71.35 -115.94 24.31
C GLU H 3184 -70.49 -114.87 24.97
N LYS H 3185 -71.02 -114.21 25.99
CA LYS H 3185 -70.20 -113.18 26.62
C LYS H 3185 -69.23 -113.73 27.64
N LEU H 3186 -69.43 -114.97 28.11
CA LEU H 3186 -68.51 -115.57 29.07
C LEU H 3186 -67.45 -116.47 28.46
N ARG H 3187 -67.52 -116.75 27.16
CA ARG H 3187 -66.53 -117.63 26.54
C ARG H 3187 -65.09 -117.20 26.77
N PRO H 3188 -64.71 -115.92 26.65
CA PRO H 3188 -63.28 -115.58 26.80
C PRO H 3188 -62.70 -115.93 28.15
N ALA H 3189 -63.39 -115.59 29.25
CA ALA H 3189 -62.86 -115.88 30.57
C ALA H 3189 -62.75 -117.38 30.80
N LEU H 3190 -63.77 -118.13 30.37
CA LEU H 3190 -63.73 -119.58 30.50
C LEU H 3190 -62.56 -120.15 29.71
N GLY H 3191 -62.33 -119.66 28.51
CA GLY H 3191 -61.22 -120.15 27.71
C GLY H 3191 -59.88 -119.85 28.34
N GLU H 3192 -59.72 -118.66 28.89
CA GLU H 3192 -58.46 -118.33 29.54
C GLU H 3192 -58.21 -119.20 30.77
N CYS H 3193 -59.24 -119.39 31.59
CA CYS H 3193 -59.10 -120.26 32.75
C CYS H 3193 -58.76 -121.67 32.33
N LEU H 3194 -59.38 -122.16 31.26
CA LEU H 3194 -59.08 -123.49 30.76
C LEU H 3194 -57.65 -123.59 30.27
N ALA H 3195 -57.16 -122.56 29.57
CA ALA H 3195 -55.79 -122.59 29.09
C ALA H 3195 -54.81 -122.67 30.25
N ARG H 3196 -55.06 -121.87 31.29
CA ARG H 3196 -54.18 -121.91 32.46
C ARG H 3196 -54.26 -123.26 33.16
N LEU H 3197 -55.45 -123.85 33.22
CA LEU H 3197 -55.59 -125.16 33.84
C LEU H 3197 -54.85 -126.23 33.05
N ALA H 3198 -54.91 -126.14 31.72
CA ALA H 3198 -54.14 -127.08 30.90
C ALA H 3198 -52.65 -126.89 31.14
N ALA H 3199 -52.21 -125.64 31.32
CA ALA H 3199 -50.81 -125.42 31.65
C ALA H 3199 -50.43 -126.02 32.98
N ALA H 3200 -51.31 -125.93 33.98
CA ALA H 3200 -50.98 -126.34 35.33
C ALA H 3200 -51.30 -127.80 35.64
N MET H 3201 -51.97 -128.50 34.75
CA MET H 3201 -52.34 -129.89 35.02
C MET H 3201 -51.16 -130.82 34.83
N PRO H 3202 -50.84 -131.67 35.80
CA PRO H 3202 -49.76 -132.64 35.63
C PRO H 3202 -50.18 -133.91 34.91
N VAL H 3203 -51.43 -134.02 34.51
CA VAL H 3203 -51.93 -135.23 33.84
C VAL H 3203 -52.33 -134.87 32.41
N ALA H 3204 -51.95 -135.75 31.48
CA ALA H 3204 -52.23 -135.55 30.06
C ALA H 3204 -53.66 -136.02 29.78
N PHE H 3205 -54.61 -135.12 30.04
CA PHE H 3205 -56.01 -135.49 29.91
C PHE H 3205 -56.44 -135.69 28.47
N LEU H 3206 -55.66 -135.22 27.50
CA LEU H 3206 -55.98 -135.46 26.10
C LEU H 3206 -55.37 -136.74 25.56
N GLU H 3207 -54.53 -137.41 26.33
CA GLU H 3207 -53.92 -138.68 25.94
C GLU H 3207 -54.08 -139.67 27.09
N PRO H 3208 -55.30 -140.14 27.34
CA PRO H 3208 -55.51 -141.06 28.46
C PRO H 3208 -54.83 -142.39 28.27
N GLN H 3209 -54.59 -142.81 27.02
CA GLN H 3209 -54.04 -144.13 26.76
C GLN H 3209 -52.63 -144.29 27.31
N LEU H 3210 -51.97 -143.19 27.69
CA LEU H 3210 -50.64 -143.25 28.24
C LEU H 3210 -50.58 -142.82 29.70
N ASN H 3211 -51.73 -142.81 30.38
CA ASN H 3211 -51.73 -142.41 31.79
C ASN H 3211 -50.97 -143.39 32.67
N GLU H 3212 -50.83 -144.64 32.23
CA GLU H 3212 -50.15 -145.63 33.05
C GLU H 3212 -48.69 -145.31 33.27
N TYR H 3213 -48.12 -144.40 32.48
CA TYR H 3213 -46.73 -143.98 32.64
C TYR H 3213 -46.60 -142.66 33.38
N ASN H 3214 -47.69 -142.11 33.89
CA ASN H 3214 -47.68 -140.80 34.53
C ASN H 3214 -47.64 -141.00 36.04
N ALA H 3215 -46.59 -140.49 36.68
CA ALA H 3215 -46.45 -140.68 38.12
C ALA H 3215 -47.37 -139.76 38.91
N CYS H 3216 -47.65 -138.57 38.39
CA CYS H 3216 -48.41 -137.57 39.13
C CYS H 3216 -49.90 -137.65 38.82
N SER H 3217 -50.46 -138.85 38.89
CA SER H 3217 -51.87 -139.08 38.64
C SER H 3217 -52.46 -139.89 39.77
N VAL H 3218 -53.76 -139.72 40.00
CA VAL H 3218 -54.40 -140.43 41.09
C VAL H 3218 -54.38 -141.93 40.85
N TYR H 3219 -54.52 -142.36 39.60
CA TYR H 3219 -54.55 -143.78 39.28
C TYR H 3219 -53.22 -144.47 39.52
N THR H 3220 -52.16 -143.72 39.76
CA THR H 3220 -50.88 -144.30 40.16
C THR H 3220 -50.50 -143.99 41.59
N THR H 3221 -50.92 -142.85 42.11
CA THR H 3221 -50.60 -142.51 43.49
C THR H 3221 -51.47 -143.28 44.47
N LYS H 3222 -52.67 -143.68 44.06
CA LYS H 3222 -53.61 -144.32 44.96
C LYS H 3222 -53.93 -145.73 44.51
N SER H 3223 -54.06 -146.63 45.49
CA SER H 3223 -54.31 -148.03 45.21
C SER H 3223 -55.73 -148.22 44.67
N PRO H 3224 -55.95 -149.28 43.88
CA PRO H 3224 -57.33 -149.57 43.45
C PRO H 3224 -58.27 -149.86 44.61
N ARG H 3225 -57.74 -150.29 45.76
CA ARG H 3225 -58.57 -150.44 46.95
C ARG H 3225 -59.23 -149.12 47.31
N GLU H 3226 -58.43 -148.05 47.41
CA GLU H 3226 -58.95 -146.70 47.50
C GLU H 3226 -59.36 -146.27 46.09
N ARG H 3227 -59.61 -144.97 45.92
CA ARG H 3227 -60.20 -144.44 44.69
C ARG H 3227 -61.58 -145.03 44.49
N ALA H 3228 -62.04 -145.83 45.45
CA ALA H 3228 -63.39 -146.34 45.51
C ALA H 3228 -64.17 -145.81 46.70
N ILE H 3229 -63.49 -145.55 47.82
CA ILE H 3229 -64.14 -144.84 48.92
C ILE H 3229 -64.54 -143.45 48.45
N LEU H 3230 -63.72 -142.83 47.62
CA LEU H 3230 -64.08 -141.61 46.92
C LEU H 3230 -64.48 -141.96 45.50
N GLY H 3231 -65.59 -141.39 45.04
CA GLY H 3231 -66.17 -141.77 43.77
C GLY H 3231 -65.26 -141.52 42.59
N LEU H 3232 -64.73 -142.59 42.01
CA LEU H 3232 -63.97 -142.50 40.78
C LEU H 3232 -64.47 -143.55 39.79
N PRO H 3233 -64.45 -143.23 38.49
CA PRO H 3233 -65.03 -144.13 37.49
C PRO H 3233 -64.17 -145.31 37.10
N ASN H 3234 -63.20 -145.73 37.91
CA ASN H 3234 -62.44 -146.98 37.75
C ASN H 3234 -61.56 -146.98 36.52
N SER H 3235 -61.55 -145.91 35.73
CA SER H 3235 -60.69 -145.83 34.56
C SER H 3235 -60.43 -144.37 34.25
N VAL H 3236 -59.22 -144.07 33.80
CA VAL H 3236 -58.89 -142.70 33.42
C VAL H 3236 -59.72 -142.27 32.23
N GLU H 3237 -59.94 -143.18 31.28
CA GLU H 3237 -60.57 -142.81 30.03
C GLU H 3237 -62.00 -142.32 30.21
N GLU H 3238 -62.62 -142.64 31.35
CA GLU H 3238 -64.02 -142.29 31.57
C GLU H 3238 -64.20 -141.03 32.40
N MET H 3239 -63.11 -140.43 32.90
CA MET H 3239 -63.24 -139.49 34.01
C MET H 3239 -63.63 -138.11 33.49
N CYS H 3240 -63.06 -137.72 32.36
CA CYS H 3240 -63.57 -136.63 31.52
C CYS H 3240 -63.89 -137.18 30.13
N PRO H 3241 -65.01 -137.88 29.97
CA PRO H 3241 -65.25 -138.59 28.71
C PRO H 3241 -65.57 -137.67 27.56
N ASP H 3242 -66.16 -136.52 27.81
CA ASP H 3242 -66.66 -135.66 26.75
C ASP H 3242 -65.55 -134.88 26.05
N ILE H 3243 -64.32 -134.97 26.54
CA ILE H 3243 -63.18 -134.31 25.92
C ILE H 3243 -62.62 -135.26 24.87
N PRO H 3244 -62.60 -134.88 23.59
CA PRO H 3244 -62.03 -135.77 22.57
C PRO H 3244 -60.54 -135.94 22.79
N VAL H 3245 -60.02 -137.06 22.31
CA VAL H 3245 -58.60 -137.35 22.44
C VAL H 3245 -57.83 -136.38 21.56
N LEU H 3246 -56.51 -136.32 21.75
CA LEU H 3246 -55.71 -135.30 21.10
C LEU H 3246 -55.78 -135.45 19.58
N ASP H 3247 -55.67 -136.67 19.07
CA ASP H 3247 -55.70 -136.87 17.62
C ASP H 3247 -57.04 -136.45 17.04
N ARG H 3248 -58.14 -136.81 17.72
CA ARG H 3248 -59.46 -136.43 17.24
C ARG H 3248 -59.61 -134.92 17.22
N LEU H 3249 -59.15 -134.26 18.28
CA LEU H 3249 -59.27 -132.81 18.34
C LEU H 3249 -58.46 -132.13 17.24
N MET H 3250 -57.24 -132.61 17.01
CA MET H 3250 -56.41 -132.05 15.96
C MET H 3250 -57.04 -132.27 14.59
N ALA H 3251 -57.59 -133.47 14.36
CA ALA H 3251 -58.24 -133.74 13.08
C ALA H 3251 -59.43 -132.82 12.87
N ASP H 3252 -60.23 -132.61 13.92
CA ASP H 3252 -61.37 -131.71 13.81
C ASP H 3252 -60.94 -130.29 13.47
N ILE H 3253 -59.92 -129.79 14.17
CA ILE H 3253 -59.48 -128.42 13.93
C ILE H 3253 -58.91 -128.28 12.53
N GLY H 3254 -58.12 -129.24 12.09
CA GLY H 3254 -57.59 -129.20 10.74
C GLY H 3254 -58.68 -129.25 9.69
N GLY H 3255 -59.69 -130.09 9.91
CA GLY H 3255 -60.81 -130.14 8.99
C GLY H 3255 -61.54 -128.82 8.90
N LEU H 3256 -61.76 -128.17 10.04
CA LEU H 3256 -62.41 -126.86 10.02
C LEU H 3256 -61.57 -125.84 9.27
N ALA H 3257 -60.26 -125.83 9.52
CA ALA H 3257 -59.39 -124.86 8.86
C ALA H 3257 -59.38 -125.08 7.35
N GLU H 3258 -59.27 -126.33 6.91
CA GLU H 3258 -59.26 -126.59 5.48
C GLU H 3258 -60.62 -126.33 4.84
N SER H 3259 -61.72 -126.59 5.56
CA SER H 3259 -63.02 -126.20 5.04
C SER H 3259 -63.18 -124.70 4.94
N GLY H 3260 -62.44 -123.94 5.73
CA GLY H 3260 -62.54 -122.50 5.63
C GLY H 3260 -63.77 -121.92 6.29
N ALA H 3261 -64.32 -122.60 7.28
CA ALA H 3261 -65.49 -122.09 7.97
C ALA H 3261 -65.16 -120.79 8.70
N ARG H 3262 -66.15 -119.92 8.82
CA ARG H 3262 -65.97 -118.66 9.52
C ARG H 3262 -66.03 -118.88 11.03
N TYR H 3263 -65.94 -117.77 11.77
CA TYR H 3263 -65.97 -117.83 13.22
C TYR H 3263 -67.33 -118.21 13.75
N THR H 3264 -68.40 -117.83 13.03
CA THR H 3264 -69.74 -118.00 13.56
C THR H 3264 -70.13 -119.45 13.72
N GLU H 3265 -69.60 -120.33 12.87
CA GLU H 3265 -69.91 -121.74 12.97
C GLU H 3265 -68.90 -122.52 13.80
N MET H 3266 -67.91 -121.85 14.35
CA MET H 3266 -66.92 -122.55 15.17
C MET H 3266 -66.41 -121.71 16.34
N PRO H 3267 -67.29 -121.06 17.11
CA PRO H 3267 -66.80 -120.18 18.16
C PRO H 3267 -66.26 -120.92 19.35
N HIS H 3268 -66.78 -122.11 19.63
CA HIS H 3268 -66.32 -122.84 20.81
C HIS H 3268 -64.87 -123.25 20.65
N VAL H 3269 -64.50 -123.71 19.45
CA VAL H 3269 -63.11 -124.10 19.20
C VAL H 3269 -62.19 -122.91 19.34
N ILE H 3270 -62.59 -121.77 18.79
CA ILE H 3270 -61.73 -120.61 18.78
C ILE H 3270 -61.56 -120.05 20.19
N GLU H 3271 -62.64 -119.97 20.96
CA GLU H 3271 -62.58 -119.31 22.25
C GLU H 3271 -62.03 -120.21 23.35
N ILE H 3272 -62.12 -121.52 23.20
CA ILE H 3272 -61.79 -122.43 24.29
C ILE H 3272 -60.78 -123.49 23.87
N THR H 3273 -61.14 -124.28 22.85
CA THR H 3273 -60.34 -125.45 22.49
C THR H 3273 -58.97 -125.04 22.00
N LEU H 3274 -58.90 -124.00 21.17
CA LEU H 3274 -57.61 -123.53 20.69
C LEU H 3274 -56.71 -123.03 21.80
N PRO H 3275 -57.15 -122.17 22.72
CA PRO H 3275 -56.27 -121.82 23.85
C PRO H 3275 -55.88 -123.02 24.70
N MET H 3276 -56.80 -123.96 24.90
CA MET H 3276 -56.46 -125.14 25.69
C MET H 3276 -55.34 -125.93 25.02
N LEU H 3277 -55.43 -126.11 23.70
CA LEU H 3277 -54.36 -126.80 22.99
C LEU H 3277 -53.07 -126.00 22.97
N CYS H 3278 -53.16 -124.68 22.78
CA CYS H 3278 -51.97 -123.84 22.73
C CYS H 3278 -51.22 -123.82 24.05
N SER H 3279 -51.92 -124.08 25.15
CA SER H 3279 -51.25 -124.21 26.43
C SER H 3279 -50.94 -125.66 26.80
N TYR H 3280 -51.58 -126.63 26.14
CA TYR H 3280 -51.36 -128.02 26.47
C TYR H 3280 -50.14 -128.58 25.75
N LEU H 3281 -50.03 -128.30 24.46
CA LEU H 3281 -48.92 -128.87 23.68
C LEU H 3281 -47.55 -128.44 24.18
N PRO H 3282 -47.27 -127.17 24.45
CA PRO H 3282 -45.94 -126.82 24.95
C PRO H 3282 -45.58 -127.50 26.26
N ARG H 3283 -46.56 -127.69 27.14
CA ARG H 3283 -46.25 -128.29 28.43
C ARG H 3283 -45.78 -129.73 28.27
N TRP H 3284 -46.42 -130.50 27.40
CA TRP H 3284 -46.10 -131.90 27.25
C TRP H 3284 -45.01 -132.16 26.23
N TRP H 3285 -44.74 -131.20 25.34
CA TRP H 3285 -43.61 -131.36 24.44
C TRP H 3285 -42.30 -131.45 25.21
N GLU H 3286 -42.19 -130.69 26.29
CA GLU H 3286 -41.02 -130.75 27.14
C GLU H 3286 -40.97 -132.02 27.99
N ARG H 3287 -42.06 -132.78 28.05
CA ARG H 3287 -42.10 -134.01 28.83
C ARG H 3287 -42.41 -135.24 28.01
N GLY H 3288 -42.19 -135.19 26.70
CA GLY H 3288 -42.40 -136.34 25.87
C GLY H 3288 -41.22 -136.63 24.98
N PRO H 3289 -41.43 -137.42 23.93
CA PRO H 3289 -40.37 -137.62 22.94
C PRO H 3289 -40.06 -136.31 22.25
N GLU H 3290 -38.88 -136.26 21.63
CA GLU H 3290 -38.29 -135.07 21.02
C GLU H 3290 -37.92 -134.03 22.07
N ALA H 3291 -38.08 -134.33 23.35
CA ALA H 3291 -37.57 -133.45 24.38
C ALA H 3291 -36.05 -133.52 24.38
N PRO H 3292 -35.37 -132.58 25.04
CA PRO H 3292 -33.94 -132.74 25.31
C PRO H 3292 -33.70 -133.43 26.64
N PRO H 3293 -33.82 -134.75 26.71
CA PRO H 3293 -33.97 -135.41 28.00
C PRO H 3293 -32.66 -135.39 28.78
N PRO H 3294 -32.65 -134.79 29.96
CA PRO H 3294 -31.57 -135.09 30.91
C PRO H 3294 -31.90 -136.34 31.70
N ALA H 3295 -32.33 -137.38 30.98
CA ALA H 3295 -32.88 -138.59 31.58
C ALA H 3295 -31.98 -139.79 31.35
N LEU H 3296 -30.66 -139.59 31.41
CA LEU H 3296 -29.74 -140.73 31.37
C LEU H 3296 -30.00 -141.70 32.52
N PRO H 3297 -30.15 -141.25 33.78
CA PRO H 3297 -30.53 -142.20 34.83
C PRO H 3297 -32.03 -142.51 34.83
N ALA H 3298 -32.85 -141.52 34.49
CA ALA H 3298 -34.29 -141.61 34.63
C ALA H 3298 -35.02 -141.78 33.30
N GLY H 3299 -34.35 -142.32 32.29
CA GLY H 3299 -35.00 -142.60 31.02
C GLY H 3299 -35.79 -143.89 30.97
N ALA H 3300 -35.74 -144.68 32.03
CA ALA H 3300 -36.50 -145.93 32.07
C ALA H 3300 -38.00 -145.73 31.90
N PRO H 3301 -38.65 -144.79 32.60
CA PRO H 3301 -40.09 -144.61 32.40
C PRO H 3301 -40.37 -144.05 31.03
N PRO H 3302 -41.23 -144.70 30.25
CA PRO H 3302 -41.64 -144.13 28.97
C PRO H 3302 -42.35 -142.81 29.20
N PRO H 3303 -42.18 -141.86 28.29
CA PRO H 3303 -42.92 -140.59 28.40
C PRO H 3303 -44.42 -140.83 28.38
N CYS H 3304 -45.14 -140.04 29.18
CA CYS H 3304 -46.58 -140.17 29.32
C CYS H 3304 -47.35 -139.44 28.24
N THR H 3305 -46.68 -138.93 27.21
CA THR H 3305 -47.33 -138.24 26.12
C THR H 3305 -46.66 -138.61 24.81
N ALA H 3306 -47.31 -138.24 23.71
CA ALA H 3306 -46.80 -138.48 22.36
C ALA H 3306 -46.68 -137.18 21.59
N VAL H 3307 -46.52 -136.06 22.29
CA VAL H 3307 -46.46 -134.75 21.64
C VAL H 3307 -45.06 -134.52 21.11
N THR H 3308 -44.98 -134.18 19.82
CA THR H 3308 -43.73 -133.81 19.17
C THR H 3308 -43.89 -132.42 18.54
N SER H 3309 -42.89 -132.01 17.77
CA SER H 3309 -42.97 -130.73 17.08
C SER H 3309 -43.99 -130.76 15.94
N ASP H 3310 -44.34 -131.95 15.46
CA ASP H 3310 -45.35 -132.06 14.41
C ASP H 3310 -46.67 -131.46 14.87
N HIS H 3311 -47.07 -131.75 16.10
CA HIS H 3311 -48.35 -131.26 16.60
C HIS H 3311 -48.34 -129.74 16.70
N LEU H 3312 -47.26 -129.16 17.22
CA LEU H 3312 -47.18 -127.71 17.33
C LEU H 3312 -47.20 -127.05 15.95
N ASN H 3313 -46.44 -127.60 15.00
CA ASN H 3313 -46.43 -127.03 13.65
C ASN H 3313 -47.80 -127.14 13.00
N SER H 3314 -48.47 -128.28 13.14
CA SER H 3314 -49.80 -128.45 12.57
C SER H 3314 -50.78 -127.48 13.19
N LEU H 3315 -50.74 -127.31 14.50
CA LEU H 3315 -51.64 -126.40 15.17
C LEU H 3315 -51.42 -124.97 14.73
N LEU H 3316 -50.15 -124.57 14.59
CA LEU H 3316 -49.88 -123.20 14.15
C LEU H 3316 -50.34 -122.96 12.73
N GLY H 3317 -50.11 -123.93 11.84
CA GLY H 3317 -50.62 -123.80 10.49
C GLY H 3317 -52.13 -123.69 10.46
N ASN H 3318 -52.81 -124.48 11.28
CA ASN H 3318 -54.27 -124.42 11.34
C ASN H 3318 -54.75 -123.09 11.88
N ILE H 3319 -54.05 -122.53 12.88
CA ILE H 3319 -54.45 -121.24 13.42
C ILE H 3319 -54.30 -120.15 12.37
N LEU H 3320 -53.19 -120.17 11.63
CA LEU H 3320 -53.02 -119.19 10.57
C LEU H 3320 -54.10 -119.34 9.51
N ARG H 3321 -54.44 -120.59 9.15
CA ARG H 3321 -55.50 -120.80 8.17
C ARG H 3321 -56.84 -120.28 8.67
N ILE H 3322 -57.14 -120.49 9.95
CA ILE H 3322 -58.40 -119.98 10.51
C ILE H 3322 -58.42 -118.46 10.46
N ILE H 3323 -57.33 -117.82 10.86
CA ILE H 3323 -57.30 -116.36 10.86
C ILE H 3323 -57.49 -115.82 9.44
N VAL H 3324 -56.82 -116.42 8.46
CA VAL H 3324 -56.98 -115.92 7.10
C VAL H 3324 -58.33 -116.30 6.51
N ASN H 3325 -58.98 -117.32 7.05
CA ASN H 3325 -60.37 -117.57 6.66
C ASN H 3325 -61.28 -116.47 7.15
N ASN H 3326 -61.08 -116.01 8.39
CA ASN H 3326 -61.89 -114.92 8.94
C ASN H 3326 -61.24 -113.56 8.68
N LEU H 3327 -60.48 -113.44 7.60
CA LEU H 3327 -59.63 -112.26 7.46
C LEU H 3327 -60.43 -111.00 7.15
N GLY H 3328 -61.39 -111.10 6.24
CA GLY H 3328 -62.11 -109.93 5.76
C GLY H 3328 -63.40 -109.60 6.49
N ILE H 3329 -63.72 -110.28 7.59
CA ILE H 3329 -65.00 -110.03 8.24
C ILE H 3329 -64.97 -108.69 8.95
N ASP H 3330 -66.16 -108.12 9.13
CA ASP H 3330 -66.27 -106.77 9.68
C ASP H 3330 -65.77 -106.71 11.12
N GLU H 3331 -66.27 -107.59 11.98
CA GLU H 3331 -65.96 -107.55 13.40
C GLU H 3331 -65.43 -108.90 13.84
N ALA H 3332 -64.24 -108.89 14.46
CA ALA H 3332 -63.68 -110.08 15.06
C ALA H 3332 -62.74 -109.62 16.17
N THR H 3333 -63.24 -109.60 17.39
CA THR H 3333 -62.43 -109.20 18.53
C THR H 3333 -61.64 -110.35 19.14
N TRP H 3334 -61.81 -111.56 18.62
CA TRP H 3334 -61.11 -112.72 19.15
C TRP H 3334 -59.73 -112.91 18.56
N MET H 3335 -59.38 -112.15 17.53
CA MET H 3335 -58.10 -112.37 16.86
C MET H 3335 -56.93 -112.05 17.79
N LYS H 3336 -57.03 -110.97 18.56
CA LYS H 3336 -55.95 -110.63 19.47
C LYS H 3336 -55.77 -111.70 20.54
N ARG H 3337 -56.88 -112.19 21.10
CA ARG H 3337 -56.78 -113.24 22.11
C ARG H 3337 -56.19 -114.51 21.53
N LEU H 3338 -56.63 -114.89 20.32
CA LEU H 3338 -56.08 -116.09 19.70
C LEU H 3338 -54.60 -115.94 19.42
N ALA H 3339 -54.16 -114.76 19.00
CA ALA H 3339 -52.75 -114.55 18.74
C ALA H 3339 -51.93 -114.63 20.02
N VAL H 3340 -52.40 -113.98 21.10
CA VAL H 3340 -51.62 -114.02 22.33
C VAL H 3340 -51.65 -115.40 22.96
N PHE H 3341 -52.65 -116.22 22.62
CA PHE H 3341 -52.62 -117.60 23.09
C PHE H 3341 -51.73 -118.48 22.22
N ALA H 3342 -51.60 -118.15 20.94
CA ALA H 3342 -50.78 -118.96 20.05
C ALA H 3342 -49.32 -118.54 20.02
N GLN H 3343 -48.97 -117.42 20.66
CA GLN H 3343 -47.56 -117.03 20.69
C GLN H 3343 -46.63 -118.09 21.25
N PRO H 3344 -46.91 -118.74 22.38
CA PRO H 3344 -45.94 -119.72 22.90
C PRO H 3344 -45.62 -120.86 21.95
N ILE H 3345 -46.59 -121.34 21.16
CA ILE H 3345 -46.32 -122.52 20.35
C ILE H 3345 -45.52 -122.21 19.10
N VAL H 3346 -45.30 -120.94 18.78
CA VAL H 3346 -44.64 -120.58 17.54
C VAL H 3346 -43.16 -120.91 17.56
N SER H 3347 -42.59 -121.11 18.76
CA SER H 3347 -41.15 -121.33 18.87
C SER H 3347 -40.70 -122.61 18.17
N ARG H 3348 -41.61 -123.55 17.97
CA ARG H 3348 -41.28 -124.85 17.38
C ARG H 3348 -41.68 -124.94 15.92
N ALA H 3349 -41.99 -123.81 15.29
CA ALA H 3349 -42.44 -123.83 13.90
C ALA H 3349 -41.33 -124.28 12.98
N ARG H 3350 -41.66 -125.19 12.09
CA ARG H 3350 -40.69 -125.64 11.11
C ARG H 3350 -40.50 -124.57 10.03
N PRO H 3351 -39.38 -124.61 9.32
CA PRO H 3351 -39.15 -123.60 8.29
C PRO H 3351 -40.17 -123.61 7.16
N GLU H 3352 -40.87 -124.72 6.94
CA GLU H 3352 -41.81 -124.79 5.82
C GLU H 3352 -42.95 -123.79 5.96
N LEU H 3353 -43.28 -123.38 7.17
CA LEU H 3353 -44.38 -122.44 7.36
C LEU H 3353 -44.13 -121.10 6.71
N LEU H 3354 -42.87 -120.77 6.45
CA LEU H 3354 -42.58 -119.52 5.77
C LEU H 3354 -43.15 -119.50 4.36
N HIS H 3355 -43.03 -120.62 3.64
CA HIS H 3355 -43.55 -120.66 2.28
C HIS H 3355 -44.99 -121.14 2.21
N SER H 3356 -45.39 -122.06 3.09
CA SER H 3356 -46.73 -122.60 3.00
C SER H 3356 -47.78 -121.58 3.44
N HIS H 3357 -47.52 -120.88 4.55
CA HIS H 3357 -48.53 -120.02 5.16
C HIS H 3357 -48.14 -118.55 5.16
N PHE H 3358 -47.01 -118.20 5.75
CA PHE H 3358 -46.73 -116.80 6.07
C PHE H 3358 -46.67 -115.94 4.82
N ILE H 3359 -45.99 -116.42 3.78
CA ILE H 3359 -45.88 -115.63 2.56
C ILE H 3359 -47.25 -115.37 1.93
N PRO H 3360 -48.12 -116.37 1.74
CA PRO H 3360 -49.47 -116.05 1.23
C PRO H 3360 -50.28 -115.13 2.12
N THR H 3361 -50.24 -115.34 3.45
CA THR H 3361 -51.04 -114.50 4.33
C THR H 3361 -50.61 -113.04 4.23
N ILE H 3362 -49.30 -112.80 4.33
CA ILE H 3362 -48.81 -111.45 4.27
C ILE H 3362 -48.99 -110.88 2.87
N GLY H 3363 -49.02 -111.72 1.84
CA GLY H 3363 -49.30 -111.22 0.50
C GLY H 3363 -50.71 -110.70 0.37
N ARG H 3364 -51.67 -111.45 0.93
CA ARG H 3364 -53.04 -110.96 0.94
C ARG H 3364 -53.14 -109.65 1.70
N LEU H 3365 -52.46 -109.56 2.84
CA LEU H 3365 -52.46 -108.31 3.59
C LEU H 3365 -51.86 -107.16 2.78
N ARG H 3366 -50.75 -107.41 2.09
CA ARG H 3366 -50.10 -106.35 1.32
C ARG H 3366 -50.99 -105.85 0.20
N LYS H 3367 -51.63 -106.77 -0.53
CA LYS H 3367 -52.49 -106.32 -1.61
C LYS H 3367 -53.72 -105.58 -1.08
N ARG H 3368 -54.26 -106.01 0.07
CA ARG H 3368 -55.35 -105.25 0.66
C ARG H 3368 -54.92 -103.85 1.03
N ALA H 3369 -53.72 -103.71 1.62
CA ALA H 3369 -53.23 -102.39 1.97
C ALA H 3369 -53.05 -101.52 0.73
N GLY H 3370 -52.54 -102.11 -0.34
CA GLY H 3370 -52.40 -101.36 -1.58
C GLY H 3370 -53.74 -100.87 -2.11
N LYS H 3371 -54.75 -101.74 -2.08
CA LYS H 3371 -56.07 -101.32 -2.53
C LYS H 3371 -56.61 -100.17 -1.68
N VAL H 3372 -56.46 -100.26 -0.35
CA VAL H 3372 -57.01 -99.23 0.52
C VAL H 3372 -56.32 -97.90 0.28
N VAL H 3373 -54.99 -97.91 0.16
CA VAL H 3373 -54.31 -96.63 -0.07
C VAL H 3373 -54.61 -96.10 -1.46
N ALA H 3374 -54.86 -96.98 -2.43
CA ALA H 3374 -55.27 -96.50 -3.75
C ALA H 3374 -56.60 -95.77 -3.66
N GLU H 3375 -57.55 -96.33 -2.89
CA GLU H 3375 -58.82 -95.63 -2.69
C GLU H 3375 -58.61 -94.31 -1.96
N GLU H 3376 -57.72 -94.29 -0.97
CA GLU H 3376 -57.48 -93.05 -0.23
C GLU H 3376 -56.91 -91.96 -1.13
N GLU H 3377 -55.95 -92.31 -1.99
CA GLU H 3377 -55.41 -91.30 -2.89
C GLU H 3377 -56.42 -90.90 -3.97
N GLN H 3378 -57.30 -91.83 -4.38
CA GLN H 3378 -58.39 -91.45 -5.26
C GLN H 3378 -59.31 -90.43 -4.60
N LEU H 3379 -59.58 -90.62 -3.31
CA LEU H 3379 -60.38 -89.64 -2.57
C LEU H 3379 -59.66 -88.31 -2.46
N ARG H 3380 -58.35 -88.35 -2.19
CA ARG H 3380 -57.63 -87.11 -1.93
C ARG H 3380 -57.36 -86.31 -3.19
N LEU H 3381 -57.26 -86.97 -4.35
CA LEU H 3381 -56.93 -86.24 -5.57
C LEU H 3381 -58.08 -85.34 -6.02
N GLU H 3382 -59.31 -85.67 -5.65
CA GLU H 3382 -60.48 -84.87 -5.99
C GLU H 3382 -60.98 -84.23 -4.69
N ALA H 3383 -61.06 -82.90 -4.69
CA ALA H 3383 -61.48 -82.18 -3.50
C ALA H 3383 -62.96 -81.84 -3.59
N LYS H 3384 -63.73 -82.29 -2.60
CA LYS H 3384 -65.17 -82.09 -2.58
C LYS H 3384 -65.65 -82.23 -1.15
N ALA H 3385 -66.81 -81.64 -0.87
CA ALA H 3385 -67.45 -81.86 0.42
C ALA H 3385 -67.91 -83.30 0.58
N GLU H 3386 -68.05 -84.04 -0.51
CA GLU H 3386 -68.42 -85.45 -0.46
C GLU H 3386 -67.25 -86.34 -0.05
N ALA H 3387 -66.02 -85.84 -0.14
CA ALA H 3387 -64.86 -86.66 0.20
C ALA H 3387 -64.94 -87.17 1.64
N GLU H 3388 -65.55 -86.39 2.53
CA GLU H 3388 -65.76 -86.87 3.89
C GLU H 3388 -66.68 -88.10 3.90
N GLU H 3389 -67.71 -88.09 3.04
CA GLU H 3389 -68.55 -89.27 2.86
C GLU H 3389 -67.76 -90.23 1.97
N GLY H 3390 -66.97 -91.08 2.62
CA GLY H 3390 -66.01 -91.93 1.94
C GLY H 3390 -64.71 -91.93 2.72
N GLU H 3391 -64.43 -90.80 3.37
CA GLU H 3391 -63.34 -90.77 4.32
C GLU H 3391 -63.58 -91.76 5.45
N LEU H 3392 -64.81 -91.81 5.97
CA LEU H 3392 -65.10 -92.82 6.98
C LEU H 3392 -65.07 -94.23 6.42
N LEU H 3393 -65.38 -94.41 5.13
CA LEU H 3393 -65.23 -95.71 4.50
C LEU H 3393 -63.77 -96.16 4.53
N VAL H 3394 -62.86 -95.28 4.11
CA VAL H 3394 -61.46 -95.66 4.09
C VAL H 3394 -60.93 -95.80 5.51
N ARG H 3395 -61.46 -95.04 6.47
CA ARG H 3395 -61.05 -95.25 7.86
C ARG H 3395 -61.48 -96.63 8.37
N ASP H 3396 -62.70 -97.06 8.05
CA ASP H 3396 -63.13 -98.38 8.47
C ASP H 3396 -62.29 -99.47 7.82
N GLU H 3397 -61.96 -99.30 6.54
CA GLU H 3397 -61.09 -100.26 5.87
C GLU H 3397 -59.70 -100.29 6.53
N PHE H 3398 -59.16 -99.13 6.88
CA PHE H 3398 -57.87 -99.10 7.54
C PHE H 3398 -57.95 -99.75 8.92
N SER H 3399 -59.07 -99.58 9.62
CA SER H 3399 -59.20 -100.19 10.94
C SER H 3399 -59.25 -101.70 10.86
N VAL H 3400 -60.02 -102.25 9.91
CA VAL H 3400 -60.06 -103.70 9.78
C VAL H 3400 -58.70 -104.22 9.31
N LEU H 3401 -58.02 -103.47 8.45
CA LEU H 3401 -56.69 -103.89 8.01
C LEU H 3401 -55.71 -103.91 9.17
N CYS H 3402 -55.74 -102.89 10.03
CA CYS H 3402 -54.89 -102.88 11.20
C CYS H 3402 -55.24 -104.01 12.16
N ARG H 3403 -56.52 -104.35 12.25
CA ARG H 3403 -56.92 -105.49 13.07
C ARG H 3403 -56.27 -106.78 12.57
N ASP H 3404 -56.33 -107.01 11.26
CA ASP H 3404 -55.69 -108.20 10.72
C ASP H 3404 -54.18 -108.15 10.92
N LEU H 3405 -53.58 -106.96 10.75
CA LEU H 3405 -52.13 -106.84 10.92
C LEU H 3405 -51.72 -107.16 12.34
N TYR H 3406 -52.47 -106.69 13.33
CA TYR H 3406 -52.11 -107.00 14.69
C TYR H 3406 -52.52 -108.41 15.10
N ALA H 3407 -53.39 -109.05 14.33
CA ALA H 3407 -53.66 -110.47 14.53
C ALA H 3407 -52.54 -111.35 13.98
N LEU H 3408 -51.89 -110.95 12.90
CA LEU H 3408 -50.89 -111.79 12.26
C LEU H 3408 -49.46 -111.44 12.62
N TYR H 3409 -49.16 -110.18 12.86
CA TYR H 3409 -47.77 -109.76 13.00
C TYR H 3409 -47.04 -110.34 14.21
N PRO H 3410 -47.62 -110.44 15.40
CA PRO H 3410 -46.84 -111.01 16.51
C PRO H 3410 -46.33 -112.42 16.23
N LEU H 3411 -47.14 -113.24 15.57
CA LEU H 3411 -46.68 -114.57 15.18
C LEU H 3411 -45.51 -114.48 14.21
N LEU H 3412 -45.61 -113.58 13.22
CA LEU H 3412 -44.52 -113.42 12.27
C LEU H 3412 -43.26 -112.90 12.93
N ILE H 3413 -43.41 -111.99 13.89
CA ILE H 3413 -42.26 -111.43 14.59
C ILE H 3413 -41.53 -112.53 15.36
N ARG H 3414 -42.28 -113.37 16.06
CA ARG H 3414 -41.64 -114.46 16.79
C ARG H 3414 -40.96 -115.43 15.83
N TYR H 3415 -41.62 -115.75 14.71
CA TYR H 3415 -41.04 -116.65 13.75
C TYR H 3415 -39.76 -116.09 13.14
N VAL H 3416 -39.76 -114.79 12.85
CA VAL H 3416 -38.58 -114.12 12.31
C VAL H 3416 -37.45 -114.16 13.33
N ASP H 3417 -37.76 -113.90 14.59
CA ASP H 3417 -36.72 -113.96 15.62
C ASP H 3417 -36.12 -115.36 15.70
N ASN H 3418 -36.94 -116.39 15.58
CA ASN H 3418 -36.39 -117.73 15.66
C ASN H 3418 -35.64 -118.17 14.42
N ASN H 3419 -35.92 -117.60 13.25
CA ASN H 3419 -35.27 -118.09 12.04
C ASN H 3419 -34.34 -117.11 11.35
N ARG H 3420 -34.13 -115.92 11.92
CA ARG H 3420 -33.29 -114.93 11.26
C ARG H 3420 -31.82 -115.35 11.25
N ALA H 3421 -31.36 -116.05 12.29
CA ALA H 3421 -29.99 -116.54 12.27
C ALA H 3421 -29.75 -117.43 11.06
N HIS H 3422 -30.64 -118.38 10.83
CA HIS H 3422 -30.49 -119.25 9.67
CA HIS H 3422 -30.49 -119.26 9.68
C HIS H 3422 -30.62 -118.49 8.37
N TRP H 3423 -31.57 -117.55 8.30
CA TRP H 3423 -31.76 -116.82 7.05
C TRP H 3423 -30.52 -116.01 6.69
N LEU H 3424 -29.92 -115.33 7.68
CA LEU H 3424 -28.71 -114.57 7.40
C LEU H 3424 -27.54 -115.49 7.08
N THR H 3425 -27.43 -116.61 7.80
CA THR H 3425 -26.31 -117.52 7.53
C THR H 3425 -26.38 -118.08 6.13
N GLU H 3426 -27.57 -118.44 5.67
CA GLU H 3426 -27.77 -118.96 4.32
C GLU H 3426 -28.89 -118.17 3.66
N PRO H 3427 -28.62 -117.42 2.59
CA PRO H 3427 -29.65 -116.57 2.01
C PRO H 3427 -30.85 -117.38 1.56
N ASN H 3428 -32.04 -116.80 1.75
CA ASN H 3428 -33.28 -117.49 1.45
C ASN H 3428 -34.18 -116.60 0.62
N ALA H 3429 -34.53 -117.08 -0.57
CA ALA H 3429 -35.37 -116.28 -1.47
C ALA H 3429 -36.72 -116.00 -0.84
N ASN H 3430 -37.24 -116.95 -0.05
CA ASN H 3430 -38.51 -116.71 0.63
C ASN H 3430 -38.39 -115.59 1.65
N ALA H 3431 -37.28 -115.57 2.40
CA ALA H 3431 -37.07 -114.48 3.34
C ALA H 3431 -36.95 -113.15 2.61
N GLU H 3432 -36.29 -113.15 1.45
CA GLU H 3432 -36.20 -111.92 0.68
C GLU H 3432 -37.57 -111.44 0.21
N GLU H 3433 -38.41 -112.35 -0.27
CA GLU H 3433 -39.74 -111.97 -0.71
C GLU H 3433 -40.56 -111.43 0.45
N LEU H 3434 -40.47 -112.09 1.61
CA LEU H 3434 -41.17 -111.58 2.78
C LEU H 3434 -40.67 -110.21 3.18
N PHE H 3435 -39.37 -109.95 3.02
CA PHE H 3435 -38.87 -108.62 3.32
C PHE H 3435 -39.47 -107.58 2.40
N ARG H 3436 -39.50 -107.88 1.09
CA ARG H 3436 -40.13 -106.94 0.16
C ARG H 3436 -41.56 -106.66 0.59
N MET H 3437 -42.27 -107.71 1.00
CA MET H 3437 -43.68 -107.61 1.31
C MET H 3437 -43.93 -106.76 2.56
N VAL H 3438 -43.20 -107.05 3.65
CA VAL H 3438 -43.35 -106.25 4.85
C VAL H 3438 -42.89 -104.82 4.61
N GLY H 3439 -41.87 -104.62 3.77
CA GLY H 3439 -41.43 -103.28 3.47
C GLY H 3439 -42.47 -102.47 2.71
N GLU H 3440 -43.16 -103.11 1.77
CA GLU H 3440 -44.22 -102.40 1.06
C GLU H 3440 -45.36 -102.05 2.00
N ILE H 3441 -45.70 -102.95 2.92
CA ILE H 3441 -46.73 -102.61 3.91
C ILE H 3441 -46.28 -101.42 4.75
N PHE H 3442 -45.02 -101.41 5.15
CA PHE H 3442 -44.52 -100.30 5.96
C PHE H 3442 -44.48 -98.99 5.18
N ILE H 3443 -44.16 -99.06 3.89
CA ILE H 3443 -44.20 -97.87 3.04
C ILE H 3443 -45.62 -97.32 2.99
N TYR H 3444 -46.61 -98.20 2.79
CA TYR H 3444 -47.99 -97.75 2.80
C TYR H 3444 -48.34 -97.10 4.12
N TRP H 3445 -47.89 -97.70 5.23
CA TRP H 3445 -48.15 -97.16 6.54
C TRP H 3445 -47.56 -95.76 6.69
N SER H 3446 -46.35 -95.56 6.18
CA SER H 3446 -45.69 -94.27 6.34
C SER H 3446 -46.32 -93.20 5.46
N LYS H 3447 -46.74 -93.57 4.24
CA LYS H 3447 -47.29 -92.57 3.34
C LYS H 3447 -48.68 -92.13 3.75
N SER H 3448 -49.53 -93.07 4.18
CA SER H 3448 -50.93 -92.76 4.47
C SER H 3448 -51.07 -92.29 5.91
N HIS H 3449 -51.73 -91.15 6.09
CA HIS H 3449 -52.00 -90.66 7.44
C HIS H 3449 -53.14 -91.41 8.09
N ASN H 3450 -54.13 -91.81 7.29
CA ASN H 3450 -55.24 -92.60 7.83
C ASN H 3450 -54.76 -93.93 8.36
N PHE H 3451 -53.75 -94.53 7.74
CA PHE H 3451 -53.20 -95.78 8.26
C PHE H 3451 -52.66 -95.60 9.68
N LYS H 3452 -51.86 -94.55 9.89
CA LYS H 3452 -51.34 -94.28 11.22
C LYS H 3452 -52.46 -93.99 12.21
N ARG H 3453 -53.44 -93.19 11.79
CA ARG H 3453 -54.54 -92.85 12.67
C ARG H 3453 -55.30 -94.11 13.10
N GLU H 3454 -55.61 -94.98 12.15
CA GLU H 3454 -56.36 -96.19 12.47
C GLU H 3454 -55.53 -97.15 13.31
N GLU H 3455 -54.22 -97.21 13.06
CA GLU H 3455 -53.38 -98.09 13.87
C GLU H 3455 -53.35 -97.63 15.32
N GLN H 3456 -53.12 -96.34 15.54
CA GLN H 3456 -53.09 -95.84 16.91
C GLN H 3456 -54.44 -96.01 17.57
N ASN H 3457 -55.52 -95.75 16.83
CA ASN H 3457 -56.86 -95.94 17.37
C ASN H 3457 -57.10 -97.39 17.76
N PHE H 3458 -56.69 -98.33 16.91
CA PHE H 3458 -56.88 -99.73 17.22
C PHE H 3458 -56.13 -100.10 18.49
N VAL H 3459 -54.87 -99.67 18.60
CA VAL H 3459 -54.08 -100.03 19.77
C VAL H 3459 -54.73 -99.49 21.03
N VAL H 3460 -55.10 -98.20 21.02
CA VAL H 3460 -55.62 -97.60 22.24
C VAL H 3460 -56.99 -98.17 22.59
N GLN H 3461 -57.82 -98.46 21.59
CA GLN H 3461 -59.18 -98.88 21.89
C GLN H 3461 -59.25 -100.35 22.27
N ASN H 3462 -58.33 -101.17 21.79
CA ASN H 3462 -58.30 -102.58 22.19
C ASN H 3462 -57.31 -102.86 23.31
N GLU H 3463 -56.59 -101.85 23.79
CA GLU H 3463 -55.62 -102.01 24.86
C GLU H 3463 -54.56 -103.04 24.50
N ILE H 3464 -54.15 -103.03 23.22
CA ILE H 3464 -53.07 -103.92 22.79
C ILE H 3464 -51.79 -103.52 23.48
N ASN H 3465 -51.20 -104.45 24.21
CA ASN H 3465 -50.02 -104.15 25.01
C ASN H 3465 -48.85 -103.73 24.13
N ASN H 3466 -48.66 -104.41 23.00
CA ASN H 3466 -47.62 -104.08 22.02
C ASN H 3466 -46.23 -104.13 22.63
N MET H 3467 -46.12 -104.70 23.83
CA MET H 3467 -44.88 -104.77 24.58
C MET H 3467 -44.46 -106.20 24.88
N SER H 3468 -45.40 -107.02 25.36
CA SER H 3468 -45.13 -108.45 25.49
C SER H 3468 -44.88 -109.08 24.13
N PHE H 3469 -45.44 -108.51 23.06
CA PHE H 3469 -45.15 -108.99 21.72
C PHE H 3469 -43.68 -108.87 21.39
N LEU H 3470 -42.93 -108.04 22.10
CA LEU H 3470 -41.50 -107.94 21.95
C LEU H 3470 -40.71 -108.59 23.08
N THR H 3471 -41.29 -108.72 24.27
CA THR H 3471 -40.59 -109.34 25.38
C THR H 3471 -40.97 -110.81 25.60
N ALA H 3472 -41.72 -111.42 24.69
CA ALA H 3472 -42.09 -112.81 24.85
C ALA H 3472 -40.85 -113.71 24.87
N ASP H 3473 -39.90 -113.46 23.97
CA ASP H 3473 -38.68 -114.26 23.94
C ASP H 3473 -37.84 -114.01 25.20
N SER H 3474 -37.79 -112.77 25.66
CA SER H 3474 -37.05 -112.45 26.89
C SER H 3474 -37.63 -113.22 28.08
N LYS H 3475 -38.96 -113.25 28.19
CA LYS H 3475 -39.57 -114.00 29.28
C LYS H 3475 -39.41 -115.51 29.11
N SER H 3476 -39.46 -116.00 27.86
CA SER H 3476 -39.35 -117.44 27.63
C SER H 3476 -37.95 -117.94 27.94
N LYS H 3477 -36.93 -117.11 27.68
CA LYS H 3477 -35.55 -117.47 28.01
C LYS H 3477 -35.24 -117.31 29.49
N MET H 3478 -36.24 -117.02 30.32
CA MET H 3478 -36.10 -116.88 31.77
C MET H 3478 -35.08 -115.80 32.11
N ALA H 3479 -35.37 -114.58 31.67
CA ALA H 3479 -34.51 -113.43 31.93
C ALA H 3479 -34.53 -113.07 33.40
N ARG H 3498 -43.14 -97.41 30.92
CA ARG H 3498 -43.10 -96.16 31.66
C ARG H 3498 -43.31 -94.97 30.73
N ARG H 3499 -42.36 -94.77 29.81
CA ARG H 3499 -42.45 -93.65 28.88
C ARG H 3499 -43.59 -93.86 27.88
N GLY H 3500 -43.53 -94.94 27.11
CA GLY H 3500 -44.56 -95.25 26.14
C GLY H 3500 -45.25 -96.56 26.44
N ASP H 3501 -45.56 -96.80 27.72
CA ASP H 3501 -46.16 -98.07 28.12
C ASP H 3501 -47.51 -98.29 27.44
N ARG H 3502 -48.34 -97.24 27.37
CA ARG H 3502 -49.63 -97.37 26.73
C ARG H 3502 -49.48 -97.59 25.23
N TYR H 3503 -48.69 -96.75 24.56
CA TYR H 3503 -48.46 -96.87 23.13
C TYR H 3503 -47.28 -96.00 22.75
N SER H 3504 -46.40 -96.55 21.92
CA SER H 3504 -45.25 -95.81 21.42
C SER H 3504 -44.93 -96.29 20.02
N VAL H 3505 -44.49 -95.36 19.18
CA VAL H 3505 -44.09 -95.71 17.82
C VAL H 3505 -42.92 -96.67 17.84
N GLN H 3506 -42.00 -96.50 18.79
CA GLN H 3506 -40.86 -97.40 18.91
C GLN H 3506 -41.30 -98.84 19.12
N THR H 3507 -42.46 -99.03 19.75
CA THR H 3507 -42.99 -100.36 20.03
C THR H 3507 -44.14 -100.75 19.11
N SER H 3508 -44.41 -99.97 18.06
CA SER H 3508 -45.45 -100.35 17.12
C SER H 3508 -45.06 -101.61 16.37
N LEU H 3509 -46.03 -102.50 16.14
CA LEU H 3509 -45.71 -103.74 15.45
C LEU H 3509 -45.36 -103.52 13.99
N ILE H 3510 -46.02 -102.58 13.33
CA ILE H 3510 -45.79 -102.40 11.90
C ILE H 3510 -44.35 -101.99 11.64
N VAL H 3511 -43.82 -101.06 12.43
CA VAL H 3511 -42.42 -100.67 12.28
C VAL H 3511 -41.48 -101.68 12.94
N ALA H 3512 -41.93 -102.36 13.99
CA ALA H 3512 -41.07 -103.30 14.69
C ALA H 3512 -40.71 -104.48 13.80
N THR H 3513 -41.68 -104.99 13.04
CA THR H 3513 -41.40 -106.10 12.14
C THR H 3513 -40.39 -105.69 11.08
N LEU H 3514 -40.55 -104.50 10.51
CA LEU H 3514 -39.61 -104.05 9.49
C LEU H 3514 -38.22 -103.86 10.08
N LYS H 3515 -38.13 -103.29 11.28
CA LYS H 3515 -36.81 -103.17 11.89
C LYS H 3515 -36.18 -104.53 12.15
N LYS H 3516 -36.95 -105.49 12.66
CA LYS H 3516 -36.38 -106.79 12.93
C LYS H 3516 -35.93 -107.48 11.67
N MET H 3517 -36.66 -107.34 10.58
CA MET H 3517 -36.32 -108.16 9.43
C MET H 3517 -35.63 -107.35 8.34
N LEU H 3518 -35.24 -106.11 8.64
CA LEU H 3518 -34.36 -105.36 7.73
C LEU H 3518 -33.06 -106.09 7.41
N PRO H 3519 -32.33 -106.66 8.36
CA PRO H 3519 -31.03 -107.25 8.01
C PRO H 3519 -31.11 -108.27 6.90
N ILE H 3520 -32.22 -109.02 6.82
CA ILE H 3520 -32.41 -109.93 5.71
C ILE H 3520 -32.38 -109.19 4.39
N GLY H 3521 -33.04 -108.03 4.34
CA GLY H 3521 -33.01 -107.24 3.12
C GLY H 3521 -31.64 -106.68 2.83
N LEU H 3522 -30.98 -106.10 3.84
CA LEU H 3522 -29.66 -105.54 3.62
C LEU H 3522 -28.67 -106.59 3.16
N ASN H 3523 -28.87 -107.85 3.57
CA ASN H 3523 -28.00 -108.92 3.10
C ASN H 3523 -28.18 -109.19 1.61
N MET H 3524 -29.31 -108.80 1.03
CA MET H 3524 -29.47 -108.95 -0.41
C MET H 3524 -28.45 -108.11 -1.16
N CYS H 3525 -28.26 -106.87 -0.73
CA CYS H 3525 -27.42 -105.94 -1.48
C CYS H 3525 -25.95 -106.15 -1.16
N ALA H 3526 -25.13 -106.19 -2.21
CA ALA H 3526 -23.71 -106.26 -2.04
C ALA H 3526 -23.18 -104.98 -1.40
N PRO H 3527 -22.07 -105.07 -0.67
CA PRO H 3527 -21.53 -103.86 -0.04
C PRO H 3527 -21.20 -102.76 -1.03
N THR H 3528 -20.86 -103.12 -2.26
CA THR H 3528 -20.49 -102.14 -3.26
C THR H 3528 -21.64 -101.21 -3.62
N ASP H 3529 -22.87 -101.54 -3.26
CA ASP H 3529 -24.03 -100.75 -3.64
C ASP H 3529 -24.37 -99.66 -2.64
N GLN H 3530 -23.49 -99.37 -1.69
CA GLN H 3530 -23.82 -98.37 -0.68
C GLN H 3530 -24.01 -96.99 -1.29
N ASP H 3531 -23.15 -96.61 -2.24
CA ASP H 3531 -23.30 -95.31 -2.87
C ASP H 3531 -24.62 -95.23 -3.62
N LEU H 3532 -24.98 -96.29 -4.33
CA LEU H 3532 -26.25 -96.31 -5.04
C LEU H 3532 -27.41 -96.21 -4.07
N ILE H 3533 -27.29 -96.87 -2.91
CA ILE H 3533 -28.33 -96.79 -1.90
C ILE H 3533 -28.49 -95.36 -1.41
N MET H 3534 -27.38 -94.67 -1.15
CA MET H 3534 -27.47 -93.29 -0.72
C MET H 3534 -28.08 -92.40 -1.80
N LEU H 3535 -27.71 -92.62 -3.06
CA LEU H 3535 -28.29 -91.83 -4.14
C LEU H 3535 -29.79 -92.02 -4.22
N ALA H 3536 -30.24 -93.27 -4.16
CA ALA H 3536 -31.68 -93.52 -4.23
C ALA H 3536 -32.40 -92.97 -3.00
N LYS H 3537 -31.73 -92.98 -1.85
CA LYS H 3537 -32.31 -92.36 -0.67
C LYS H 3537 -32.50 -90.87 -0.89
N THR H 3538 -31.52 -90.21 -1.52
CA THR H 3538 -31.68 -88.81 -1.86
C THR H 3538 -32.86 -88.59 -2.80
N ARG H 3539 -32.94 -89.38 -3.87
CA ARG H 3539 -34.03 -89.22 -4.82
C ARG H 3539 -35.38 -89.40 -4.14
N TYR H 3540 -35.50 -90.42 -3.30
CA TYR H 3540 -36.73 -90.60 -2.52
C TYR H 3540 -36.99 -89.41 -1.61
N ALA H 3541 -35.93 -88.85 -1.02
CA ALA H 3541 -36.10 -87.66 -0.20
C ALA H 3541 -36.64 -86.48 -1.00
N LEU H 3542 -36.34 -86.42 -2.30
CA LEU H 3542 -36.96 -85.45 -3.19
C LEU H 3542 -38.28 -85.94 -3.76
N LYS H 3543 -38.95 -86.87 -3.08
CA LYS H 3543 -40.31 -87.29 -3.39
C LYS H 3543 -40.42 -87.79 -4.83
N ASP H 3544 -39.69 -88.86 -5.12
CA ASP H 3544 -39.68 -89.49 -6.42
C ASP H 3544 -40.30 -90.88 -6.32
N THR H 3545 -40.87 -91.36 -7.43
CA THR H 3545 -41.58 -92.62 -7.37
C THR H 3545 -40.63 -93.79 -7.64
N ASP H 3546 -41.18 -94.99 -7.53
CA ASP H 3546 -40.40 -96.20 -7.73
C ASP H 3546 -39.82 -96.26 -9.13
N GLU H 3547 -40.62 -95.92 -10.15
CA GLU H 3547 -40.10 -95.92 -11.51
C GLU H 3547 -39.00 -94.89 -11.68
N GLU H 3548 -39.17 -93.72 -11.06
CA GLU H 3548 -38.16 -92.67 -11.17
C GLU H 3548 -36.83 -93.12 -10.58
N VAL H 3549 -36.85 -93.70 -9.38
CA VAL H 3549 -35.60 -94.12 -8.78
C VAL H 3549 -35.02 -95.31 -9.55
N ARG H 3550 -35.88 -96.17 -10.09
CA ARG H 3550 -35.39 -97.29 -10.90
C ARG H 3550 -34.63 -96.79 -12.12
N GLU H 3551 -35.20 -95.83 -12.85
CA GLU H 3551 -34.51 -95.34 -14.04
C GLU H 3551 -33.29 -94.52 -13.68
N PHE H 3552 -33.33 -93.78 -12.56
CA PHE H 3552 -32.15 -93.04 -12.11
C PHE H 3552 -31.00 -94.00 -11.81
N LEU H 3553 -31.29 -95.09 -11.11
CA LEU H 3553 -30.28 -96.10 -10.85
C LEU H 3553 -29.83 -96.77 -12.14
N GLN H 3554 -30.74 -96.97 -13.09
CA GLN H 3554 -30.37 -97.57 -14.36
C GLN H 3554 -29.38 -96.70 -15.12
N ASN H 3555 -29.60 -95.39 -15.13
CA ASN H 3555 -28.71 -94.47 -15.82
C ASN H 3555 -27.41 -94.22 -15.06
N ASN H 3556 -27.41 -94.34 -13.74
CA ASN H 3556 -26.25 -94.00 -12.93
C ASN H 3556 -25.57 -95.26 -12.38
N LEU H 3557 -25.51 -96.31 -13.19
CA LEU H 3557 -25.07 -97.61 -12.68
C LEU H 3557 -23.57 -97.67 -12.42
N HIS H 3558 -22.80 -96.74 -12.98
CA HIS H 3558 -21.34 -96.75 -12.87
C HIS H 3558 -20.81 -95.94 -11.70
N LEU H 3559 -21.67 -95.51 -10.78
CA LEU H 3559 -21.22 -94.85 -9.56
C LEU H 3559 -20.86 -95.82 -8.44
N GLN H 3560 -21.09 -97.12 -8.62
CA GLN H 3560 -20.98 -98.04 -7.50
C GLN H 3560 -19.57 -98.06 -6.94
N GLY H 3561 -19.49 -98.14 -5.62
CA GLY H 3561 -18.21 -98.12 -4.95
C GLY H 3561 -17.33 -99.28 -5.38
N LYS H 3562 -16.10 -98.95 -5.74
CA LYS H 3562 -15.12 -99.92 -6.20
C LYS H 3562 -14.36 -100.49 -5.01
N VAL H 3563 -13.99 -101.76 -5.11
CA VAL H 3563 -13.35 -102.43 -3.99
C VAL H 3563 -11.98 -101.85 -3.69
N GLU H 3564 -11.22 -101.52 -4.73
CA GLU H 3564 -9.87 -101.00 -4.54
C GLU H 3564 -9.85 -99.66 -3.82
N GLY H 3565 -10.78 -98.76 -4.15
CA GLY H 3565 -10.73 -97.41 -3.62
C GLY H 3565 -11.15 -97.28 -2.17
N SER H 3566 -11.73 -98.33 -1.59
CA SER H 3566 -12.14 -98.32 -0.20
C SER H 3566 -11.60 -99.57 0.48
N PRO H 3567 -10.80 -99.44 1.53
CA PRO H 3567 -10.23 -100.61 2.18
C PRO H 3567 -11.27 -101.40 2.93
N SER H 3568 -12.29 -100.70 3.44
CA SER H 3568 -13.39 -101.37 4.13
C SER H 3568 -14.10 -102.34 3.20
N LEU H 3569 -14.36 -101.91 1.97
CA LEU H 3569 -15.02 -102.76 1.01
C LEU H 3569 -14.24 -104.03 0.73
N ARG H 3570 -12.92 -104.04 0.94
CA ARG H 3570 -12.16 -105.26 0.67
C ARG H 3570 -12.64 -106.40 1.56
N TRP H 3571 -12.65 -106.20 2.88
CA TRP H 3571 -13.08 -107.27 3.75
C TRP H 3571 -14.59 -107.45 3.72
N GLN H 3572 -15.36 -106.36 3.52
CA GLN H 3572 -16.80 -106.55 3.42
C GLN H 3572 -17.16 -107.39 2.20
N MET H 3573 -16.54 -107.11 1.05
CA MET H 3573 -16.79 -107.88 -0.16
C MET H 3573 -16.29 -109.31 -0.03
N ALA H 3574 -15.15 -109.50 0.64
CA ALA H 3574 -14.69 -110.86 0.89
C ALA H 3574 -15.72 -111.64 1.69
N LEU H 3575 -16.22 -111.04 2.77
CA LEU H 3575 -17.22 -111.70 3.60
C LEU H 3575 -18.49 -111.97 2.80
N TYR H 3576 -18.90 -111.00 1.98
CA TYR H 3576 -20.14 -111.14 1.20
C TYR H 3576 -20.03 -112.28 0.19
N ARG H 3577 -18.93 -112.31 -0.58
CA ARG H 3577 -18.76 -113.38 -1.54
C ARG H 3577 -18.43 -114.71 -0.89
N GLY H 3578 -18.13 -114.72 0.41
CA GLY H 3578 -17.98 -115.98 1.10
C GLY H 3578 -19.27 -116.72 1.39
N LEU H 3579 -20.41 -116.10 1.14
CA LEU H 3579 -21.70 -116.76 1.40
C LEU H 3579 -21.93 -117.89 0.40
N PRO H 3580 -22.74 -118.89 0.77
CA PRO H 3580 -22.89 -120.06 -0.10
C PRO H 3580 -23.63 -119.76 -1.40
N GLY H 3581 -24.78 -119.11 -1.32
CA GLY H 3581 -25.66 -118.96 -2.45
C GLY H 3581 -25.44 -117.72 -3.28
N ARG H 3582 -24.25 -117.14 -3.20
CA ARG H 3582 -23.92 -115.94 -3.98
C ARG H 3582 -23.39 -116.37 -5.34
N GLU H 3583 -24.15 -116.03 -6.39
CA GLU H 3583 -23.76 -116.32 -7.77
C GLU H 3583 -23.53 -115.01 -8.51
N GLU H 3584 -22.47 -114.97 -9.31
CA GLU H 3584 -22.14 -113.76 -10.06
C GLU H 3584 -23.20 -113.43 -11.10
N ASP H 3585 -23.95 -114.43 -11.58
CA ASP H 3585 -25.01 -114.18 -12.55
C ASP H 3585 -26.15 -113.37 -11.94
N ALA H 3586 -26.33 -113.43 -10.62
CA ALA H 3586 -27.37 -112.65 -9.97
C ALA H 3586 -27.11 -111.16 -10.02
N ASP H 3587 -25.91 -110.74 -10.41
CA ASP H 3587 -25.57 -109.32 -10.50
C ASP H 3587 -25.96 -108.76 -11.87
N ASP H 3588 -27.20 -108.99 -12.27
CA ASP H 3588 -27.73 -108.33 -13.45
C ASP H 3588 -28.12 -106.90 -13.10
N PRO H 3589 -28.03 -105.98 -14.06
CA PRO H 3589 -28.40 -104.59 -13.76
C PRO H 3589 -29.82 -104.45 -13.24
N GLU H 3590 -30.77 -105.22 -13.78
CA GLU H 3590 -32.14 -105.13 -13.31
C GLU H 3590 -32.27 -105.61 -11.87
N LYS H 3591 -31.63 -106.71 -11.53
CA LYS H 3591 -31.67 -107.18 -10.15
C LYS H 3591 -31.03 -106.18 -9.22
N ILE H 3592 -29.91 -105.60 -9.64
CA ILE H 3592 -29.24 -104.60 -8.82
C ILE H 3592 -30.15 -103.41 -8.57
N VAL H 3593 -30.78 -102.90 -9.62
CA VAL H 3593 -31.62 -101.73 -9.43
C VAL H 3593 -32.84 -102.06 -8.59
N ARG H 3594 -33.41 -103.26 -8.77
CA ARG H 3594 -34.55 -103.64 -7.94
C ARG H 3594 -34.18 -103.65 -6.47
N ARG H 3595 -33.11 -104.37 -6.12
CA ARG H 3595 -32.77 -104.49 -4.71
C ARG H 3595 -32.38 -103.15 -4.13
N VAL H 3596 -31.64 -102.33 -4.89
CA VAL H 3596 -31.22 -101.04 -4.37
C VAL H 3596 -32.42 -100.14 -4.16
N GLN H 3597 -33.36 -100.13 -5.12
CA GLN H 3597 -34.56 -99.32 -4.95
C GLN H 3597 -35.33 -99.74 -3.71
N GLU H 3598 -35.55 -101.05 -3.54
CA GLU H 3598 -36.33 -101.53 -2.41
C GLU H 3598 -35.70 -101.12 -1.09
N VAL H 3599 -34.41 -101.42 -0.94
CA VAL H 3599 -33.73 -101.14 0.32
C VAL H 3599 -33.67 -99.65 0.57
N SER H 3600 -33.47 -98.86 -0.49
CA SER H 3600 -33.43 -97.41 -0.30
C SER H 3600 -34.77 -96.87 0.18
N ALA H 3601 -35.87 -97.37 -0.40
CA ALA H 3601 -37.18 -96.90 0.03
C ALA H 3601 -37.42 -97.21 1.50
N VAL H 3602 -37.15 -98.46 1.90
CA VAL H 3602 -37.40 -98.84 3.27
C VAL H 3602 -36.50 -98.06 4.23
N LEU H 3603 -35.24 -97.82 3.83
CA LEU H 3603 -34.33 -97.07 4.68
C LEU H 3603 -34.80 -95.64 4.85
N TYR H 3604 -35.22 -95.00 3.74
CA TYR H 3604 -35.65 -93.61 3.81
C TYR H 3604 -36.83 -93.48 4.76
N HIS H 3605 -37.88 -94.28 4.54
CA HIS H 3605 -39.05 -94.14 5.39
C HIS H 3605 -38.76 -94.54 6.83
N LEU H 3606 -37.89 -95.53 7.05
CA LEU H 3606 -37.60 -95.95 8.41
C LEU H 3606 -36.84 -94.87 9.17
N GLU H 3607 -35.90 -94.19 8.51
CA GLU H 3607 -35.24 -93.09 9.19
C GLU H 3607 -36.17 -91.91 9.42
N GLN H 3608 -37.11 -91.67 8.49
CA GLN H 3608 -38.15 -90.70 8.79
C GLN H 3608 -38.91 -91.05 10.06
N THR H 3609 -39.31 -92.30 10.22
CA THR H 3609 -40.03 -92.73 11.40
C THR H 3609 -39.19 -92.59 12.67
N GLU H 3610 -37.97 -93.13 12.66
CA GLU H 3610 -37.14 -93.11 13.86
C GLU H 3610 -36.78 -91.69 14.27
N HIS H 3611 -36.41 -90.84 13.30
CA HIS H 3611 -36.13 -89.44 13.56
C HIS H 3611 -37.26 -88.63 12.94
N PRO H 3612 -38.32 -88.33 13.68
CA PRO H 3612 -39.47 -87.63 13.08
C PRO H 3612 -39.13 -86.25 12.55
N TYR H 3613 -38.04 -85.65 13.02
CA TYR H 3613 -37.58 -84.32 12.62
C TYR H 3613 -38.71 -83.29 12.63
N LYS H 3614 -39.75 -83.52 13.43
CA LYS H 3614 -40.85 -82.58 13.57
C LYS H 3614 -40.54 -81.47 14.55
N SER H 3615 -39.39 -81.53 15.22
CA SER H 3615 -38.95 -80.44 16.07
C SER H 3615 -38.57 -79.22 15.22
N LYS H 3616 -38.36 -78.09 15.90
CA LYS H 3616 -38.07 -76.81 15.26
C LYS H 3616 -39.21 -76.36 14.37
N LYS H 3617 -40.39 -76.97 14.55
CA LYS H 3617 -41.59 -76.57 13.81
C LYS H 3617 -42.64 -76.02 14.77
N ALA H 3618 -42.99 -76.81 15.79
CA ALA H 3618 -43.84 -76.37 16.90
C ALA H 3618 -43.09 -76.76 18.18
N VAL H 3619 -42.21 -75.87 18.62
CA VAL H 3619 -41.49 -76.04 19.87
C VAL H 3619 -42.33 -75.48 21.02
N TRP H 3620 -41.89 -75.68 22.25
CA TRP H 3620 -42.53 -75.04 23.39
C TRP H 3620 -42.44 -73.53 23.18
N HIS H 3621 -43.58 -72.88 22.94
CA HIS H 3621 -43.59 -71.52 22.42
C HIS H 3621 -44.14 -70.47 23.38
N LYS H 3622 -45.07 -70.85 24.27
CA LYS H 3622 -45.77 -69.94 25.18
C LYS H 3622 -46.10 -68.61 24.49
N LEU H 3623 -46.86 -68.72 23.39
CA LEU H 3623 -47.22 -67.55 22.60
C LEU H 3623 -47.89 -66.49 23.45
N LEU H 3624 -48.94 -66.88 24.16
CA LEU H 3624 -49.51 -66.01 25.19
C LEU H 3624 -49.96 -66.80 26.40
N SER H 3625 -49.60 -68.07 26.54
CA SER H 3625 -50.18 -68.93 27.57
C SER H 3625 -49.80 -68.47 28.97
N LYS H 3626 -48.49 -68.29 29.22
CA LYS H 3626 -48.00 -68.10 30.58
C LYS H 3626 -48.53 -66.84 31.23
N GLN H 3627 -49.08 -65.90 30.46
CA GLN H 3627 -49.67 -64.68 31.03
C GLN H 3627 -51.11 -64.45 30.64
N ARG H 3628 -51.69 -65.26 29.76
CA ARG H 3628 -53.07 -65.10 29.32
C ARG H 3628 -53.90 -66.36 29.56
N ARG H 3629 -53.37 -67.33 30.30
CA ARG H 3629 -54.17 -68.50 30.65
C ARG H 3629 -55.36 -68.12 31.52
N ARG H 3630 -55.18 -67.19 32.46
CA ARG H 3630 -56.31 -66.69 33.23
C ARG H 3630 -57.37 -66.09 32.34
N ALA H 3631 -56.97 -65.29 31.35
CA ALA H 3631 -57.94 -64.66 30.46
C ALA H 3631 -58.69 -65.69 29.62
N VAL H 3632 -57.95 -66.64 29.03
CA VAL H 3632 -58.59 -67.62 28.17
C VAL H 3632 -59.51 -68.54 28.97
N VAL H 3633 -59.16 -68.82 30.22
CA VAL H 3633 -60.04 -69.62 31.07
C VAL H 3633 -61.29 -68.82 31.46
N ALA H 3634 -61.11 -67.55 31.84
CA ALA H 3634 -62.26 -66.74 32.23
C ALA H 3634 -63.20 -66.48 31.07
N CYS H 3635 -62.69 -66.53 29.83
CA CYS H 3635 -63.56 -66.33 28.67
C CYS H 3635 -64.66 -67.37 28.61
N PHE H 3636 -64.42 -68.55 29.17
CA PHE H 3636 -65.38 -69.65 29.07
C PHE H 3636 -66.39 -69.68 30.20
N ARG H 3637 -66.30 -68.79 31.19
CA ARG H 3637 -67.18 -68.83 32.35
C ARG H 3637 -67.88 -67.51 32.62
N MET H 3638 -67.45 -66.43 31.97
CA MET H 3638 -67.94 -65.12 32.36
C MET H 3638 -69.42 -64.97 31.97
N THR H 3639 -70.08 -64.01 32.60
CA THR H 3639 -71.54 -64.01 32.67
C THR H 3639 -72.16 -63.50 31.38
N PRO H 3640 -73.35 -63.99 31.00
CA PRO H 3640 -74.04 -63.41 29.85
C PRO H 3640 -74.73 -62.11 30.23
N LEU H 3641 -75.13 -61.36 29.19
CA LEU H 3641 -75.74 -60.06 29.43
C LEU H 3641 -77.13 -60.18 30.04
N TYR H 3642 -77.88 -61.23 29.68
CA TYR H 3642 -79.23 -61.38 30.18
C TYR H 3642 -79.30 -61.74 31.66
N ASN H 3643 -78.17 -62.06 32.28
CA ASN H 3643 -78.14 -62.32 33.71
C ASN H 3643 -77.76 -61.09 34.52
N LEU H 3644 -77.33 -60.01 33.88
CA LEU H 3644 -76.94 -58.84 34.62
C LEU H 3644 -78.16 -58.12 35.17
N PRO H 3645 -78.00 -57.37 36.26
CA PRO H 3645 -79.11 -56.55 36.76
C PRO H 3645 -79.46 -55.45 35.79
N THR H 3646 -80.72 -55.01 35.87
CA THR H 3646 -81.26 -54.06 34.90
C THR H 3646 -80.49 -52.75 34.91
N HIS H 3647 -80.13 -52.25 36.09
CA HIS H 3647 -79.50 -50.93 36.15
C HIS H 3647 -78.09 -50.98 35.59
N ARG H 3648 -77.32 -52.02 35.91
CA ARG H 3648 -76.01 -52.17 35.29
C ARG H 3648 -76.13 -52.30 33.78
N ALA H 3649 -77.10 -53.08 33.32
CA ALA H 3649 -77.29 -53.23 31.88
C ALA H 3649 -77.61 -51.89 31.24
N CYS H 3650 -78.47 -51.09 31.88
CA CYS H 3650 -78.81 -49.79 31.33
C CYS H 3650 -77.59 -48.87 31.29
N ASN H 3651 -76.74 -48.92 32.31
CA ASN H 3651 -75.57 -48.07 32.31
C ASN H 3651 -74.60 -48.45 31.20
N MET H 3652 -74.33 -49.74 31.03
CA MET H 3652 -73.50 -50.16 29.90
C MET H 3652 -74.15 -49.78 28.57
N PHE H 3653 -75.47 -49.87 28.50
CA PHE H 3653 -76.16 -49.45 27.29
C PHE H 3653 -75.93 -47.99 27.00
N LEU H 3654 -75.99 -47.14 28.02
CA LEU H 3654 -75.77 -45.72 27.80
C LEU H 3654 -74.36 -45.47 27.29
N GLU H 3655 -73.38 -46.15 27.88
CA GLU H 3655 -72.00 -45.99 27.41
C GLU H 3655 -71.87 -46.40 25.94
N SER H 3656 -72.40 -47.58 25.61
CA SER H 3656 -72.31 -48.06 24.23
C SER H 3656 -73.03 -47.13 23.26
N TYR H 3657 -74.19 -46.63 23.67
CA TYR H 3657 -74.99 -45.78 22.79
C TYR H 3657 -74.29 -44.45 22.54
N LYS H 3658 -73.75 -43.82 23.59
CA LYS H 3658 -73.06 -42.55 23.36
C LYS H 3658 -71.77 -42.76 22.60
N ALA H 3659 -71.15 -43.92 22.73
CA ALA H 3659 -69.92 -44.18 21.98
C ALA H 3659 -70.19 -44.48 20.51
N ALA H 3660 -71.26 -45.18 20.19
CA ALA H 3660 -71.46 -45.69 18.85
C ALA H 3660 -72.53 -44.97 18.06
N TRP H 3661 -73.34 -44.15 18.69
CA TRP H 3661 -74.45 -43.50 18.00
C TRP H 3661 -74.48 -42.00 18.14
N ILE H 3662 -74.13 -41.47 19.30
CA ILE H 3662 -74.14 -40.03 19.50
C ILE H 3662 -72.81 -39.41 19.11
N LEU H 3663 -71.71 -40.07 19.47
CA LEU H 3663 -70.39 -39.59 19.05
C LEU H 3663 -70.23 -39.66 17.54
N THR H 3664 -70.69 -40.76 16.93
CA THR H 3664 -70.51 -40.93 15.50
C THR H 3664 -71.37 -39.97 14.69
N GLU H 3665 -72.31 -39.29 15.32
CA GLU H 3665 -73.19 -38.40 14.58
C GLU H 3665 -72.46 -37.15 14.13
N ASP H 3666 -72.73 -36.73 12.90
CA ASP H 3666 -72.15 -35.53 12.33
C ASP H 3666 -73.22 -34.45 12.28
N HIS H 3667 -72.87 -33.26 12.77
CA HIS H 3667 -73.79 -32.12 12.71
C HIS H 3667 -72.95 -30.88 12.44
N SER H 3668 -73.12 -30.32 11.26
CA SER H 3668 -72.41 -29.12 10.85
C SER H 3668 -73.28 -27.91 11.21
N PHE H 3669 -72.78 -27.07 12.09
CA PHE H 3669 -73.49 -25.86 12.47
C PHE H 3669 -72.57 -24.65 12.60
N GLU H 3670 -71.26 -24.84 12.46
CA GLU H 3670 -70.34 -23.72 12.62
C GLU H 3670 -70.57 -22.66 11.56
N ASP H 3671 -70.67 -23.06 10.30
CA ASP H 3671 -70.89 -22.09 9.23
C ASP H 3671 -72.23 -21.38 9.40
N ARG H 3672 -73.27 -22.13 9.76
CA ARG H 3672 -74.56 -21.50 9.98
C ARG H 3672 -74.50 -20.48 11.11
N MET H 3673 -73.84 -20.83 12.22
CA MET H 3673 -73.82 -19.90 13.34
C MET H 3673 -72.99 -18.67 13.01
N ILE H 3674 -71.88 -18.84 12.28
CA ILE H 3674 -71.06 -17.69 11.93
C ILE H 3674 -71.81 -16.80 10.94
N ASP H 3675 -72.53 -17.40 10.00
CA ASP H 3675 -73.36 -16.62 9.09
C ASP H 3675 -74.45 -15.87 9.83
N ASP H 3676 -75.08 -16.52 10.83
CA ASP H 3676 -76.10 -15.85 11.62
C ASP H 3676 -75.52 -14.68 12.40
N LEU H 3677 -74.35 -14.86 12.98
CA LEU H 3677 -73.74 -13.83 13.80
C LEU H 3677 -73.07 -12.73 13.00
N SER H 3678 -72.83 -12.94 11.71
CA SER H 3678 -72.14 -11.94 10.90
C SER H 3678 -73.09 -10.91 10.30
N LYS H 3679 -74.38 -11.00 10.59
CA LYS H 3679 -75.37 -10.12 9.99
C LYS H 3679 -75.76 -9.03 10.97
N ALA H 3680 -75.94 -7.81 10.45
CA ALA H 3680 -76.51 -6.73 11.24
C ALA H 3680 -78.00 -6.63 10.96
N GLY H 3681 -78.79 -6.45 12.01
CA GLY H 3681 -80.23 -6.54 11.87
C GLY H 3681 -80.97 -5.22 11.75
N GLU H 3682 -81.37 -4.89 10.51
CA GLU H 3682 -82.32 -3.82 10.20
C GLU H 3682 -82.13 -2.59 11.09
N GLN H 3683 -80.88 -2.15 11.21
CA GLN H 3683 -80.57 -0.91 11.89
C GLN H 3683 -80.13 0.19 10.92
N GLU H 3684 -80.44 0.03 9.63
CA GLU H 3684 -79.99 0.95 8.59
C GLU H 3684 -81.13 1.83 8.07
N GLU H 3685 -82.12 2.13 8.92
CA GLU H 3685 -83.24 2.96 8.52
C GLU H 3685 -83.08 4.41 8.96
N GLU H 3686 -81.96 4.75 9.61
CA GLU H 3686 -81.71 6.13 9.97
C GLU H 3686 -80.56 6.74 9.17
N GLU H 3687 -79.55 5.93 8.84
CA GLU H 3687 -78.34 6.37 8.12
C GLU H 3687 -77.88 7.75 8.57
N GLU H 3688 -77.82 7.94 9.88
CA GLU H 3688 -77.33 9.17 10.49
C GLU H 3688 -75.84 9.01 10.76
N GLU H 3689 -75.26 9.92 11.55
CA GLU H 3689 -73.84 9.90 11.84
C GLU H 3689 -73.48 8.82 12.85
N VAL H 3690 -74.32 7.80 12.94
CA VAL H 3690 -74.09 6.61 13.76
C VAL H 3690 -73.00 5.74 13.13
N GLU H 3691 -72.41 6.24 12.05
CA GLU H 3691 -71.49 5.49 11.19
C GLU H 3691 -70.31 4.89 11.96
N GLU H 3692 -70.18 5.20 13.26
CA GLU H 3692 -69.32 4.41 14.13
C GLU H 3692 -69.57 2.91 13.94
N LYS H 3693 -70.79 2.53 13.54
CA LYS H 3693 -71.09 1.17 13.11
C LYS H 3693 -70.82 0.17 14.23
N LYS H 3694 -71.66 0.27 15.26
CA LYS H 3694 -71.64 -0.64 16.40
C LYS H 3694 -71.39 -2.06 15.91
N PRO H 3695 -70.55 -2.83 16.61
CA PRO H 3695 -70.15 -4.13 16.10
C PRO H 3695 -71.33 -5.08 15.93
N ASP H 3696 -71.23 -5.93 14.92
CA ASP H 3696 -72.17 -7.01 14.72
C ASP H 3696 -71.94 -8.05 15.82
N PRO H 3697 -72.88 -8.98 16.02
CA PRO H 3697 -72.76 -9.91 17.14
C PRO H 3697 -71.46 -10.68 17.18
N LEU H 3698 -70.96 -11.11 16.03
CA LEU H 3698 -69.69 -11.84 16.01
C LEU H 3698 -68.56 -10.94 16.48
N HIS H 3699 -68.56 -9.69 16.03
CA HIS H 3699 -67.56 -8.73 16.48
C HIS H 3699 -67.63 -8.52 17.97
N GLN H 3700 -68.84 -8.44 18.53
CA GLN H 3700 -68.98 -8.27 19.97
C GLN H 3700 -68.46 -9.48 20.72
N LEU H 3701 -68.71 -10.69 20.20
CA LEU H 3701 -68.18 -11.89 20.83
C LEU H 3701 -66.66 -11.89 20.85
N VAL H 3702 -66.04 -11.55 19.71
CA VAL H 3702 -64.59 -11.49 19.64
C VAL H 3702 -64.05 -10.44 20.60
N LEU H 3703 -64.73 -9.29 20.68
CA LEU H 3703 -64.27 -8.25 21.59
C LEU H 3703 -64.38 -8.69 23.04
N HIS H 3704 -65.43 -9.45 23.38
CA HIS H 3704 -65.54 -9.96 24.74
C HIS H 3704 -64.40 -10.90 25.07
N PHE H 3705 -64.06 -11.79 24.13
CA PHE H 3705 -62.94 -12.69 24.38
C PHE H 3705 -61.62 -11.95 24.48
N SER H 3706 -61.41 -10.95 23.63
CA SER H 3706 -60.21 -10.13 23.76
C SER H 3706 -60.16 -9.43 25.11
N ARG H 3707 -61.30 -8.92 25.57
CA ARG H 3707 -61.38 -8.23 26.85
C ARG H 3707 -61.00 -9.17 27.99
N THR H 3708 -61.55 -10.38 28.00
CA THR H 3708 -61.19 -11.31 29.06
C THR H 3708 -59.76 -11.79 28.92
N ALA H 3709 -59.17 -11.69 27.73
CA ALA H 3709 -57.76 -12.03 27.58
C ALA H 3709 -56.84 -10.91 28.08
N LEU H 3710 -57.25 -9.65 27.93
CA LEU H 3710 -56.39 -8.54 28.34
C LEU H 3710 -56.49 -8.19 29.81
N THR H 3711 -57.44 -8.77 30.54
CA THR H 3711 -57.57 -8.48 31.96
C THR H 3711 -56.34 -8.96 32.71
N GLU H 3712 -55.81 -8.12 33.58
CA GLU H 3712 -54.58 -8.43 34.32
C GLU H 3712 -54.85 -9.57 35.29
N LYS H 3713 -54.33 -10.76 34.97
CA LYS H 3713 -54.49 -11.92 35.83
C LYS H 3713 -53.17 -12.68 35.89
N SER H 3714 -52.92 -13.31 37.03
CA SER H 3714 -51.72 -14.11 37.18
C SER H 3714 -51.72 -15.31 36.25
N LYS H 3715 -52.86 -15.98 36.13
CA LYS H 3715 -52.97 -17.18 35.32
C LYS H 3715 -54.22 -17.10 34.45
N LEU H 3716 -54.15 -17.68 33.26
CA LEU H 3716 -55.30 -17.71 32.35
C LEU H 3716 -56.18 -18.90 32.73
N ASP H 3717 -57.31 -18.61 33.34
CA ASP H 3717 -58.20 -19.66 33.83
C ASP H 3717 -58.93 -20.34 32.67
N GLU H 3718 -59.24 -21.61 32.87
CA GLU H 3718 -59.84 -22.42 31.82
C GLU H 3718 -61.24 -21.93 31.52
N ASP H 3719 -61.58 -21.83 30.24
CA ASP H 3719 -62.86 -21.26 29.80
C ASP H 3719 -63.44 -22.10 28.68
N TYR H 3720 -64.38 -22.99 29.04
CA TYR H 3720 -64.99 -23.86 28.05
C TYR H 3720 -65.73 -23.07 26.99
N LEU H 3721 -66.28 -21.91 27.35
CA LEU H 3721 -66.96 -21.08 26.37
C LEU H 3721 -66.00 -20.61 25.29
N TYR H 3722 -64.84 -20.10 25.70
CA TYR H 3722 -63.85 -19.68 24.72
C TYR H 3722 -63.41 -20.86 23.87
N MET H 3723 -63.18 -22.01 24.48
CA MET H 3723 -62.77 -23.15 23.69
C MET H 3723 -63.81 -23.51 22.64
N ALA H 3724 -65.08 -23.55 23.04
CA ALA H 3724 -66.15 -23.90 22.11
C ALA H 3724 -66.24 -22.92 20.96
N TYR H 3725 -66.20 -21.63 21.26
CA TYR H 3725 -66.35 -20.67 20.18
C TYR H 3725 -65.12 -20.59 19.30
N ALA H 3726 -63.92 -20.73 19.85
CA ALA H 3726 -62.73 -20.76 19.01
C ALA H 3726 -62.75 -21.96 18.09
N ASP H 3727 -63.20 -23.11 18.58
CA ASP H 3727 -63.35 -24.28 17.70
C ASP H 3727 -64.37 -24.01 16.61
N ILE H 3728 -65.47 -23.34 16.94
CA ILE H 3728 -66.47 -23.01 15.92
C ILE H 3728 -65.87 -22.12 14.85
N MET H 3729 -65.18 -21.06 15.27
CA MET H 3729 -64.61 -20.11 14.32
C MET H 3729 -63.55 -20.77 13.45
N ALA H 3730 -62.70 -21.61 14.04
CA ALA H 3730 -61.70 -22.32 13.25
C ALA H 3730 -62.36 -23.24 12.24
N LYS H 3731 -63.39 -23.98 12.66
CA LYS H 3731 -64.04 -24.90 11.73
C LYS H 3731 -64.85 -24.18 10.68
N SER H 3732 -65.18 -22.91 10.88
CA SER H 3732 -65.83 -22.14 9.83
C SER H 3732 -64.86 -21.75 8.73
N CYS H 3733 -63.57 -21.70 9.01
CA CYS H 3733 -62.64 -21.11 8.06
C CYS H 3733 -62.11 -22.08 7.03
N HIS H 3734 -61.99 -23.36 7.34
CA HIS H 3734 -61.37 -24.24 6.35
C HIS H 3734 -62.39 -24.78 5.36
N LEU H 3735 -63.41 -25.49 5.84
CA LEU H 3735 -64.43 -26.12 4.98
C LEU H 3735 -63.80 -26.89 3.83
N GLU H 3736 -62.70 -27.59 4.11
CA GLU H 3736 -62.00 -28.37 3.10
C GLU H 3736 -61.23 -29.53 3.72
N VAL H 3749 -59.46 -36.17 -9.90
CA VAL H 3749 -58.37 -35.77 -9.00
C VAL H 3749 -57.51 -34.72 -9.69
N GLU H 3750 -58.11 -33.96 -10.59
CA GLU H 3750 -57.43 -32.90 -11.33
C GLU H 3750 -58.30 -31.64 -11.24
N VAL H 3751 -58.07 -30.84 -10.20
CA VAL H 3751 -58.80 -29.59 -10.05
C VAL H 3751 -58.22 -28.56 -11.00
N SER H 3752 -59.08 -27.96 -11.81
CA SER H 3752 -58.65 -26.93 -12.75
C SER H 3752 -58.44 -25.61 -12.03
N PHE H 3753 -57.80 -24.68 -12.75
CA PHE H 3753 -57.43 -23.39 -12.16
C PHE H 3753 -58.66 -22.68 -11.61
N GLU H 3754 -59.78 -22.79 -12.31
CA GLU H 3754 -60.97 -22.04 -11.90
C GLU H 3754 -61.41 -22.45 -10.51
N GLU H 3755 -61.60 -23.75 -10.28
CA GLU H 3755 -62.03 -24.20 -8.97
C GLU H 3755 -60.92 -24.08 -7.93
N LYS H 3756 -59.66 -24.24 -8.30
CA LYS H 3756 -58.59 -24.03 -7.32
C LYS H 3756 -58.60 -22.61 -6.79
N GLU H 3757 -58.59 -21.62 -7.70
CA GLU H 3757 -58.61 -20.24 -7.25
C GLU H 3757 -59.92 -19.89 -6.59
N MET H 3758 -61.02 -20.53 -6.99
CA MET H 3758 -62.28 -20.32 -6.30
C MET H 3758 -62.20 -20.80 -4.87
N GLU H 3759 -61.53 -21.93 -4.65
CA GLU H 3759 -61.37 -22.44 -3.29
C GLU H 3759 -60.52 -21.45 -2.49
N LYS H 3760 -59.48 -20.90 -3.12
CA LYS H 3760 -58.67 -19.88 -2.47
C LYS H 3760 -59.50 -18.67 -2.06
N GLN H 3761 -60.34 -18.16 -2.98
CA GLN H 3761 -61.12 -16.96 -2.67
C GLN H 3761 -62.16 -17.23 -1.60
N ARG H 3762 -62.79 -18.41 -1.65
CA ARG H 3762 -63.77 -18.75 -0.62
C ARG H 3762 -63.11 -18.83 0.74
N LEU H 3763 -61.92 -19.44 0.80
CA LEU H 3763 -61.17 -19.50 2.05
C LEU H 3763 -60.79 -18.11 2.53
N LEU H 3764 -60.36 -17.24 1.62
CA LEU H 3764 -60.03 -15.88 2.00
C LEU H 3764 -61.24 -15.16 2.55
N TYR H 3765 -62.41 -15.39 1.97
CA TYR H 3765 -63.62 -14.75 2.48
C TYR H 3765 -63.94 -15.24 3.89
N GLN H 3766 -63.85 -16.55 4.10
CA GLN H 3766 -64.15 -17.11 5.41
C GLN H 3766 -63.17 -16.61 6.45
N GLN H 3767 -61.92 -16.40 6.05
CA GLN H 3767 -60.93 -15.86 6.97
C GLN H 3767 -61.15 -14.38 7.23
N SER H 3768 -61.65 -13.66 6.22
CA SER H 3768 -61.96 -12.25 6.38
C SER H 3768 -63.11 -12.04 7.34
N ARG H 3769 -64.11 -12.92 7.32
CA ARG H 3769 -65.21 -12.77 8.26
C ARG H 3769 -64.74 -12.74 9.70
N LEU H 3770 -63.59 -13.34 10.00
CA LEU H 3770 -63.04 -13.35 11.35
C LEU H 3770 -62.01 -12.25 11.56
N HIS H 3771 -61.08 -12.07 10.61
CA HIS H 3771 -60.02 -11.11 10.85
C HIS H 3771 -60.44 -9.67 10.57
N THR H 3772 -61.64 -9.46 10.03
CA THR H 3772 -62.20 -8.12 10.00
C THR H 3772 -62.87 -7.76 11.31
N ARG H 3773 -62.78 -8.61 12.31
CA ARG H 3773 -63.42 -8.39 13.60
C ARG H 3773 -62.46 -8.64 14.75
N GLY H 3774 -61.17 -8.53 14.50
CA GLY H 3774 -60.19 -8.60 15.56
C GLY H 3774 -59.77 -9.97 16.00
N ALA H 3775 -60.12 -11.01 15.26
CA ALA H 3775 -59.70 -12.36 15.64
C ALA H 3775 -58.20 -12.49 15.62
N ALA H 3776 -57.52 -11.83 14.67
CA ALA H 3776 -56.07 -11.88 14.63
C ALA H 3776 -55.46 -11.34 15.91
N GLU H 3777 -55.96 -10.21 16.40
CA GLU H 3777 -55.43 -9.66 17.63
C GLU H 3777 -55.80 -10.52 18.84
N MET H 3778 -57.00 -11.09 18.85
CA MET H 3778 -57.38 -11.91 20.00
C MET H 3778 -56.53 -13.16 20.10
N VAL H 3779 -56.15 -13.74 18.95
CA VAL H 3779 -55.26 -14.89 18.97
C VAL H 3779 -53.95 -14.54 19.65
N LEU H 3780 -53.35 -13.41 19.27
CA LEU H 3780 -52.09 -12.98 19.88
C LEU H 3780 -52.27 -12.69 21.36
N GLN H 3781 -53.37 -12.03 21.72
CA GLN H 3781 -53.59 -11.71 23.12
C GLN H 3781 -53.74 -12.97 23.96
N MET H 3782 -54.46 -13.98 23.46
CA MET H 3782 -54.61 -15.22 24.20
C MET H 3782 -53.30 -15.97 24.32
N ILE H 3783 -52.50 -15.99 23.24
CA ILE H 3783 -51.21 -16.68 23.32
C ILE H 3783 -50.29 -15.97 24.31
N SER H 3784 -50.38 -14.65 24.38
CA SER H 3784 -49.62 -13.92 25.36
C SER H 3784 -50.13 -14.19 26.77
N ALA H 3785 -51.44 -14.33 26.93
CA ALA H 3785 -52.02 -14.48 28.26
C ALA H 3785 -51.78 -15.87 28.82
N CYS H 3786 -51.62 -16.87 27.96
CA CYS H 3786 -51.36 -18.22 28.46
C CYS H 3786 -50.05 -18.28 29.23
N LYS H 3787 -49.13 -17.35 28.99
CA LYS H 3787 -47.87 -17.24 29.71
C LYS H 3787 -47.06 -18.53 29.67
N GLY H 3788 -47.10 -19.22 28.54
CA GLY H 3788 -46.28 -20.39 28.35
C GLY H 3788 -46.79 -21.66 28.99
N GLU H 3789 -48.08 -21.72 29.32
CA GLU H 3789 -48.65 -22.90 29.95
C GLU H 3789 -49.44 -23.70 28.92
N THR H 3790 -49.08 -24.97 28.76
CA THR H 3790 -49.79 -25.84 27.83
C THR H 3790 -51.18 -26.15 28.35
N GLY H 3791 -52.12 -26.29 27.44
CA GLY H 3791 -53.47 -26.62 27.83
C GLY H 3791 -54.43 -26.48 26.65
N ALA H 3792 -55.69 -26.77 26.95
CA ALA H 3792 -56.73 -26.70 25.93
C ALA H 3792 -56.89 -25.29 25.40
N MET H 3793 -56.68 -24.28 26.25
CA MET H 3793 -56.84 -22.90 25.80
C MET H 3793 -55.81 -22.55 24.73
N VAL H 3794 -54.53 -22.82 25.00
CA VAL H 3794 -53.51 -22.47 24.02
C VAL H 3794 -53.65 -23.34 22.78
N SER H 3795 -54.05 -24.60 22.95
CA SER H 3795 -54.26 -25.45 21.78
C SER H 3795 -55.35 -24.87 20.88
N SER H 3796 -56.47 -24.44 21.48
CA SER H 3796 -57.56 -23.87 20.69
C SER H 3796 -57.15 -22.57 20.04
N THR H 3797 -56.39 -21.74 20.76
CA THR H 3797 -55.95 -20.48 20.17
C THR H 3797 -55.03 -20.72 18.98
N LEU H 3798 -54.11 -21.67 19.11
CA LEU H 3798 -53.23 -21.98 17.99
C LEU H 3798 -54.00 -22.54 16.81
N LYS H 3799 -54.99 -23.38 17.07
CA LYS H 3799 -55.78 -23.93 15.97
C LYS H 3799 -56.56 -22.84 15.26
N LEU H 3800 -57.11 -21.89 16.01
CA LEU H 3800 -57.79 -20.76 15.38
C LEU H 3800 -56.83 -19.91 14.56
N GLY H 3801 -55.64 -19.66 15.09
CA GLY H 3801 -54.67 -18.88 14.35
C GLY H 3801 -54.26 -19.54 13.05
N ILE H 3802 -54.04 -20.86 13.10
CA ILE H 3802 -53.74 -21.61 11.89
C ILE H 3802 -54.90 -21.51 10.91
N SER H 3803 -56.13 -21.60 11.44
CA SER H 3803 -57.31 -21.57 10.58
C SER H 3803 -57.41 -20.25 9.84
N ILE H 3804 -57.07 -19.14 10.48
CA ILE H 3804 -57.14 -17.85 9.81
C ILE H 3804 -55.87 -17.49 9.07
N LEU H 3805 -54.78 -18.24 9.24
CA LEU H 3805 -53.56 -17.98 8.50
C LEU H 3805 -53.32 -18.95 7.35
N ASN H 3806 -54.15 -19.96 7.17
CA ASN H 3806 -53.91 -20.94 6.10
C ASN H 3806 -53.82 -20.27 4.75
N GLY H 3807 -52.93 -20.80 3.91
CA GLY H 3807 -52.63 -20.21 2.63
C GLY H 3807 -51.66 -19.06 2.70
N GLY H 3808 -51.19 -18.69 3.88
CA GLY H 3808 -50.35 -17.53 4.04
C GLY H 3808 -51.10 -16.25 3.77
N ASN H 3809 -52.10 -15.96 4.60
CA ASN H 3809 -52.93 -14.77 4.41
C ASN H 3809 -52.12 -13.53 4.72
N ALA H 3810 -51.80 -12.77 3.68
CA ALA H 3810 -50.96 -11.59 3.85
C ALA H 3810 -51.65 -10.55 4.72
N GLU H 3811 -52.96 -10.43 4.58
CA GLU H 3811 -53.70 -9.45 5.36
C GLU H 3811 -53.65 -9.79 6.85
N VAL H 3812 -53.84 -11.07 7.19
CA VAL H 3812 -53.78 -11.47 8.58
C VAL H 3812 -52.38 -11.31 9.13
N GLN H 3813 -51.37 -11.67 8.35
CA GLN H 3813 -49.99 -11.50 8.79
C GLN H 3813 -49.70 -10.03 9.06
N GLN H 3814 -50.18 -9.14 8.18
CA GLN H 3814 -49.97 -7.72 8.38
C GLN H 3814 -50.64 -7.24 9.65
N LYS H 3815 -51.88 -7.68 9.89
CA LYS H 3815 -52.58 -7.24 11.09
C LYS H 3815 -51.85 -7.71 12.34
N MET H 3816 -51.40 -8.96 12.35
CA MET H 3816 -50.68 -9.49 13.49
C MET H 3816 -49.38 -8.74 13.74
N LEU H 3817 -48.62 -8.49 12.67
CA LEU H 3817 -47.35 -7.80 12.83
C LEU H 3817 -47.54 -6.38 13.31
N ASP H 3818 -48.55 -5.69 12.76
CA ASP H 3818 -48.83 -4.34 13.21
C ASP H 3818 -49.22 -4.32 14.68
N TYR H 3819 -50.08 -5.24 15.11
CA TYR H 3819 -50.47 -5.29 16.51
C TYR H 3819 -49.26 -5.52 17.41
N LEU H 3820 -48.42 -6.49 17.06
CA LEU H 3820 -47.25 -6.77 17.89
C LEU H 3820 -46.32 -5.57 17.95
N LYS H 3821 -46.08 -4.92 16.82
CA LYS H 3821 -45.14 -3.80 16.80
C LYS H 3821 -45.69 -2.59 17.54
N ASP H 3822 -46.99 -2.36 17.50
CA ASP H 3822 -47.50 -1.20 18.24
C ASP H 3822 -47.56 -1.49 19.73
N LYS H 3823 -47.93 -2.70 20.13
CA LYS H 3823 -48.01 -3.00 21.56
C LYS H 3823 -46.62 -3.09 22.19
N LYS H 3824 -45.64 -3.62 21.46
CA LYS H 3824 -44.28 -3.76 21.96
C LYS H 3824 -44.24 -4.55 23.26
N GLU H 3825 -45.00 -5.63 23.31
CA GLU H 3825 -45.07 -6.47 24.49
C GLU H 3825 -44.20 -7.71 24.30
N VAL H 3826 -43.47 -8.06 25.36
CA VAL H 3826 -42.59 -9.23 25.31
C VAL H 3826 -43.32 -10.51 25.68
N GLY H 3827 -44.55 -10.41 26.18
CA GLY H 3827 -45.25 -11.58 26.65
C GLY H 3827 -45.52 -12.60 25.57
N PHE H 3828 -45.78 -12.14 24.34
CA PHE H 3828 -46.11 -13.06 23.27
C PHE H 3828 -44.97 -14.01 22.98
N PHE H 3829 -43.77 -13.47 22.77
CA PHE H 3829 -42.64 -14.33 22.46
C PHE H 3829 -42.13 -15.06 23.70
N GLN H 3830 -42.31 -14.49 24.88
CA GLN H 3830 -41.98 -15.25 26.09
C GLN H 3830 -42.86 -16.49 26.20
N SER H 3831 -44.14 -16.34 25.93
CA SER H 3831 -45.05 -17.48 25.91
C SER H 3831 -44.67 -18.48 24.83
N ILE H 3832 -44.33 -17.99 23.64
CA ILE H 3832 -43.96 -18.90 22.56
C ILE H 3832 -42.71 -19.70 22.92
N GLN H 3833 -41.71 -19.02 23.47
CA GLN H 3833 -40.47 -19.70 23.85
C GLN H 3833 -40.72 -20.74 24.93
N ALA H 3834 -41.50 -20.38 25.95
CA ALA H 3834 -41.78 -21.34 27.02
C ALA H 3834 -42.53 -22.55 26.47
N LEU H 3835 -43.54 -22.32 25.64
CA LEU H 3835 -44.28 -23.42 25.05
C LEU H 3835 -43.37 -24.32 24.25
N MET H 3836 -42.49 -23.75 23.44
CA MET H 3836 -41.62 -24.58 22.62
C MET H 3836 -40.65 -25.36 23.49
N GLN H 3837 -40.22 -24.79 24.61
CA GLN H 3837 -39.38 -25.54 25.53
C GLN H 3837 -40.11 -26.68 26.20
N THR H 3838 -41.42 -26.57 26.41
CA THR H 3838 -42.15 -27.65 27.06
C THR H 3838 -42.50 -28.79 26.12
N CYS H 3839 -42.26 -28.64 24.82
CA CYS H 3839 -42.61 -29.69 23.88
C CYS H 3839 -41.75 -30.92 24.10
N SER H 3840 -42.34 -32.10 23.91
CA SER H 3840 -41.71 -33.35 24.27
C SER H 3840 -41.15 -34.06 23.05
N VAL H 3841 -40.13 -34.87 23.29
CA VAL H 3841 -39.50 -35.68 22.25
C VAL H 3841 -39.62 -37.14 22.64
N LEU H 3842 -39.09 -38.03 21.81
CA LEU H 3842 -39.17 -39.46 22.10
C LEU H 3842 -38.51 -39.77 23.44
N ASP H 3843 -39.18 -40.56 24.26
CA ASP H 3843 -38.68 -40.95 25.57
C ASP H 3843 -38.63 -42.47 25.64
N LEU H 3844 -37.40 -43.01 25.65
CA LEU H 3844 -37.25 -44.46 25.65
C LEU H 3844 -37.69 -45.07 26.97
N ASN H 3845 -37.50 -44.37 28.08
CA ASN H 3845 -37.98 -44.89 29.36
C ASN H 3845 -39.50 -45.01 29.35
N ALA H 3846 -40.19 -43.98 28.88
CA ALA H 3846 -41.64 -44.05 28.78
C ALA H 3846 -42.07 -45.14 27.81
N PHE H 3847 -41.30 -45.32 26.74
CA PHE H 3847 -41.61 -46.37 25.77
C PHE H 3847 -41.51 -47.75 26.41
N GLU H 3848 -40.45 -47.98 27.19
CA GLU H 3848 -40.29 -49.27 27.85
C GLU H 3848 -41.40 -49.50 28.88
N ARG H 3849 -41.75 -48.46 29.63
CA ARG H 3849 -42.84 -48.60 30.59
C ARG H 3849 -44.14 -48.93 29.89
N GLN H 3850 -44.41 -48.26 28.76
CA GLN H 3850 -45.61 -48.56 27.99
C GLN H 3850 -45.60 -49.99 27.46
N ASN H 3851 -44.44 -50.46 27.01
CA ASN H 3851 -44.35 -51.82 26.51
C ASN H 3851 -44.66 -52.82 27.61
N LYS H 3852 -44.10 -52.61 28.80
CA LYS H 3852 -44.41 -53.49 29.92
C LYS H 3852 -45.90 -53.42 30.26
N ALA H 3853 -46.46 -52.22 30.30
CA ALA H 3853 -47.87 -52.06 30.64
C ALA H 3853 -48.77 -52.77 29.64
N GLU H 3854 -48.49 -52.61 28.35
CA GLU H 3854 -49.33 -53.26 27.34
C GLU H 3854 -49.12 -54.76 27.31
N GLY H 3855 -47.94 -55.24 27.70
CA GLY H 3855 -47.74 -56.66 27.82
C GLY H 3855 -48.38 -57.29 29.04
N LEU H 3856 -48.60 -56.51 30.10
CA LEU H 3856 -49.25 -57.06 31.29
C LEU H 3856 -50.70 -57.46 31.00
N GLY H 3857 -51.45 -56.59 30.33
CA GLY H 3857 -52.83 -56.90 30.01
C GLY H 3857 -53.78 -56.86 31.20
N MET H 3858 -54.11 -55.65 31.66
CA MET H 3858 -54.98 -55.47 32.81
C MET H 3858 -56.46 -55.51 32.40
N VAL H 3859 -57.32 -55.69 33.40
CA VAL H 3859 -58.78 -55.65 33.24
C VAL H 3859 -59.35 -54.79 34.37
N ASN H 3860 -60.67 -54.58 34.33
CA ASN H 3860 -61.34 -53.78 35.34
C ASN H 3860 -62.30 -54.63 36.18
N GLU H 3861 -62.93 -54.00 37.17
CA GLU H 3861 -63.86 -54.70 38.04
C GLU H 3861 -65.22 -54.89 37.37
N ASP H 3862 -65.91 -53.77 37.09
CA ASP H 3862 -67.24 -53.84 36.48
C ASP H 3862 -67.12 -54.28 35.03
N GLY H 3863 -67.13 -55.59 34.80
CA GLY H 3863 -66.96 -56.14 33.47
C GLY H 3863 -65.55 -56.58 33.21
N THR H 3864 -65.05 -56.33 32.00
CA THR H 3864 -63.68 -56.68 31.65
C THR H 3864 -63.28 -55.85 30.43
N VAL H 3865 -62.29 -54.99 30.59
CA VAL H 3865 -61.80 -54.16 29.50
C VAL H 3865 -60.66 -54.88 28.80
N ILE H 3866 -60.71 -54.93 27.48
CA ILE H 3866 -59.70 -55.65 26.68
C ILE H 3866 -58.62 -54.65 26.33
N ASN H 3867 -57.59 -54.58 27.16
CA ASN H 3867 -56.40 -53.76 26.92
C ASN H 3867 -56.77 -52.28 26.74
N ARG H 3868 -57.21 -51.70 27.84
CA ARG H 3868 -57.62 -50.30 27.85
C ARG H 3868 -56.54 -49.41 27.23
N GLN H 3869 -56.97 -48.48 26.38
CA GLN H 3869 -56.08 -47.69 25.53
C GLN H 3869 -55.90 -46.27 26.06
N ASN H 3870 -55.74 -46.11 27.37
CA ASN H 3870 -55.50 -44.80 27.98
C ASN H 3870 -54.34 -44.08 27.31
N GLY H 3871 -54.31 -42.75 27.45
CA GLY H 3871 -53.42 -41.88 26.71
C GLY H 3871 -51.99 -42.34 26.51
N GLU H 3872 -51.50 -42.18 25.29
CA GLU H 3872 -50.10 -42.47 24.99
C GLU H 3872 -49.19 -41.56 25.79
N LYS H 3873 -48.13 -42.13 26.36
CA LYS H 3873 -47.19 -41.36 27.16
C LYS H 3873 -45.87 -41.12 26.44
N VAL H 3874 -45.78 -41.48 25.16
CA VAL H 3874 -44.62 -41.16 24.33
C VAL H 3874 -45.06 -40.12 23.31
N MET H 3875 -44.50 -38.92 23.42
CA MET H 3875 -44.86 -37.79 22.57
C MET H 3875 -46.37 -37.56 22.55
N ALA H 3876 -46.92 -37.37 23.75
CA ALA H 3876 -48.36 -37.20 23.88
C ALA H 3876 -48.82 -35.91 23.23
N ASP H 3877 -48.00 -34.87 23.28
CA ASP H 3877 -48.36 -33.55 22.76
C ASP H 3877 -47.83 -33.31 21.36
N ASP H 3878 -47.73 -34.37 20.54
CA ASP H 3878 -47.17 -34.22 19.21
C ASP H 3878 -48.05 -33.33 18.34
N GLU H 3879 -49.37 -33.46 18.47
CA GLU H 3879 -50.26 -32.59 17.71
C GLU H 3879 -50.08 -31.14 18.13
N PHE H 3880 -49.84 -30.90 19.42
CA PHE H 3880 -49.61 -29.54 19.88
C PHE H 3880 -48.30 -28.99 19.34
N THR H 3881 -47.25 -29.81 19.33
CA THR H 3881 -45.99 -29.39 18.74
C THR H 3881 -46.17 -29.03 17.27
N GLN H 3882 -46.90 -29.88 16.55
CA GLN H 3882 -47.10 -29.63 15.13
C GLN H 3882 -47.87 -28.36 14.90
N ASP H 3883 -48.91 -28.10 15.70
CA ASP H 3883 -49.67 -26.88 15.46
C ASP H 3883 -48.90 -25.64 15.89
N LEU H 3884 -48.07 -25.74 16.93
CA LEU H 3884 -47.24 -24.59 17.29
C LEU H 3884 -46.27 -24.24 16.16
N PHE H 3885 -45.58 -25.23 15.63
CA PHE H 3885 -44.63 -24.93 14.57
C PHE H 3885 -45.32 -24.60 13.26
N ARG H 3886 -46.53 -25.14 13.04
CA ARG H 3886 -47.32 -24.74 11.89
C ARG H 3886 -47.71 -23.27 11.98
N PHE H 3887 -48.07 -22.82 13.18
CA PHE H 3887 -48.42 -21.43 13.38
C PHE H 3887 -47.23 -20.53 13.11
N LEU H 3888 -46.06 -20.91 13.64
CA LEU H 3888 -44.87 -20.10 13.35
C LEU H 3888 -44.53 -20.10 11.86
N GLN H 3889 -44.77 -21.22 11.18
CA GLN H 3889 -44.55 -21.25 9.75
C GLN H 3889 -45.50 -20.33 9.00
N LEU H 3890 -46.80 -20.41 9.32
CA LEU H 3890 -47.80 -19.60 8.65
C LEU H 3890 -47.61 -18.12 8.93
N LEU H 3891 -46.96 -17.75 10.03
CA LEU H 3891 -46.59 -16.35 10.17
C LEU H 3891 -45.67 -15.90 9.05
N CYS H 3892 -44.72 -16.73 8.66
CA CYS H 3892 -43.73 -16.37 7.64
C CYS H 3892 -44.11 -16.81 6.24
N GLU H 3893 -45.23 -17.51 6.07
CA GLU H 3893 -45.58 -18.08 4.78
C GLU H 3893 -45.73 -16.99 3.73
N GLY H 3894 -45.32 -17.31 2.51
CA GLY H 3894 -45.33 -16.35 1.43
C GLY H 3894 -44.10 -15.47 1.37
N HIS H 3895 -43.07 -15.80 2.15
CA HIS H 3895 -41.84 -15.02 2.25
C HIS H 3895 -42.12 -13.61 2.77
N ASN H 3896 -42.85 -13.54 3.87
CA ASN H 3896 -43.06 -12.29 4.57
C ASN H 3896 -41.77 -11.87 5.24
N ASN H 3897 -40.98 -11.02 4.58
CA ASN H 3897 -39.66 -10.69 5.09
C ASN H 3897 -39.74 -9.91 6.39
N ASP H 3898 -40.75 -9.06 6.52
CA ASP H 3898 -40.90 -8.30 7.76
C ASP H 3898 -41.11 -9.23 8.94
N PHE H 3899 -42.00 -10.21 8.81
CA PHE H 3899 -42.25 -11.13 9.90
C PHE H 3899 -41.10 -12.09 10.12
N GLN H 3900 -40.39 -12.47 9.05
CA GLN H 3900 -39.19 -13.27 9.20
C GLN H 3900 -38.15 -12.55 10.04
N ASN H 3901 -37.91 -11.26 9.75
CA ASN H 3901 -36.95 -10.49 10.53
C ASN H 3901 -37.45 -10.27 11.95
N TYR H 3902 -38.76 -10.09 12.11
CA TYR H 3902 -39.30 -9.87 13.45
C TYR H 3902 -39.14 -11.09 14.32
N LEU H 3903 -39.33 -12.28 13.77
CA LEU H 3903 -39.13 -13.50 14.56
C LEU H 3903 -37.68 -13.62 15.02
N ARG H 3904 -36.73 -13.19 14.21
CA ARG H 3904 -35.34 -13.24 14.64
C ARG H 3904 -35.05 -12.21 15.71
N THR H 3905 -35.50 -10.97 15.50
CA THR H 3905 -35.21 -9.91 16.47
C THR H 3905 -36.38 -8.96 16.54
N GLN H 3906 -36.72 -8.54 17.75
CA GLN H 3906 -37.79 -7.57 18.00
C GLN H 3906 -37.12 -6.28 18.45
N THR H 3907 -37.02 -5.33 17.53
CA THR H 3907 -36.25 -4.12 17.81
C THR H 3907 -36.93 -3.23 18.84
N GLY H 3908 -38.23 -3.00 18.68
CA GLY H 3908 -38.92 -2.08 19.57
C GLY H 3908 -39.08 -2.59 20.99
N ASN H 3909 -39.07 -3.90 21.17
CA ASN H 3909 -39.24 -4.46 22.51
C ASN H 3909 -37.97 -4.29 23.34
N THR H 3910 -38.16 -4.23 24.65
CA THR H 3910 -37.03 -4.06 25.55
C THR H 3910 -36.12 -5.27 25.53
N THR H 3911 -36.68 -6.46 25.35
CA THR H 3911 -35.90 -7.69 25.27
C THR H 3911 -36.28 -8.42 23.99
N THR H 3912 -35.35 -9.24 23.51
CA THR H 3912 -35.49 -9.93 22.24
C THR H 3912 -35.38 -11.44 22.45
N ILE H 3913 -36.22 -12.20 21.76
CA ILE H 3913 -36.15 -13.66 21.77
C ILE H 3913 -36.02 -14.14 20.33
N ASN H 3914 -35.04 -15.01 20.09
CA ASN H 3914 -34.75 -15.52 18.76
C ASN H 3914 -35.51 -16.82 18.54
N ILE H 3915 -36.67 -16.72 17.89
CA ILE H 3915 -37.48 -17.90 17.64
C ILE H 3915 -36.79 -18.85 16.68
N ILE H 3916 -35.94 -18.35 15.78
CA ILE H 3916 -35.22 -19.23 14.87
C ILE H 3916 -34.32 -20.18 15.65
N ILE H 3917 -33.50 -19.64 16.54
CA ILE H 3917 -32.60 -20.46 17.33
C ILE H 3917 -33.38 -21.34 18.29
N CYS H 3918 -34.49 -20.83 18.82
CA CYS H 3918 -35.33 -21.68 19.66
C CYS H 3918 -35.82 -22.90 18.88
N THR H 3919 -36.24 -22.69 17.64
CA THR H 3919 -36.65 -23.78 16.77
C THR H 3919 -35.52 -24.77 16.55
N VAL H 3920 -34.31 -24.26 16.33
CA VAL H 3920 -33.18 -25.14 16.12
C VAL H 3920 -32.87 -25.95 17.37
N ASP H 3921 -33.00 -25.35 18.54
CA ASP H 3921 -32.79 -26.10 19.78
C ASP H 3921 -33.80 -27.23 19.91
N TYR H 3922 -35.06 -26.97 19.59
CA TYR H 3922 -36.03 -28.06 19.63
C TYR H 3922 -35.65 -29.14 18.63
N LEU H 3923 -35.19 -28.74 17.45
CA LEU H 3923 -34.77 -29.72 16.45
C LEU H 3923 -33.64 -30.58 16.98
N LEU H 3924 -32.71 -29.99 17.70
CA LEU H 3924 -31.62 -30.77 18.28
C LEU H 3924 -32.12 -31.79 19.29
N ARG H 3925 -33.02 -31.36 20.18
CA ARG H 3925 -33.56 -32.32 21.15
C ARG H 3925 -34.26 -33.46 20.45
N LEU H 3926 -35.06 -33.14 19.43
CA LEU H 3926 -35.78 -34.17 18.69
C LEU H 3926 -34.83 -35.12 17.97
N GLN H 3927 -33.77 -34.58 17.37
CA GLN H 3927 -32.82 -35.43 16.66
C GLN H 3927 -32.11 -36.36 17.61
N GLU H 3928 -31.72 -35.86 18.78
CA GLU H 3928 -31.05 -36.72 19.75
C GLU H 3928 -31.98 -37.84 20.20
N SER H 3929 -33.25 -37.53 20.41
CA SER H 3929 -34.21 -38.58 20.77
C SER H 3929 -34.34 -39.61 19.66
N ILE H 3930 -34.39 -39.16 18.41
CA ILE H 3930 -34.54 -40.10 17.30
C ILE H 3930 -33.30 -40.98 17.17
N SER H 3931 -32.12 -40.42 17.40
CA SER H 3931 -30.92 -41.22 17.38
C SER H 3931 -30.92 -42.25 18.50
N ASP H 3932 -31.40 -41.87 19.69
CA ASP H 3932 -31.50 -42.83 20.77
C ASP H 3932 -32.47 -43.96 20.42
N PHE H 3933 -33.59 -43.62 19.78
CA PHE H 3933 -34.53 -44.63 19.35
C PHE H 3933 -33.89 -45.58 18.34
N TYR H 3934 -33.14 -45.03 17.38
CA TYR H 3934 -32.46 -45.89 16.42
C TYR H 3934 -31.46 -46.80 17.10
N TRP H 3935 -30.69 -46.28 18.04
CA TRP H 3935 -29.74 -47.13 18.75
C TRP H 3935 -30.47 -48.21 19.52
N TYR H 3936 -31.59 -47.88 20.15
CA TYR H 3936 -32.37 -48.88 20.86
C TYR H 3936 -32.79 -50.01 19.94
N TYR H 3937 -33.27 -49.68 18.75
CA TYR H 3937 -33.81 -50.69 17.86
C TYR H 3937 -32.77 -51.28 16.90
N SER H 3938 -31.53 -50.81 16.93
CA SER H 3938 -30.54 -51.29 15.96
C SER H 3938 -30.27 -52.77 16.13
N GLY H 3939 -30.16 -53.24 17.36
CA GLY H 3939 -29.90 -54.66 17.58
C GLY H 3939 -31.04 -55.54 17.09
N LYS H 3940 -32.28 -55.11 17.30
CA LYS H 3940 -33.43 -55.91 16.91
C LYS H 3940 -33.50 -56.03 15.40
N ASP H 3941 -33.95 -57.20 14.93
CA ASP H 3941 -33.97 -57.47 13.51
C ASP H 3941 -35.08 -56.70 12.80
N VAL H 3942 -36.27 -56.64 13.40
CA VAL H 3942 -37.42 -56.02 12.80
C VAL H 3942 -38.05 -55.06 13.80
N ILE H 3943 -38.53 -53.92 13.32
CA ILE H 3943 -39.13 -52.91 14.18
C ILE H 3943 -40.59 -53.28 14.41
N GLU H 3944 -40.98 -53.39 15.68
CA GLU H 3944 -42.34 -53.78 16.01
C GLU H 3944 -43.29 -52.60 15.80
N GLU H 3945 -44.59 -52.88 15.95
CA GLU H 3945 -45.59 -51.89 15.55
C GLU H 3945 -45.51 -50.63 16.39
N GLN H 3946 -45.30 -50.77 17.71
CA GLN H 3946 -45.26 -49.60 18.57
C GLN H 3946 -44.08 -48.71 18.21
N GLY H 3947 -42.92 -49.32 17.96
CA GLY H 3947 -41.78 -48.56 17.52
C GLY H 3947 -42.01 -47.86 16.20
N LYS H 3948 -42.68 -48.54 15.27
CA LYS H 3948 -43.00 -47.89 14.00
C LYS H 3948 -43.91 -46.69 14.20
N ARG H 3949 -44.90 -46.81 15.08
CA ARG H 3949 -45.81 -45.70 15.32
C ARG H 3949 -45.09 -44.51 15.95
N ASN H 3950 -44.26 -44.77 16.96
CA ASN H 3950 -43.52 -43.68 17.58
C ASN H 3950 -42.54 -43.02 16.61
N PHE H 3951 -41.87 -43.83 15.79
CA PHE H 3951 -41.02 -43.28 14.76
C PHE H 3951 -41.81 -42.40 13.81
N SER H 3952 -43.00 -42.85 13.40
CA SER H 3952 -43.78 -42.08 12.45
C SER H 3952 -44.20 -40.74 13.03
N LYS H 3953 -44.59 -40.71 14.31
CA LYS H 3953 -45.00 -39.42 14.87
C LYS H 3953 -43.82 -38.49 15.07
N ALA H 3954 -42.68 -39.03 15.51
CA ALA H 3954 -41.49 -38.18 15.60
C ALA H 3954 -41.10 -37.66 14.22
N MET H 3955 -41.29 -38.48 13.19
CA MET H 3955 -40.96 -38.05 11.83
C MET H 3955 -41.88 -36.93 11.38
N SER H 3956 -43.16 -37.02 11.68
CA SER H 3956 -44.09 -35.95 11.31
C SER H 3956 -43.73 -34.65 12.01
N VAL H 3957 -43.41 -34.73 13.30
CA VAL H 3957 -42.96 -33.53 14.00
C VAL H 3957 -41.73 -32.95 13.35
N ALA H 3958 -40.77 -33.79 12.97
CA ALA H 3958 -39.55 -33.31 12.34
C ALA H 3958 -39.85 -32.67 10.99
N LYS H 3959 -40.77 -33.25 10.22
CA LYS H 3959 -41.18 -32.62 8.98
C LYS H 3959 -41.71 -31.22 9.23
N GLN H 3960 -42.55 -31.06 10.24
CA GLN H 3960 -43.09 -29.73 10.50
C GLN H 3960 -41.98 -28.76 10.89
N VAL H 3961 -41.03 -29.21 11.70
CA VAL H 3961 -39.95 -28.32 12.13
C VAL H 3961 -39.07 -27.93 10.94
N PHE H 3962 -38.77 -28.89 10.07
CA PHE H 3962 -38.00 -28.57 8.87
C PHE H 3962 -38.74 -27.60 7.97
N ASN H 3963 -40.05 -27.77 7.83
CA ASN H 3963 -40.85 -26.84 7.05
C ASN H 3963 -40.83 -25.45 7.65
N SER H 3964 -40.91 -25.36 8.98
CA SER H 3964 -40.86 -24.06 9.63
C SER H 3964 -39.52 -23.37 9.38
N LEU H 3965 -38.42 -24.12 9.50
CA LEU H 3965 -37.10 -23.54 9.25
C LEU H 3965 -36.98 -23.06 7.81
N THR H 3966 -37.47 -23.87 6.87
CA THR H 3966 -37.44 -23.48 5.47
C THR H 3966 -38.25 -22.21 5.26
N GLU H 3967 -39.38 -22.08 5.93
CA GLU H 3967 -40.20 -20.90 5.76
C GLU H 3967 -39.56 -19.69 6.41
N TYR H 3968 -38.77 -19.90 7.45
CA TYR H 3968 -37.99 -18.80 8.01
C TYR H 3968 -36.99 -18.27 7.00
N ILE H 3969 -36.25 -19.17 6.35
CA ILE H 3969 -35.08 -18.73 5.58
C ILE H 3969 -35.35 -18.51 4.10
N GLN H 3970 -36.49 -18.94 3.59
CA GLN H 3970 -36.78 -18.75 2.18
C GLN H 3970 -37.13 -17.30 1.88
N GLY H 3971 -36.87 -16.90 0.64
CA GLY H 3971 -37.18 -15.56 0.18
C GLY H 3971 -36.11 -14.84 -0.62
N PRO H 3972 -34.84 -14.90 -0.19
CA PRO H 3972 -34.27 -15.37 1.07
C PRO H 3972 -34.35 -14.32 2.15
N CYS H 3973 -34.35 -14.70 3.42
CA CYS H 3973 -34.13 -13.75 4.51
C CYS H 3973 -32.68 -13.93 4.93
N THR H 3974 -31.83 -13.00 4.53
CA THR H 3974 -30.39 -13.18 4.73
C THR H 3974 -30.04 -13.21 6.21
N GLY H 3975 -30.72 -12.42 7.01
CA GLY H 3975 -30.46 -12.45 8.44
C GLY H 3975 -30.74 -13.82 9.04
N ASN H 3976 -31.87 -14.42 8.67
CA ASN H 3976 -32.18 -15.75 9.16
C ASN H 3976 -31.20 -16.78 8.64
N GLN H 3977 -30.77 -16.63 7.38
CA GLN H 3977 -29.78 -17.55 6.85
C GLN H 3977 -28.49 -17.49 7.66
N GLN H 3978 -28.01 -16.28 7.96
CA GLN H 3978 -26.79 -16.16 8.76
C GLN H 3978 -26.99 -16.72 10.16
N SER H 3979 -28.14 -16.43 10.77
CA SER H 3979 -28.41 -16.90 12.12
C SER H 3979 -28.40 -18.42 12.18
N LEU H 3980 -28.99 -19.08 11.18
CA LEU H 3980 -28.92 -20.53 11.11
C LEU H 3980 -27.51 -21.01 10.87
N ALA H 3981 -26.77 -20.34 10.00
CA ALA H 3981 -25.42 -20.79 9.66
C ALA H 3981 -24.52 -20.74 10.89
N HIS H 3982 -24.84 -19.89 11.85
CA HIS H 3982 -24.05 -19.80 13.07
C HIS H 3982 -24.68 -20.55 14.24
N SER H 3983 -25.65 -21.42 13.96
CA SER H 3983 -26.33 -22.17 15.01
C SER H 3983 -25.81 -23.60 15.02
N ARG H 3984 -26.52 -24.47 15.74
CA ARG H 3984 -26.20 -25.89 15.83
C ARG H 3984 -26.95 -26.71 14.78
N LEU H 3985 -27.52 -26.05 13.78
CA LEU H 3985 -28.26 -26.73 12.74
C LEU H 3985 -27.40 -27.76 12.03
N TRP H 3986 -26.10 -27.46 11.87
CA TRP H 3986 -25.22 -28.43 11.23
C TRP H 3986 -25.11 -29.70 12.06
N ASP H 3987 -25.01 -29.57 13.37
CA ASP H 3987 -24.94 -30.76 14.22
C ASP H 3987 -26.22 -31.56 14.13
N ALA H 3988 -27.37 -30.88 14.12
CA ALA H 3988 -28.63 -31.59 13.97
C ALA H 3988 -28.69 -32.32 12.63
N VAL H 3989 -28.21 -31.68 11.56
CA VAL H 3989 -28.24 -32.31 10.24
C VAL H 3989 -27.30 -33.50 10.20
N VAL H 3990 -26.15 -33.40 10.84
CA VAL H 3990 -25.20 -34.52 10.85
C VAL H 3990 -25.81 -35.73 11.53
N GLY H 3991 -26.42 -35.51 12.70
CA GLY H 3991 -27.11 -36.62 13.35
C GLY H 3991 -28.23 -37.18 12.51
N PHE H 3992 -28.98 -36.31 11.84
CA PHE H 3992 -30.07 -36.79 11.00
C PHE H 3992 -29.55 -37.63 9.85
N LEU H 3993 -28.44 -37.21 9.24
CA LEU H 3993 -27.87 -38.00 8.14
C LEU H 3993 -27.44 -39.37 8.62
N HIS H 3994 -26.82 -39.42 9.81
CA HIS H 3994 -26.46 -40.71 10.39
C HIS H 3994 -27.68 -41.62 10.55
N VAL H 3995 -28.73 -41.09 11.17
CA VAL H 3995 -29.93 -41.89 11.40
C VAL H 3995 -30.56 -42.29 10.09
N PHE H 3996 -30.61 -41.38 9.12
CA PHE H 3996 -31.22 -41.69 7.84
C PHE H 3996 -30.48 -42.82 7.15
N ALA H 3997 -29.16 -42.74 7.05
CA ALA H 3997 -28.42 -43.78 6.36
C ALA H 3997 -28.65 -45.13 7.00
N HIS H 3998 -28.44 -45.22 8.32
CA HIS H 3998 -28.54 -46.53 8.95
C HIS H 3998 -29.98 -47.02 8.97
N MET H 3999 -30.95 -46.12 9.09
CA MET H 3999 -32.33 -46.51 9.21
C MET H 3999 -32.85 -47.00 7.86
N MET H 4000 -32.47 -46.34 6.77
CA MET H 4000 -32.79 -46.84 5.44
C MET H 4000 -32.20 -48.22 5.20
N MET H 4001 -30.91 -48.38 5.49
CA MET H 4001 -30.26 -49.66 5.29
C MET H 4001 -30.96 -50.76 6.09
N LYS H 4002 -31.43 -50.44 7.29
CA LYS H 4002 -32.12 -51.44 8.08
C LYS H 4002 -33.52 -51.74 7.56
N LEU H 4003 -34.27 -50.69 7.18
CA LEU H 4003 -35.66 -50.89 6.80
C LEU H 4003 -35.79 -51.56 5.46
N ALA H 4004 -34.77 -51.45 4.61
CA ALA H 4004 -34.88 -52.03 3.28
C ALA H 4004 -34.95 -53.54 3.30
N GLN H 4005 -34.68 -54.17 4.43
CA GLN H 4005 -34.49 -55.61 4.52
C GLN H 4005 -35.76 -56.38 4.86
N ASP H 4006 -36.90 -55.71 4.96
CA ASP H 4006 -38.17 -56.39 5.17
C ASP H 4006 -39.30 -55.50 4.68
N SER H 4007 -40.17 -56.06 3.86
CA SER H 4007 -41.22 -55.28 3.22
C SER H 4007 -42.27 -54.78 4.21
N SER H 4008 -42.31 -55.33 5.43
CA SER H 4008 -43.31 -54.89 6.38
C SER H 4008 -43.07 -53.47 6.88
N GLN H 4009 -41.91 -52.90 6.55
CA GLN H 4009 -41.54 -51.56 6.98
C GLN H 4009 -41.43 -50.60 5.82
N ILE H 4010 -42.09 -50.91 4.71
CA ILE H 4010 -41.97 -50.09 3.50
C ILE H 4010 -42.62 -48.73 3.71
N GLU H 4011 -43.73 -48.68 4.44
CA GLU H 4011 -44.37 -47.40 4.74
C GLU H 4011 -43.45 -46.52 5.58
N LEU H 4012 -42.83 -47.10 6.60
CA LEU H 4012 -41.89 -46.34 7.42
C LEU H 4012 -40.72 -45.86 6.58
N LEU H 4013 -40.24 -46.68 5.65
CA LEU H 4013 -39.15 -46.27 4.80
C LEU H 4013 -39.55 -45.11 3.90
N LYS H 4014 -40.76 -45.15 3.35
CA LYS H 4014 -41.24 -44.03 2.55
C LYS H 4014 -41.31 -42.76 3.36
N GLU H 4015 -41.81 -42.85 4.59
CA GLU H 4015 -41.88 -41.67 5.44
C GLU H 4015 -40.51 -41.12 5.74
N LEU H 4016 -39.55 -42.00 6.03
CA LEU H 4016 -38.17 -41.57 6.24
C LEU H 4016 -37.60 -40.86 5.01
N LEU H 4017 -37.88 -41.41 3.83
CA LEU H 4017 -37.35 -40.83 2.60
C LEU H 4017 -37.92 -39.44 2.35
N ASP H 4018 -39.23 -39.25 2.55
CA ASP H 4018 -39.77 -37.91 2.34
C ASP H 4018 -39.28 -36.95 3.41
N LEU H 4019 -38.99 -37.46 4.61
CA LEU H 4019 -38.39 -36.59 5.63
C LEU H 4019 -37.01 -36.12 5.19
N GLN H 4020 -36.21 -37.01 4.61
CA GLN H 4020 -34.92 -36.58 4.08
C GLN H 4020 -35.12 -35.54 3.00
N LYS H 4021 -36.15 -35.71 2.17
CA LYS H 4021 -36.42 -34.72 1.14
C LYS H 4021 -36.69 -33.36 1.74
N ASP H 4022 -37.46 -33.31 2.82
CA ASP H 4022 -37.72 -32.04 3.48
C ASP H 4022 -36.45 -31.42 4.02
N MET H 4023 -35.58 -32.23 4.63
CA MET H 4023 -34.34 -31.66 5.16
C MET H 4023 -33.44 -31.14 4.05
N VAL H 4024 -33.38 -31.84 2.92
CA VAL H 4024 -32.58 -31.38 1.81
C VAL H 4024 -33.17 -30.10 1.23
N VAL H 4025 -34.50 -29.98 1.21
CA VAL H 4025 -35.12 -28.74 0.78
C VAL H 4025 -34.73 -27.60 1.68
N MET H 4026 -34.64 -27.86 2.99
CA MET H 4026 -34.17 -26.82 3.90
C MET H 4026 -32.74 -26.41 3.59
N LEU H 4027 -31.87 -27.39 3.29
CA LEU H 4027 -30.50 -27.05 2.92
C LEU H 4027 -30.44 -26.21 1.66
N LEU H 4028 -31.20 -26.61 0.64
CA LEU H 4028 -31.26 -25.84 -0.59
C LEU H 4028 -31.74 -24.43 -0.35
N SER H 4029 -32.69 -24.26 0.57
CA SER H 4029 -33.12 -22.92 0.95
C SER H 4029 -31.99 -22.14 1.59
N LEU H 4030 -31.15 -22.80 2.38
CA LEU H 4030 -29.95 -22.13 2.87
C LEU H 4030 -29.02 -21.70 1.75
N LEU H 4031 -29.05 -22.38 0.62
CA LEU H 4031 -28.19 -21.96 -0.49
C LEU H 4031 -28.80 -20.90 -1.40
N GLU H 4032 -29.92 -20.30 -1.02
CA GLU H 4032 -30.54 -19.28 -1.86
C GLU H 4032 -29.71 -18.01 -1.86
N GLY H 4033 -29.59 -17.38 -3.02
CA GLY H 4033 -28.81 -16.16 -3.12
C GLY H 4033 -27.37 -16.33 -2.71
N ASN H 4034 -26.79 -17.48 -3.05
CA ASN H 4034 -25.44 -17.83 -2.62
C ASN H 4034 -24.47 -17.61 -3.76
N VAL H 4035 -23.45 -16.80 -3.50
CA VAL H 4035 -22.43 -16.49 -4.49
C VAL H 4035 -21.45 -17.65 -4.56
N VAL H 4036 -20.60 -17.65 -5.59
CA VAL H 4036 -19.53 -18.65 -5.67
C VAL H 4036 -18.59 -18.47 -4.50
N ASN H 4037 -18.19 -19.58 -3.90
CA ASN H 4037 -17.33 -19.60 -2.72
C ASN H 4037 -17.95 -18.85 -1.56
N GLY H 4038 -19.28 -18.91 -1.48
CA GLY H 4038 -19.97 -18.37 -0.33
C GLY H 4038 -19.76 -19.20 0.92
N MET H 4039 -19.81 -18.52 2.06
CA MET H 4039 -19.42 -19.17 3.31
C MET H 4039 -20.47 -20.18 3.77
N ILE H 4040 -21.75 -19.95 3.46
CA ILE H 4040 -22.76 -20.97 3.75
C ILE H 4040 -22.51 -22.23 2.94
N ALA H 4041 -22.16 -22.08 1.67
CA ALA H 4041 -21.85 -23.25 0.85
C ALA H 4041 -20.62 -23.99 1.35
N ARG H 4042 -19.60 -23.24 1.78
CA ARG H 4042 -18.41 -23.88 2.32
C ARG H 4042 -18.72 -24.61 3.62
N GLN H 4043 -19.59 -24.03 4.45
CA GLN H 4043 -20.02 -24.71 5.66
C GLN H 4043 -20.82 -25.98 5.34
N MET H 4044 -21.63 -25.93 4.28
CA MET H 4044 -22.37 -27.12 3.87
C MET H 4044 -21.43 -28.21 3.43
N VAL H 4045 -20.37 -27.86 2.70
CA VAL H 4045 -19.38 -28.85 2.28
C VAL H 4045 -18.66 -29.44 3.49
N ASP H 4046 -18.29 -28.59 4.45
CA ASP H 4046 -17.65 -29.11 5.66
C ASP H 4046 -18.57 -30.04 6.43
N MET H 4047 -19.87 -29.71 6.48
CA MET H 4047 -20.86 -30.60 7.06
C MET H 4047 -20.86 -31.95 6.35
N LEU H 4048 -20.96 -31.94 5.02
CA LEU H 4048 -21.03 -33.20 4.28
C LEU H 4048 -19.77 -34.02 4.50
N VAL H 4049 -18.62 -33.37 4.58
CA VAL H 4049 -17.38 -34.08 4.87
C VAL H 4049 -17.41 -34.66 6.29
N GLU H 4050 -17.93 -33.90 7.24
CA GLU H 4050 -18.02 -34.37 8.62
C GLU H 4050 -18.91 -35.59 8.73
N SER H 4051 -19.87 -35.75 7.84
CA SER H 4051 -20.74 -36.91 7.79
C SER H 4051 -20.50 -37.70 6.51
N SER H 4052 -19.23 -37.82 6.13
CA SER H 4052 -18.88 -38.43 4.87
C SER H 4052 -19.32 -39.88 4.81
N SER H 4053 -19.14 -40.63 5.90
CA SER H 4053 -19.51 -42.03 5.89
C SER H 4053 -21.00 -42.21 5.64
N ASN H 4054 -21.82 -41.42 6.31
CA ASN H 4054 -23.27 -41.55 6.16
C ASN H 4054 -23.74 -41.06 4.80
N VAL H 4055 -23.11 -39.99 4.29
CA VAL H 4055 -23.46 -39.53 2.96
C VAL H 4055 -23.14 -40.60 1.93
N GLU H 4056 -21.99 -41.25 2.08
CA GLU H 4056 -21.63 -42.35 1.18
C GLU H 4056 -22.61 -43.50 1.30
N MET H 4057 -23.05 -43.80 2.52
CA MET H 4057 -24.04 -44.86 2.70
C MET H 4057 -25.33 -44.53 1.98
N ILE H 4058 -25.78 -43.29 2.05
CA ILE H 4058 -26.99 -42.87 1.37
C ILE H 4058 -26.81 -42.99 -0.14
N LEU H 4059 -25.69 -42.50 -0.65
CA LEU H 4059 -25.45 -42.53 -2.09
C LEU H 4059 -25.34 -43.96 -2.60
N LYS H 4060 -24.71 -44.84 -1.81
CA LYS H 4060 -24.65 -46.25 -2.17
C LYS H 4060 -26.02 -46.92 -2.09
N PHE H 4061 -26.89 -46.45 -1.20
CA PHE H 4061 -28.25 -46.99 -1.20
C PHE H 4061 -28.97 -46.62 -2.49
N PHE H 4062 -28.81 -45.38 -2.95
CA PHE H 4062 -29.51 -44.96 -4.15
C PHE H 4062 -28.94 -45.65 -5.40
N ASP H 4063 -27.62 -45.69 -5.53
CA ASP H 4063 -27.04 -46.21 -6.76
C ASP H 4063 -27.22 -47.71 -6.88
N MET H 4064 -27.25 -48.43 -5.75
CA MET H 4064 -27.44 -49.87 -5.82
C MET H 4064 -28.76 -50.22 -6.46
N PHE H 4065 -29.83 -49.55 -6.05
CA PHE H 4065 -31.13 -49.87 -6.62
C PHE H 4065 -31.30 -49.28 -8.01
N LEU H 4066 -30.66 -48.14 -8.31
CA LEU H 4066 -30.67 -47.69 -9.69
C LEU H 4066 -29.99 -48.69 -10.61
N LYS H 4067 -28.87 -49.27 -10.16
CA LYS H 4067 -28.20 -50.28 -10.98
C LYS H 4067 -29.00 -51.58 -11.04
N LEU H 4068 -29.68 -51.93 -9.95
CA LEU H 4068 -30.50 -53.13 -9.97
C LEU H 4068 -31.64 -53.01 -10.98
N LYS H 4069 -32.28 -51.84 -11.05
CA LYS H 4069 -33.42 -51.68 -11.94
C LYS H 4069 -33.00 -51.87 -13.40
N ASP H 4070 -31.77 -51.49 -13.75
CA ASP H 4070 -31.33 -51.68 -15.12
C ASP H 4070 -30.70 -53.04 -15.34
N ILE H 4071 -30.16 -53.68 -14.29
CA ILE H 4071 -29.61 -55.02 -14.46
C ILE H 4071 -30.73 -56.02 -14.69
N VAL H 4072 -31.83 -55.90 -13.95
CA VAL H 4072 -32.91 -56.88 -14.11
C VAL H 4072 -33.45 -56.90 -15.53
N GLY H 4073 -33.33 -55.79 -16.24
CA GLY H 4073 -33.76 -55.77 -17.63
C GLY H 4073 -32.73 -56.22 -18.63
N SER H 4074 -31.55 -56.62 -18.18
CA SER H 4074 -30.50 -57.04 -19.10
C SER H 4074 -30.75 -58.46 -19.61
N GLU H 4075 -30.34 -58.67 -20.86
CA GLU H 4075 -30.43 -60.01 -21.43
C GLU H 4075 -29.49 -60.98 -20.72
N ALA H 4076 -28.38 -60.47 -20.20
CA ALA H 4076 -27.49 -61.34 -19.42
C ALA H 4076 -28.20 -61.87 -18.18
N PHE H 4077 -28.95 -61.01 -17.50
CA PHE H 4077 -29.76 -61.45 -16.38
C PHE H 4077 -30.86 -62.41 -16.83
N GLN H 4078 -31.50 -62.10 -17.95
CA GLN H 4078 -32.55 -62.97 -18.45
C GLN H 4078 -32.02 -64.35 -18.80
N ASP H 4079 -30.74 -64.45 -19.18
CA ASP H 4079 -30.14 -65.75 -19.42
C ASP H 4079 -30.14 -66.60 -18.16
N TYR H 4080 -29.81 -65.99 -17.02
CA TYR H 4080 -29.89 -66.72 -15.76
C TYR H 4080 -31.33 -67.03 -15.37
N VAL H 4081 -32.26 -66.12 -15.67
CA VAL H 4081 -33.67 -66.37 -15.36
C VAL H 4081 -34.12 -67.59 -16.16
N THR H 4082 -34.59 -68.63 -15.45
CA THR H 4082 -35.04 -69.86 -16.09
C THR H 4082 -36.41 -70.33 -15.66
N ASP H 4083 -36.83 -70.03 -14.44
CA ASP H 4083 -38.13 -70.49 -13.96
C ASP H 4083 -39.24 -69.88 -14.83
N PRO H 4084 -40.16 -70.71 -15.34
CA PRO H 4084 -41.22 -70.15 -16.19
C PRO H 4084 -42.13 -69.17 -15.46
N ARG H 4085 -42.23 -69.26 -14.14
CA ARG H 4085 -43.07 -68.34 -13.39
C ARG H 4085 -42.53 -66.92 -13.39
N GLY H 4086 -41.29 -66.71 -13.81
CA GLY H 4086 -40.68 -65.41 -13.72
C GLY H 4086 -39.95 -65.14 -12.43
N LEU H 4087 -39.62 -66.18 -11.67
CA LEU H 4087 -38.88 -66.04 -10.43
C LEU H 4087 -37.45 -66.54 -10.63
N ILE H 4088 -36.59 -66.22 -9.68
CA ILE H 4088 -35.20 -66.65 -9.72
C ILE H 4088 -34.78 -67.07 -8.33
N SER H 4089 -34.02 -68.15 -8.27
CA SER H 4089 -33.53 -68.64 -6.99
C SER H 4089 -32.46 -67.72 -6.44
N LYS H 4090 -32.27 -67.77 -5.13
CA LYS H 4090 -31.26 -66.93 -4.50
C LYS H 4090 -29.86 -67.27 -5.00
N LYS H 4091 -29.57 -68.55 -5.19
CA LYS H 4091 -28.24 -68.94 -5.66
C LYS H 4091 -28.03 -68.49 -7.10
N ASP H 4092 -29.07 -68.59 -7.94
CA ASP H 4092 -28.97 -68.06 -9.29
C ASP H 4092 -28.76 -66.56 -9.29
N PHE H 4093 -29.48 -65.84 -8.43
CA PHE H 4093 -29.26 -64.40 -8.32
C PHE H 4093 -27.83 -64.10 -7.91
N GLN H 4094 -27.30 -64.88 -6.96
CA GLN H 4094 -25.94 -64.68 -6.48
C GLN H 4094 -24.94 -64.88 -7.60
N LYS H 4095 -25.12 -65.95 -8.40
CA LYS H 4095 -24.16 -66.20 -9.49
C LYS H 4095 -24.39 -65.29 -10.69
N ALA H 4096 -25.56 -64.67 -10.79
CA ALA H 4096 -25.81 -63.76 -11.90
C ALA H 4096 -25.25 -62.38 -11.62
N MET H 4097 -25.40 -61.91 -10.38
CA MET H 4097 -25.07 -60.52 -10.08
C MET H 4097 -23.56 -60.32 -10.07
N ASP H 4098 -22.82 -61.28 -9.53
CA ASP H 4098 -21.37 -61.16 -9.53
C ASP H 4098 -20.78 -61.33 -10.91
N SER H 4099 -21.52 -61.92 -11.85
CA SER H 4099 -21.08 -61.97 -13.23
C SER H 4099 -21.06 -60.60 -13.88
N GLN H 4100 -21.96 -59.71 -13.48
CA GLN H 4100 -21.97 -58.35 -14.02
C GLN H 4100 -20.77 -57.54 -13.59
N LYS H 4101 -20.09 -57.96 -12.52
CA LYS H 4101 -18.93 -57.24 -11.98
C LYS H 4101 -19.27 -55.78 -11.71
N GLN H 4102 -20.45 -55.53 -11.16
CA GLN H 4102 -20.85 -54.18 -10.79
C GLN H 4102 -21.07 -54.01 -9.29
N PHE H 4103 -21.15 -55.09 -8.53
CA PHE H 4103 -21.34 -55.02 -7.10
C PHE H 4103 -20.27 -55.82 -6.38
N THR H 4104 -20.02 -55.45 -5.13
CA THR H 4104 -19.12 -56.20 -4.28
C THR H 4104 -19.92 -57.30 -3.59
N GLY H 4105 -19.21 -58.22 -2.94
CA GLY H 4105 -19.83 -59.33 -2.26
C GLY H 4105 -20.80 -58.91 -1.18
N PRO H 4106 -20.39 -58.00 -0.29
CA PRO H 4106 -21.34 -57.49 0.70
C PRO H 4106 -22.54 -56.81 0.10
N GLU H 4107 -22.38 -56.08 -1.01
CA GLU H 4107 -23.54 -55.45 -1.64
C GLU H 4107 -24.49 -56.50 -2.21
N ILE H 4108 -23.95 -57.56 -2.80
CA ILE H 4108 -24.79 -58.64 -3.29
C ILE H 4108 -25.53 -59.31 -2.14
N GLN H 4109 -24.84 -59.50 -1.01
CA GLN H 4109 -25.50 -60.08 0.17
C GLN H 4109 -26.61 -59.17 0.66
N PHE H 4110 -26.37 -57.86 0.67
CA PHE H 4110 -27.41 -56.93 1.10
C PHE H 4110 -28.62 -56.98 0.17
N LEU H 4111 -28.38 -57.06 -1.14
CA LEU H 4111 -29.49 -57.15 -2.08
C LEU H 4111 -30.26 -58.45 -1.88
N LEU H 4112 -29.55 -59.54 -1.58
CA LEU H 4112 -30.23 -60.79 -1.28
C LEU H 4112 -31.11 -60.65 -0.05
N SER H 4113 -30.59 -59.98 0.99
CA SER H 4113 -31.38 -59.76 2.19
C SER H 4113 -32.62 -58.93 1.91
N CYS H 4114 -32.47 -57.88 1.09
CA CYS H 4114 -33.61 -57.02 0.80
C CYS H 4114 -34.61 -57.70 -0.13
N SER H 4115 -34.16 -58.69 -0.90
CA SER H 4115 -35.08 -59.45 -1.72
C SER H 4115 -36.03 -60.25 -0.84
N GLU H 4116 -37.33 -60.17 -1.15
CA GLU H 4116 -38.33 -60.87 -0.35
C GLU H 4116 -38.48 -62.30 -0.85
N ALA H 4117 -37.39 -63.07 -0.67
CA ALA H 4117 -37.39 -64.46 -1.08
C ALA H 4117 -38.39 -65.25 -0.24
N ASP H 4118 -39.14 -66.13 -0.89
CA ASP H 4118 -40.13 -66.94 -0.21
C ASP H 4118 -39.43 -68.10 0.50
N GLU H 4119 -40.22 -69.03 1.02
CA GLU H 4119 -39.66 -70.22 1.67
C GLU H 4119 -38.90 -71.10 0.69
N ASN H 4120 -39.19 -70.99 -0.61
CA ASN H 4120 -38.50 -71.76 -1.64
C ASN H 4120 -37.28 -71.04 -2.18
N GLU H 4121 -36.84 -69.98 -1.51
CA GLU H 4121 -35.71 -69.15 -1.95
C GLU H 4121 -35.94 -68.63 -3.36
N MET H 4122 -37.17 -68.27 -3.68
CA MET H 4122 -37.53 -67.74 -4.98
C MET H 4122 -37.73 -66.24 -4.88
N ILE H 4123 -37.17 -65.50 -5.84
CA ILE H 4123 -37.18 -64.05 -5.83
C ILE H 4123 -38.02 -63.55 -6.98
N ASN H 4124 -38.93 -62.62 -6.69
CA ASN H 4124 -39.69 -61.92 -7.72
C ASN H 4124 -38.94 -60.63 -8.06
N PHE H 4125 -37.96 -60.76 -8.96
CA PHE H 4125 -37.13 -59.61 -9.29
C PHE H 4125 -37.90 -58.48 -9.94
N GLU H 4126 -39.02 -58.79 -10.60
CA GLU H 4126 -39.81 -57.74 -11.24
C GLU H 4126 -40.30 -56.72 -10.21
N GLU H 4127 -40.83 -57.20 -9.09
CA GLU H 4127 -41.25 -56.29 -8.04
C GLU H 4127 -40.08 -55.86 -7.16
N PHE H 4128 -39.06 -56.69 -7.03
CA PHE H 4128 -37.88 -56.32 -6.25
C PHE H 4128 -37.21 -55.08 -6.83
N ALA H 4129 -37.05 -55.04 -8.15
CA ALA H 4129 -36.40 -53.89 -8.77
C ALA H 4129 -37.22 -52.62 -8.61
N ASN H 4130 -38.53 -52.74 -8.77
CA ASN H 4130 -39.41 -51.57 -8.73
C ASN H 4130 -39.85 -51.19 -7.33
N ARG H 4131 -39.42 -51.94 -6.30
CA ARG H 4131 -39.91 -51.70 -4.96
C ARG H 4131 -39.53 -50.31 -4.47
N PHE H 4132 -38.27 -49.93 -4.62
CA PHE H 4132 -37.78 -48.65 -4.11
C PHE H 4132 -37.64 -47.59 -5.18
N GLN H 4133 -38.00 -47.88 -6.42
CA GLN H 4133 -37.77 -46.90 -7.48
C GLN H 4133 -38.61 -45.65 -7.26
N GLU H 4134 -39.89 -45.83 -6.96
CA GLU H 4134 -40.78 -44.68 -6.76
C GLU H 4134 -40.56 -43.96 -5.43
N PRO H 4135 -40.44 -44.67 -4.29
CA PRO H 4135 -40.21 -43.95 -3.03
C PRO H 4135 -38.95 -43.12 -3.01
N ALA H 4136 -37.90 -43.56 -3.69
CA ALA H 4136 -36.59 -42.91 -3.59
C ALA H 4136 -36.38 -41.84 -4.65
N ARG H 4137 -37.36 -41.61 -5.51
CA ARG H 4137 -37.13 -40.74 -6.65
C ARG H 4137 -36.98 -39.28 -6.25
N ASP H 4138 -37.89 -38.77 -5.42
CA ASP H 4138 -37.85 -37.34 -5.10
C ASP H 4138 -36.62 -36.99 -4.28
N ILE H 4139 -36.30 -37.82 -3.28
CA ILE H 4139 -35.10 -37.57 -2.49
C ILE H 4139 -33.85 -37.74 -3.35
N GLY H 4140 -33.85 -38.71 -4.26
CA GLY H 4140 -32.72 -38.84 -5.16
C GLY H 4140 -32.51 -37.60 -6.00
N PHE H 4141 -33.61 -37.06 -6.53
CA PHE H 4141 -33.51 -35.85 -7.33
C PHE H 4141 -32.99 -34.68 -6.51
N ASN H 4142 -33.45 -34.54 -5.27
CA ASN H 4142 -33.02 -33.42 -4.46
C ASN H 4142 -31.56 -33.57 -4.04
N VAL H 4143 -31.11 -34.79 -3.78
CA VAL H 4143 -29.68 -35.00 -3.51
C VAL H 4143 -28.86 -34.63 -4.74
N ALA H 4144 -29.34 -35.01 -5.93
CA ALA H 4144 -28.64 -34.63 -7.15
C ALA H 4144 -28.57 -33.13 -7.31
N VAL H 4145 -29.69 -32.44 -7.07
CA VAL H 4145 -29.72 -30.98 -7.18
C VAL H 4145 -28.76 -30.35 -6.19
N LEU H 4146 -28.74 -30.85 -4.96
CA LEU H 4146 -27.86 -30.32 -3.94
C LEU H 4146 -26.39 -30.47 -4.34
N LEU H 4147 -26.01 -31.65 -4.81
CA LEU H 4147 -24.63 -31.86 -5.20
C LEU H 4147 -24.26 -31.01 -6.40
N THR H 4148 -25.17 -30.87 -7.37
CA THR H 4148 -24.90 -30.00 -8.52
C THR H 4148 -24.71 -28.56 -8.09
N ASN H 4149 -25.58 -28.06 -7.22
CA ASN H 4149 -25.48 -26.70 -6.73
C ASN H 4149 -24.15 -26.46 -6.02
N LEU H 4150 -23.79 -27.35 -5.12
CA LEU H 4150 -22.53 -27.19 -4.39
C LEU H 4150 -21.33 -27.27 -5.33
N SER H 4151 -21.37 -28.18 -6.30
CA SER H 4151 -20.25 -28.29 -7.22
C SER H 4151 -20.09 -27.03 -8.05
N GLU H 4152 -21.20 -26.43 -8.46
CA GLU H 4152 -21.11 -25.25 -9.29
C GLU H 4152 -20.83 -23.98 -8.50
N HIS H 4153 -21.05 -23.97 -7.19
CA HIS H 4153 -20.75 -22.76 -6.43
C HIS H 4153 -19.51 -22.87 -5.56
N VAL H 4154 -18.93 -24.06 -5.41
CA VAL H 4154 -17.65 -24.24 -4.75
C VAL H 4154 -16.79 -25.06 -5.70
N PRO H 4155 -16.35 -24.48 -6.82
CA PRO H 4155 -15.72 -25.30 -7.86
C PRO H 4155 -14.31 -25.74 -7.54
N HIS H 4156 -13.71 -25.26 -6.44
CA HIS H 4156 -12.33 -25.55 -6.11
C HIS H 4156 -12.17 -26.21 -4.74
N ASP H 4157 -13.07 -27.12 -4.39
CA ASP H 4157 -12.92 -27.91 -3.18
C ASP H 4157 -12.81 -29.38 -3.55
N PRO H 4158 -11.62 -29.98 -3.48
CA PRO H 4158 -11.46 -31.37 -3.94
C PRO H 4158 -12.24 -32.37 -3.10
N ARG H 4159 -12.63 -32.02 -1.88
CA ARG H 4159 -13.40 -32.93 -1.06
C ARG H 4159 -14.78 -33.22 -1.64
N LEU H 4160 -15.25 -32.41 -2.57
CA LEU H 4160 -16.57 -32.58 -3.15
C LEU H 4160 -16.57 -33.42 -4.42
N ARG H 4161 -15.46 -33.47 -5.14
CA ARG H 4161 -15.39 -34.38 -6.28
C ARG H 4161 -15.59 -35.83 -5.85
N ASN H 4162 -15.18 -36.20 -4.64
CA ASN H 4162 -15.42 -37.56 -4.19
C ASN H 4162 -16.91 -37.85 -4.12
N PHE H 4163 -17.69 -36.93 -3.54
CA PHE H 4163 -19.13 -37.13 -3.47
C PHE H 4163 -19.74 -37.17 -4.86
N LEU H 4164 -19.28 -36.29 -5.75
CA LEU H 4164 -19.81 -36.29 -7.10
C LEU H 4164 -19.55 -37.62 -7.80
N GLU H 4165 -18.35 -38.17 -7.63
CA GLU H 4165 -18.04 -39.47 -8.21
C GLU H 4165 -18.92 -40.56 -7.60
N LEU H 4166 -19.11 -40.52 -6.28
CA LEU H 4166 -19.96 -41.52 -5.65
C LEU H 4166 -21.41 -41.39 -6.07
N ALA H 4167 -21.82 -40.22 -6.56
CA ALA H 4167 -23.18 -39.98 -7.02
C ALA H 4167 -23.26 -39.93 -8.54
N GLU H 4168 -22.27 -40.51 -9.21
CA GLU H 4168 -22.22 -40.39 -10.67
C GLU H 4168 -23.43 -41.03 -11.32
N SER H 4169 -23.83 -42.21 -10.82
CA SER H 4169 -25.00 -42.86 -11.38
C SER H 4169 -26.26 -42.05 -11.12
N ILE H 4170 -26.39 -41.47 -9.93
CA ILE H 4170 -27.57 -40.67 -9.61
C ILE H 4170 -27.65 -39.47 -10.53
N LEU H 4171 -26.52 -38.78 -10.69
CA LEU H 4171 -26.51 -37.59 -11.53
C LEU H 4171 -26.80 -37.93 -12.99
N GLU H 4172 -26.22 -39.03 -13.47
CA GLU H 4172 -26.52 -39.45 -14.84
C GLU H 4172 -27.98 -39.82 -14.99
N TYR H 4173 -28.56 -40.45 -13.97
CA TYR H 4173 -29.96 -40.82 -14.04
C TYR H 4173 -30.86 -39.60 -14.11
N PHE H 4174 -30.62 -38.60 -13.27
CA PHE H 4174 -31.49 -37.44 -13.19
C PHE H 4174 -31.08 -36.33 -14.14
N ARG H 4175 -30.07 -36.55 -14.99
CA ARG H 4175 -29.64 -35.52 -15.92
C ARG H 4175 -30.75 -35.03 -16.84
N PRO H 4176 -31.56 -35.89 -17.47
CA PRO H 4176 -32.64 -35.35 -18.32
C PRO H 4176 -33.69 -34.56 -17.57
N TYR H 4177 -33.82 -34.75 -16.25
CA TYR H 4177 -34.86 -34.07 -15.50
C TYR H 4177 -34.36 -32.91 -14.66
N LEU H 4178 -33.05 -32.70 -14.59
CA LEU H 4178 -32.51 -31.60 -13.82
C LEU H 4178 -32.45 -30.39 -14.73
N GLY H 4179 -33.45 -29.52 -14.60
CA GLY H 4179 -33.49 -28.30 -15.37
C GLY H 4179 -32.82 -27.17 -14.62
N ARG H 4180 -31.98 -26.41 -15.31
CA ARG H 4180 -31.35 -25.24 -14.73
C ARG H 4180 -31.54 -24.06 -15.65
N ILE H 4181 -31.81 -22.90 -15.06
CA ILE H 4181 -31.87 -21.63 -15.78
C ILE H 4181 -31.12 -20.60 -14.95
N GLU H 4182 -30.87 -19.45 -15.57
CA GLU H 4182 -30.29 -18.29 -14.90
C GLU H 4182 -31.28 -17.15 -14.97
N ILE H 4183 -31.38 -16.38 -13.89
CA ILE H 4183 -32.21 -15.19 -13.83
C ILE H 4183 -31.41 -14.05 -13.23
N MET H 4184 -31.88 -12.84 -13.47
CA MET H 4184 -31.41 -11.66 -12.73
C MET H 4184 -32.25 -11.57 -11.48
N GLY H 4185 -31.65 -11.94 -10.35
CA GLY H 4185 -32.40 -12.22 -9.15
C GLY H 4185 -32.76 -11.00 -8.34
N ALA H 4186 -33.31 -11.28 -7.16
CA ALA H 4186 -33.71 -10.23 -6.23
C ALA H 4186 -32.53 -9.40 -5.74
N SER H 4187 -31.31 -9.94 -5.83
CA SER H 4187 -30.14 -9.26 -5.32
C SER H 4187 -29.36 -8.51 -6.39
N ARG H 4188 -29.98 -8.11 -7.50
CA ARG H 4188 -29.27 -7.43 -8.58
C ARG H 4188 -28.06 -8.22 -9.06
N ARG H 4189 -28.15 -9.54 -9.07
CA ARG H 4189 -27.09 -10.39 -9.55
C ARG H 4189 -27.69 -11.57 -10.30
N ILE H 4190 -26.90 -12.18 -11.17
CA ILE H 4190 -27.36 -13.34 -11.92
C ILE H 4190 -27.28 -14.56 -11.04
N GLU H 4191 -28.39 -15.25 -10.88
CA GLU H 4191 -28.48 -16.43 -10.04
C GLU H 4191 -28.88 -17.62 -10.88
N ARG H 4192 -28.36 -18.79 -10.52
CA ARG H 4192 -28.68 -20.03 -11.21
C ARG H 4192 -29.75 -20.77 -10.42
N ILE H 4193 -30.80 -21.21 -11.12
CA ILE H 4193 -31.95 -21.86 -10.51
C ILE H 4193 -32.00 -23.29 -11.00
N TYR H 4194 -32.18 -24.23 -10.08
CA TYR H 4194 -32.31 -25.64 -10.41
C TYR H 4194 -33.74 -26.07 -10.12
N PHE H 4195 -34.31 -26.86 -11.02
CA PHE H 4195 -35.68 -27.31 -10.86
C PHE H 4195 -35.84 -28.64 -11.56
N GLU H 4196 -37.06 -29.13 -11.61
CA GLU H 4196 -37.36 -30.46 -12.12
C GLU H 4196 -38.17 -30.37 -13.41
N ILE H 4197 -37.81 -31.21 -14.37
CA ILE H 4197 -38.54 -31.33 -15.62
C ILE H 4197 -39.17 -32.72 -15.65
N SER H 4198 -40.45 -32.80 -15.95
CA SER H 4198 -41.13 -34.08 -15.93
C SER H 4198 -40.99 -34.80 -17.26
N GLU H 4199 -41.14 -36.12 -17.20
CA GLU H 4199 -41.06 -36.95 -18.41
C GLU H 4199 -42.13 -36.54 -19.41
N THR H 4200 -43.35 -36.31 -18.92
CA THR H 4200 -44.45 -35.95 -19.83
C THR H 4200 -44.15 -34.62 -20.51
N ASN H 4201 -43.66 -33.64 -19.77
CA ASN H 4201 -43.37 -32.34 -20.36
C ASN H 4201 -42.26 -32.46 -21.39
N ARG H 4202 -41.21 -33.21 -21.08
CA ARG H 4202 -40.13 -33.35 -22.06
C ARG H 4202 -40.61 -34.07 -23.31
N ALA H 4203 -41.38 -35.14 -23.13
CA ALA H 4203 -41.88 -35.89 -24.28
C ALA H 4203 -42.77 -35.03 -25.16
N GLN H 4204 -43.64 -34.24 -24.55
CA GLN H 4204 -44.48 -33.35 -25.33
C GLN H 4204 -43.66 -32.30 -26.05
N TRP H 4205 -42.63 -31.77 -25.41
CA TRP H 4205 -41.78 -30.79 -26.06
C TRP H 4205 -41.03 -31.39 -27.22
N GLU H 4206 -40.83 -32.70 -27.22
CA GLU H 4206 -40.09 -33.34 -28.32
C GLU H 4206 -40.97 -33.69 -29.50
N MET H 4207 -42.25 -33.37 -29.47
CA MET H 4207 -43.13 -33.76 -30.56
C MET H 4207 -42.80 -32.96 -31.81
N PRO H 4208 -42.91 -33.57 -33.00
CA PRO H 4208 -42.54 -32.87 -34.24
C PRO H 4208 -43.35 -31.61 -34.51
N GLN H 4209 -44.64 -31.60 -34.19
CA GLN H 4209 -45.43 -30.39 -34.39
C GLN H 4209 -44.95 -29.25 -33.51
N VAL H 4210 -44.61 -29.56 -32.26
CA VAL H 4210 -44.06 -28.55 -31.36
C VAL H 4210 -42.70 -28.06 -31.85
N LYS H 4211 -41.86 -28.98 -32.36
CA LYS H 4211 -40.56 -28.55 -32.87
C LYS H 4211 -40.74 -27.63 -34.07
N GLU H 4212 -41.70 -27.93 -34.93
CA GLU H 4212 -41.96 -27.07 -36.07
C GLU H 4212 -42.46 -25.70 -35.61
N SER H 4213 -43.35 -25.68 -34.62
CA SER H 4213 -43.81 -24.40 -34.09
C SER H 4213 -42.64 -23.60 -33.52
N LYS H 4214 -41.73 -24.27 -32.83
CA LYS H 4214 -40.57 -23.58 -32.27
C LYS H 4214 -39.71 -23.00 -33.37
N ARG H 4215 -39.44 -23.76 -34.43
CA ARG H 4215 -38.63 -23.24 -35.52
C ARG H 4215 -39.29 -22.05 -36.18
N GLN H 4216 -40.59 -22.13 -36.42
CA GLN H 4216 -41.29 -21.01 -37.02
C GLN H 4216 -41.25 -19.77 -36.14
N PHE H 4217 -41.45 -19.95 -34.83
CA PHE H 4217 -41.40 -18.82 -33.91
C PHE H 4217 -40.02 -18.18 -33.90
N ILE H 4218 -38.98 -19.01 -33.84
CA ILE H 4218 -37.61 -18.49 -33.81
C ILE H 4218 -37.35 -17.70 -35.07
N PHE H 4219 -37.78 -18.24 -36.21
CA PHE H 4219 -37.59 -17.54 -37.47
C PHE H 4219 -38.31 -16.20 -37.46
N ASP H 4220 -39.57 -16.17 -37.03
CA ASP H 4220 -40.32 -14.92 -37.01
C ASP H 4220 -39.62 -13.87 -36.15
N VAL H 4221 -39.28 -14.22 -34.92
CA VAL H 4221 -38.71 -13.20 -34.04
C VAL H 4221 -37.37 -12.72 -34.57
N VAL H 4222 -36.47 -13.64 -34.90
CA VAL H 4222 -35.13 -13.21 -35.30
C VAL H 4222 -35.17 -12.45 -36.61
N ASN H 4223 -36.07 -12.83 -37.51
CA ASN H 4223 -36.16 -12.14 -38.80
C ASN H 4223 -36.81 -10.78 -38.66
N GLU H 4224 -38.07 -10.74 -38.26
CA GLU H 4224 -38.86 -9.51 -38.28
C GLU H 4224 -39.26 -9.08 -36.89
N GLY H 4225 -38.32 -9.12 -35.94
CA GLY H 4225 -38.59 -8.65 -34.60
C GLY H 4225 -37.46 -7.78 -34.08
N GLY H 4226 -37.82 -6.96 -33.10
CA GLY H 4226 -36.87 -6.10 -32.43
C GLY H 4226 -36.39 -6.72 -31.13
N GLU H 4227 -35.36 -6.09 -30.56
CA GLU H 4227 -34.78 -6.56 -29.32
C GLU H 4227 -35.67 -6.23 -28.11
N ALA H 4228 -36.71 -5.43 -28.31
CA ALA H 4228 -37.51 -4.98 -27.17
C ALA H 4228 -38.68 -5.90 -26.90
N GLU H 4229 -39.33 -6.43 -27.92
CA GLU H 4229 -40.49 -7.29 -27.75
C GLU H 4229 -40.13 -8.76 -27.68
N LYS H 4230 -38.83 -9.08 -27.69
CA LYS H 4230 -38.41 -10.46 -27.84
C LYS H 4230 -38.90 -11.32 -26.69
N MET H 4231 -38.72 -10.86 -25.45
CA MET H 4231 -39.06 -11.69 -24.31
C MET H 4231 -40.57 -11.81 -24.14
N GLU H 4232 -41.30 -10.73 -24.40
CA GLU H 4232 -42.76 -10.83 -24.37
C GLU H 4232 -43.25 -11.84 -25.40
N LEU H 4233 -42.68 -11.79 -26.61
CA LEU H 4233 -43.08 -12.74 -27.64
C LEU H 4233 -42.71 -14.16 -27.25
N PHE H 4234 -41.55 -14.35 -26.63
CA PHE H 4234 -41.13 -15.69 -26.24
C PHE H 4234 -42.06 -16.25 -25.18
N VAL H 4235 -42.46 -15.42 -24.21
CA VAL H 4235 -43.36 -15.90 -23.16
C VAL H 4235 -44.74 -16.21 -23.73
N SER H 4236 -45.21 -15.37 -24.67
CA SER H 4236 -46.47 -15.66 -25.33
C SER H 4236 -46.40 -16.98 -26.09
N PHE H 4237 -45.27 -17.23 -26.75
CA PHE H 4237 -45.06 -18.50 -27.42
C PHE H 4237 -45.11 -19.65 -26.44
N CYS H 4238 -44.50 -19.47 -25.26
CA CYS H 4238 -44.54 -20.52 -24.24
C CYS H 4238 -45.96 -20.83 -23.82
N GLU H 4239 -46.77 -19.80 -23.62
CA GLU H 4239 -48.16 -20.02 -23.22
C GLU H 4239 -48.93 -20.75 -24.32
N ASP H 4240 -48.74 -20.34 -25.57
CA ASP H 4240 -49.39 -21.02 -26.68
C ASP H 4240 -48.95 -22.47 -26.77
N THR H 4241 -47.67 -22.73 -26.53
CA THR H 4241 -47.16 -24.09 -26.60
C THR H 4241 -47.72 -24.95 -25.48
N ILE H 4242 -47.88 -24.39 -24.28
CA ILE H 4242 -48.51 -25.12 -23.20
C ILE H 4242 -49.93 -25.51 -23.59
N PHE H 4243 -50.66 -24.58 -24.18
CA PHE H 4243 -52.02 -24.89 -24.58
C PHE H 4243 -52.05 -25.99 -25.65
N GLU H 4244 -51.13 -25.91 -26.61
CA GLU H 4244 -51.06 -26.95 -27.63
C GLU H 4244 -50.72 -28.31 -27.04
N MET H 4245 -49.85 -28.34 -26.04
CA MET H 4245 -49.54 -29.57 -25.34
C MET H 4245 -50.79 -30.13 -24.67
N GLN H 4246 -51.60 -29.26 -24.06
CA GLN H 4246 -52.84 -29.74 -23.47
C GLN H 4246 -53.77 -30.32 -24.51
N ILE H 4247 -53.90 -29.66 -25.66
CA ILE H 4247 -54.78 -30.17 -26.71
C ILE H 4247 -54.30 -31.54 -27.18
N ALA H 4248 -52.99 -31.67 -27.35
CA ALA H 4248 -52.42 -32.95 -27.78
C ALA H 4248 -52.67 -34.04 -26.76
N ALA H 4249 -52.51 -33.72 -25.47
CA ALA H 4249 -52.78 -34.70 -24.43
C ALA H 4249 -54.24 -35.13 -24.45
N GLN H 4250 -55.15 -34.17 -24.64
CA GLN H 4250 -56.57 -34.50 -24.67
C GLN H 4250 -56.89 -35.42 -25.85
N ILE H 4251 -56.38 -35.10 -27.04
CA ILE H 4251 -56.70 -35.91 -28.21
C ILE H 4251 -55.89 -37.18 -28.29
N SER H 4252 -54.88 -37.33 -27.43
CA SER H 4252 -54.10 -38.55 -27.41
C SER H 4252 -54.94 -39.72 -26.91
N GLU H 4253 -54.71 -40.89 -27.51
CA GLU H 4253 -55.45 -42.07 -27.12
C GLU H 4253 -54.54 -43.08 -26.43
N PRO H 4254 -55.00 -43.71 -25.35
CA PRO H 4254 -54.19 -44.66 -24.57
C PRO H 4254 -53.94 -45.97 -25.32
N PHE H 4540 -78.33 -44.19 -23.64
CA PHE H 4540 -77.50 -44.34 -24.83
C PHE H 4540 -76.70 -43.09 -25.11
N TRP H 4541 -77.04 -42.00 -24.40
CA TRP H 4541 -76.34 -40.74 -24.62
C TRP H 4541 -74.88 -40.84 -24.22
N GLY H 4542 -74.58 -41.55 -23.13
CA GLY H 4542 -73.19 -41.74 -22.74
C GLY H 4542 -72.39 -42.49 -23.78
N GLU H 4543 -72.97 -43.56 -24.34
CA GLU H 4543 -72.28 -44.31 -25.38
C GLU H 4543 -72.03 -43.45 -26.61
N LEU H 4544 -73.03 -42.70 -27.04
CA LEU H 4544 -72.84 -41.88 -28.24
C LEU H 4544 -71.82 -40.76 -27.98
N GLU H 4545 -71.81 -40.20 -26.77
CA GLU H 4545 -70.85 -39.15 -26.45
C GLU H 4545 -69.43 -39.69 -26.41
N VAL H 4546 -69.23 -40.86 -25.79
CA VAL H 4546 -67.87 -41.40 -25.75
C VAL H 4546 -67.42 -41.77 -27.15
N GLN H 4547 -68.32 -42.33 -27.97
CA GLN H 4547 -67.93 -42.61 -29.35
C GLN H 4547 -67.66 -41.34 -30.14
N ARG H 4548 -68.41 -40.27 -29.88
CA ARG H 4548 -68.20 -39.03 -30.59
C ARG H 4548 -66.84 -38.41 -30.26
N VAL H 4549 -66.48 -38.41 -28.98
CA VAL H 4549 -65.17 -37.86 -28.61
C VAL H 4549 -64.05 -38.76 -29.10
N LYS H 4550 -64.27 -40.08 -29.10
CA LYS H 4550 -63.26 -40.97 -29.69
C LYS H 4550 -63.07 -40.66 -31.17
N PHE H 4551 -64.15 -40.48 -31.90
CA PHE H 4551 -64.07 -40.17 -33.32
C PHE H 4551 -63.39 -38.83 -33.55
N LEU H 4552 -63.73 -37.83 -32.75
CA LEU H 4552 -63.15 -36.50 -32.90
C LEU H 4552 -61.66 -36.53 -32.60
N ASN H 4553 -61.25 -37.28 -31.57
CA ASN H 4553 -59.83 -37.45 -31.31
C ASN H 4553 -59.14 -38.16 -32.46
N TYR H 4554 -59.82 -39.15 -33.05
CA TYR H 4554 -59.22 -39.86 -34.16
C TYR H 4554 -58.98 -38.93 -35.33
N LEU H 4555 -59.97 -38.09 -35.66
CA LEU H 4555 -59.81 -37.12 -36.73
C LEU H 4555 -58.71 -36.11 -36.42
N SER H 4556 -58.63 -35.67 -35.15
CA SER H 4556 -57.61 -34.71 -34.78
C SER H 4556 -56.21 -35.29 -34.90
N ARG H 4557 -56.03 -36.53 -34.43
CA ARG H 4557 -54.71 -37.16 -34.49
C ARG H 4557 -54.25 -37.35 -35.92
N ASN H 4558 -55.16 -37.73 -36.81
CA ASN H 4558 -54.83 -38.09 -38.18
C ASN H 4558 -55.18 -36.99 -39.17
N PHE H 4559 -55.13 -35.74 -38.74
CA PHE H 4559 -55.54 -34.64 -39.60
C PHE H 4559 -54.63 -34.53 -40.82
N TYR H 4560 -53.32 -34.67 -40.62
CA TYR H 4560 -52.41 -34.55 -41.73
C TYR H 4560 -52.46 -35.76 -42.65
N THR H 4561 -52.69 -36.95 -42.09
CA THR H 4561 -52.85 -38.11 -42.95
C THR H 4561 -54.11 -37.99 -43.78
N LEU H 4562 -55.18 -37.44 -43.21
CA LEU H 4562 -56.37 -37.15 -44.00
C LEU H 4562 -56.08 -36.13 -45.09
N ARG H 4563 -55.28 -35.12 -44.78
CA ARG H 4563 -54.93 -34.11 -45.78
C ARG H 4563 -54.20 -34.76 -46.96
N PHE H 4564 -53.19 -35.57 -46.64
CA PHE H 4564 -52.45 -36.27 -47.68
C PHE H 4564 -53.37 -37.21 -48.46
N LEU H 4565 -54.28 -37.87 -47.78
CA LEU H 4565 -55.21 -38.77 -48.46
C LEU H 4565 -56.09 -37.99 -49.42
N ALA H 4566 -56.52 -36.80 -49.04
CA ALA H 4566 -57.30 -35.96 -49.94
C ALA H 4566 -56.50 -35.60 -51.18
N LEU H 4567 -55.23 -35.24 -51.00
CA LEU H 4567 -54.41 -34.91 -52.15
C LEU H 4567 -54.23 -36.12 -53.07
N PHE H 4568 -53.97 -37.29 -52.49
CA PHE H 4568 -53.79 -38.50 -53.28
C PHE H 4568 -55.06 -38.83 -54.06
N LEU H 4569 -56.22 -38.70 -53.40
CA LEU H 4569 -57.48 -38.94 -54.07
C LEU H 4569 -57.70 -37.96 -55.22
N ALA H 4570 -57.34 -36.69 -55.02
CA ALA H 4570 -57.46 -35.72 -56.11
C ALA H 4570 -56.60 -36.10 -57.30
N PHE H 4571 -55.36 -36.54 -57.02
CA PHE H 4571 -54.49 -36.97 -58.12
C PHE H 4571 -55.10 -38.16 -58.86
N ALA H 4572 -55.64 -39.13 -58.12
CA ALA H 4572 -56.24 -40.29 -58.78
C ALA H 4572 -57.43 -39.87 -59.63
N ILE H 4573 -58.28 -39.00 -59.11
CA ILE H 4573 -59.44 -38.52 -59.86
C ILE H 4573 -58.99 -37.86 -61.15
N ASN H 4574 -57.99 -36.98 -61.06
CA ASN H 4574 -57.54 -36.27 -62.26
C ASN H 4574 -56.90 -37.21 -63.27
N PHE H 4575 -56.13 -38.19 -62.79
CA PHE H 4575 -55.56 -39.18 -63.69
C PHE H 4575 -56.65 -39.94 -64.43
N ILE H 4576 -57.74 -40.26 -63.74
CA ILE H 4576 -58.87 -40.84 -64.45
C ILE H 4576 -59.42 -39.85 -65.47
N LEU H 4577 -59.50 -38.58 -65.09
CA LEU H 4577 -60.09 -37.56 -65.95
C LEU H 4577 -59.27 -37.32 -67.21
N LEU H 4578 -58.00 -37.71 -67.22
CA LEU H 4578 -57.21 -37.56 -68.45
C LEU H 4578 -57.76 -38.40 -69.59
N PHE H 4579 -58.62 -39.37 -69.31
CA PHE H 4579 -59.13 -40.27 -70.33
C PHE H 4579 -60.42 -39.78 -70.94
N TYR H 4580 -60.89 -38.60 -70.56
CA TYR H 4580 -62.15 -38.11 -71.07
C TYR H 4580 -62.07 -37.83 -72.56
N LYS H 4581 -63.22 -37.92 -73.21
CA LYS H 4581 -63.32 -37.73 -74.65
C LYS H 4581 -64.69 -37.13 -74.95
N VAL H 4582 -64.76 -36.31 -75.98
CA VAL H 4582 -66.01 -35.70 -76.41
C VAL H 4582 -66.34 -36.17 -77.82
N SER H 4583 -67.57 -36.64 -78.02
CA SER H 4583 -68.00 -37.11 -79.33
C SER H 4583 -69.45 -36.74 -79.55
N ASP H 4584 -69.82 -36.60 -80.83
CA ASP H 4584 -71.20 -36.27 -81.16
C ASP H 4584 -72.11 -37.49 -81.04
N SER H 4585 -71.61 -38.66 -81.41
CA SER H 4585 -72.39 -39.87 -81.29
C SER H 4585 -72.57 -40.24 -79.82
N PRO H 4586 -73.71 -40.84 -79.45
CA PRO H 4586 -73.88 -41.29 -78.08
C PRO H 4586 -72.86 -42.34 -77.72
N PRO H 4587 -72.44 -42.40 -76.45
CA PRO H 4587 -71.52 -43.42 -75.95
C PRO H 4587 -72.19 -44.76 -75.74
N ASN H 4626 -77.94 -30.36 -81.65
CA ASN H 4626 -76.61 -30.59 -82.22
C ASN H 4626 -75.52 -30.36 -81.18
N MET H 4627 -75.76 -30.82 -79.96
CA MET H 4627 -74.81 -30.65 -78.87
C MET H 4627 -74.15 -31.98 -78.52
N VAL H 4628 -73.01 -31.89 -77.84
CA VAL H 4628 -72.07 -32.99 -77.76
C VAL H 4628 -72.18 -33.70 -76.42
N TYR H 4629 -71.59 -34.89 -76.34
CA TYR H 4629 -71.58 -35.73 -75.15
C TYR H 4629 -70.15 -35.93 -74.67
N TYR H 4630 -69.96 -35.84 -73.35
CA TYR H 4630 -68.67 -36.06 -72.72
C TYR H 4630 -68.71 -37.43 -72.05
N PHE H 4631 -67.68 -38.23 -72.27
CA PHE H 4631 -67.66 -39.56 -71.71
C PHE H 4631 -66.22 -40.07 -71.62
N LEU H 4632 -65.98 -40.93 -70.65
CA LEU H 4632 -64.69 -41.59 -70.54
C LEU H 4632 -64.48 -42.50 -71.73
N GLU H 4633 -63.23 -42.65 -72.14
CA GLU H 4633 -62.88 -43.51 -73.27
C GLU H 4633 -61.80 -44.47 -72.79
N GLU H 4634 -62.22 -45.61 -72.27
CA GLU H 4634 -61.29 -46.61 -71.77
C GLU H 4634 -61.86 -47.99 -72.06
N SER H 4635 -60.98 -48.98 -72.09
CA SER H 4635 -61.38 -50.35 -72.41
C SER H 4635 -61.74 -51.17 -71.19
N THR H 4636 -61.19 -50.85 -70.02
CA THR H 4636 -61.40 -51.70 -68.85
C THR H 4636 -62.87 -51.74 -68.45
N GLY H 4637 -63.57 -50.61 -68.52
CA GLY H 4637 -64.94 -50.53 -68.08
C GLY H 4637 -65.11 -50.32 -66.60
N TYR H 4638 -64.02 -50.22 -65.85
CA TYR H 4638 -64.08 -49.96 -64.42
C TYR H 4638 -63.79 -48.51 -64.06
N MET H 4639 -63.29 -47.72 -65.01
CA MET H 4639 -62.94 -46.33 -64.70
C MET H 4639 -64.16 -45.50 -64.36
N GLU H 4640 -65.27 -45.72 -65.05
CA GLU H 4640 -66.48 -44.95 -64.73
C GLU H 4640 -66.98 -45.22 -63.31
N PRO H 4641 -67.08 -46.47 -62.84
CA PRO H 4641 -67.40 -46.67 -61.43
C PRO H 4641 -66.34 -46.15 -60.48
N ALA H 4642 -65.06 -46.29 -60.85
CA ALA H 4642 -63.99 -45.85 -59.97
C ALA H 4642 -64.05 -44.34 -59.76
N LEU H 4643 -64.37 -43.59 -60.80
CA LEU H 4643 -64.45 -42.14 -60.68
C LEU H 4643 -65.54 -41.73 -59.70
N TRP H 4644 -66.70 -42.35 -59.77
CA TRP H 4644 -67.78 -42.02 -58.83
C TRP H 4644 -67.38 -42.38 -57.41
N CYS H 4645 -66.80 -43.57 -57.23
CA CYS H 4645 -66.39 -43.97 -55.89
C CYS H 4645 -65.36 -43.01 -55.32
N LEU H 4646 -64.37 -42.63 -56.12
CA LEU H 4646 -63.34 -41.71 -55.65
C LEU H 4646 -63.91 -40.32 -55.38
N SER H 4647 -64.88 -39.87 -56.18
CA SER H 4647 -65.47 -38.57 -55.90
C SER H 4647 -66.17 -38.56 -54.55
N LEU H 4648 -66.96 -39.60 -54.28
CA LEU H 4648 -67.61 -39.69 -52.98
C LEU H 4648 -66.58 -39.76 -51.85
N LEU H 4649 -65.56 -40.57 -52.02
CA LEU H 4649 -64.55 -40.72 -50.98
C LEU H 4649 -63.82 -39.41 -50.73
N HIS H 4650 -63.52 -38.67 -51.81
CA HIS H 4650 -62.81 -37.41 -51.66
C HIS H 4650 -63.64 -36.37 -50.94
N THR H 4651 -64.94 -36.29 -51.26
CA THR H 4651 -65.79 -35.35 -50.54
C THR H 4651 -65.85 -35.70 -49.06
N LEU H 4652 -65.98 -37.00 -48.75
CA LEU H 4652 -65.98 -37.40 -47.35
C LEU H 4652 -64.67 -37.05 -46.66
N VAL H 4653 -63.55 -37.27 -47.33
CA VAL H 4653 -62.25 -36.98 -46.72
C VAL H 4653 -62.11 -35.49 -46.47
N ALA H 4654 -62.58 -34.66 -47.41
CA ALA H 4654 -62.53 -33.23 -47.19
C ALA H 4654 -63.35 -32.83 -45.97
N PHE H 4655 -64.55 -33.40 -45.83
CA PHE H 4655 -65.36 -33.09 -44.66
C PHE H 4655 -64.66 -33.48 -43.37
N LEU H 4656 -64.03 -34.65 -43.36
CA LEU H 4656 -63.31 -35.07 -42.17
C LEU H 4656 -62.14 -34.15 -41.88
N CYS H 4657 -61.49 -33.63 -42.93
CA CYS H 4657 -60.42 -32.67 -42.72
C CYS H 4657 -60.93 -31.39 -42.07
N ILE H 4658 -62.09 -30.91 -42.51
CA ILE H 4658 -62.71 -29.74 -41.87
C ILE H 4658 -62.92 -30.00 -40.40
N ILE H 4659 -63.51 -31.15 -40.06
CA ILE H 4659 -63.80 -31.44 -38.66
C ILE H 4659 -62.50 -31.54 -37.85
N GLY H 4660 -61.50 -32.22 -38.38
CA GLY H 4660 -60.26 -32.33 -37.66
C GLY H 4660 -59.59 -31.00 -37.42
N TYR H 4661 -59.68 -30.10 -38.40
CA TYR H 4661 -59.12 -28.77 -38.21
C TYR H 4661 -59.85 -28.02 -37.12
N ASN H 4662 -61.18 -28.06 -37.13
CA ASN H 4662 -61.85 -27.29 -36.09
C ASN H 4662 -61.75 -27.94 -34.72
N CYS H 4663 -61.32 -29.19 -34.66
CA CYS H 4663 -61.05 -29.83 -33.38
C CYS H 4663 -59.60 -29.73 -32.93
N LEU H 4664 -58.69 -29.32 -33.82
CA LEU H 4664 -57.26 -29.36 -33.50
C LEU H 4664 -56.60 -27.99 -33.46
N LYS H 4665 -56.94 -27.08 -34.38
CA LYS H 4665 -56.30 -25.77 -34.45
C LYS H 4665 -57.18 -24.62 -33.98
N VAL H 4666 -58.47 -24.70 -34.27
CA VAL H 4666 -59.39 -23.63 -33.86
C VAL H 4666 -59.30 -23.35 -32.36
N PRO H 4667 -59.15 -24.35 -31.48
CA PRO H 4667 -58.93 -24.01 -30.08
C PRO H 4667 -57.74 -23.09 -29.85
N LEU H 4668 -56.63 -23.30 -30.55
CA LEU H 4668 -55.50 -22.39 -30.39
C LEU H 4668 -55.83 -21.01 -30.93
N VAL H 4669 -56.54 -20.94 -32.05
CA VAL H 4669 -56.93 -19.64 -32.59
C VAL H 4669 -57.74 -18.85 -31.57
N ILE H 4670 -58.78 -19.47 -31.02
CA ILE H 4670 -59.63 -18.79 -30.05
C ILE H 4670 -58.85 -18.48 -28.79
N PHE H 4671 -57.93 -19.36 -28.38
CA PHE H 4671 -57.13 -19.11 -27.20
C PHE H 4671 -56.28 -17.87 -27.36
N LYS H 4672 -55.56 -17.78 -28.47
CA LYS H 4672 -54.72 -16.63 -28.70
C LYS H 4672 -55.55 -15.36 -28.71
N ARG H 4673 -56.70 -15.40 -29.37
CA ARG H 4673 -57.51 -14.20 -29.47
C ARG H 4673 -58.06 -13.78 -28.11
N GLU H 4674 -58.56 -14.73 -27.33
CA GLU H 4674 -59.04 -14.39 -25.99
C GLU H 4674 -57.93 -13.85 -25.12
N LYS H 4675 -56.74 -14.45 -25.21
CA LYS H 4675 -55.64 -14.03 -24.35
C LYS H 4675 -55.22 -12.59 -24.66
N GLU H 4676 -55.07 -12.28 -25.95
CA GLU H 4676 -54.70 -10.90 -26.30
C GLU H 4676 -55.80 -9.93 -25.91
N LEU H 4677 -57.07 -10.30 -26.11
CA LEU H 4677 -58.15 -9.40 -25.73
C LEU H 4677 -58.15 -9.13 -24.23
N ALA H 4678 -57.95 -10.18 -23.42
CA ALA H 4678 -57.97 -10.00 -21.98
C ALA H 4678 -56.82 -9.13 -21.52
N ARG H 4679 -55.63 -9.35 -22.07
CA ARG H 4679 -54.50 -8.53 -21.62
C ARG H 4679 -54.65 -7.09 -22.08
N LYS H 4680 -55.27 -6.85 -23.23
CA LYS H 4680 -55.55 -5.48 -23.61
C LYS H 4680 -56.62 -4.84 -22.74
N LEU H 4681 -57.62 -5.60 -22.32
CA LEU H 4681 -58.60 -5.06 -21.37
C LEU H 4681 -57.93 -4.67 -20.07
N GLU H 4682 -57.10 -5.55 -19.52
CA GLU H 4682 -56.57 -5.31 -18.19
C GLU H 4682 -55.44 -4.29 -18.20
N PHE H 4683 -54.38 -4.57 -18.94
CA PHE H 4683 -53.20 -3.72 -18.86
C PHE H 4683 -53.27 -2.47 -19.73
N ASP H 4684 -54.34 -2.30 -20.52
CA ASP H 4684 -54.46 -1.14 -21.38
C ASP H 4684 -55.81 -0.44 -21.33
N GLY H 4685 -56.87 -1.10 -20.87
CA GLY H 4685 -58.17 -0.48 -20.88
C GLY H 4685 -58.67 -0.19 -22.28
N LEU H 4686 -58.66 -1.21 -23.14
CA LEU H 4686 -59.04 -1.00 -24.53
C LEU H 4686 -60.43 -0.40 -24.67
N TYR H 4687 -61.41 -1.03 -24.05
CA TYR H 4687 -62.80 -0.58 -24.18
C TYR H 4687 -63.24 0.23 -22.98
N ILE H 4688 -62.33 0.54 -22.07
CA ILE H 4688 -62.61 1.39 -20.92
C ILE H 4688 -62.08 2.80 -21.14
N THR H 4689 -60.90 2.93 -21.73
CA THR H 4689 -60.26 4.23 -21.91
C THR H 4689 -60.20 4.65 -23.38
N GLU H 4690 -59.56 3.86 -24.24
CA GLU H 4690 -59.22 4.38 -25.56
C GLU H 4690 -60.34 4.22 -26.58
N GLN H 4691 -60.99 3.05 -26.63
CA GLN H 4691 -62.09 2.83 -27.56
C GLN H 4691 -61.66 2.97 -29.02
N PRO H 4692 -61.00 1.93 -29.60
CA PRO H 4692 -60.59 1.98 -31.01
C PRO H 4692 -61.61 2.63 -31.96
N GLY H 4693 -61.11 3.32 -32.98
CA GLY H 4693 -61.94 4.16 -33.82
C GLY H 4693 -62.49 3.54 -35.09
N ASP H 4694 -63.15 2.40 -34.98
CA ASP H 4694 -63.97 1.79 -36.03
C ASP H 4694 -63.16 1.35 -37.26
N ASP H 4695 -61.87 1.63 -37.29
CA ASP H 4695 -61.01 1.21 -38.39
C ASP H 4695 -60.32 -0.12 -38.12
N ASP H 4696 -60.34 -0.59 -36.88
CA ASP H 4696 -59.76 -1.86 -36.48
C ASP H 4696 -60.88 -2.88 -36.46
N VAL H 4697 -60.99 -3.67 -37.52
CA VAL H 4697 -62.08 -4.63 -37.63
C VAL H 4697 -61.98 -5.68 -36.52
N LYS H 4698 -60.75 -6.07 -36.16
CA LYS H 4698 -60.56 -7.01 -35.06
C LYS H 4698 -61.11 -6.45 -33.75
N GLY H 4699 -60.69 -5.24 -33.40
CA GLY H 4699 -61.14 -4.63 -32.15
C GLY H 4699 -62.63 -4.38 -32.14
N GLN H 4700 -63.19 -4.00 -33.29
CA GLN H 4700 -64.63 -3.77 -33.35
C GLN H 4700 -65.41 -5.07 -33.25
N TRP H 4701 -64.87 -6.16 -33.78
CA TRP H 4701 -65.56 -7.43 -33.67
C TRP H 4701 -65.46 -8.01 -32.28
N ASP H 4702 -64.38 -7.72 -31.57
CA ASP H 4702 -64.26 -8.25 -30.21
C ASP H 4702 -65.28 -7.66 -29.25
N ARG H 4703 -65.99 -6.61 -29.63
CA ARG H 4703 -66.97 -6.03 -28.72
C ARG H 4703 -68.12 -6.99 -28.44
N LEU H 4704 -68.38 -7.94 -29.34
CA LEU H 4704 -69.49 -8.86 -29.15
C LEU H 4704 -69.27 -9.84 -28.02
N VAL H 4705 -68.01 -10.05 -27.59
CA VAL H 4705 -67.71 -11.11 -26.64
C VAL H 4705 -67.58 -10.61 -25.22
N LEU H 4706 -67.51 -9.30 -24.99
CA LEU H 4706 -67.19 -8.80 -23.67
C LEU H 4706 -68.24 -9.19 -22.65
N ASN H 4707 -69.51 -8.97 -22.96
CA ASN H 4707 -70.58 -9.22 -22.02
C ASN H 4707 -71.09 -10.65 -22.03
N THR H 4708 -70.44 -11.53 -22.79
CA THR H 4708 -70.85 -12.91 -22.84
C THR H 4708 -70.57 -13.59 -21.50
N PRO H 4709 -71.41 -14.53 -21.07
CA PRO H 4709 -71.14 -15.26 -19.84
C PRO H 4709 -69.86 -16.05 -19.89
N SER H 4710 -69.40 -16.40 -21.09
CA SER H 4710 -68.31 -17.35 -21.24
C SER H 4710 -67.19 -16.78 -22.09
N PHE H 4711 -66.80 -15.54 -21.86
CA PHE H 4711 -65.78 -14.92 -22.70
C PHE H 4711 -64.44 -15.62 -22.59
N PRO H 4712 -63.88 -15.87 -21.41
CA PRO H 4712 -62.66 -16.69 -21.41
C PRO H 4712 -62.98 -18.17 -21.34
N SER H 4713 -63.30 -18.75 -22.51
CA SER H 4713 -63.60 -20.17 -22.59
C SER H 4713 -62.34 -21.00 -22.75
N ASN H 4714 -61.45 -20.58 -23.66
CA ASN H 4714 -60.18 -21.29 -23.86
C ASN H 4714 -59.04 -20.72 -23.05
N TYR H 4715 -59.00 -19.40 -22.91
CA TYR H 4715 -58.01 -18.75 -22.07
C TYR H 4715 -58.17 -19.19 -20.63
N TRP H 4716 -57.08 -19.41 -19.92
CA TRP H 4716 -57.14 -20.04 -18.57
C TRP H 4716 -57.69 -19.14 -17.51
N ASP H 4717 -57.74 -17.86 -17.75
CA ASP H 4717 -58.08 -16.90 -16.70
C ASP H 4717 -59.58 -16.67 -16.68
N LYS H 4718 -60.26 -17.21 -15.68
CA LYS H 4718 -61.69 -17.02 -15.54
C LYS H 4718 -62.04 -15.86 -14.63
N PHE H 4719 -61.04 -15.07 -14.22
CA PHE H 4719 -61.26 -13.95 -13.31
C PHE H 4719 -60.80 -12.63 -13.93
N VAL H 4720 -60.68 -12.62 -15.25
CA VAL H 4720 -60.24 -11.43 -15.95
C VAL H 4720 -61.21 -10.29 -15.75
N LYS H 4721 -62.51 -10.59 -15.75
CA LYS H 4721 -63.51 -9.56 -15.55
C LYS H 4721 -63.42 -8.98 -14.15
N ARG H 4722 -63.23 -9.83 -13.15
CA ARG H 4722 -63.04 -9.34 -11.79
C ARG H 4722 -61.81 -8.44 -11.71
N LYS H 4723 -60.72 -8.83 -12.36
CA LYS H 4723 -59.52 -8.01 -12.34
C LYS H 4723 -59.74 -6.67 -13.02
N VAL H 4724 -60.40 -6.68 -14.17
CA VAL H 4724 -60.69 -5.43 -14.89
C VAL H 4724 -61.56 -4.51 -14.03
N LEU H 4725 -62.58 -5.09 -13.39
CA LEU H 4725 -63.43 -4.27 -12.53
C LEU H 4725 -62.64 -3.69 -11.37
N ASP H 4726 -61.89 -4.54 -10.66
CA ASP H 4726 -61.11 -4.03 -9.53
C ASP H 4726 -60.10 -3.00 -9.96
N LYS H 4727 -59.68 -3.01 -11.22
CA LYS H 4727 -58.68 -2.03 -11.66
C LYS H 4727 -59.30 -0.73 -12.14
N HIS H 4728 -60.46 -0.75 -12.80
CA HIS H 4728 -60.98 0.43 -13.45
C HIS H 4728 -62.31 0.93 -12.91
N GLY H 4729 -62.98 0.18 -12.04
CA GLY H 4729 -64.34 0.54 -11.67
C GLY H 4729 -64.42 1.79 -10.84
N ASP H 4730 -63.42 2.03 -9.98
CA ASP H 4730 -63.46 3.21 -9.14
C ASP H 4730 -63.46 4.47 -9.99
N ILE H 4731 -62.60 4.54 -11.00
CA ILE H 4731 -62.47 5.75 -11.79
C ILE H 4731 -63.50 5.86 -12.89
N PHE H 4732 -63.89 4.74 -13.52
CA PHE H 4732 -64.84 4.80 -14.61
C PHE H 4732 -66.25 4.35 -14.26
N GLY H 4733 -66.50 3.92 -13.03
CA GLY H 4733 -67.84 3.51 -12.66
C GLY H 4733 -67.99 2.02 -12.60
N ARG H 4734 -68.15 1.48 -11.39
CA ARG H 4734 -68.23 0.04 -11.21
C ARG H 4734 -69.44 -0.54 -11.95
N GLU H 4735 -70.59 0.12 -11.85
CA GLU H 4735 -71.77 -0.37 -12.53
C GLU H 4735 -71.63 -0.28 -14.05
N ARG H 4736 -70.97 0.78 -14.54
CA ARG H 4736 -70.74 0.89 -15.98
C ARG H 4736 -69.82 -0.22 -16.47
N ILE H 4737 -68.75 -0.51 -15.73
CA ILE H 4737 -67.86 -1.61 -16.08
C ILE H 4737 -68.60 -2.94 -16.02
N ALA H 4738 -69.45 -3.11 -15.01
CA ALA H 4738 -70.21 -4.35 -14.89
C ALA H 4738 -71.14 -4.54 -16.06
N GLU H 4739 -71.77 -3.46 -16.52
CA GLU H 4739 -72.61 -3.56 -17.71
C GLU H 4739 -71.78 -3.84 -18.95
N LEU H 4740 -70.60 -3.23 -19.03
CA LEU H 4740 -69.73 -3.47 -20.17
C LEU H 4740 -69.32 -4.92 -20.27
N LEU H 4741 -68.94 -5.51 -19.15
CA LEU H 4741 -68.46 -6.89 -19.13
C LEU H 4741 -69.56 -7.90 -18.85
N GLY H 4742 -70.81 -7.45 -18.71
CA GLY H 4742 -71.89 -8.37 -18.44
C GLY H 4742 -71.77 -9.07 -17.10
N MET H 4743 -71.40 -8.34 -16.06
CA MET H 4743 -71.26 -8.90 -14.72
C MET H 4743 -72.44 -8.50 -13.86
N ASP H 4744 -72.72 -9.33 -12.85
CA ASP H 4744 -73.71 -9.00 -11.83
C ASP H 4744 -72.95 -8.66 -10.55
N LEU H 4745 -73.09 -7.42 -10.09
CA LEU H 4745 -72.33 -6.98 -8.92
C LEU H 4745 -72.78 -7.71 -7.66
N ALA H 4746 -74.03 -8.17 -7.62
CA ALA H 4746 -74.52 -8.86 -6.43
C ALA H 4746 -73.94 -10.25 -6.27
N SER H 4747 -73.69 -10.97 -7.36
CA SER H 4747 -73.28 -12.36 -7.31
C SER H 4747 -71.86 -12.56 -6.80
N LEU H 4748 -71.01 -11.53 -6.88
CA LEU H 4748 -69.62 -11.69 -6.49
C LEU H 4748 -69.51 -12.05 -5.02
N GLU H 4749 -70.28 -11.37 -4.18
CA GLU H 4749 -70.21 -11.62 -2.75
C GLU H 4749 -70.61 -13.05 -2.41
N ILE H 4750 -71.72 -13.53 -2.97
CA ILE H 4750 -72.19 -14.88 -2.64
C ILE H 4750 -71.22 -15.93 -3.19
N THR H 4751 -70.63 -15.68 -4.36
CA THR H 4751 -69.63 -16.62 -4.88
C THR H 4751 -68.43 -16.68 -3.95
N ALA H 4752 -68.00 -15.54 -3.42
CA ALA H 4752 -66.97 -15.57 -2.38
C ALA H 4752 -67.47 -16.24 -1.10
N HIS H 4753 -68.77 -16.15 -0.83
CA HIS H 4753 -69.33 -16.69 0.39
C HIS H 4753 -69.24 -18.21 0.41
N ASN H 4754 -69.89 -18.86 -0.55
CA ASN H 4754 -69.97 -20.32 -0.53
C ASN H 4754 -70.15 -20.81 -1.97
N GLU H 4755 -70.08 -22.13 -2.13
CA GLU H 4755 -70.19 -22.78 -3.42
C GLU H 4755 -71.51 -23.52 -3.51
N ARG H 4756 -72.20 -23.38 -4.64
CA ARG H 4756 -73.46 -24.05 -4.89
C ARG H 4756 -73.24 -25.26 -5.77
N LYS H 4757 -73.95 -26.35 -5.47
CA LYS H 4757 -73.88 -27.60 -6.23
C LYS H 4757 -75.26 -27.87 -6.81
N PRO H 4758 -75.55 -27.38 -8.00
CA PRO H 4758 -76.88 -27.56 -8.59
C PRO H 4758 -77.02 -28.94 -9.22
N ASP H 4759 -78.18 -29.18 -9.81
CA ASP H 4759 -78.45 -30.42 -10.52
C ASP H 4759 -78.08 -30.25 -11.99
N PRO H 4760 -77.08 -30.98 -12.49
CA PRO H 4760 -76.75 -30.95 -13.92
C PRO H 4760 -77.47 -32.02 -14.70
N PRO H 4761 -78.73 -31.81 -15.09
CA PRO H 4761 -79.48 -32.88 -15.75
C PRO H 4761 -78.91 -33.16 -17.13
N PRO H 4762 -78.56 -34.41 -17.42
CA PRO H 4762 -77.96 -34.77 -18.72
C PRO H 4762 -78.99 -34.92 -19.84
N GLY H 4763 -79.71 -33.85 -20.12
CA GLY H 4763 -80.73 -33.83 -21.17
C GLY H 4763 -80.37 -32.85 -22.27
N LEU H 4764 -80.65 -33.25 -23.52
CA LEU H 4764 -80.41 -32.36 -24.65
C LEU H 4764 -81.32 -31.15 -24.60
N LEU H 4765 -82.56 -31.32 -24.13
CA LEU H 4765 -83.44 -30.17 -23.95
C LEU H 4765 -82.82 -29.17 -22.99
N THR H 4766 -82.28 -29.64 -21.87
CA THR H 4766 -81.65 -28.75 -20.91
C THR H 4766 -80.37 -28.13 -21.47
N TRP H 4767 -79.66 -28.88 -22.32
CA TRP H 4767 -78.47 -28.35 -22.97
C TRP H 4767 -78.82 -27.29 -24.02
N LEU H 4768 -80.05 -27.29 -24.53
CA LEU H 4768 -80.41 -26.39 -25.61
C LEU H 4768 -80.18 -24.94 -25.24
N MET H 4769 -80.90 -24.43 -24.24
CA MET H 4769 -80.78 -23.02 -23.86
C MET H 4769 -79.39 -22.65 -23.37
N SER H 4770 -78.59 -23.61 -22.93
CA SER H 4770 -77.27 -23.32 -22.39
C SER H 4770 -76.28 -22.80 -23.43
N ILE H 4771 -76.70 -22.63 -24.68
CA ILE H 4771 -75.82 -22.15 -25.73
C ILE H 4771 -75.72 -20.64 -25.67
N ASP H 4772 -74.50 -20.14 -25.57
CA ASP H 4772 -74.22 -18.70 -25.57
C ASP H 4772 -74.14 -18.22 -27.01
N VAL H 4773 -75.28 -17.75 -27.53
CA VAL H 4773 -75.39 -17.50 -28.96
C VAL H 4773 -74.45 -16.38 -29.40
N LYS H 4774 -74.33 -15.32 -28.60
CA LYS H 4774 -73.47 -14.21 -28.98
C LYS H 4774 -72.01 -14.64 -29.01
N TYR H 4775 -71.59 -15.42 -28.01
CA TYR H 4775 -70.24 -15.95 -28.02
C TYR H 4775 -70.01 -16.83 -29.23
N GLN H 4776 -71.02 -17.63 -29.60
CA GLN H 4776 -70.87 -18.52 -30.74
C GLN H 4776 -70.78 -17.74 -32.04
N ILE H 4777 -71.55 -16.67 -32.16
CA ILE H 4777 -71.47 -15.83 -33.36
C ILE H 4777 -70.09 -15.20 -33.47
N TRP H 4778 -69.57 -14.71 -32.34
CA TRP H 4778 -68.22 -14.17 -32.33
C TRP H 4778 -67.19 -15.23 -32.72
N LYS H 4779 -67.31 -16.42 -32.15
CA LYS H 4779 -66.34 -17.47 -32.43
C LYS H 4779 -66.39 -17.88 -33.88
N PHE H 4780 -67.59 -17.99 -34.44
CA PHE H 4780 -67.71 -18.38 -35.84
C PHE H 4780 -67.22 -17.29 -36.77
N GLY H 4781 -67.38 -16.03 -36.39
CA GLY H 4781 -66.76 -14.96 -37.16
C GLY H 4781 -65.24 -15.05 -37.15
N VAL H 4782 -64.67 -15.31 -35.98
CA VAL H 4782 -63.23 -15.47 -35.89
C VAL H 4782 -62.76 -16.64 -36.73
N ILE H 4783 -63.49 -17.75 -36.70
CA ILE H 4783 -63.12 -18.92 -37.50
C ILE H 4783 -63.23 -18.62 -38.99
N PHE H 4784 -64.31 -18.00 -39.42
CA PHE H 4784 -64.48 -17.67 -40.83
C PHE H 4784 -63.50 -16.62 -41.32
N THR H 4785 -62.90 -15.85 -40.42
CA THR H 4785 -61.83 -14.95 -40.83
C THR H 4785 -60.45 -15.57 -40.66
N ASP H 4786 -60.37 -16.89 -40.66
CA ASP H 4786 -59.09 -17.60 -40.54
C ASP H 4786 -58.70 -18.18 -41.89
N ASN H 4787 -57.45 -18.00 -42.28
CA ASN H 4787 -57.01 -18.37 -43.61
C ASN H 4787 -57.06 -19.88 -43.83
N SER H 4788 -56.58 -20.65 -42.86
CA SER H 4788 -56.55 -22.10 -43.05
C SER H 4788 -57.96 -22.66 -43.13
N PHE H 4789 -58.86 -22.19 -42.27
CA PHE H 4789 -60.23 -22.64 -42.34
C PHE H 4789 -60.89 -22.24 -43.63
N LEU H 4790 -60.62 -21.01 -44.11
CA LEU H 4790 -61.19 -20.57 -45.37
C LEU H 4790 -60.70 -21.45 -46.51
N TYR H 4791 -59.42 -21.80 -46.49
CA TYR H 4791 -58.89 -22.67 -47.53
C TYR H 4791 -59.54 -24.05 -47.50
N LEU H 4792 -59.73 -24.60 -46.30
CA LEU H 4792 -60.39 -25.90 -46.21
C LEU H 4792 -61.85 -25.83 -46.63
N GLY H 4793 -62.53 -24.72 -46.33
CA GLY H 4793 -63.88 -24.57 -46.79
C GLY H 4793 -63.98 -24.43 -48.30
N TRP H 4794 -63.00 -23.76 -48.90
CA TRP H 4794 -62.96 -23.70 -50.36
C TRP H 4794 -62.71 -25.06 -50.95
N TYR H 4795 -61.85 -25.85 -50.31
CA TYR H 4795 -61.66 -27.23 -50.70
C TYR H 4795 -62.98 -27.98 -50.67
N MET H 4796 -63.75 -27.78 -49.60
CA MET H 4796 -65.09 -28.34 -49.47
C MET H 4796 -65.96 -27.98 -50.65
N VAL H 4797 -66.04 -26.68 -50.95
CA VAL H 4797 -66.99 -26.20 -51.94
C VAL H 4797 -66.63 -26.75 -53.32
N MET H 4798 -65.34 -26.76 -53.65
CA MET H 4798 -64.94 -27.28 -54.94
C MET H 4798 -65.13 -28.80 -55.02
N SER H 4799 -64.89 -29.51 -53.91
CA SER H 4799 -65.16 -30.94 -53.91
C SER H 4799 -66.63 -31.22 -54.15
N LEU H 4800 -67.50 -30.44 -53.53
CA LEU H 4800 -68.93 -30.63 -53.76
C LEU H 4800 -69.33 -30.29 -55.19
N LEU H 4801 -68.77 -29.21 -55.73
CA LEU H 4801 -69.08 -28.84 -57.10
C LEU H 4801 -68.55 -29.87 -58.09
N GLY H 4802 -67.55 -30.64 -57.68
CA GLY H 4802 -67.06 -31.71 -58.53
C GLY H 4802 -68.12 -32.75 -58.85
N HIS H 4803 -69.15 -32.86 -58.01
CA HIS H 4803 -70.24 -33.77 -58.31
C HIS H 4803 -71.16 -33.19 -59.36
N TYR H 4804 -71.34 -31.87 -59.35
CA TYR H 4804 -72.07 -31.21 -60.43
C TYR H 4804 -71.33 -31.34 -61.75
N ASN H 4805 -70.00 -31.21 -61.72
CA ASN H 4805 -69.17 -31.40 -62.89
C ASN H 4805 -67.81 -31.88 -62.43
N ASN H 4806 -67.41 -33.07 -62.91
CA ASN H 4806 -66.22 -33.71 -62.36
C ASN H 4806 -64.94 -32.93 -62.62
N PHE H 4807 -64.96 -31.99 -63.57
CA PHE H 4807 -63.74 -31.24 -63.84
C PHE H 4807 -63.43 -30.22 -62.77
N PHE H 4808 -64.35 -29.98 -61.84
CA PHE H 4808 -64.03 -29.10 -60.73
C PHE H 4808 -63.06 -29.76 -59.76
N PHE H 4809 -62.80 -31.05 -59.93
CA PHE H 4809 -61.79 -31.73 -59.14
C PHE H 4809 -60.39 -31.38 -59.60
N ALA H 4810 -60.25 -30.74 -60.77
CA ALA H 4810 -58.94 -30.27 -61.20
C ALA H 4810 -58.42 -29.19 -60.27
N ALA H 4811 -59.31 -28.42 -59.66
CA ALA H 4811 -58.90 -27.33 -58.79
C ALA H 4811 -58.15 -27.87 -57.57
N HIS H 4812 -58.48 -29.07 -57.12
CA HIS H 4812 -57.82 -29.63 -55.95
C HIS H 4812 -56.36 -29.99 -56.24
N LEU H 4813 -55.99 -30.08 -57.51
CA LEU H 4813 -54.58 -30.26 -57.84
C LEU H 4813 -53.74 -29.08 -57.41
N LEU H 4814 -54.36 -27.92 -57.16
CA LEU H 4814 -53.61 -26.77 -56.68
C LEU H 4814 -53.16 -26.96 -55.24
N ASP H 4815 -53.65 -27.99 -54.57
CA ASP H 4815 -53.34 -28.20 -53.17
C ASP H 4815 -51.87 -28.48 -52.94
N ILE H 4816 -51.14 -28.90 -53.98
CA ILE H 4816 -49.75 -29.25 -53.81
C ILE H 4816 -48.92 -28.07 -53.32
N ALA H 4817 -49.39 -26.84 -53.59
CA ALA H 4817 -48.65 -25.66 -53.16
C ALA H 4817 -48.60 -25.55 -51.65
N MET H 4818 -49.72 -25.81 -50.97
CA MET H 4818 -49.76 -25.84 -49.52
C MET H 4818 -49.35 -27.18 -48.93
N GLY H 4819 -49.50 -28.27 -49.67
CA GLY H 4819 -49.11 -29.57 -49.16
C GLY H 4819 -47.60 -29.71 -49.05
N VAL H 4820 -46.86 -29.12 -49.97
CA VAL H 4820 -45.42 -29.32 -50.07
C VAL H 4820 -44.72 -28.03 -49.68
N LYS H 4821 -43.85 -28.12 -48.68
CA LYS H 4821 -43.09 -26.95 -48.26
C LYS H 4821 -42.21 -26.42 -49.38
N THR H 4822 -41.76 -27.29 -50.28
CA THR H 4822 -40.95 -26.84 -51.40
C THR H 4822 -41.74 -25.94 -52.34
N LEU H 4823 -42.95 -26.38 -52.73
CA LEU H 4823 -43.79 -25.53 -53.55
C LEU H 4823 -44.16 -24.26 -52.82
N ARG H 4824 -44.40 -24.36 -51.51
CA ARG H 4824 -44.81 -23.18 -50.77
C ARG H 4824 -43.70 -22.14 -50.76
N THR H 4825 -42.45 -22.59 -50.60
CA THR H 4825 -41.34 -21.65 -50.68
C THR H 4825 -41.20 -21.07 -52.08
N ILE H 4826 -41.35 -21.90 -53.11
CA ILE H 4826 -41.19 -21.40 -54.47
C ILE H 4826 -42.25 -20.34 -54.77
N LEU H 4827 -43.49 -20.56 -54.35
CA LEU H 4827 -44.54 -19.60 -54.63
C LEU H 4827 -44.45 -18.38 -53.73
N SER H 4828 -43.90 -18.54 -52.52
CA SER H 4828 -43.58 -17.37 -51.72
C SER H 4828 -42.54 -16.51 -52.41
N SER H 4829 -41.66 -17.15 -53.18
CA SER H 4829 -40.69 -16.40 -53.98
C SER H 4829 -41.36 -15.57 -55.07
N VAL H 4830 -42.63 -15.79 -55.36
CA VAL H 4830 -43.39 -14.94 -56.26
C VAL H 4830 -44.21 -13.91 -55.49
N THR H 4831 -44.91 -14.36 -54.45
CA THR H 4831 -45.76 -13.48 -53.67
C THR H 4831 -44.98 -12.46 -52.85
N HIS H 4832 -43.65 -12.64 -52.73
CA HIS H 4832 -42.85 -11.75 -51.91
C HIS H 4832 -42.89 -10.32 -52.44
N ASN H 4833 -42.92 -10.16 -53.76
CA ASN H 4833 -42.96 -8.85 -54.41
C ASN H 4833 -44.26 -8.67 -55.20
N GLY H 4834 -45.37 -9.12 -54.64
CA GLY H 4834 -46.62 -9.11 -55.37
C GLY H 4834 -47.09 -7.69 -55.68
N LYS H 4835 -46.91 -6.78 -54.74
CA LYS H 4835 -47.31 -5.40 -54.97
C LYS H 4835 -46.49 -4.80 -56.11
N GLN H 4836 -45.18 -5.07 -56.13
CA GLN H 4836 -44.34 -4.62 -57.23
C GLN H 4836 -44.80 -5.23 -58.56
N LEU H 4837 -45.14 -6.51 -58.57
CA LEU H 4837 -45.54 -7.15 -59.82
C LEU H 4837 -46.84 -6.54 -60.34
N VAL H 4838 -47.82 -6.34 -59.47
CA VAL H 4838 -49.07 -5.74 -59.92
C VAL H 4838 -48.83 -4.32 -60.41
N MET H 4839 -48.00 -3.56 -59.70
CA MET H 4839 -47.75 -2.19 -60.11
C MET H 4839 -47.02 -2.13 -61.45
N THR H 4840 -46.07 -3.03 -61.68
CA THR H 4840 -45.36 -2.99 -62.96
C THR H 4840 -46.24 -3.47 -64.10
N VAL H 4841 -47.17 -4.39 -63.84
CA VAL H 4841 -48.14 -4.75 -64.87
C VAL H 4841 -49.02 -3.55 -65.20
N GLY H 4842 -49.43 -2.79 -64.19
CA GLY H 4842 -50.20 -1.58 -64.45
C GLY H 4842 -49.42 -0.56 -65.27
N LEU H 4843 -48.13 -0.39 -64.95
CA LEU H 4843 -47.30 0.51 -65.72
C LEU H 4843 -47.16 0.05 -67.17
N LEU H 4844 -47.05 -1.27 -67.37
CA LEU H 4844 -47.02 -1.83 -68.71
C LEU H 4844 -48.30 -1.50 -69.45
N ALA H 4845 -49.45 -1.63 -68.78
CA ALA H 4845 -50.71 -1.27 -69.41
C ALA H 4845 -50.73 0.19 -69.83
N VAL H 4846 -50.20 1.07 -68.97
CA VAL H 4846 -50.21 2.50 -69.29
C VAL H 4846 -49.31 2.79 -70.49
N VAL H 4847 -48.11 2.20 -70.53
CA VAL H 4847 -47.21 2.49 -71.65
C VAL H 4847 -47.77 1.94 -72.95
N VAL H 4848 -48.39 0.76 -72.89
CA VAL H 4848 -49.00 0.22 -74.09
C VAL H 4848 -50.15 1.12 -74.54
N TYR H 4849 -50.87 1.71 -73.58
CA TYR H 4849 -51.93 2.63 -73.95
C TYR H 4849 -51.38 3.86 -74.65
N LEU H 4850 -50.25 4.38 -74.18
CA LEU H 4850 -49.65 5.52 -74.85
C LEU H 4850 -49.26 5.18 -76.28
N TYR H 4851 -48.69 3.98 -76.48
CA TYR H 4851 -48.37 3.55 -77.83
C TYR H 4851 -49.63 3.39 -78.66
N THR H 4852 -50.71 2.92 -78.05
CA THR H 4852 -51.98 2.78 -78.75
C THR H 4852 -52.50 4.14 -79.22
N VAL H 4853 -52.38 5.16 -78.37
CA VAL H 4853 -52.80 6.50 -78.75
C VAL H 4853 -52.00 6.98 -79.95
N VAL H 4854 -50.68 6.79 -79.90
CA VAL H 4854 -49.84 7.22 -81.01
C VAL H 4854 -50.22 6.50 -82.30
N ALA H 4855 -50.41 5.19 -82.21
CA ALA H 4855 -50.74 4.39 -83.38
C ALA H 4855 -52.07 4.81 -83.98
N PHE H 4856 -53.07 5.04 -83.13
CA PHE H 4856 -54.37 5.45 -83.64
C PHE H 4856 -54.28 6.78 -84.33
N ASN H 4857 -53.50 7.72 -83.79
CA ASN H 4857 -53.45 9.04 -84.39
C ASN H 4857 -52.68 9.02 -85.70
N PHE H 4858 -51.64 8.21 -85.82
CA PHE H 4858 -50.78 8.34 -86.99
C PHE H 4858 -50.62 7.10 -87.85
N PHE H 4859 -50.48 5.91 -87.27
CA PHE H 4859 -50.06 4.73 -88.02
C PHE H 4859 -51.22 3.79 -88.32
N ARG H 4860 -52.42 4.35 -88.55
CA ARG H 4860 -53.61 3.52 -88.67
C ARG H 4860 -53.56 2.63 -89.91
N LYS H 4861 -52.82 3.04 -90.94
CA LYS H 4861 -52.81 2.28 -92.19
C LYS H 4861 -52.21 0.90 -92.00
N PHE H 4862 -51.24 0.77 -91.10
CA PHE H 4862 -50.44 -0.44 -91.02
C PHE H 4862 -51.11 -1.56 -90.25
N TYR H 4863 -52.30 -1.31 -89.68
CA TYR H 4863 -52.95 -2.27 -88.80
C TYR H 4863 -54.06 -3.03 -89.52
N ASN H 4864 -53.86 -3.31 -90.80
CA ASN H 4864 -54.76 -4.16 -91.56
C ASN H 4864 -54.27 -5.60 -91.45
N LYS H 4865 -54.99 -6.42 -90.69
CA LYS H 4865 -54.62 -7.82 -90.48
C LYS H 4865 -55.45 -8.77 -91.33
N SER H 4866 -55.84 -8.34 -92.53
CA SER H 4866 -56.63 -9.18 -93.42
C SER H 4866 -55.88 -9.36 -94.73
N GLU H 4867 -55.63 -10.61 -95.10
CA GLU H 4867 -55.01 -10.89 -96.39
C GLU H 4867 -55.97 -10.65 -97.55
N ASP H 4868 -57.27 -10.57 -97.27
CA ASP H 4868 -58.25 -10.25 -98.30
C ASP H 4868 -58.02 -8.86 -98.84
N GLU H 4869 -58.41 -8.66 -100.10
CA GLU H 4869 -58.19 -7.39 -100.79
C GLU H 4869 -59.40 -6.48 -100.81
N ASP H 4870 -60.62 -7.02 -100.66
CA ASP H 4870 -61.80 -6.18 -100.77
C ASP H 4870 -62.50 -5.94 -99.43
N GLU H 4871 -62.34 -6.81 -98.45
CA GLU H 4871 -62.85 -6.58 -97.10
C GLU H 4871 -61.70 -6.58 -96.12
N PRO H 4872 -61.23 -5.41 -95.69
CA PRO H 4872 -60.10 -5.37 -94.75
C PRO H 4872 -60.56 -5.50 -93.31
N ASP H 4873 -59.65 -5.99 -92.47
CA ASP H 4873 -59.87 -6.07 -91.02
C ASP H 4873 -58.89 -5.10 -90.36
N MET H 4874 -59.35 -3.87 -90.15
CA MET H 4874 -58.49 -2.88 -89.53
C MET H 4874 -58.59 -2.99 -88.01
N LYS H 4875 -57.46 -3.20 -87.37
CA LYS H 4875 -57.40 -3.42 -85.94
C LYS H 4875 -57.27 -2.14 -85.15
N CYS H 4876 -57.06 -1.00 -85.81
CA CYS H 4876 -56.85 0.25 -85.10
C CYS H 4876 -57.73 1.37 -85.63
N ASP H 4877 -58.99 1.05 -85.95
CA ASP H 4877 -59.97 2.08 -86.22
C ASP H 4877 -60.76 2.49 -84.98
N ASP H 4878 -60.40 1.94 -83.83
CA ASP H 4878 -61.07 2.23 -82.57
C ASP H 4878 -60.05 2.17 -81.44
N MET H 4879 -60.21 3.05 -80.45
CA MET H 4879 -59.36 2.99 -79.27
C MET H 4879 -59.39 1.62 -78.62
N MET H 4880 -60.59 1.09 -78.37
CA MET H 4880 -60.69 -0.16 -77.63
C MET H 4880 -60.14 -1.33 -78.43
N THR H 4881 -60.46 -1.38 -79.72
CA THR H 4881 -59.94 -2.46 -80.55
C THR H 4881 -58.42 -2.39 -80.66
N CYS H 4882 -57.87 -1.19 -80.88
CA CYS H 4882 -56.43 -1.05 -81.00
C CYS H 4882 -55.73 -1.39 -79.70
N TYR H 4883 -56.30 -0.99 -78.57
CA TYR H 4883 -55.67 -1.27 -77.29
C TYR H 4883 -55.70 -2.75 -76.98
N LEU H 4884 -56.81 -3.42 -77.31
CA LEU H 4884 -56.84 -4.87 -77.19
C LEU H 4884 -55.78 -5.51 -78.07
N PHE H 4885 -55.68 -5.04 -79.32
CA PHE H 4885 -54.71 -5.61 -80.24
C PHE H 4885 -53.30 -5.48 -79.70
N HIS H 4886 -52.95 -4.29 -79.21
CA HIS H 4886 -51.61 -4.12 -78.65
C HIS H 4886 -51.39 -5.01 -77.45
N MET H 4887 -52.25 -4.90 -76.42
CA MET H 4887 -52.03 -5.67 -75.21
C MET H 4887 -52.11 -7.17 -75.44
N TYR H 4888 -52.67 -7.60 -76.57
CA TYR H 4888 -52.83 -9.02 -76.82
C TYR H 4888 -51.74 -9.61 -77.71
N VAL H 4889 -51.34 -8.89 -78.76
CA VAL H 4889 -50.39 -9.46 -79.70
C VAL H 4889 -49.01 -8.81 -79.57
N GLY H 4890 -48.97 -7.50 -79.30
CA GLY H 4890 -47.70 -6.82 -79.26
C GLY H 4890 -46.86 -7.25 -78.07
N VAL H 4891 -47.49 -7.41 -76.91
CA VAL H 4891 -46.75 -7.83 -75.73
C VAL H 4891 -46.25 -9.26 -75.90
N ARG H 4892 -47.07 -10.12 -76.48
CA ARG H 4892 -46.68 -11.52 -76.63
C ARG H 4892 -45.70 -11.76 -77.77
N ALA H 4893 -45.62 -10.85 -78.74
CA ALA H 4893 -44.71 -11.04 -79.84
C ALA H 4893 -43.27 -10.90 -79.36
N GLY H 4894 -42.36 -11.63 -80.00
CA GLY H 4894 -40.96 -11.55 -79.62
C GLY H 4894 -40.35 -10.20 -79.93
N GLY H 4895 -40.71 -9.62 -81.06
CA GLY H 4895 -40.12 -8.36 -81.47
C GLY H 4895 -41.02 -7.16 -81.27
N GLY H 4896 -42.07 -7.31 -80.48
CA GLY H 4896 -42.98 -6.21 -80.28
C GLY H 4896 -44.03 -6.13 -81.37
N ILE H 4897 -44.67 -4.96 -81.45
CA ILE H 4897 -45.80 -4.78 -82.35
C ILE H 4897 -45.37 -4.77 -83.81
N GLY H 4898 -44.09 -4.47 -84.06
CA GLY H 4898 -43.62 -4.40 -85.44
C GLY H 4898 -43.63 -5.76 -86.11
N ASP H 4899 -43.57 -6.83 -85.32
CA ASP H 4899 -43.68 -8.17 -85.87
C ASP H 4899 -45.04 -8.41 -86.48
N GLU H 4900 -46.07 -7.75 -85.93
CA GLU H 4900 -47.43 -8.02 -86.37
C GLU H 4900 -47.90 -7.04 -87.43
N ILE H 4901 -47.64 -5.75 -87.24
CA ILE H 4901 -48.18 -4.78 -88.20
C ILE H 4901 -47.36 -4.78 -89.49
N GLU H 4902 -47.90 -4.10 -90.49
CA GLU H 4902 -47.37 -4.18 -91.85
C GLU H 4902 -46.01 -3.50 -91.97
N ASP H 4903 -45.31 -3.82 -93.05
CA ASP H 4903 -43.98 -3.28 -93.29
C ASP H 4903 -44.06 -1.78 -93.52
N PRO H 4904 -43.13 -0.99 -92.97
CA PRO H 4904 -43.16 0.45 -93.20
C PRO H 4904 -42.23 0.93 -94.31
N ALA H 4905 -41.56 0.00 -94.98
CA ALA H 4905 -40.61 0.38 -96.01
C ALA H 4905 -41.30 1.13 -97.14
N GLY H 4906 -40.62 2.15 -97.66
CA GLY H 4906 -41.19 2.92 -98.75
C GLY H 4906 -42.42 3.71 -98.36
N ASP H 4907 -42.37 4.36 -97.20
CA ASP H 4907 -43.46 5.20 -96.73
C ASP H 4907 -42.91 6.52 -96.23
N GLU H 4908 -43.76 7.54 -96.24
CA GLU H 4908 -43.34 8.86 -95.78
C GLU H 4908 -43.08 8.84 -94.28
N TYR H 4909 -43.60 7.84 -93.58
CA TYR H 4909 -43.45 7.73 -92.13
C TYR H 4909 -42.56 6.56 -91.73
N GLU H 4910 -41.63 6.15 -92.60
CA GLU H 4910 -40.82 4.98 -92.31
C GLU H 4910 -40.00 5.16 -91.04
N LEU H 4911 -39.27 6.26 -90.95
CA LEU H 4911 -38.40 6.46 -89.80
C LEU H 4911 -39.21 6.60 -88.51
N TYR H 4912 -40.32 7.33 -88.56
CA TYR H 4912 -41.17 7.45 -87.39
C TYR H 4912 -41.65 6.08 -86.93
N ARG H 4913 -42.06 5.25 -87.88
CA ARG H 4913 -42.60 3.94 -87.51
C ARG H 4913 -41.50 3.03 -86.99
N VAL H 4914 -40.29 3.10 -87.54
CA VAL H 4914 -39.22 2.24 -87.03
C VAL H 4914 -38.82 2.67 -85.62
N VAL H 4915 -38.85 3.97 -85.34
CA VAL H 4915 -38.59 4.41 -83.97
C VAL H 4915 -39.68 3.91 -83.05
N PHE H 4916 -40.93 4.01 -83.49
CA PHE H 4916 -42.06 3.47 -82.76
C PHE H 4916 -41.84 2.00 -82.40
N ASP H 4917 -41.44 1.20 -83.39
CA ASP H 4917 -41.28 -0.23 -83.19
C ASP H 4917 -40.11 -0.56 -82.26
N ILE H 4918 -38.95 0.06 -82.51
CA ILE H 4918 -37.79 -0.22 -81.66
C ILE H 4918 -38.03 0.20 -80.23
N THR H 4919 -38.62 1.38 -80.01
CA THR H 4919 -38.91 1.81 -78.65
C THR H 4919 -39.93 0.92 -77.98
N PHE H 4920 -40.95 0.46 -78.72
CA PHE H 4920 -41.88 -0.49 -78.12
C PHE H 4920 -41.17 -1.75 -77.68
N PHE H 4921 -40.32 -2.29 -78.56
CA PHE H 4921 -39.59 -3.50 -78.25
C PHE H 4921 -38.71 -3.33 -77.02
N PHE H 4922 -38.05 -2.18 -76.91
CA PHE H 4922 -37.11 -1.98 -75.80
C PHE H 4922 -37.84 -1.73 -74.49
N PHE H 4923 -38.78 -0.79 -74.47
CA PHE H 4923 -39.44 -0.45 -73.21
C PHE H 4923 -40.36 -1.55 -72.74
N VAL H 4924 -41.09 -2.19 -73.65
CA VAL H 4924 -42.12 -3.13 -73.23
C VAL H 4924 -41.55 -4.55 -73.17
N ILE H 4925 -41.03 -5.04 -74.30
CA ILE H 4925 -40.59 -6.42 -74.36
C ILE H 4925 -39.35 -6.67 -73.53
N VAL H 4926 -38.39 -5.76 -73.58
CA VAL H 4926 -37.12 -6.01 -72.91
C VAL H 4926 -37.18 -5.55 -71.47
N ILE H 4927 -37.37 -4.25 -71.27
CA ILE H 4927 -37.15 -3.66 -69.95
C ILE H 4927 -38.21 -4.12 -68.95
N LEU H 4928 -39.49 -4.07 -69.32
CA LEU H 4928 -40.52 -4.33 -68.32
C LEU H 4928 -40.60 -5.81 -67.96
N LEU H 4929 -40.53 -6.69 -68.96
CA LEU H 4929 -40.50 -8.11 -68.66
C LEU H 4929 -39.24 -8.48 -67.88
N ALA H 4930 -38.12 -7.80 -68.17
CA ALA H 4930 -36.94 -7.96 -67.35
C ALA H 4930 -37.19 -7.52 -65.92
N ILE H 4931 -37.95 -6.45 -65.72
CA ILE H 4931 -38.29 -6.02 -64.36
C ILE H 4931 -39.06 -7.11 -63.63
N ILE H 4932 -40.03 -7.72 -64.30
CA ILE H 4932 -40.83 -8.76 -63.66
C ILE H 4932 -39.96 -9.94 -63.26
N GLN H 4933 -39.16 -10.43 -64.20
CA GLN H 4933 -38.29 -11.56 -63.90
C GLN H 4933 -37.28 -11.20 -62.81
N GLY H 4934 -36.81 -9.95 -62.79
CA GLY H 4934 -35.89 -9.52 -61.77
C GLY H 4934 -36.53 -9.46 -60.40
N LEU H 4935 -37.80 -9.06 -60.34
CA LEU H 4935 -38.50 -9.08 -59.06
C LEU H 4935 -38.58 -10.50 -58.52
N ILE H 4936 -38.87 -11.47 -59.40
CA ILE H 4936 -38.94 -12.85 -58.94
C ILE H 4936 -37.57 -13.33 -58.45
N ILE H 4937 -36.51 -13.06 -59.21
CA ILE H 4937 -35.18 -13.52 -58.80
C ILE H 4937 -34.74 -12.84 -57.51
N ASP H 4938 -35.01 -11.55 -57.38
CA ASP H 4938 -34.66 -10.83 -56.17
C ASP H 4938 -35.42 -11.38 -54.97
N ALA H 4939 -36.67 -11.79 -55.16
CA ALA H 4939 -37.40 -12.42 -54.06
C ALA H 4939 -36.75 -13.74 -53.66
N PHE H 4940 -36.31 -14.53 -54.64
CA PHE H 4940 -35.55 -15.73 -54.30
C PHE H 4940 -34.35 -15.40 -53.41
N GLY H 4941 -33.53 -14.46 -53.86
CA GLY H 4941 -32.34 -14.11 -53.08
C GLY H 4941 -32.69 -13.57 -51.71
N GLU H 4942 -33.76 -12.79 -51.62
CA GLU H 4942 -34.15 -12.20 -50.35
C GLU H 4942 -34.57 -13.29 -49.36
N LEU H 4943 -35.35 -14.26 -49.81
CA LEU H 4943 -35.75 -15.34 -48.93
C LEU H 4943 -34.53 -16.15 -48.47
N ARG H 4944 -33.62 -16.44 -49.38
CA ARG H 4944 -32.44 -17.21 -49.00
C ARG H 4944 -31.60 -16.46 -47.97
N ASP H 4945 -31.39 -15.15 -48.16
CA ASP H 4945 -30.56 -14.43 -47.21
C ASP H 4945 -31.27 -14.26 -45.87
N GLN H 4946 -32.61 -14.20 -45.86
CA GLN H 4946 -33.31 -14.21 -44.58
C GLN H 4946 -33.04 -15.50 -43.82
N GLN H 4947 -33.15 -16.64 -44.50
CA GLN H 4947 -32.88 -17.90 -43.81
C GLN H 4947 -31.45 -17.96 -43.29
N GLU H 4948 -30.50 -17.53 -44.12
CA GLU H 4948 -29.11 -17.54 -43.68
C GLU H 4948 -28.90 -16.62 -42.49
N GLN H 4949 -29.54 -15.44 -42.50
CA GLN H 4949 -29.38 -14.52 -41.39
C GLN H 4949 -29.90 -15.12 -40.10
N VAL H 4950 -31.07 -15.75 -40.15
CA VAL H 4950 -31.61 -16.36 -38.94
C VAL H 4950 -30.69 -17.45 -38.43
N LYS H 4951 -30.19 -18.30 -39.33
CA LYS H 4951 -29.32 -19.39 -38.92
C LYS H 4951 -28.03 -18.87 -38.29
N GLU H 4952 -27.38 -17.89 -38.92
CA GLU H 4952 -26.15 -17.36 -38.36
C GLU H 4952 -26.39 -16.67 -37.02
N ASP H 4953 -27.52 -15.97 -36.89
CA ASP H 4953 -27.81 -15.35 -35.60
C ASP H 4953 -27.96 -16.40 -34.51
N MET H 4954 -28.68 -17.49 -34.80
CA MET H 4954 -28.83 -18.55 -33.82
C MET H 4954 -27.51 -19.22 -33.49
N GLU H 4955 -26.64 -19.40 -34.47
CA GLU H 4955 -25.37 -20.05 -34.23
C GLU H 4955 -24.30 -19.10 -33.72
N THR H 4956 -24.61 -17.82 -33.58
CA THR H 4956 -23.61 -16.86 -33.13
C THR H 4956 -23.95 -16.10 -31.85
N LYS H 4957 -25.23 -15.93 -31.51
CA LYS H 4957 -25.57 -15.24 -30.28
C LYS H 4957 -26.51 -16.09 -29.44
N CYS H 4958 -26.45 -15.90 -28.13
CA CYS H 4958 -27.41 -16.57 -27.26
C CYS H 4958 -28.76 -15.90 -27.38
N PHE H 4959 -29.78 -16.71 -27.63
CA PHE H 4959 -31.13 -16.22 -27.82
C PHE H 4959 -31.67 -15.47 -26.61
N ILE H 4960 -31.15 -15.75 -25.42
CA ILE H 4960 -31.67 -15.14 -24.20
C ILE H 4960 -30.86 -13.89 -23.86
N CYS H 4961 -29.58 -14.05 -23.59
CA CYS H 4961 -28.79 -12.97 -23.06
C CYS H 4961 -28.17 -12.07 -24.12
N GLY H 4962 -28.08 -12.53 -25.36
CA GLY H 4962 -27.54 -11.71 -26.42
C GLY H 4962 -26.03 -11.70 -26.53
N ILE H 4963 -25.33 -12.42 -25.66
CA ILE H 4963 -23.87 -12.46 -25.72
C ILE H 4963 -23.45 -13.36 -26.86
N GLY H 4964 -22.44 -12.92 -27.60
CA GLY H 4964 -22.01 -13.66 -28.77
C GLY H 4964 -21.22 -14.90 -28.42
N SER H 4965 -21.16 -15.81 -29.41
CA SER H 4965 -20.44 -17.06 -29.22
C SER H 4965 -18.95 -16.85 -28.99
N ASP H 4966 -18.39 -15.72 -29.43
CA ASP H 4966 -16.97 -15.49 -29.26
C ASP H 4966 -16.57 -15.42 -27.79
N TYR H 4967 -17.41 -14.80 -26.96
CA TYR H 4967 -17.10 -14.74 -25.54
C TYR H 4967 -17.15 -16.12 -24.90
N PHE H 4968 -18.18 -16.89 -25.20
CA PHE H 4968 -18.31 -18.21 -24.58
C PHE H 4968 -17.25 -19.17 -25.10
N ASP H 4969 -16.71 -18.91 -26.28
CA ASP H 4969 -15.79 -19.89 -26.86
C ASP H 4969 -14.39 -19.83 -26.28
N THR H 4970 -14.09 -18.86 -25.41
CA THR H 4970 -12.82 -18.90 -24.69
C THR H 4970 -12.63 -20.24 -24.00
N THR H 4971 -13.64 -20.68 -23.29
CA THR H 4971 -13.72 -22.06 -22.82
C THR H 4971 -14.12 -22.95 -23.99
N PRO H 4972 -13.54 -24.14 -24.12
CA PRO H 4972 -13.93 -25.04 -25.21
C PRO H 4972 -15.41 -25.39 -25.15
N HIS H 4973 -16.04 -25.44 -26.32
CA HIS H 4973 -17.47 -25.74 -26.44
C HIS H 4973 -18.31 -24.85 -25.55
N GLY H 4974 -17.79 -23.67 -25.23
CA GLY H 4974 -18.45 -22.81 -24.27
C GLY H 4974 -19.83 -22.40 -24.72
N PHE H 4975 -19.98 -22.03 -25.99
CA PHE H 4975 -21.28 -21.62 -26.49
C PHE H 4975 -22.24 -22.80 -26.53
N GLU H 4976 -21.74 -23.99 -26.89
CA GLU H 4976 -22.60 -25.17 -26.91
C GLU H 4976 -23.13 -25.49 -25.52
N THR H 4977 -22.26 -25.46 -24.52
CA THR H 4977 -22.72 -25.71 -23.16
C THR H 4977 -23.63 -24.58 -22.68
N HIS H 4978 -23.36 -23.35 -23.09
CA HIS H 4978 -24.19 -22.24 -22.66
C HIS H 4978 -25.59 -22.35 -23.21
N THR H 4979 -25.72 -22.80 -24.45
CA THR H 4979 -27.03 -22.94 -25.07
C THR H 4979 -27.70 -24.27 -24.77
N LEU H 4980 -26.99 -25.23 -24.17
CA LEU H 4980 -27.62 -26.47 -23.77
C LEU H 4980 -27.94 -26.55 -22.29
N GLU H 4981 -27.19 -25.85 -21.43
CA GLU H 4981 -27.33 -25.97 -20.00
C GLU H 4981 -27.66 -24.65 -19.32
N GLU H 4982 -26.96 -23.58 -19.66
CA GLU H 4982 -27.05 -22.35 -18.89
C GLU H 4982 -28.26 -21.52 -19.27
N HIS H 4983 -28.47 -21.29 -20.56
CA HIS H 4983 -29.52 -20.41 -21.06
C HIS H 4983 -30.38 -21.10 -22.10
N ASN H 4984 -30.73 -22.35 -21.87
CA ASN H 4984 -31.57 -23.07 -22.82
C ASN H 4984 -32.99 -22.53 -22.76
N LEU H 4985 -33.51 -22.12 -23.91
CA LEU H 4985 -34.86 -21.55 -23.91
C LEU H 4985 -35.92 -22.59 -23.60
N ALA H 4986 -35.67 -23.84 -23.99
CA ALA H 4986 -36.58 -24.91 -23.61
C ALA H 4986 -36.68 -25.00 -22.09
N ASN H 4987 -35.59 -24.68 -21.39
CA ASN H 4987 -35.61 -24.71 -19.94
C ASN H 4987 -36.44 -23.58 -19.37
N TYR H 4988 -36.48 -22.41 -20.03
CA TYR H 4988 -37.37 -21.35 -19.56
C TYR H 4988 -38.82 -21.75 -19.77
N MET H 4989 -39.11 -22.40 -20.89
CA MET H 4989 -40.45 -22.93 -21.10
C MET H 4989 -40.82 -23.96 -20.03
N PHE H 4990 -39.91 -24.89 -19.75
CA PHE H 4990 -40.17 -25.91 -18.74
C PHE H 4990 -40.31 -25.29 -17.37
N PHE H 4991 -39.54 -24.26 -17.07
CA PHE H 4991 -39.64 -23.59 -15.78
C PHE H 4991 -40.99 -22.91 -15.62
N LEU H 4992 -41.49 -22.31 -16.69
CA LEU H 4992 -42.82 -21.71 -16.64
C LEU H 4992 -43.87 -22.78 -16.37
N MET H 4993 -43.78 -23.91 -17.06
CA MET H 4993 -44.71 -25.01 -16.79
C MET H 4993 -44.61 -25.48 -15.34
N TYR H 4994 -43.40 -25.60 -14.83
CA TYR H 4994 -43.14 -26.05 -13.46
C TYR H 4994 -43.77 -25.10 -12.45
N LEU H 4995 -43.59 -23.80 -12.63
CA LEU H 4995 -44.20 -22.83 -11.75
C LEU H 4995 -45.72 -22.92 -11.80
N ILE H 4996 -46.27 -23.10 -12.99
CA ILE H 4996 -47.72 -23.20 -13.11
C ILE H 4996 -48.24 -24.40 -12.32
N ASN H 4997 -47.57 -25.54 -12.46
CA ASN H 4997 -48.05 -26.75 -11.80
C ASN H 4997 -47.85 -26.69 -10.28
N LYS H 4998 -46.76 -26.08 -9.84
CA LYS H 4998 -46.41 -26.11 -8.42
C LYS H 4998 -47.34 -25.24 -7.59
N ASP H 4999 -47.52 -25.62 -6.34
CA ASP H 4999 -48.31 -24.82 -5.40
C ASP H 4999 -47.56 -23.58 -4.97
N GLU H 5000 -48.29 -22.46 -4.88
CA GLU H 5000 -47.67 -21.20 -4.50
C GLU H 5000 -47.15 -21.25 -3.07
N THR H 5001 -47.83 -21.98 -2.19
CA THR H 5001 -47.29 -22.20 -0.86
C THR H 5001 -46.00 -22.98 -0.90
N GLU H 5002 -45.75 -23.72 -1.98
CA GLU H 5002 -44.53 -24.51 -2.10
C GLU H 5002 -43.45 -23.82 -2.91
N HIS H 5003 -43.76 -22.70 -3.54
CA HIS H 5003 -42.75 -21.96 -4.29
C HIS H 5003 -41.60 -21.57 -3.39
N THR H 5004 -40.38 -21.65 -3.91
CA THR H 5004 -39.22 -21.13 -3.21
C THR H 5004 -39.16 -19.62 -3.39
N GLY H 5005 -38.12 -18.99 -2.83
CA GLY H 5005 -38.00 -17.55 -2.95
C GLY H 5005 -37.79 -17.10 -4.38
N GLN H 5006 -36.88 -17.77 -5.09
CA GLN H 5006 -36.59 -17.45 -6.47
C GLN H 5006 -37.80 -17.74 -7.35
N GLU H 5007 -38.46 -18.87 -7.11
CA GLU H 5007 -39.65 -19.22 -7.87
C GLU H 5007 -40.77 -18.21 -7.64
N SER H 5008 -40.96 -17.77 -6.40
CA SER H 5008 -41.97 -16.77 -6.11
C SER H 5008 -41.65 -15.45 -6.79
N TYR H 5009 -40.37 -15.08 -6.78
CA TYR H 5009 -39.93 -13.86 -7.46
C TYR H 5009 -40.27 -13.91 -8.95
N VAL H 5010 -39.87 -14.98 -9.61
CA VAL H 5010 -40.13 -15.13 -11.04
C VAL H 5010 -41.62 -15.20 -11.30
N TRP H 5011 -42.37 -15.85 -10.41
CA TRP H 5011 -43.81 -15.99 -10.60
C TRP H 5011 -44.51 -14.64 -10.49
N LYS H 5012 -44.14 -13.84 -9.50
CA LYS H 5012 -44.73 -12.51 -9.37
C LYS H 5012 -44.40 -11.66 -10.58
N MET H 5013 -43.15 -11.68 -11.02
CA MET H 5013 -42.81 -10.84 -12.17
C MET H 5013 -43.41 -11.38 -13.45
N TYR H 5014 -43.73 -12.67 -13.50
CA TYR H 5014 -44.47 -13.22 -14.62
C TYR H 5014 -45.90 -12.73 -14.63
N GLN H 5015 -46.56 -12.71 -13.46
CA GLN H 5015 -47.93 -12.26 -13.42
C GLN H 5015 -48.04 -10.76 -13.65
N GLU H 5016 -47.03 -9.99 -13.30
CA GLU H 5016 -47.03 -8.56 -13.57
C GLU H 5016 -46.59 -8.25 -14.99
N ARG H 5017 -46.25 -9.26 -15.77
CA ARG H 5017 -45.75 -9.09 -17.14
C ARG H 5017 -44.49 -8.23 -17.16
N CYS H 5018 -43.60 -8.48 -16.22
CA CYS H 5018 -42.30 -7.84 -16.15
C CYS H 5018 -41.22 -8.87 -16.46
N TRP H 5019 -40.49 -8.66 -17.54
CA TRP H 5019 -39.49 -9.62 -18.00
C TRP H 5019 -38.08 -9.17 -17.67
N ASP H 5020 -37.88 -8.55 -16.52
CA ASP H 5020 -36.53 -8.15 -16.13
C ASP H 5020 -35.76 -9.29 -15.50
N PHE H 5021 -36.39 -10.43 -15.25
CA PHE H 5021 -35.64 -11.56 -14.69
C PHE H 5021 -34.83 -12.29 -15.74
N PHE H 5022 -35.18 -12.15 -17.01
CA PHE H 5022 -34.40 -12.75 -18.06
C PHE H 5022 -33.02 -12.09 -18.09
N PRO H 5023 -31.93 -12.86 -18.05
CA PRO H 5023 -30.61 -12.24 -18.08
C PRO H 5023 -30.36 -11.61 -19.44
N ALA H 5024 -30.13 -10.30 -19.43
CA ALA H 5024 -29.95 -9.53 -20.65
C ALA H 5024 -28.53 -8.97 -20.66
N GLY H 5025 -27.70 -9.48 -21.56
CA GLY H 5025 -26.34 -9.03 -21.66
C GLY H 5025 -25.44 -9.47 -20.54
N ASP H 5026 -25.87 -10.40 -19.70
CA ASP H 5026 -25.08 -10.86 -18.58
C ASP H 5026 -25.38 -12.34 -18.34
N CYS H 5027 -24.40 -13.03 -17.74
CA CYS H 5027 -24.57 -14.45 -17.49
C CYS H 5027 -23.79 -14.82 -16.24
N PHE H 5028 -24.04 -16.05 -15.76
CA PHE H 5028 -23.37 -16.55 -14.58
C PHE H 5028 -21.87 -16.59 -14.77
N ARG H 5029 -21.43 -17.08 -15.94
CA ARG H 5029 -20.00 -17.17 -16.20
C ARG H 5029 -19.34 -15.80 -16.17
N LYS H 5030 -19.99 -14.81 -16.78
CA LYS H 5030 -19.45 -13.46 -16.79
C LYS H 5030 -19.44 -12.86 -15.39
N GLN H 5031 -20.47 -13.11 -14.60
CA GLN H 5031 -20.57 -12.46 -13.30
C GLN H 5031 -19.49 -12.94 -12.34
N TYR H 5032 -19.11 -14.21 -12.43
CA TYR H 5032 -18.08 -14.78 -11.58
C TYR H 5032 -16.86 -15.15 -12.40
N GLU H 5033 -16.49 -14.30 -13.35
CA GLU H 5033 -15.30 -14.54 -14.14
C GLU H 5033 -14.08 -14.72 -13.24
N ASP H 5034 -13.92 -13.84 -12.26
CA ASP H 5034 -12.75 -13.92 -11.39
C ASP H 5034 -12.73 -15.22 -10.59
N GLN H 5035 -13.82 -15.53 -9.88
CA GLN H 5035 -13.82 -16.68 -8.97
C GLN H 5035 -13.78 -17.99 -9.74
N LEU H 5036 -14.51 -18.06 -10.85
CA LEU H 5036 -14.47 -19.27 -11.67
C LEU H 5036 -13.11 -19.46 -12.33
N SER H 5037 -12.47 -18.36 -12.73
CA SER H 5037 -11.16 -18.43 -13.36
C SER H 5037 -10.06 -18.06 -12.36
PG ATP I . -11.28 13.98 -53.01
O1G ATP I . -10.40 14.96 -52.31
O2G ATP I . -12.77 14.18 -52.71
O3G ATP I . -11.08 13.95 -54.53
PB ATP I . -11.74 11.19 -52.04
O1B ATP I . -12.79 11.50 -51.06
O2B ATP I . -12.18 10.42 -53.28
O3B ATP I . -10.98 12.50 -52.52
PA ATP I . -9.13 10.71 -50.78
O1A ATP I . -9.00 12.14 -50.44
O2A ATP I . -8.10 10.18 -51.77
O3A ATP I . -10.54 10.38 -51.38
O5' ATP I . -9.09 9.80 -49.49
C5' ATP I . -9.35 8.38 -49.58
C4' ATP I . -9.72 7.87 -48.22
O4' ATP I . -8.67 7.03 -47.72
C3' ATP I . -9.90 8.92 -47.14
O3' ATP I . -11.25 9.37 -47.10
C2' ATP I . -9.52 8.18 -45.85
O2' ATP I . -10.66 7.93 -45.04
C1' ATP I . -8.93 6.86 -46.36
N9 ATP I . -7.68 6.48 -45.71
C8 ATP I . -7.49 5.44 -44.84
N7 ATP I . -6.26 5.32 -44.40
C5 ATP I . -5.59 6.37 -45.02
C6 ATP I . -4.26 6.81 -44.98
N6 ATP I . -3.31 6.23 -44.25
N1 ATP I . -3.93 7.89 -45.71
C2 ATP I . -4.88 8.48 -46.45
N3 ATP I . -6.17 8.16 -46.57
C4 ATP I . -6.47 7.08 -45.83
CA CA J . 25.49 14.77 -39.45
ZN ZN K . -3.00 4.52 -38.71
O6 141 L . 13.31 5.51 -54.68
C6 141 L . 14.51 5.80 -54.68
C5 141 L . 15.18 6.60 -55.64
C7 141 L . 14.80 7.29 -56.79
N8 141 L . 15.90 7.89 -57.29
N9 141 L . 16.98 7.60 -56.50
C4 141 L . 16.55 6.81 -55.49
N3 141 L . 17.28 6.30 -54.48
O2 141 L . 17.24 5.06 -52.67
C2 141 L . 16.64 5.56 -53.60
N1 141 L . 15.32 5.30 -53.68
PG ATP M . -42.98 4.49 -35.61
O1G ATP M . -43.20 5.18 -34.30
O2G ATP M . -43.26 2.99 -35.56
O3G ATP M . -43.76 5.12 -36.76
PB ATP M . -40.27 3.70 -36.58
O1B ATP M . -40.16 2.42 -35.86
O2B ATP M . -40.42 3.61 -38.10
O3B ATP M . -41.45 4.61 -36.04
PA ATP M . -38.69 5.84 -35.34
O1A ATP M . -39.63 5.90 -34.21
O2A ATP M . -38.62 7.10 -36.21
O3A ATP M . -39.02 4.64 -36.29
O5' ATP M . -37.24 5.49 -34.87
C5' ATP M . -36.18 5.23 -35.82
C4' ATP M . -35.07 4.47 -35.14
O4' ATP M . -33.92 5.31 -35.03
C3' ATP M . -35.35 4.02 -33.72
O3' ATP M . -35.95 2.73 -33.71
C2' ATP M . -33.95 4.00 -33.06
O2' ATP M . -33.52 2.68 -32.83
C1' ATP M . -33.06 4.68 -34.11
N9 ATP M . -32.16 5.68 -33.56
C8 ATP M . -30.80 5.59 -33.46
N7 ATP M . -30.23 6.65 -32.92
C5 ATP M . -31.30 7.49 -32.65
C6 ATP M . -31.38 8.77 -32.07
N6 ATP M . -30.32 9.46 -31.65
N1 ATP M . -32.60 9.33 -31.95
C2 ATP M . -33.67 8.64 -32.37
N3 ATP M . -33.71 7.43 -32.93
C4 ATP M . -32.49 6.90 -33.04
CA CA N . -29.13 35.97 -16.79
ZN ZN O . -25.79 8.15 -28.28
O6 141 P . -32.45 28.31 -36.71
C6 141 P . -32.46 29.48 -36.28
C5 141 P . -33.51 30.41 -36.41
C7 141 P . -34.79 30.39 -36.98
N8 141 P . -35.34 31.60 -36.79
N9 141 P . -34.46 32.40 -36.12
C4 141 P . -33.34 31.68 -35.89
N3 141 P . -32.24 32.09 -35.25
O2 141 P . -30.22 31.50 -34.57
C2 141 P . -31.26 31.20 -35.14
N1 141 P . -31.35 29.96 -35.62
PG ATP Q . 0.29 -21.46 -51.71
O1G ATP Q . 1.53 -21.74 -50.94
O2G ATP Q . 0.28 -20.08 -52.35
O3G ATP Q . -0.02 -22.52 -52.77
PB ATP Q . -2.27 -20.61 -50.44
O1B ATP Q . -1.97 -19.17 -50.33
O2B ATP Q . -3.35 -21.01 -51.44
O3B ATP Q . -0.98 -21.48 -50.75
PA ATP Q . -1.99 -22.02 -47.86
O1A ATP Q . -0.52 -21.87 -47.92
O2A ATP Q . -2.52 -23.45 -47.92
O3A ATP Q . -2.70 -21.22 -49.03
O5' ATP Q . -2.59 -21.32 -46.59
C5' ATP Q . -4.02 -21.21 -46.41
C4' ATP Q . -4.30 -20.12 -45.40
O4' ATP Q . -4.82 -20.71 -44.19
C3' ATP Q . -3.11 -19.31 -44.94
O3' ATP Q . -2.92 -18.18 -45.78
C2' ATP Q . -3.49 -18.89 -43.51
O2' ATP Q . -3.77 -17.50 -43.44
C1' ATP Q . -4.74 -19.71 -43.21
N9 ATP Q . -4.75 -20.35 -41.90
C8 ATP Q . -5.53 -20.03 -40.83
N7 ATP Q . -5.32 -20.78 -39.78
C5 ATP Q . -4.31 -21.65 -40.19
C6 ATP Q . -3.63 -22.68 -39.53
N6 ATP Q . -3.87 -23.05 -38.27
N1 ATP Q . -2.69 -23.34 -40.22
C2 ATP Q . -2.44 -22.99 -41.49
N3 ATP Q . -3.03 -22.03 -42.21
C4 ATP Q . -3.95 -21.39 -41.50
CA CA R . 10.70 -43.29 -20.86
ZN ZN S . -4.31 -20.11 -33.28
O6 141 T . -3.60 -42.64 -37.02
C6 141 T . -3.10 -43.61 -36.43
C5 141 T . -2.40 -44.69 -37.03
C7 141 T . -2.03 -45.03 -38.33
N8 141 T . -1.36 -46.20 -38.28
N9 141 T . -1.28 -46.61 -36.97
C4 141 T . -1.91 -45.68 -36.21
N3 141 T . -2.05 -45.72 -34.88
O2 141 T . -2.88 -44.66 -33.14
C2 141 T . -2.71 -44.71 -34.34
N1 141 T . -3.22 -43.69 -35.06
PG ATP U . -31.44 -31.13 -34.32
O1G ATP U . -31.32 -31.69 -32.95
O2G ATP U . -30.26 -31.44 -35.23
O3G ATP U . -32.73 -31.53 -35.03
PB ATP U . -30.84 -28.27 -34.99
O1B ATP U . -29.38 -28.42 -35.14
O2B ATP U . -31.63 -28.00 -36.26
O3B ATP U . -31.49 -29.53 -34.28
PA ATP U . -31.59 -27.05 -32.43
O1A ATP U . -31.19 -28.26 -31.70
O2A ATP U . -33.08 -26.70 -32.36
O3A ATP U . -31.21 -27.12 -33.95
O5' ATP U . -30.76 -25.78 -31.95
C5' ATP U . -30.89 -24.52 -32.63
C4' ATP U . -29.69 -23.67 -32.31
O4' ATP U . -30.09 -22.57 -31.48
C3' ATP U . -28.59 -24.35 -31.52
O3' ATP U . -27.65 -24.96 -32.39
C2' ATP U . -27.95 -23.19 -30.72
O2' ATP U . -26.66 -22.88 -31.22
C1' ATP U . -28.91 -22.02 -30.95
N9 ATP U . -29.24 -21.28 -29.75
C8 ATP U . -28.87 -20.00 -29.43
N7 ATP U . -29.32 -19.58 -28.28
C5 ATP U . -30.04 -20.65 -27.81
C6 ATP U . -30.77 -20.85 -26.62
N6 ATP U . -30.90 -19.94 -25.66
N1 ATP U . -31.39 -22.05 -26.45
C2 ATP U . -31.27 -22.97 -27.40
N3 ATP U . -30.61 -22.90 -28.56
C4 ATP U . -30.02 -21.70 -28.70
CA CA V . -43.94 -22.17 1.73
ZN ZN W . -27.13 -16.57 -22.83
O6 141 X . -49.39 -20.01 -19.04
C6 141 X . -50.10 -20.09 -18.04
C5 141 X . -51.14 -21.05 -17.81
C7 141 X . -51.66 -22.10 -18.53
N8 141 X . -52.65 -22.66 -17.80
N9 141 X . -52.76 -21.98 -16.62
C4 141 X . -51.83 -21.00 -16.62
N3 141 X . -51.61 -20.10 -15.65
O2 141 X . -50.37 -18.37 -15.04
C2 141 X . -50.64 -19.22 -15.87
N1 141 X . -49.92 -19.20 -17.00
#